data_6R5Q
#
_entry.id   6R5Q
#
_cell.length_a   1
_cell.length_b   1
_cell.length_c   1
_cell.angle_alpha   90
_cell.angle_beta   90
_cell.angle_gamma   90
#
_symmetry.space_group_name_H-M   'P 1'
#
loop_
_entity.id
_entity.type
_entity.pdbx_description
1 polymer E-tRNA
2 polymer 'X-box-binding protein 1'
3 polymer P-tRNA
4 polymer '28S ribosomal RNA'
5 polymer '5S rRNA'
6 polymer '5.8S ribosomal RNA'
7 polymer uL2
8 polymer uL3
9 polymer uL4
10 polymer '60S ribosomal protein L5'
11 polymer '60S ribosomal protein L6'
12 polymer uL30
13 polymer eL8
14 polymer uL6
15 polymer 'Ribosomal protein L10 (Predicted)'
16 polymer 'Ribosomal protein L11'
17 polymer '60S ribosomal protein L13'
18 polymer 'Ribosomal protein L14'
19 polymer 'Ribosomal protein L15'
20 polymer uL13
21 polymer uL22
22 polymer eL18
23 polymer eL19
24 polymer eL20
25 polymer eL21
26 polymer eL22
27 polymer eL14
28 polymer 'Ribosomal protein L24'
29 polymer uL23
30 polymer 'Ribosomal protein L26'
31 polymer '60S ribosomal protein L27'
32 polymer uL15
33 polymer eL29
34 polymer eL30
35 polymer eL31
36 polymer eL32
37 polymer eL33
38 polymer eL34
39 polymer uL29
40 polymer '60S ribosomal protein L36'
41 polymer 'Ribosomal protein L37'
42 polymer eL38
43 polymer eL39
44 polymer eL40
45 polymer '60s ribosomal protein l41'
46 polymer eL42
47 polymer 'ribosomal protein eL43'
48 polymer eL28
49 polymer '60S acidic ribosomal protein P0'
50 polymer uL11
51 polymer '18S ribosomal RNA'
52 polymer uS2
53 polymer '40S ribosomal protein S3a'
54 polymer uS5
55 polymer 'Ribosomal protein S3'
56 polymer '40S ribosomal protein S4'
57 polymer 'Ribosomal protein S5'
58 polymer '40S ribosomal protein S6'
59 polymer '40S ribosomal protein S7'
60 polymer '40S ribosomal protein S8'
61 polymer 'Ribosomal protein S9 (Predicted)'
62 polymer eS10
63 polymer 'Ribosomal protein S11'
64 polymer '40S ribosomal protein S12'
65 polymer 'ribosomal protein uS15'
66 polymer uS11
67 polymer uS17
68 polymer 'Ribosomal protein S16'
69 polymer eS17
70 polymer uS13
71 polymer eS19
72 polymer uS10
73 polymer eS21
74 polymer 'Ribosomal protein S15a'
75 polymer 'Ribosomal protein S23'
76 polymer eS24
77 polymer 'ribosomal protein eS25'
78 polymer eS26
79 polymer '40S ribosomal protein S27'
80 polymer 'Ribosomal protein S28'
81 polymer uS14
82 polymer mRNA
83 polymer eS31
84 polymer 'ribosomal protein RACK1'
85 polymer '40S ribosomal protein S30'
86 non-polymer 'MAGNESIUM ION'
87 non-polymer 'ZINC ION'
#
loop_
_entity_poly.entity_id
_entity_poly.type
_entity_poly.pdbx_seq_one_letter_code
_entity_poly.pdbx_strand_id
1 'polyribonucleotide' GCCCGGAUAGCUCAGCUGUAGAGCAUCAGACUUAAAAUCUGAGGGUCCAGGGUUCAAGUCCCUGUUCGGGCGCCA 3
2 'polypeptide(L)' DPVPYQPPFLCQWGRHQPAWKPLM 1
3 'polyribonucleotide' GCUUCCGUAGUGCAGCGGCUAGCACGUUAGGCUCAUAAUCUAAAGGUCCUUGGUUCGAAACCAUCCGGGGGCACCA 2
4 'polyribonucleotide'
;CGCGACCUCAGAUCAGACGUGGCGACCCGCUGAAUUUAAGCAUAUUAGUCAGCGGAGGAAAAGAAACUAACCAGGAUUCC
CUCAGUAACGGCGAGUGAACAGGGAAGAGCCCAGCGCCGAAUCCCCGCCCCGCGGCGGGGCGCGGGAAAUGUGGCGUACG
GAAGACCCACUCCCCGGCGCCGGGGGGCCCAAGUCCUUCUGAUCGAGGCCCAGCCCGUGGACGGUGUGAGGCCGGUAGCG
GCCCCCGGCGCGCCGGGCCCGGGUCUUCCCGGAGUCGGGUUGCUUGGGAAUGCAGCCCAAAGCGGGUGGUAAACUCCAUC
UAAGGCUAAAUACCGGCACGAGACCGAUAGUCAACAAGUACCGUAAGGGAAAGUUGAAAAGAACUUUGAAGAGAGAGUUC
AAGAGGGCGUGAAACCGUUAAGAGGUAAACGGGUGGGGUCCGCGCAGUCCGCCCGGAGGAUUCAACCCGGCGGCGCGGUC
CGGCCGUGCCGGCGGGGCGGAUCUCCCGCUCCCGUCGGCGGGGGACCGCCCCCCGGCCGGCGACCGGCCGCCGCCGGGCG
CAUUUCCACCGCGGCGGUGCGCCGCGACCGGCUCCGGGACGGCUGGGAAGGCCCCGGCGGGGAAGGUGGCCCGGGGGCCC
CGGGUGUUACAGCCCCGCCCCGGCAGCAGCAGCUCGCCGAAUCCCGGGGCCGAGGGAGCGAGACCCGUGCGCCGCGCUCU
CCCCCCUCGGGGGGGCCGGGCCACCCCUCCCACGGCGCGACCGCUGGGGCGGACUGUCCAGUGCGCCCCGGGCGGGUCGC
GCCGUCGGGCCCGGGGGGCCACGCGUCCCCCGCGAGCGCACGGGGUCGGCGGCGAUGUCGGCUACCCACCCGACCCGUCU
UGAAACACGGACCAAGGAGUCUAACACGUGCGCGAGUCGGGGGCUACGAAAGCCGCCGUGGCGCAAUGAAGGUGAAGGCC
GGCGGCGCGCCGCCGGCCGAGGUGGGAUCCCGAGGCCUUCCAGUCCGCCGAGGGCGCACCACCGGCCCGUCUCGCCCGCC
GCGCCGGGGAGGUGGAGCACGAGCGCACGUGUUAGGACCCGAAAGAUGGUGAACUAUGCCUGGGCAGGGCGAAGCCAGAG
GAAACUCUGGUGGAGGUCCGUAGCGGUCCUGACGUGCGAAUCGGUCGUCCGACCUGGGUAUAGGGGCGAAAGACUAAUCG
AACCAUCUAGUAGCUGGUUCCCUCCAAAGUUUCCCUCAGGAUAGCUGGCGCUCUCCGCAGUUUUAUCCGGUAAAGCGAAU
GAUUAGAGGUCUUGGGGCCGAAACGAUCUCAACCUAUUCUCAAACUUUAAAUGGGUAAGAAGCCCGGCUCGCUGGUGUGG
AGCCGGGCGUGGAAUGCGAGUGCCUAGUGGGCCACUUUUGGUAAGCAGAACUGGCGCUGCGGGAUGAACCGAACGCCGGG
UUAAGGCGCCCGAUGCCGACGCUCAUCAGACCCCAGAAAAGGUGUUGGUUGAUAUAGACAGCAGGAUGGUGGCCAUGGAA
GUCGGAAUCCGCUAAGGAGUGUGUAACAACUCACCUGCCGAAUCAACUAGCCCUGAAAAUGGAUGGCGCUGGAGCGUCGG
GCCCAUACCCGGCCGUCGCUGGCAGUCGGCAGAGCGAGAAAGAGAGUGGCGCGGACGCUACGCCGCGACGAGUAGGAGGG
CCGCUGCGGUGAGCCUUGAAGCCUAGGGCGCGGGCCCGGGUGGAGCCGCCGCAGGUGCAGAUCUUGGUGGUAGUAGCAAA
UAUUCAAACGAGAACUUUGAAGGCCGAAGUGGAGAAGGGUUCCAUGUGAACAGCAGUUGAACAUGGGUCAGUCGGUCCUG
AGAGAUGGGCGAGCGCCGUUCCGAAGGGACGGGCGAUGGCCUCCGUUGCCCUCAGCCGAUCGAAAGGGAGUCGGGUUCAG
AUCCCCGAAUCCGGAGUGGCGGAGAUGGGCGCCGCGAGGCGUCCAGUGCGGUAACGCGACCGAUCCCGGAGAAGCCGGCG
GGAGCCCCGGGGAGAGUUCUCUUUUCUUUGUGAAGGGCAGGGCGCCCUGGAAUGGGUUCGCCCCGAGAGAGGGGCCCGUG
CCUUGGAAAGCGUCGCGGUUCCGGCGGCGUCCGGUGAGCUCUCGCUGGCCCUUGAAAAUCCGGGGGAGAGGGUGUAAAUC
UCGCGCCGGGCCGUACCCAUAUCCGCAGCAGGUCUCCAAGGUGAACAGCCUCUGGCAUGUUGGAACAAUGUAGGUAAGGG
AAGUCGGCAAGCCGGAUCCGUAACUUCGGGAUAAGGAUUGGCUCUAAGGGCUGGCAGCCGACUUAGAACUGGUGCGGACC
AGGGGAAUCCGACUGUUUAAUUAAAACAAAGCAUCGCGAAGGCCCGCGGCGGGUGUUGACGCGAUGUGAUUUCUGCCCAG
UGCUCUGAAUGUCAAAGUGAAGAAAUUCAAUGAAGCGCGGGUAAACGGCGGGAGUAACUAUGACUCUCUUAAGGUAGCCA
AAUGCCUCGUCAUCUAAUUAGUGACGCGCAUGAAUGGAUGAACGAGAUUCCCACUGUCCCUACCUACUAUCCAGCGAAAC
CACAGCCAAGGGAACGGGCUUGGCGGAAUCAGCGGGGAAAGAAGACCCUGUUGAGCUUGACUCUAGUCUGGCACGGUGAA
GAGACGUUUUUUCACUGACCCGGUGAGGCGGGGGGGCGAGCCGGGCUCUCGCUUCUGGCGCCAAGCGCCCGGCCGGCCGG
GCGCGACCCGCUCCGGGGACAGUGCCAGGUGGGGAGUUUGACUGGGGCGGUACACCUGUCAAACGGUAACGCAGGUGUCC
UAAGGCGAGCUCAGGGAGGACAGAAACCUCCCGUGGAGCAGAAGGGCAAAAGCUCGCUUGAUCUUGAUUUUCAGUACGAA
UACAGACCGUGAAAGCGGGGCCUCACGAUCCUUCUGACCUUUUGGGUUUUAAGCAGGAGGUGUCAGAAAAGUUACCACAG
GGAUAACUGGCUUGUGGCGGCCAAGCGUUCAUAGCGACGUCGCUUUUUGAUCCUUCGAUGUCGGCUCUUCCUAUCAUUGU
GAAGCAGAAUUCACCAAGCGUUGGAUUGUUCACCCACUAAUAGGGAACGUGAGCUGGGUUUAGACCGUCGUGAGACAGGU
UAGUUUUACCCUACUGAUGAUGUGUUGUUGCCAUGGUAAUCCUGCUCAGUACGAGAGGAACCGCAGGUUCAGACAUUUGG
UGUAUGUGCUUGGCUGAGGAGCCAAUGGGGCGAAGCUACCAUCUGUGGGAUUAUGACUGAACGCCUCUAAGUCAGAAUCC
CGCCCAGGCGGAACGAUAGCGCCGGAGCCUCGGUUGGCCUCGGAUAGCCGGUCCCCCGCCGGGGUCCGGUGCGGAGAGCC
CUUCGUCCCGGGAAACGGGGCGGCCGGAAAGGGGGCCGCCCUCUCGCCCGUCACGCACCGCACGUUCGUGGGGAACCUGG
CGCUAAACCAUUCGUAGACGACCUGCUUCUGGGUCGGGGUUUCGUACGUAGCAGAGCAGCUGCUGCGAUCUAUUGAAAGU
CAGCCCUCGACACAAGGGUUUGU
;
5
5 'polyribonucleotide'
;GUCUACGGCCAUACCACCCUGAACGCGCCCGAUCUCGUCUGAUCUCGGAAGCUAAGCAGGGUCGGGCCUGGUUAGUACUU
GGAUGGGAGACCGCCUGGGAAUACCGGGUGCUGUAGGCUU
;
7
6 'polyribonucleotide'
;CGACUCUUAGCGGUGGAUCACUCGGCUCGUGCGUCGAUGAAGAACGCAGCUAGCUGCGAGAAUUAAUGUGAAUUGCAGGU
UGAUCAUCGACACUUCGAACGCACUUGCGGCCCCGGGUUCCUCCCGGGGCUACGCCUGUCUGAGCGUCGCU
;
8
7 'polypeptide(L)'
;GRVIRGQRKGAGSVFRAHVKHRKGAARLRAVDFAERHGYIKGIVKDIIHDPGRGAPLAKVVFRDPYRFKKRTELFIAAEG
IHTGQFVYCGKKAQLNIGNVLPVGTMPEGTIVCCLEEKPGDRGKLARASGNYATVISHNPETKKTRVKLPSGSKKVISSA
NRAVVGVVAGGGRIDKPILKAGRAYHKYKAKRNCWPRVRGVAMNPVEHPFGGGNHQHIGKPSTIRRDAPAGRKVGLIAAR
RTGRLRGT
;
A
8 'polypeptide(L)'
;SHRKFSAPRHGSLGFLPRKRSSRHRGKVKSFPKDDPSKPVHLTAFLGYKAGMTHIVREVDRPGSKVNKKEVVEAVTIVET
PPMVVVGIVGYVETPRGLRTFKTVFAEHISDECKRRFYKNWHKSKKKAFTKYCKKWQDDAGKRQLDKDFSSMKKYCQVIR
VLAHTQMRLLPLRQKKAHLMEIQVNGGTVAEKLDWARERLEQQVPVSQVFGQDEMIDVIGVTKGKGYKGVTSRWHTKKLP
RKTHRGLRKVACIGAWHPARVAFSVARAGQKGYHHRTEINKKIYKIGQGYLIKDGKLIKNNASTDYDLSDKSINPLGGFV
HYGEVTNDFVMLKGCVVGTKKRVLTLRKSLLVQTKRRALEKIDLKFIDTTSKFGHGRFQTVEEKKAFMGPLKKD
;
B
9 'polypeptide(L)'
;ACARPLISVYSEKGESSGKNVTLPAVFKAPIRPDIVNFVHTNLRKNNRQPYAVSELAGHQTSAESWGTGRAVARIPRVRG
GGTHRSGQGAFGNMCRGGRMFAPTKTWRRWHRRVNTTQKRYAICSALAASALPALVMSKGHRIEEVPELPLVVEDKVEGY
KKTKEAVLLLKKLKAWNDIKKVYASQRMRAGKGKMRNRRRIQRRGPCVIYNEDNGIVKAFRNIPGITLLNVTKLNILKLA
PGGHVGRFCIWTESAFRKLDDLYGTWRKAASLKSNYNLPMHKMLNTDLSRILKSPEIQRALRAPRKKIHRRVLKKNPLKN
LRIMLKLNPYAKTMRRNTILRQARNHKLRVERAAAALAAKSD
;
C
10 'polypeptide(L)'
;FVKVVKNKAYFKRYQVKFRRRREGKTDYYARKRLVIQDKNKYNTPKYRMIVRVTNRDIICQIAYARIEGDMIVCAAYAHE
LPKYGVKVGLTNYAAAYCTGLLLARRLLNRFGMDKIYEGQVEVTGDEYNVESIDGQPGAFTCYLDAGLARTTTGNKVFGA
LKGAVDGGLSIPHSTKRFPGYDSESKEFNAEVHRKHIMGQNVADYMRYLMEEDEDAYKKQFSQYIKNNVTPDMMEEMYKK
AHAAIRENPVYEKKPKREVKKKRWNRPKMSLAQKKDRVAQKKASFLRAQERAA
;
D
11 'polypeptide(L)'
;KGKPHCSRNPVLVRGIGRYSRSAMYSRKALYKRKYAAPKSRIERKKKREKVLATVTKPVGGDKNGGTRVVKLRKMPRYYP
TEDVPRKLLSHGKKPFSQHVRKLRASITPGTILIILTGRHRGKRVVFLKQLSSGLLLVTGPLSLNRVPLRRTHQKFVIAT
STKIDISGVKIPKHLTDAYFKKKKLRKPRHQEGEIFDTEKEKYEITEQRKVDQKAVDSQILPKIKAVPQLQGYLRSVFAL
TNGVYPHKLVF
;
E
12 'polypeptide(L)'
;NFAELKIKRLRKKFAQKMLRKARRKLIYEKAKHYHKEYRQMYRTEIRMARMARKAGNFYVPAEPKLAFVIRIRGINGVSP
KVRKVLQLLRLRQIFNGTFVKLNKASINMLRIVEPYIAWGYPNLKSVNELIYKRGYGKINKKRIALTDNTLIARSLGKYN
IICMEDLIHEIYTVGKHFKEANNFLWPFKLSSPRGGMKKKTTHFVEGGDAGNREDQINRLIRRMN
;
F
13 'polypeptide(L)'
;VVNPLFEKRPKNFGIGQDIQPKRDLTRFVKWPRYIRLQRQRAILYKRLKVPPAINQFTQVLDRQTATQLLKLAHKYRPET
KQEKKQRLLARAEKKAAKRPPVLRAGVNTVTTLVENKKAQLVVIAHDVDPIELVVFLPALCRKMGVPYCILKGKARLGRL
VHRKTCTTVAFTQVNSEDKGALAKLVEAIRTNYNDRYDEIRRHWGGNVLGPKSVARIAKLEKAKAKELATKLG
;
G
14 'polypeptide(L)'
;MKTILSNQTVDIPENVDISLKGRTVIVKGPRGTLRRDFNHINVELSLLGKKKKRLRVDKWWGNRKELATVRTICSHVQNM
IKGVTLGFRYKMRSVYAHFPINVVIQENGSLVEIRNFLGEKYIRRVRMRPGVACSVSQAQKDELVLEGNDIELVSNSAAL
IQQATTVKNKDIRKFLDGIYVSEKGTVQQA
;
H
15 'polypeptide(L)'
;GRRPARCYRYCKNKPYPKSRFCRGVPDAKIRIFDLGRKKAKVDEFPLCGHMVSDEYEQLSSEALEAARICANKYMVKSCG
KDGFHIRVRLHPFHVIRINKMLQTGMRGAFGKPQGTVARVHIGQVIMSIRTKLQNKEHVVEALRRAKFKFPGRQKIHISK
KWGFTKFNADEFEDMVAEKRLIPDGCGVKYIPNRGPLDKWRALHS
;
I
16 'polypeptide(L)'
;KENPMRELRIRKLCLNICVGESGDRLTRAAKVLEQLTGQTPVFSKARYTVRSFGIRRNEKIAVHCTVRGAKAEEILEKGL
KVREYELRKNNFSDTGNFGFGIQEHIDLGIKYDPSIGIYGLDFYVVLGRPGFSIADKKRRTGCIGAKHRISKEEAMRWFQ
QKYDGIILPG
;
J
17 'polypeptide(L)'
;APSRNGMILKPHFHKDWQRRVATWFNQPARKIRRRKARQARARRIAPRPAAGPIRPIVRCPTVRYHTKVRAGRGFSLEEL
RVAGIHKKVARTIGISVDPRRRNKSTESLQANVQRLKEYRSKLVLFPRKPSAPKKGDSSAEELKLATQLTGPVMPIRNVF
KKEKARVITEEEKNFKAFASLRMARANARLFGIRAKRAKEAAEQDVEKKK
;
L
18 'polypeptide(L)'
;VFRRFVEVGRVAYVSFGPHAGKLVAIVDVIDQNRALVDGPCTRVRRQAMPFKCMQLTDFILKFPHSARQKYVRKAWEKAD
INTKWAATRWAKKIEARERKAKMTDFDRYKVMKAKKMRNRIIKNEVKKLQRAALLKAS
;
M
19 'polypeptide(L)'
;GAYKYIQELWRKKQSDVMRFLLRVRCWQYRQLSALHRAPRPTRPDKARRLGYKAKQGYVIYRIRVRRGGRKRPVPKGATY
GKPVHHGVNQLKFARSLQSVAEERAGRHCGALRVLNSYWVGEDSTYKFFEVILIDPFHKAIRRNPDTQWITKPVHKHREM
RGLTSAGRKSRGLGKGHKFHHTIGGSRRAAWRRRNTLQLHRYR
;
N
20 'polypeptide(L)'
;QVLVLDGRGHLLGRLAAIVAKQVLLGRKVVVVRCEGINISGNFYRNKLKYLAFLRKRMNTNPSRGPYHFRAPSRIFWRTV
RGMLPHKTKRGQAALDRLKVFDGIPPPYDKKKRMVVPAALKVVRLKPTRKFAYLGRLAHEVGWKYQAVTATLEEKRKEKA
KIHYRKKKQLMRLRKQAEKNVEKKISKFTDVLKTHGLLV
;
O
21 'polypeptide(L)'
;VRYSLDPENPTKSCKSRGSNLRVHFKNTRETAQAIKGMHIRKATKYLKDVTLKKQCVPFRRYNGGVGRCAQAKQWGWTQG
RWPKKSAEFLLHMLKNAESNAELKGLDVDSLVIEHIQVNKAPKMRRRTYRAHGRINPYMSSPCHIEMILTEKE
;
P
22 'polypeptide(L)'
;GVDIRHNKDRKVRRKEPKSQDIYLRLLVKLYRFLARRTNSTFNQVVLKRLFMSRTNRPPLSLSRMIRKMKLPGRENKTAV
VVGTVTDDVRVQEVPKLKVCALRVTSRARSRILKAGGKILTFDQLALDSPKGRGTVLLSGPRKGREVYRHFGKAPGTPHS
HTKPYVRSKGRKFERARGRRASRGYKN
;
Q
23 'polypeptide(L)'
;SMLRLQKRLASSVLRCGKKKVWLDPNETNEIANANSRQQIRKLIKDGLIIRKPVTVHSRARCRKNTLARRKGRHMGIGKR
KGTANARMPEKVTWMRRMRILRRLLRRYRESKKIDRHMYHSLYLKVKGNVFKNKRILMEHIHKLKADKARKKLLADQAEA
RRSKTKEARKRREERLQAKK
;
R
24 'polypeptide(L)'
;MKASGTLREYKVVGRCLPTPKCRTPPLYRMRIFAPNHVVAKSRFWYFVSQLKKMKKSSGEIVYCGQVFEKSPLRVKNFGI
WLRYDSRSGTHNMYREYRDLTTAGAVTQCYRDMGARHRARAHSIQIMKVEEIAASKCRRPAVKQFHDSKIKFPLPHRVLR
RQHKPRFTTKRPNTFF
;
S
25 'polypeptide(L)'
;TNTKGKRRGTRYMFSRPFRKHGVVPLATYMRIYKKGDIVDIKGMGTVQKGMPHKCYHGKTGRVYNVTQHAVGIVVNKQVK
GKILAKRINVRIEHIKHSKSRDSFLKRVKENDQKKKEAKEKGTWVQLKRQPAPPREAHFVRTNGKEPELLEPIPYEFMA
;
T
26 'polypeptide(L)'
;QLLKFTLDCTHPVEDGIMDAANFEQFLQERIKVNGKAGNLGGGVVSLERSKSKITVTSEVPFSKRYLKYLTKKYLKKNNL
RDWLRVVANTKESYELRYF
;
U
27 'polypeptide(L)'
;SGAKFRISLGLPVGAVINCADNTGAKNLYIISVKGIKGRLNRLPAAGVGDMVMATVKKGKPELRKKVHPAVVIRQRKSYR
RKDGVFLYFEDNAGVIVNNKGEMKGSAITGPVAKECADLWPRIASNAGSIA
;
V
28 'polypeptide(L)'
;MKVELCSFSGYKIYPGHGRRYARTDGKVFQFLNAKCESAFLSKRNPRQINWTVLYRRKHKKGQSEEIQKKRTRRAVKFQR
AITGASLADIMAKRNQKPEVRKAQREQAIRAAKEAKKAKQA
;
W
29 'polypeptide(L)'
;KIRTSPTFRRPKTLRLRRQPKYPRKSAPRRNKLDHYAIIKFPLTTESAMKKIEDNNTLVFIVDVKANKHQIKQAVKKLYD
IDVAKVNTLIRPDGEKKAYVRLAPDYDALDVANKIGII
;
X
30 'polypeptide(L)'
;MKFNPFVTSDRSKNRKRHFNAPSHIRRKIMSSPLSKELRQKYNVRSMPIRKDDEVQVVRGHYKGQQIGKVVQVYRKKYVI
YIERVQREKANGTTVHVGIHPSKVVITRLKLDKDRKKILERKAKSRQVGKEKGK
;
Y
31 'polypeptide(L)'
;GKFMKPGKVVLVLAGRYSGRKAVIVKNIDDGTSDRPYSHALVAGIDRYPRKVTAAMGKKKIAKRSKIKSFVKVYNYNHLM
PTRYSVDIPLDKTVVNKDVFRDPALKRKARREAKVKFEERYKTGKNKWFFQKLRF
;
Z
32 'polypeptide(L)'
;PSRLRKTRKLRGHVSHGHGRIGKHRKHPGGRGNAGGMHHHRINFDKYHPGYFGKVGMRHYHLKRNQSFCPTVNLDKLWTL
VSEQTRVNAAKNKTGAAPIIDVVRSGYYKVLGKGKLPKQPVIVKAKFFSRRAEEKIKGVGGACVLVA
;
a
33 'polypeptide(L)'
;AKSKNHTTHNQSRKWHRNGIKKPRSQRYESLKGVDPKFLRNMRFAKKHNKKGLKKMQANNAKAMAARAEAIKALVVSRKL
HRLAYIAHPKLGRRARARIARGLR
;
b
34 'polypeptide(L)'
;SLESINSRLQLVMKSGKYVLGYKQSLKMIRQGKAKLVILANNCPALRKSEIEYYAMLAKTGVHHYSGNNIELGTACGKYY
RVCTLSIIDPGDSDIIRS
;
c
35 'polypeptide(L)'
;NEVVTREYTINIHKRIHGVGFKKRAPRALKEIRKFAMKEMGTPDVRIDTRLNKAVWAKGIRNVPYRIRVRLSRKRNEDED
SPNKLYTLVTYVPVTTFKNLQTVNVDE
;
d
36 'polypeptide(L)'
;AALRPLVKPKIVKKRTKKFIRHQSDRYVKIKRNWRKPRGIDNRVRRRFKGQILMPNIGYGSNKKTKHMLPSGFRKFLVHN
VKELEVLLMCNKSYCAEIAHNVSSKNRKAIVERAAQLAIRVTNPNARL
;
e
37 'polypeptide(L)'
;SGRLWCKAIFAGYKRGLRNQREHTALLKIEGVYARDETEFYLGKRCAYVYKAKNNTVTPGGKPNKTRVIWGKVTRAHGNS
GMVRAKFRSNLPAKAIGHRIRVMLYPSRI
;
f
38 'polypeptide(L)'
;VQRLTYRRRLSYNTASNKTRLSRTPGNRIVYLYTKKVGKAPKSACGVCPGRLRGVRAVRPKVLMRLSKTKKHVSRAYGGS
MCAKCVRDRIKRAFLIEEQKIVVKVLKAQAQSQK
;
g
39 'polypeptide(L)'
;AKIKARDLRGKKKEELLKQLDDLKVELSQLRVAKVTGGAASKLSKIRVVRKSIARVLTVINQTQKENLRKFYKGKKYKPL
DLRPKKTRAMRRRLNKHEESLKTKKQQRKERLYPLRKYAVKA
;
h
40 'polypeptide(L)'
;ALRYPMAVGLNKGHKVTKNVSKPRHSRRRGRLTKHTKFVRDMIREVCGFAPYERRAMELLKVSKDKRALKFIKKRVGTHI
RAKRKREELSSVLAAMRKAAAK
;
i
41 'polypeptide(L)'
;TKGTSSFGKRRNKTHTLCRRCGSKAYHLQKSTCGKCGYPAKRKRKYNWSAKAKRRNTTGTGRMRHLKIVYRRFRHGFREG
TTPKPK
;
j
42 'polypeptide(L)' PRKIEEIKDFLLTARRKDAKSVKIKKNKDNVKFKVRCSRYLYTLVITDKEKAEKLKQSLPPGLAVKELK k
43 'polypeptide(L)' SSHKTFRIKRFLAKKQKQNRPIPQWIWMKTGNKIRYNSKRRHWRRTKLGL l
44 'polypeptide(L)' IIEPSLRQLAQKYNCDKMICRKCYARLHPRAVNCRKKKCGHTNNLRPKKKVK m
45 'polypeptide(L)' MRAKWRKKRMRRLKRKRRKMRQRSK n
46 'polypeptide(L)'
;VNVPKTRRTFCKKCGKHQPHKVTQYKKGKDSLYAQGKRRYDRKQSGYGGQTKPIFRKKAKTTKKIVLRLECVEPNCRSKR
MLAIKRCKHFELGGDKKRKGQVIQ
;
o
47 'polypeptide(L)'
;AKRTKKVGIVGKYGTRYGASLRKMVKKIEISQHAKYTCSFCGKTKMKRRAVGIWHCGSCMKTVAGGAWTYNTTSAVTVKS
AIRRLKELKDQ
;
p
48 'polypeptide(L)'
;SAHLQWMVVRNCSSFLIKRNKQTYSTEPNNLKARNSFRYNGLIHRKTVGVEPAADGKGVVVVMKRRSGQRKPATSYVRTT
INKNARATLSSIRHMIRKNKYHPDLRMAAIRRASAILRSQKPVM
;
r
49 'polypeptide(L)'
;DRATWKSNYFLKIIQLLDDYPKCFIVGADNVGSKQMQQIRMSLRGKAVVLMGKNTMMRKAIRGHLENNPALEKLLPHIRG
NVGFVFTKEDLTEIRDMLLANKVPAAARAGAIAPCEVTVPAQNTGLGPEKTSFFQALGITTKISRGTIEILSDVQLIKTG
DKVGASEATLLNMLNISPFSFGLIIQQVFDNGSIYN
;
s
50 'polypeptide(L)'
;EIKVVYLRCTGGEVGATSALAPKIGPLGLSPKKVGDDIAKATGDWKGLRITVKLTIQNRQAQIEVVPSASALIIKALKEP
PRDRKKQKNIKHSGNITFDEIVNIARQMRHRSLARELSGTIKEILGTAQSVGCNVDGRHPHDIIDDINSGAVE
;
t
51 'polyribonucleotide'
;UACCUGGUUGAUCCUGCCAGUAGCAUAUGCUUGUCUCAAAGAUUAAGCCAUGCAUGUCUAAGUACGCACGGCCGGUACAG
UGAAACUGCGAAUGGCUCAUUAAAUCAGUUAUGGUUCCUUUGGUCGCUCGUACUUGGAUAACUGUGGUAAUUCUAGAGCU
AAUACAUGCCGACGGGCGCUGACCCCCUUCGCGGGGGGGAUGCGUGCAUUUAUCAGUGGUGACUCUAGAUAACCUCGGGC
CGAUCGCACGCCCGGCGGCGACGACCCAUUCGAACGUCUGCCCUAUCAACUUUCGAUGGUAGUCGCCGUGCCUACCAUGG
UGACCACGGGUGACGGGGAAUCAGGGUUCGAUUCCGGAGAGGGAGCCUGAGAAACGGCUACCACAUCCAAGGAAGGCAGC
AGGCGCGCAAAUUACCCACUCCCGACCCGGGGAGGUAGUGACGAAAAAUAACAAUACAGGACUCUUUCGAGGCCCUGUAA
UUGGAAUGAGUCCACUUUAAAUCCUUUAACGAGGAUCCAUUGGAGGGCAAGUCUGGUGCCAGCAGCCGCGGUAAUUCCAG
CUCCAAUAGCGUAUAUUAAAGUUGCUGCAGUUAAAAAGCUCGUAGUUGGAUCUUGGGAGCGGCCGUCCCCUGCUCGGCGC
CGGCCCGAAGCGUUUACUUUGAAAAAAUUAGAGUGUUCAAAGCAGGCCGCCUGGAUACCGCAGCUAGGAAUAAUGGAAUA
GGACCGCGGUUCUAUUUUGUUGGUUUUCGGAACUGAGGCCAUGAUUAAGAGGGACGGCCGGGGGCAUUCGUAUUGCGCCG
CUAGAGGUGAAAUUCUUGGACCGGCGCAAGACGGACCAGAGCGAAAGCAUUUGCCAAGAAUGUUUUCAUUAAUCAAGAAC
GAAAGUCGGAGGUUCGAAGACGAUCAGAUACCGUCGUAGUUCCGACCAUAAACGAUGCCGACUGGCGAUGCGGCGGCGUU
AUUCCCAUGACCCGCCGGGCAGCUUCCGGGAAACCAAAGUCUUUGGGUUCCGGGGGGAGUAUGGUUGCAAAGCUGAAACU
UAAAGGAAUUGACGGAAGGGCACCACCAGGAGUGGAGCCUGCGGCUUAAUUUGACUCAACACGGGAAACCUCACCCGGCC
CGGACACGGACAGGAUUGACAGAUUGAUAGCUCUUUCUCGAUUCCGUGGGUGGUGGUGCAUGGCCGUUCUUAGUUGGUGG
AGCGAUUUGUCUGGUUAAUUCCGAUAACGAACGAGACUCUGGCAUGCUAACUAGUUACGCGACCCCGGUCGGCGUAACUU
CUUAGAGGGACAAGUGGCGUUCAGCCACCCGAGAUUGAGCAAUAACAGGUCUGUGAUGCCCUUAGAUGUCCGGGGCUGCA
CGCGCGCUACACUGACUGGCUCAGCGUGUGCCUACCCUACGCCGGCAGGCGCGGGUAACCCGUUGAACCCCAUUCGUGAU
GGGGAUCGGGGAUUGCAAUUAUUCCCCAUGAACGAGGAAUUCCCAGUAAGUGCGGGUCAUAAGCUUGCGUUGAUUAAGUC
CCUGCCCUUUGUACACACCGCCCGUCGCUACUACCGAUUGGAUGGUUUAGUGAGGCCCUCGGAUCGGCCCCGCCGGGGUG
CCCUGGCGGAGCGCUGAGAAGACGGUCGAACUUGACUAUCUAGAGGAAGUAAAAGUCGUAACAAGGUUUCCGUAGGUGAA
CCUGCGGAAGGAUCAUUA
;
K
52 'polypeptide(L)'
;SGALDVLQMKEEDVLKFLAAGTHLGGTNLDFQMEQYIYKRKSDGIYIINLKRTWEKLLLAARAIVAIENPADVSVISSRN
TGQRAVLKFAAATGATPIAGRFTPGTFTNQIQTAFREPRLLVVTDPRADHQPLTEASYVNLPTIALCNTDSPLRYVDIAI
PCNNKGAHSVGLMWWMLAREVLRMRGTISREHPWEVMPDLYFYRDPEEIEKEEQAAA
;
q
53 'polypeptide(L)'
;VVDPFSKKDWYDVKAPAMFNIRNIGKTLVTRTQGTKIASDGLKGRVFEVSLADLQNDEVAFRKFKLITEDVQGKNCLTNF
HGMDLTRDKMCSMVKKWQTMIEAHVDVKTTDGYLLRLFCVGFTKKRNNQIRKTSYAQHQQVRQIRKKMMEIMTREVQTND
LKEVVNKLIPDSIGKDIEKACQSIYPLHDVFVRKVKMLKKPKFELGKLMELHG
;
u
54 'polypeptide(L)'
;KEWLPVTKLGRLVKDMKIKSLEEIYLFSLPIKESEIIDFFLGASLKDEVLKIMPVQKQTRAGQRTRFKAFVAIGDYNGHV
GLGVKCSKEVATAIRGAIILAKLSIVPVRRGYWGNKIGKPHTVPCKVTGRCGSVLVRLIPAPRGTGIVSAPVPKKLLMMA
GIDDCYTSARGCTATLGNFAKATFDAISKTYSYLTPDLWKETVFTKSPYQEFTDHLVKTHT
;
v
55 'polypeptide(L)'
;MAVQISKKRKFVADGIFKAELNEFLTRELAEDGYSGVEVRVTPTRTEIIILATRTQNVLGEKGRRIRELTAVVQKRFGFP
EGSVELYAEKVATRGLCAIAQAESLRYKLLGGLAVRRACYGVLRFIMESGAKGCEVVVSGKLRGQRAKSMKFVDGLMIHS
GDPVNYYVDTAVRHVLLRQGVLGIKVKIMLPWDPSGKIGPKKPLPDHVSIVEPKDEILPTTPISEQKG
;
w
56 'polypeptide(L)'
;ARGPKKHLKRVAAPKHWMLDKLTGVFAPRPSTGPHKLRECLPLIIFLRNRLKYALTGDEVKKICMQRFIKIDGKVRTDIT
YPAGFMDVISIDKTGENFRLIYDTKGRFAVHRITPEEAKYKLCKVRKIFVGTKGIPHLVTHDARTIRYPDPLIKVNDTIQ
IDLETGKITDFIKFDTGNLCMVTGGANLGRIGVITNRERHPGSFDVVHVKDANGNSFATRLSNIFVIGKGNKPWISLPRG
KGIRLTIAEERDKRLAAKQSSG
;
x
57 'polypeptide(L)'
;TPDIKLFGKWSTDDVQINDISLQDYIAVKEKYAKYLPHSAGRYAAKRFRKAQCPIVERLTNSMMMHGRNNGKKLMTVRIV
KHAFEIIHLLTGENPLQVLVNAIINSGPREDSTRIGRAGTVRRQAVDVSPLRRVNQAIWLLCTGAREAAFRNIKTIAECL
ADELINAAKGSSNSYAIKKKDELERVAKSNR
;
y
58 'polypeptide(L)'
;MKLNISFPATGCQKLIEVDDERKLRTFYEKRMATEVAADALGEEWKGYVVRISGGNDKQGFPMKQGVLTHGRVRLLLSKG
HSCYRPRRTGERKRKSVRGCIVDANLSVLNLVIVKKGEKDIPGLTDTTVPRRLGPKRASRIRKLFNLSKEDDVRQYVVRK
PLNKEGKKPRTKAPKIQRLVTPRVLQHKRRRIALKKQRTKKNKEEAAEYAKLLAKRMKEAKEKRQEQIAKRRRLSSL
;
z
59 'polypeptide(L)'
;AKIVKPNGEKPDEFESGISQALLELEMNSDLKAQLRELNITAAKEIEVGGGRKAIIIFVPVPQLKSFQKIQVRLVRELEK
KFSGKHVVFIAQRRILPKPTRKSRTKNKQKRPRSRTLTAVHDAILEDLVFPSEIVGKRIRVKLDGSRLIKVHLDKAQQNN
VEHKVETFSGVYKKLTGKDVNFEFPEFQL
;
BB
60 'polypeptide(L)'
;GISRDNWHKRRKTGGKRKPYHKKRKYELGRPAANTKIGPRRIHTVRVRGGNKKYRALRLDVGNFSWGSECCTRKTRIIDV
VYNASNNELVRTKTLVKNCIVLIDSTPYRQWYESHYALPLGRKKGAKLTPEEEEILNKKRSKKIQKKYDERKKNAKISSL
LEEQFQQGKLLACIASRPGQCGRADGYVLEGKELEFYLRKIKARKG
;
CC
61 'polypeptide(L)'
;PVARSWVCRKTYVTPRRPFEKSRLDQELKLIGEYGLRNKREVWRVKFTLAKIRKAARELLTLDEKDPRRLFEGNALLRRL
VRIGVLDEGKMKLDYILGLKIEDFLERRLQTQVFKLGLAKSIHHARVLIRQRHIRVRKQVVNIPSFIVRLDSQKHIDFSL
RSPYGGGRPGRVKRKNAKKGQGGAG
;
DD
62 'polypeptide(L)'
;MLMPKKNRIAIYELLFKEGVMVAKKDVHMPKHPELADKNVPNLHVMKAMQSLKSRGYVKEQFAWRHFYWYLTNEGIQYLR
DYLHLPPEIVPATLRR
;
SS
63 'polypeptide(L)'
;DIQTERAYQKQPTIFQNKKRVLLGETGKEKLPRYYKNIGLGFKTPKEAIEGTYIDKKCPFTGNVSIRGRILSGVVTKMKM
QRTIVIRRDYLHYIRKYNRFEKRHKNMSVHLSPCFRDVQIGDIVTVGECRPLSKTVRFNVLKVTKAAGTKK
;
EE
64 'polypeptide(L)'
;VNTALQEVLKTALIHDGLARGIREAAKALDKRQAHLCVLASNCDEPMYVKLVEALCAEHQINLIKVDDNKKLGEWVGLCK
IDREGKPRKVVGCSCVVVKDYGKESQAKDVIEEYFKC
;
RR
65 'polypeptide(L)'
;GRMHAPGKGLSQSALPYRRSVPTWLKLTSDDVKEQIYKLAKKGLTPSQIGVILRDSHGVAQVRFVTGNKILRILKSKGLA
PDLPEDLYHLIKKAVAVRKHLERNRKDKDAKFRLILIESRIHRLARYYKTKRVLPPNWKYESSTASALV
;
QQ
66 'polypeptide(L)'
;SLGPQVAEGENVFGVCHIFASFNDTFVHVTDLSGKETICRVTGGMKVKADRDESSPYAAMLAAQDVAQRCKELGITALHI
KLRATGGNRTKTPGPGAQSALRALARSGMKIGRIEDVTPIPSDSTRRKGGRRGRR
;
MM
67 'polypeptide(L)'
;FRKFTYRGVDLDQLLDMSYEQLMQLYSARQRRRLSRGLRRKQHSLLKRLRKAKKEAPPMEKPEVVKTHLRDMIILPEMVG
SMVGVYNGKTFNQVEIKPEMIGHYLGEFSITYKPVKHGRP
;
WW
68 'polypeptide(L)'
;GPLQSVQVFGRKKTATAVAHCKRGNGLIKVNGRPLEMIEPRTLQYKLLEPVLLLGKERFAGVDIRVRVKGGGHVAQIYAI
RQSISKALVAYYQKYVDEASKKEIKDILIQYDRTLLVADPRRCESKKFGGPGARARYQKSYR
;
UU
69 'polypeptide(L)'
;GRVRTKTVKKAARVIIEKYYTRLGNDFHTNKRVCEEIAIIPSKKLRNKIAGYVTHLMKRIQRGPVRGISIKLQEEERERR
DNYVPEVSALDQEIIEVDPDTKEMLKLLDFGSLSNLQVTQPTVGMNFKTPRG
;
KK
70 'polypeptide(L)'
;SLVIPEKFQHILRVLNTNIDGRRKIAFAITAIKGVGRRYAHVVLRKADIDLTKRAGELTEDEVERVITIMQNPRQYKIPD
WFLNRQKDVKDGKYSQVLANGLDNKLREDLERLKKIRAHRGLRHFWGLRVRGQHTKTTGRRGRT
;
II
71 'polypeptide(L)'
;GVTVKDVNQQEFVRALAAFLKKSGKLKVPEWVDTVKLAKHKELAPYDENWFYTRAASTARHLYLRGGAGVGSMTKIYGGR
QRNGVMPSHFSRGSKSVARRVLQALEGLKMVEKDQDGGRKLTPQGQRDLDRIAGQVAAAKK
;
PP
72 'polypeptide(L)'
;HRIRITLTSRNVKSLEKVCADLIRGAKEKNLKVKGPVRMPTKTLRITTRKTPCGEGSKTWDRFQMRIHKRLIDLHSPSEI
VKQITSISIEPGVEVEVTIA
;
GG
73 'polypeptide(L)'
;MQNDAGEFVDLYVPRKCSASNRIIGAKDHASIQMNVAEVDKVTGRFNGQFKTYAICGAIRRMGESDDSILRLAKADGIVS
KNF
;
HH
74 'polypeptide(L)'
;VRMNVLADALKSINNAEKRGKRQVLIRPCSKVIVRFLTVMMKHGYIGEFEIIDDHRAGKIVVNLTGRLNKCGVISPRFDV
QLKDLEKWQNNLLPSRQFGFIVLTTSAGIMDHEEARRKHTGGKILGFFF
;
TT
75 'polypeptide(L)'
;GKCRGLRTARKLRSHRRDQKWHDKQYKKAHLGTALKANPFGGASHAKGIVLEKVGVEAKQPNSAIRKCVRVQLIKNGKKI
TAFVPNDGCLNFIEENDEVLVAGFGRKGHAVGDIPGVRFKVVKVANVSLLALYKGKKERPR
;
VV
76 'polypeptide(L)'
;TVTIRTRKFMTNRLLQRKQMVIDVLHPGKATVPKTEIREKLAKMYKTTPDVIFVFGFRTHFGGGKTTGFGMIYDSLDYAK
KNEPKHRLARHGLYEKKKTSRKQRKERKNRMKKVRGTAKANVGA
;
NN
77 'polypeptide(L)' RDKLNNLVLFDKATYDKLCKEVPNYKLITPAVVSERLKIRGSLARAALQELLSKGLIKLVSKHRAQVIYTRNTKG OO
78 'polypeptide(L)'
;TKKRRNNGRAKKGRGHVQPIRCTNCARCVPKDKAIKKFVIRNIVEAAAVRDISEASVFDAYVLPKLYVKLHYCVSCAIHS
KVVRNRSREARKDRTPPPRFR
;
LL
79 'polypeptide(L)'
;PLAKDLLHPSPEEEKRKHKKKRLVQSPNSYFMDVKCPGCYKITTVFSHAQTVVLCVGCSTVLCQPTGGKARLTEGCSFRR
KQH
;
JJ
80 'polypeptide(L)' QPIKLARVTKVLGRTGSQGQCTQVRVEFMDDTSRSIIRNVKGPVREGDVLTLLESEREARRL FF
81 'polypeptide(L)' GHQQLYWSHPRKFGQGSRSCRVCSNRHGLIRKYGLNMCRQCFRQYAKDIGFIKLD 9
82 'polyribonucleotide' UUAAUG 4
83 'polypeptide(L)' KSYTTPKKNKHKRKKVKLAVLKYYKVDENGKISRLRRECPSDECGAGVFMASHFDRHYCGKCCLTYCF 0
84 'polypeptide(L)'
;TEQMTLRGTLKGHNGWVTQIATTPQFPDMILSASRDKTIIMWKLTRDETNYGIPQRALRGHSHFVSDVVISSDGQFALSG
SWDGTLRLWDLTTGTTTRRFVGHTKDVLSVAFSSDNRQIVSGSRDKTIKLWNTLGVCKYTVQDESHSEWVSCVRFSPNSS
NPIIVSCGWDKLVKVWNLANCKLKTNHIGHTGYLNTVTVSPDGSLCASGGKDGQAMLWDLNEGKHLYTLDGGDIINALCF
SPNRYWLCAATGPSIKIWDLEGKIIVDELKQEVISTSSKAEPPQCTSLAWSADGQTLFAGYTDNLVRVWQVTI
;
6
85 'polypeptide(L)' SLARVGKVRGQTLKVAKQEKKKKRTGRAKRRMQYNRRFVNVVPTFGKKKGPNANS AA
#
# COMPACT_ATOMS: atom_id res chain seq x y z
N ASP B 1 -12.39 -62.77 -35.39
CA ASP B 1 -11.88 -61.71 -34.51
C ASP B 1 -12.57 -61.77 -33.16
N PRO B 2 -11.80 -61.70 -32.08
CA PRO B 2 -12.43 -61.82 -30.75
C PRO B 2 -13.45 -60.76 -30.43
N VAL B 3 -14.09 -60.92 -29.28
CA VAL B 3 -15.10 -60.00 -28.81
C VAL B 3 -14.49 -58.64 -28.48
N PRO B 4 -14.92 -57.61 -29.18
CA PRO B 4 -14.42 -56.25 -28.97
C PRO B 4 -14.70 -55.81 -27.55
N TYR B 5 -13.78 -55.11 -26.90
CA TYR B 5 -14.03 -54.65 -25.55
C TYR B 5 -15.01 -53.50 -25.53
N GLN B 6 -15.65 -53.26 -24.40
CA GLN B 6 -16.65 -52.21 -24.33
C GLN B 6 -16.12 -50.82 -24.56
N PRO B 7 -16.92 -50.01 -25.24
CA PRO B 7 -16.59 -48.61 -25.57
C PRO B 7 -16.06 -47.95 -24.33
N PRO B 8 -14.84 -47.43 -24.42
CA PRO B 8 -14.13 -46.92 -23.26
C PRO B 8 -14.68 -45.61 -22.75
N PHE B 9 -14.35 -45.37 -21.49
CA PHE B 9 -14.74 -44.16 -20.80
C PHE B 9 -13.82 -43.07 -21.22
N LEU B 10 -14.38 -41.88 -21.42
CA LEU B 10 -13.63 -40.72 -21.81
C LEU B 10 -14.18 -39.55 -20.98
N CYS B 11 -13.33 -38.96 -20.12
CA CYS B 11 -13.75 -37.83 -19.29
C CYS B 11 -14.22 -36.79 -20.28
N GLN B 12 -15.50 -36.73 -20.57
CA GLN B 12 -15.92 -35.79 -21.59
C GLN B 12 -16.53 -34.54 -20.99
N TRP B 13 -17.10 -34.62 -19.79
CA TRP B 13 -17.86 -33.50 -19.29
C TRP B 13 -17.48 -33.13 -17.87
N GLY B 14 -16.19 -33.08 -17.56
CA GLY B 14 -15.78 -32.69 -16.23
C GLY B 14 -15.66 -31.20 -16.08
N ARG B 15 -14.82 -30.79 -15.12
CA ARG B 15 -14.49 -29.37 -14.97
C ARG B 15 -13.59 -28.90 -16.10
N HIS B 16 -12.86 -29.83 -16.71
CA HIS B 16 -11.87 -29.56 -17.75
C HIS B 16 -12.47 -29.20 -19.08
N GLN B 17 -13.76 -29.45 -19.31
CA GLN B 17 -14.31 -29.26 -20.64
C GLN B 17 -15.14 -27.99 -20.65
N PRO B 18 -14.74 -26.96 -21.41
CA PRO B 18 -15.51 -25.72 -21.45
C PRO B 18 -16.71 -25.72 -22.37
N ALA B 19 -16.91 -26.78 -23.15
CA ALA B 19 -18.01 -26.87 -24.11
C ALA B 19 -19.38 -26.89 -23.44
N TRP B 20 -19.47 -27.25 -22.17
CA TRP B 20 -20.76 -27.22 -21.48
C TRP B 20 -20.42 -27.14 -20.02
N LYS B 21 -21.07 -26.23 -19.34
CA LYS B 21 -20.93 -26.07 -17.92
C LYS B 21 -22.29 -25.68 -17.34
N PRO B 22 -22.54 -25.97 -16.09
CA PRO B 22 -23.81 -25.58 -15.49
C PRO B 22 -23.71 -24.28 -14.73
N LEU B 23 -24.79 -23.85 -14.10
CA LEU B 23 -24.71 -22.64 -13.31
C LEU B 23 -23.78 -22.89 -12.13
N MET B 24 -22.81 -22.02 -11.91
CA MET B 24 -21.88 -22.15 -10.80
C MET B 24 -22.03 -20.87 -9.73
N GLY G 1 3.49 -35.98 3.90
CA GLY G 1 2.93 -36.72 2.78
C GLY G 1 3.88 -37.74 2.20
N ARG G 2 4.56 -37.37 1.12
CA ARG G 2 5.53 -38.26 0.50
C ARG G 2 6.81 -38.32 1.32
N VAL G 3 7.69 -39.23 0.91
CA VAL G 3 9.04 -39.32 1.44
C VAL G 3 9.87 -38.20 0.83
N ILE G 4 10.55 -37.43 1.67
CA ILE G 4 11.21 -36.21 1.23
C ILE G 4 12.55 -36.57 0.58
N ARG G 5 13.15 -35.60 -0.12
CA ARG G 5 14.29 -35.89 -1.00
C ARG G 5 15.55 -36.22 -0.22
N GLY G 6 15.74 -35.58 0.94
CA GLY G 6 16.86 -35.93 1.80
C GLY G 6 16.73 -37.32 2.38
N GLN G 7 15.51 -37.78 2.61
CA GLN G 7 15.28 -39.17 2.98
C GLN G 7 15.54 -40.10 1.81
N ARG G 8 15.22 -39.66 0.59
CA ARG G 8 15.40 -40.53 -0.58
C ARG G 8 16.87 -40.64 -0.98
N LYS G 9 17.69 -39.66 -0.62
CA LYS G 9 19.10 -39.72 -0.98
C LYS G 9 19.85 -40.79 -0.19
N GLY G 10 19.37 -41.11 1.01
CA GLY G 10 20.06 -42.08 1.84
C GLY G 10 19.82 -43.51 1.42
N ALA G 11 18.74 -43.76 0.68
CA ALA G 11 18.43 -45.12 0.24
C ALA G 11 19.38 -45.57 -0.86
N GLY G 12 19.71 -44.68 -1.78
CA GLY G 12 20.67 -44.99 -2.82
C GLY G 12 20.03 -45.30 -4.16
N SER G 13 20.82 -45.94 -5.04
CA SER G 13 20.47 -46.51 -6.35
C SER G 13 20.19 -45.48 -7.43
N VAL G 14 20.04 -44.20 -7.04
CA VAL G 14 20.07 -43.09 -7.99
C VAL G 14 21.10 -42.07 -7.55
N PHE G 15 21.11 -41.75 -6.26
CA PHE G 15 21.97 -40.74 -5.67
C PHE G 15 23.33 -41.28 -5.25
N ARG G 16 23.72 -42.45 -5.77
CA ARG G 16 25.04 -42.99 -5.48
C ARG G 16 26.13 -42.22 -6.22
N ALA G 17 27.37 -42.47 -5.82
CA ALA G 17 28.51 -41.80 -6.43
C ALA G 17 28.81 -42.38 -7.80
N HIS G 18 29.36 -41.54 -8.67
CA HIS G 18 29.71 -41.94 -10.02
C HIS G 18 31.20 -42.31 -10.01
N VAL G 19 31.48 -43.60 -9.82
CA VAL G 19 32.84 -44.06 -9.56
C VAL G 19 33.34 -44.94 -10.70
N LYS G 20 32.77 -44.75 -11.90
CA LYS G 20 33.15 -45.58 -13.05
C LYS G 20 34.54 -45.21 -13.56
N HIS G 21 34.72 -43.96 -13.99
CA HIS G 21 35.99 -43.56 -14.59
C HIS G 21 37.00 -43.09 -13.55
N ARG G 22 36.68 -43.18 -12.26
CA ARG G 22 37.65 -42.86 -11.23
C ARG G 22 38.73 -43.92 -11.18
N LYS G 23 39.97 -43.50 -10.93
CA LYS G 23 41.11 -44.40 -11.07
C LYS G 23 41.25 -45.33 -9.87
N GLY G 24 41.02 -44.82 -8.66
CA GLY G 24 41.11 -45.65 -7.48
C GLY G 24 41.04 -44.79 -6.23
N ALA G 25 41.25 -45.45 -5.10
CA ALA G 25 41.24 -44.77 -3.80
C ALA G 25 42.60 -44.13 -3.55
N ALA G 26 42.59 -42.84 -3.20
CA ALA G 26 43.81 -42.07 -2.97
C ALA G 26 44.31 -42.32 -1.55
N ARG G 27 45.05 -43.41 -1.40
CA ARG G 27 45.49 -43.88 -0.10
C ARG G 27 47.02 -43.92 -0.03
N LEU G 28 47.54 -43.75 1.20
CA LEU G 28 48.97 -43.78 1.41
C LEU G 28 49.49 -45.21 1.46
N ARG G 29 50.77 -45.34 1.77
CA ARG G 29 51.38 -46.65 1.93
C ARG G 29 51.17 -47.15 3.35
N ALA G 30 50.95 -48.45 3.50
CA ALA G 30 50.68 -49.04 4.80
C ALA G 30 51.92 -49.04 5.68
N VAL G 31 51.72 -49.24 6.98
CA VAL G 31 52.82 -49.25 7.92
C VAL G 31 53.55 -50.59 7.85
N ASP G 32 54.88 -50.53 7.89
CA ASP G 32 55.73 -51.70 7.89
C ASP G 32 57.08 -51.31 8.49
N PHE G 33 58.09 -52.16 8.25
CA PHE G 33 59.41 -51.94 8.84
C PHE G 33 60.07 -50.68 8.26
N ALA G 34 59.89 -50.44 6.96
CA ALA G 34 60.49 -49.26 6.34
C ALA G 34 59.79 -47.98 6.75
N GLU G 35 58.45 -48.02 6.85
CA GLU G 35 57.71 -46.85 7.32
C GLU G 35 57.96 -46.59 8.80
N ARG G 36 58.30 -47.65 9.55
CA ARG G 36 58.40 -47.52 11.00
C ARG G 36 59.80 -47.07 11.43
N HIS G 37 60.83 -47.73 10.91
CA HIS G 37 62.20 -47.49 11.39
C HIS G 37 63.00 -46.57 10.48
N GLY G 38 63.13 -46.93 9.21
CA GLY G 38 63.93 -46.14 8.30
C GLY G 38 63.11 -45.37 7.29
N TYR G 39 63.41 -45.56 6.00
CA TYR G 39 62.63 -44.99 4.92
C TYR G 39 62.80 -45.86 3.68
N ILE G 40 62.01 -45.56 2.65
CA ILE G 40 62.09 -46.27 1.37
C ILE G 40 61.73 -45.29 0.27
N LYS G 41 62.41 -45.43 -0.87
CA LYS G 41 62.36 -44.52 -2.01
C LYS G 41 61.37 -45.03 -3.05
N GLY G 42 60.73 -44.09 -3.75
CA GLY G 42 59.88 -44.46 -4.88
C GLY G 42 59.84 -43.40 -5.95
N ILE G 43 59.64 -43.82 -7.20
CA ILE G 43 59.63 -42.85 -8.29
C ILE G 43 58.20 -42.34 -8.51
N VAL G 44 58.09 -41.14 -9.06
CA VAL G 44 56.81 -40.62 -9.53
C VAL G 44 56.71 -40.93 -11.02
N LYS G 45 55.87 -41.90 -11.38
CA LYS G 45 55.76 -42.33 -12.77
C LYS G 45 55.02 -41.29 -13.60
N ASP G 46 53.77 -41.02 -13.26
CA ASP G 46 53.01 -39.97 -13.94
C ASP G 46 51.95 -39.39 -13.01
N ILE G 47 51.64 -38.12 -13.23
CA ILE G 47 50.59 -37.41 -12.52
C ILE G 47 49.34 -37.42 -13.39
N ILE G 48 48.22 -37.83 -12.80
CA ILE G 48 46.99 -38.04 -13.55
C ILE G 48 45.88 -37.23 -12.88
N HIS G 49 44.82 -36.95 -13.63
CA HIS G 49 43.66 -36.24 -13.13
C HIS G 49 42.55 -37.24 -12.84
N ASP G 50 42.02 -37.21 -11.62
CA ASP G 50 40.96 -38.12 -11.22
C ASP G 50 39.61 -37.46 -11.45
N PRO G 51 38.63 -38.17 -12.03
CA PRO G 51 37.30 -37.59 -12.22
C PRO G 51 36.58 -37.42 -10.89
N GLY G 52 35.87 -36.30 -10.76
CA GLY G 52 35.18 -35.99 -9.52
C GLY G 52 36.10 -35.60 -8.38
N ARG G 53 37.22 -34.96 -8.70
CA ARG G 53 38.20 -34.59 -7.68
C ARG G 53 38.98 -33.39 -8.17
N GLY G 54 39.06 -32.35 -7.34
CA GLY G 54 39.86 -31.20 -7.70
C GLY G 54 41.35 -31.46 -7.58
N ALA G 55 41.72 -32.41 -6.74
CA ALA G 55 43.13 -32.72 -6.54
C ALA G 55 43.61 -33.68 -7.63
N PRO G 56 44.81 -33.44 -8.18
CA PRO G 56 45.41 -34.43 -9.09
C PRO G 56 46.13 -35.52 -8.32
N LEU G 57 46.10 -36.74 -8.84
CA LEU G 57 46.74 -37.86 -8.19
C LEU G 57 48.08 -38.18 -8.86
N ALA G 58 48.85 -39.06 -8.23
CA ALA G 58 50.17 -39.41 -8.72
C ALA G 58 50.40 -40.90 -8.54
N LYS G 59 50.83 -41.56 -9.61
CA LYS G 59 51.22 -42.97 -9.57
C LYS G 59 52.66 -43.03 -9.05
N VAL G 60 52.81 -43.39 -7.79
CA VAL G 60 54.13 -43.49 -7.19
C VAL G 60 54.51 -44.96 -7.11
N VAL G 61 55.58 -45.33 -7.81
CA VAL G 61 56.04 -46.71 -7.88
C VAL G 61 57.08 -46.96 -6.79
N PHE G 62 56.79 -47.92 -5.94
CA PHE G 62 57.62 -48.35 -4.82
C PHE G 62 58.25 -49.70 -5.15
N ARG G 63 59.36 -50.00 -4.49
CA ARG G 63 60.01 -51.31 -4.60
C ARG G 63 59.71 -52.07 -3.33
N ASP G 64 59.11 -53.25 -3.47
CA ASP G 64 58.70 -54.04 -2.31
C ASP G 64 59.93 -54.65 -1.64
N PRO G 65 60.10 -54.46 -0.33
CA PRO G 65 61.33 -54.95 0.31
C PRO G 65 61.35 -56.44 0.60
N TYR G 66 60.22 -57.13 0.46
CA TYR G 66 60.14 -58.54 0.82
C TYR G 66 60.04 -59.46 -0.39
N ARG G 67 59.36 -59.02 -1.43
CA ARG G 67 59.23 -59.78 -2.66
C ARG G 67 59.69 -58.93 -3.84
N PHE G 68 60.24 -59.59 -4.86
CA PHE G 68 60.68 -58.89 -6.06
C PHE G 68 59.46 -58.55 -6.91
N LYS G 69 58.84 -57.40 -6.63
CA LYS G 69 57.70 -56.91 -7.41
C LYS G 69 57.52 -55.42 -7.15
N LYS G 70 57.39 -54.64 -8.22
CA LYS G 70 57.23 -53.20 -8.08
C LYS G 70 55.78 -52.89 -7.71
N ARG G 71 55.57 -52.30 -6.53
CA ARG G 71 54.25 -51.87 -6.12
C ARG G 71 53.95 -50.49 -6.71
N THR G 72 52.67 -50.17 -6.80
CA THR G 72 52.25 -48.84 -7.22
C THR G 72 51.22 -48.30 -6.23
N GLU G 73 51.25 -46.98 -6.04
CA GLU G 73 50.38 -46.31 -5.08
C GLU G 73 49.79 -45.07 -5.72
N LEU G 74 48.60 -44.69 -5.23
CA LEU G 74 47.91 -43.49 -5.68
C LEU G 74 48.04 -42.41 -4.61
N PHE G 75 49.13 -41.65 -4.68
CA PHE G 75 49.28 -40.56 -3.73
C PHE G 75 48.52 -39.33 -4.22
N ILE G 76 48.12 -38.48 -3.29
CA ILE G 76 47.58 -37.18 -3.63
C ILE G 76 48.74 -36.23 -3.89
N ALA G 77 48.88 -35.78 -5.13
CA ALA G 77 50.01 -34.96 -5.53
C ALA G 77 49.90 -33.58 -4.92
N ALA G 78 50.83 -33.24 -4.04
CA ALA G 78 50.92 -31.89 -3.52
C ALA G 78 51.53 -30.98 -4.58
N GLU G 79 51.38 -29.66 -4.37
CA GLU G 79 51.79 -28.70 -5.38
C GLU G 79 53.31 -28.53 -5.37
N GLY G 80 53.95 -28.87 -6.48
CA GLY G 80 55.39 -28.83 -6.61
C GLY G 80 56.02 -30.14 -7.01
N ILE G 81 55.28 -31.25 -6.87
CA ILE G 81 55.78 -32.57 -7.27
C ILE G 81 55.71 -32.70 -8.78
N HIS G 82 56.83 -33.08 -9.40
CA HIS G 82 56.92 -33.36 -10.81
C HIS G 82 57.16 -34.84 -11.01
N THR G 83 57.04 -35.30 -12.25
CA THR G 83 57.32 -36.69 -12.58
C THR G 83 58.82 -36.94 -12.61
N GLY G 84 59.21 -38.18 -12.36
CA GLY G 84 60.62 -38.51 -12.26
C GLY G 84 61.25 -38.02 -10.98
N GLN G 85 60.46 -37.87 -9.92
CA GLN G 85 60.94 -37.40 -8.63
C GLN G 85 60.96 -38.57 -7.68
N PHE G 86 61.99 -38.63 -6.83
CA PHE G 86 62.10 -39.67 -5.81
C PHE G 86 61.38 -39.21 -4.56
N VAL G 87 60.14 -39.67 -4.38
CA VAL G 87 59.40 -39.45 -3.15
C VAL G 87 59.87 -40.50 -2.14
N TYR G 88 60.40 -40.03 -1.02
CA TYR G 88 60.79 -40.90 0.07
C TYR G 88 59.63 -41.05 1.04
N CYS G 89 59.67 -42.12 1.84
CA CYS G 89 58.60 -42.36 2.80
C CYS G 89 59.12 -43.22 3.94
N GLY G 90 58.98 -42.73 5.16
CA GLY G 90 59.46 -43.43 6.33
C GLY G 90 59.69 -42.46 7.47
N LYS G 91 60.33 -42.97 8.52
CA LYS G 91 60.57 -42.15 9.71
C LYS G 91 61.83 -41.31 9.57
N LYS G 92 62.89 -41.88 8.98
CA LYS G 92 64.16 -41.19 8.83
C LYS G 92 64.25 -40.37 7.54
N ALA G 93 63.12 -40.00 6.96
CA ALA G 93 63.12 -39.21 5.73
C ALA G 93 63.32 -37.74 6.03
N GLN G 94 63.72 -37.00 4.99
CA GLN G 94 64.00 -35.57 5.16
C GLN G 94 62.72 -34.76 5.09
N LEU G 95 62.82 -33.48 5.47
CA LEU G 95 61.67 -32.59 5.54
C LEU G 95 61.67 -31.71 4.29
N ASN G 96 61.00 -32.17 3.24
CA ASN G 96 60.85 -31.39 2.01
C ASN G 96 59.56 -31.80 1.33
N ILE G 97 59.15 -31.00 0.34
CA ILE G 97 57.89 -31.23 -0.35
C ILE G 97 58.03 -32.42 -1.30
N GLY G 98 57.13 -33.39 -1.16
CA GLY G 98 57.22 -34.63 -1.91
C GLY G 98 57.81 -35.73 -1.05
N ASN G 99 57.38 -35.77 0.21
CA ASN G 99 57.98 -36.65 1.21
C ASN G 99 57.00 -36.78 2.38
N VAL G 100 56.70 -38.01 2.77
CA VAL G 100 55.78 -38.30 3.86
C VAL G 100 56.55 -38.91 5.01
N LEU G 101 56.41 -38.31 6.19
CA LEU G 101 57.13 -38.66 7.41
C LEU G 101 56.17 -38.45 8.57
N PRO G 102 56.37 -39.15 9.69
CA PRO G 102 55.42 -39.01 10.81
C PRO G 102 55.48 -37.64 11.46
N VAL G 103 54.40 -37.30 12.17
CA VAL G 103 54.20 -35.95 12.70
C VAL G 103 55.10 -35.72 13.91
N GLY G 104 55.49 -36.79 14.61
CA GLY G 104 56.36 -36.64 15.77
C GLY G 104 57.78 -36.26 15.41
N THR G 105 58.17 -36.46 14.15
CA THR G 105 59.54 -36.16 13.73
C THR G 105 59.65 -34.76 13.15
N MET G 106 58.58 -34.26 12.53
CA MET G 106 58.63 -32.95 11.89
C MET G 106 58.56 -31.83 12.93
N PRO G 107 59.19 -30.69 12.67
CA PRO G 107 59.23 -29.61 13.66
C PRO G 107 57.95 -28.78 13.67
N GLU G 108 58.00 -27.71 14.46
CA GLU G 108 56.85 -26.83 14.64
C GLU G 108 56.60 -25.99 13.39
N GLY G 109 55.32 -25.77 13.09
CA GLY G 109 54.94 -24.94 11.96
C GLY G 109 55.13 -25.59 10.61
N THR G 110 55.02 -26.91 10.54
CA THR G 110 55.21 -27.64 9.30
C THR G 110 53.89 -27.73 8.56
N ILE G 111 53.87 -27.27 7.30
CA ILE G 111 52.68 -27.32 6.47
C ILE G 111 52.58 -28.71 5.86
N VAL G 112 51.60 -29.50 6.31
CA VAL G 112 51.38 -30.83 5.79
C VAL G 112 49.94 -30.98 5.33
N CYS G 113 49.73 -31.99 4.49
CA CYS G 113 48.40 -32.37 4.02
C CYS G 113 48.35 -33.89 3.92
N CYS G 114 47.16 -34.40 3.62
CA CYS G 114 46.84 -35.83 3.61
C CYS G 114 47.20 -36.48 4.96
N LEU G 115 46.61 -35.94 6.02
CA LEU G 115 46.95 -36.33 7.37
C LEU G 115 46.11 -37.52 7.81
N GLU G 116 46.64 -38.31 8.73
CA GLU G 116 45.90 -39.44 9.30
C GLU G 116 45.32 -39.03 10.65
N GLU G 117 44.05 -39.36 10.86
CA GLU G 117 43.45 -39.11 12.17
C GLU G 117 43.83 -40.21 13.16
N LYS G 118 44.17 -41.39 12.67
CA LYS G 118 44.61 -42.54 13.44
C LYS G 118 45.79 -43.18 12.74
N PRO G 119 46.72 -43.79 13.48
CA PRO G 119 47.89 -44.41 12.83
C PRO G 119 47.56 -45.67 12.05
N GLY G 120 47.55 -45.56 10.71
CA GLY G 120 47.39 -46.72 9.87
C GLY G 120 46.38 -46.62 8.75
N ASP G 121 45.53 -45.59 8.76
CA ASP G 121 44.41 -45.55 7.83
C ASP G 121 44.72 -44.85 6.50
N ARG G 122 46.01 -44.70 6.15
CA ARG G 122 46.48 -44.34 4.80
C ARG G 122 46.03 -42.94 4.36
N GLY G 123 45.77 -42.04 5.31
CA GLY G 123 45.51 -40.65 4.97
C GLY G 123 44.04 -40.26 4.91
N LYS G 124 43.59 -39.47 5.88
CA LYS G 124 42.19 -39.09 5.99
C LYS G 124 41.98 -37.58 6.06
N LEU G 125 42.84 -36.85 6.76
CA LEU G 125 42.59 -35.45 7.05
C LEU G 125 43.33 -34.54 6.07
N ALA G 126 42.68 -33.43 5.71
CA ALA G 126 43.24 -32.31 4.95
C ALA G 126 43.78 -32.76 3.59
N ARG G 127 42.89 -33.38 2.82
CA ARG G 127 43.29 -34.02 1.57
C ARG G 127 42.30 -33.70 0.45
N ALA G 128 41.70 -32.51 0.51
CA ALA G 128 40.97 -31.93 -0.60
C ALA G 128 41.84 -30.87 -1.25
N SER G 129 41.36 -30.31 -2.35
CA SER G 129 42.18 -29.47 -3.23
C SER G 129 42.51 -28.14 -2.56
N GLY G 130 43.80 -27.88 -2.35
CA GLY G 130 44.26 -26.62 -1.81
C GLY G 130 44.16 -26.49 -0.31
N ASN G 131 44.10 -27.62 0.41
CA ASN G 131 43.94 -27.61 1.86
C ASN G 131 45.20 -28.14 2.53
N TYR G 132 45.39 -27.73 3.78
CA TYR G 132 46.57 -28.10 4.56
C TYR G 132 46.24 -27.97 6.03
N ALA G 133 46.92 -28.78 6.85
CA ALA G 133 46.82 -28.72 8.29
C ALA G 133 48.19 -28.44 8.87
N THR G 134 48.24 -27.68 9.97
CA THR G 134 49.52 -27.23 10.50
C THR G 134 49.75 -27.78 11.91
N VAL G 135 51.00 -28.16 12.18
CA VAL G 135 51.40 -28.65 13.49
C VAL G 135 51.62 -27.45 14.40
N ILE G 136 50.98 -27.45 15.57
CA ILE G 136 51.05 -26.34 16.52
C ILE G 136 52.12 -26.62 17.55
N SER G 137 52.02 -27.77 18.23
CA SER G 137 52.94 -28.09 19.30
C SER G 137 52.98 -29.60 19.48
N HIS G 138 54.09 -30.08 20.04
CA HIS G 138 54.29 -31.51 20.28
C HIS G 138 54.16 -31.81 21.78
N ASN G 139 54.20 -33.10 22.09
CA ASN G 139 54.17 -33.57 23.48
C ASN G 139 54.95 -34.86 23.55
N PRO G 140 56.12 -34.85 24.22
CA PRO G 140 56.92 -36.09 24.30
C PRO G 140 56.28 -37.18 25.14
N GLU G 141 55.72 -36.83 26.30
CA GLU G 141 54.98 -37.81 27.10
C GLU G 141 53.62 -38.07 26.46
N THR G 142 53.25 -39.36 26.42
CA THR G 142 52.05 -39.97 25.82
C THR G 142 52.00 -39.87 24.29
N LYS G 143 53.01 -39.25 23.67
CA LYS G 143 53.25 -39.21 22.23
C LYS G 143 52.05 -38.60 21.48
N LYS G 144 51.80 -37.33 21.77
CA LYS G 144 50.67 -36.62 21.16
C LYS G 144 51.16 -35.30 20.58
N THR G 145 50.32 -34.72 19.73
CA THR G 145 50.66 -33.54 18.93
C THR G 145 49.38 -32.78 18.62
N ARG G 146 49.38 -31.47 18.86
CA ARG G 146 48.27 -30.63 18.45
C ARG G 146 48.45 -30.20 17.01
N VAL G 147 47.40 -30.39 16.19
CA VAL G 147 47.40 -29.99 14.78
C VAL G 147 46.10 -29.26 14.52
N LYS G 148 46.17 -28.08 13.92
CA LYS G 148 44.94 -27.39 13.53
C LYS G 148 44.65 -27.67 12.05
N LEU G 149 43.37 -27.80 11.76
CA LEU G 149 42.84 -28.27 10.50
C LEU G 149 42.42 -27.08 9.64
N PRO G 150 42.17 -27.28 8.33
CA PRO G 150 41.72 -26.13 7.51
C PRO G 150 40.34 -25.60 7.85
N SER G 151 39.55 -26.30 8.67
CA SER G 151 38.32 -25.71 9.19
C SER G 151 38.63 -24.69 10.28
N GLY G 152 39.78 -24.84 10.94
CA GLY G 152 40.16 -23.98 12.05
C GLY G 152 40.18 -24.69 13.39
N SER G 153 39.74 -25.94 13.44
CA SER G 153 39.67 -26.68 14.68
C SER G 153 41.02 -27.24 15.06
N LYS G 154 41.36 -27.17 16.34
CA LYS G 154 42.59 -27.74 16.85
C LYS G 154 42.31 -29.13 17.41
N LYS G 155 43.07 -30.12 16.96
CA LYS G 155 42.82 -31.51 17.28
C LYS G 155 44.08 -32.14 17.86
N VAL G 156 43.89 -32.94 18.91
CA VAL G 156 44.98 -33.71 19.50
C VAL G 156 45.08 -35.04 18.78
N ILE G 157 46.17 -35.21 18.02
CA ILE G 157 46.40 -36.38 17.18
C ILE G 157 47.71 -37.00 17.65
N SER G 158 47.75 -38.34 17.70
CA SER G 158 48.93 -39.07 18.12
C SER G 158 50.11 -38.81 17.19
N SER G 159 51.32 -38.94 17.73
CA SER G 159 52.51 -38.58 16.97
C SER G 159 53.01 -39.72 16.10
N ALA G 160 52.31 -40.86 16.11
CA ALA G 160 52.77 -42.01 15.34
C ALA G 160 52.42 -41.89 13.87
N ASN G 161 51.30 -41.24 13.53
CA ASN G 161 50.85 -41.24 12.15
C ASN G 161 51.56 -40.17 11.33
N ARG G 162 51.29 -40.19 10.03
CA ARG G 162 52.11 -39.52 9.03
C ARG G 162 51.26 -38.76 8.02
N ALA G 163 51.93 -37.93 7.22
CA ALA G 163 51.29 -37.06 6.24
C ALA G 163 52.34 -36.58 5.24
N VAL G 164 51.89 -36.27 4.02
CA VAL G 164 52.79 -35.71 3.00
C VAL G 164 52.98 -34.23 3.28
N VAL G 165 54.08 -33.67 2.77
CA VAL G 165 54.45 -32.30 3.09
C VAL G 165 54.06 -31.36 1.95
N GLY G 166 53.34 -30.30 2.28
CA GLY G 166 53.00 -29.27 1.32
C GLY G 166 51.51 -28.96 1.31
N VAL G 167 51.11 -28.13 0.35
CA VAL G 167 49.70 -27.90 0.09
C VAL G 167 49.27 -28.74 -1.11
N VAL G 168 47.99 -29.10 -1.13
CA VAL G 168 47.44 -29.95 -2.18
C VAL G 168 47.38 -29.15 -3.48
N ALA G 169 47.84 -29.77 -4.57
CA ALA G 169 47.80 -29.15 -5.89
C ALA G 169 46.36 -28.96 -6.36
N GLY G 170 46.18 -28.01 -7.26
CA GLY G 170 44.85 -27.61 -7.66
C GLY G 170 44.23 -26.58 -6.73
N GLY G 171 45.06 -25.77 -6.07
CA GLY G 171 44.55 -24.77 -5.16
C GLY G 171 44.00 -23.55 -5.89
N GLY G 172 43.11 -22.84 -5.22
CA GLY G 172 42.45 -21.70 -5.81
C GLY G 172 41.39 -22.09 -6.83
N ARG G 173 40.87 -23.31 -6.75
CA ARG G 173 39.89 -23.80 -7.72
C ARG G 173 38.56 -23.07 -7.58
N ILE G 174 38.22 -22.66 -6.34
CA ILE G 174 36.97 -21.95 -6.11
C ILE G 174 37.08 -20.45 -6.39
N ASP G 175 38.23 -19.97 -6.85
CA ASP G 175 38.36 -18.55 -7.16
C ASP G 175 37.64 -18.19 -8.46
N LYS G 176 37.71 -19.05 -9.45
CA LYS G 176 37.00 -18.79 -10.70
C LYS G 176 35.52 -19.11 -10.53
N PRO G 177 34.63 -18.20 -10.88
CA PRO G 177 33.19 -18.52 -10.81
C PRO G 177 32.78 -19.47 -11.91
N ILE G 178 31.95 -20.45 -11.56
CA ILE G 178 31.18 -21.20 -12.53
C ILE G 178 30.25 -20.22 -13.22
N LEU G 179 30.39 -20.07 -14.53
CA LEU G 179 29.59 -19.05 -15.22
C LEU G 179 28.19 -19.54 -15.53
N LYS G 180 28.00 -20.84 -15.73
CA LYS G 180 26.74 -21.31 -16.28
C LYS G 180 26.36 -22.70 -15.79
N ALA G 181 25.08 -23.01 -16.06
CA ALA G 181 24.49 -24.28 -15.70
C ALA G 181 25.15 -25.44 -16.44
N GLY G 182 25.74 -25.19 -17.60
CA GLY G 182 26.50 -26.23 -18.27
C GLY G 182 27.75 -26.64 -17.51
N ARG G 183 28.49 -25.65 -17.02
CA ARG G 183 29.68 -25.94 -16.22
C ARG G 183 29.31 -26.59 -14.90
N ALA G 184 28.20 -26.17 -14.29
CA ALA G 184 27.77 -26.82 -13.05
C ALA G 184 27.25 -28.24 -13.29
N TYR G 185 26.58 -28.45 -14.44
CA TYR G 185 26.07 -29.77 -14.80
C TYR G 185 27.22 -30.74 -15.03
N HIS G 186 28.24 -30.31 -15.78
CA HIS G 186 29.39 -31.18 -15.98
C HIS G 186 30.23 -31.31 -14.73
N LYS G 187 30.16 -30.34 -13.80
CA LYS G 187 30.79 -30.48 -12.50
C LYS G 187 30.18 -31.64 -11.72
N TYR G 188 28.86 -31.63 -11.54
CA TYR G 188 28.25 -32.60 -10.66
C TYR G 188 27.90 -33.93 -11.34
N LYS G 189 27.88 -33.97 -12.68
CA LYS G 189 27.59 -35.22 -13.38
C LYS G 189 28.70 -36.23 -13.17
N ALA G 190 29.94 -35.76 -13.07
CA ALA G 190 31.04 -36.67 -12.76
C ALA G 190 31.04 -37.07 -11.29
N LYS G 191 30.54 -36.21 -10.40
CA LYS G 191 30.60 -36.52 -8.98
C LYS G 191 29.43 -37.39 -8.49
N ARG G 192 28.21 -36.84 -8.46
CA ARG G 192 27.02 -37.57 -8.02
C ARG G 192 25.79 -36.71 -8.29
N ASN G 193 24.63 -37.36 -8.27
CA ASN G 193 23.33 -36.71 -8.53
C ASN G 193 22.94 -35.89 -7.31
N CYS G 194 23.38 -34.63 -7.29
CA CYS G 194 22.91 -33.72 -6.25
C CYS G 194 22.67 -32.29 -6.75
N TRP G 195 22.81 -32.04 -8.04
CA TRP G 195 22.81 -30.68 -8.56
C TRP G 195 21.45 -30.01 -8.76
N PRO G 196 20.37 -30.67 -9.30
CA PRO G 196 19.09 -29.93 -9.42
C PRO G 196 18.45 -29.65 -8.07
N ARG G 197 18.94 -28.59 -7.44
CA ARG G 197 18.59 -28.22 -6.06
C ARG G 197 17.29 -27.42 -6.11
N VAL G 198 16.17 -28.11 -5.93
CA VAL G 198 14.87 -27.45 -5.87
C VAL G 198 14.63 -26.98 -4.45
N ARG G 199 14.31 -25.69 -4.29
CA ARG G 199 13.95 -25.19 -2.97
C ARG G 199 12.57 -25.72 -2.60
N GLY G 200 12.42 -26.06 -1.31
CA GLY G 200 11.23 -26.75 -0.86
C GLY G 200 10.02 -25.85 -0.68
N VAL G 201 10.21 -24.53 -0.75
CA VAL G 201 9.07 -23.62 -0.68
C VAL G 201 8.26 -23.69 -1.97
N ALA G 202 8.95 -23.89 -3.10
CA ALA G 202 8.26 -24.05 -4.38
C ALA G 202 7.62 -25.43 -4.50
N MET G 203 8.00 -26.37 -3.65
CA MET G 203 7.44 -27.72 -3.70
C MET G 203 6.02 -27.76 -3.14
N ASN G 204 5.35 -28.87 -3.40
CA ASN G 204 4.10 -29.18 -2.72
C ASN G 204 4.40 -29.54 -1.26
N PRO G 205 3.45 -29.33 -0.35
CA PRO G 205 3.73 -29.58 1.07
C PRO G 205 3.78 -31.05 1.48
N VAL G 206 3.82 -31.99 0.53
CA VAL G 206 3.79 -33.40 0.90
C VAL G 206 5.17 -34.03 0.73
N GLU G 207 6.03 -33.44 -0.08
CA GLU G 207 7.40 -33.90 -0.23
C GLU G 207 8.39 -32.99 0.47
N HIS G 208 7.91 -32.03 1.26
CA HIS G 208 8.75 -31.06 1.94
C HIS G 208 7.92 -30.38 3.02
N PRO G 209 8.48 -30.08 4.19
CA PRO G 209 7.69 -29.43 5.24
C PRO G 209 7.49 -27.94 5.01
N PHE G 210 8.24 -27.33 4.10
CA PHE G 210 8.11 -25.89 3.86
C PHE G 210 7.17 -25.56 2.70
N GLY G 211 6.65 -26.54 1.99
CA GLY G 211 5.87 -26.27 0.81
C GLY G 211 4.45 -25.86 1.11
N GLY G 212 3.75 -25.43 0.06
CA GLY G 212 2.35 -25.06 0.17
C GLY G 212 2.12 -23.57 0.29
N GLY G 213 0.84 -23.23 0.40
CA GLY G 213 0.43 -21.85 0.54
C GLY G 213 0.27 -21.15 -0.81
N ASN G 214 -0.47 -20.05 -0.79
CA ASN G 214 -0.70 -19.29 -2.01
C ASN G 214 0.54 -18.47 -2.38
N HIS G 215 1.17 -17.85 -1.38
CA HIS G 215 2.44 -17.19 -1.57
C HIS G 215 3.58 -18.12 -1.17
N GLN G 216 4.73 -17.96 -1.83
CA GLN G 216 5.90 -18.77 -1.50
C GLN G 216 6.54 -18.21 -0.24
N HIS G 217 6.20 -18.83 0.89
CA HIS G 217 6.75 -18.46 2.19
C HIS G 217 7.08 -19.73 2.95
N ILE G 218 7.99 -19.60 3.91
CA ILE G 218 8.37 -20.75 4.71
C ILE G 218 7.32 -21.04 5.77
N GLY G 219 6.86 -20.00 6.46
CA GLY G 219 5.77 -20.13 7.42
C GLY G 219 6.23 -20.40 8.84
N LYS G 220 6.97 -21.49 9.02
CA LYS G 220 7.54 -21.90 10.29
C LYS G 220 9.01 -21.50 10.33
N PRO G 221 9.63 -21.41 11.51
CA PRO G 221 11.05 -21.07 11.56
C PRO G 221 11.93 -22.15 10.93
N SER G 222 12.87 -21.69 10.10
CA SER G 222 13.69 -22.63 9.33
C SER G 222 14.76 -23.28 10.19
N THR G 223 15.10 -22.68 11.33
CA THR G 223 16.02 -23.31 12.26
C THR G 223 15.32 -24.41 13.04
N ILE G 224 15.95 -25.58 13.13
CA ILE G 224 15.36 -26.74 13.78
C ILE G 224 16.45 -27.46 14.55
N ARG G 225 16.06 -28.14 15.62
CA ARG G 225 16.99 -28.84 16.51
C ARG G 225 17.55 -30.09 15.84
N ARG G 226 18.58 -30.66 16.45
CA ARG G 226 19.15 -31.90 15.96
C ARG G 226 18.44 -33.11 16.54
N ASP G 227 17.64 -32.92 17.59
CA ASP G 227 16.79 -33.98 18.15
C ASP G 227 15.44 -33.88 17.47
N ALA G 228 15.45 -34.09 16.16
CA ALA G 228 14.28 -33.90 15.31
C ALA G 228 14.11 -35.15 14.46
N PRO G 229 12.89 -35.52 14.11
CA PRO G 229 12.68 -36.68 13.24
C PRO G 229 13.18 -36.43 11.82
N ALA G 230 13.55 -37.53 11.17
CA ALA G 230 13.99 -37.48 9.79
C ALA G 230 12.80 -37.16 8.90
N GLY G 231 12.96 -36.17 8.02
CA GLY G 231 11.86 -35.70 7.21
C GLY G 231 11.41 -34.33 7.68
N ARG G 232 11.42 -34.14 9.00
CA ARG G 232 11.16 -32.81 9.55
C ARG G 232 12.46 -32.03 9.70
N LYS G 233 13.58 -32.72 9.84
CA LYS G 233 14.88 -32.08 10.06
C LYS G 233 15.34 -31.42 8.76
N VAL G 234 14.77 -30.25 8.49
CA VAL G 234 14.94 -29.54 7.21
C VAL G 234 15.17 -28.06 7.51
N GLY G 235 16.23 -27.52 6.95
CA GLY G 235 16.50 -26.09 7.06
C GLY G 235 17.87 -25.84 7.66
N LEU G 236 17.91 -25.00 8.69
CA LEU G 236 19.15 -24.68 9.39
C LEU G 236 19.28 -25.62 10.59
N ILE G 237 20.09 -26.65 10.42
CA ILE G 237 20.10 -27.79 11.34
C ILE G 237 20.92 -27.40 12.57
N ALA G 238 20.23 -27.21 13.71
CA ALA G 238 20.81 -26.89 15.01
C ALA G 238 21.67 -25.62 14.96
N ALA G 239 21.08 -24.56 14.42
CA ALA G 239 21.81 -23.32 14.18
C ALA G 239 22.04 -22.58 15.49
N ARG G 240 23.31 -22.35 15.83
CA ARG G 240 23.63 -21.55 17.01
C ARG G 240 23.34 -20.09 16.76
N ARG G 241 23.91 -19.53 15.70
CA ARG G 241 23.60 -18.21 15.18
C ARG G 241 22.92 -18.43 13.83
N THR G 242 22.11 -17.47 13.40
CA THR G 242 21.44 -17.62 12.10
C THR G 242 21.24 -16.29 11.37
N GLY G 243 22.17 -15.91 10.51
CA GLY G 243 22.04 -14.66 9.80
C GLY G 243 23.35 -14.26 9.14
N ARG G 244 23.44 -12.98 8.81
CA ARG G 244 24.64 -12.42 8.21
C ARG G 244 25.75 -12.37 9.25
N LEU G 245 26.89 -12.97 8.94
CA LEU G 245 28.01 -13.08 9.89
C LEU G 245 28.73 -11.74 9.97
N ARG G 246 28.46 -10.99 11.03
CA ARG G 246 29.13 -9.72 11.28
C ARG G 246 30.30 -9.94 12.23
N GLY G 247 31.51 -9.70 11.74
CA GLY G 247 32.69 -9.91 12.56
C GLY G 247 33.15 -11.37 12.55
N THR G 248 33.73 -11.79 13.68
CA THR G 248 34.23 -13.14 13.81
C THR G 248 33.11 -14.17 13.92
N SER H 1 -34.21 -9.36 -23.68
CA SER H 1 -34.19 -7.90 -23.75
C SER H 1 -34.53 -7.42 -25.15
N HIS H 2 -34.26 -6.15 -25.44
CA HIS H 2 -34.56 -5.62 -26.75
C HIS H 2 -33.31 -5.56 -27.62
N ARG H 3 -33.52 -5.24 -28.89
CA ARG H 3 -32.39 -4.93 -29.76
C ARG H 3 -31.77 -3.60 -29.36
N LYS H 4 -30.44 -3.60 -29.21
CA LYS H 4 -29.71 -2.41 -28.78
C LYS H 4 -29.80 -1.29 -29.81
N PHE H 5 -29.26 -1.52 -31.00
CA PHE H 5 -29.25 -0.54 -32.08
C PHE H 5 -30.28 -0.99 -33.11
N SER H 6 -31.38 -0.26 -33.21
CA SER H 6 -32.46 -0.62 -34.11
C SER H 6 -32.04 -0.49 -35.56
N ALA H 7 -32.56 -1.38 -36.40
CA ALA H 7 -32.17 -1.47 -37.80
C ALA H 7 -33.40 -1.78 -38.64
N PRO H 8 -33.44 -1.29 -39.88
CA PRO H 8 -34.52 -1.70 -40.79
C PRO H 8 -34.38 -3.16 -41.19
N ARG H 9 -35.51 -3.74 -41.56
CA ARG H 9 -35.57 -5.18 -41.79
C ARG H 9 -35.08 -5.53 -43.20
N HIS H 10 -34.41 -6.67 -43.30
CA HIS H 10 -33.86 -7.15 -44.56
C HIS H 10 -34.93 -7.91 -45.33
N GLY H 11 -35.41 -7.32 -46.42
CA GLY H 11 -36.41 -7.96 -47.26
C GLY H 11 -37.77 -7.32 -47.09
N SER H 12 -38.71 -7.80 -47.90
CA SER H 12 -40.08 -7.28 -47.89
C SER H 12 -41.05 -8.44 -47.73
N LEU H 13 -42.05 -8.25 -46.88
CA LEU H 13 -43.05 -9.30 -46.68
C LEU H 13 -44.13 -9.25 -47.75
N GLY H 14 -44.17 -8.20 -48.57
CA GLY H 14 -45.10 -8.15 -49.68
C GLY H 14 -44.78 -9.12 -50.80
N PHE H 15 -43.56 -9.66 -50.81
CA PHE H 15 -43.07 -10.54 -51.87
C PHE H 15 -42.66 -11.90 -51.31
N LEU H 16 -43.08 -12.24 -50.09
CA LEU H 16 -42.55 -13.38 -49.35
C LEU H 16 -42.79 -14.77 -49.97
N PRO H 17 -43.85 -15.04 -50.79
CA PRO H 17 -43.78 -16.38 -51.43
C PRO H 17 -42.75 -16.42 -52.57
N ARG H 18 -41.49 -16.65 -52.18
CA ARG H 18 -40.38 -16.62 -53.14
C ARG H 18 -40.15 -18.03 -53.69
N LYS H 19 -41.15 -18.51 -54.42
CA LYS H 19 -41.13 -19.80 -55.05
C LYS H 19 -40.86 -19.61 -56.54
N ARG H 20 -40.53 -20.73 -57.21
CA ARG H 20 -40.47 -20.69 -58.66
C ARG H 20 -41.86 -20.46 -59.23
N SER H 21 -41.94 -19.58 -60.22
CA SER H 21 -43.22 -19.19 -60.79
C SER H 21 -43.85 -20.34 -61.55
N SER H 22 -45.14 -20.59 -61.30
CA SER H 22 -45.86 -21.63 -62.01
C SER H 22 -46.05 -21.26 -63.48
N ARG H 23 -46.28 -19.97 -63.75
CA ARG H 23 -46.40 -19.50 -65.12
C ARG H 23 -45.06 -18.96 -65.61
N HIS H 24 -44.80 -19.16 -66.91
CA HIS H 24 -43.59 -18.66 -67.55
C HIS H 24 -43.83 -17.33 -68.24
N ARG H 25 -44.99 -17.18 -68.88
CA ARG H 25 -45.38 -15.91 -69.47
C ARG H 25 -45.94 -14.99 -68.39
N GLY H 26 -45.57 -13.72 -68.47
CA GLY H 26 -46.04 -12.72 -67.52
C GLY H 26 -47.52 -12.45 -67.62
N LYS H 27 -48.28 -12.83 -66.59
CA LYS H 27 -49.73 -12.67 -66.61
C LYS H 27 -50.12 -11.29 -66.09
N VAL H 28 -51.09 -10.67 -66.76
CA VAL H 28 -51.63 -9.39 -66.31
C VAL H 28 -52.56 -9.66 -65.13
N LYS H 29 -52.22 -9.11 -63.97
CA LYS H 29 -53.08 -9.28 -62.79
C LYS H 29 -54.22 -8.28 -62.81
N SER H 30 -53.97 -7.07 -63.30
CA SER H 30 -54.99 -6.03 -63.35
C SER H 30 -54.83 -5.25 -64.64
N PHE H 31 -55.91 -5.21 -65.43
CA PHE H 31 -55.97 -4.37 -66.61
C PHE H 31 -56.43 -2.97 -66.21
N PRO H 32 -56.18 -1.96 -67.06
CA PRO H 32 -56.72 -0.62 -66.79
C PRO H 32 -58.23 -0.59 -66.89
N LYS H 33 -58.83 0.32 -66.11
CA LYS H 33 -60.28 0.43 -66.02
C LYS H 33 -60.83 1.09 -67.28
N ASP H 34 -61.94 0.58 -67.78
CA ASP H 34 -62.55 1.11 -68.99
C ASP H 34 -63.43 2.31 -68.70
N ASP H 35 -63.69 3.08 -69.75
CA ASP H 35 -64.64 4.19 -69.72
C ASP H 35 -65.22 4.37 -71.12
N PRO H 36 -66.52 4.64 -71.24
CA PRO H 36 -67.14 4.73 -72.58
C PRO H 36 -66.73 5.96 -73.38
N SER H 37 -66.07 6.94 -72.76
CA SER H 37 -65.64 8.13 -73.49
C SER H 37 -64.48 7.81 -74.42
N LYS H 38 -63.61 6.90 -74.01
CA LYS H 38 -62.48 6.51 -74.84
C LYS H 38 -62.92 5.52 -75.92
N PRO H 39 -62.31 5.57 -77.10
CA PRO H 39 -62.63 4.59 -78.15
C PRO H 39 -62.01 3.23 -77.82
N VAL H 40 -62.32 2.24 -78.66
CA VAL H 40 -61.86 0.89 -78.41
C VAL H 40 -60.40 0.75 -78.84
N HIS H 41 -59.62 0.03 -78.02
CA HIS H 41 -58.20 -0.15 -78.24
C HIS H 41 -57.72 -1.33 -77.39
N LEU H 42 -56.51 -1.79 -77.69
CA LEU H 42 -55.87 -2.79 -76.85
C LEU H 42 -55.17 -2.12 -75.69
N THR H 43 -55.11 -2.82 -74.55
CA THR H 43 -54.51 -2.30 -73.34
C THR H 43 -53.25 -3.04 -72.93
N ALA H 44 -52.75 -3.94 -73.77
CA ALA H 44 -51.58 -4.74 -73.43
C ALA H 44 -50.95 -5.25 -74.72
N PHE H 45 -49.73 -5.76 -74.59
CA PHE H 45 -49.02 -6.35 -75.72
C PHE H 45 -48.00 -7.32 -75.17
N LEU H 46 -47.48 -8.19 -76.03
CA LEU H 46 -46.63 -9.31 -75.60
C LEU H 46 -45.38 -9.35 -76.47
N GLY H 47 -44.28 -8.77 -75.98
CA GLY H 47 -43.04 -8.70 -76.70
C GLY H 47 -41.98 -9.65 -76.15
N TYR H 48 -40.76 -9.50 -76.69
CA TYR H 48 -39.66 -10.36 -76.32
C TYR H 48 -38.40 -9.54 -76.11
N LYS H 49 -37.75 -9.70 -74.96
CA LYS H 49 -36.58 -8.91 -74.60
C LYS H 49 -35.40 -9.28 -75.49
N ALA H 50 -34.92 -8.32 -76.29
CA ALA H 50 -33.84 -8.55 -77.23
C ALA H 50 -32.48 -8.23 -76.59
N GLY H 51 -32.28 -6.99 -76.18
CA GLY H 51 -31.00 -6.59 -75.64
C GLY H 51 -30.97 -5.21 -75.00
N MET H 52 -29.76 -4.66 -74.86
CA MET H 52 -29.51 -3.43 -74.12
C MET H 52 -28.49 -2.60 -74.89
N THR H 53 -28.65 -1.28 -74.86
CA THR H 53 -27.66 -0.36 -75.43
C THR H 53 -27.80 1.00 -74.76
N HIS H 54 -27.04 1.99 -75.23
CA HIS H 54 -27.16 3.34 -74.74
C HIS H 54 -28.28 4.09 -75.44
N ILE H 55 -28.39 5.38 -75.10
CA ILE H 55 -29.21 6.33 -75.81
C ILE H 55 -28.58 7.70 -75.56
N VAL H 56 -28.79 8.63 -76.48
CA VAL H 56 -28.35 10.02 -76.29
C VAL H 56 -29.51 10.94 -76.64
N ARG H 57 -29.88 11.80 -75.70
CA ARG H 57 -31.04 12.66 -75.91
C ARG H 57 -30.84 13.96 -75.14
N GLU H 58 -31.63 14.98 -75.51
CA GLU H 58 -31.66 16.24 -74.79
C GLU H 58 -32.62 16.14 -73.61
N VAL H 59 -32.28 16.79 -72.51
CA VAL H 59 -33.13 16.85 -71.33
C VAL H 59 -33.84 18.20 -71.29
N ASP H 60 -35.16 18.16 -71.26
CA ASP H 60 -35.98 19.37 -71.22
C ASP H 60 -36.79 19.37 -69.93
N ARG H 61 -36.18 19.87 -68.86
CA ARG H 61 -36.89 20.05 -67.58
C ARG H 61 -36.43 21.36 -66.95
N PRO H 62 -37.35 22.27 -66.65
CA PRO H 62 -36.96 23.56 -66.10
C PRO H 62 -36.55 23.46 -64.64
N GLY H 63 -35.47 24.16 -64.30
CA GLY H 63 -35.03 24.22 -62.91
C GLY H 63 -33.84 23.36 -62.61
N SER H 64 -33.61 22.33 -63.42
CA SER H 64 -32.54 21.39 -63.14
C SER H 64 -31.18 21.95 -63.58
N LYS H 65 -30.12 21.31 -63.07
CA LYS H 65 -28.78 21.58 -63.56
C LYS H 65 -28.53 20.83 -64.86
N VAL H 66 -29.34 19.80 -65.13
CA VAL H 66 -29.12 18.89 -66.25
C VAL H 66 -29.97 19.34 -67.44
N ASN H 67 -30.53 20.55 -67.33
CA ASN H 67 -31.38 21.09 -68.39
C ASN H 67 -30.56 21.40 -69.64
N LYS H 68 -31.10 20.99 -70.80
CA LYS H 68 -30.50 21.17 -72.13
C LYS H 68 -29.10 20.55 -72.20
N LYS H 69 -28.99 19.32 -71.72
CA LYS H 69 -27.73 18.59 -71.72
C LYS H 69 -27.91 17.25 -72.44
N GLU H 70 -26.78 16.64 -72.80
CA GLU H 70 -26.77 15.39 -73.57
C GLU H 70 -26.40 14.25 -72.63
N VAL H 71 -27.42 13.64 -72.02
CA VAL H 71 -27.20 12.54 -71.09
C VAL H 71 -27.16 11.22 -71.84
N VAL H 72 -26.66 10.17 -71.19
CA VAL H 72 -26.84 8.81 -71.68
C VAL H 72 -27.66 8.03 -70.67
N GLU H 73 -28.48 7.11 -71.18
CA GLU H 73 -29.35 6.30 -70.34
C GLU H 73 -29.38 4.89 -70.90
N ALA H 74 -29.56 3.92 -70.01
CA ALA H 74 -29.73 2.53 -70.41
C ALA H 74 -31.13 2.33 -70.97
N VAL H 75 -31.22 1.57 -72.07
CA VAL H 75 -32.50 1.27 -72.70
C VAL H 75 -32.59 -0.23 -72.95
N THR H 76 -33.82 -0.74 -72.95
CA THR H 76 -34.11 -2.12 -73.32
C THR H 76 -34.67 -2.11 -74.73
N ILE H 77 -34.15 -2.97 -75.59
CA ILE H 77 -34.80 -3.28 -76.86
C ILE H 77 -35.73 -4.46 -76.63
N VAL H 78 -36.99 -4.30 -77.00
CA VAL H 78 -37.96 -5.39 -76.93
C VAL H 78 -38.51 -5.57 -78.33
N GLU H 79 -38.14 -6.69 -78.96
CA GLU H 79 -38.68 -7.01 -80.27
C GLU H 79 -40.14 -7.40 -80.14
N THR H 80 -41.00 -6.68 -80.85
CA THR H 80 -42.44 -6.80 -80.73
C THR H 80 -43.05 -7.02 -82.10
N PRO H 81 -43.06 -8.25 -82.59
CA PRO H 81 -43.73 -8.54 -83.87
C PRO H 81 -45.24 -8.40 -83.72
N PRO H 82 -45.96 -8.10 -84.80
CA PRO H 82 -47.43 -7.94 -84.71
C PRO H 82 -48.09 -9.28 -84.43
N MET H 83 -49.04 -9.29 -83.49
CA MET H 83 -49.64 -10.53 -83.05
C MET H 83 -50.88 -10.86 -83.87
N VAL H 84 -51.22 -12.14 -83.94
CA VAL H 84 -52.36 -12.60 -84.70
C VAL H 84 -53.52 -12.80 -83.73
N VAL H 85 -54.69 -12.24 -84.06
CA VAL H 85 -55.88 -12.42 -83.25
C VAL H 85 -56.60 -13.70 -83.69
N VAL H 86 -56.77 -14.64 -82.75
CA VAL H 86 -57.36 -15.93 -83.08
C VAL H 86 -58.52 -16.28 -82.17
N GLY H 87 -59.10 -15.29 -81.50
CA GLY H 87 -60.25 -15.58 -80.68
C GLY H 87 -60.60 -14.42 -79.77
N ILE H 88 -61.76 -14.57 -79.13
CA ILE H 88 -62.25 -13.62 -78.14
C ILE H 88 -62.87 -14.38 -76.99
N VAL H 89 -63.10 -13.68 -75.88
CA VAL H 89 -63.69 -14.26 -74.68
C VAL H 89 -64.44 -13.16 -73.94
N GLY H 90 -65.66 -13.46 -73.49
CA GLY H 90 -66.43 -12.53 -72.71
C GLY H 90 -66.46 -12.92 -71.24
N TYR H 91 -66.76 -11.93 -70.39
CA TYR H 91 -66.69 -12.13 -68.95
C TYR H 91 -67.96 -11.56 -68.32
N VAL H 92 -68.67 -12.41 -67.59
CA VAL H 92 -69.82 -11.97 -66.81
C VAL H 92 -69.33 -11.60 -65.40
N GLU H 93 -70.01 -10.65 -64.78
CA GLU H 93 -69.63 -10.17 -63.46
C GLU H 93 -70.56 -10.79 -62.42
N THR H 94 -69.99 -11.61 -61.56
CA THR H 94 -70.73 -12.36 -60.53
C THR H 94 -70.31 -11.81 -59.17
N PRO H 95 -71.13 -12.01 -58.13
CA PRO H 95 -70.67 -11.67 -56.78
C PRO H 95 -69.61 -12.63 -56.22
N ARG H 96 -69.33 -13.73 -56.91
CA ARG H 96 -68.23 -14.60 -56.50
C ARG H 96 -66.93 -14.22 -57.21
N GLY H 97 -67.01 -13.91 -58.50
CA GLY H 97 -65.83 -13.50 -59.25
C GLY H 97 -66.16 -13.28 -60.71
N LEU H 98 -65.26 -12.56 -61.37
CA LEU H 98 -65.41 -12.19 -62.77
C LEU H 98 -65.19 -13.44 -63.63
N ARG H 99 -66.29 -14.06 -64.05
CA ARG H 99 -66.25 -15.40 -64.61
C ARG H 99 -66.25 -15.36 -66.14
N THR H 100 -65.42 -16.21 -66.76
CA THR H 100 -65.45 -16.34 -68.21
C THR H 100 -66.73 -17.02 -68.67
N PHE H 101 -67.45 -16.34 -69.57
CA PHE H 101 -68.79 -16.72 -69.99
C PHE H 101 -68.76 -17.68 -71.18
N LYS H 102 -68.10 -17.28 -72.26
CA LYS H 102 -68.05 -18.10 -73.47
C LYS H 102 -66.85 -17.66 -74.30
N THR H 103 -65.98 -18.61 -74.63
CA THR H 103 -64.80 -18.33 -75.45
C THR H 103 -65.06 -18.78 -76.88
N VAL H 104 -64.83 -17.87 -77.83
CA VAL H 104 -65.07 -18.14 -79.24
C VAL H 104 -63.75 -17.99 -79.98
N PHE H 105 -63.24 -19.09 -80.52
CA PHE H 105 -62.03 -19.08 -81.32
C PHE H 105 -62.34 -18.65 -82.76
N ALA H 106 -61.31 -18.63 -83.59
CA ALA H 106 -61.46 -18.24 -84.97
C ALA H 106 -61.50 -19.46 -85.89
N GLU H 107 -61.76 -19.22 -87.18
CA GLU H 107 -61.78 -20.30 -88.15
C GLU H 107 -60.37 -20.72 -88.53
N HIS H 108 -59.61 -19.81 -89.13
CA HIS H 108 -58.24 -20.10 -89.57
C HIS H 108 -57.27 -19.74 -88.46
N ILE H 109 -56.73 -20.76 -87.80
CA ILE H 109 -55.82 -20.60 -86.68
C ILE H 109 -54.47 -21.20 -87.07
N SER H 110 -53.42 -20.40 -86.99
CA SER H 110 -52.11 -20.77 -87.52
C SER H 110 -51.44 -21.84 -86.67
N ASP H 111 -50.45 -22.49 -87.28
CA ASP H 111 -49.72 -23.58 -86.62
C ASP H 111 -48.91 -23.08 -85.43
N GLU H 112 -48.53 -21.81 -85.43
CA GLU H 112 -47.89 -21.19 -84.28
C GLU H 112 -48.79 -21.25 -83.05
N CYS H 113 -50.08 -20.95 -83.24
CA CYS H 113 -51.04 -21.08 -82.14
C CYS H 113 -51.37 -22.55 -81.89
N LYS H 114 -51.25 -23.40 -82.91
CA LYS H 114 -51.52 -24.83 -82.72
C LYS H 114 -50.44 -25.51 -81.88
N ARG H 115 -49.22 -24.95 -81.86
CA ARG H 115 -48.14 -25.53 -81.05
C ARG H 115 -48.43 -25.47 -79.56
N ARG H 116 -49.15 -24.43 -79.11
CA ARG H 116 -49.33 -24.20 -77.69
C ARG H 116 -50.23 -25.25 -77.04
N PHE H 117 -51.21 -25.76 -77.77
CA PHE H 117 -52.17 -26.71 -77.20
C PHE H 117 -51.61 -28.12 -77.10
N TYR H 118 -50.36 -28.34 -77.47
CA TYR H 118 -49.72 -29.65 -77.44
C TYR H 118 -48.44 -29.61 -76.62
N LYS H 119 -48.25 -30.63 -75.78
CA LYS H 119 -46.98 -30.78 -75.07
C LYS H 119 -45.94 -31.46 -75.96
N ASN H 120 -46.37 -32.34 -76.85
CA ASN H 120 -45.48 -33.05 -77.77
C ASN H 120 -46.06 -32.92 -79.17
N TRP H 121 -45.51 -31.99 -79.96
CA TRP H 121 -46.03 -31.73 -81.30
C TRP H 121 -45.55 -32.77 -82.30
N HIS H 122 -44.46 -33.47 -81.99
CA HIS H 122 -43.91 -34.45 -82.92
C HIS H 122 -44.77 -35.71 -82.97
N LYS H 123 -45.15 -36.24 -81.81
CA LYS H 123 -45.90 -37.49 -81.79
C LYS H 123 -47.40 -37.26 -82.01
N SER H 124 -47.83 -36.00 -81.97
CA SER H 124 -49.24 -35.70 -82.15
C SER H 124 -49.64 -35.81 -83.62
N LYS H 125 -50.93 -36.07 -83.84
CA LYS H 125 -51.48 -36.18 -85.18
C LYS H 125 -51.98 -34.86 -85.73
N LYS H 126 -51.81 -33.76 -84.97
CA LYS H 126 -52.14 -32.38 -85.39
C LYS H 126 -53.62 -32.24 -85.71
N LYS H 127 -54.46 -32.78 -84.84
CA LYS H 127 -55.90 -32.89 -85.11
C LYS H 127 -56.74 -32.00 -84.20
N ALA H 128 -56.19 -30.88 -83.74
CA ALA H 128 -56.97 -29.95 -82.93
C ALA H 128 -57.79 -29.02 -83.82
N PHE H 129 -58.91 -28.54 -83.26
CA PHE H 129 -59.79 -27.52 -83.86
C PHE H 129 -60.49 -28.01 -85.13
N THR H 130 -60.45 -29.32 -85.36
CA THR H 130 -60.98 -29.90 -86.60
C THR H 130 -62.50 -29.97 -86.58
N LYS H 131 -63.08 -30.37 -85.44
CA LYS H 131 -64.54 -30.35 -85.34
C LYS H 131 -65.07 -28.97 -85.00
N TYR H 132 -64.19 -28.04 -84.60
CA TYR H 132 -64.63 -26.68 -84.34
C TYR H 132 -64.64 -25.83 -85.60
N CYS H 133 -63.73 -26.10 -86.53
CA CYS H 133 -63.66 -25.30 -87.75
C CYS H 133 -64.74 -25.68 -88.76
N LYS H 134 -65.53 -26.72 -88.50
CA LYS H 134 -66.62 -27.08 -89.39
C LYS H 134 -67.86 -26.22 -89.16
N LYS H 135 -67.83 -25.35 -88.15
CA LYS H 135 -68.99 -24.51 -87.86
C LYS H 135 -69.02 -23.26 -88.71
N TRP H 136 -67.98 -23.04 -89.53
CA TRP H 136 -67.83 -21.79 -90.25
C TRP H 136 -68.21 -21.87 -91.72
N GLN H 137 -68.65 -23.02 -92.22
CA GLN H 137 -69.01 -23.19 -93.63
C GLN H 137 -70.32 -23.99 -93.76
N ASP H 138 -71.17 -23.85 -92.75
CA ASP H 138 -72.47 -24.52 -92.78
C ASP H 138 -73.54 -23.53 -92.31
N ASP H 139 -74.80 -23.92 -92.52
CA ASP H 139 -75.91 -23.03 -92.19
C ASP H 139 -76.17 -23.01 -90.69
N ALA H 140 -76.18 -24.18 -90.05
CA ALA H 140 -76.54 -24.25 -88.63
C ALA H 140 -75.42 -23.74 -87.74
N GLY H 141 -74.16 -23.95 -88.16
CA GLY H 141 -73.03 -23.50 -87.34
C GLY H 141 -72.91 -22.00 -87.28
N LYS H 142 -73.17 -21.32 -88.40
CA LYS H 142 -73.18 -19.86 -88.40
C LYS H 142 -74.33 -19.31 -87.57
N ARG H 143 -75.48 -20.00 -87.56
CA ARG H 143 -76.59 -19.58 -86.71
C ARG H 143 -76.25 -19.75 -85.24
N GLN H 144 -75.57 -20.84 -84.88
CA GLN H 144 -75.19 -21.04 -83.48
C GLN H 144 -74.11 -20.04 -83.05
N LEU H 145 -73.18 -19.71 -83.95
CA LEU H 145 -72.18 -18.69 -83.65
C LEU H 145 -72.81 -17.30 -83.53
N ASP H 146 -73.82 -17.01 -84.35
CA ASP H 146 -74.51 -15.72 -84.24
C ASP H 146 -75.32 -15.65 -82.95
N LYS H 147 -75.89 -16.77 -82.52
CA LYS H 147 -76.56 -16.82 -81.21
C LYS H 147 -75.58 -16.64 -80.07
N ASP H 148 -74.36 -17.19 -80.21
CA ASP H 148 -73.33 -17.02 -79.19
C ASP H 148 -72.88 -15.56 -79.10
N PHE H 149 -72.62 -14.92 -80.24
CA PHE H 149 -72.26 -13.50 -80.24
C PHE H 149 -73.42 -12.63 -79.76
N SER H 150 -74.67 -13.00 -80.06
CA SER H 150 -75.81 -12.22 -79.59
C SER H 150 -76.02 -12.36 -78.10
N SER H 151 -75.67 -13.52 -77.53
CA SER H 151 -75.69 -13.67 -76.07
C SER H 151 -74.55 -12.88 -75.44
N MET H 152 -73.41 -12.81 -76.11
CA MET H 152 -72.30 -12.00 -75.61
C MET H 152 -72.58 -10.50 -75.71
N LYS H 153 -73.44 -10.09 -76.65
CA LYS H 153 -73.90 -8.71 -76.68
C LYS H 153 -74.68 -8.36 -75.42
N LYS H 154 -75.45 -9.32 -74.91
CA LYS H 154 -76.35 -9.04 -73.80
C LYS H 154 -75.64 -9.17 -72.45
N TYR H 155 -75.00 -10.31 -72.21
CA TYR H 155 -74.66 -10.64 -70.83
C TYR H 155 -73.21 -10.39 -70.47
N CYS H 156 -72.32 -10.24 -71.45
CA CYS H 156 -70.91 -10.04 -71.14
C CYS H 156 -70.64 -8.58 -70.78
N GLN H 157 -69.80 -8.38 -69.77
CA GLN H 157 -69.40 -7.06 -69.32
C GLN H 157 -67.98 -6.72 -69.75
N VAL H 158 -67.05 -7.66 -69.58
CA VAL H 158 -65.66 -7.51 -69.96
C VAL H 158 -65.38 -8.43 -71.15
N ILE H 159 -64.83 -7.86 -72.22
CA ILE H 159 -64.47 -8.61 -73.41
C ILE H 159 -62.95 -8.58 -73.54
N ARG H 160 -62.31 -9.74 -73.44
CA ARG H 160 -60.89 -9.88 -73.70
C ARG H 160 -60.68 -10.56 -75.05
N VAL H 161 -59.61 -10.19 -75.72
CA VAL H 161 -59.30 -10.72 -77.05
C VAL H 161 -58.12 -11.69 -76.91
N LEU H 162 -58.12 -12.73 -77.73
CA LEU H 162 -57.08 -13.75 -77.73
C LEU H 162 -56.12 -13.47 -78.88
N ALA H 163 -54.86 -13.17 -78.55
CA ALA H 163 -53.84 -12.91 -79.55
C ALA H 163 -52.59 -13.70 -79.22
N HIS H 164 -51.96 -14.24 -80.26
CA HIS H 164 -50.72 -14.99 -80.07
C HIS H 164 -49.61 -14.34 -80.87
N THR H 165 -48.39 -14.49 -80.37
CA THR H 165 -47.22 -13.89 -80.99
C THR H 165 -46.88 -14.60 -82.30
N GLN H 166 -46.11 -13.91 -83.14
CA GLN H 166 -45.71 -14.43 -84.44
C GLN H 166 -44.26 -14.89 -84.31
N MET H 167 -44.10 -16.21 -84.15
CA MET H 167 -42.81 -16.79 -83.75
C MET H 167 -41.88 -17.08 -84.92
N ARG H 168 -42.44 -17.23 -86.13
CA ARG H 168 -41.62 -17.59 -87.30
C ARG H 168 -40.68 -16.47 -87.69
N LEU H 169 -41.11 -15.21 -87.49
CA LEU H 169 -40.24 -14.08 -87.82
C LEU H 169 -39.17 -13.85 -86.76
N LEU H 170 -39.34 -14.44 -85.58
CA LEU H 170 -38.39 -14.26 -84.49
C LEU H 170 -37.19 -15.19 -84.67
N PRO H 171 -36.00 -14.76 -84.24
CA PRO H 171 -34.81 -15.62 -84.35
C PRO H 171 -34.65 -16.63 -83.23
N LEU H 172 -35.67 -16.85 -82.40
CA LEU H 172 -35.57 -17.78 -81.30
C LEU H 172 -35.58 -19.23 -81.78
N ARG H 173 -35.11 -20.12 -80.92
CA ARG H 173 -35.06 -21.54 -81.25
C ARG H 173 -36.46 -22.15 -81.24
N GLN H 174 -37.30 -21.71 -80.31
CA GLN H 174 -38.62 -22.32 -80.17
C GLN H 174 -39.56 -21.85 -81.28
N LYS H 175 -40.56 -22.67 -81.55
CA LYS H 175 -41.61 -22.33 -82.51
C LYS H 175 -42.98 -22.23 -81.87
N LYS H 176 -43.09 -22.54 -80.58
CA LYS H 176 -44.36 -22.52 -79.86
C LYS H 176 -44.70 -21.08 -79.48
N ALA H 177 -45.75 -20.54 -80.10
CA ALA H 177 -46.11 -19.16 -79.89
C ALA H 177 -46.85 -18.97 -78.58
N HIS H 178 -46.67 -17.81 -77.96
CA HIS H 178 -47.36 -17.47 -76.72
C HIS H 178 -48.70 -16.83 -77.02
N LEU H 179 -49.74 -17.33 -76.33
CA LEU H 179 -51.08 -16.76 -76.40
C LEU H 179 -51.32 -15.85 -75.20
N MET H 180 -52.24 -14.91 -75.38
CA MET H 180 -52.49 -13.92 -74.35
C MET H 180 -53.88 -13.32 -74.54
N GLU H 181 -54.58 -13.14 -73.42
CA GLU H 181 -55.78 -12.32 -73.37
C GLU H 181 -55.40 -10.87 -73.14
N ILE H 182 -55.99 -9.97 -73.91
CA ILE H 182 -55.81 -8.54 -73.76
C ILE H 182 -57.19 -7.93 -73.62
N GLN H 183 -57.44 -7.23 -72.52
CA GLN H 183 -58.74 -6.63 -72.32
C GLN H 183 -58.92 -5.41 -73.20
N VAL H 184 -59.93 -5.43 -74.04
CA VAL H 184 -60.28 -4.30 -74.89
C VAL H 184 -61.11 -3.34 -74.06
N ASN H 185 -60.56 -2.16 -73.79
CA ASN H 185 -61.25 -1.12 -73.03
C ASN H 185 -61.62 0.00 -73.98
N GLY H 186 -62.91 0.32 -74.05
CA GLY H 186 -63.40 1.29 -75.01
C GLY H 186 -64.85 1.65 -74.78
N GLY H 187 -65.64 1.70 -75.85
CA GLY H 187 -67.03 2.10 -75.74
C GLY H 187 -67.96 1.04 -75.19
N THR H 188 -69.14 0.91 -75.79
CA THR H 188 -70.11 -0.06 -75.29
C THR H 188 -69.71 -1.48 -75.66
N VAL H 189 -70.44 -2.44 -75.09
CA VAL H 189 -70.13 -3.86 -75.27
C VAL H 189 -70.39 -4.29 -76.71
N ALA H 190 -71.44 -3.72 -77.33
CA ALA H 190 -71.78 -4.09 -78.70
C ALA H 190 -70.74 -3.58 -79.69
N GLU H 191 -70.32 -2.32 -79.55
CA GLU H 191 -69.27 -1.76 -80.40
C GLU H 191 -67.94 -2.44 -80.15
N LYS H 192 -67.67 -2.82 -78.89
CA LYS H 192 -66.45 -3.52 -78.53
C LYS H 192 -66.38 -4.90 -79.18
N LEU H 193 -67.49 -5.65 -79.15
CA LEU H 193 -67.51 -6.98 -79.74
C LEU H 193 -67.53 -6.91 -81.27
N ASP H 194 -68.16 -5.87 -81.84
CA ASP H 194 -68.08 -5.67 -83.29
C ASP H 194 -66.67 -5.34 -83.75
N TRP H 195 -65.95 -4.50 -82.99
CA TRP H 195 -64.57 -4.19 -83.33
C TRP H 195 -63.67 -5.40 -83.16
N ALA H 196 -63.94 -6.24 -82.15
CA ALA H 196 -63.15 -7.45 -81.97
C ALA H 196 -63.41 -8.48 -83.06
N ARG H 197 -64.66 -8.57 -83.52
CA ARG H 197 -64.99 -9.46 -84.63
C ARG H 197 -64.39 -8.94 -85.93
N GLU H 198 -64.31 -7.62 -86.09
CA GLU H 198 -63.63 -7.05 -87.25
C GLU H 198 -62.14 -7.32 -87.21
N ARG H 199 -61.53 -7.22 -86.04
CA ARG H 199 -60.10 -7.50 -85.88
C ARG H 199 -59.79 -8.98 -85.69
N LEU H 200 -60.80 -9.86 -85.78
CA LEU H 200 -60.55 -11.29 -85.72
C LEU H 200 -59.85 -11.76 -86.99
N GLU H 201 -58.92 -12.72 -86.83
CA GLU H 201 -58.03 -13.23 -87.89
C GLU H 201 -57.23 -12.12 -88.56
N GLN H 202 -56.72 -11.20 -87.73
CA GLN H 202 -56.01 -10.04 -88.26
C GLN H 202 -54.70 -9.85 -87.49
N GLN H 203 -53.80 -9.09 -88.11
CA GLN H 203 -52.56 -8.66 -87.48
C GLN H 203 -52.81 -7.43 -86.62
N VAL H 204 -52.17 -7.38 -85.47
CA VAL H 204 -52.19 -6.22 -84.59
C VAL H 204 -50.76 -5.76 -84.38
N PRO H 205 -50.38 -4.61 -84.92
CA PRO H 205 -49.04 -4.07 -84.70
C PRO H 205 -48.96 -3.32 -83.37
N VAL H 206 -47.83 -2.66 -83.16
CA VAL H 206 -47.57 -2.00 -81.88
C VAL H 206 -47.96 -0.53 -81.95
N SER H 207 -47.99 0.04 -83.16
CA SER H 207 -48.40 1.44 -83.31
C SER H 207 -49.89 1.62 -83.01
N GLN H 208 -50.69 0.56 -83.17
CA GLN H 208 -52.10 0.63 -82.80
C GLN H 208 -52.29 0.57 -81.29
N VAL H 209 -51.42 -0.16 -80.59
CA VAL H 209 -51.59 -0.37 -79.16
C VAL H 209 -50.94 0.76 -78.37
N PHE H 210 -49.63 0.93 -78.52
CA PHE H 210 -48.90 1.96 -77.79
C PHE H 210 -48.50 3.10 -78.71
N GLY H 211 -47.77 4.06 -78.13
CA GLY H 211 -47.31 5.22 -78.87
C GLY H 211 -45.99 5.72 -78.30
N GLN H 212 -45.62 6.92 -78.74
CA GLN H 212 -44.42 7.57 -78.25
C GLN H 212 -44.65 8.06 -76.83
N ASP H 213 -43.55 8.23 -76.08
CA ASP H 213 -43.40 8.78 -74.71
C ASP H 213 -44.56 8.44 -73.77
N GLU H 214 -44.91 7.16 -73.75
CA GLU H 214 -45.99 6.64 -72.92
C GLU H 214 -45.40 5.83 -71.77
N MET H 215 -45.88 6.11 -70.56
CA MET H 215 -45.45 5.36 -69.39
C MET H 215 -46.22 4.05 -69.31
N ILE H 216 -45.50 2.93 -69.37
CA ILE H 216 -46.13 1.62 -69.44
C ILE H 216 -45.66 0.75 -68.29
N ASP H 217 -46.29 -0.41 -68.15
CA ASP H 217 -45.98 -1.38 -67.11
C ASP H 217 -45.37 -2.61 -67.76
N VAL H 218 -44.33 -3.16 -67.13
CA VAL H 218 -43.63 -4.32 -67.66
C VAL H 218 -43.84 -5.50 -66.71
N ILE H 219 -44.44 -6.56 -67.23
CA ILE H 219 -44.72 -7.77 -66.48
C ILE H 219 -43.83 -8.89 -67.03
N GLY H 220 -43.22 -9.65 -66.13
CA GLY H 220 -42.38 -10.74 -66.59
C GLY H 220 -41.78 -11.51 -65.44
N VAL H 221 -41.18 -12.64 -65.79
CA VAL H 221 -40.56 -13.51 -64.79
C VAL H 221 -39.08 -13.13 -64.68
N THR H 222 -38.60 -13.05 -63.43
CA THR H 222 -37.21 -12.75 -63.10
C THR H 222 -36.28 -13.81 -63.71
N LYS H 223 -35.08 -13.37 -64.09
CA LYS H 223 -33.99 -14.27 -64.44
C LYS H 223 -33.69 -15.22 -63.29
N GLY H 224 -33.74 -16.51 -63.57
CA GLY H 224 -33.60 -17.51 -62.52
C GLY H 224 -32.17 -17.66 -62.06
N LYS H 225 -31.97 -17.76 -60.74
CA LYS H 225 -30.64 -17.85 -60.16
C LYS H 225 -30.48 -19.10 -59.30
N GLY H 226 -31.51 -19.92 -59.18
CA GLY H 226 -31.38 -21.20 -58.50
C GLY H 226 -31.51 -21.11 -56.99
N TYR H 227 -31.15 -22.22 -56.34
CA TYR H 227 -31.21 -22.32 -54.89
C TYR H 227 -30.05 -21.53 -54.30
N LYS H 228 -30.35 -20.43 -53.61
CA LYS H 228 -29.30 -19.57 -53.08
C LYS H 228 -29.45 -19.43 -51.56
N GLY H 229 -28.35 -19.03 -50.94
CA GLY H 229 -28.34 -18.82 -49.51
C GLY H 229 -29.07 -17.58 -49.09
N VAL H 230 -29.12 -17.38 -47.77
CA VAL H 230 -29.85 -16.24 -47.23
C VAL H 230 -29.06 -14.95 -47.42
N THR H 231 -27.72 -15.05 -47.48
CA THR H 231 -26.90 -13.88 -47.76
C THR H 231 -27.06 -13.44 -49.21
N SER H 232 -27.17 -14.40 -50.13
CA SER H 232 -27.35 -14.06 -51.53
C SER H 232 -28.78 -13.59 -51.81
N ARG H 233 -29.78 -14.18 -51.14
CA ARG H 233 -31.16 -13.89 -51.46
C ARG H 233 -31.68 -12.69 -50.68
N TRP H 234 -31.63 -12.76 -49.34
CA TRP H 234 -32.22 -11.71 -48.52
C TRP H 234 -31.25 -10.57 -48.22
N HIS H 235 -29.97 -10.71 -48.60
CA HIS H 235 -28.93 -9.69 -48.44
C HIS H 235 -28.73 -9.29 -46.98
N THR H 236 -28.57 -10.29 -46.12
CA THR H 236 -28.34 -10.04 -44.71
C THR H 236 -26.85 -9.77 -44.45
N LYS H 237 -26.56 -9.30 -43.24
CA LYS H 237 -25.19 -9.02 -42.85
C LYS H 237 -24.44 -10.34 -42.63
N LYS H 238 -23.25 -10.44 -43.21
CA LYS H 238 -22.43 -11.63 -43.02
C LYS H 238 -21.86 -11.66 -41.61
N LEU H 239 -21.85 -12.86 -41.04
CA LEU H 239 -21.20 -13.11 -39.76
C LEU H 239 -19.68 -13.00 -39.96
N PRO H 240 -18.91 -12.68 -38.88
CA PRO H 240 -17.47 -12.51 -39.06
C PRO H 240 -16.71 -13.79 -39.37
N ARG H 241 -15.39 -13.67 -39.53
CA ARG H 241 -14.58 -14.79 -39.98
C ARG H 241 -14.49 -15.89 -38.93
N LYS H 242 -14.51 -15.52 -37.65
CA LYS H 242 -14.24 -16.44 -36.55
C LYS H 242 -15.37 -17.42 -36.27
N THR H 243 -16.47 -17.40 -37.03
CA THR H 243 -17.59 -18.29 -36.75
C THR H 243 -17.26 -19.72 -37.13
N HIS H 244 -17.66 -20.66 -36.27
CA HIS H 244 -17.36 -22.07 -36.51
C HIS H 244 -18.28 -22.65 -37.57
N ARG H 245 -19.59 -22.57 -37.37
CA ARG H 245 -20.58 -23.22 -38.23
C ARG H 245 -21.08 -22.29 -39.32
N GLY H 246 -20.17 -21.70 -40.09
CA GLY H 246 -20.57 -20.87 -41.21
C GLY H 246 -20.72 -19.40 -40.89
N LEU H 247 -20.51 -18.55 -41.89
CA LEU H 247 -20.58 -17.10 -41.73
C LEU H 247 -21.51 -16.42 -42.72
N ARG H 248 -21.82 -17.05 -43.86
CA ARG H 248 -22.78 -16.49 -44.82
C ARG H 248 -24.17 -17.07 -44.53
N LYS H 249 -24.60 -16.87 -43.29
CA LYS H 249 -25.81 -17.49 -42.75
C LYS H 249 -26.51 -16.46 -41.87
N VAL H 250 -27.72 -16.79 -41.42
CA VAL H 250 -28.41 -16.01 -40.40
C VAL H 250 -28.11 -16.63 -39.05
N ALA H 251 -27.60 -15.82 -38.13
CA ALA H 251 -27.14 -16.33 -36.84
C ALA H 251 -28.31 -16.72 -35.94
N CYS H 252 -29.14 -15.75 -35.58
CA CYS H 252 -30.29 -16.00 -34.72
C CYS H 252 -31.56 -16.06 -35.57
N ILE H 253 -32.32 -17.14 -35.41
CA ILE H 253 -33.62 -17.22 -36.06
C ILE H 253 -34.64 -16.38 -35.30
N GLY H 254 -34.80 -16.64 -34.01
CA GLY H 254 -35.78 -15.94 -33.23
C GLY H 254 -35.62 -16.21 -31.75
N ALA H 255 -36.67 -15.91 -31.01
CA ALA H 255 -36.67 -16.07 -29.57
C ALA H 255 -37.05 -17.48 -29.17
N TRP H 256 -36.93 -17.77 -27.87
CA TRP H 256 -37.30 -19.06 -27.31
C TRP H 256 -38.80 -19.26 -27.34
N HIS H 257 -39.46 -18.13 -27.10
CA HIS H 257 -40.90 -18.03 -26.99
C HIS H 257 -42.05 -18.12 -27.92
N PRO H 258 -41.80 -18.05 -29.20
CA PRO H 258 -42.84 -18.46 -30.13
C PRO H 258 -42.03 -19.67 -30.55
N ALA H 259 -42.38 -20.78 -29.95
CA ALA H 259 -41.70 -22.06 -30.16
C ALA H 259 -41.56 -22.43 -31.63
N ARG H 260 -41.96 -21.54 -32.54
CA ARG H 260 -41.80 -21.74 -33.97
C ARG H 260 -40.89 -20.65 -34.53
N VAL H 261 -40.42 -20.88 -35.74
CA VAL H 261 -39.79 -19.85 -36.55
C VAL H 261 -40.87 -19.14 -37.36
N ALA H 262 -40.88 -17.81 -37.27
CA ALA H 262 -41.89 -17.00 -37.94
C ALA H 262 -41.67 -17.01 -39.45
N PHE H 263 -42.72 -16.58 -40.17
CA PHE H 263 -42.65 -16.47 -41.62
C PHE H 263 -41.71 -15.36 -42.05
N SER H 264 -41.52 -14.34 -41.19
CA SER H 264 -40.70 -13.19 -41.54
C SER H 264 -39.21 -13.43 -41.34
N VAL H 265 -38.84 -14.58 -40.75
CA VAL H 265 -37.43 -14.90 -40.59
C VAL H 265 -36.85 -15.28 -41.94
N ALA H 266 -35.74 -14.64 -42.32
CA ALA H 266 -35.12 -14.84 -43.61
C ALA H 266 -34.39 -16.17 -43.64
N ARG H 267 -34.80 -17.07 -44.53
CA ARG H 267 -34.23 -18.40 -44.65
C ARG H 267 -33.62 -18.54 -46.04
N ALA H 268 -33.02 -19.70 -46.30
CA ALA H 268 -32.35 -19.94 -47.58
C ALA H 268 -33.27 -20.71 -48.52
N GLY H 269 -33.21 -20.37 -49.81
CA GLY H 269 -34.04 -21.06 -50.79
C GLY H 269 -33.93 -20.57 -52.22
N GLN H 270 -35.06 -20.46 -52.90
CA GLN H 270 -35.08 -20.12 -54.31
C GLN H 270 -34.89 -18.62 -54.52
N LYS H 271 -33.80 -18.26 -55.19
CA LYS H 271 -33.58 -16.89 -55.62
C LYS H 271 -33.75 -16.81 -57.14
N GLY H 272 -34.54 -15.85 -57.59
CA GLY H 272 -34.80 -15.69 -59.01
C GLY H 272 -35.98 -16.52 -59.46
N TYR H 273 -36.30 -16.36 -60.75
CA TYR H 273 -37.44 -16.97 -61.44
C TYR H 273 -38.76 -16.63 -60.73
N HIS H 274 -38.97 -15.34 -60.48
CA HIS H 274 -40.15 -14.85 -59.80
C HIS H 274 -40.95 -13.94 -60.73
N HIS H 275 -42.27 -14.08 -60.67
CA HIS H 275 -43.15 -13.20 -61.43
C HIS H 275 -43.13 -11.81 -60.82
N ARG H 276 -42.92 -10.79 -61.65
CA ARG H 276 -42.84 -9.41 -61.19
C ARG H 276 -43.58 -8.51 -62.17
N THR H 277 -44.01 -7.36 -61.64
CA THR H 277 -44.72 -6.33 -62.39
C THR H 277 -44.13 -4.99 -61.98
N GLU H 278 -43.29 -4.41 -62.83
CA GLU H 278 -42.68 -3.13 -62.55
C GLU H 278 -43.46 -2.04 -63.30
N ILE H 279 -43.60 -0.87 -62.68
CA ILE H 279 -44.42 0.18 -63.24
C ILE H 279 -43.54 1.34 -63.69
N ASN H 280 -44.14 2.24 -64.47
CA ASN H 280 -43.56 3.52 -64.90
C ASN H 280 -42.28 3.33 -65.72
N LYS H 281 -42.44 2.65 -66.85
CA LYS H 281 -41.36 2.48 -67.82
C LYS H 281 -41.69 3.33 -69.04
N LYS H 282 -40.73 4.15 -69.47
CA LYS H 282 -40.96 5.14 -70.51
C LYS H 282 -40.49 4.63 -71.87
N ILE H 283 -41.35 4.75 -72.87
CA ILE H 283 -41.01 4.35 -74.23
C ILE H 283 -40.32 5.52 -74.92
N TYR H 284 -39.10 5.31 -75.38
CA TYR H 284 -38.38 6.35 -76.12
C TYR H 284 -38.73 6.32 -77.61
N LYS H 285 -38.78 5.13 -78.21
CA LYS H 285 -38.98 5.02 -79.65
C LYS H 285 -39.62 3.67 -79.97
N ILE H 286 -40.63 3.69 -80.82
CA ILE H 286 -41.17 2.46 -81.41
C ILE H 286 -40.59 2.40 -82.83
N GLY H 287 -39.60 1.53 -83.01
CA GLY H 287 -38.91 1.46 -84.27
C GLY H 287 -39.59 0.54 -85.28
N GLN H 288 -39.54 0.95 -86.53
CA GLN H 288 -40.11 0.18 -87.63
C GLN H 288 -39.23 -1.03 -87.90
N GLY H 289 -39.85 -2.11 -88.38
CA GLY H 289 -39.13 -3.30 -88.75
C GLY H 289 -38.54 -3.21 -90.15
N TYR H 290 -37.97 -4.33 -90.58
CA TYR H 290 -37.41 -4.39 -91.93
C TYR H 290 -38.51 -4.50 -92.97
N LEU H 291 -38.36 -3.76 -94.06
CA LEU H 291 -39.34 -3.77 -95.14
C LEU H 291 -38.61 -3.58 -96.45
N ILE H 292 -39.13 -4.21 -97.51
CA ILE H 292 -38.50 -4.22 -98.82
C ILE H 292 -39.38 -3.45 -99.80
N LYS H 293 -38.82 -2.40 -100.40
CA LYS H 293 -39.47 -1.70 -101.49
C LYS H 293 -38.39 -1.11 -102.39
N ASP H 294 -38.70 -1.02 -103.68
CA ASP H 294 -37.80 -0.55 -104.75
C ASP H 294 -36.51 -1.39 -104.77
N GLY H 295 -36.69 -2.70 -104.70
CA GLY H 295 -35.59 -3.63 -104.77
C GLY H 295 -34.84 -3.83 -103.46
N LYS H 296 -34.04 -2.84 -103.08
CA LYS H 296 -33.21 -2.97 -101.89
C LYS H 296 -34.02 -2.70 -100.62
N LEU H 297 -33.65 -3.38 -99.54
CA LEU H 297 -34.38 -3.24 -98.29
C LEU H 297 -33.94 -1.97 -97.55
N ILE H 298 -34.84 -1.45 -96.74
CA ILE H 298 -34.60 -0.26 -95.92
C ILE H 298 -34.51 -0.71 -94.47
N LYS H 299 -33.36 -0.50 -93.85
CA LYS H 299 -33.10 -1.03 -92.52
C LYS H 299 -32.64 0.02 -91.51
N ASN H 300 -32.67 1.31 -91.85
CA ASN H 300 -32.13 2.36 -90.98
C ASN H 300 -33.07 2.61 -89.80
N ASN H 301 -32.98 1.73 -88.80
CA ASN H 301 -33.86 1.81 -87.64
C ASN H 301 -33.23 2.65 -86.52
N ALA H 302 -31.90 2.63 -86.43
CA ALA H 302 -31.20 3.47 -85.48
C ALA H 302 -30.98 4.89 -86.01
N SER H 303 -31.48 5.19 -87.21
CA SER H 303 -31.33 6.52 -87.77
C SER H 303 -32.25 7.51 -87.06
N THR H 304 -31.67 8.62 -86.60
CA THR H 304 -32.42 9.71 -86.02
C THR H 304 -32.34 10.92 -86.93
N ASP H 305 -32.90 12.04 -86.46
CA ASP H 305 -32.86 13.26 -87.24
C ASP H 305 -31.48 13.91 -87.20
N TYR H 306 -30.64 13.52 -86.24
CA TYR H 306 -29.33 14.12 -86.08
C TYR H 306 -28.20 13.18 -86.49
N ASP H 307 -28.48 11.89 -86.64
CA ASP H 307 -27.46 10.90 -87.00
C ASP H 307 -27.34 10.75 -88.52
N LEU H 308 -28.48 10.55 -89.19
CA LEU H 308 -28.61 10.32 -90.64
C LEU H 308 -27.62 9.26 -91.17
N SER H 309 -27.63 8.11 -90.50
CA SER H 309 -26.82 6.98 -90.91
C SER H 309 -27.71 5.79 -91.24
N ASP H 310 -27.21 4.91 -92.09
CA ASP H 310 -27.99 3.78 -92.58
C ASP H 310 -27.93 2.55 -91.66
N LYS H 311 -27.40 2.70 -90.45
CA LYS H 311 -27.26 1.55 -89.57
C LYS H 311 -28.58 1.19 -88.89
N SER H 312 -28.71 -0.08 -88.53
CA SER H 312 -29.87 -0.60 -87.82
C SER H 312 -29.54 -0.68 -86.33
N ILE H 313 -30.55 -1.01 -85.52
CA ILE H 313 -30.35 -1.14 -84.09
C ILE H 313 -29.64 -2.45 -83.73
N ASN H 314 -29.53 -3.38 -84.66
CA ASN H 314 -28.77 -4.60 -84.46
C ASN H 314 -27.29 -4.25 -84.32
N PRO H 315 -26.65 -4.56 -83.21
CA PRO H 315 -25.25 -4.19 -83.03
C PRO H 315 -24.32 -5.07 -83.85
N LEU H 316 -23.02 -4.76 -83.74
CA LEU H 316 -22.00 -5.53 -84.46
C LEU H 316 -21.88 -6.92 -83.87
N GLY H 317 -22.08 -7.93 -84.70
CA GLY H 317 -22.16 -9.30 -84.23
C GLY H 317 -23.51 -9.67 -83.67
N GLY H 318 -24.53 -8.84 -83.88
CA GLY H 318 -25.86 -9.11 -83.39
C GLY H 318 -26.03 -8.92 -81.90
N PHE H 319 -27.25 -9.07 -81.40
CA PHE H 319 -27.48 -9.03 -79.97
C PHE H 319 -26.92 -10.27 -79.30
N VAL H 320 -26.37 -10.09 -78.09
CA VAL H 320 -25.67 -11.17 -77.41
C VAL H 320 -26.70 -12.13 -76.81
N HIS H 321 -26.59 -13.42 -77.18
CA HIS H 321 -27.49 -14.50 -76.76
C HIS H 321 -28.94 -14.25 -77.15
N TYR H 322 -29.20 -13.46 -78.18
CA TYR H 322 -30.58 -13.32 -78.65
C TYR H 322 -30.74 -13.56 -80.13
N GLY H 323 -29.83 -13.03 -80.94
CA GLY H 323 -30.01 -13.05 -82.38
C GLY H 323 -30.11 -11.66 -82.98
N GLU H 324 -30.77 -11.53 -84.13
CA GLU H 324 -30.91 -10.26 -84.83
C GLU H 324 -32.38 -9.85 -84.84
N VAL H 325 -32.63 -8.55 -84.66
CA VAL H 325 -33.98 -8.02 -84.66
C VAL H 325 -34.32 -7.54 -86.06
N THR H 326 -35.23 -8.25 -86.72
CA THR H 326 -35.74 -7.87 -88.03
C THR H 326 -37.12 -7.26 -87.97
N ASN H 327 -37.86 -7.55 -86.90
CA ASN H 327 -39.21 -7.05 -86.75
C ASN H 327 -39.22 -5.66 -86.11
N ASP H 328 -40.41 -5.07 -86.06
CA ASP H 328 -40.59 -3.81 -85.36
C ASP H 328 -40.46 -4.02 -83.85
N PHE H 329 -39.95 -2.99 -83.18
CA PHE H 329 -39.50 -3.10 -81.80
C PHE H 329 -39.92 -1.87 -81.00
N VAL H 330 -39.78 -1.97 -79.68
CA VAL H 330 -39.94 -0.84 -78.78
C VAL H 330 -38.66 -0.70 -77.97
N MET H 331 -38.42 0.50 -77.46
CA MET H 331 -37.18 0.82 -76.76
C MET H 331 -37.55 1.58 -75.49
N LEU H 332 -37.22 0.99 -74.33
CA LEU H 332 -37.69 1.49 -73.05
C LEU H 332 -36.54 2.03 -72.19
N LYS H 333 -36.86 3.04 -71.39
CA LYS H 333 -35.90 3.62 -70.47
C LYS H 333 -35.56 2.66 -69.34
N GLY H 334 -34.27 2.52 -69.04
CA GLY H 334 -33.86 1.74 -67.90
C GLY H 334 -33.67 0.27 -68.24
N CYS H 335 -33.91 -0.56 -67.23
CA CYS H 335 -33.85 -2.00 -67.42
C CYS H 335 -35.18 -2.63 -67.06
N VAL H 336 -35.49 -3.75 -67.73
CA VAL H 336 -36.72 -4.50 -67.47
C VAL H 336 -36.33 -5.84 -66.86
N VAL H 337 -37.35 -6.53 -66.35
CA VAL H 337 -37.12 -7.81 -65.68
C VAL H 337 -36.95 -8.90 -66.72
N GLY H 338 -36.18 -9.93 -66.38
CA GLY H 338 -36.02 -11.08 -67.24
C GLY H 338 -34.65 -11.12 -67.93
N THR H 339 -34.31 -12.31 -68.41
CA THR H 339 -33.06 -12.54 -69.12
C THR H 339 -33.28 -12.36 -70.63
N LYS H 340 -32.30 -12.76 -71.42
CA LYS H 340 -32.46 -12.76 -72.87
C LYS H 340 -33.44 -13.85 -73.29
N LYS H 341 -34.04 -13.65 -74.48
CA LYS H 341 -35.06 -14.51 -75.09
C LYS H 341 -36.31 -14.69 -74.22
N ARG H 342 -36.55 -13.81 -73.26
CA ARG H 342 -37.63 -13.96 -72.30
C ARG H 342 -38.89 -13.28 -72.82
N VAL H 343 -40.02 -13.98 -72.74
CA VAL H 343 -41.30 -13.39 -73.10
C VAL H 343 -41.66 -12.33 -72.07
N LEU H 344 -42.16 -11.18 -72.55
CA LEU H 344 -42.26 -9.99 -71.73
C LEU H 344 -43.57 -9.28 -72.04
N THR H 345 -44.44 -9.17 -71.03
CA THR H 345 -45.76 -8.57 -71.18
C THR H 345 -45.64 -7.05 -71.03
N LEU H 346 -46.17 -6.32 -72.01
CA LEU H 346 -46.35 -4.88 -71.91
C LEU H 346 -47.79 -4.59 -71.51
N ARG H 347 -47.97 -3.50 -70.77
CA ARG H 347 -49.31 -3.14 -70.31
C ARG H 347 -49.41 -1.62 -70.26
N LYS H 348 -50.60 -1.09 -70.55
CA LYS H 348 -50.82 0.33 -70.34
C LYS H 348 -50.90 0.66 -68.85
N SER H 349 -50.71 1.94 -68.55
CA SER H 349 -50.59 2.37 -67.15
C SER H 349 -51.94 2.34 -66.44
N LEU H 350 -51.92 1.84 -65.20
CA LEU H 350 -53.11 1.87 -64.35
C LEU H 350 -53.36 3.26 -63.80
N LEU H 351 -52.32 3.94 -63.33
CA LEU H 351 -52.48 5.24 -62.70
C LEU H 351 -52.63 6.32 -63.76
N VAL H 352 -53.43 7.34 -63.45
CA VAL H 352 -53.63 8.47 -64.34
C VAL H 352 -52.37 9.33 -64.30
N GLN H 353 -51.55 9.20 -65.35
CA GLN H 353 -50.17 9.67 -65.30
C GLN H 353 -50.10 11.12 -65.77
N THR H 354 -49.90 12.05 -64.83
CA THR H 354 -49.71 13.47 -65.15
C THR H 354 -48.58 13.98 -64.23
N LYS H 355 -47.35 13.90 -64.72
CA LYS H 355 -46.17 14.36 -64.01
C LYS H 355 -45.26 15.10 -64.99
N ARG H 356 -44.35 15.91 -64.44
CA ARG H 356 -43.44 16.69 -65.27
C ARG H 356 -42.40 15.80 -65.93
N ARG H 357 -41.90 14.80 -65.19
CA ARG H 357 -40.92 13.88 -65.76
C ARG H 357 -41.59 12.90 -66.72
N ALA H 358 -42.87 12.58 -66.47
CA ALA H 358 -43.56 11.60 -67.30
C ALA H 358 -44.14 12.20 -68.58
N LEU H 359 -44.48 13.48 -68.59
CA LEU H 359 -45.03 14.14 -69.77
C LEU H 359 -43.94 14.83 -70.60
N GLU H 360 -42.72 14.33 -70.54
CA GLU H 360 -41.63 14.91 -71.31
C GLU H 360 -41.57 14.30 -72.71
N LYS H 361 -41.40 15.16 -73.71
CA LYS H 361 -41.26 14.72 -75.10
C LYS H 361 -39.79 14.45 -75.38
N ILE H 362 -39.50 13.28 -75.94
CA ILE H 362 -38.13 12.84 -76.14
C ILE H 362 -37.74 13.03 -77.59
N ASP H 363 -36.64 13.74 -77.83
CA ASP H 363 -36.05 13.89 -79.16
C ASP H 363 -34.69 13.20 -79.10
N LEU H 364 -34.53 12.10 -79.83
CA LEU H 364 -33.32 11.32 -79.78
C LEU H 364 -32.22 11.96 -80.60
N LYS H 365 -30.97 11.73 -80.18
CA LYS H 365 -29.80 12.25 -80.89
C LYS H 365 -28.92 11.14 -81.45
N PHE H 366 -28.56 10.17 -80.63
CA PHE H 366 -27.64 9.10 -81.04
C PHE H 366 -28.06 7.80 -80.39
N ILE H 367 -28.10 6.73 -81.19
CA ILE H 367 -28.40 5.39 -80.73
C ILE H 367 -27.13 4.56 -80.87
N ASP H 368 -26.64 4.02 -79.76
CA ASP H 368 -25.38 3.30 -79.75
C ASP H 368 -25.60 1.88 -80.26
N THR H 369 -24.95 1.53 -81.37
CA THR H 369 -25.07 0.20 -81.95
C THR H 369 -23.72 -0.51 -82.01
N THR H 370 -22.84 -0.24 -81.06
CA THR H 370 -21.54 -0.89 -81.04
C THR H 370 -21.68 -2.33 -80.54
N SER H 371 -20.60 -3.10 -80.71
CA SER H 371 -20.60 -4.50 -80.34
C SER H 371 -20.64 -4.67 -78.83
N LYS H 372 -21.75 -5.20 -78.32
CA LYS H 372 -21.87 -5.44 -76.89
C LYS H 372 -21.20 -6.75 -76.49
N PHE H 373 -20.85 -7.58 -77.47
CA PHE H 373 -20.13 -8.83 -77.26
C PHE H 373 -18.64 -8.50 -77.14
N GLY H 374 -18.26 -7.97 -75.98
CA GLY H 374 -16.93 -7.47 -75.76
C GLY H 374 -16.89 -5.95 -75.80
N HIS H 375 -15.68 -5.41 -75.65
CA HIS H 375 -15.49 -3.97 -75.71
C HIS H 375 -15.54 -3.47 -77.14
N GLY H 376 -16.74 -3.11 -77.61
CA GLY H 376 -16.87 -2.59 -78.97
C GLY H 376 -16.42 -1.15 -79.04
N ARG H 377 -15.86 -0.78 -80.20
CA ARG H 377 -15.36 0.57 -80.41
C ARG H 377 -15.70 1.11 -81.81
N PHE H 378 -16.61 0.45 -82.52
CA PHE H 378 -17.05 0.92 -83.83
C PHE H 378 -18.57 0.82 -83.88
N GLN H 379 -19.19 1.71 -84.66
CA GLN H 379 -20.65 1.73 -84.73
C GLN H 379 -21.17 0.84 -85.85
N THR H 380 -20.51 0.82 -87.00
CA THR H 380 -20.99 0.05 -88.13
C THR H 380 -19.81 -0.51 -88.91
N VAL H 381 -20.15 -1.39 -89.86
CA VAL H 381 -19.15 -2.18 -90.58
C VAL H 381 -18.34 -1.29 -91.53
N GLU H 382 -19.01 -0.36 -92.21
CA GLU H 382 -18.30 0.52 -93.14
C GLU H 382 -17.40 1.51 -92.42
N GLU H 383 -17.81 1.96 -91.22
CA GLU H 383 -16.95 2.81 -90.41
C GLU H 383 -15.74 2.03 -89.89
N LYS H 384 -15.95 0.78 -89.49
CA LYS H 384 -14.84 -0.06 -89.04
C LYS H 384 -13.86 -0.33 -90.18
N LYS H 385 -14.37 -0.62 -91.38
CA LYS H 385 -13.47 -0.87 -92.51
C LYS H 385 -12.77 0.41 -92.98
N ALA H 386 -13.44 1.56 -92.84
CA ALA H 386 -12.79 2.82 -93.20
C ALA H 386 -11.71 3.19 -92.21
N PHE H 387 -11.87 2.81 -90.94
CA PHE H 387 -10.82 3.09 -89.96
C PHE H 387 -9.66 2.10 -90.06
N MET H 388 -9.98 0.82 -90.27
CA MET H 388 -8.94 -0.21 -90.31
C MET H 388 -8.14 -0.15 -91.60
N GLY H 389 -8.83 -0.09 -92.75
CA GLY H 389 -8.18 -0.14 -94.03
C GLY H 389 -8.27 -1.51 -94.65
N PRO H 390 -7.40 -1.80 -95.63
CA PRO H 390 -7.38 -3.14 -96.22
C PRO H 390 -6.69 -4.14 -95.29
N LEU H 391 -7.30 -5.31 -95.13
CA LEU H 391 -6.74 -6.34 -94.26
C LEU H 391 -6.01 -7.39 -95.08
N LYS H 392 -5.57 -8.46 -94.40
CA LYS H 392 -4.88 -9.55 -95.09
C LYS H 392 -5.87 -10.43 -95.83
N LYS H 393 -7.06 -10.65 -95.24
CA LYS H 393 -8.05 -11.52 -95.85
C LYS H 393 -8.76 -10.83 -97.01
N ASP H 394 -8.68 -9.50 -97.08
CA ASP H 394 -9.31 -8.75 -98.16
C ASP H 394 -8.35 -8.59 -99.34
N ALA I 1 -66.79 -98.70 21.44
CA ALA I 1 -67.78 -99.38 22.28
C ALA I 1 -67.10 -100.08 23.45
N CYS I 2 -67.90 -100.44 24.46
CA CYS I 2 -67.37 -101.15 25.61
C CYS I 2 -67.14 -102.62 25.30
N ALA I 3 -67.98 -103.20 24.45
CA ALA I 3 -67.88 -104.62 24.15
C ALA I 3 -66.81 -104.91 23.11
N ARG I 4 -66.24 -106.11 23.20
CA ARG I 4 -65.23 -106.58 22.25
C ARG I 4 -65.67 -107.92 21.68
N PRO I 5 -65.86 -108.01 20.36
CA PRO I 5 -66.37 -109.24 19.75
C PRO I 5 -65.34 -110.35 19.70
N LEU I 6 -65.72 -111.43 19.02
CA LEU I 6 -64.91 -112.65 18.97
C LEU I 6 -64.58 -112.95 17.50
N ILE I 7 -63.32 -112.76 17.13
CA ILE I 7 -62.87 -112.90 15.75
C ILE I 7 -62.39 -114.33 15.54
N SER I 8 -62.89 -114.97 14.48
CA SER I 8 -62.51 -116.35 14.15
C SER I 8 -61.22 -116.37 13.35
N VAL I 9 -60.34 -117.31 13.68
CA VAL I 9 -59.09 -117.49 12.95
C VAL I 9 -59.38 -118.37 11.74
N TYR I 10 -58.94 -117.93 10.57
CA TYR I 10 -59.19 -118.63 9.31
C TYR I 10 -58.01 -119.52 8.94
N SER I 11 -58.32 -120.62 8.26
CA SER I 11 -57.32 -121.61 7.89
C SER I 11 -56.55 -121.16 6.66
N GLU I 12 -55.55 -121.97 6.29
CA GLU I 12 -54.71 -121.63 5.14
C GLU I 12 -55.40 -121.96 3.82
N LYS I 13 -56.43 -122.81 3.85
CA LYS I 13 -57.17 -123.14 2.65
C LYS I 13 -58.35 -122.21 2.40
N GLY I 14 -58.56 -121.22 3.26
CA GLY I 14 -59.62 -120.25 3.05
C GLY I 14 -60.80 -120.40 3.97
N GLU I 15 -61.10 -121.64 4.36
CA GLU I 15 -62.27 -121.90 5.19
C GLU I 15 -62.01 -121.49 6.63
N SER I 16 -63.07 -121.55 7.44
CA SER I 16 -63.01 -121.10 8.82
C SER I 16 -62.58 -122.23 9.74
N SER I 17 -61.61 -121.96 10.60
CA SER I 17 -61.17 -122.91 11.60
C SER I 17 -62.00 -122.73 12.88
N GLY I 18 -61.74 -123.58 13.87
CA GLY I 18 -62.54 -123.55 15.08
C GLY I 18 -62.06 -122.53 16.11
N LYS I 19 -60.82 -122.06 15.95
CA LYS I 19 -60.23 -121.18 16.95
C LYS I 19 -60.81 -119.77 16.87
N ASN I 20 -61.07 -119.18 18.03
CA ASN I 20 -61.76 -117.90 18.15
C ASN I 20 -61.03 -117.06 19.18
N VAL I 21 -60.46 -115.93 18.73
CA VAL I 21 -59.72 -115.04 19.61
C VAL I 21 -60.54 -113.80 19.86
N THR I 22 -60.61 -113.36 21.11
CA THR I 22 -61.31 -112.13 21.47
C THR I 22 -60.57 -110.93 20.87
N LEU I 23 -61.34 -109.98 20.33
CA LEU I 23 -60.76 -108.81 19.68
C LEU I 23 -60.06 -107.92 20.71
N PRO I 24 -58.86 -107.45 20.43
CA PRO I 24 -58.19 -106.53 21.35
C PRO I 24 -58.88 -105.17 21.38
N ALA I 25 -58.59 -104.43 22.45
CA ALA I 25 -59.11 -103.07 22.59
C ALA I 25 -58.31 -102.05 21.79
N VAL I 26 -57.20 -102.48 21.18
CA VAL I 26 -56.46 -101.68 20.22
C VAL I 26 -57.35 -101.30 19.04
N PHE I 27 -58.21 -102.23 18.62
CA PHE I 27 -59.17 -101.94 17.55
C PHE I 27 -60.35 -101.11 18.03
N LYS I 28 -60.53 -100.98 19.34
CA LYS I 28 -61.56 -100.12 19.91
C LYS I 28 -61.01 -98.79 20.39
N ALA I 29 -59.72 -98.54 20.19
CA ALA I 29 -59.11 -97.24 20.45
C ALA I 29 -59.75 -96.15 19.57
N PRO I 30 -59.77 -94.90 20.04
CA PRO I 30 -60.46 -93.85 19.26
C PRO I 30 -59.69 -93.43 18.01
N ILE I 31 -60.41 -92.84 17.07
CA ILE I 31 -59.88 -92.42 15.78
C ILE I 31 -59.76 -90.90 15.75
N ARG I 32 -58.55 -90.39 15.52
CA ARG I 32 -58.36 -88.96 15.27
C ARG I 32 -57.45 -88.79 14.07
N PRO I 33 -58.03 -88.58 12.88
CA PRO I 33 -57.22 -88.46 11.66
C PRO I 33 -56.37 -87.20 11.61
N ASP I 34 -56.71 -86.16 12.37
CA ASP I 34 -55.83 -84.99 12.44
C ASP I 34 -54.52 -85.33 13.14
N ILE I 35 -54.58 -86.13 14.22
CA ILE I 35 -53.36 -86.58 14.88
C ILE I 35 -52.60 -87.57 14.00
N VAL I 36 -53.33 -88.44 13.27
CA VAL I 36 -52.66 -89.38 12.37
C VAL I 36 -51.93 -88.64 11.25
N ASN I 37 -52.55 -87.59 10.72
CA ASN I 37 -51.93 -86.80 9.66
C ASN I 37 -50.77 -85.98 10.19
N PHE I 38 -50.89 -85.47 11.42
CA PHE I 38 -49.81 -84.72 12.08
C PHE I 38 -48.57 -85.60 12.28
N VAL I 39 -48.76 -86.78 12.87
CA VAL I 39 -47.65 -87.69 13.14
C VAL I 39 -47.07 -88.22 11.82
N HIS I 40 -47.93 -88.46 10.82
CA HIS I 40 -47.46 -88.94 9.52
C HIS I 40 -46.59 -87.91 8.82
N THR I 41 -47.05 -86.66 8.75
CA THR I 41 -46.31 -85.64 8.02
C THR I 41 -45.11 -85.13 8.82
N ASN I 42 -45.06 -85.43 10.11
CA ASN I 42 -43.85 -85.09 10.85
C ASN I 42 -42.81 -86.22 10.81
N LEU I 43 -43.24 -87.47 10.77
CA LEU I 43 -42.28 -88.57 10.70
C LEU I 43 -41.86 -88.85 9.27
N ARG I 44 -42.61 -88.36 8.28
CA ARG I 44 -42.24 -88.54 6.88
C ARG I 44 -41.13 -87.57 6.47
N LYS I 45 -40.85 -86.56 7.31
CA LYS I 45 -39.74 -85.66 7.05
C LYS I 45 -38.41 -86.22 7.58
N ASN I 46 -38.45 -87.30 8.35
CA ASN I 46 -37.25 -87.79 9.02
C ASN I 46 -36.40 -88.69 8.14
N ASN I 47 -36.96 -89.28 7.09
CA ASN I 47 -36.19 -90.09 6.15
C ASN I 47 -35.87 -89.31 4.88
N ARG I 48 -35.64 -88.01 5.05
CA ARG I 48 -35.44 -87.08 3.94
C ARG I 48 -33.99 -86.62 3.94
N GLN I 49 -33.30 -86.87 2.82
CA GLN I 49 -31.91 -86.48 2.71
C GLN I 49 -31.80 -85.00 2.35
N PRO I 50 -30.76 -84.31 2.83
CA PRO I 50 -30.64 -82.88 2.55
C PRO I 50 -30.23 -82.58 1.13
N TYR I 51 -30.64 -81.42 0.64
CA TYR I 51 -30.11 -80.85 -0.59
C TYR I 51 -29.67 -79.42 -0.32
N ALA I 52 -28.58 -79.01 -0.98
CA ALA I 52 -28.02 -77.69 -0.72
C ALA I 52 -27.25 -77.21 -1.94
N VAL I 53 -27.47 -75.95 -2.31
CA VAL I 53 -26.66 -75.29 -3.32
C VAL I 53 -25.33 -74.91 -2.69
N SER I 54 -24.23 -75.12 -3.42
CA SER I 54 -22.89 -74.88 -2.89
C SER I 54 -22.66 -73.39 -2.62
N GLU I 55 -21.83 -73.13 -1.60
CA GLU I 55 -21.55 -71.76 -1.20
C GLU I 55 -20.61 -71.05 -2.17
N LEU I 56 -19.86 -71.81 -2.96
CA LEU I 56 -18.94 -71.19 -3.91
C LEU I 56 -19.64 -70.83 -5.22
N ALA I 57 -20.92 -71.18 -5.36
CA ALA I 57 -21.65 -70.93 -6.58
C ALA I 57 -21.98 -69.45 -6.75
N GLY I 58 -21.23 -68.75 -7.59
CA GLY I 58 -21.46 -67.35 -7.84
C GLY I 58 -20.38 -66.45 -7.29
N HIS I 59 -19.66 -66.93 -6.29
CA HIS I 59 -18.64 -66.12 -5.62
C HIS I 59 -17.23 -66.39 -6.14
N GLN I 60 -17.08 -67.33 -7.09
CA GLN I 60 -15.77 -67.59 -7.65
C GLN I 60 -15.36 -66.48 -8.62
N THR I 61 -16.34 -65.83 -9.24
CA THR I 61 -16.05 -64.72 -10.14
C THR I 61 -15.75 -63.45 -9.35
N SER I 62 -14.70 -62.75 -9.74
CA SER I 62 -14.39 -61.45 -9.16
C SER I 62 -15.02 -60.36 -10.02
N ALA I 63 -15.82 -59.51 -9.37
CA ALA I 63 -16.61 -58.52 -10.11
C ALA I 63 -16.76 -57.27 -9.25
N GLU I 64 -16.10 -56.18 -9.68
CA GLU I 64 -16.29 -54.89 -9.06
C GLU I 64 -17.31 -54.08 -9.86
N SER I 65 -18.16 -53.35 -9.16
CA SER I 65 -19.15 -52.52 -9.82
C SER I 65 -18.50 -51.30 -10.48
N TRP I 66 -19.03 -50.96 -11.64
CA TRP I 66 -18.55 -49.90 -12.50
C TRP I 66 -18.76 -48.53 -11.98
N GLY I 67 -19.54 -48.41 -10.93
CA GLY I 67 -19.76 -47.12 -10.34
C GLY I 67 -20.90 -46.44 -11.00
N THR I 68 -20.83 -45.12 -11.07
CA THR I 68 -21.88 -44.34 -11.68
C THR I 68 -21.32 -43.55 -12.83
N GLY I 69 -22.18 -43.23 -13.75
CA GLY I 69 -21.79 -42.65 -15.01
C GLY I 69 -21.93 -43.83 -15.98
N ARG I 70 -20.97 -44.02 -16.88
CA ARG I 70 -20.97 -45.19 -17.76
C ARG I 70 -22.31 -45.64 -18.29
N ALA I 71 -23.36 -45.08 -17.76
CA ALA I 71 -24.74 -45.31 -18.12
C ALA I 71 -25.21 -46.77 -18.06
N VAL I 72 -24.55 -47.50 -17.18
CA VAL I 72 -24.78 -48.90 -16.84
C VAL I 72 -25.57 -48.94 -15.54
N ALA I 73 -26.12 -50.12 -15.24
CA ALA I 73 -27.14 -50.23 -14.20
C ALA I 73 -26.58 -50.47 -12.81
N ARG I 74 -25.31 -50.12 -12.56
CA ARG I 74 -24.70 -50.10 -11.22
C ARG I 74 -24.66 -51.50 -10.62
N ILE I 75 -24.15 -52.44 -11.41
CA ILE I 75 -24.12 -53.87 -11.09
C ILE I 75 -22.65 -54.28 -11.07
N PRO I 76 -22.26 -55.16 -10.14
CA PRO I 76 -20.92 -55.76 -10.20
C PRO I 76 -20.72 -56.58 -11.47
N ARG I 77 -19.80 -56.12 -12.30
CA ARG I 77 -19.57 -56.70 -13.62
C ARG I 77 -18.16 -57.27 -13.70
N VAL I 78 -17.95 -58.19 -14.64
CA VAL I 78 -16.70 -58.94 -14.73
C VAL I 78 -15.59 -58.03 -15.23
N ARG I 79 -14.44 -58.09 -14.55
CA ARG I 79 -13.35 -57.13 -14.72
C ARG I 79 -12.59 -57.42 -16.01
N GLY I 80 -13.04 -56.79 -17.09
CA GLY I 80 -12.31 -56.77 -18.36
C GLY I 80 -12.22 -58.12 -19.05
N GLY I 81 -11.43 -58.13 -20.12
CA GLY I 81 -11.21 -59.34 -20.89
C GLY I 81 -11.76 -59.28 -22.30
N GLY I 82 -11.13 -60.00 -23.22
CA GLY I 82 -11.61 -60.10 -24.58
C GLY I 82 -12.44 -61.34 -24.79
N THR I 83 -13.55 -61.43 -24.08
CA THR I 83 -14.44 -62.58 -24.18
C THR I 83 -15.87 -62.10 -24.00
N HIS I 84 -16.81 -63.05 -24.05
CA HIS I 84 -18.22 -62.70 -23.87
C HIS I 84 -18.51 -62.29 -22.43
N ARG I 85 -17.85 -62.94 -21.47
CA ARG I 85 -18.05 -62.61 -20.06
C ARG I 85 -17.01 -61.57 -19.66
N SER I 86 -17.34 -60.31 -19.94
CA SER I 86 -16.48 -59.17 -19.63
C SER I 86 -17.38 -57.95 -19.53
N GLY I 87 -17.53 -57.42 -18.32
CA GLY I 87 -18.49 -56.35 -18.10
C GLY I 87 -19.92 -56.83 -18.21
N GLN I 88 -20.20 -58.03 -17.72
CA GLN I 88 -21.48 -58.69 -17.94
C GLN I 88 -22.41 -58.60 -16.73
N GLY I 89 -21.90 -58.82 -15.53
CA GLY I 89 -22.76 -58.86 -14.36
C GLY I 89 -22.75 -60.21 -13.69
N ALA I 90 -22.07 -60.33 -12.56
CA ALA I 90 -21.86 -61.62 -11.93
C ALA I 90 -22.71 -61.82 -10.68
N PHE I 91 -22.59 -60.92 -9.71
CA PHE I 91 -23.27 -61.10 -8.44
C PHE I 91 -24.73 -60.68 -8.53
N GLY I 92 -25.54 -61.20 -7.61
CA GLY I 92 -26.94 -60.89 -7.56
C GLY I 92 -27.81 -62.04 -8.05
N ASN I 93 -29.03 -62.09 -7.52
CA ASN I 93 -29.95 -63.17 -7.86
C ASN I 93 -30.56 -62.98 -9.25
N MET I 94 -30.54 -61.75 -9.76
CA MET I 94 -31.23 -61.46 -11.00
C MET I 94 -30.33 -61.59 -12.22
N CYS I 95 -29.02 -61.69 -12.01
CA CYS I 95 -28.10 -61.76 -13.14
C CYS I 95 -28.00 -63.18 -13.69
N ARG I 96 -27.58 -63.27 -14.95
CA ARG I 96 -27.33 -64.57 -15.56
C ARG I 96 -26.08 -65.20 -14.95
N GLY I 97 -26.20 -66.48 -14.57
CA GLY I 97 -25.14 -67.10 -13.80
C GLY I 97 -25.11 -66.53 -12.41
N GLY I 98 -23.96 -66.67 -11.75
CA GLY I 98 -23.83 -66.09 -10.44
C GLY I 98 -24.58 -66.88 -9.38
N ARG I 99 -25.14 -66.14 -8.42
CA ARG I 99 -25.76 -66.72 -7.24
C ARG I 99 -27.26 -66.52 -7.30
N MET I 100 -27.98 -67.30 -6.51
CA MET I 100 -29.42 -67.12 -6.35
C MET I 100 -29.74 -66.62 -4.95
N PHE I 101 -30.93 -66.05 -4.78
CA PHE I 101 -31.37 -65.59 -3.47
C PHE I 101 -31.60 -66.78 -2.55
N ALA I 102 -31.11 -66.65 -1.31
CA ALA I 102 -31.28 -67.61 -0.22
C ALA I 102 -30.74 -68.99 -0.58
N PRO I 103 -29.42 -69.18 -0.62
CA PRO I 103 -28.87 -70.52 -0.88
C PRO I 103 -29.28 -71.49 0.21
N THR I 104 -29.84 -72.63 -0.20
CA THR I 104 -30.34 -73.64 0.72
C THR I 104 -29.17 -74.26 1.48
N LYS I 105 -29.30 -74.34 2.79
CA LYS I 105 -28.19 -74.73 3.63
C LYS I 105 -28.26 -76.21 3.99
N THR I 106 -27.12 -76.75 4.42
CA THR I 106 -27.11 -78.11 4.95
C THR I 106 -27.73 -78.15 6.35
N TRP I 107 -27.71 -77.03 7.07
CA TRP I 107 -28.25 -76.99 8.43
C TRP I 107 -29.70 -76.52 8.49
N ARG I 108 -30.48 -76.81 7.44
CA ARG I 108 -31.92 -76.68 7.52
C ARG I 108 -32.46 -77.68 8.53
N ARG I 109 -33.53 -77.31 9.23
CA ARG I 109 -34.19 -78.22 10.18
C ARG I 109 -35.01 -79.21 9.36
N TRP I 110 -34.36 -80.31 8.97
CA TRP I 110 -35.03 -81.32 8.14
C TRP I 110 -35.92 -82.21 8.98
N HIS I 111 -35.45 -82.58 10.17
CA HIS I 111 -36.08 -83.63 10.96
C HIS I 111 -37.00 -83.03 12.01
N ARG I 112 -38.18 -83.64 12.18
CA ARG I 112 -39.16 -83.24 13.19
C ARG I 112 -39.39 -84.41 14.12
N ARG I 113 -39.27 -84.17 15.43
CA ARG I 113 -39.56 -85.20 16.41
C ARG I 113 -40.99 -85.08 16.91
N VAL I 114 -41.58 -86.25 17.21
CA VAL I 114 -42.95 -86.34 17.71
C VAL I 114 -42.85 -86.98 19.10
N ASN I 115 -43.78 -86.61 19.98
CA ASN I 115 -43.88 -87.24 21.29
C ASN I 115 -44.24 -88.72 21.14
N THR I 116 -43.74 -89.52 22.08
CA THR I 116 -43.92 -90.97 22.02
C THR I 116 -45.38 -91.35 22.19
N THR I 117 -46.10 -90.62 23.05
CA THR I 117 -47.53 -90.89 23.24
C THR I 117 -48.35 -90.52 22.01
N GLN I 118 -47.93 -89.48 21.28
CA GLN I 118 -48.61 -89.14 20.04
C GLN I 118 -48.31 -90.16 18.94
N LYS I 119 -47.08 -90.68 18.91
CA LYS I 119 -46.74 -91.75 17.98
C LYS I 119 -47.56 -93.01 18.25
N ARG I 120 -47.68 -93.37 19.53
CA ARG I 120 -48.48 -94.55 19.91
C ARG I 120 -49.96 -94.31 19.67
N TYR I 121 -50.43 -93.07 19.81
CA TYR I 121 -51.82 -92.77 19.50
C TYR I 121 -52.09 -92.89 18.01
N ALA I 122 -51.13 -92.46 17.18
CA ALA I 122 -51.26 -92.62 15.74
C ALA I 122 -51.26 -94.09 15.33
N ILE I 123 -50.42 -94.91 15.99
CA ILE I 123 -50.43 -96.35 15.72
C ILE I 123 -51.76 -96.98 16.14
N CYS I 124 -52.29 -96.60 17.31
CA CYS I 124 -53.55 -97.17 17.79
C CYS I 124 -54.73 -96.74 16.91
N SER I 125 -54.73 -95.50 16.42
CA SER I 125 -55.80 -95.06 15.53
C SER I 125 -55.70 -95.73 14.16
N ALA I 126 -54.47 -95.90 13.65
CA ALA I 126 -54.28 -96.56 12.36
C ALA I 126 -54.64 -98.04 12.43
N LEU I 127 -54.48 -98.67 13.60
CA LEU I 127 -54.92 -100.05 13.75
C LEU I 127 -56.41 -100.15 13.99
N ALA I 128 -57.00 -99.19 14.71
CA ALA I 128 -58.41 -99.28 15.04
C ALA I 128 -59.29 -98.96 13.85
N ALA I 129 -58.81 -98.12 12.92
CA ALA I 129 -59.59 -97.86 11.71
C ALA I 129 -59.47 -98.99 10.70
N SER I 130 -58.54 -99.92 10.91
CA SER I 130 -58.42 -101.06 10.01
C SER I 130 -59.43 -102.16 10.34
N ALA I 131 -60.30 -101.95 11.31
CA ALA I 131 -61.34 -102.94 11.63
C ALA I 131 -62.71 -102.49 11.17
N LEU I 132 -62.92 -101.20 10.99
CA LEU I 132 -64.22 -100.69 10.55
C LEU I 132 -64.41 -100.96 9.06
N PRO I 133 -65.63 -101.30 8.62
CA PRO I 133 -65.79 -101.69 7.21
C PRO I 133 -65.74 -100.53 6.24
N ALA I 134 -66.25 -99.36 6.61
CA ALA I 134 -66.33 -98.25 5.66
C ALA I 134 -64.98 -97.57 5.47
N LEU I 135 -64.13 -97.59 6.51
CA LEU I 135 -62.88 -96.83 6.44
C LEU I 135 -61.84 -97.54 5.59
N VAL I 136 -61.97 -98.87 5.45
CA VAL I 136 -61.03 -99.61 4.61
C VAL I 136 -61.37 -99.42 3.14
N MET I 137 -62.66 -99.42 2.80
CA MET I 137 -63.06 -99.16 1.42
C MET I 137 -62.85 -97.71 1.03
N SER I 138 -62.94 -96.80 2.01
CA SER I 138 -62.68 -95.39 1.72
C SER I 138 -61.19 -95.13 1.51
N LYS I 139 -60.34 -96.02 2.01
CA LYS I 139 -58.94 -96.00 1.60
C LYS I 139 -58.84 -96.45 0.14
N GLY I 140 -59.60 -97.47 -0.25
CA GLY I 140 -59.68 -97.85 -1.64
C GLY I 140 -59.60 -99.34 -1.91
N HIS I 141 -59.50 -100.15 -0.86
CA HIS I 141 -59.23 -101.57 -1.03
C HIS I 141 -60.48 -102.32 -1.47
N ARG I 142 -60.33 -103.17 -2.48
CA ARG I 142 -61.41 -104.03 -2.96
C ARG I 142 -61.54 -105.22 -2.01
N ILE I 143 -62.58 -105.22 -1.19
CA ILE I 143 -62.65 -106.13 -0.05
C ILE I 143 -64.01 -106.84 -0.07
N GLU I 144 -64.68 -106.82 -1.24
CA GLU I 144 -66.03 -107.34 -1.39
C GLU I 144 -66.09 -108.86 -1.18
N GLU I 145 -65.05 -109.59 -1.55
CA GLU I 145 -65.06 -111.04 -1.41
C GLU I 145 -64.33 -111.53 -0.16
N VAL I 146 -63.85 -110.63 0.69
CA VAL I 146 -63.12 -111.07 1.89
C VAL I 146 -64.12 -111.53 2.94
N PRO I 147 -63.93 -112.72 3.53
CA PRO I 147 -64.95 -113.26 4.44
C PRO I 147 -65.05 -112.54 5.78
N GLU I 148 -63.95 -112.06 6.33
CA GLU I 148 -64.02 -111.28 7.57
C GLU I 148 -62.94 -110.21 7.52
N LEU I 149 -63.33 -108.97 7.86
CA LEU I 149 -62.41 -107.85 7.65
C LEU I 149 -61.29 -107.79 8.67
N PRO I 150 -61.48 -108.13 9.98
CA PRO I 150 -60.31 -108.50 10.78
C PRO I 150 -59.78 -109.87 10.37
N LEU I 151 -59.02 -109.91 9.29
CA LEU I 151 -58.60 -111.18 8.66
C LEU I 151 -57.44 -111.76 9.46
N VAL I 152 -57.77 -112.72 10.31
CA VAL I 152 -56.77 -113.43 11.12
C VAL I 152 -56.57 -114.81 10.51
N VAL I 153 -55.33 -115.15 10.20
CA VAL I 153 -54.99 -116.40 9.53
C VAL I 153 -54.19 -117.24 10.51
N GLU I 154 -54.02 -118.52 10.21
CA GLU I 154 -53.30 -119.45 11.08
C GLU I 154 -51.82 -119.11 11.20
N ASP I 155 -51.13 -119.82 12.09
CA ASP I 155 -49.70 -119.63 12.30
C ASP I 155 -48.85 -120.39 11.28
N LYS I 156 -49.46 -121.02 10.28
CA LYS I 156 -48.71 -121.66 9.20
C LYS I 156 -48.30 -120.68 8.11
N VAL I 157 -48.63 -119.40 8.25
CA VAL I 157 -48.28 -118.41 7.23
C VAL I 157 -46.79 -118.08 7.32
N GLU I 158 -46.23 -118.10 8.53
CA GLU I 158 -44.78 -117.91 8.68
C GLU I 158 -44.00 -119.10 8.13
N GLY I 159 -44.65 -120.27 8.02
CA GLY I 159 -43.97 -121.45 7.50
C GLY I 159 -43.79 -121.44 6.00
N TYR I 160 -44.53 -120.60 5.27
CA TYR I 160 -44.39 -120.54 3.83
C TYR I 160 -43.09 -119.87 3.43
N LYS I 161 -42.47 -120.40 2.38
CA LYS I 161 -41.22 -119.84 1.85
C LYS I 161 -41.28 -119.68 0.33
N LYS I 162 -42.46 -119.75 -0.26
CA LYS I 162 -42.61 -119.67 -1.71
C LYS I 162 -43.68 -118.64 -2.06
N THR I 163 -43.36 -117.82 -3.06
CA THR I 163 -44.30 -116.79 -3.51
C THR I 163 -45.51 -117.39 -4.21
N LYS I 164 -45.34 -118.58 -4.82
CA LYS I 164 -46.48 -119.27 -5.41
C LYS I 164 -47.47 -119.71 -4.33
N GLU I 165 -46.95 -120.22 -3.22
CA GLU I 165 -47.81 -120.58 -2.09
C GLU I 165 -48.41 -119.34 -1.43
N ALA I 166 -47.70 -118.21 -1.46
CA ALA I 166 -48.25 -116.96 -0.94
C ALA I 166 -49.39 -116.44 -1.82
N VAL I 167 -49.23 -116.52 -3.14
CA VAL I 167 -50.29 -116.15 -4.08
C VAL I 167 -51.49 -117.07 -3.90
N LEU I 168 -51.24 -118.37 -3.68
CA LEU I 168 -52.33 -119.30 -3.44
C LEU I 168 -53.06 -119.02 -2.13
N LEU I 169 -52.32 -118.58 -1.10
CA LEU I 169 -52.95 -118.17 0.16
C LEU I 169 -53.81 -116.93 -0.03
N LEU I 170 -53.34 -115.99 -0.86
CA LEU I 170 -54.13 -114.80 -1.17
C LEU I 170 -55.38 -115.15 -1.99
N LYS I 171 -55.28 -116.17 -2.87
CA LYS I 171 -56.46 -116.62 -3.61
C LYS I 171 -57.47 -117.26 -2.68
N LYS I 172 -57.01 -118.08 -1.72
CA LYS I 172 -57.93 -118.75 -0.81
C LYS I 172 -58.53 -117.77 0.20
N LEU I 173 -57.79 -116.72 0.55
CA LEU I 173 -58.35 -115.67 1.40
C LEU I 173 -59.17 -114.65 0.62
N LYS I 174 -59.13 -114.72 -0.72
CA LYS I 174 -59.93 -113.88 -1.63
C LYS I 174 -59.63 -112.40 -1.45
N ALA I 175 -58.37 -112.11 -1.13
CA ALA I 175 -57.87 -110.73 -1.11
C ALA I 175 -57.04 -110.41 -2.36
N TRP I 176 -57.05 -111.30 -3.36
CA TRP I 176 -56.23 -111.12 -4.56
C TRP I 176 -56.73 -109.98 -5.45
N ASN I 177 -57.97 -109.53 -5.25
CA ASN I 177 -58.50 -108.42 -6.06
C ASN I 177 -57.75 -107.11 -5.78
N ASP I 178 -57.24 -106.94 -4.56
CA ASP I 178 -56.45 -105.75 -4.26
C ASP I 178 -55.09 -105.80 -4.95
N ILE I 179 -54.47 -106.98 -5.01
CA ILE I 179 -53.20 -107.12 -5.70
C ILE I 179 -53.38 -106.96 -7.20
N LYS I 180 -54.49 -107.46 -7.74
CA LYS I 180 -54.79 -107.26 -9.15
C LYS I 180 -55.12 -105.80 -9.46
N LYS I 181 -55.71 -105.09 -8.48
CA LYS I 181 -55.88 -103.64 -8.57
C LYS I 181 -54.54 -102.92 -8.62
N VAL I 182 -53.56 -103.41 -7.84
CA VAL I 182 -52.20 -102.86 -7.88
C VAL I 182 -51.56 -103.09 -9.25
N TYR I 183 -51.73 -104.29 -9.81
CA TYR I 183 -51.23 -104.58 -11.16
C TYR I 183 -51.89 -103.67 -12.21
N ALA I 184 -53.19 -103.42 -12.08
CA ALA I 184 -53.87 -102.53 -13.01
C ALA I 184 -53.44 -101.09 -12.83
N SER I 185 -53.07 -100.70 -11.60
CA SER I 185 -52.66 -99.33 -11.33
C SER I 185 -51.15 -99.14 -11.26
N GLN I 186 -50.37 -100.07 -11.78
CA GLN I 186 -48.95 -99.78 -12.06
C GLN I 186 -48.87 -98.86 -13.28
N ARG I 187 -48.47 -97.61 -13.08
CA ARG I 187 -48.42 -96.66 -14.18
C ARG I 187 -47.16 -95.80 -14.05
N MET I 188 -47.03 -94.84 -14.96
CA MET I 188 -45.86 -93.97 -15.01
C MET I 188 -46.05 -92.76 -14.09
N ARG I 189 -44.96 -92.32 -13.47
CA ARG I 189 -44.98 -91.12 -12.65
C ARG I 189 -45.01 -89.87 -13.53
N ALA I 190 -45.80 -88.88 -13.13
CA ALA I 190 -45.89 -87.61 -13.83
C ALA I 190 -44.80 -86.67 -13.32
N GLY I 191 -43.95 -86.20 -14.23
CA GLY I 191 -43.07 -85.09 -13.94
C GLY I 191 -41.60 -85.49 -14.00
N LYS I 192 -40.76 -84.70 -13.32
CA LYS I 192 -39.31 -84.86 -13.31
C LYS I 192 -38.82 -85.92 -12.35
N GLY I 193 -39.72 -86.68 -11.72
CA GLY I 193 -39.28 -87.72 -10.80
C GLY I 193 -38.75 -88.95 -11.51
N LYS I 194 -38.97 -89.05 -12.82
CA LYS I 194 -38.53 -90.23 -13.57
C LYS I 194 -37.02 -90.25 -13.72
N MET I 195 -36.38 -89.08 -13.80
CA MET I 195 -34.94 -88.97 -13.88
C MET I 195 -34.28 -88.79 -12.51
N ARG I 196 -35.00 -89.14 -11.44
CA ARG I 196 -34.48 -89.06 -10.08
C ARG I 196 -34.74 -90.36 -9.35
N ASN I 197 -34.67 -91.48 -10.10
CA ASN I 197 -34.81 -92.85 -9.60
C ASN I 197 -36.15 -93.08 -8.91
N ARG I 198 -37.20 -92.50 -9.48
CA ARG I 198 -38.58 -92.69 -9.02
C ARG I 198 -39.46 -92.96 -10.24
N ARG I 199 -39.00 -93.90 -11.08
CA ARG I 199 -39.61 -94.14 -12.39
C ARG I 199 -41.00 -94.77 -12.28
N ARG I 200 -41.09 -95.94 -11.67
CA ARG I 200 -42.35 -96.66 -11.62
C ARG I 200 -43.08 -96.40 -10.30
N ILE I 201 -44.39 -96.18 -10.41
CA ILE I 201 -45.26 -96.00 -9.25
C ILE I 201 -46.38 -97.02 -9.31
N GLN I 202 -46.93 -97.34 -8.15
CA GLN I 202 -47.99 -98.33 -8.04
C GLN I 202 -48.79 -98.07 -6.78
N ARG I 203 -49.86 -98.84 -6.61
CA ARG I 203 -50.72 -98.73 -5.45
C ARG I 203 -50.15 -99.57 -4.30
N ARG I 204 -50.29 -99.07 -3.08
CA ARG I 204 -50.04 -99.88 -1.91
C ARG I 204 -51.11 -100.96 -1.79
N GLY I 205 -50.67 -102.15 -1.37
CA GLY I 205 -51.57 -103.27 -1.25
C GLY I 205 -51.89 -103.59 0.20
N PRO I 206 -52.39 -104.80 0.45
CA PRO I 206 -52.70 -105.20 1.82
C PRO I 206 -51.43 -105.43 2.64
N CYS I 207 -51.38 -104.83 3.82
CA CYS I 207 -50.26 -105.07 4.71
C CYS I 207 -50.38 -106.46 5.34
N VAL I 208 -49.23 -107.05 5.70
CA VAL I 208 -49.18 -108.34 6.37
C VAL I 208 -48.31 -108.18 7.61
N ILE I 209 -48.85 -108.52 8.78
CA ILE I 209 -48.12 -108.42 10.03
C ILE I 209 -47.75 -109.81 10.53
N TYR I 210 -46.46 -110.04 10.73
CA TYR I 210 -45.92 -111.31 11.20
C TYR I 210 -45.30 -111.12 12.57
N ASN I 211 -45.31 -112.18 13.38
CA ASN I 211 -44.66 -112.13 14.68
C ASN I 211 -43.20 -112.55 14.58
N GLU I 212 -42.94 -113.77 14.09
CA GLU I 212 -41.59 -114.25 13.87
C GLU I 212 -41.37 -114.39 12.37
N ASP I 213 -40.10 -114.31 11.95
CA ASP I 213 -39.74 -114.43 10.55
C ASP I 213 -39.17 -115.82 10.30
N ASN I 214 -39.98 -116.69 9.70
CA ASN I 214 -39.52 -118.03 9.37
C ASN I 214 -39.67 -118.25 7.87
N GLY I 215 -39.43 -117.19 7.10
CA GLY I 215 -39.59 -117.25 5.66
C GLY I 215 -40.79 -116.51 5.11
N ILE I 216 -41.59 -115.87 5.98
CA ILE I 216 -42.77 -115.15 5.53
C ILE I 216 -42.39 -113.91 4.74
N VAL I 217 -41.27 -113.27 5.06
CA VAL I 217 -40.82 -112.10 4.33
C VAL I 217 -40.34 -112.50 2.94
N LYS I 218 -39.59 -113.62 2.86
CA LYS I 218 -39.16 -114.14 1.57
C LYS I 218 -40.33 -114.61 0.72
N ALA I 219 -41.40 -115.08 1.37
CA ALA I 219 -42.56 -115.57 0.61
C ALA I 219 -43.45 -114.43 0.14
N PHE I 220 -43.53 -113.33 0.89
CA PHE I 220 -44.49 -112.27 0.57
C PHE I 220 -43.87 -110.98 0.05
N ARG I 221 -42.55 -110.85 -0.04
CA ARG I 221 -42.01 -109.55 -0.44
C ARG I 221 -42.01 -109.38 -1.96
N ASN I 222 -42.04 -110.47 -2.73
CA ASN I 222 -41.94 -110.34 -4.18
C ASN I 222 -43.27 -109.98 -4.81
N ILE I 223 -44.37 -110.18 -4.11
CA ILE I 223 -45.68 -109.78 -4.63
C ILE I 223 -45.83 -108.27 -4.47
N PRO I 224 -46.09 -107.53 -5.54
CA PRO I 224 -46.12 -106.06 -5.44
C PRO I 224 -47.34 -105.56 -4.69
N GLY I 225 -47.11 -104.73 -3.68
CA GLY I 225 -48.16 -104.11 -2.88
C GLY I 225 -48.09 -104.47 -1.41
N ILE I 226 -47.78 -105.72 -1.09
CA ILE I 226 -47.76 -106.19 0.29
C ILE I 226 -46.54 -105.63 0.99
N THR I 227 -46.76 -104.92 2.09
CA THR I 227 -45.70 -104.50 2.99
C THR I 227 -45.74 -105.37 4.24
N LEU I 228 -44.57 -105.83 4.68
CA LEU I 228 -44.48 -106.68 5.85
C LEU I 228 -44.15 -105.84 7.07
N LEU I 229 -44.84 -106.12 8.18
CA LEU I 229 -44.57 -105.44 9.44
C LEU I 229 -44.46 -106.46 10.55
N ASN I 230 -43.49 -106.24 11.43
CA ASN I 230 -43.37 -106.98 12.67
C ASN I 230 -44.33 -106.38 13.69
N VAL I 231 -44.67 -107.17 14.71
CA VAL I 231 -45.68 -106.74 15.68
C VAL I 231 -45.14 -105.66 16.59
N THR I 232 -43.89 -105.80 17.05
CA THR I 232 -43.33 -104.81 17.97
C THR I 232 -42.81 -103.59 17.22
N LYS I 233 -42.64 -103.70 15.91
CA LYS I 233 -42.05 -102.63 15.12
C LYS I 233 -43.02 -102.06 14.10
N LEU I 234 -44.27 -101.82 14.52
CA LEU I 234 -45.27 -101.24 13.64
C LEU I 234 -44.93 -99.79 13.32
N ASN I 235 -45.18 -99.41 12.06
CA ASN I 235 -44.79 -98.11 11.53
C ASN I 235 -46.02 -97.34 11.09
N ILE I 236 -46.05 -96.05 11.45
CA ILE I 236 -47.14 -95.16 11.07
C ILE I 236 -47.16 -94.95 9.56
N LEU I 237 -45.98 -94.89 8.94
CA LEU I 237 -45.86 -94.61 7.51
C LEU I 237 -46.36 -95.78 6.66
N LYS I 238 -46.47 -96.97 7.24
CA LYS I 238 -46.96 -98.13 6.52
C LYS I 238 -48.36 -98.55 6.97
N LEU I 239 -48.75 -98.20 8.19
CA LEU I 239 -50.13 -98.47 8.62
C LEU I 239 -51.09 -97.41 8.10
N ALA I 240 -50.62 -96.18 7.88
CA ALA I 240 -51.43 -95.11 7.30
C ALA I 240 -50.63 -94.44 6.19
N PRO I 241 -50.70 -94.97 4.97
CA PRO I 241 -49.96 -94.35 3.87
C PRO I 241 -50.60 -93.04 3.43
N GLY I 242 -49.78 -92.00 3.35
CA GLY I 242 -50.26 -90.71 2.92
C GLY I 242 -51.07 -89.95 3.93
N GLY I 243 -51.04 -90.36 5.20
CA GLY I 243 -51.83 -89.71 6.22
C GLY I 243 -53.29 -90.10 6.22
N HIS I 244 -53.65 -91.09 5.39
CA HIS I 244 -55.02 -91.57 5.29
C HIS I 244 -55.13 -92.86 6.07
N VAL I 245 -56.19 -92.96 6.86
CA VAL I 245 -56.27 -93.95 7.93
C VAL I 245 -57.14 -95.10 7.45
N GLY I 246 -56.82 -96.31 7.88
CA GLY I 246 -57.63 -97.47 7.51
C GLY I 246 -57.11 -98.28 6.34
N ARG I 247 -55.84 -98.69 6.40
CA ARG I 247 -55.29 -99.62 5.43
C ARG I 247 -55.62 -101.05 5.85
N PHE I 248 -55.95 -101.90 4.87
CA PHE I 248 -56.30 -103.29 5.14
C PHE I 248 -55.05 -104.06 5.55
N CYS I 249 -55.15 -104.75 6.68
CA CYS I 249 -54.06 -105.52 7.26
C CYS I 249 -54.46 -106.98 7.37
N ILE I 250 -53.47 -107.86 7.29
CA ILE I 250 -53.64 -109.29 7.40
C ILE I 250 -52.81 -109.75 8.58
N TRP I 251 -53.50 -110.25 9.61
CA TRP I 251 -52.86 -110.68 10.84
C TRP I 251 -52.74 -112.19 10.88
N THR I 252 -51.73 -112.67 11.58
CA THR I 252 -51.65 -114.08 11.95
C THR I 252 -52.22 -114.24 13.35
N GLU I 253 -52.26 -115.49 13.83
CA GLU I 253 -52.87 -115.76 15.11
C GLU I 253 -52.03 -115.22 16.27
N SER I 254 -50.71 -115.45 16.22
CA SER I 254 -49.83 -114.94 17.26
C SER I 254 -49.71 -113.42 17.21
N ALA I 255 -49.72 -112.85 16.00
CA ALA I 255 -49.70 -111.39 15.85
C ALA I 255 -51.00 -110.77 16.34
N PHE I 256 -52.12 -111.47 16.20
CA PHE I 256 -53.40 -110.95 16.65
C PHE I 256 -53.56 -111.12 18.15
N ARG I 257 -52.87 -112.10 18.73
CA ARG I 257 -52.92 -112.26 20.18
C ARG I 257 -51.89 -111.38 20.88
N LYS I 258 -50.85 -110.92 20.17
CA LYS I 258 -49.79 -110.16 20.81
C LYS I 258 -50.16 -108.69 21.01
N LEU I 259 -51.26 -108.22 20.41
CA LEU I 259 -51.65 -106.82 20.54
C LEU I 259 -52.16 -106.51 21.94
N ASP I 260 -52.83 -107.47 22.58
CA ASP I 260 -53.27 -107.27 23.95
C ASP I 260 -52.08 -107.31 24.92
N ASP I 261 -51.00 -107.98 24.52
CA ASP I 261 -49.78 -107.94 25.33
C ASP I 261 -49.03 -106.63 25.12
N LEU I 262 -49.08 -106.07 23.90
CA LEU I 262 -48.42 -104.80 23.63
C LEU I 262 -49.14 -103.64 24.31
N TYR I 263 -50.40 -103.42 23.98
CA TYR I 263 -51.09 -102.20 24.40
C TYR I 263 -52.07 -102.41 25.54
N GLY I 264 -52.62 -103.61 25.69
CA GLY I 264 -53.53 -103.89 26.78
C GLY I 264 -54.91 -103.30 26.60
N THR I 265 -55.82 -103.62 27.52
CA THR I 265 -57.13 -102.99 27.55
C THR I 265 -57.07 -101.74 28.41
N TRP I 266 -58.24 -101.18 28.74
CA TRP I 266 -58.25 -99.94 29.51
C TRP I 266 -58.01 -100.20 31.00
N ARG I 267 -58.19 -101.43 31.45
CA ARG I 267 -57.95 -101.77 32.86
C ARG I 267 -56.66 -102.54 33.08
N LYS I 268 -56.01 -103.02 32.01
CA LYS I 268 -54.73 -103.70 32.11
C LYS I 268 -53.70 -102.88 31.37
N ALA I 269 -52.60 -102.55 32.04
CA ALA I 269 -51.58 -101.71 31.43
C ALA I 269 -50.74 -102.52 30.44
N ALA I 270 -49.79 -101.84 29.81
CA ALA I 270 -48.91 -102.48 28.84
C ALA I 270 -47.93 -103.40 29.54
N SER I 271 -47.85 -104.65 29.08
CA SER I 271 -46.92 -105.61 29.67
C SER I 271 -45.52 -105.47 29.10
N LEU I 272 -45.42 -105.18 27.79
CA LEU I 272 -44.10 -105.06 27.17
C LEU I 272 -43.54 -103.65 27.34
N LYS I 273 -44.37 -102.62 27.25
CA LYS I 273 -43.89 -101.26 27.41
C LYS I 273 -43.71 -100.93 28.89
N SER I 274 -43.04 -99.82 29.16
CA SER I 274 -42.78 -99.42 30.54
C SER I 274 -44.05 -98.89 31.21
N ASN I 275 -44.62 -97.81 30.65
CA ASN I 275 -45.82 -97.20 31.22
C ASN I 275 -46.62 -96.61 30.07
N TYR I 276 -47.62 -97.35 29.61
CA TYR I 276 -48.51 -96.88 28.55
C TYR I 276 -49.87 -97.53 28.73
N ASN I 277 -50.88 -96.72 28.99
CA ASN I 277 -52.27 -97.17 28.97
C ASN I 277 -52.91 -96.78 27.64
N LEU I 278 -54.12 -97.31 27.42
CA LEU I 278 -54.88 -96.91 26.26
C LEU I 278 -55.35 -95.46 26.39
N PRO I 279 -55.50 -94.75 25.27
CA PRO I 279 -56.03 -93.39 25.34
C PRO I 279 -57.51 -93.37 25.69
N MET I 280 -57.97 -92.21 26.16
CA MET I 280 -59.31 -92.10 26.68
C MET I 280 -60.25 -91.53 25.63
N HIS I 281 -61.44 -92.14 25.53
CA HIS I 281 -62.47 -91.63 24.64
C HIS I 281 -63.05 -90.33 25.16
N LYS I 282 -63.20 -89.35 24.26
CA LYS I 282 -63.88 -88.12 24.62
C LYS I 282 -65.38 -88.36 24.79
N MET I 283 -65.94 -89.26 23.98
CA MET I 283 -67.33 -89.67 24.11
C MET I 283 -67.42 -91.14 23.74
N LEU I 284 -68.26 -91.88 24.48
CA LEU I 284 -68.35 -93.32 24.27
C LEU I 284 -69.38 -93.67 23.20
N ASN I 285 -70.62 -93.25 23.41
CA ASN I 285 -71.67 -93.44 22.41
C ASN I 285 -71.47 -92.42 21.30
N THR I 286 -70.70 -92.80 20.30
CA THR I 286 -70.40 -91.88 19.20
C THR I 286 -71.56 -91.79 18.20
N ASP I 287 -72.49 -92.74 18.24
CA ASP I 287 -73.68 -92.68 17.41
C ASP I 287 -74.62 -91.63 17.99
N LEU I 288 -74.54 -90.39 17.49
CA LEU I 288 -75.35 -89.33 18.07
C LEU I 288 -76.80 -89.40 17.60
N SER I 289 -77.09 -90.15 16.53
CA SER I 289 -78.46 -90.23 16.03
C SER I 289 -79.37 -90.95 17.01
N ARG I 290 -78.89 -92.07 17.57
CA ARG I 290 -79.64 -92.80 18.60
C ARG I 290 -79.77 -91.98 19.87
N ILE I 291 -78.79 -91.11 20.14
CA ILE I 291 -78.88 -90.20 21.28
C ILE I 291 -79.97 -89.16 21.04
N LEU I 292 -80.06 -88.64 19.81
CA LEU I 292 -81.02 -87.59 19.50
C LEU I 292 -82.45 -88.11 19.47
N LYS I 293 -82.69 -89.25 18.82
CA LYS I 293 -84.03 -89.84 18.82
C LYS I 293 -84.18 -90.88 19.93
N SER I 294 -83.80 -90.46 21.13
CA SER I 294 -83.97 -91.24 22.35
C SER I 294 -85.14 -90.69 23.16
N PRO I 295 -85.82 -91.55 23.93
CA PRO I 295 -86.96 -91.06 24.72
C PRO I 295 -86.57 -90.16 25.88
N GLU I 296 -85.29 -90.16 26.29
CA GLU I 296 -84.86 -89.31 27.39
C GLU I 296 -84.77 -87.85 26.96
N ILE I 297 -84.20 -87.60 25.78
CA ILE I 297 -84.00 -86.22 25.33
C ILE I 297 -85.28 -85.66 24.71
N GLN I 298 -85.97 -86.47 23.89
CA GLN I 298 -87.11 -85.99 23.13
C GLN I 298 -88.31 -85.64 24.00
N ARG I 299 -88.33 -86.07 25.25
CA ARG I 299 -89.39 -85.66 26.17
C ARG I 299 -89.25 -84.18 26.54
N ALA I 300 -88.04 -83.76 26.91
CA ALA I 300 -87.80 -82.40 27.38
C ALA I 300 -87.21 -81.55 26.25
N LEU I 301 -88.04 -81.33 25.23
CA LEU I 301 -87.70 -80.43 24.14
C LEU I 301 -88.90 -79.55 23.82
N ARG I 302 -88.66 -78.49 23.06
CA ARG I 302 -89.76 -77.65 22.61
C ARG I 302 -90.27 -78.12 21.26
N ALA I 303 -91.25 -77.39 20.74
CA ALA I 303 -91.81 -77.71 19.43
C ALA I 303 -90.91 -77.17 18.32
N PRO I 304 -90.71 -77.94 17.24
CA PRO I 304 -89.89 -77.46 16.12
C PRO I 304 -90.64 -76.44 15.28
N ARG I 305 -90.03 -75.27 15.10
CA ARG I 305 -90.60 -74.20 14.29
C ARG I 305 -90.07 -74.34 12.86
N LYS I 306 -90.75 -75.18 12.07
CA LYS I 306 -90.30 -75.49 10.72
C LYS I 306 -91.09 -74.78 9.63
N LYS I 307 -91.95 -73.83 10.01
CA LYS I 307 -92.69 -73.06 9.01
C LYS I 307 -91.82 -71.96 8.45
N ILE I 308 -91.67 -71.94 7.13
CA ILE I 308 -90.83 -70.95 6.47
C ILE I 308 -91.60 -69.64 6.35
N HIS I 309 -91.07 -68.59 6.97
CA HIS I 309 -91.71 -67.28 6.97
C HIS I 309 -90.88 -66.34 6.08
N ARG I 310 -91.39 -66.07 4.88
CA ARG I 310 -90.72 -65.21 3.93
C ARG I 310 -91.22 -63.77 4.10
N ARG I 311 -90.67 -62.87 3.29
CA ARG I 311 -91.07 -61.47 3.37
C ARG I 311 -92.45 -61.27 2.74
N VAL I 312 -93.24 -60.41 3.35
CA VAL I 312 -94.53 -60.03 2.79
C VAL I 312 -94.37 -58.74 2.01
N LEU I 313 -95.00 -58.68 0.84
CA LEU I 313 -94.95 -57.48 0.00
C LEU I 313 -95.81 -56.40 0.63
N LYS I 314 -95.19 -55.28 1.00
CA LYS I 314 -95.93 -54.21 1.65
C LYS I 314 -96.83 -53.49 0.65
N LYS I 315 -98.12 -53.80 0.69
CA LYS I 315 -99.09 -53.11 -0.15
C LYS I 315 -99.54 -51.84 0.57
N ASN I 316 -99.72 -50.78 -0.20
CA ASN I 316 -99.97 -49.45 0.36
C ASN I 316 -101.42 -49.36 0.85
N PRO I 317 -101.65 -49.12 2.15
CA PRO I 317 -103.04 -49.02 2.64
C PRO I 317 -103.79 -47.80 2.12
N LEU I 318 -103.07 -46.76 1.70
CA LEU I 318 -103.73 -45.61 1.10
C LEU I 318 -104.28 -45.94 -0.28
N LYS I 319 -103.59 -46.83 -1.00
CA LYS I 319 -104.04 -47.24 -2.32
C LYS I 319 -104.89 -48.49 -2.25
N ASN I 320 -104.40 -49.51 -1.54
CA ASN I 320 -105.11 -50.79 -1.49
C ASN I 320 -106.22 -50.71 -0.46
N LEU I 321 -107.38 -51.26 -0.80
CA LEU I 321 -108.56 -51.19 0.06
C LEU I 321 -108.51 -52.25 1.16
N ARG I 322 -108.18 -53.49 0.80
CA ARG I 322 -108.33 -54.59 1.76
C ARG I 322 -107.18 -54.63 2.75
N ILE I 323 -106.01 -54.12 2.39
CA ILE I 323 -104.94 -53.96 3.36
C ILE I 323 -105.30 -52.90 4.39
N MET I 324 -105.97 -51.84 3.93
CA MET I 324 -106.51 -50.81 4.84
C MET I 324 -107.59 -51.40 5.73
N LEU I 325 -108.39 -52.32 5.21
CA LEU I 325 -109.40 -52.99 6.04
C LEU I 325 -108.76 -53.91 7.07
N LYS I 326 -107.68 -54.60 6.68
CA LYS I 326 -106.98 -55.50 7.61
C LYS I 326 -106.30 -54.72 8.73
N LEU I 327 -105.75 -53.55 8.41
CA LEU I 327 -105.10 -52.75 9.45
C LEU I 327 -106.13 -51.96 10.26
N ASN I 328 -107.28 -51.67 9.67
CA ASN I 328 -108.32 -50.84 10.31
C ASN I 328 -109.68 -51.27 9.80
N PRO I 329 -110.48 -51.97 10.61
CA PRO I 329 -111.86 -52.28 10.21
C PRO I 329 -112.75 -51.05 10.09
N TYR I 330 -112.48 -49.99 10.84
CA TYR I 330 -113.34 -48.82 10.84
C TYR I 330 -113.18 -47.99 9.56
N ALA I 331 -112.13 -48.26 8.78
CA ALA I 331 -111.99 -47.63 7.47
C ALA I 331 -113.09 -48.07 6.51
N LYS I 332 -113.68 -49.26 6.73
CA LYS I 332 -114.83 -49.70 5.95
C LYS I 332 -116.00 -48.74 6.12
N THR I 333 -116.32 -48.38 7.36
CA THR I 333 -117.41 -47.44 7.59
C THR I 333 -116.99 -46.01 7.25
N MET I 334 -115.72 -45.67 7.41
CA MET I 334 -115.24 -44.34 7.03
C MET I 334 -115.32 -44.12 5.52
N ARG I 335 -115.14 -45.18 4.73
CA ARG I 335 -115.26 -45.02 3.29
C ARG I 335 -116.68 -45.32 2.80
N ARG I 336 -117.48 -46.05 3.58
CA ARG I 336 -118.91 -46.16 3.28
C ARG I 336 -119.60 -44.83 3.49
N ASN I 337 -119.28 -44.13 4.57
CA ASN I 337 -119.62 -42.72 4.68
C ASN I 337 -118.73 -41.90 3.75
N THR I 338 -119.13 -40.66 3.52
CA THR I 338 -118.60 -39.74 2.51
C THR I 338 -118.66 -40.30 1.09
N ILE I 339 -119.55 -41.27 0.83
CA ILE I 339 -120.03 -41.55 -0.51
C ILE I 339 -121.50 -41.20 -0.49
N LEU I 340 -122.22 -41.75 0.49
CA LEU I 340 -123.61 -41.42 0.71
C LEU I 340 -123.77 -39.95 1.08
N ARG I 341 -122.85 -39.42 1.90
CA ARG I 341 -122.89 -38.02 2.29
C ARG I 341 -122.62 -37.10 1.12
N GLN I 342 -121.62 -37.45 0.30
CA GLN I 342 -121.28 -36.60 -0.85
C GLN I 342 -122.35 -36.68 -1.93
N ALA I 343 -122.97 -37.85 -2.12
CA ALA I 343 -124.06 -37.97 -3.09
C ALA I 343 -125.30 -37.23 -2.61
N ARG I 344 -125.58 -37.27 -1.30
CA ARG I 344 -126.72 -36.53 -0.76
C ARG I 344 -126.49 -35.02 -0.86
N ASN I 345 -125.26 -34.57 -0.60
CA ASN I 345 -124.94 -33.16 -0.75
C ASN I 345 -124.97 -32.73 -2.21
N HIS I 346 -124.60 -33.62 -3.13
CA HIS I 346 -124.68 -33.29 -4.55
C HIS I 346 -126.14 -33.20 -5.01
N LYS I 347 -127.00 -34.09 -4.51
CA LYS I 347 -128.43 -33.99 -4.83
C LYS I 347 -129.06 -32.75 -4.21
N LEU I 348 -128.60 -32.34 -3.03
CA LEU I 348 -129.08 -31.09 -2.45
C LEU I 348 -128.59 -29.89 -3.26
N ARG I 349 -127.38 -29.97 -3.82
CA ARG I 349 -126.88 -28.90 -4.68
C ARG I 349 -127.68 -28.81 -5.98
N VAL I 350 -128.05 -29.97 -6.54
CA VAL I 350 -128.90 -29.99 -7.74
C VAL I 350 -130.29 -29.45 -7.43
N GLU I 351 -130.83 -29.76 -6.25
CA GLU I 351 -132.13 -29.22 -5.86
C GLU I 351 -132.08 -27.71 -5.63
N ARG I 352 -130.99 -27.21 -5.06
CA ARG I 352 -130.84 -25.76 -4.89
C ARG I 352 -130.66 -25.05 -6.23
N ALA I 353 -129.95 -25.68 -7.17
CA ALA I 353 -129.82 -25.10 -8.51
C ALA I 353 -131.15 -25.11 -9.26
N ALA I 354 -131.96 -26.16 -9.06
CA ALA I 354 -133.27 -26.22 -9.69
C ALA I 354 -134.22 -25.19 -9.09
N ALA I 355 -134.12 -24.96 -7.77
CA ALA I 355 -134.92 -23.91 -7.14
C ALA I 355 -134.47 -22.53 -7.60
N ALA I 356 -133.17 -22.34 -7.84
CA ALA I 356 -132.68 -21.06 -8.36
C ALA I 356 -133.15 -20.84 -9.79
N LEU I 357 -133.17 -21.88 -10.61
CA LEU I 357 -133.68 -21.75 -11.98
C LEU I 357 -135.19 -21.51 -11.99
N ALA I 358 -135.91 -22.12 -11.04
CA ALA I 358 -137.34 -21.85 -10.93
C ALA I 358 -137.61 -20.43 -10.46
N ALA I 359 -136.76 -19.89 -9.60
CA ALA I 359 -136.90 -18.50 -9.17
C ALA I 359 -136.54 -17.53 -10.29
N LYS I 360 -135.58 -17.91 -11.15
CA LYS I 360 -135.26 -17.07 -12.30
C LYS I 360 -136.36 -17.12 -13.35
N SER I 361 -137.03 -18.28 -13.49
CA SER I 361 -138.13 -18.38 -14.45
C SER I 361 -139.36 -17.63 -13.95
N ASP I 362 -139.74 -17.84 -12.69
CA ASP I 362 -140.90 -17.17 -12.11
C ASP I 362 -140.57 -15.73 -11.77
N PHE J 1 -51.37 25.23 47.26
CA PHE J 1 -52.22 24.20 47.86
C PHE J 1 -51.65 22.81 47.64
N VAL J 2 -52.13 21.84 48.40
CA VAL J 2 -51.66 20.46 48.33
C VAL J 2 -52.81 19.54 48.01
N LYS J 3 -52.47 18.34 47.55
CA LYS J 3 -53.47 17.39 47.10
C LYS J 3 -54.17 16.74 48.29
N VAL J 4 -55.51 16.68 48.22
CA VAL J 4 -56.29 16.00 49.24
C VAL J 4 -56.09 14.50 49.09
N VAL J 5 -55.70 13.84 50.19
CA VAL J 5 -55.44 12.40 50.15
C VAL J 5 -56.75 11.62 50.08
N LYS J 6 -57.71 11.96 50.93
CA LYS J 6 -58.97 11.24 51.01
C LYS J 6 -59.94 11.81 49.98
N ASN J 7 -59.84 11.29 48.76
CA ASN J 7 -60.68 11.71 47.65
C ASN J 7 -61.74 10.64 47.36
N LYS J 8 -62.54 10.89 46.31
CA LYS J 8 -63.54 9.92 45.88
C LYS J 8 -62.88 8.64 45.37
N ALA J 9 -61.73 8.79 44.70
CA ALA J 9 -60.95 7.63 44.28
C ALA J 9 -60.41 6.86 45.49
N TYR J 10 -60.06 7.58 46.55
CA TYR J 10 -59.61 6.94 47.78
C TYR J 10 -60.73 6.14 48.43
N PHE J 11 -61.94 6.69 48.46
CA PHE J 11 -63.06 5.93 49.03
C PHE J 11 -63.52 4.81 48.12
N LYS J 12 -63.28 4.91 46.81
CA LYS J 12 -63.59 3.78 45.93
C LYS J 12 -62.58 2.66 46.10
N ARG J 13 -61.31 3.00 46.28
CA ARG J 13 -60.29 1.96 46.46
C ARG J 13 -60.22 1.47 47.90
N TYR J 14 -60.89 2.14 48.84
CA TYR J 14 -60.73 1.84 50.26
C TYR J 14 -61.47 0.56 50.63
N GLN J 15 -60.72 -0.46 51.03
CA GLN J 15 -61.30 -1.64 51.62
C GLN J 15 -61.36 -1.52 53.14
N VAL J 16 -62.52 -1.78 53.71
CA VAL J 16 -62.65 -1.77 55.16
C VAL J 16 -62.16 -3.12 55.70
N LYS J 17 -61.70 -3.10 56.95
CA LYS J 17 -61.33 -4.34 57.62
C LYS J 17 -62.56 -4.95 58.29
N PHE J 18 -62.33 -5.94 59.13
CA PHE J 18 -63.43 -6.61 59.81
C PHE J 18 -64.00 -5.70 60.90
N ARG J 19 -65.20 -6.02 61.35
CA ARG J 19 -65.90 -5.15 62.29
C ARG J 19 -65.22 -5.14 63.66
N ARG J 20 -64.81 -6.32 64.13
CA ARG J 20 -64.12 -6.39 65.41
C ARG J 20 -62.70 -5.83 65.33
N ARG J 21 -62.09 -5.85 64.14
CA ARG J 21 -60.80 -5.20 63.96
C ARG J 21 -60.94 -3.68 63.93
N ARG J 22 -62.02 -3.17 63.34
CA ARG J 22 -62.28 -1.74 63.37
C ARG J 22 -62.64 -1.26 64.77
N GLU J 23 -63.35 -2.08 65.54
CA GLU J 23 -63.61 -1.76 66.94
C GLU J 23 -62.34 -1.93 67.77
N GLY J 24 -61.42 -2.77 67.33
CA GLY J 24 -60.17 -2.98 68.02
C GLY J 24 -60.28 -4.04 69.10
N LYS J 25 -61.13 -5.04 68.90
CA LYS J 25 -61.41 -6.04 69.91
C LYS J 25 -60.77 -7.38 69.61
N THR J 26 -60.90 -7.89 68.38
CA THR J 26 -60.40 -9.21 68.06
C THR J 26 -59.07 -9.14 67.32
N ASP J 27 -58.09 -9.87 67.81
CA ASP J 27 -56.83 -10.12 67.09
C ASP J 27 -57.07 -11.37 66.24
N TYR J 28 -57.34 -11.15 64.95
CA TYR J 28 -57.68 -12.26 64.06
C TYR J 28 -56.49 -13.16 63.76
N TYR J 29 -55.26 -12.64 63.82
CA TYR J 29 -54.09 -13.49 63.67
C TYR J 29 -53.95 -14.46 64.84
N ALA J 30 -54.34 -14.01 66.04
CA ALA J 30 -54.37 -14.91 67.18
C ALA J 30 -55.57 -15.85 67.12
N ARG J 31 -56.70 -15.37 66.59
CA ARG J 31 -57.90 -16.20 66.53
C ARG J 31 -57.76 -17.32 65.51
N LYS J 32 -56.99 -17.06 64.44
CA LYS J 32 -56.70 -18.07 63.43
C LYS J 32 -55.96 -19.26 64.03
N ARG J 33 -55.08 -19.00 65.00
CA ARG J 33 -54.37 -20.10 65.64
C ARG J 33 -55.19 -20.71 66.77
N LEU J 34 -55.97 -19.88 67.47
CA LEU J 34 -56.73 -20.37 68.63
C LEU J 34 -57.93 -21.21 68.23
N VAL J 35 -58.86 -20.63 67.46
CA VAL J 35 -60.23 -21.09 67.54
C VAL J 35 -60.51 -22.24 66.58
N ILE J 36 -59.64 -22.49 65.59
CA ILE J 36 -59.97 -23.48 64.58
C ILE J 36 -59.63 -24.88 65.09
N GLN J 37 -60.42 -25.85 64.64
CA GLN J 37 -60.24 -27.25 64.97
C GLN J 37 -59.65 -27.98 63.76
N ASP J 38 -58.84 -29.00 64.05
CA ASP J 38 -58.34 -29.90 63.02
C ASP J 38 -59.49 -30.63 62.34
N LYS J 39 -59.33 -30.86 61.03
CA LYS J 39 -60.44 -31.37 60.24
C LYS J 39 -60.72 -32.85 60.49
N ASN J 40 -59.73 -33.58 61.00
CA ASN J 40 -59.94 -34.98 61.36
C ASN J 40 -60.56 -35.13 62.75
N LYS J 41 -60.96 -34.04 63.40
CA LYS J 41 -61.63 -34.12 64.69
C LYS J 41 -63.15 -34.15 64.52
N TYR J 42 -63.65 -33.65 63.38
CA TYR J 42 -65.03 -33.82 62.92
C TYR J 42 -66.08 -33.27 63.88
N ASN J 43 -66.15 -31.94 64.01
CA ASN J 43 -67.08 -31.20 64.88
C ASN J 43 -66.83 -31.48 66.36
N THR J 44 -65.60 -31.80 66.73
CA THR J 44 -65.24 -31.82 68.14
C THR J 44 -65.11 -30.37 68.63
N PRO J 45 -65.85 -29.99 69.68
CA PRO J 45 -65.80 -28.59 70.14
C PRO J 45 -64.47 -28.28 70.81
N LYS J 46 -63.83 -27.20 70.36
CA LYS J 46 -62.55 -26.76 70.88
C LYS J 46 -62.82 -25.64 71.87
N TYR J 47 -62.52 -25.90 73.14
CA TYR J 47 -62.89 -24.98 74.20
C TYR J 47 -61.75 -24.02 74.51
N ARG J 48 -62.06 -22.72 74.54
CA ARG J 48 -61.12 -21.71 74.99
C ARG J 48 -61.71 -21.04 76.21
N MET J 49 -60.85 -20.60 77.11
CA MET J 49 -61.26 -19.94 78.34
C MET J 49 -60.84 -18.48 78.21
N ILE J 50 -61.80 -17.62 77.95
CA ILE J 50 -61.56 -16.22 77.62
C ILE J 50 -61.55 -15.39 78.89
N VAL J 51 -60.48 -14.60 79.06
CA VAL J 51 -60.38 -13.69 80.19
C VAL J 51 -60.28 -12.27 79.64
N ARG J 52 -61.17 -11.39 80.10
CA ARG J 52 -61.16 -9.98 79.73
C ARG J 52 -61.17 -9.16 81.01
N VAL J 53 -60.09 -8.43 81.27
CA VAL J 53 -59.99 -7.59 82.47
C VAL J 53 -60.44 -6.18 82.08
N THR J 54 -61.58 -5.76 82.61
CA THR J 54 -62.15 -4.46 82.33
C THR J 54 -61.63 -3.49 83.40
N ASN J 55 -62.19 -2.27 83.46
CA ASN J 55 -61.78 -1.33 84.50
C ASN J 55 -62.36 -1.72 85.86
N ARG J 56 -63.62 -2.14 85.89
CA ARG J 56 -64.32 -2.42 87.13
C ARG J 56 -64.82 -3.86 87.21
N ASP J 57 -64.38 -4.72 86.31
CA ASP J 57 -64.93 -6.07 86.26
C ASP J 57 -63.88 -7.00 85.65
N ILE J 58 -64.06 -8.30 85.88
CA ILE J 58 -63.21 -9.34 85.31
C ILE J 58 -64.14 -10.38 84.72
N ILE J 59 -64.18 -10.47 83.40
CA ILE J 59 -65.06 -11.39 82.70
C ILE J 59 -64.29 -12.66 82.37
N CYS J 60 -64.81 -13.80 82.80
CA CYS J 60 -64.24 -15.10 82.50
C CYS J 60 -65.31 -15.98 81.88
N GLN J 61 -65.13 -16.33 80.61
CA GLN J 61 -66.09 -17.12 79.87
C GLN J 61 -65.40 -18.34 79.27
N ILE J 62 -66.18 -19.29 78.79
CA ILE J 62 -65.67 -20.46 78.09
C ILE J 62 -66.47 -20.64 76.80
N ALA J 63 -65.76 -20.69 75.67
CA ALA J 63 -66.42 -20.65 74.37
C ALA J 63 -65.90 -21.75 73.46
N TYR J 64 -66.79 -22.25 72.62
CA TYR J 64 -66.44 -23.15 71.52
C TYR J 64 -67.11 -22.65 70.26
N ALA J 65 -66.38 -22.73 69.15
CA ALA J 65 -66.77 -22.06 67.92
C ALA J 65 -67.86 -22.83 67.18
N ARG J 66 -68.92 -22.12 66.82
CA ARG J 66 -69.89 -22.57 65.83
C ARG J 66 -69.93 -21.56 64.69
N ILE J 67 -70.50 -21.98 63.56
CA ILE J 67 -70.40 -21.19 62.33
C ILE J 67 -71.35 -20.00 62.37
N GLU J 68 -72.43 -20.10 63.14
CA GLU J 68 -73.30 -18.93 63.33
C GLU J 68 -72.71 -17.99 64.37
N GLY J 69 -72.05 -18.54 65.38
CA GLY J 69 -71.44 -17.78 66.44
C GLY J 69 -70.95 -18.70 67.54
N ASP J 70 -69.84 -18.35 68.18
CA ASP J 70 -69.27 -19.19 69.23
C ASP J 70 -70.10 -19.10 70.50
N MET J 71 -70.74 -20.21 70.86
CA MET J 71 -71.67 -20.23 71.98
C MET J 71 -70.90 -20.30 73.30
N ILE J 72 -71.36 -19.55 74.29
CA ILE J 72 -70.76 -19.52 75.61
C ILE J 72 -71.39 -20.64 76.44
N VAL J 73 -70.61 -21.67 76.75
CA VAL J 73 -71.16 -22.79 77.52
C VAL J 73 -71.22 -22.43 79.00
N CYS J 74 -70.35 -21.53 79.47
CA CYS J 74 -70.34 -21.13 80.86
C CYS J 74 -69.66 -19.76 80.97
N ALA J 75 -70.20 -18.92 81.85
CA ALA J 75 -69.68 -17.58 82.03
C ALA J 75 -69.61 -17.25 83.51
N ALA J 76 -68.71 -16.32 83.85
CA ALA J 76 -68.50 -15.92 85.23
C ALA J 76 -68.03 -14.48 85.26
N TYR J 77 -68.72 -13.67 86.05
CA TYR J 77 -68.43 -12.24 86.15
C TYR J 77 -67.96 -11.91 87.55
N ALA J 78 -67.25 -10.78 87.67
CA ALA J 78 -66.65 -10.43 88.95
C ALA J 78 -67.64 -9.75 89.87
N HIS J 79 -68.78 -9.30 89.36
CA HIS J 79 -69.80 -8.69 90.23
C HIS J 79 -70.67 -9.72 90.92
N GLU J 80 -70.42 -11.01 90.71
CA GLU J 80 -71.11 -12.08 91.43
C GLU J 80 -70.45 -12.38 92.77
N LEU J 81 -69.27 -11.83 93.02
CA LEU J 81 -68.51 -11.97 94.26
C LEU J 81 -69.10 -11.36 95.53
N PRO J 82 -69.92 -10.28 95.49
CA PRO J 82 -70.66 -9.93 96.72
C PRO J 82 -71.68 -10.97 97.18
N LYS J 83 -72.11 -11.87 96.31
CA LYS J 83 -72.94 -12.99 96.76
C LYS J 83 -72.10 -14.03 97.50
N TYR J 84 -70.78 -14.02 97.29
CA TYR J 84 -69.90 -14.99 97.93
C TYR J 84 -69.08 -14.39 99.06
N GLY J 85 -69.15 -13.08 99.25
CA GLY J 85 -68.49 -12.46 100.40
C GLY J 85 -67.32 -11.58 100.05
N VAL J 86 -67.29 -11.08 98.82
CA VAL J 86 -66.30 -10.08 98.42
C VAL J 86 -67.06 -8.83 98.01
N LYS J 87 -67.23 -7.91 98.96
CA LYS J 87 -68.03 -6.71 98.69
C LYS J 87 -67.27 -5.76 97.77
N VAL J 88 -65.97 -5.63 97.96
CA VAL J 88 -65.13 -4.66 97.27
C VAL J 88 -63.82 -5.32 96.88
N GLY J 89 -63.12 -4.68 95.95
CA GLY J 89 -61.93 -5.27 95.36
C GLY J 89 -62.29 -6.28 94.30
N LEU J 90 -62.96 -5.80 93.24
CA LEU J 90 -63.51 -6.67 92.21
C LEU J 90 -62.62 -6.76 90.97
N THR J 91 -61.60 -5.93 90.87
CA THR J 91 -60.76 -5.87 89.68
C THR J 91 -59.29 -6.17 89.97
N ASN J 92 -58.98 -6.82 91.08
CA ASN J 92 -57.59 -7.13 91.40
C ASN J 92 -57.29 -8.61 91.14
N TYR J 93 -56.07 -9.02 91.51
CA TYR J 93 -55.58 -10.36 91.19
C TYR J 93 -56.32 -11.42 91.97
N ALA J 94 -56.70 -11.11 93.21
CA ALA J 94 -57.46 -12.05 94.02
C ALA J 94 -58.86 -12.25 93.49
N ALA J 95 -59.48 -11.17 92.98
CA ALA J 95 -60.80 -11.30 92.37
C ALA J 95 -60.72 -12.03 91.04
N ALA J 96 -59.60 -11.89 90.32
CA ALA J 96 -59.39 -12.69 89.11
C ALA J 96 -59.27 -14.17 89.45
N TYR J 97 -58.55 -14.49 90.52
CA TYR J 97 -58.45 -15.88 90.99
C TYR J 97 -59.80 -16.43 91.42
N CYS J 98 -60.59 -15.62 92.13
CA CYS J 98 -61.92 -16.06 92.57
C CYS J 98 -62.87 -16.22 91.40
N THR J 99 -62.75 -15.37 90.37
CA THR J 99 -63.61 -15.48 89.20
C THR J 99 -63.24 -16.71 88.37
N GLY J 100 -61.95 -17.01 88.25
CA GLY J 100 -61.54 -18.23 87.57
C GLY J 100 -61.97 -19.49 88.31
N LEU J 101 -61.84 -19.48 89.64
CA LEU J 101 -62.33 -20.59 90.46
C LEU J 101 -63.84 -20.75 90.35
N LEU J 102 -64.57 -19.63 90.29
CA LEU J 102 -66.02 -19.66 90.17
C LEU J 102 -66.45 -20.21 88.82
N LEU J 103 -65.75 -19.81 87.75
CA LEU J 103 -66.00 -20.35 86.42
C LEU J 103 -65.74 -21.85 86.37
N ALA J 104 -64.64 -22.29 86.99
CA ALA J 104 -64.29 -23.70 86.99
C ALA J 104 -65.31 -24.54 87.75
N ARG J 105 -65.69 -24.10 88.95
CA ARG J 105 -66.64 -24.87 89.76
C ARG J 105 -68.05 -24.84 89.16
N ARG J 106 -68.43 -23.72 88.52
CA ARG J 106 -69.72 -23.65 87.85
C ARG J 106 -69.76 -24.58 86.63
N LEU J 107 -68.67 -24.65 85.88
CA LEU J 107 -68.61 -25.54 84.72
C LEU J 107 -68.66 -27.01 85.16
N LEU J 108 -67.94 -27.35 86.22
CA LEU J 108 -67.98 -28.72 86.72
C LEU J 108 -69.34 -29.07 87.34
N ASN J 109 -70.04 -28.08 87.90
CA ASN J 109 -71.38 -28.35 88.40
C ASN J 109 -72.37 -28.55 87.25
N ARG J 110 -72.21 -27.81 86.16
CA ARG J 110 -73.11 -27.98 85.03
C ARG J 110 -72.83 -29.27 84.28
N PHE J 111 -71.55 -29.68 84.22
CA PHE J 111 -71.21 -30.95 83.60
C PHE J 111 -71.45 -32.14 84.51
N GLY J 112 -71.62 -31.92 85.81
CA GLY J 112 -71.87 -33.02 86.72
C GLY J 112 -70.58 -33.66 87.21
N MET J 113 -69.60 -32.84 87.53
CA MET J 113 -68.31 -33.29 88.04
C MET J 113 -67.98 -32.54 89.33
N ASP J 114 -68.94 -32.50 90.26
CA ASP J 114 -68.74 -31.78 91.51
C ASP J 114 -67.81 -32.55 92.44
N LYS J 115 -68.07 -33.84 92.65
CA LYS J 115 -67.26 -34.62 93.58
C LYS J 115 -65.93 -35.03 92.95
N ILE J 116 -65.95 -35.44 91.69
CA ILE J 116 -64.75 -35.86 90.98
C ILE J 116 -64.05 -34.59 90.52
N TYR J 117 -62.71 -34.62 90.51
CA TYR J 117 -61.82 -33.49 90.17
C TYR J 117 -62.08 -32.29 91.07
N GLU J 118 -61.77 -32.48 92.36
CA GLU J 118 -61.93 -31.42 93.35
C GLU J 118 -60.95 -30.28 93.09
N GLY J 119 -59.71 -30.59 92.76
CA GLY J 119 -58.71 -29.57 92.54
C GLY J 119 -57.93 -29.26 93.81
N GLN J 120 -57.39 -28.04 93.86
CA GLN J 120 -56.63 -27.56 95.00
C GLN J 120 -57.59 -26.89 95.98
N VAL J 121 -57.61 -27.40 97.22
CA VAL J 121 -58.40 -26.78 98.29
C VAL J 121 -57.48 -26.10 99.30
N GLU J 122 -56.30 -26.69 99.53
CA GLU J 122 -55.31 -26.14 100.45
C GLU J 122 -54.25 -25.34 99.72
N VAL J 123 -54.66 -24.53 98.73
CA VAL J 123 -53.86 -23.88 97.68
C VAL J 123 -52.57 -23.25 98.18
N THR J 124 -51.45 -23.63 97.57
CA THR J 124 -50.16 -23.09 97.94
C THR J 124 -49.58 -22.25 96.82
N GLY J 125 -49.83 -22.64 95.57
CA GLY J 125 -49.32 -21.94 94.42
C GLY J 125 -48.29 -22.68 93.61
N ASP J 126 -48.14 -23.99 93.84
CA ASP J 126 -47.17 -24.79 93.11
C ASP J 126 -47.63 -25.06 91.69
N GLU J 127 -46.75 -25.70 90.92
CA GLU J 127 -47.11 -26.16 89.58
C GLU J 127 -48.09 -27.32 89.69
N TYR J 128 -49.32 -27.10 89.23
CA TYR J 128 -50.37 -28.08 89.37
C TYR J 128 -51.06 -28.28 88.03
N ASN J 129 -51.39 -29.53 87.74
CA ASN J 129 -52.12 -29.89 86.53
C ASN J 129 -53.14 -30.97 86.86
N VAL J 130 -54.25 -30.96 86.12
CA VAL J 130 -55.35 -31.88 86.37
C VAL J 130 -55.07 -33.17 85.61
N GLU J 131 -54.80 -34.25 86.35
CA GLU J 131 -54.57 -35.56 85.74
C GLU J 131 -55.89 -36.30 85.57
N SER J 132 -56.03 -36.99 84.45
CA SER J 132 -57.25 -37.73 84.16
C SER J 132 -57.33 -38.99 85.02
N ILE J 133 -58.51 -39.24 85.58
CA ILE J 133 -58.72 -40.40 86.44
C ILE J 133 -59.33 -41.53 85.62
N ASP J 134 -58.72 -42.71 85.69
CA ASP J 134 -59.20 -43.86 84.94
C ASP J 134 -60.48 -44.42 85.56
N GLY J 135 -61.34 -44.95 84.70
CA GLY J 135 -62.62 -45.47 85.13
C GLY J 135 -63.64 -44.41 85.48
N GLN J 136 -63.38 -43.17 85.10
CA GLN J 136 -64.22 -42.01 85.40
C GLN J 136 -64.40 -41.22 84.11
N PRO J 137 -65.38 -40.30 84.02
CA PRO J 137 -65.40 -39.39 82.86
C PRO J 137 -64.17 -38.48 82.86
N GLY J 138 -63.67 -38.20 81.66
CA GLY J 138 -62.38 -37.52 81.54
C GLY J 138 -62.44 -36.07 81.96
N ALA J 139 -61.26 -35.55 82.28
CA ALA J 139 -61.14 -34.18 82.74
C ALA J 139 -61.38 -33.20 81.60
N PHE J 140 -62.01 -32.08 81.93
CA PHE J 140 -62.24 -31.02 80.96
C PHE J 140 -60.92 -30.33 80.62
N THR J 141 -60.67 -30.14 79.34
CA THR J 141 -59.50 -29.39 78.90
C THR J 141 -59.95 -28.25 78.01
N CYS J 142 -59.23 -27.12 78.13
CA CYS J 142 -59.51 -25.94 77.34
C CYS J 142 -58.20 -25.15 77.25
N TYR J 143 -58.19 -24.14 76.38
CA TYR J 143 -56.98 -23.38 76.15
C TYR J 143 -57.26 -21.90 76.38
N LEU J 144 -56.28 -21.21 76.98
CA LEU J 144 -56.47 -19.86 77.49
C LEU J 144 -56.58 -18.86 76.34
N ASP J 145 -57.41 -17.84 76.52
CA ASP J 145 -57.60 -16.76 75.56
C ASP J 145 -57.46 -15.44 76.31
N ALA J 146 -56.28 -14.84 76.21
CA ALA J 146 -56.02 -13.56 76.85
C ALA J 146 -56.54 -12.41 76.00
N GLY J 147 -56.36 -12.50 74.68
CA GLY J 147 -56.83 -11.47 73.79
C GLY J 147 -55.77 -10.45 73.44
N LEU J 148 -56.01 -9.18 73.77
CA LEU J 148 -55.07 -8.11 73.49
C LEU J 148 -54.30 -7.65 74.72
N ALA J 149 -54.50 -8.29 75.87
CA ALA J 149 -53.73 -7.96 77.05
C ALA J 149 -52.31 -8.51 76.91
N ARG J 150 -51.32 -7.66 77.10
CA ARG J 150 -49.92 -8.05 77.03
C ARG J 150 -49.60 -8.99 78.19
N THR J 151 -49.23 -10.22 77.86
CA THR J 151 -49.06 -11.27 78.85
C THR J 151 -47.64 -11.20 79.42
N THR J 152 -47.49 -10.35 80.43
CA THR J 152 -46.27 -10.26 81.22
C THR J 152 -46.41 -11.08 82.49
N THR J 153 -45.37 -11.05 83.30
CA THR J 153 -45.38 -11.76 84.58
C THR J 153 -46.24 -11.00 85.59
N GLY J 154 -47.22 -11.69 86.17
CA GLY J 154 -48.08 -11.08 87.17
C GLY J 154 -49.35 -10.48 86.60
N ASN J 155 -50.03 -11.24 85.75
CA ASN J 155 -51.20 -10.76 85.05
C ASN J 155 -52.45 -11.42 85.62
N LYS J 156 -53.52 -10.62 85.75
CA LYS J 156 -54.81 -11.12 86.23
C LYS J 156 -55.44 -12.15 85.30
N VAL J 157 -55.06 -12.15 84.03
CA VAL J 157 -55.46 -13.23 83.12
C VAL J 157 -54.86 -14.55 83.59
N PHE J 158 -53.59 -14.54 83.98
CA PHE J 158 -52.99 -15.75 84.54
C PHE J 158 -53.47 -16.04 85.95
N GLY J 159 -53.97 -15.03 86.66
CA GLY J 159 -54.64 -15.30 87.93
C GLY J 159 -55.94 -16.06 87.75
N ALA J 160 -56.74 -15.65 86.76
CA ALA J 160 -57.94 -16.41 86.40
C ALA J 160 -57.59 -17.80 85.86
N LEU J 161 -56.45 -17.90 85.17
CA LEU J 161 -55.96 -19.20 84.72
C LEU J 161 -55.63 -20.12 85.90
N LYS J 162 -54.96 -19.57 86.91
CA LYS J 162 -54.64 -20.34 88.11
C LYS J 162 -55.91 -20.71 88.89
N GLY J 163 -56.91 -19.82 88.87
CA GLY J 163 -58.19 -20.14 89.48
C GLY J 163 -58.90 -21.29 88.78
N ALA J 164 -58.85 -21.30 87.45
CA ALA J 164 -59.48 -22.39 86.69
C ALA J 164 -58.72 -23.71 86.89
N VAL J 165 -57.39 -23.65 86.96
CA VAL J 165 -56.59 -24.85 87.17
C VAL J 165 -56.83 -25.41 88.58
N ASP J 166 -56.91 -24.54 89.59
CA ASP J 166 -57.19 -25.00 90.94
C ASP J 166 -58.64 -25.44 91.11
N GLY J 167 -59.54 -24.95 90.24
CA GLY J 167 -60.90 -25.45 90.26
C GLY J 167 -61.06 -26.76 89.50
N GLY J 168 -60.07 -27.10 88.67
CA GLY J 168 -60.07 -28.41 88.05
C GLY J 168 -60.25 -28.46 86.55
N LEU J 169 -59.70 -27.49 85.84
CA LEU J 169 -59.66 -27.49 84.38
C LEU J 169 -58.24 -27.81 83.93
N SER J 170 -58.11 -28.86 83.12
CA SER J 170 -56.80 -29.33 82.66
C SER J 170 -56.32 -28.43 81.53
N ILE J 171 -55.66 -27.35 81.91
CA ILE J 171 -55.14 -26.36 80.97
C ILE J 171 -53.61 -26.46 80.98
N PRO J 172 -52.96 -26.61 79.83
CA PRO J 172 -51.49 -26.61 79.81
C PRO J 172 -50.95 -25.20 79.99
N HIS J 173 -50.05 -25.05 80.97
CA HIS J 173 -49.48 -23.73 81.27
C HIS J 173 -48.13 -23.92 81.93
N SER J 174 -47.28 -22.92 81.79
CA SER J 174 -45.99 -22.89 82.45
C SER J 174 -46.02 -21.92 83.63
N THR J 175 -45.12 -22.16 84.59
CA THR J 175 -44.99 -21.29 85.76
C THR J 175 -43.97 -20.19 85.51
N LYS J 176 -44.16 -19.45 84.41
CA LYS J 176 -43.28 -18.36 84.02
C LYS J 176 -43.95 -17.00 84.09
N ARG J 177 -45.22 -16.93 83.66
CA ARG J 177 -45.96 -15.68 83.70
C ARG J 177 -46.71 -15.47 85.00
N PHE J 178 -46.64 -16.41 85.93
CA PHE J 178 -47.23 -16.22 87.24
C PHE J 178 -46.33 -15.34 88.10
N PRO J 179 -46.92 -14.49 88.95
CA PRO J 179 -46.10 -13.63 89.83
C PRO J 179 -45.36 -14.46 90.88
N GLY J 180 -44.06 -14.22 90.98
CA GLY J 180 -43.21 -15.03 91.83
C GLY J 180 -42.01 -15.55 91.06
N TYR J 181 -42.18 -15.73 89.76
CA TYR J 181 -41.09 -16.17 88.89
C TYR J 181 -40.10 -15.04 88.69
N ASP J 182 -38.88 -15.22 89.19
CA ASP J 182 -37.83 -14.22 89.01
C ASP J 182 -37.32 -14.25 87.58
N SER J 183 -37.13 -13.07 87.00
CA SER J 183 -36.67 -13.01 85.61
C SER J 183 -35.17 -13.18 85.49
N GLU J 184 -34.42 -12.84 86.53
CA GLU J 184 -32.96 -12.91 86.45
C GLU J 184 -32.46 -14.32 86.74
N SER J 185 -32.74 -14.82 87.95
CA SER J 185 -32.17 -16.10 88.37
C SER J 185 -33.01 -17.29 87.91
N LYS J 186 -34.22 -17.02 87.40
CA LYS J 186 -35.10 -17.98 86.73
C LYS J 186 -35.53 -19.16 87.59
N GLU J 187 -36.15 -18.89 88.74
CA GLU J 187 -36.84 -19.93 89.51
C GLU J 187 -38.19 -19.38 89.96
N PHE J 188 -39.12 -20.28 90.26
CA PHE J 188 -40.46 -19.89 90.64
C PHE J 188 -40.63 -19.94 92.16
N ASN J 189 -41.13 -18.85 92.73
CA ASN J 189 -41.40 -18.76 94.16
C ASN J 189 -42.90 -18.93 94.37
N ALA J 190 -43.29 -20.00 95.07
CA ALA J 190 -44.70 -20.27 95.29
C ALA J 190 -45.27 -19.44 96.42
N GLU J 191 -44.42 -18.99 97.36
CA GLU J 191 -44.91 -18.19 98.48
C GLU J 191 -45.33 -16.80 98.03
N VAL J 192 -44.57 -16.20 97.09
CA VAL J 192 -44.94 -14.91 96.54
C VAL J 192 -46.23 -15.02 95.72
N HIS J 193 -46.40 -16.15 95.01
CA HIS J 193 -47.64 -16.38 94.28
C HIS J 193 -48.81 -16.57 95.22
N ARG J 194 -48.60 -17.22 96.37
CA ARG J 194 -49.65 -17.35 97.37
C ARG J 194 -50.03 -16.00 97.97
N LYS J 195 -49.03 -15.13 98.20
CA LYS J 195 -49.31 -13.79 98.70
C LYS J 195 -50.09 -12.96 97.68
N HIS J 196 -49.77 -13.09 96.39
CA HIS J 196 -50.52 -12.36 95.37
C HIS J 196 -51.92 -12.93 95.18
N ILE J 197 -52.10 -14.24 95.35
CA ILE J 197 -53.43 -14.83 95.24
C ILE J 197 -54.31 -14.43 96.40
N MET J 198 -53.78 -14.51 97.63
CA MET J 198 -54.59 -14.17 98.78
C MET J 198 -54.69 -12.66 99.01
N GLY J 199 -53.86 -11.86 98.34
CA GLY J 199 -54.03 -10.42 98.36
C GLY J 199 -53.20 -9.67 99.39
N GLN J 200 -52.02 -10.17 99.76
CA GLN J 200 -51.22 -9.48 100.76
C GLN J 200 -50.45 -8.30 100.17
N ASN J 201 -50.38 -8.17 98.85
CA ASN J 201 -49.82 -6.96 98.26
C ASN J 201 -50.70 -5.74 98.53
N VAL J 202 -52.02 -5.91 98.39
CA VAL J 202 -52.97 -4.85 98.69
C VAL J 202 -52.96 -4.53 100.18
N ALA J 203 -52.81 -5.54 101.03
CA ALA J 203 -52.75 -5.32 102.46
C ALA J 203 -51.45 -4.62 102.88
N ASP J 204 -50.34 -4.96 102.22
CA ASP J 204 -49.08 -4.28 102.51
C ASP J 204 -49.09 -2.83 102.05
N TYR J 205 -49.73 -2.56 100.91
CA TYR J 205 -49.86 -1.18 100.47
C TYR J 205 -50.84 -0.40 101.34
N MET J 206 -51.85 -1.10 101.88
CA MET J 206 -52.77 -0.49 102.83
C MET J 206 -52.05 -0.10 104.12
N ARG J 207 -51.21 -1.00 104.64
CA ARG J 207 -50.43 -0.70 105.85
C ARG J 207 -49.38 0.38 105.58
N TYR J 208 -48.83 0.41 104.35
CA TYR J 208 -47.86 1.43 104.00
C TYR J 208 -48.51 2.82 103.93
N LEU J 209 -49.72 2.91 103.37
CA LEU J 209 -50.44 4.17 103.35
C LEU J 209 -50.88 4.58 104.74
N MET J 210 -51.27 3.61 105.58
CA MET J 210 -51.66 3.92 106.95
C MET J 210 -50.48 4.41 107.77
N GLU J 211 -49.29 3.91 107.49
CA GLU J 211 -48.10 4.42 108.16
C GLU J 211 -47.69 5.78 107.59
N GLU J 212 -47.92 6.00 106.29
CA GLU J 212 -47.45 7.23 105.65
C GLU J 212 -48.36 8.41 105.99
N ASP J 213 -49.61 8.37 105.54
CA ASP J 213 -50.51 9.51 105.71
C ASP J 213 -51.96 9.08 105.53
N GLU J 214 -52.85 9.66 106.35
CA GLU J 214 -54.25 9.29 106.31
C GLU J 214 -54.99 9.88 105.11
N ASP J 215 -54.51 11.02 104.58
CA ASP J 215 -55.20 11.66 103.48
C ASP J 215 -55.06 10.87 102.19
N ALA J 216 -53.84 10.44 101.85
CA ALA J 216 -53.64 9.57 100.69
C ALA J 216 -54.24 8.20 100.92
N TYR J 217 -54.32 7.75 102.17
CA TYR J 217 -54.98 6.50 102.52
C TYR J 217 -56.47 6.55 102.18
N LYS J 218 -57.14 7.63 102.59
CA LYS J 218 -58.56 7.78 102.30
C LYS J 218 -58.80 8.13 100.83
N LYS J 219 -57.81 8.72 100.16
CA LYS J 219 -57.95 8.99 98.73
C LYS J 219 -57.85 7.70 97.93
N GLN J 220 -56.94 6.79 98.34
CA GLN J 220 -56.74 5.55 97.60
C GLN J 220 -57.83 4.54 97.92
N PHE J 221 -58.06 4.24 99.20
CA PHE J 221 -59.03 3.21 99.58
C PHE J 221 -60.17 3.89 100.34
N SER J 222 -61.32 4.02 99.70
CA SER J 222 -62.50 4.63 100.31
C SER J 222 -63.57 3.60 100.67
N GLN J 223 -63.94 2.74 99.71
CA GLN J 223 -64.94 1.72 100.00
C GLN J 223 -64.39 0.60 100.87
N TYR J 224 -63.07 0.47 100.97
CA TYR J 224 -62.50 -0.45 101.96
C TYR J 224 -62.75 0.06 103.38
N ILE J 225 -62.70 1.39 103.56
CA ILE J 225 -63.07 1.97 104.85
C ILE J 225 -64.57 1.90 105.04
N LYS J 226 -65.34 2.03 103.95
CA LYS J 226 -66.79 2.03 104.04
C LYS J 226 -67.33 0.65 104.42
N ASN J 227 -66.74 -0.42 103.89
CA ASN J 227 -67.14 -1.77 104.22
C ASN J 227 -66.27 -2.44 105.26
N ASN J 228 -65.46 -1.66 106.00
CA ASN J 228 -64.65 -2.11 107.13
C ASN J 228 -63.65 -3.19 106.74
N VAL J 229 -62.82 -2.92 105.74
CA VAL J 229 -61.83 -3.89 105.29
C VAL J 229 -60.48 -3.57 105.93
N THR J 230 -59.98 -4.50 106.73
CA THR J 230 -58.71 -4.40 107.42
C THR J 230 -57.77 -5.45 106.84
N PRO J 231 -56.44 -5.25 106.97
CA PRO J 231 -55.50 -6.26 106.42
C PRO J 231 -55.56 -7.62 107.11
N ASP J 232 -55.94 -7.67 108.38
CA ASP J 232 -56.06 -8.96 109.05
C ASP J 232 -57.32 -9.70 108.61
N MET J 233 -58.31 -8.98 108.09
CA MET J 233 -59.54 -9.60 107.63
C MET J 233 -59.41 -10.14 106.21
N MET J 234 -58.36 -9.75 105.49
CA MET J 234 -58.26 -9.96 104.05
C MET J 234 -58.12 -11.43 103.69
N GLU J 235 -57.15 -12.12 104.28
CA GLU J 235 -56.88 -13.51 103.93
C GLU J 235 -58.01 -14.43 104.37
N GLU J 236 -58.58 -14.17 105.55
CA GLU J 236 -59.72 -14.95 106.01
C GLU J 236 -60.96 -14.69 105.16
N MET J 237 -61.11 -13.46 104.65
CA MET J 237 -62.24 -13.14 103.78
C MET J 237 -62.13 -13.87 102.45
N TYR J 238 -60.91 -13.94 101.89
CA TYR J 238 -60.77 -14.70 100.65
C TYR J 238 -60.84 -16.20 100.87
N LYS J 239 -60.47 -16.69 102.05
CA LYS J 239 -60.67 -18.11 102.35
C LYS J 239 -62.15 -18.46 102.46
N LYS J 240 -62.94 -17.60 103.12
CA LYS J 240 -64.38 -17.81 103.19
C LYS J 240 -65.03 -17.65 101.81
N ALA J 241 -64.46 -16.77 100.97
CA ALA J 241 -64.98 -16.61 99.62
C ALA J 241 -64.71 -17.86 98.77
N HIS J 242 -63.51 -18.44 98.89
CA HIS J 242 -63.20 -19.68 98.20
C HIS J 242 -64.08 -20.83 98.69
N ALA J 243 -64.34 -20.88 99.99
CA ALA J 243 -65.22 -21.91 100.55
C ALA J 243 -66.65 -21.76 100.06
N ALA J 244 -67.15 -20.52 99.96
CA ALA J 244 -68.51 -20.30 99.48
C ALA J 244 -68.63 -20.59 97.99
N ILE J 245 -67.58 -20.26 97.21
CA ILE J 245 -67.57 -20.57 95.78
C ILE J 245 -67.55 -22.08 95.55
N ARG J 246 -66.72 -22.81 96.29
CA ARG J 246 -66.69 -24.26 96.14
C ARG J 246 -67.92 -24.93 96.75
N GLU J 247 -68.64 -24.23 97.63
CA GLU J 247 -69.85 -24.80 98.22
C GLU J 247 -71.05 -24.65 97.29
N ASN J 248 -71.32 -23.43 96.82
CA ASN J 248 -72.51 -23.17 96.00
C ASN J 248 -72.11 -22.50 94.69
N PRO J 249 -71.68 -23.28 93.69
CA PRO J 249 -71.22 -22.67 92.43
C PRO J 249 -72.32 -22.39 91.43
N VAL J 250 -73.56 -22.85 91.66
CA VAL J 250 -74.61 -22.70 90.66
C VAL J 250 -75.12 -21.26 90.66
N TYR J 251 -75.60 -20.82 89.51
CA TYR J 251 -76.05 -19.44 89.31
C TYR J 251 -77.55 -19.42 89.08
N GLU J 252 -78.24 -18.51 89.77
CA GLU J 252 -79.67 -18.28 89.57
C GLU J 252 -79.85 -16.94 88.85
N LYS J 253 -80.60 -16.96 87.74
CA LYS J 253 -80.81 -15.75 86.97
C LYS J 253 -81.78 -14.81 87.69
N LYS J 254 -81.75 -13.55 87.28
CA LYS J 254 -82.61 -12.55 87.88
C LYS J 254 -84.00 -12.59 87.26
N PRO J 255 -85.06 -12.41 88.04
CA PRO J 255 -86.41 -12.40 87.48
C PRO J 255 -86.68 -11.13 86.69
N LYS J 256 -87.31 -11.28 85.53
CA LYS J 256 -87.53 -10.16 84.62
C LYS J 256 -88.92 -9.58 84.84
N ARG J 257 -88.97 -8.30 85.21
CA ARG J 257 -90.23 -7.58 85.33
C ARG J 257 -90.77 -7.29 83.93
N GLU J 258 -92.10 -7.12 83.84
CA GLU J 258 -92.73 -6.72 82.59
C GLU J 258 -92.26 -5.34 82.17
N VAL J 259 -91.84 -5.23 80.92
CA VAL J 259 -91.19 -4.02 80.41
C VAL J 259 -92.25 -2.94 80.20
N LYS J 260 -91.91 -1.69 80.58
CA LYS J 260 -92.81 -0.58 80.39
C LYS J 260 -92.97 -0.20 78.92
N LYS J 261 -92.02 -0.65 78.08
CA LYS J 261 -92.01 -0.51 76.63
C LYS J 261 -92.05 0.94 76.17
N LYS J 262 -91.02 1.70 76.53
CA LYS J 262 -90.86 3.06 76.05
C LYS J 262 -89.51 3.16 75.36
N ARG J 263 -89.39 4.09 74.41
CA ARG J 263 -88.18 4.20 73.60
C ARG J 263 -87.34 5.38 74.09
N TRP J 264 -86.20 5.08 74.72
CA TRP J 264 -85.26 6.13 75.08
C TRP J 264 -84.50 6.64 73.87
N ASN J 265 -84.41 5.82 72.83
CA ASN J 265 -83.65 6.15 71.64
C ASN J 265 -84.46 7.09 70.75
N ARG J 266 -83.76 7.80 69.87
CA ARG J 266 -84.41 8.67 68.90
C ARG J 266 -84.63 7.90 67.61
N PRO J 267 -85.85 7.80 67.10
CA PRO J 267 -86.12 6.93 65.94
C PRO J 267 -85.61 7.54 64.65
N LYS J 268 -85.62 6.70 63.60
CA LYS J 268 -85.02 7.07 62.33
C LYS J 268 -85.99 7.88 61.48
N MET J 269 -85.47 8.93 60.85
CA MET J 269 -86.27 9.85 60.06
C MET J 269 -86.61 9.21 58.71
N SER J 270 -87.83 9.47 58.22
CA SER J 270 -88.31 8.79 57.03
C SER J 270 -88.04 9.63 55.77
N LEU J 271 -88.34 9.01 54.62
CA LEU J 271 -88.06 9.62 53.32
C LEU J 271 -88.94 10.85 53.09
N ALA J 272 -90.22 10.74 53.47
CA ALA J 272 -91.13 11.88 53.33
C ALA J 272 -90.73 13.02 54.25
N GLN J 273 -90.22 12.70 55.44
CA GLN J 273 -89.75 13.73 56.35
C GLN J 273 -88.49 14.42 55.81
N LYS J 274 -87.58 13.66 55.19
CA LYS J 274 -86.38 14.26 54.63
C LYS J 274 -86.72 15.13 53.42
N LYS J 275 -87.63 14.65 52.56
CA LYS J 275 -88.07 15.43 51.40
C LYS J 275 -88.84 16.67 51.82
N ASP J 276 -89.56 16.62 52.94
CA ASP J 276 -90.21 17.80 53.47
C ASP J 276 -89.20 18.77 54.09
N ARG J 277 -88.16 18.24 54.74
CA ARG J 277 -87.15 19.10 55.35
C ARG J 277 -86.37 19.88 54.30
N VAL J 278 -85.95 19.21 53.21
CA VAL J 278 -85.18 19.93 52.18
C VAL J 278 -86.06 20.93 51.45
N ALA J 279 -87.36 20.65 51.30
CA ALA J 279 -88.27 21.60 50.68
C ALA J 279 -88.50 22.82 51.58
N GLN J 280 -88.62 22.60 52.89
CA GLN J 280 -88.76 23.71 53.83
C GLN J 280 -87.49 24.54 53.90
N LYS J 281 -86.32 23.91 53.81
CA LYS J 281 -85.07 24.67 53.80
C LYS J 281 -84.91 25.51 52.54
N LYS J 282 -85.29 24.95 51.38
CA LYS J 282 -85.25 25.72 50.13
C LYS J 282 -86.25 26.86 50.15
N ALA J 283 -87.45 26.62 50.66
CA ALA J 283 -88.46 27.68 50.74
C ALA J 283 -88.06 28.77 51.73
N SER J 284 -87.41 28.38 52.84
CA SER J 284 -86.91 29.36 53.80
C SER J 284 -85.78 30.19 53.21
N PHE J 285 -84.88 29.57 52.43
CA PHE J 285 -83.82 30.33 51.78
C PHE J 285 -84.39 31.30 50.74
N LEU J 286 -85.41 30.86 49.99
CA LEU J 286 -86.01 31.74 48.99
C LEU J 286 -86.75 32.90 49.62
N ARG J 287 -87.49 32.65 50.71
CA ARG J 287 -88.20 33.75 51.36
C ARG J 287 -87.24 34.67 52.12
N ALA J 288 -86.11 34.14 52.59
CA ALA J 288 -85.10 35.01 53.21
C ALA J 288 -84.41 35.88 52.18
N GLN J 289 -84.16 35.34 50.97
CA GLN J 289 -83.59 36.15 49.90
C GLN J 289 -84.59 37.19 49.40
N GLU J 290 -85.88 36.85 49.38
CA GLU J 290 -86.90 37.82 49.00
C GLU J 290 -87.06 38.91 50.06
N ARG J 291 -86.91 38.55 51.34
CA ARG J 291 -86.99 39.53 52.41
C ARG J 291 -85.77 40.45 52.42
N ALA J 292 -84.59 39.90 52.11
CA ALA J 292 -83.38 40.71 52.09
C ALA J 292 -83.35 41.63 50.87
N ALA J 293 -83.75 41.11 49.71
CA ALA J 293 -83.78 41.92 48.49
C ALA J 293 -85.13 42.61 48.33
N LYS K 1 -132.94 -77.20 0.44
CA LYS K 1 -133.60 -76.83 -0.81
C LYS K 1 -134.08 -75.39 -0.78
N GLY K 2 -133.66 -74.61 -1.78
CA GLY K 2 -134.03 -73.22 -1.85
C GLY K 2 -133.59 -72.56 -3.15
N LYS K 3 -134.38 -71.61 -3.65
CA LYS K 3 -134.02 -70.93 -4.89
C LYS K 3 -132.91 -69.91 -4.62
N PRO K 4 -131.99 -69.71 -5.57
CA PRO K 4 -130.91 -68.74 -5.36
C PRO K 4 -131.42 -67.31 -5.53
N HIS K 5 -131.06 -66.46 -4.58
CA HIS K 5 -131.44 -65.05 -4.64
C HIS K 5 -130.21 -64.21 -4.98
N CYS K 6 -130.44 -63.05 -5.59
CA CYS K 6 -129.35 -62.18 -5.99
C CYS K 6 -128.80 -61.41 -4.79
N SER K 7 -127.85 -60.52 -5.05
CA SER K 7 -127.26 -59.71 -4.00
C SER K 7 -128.27 -58.65 -3.55
N ARG K 8 -128.47 -58.55 -2.24
CA ARG K 8 -129.45 -57.60 -1.70
C ARG K 8 -128.96 -56.16 -1.85
N ASN K 9 -127.83 -55.84 -1.23
CA ASN K 9 -127.32 -54.47 -1.29
C ASN K 9 -126.70 -54.20 -2.66
N PRO K 10 -126.85 -53.00 -3.20
CA PRO K 10 -126.26 -52.70 -4.51
C PRO K 10 -124.76 -52.49 -4.41
N VAL K 11 -124.14 -52.40 -5.59
CA VAL K 11 -122.70 -52.12 -5.68
C VAL K 11 -122.52 -50.62 -5.51
N LEU K 12 -122.20 -50.19 -4.29
CA LEU K 12 -122.07 -48.77 -3.99
C LEU K 12 -120.69 -48.27 -4.40
N VAL K 13 -119.64 -48.82 -3.79
CA VAL K 13 -118.27 -48.74 -4.28
C VAL K 13 -117.84 -50.18 -4.47
N ARG K 14 -116.92 -50.41 -5.41
CA ARG K 14 -116.36 -51.74 -5.63
C ARG K 14 -115.70 -52.26 -4.36
N GLY K 15 -116.18 -53.41 -3.88
CA GLY K 15 -115.69 -53.97 -2.64
C GLY K 15 -116.29 -53.38 -1.38
N ILE K 16 -117.26 -52.48 -1.51
CA ILE K 16 -117.88 -51.82 -0.36
C ILE K 16 -119.39 -51.94 -0.49
N GLY K 17 -120.03 -52.56 0.50
CA GLY K 17 -121.47 -52.62 0.51
C GLY K 17 -122.11 -51.28 0.81
N ARG K 18 -123.37 -51.14 0.38
CA ARG K 18 -124.09 -49.89 0.58
C ARG K 18 -124.59 -49.78 2.01
N TYR K 19 -125.00 -50.88 2.61
CA TYR K 19 -125.38 -50.93 4.01
C TYR K 19 -124.27 -51.52 4.87
N SER K 20 -124.30 -51.19 6.16
CA SER K 20 -123.38 -51.78 7.12
C SER K 20 -123.82 -53.21 7.47
N ARG K 21 -123.07 -53.84 8.36
CA ARG K 21 -123.30 -55.25 8.62
C ARG K 21 -124.52 -55.48 9.49
N SER K 22 -124.89 -54.53 10.35
CA SER K 22 -126.08 -54.74 11.17
C SER K 22 -127.36 -54.45 10.38
N ALA K 23 -127.34 -53.43 9.52
CA ALA K 23 -128.46 -53.24 8.60
C ALA K 23 -128.57 -54.38 7.60
N MET K 24 -127.42 -54.96 7.21
CA MET K 24 -127.44 -56.15 6.36
C MET K 24 -128.00 -57.35 7.11
N TYR K 25 -127.70 -57.44 8.41
CA TYR K 25 -128.28 -58.48 9.27
C TYR K 25 -129.79 -58.35 9.36
N SER K 26 -130.28 -57.11 9.51
CA SER K 26 -131.71 -56.88 9.57
C SER K 26 -132.39 -57.13 8.23
N ARG K 27 -131.68 -56.89 7.12
CA ARG K 27 -132.27 -57.20 5.82
C ARG K 27 -132.26 -58.70 5.54
N LYS K 28 -131.20 -59.41 5.94
CA LYS K 28 -131.17 -60.86 5.80
C LYS K 28 -132.18 -61.55 6.71
N ALA K 29 -132.56 -60.89 7.83
CA ALA K 29 -133.49 -61.40 8.84
C ALA K 29 -132.99 -62.72 9.42
N LEU K 30 -131.76 -62.71 9.90
CA LEU K 30 -131.14 -63.89 10.50
C LEU K 30 -131.52 -64.06 11.96
N TYR K 31 -132.34 -63.17 12.51
CA TYR K 31 -132.89 -63.37 13.85
C TYR K 31 -133.87 -64.54 13.85
N LYS K 32 -134.54 -64.79 12.73
CA LYS K 32 -135.45 -65.92 12.57
C LYS K 32 -134.91 -66.95 11.58
N ARG K 33 -133.61 -66.91 11.32
CA ARG K 33 -132.96 -67.97 10.55
C ARG K 33 -131.80 -68.49 11.41
N LYS K 34 -132.08 -68.74 12.69
CA LYS K 34 -131.09 -69.26 13.62
C LYS K 34 -131.16 -70.77 13.64
N TYR K 35 -130.00 -71.40 13.86
CA TYR K 35 -129.90 -72.86 13.86
C TYR K 35 -128.92 -73.30 14.95
N ALA K 36 -129.02 -74.57 15.30
CA ALA K 36 -128.13 -75.17 16.31
C ALA K 36 -128.01 -76.65 16.01
N ALA K 37 -126.98 -77.27 16.59
CA ALA K 37 -126.73 -78.69 16.41
C ALA K 37 -126.12 -79.29 17.68
N LEU K 52 -114.02 -96.36 -3.99
CA LEU K 52 -114.08 -95.51 -5.17
C LEU K 52 -112.99 -95.88 -6.17
N ALA K 53 -111.83 -96.26 -5.64
CA ALA K 53 -110.70 -96.58 -6.52
C ALA K 53 -110.71 -98.06 -6.92
N THR K 54 -111.52 -98.88 -6.27
CA THR K 54 -111.53 -100.31 -6.51
C THR K 54 -112.85 -100.73 -7.14
N VAL K 55 -112.77 -101.49 -8.23
CA VAL K 55 -113.95 -102.00 -8.93
C VAL K 55 -113.84 -103.51 -9.01
N THR K 56 -114.86 -104.20 -8.51
CA THR K 56 -114.92 -105.66 -8.58
C THR K 56 -115.52 -106.07 -9.93
N LYS K 57 -114.82 -106.97 -10.63
CA LYS K 57 -115.23 -107.40 -11.96
C LYS K 57 -115.12 -108.92 -12.05
N PRO K 58 -116.15 -109.60 -12.54
CA PRO K 58 -116.06 -111.05 -12.72
C PRO K 58 -115.19 -111.42 -13.91
N VAL K 59 -114.30 -112.38 -13.68
CA VAL K 59 -113.39 -112.88 -14.69
C VAL K 59 -113.58 -114.39 -14.82
N GLY K 60 -113.95 -114.83 -16.02
CA GLY K 60 -114.17 -116.25 -16.27
C GLY K 60 -112.87 -117.03 -16.44
N GLY K 65 -111.52 -119.46 -11.45
CA GLY K 65 -110.95 -118.21 -10.97
C GLY K 65 -111.80 -117.53 -9.92
N GLY K 66 -112.45 -116.43 -10.31
CA GLY K 66 -113.30 -115.69 -9.40
C GLY K 66 -113.56 -114.27 -9.85
N THR K 67 -113.51 -113.33 -8.91
CA THR K 67 -113.75 -111.92 -9.20
C THR K 67 -112.48 -111.14 -8.89
N ARG K 68 -111.99 -110.38 -9.86
CA ARG K 68 -110.77 -109.59 -9.71
C ARG K 68 -111.12 -108.16 -9.33
N VAL K 69 -110.32 -107.57 -8.47
CA VAL K 69 -110.56 -106.20 -7.98
C VAL K 69 -109.55 -105.31 -8.71
N VAL K 70 -110.04 -104.59 -9.73
CA VAL K 70 -109.18 -103.70 -10.49
C VAL K 70 -109.09 -102.35 -9.80
N LYS K 71 -108.02 -101.62 -10.11
CA LYS K 71 -107.71 -100.36 -9.46
C LYS K 71 -107.68 -99.24 -10.50
N LEU K 72 -108.37 -98.15 -10.20
CA LEU K 72 -108.35 -96.96 -11.03
C LEU K 72 -107.38 -95.95 -10.43
N ARG K 73 -106.72 -95.19 -11.32
CA ARG K 73 -105.63 -94.25 -10.98
C ARG K 73 -104.52 -94.94 -10.19
N LYS K 74 -103.96 -96.00 -10.78
CA LYS K 74 -102.93 -96.77 -10.12
C LYS K 74 -101.60 -96.04 -10.12
N MET K 75 -100.62 -96.65 -9.45
CA MET K 75 -99.31 -96.04 -9.29
C MET K 75 -98.56 -96.02 -10.63
N PRO K 76 -97.79 -94.95 -10.88
CA PRO K 76 -97.13 -94.83 -12.19
C PRO K 76 -96.00 -95.82 -12.37
N ARG K 77 -95.76 -96.17 -13.65
CA ARG K 77 -94.70 -97.13 -13.96
C ARG K 77 -93.36 -96.44 -14.15
N TYR K 78 -93.36 -95.13 -14.40
CA TYR K 78 -92.13 -94.40 -14.69
C TYR K 78 -92.09 -93.13 -13.86
N TYR K 79 -90.96 -92.86 -13.27
CA TYR K 79 -90.59 -91.66 -12.55
C TYR K 79 -89.38 -91.01 -13.21
N PRO K 80 -89.43 -89.69 -13.45
CA PRO K 80 -88.27 -89.00 -13.99
C PRO K 80 -87.19 -88.81 -12.92
N THR K 81 -86.07 -88.22 -13.34
CA THR K 81 -84.92 -88.14 -12.47
C THR K 81 -85.12 -87.11 -11.36
N GLU K 82 -85.82 -86.01 -11.65
CA GLU K 82 -86.08 -85.00 -10.64
C GLU K 82 -87.37 -84.28 -10.99
N ASP K 83 -88.19 -84.02 -9.97
CA ASP K 83 -89.42 -83.26 -10.11
C ASP K 83 -89.24 -81.86 -9.53
N VAL K 84 -90.01 -80.92 -10.06
CA VAL K 84 -90.06 -79.56 -9.53
C VAL K 84 -91.05 -79.54 -8.37
N PRO K 85 -90.88 -78.66 -7.38
CA PRO K 85 -91.90 -78.53 -6.33
C PRO K 85 -93.11 -77.77 -6.84
N ARG K 86 -94.19 -77.84 -6.07
CA ARG K 86 -95.39 -77.10 -6.38
C ARG K 86 -95.18 -75.61 -6.13
N LYS K 87 -95.91 -74.79 -6.87
CA LYS K 87 -95.81 -73.35 -6.76
C LYS K 87 -96.80 -72.83 -5.72
N LEU K 88 -96.56 -71.60 -5.28
CA LEU K 88 -97.42 -70.98 -4.28
C LEU K 88 -98.76 -70.57 -4.89
N LEU K 89 -99.75 -70.40 -4.03
CA LEU K 89 -101.12 -70.16 -4.46
C LEU K 89 -101.34 -68.66 -4.63
N SER K 90 -101.39 -68.21 -5.88
CA SER K 90 -101.77 -66.84 -6.18
C SER K 90 -103.29 -66.71 -6.15
N HIS K 91 -103.77 -65.50 -5.84
CA HIS K 91 -105.19 -65.31 -5.55
C HIS K 91 -105.95 -64.56 -6.64
N GLY K 92 -105.32 -63.64 -7.36
CA GLY K 92 -106.05 -62.85 -8.32
C GLY K 92 -105.59 -63.04 -9.76
N LYS K 93 -105.29 -64.28 -10.14
CA LYS K 93 -104.73 -64.57 -11.46
C LYS K 93 -105.73 -65.43 -12.22
N LYS K 94 -106.61 -64.76 -12.95
CA LYS K 94 -107.68 -65.40 -13.69
C LYS K 94 -107.19 -65.84 -15.07
N PRO K 95 -107.84 -66.83 -15.68
CA PRO K 95 -107.58 -67.13 -17.09
C PRO K 95 -108.22 -66.08 -17.99
N PHE K 96 -107.97 -66.21 -19.29
CA PHE K 96 -108.38 -65.17 -20.23
C PHE K 96 -109.89 -65.15 -20.43
N SER K 97 -110.56 -66.28 -20.19
CA SER K 97 -112.01 -66.33 -20.36
C SER K 97 -112.73 -65.64 -19.20
N GLN K 98 -112.09 -65.58 -18.04
CA GLN K 98 -112.73 -65.01 -16.85
C GLN K 98 -112.35 -63.55 -16.60
N HIS K 99 -111.67 -62.90 -17.53
CA HIS K 99 -111.31 -61.50 -17.35
C HIS K 99 -112.51 -60.59 -17.57
N VAL K 100 -112.40 -59.36 -17.10
CA VAL K 100 -113.38 -58.33 -17.38
C VAL K 100 -113.01 -57.66 -18.70
N ARG K 101 -114.01 -57.28 -19.49
CA ARG K 101 -113.81 -56.80 -20.84
C ARG K 101 -114.23 -55.33 -20.90
N LYS K 102 -113.25 -54.45 -21.09
CA LYS K 102 -113.45 -53.03 -21.00
C LYS K 102 -113.94 -52.45 -22.33
N LEU K 103 -114.48 -51.24 -22.25
CA LEU K 103 -115.02 -50.54 -23.41
C LEU K 103 -114.63 -49.08 -23.33
N ARG K 104 -114.50 -48.46 -24.49
CA ARG K 104 -114.27 -47.02 -24.54
C ARG K 104 -115.61 -46.28 -24.60
N ALA K 105 -115.56 -45.01 -24.22
CA ALA K 105 -116.75 -44.17 -24.33
C ALA K 105 -117.02 -43.77 -25.77
N SER K 106 -115.99 -43.77 -26.62
CA SER K 106 -116.16 -43.38 -28.01
C SER K 106 -116.66 -44.55 -28.85
N ILE K 107 -116.20 -45.76 -28.57
CA ILE K 107 -116.60 -46.93 -29.34
C ILE K 107 -117.99 -47.35 -28.85
N THR K 108 -119.01 -47.03 -29.65
CA THR K 108 -120.39 -47.42 -29.47
C THR K 108 -120.86 -48.20 -30.70
N PRO K 109 -121.82 -49.12 -30.55
CA PRO K 109 -122.34 -49.82 -31.73
C PRO K 109 -123.07 -48.89 -32.70
N GLY K 110 -122.48 -48.69 -33.88
CA GLY K 110 -123.01 -47.77 -34.86
C GLY K 110 -121.96 -46.84 -35.44
N THR K 111 -120.82 -46.74 -34.79
CA THR K 111 -119.80 -45.78 -35.20
C THR K 111 -119.02 -46.29 -36.41
N ILE K 112 -118.22 -45.40 -36.99
CA ILE K 112 -117.31 -45.74 -38.07
C ILE K 112 -115.89 -45.67 -37.55
N LEU K 113 -115.19 -46.80 -37.59
CA LEU K 113 -113.84 -46.92 -37.08
C LEU K 113 -112.83 -46.77 -38.22
N ILE K 114 -111.57 -46.58 -37.86
CA ILE K 114 -110.47 -46.55 -38.83
C ILE K 114 -109.53 -47.69 -38.46
N ILE K 115 -109.49 -48.73 -39.28
CA ILE K 115 -108.58 -49.84 -39.02
C ILE K 115 -107.20 -49.50 -39.58
N LEU K 116 -106.17 -49.72 -38.75
CA LEU K 116 -104.82 -49.23 -39.06
C LEU K 116 -103.82 -50.36 -39.28
N THR K 117 -103.69 -51.26 -38.30
CA THR K 117 -102.49 -52.09 -38.22
C THR K 117 -102.62 -53.36 -39.04
N GLY K 118 -103.83 -53.68 -39.50
CA GLY K 118 -104.04 -54.87 -40.30
C GLY K 118 -103.51 -54.72 -41.71
N ARG K 119 -103.91 -55.67 -42.58
CA ARG K 119 -103.61 -55.51 -43.99
C ARG K 119 -104.58 -54.56 -44.66
N HIS K 120 -105.71 -54.29 -44.02
CA HIS K 120 -106.64 -53.24 -44.44
C HIS K 120 -106.24 -51.95 -43.71
N ARG K 121 -105.30 -51.23 -44.30
CA ARG K 121 -104.69 -50.08 -43.65
C ARG K 121 -105.49 -48.82 -43.97
N GLY K 122 -105.85 -48.07 -42.92
CA GLY K 122 -106.48 -46.78 -43.11
C GLY K 122 -107.90 -46.81 -43.60
N LYS K 123 -108.57 -47.96 -43.52
CA LYS K 123 -109.92 -48.07 -44.05
C LYS K 123 -110.95 -47.68 -43.00
N ARG K 124 -111.93 -46.90 -43.43
CA ARG K 124 -113.03 -46.46 -42.57
C ARG K 124 -114.16 -47.48 -42.66
N VAL K 125 -114.31 -48.28 -41.61
CA VAL K 125 -115.15 -49.48 -41.63
C VAL K 125 -116.16 -49.37 -40.50
N VAL K 126 -117.41 -49.78 -40.77
CA VAL K 126 -118.52 -49.62 -39.83
C VAL K 126 -118.44 -50.67 -38.74
N PHE K 127 -118.60 -50.25 -37.48
CA PHE K 127 -118.56 -51.12 -36.31
C PHE K 127 -119.93 -51.68 -36.00
N LEU K 128 -120.00 -52.98 -35.67
CA LEU K 128 -121.27 -53.63 -35.38
C LEU K 128 -121.53 -53.80 -33.88
N LYS K 129 -120.69 -54.54 -33.18
CA LYS K 129 -121.00 -54.96 -31.81
C LYS K 129 -119.75 -55.48 -31.12
N GLN K 130 -119.89 -55.70 -29.82
CA GLN K 130 -118.80 -56.22 -28.99
C GLN K 130 -118.94 -57.73 -28.85
N LEU K 131 -117.85 -58.45 -29.13
CA LEU K 131 -117.89 -59.90 -29.06
C LEU K 131 -117.70 -60.36 -27.61
N SER K 132 -117.68 -61.69 -27.45
CA SER K 132 -117.62 -62.28 -26.12
C SER K 132 -116.20 -62.28 -25.56
N SER K 133 -115.21 -62.53 -26.43
CA SER K 133 -113.83 -62.65 -25.96
C SER K 133 -113.21 -61.30 -25.65
N GLY K 134 -113.67 -60.24 -26.31
CA GLY K 134 -113.13 -58.90 -26.13
C GLY K 134 -112.74 -58.20 -27.41
N LEU K 135 -112.82 -58.89 -28.55
CA LEU K 135 -112.48 -58.25 -29.82
C LEU K 135 -113.69 -57.54 -30.42
N LEU K 136 -113.42 -56.61 -31.33
CA LEU K 136 -114.46 -55.82 -31.98
C LEU K 136 -114.90 -56.53 -33.26
N LEU K 137 -116.18 -56.85 -33.37
CA LEU K 137 -116.75 -57.36 -34.61
C LEU K 137 -117.04 -56.17 -35.52
N VAL K 138 -116.23 -55.99 -36.56
CA VAL K 138 -116.31 -54.83 -37.43
C VAL K 138 -116.55 -55.33 -38.85
N THR K 139 -117.54 -54.73 -39.53
CA THR K 139 -117.93 -55.22 -40.85
C THR K 139 -118.33 -54.03 -41.71
N GLY K 140 -117.65 -53.87 -42.84
CA GLY K 140 -118.05 -52.90 -43.83
C GLY K 140 -118.74 -53.59 -44.98
N PRO K 141 -119.39 -52.81 -45.84
CA PRO K 141 -119.90 -53.38 -47.09
C PRO K 141 -118.79 -53.88 -47.98
N LEU K 142 -118.98 -55.09 -48.52
CA LEU K 142 -117.96 -55.69 -49.38
C LEU K 142 -117.88 -54.95 -50.71
N SER K 143 -118.96 -54.29 -51.13
CA SER K 143 -118.92 -53.48 -52.34
C SER K 143 -118.20 -52.16 -52.09
N LEU K 144 -118.27 -51.65 -50.85
CA LEU K 144 -117.70 -50.34 -50.57
C LEU K 144 -116.28 -50.44 -50.02
N ASN K 145 -116.12 -51.10 -48.87
CA ASN K 145 -114.84 -51.10 -48.17
C ASN K 145 -113.90 -52.20 -48.63
N ARG K 146 -114.45 -53.28 -49.21
CA ARG K 146 -113.78 -54.57 -49.43
C ARG K 146 -113.22 -55.03 -48.10
N VAL K 147 -114.09 -55.09 -47.08
CA VAL K 147 -113.72 -55.55 -45.74
C VAL K 147 -114.75 -56.58 -45.29
N PRO K 148 -114.34 -57.80 -44.95
CA PRO K 148 -115.30 -58.83 -44.52
C PRO K 148 -115.77 -58.65 -43.09
N LEU K 149 -116.46 -59.68 -42.59
CA LEU K 149 -116.80 -59.76 -41.16
C LEU K 149 -115.52 -60.00 -40.39
N ARG K 150 -114.86 -58.95 -39.92
CA ARG K 150 -113.50 -59.08 -39.42
C ARG K 150 -113.44 -58.69 -37.95
N ARG K 151 -112.64 -59.41 -37.18
CA ARG K 151 -112.34 -58.98 -35.84
C ARG K 151 -111.19 -57.98 -35.86
N THR K 152 -111.32 -56.93 -35.04
CA THR K 152 -110.26 -55.96 -34.86
C THR K 152 -110.02 -55.80 -33.37
N HIS K 153 -108.81 -55.37 -33.00
CA HIS K 153 -108.53 -55.14 -31.60
C HIS K 153 -108.97 -53.73 -31.20
N GLN K 154 -109.34 -53.58 -29.92
CA GLN K 154 -109.86 -52.30 -29.43
C GLN K 154 -108.80 -51.21 -29.42
N LYS K 155 -107.57 -51.55 -29.02
CA LYS K 155 -106.50 -50.56 -28.96
C LYS K 155 -106.03 -50.17 -30.34
N PHE K 156 -106.08 -51.08 -31.30
CA PHE K 156 -105.48 -50.92 -32.64
C PHE K 156 -106.41 -50.22 -33.61
N VAL K 157 -107.32 -49.38 -33.10
CA VAL K 157 -108.39 -48.79 -33.89
C VAL K 157 -108.58 -47.34 -33.47
N ILE K 158 -108.56 -46.43 -34.43
CA ILE K 158 -109.01 -45.04 -34.24
C ILE K 158 -110.52 -45.02 -34.35
N ALA K 159 -111.19 -44.46 -33.35
CA ALA K 159 -112.65 -44.37 -33.33
C ALA K 159 -113.06 -42.97 -33.76
N THR K 160 -113.71 -42.87 -34.93
CA THR K 160 -114.20 -41.60 -35.44
C THR K 160 -115.66 -41.42 -35.09
N SER K 161 -116.00 -40.26 -34.54
CA SER K 161 -117.37 -39.95 -34.13
C SER K 161 -118.23 -39.67 -35.36
N THR K 162 -118.64 -40.75 -36.02
CA THR K 162 -119.57 -40.70 -37.15
C THR K 162 -120.43 -41.95 -37.04
N LYS K 163 -121.65 -41.77 -36.53
CA LYS K 163 -122.48 -42.87 -36.08
C LYS K 163 -123.73 -43.02 -36.94
N ILE K 164 -124.23 -44.26 -37.02
CA ILE K 164 -125.47 -44.56 -37.72
C ILE K 164 -126.41 -45.23 -36.73
N ASP K 165 -127.70 -45.23 -37.07
CA ASP K 165 -128.74 -45.84 -36.24
C ASP K 165 -128.77 -47.33 -36.54
N ILE K 166 -127.91 -48.09 -35.86
CA ILE K 166 -127.74 -49.51 -36.13
C ILE K 166 -128.59 -50.37 -35.21
N SER K 167 -129.33 -49.74 -34.28
CA SER K 167 -130.02 -50.48 -33.22
C SER K 167 -131.17 -51.34 -33.76
N GLY K 168 -131.73 -50.96 -34.90
CA GLY K 168 -132.80 -51.73 -35.49
C GLY K 168 -132.36 -52.76 -36.52
N VAL K 169 -131.42 -53.64 -36.15
CA VAL K 169 -130.97 -54.70 -37.04
C VAL K 169 -131.19 -56.04 -36.35
N LYS K 170 -131.05 -57.12 -37.12
CA LYS K 170 -131.15 -58.49 -36.62
C LYS K 170 -129.82 -59.18 -36.90
N ILE K 171 -128.89 -59.07 -35.96
CA ILE K 171 -127.59 -59.71 -36.10
C ILE K 171 -127.74 -61.21 -35.90
N PRO K 172 -127.01 -62.05 -36.64
CA PRO K 172 -127.06 -63.50 -36.38
C PRO K 172 -126.39 -63.84 -35.06
N LYS K 173 -127.00 -64.78 -34.34
CA LYS K 173 -126.50 -65.19 -33.03
C LYS K 173 -125.54 -66.36 -33.10
N HIS K 174 -125.47 -67.05 -34.24
CA HIS K 174 -124.58 -68.20 -34.37
C HIS K 174 -123.11 -67.76 -34.48
N LEU K 175 -122.86 -66.58 -35.02
CA LEU K 175 -121.49 -66.09 -35.13
C LEU K 175 -120.99 -65.58 -33.78
N THR K 176 -119.76 -65.93 -33.46
CA THR K 176 -119.14 -65.62 -32.17
C THR K 176 -117.63 -65.61 -32.37
N ASP K 177 -116.89 -65.62 -31.26
CA ASP K 177 -115.43 -65.60 -31.34
C ASP K 177 -114.89 -66.91 -31.89
N ALA K 178 -115.59 -68.02 -31.63
CA ALA K 178 -115.17 -69.31 -32.19
C ALA K 178 -115.50 -69.43 -33.67
N TYR K 179 -116.40 -68.57 -34.16
CA TYR K 179 -116.73 -68.60 -35.59
C TYR K 179 -115.62 -68.00 -36.43
N PHE K 180 -114.89 -67.03 -35.89
CA PHE K 180 -113.84 -66.35 -36.64
C PHE K 180 -112.44 -66.80 -36.27
N LYS K 181 -112.30 -67.84 -35.46
CA LYS K 181 -110.97 -68.33 -35.09
C LYS K 181 -110.37 -69.09 -36.27
N LYS K 182 -109.06 -68.96 -36.45
CA LYS K 182 -108.40 -69.54 -37.62
C LYS K 182 -108.30 -71.06 -37.48
N LYS K 183 -108.67 -71.77 -38.55
CA LYS K 183 -108.70 -73.21 -38.53
C LYS K 183 -107.29 -73.80 -38.59
N LYS K 184 -106.57 -73.54 -39.67
CA LYS K 184 -105.21 -74.05 -39.84
C LYS K 184 -104.39 -73.14 -40.73
N LYS K 202 -103.70 -72.56 -48.54
CA LYS K 202 -104.77 -71.77 -49.14
C LYS K 202 -106.02 -71.77 -48.26
N TYR K 203 -106.75 -70.66 -48.27
CA TYR K 203 -107.97 -70.50 -47.48
C TYR K 203 -109.11 -70.17 -48.43
N GLU K 204 -110.02 -71.13 -48.61
CA GLU K 204 -111.17 -70.94 -49.48
C GLU K 204 -112.34 -70.38 -48.68
N ILE K 205 -113.10 -69.49 -49.32
CA ILE K 205 -114.23 -68.82 -48.67
C ILE K 205 -115.42 -69.77 -48.67
N THR K 206 -115.93 -70.09 -47.49
CA THR K 206 -117.09 -70.94 -47.38
C THR K 206 -118.36 -70.17 -47.76
N GLU K 207 -119.44 -70.92 -48.00
CA GLU K 207 -120.70 -70.29 -48.39
C GLU K 207 -121.38 -69.63 -47.19
N GLN K 208 -121.07 -70.07 -45.97
CA GLN K 208 -121.68 -69.48 -44.79
C GLN K 208 -121.18 -68.06 -44.56
N ARG K 209 -119.91 -67.82 -44.87
CA ARG K 209 -119.34 -66.47 -44.80
C ARG K 209 -120.03 -65.54 -45.81
N LYS K 210 -120.33 -66.05 -47.00
CA LYS K 210 -121.00 -65.23 -48.02
C LYS K 210 -122.44 -64.94 -47.64
N VAL K 211 -123.15 -65.94 -47.08
CA VAL K 211 -124.53 -65.74 -46.65
C VAL K 211 -124.59 -64.75 -45.48
N ASP K 212 -123.66 -64.87 -44.52
CA ASP K 212 -123.64 -63.94 -43.40
C ASP K 212 -123.24 -62.54 -43.85
N GLN K 213 -122.32 -62.42 -44.81
CA GLN K 213 -121.93 -61.12 -45.32
C GLN K 213 -123.07 -60.45 -46.07
N LYS K 214 -123.85 -61.23 -46.84
CA LYS K 214 -125.03 -60.68 -47.51
C LYS K 214 -126.10 -60.27 -46.52
N ALA K 215 -126.31 -61.07 -45.45
CA ALA K 215 -127.35 -60.77 -44.48
C ALA K 215 -127.00 -59.53 -43.65
N VAL K 216 -125.71 -59.30 -43.40
CA VAL K 216 -125.31 -58.10 -42.66
C VAL K 216 -125.26 -56.89 -43.59
N ASP K 217 -124.87 -57.09 -44.86
CA ASP K 217 -124.81 -56.00 -45.82
C ASP K 217 -126.19 -55.48 -46.18
N SER K 218 -127.19 -56.37 -46.23
CA SER K 218 -128.55 -55.95 -46.54
C SER K 218 -129.17 -55.14 -45.40
N GLN K 219 -128.64 -55.27 -44.18
CA GLN K 219 -129.11 -54.48 -43.06
C GLN K 219 -128.32 -53.17 -42.94
N ILE K 220 -127.05 -53.18 -43.33
CA ILE K 220 -126.25 -51.96 -43.21
C ILE K 220 -126.53 -50.99 -44.36
N LEU K 221 -126.66 -51.51 -45.59
CA LEU K 221 -126.62 -50.68 -46.79
C LEU K 221 -127.70 -49.61 -46.95
N PRO K 222 -129.00 -49.84 -46.67
CA PRO K 222 -129.93 -48.70 -46.77
C PRO K 222 -129.74 -47.66 -45.67
N LYS K 223 -129.29 -48.06 -44.49
CA LYS K 223 -129.11 -47.10 -43.41
C LYS K 223 -127.89 -46.21 -43.63
N ILE K 224 -126.91 -46.70 -44.40
CA ILE K 224 -125.76 -45.84 -44.71
C ILE K 224 -125.98 -45.10 -46.01
N LYS K 225 -126.85 -45.60 -46.89
CA LYS K 225 -127.18 -44.84 -48.09
C LYS K 225 -128.22 -43.76 -47.80
N ALA K 226 -128.92 -43.86 -46.67
CA ALA K 226 -129.79 -42.76 -46.24
C ALA K 226 -128.98 -41.54 -45.81
N VAL K 227 -127.77 -41.75 -45.31
CA VAL K 227 -126.90 -40.64 -44.94
C VAL K 227 -126.20 -40.11 -46.20
N PRO K 228 -126.22 -38.80 -46.44
CA PRO K 228 -125.59 -38.26 -47.66
C PRO K 228 -124.07 -38.35 -47.61
N GLN K 229 -123.49 -38.76 -48.75
CA GLN K 229 -122.05 -38.82 -49.01
C GLN K 229 -121.29 -39.71 -48.05
N LEU K 230 -121.93 -40.73 -47.48
CA LEU K 230 -121.28 -41.60 -46.51
C LEU K 230 -120.59 -42.77 -47.19
N GLN K 231 -121.11 -43.26 -48.31
CA GLN K 231 -120.51 -44.40 -48.98
C GLN K 231 -119.17 -44.03 -49.62
N GLY K 232 -119.02 -42.79 -50.08
CA GLY K 232 -117.73 -42.34 -50.56
C GLY K 232 -116.71 -42.20 -49.44
N TYR K 233 -117.17 -41.78 -48.26
CA TYR K 233 -116.32 -41.73 -47.09
C TYR K 233 -115.88 -43.13 -46.66
N LEU K 234 -116.76 -44.12 -46.83
CA LEU K 234 -116.39 -45.49 -46.50
C LEU K 234 -115.42 -46.06 -47.55
N ARG K 235 -115.59 -45.69 -48.81
CA ARG K 235 -114.69 -46.21 -49.85
C ARG K 235 -113.31 -45.58 -49.78
N SER K 236 -113.24 -44.28 -49.48
CA SER K 236 -111.95 -43.59 -49.47
C SER K 236 -111.12 -43.98 -48.25
N VAL K 237 -109.81 -43.96 -48.42
CA VAL K 237 -108.88 -44.43 -47.40
C VAL K 237 -108.39 -43.24 -46.59
N PHE K 238 -108.04 -43.48 -45.32
CA PHE K 238 -107.46 -42.45 -44.49
C PHE K 238 -105.96 -42.37 -44.72
N ALA K 239 -105.44 -41.14 -44.74
CA ALA K 239 -104.02 -40.93 -45.00
C ALA K 239 -103.60 -39.61 -44.38
N LEU K 240 -102.42 -39.61 -43.77
CA LEU K 240 -101.83 -38.38 -43.26
C LEU K 240 -101.06 -37.66 -44.37
N THR K 241 -101.01 -36.34 -44.25
CA THR K 241 -100.33 -35.51 -45.24
C THR K 241 -99.60 -34.39 -44.51
N ASN K 242 -99.05 -33.46 -45.28
CA ASN K 242 -98.24 -32.38 -44.71
C ASN K 242 -99.11 -31.37 -43.99
N GLY K 243 -98.68 -30.98 -42.80
CA GLY K 243 -99.42 -30.00 -42.02
C GLY K 243 -100.67 -30.53 -41.34
N VAL K 244 -100.81 -31.85 -41.25
CA VAL K 244 -101.95 -32.50 -40.62
C VAL K 244 -101.42 -33.40 -39.52
N TYR K 245 -101.75 -33.10 -38.27
CA TYR K 245 -101.22 -33.83 -37.14
C TYR K 245 -102.34 -34.27 -36.21
N PRO K 246 -102.34 -35.54 -35.77
CA PRO K 246 -103.48 -36.11 -35.02
C PRO K 246 -103.73 -35.47 -33.66
N HIS K 247 -102.71 -34.85 -33.08
CA HIS K 247 -102.94 -34.06 -31.87
C HIS K 247 -103.65 -32.75 -32.19
N LYS K 248 -103.56 -32.30 -33.45
CA LYS K 248 -104.17 -31.04 -33.83
C LYS K 248 -105.60 -31.24 -34.33
N LEU K 249 -105.81 -32.20 -35.24
CA LEU K 249 -107.18 -32.37 -35.72
C LEU K 249 -108.02 -33.15 -34.71
N VAL K 250 -109.33 -32.95 -34.79
CA VAL K 250 -110.30 -33.63 -33.95
C VAL K 250 -111.30 -34.31 -34.87
N PHE K 251 -111.95 -35.36 -34.37
CA PHE K 251 -112.87 -36.16 -35.16
C PHE K 251 -113.91 -36.85 -34.28
N ASN L 1 -107.93 -93.81 20.51
CA ASN L 1 -109.34 -93.70 20.16
C ASN L 1 -109.58 -92.52 19.22
N PHE L 2 -109.02 -91.36 19.61
CA PHE L 2 -109.11 -90.09 18.87
C PHE L 2 -110.57 -89.68 18.65
N ALA L 3 -111.37 -89.81 19.71
CA ALA L 3 -112.76 -89.39 19.70
C ALA L 3 -112.93 -88.03 20.38
N GLU L 4 -112.48 -87.92 21.63
CA GLU L 4 -112.53 -86.63 22.32
C GLU L 4 -111.44 -85.69 21.82
N LEU L 5 -110.38 -86.22 21.22
CA LEU L 5 -109.21 -85.41 20.88
C LEU L 5 -109.50 -84.46 19.73
N LYS L 6 -110.14 -84.95 18.66
CA LYS L 6 -110.45 -84.09 17.51
C LYS L 6 -111.52 -83.06 17.87
N ILE L 7 -112.46 -83.43 18.73
CA ILE L 7 -113.49 -82.50 19.19
C ILE L 7 -112.86 -81.41 20.05
N LYS L 8 -111.90 -81.77 20.90
CA LYS L 8 -111.24 -80.77 21.73
C LYS L 8 -110.33 -79.87 20.91
N ARG L 9 -109.73 -80.41 19.84
CA ARG L 9 -108.97 -79.57 18.90
C ARG L 9 -109.88 -78.58 18.16
N LEU L 10 -111.08 -79.02 17.76
CA LEU L 10 -112.03 -78.11 17.14
C LEU L 10 -112.52 -77.06 18.12
N ARG L 11 -112.67 -77.43 19.40
CA ARG L 11 -113.06 -76.45 20.42
C ARG L 11 -111.97 -75.42 20.67
N LYS L 12 -110.71 -75.84 20.65
CA LYS L 12 -109.61 -74.88 20.80
C LYS L 12 -109.49 -73.97 19.59
N LYS L 13 -109.71 -74.51 18.39
CA LYS L 13 -109.70 -73.69 17.18
C LYS L 13 -110.84 -72.67 17.19
N PHE L 14 -112.02 -73.10 17.64
CA PHE L 14 -113.15 -72.19 17.78
C PHE L 14 -112.91 -71.14 18.85
N ALA L 15 -112.19 -71.51 19.92
CA ALA L 15 -111.86 -70.56 20.98
C ALA L 15 -110.89 -69.49 20.48
N GLN L 16 -109.84 -69.89 19.75
CA GLN L 16 -108.95 -68.92 19.13
C GLN L 16 -109.67 -68.06 18.08
N LYS L 17 -110.65 -68.63 17.37
CA LYS L 17 -111.37 -67.86 16.36
C LYS L 17 -112.26 -66.79 17.01
N MET L 18 -113.00 -67.15 18.06
CA MET L 18 -113.84 -66.16 18.75
C MET L 18 -113.00 -65.15 19.52
N LEU L 19 -111.83 -65.55 20.00
CA LEU L 19 -110.90 -64.61 20.63
C LEU L 19 -110.38 -63.59 19.62
N ARG L 20 -110.08 -64.05 18.40
CA ARG L 20 -109.65 -63.15 17.34
C ARG L 20 -110.78 -62.20 16.94
N LYS L 21 -112.02 -62.70 16.88
CA LYS L 21 -113.16 -61.85 16.54
C LYS L 21 -113.41 -60.79 17.62
N ALA L 22 -113.22 -61.16 18.89
CA ALA L 22 -113.37 -60.20 19.98
C ALA L 22 -112.28 -59.13 19.92
N ARG L 23 -111.06 -59.52 19.56
CA ARG L 23 -109.99 -58.52 19.40
C ARG L 23 -110.24 -57.60 18.21
N ARG L 24 -110.83 -58.13 17.13
CA ARG L 24 -111.21 -57.27 16.00
C ARG L 24 -112.29 -56.28 16.39
N LYS L 25 -113.26 -56.72 17.19
CA LYS L 25 -114.30 -55.83 17.69
C LYS L 25 -113.71 -54.74 18.59
N LEU L 26 -112.71 -55.10 19.41
CA LEU L 26 -112.04 -54.11 20.25
C LEU L 26 -111.27 -53.09 19.41
N ILE L 27 -110.58 -53.54 18.36
CA ILE L 27 -109.84 -52.63 17.49
C ILE L 27 -110.79 -51.69 16.75
N TYR L 28 -111.93 -52.22 16.28
CA TYR L 28 -112.94 -51.41 15.60
C TYR L 28 -113.50 -50.32 16.53
N GLU L 29 -113.85 -50.71 17.76
CA GLU L 29 -114.44 -49.75 18.68
C GLU L 29 -113.42 -48.73 19.17
N LYS L 30 -112.15 -49.14 19.32
CA LYS L 30 -111.10 -48.18 19.65
C LYS L 30 -110.90 -47.17 18.51
N ALA L 31 -110.98 -47.62 17.26
CA ALA L 31 -110.84 -46.70 16.14
C ALA L 31 -112.04 -45.75 16.04
N LYS L 32 -113.24 -46.23 16.37
CA LYS L 32 -114.41 -45.34 16.35
C LYS L 32 -114.33 -44.30 17.47
N HIS L 33 -113.88 -44.71 18.66
CA HIS L 33 -113.70 -43.77 19.75
C HIS L 33 -112.59 -42.77 19.44
N TYR L 34 -111.56 -43.20 18.70
CA TYR L 34 -110.51 -42.27 18.28
C TYR L 34 -111.03 -41.26 17.28
N HIS L 35 -111.88 -41.70 16.34
CA HIS L 35 -112.51 -40.77 15.40
C HIS L 35 -113.37 -39.74 16.11
N LYS L 36 -114.11 -40.18 17.14
CA LYS L 36 -114.88 -39.25 17.96
C LYS L 36 -113.98 -38.26 18.70
N GLU L 37 -112.84 -38.74 19.19
CA GLU L 37 -111.89 -37.84 19.88
C GLU L 37 -111.26 -36.85 18.92
N TYR L 38 -110.96 -37.26 17.68
CA TYR L 38 -110.40 -36.31 16.72
C TYR L 38 -111.43 -35.26 16.31
N ARG L 39 -112.70 -35.67 16.18
CA ARG L 39 -113.76 -34.69 15.90
C ARG L 39 -113.90 -33.69 17.04
N GLN L 40 -113.87 -34.17 18.29
CA GLN L 40 -113.99 -33.28 19.45
C GLN L 40 -112.80 -32.32 19.54
N MET L 41 -111.57 -32.82 19.32
CA MET L 41 -110.40 -31.97 19.39
C MET L 41 -110.33 -30.98 18.24
N TYR L 42 -110.86 -31.33 17.07
CA TYR L 42 -110.87 -30.38 15.96
C TYR L 42 -111.92 -29.31 16.17
N ARG L 43 -113.05 -29.65 16.77
CA ARG L 43 -114.11 -28.65 16.93
C ARG L 43 -113.86 -27.74 18.14
N THR L 44 -113.15 -28.24 19.16
CA THR L 44 -113.02 -27.45 20.38
C THR L 44 -112.07 -26.27 20.19
N GLU L 45 -111.10 -26.37 19.27
CA GLU L 45 -110.21 -25.25 19.00
C GLU L 45 -110.94 -24.14 18.26
N ILE L 46 -111.80 -24.51 17.30
CA ILE L 46 -112.65 -23.54 16.62
C ILE L 46 -113.63 -22.91 17.59
N ARG L 47 -114.13 -23.68 18.56
CA ARG L 47 -115.05 -23.16 19.56
C ARG L 47 -114.37 -22.14 20.47
N MET L 48 -113.15 -22.46 20.95
CA MET L 48 -112.38 -21.53 21.76
C MET L 48 -111.98 -20.28 20.98
N ALA L 49 -111.75 -20.42 19.66
CA ALA L 49 -111.41 -19.25 18.87
C ALA L 49 -112.63 -18.38 18.59
N ARG L 50 -113.80 -18.99 18.46
CA ARG L 50 -115.01 -18.23 18.19
C ARG L 50 -115.49 -17.48 19.42
N MET L 51 -115.40 -18.09 20.61
CA MET L 51 -115.90 -17.40 21.79
C MET L 51 -115.02 -16.23 22.21
N ALA L 52 -113.72 -16.30 21.91
CA ALA L 52 -112.84 -15.17 22.21
C ALA L 52 -113.12 -14.00 21.27
N ARG L 53 -113.38 -14.28 19.99
CA ARG L 53 -113.75 -13.23 19.05
C ARG L 53 -115.15 -12.68 19.34
N LYS L 54 -116.04 -13.50 19.88
CA LYS L 54 -117.36 -13.01 20.28
C LYS L 54 -117.27 -12.11 21.50
N ALA L 55 -116.42 -12.47 22.46
CA ALA L 55 -116.23 -11.64 23.63
C ALA L 55 -115.39 -10.41 23.33
N GLY L 56 -114.64 -10.42 22.23
CA GLY L 56 -113.79 -9.32 21.86
C GLY L 56 -112.33 -9.51 22.19
N ASN L 57 -111.96 -10.66 22.74
CA ASN L 57 -110.58 -10.95 23.13
C ASN L 57 -109.90 -11.75 22.02
N PHE L 58 -108.71 -12.27 22.32
CA PHE L 58 -107.96 -13.10 21.40
C PHE L 58 -107.69 -14.45 22.05
N TYR L 59 -107.84 -15.52 21.27
CA TYR L 59 -107.53 -16.87 21.72
C TYR L 59 -106.12 -17.25 21.28
N VAL L 60 -105.24 -17.49 22.24
CA VAL L 60 -103.93 -18.06 21.99
C VAL L 60 -104.06 -19.58 22.08
N PRO L 61 -103.86 -20.32 20.99
CA PRO L 61 -103.96 -21.77 21.05
C PRO L 61 -102.76 -22.37 21.78
N ALA L 62 -102.93 -23.61 22.21
CA ALA L 62 -101.87 -24.32 22.90
C ALA L 62 -100.76 -24.67 21.92
N GLU L 63 -99.52 -24.60 22.39
CA GLU L 63 -98.39 -24.95 21.55
C GLU L 63 -98.39 -26.45 21.29
N PRO L 64 -98.19 -26.88 20.04
CA PRO L 64 -98.33 -28.30 19.71
C PRO L 64 -97.18 -29.13 20.29
N LYS L 65 -97.56 -30.26 20.89
CA LYS L 65 -96.62 -31.08 21.64
C LYS L 65 -95.72 -31.91 20.73
N LEU L 66 -96.08 -32.03 19.45
CA LEU L 66 -95.44 -32.96 18.54
C LEU L 66 -94.93 -32.24 17.30
N ALA L 67 -93.77 -32.66 16.80
CA ALA L 67 -93.18 -32.12 15.59
C ALA L 67 -92.65 -33.25 14.73
N PHE L 68 -92.47 -32.97 13.45
CA PHE L 68 -91.88 -33.90 12.50
C PHE L 68 -90.64 -33.25 11.93
N VAL L 69 -89.52 -33.98 11.96
CA VAL L 69 -88.21 -33.44 11.63
C VAL L 69 -87.65 -34.24 10.45
N ILE L 70 -87.16 -33.53 9.43
CA ILE L 70 -86.60 -34.15 8.23
C ILE L 70 -85.17 -33.65 8.06
N ARG L 71 -84.22 -34.57 8.03
CA ARG L 71 -82.83 -34.22 7.79
C ARG L 71 -82.64 -33.93 6.31
N ILE L 72 -82.57 -32.64 5.95
CA ILE L 72 -82.55 -32.25 4.55
C ILE L 72 -81.15 -32.13 3.95
N ARG L 73 -80.10 -32.19 4.76
CA ARG L 73 -78.75 -32.05 4.25
C ARG L 73 -77.94 -33.32 4.53
N GLY L 74 -76.86 -33.48 3.78
CA GLY L 74 -76.12 -34.71 3.72
C GLY L 74 -75.20 -34.93 4.91
N ILE L 75 -74.30 -35.90 4.73
CA ILE L 75 -73.43 -36.33 5.81
C ILE L 75 -72.03 -35.72 5.70
N ASN L 76 -71.68 -35.17 4.55
CA ASN L 76 -70.32 -34.69 4.33
C ASN L 76 -70.14 -33.29 4.89
N GLY L 77 -69.08 -33.11 5.69
CA GLY L 77 -68.78 -31.82 6.27
C GLY L 77 -69.75 -31.42 7.37
N VAL L 78 -69.82 -32.21 8.43
CA VAL L 78 -70.76 -31.98 9.52
C VAL L 78 -69.96 -31.77 10.82
N SER L 79 -70.37 -30.78 11.59
CA SER L 79 -69.81 -30.54 12.93
C SER L 79 -70.05 -31.77 13.81
N PRO L 80 -69.12 -32.10 14.71
CA PRO L 80 -69.29 -33.34 15.51
C PRO L 80 -70.41 -33.24 16.52
N LYS L 81 -70.62 -32.08 17.13
CA LYS L 81 -71.75 -31.90 18.04
C LYS L 81 -73.07 -31.97 17.29
N VAL L 82 -73.14 -31.39 16.10
CA VAL L 82 -74.33 -31.45 15.26
C VAL L 82 -74.61 -32.88 14.81
N ARG L 83 -73.55 -33.62 14.45
CA ARG L 83 -73.69 -35.02 14.05
C ARG L 83 -74.14 -35.89 15.23
N LYS L 84 -73.67 -35.57 16.44
CA LYS L 84 -74.12 -36.27 17.64
C LYS L 84 -75.60 -36.03 17.90
N VAL L 85 -76.06 -34.79 17.74
CA VAL L 85 -77.48 -34.50 17.95
C VAL L 85 -78.33 -35.16 16.87
N LEU L 86 -77.82 -35.24 15.63
CA LEU L 86 -78.55 -35.90 14.56
C LEU L 86 -78.64 -37.41 14.80
N GLN L 87 -77.57 -38.04 15.29
CA GLN L 87 -77.66 -39.47 15.55
C GLN L 87 -78.39 -39.77 16.86
N LEU L 88 -78.57 -38.78 17.74
CA LEU L 88 -79.47 -38.98 18.88
C LEU L 88 -80.92 -38.71 18.50
N LEU L 89 -81.16 -37.95 17.44
CA LEU L 89 -82.50 -37.78 16.89
C LEU L 89 -82.80 -38.79 15.78
N ARG L 90 -81.87 -39.73 15.54
CA ARG L 90 -82.02 -40.83 14.57
C ARG L 90 -82.22 -40.30 13.15
N LEU L 91 -81.33 -39.38 12.75
CA LEU L 91 -81.34 -38.81 11.41
C LEU L 91 -79.97 -39.10 10.80
N ARG L 92 -79.90 -40.19 10.04
CA ARG L 92 -78.62 -40.72 9.59
C ARG L 92 -78.40 -40.48 8.10
N GLN L 93 -79.33 -40.93 7.26
CA GLN L 93 -79.26 -40.56 5.85
C GLN L 93 -79.93 -39.20 5.65
N ILE L 94 -79.83 -38.71 4.40
CA ILE L 94 -80.55 -37.51 4.02
C ILE L 94 -82.01 -37.88 3.76
N PHE L 95 -82.90 -36.91 4.02
CA PHE L 95 -84.36 -37.02 3.80
C PHE L 95 -84.98 -38.13 4.64
N ASN L 96 -84.57 -38.21 5.91
CA ASN L 96 -85.20 -39.07 6.90
C ASN L 96 -86.04 -38.21 7.84
N GLY L 97 -87.17 -38.75 8.27
CA GLY L 97 -88.06 -38.03 9.16
C GLY L 97 -88.32 -38.80 10.45
N THR L 98 -88.44 -38.05 11.54
CA THR L 98 -88.77 -38.60 12.85
C THR L 98 -89.82 -37.73 13.52
N PHE L 99 -90.68 -38.36 14.32
CA PHE L 99 -91.57 -37.63 15.19
C PHE L 99 -90.87 -37.36 16.52
N VAL L 100 -90.88 -36.10 16.95
CA VAL L 100 -90.20 -35.68 18.17
C VAL L 100 -91.19 -34.90 19.03
N LYS L 101 -91.33 -35.28 20.29
CA LYS L 101 -92.18 -34.50 21.19
C LYS L 101 -91.42 -33.26 21.68
N LEU L 102 -92.18 -32.25 22.09
CA LEU L 102 -91.60 -30.96 22.41
C LEU L 102 -91.44 -30.77 23.92
N ASN L 103 -90.27 -30.27 24.31
CA ASN L 103 -90.02 -29.70 25.63
C ASN L 103 -88.80 -28.79 25.51
N LYS L 104 -88.32 -28.32 26.66
CA LYS L 104 -87.21 -27.37 26.68
C LYS L 104 -85.92 -28.02 26.19
N ALA L 105 -85.77 -29.32 26.41
CA ALA L 105 -84.63 -30.04 25.85
C ALA L 105 -84.75 -30.18 24.34
N SER L 106 -85.93 -30.53 23.85
CA SER L 106 -86.12 -30.81 22.42
C SER L 106 -86.02 -29.55 21.57
N ILE L 107 -86.49 -28.41 22.09
CA ILE L 107 -86.42 -27.17 21.33
C ILE L 107 -84.98 -26.74 21.11
N ASN L 108 -84.14 -26.87 22.14
CA ASN L 108 -82.73 -26.53 21.96
C ASN L 108 -81.97 -27.60 21.17
N MET L 109 -82.40 -28.87 21.25
CA MET L 109 -81.78 -29.89 20.41
C MET L 109 -82.12 -29.70 18.93
N LEU L 110 -83.28 -29.12 18.63
CA LEU L 110 -83.57 -28.77 17.25
C LEU L 110 -82.91 -27.45 16.86
N ARG L 111 -82.69 -26.57 17.84
CA ARG L 111 -82.06 -25.28 17.57
C ARG L 111 -80.59 -25.44 17.27
N ILE L 112 -79.96 -26.47 17.83
CA ILE L 112 -78.54 -26.68 17.60
C ILE L 112 -78.29 -27.31 16.23
N VAL L 113 -79.33 -27.86 15.60
CA VAL L 113 -79.20 -28.48 14.28
C VAL L 113 -80.14 -27.85 13.24
N GLU L 114 -80.66 -26.64 13.52
CA GLU L 114 -81.48 -25.87 12.58
C GLU L 114 -81.01 -25.76 11.12
N PRO L 115 -79.72 -25.50 10.79
CA PRO L 115 -79.39 -25.37 9.36
C PRO L 115 -79.39 -26.68 8.58
N TYR L 116 -79.34 -27.82 9.25
CA TYR L 116 -79.29 -29.10 8.54
C TYR L 116 -80.62 -29.84 8.49
N ILE L 117 -81.64 -29.38 9.22
CA ILE L 117 -82.93 -30.05 9.28
C ILE L 117 -84.02 -29.09 8.83
N ALA L 118 -85.19 -29.65 8.56
CA ALA L 118 -86.43 -28.91 8.38
C ALA L 118 -87.46 -29.55 9.31
N TRP L 119 -87.90 -28.81 10.31
CA TRP L 119 -88.81 -29.37 11.28
C TRP L 119 -90.07 -28.51 11.35
N GLY L 120 -91.20 -29.18 11.47
CA GLY L 120 -92.47 -28.47 11.52
C GLY L 120 -93.47 -29.21 12.36
N TYR L 121 -94.68 -28.69 12.39
CA TYR L 121 -95.72 -29.31 13.20
C TYR L 121 -96.74 -29.97 12.29
N PRO L 122 -96.76 -31.29 12.19
CA PRO L 122 -97.54 -31.95 11.14
C PRO L 122 -99.04 -32.02 11.45
N ASN L 123 -99.78 -32.35 10.41
CA ASN L 123 -101.22 -32.51 10.47
C ASN L 123 -101.57 -33.97 10.73
N LEU L 124 -102.84 -34.22 11.08
CA LEU L 124 -103.30 -35.58 11.35
C LEU L 124 -103.26 -36.45 10.10
N LYS L 125 -103.66 -35.91 8.97
CA LYS L 125 -103.59 -36.67 7.72
C LYS L 125 -102.14 -36.88 7.29
N SER L 126 -101.23 -35.95 7.62
CA SER L 126 -99.82 -36.15 7.36
C SER L 126 -99.25 -37.29 8.20
N VAL L 127 -99.63 -37.35 9.48
CA VAL L 127 -99.27 -38.48 10.33
C VAL L 127 -99.87 -39.77 9.76
N ASN L 128 -101.08 -39.69 9.19
CA ASN L 128 -101.72 -40.86 8.61
C ASN L 128 -100.95 -41.39 7.39
N GLU L 129 -100.52 -40.49 6.50
CA GLU L 129 -99.71 -40.95 5.36
C GLU L 129 -98.36 -41.49 5.82
N LEU L 130 -97.76 -40.85 6.83
CA LEU L 130 -96.44 -41.30 7.29
C LEU L 130 -96.51 -42.66 7.98
N ILE L 131 -97.62 -42.96 8.64
CA ILE L 131 -97.73 -44.23 9.36
C ILE L 131 -98.24 -45.34 8.43
N TYR L 132 -99.23 -45.05 7.58
CA TYR L 132 -99.75 -46.11 6.72
C TYR L 132 -98.82 -46.40 5.55
N LYS L 133 -98.33 -45.36 4.87
CA LYS L 133 -97.56 -45.61 3.65
C LYS L 133 -96.12 -46.03 3.95
N ARG L 134 -95.52 -45.49 5.02
CA ARG L 134 -94.14 -45.78 5.37
C ARG L 134 -94.06 -46.40 6.76
N GLY L 135 -94.90 -47.39 7.03
CA GLY L 135 -94.94 -48.01 8.34
C GLY L 135 -93.93 -49.12 8.54
N TYR L 136 -92.85 -48.78 9.23
CA TYR L 136 -91.71 -49.68 9.42
C TYR L 136 -91.41 -49.73 10.91
N GLY L 137 -91.51 -50.92 11.50
CA GLY L 137 -91.23 -51.06 12.91
C GLY L 137 -89.91 -51.76 13.16
N LYS L 138 -89.37 -51.55 14.37
CA LYS L 138 -88.12 -52.16 14.77
C LYS L 138 -88.43 -53.36 15.68
N ILE L 139 -88.64 -54.50 15.02
CA ILE L 139 -88.94 -55.75 15.71
C ILE L 139 -87.70 -56.63 15.66
N ASN L 140 -87.19 -56.97 16.86
CA ASN L 140 -85.94 -57.72 17.05
C ASN L 140 -84.77 -57.03 16.36
N LYS L 141 -84.73 -55.70 16.50
CA LYS L 141 -83.73 -54.81 15.88
C LYS L 141 -83.67 -54.98 14.36
N LYS L 142 -84.84 -55.12 13.73
CA LYS L 142 -84.94 -55.31 12.29
C LYS L 142 -86.08 -54.46 11.74
N ARG L 143 -85.84 -53.88 10.56
CA ARG L 143 -86.78 -52.98 9.90
C ARG L 143 -87.85 -53.82 9.18
N ILE L 144 -88.94 -54.09 9.89
CA ILE L 144 -89.99 -54.96 9.38
C ILE L 144 -91.23 -54.14 9.10
N ALA L 145 -91.83 -54.35 7.94
CA ALA L 145 -92.99 -53.57 7.53
C ALA L 145 -94.22 -53.96 8.35
N LEU L 146 -95.00 -52.94 8.76
CA LEU L 146 -96.18 -53.14 9.60
C LEU L 146 -97.37 -53.45 8.71
N THR L 147 -97.45 -54.71 8.28
CA THR L 147 -98.54 -55.16 7.42
C THR L 147 -99.69 -55.74 8.22
N ASP L 148 -99.48 -56.05 9.50
CA ASP L 148 -100.49 -56.63 10.36
C ASP L 148 -100.44 -55.96 11.72
N ASN L 149 -101.59 -55.94 12.40
CA ASN L 149 -101.67 -55.36 13.73
C ASN L 149 -101.04 -56.25 14.79
N THR L 150 -100.85 -57.54 14.50
CA THR L 150 -100.20 -58.45 15.44
C THR L 150 -98.73 -58.10 15.62
N LEU L 151 -98.10 -57.53 14.59
CA LEU L 151 -96.71 -57.09 14.70
C LEU L 151 -96.57 -55.91 15.66
N ILE L 152 -97.57 -55.02 15.68
CA ILE L 152 -97.55 -53.91 16.62
C ILE L 152 -97.90 -54.40 18.03
N ALA L 153 -98.88 -55.31 18.11
CA ALA L 153 -99.36 -55.80 19.40
C ALA L 153 -98.38 -56.74 20.08
N ARG L 154 -97.48 -57.37 19.33
CA ARG L 154 -96.48 -58.24 19.95
C ARG L 154 -95.44 -57.42 20.70
N SER L 155 -95.14 -56.23 20.20
CA SER L 155 -94.10 -55.40 20.82
C SER L 155 -94.70 -54.44 21.86
N LEU L 156 -95.82 -53.79 21.52
CA LEU L 156 -96.38 -52.73 22.35
C LEU L 156 -97.71 -53.11 22.97
N GLY L 157 -97.97 -54.41 23.14
CA GLY L 157 -99.23 -54.83 23.76
C GLY L 157 -99.30 -54.52 25.24
N LYS L 158 -98.13 -54.44 25.90
CA LYS L 158 -98.12 -54.14 27.33
C LYS L 158 -98.33 -52.65 27.60
N TYR L 159 -98.27 -51.80 26.57
CA TYR L 159 -98.54 -50.39 26.72
C TYR L 159 -99.90 -50.01 26.14
N ASN L 160 -100.79 -51.00 25.96
CA ASN L 160 -102.14 -50.83 25.40
C ASN L 160 -102.13 -50.17 24.02
N ILE L 161 -101.13 -50.51 23.22
CA ILE L 161 -101.02 -50.04 21.83
C ILE L 161 -100.99 -51.31 20.99
N ILE L 162 -102.16 -51.75 20.52
CA ILE L 162 -102.28 -53.05 19.87
C ILE L 162 -102.67 -52.95 18.41
N CYS L 163 -102.84 -51.75 17.88
CA CYS L 163 -103.23 -51.63 16.48
C CYS L 163 -102.63 -50.34 15.90
N MET L 164 -102.79 -50.20 14.58
CA MET L 164 -102.28 -49.04 13.86
C MET L 164 -102.99 -47.77 14.31
N GLU L 165 -104.27 -47.87 14.66
CA GLU L 165 -105.01 -46.72 15.16
C GLU L 165 -104.54 -46.31 16.55
N ASP L 166 -104.22 -47.29 17.41
CA ASP L 166 -103.59 -47.00 18.70
C ASP L 166 -102.25 -46.28 18.52
N LEU L 167 -101.45 -46.72 17.55
CA LEU L 167 -100.16 -46.09 17.31
C LEU L 167 -100.32 -44.66 16.79
N ILE L 168 -101.26 -44.46 15.85
CA ILE L 168 -101.51 -43.12 15.31
C ILE L 168 -102.06 -42.19 16.39
N HIS L 169 -102.93 -42.70 17.26
CA HIS L 169 -103.47 -41.90 18.35
C HIS L 169 -102.38 -41.51 19.34
N GLU L 170 -101.44 -42.43 19.63
CA GLU L 170 -100.33 -42.10 20.51
C GLU L 170 -99.42 -41.04 19.90
N ILE L 171 -99.06 -41.20 18.63
CA ILE L 171 -98.13 -40.27 17.97
C ILE L 171 -98.76 -38.89 17.81
N TYR L 172 -100.03 -38.83 17.42
CA TYR L 172 -100.67 -37.53 17.26
C TYR L 172 -101.01 -36.91 18.60
N THR L 173 -101.90 -37.55 19.37
CA THR L 173 -102.07 -37.14 20.76
C THR L 173 -101.05 -37.82 21.67
N VAL L 174 -99.80 -37.34 21.65
CA VAL L 174 -98.70 -37.70 22.54
C VAL L 174 -99.15 -37.81 23.98
N GLY L 175 -98.91 -38.96 24.59
CA GLY L 175 -99.36 -39.23 25.95
C GLY L 175 -98.25 -39.73 26.83
N LYS L 176 -98.45 -40.92 27.39
CA LYS L 176 -97.44 -41.47 28.29
C LYS L 176 -96.31 -42.15 27.52
N HIS L 177 -96.61 -43.19 26.76
CA HIS L 177 -95.58 -44.04 26.17
C HIS L 177 -95.28 -43.63 24.73
N PHE L 178 -95.09 -42.32 24.56
CA PHE L 178 -94.63 -41.79 23.29
C PHE L 178 -93.19 -42.21 23.00
N LYS L 179 -92.39 -42.38 24.06
CA LYS L 179 -91.02 -42.83 23.90
C LYS L 179 -90.96 -44.24 23.32
N GLU L 180 -91.79 -45.14 23.84
CA GLU L 180 -91.82 -46.51 23.33
C GLU L 180 -92.45 -46.59 21.94
N ALA L 181 -93.48 -45.78 21.66
CA ALA L 181 -94.05 -45.77 20.32
C ALA L 181 -93.07 -45.22 19.28
N ASN L 182 -92.37 -44.14 19.63
CA ASN L 182 -91.43 -43.51 18.70
C ASN L 182 -90.20 -44.38 18.52
N ASN L 183 -89.78 -45.09 19.57
CA ASN L 183 -88.62 -45.97 19.44
C ASN L 183 -88.99 -47.25 18.70
N PHE L 184 -90.26 -47.65 18.73
CA PHE L 184 -90.72 -48.71 17.86
C PHE L 184 -90.73 -48.27 16.40
N LEU L 185 -91.15 -47.04 16.14
CA LEU L 185 -91.15 -46.52 14.78
C LEU L 185 -89.72 -46.31 14.29
N TRP L 186 -89.37 -47.02 13.20
CA TRP L 186 -88.12 -46.80 12.51
C TRP L 186 -88.12 -45.42 11.87
N PRO L 187 -86.94 -44.76 11.75
CA PRO L 187 -86.86 -43.47 11.04
C PRO L 187 -87.31 -43.56 9.59
N PHE L 188 -88.26 -42.70 9.22
CA PHE L 188 -88.99 -42.83 7.96
C PHE L 188 -88.08 -42.52 6.78
N LYS L 189 -87.84 -43.53 5.95
CA LYS L 189 -86.94 -43.40 4.80
C LYS L 189 -87.77 -42.77 3.69
N LEU L 190 -87.75 -41.44 3.62
CA LEU L 190 -88.61 -40.71 2.70
C LEU L 190 -87.87 -40.38 1.41
N SER L 191 -88.63 -40.12 0.36
CA SER L 191 -88.07 -39.87 -0.96
C SER L 191 -87.68 -38.40 -1.12
N SER L 192 -87.17 -38.06 -2.30
CA SER L 192 -86.87 -36.68 -2.62
C SER L 192 -88.17 -35.90 -2.86
N PRO L 193 -88.19 -34.61 -2.54
CA PRO L 193 -89.41 -33.81 -2.77
C PRO L 193 -89.66 -33.57 -4.25
N ARG L 194 -90.90 -33.83 -4.68
CA ARG L 194 -91.28 -33.71 -6.07
C ARG L 194 -91.48 -32.25 -6.46
N GLY L 195 -91.05 -31.90 -7.68
CA GLY L 195 -91.16 -30.54 -8.13
C GLY L 195 -89.89 -29.75 -7.90
N GLY L 196 -89.45 -29.69 -6.65
CA GLY L 196 -88.21 -29.04 -6.33
C GLY L 196 -88.20 -28.53 -4.91
N MET L 197 -87.08 -27.90 -4.56
CA MET L 197 -86.91 -27.22 -3.28
C MET L 197 -86.72 -25.74 -3.54
N LYS L 198 -87.04 -24.92 -2.53
CA LYS L 198 -86.74 -23.50 -2.62
C LYS L 198 -85.25 -23.25 -2.52
N LYS L 199 -84.65 -23.62 -1.39
CA LYS L 199 -83.21 -23.59 -1.20
C LYS L 199 -82.86 -24.49 -0.01
N LYS L 200 -81.83 -25.32 -0.17
CA LYS L 200 -81.52 -26.29 0.89
C LYS L 200 -80.72 -25.64 2.02
N THR L 201 -79.84 -24.70 1.69
CA THR L 201 -78.86 -24.23 2.66
C THR L 201 -79.46 -23.24 3.65
N THR L 202 -80.15 -22.21 3.14
CA THR L 202 -80.62 -21.13 4.00
C THR L 202 -81.86 -21.54 4.79
N HIS L 203 -82.22 -20.68 5.74
CA HIS L 203 -83.37 -20.90 6.61
C HIS L 203 -84.66 -20.65 5.84
N PHE L 204 -85.77 -21.16 6.39
CA PHE L 204 -87.08 -20.99 5.76
C PHE L 204 -87.53 -19.53 5.77
N VAL L 205 -87.04 -18.74 6.71
CA VAL L 205 -87.41 -17.33 6.78
C VAL L 205 -86.73 -16.54 5.67
N GLU L 206 -85.46 -16.84 5.41
CA GLU L 206 -84.66 -16.09 4.44
C GLU L 206 -84.64 -16.75 3.06
N GLY L 207 -85.73 -17.40 2.68
CA GLY L 207 -85.83 -18.00 1.38
C GLY L 207 -85.15 -19.35 1.25
N GLY L 208 -85.62 -20.32 2.00
CA GLY L 208 -85.05 -21.65 1.95
C GLY L 208 -86.02 -22.67 2.49
N ASP L 209 -85.46 -23.79 2.94
CA ASP L 209 -86.26 -24.87 3.51
C ASP L 209 -85.81 -25.30 4.90
N ALA L 210 -84.60 -24.93 5.32
CA ALA L 210 -84.12 -25.33 6.63
C ALA L 210 -84.81 -24.54 7.73
N GLY L 211 -84.80 -25.09 8.94
CA GLY L 211 -85.38 -24.42 10.08
C GLY L 211 -86.84 -24.79 10.31
N ASN L 212 -87.52 -23.92 11.04
CA ASN L 212 -88.90 -24.17 11.44
C ASN L 212 -89.87 -23.67 10.38
N ARG L 213 -90.79 -24.53 9.97
CA ARG L 213 -91.93 -24.17 9.15
C ARG L 213 -93.16 -24.88 9.71
N GLU L 214 -93.91 -24.15 10.54
CA GLU L 214 -94.92 -24.71 11.42
C GLU L 214 -96.08 -25.37 10.69
N ASP L 215 -96.86 -24.57 9.96
CA ASP L 215 -97.97 -25.10 9.17
C ASP L 215 -97.52 -25.50 7.77
N GLN L 216 -96.38 -25.00 7.31
CA GLN L 216 -95.89 -25.25 5.97
C GLN L 216 -95.19 -26.59 5.81
N ILE L 217 -95.08 -27.38 6.88
CA ILE L 217 -94.42 -28.68 6.77
C ILE L 217 -95.35 -29.70 6.14
N ASN L 218 -96.66 -29.41 6.13
CA ASN L 218 -97.61 -30.35 5.55
C ASN L 218 -97.58 -30.31 4.03
N ARG L 219 -97.16 -29.18 3.46
CA ARG L 219 -96.94 -29.13 2.01
C ARG L 219 -95.73 -29.94 1.60
N LEU L 220 -94.79 -30.14 2.52
CA LEU L 220 -93.52 -30.78 2.17
C LEU L 220 -93.52 -32.26 2.53
N ILE L 221 -94.29 -32.65 3.55
CA ILE L 221 -94.49 -34.06 3.86
C ILE L 221 -95.21 -34.78 2.72
N ARG L 222 -96.25 -34.14 2.18
CA ARG L 222 -96.96 -34.70 1.03
C ARG L 222 -96.12 -34.62 -0.23
N ARG L 223 -95.20 -33.65 -0.30
CA ARG L 223 -94.31 -33.53 -1.44
C ARG L 223 -93.27 -34.65 -1.46
N MET L 224 -92.75 -35.01 -0.29
CA MET L 224 -91.73 -36.07 -0.22
C MET L 224 -92.36 -37.46 -0.22
N ASN L 225 -93.31 -37.70 0.68
CA ASN L 225 -93.94 -39.01 0.82
C ASN L 225 -94.85 -39.29 -0.36
N VAL M 1 96.26 -72.80 -6.01
CA VAL M 1 95.43 -73.93 -5.65
C VAL M 1 93.95 -73.55 -5.74
N VAL M 2 93.57 -72.48 -5.04
CA VAL M 2 92.19 -72.03 -5.04
C VAL M 2 91.88 -71.30 -6.34
N ASN M 3 90.59 -71.20 -6.65
CA ASN M 3 90.16 -70.53 -7.87
C ASN M 3 89.92 -69.05 -7.57
N PRO M 4 90.62 -68.13 -8.24
CA PRO M 4 90.38 -66.70 -8.00
C PRO M 4 89.08 -66.18 -8.61
N LEU M 5 88.38 -66.99 -9.40
CA LEU M 5 87.11 -66.56 -9.97
C LEU M 5 85.97 -66.62 -8.95
N PHE M 6 86.16 -67.35 -7.85
CA PHE M 6 85.12 -67.53 -6.84
C PHE M 6 85.03 -66.26 -5.99
N GLU M 7 84.08 -65.40 -6.36
CA GLU M 7 83.90 -64.12 -5.70
C GLU M 7 82.93 -64.25 -4.53
N LYS M 8 83.32 -63.68 -3.38
CA LYS M 8 82.43 -63.59 -2.24
C LYS M 8 81.48 -62.41 -2.45
N ARG M 9 80.18 -62.69 -2.42
CA ARG M 9 79.14 -61.71 -2.74
C ARG M 9 78.18 -61.57 -1.56
N PRO M 10 78.49 -60.71 -0.60
CA PRO M 10 77.59 -60.51 0.55
C PRO M 10 76.41 -59.63 0.17
N LYS M 11 75.27 -59.87 0.82
CA LYS M 11 74.09 -59.04 0.64
C LYS M 11 73.89 -58.17 1.88
N ASN M 12 73.73 -56.86 1.66
CA ASN M 12 73.51 -55.91 2.74
C ASN M 12 72.01 -55.83 2.98
N PHE M 13 71.54 -56.55 4.00
CA PHE M 13 70.11 -56.61 4.32
C PHE M 13 69.70 -55.41 5.18
N GLY M 14 69.89 -54.21 4.63
CA GLY M 14 69.49 -52.98 5.28
C GLY M 14 68.08 -52.57 4.89
N ILE M 15 67.70 -51.39 5.37
CA ILE M 15 66.37 -50.86 5.08
C ILE M 15 66.40 -50.28 3.67
N GLY M 16 65.71 -50.95 2.75
CA GLY M 16 65.67 -50.49 1.37
C GLY M 16 66.94 -50.73 0.58
N GLN M 17 67.85 -51.55 1.11
CA GLN M 17 69.12 -51.82 0.45
C GLN M 17 69.06 -53.10 -0.38
N ASP M 18 68.44 -54.15 0.17
CA ASP M 18 68.34 -55.42 -0.52
C ASP M 18 67.01 -56.06 -0.11
N ILE M 19 66.61 -57.10 -0.86
CA ILE M 19 65.37 -57.80 -0.56
C ILE M 19 65.55 -58.59 0.74
N GLN M 20 64.46 -58.78 1.47
CA GLN M 20 64.54 -59.49 2.73
C GLN M 20 64.44 -61.00 2.52
N PRO M 21 65.22 -61.79 3.24
CA PRO M 21 65.19 -63.24 3.06
C PRO M 21 63.95 -63.85 3.68
N LYS M 22 63.68 -65.10 3.29
CA LYS M 22 62.52 -65.83 3.79
C LYS M 22 62.89 -66.43 5.14
N ARG M 23 62.82 -65.59 6.17
CA ARG M 23 63.18 -65.99 7.52
C ARG M 23 61.97 -66.60 8.23
N ASP M 24 62.18 -66.92 9.51
CA ASP M 24 61.14 -67.54 10.32
C ASP M 24 60.07 -66.51 10.68
N LEU M 25 58.82 -66.83 10.37
CA LEU M 25 57.69 -65.92 10.59
C LEU M 25 56.55 -66.64 11.30
N THR M 26 56.87 -67.48 12.29
CA THR M 26 55.83 -68.24 12.98
C THR M 26 54.98 -67.35 13.88
N ARG M 27 55.51 -66.22 14.33
CA ARG M 27 54.75 -65.35 15.21
C ARG M 27 53.69 -64.57 14.43
N PHE M 28 53.93 -64.31 13.15
CA PHE M 28 53.09 -63.40 12.38
C PHE M 28 52.21 -64.14 11.37
N VAL M 29 51.95 -65.42 11.59
CA VAL M 29 51.03 -66.17 10.73
C VAL M 29 49.60 -65.76 11.06
N LYS M 30 48.80 -65.51 10.03
CA LYS M 30 47.36 -65.37 10.21
C LYS M 30 46.80 -66.77 10.41
N TRP M 31 46.75 -67.20 11.66
CA TRP M 31 46.31 -68.54 12.01
C TRP M 31 44.81 -68.69 11.81
N PRO M 32 44.31 -69.91 11.63
CA PRO M 32 42.86 -70.12 11.57
C PRO M 32 42.19 -69.84 12.91
N ARG M 33 40.86 -69.81 12.85
CA ARG M 33 40.06 -69.35 13.98
C ARG M 33 40.10 -70.30 15.16
N TYR M 34 40.24 -71.61 14.91
CA TYR M 34 40.25 -72.55 16.02
C TYR M 34 41.59 -72.53 16.77
N ILE M 35 42.69 -72.36 16.03
CA ILE M 35 44.00 -72.20 16.66
C ILE M 35 44.06 -70.88 17.42
N ARG M 36 43.54 -69.82 16.80
CA ARG M 36 43.51 -68.50 17.42
C ARG M 36 42.62 -68.49 18.66
N LEU M 37 41.58 -69.32 18.67
CA LEU M 37 40.71 -69.46 19.84
C LEU M 37 41.41 -70.24 20.94
N GLN M 38 42.02 -71.38 20.61
CA GLN M 38 42.57 -72.25 21.64
C GLN M 38 43.85 -71.68 22.24
N ARG M 39 44.53 -70.76 21.54
CA ARG M 39 45.70 -70.11 22.15
C ARG M 39 45.27 -69.04 23.13
N GLN M 40 44.38 -68.15 22.73
CA GLN M 40 44.00 -67.07 23.63
C GLN M 40 43.03 -67.53 24.72
N ARG M 41 42.46 -68.74 24.61
CA ARG M 41 41.76 -69.33 25.75
C ARG M 41 42.75 -69.65 26.88
N ALA M 42 43.88 -70.29 26.55
CA ALA M 42 44.91 -70.54 27.55
C ALA M 42 45.56 -69.24 28.03
N ILE M 43 45.63 -68.24 27.16
CA ILE M 43 46.07 -66.91 27.58
C ILE M 43 45.09 -66.32 28.62
N LEU M 44 43.79 -66.53 28.43
CA LEU M 44 42.83 -66.05 29.44
C LEU M 44 42.91 -66.87 30.72
N TYR M 45 43.26 -68.16 30.64
CA TYR M 45 43.52 -68.92 31.85
C TYR M 45 44.74 -68.39 32.59
N LYS M 46 45.72 -67.85 31.86
CA LYS M 46 46.85 -67.21 32.52
C LYS M 46 46.48 -65.85 33.10
N ARG M 47 45.61 -65.10 32.41
CA ARG M 47 45.28 -63.74 32.87
C ARG M 47 44.30 -63.75 34.04
N LEU M 48 43.13 -64.35 33.85
CA LEU M 48 41.99 -64.16 34.74
C LEU M 48 42.20 -64.84 36.09
N LYS M 49 41.44 -64.37 37.08
CA LYS M 49 41.54 -64.82 38.46
C LYS M 49 40.93 -66.22 38.56
N VAL M 50 41.78 -67.23 38.47
CA VAL M 50 41.32 -68.62 38.52
C VAL M 50 40.99 -68.98 39.97
N PRO M 51 39.81 -69.53 40.24
CA PRO M 51 39.47 -69.94 41.61
C PRO M 51 40.29 -71.15 42.04
N PRO M 52 40.41 -71.40 43.35
CA PRO M 52 41.27 -72.52 43.79
C PRO M 52 40.74 -73.90 43.44
N ALA M 53 39.43 -74.04 43.20
CA ALA M 53 38.88 -75.35 42.82
C ALA M 53 39.28 -75.74 41.41
N ILE M 54 39.71 -74.78 40.59
CA ILE M 54 40.31 -75.07 39.29
C ILE M 54 41.84 -75.01 39.37
N ASN M 55 42.36 -74.16 40.27
CA ASN M 55 43.81 -74.04 40.46
C ASN M 55 44.42 -75.30 41.07
N GLN M 56 43.60 -76.12 41.76
CA GLN M 56 44.11 -77.34 42.37
C GLN M 56 44.57 -78.36 41.33
N PHE M 57 44.07 -78.26 40.09
CA PHE M 57 44.52 -79.17 39.04
C PHE M 57 45.82 -78.70 38.39
N THR M 58 46.24 -77.45 38.65
CA THR M 58 47.47 -76.97 38.04
C THR M 58 48.71 -77.58 38.71
N GLN M 59 48.60 -77.94 39.99
CA GLN M 59 49.71 -78.62 40.66
C GLN M 59 49.65 -80.10 40.31
N VAL M 60 50.72 -80.57 39.70
CA VAL M 60 50.82 -81.95 39.24
C VAL M 60 51.86 -82.68 40.07
N LEU M 61 51.54 -83.91 40.46
CA LEU M 61 52.52 -84.83 41.02
C LEU M 61 53.68 -85.04 40.06
N ASP M 62 54.90 -84.96 40.58
CA ASP M 62 56.09 -84.79 39.75
C ASP M 62 56.46 -86.09 39.03
N ARG M 63 57.57 -86.01 38.29
CA ARG M 63 57.94 -87.05 37.33
C ARG M 63 58.46 -88.31 38.03
N GLN M 64 59.27 -88.12 39.08
CA GLN M 64 59.89 -89.24 39.77
C GLN M 64 58.86 -90.06 40.54
N THR M 65 57.78 -89.42 40.98
CA THR M 65 56.69 -90.16 41.61
C THR M 65 55.74 -90.72 40.56
N ALA M 66 55.57 -90.00 39.44
CA ALA M 66 54.61 -90.42 38.41
C ALA M 66 55.09 -91.66 37.68
N THR M 67 56.41 -91.79 37.47
CA THR M 67 56.93 -93.01 36.85
C THR M 67 56.75 -94.23 37.74
N GLN M 68 56.96 -94.08 39.06
CA GLN M 68 56.71 -95.18 39.98
C GLN M 68 55.24 -95.51 40.07
N LEU M 69 54.38 -94.50 39.97
CA LEU M 69 52.93 -94.74 39.99
C LEU M 69 52.48 -95.46 38.73
N LEU M 70 53.09 -95.14 37.58
CA LEU M 70 52.80 -95.90 36.36
C LEU M 70 53.33 -97.32 36.45
N LYS M 71 54.48 -97.53 37.08
CA LYS M 71 55.02 -98.87 37.29
C LYS M 71 54.12 -99.69 38.21
N LEU M 72 53.49 -99.03 39.18
CA LEU M 72 52.57 -99.75 40.06
C LEU M 72 51.23 -100.00 39.39
N ALA M 73 50.77 -99.06 38.55
CA ALA M 73 49.48 -99.21 37.89
C ALA M 73 49.56 -100.17 36.71
N HIS M 74 50.76 -100.44 36.20
CA HIS M 74 50.91 -101.42 35.12
C HIS M 74 50.68 -102.84 35.62
N LYS M 75 50.92 -103.10 36.90
CA LYS M 75 50.76 -104.44 37.44
C LYS M 75 49.28 -104.82 37.57
N TYR M 76 48.42 -103.82 37.80
CA TYR M 76 47.01 -104.05 38.08
C TYR M 76 46.11 -103.54 36.97
N ARG M 77 46.55 -103.62 35.72
CA ARG M 77 45.76 -103.16 34.58
C ARG M 77 44.55 -104.07 34.36
N PRO M 78 43.43 -103.51 33.91
CA PRO M 78 42.25 -104.35 33.64
C PRO M 78 42.44 -105.23 32.42
N GLU M 79 41.49 -106.14 32.25
CA GLU M 79 41.59 -107.17 31.22
C GLU M 79 41.41 -106.59 29.83
N THR M 80 41.94 -107.29 28.85
CA THR M 80 41.70 -106.98 27.45
C THR M 80 40.52 -107.81 26.96
N LYS M 81 39.94 -107.41 25.82
CA LYS M 81 38.82 -108.15 25.23
C LYS M 81 39.24 -109.57 24.83
N GLN M 82 40.49 -109.74 24.39
CA GLN M 82 40.98 -111.07 24.06
C GLN M 82 41.28 -111.88 25.32
N GLU M 83 41.75 -111.21 26.38
CA GLU M 83 42.02 -111.90 27.64
C GLU M 83 40.73 -112.34 28.32
N LYS M 84 39.64 -111.58 28.15
CA LYS M 84 38.34 -112.01 28.62
C LYS M 84 37.87 -113.27 27.91
N LYS M 85 38.07 -113.35 26.59
CA LYS M 85 37.71 -114.55 25.85
C LYS M 85 38.59 -115.73 26.22
N GLN M 86 39.87 -115.48 26.52
CA GLN M 86 40.75 -116.54 26.99
C GLN M 86 40.34 -117.07 28.37
N ARG M 87 39.93 -116.17 29.28
CA ARG M 87 39.51 -116.64 30.59
C ARG M 87 38.16 -117.35 30.53
N LEU M 88 37.28 -116.92 29.62
CA LEU M 88 36.02 -117.64 29.41
C LEU M 88 36.25 -119.01 28.77
N LEU M 89 37.24 -119.12 27.88
CA LEU M 89 37.58 -120.42 27.31
C LEU M 89 38.20 -121.34 28.36
N ALA M 90 39.00 -120.77 29.27
CA ALA M 90 39.56 -121.56 30.36
C ALA M 90 38.47 -122.03 31.33
N ARG M 91 37.49 -121.17 31.60
CA ARG M 91 36.37 -121.57 32.45
C ARG M 91 35.49 -122.62 31.77
N ALA M 92 35.35 -122.52 30.44
CA ALA M 92 34.60 -123.54 29.69
C ALA M 92 35.32 -124.89 29.70
N GLU M 93 36.65 -124.87 29.58
CA GLU M 93 37.42 -126.11 29.66
C GLU M 93 37.40 -126.70 31.07
N LYS M 94 37.35 -125.83 32.09
CA LYS M 94 37.24 -126.31 33.47
C LYS M 94 35.87 -126.91 33.73
N LYS M 95 34.82 -126.33 33.13
CA LYS M 95 33.48 -126.89 33.27
C LYS M 95 33.33 -128.20 32.52
N ALA M 96 33.97 -128.31 31.35
CA ALA M 96 33.91 -129.55 30.58
C ALA M 96 34.72 -130.65 31.24
N ALA M 97 35.87 -130.30 31.82
CA ALA M 97 36.71 -131.29 32.49
C ALA M 97 36.16 -131.62 33.88
N LYS M 98 39.40 -117.37 42.78
CA LYS M 98 39.61 -116.04 43.35
C LYS M 98 40.05 -115.06 42.26
N ARG M 99 39.27 -114.00 42.08
CA ARG M 99 39.58 -113.02 41.05
C ARG M 99 40.68 -112.07 41.53
N PRO M 100 41.57 -111.64 40.64
CA PRO M 100 42.62 -110.69 41.04
C PRO M 100 42.09 -109.27 41.03
N PRO M 101 42.66 -108.39 41.86
CA PRO M 101 42.21 -107.00 41.85
C PRO M 101 42.74 -106.22 40.66
N VAL M 102 41.86 -105.38 40.09
CA VAL M 102 42.17 -104.56 38.93
C VAL M 102 41.82 -103.11 39.26
N LEU M 103 41.97 -102.24 38.27
CA LEU M 103 41.65 -100.84 38.46
C LEU M 103 40.15 -100.61 38.41
N ARG M 104 39.70 -99.52 39.03
CA ARG M 104 38.32 -99.07 38.96
C ARG M 104 38.31 -97.68 38.35
N ALA M 105 37.74 -97.56 37.16
CA ALA M 105 37.80 -96.33 36.38
C ALA M 105 36.43 -95.66 36.32
N GLY M 106 36.44 -94.35 36.08
CA GLY M 106 35.21 -93.60 36.00
C GLY M 106 34.88 -92.90 37.30
N VAL M 107 34.42 -91.65 37.21
CA VAL M 107 34.17 -90.83 38.40
C VAL M 107 33.04 -91.41 39.24
N ASN M 108 32.08 -92.09 38.61
CA ASN M 108 30.96 -92.69 39.33
C ASN M 108 31.44 -93.79 40.27
N THR M 109 32.12 -94.81 39.71
CA THR M 109 32.64 -95.91 40.51
C THR M 109 33.66 -95.43 41.52
N VAL M 110 34.52 -94.49 41.12
CA VAL M 110 35.56 -93.97 42.00
C VAL M 110 34.96 -93.25 43.21
N THR M 111 34.01 -92.35 42.99
CA THR M 111 33.42 -91.62 44.11
C THR M 111 32.56 -92.52 44.99
N THR M 112 31.87 -93.51 44.40
CA THR M 112 31.07 -94.42 45.23
C THR M 112 31.96 -95.28 46.12
N LEU M 113 33.09 -95.76 45.61
CA LEU M 113 33.95 -96.54 46.50
C LEU M 113 34.80 -95.65 47.41
N VAL M 114 34.92 -94.35 47.14
CA VAL M 114 35.54 -93.46 48.11
C VAL M 114 34.59 -93.19 49.28
N GLU M 115 33.29 -92.97 49.00
CA GLU M 115 32.34 -92.87 50.11
C GLU M 115 32.16 -94.21 50.81
N ASN M 116 32.38 -95.31 50.12
CA ASN M 116 32.44 -96.63 50.74
C ASN M 116 33.78 -96.88 51.44
N LYS M 117 34.75 -95.98 51.25
CA LYS M 117 36.10 -96.05 51.83
C LYS M 117 36.83 -97.33 51.42
N LYS M 118 36.74 -97.64 50.13
CA LYS M 118 37.46 -98.76 49.53
C LYS M 118 38.73 -98.32 48.81
N ALA M 119 38.86 -97.03 48.50
CA ALA M 119 40.03 -96.54 47.80
C ALA M 119 41.20 -96.39 48.76
N GLN M 120 42.39 -96.77 48.28
CA GLN M 120 43.62 -96.47 49.00
C GLN M 120 44.38 -95.32 48.35
N LEU M 121 44.11 -95.03 47.08
CA LEU M 121 44.71 -93.94 46.35
C LEU M 121 43.85 -93.63 45.14
N VAL M 122 43.71 -92.35 44.80
CA VAL M 122 42.87 -91.92 43.68
C VAL M 122 43.72 -91.06 42.75
N VAL M 123 43.88 -91.51 41.51
CA VAL M 123 44.61 -90.79 40.47
C VAL M 123 43.62 -89.95 39.67
N ILE M 124 43.95 -88.67 39.50
CA ILE M 124 43.12 -87.69 38.80
C ILE M 124 43.92 -87.19 37.60
N ALA M 125 43.24 -87.01 36.47
CA ALA M 125 43.85 -86.34 35.33
C ALA M 125 43.57 -84.84 35.42
N HIS M 126 44.58 -84.02 35.13
CA HIS M 126 44.39 -82.60 35.34
C HIS M 126 43.65 -81.91 34.19
N ASP M 127 43.55 -82.58 33.04
CA ASP M 127 43.15 -81.93 31.80
C ASP M 127 41.82 -82.44 31.26
N VAL M 128 40.83 -82.59 32.13
CA VAL M 128 39.48 -82.90 31.67
C VAL M 128 38.87 -81.64 31.05
N ASP M 129 38.13 -81.82 29.95
CA ASP M 129 37.71 -80.64 29.17
C ASP M 129 36.49 -79.97 29.80
N PRO M 130 35.44 -80.70 30.28
CA PRO M 130 34.60 -80.08 31.31
C PRO M 130 35.16 -80.33 32.71
N ILE M 131 35.53 -79.25 33.40
CA ILE M 131 36.23 -79.41 34.67
C ILE M 131 35.26 -79.80 35.78
N GLU M 132 33.94 -79.60 35.57
CA GLU M 132 32.96 -79.79 36.63
C GLU M 132 32.74 -81.24 36.99
N LEU M 133 33.32 -82.17 36.21
CA LEU M 133 33.20 -83.58 36.52
C LEU M 133 34.01 -83.97 37.74
N VAL M 134 35.13 -83.29 37.97
CA VAL M 134 36.11 -83.71 38.96
C VAL M 134 36.46 -82.59 39.96
N VAL M 135 35.71 -81.48 39.99
CA VAL M 135 36.02 -80.37 40.90
C VAL M 135 35.86 -80.79 42.36
N PHE M 136 34.75 -81.45 42.67
CA PHE M 136 34.44 -81.88 44.03
C PHE M 136 35.35 -82.98 44.55
N LEU M 137 35.96 -83.77 43.66
CA LEU M 137 36.62 -85.01 44.02
C LEU M 137 37.90 -84.86 44.88
N PRO M 138 38.77 -83.83 44.71
CA PRO M 138 39.84 -83.66 45.70
C PRO M 138 39.37 -83.35 47.11
N ALA M 139 38.38 -82.46 47.27
CA ALA M 139 37.86 -82.19 48.60
C ALA M 139 37.08 -83.37 49.15
N LEU M 140 36.50 -84.20 48.27
CA LEU M 140 35.78 -85.39 48.71
C LEU M 140 36.76 -86.44 49.22
N CYS M 141 37.89 -86.60 48.53
CA CYS M 141 38.94 -87.49 49.02
C CYS M 141 39.59 -86.94 50.30
N ARG M 142 39.64 -85.62 50.44
CA ARG M 142 40.11 -85.00 51.69
C ARG M 142 39.17 -85.34 52.85
N LYS M 143 37.86 -85.22 52.63
CA LYS M 143 36.89 -85.47 53.70
C LYS M 143 36.81 -86.96 54.04
N MET M 144 36.92 -87.83 53.04
CA MET M 144 36.91 -89.26 53.32
C MET M 144 38.27 -89.74 53.80
N GLY M 145 39.31 -88.92 53.70
CA GLY M 145 40.62 -89.34 54.15
C GLY M 145 41.35 -90.20 53.15
N VAL M 146 41.01 -90.08 51.87
CA VAL M 146 41.61 -90.90 50.82
C VAL M 146 42.71 -90.09 50.15
N PRO M 147 43.92 -90.64 50.01
CA PRO M 147 45.00 -89.93 49.30
C PRO M 147 44.69 -89.82 47.82
N TYR M 148 44.77 -88.59 47.30
CA TYR M 148 44.55 -88.33 45.89
C TYR M 148 45.78 -87.66 45.28
N CYS M 149 46.09 -88.03 44.05
CA CYS M 149 47.16 -87.40 43.29
C CYS M 149 46.59 -86.91 41.97
N ILE M 150 47.26 -85.93 41.38
CA ILE M 150 46.84 -85.32 40.12
C ILE M 150 48.01 -85.38 39.15
N LEU M 151 47.76 -85.93 37.96
CA LEU M 151 48.79 -86.18 36.97
C LEU M 151 48.49 -85.46 35.66
N LYS M 152 49.57 -85.20 34.90
CA LYS M 152 49.45 -84.63 33.57
C LYS M 152 48.94 -85.67 32.59
N GLY M 153 47.92 -85.29 31.83
CA GLY M 153 47.47 -86.11 30.72
C GLY M 153 46.40 -87.11 31.08
N LYS M 154 45.22 -86.98 30.45
CA LYS M 154 44.23 -88.04 30.53
C LYS M 154 44.52 -89.13 29.51
N ALA M 155 45.36 -88.84 28.51
CA ALA M 155 45.73 -89.84 27.51
C ALA M 155 46.60 -90.93 28.12
N ARG M 156 47.59 -90.53 28.93
CA ARG M 156 48.49 -91.51 29.54
C ARG M 156 47.80 -92.28 30.66
N LEU M 157 46.71 -91.73 31.20
CA LEU M 157 45.92 -92.47 32.18
C LEU M 157 44.92 -93.39 31.51
N GLY M 158 44.44 -93.00 30.32
CA GLY M 158 43.60 -93.85 29.51
C GLY M 158 44.31 -94.89 28.69
N ARG M 159 45.65 -94.81 28.60
CA ARG M 159 46.43 -95.89 28.01
C ARG M 159 46.87 -96.94 29.03
N LEU M 160 46.72 -96.66 30.34
CA LEU M 160 46.87 -97.72 31.33
C LEU M 160 45.73 -98.72 31.19
N VAL M 161 44.51 -98.22 31.11
CA VAL M 161 43.36 -99.03 30.68
C VAL M 161 43.40 -99.15 29.16
N HIS M 162 42.51 -100.00 28.62
CA HIS M 162 42.48 -100.23 27.17
C HIS M 162 41.40 -99.37 26.53
N ARG M 163 41.54 -98.06 26.73
CA ARG M 163 40.62 -97.06 26.18
C ARG M 163 41.42 -95.88 25.65
N LYS M 164 40.71 -94.77 25.42
CA LYS M 164 41.37 -93.55 24.98
C LYS M 164 41.63 -92.62 26.16
N THR M 165 40.57 -92.21 26.85
CA THR M 165 40.69 -91.29 27.97
C THR M 165 40.14 -91.92 29.23
N CYS M 166 40.58 -91.39 30.36
CA CYS M 166 40.06 -91.75 31.67
C CYS M 166 40.34 -90.62 32.63
N THR M 167 39.31 -90.23 33.39
CA THR M 167 39.46 -89.12 34.32
C THR M 167 40.13 -89.58 35.62
N THR M 168 39.50 -90.51 36.34
CA THR M 168 39.99 -90.94 37.64
C THR M 168 40.16 -92.45 37.67
N VAL M 169 41.19 -92.89 38.38
CA VAL M 169 41.52 -94.30 38.58
C VAL M 169 41.71 -94.56 40.07
N ALA M 170 41.03 -95.56 40.61
CA ALA M 170 41.10 -95.85 42.04
C ALA M 170 41.93 -97.11 42.27
N PHE M 171 42.67 -97.12 43.39
CA PHE M 171 43.39 -98.29 43.85
C PHE M 171 42.59 -98.90 45.01
N THR M 172 41.85 -99.96 44.73
CA THR M 172 41.05 -100.59 45.78
C THR M 172 41.89 -101.54 46.61
N GLN M 173 42.42 -102.59 45.99
CA GLN M 173 43.19 -103.60 46.69
C GLN M 173 44.45 -103.91 45.88
N VAL M 174 45.54 -104.16 46.60
CA VAL M 174 46.80 -104.59 45.99
C VAL M 174 47.27 -105.86 46.69
N ASN M 175 48.20 -106.55 46.05
CA ASN M 175 48.70 -107.80 46.60
C ASN M 175 49.77 -107.54 47.66
N SER M 176 50.26 -108.62 48.26
CA SER M 176 51.27 -108.50 49.30
C SER M 176 52.63 -108.12 48.73
N GLU M 177 52.88 -108.43 47.45
CA GLU M 177 54.15 -108.09 46.83
C GLU M 177 54.22 -106.60 46.50
N ASP M 178 53.08 -105.97 46.27
CA ASP M 178 53.04 -104.57 45.86
C ASP M 178 52.35 -103.74 46.94
N LYS M 179 52.69 -103.99 48.20
CA LYS M 179 52.11 -103.29 49.34
C LYS M 179 53.02 -102.20 49.88
N GLY M 180 54.32 -102.48 50.00
CA GLY M 180 55.24 -101.52 50.58
C GLY M 180 55.48 -100.32 49.70
N ALA M 181 55.65 -100.55 48.39
CA ALA M 181 55.79 -99.44 47.45
C ALA M 181 54.50 -98.64 47.34
N LEU M 182 53.35 -99.31 47.48
CA LEU M 182 52.07 -98.60 47.50
C LEU M 182 51.98 -97.71 48.74
N ALA M 183 52.44 -98.21 49.89
CA ALA M 183 52.44 -97.39 51.10
C ALA M 183 53.41 -96.22 51.00
N LYS M 184 54.57 -96.43 50.36
CA LYS M 184 55.52 -95.34 50.17
C LYS M 184 55.00 -94.30 49.18
N LEU M 185 54.16 -94.70 48.23
CA LEU M 185 53.53 -93.71 47.35
C LEU M 185 52.39 -92.99 48.07
N VAL M 186 51.63 -93.73 48.89
CA VAL M 186 50.51 -93.15 49.64
C VAL M 186 51.01 -92.09 50.62
N GLU M 187 52.15 -92.35 51.28
CA GLU M 187 52.70 -91.39 52.24
C GLU M 187 53.16 -90.10 51.56
N ALA M 188 53.88 -90.22 50.44
CA ALA M 188 54.35 -89.04 49.73
C ALA M 188 53.21 -88.24 49.13
N ILE M 189 52.22 -88.92 48.54
CA ILE M 189 51.08 -88.24 47.94
C ILE M 189 50.20 -87.59 49.00
N ARG M 190 50.09 -88.24 50.16
CA ARG M 190 49.31 -87.68 51.27
C ARG M 190 49.97 -86.44 51.84
N THR M 191 51.29 -86.47 52.04
CA THR M 191 51.99 -85.28 52.53
C THR M 191 52.08 -84.20 51.45
N ASN M 192 51.91 -84.57 50.18
CA ASN M 192 51.91 -83.57 49.13
C ASN M 192 50.56 -82.85 49.03
N TYR M 193 49.46 -83.57 49.25
CA TYR M 193 48.14 -83.02 49.00
C TYR M 193 47.29 -82.83 50.26
N ASN M 194 47.07 -83.89 51.03
CA ASN M 194 46.05 -83.85 52.06
C ASN M 194 46.52 -83.06 53.28
N ASP M 195 47.82 -83.07 53.55
CA ASP M 195 48.33 -82.33 54.70
C ASP M 195 48.45 -80.84 54.41
N ARG M 196 48.34 -80.45 53.14
CA ARG M 196 48.56 -79.06 52.76
C ARG M 196 47.39 -78.59 51.88
N TYR M 197 46.24 -79.25 52.03
CA TYR M 197 45.07 -78.89 51.23
C TYR M 197 44.48 -77.52 51.62
N ASP M 198 44.71 -77.06 52.85
CA ASP M 198 44.18 -75.75 53.25
C ASP M 198 44.88 -74.62 52.49
N GLU M 199 46.18 -74.76 52.26
CA GLU M 199 46.91 -73.80 51.42
C GLU M 199 46.45 -73.89 49.97
N ILE M 200 46.01 -75.07 49.52
CA ILE M 200 45.44 -75.21 48.18
C ILE M 200 44.12 -74.46 48.09
N ARG M 201 43.34 -74.46 49.18
CA ARG M 201 42.10 -73.69 49.22
C ARG M 201 42.38 -72.19 49.25
N ARG M 202 43.44 -71.78 49.94
CA ARG M 202 43.73 -70.35 50.02
C ARG M 202 44.45 -69.82 48.78
N HIS M 203 45.06 -70.69 48.00
CA HIS M 203 45.86 -70.28 46.85
C HIS M 203 44.96 -69.97 45.66
N TRP M 204 44.91 -68.69 45.27
CA TRP M 204 44.17 -68.28 44.08
C TRP M 204 45.04 -68.44 42.84
N GLY M 205 44.42 -68.31 41.66
CA GLY M 205 45.09 -68.54 40.41
C GLY M 205 45.09 -67.34 39.47
N GLY M 206 45.92 -67.43 38.45
CA GLY M 206 45.99 -66.39 37.44
C GLY M 206 46.67 -65.14 37.95
N ASN M 207 46.06 -63.99 37.61
CA ASN M 207 46.55 -62.64 37.95
C ASN M 207 47.97 -62.41 37.43
N VAL M 208 48.26 -62.95 36.25
CA VAL M 208 49.56 -62.81 35.61
C VAL M 208 49.33 -62.13 34.26
N LEU M 209 49.92 -60.95 34.08
CA LEU M 209 49.75 -60.20 32.85
C LEU M 209 50.70 -60.74 31.77
N GLY M 210 50.56 -60.17 30.58
CA GLY M 210 51.40 -60.54 29.47
C GLY M 210 52.83 -60.08 29.65
N PRO M 211 53.78 -60.70 28.94
CA PRO M 211 55.19 -60.37 29.15
C PRO M 211 55.57 -58.97 28.69
N LYS M 212 54.90 -58.45 27.66
CA LYS M 212 55.13 -57.08 27.22
C LYS M 212 54.68 -56.07 28.26
N SER M 213 53.49 -56.28 28.84
CA SER M 213 52.98 -55.36 29.85
C SER M 213 53.77 -55.47 31.16
N VAL M 214 54.18 -56.69 31.52
CA VAL M 214 55.04 -56.88 32.69
C VAL M 214 56.40 -56.23 32.49
N ALA M 215 56.94 -56.31 31.27
CA ALA M 215 58.22 -55.66 30.97
C ALA M 215 58.10 -54.14 31.00
N ARG M 216 56.96 -53.60 30.55
CA ARG M 216 56.77 -52.15 30.57
C ARG M 216 56.59 -51.62 32.00
N ILE M 217 55.78 -52.33 32.81
CA ILE M 217 55.60 -51.95 34.21
C ILE M 217 56.89 -52.10 34.99
N ALA M 218 57.67 -53.14 34.66
CA ALA M 218 58.97 -53.33 35.33
C ALA M 218 59.97 -52.27 34.90
N LYS M 219 59.88 -51.81 33.65
CA LYS M 219 60.74 -50.71 33.20
C LYS M 219 60.43 -49.42 33.94
N LEU M 220 59.13 -49.10 34.09
CA LEU M 220 58.75 -47.91 34.84
C LEU M 220 59.13 -48.02 36.32
N GLU M 221 58.97 -49.21 36.91
CA GLU M 221 59.31 -49.37 38.33
C GLU M 221 60.82 -49.34 38.56
N LYS M 222 61.61 -49.93 37.66
CA LYS M 222 63.05 -49.84 37.79
C LYS M 222 63.57 -48.44 37.50
N ALA M 223 62.89 -47.69 36.62
CA ALA M 223 63.26 -46.30 36.39
C ALA M 223 62.97 -45.45 37.62
N LYS M 224 61.81 -45.66 38.26
CA LYS M 224 61.49 -44.94 39.49
C LYS M 224 62.40 -45.36 40.64
N ALA M 225 62.83 -46.61 40.66
CA ALA M 225 63.74 -47.07 41.70
C ALA M 225 65.14 -46.50 41.51
N LYS M 226 65.61 -46.43 40.26
CA LYS M 226 66.89 -45.79 39.97
C LYS M 226 66.85 -44.29 40.28
N GLU M 227 65.71 -43.65 40.01
CA GLU M 227 65.54 -42.25 40.39
C GLU M 227 65.57 -42.07 41.90
N LEU M 228 64.73 -42.81 42.64
CA LEU M 228 64.69 -42.66 44.10
C LEU M 228 65.97 -43.15 44.79
N ALA M 229 66.80 -43.90 44.08
CA ALA M 229 68.14 -44.19 44.59
C ALA M 229 69.08 -43.02 44.34
N THR M 230 69.04 -42.43 43.14
CA THR M 230 70.04 -41.41 42.82
C THR M 230 69.69 -40.03 43.37
N LYS M 231 68.48 -39.82 43.89
CA LYS M 231 68.20 -38.56 44.57
C LYS M 231 68.77 -38.58 45.99
N LEU M 232 68.67 -39.73 46.66
CA LEU M 232 69.26 -39.86 48.00
C LEU M 232 70.77 -39.98 47.92
N GLY M 233 71.27 -40.87 47.06
CA GLY M 233 72.70 -41.07 46.91
C GLY M 233 73.32 -41.85 48.06
N MET N 1 -89.14 9.32 -15.99
CA MET N 1 -90.22 8.34 -16.21
C MET N 1 -90.77 8.48 -17.63
N LYS N 2 -91.65 7.55 -18.00
CA LYS N 2 -92.31 7.60 -19.31
C LYS N 2 -93.45 8.60 -19.24
N THR N 3 -93.26 9.76 -19.85
CA THR N 3 -94.33 10.75 -19.96
C THR N 3 -95.35 10.30 -20.99
N ILE N 4 -96.63 10.37 -20.63
CA ILE N 4 -97.69 9.76 -21.42
C ILE N 4 -97.89 10.49 -22.75
N LEU N 5 -97.69 11.79 -22.77
CA LEU N 5 -97.98 12.57 -23.97
C LEU N 5 -97.16 13.86 -23.99
N SER N 6 -96.51 14.11 -25.11
CA SER N 6 -95.91 15.41 -25.37
C SER N 6 -96.25 15.85 -26.79
N ASN N 7 -96.63 17.11 -26.94
CA ASN N 7 -97.04 17.60 -28.25
C ASN N 7 -96.69 19.08 -28.40
N GLN N 8 -96.60 19.51 -29.65
CA GLN N 8 -96.32 20.90 -30.00
C GLN N 8 -96.85 21.15 -31.41
N THR N 9 -97.57 22.25 -31.59
CA THR N 9 -98.17 22.55 -32.88
C THR N 9 -97.34 23.56 -33.65
N VAL N 10 -97.47 23.51 -34.98
CA VAL N 10 -96.81 24.43 -35.90
C VAL N 10 -97.93 25.06 -36.73
N ASP N 11 -98.17 26.35 -36.55
CA ASP N 11 -99.17 27.07 -37.34
C ASP N 11 -98.51 27.54 -38.62
N ILE N 12 -98.98 27.05 -39.76
CA ILE N 12 -98.32 27.34 -41.04
C ILE N 12 -99.02 28.54 -41.68
N PRO N 13 -98.31 29.39 -42.41
CA PRO N 13 -98.96 30.53 -43.06
C PRO N 13 -99.76 30.10 -44.28
N GLU N 14 -100.63 31.01 -44.73
CA GLU N 14 -101.55 30.69 -45.82
C GLU N 14 -100.86 30.62 -47.18
N ASN N 15 -99.63 31.12 -47.28
CA ASN N 15 -98.89 31.04 -48.53
C ASN N 15 -98.38 29.62 -48.77
N VAL N 16 -98.31 28.80 -47.72
CA VAL N 16 -97.73 27.48 -47.79
C VAL N 16 -98.83 26.43 -47.72
N ASP N 17 -98.69 25.36 -48.52
CA ASP N 17 -99.60 24.22 -48.50
C ASP N 17 -98.77 22.96 -48.27
N ILE N 18 -98.61 22.58 -47.00
CA ILE N 18 -97.81 21.40 -46.68
C ILE N 18 -98.66 20.13 -46.81
N SER N 19 -97.97 19.02 -47.04
CA SER N 19 -98.57 17.69 -47.00
C SER N 19 -97.49 16.70 -46.60
N LEU N 20 -97.90 15.47 -46.33
CA LEU N 20 -96.96 14.46 -45.88
C LEU N 20 -97.44 13.08 -46.31
N LYS N 21 -96.48 12.25 -46.71
CA LYS N 21 -96.74 10.86 -47.05
C LYS N 21 -96.01 9.98 -46.05
N GLY N 22 -96.77 9.34 -45.17
CA GLY N 22 -96.15 8.59 -44.09
C GLY N 22 -95.62 9.52 -43.02
N ARG N 23 -94.29 9.61 -42.92
CA ARG N 23 -93.66 10.49 -41.96
C ARG N 23 -92.74 11.51 -42.62
N THR N 24 -92.45 11.32 -43.91
CA THR N 24 -91.68 12.29 -44.68
C THR N 24 -92.56 13.49 -45.02
N VAL N 25 -92.07 14.69 -44.73
CA VAL N 25 -92.83 15.91 -44.97
C VAL N 25 -92.27 16.62 -46.20
N ILE N 26 -93.15 17.32 -46.92
CA ILE N 26 -92.77 18.19 -48.02
C ILE N 26 -93.34 19.57 -47.73
N VAL N 27 -92.60 20.61 -48.07
CA VAL N 27 -93.04 22.00 -47.91
C VAL N 27 -92.80 22.72 -49.22
N LYS N 28 -93.88 23.22 -49.83
CA LYS N 28 -93.81 23.94 -51.08
C LYS N 28 -94.42 25.32 -50.94
N GLY N 29 -94.06 26.22 -51.85
CA GLY N 29 -94.57 27.56 -51.84
C GLY N 29 -93.99 28.44 -52.94
N PRO N 30 -93.62 29.68 -52.59
CA PRO N 30 -93.11 30.60 -53.61
C PRO N 30 -91.74 30.21 -54.17
N ARG N 31 -90.77 29.93 -53.31
CA ARG N 31 -89.40 29.73 -53.77
C ARG N 31 -89.21 28.33 -54.36
N GLY N 32 -89.62 27.31 -53.62
CA GLY N 32 -89.48 25.96 -54.13
C GLY N 32 -89.97 24.93 -53.13
N THR N 33 -89.66 23.67 -53.43
CA THR N 33 -90.05 22.55 -52.58
C THR N 33 -88.86 22.08 -51.75
N LEU N 34 -89.15 21.65 -50.52
CA LEU N 34 -88.13 21.10 -49.64
C LEU N 34 -88.71 19.89 -48.93
N ARG N 35 -87.98 18.78 -48.98
CA ARG N 35 -88.41 17.53 -48.37
C ARG N 35 -87.55 17.21 -47.15
N ARG N 36 -88.14 16.52 -46.18
CA ARG N 36 -87.32 15.92 -45.12
C ARG N 36 -87.96 14.63 -44.67
N ASP N 37 -87.16 13.56 -44.62
CA ASP N 37 -87.60 12.25 -44.18
C ASP N 37 -87.37 12.09 -42.69
N PHE N 38 -88.44 11.74 -41.96
CA PHE N 38 -88.40 11.65 -40.50
C PHE N 38 -88.33 10.21 -40.01
N ASN N 39 -87.73 9.31 -40.79
CA ASN N 39 -87.80 7.89 -40.43
C ASN N 39 -86.85 7.52 -39.28
N HIS N 40 -86.07 8.47 -38.77
CA HIS N 40 -85.21 8.19 -37.63
C HIS N 40 -85.83 8.62 -36.31
N ILE N 41 -86.89 9.43 -36.35
CA ILE N 41 -87.30 10.13 -35.13
C ILE N 41 -88.49 9.44 -34.45
N ASN N 42 -89.28 8.67 -35.20
CA ASN N 42 -90.36 7.81 -34.72
C ASN N 42 -91.44 8.55 -33.91
N VAL N 43 -92.18 9.45 -34.57
CA VAL N 43 -93.23 10.24 -33.93
C VAL N 43 -94.51 10.14 -34.75
N GLU N 44 -95.57 10.77 -34.24
CA GLU N 44 -96.88 10.81 -34.91
C GLU N 44 -97.08 12.20 -35.48
N LEU N 45 -97.30 12.29 -36.80
CA LEU N 45 -97.54 13.57 -37.46
C LEU N 45 -99.00 13.66 -37.85
N SER N 46 -99.73 14.55 -37.19
CA SER N 46 -101.13 14.80 -37.49
C SER N 46 -101.24 16.09 -38.30
N LEU N 47 -101.73 15.98 -39.54
CA LEU N 47 -101.97 17.14 -40.38
C LEU N 47 -103.46 17.43 -40.31
N LEU N 48 -103.85 18.17 -39.27
CA LEU N 48 -105.26 18.36 -38.97
C LEU N 48 -105.72 19.76 -39.39
N GLY N 49 -107.04 19.94 -39.39
CA GLY N 49 -107.63 21.21 -39.74
C GLY N 49 -107.89 21.38 -41.21
N LYS N 50 -109.00 22.02 -41.57
CA LYS N 50 -109.28 22.35 -42.95
C LYS N 50 -108.32 23.44 -43.42
N LYS N 51 -107.89 23.34 -44.68
CA LYS N 51 -106.81 24.08 -45.35
C LYS N 51 -105.45 23.79 -44.76
N LYS N 52 -105.33 22.75 -43.91
CA LYS N 52 -104.07 22.23 -43.36
C LYS N 52 -103.30 23.29 -42.59
N LYS N 53 -104.01 24.07 -41.77
CA LYS N 53 -103.45 25.27 -41.17
C LYS N 53 -102.43 24.99 -40.07
N ARG N 54 -102.38 23.77 -39.54
CA ARG N 54 -101.43 23.48 -38.49
C ARG N 54 -100.98 22.02 -38.58
N LEU N 55 -99.76 21.78 -38.11
CA LEU N 55 -99.16 20.46 -38.06
C LEU N 55 -98.86 20.12 -36.61
N ARG N 56 -99.30 18.96 -36.15
CA ARG N 56 -99.12 18.56 -34.76
C ARG N 56 -98.21 17.33 -34.70
N VAL N 57 -97.33 17.31 -33.71
CA VAL N 57 -96.43 16.17 -33.54
C VAL N 57 -96.56 15.57 -32.15
N ASP N 58 -97.03 14.34 -32.08
CA ASP N 58 -97.23 13.64 -30.82
C ASP N 58 -96.03 12.76 -30.49
N LYS N 59 -95.83 12.56 -29.18
CA LYS N 59 -94.92 11.52 -28.70
C LYS N 59 -95.60 10.88 -27.50
N TRP N 60 -95.85 9.57 -27.60
CA TRP N 60 -96.58 8.81 -26.60
C TRP N 60 -95.63 7.84 -25.92
N TRP N 61 -95.59 7.90 -24.58
CA TRP N 61 -94.81 7.00 -23.71
C TRP N 61 -93.32 7.02 -24.04
N GLY N 62 -92.71 8.19 -23.84
CA GLY N 62 -91.28 8.38 -24.03
C GLY N 62 -90.68 9.16 -22.89
N ASN N 63 -89.53 8.70 -22.42
CA ASN N 63 -88.79 9.42 -21.39
C ASN N 63 -87.98 10.56 -22.01
N ARG N 64 -87.05 11.11 -21.22
CA ARG N 64 -86.50 12.44 -21.43
C ARG N 64 -85.73 12.57 -22.75
N LYS N 65 -85.09 11.49 -23.19
CA LYS N 65 -84.30 11.54 -24.43
C LYS N 65 -85.20 11.65 -25.65
N GLU N 66 -86.38 11.00 -25.62
CA GLU N 66 -87.32 11.16 -26.73
C GLU N 66 -88.26 12.33 -26.52
N LEU N 67 -88.37 12.85 -25.30
CA LEU N 67 -89.09 14.11 -25.10
C LEU N 67 -88.28 15.28 -25.63
N ALA N 68 -86.96 15.16 -25.63
CA ALA N 68 -86.11 16.17 -26.26
C ALA N 68 -86.26 16.20 -27.78
N THR N 69 -86.74 15.11 -28.38
CA THR N 69 -86.88 15.00 -29.83
C THR N 69 -88.18 15.58 -30.37
N VAL N 70 -88.97 16.27 -29.55
CA VAL N 70 -90.26 16.76 -30.02
C VAL N 70 -90.14 18.17 -30.57
N ARG N 71 -89.43 19.05 -29.85
CA ARG N 71 -89.31 20.44 -30.26
C ARG N 71 -88.37 20.59 -31.46
N THR N 72 -87.47 19.62 -31.68
CA THR N 72 -86.55 19.71 -32.81
C THR N 72 -87.26 19.51 -34.14
N ILE N 73 -88.36 18.73 -34.15
CA ILE N 73 -89.12 18.55 -35.38
C ILE N 73 -89.89 19.82 -35.71
N CYS N 74 -90.46 20.46 -34.69
CA CYS N 74 -91.06 21.78 -34.83
C CYS N 74 -90.06 22.81 -35.36
N SER N 75 -88.83 22.75 -34.86
CA SER N 75 -87.82 23.71 -35.29
C SER N 75 -87.38 23.45 -36.73
N HIS N 76 -87.25 22.18 -37.14
CA HIS N 76 -86.89 21.88 -38.52
C HIS N 76 -88.02 22.24 -39.48
N VAL N 77 -89.27 22.01 -39.08
CA VAL N 77 -90.41 22.40 -39.92
C VAL N 77 -90.51 23.92 -40.04
N GLN N 78 -90.26 24.65 -38.95
CA GLN N 78 -90.29 26.11 -39.01
C GLN N 78 -89.14 26.67 -39.83
N ASN N 79 -87.96 26.04 -39.76
CA ASN N 79 -86.84 26.46 -40.61
C ASN N 79 -87.12 26.17 -42.08
N MET N 80 -87.81 25.06 -42.36
CA MET N 80 -88.14 24.74 -43.74
C MET N 80 -89.21 25.67 -44.29
N ILE N 81 -90.19 26.05 -43.47
CA ILE N 81 -91.18 27.04 -43.87
C ILE N 81 -90.53 28.40 -44.09
N LYS N 82 -89.57 28.76 -43.24
CA LYS N 82 -88.85 30.02 -43.42
C LYS N 82 -88.01 30.00 -44.69
N GLY N 83 -87.43 28.84 -45.03
CA GLY N 83 -86.66 28.74 -46.25
C GLY N 83 -87.51 28.78 -47.50
N VAL N 84 -88.73 28.23 -47.42
CA VAL N 84 -89.62 28.23 -48.58
C VAL N 84 -90.26 29.61 -48.78
N THR N 85 -90.69 30.27 -47.69
CA THR N 85 -91.26 31.61 -47.82
C THR N 85 -90.19 32.64 -48.12
N LEU N 86 -89.24 32.81 -47.19
CA LEU N 86 -88.29 33.91 -47.26
C LEU N 86 -86.95 33.45 -47.85
N GLY N 87 -86.36 32.41 -47.29
CA GLY N 87 -85.08 31.91 -47.72
C GLY N 87 -84.04 32.07 -46.62
N PHE N 88 -82.78 31.87 -47.00
CA PHE N 88 -81.66 32.05 -46.08
C PHE N 88 -80.53 32.77 -46.80
N ARG N 89 -80.36 34.05 -46.49
CA ARG N 89 -79.30 34.88 -47.05
C ARG N 89 -78.26 35.08 -45.94
N TYR N 90 -77.23 34.24 -45.94
CA TYR N 90 -76.14 34.39 -44.98
C TYR N 90 -75.11 35.34 -45.55
N LYS N 91 -75.00 36.51 -44.91
CA LYS N 91 -73.94 37.46 -45.22
C LYS N 91 -72.72 37.15 -44.36
N MET N 92 -71.54 37.25 -44.96
CA MET N 92 -70.33 36.88 -44.22
C MET N 92 -69.16 37.69 -44.72
N ARG N 93 -68.21 37.97 -43.83
CA ARG N 93 -67.15 38.94 -44.08
C ARG N 93 -65.80 38.27 -44.22
N SER N 94 -64.95 38.86 -45.06
CA SER N 94 -63.59 38.41 -45.26
C SER N 94 -62.65 39.33 -44.49
N VAL N 95 -62.19 38.87 -43.32
CA VAL N 95 -61.34 39.65 -42.44
C VAL N 95 -59.89 39.30 -42.71
N TYR N 96 -59.07 40.33 -42.94
CA TYR N 96 -57.65 40.11 -43.16
C TYR N 96 -56.87 41.25 -42.52
N ALA N 97 -55.59 40.99 -42.24
CA ALA N 97 -54.70 42.00 -41.69
C ALA N 97 -53.85 42.66 -42.78
N HIS N 98 -53.11 41.85 -43.54
CA HIS N 98 -52.20 42.38 -44.56
C HIS N 98 -52.60 41.97 -45.97
N PHE N 99 -52.75 40.67 -46.23
CA PHE N 99 -52.99 40.19 -47.60
C PHE N 99 -54.48 40.24 -47.92
N PRO N 100 -54.89 40.96 -48.98
CA PRO N 100 -56.31 40.96 -49.35
C PRO N 100 -56.73 39.61 -49.91
N ILE N 101 -57.77 39.04 -49.30
CA ILE N 101 -58.27 37.71 -49.68
C ILE N 101 -59.06 37.87 -50.97
N ASN N 102 -58.59 37.24 -52.04
CA ASN N 102 -59.23 37.33 -53.34
C ASN N 102 -60.26 36.21 -53.49
N VAL N 103 -61.53 36.55 -53.45
CA VAL N 103 -62.61 35.58 -53.57
C VAL N 103 -63.35 35.81 -54.88
N VAL N 104 -63.48 34.75 -55.69
CA VAL N 104 -64.28 34.85 -56.91
C VAL N 104 -65.12 33.58 -56.99
N ILE N 105 -66.18 33.62 -57.78
CA ILE N 105 -67.19 32.55 -57.83
C ILE N 105 -67.26 32.01 -59.25
N GLN N 106 -67.08 30.70 -59.38
CA GLN N 106 -67.16 30.00 -60.65
C GLN N 106 -68.43 29.17 -60.72
N GLU N 107 -69.01 29.14 -61.92
CA GLU N 107 -70.25 28.42 -62.26
C GLU N 107 -71.41 28.86 -61.35
N ASN N 108 -71.77 30.15 -61.50
CA ASN N 108 -72.91 30.88 -60.95
C ASN N 108 -73.34 30.50 -59.53
N GLY N 109 -72.37 30.25 -58.65
CA GLY N 109 -72.65 29.88 -57.27
C GLY N 109 -72.29 28.46 -56.90
N SER N 110 -71.60 27.72 -57.77
CA SER N 110 -71.29 26.34 -57.46
C SER N 110 -69.92 26.18 -56.81
N LEU N 111 -68.93 26.97 -57.23
CA LEU N 111 -67.59 26.84 -56.71
C LEU N 111 -67.07 28.22 -56.31
N VAL N 112 -66.25 28.25 -55.28
CA VAL N 112 -65.60 29.47 -54.81
C VAL N 112 -64.10 29.28 -54.90
N GLU N 113 -63.45 30.15 -55.67
CA GLU N 113 -61.99 30.25 -55.70
C GLU N 113 -61.55 31.24 -54.64
N ILE N 114 -60.71 30.77 -53.72
CA ILE N 114 -60.14 31.58 -52.65
C ILE N 114 -58.64 31.65 -52.89
N ARG N 115 -58.12 32.87 -53.02
CA ARG N 115 -56.72 33.14 -53.30
C ARG N 115 -56.18 34.17 -52.32
N ASN N 116 -54.85 34.21 -52.22
CA ASN N 116 -54.10 35.28 -51.53
C ASN N 116 -54.48 35.37 -50.05
N PHE N 117 -54.36 34.24 -49.35
CA PHE N 117 -54.65 34.16 -47.93
C PHE N 117 -53.35 33.84 -47.21
N LEU N 118 -52.85 34.82 -46.43
CA LEU N 118 -51.56 34.79 -45.75
C LEU N 118 -50.40 34.56 -46.72
N GLY N 119 -50.54 35.05 -47.95
CA GLY N 119 -49.48 34.92 -48.94
C GLY N 119 -49.28 33.50 -49.44
N GLU N 120 -50.29 32.65 -49.34
CA GLU N 120 -50.22 31.27 -49.81
C GLU N 120 -50.50 31.23 -51.31
N LYS N 121 -49.64 30.51 -52.04
CA LYS N 121 -49.88 30.32 -53.47
C LYS N 121 -50.87 29.20 -53.75
N TYR N 122 -51.19 28.38 -52.75
CA TYR N 122 -52.25 27.39 -52.91
C TYR N 122 -53.60 28.10 -52.92
N ILE N 123 -54.47 27.67 -53.84
CA ILE N 123 -55.80 28.22 -53.98
C ILE N 123 -56.80 27.19 -53.46
N ARG N 124 -57.93 27.66 -52.97
CA ARG N 124 -58.98 26.75 -52.50
C ARG N 124 -60.17 26.82 -53.43
N ARG N 125 -60.54 25.66 -53.97
CA ARG N 125 -61.71 25.52 -54.84
C ARG N 125 -62.78 24.79 -54.05
N VAL N 126 -63.56 25.56 -53.30
CA VAL N 126 -64.54 24.99 -52.38
C VAL N 126 -65.89 24.93 -53.08
N ARG N 127 -66.48 23.73 -53.13
CA ARG N 127 -67.72 23.50 -53.86
C ARG N 127 -68.91 23.51 -52.90
N MET N 128 -69.92 24.32 -53.23
CA MET N 128 -71.16 24.32 -52.49
C MET N 128 -72.02 23.13 -52.91
N ARG N 129 -73.00 22.81 -52.06
CA ARG N 129 -74.03 21.87 -52.43
C ARG N 129 -74.97 22.54 -53.43
N PRO N 130 -75.48 21.79 -54.41
CA PRO N 130 -76.48 22.35 -55.34
C PRO N 130 -77.75 22.75 -54.62
N GLY N 131 -78.18 24.00 -54.85
CA GLY N 131 -79.20 24.65 -54.07
C GLY N 131 -78.70 25.89 -53.36
N VAL N 132 -77.39 25.98 -53.13
CA VAL N 132 -76.78 27.14 -52.49
C VAL N 132 -76.03 27.94 -53.54
N ALA N 133 -76.26 29.25 -53.56
CA ALA N 133 -75.63 30.14 -54.53
C ALA N 133 -74.76 31.15 -53.78
N CYS N 134 -73.49 31.22 -54.14
CA CYS N 134 -72.58 32.20 -53.56
C CYS N 134 -72.42 33.39 -54.51
N SER N 135 -72.30 34.58 -53.93
CA SER N 135 -72.20 35.78 -54.72
C SER N 135 -71.47 36.86 -53.95
N VAL N 136 -71.03 37.89 -54.67
CA VAL N 136 -70.49 39.10 -54.04
C VAL N 136 -71.52 40.22 -54.23
N SER N 137 -71.92 40.85 -53.13
CA SER N 137 -72.96 41.86 -53.20
C SER N 137 -72.38 43.21 -53.60
N GLN N 138 -73.23 44.23 -53.56
CA GLN N 138 -72.86 45.58 -53.92
C GLN N 138 -72.74 46.44 -52.67
N ALA N 139 -72.06 47.58 -52.83
CA ALA N 139 -71.81 48.59 -51.80
C ALA N 139 -71.10 48.03 -50.57
N GLN N 140 -70.26 47.01 -50.75
CA GLN N 140 -69.49 46.44 -49.66
C GLN N 140 -68.22 45.82 -50.25
N LYS N 141 -67.08 46.08 -49.60
CA LYS N 141 -65.80 45.68 -50.14
C LYS N 141 -65.56 44.18 -50.00
N ASP N 142 -65.56 43.68 -48.77
CA ASP N 142 -65.25 42.28 -48.47
C ASP N 142 -66.54 41.62 -48.03
N GLU N 143 -67.17 40.85 -48.92
CA GLU N 143 -68.51 40.34 -48.64
C GLU N 143 -68.74 39.07 -49.46
N LEU N 144 -69.24 38.03 -48.79
CA LEU N 144 -69.79 36.86 -49.48
C LEU N 144 -71.24 36.67 -49.03
N VAL N 145 -72.10 36.39 -50.00
CA VAL N 145 -73.53 36.23 -49.76
C VAL N 145 -73.93 34.83 -50.22
N LEU N 146 -74.50 34.06 -49.29
CA LEU N 146 -74.98 32.70 -49.58
C LEU N 146 -76.49 32.71 -49.57
N GLU N 147 -77.09 32.37 -50.72
CA GLU N 147 -78.53 32.30 -50.86
C GLU N 147 -78.97 30.86 -51.01
N GLY N 148 -80.15 30.55 -50.47
CA GLY N 148 -80.69 29.21 -50.56
C GLY N 148 -81.96 28.98 -49.78
N ASN N 149 -82.48 27.76 -49.84
CA ASN N 149 -83.73 27.42 -49.16
C ASN N 149 -83.45 26.56 -47.93
N ASP N 150 -82.55 25.60 -48.05
CA ASP N 150 -82.26 24.67 -46.97
C ASP N 150 -81.19 25.25 -46.05
N ILE N 151 -81.56 25.46 -44.78
CA ILE N 151 -80.64 26.04 -43.79
C ILE N 151 -79.46 25.11 -43.54
N GLU N 152 -79.70 23.78 -43.62
CA GLU N 152 -78.64 22.80 -43.48
C GLU N 152 -77.56 22.98 -44.53
N LEU N 153 -77.98 23.10 -45.80
CA LEU N 153 -77.04 23.19 -46.91
C LEU N 153 -76.35 24.55 -46.94
N VAL N 154 -77.09 25.63 -46.64
CA VAL N 154 -76.50 26.97 -46.68
C VAL N 154 -75.48 27.15 -45.57
N SER N 155 -75.83 26.74 -44.34
CA SER N 155 -74.88 26.87 -43.24
C SER N 155 -73.74 25.87 -43.33
N ASN N 156 -73.96 24.72 -43.97
CA ASN N 156 -72.85 23.79 -44.22
C ASN N 156 -71.88 24.36 -45.25
N SER N 157 -72.40 25.03 -46.28
CA SER N 157 -71.56 25.70 -47.25
C SER N 157 -70.82 26.88 -46.63
N ALA N 158 -71.42 27.53 -45.63
CA ALA N 158 -70.70 28.57 -44.90
C ALA N 158 -69.58 27.97 -44.05
N ALA N 159 -69.85 26.85 -43.39
CA ALA N 159 -68.84 26.20 -42.56
C ALA N 159 -67.69 25.63 -43.37
N LEU N 160 -67.95 25.23 -44.63
CA LEU N 160 -66.89 24.72 -45.49
C LEU N 160 -65.84 25.79 -45.80
N ILE N 161 -66.28 26.98 -46.21
CA ILE N 161 -65.32 28.04 -46.48
C ILE N 161 -64.75 28.64 -45.20
N GLN N 162 -65.51 28.60 -44.10
CA GLN N 162 -64.98 29.10 -42.83
C GLN N 162 -63.87 28.19 -42.29
N GLN N 163 -63.97 26.88 -42.53
CA GLN N 163 -62.89 25.99 -42.15
C GLN N 163 -61.84 25.86 -43.26
N ALA N 164 -62.14 26.32 -44.47
CA ALA N 164 -61.11 26.37 -45.51
C ALA N 164 -60.16 27.54 -45.26
N THR N 165 -60.70 28.68 -44.84
CA THR N 165 -59.88 29.85 -44.53
C THR N 165 -59.49 29.80 -43.05
N THR N 166 -58.50 28.96 -42.75
CA THR N 166 -57.95 28.84 -41.40
C THR N 166 -56.44 28.98 -41.45
N VAL N 167 -55.86 29.39 -40.34
CA VAL N 167 -54.42 29.60 -40.22
C VAL N 167 -53.84 28.43 -39.44
N LYS N 168 -52.85 27.75 -40.02
CA LYS N 168 -52.27 26.55 -39.43
C LYS N 168 -50.90 26.86 -38.83
N ASN N 169 -50.61 26.19 -37.70
CA ASN N 169 -49.31 26.21 -37.03
C ASN N 169 -48.89 27.61 -36.59
N LYS N 170 -49.88 28.44 -36.23
CA LYS N 170 -49.62 29.80 -35.78
C LYS N 170 -50.51 30.12 -34.59
N ASP N 171 -50.38 31.35 -34.11
CA ASP N 171 -51.24 31.89 -33.06
C ASP N 171 -52.42 32.55 -33.74
N ILE N 172 -53.59 31.90 -33.69
CA ILE N 172 -54.77 32.45 -34.34
C ILE N 172 -55.37 33.58 -33.52
N ARG N 173 -54.94 33.74 -32.27
CA ARG N 173 -55.38 34.88 -31.47
C ARG N 173 -54.76 36.17 -31.98
N LYS N 174 -53.55 36.10 -32.56
CA LYS N 174 -52.94 37.25 -33.19
C LYS N 174 -53.31 37.33 -34.67
N PHE N 175 -53.27 36.19 -35.37
CA PHE N 175 -53.60 36.14 -36.80
C PHE N 175 -55.11 35.97 -36.94
N LEU N 176 -55.82 37.09 -36.86
CA LEU N 176 -57.28 37.10 -37.00
C LEU N 176 -57.64 37.28 -38.47
N ASP N 177 -57.51 36.19 -39.21
CA ASP N 177 -57.71 36.18 -40.65
C ASP N 177 -58.68 35.08 -41.04
N GLY N 178 -59.33 35.27 -42.18
CA GLY N 178 -60.26 34.29 -42.71
C GLY N 178 -61.63 34.87 -43.02
N ILE N 179 -62.48 34.02 -43.57
CA ILE N 179 -63.85 34.40 -43.89
C ILE N 179 -64.78 33.84 -42.82
N TYR N 180 -65.55 34.73 -42.19
CA TYR N 180 -66.36 34.35 -41.04
C TYR N 180 -67.79 34.84 -41.20
N VAL N 181 -68.73 34.07 -40.66
CA VAL N 181 -70.14 34.37 -40.78
C VAL N 181 -70.49 35.57 -39.92
N SER N 182 -71.08 36.60 -40.55
CA SER N 182 -71.40 37.85 -39.87
C SER N 182 -72.89 38.00 -39.61
N GLU N 183 -73.72 37.84 -40.64
CA GLU N 183 -75.16 38.10 -40.52
C GLU N 183 -75.91 36.86 -40.99
N LYS N 184 -76.84 36.38 -40.16
CA LYS N 184 -77.69 35.25 -40.47
C LYS N 184 -79.14 35.75 -40.61
N GLY N 185 -79.59 35.90 -41.85
CA GLY N 185 -80.93 36.42 -42.11
C GLY N 185 -81.55 35.77 -43.32
N THR N 186 -82.58 36.42 -43.86
CA THR N 186 -83.37 35.85 -44.95
C THR N 186 -83.14 36.64 -46.23
N VAL N 187 -83.63 36.08 -47.34
CA VAL N 187 -83.47 36.72 -48.64
C VAL N 187 -84.39 37.92 -48.75
N GLN N 188 -85.68 37.75 -48.48
CA GLN N 188 -86.63 38.84 -48.44
C GLN N 188 -87.19 38.96 -47.03
N GLN N 189 -87.61 40.16 -46.66
CA GLN N 189 -88.09 40.41 -45.31
C GLN N 189 -89.60 40.25 -45.23
N ALA N 190 -90.11 40.23 -44.01
CA ALA N 190 -91.54 40.08 -43.77
C ALA N 190 -91.98 40.88 -42.55
N GLY O 1 -38.95 9.60 1.59
CA GLY O 1 -39.35 9.71 2.98
C GLY O 1 -39.76 8.38 3.60
N ARG O 2 -41.03 8.30 4.00
CA ARG O 2 -41.56 7.08 4.58
C ARG O 2 -42.55 6.43 3.61
N ARG O 3 -43.12 5.29 4.02
CA ARG O 3 -43.94 4.47 3.13
C ARG O 3 -45.29 5.14 2.85
N PRO O 4 -45.95 4.76 1.76
CA PRO O 4 -47.33 5.21 1.55
C PRO O 4 -48.27 4.61 2.58
N ALA O 5 -49.42 5.29 2.76
CA ALA O 5 -50.41 4.86 3.74
C ALA O 5 -51.23 3.65 3.28
N ARG O 6 -51.02 3.20 2.04
CA ARG O 6 -51.65 1.97 1.55
C ARG O 6 -51.18 0.76 2.34
N CYS O 7 -49.97 0.83 2.90
CA CYS O 7 -49.45 -0.26 3.71
C CYS O 7 -50.21 -0.37 5.02
N TYR O 8 -50.12 0.64 5.87
CA TYR O 8 -50.84 0.65 7.14
C TYR O 8 -52.14 1.44 7.03
N ARG O 9 -52.96 1.16 6.02
CA ARG O 9 -54.28 1.77 5.92
C ARG O 9 -55.26 1.17 6.91
N TYR O 10 -55.25 -0.15 7.06
CA TYR O 10 -56.28 -0.83 7.83
C TYR O 10 -55.73 -1.33 9.16
N CYS O 11 -56.65 -1.61 10.09
CA CYS O 11 -56.30 -2.10 11.41
C CYS O 11 -55.95 -3.57 11.30
N LYS O 12 -54.65 -3.87 11.33
CA LYS O 12 -54.17 -5.24 11.16
C LYS O 12 -53.79 -5.87 12.50
N ASN O 13 -53.06 -5.13 13.32
CA ASN O 13 -52.48 -5.68 14.55
C ASN O 13 -53.30 -5.28 15.77
N LYS O 14 -52.85 -5.75 16.93
CA LYS O 14 -53.37 -5.29 18.20
C LYS O 14 -52.95 -3.84 18.44
N PRO O 15 -53.69 -3.10 19.28
CA PRO O 15 -53.24 -1.75 19.65
C PRO O 15 -51.92 -1.78 20.42
N TYR O 16 -50.91 -1.12 19.87
CA TYR O 16 -49.52 -1.22 20.32
C TYR O 16 -49.02 0.19 20.65
N PRO O 17 -49.29 0.68 21.85
CA PRO O 17 -48.98 2.07 22.17
C PRO O 17 -47.54 2.25 22.64
N LYS O 18 -47.16 3.51 22.76
CA LYS O 18 -45.89 3.86 23.38
C LYS O 18 -45.99 3.69 24.89
N SER O 19 -45.10 2.87 25.45
CA SER O 19 -45.22 2.48 26.85
C SER O 19 -43.82 2.16 27.38
N ARG O 20 -43.78 1.48 28.53
CA ARG O 20 -42.51 1.06 29.12
C ARG O 20 -41.81 0.04 28.24
N PHE O 21 -42.58 -0.83 27.58
CA PHE O 21 -42.03 -1.88 26.73
C PHE O 21 -41.61 -1.35 25.36
N CYS O 22 -42.47 -0.55 24.73
CA CYS O 22 -42.16 0.07 23.44
C CYS O 22 -41.55 1.43 23.68
N ARG O 23 -40.22 1.50 23.61
CA ARG O 23 -39.50 2.76 23.77
C ARG O 23 -38.67 3.02 22.52
N GLY O 24 -38.25 4.27 22.36
CA GLY O 24 -37.56 4.68 21.15
C GLY O 24 -38.49 5.07 20.02
N VAL O 25 -39.58 5.74 20.34
CA VAL O 25 -40.59 6.15 19.36
C VAL O 25 -40.36 7.61 19.02
N PRO O 26 -40.27 7.97 17.74
CA PRO O 26 -40.14 9.39 17.38
C PRO O 26 -41.42 10.16 17.65
N ASP O 27 -41.26 11.48 17.84
CA ASP O 27 -42.38 12.32 18.20
C ASP O 27 -43.27 12.57 16.99
N ALA O 28 -44.58 12.60 17.23
CA ALA O 28 -45.54 12.81 16.15
C ALA O 28 -45.53 14.27 15.71
N LYS O 29 -46.03 14.50 14.49
CA LYS O 29 -46.05 15.86 13.95
C LYS O 29 -47.17 16.68 14.55
N ILE O 30 -48.34 16.07 14.76
CA ILE O 30 -49.45 16.79 15.38
C ILE O 30 -49.27 16.81 16.90
N ARG O 31 -49.16 18.03 17.44
CA ARG O 31 -49.06 18.25 18.87
C ARG O 31 -50.06 19.27 19.38
N ILE O 32 -50.41 20.26 18.55
CA ILE O 32 -51.43 21.25 18.89
C ILE O 32 -52.74 20.72 18.34
N PHE O 33 -53.62 20.25 19.22
CA PHE O 33 -54.84 19.59 18.79
C PHE O 33 -56.05 20.51 18.71
N ASP O 34 -55.92 21.78 19.10
CA ASP O 34 -57.01 22.72 18.89
C ASP O 34 -56.49 24.12 18.62
N LEU O 35 -57.32 24.91 17.96
CA LEU O 35 -56.94 26.23 17.48
C LEU O 35 -58.19 27.04 17.17
N GLY O 36 -57.97 28.31 16.84
CA GLY O 36 -59.05 29.24 16.63
C GLY O 36 -59.13 30.24 17.76
N ARG O 37 -60.28 30.30 18.43
CA ARG O 37 -60.42 31.04 19.68
C ARG O 37 -60.89 30.03 20.73
N LYS O 38 -59.91 29.34 21.33
CA LYS O 38 -60.23 28.36 22.36
C LYS O 38 -60.46 29.02 23.71
N LYS O 39 -59.98 30.24 23.89
CA LYS O 39 -60.31 31.05 25.06
C LYS O 39 -61.65 31.72 24.79
N ALA O 40 -62.72 30.95 25.01
CA ALA O 40 -64.05 31.41 24.61
C ALA O 40 -65.10 30.74 25.50
N LYS O 41 -66.32 31.27 25.41
CA LYS O 41 -67.44 30.76 26.18
C LYS O 41 -68.33 29.87 25.30
N VAL O 42 -69.28 29.20 25.95
CA VAL O 42 -70.16 28.29 25.22
C VAL O 42 -71.27 29.05 24.50
N ASP O 43 -71.55 30.29 24.91
CA ASP O 43 -72.69 31.01 24.36
C ASP O 43 -72.37 31.64 23.01
N GLU O 44 -71.10 31.97 22.77
CA GLU O 44 -70.76 32.77 21.60
C GLU O 44 -70.37 31.93 20.38
N PHE O 45 -70.34 30.60 20.51
CA PHE O 45 -70.20 29.71 19.37
C PHE O 45 -71.27 28.63 19.44
N PRO O 46 -72.49 28.90 18.93
CA PRO O 46 -73.57 27.90 19.03
C PRO O 46 -73.42 26.70 18.11
N LEU O 47 -73.03 26.95 16.86
CA LEU O 47 -73.06 25.92 15.83
C LEU O 47 -71.86 25.00 15.97
N CYS O 48 -72.07 23.71 15.67
CA CYS O 48 -71.03 22.70 15.77
C CYS O 48 -71.17 21.68 14.66
N GLY O 49 -70.06 21.38 14.00
CA GLY O 49 -70.04 20.39 12.94
C GLY O 49 -68.90 19.40 13.14
N HIS O 50 -69.18 18.13 12.80
CA HIS O 50 -68.25 17.04 13.02
C HIS O 50 -67.91 16.36 11.71
N MET O 51 -66.70 15.79 11.67
CA MET O 51 -66.25 14.91 10.61
C MET O 51 -66.28 13.49 11.16
N VAL O 52 -67.28 12.72 10.75
CA VAL O 52 -67.49 11.38 11.30
C VAL O 52 -67.02 10.35 10.29
N SER O 53 -66.13 9.46 10.72
CA SER O 53 -65.61 8.44 9.84
C SER O 53 -66.67 7.37 9.56
N ASP O 54 -66.44 6.62 8.47
CA ASP O 54 -67.36 5.57 8.05
C ASP O 54 -66.58 4.30 7.69
N GLU O 55 -65.33 4.23 8.12
CA GLU O 55 -64.50 3.05 7.89
C GLU O 55 -63.69 2.75 9.14
N TYR O 56 -63.45 1.47 9.39
CA TYR O 56 -62.61 1.01 10.48
C TYR O 56 -61.17 0.90 9.97
N GLU O 57 -60.47 2.02 10.00
CA GLU O 57 -59.14 2.14 9.41
C GLU O 57 -58.21 2.86 10.38
N GLN O 58 -57.00 3.14 9.90
CA GLN O 58 -55.97 3.83 10.67
C GLN O 58 -55.61 5.13 9.96
N LEU O 59 -55.87 6.26 10.61
CA LEU O 59 -55.53 7.57 10.07
C LEU O 59 -54.20 8.02 10.67
N SER O 60 -53.29 8.46 9.81
CA SER O 60 -51.94 8.79 10.26
C SER O 60 -51.90 10.19 10.88
N SER O 61 -50.90 10.38 11.75
CA SER O 61 -50.70 11.67 12.41
C SER O 61 -50.31 12.76 11.42
N GLU O 62 -49.61 12.39 10.35
CA GLU O 62 -49.25 13.37 9.33
C GLU O 62 -50.48 13.79 8.53
N ALA O 63 -51.41 12.87 8.31
CA ALA O 63 -52.68 13.22 7.67
C ALA O 63 -53.53 14.10 8.58
N LEU O 64 -53.50 13.83 9.89
CA LEU O 64 -54.16 14.70 10.86
C LEU O 64 -53.58 16.11 10.84
N GLU O 65 -52.25 16.21 10.76
CA GLU O 65 -51.57 17.51 10.65
C GLU O 65 -51.95 18.25 9.38
N ALA O 66 -51.98 17.54 8.24
CA ALA O 66 -52.31 18.17 6.97
C ALA O 66 -53.76 18.63 6.94
N ALA O 67 -54.68 17.83 7.48
CA ALA O 67 -56.08 18.23 7.52
C ALA O 67 -56.30 19.37 8.50
N ARG O 68 -55.51 19.41 9.59
CA ARG O 68 -55.61 20.52 10.53
C ARG O 68 -55.16 21.83 9.90
N ILE O 69 -54.06 21.81 9.14
CA ILE O 69 -53.60 23.01 8.45
C ILE O 69 -54.60 23.41 7.35
N CYS O 70 -55.18 22.43 6.66
CA CYS O 70 -56.12 22.71 5.57
C CYS O 70 -57.42 23.31 6.09
N ALA O 71 -57.87 22.87 7.27
CA ALA O 71 -59.04 23.48 7.87
C ALA O 71 -58.71 24.85 8.46
N ASN O 72 -57.50 24.99 9.03
CA ASN O 72 -57.06 26.24 9.63
C ASN O 72 -57.00 27.36 8.61
N LYS O 73 -56.47 27.08 7.41
CA LYS O 73 -56.29 28.12 6.41
C LYS O 73 -57.64 28.65 5.90
N TYR O 74 -58.60 27.74 5.67
CA TYR O 74 -59.90 28.18 5.19
C TYR O 74 -60.70 28.87 6.29
N MET O 75 -60.53 28.44 7.54
CA MET O 75 -61.21 29.13 8.64
C MET O 75 -60.63 30.51 8.91
N VAL O 76 -59.33 30.70 8.70
CA VAL O 76 -58.74 32.04 8.81
C VAL O 76 -59.19 32.91 7.65
N LYS O 77 -59.28 32.35 6.44
CA LYS O 77 -59.73 33.12 5.29
C LYS O 77 -61.21 33.49 5.38
N SER O 78 -62.01 32.64 6.02
CA SER O 78 -63.46 32.89 6.06
C SER O 78 -63.89 33.61 7.34
N CYS O 79 -63.65 32.98 8.50
CA CYS O 79 -64.24 33.44 9.75
C CYS O 79 -63.31 34.35 10.54
N GLY O 80 -62.18 34.75 9.97
CA GLY O 80 -61.20 35.54 10.70
C GLY O 80 -60.32 34.67 11.56
N LYS O 81 -59.49 35.33 12.37
CA LYS O 81 -58.59 34.60 13.26
C LYS O 81 -59.23 34.21 14.59
N ASP O 82 -60.34 34.84 14.95
CA ASP O 82 -60.98 34.62 16.25
C ASP O 82 -62.49 34.44 16.08
N GLY O 83 -62.87 33.61 15.12
CA GLY O 83 -64.29 33.39 14.88
C GLY O 83 -64.67 31.92 14.73
N PHE O 84 -63.79 31.03 15.19
CA PHE O 84 -64.01 29.59 15.05
C PHE O 84 -63.23 28.88 16.15
N HIS O 85 -63.45 27.57 16.25
CA HIS O 85 -62.66 26.73 17.15
C HIS O 85 -62.65 25.32 16.57
N ILE O 86 -61.48 24.90 16.10
CA ILE O 86 -61.30 23.55 15.55
C ILE O 86 -60.70 22.67 16.63
N ARG O 87 -61.11 21.39 16.67
CA ARG O 87 -60.65 20.44 17.67
C ARG O 87 -60.49 19.09 17.00
N VAL O 88 -59.27 18.55 16.99
CA VAL O 88 -59.03 17.22 16.46
C VAL O 88 -59.26 16.20 17.58
N ARG O 89 -60.26 15.34 17.41
CA ARG O 89 -60.62 14.40 18.47
C ARG O 89 -60.03 13.03 18.21
N LEU O 90 -58.86 12.98 17.58
CA LEU O 90 -58.15 11.71 17.37
C LEU O 90 -56.69 11.93 17.75
N HIS O 91 -56.32 11.45 18.94
CA HIS O 91 -54.94 11.49 19.38
C HIS O 91 -54.23 10.20 18.96
N PRO O 92 -53.18 10.28 18.15
CA PRO O 92 -52.52 9.04 17.69
C PRO O 92 -51.63 8.40 18.74
N PHE O 93 -51.98 7.18 19.17
CA PHE O 93 -51.18 6.44 20.13
C PHE O 93 -50.60 5.15 19.57
N HIS O 94 -51.18 4.63 18.49
CA HIS O 94 -50.75 3.34 17.97
C HIS O 94 -49.39 3.46 17.30
N VAL O 95 -48.36 2.97 17.96
CA VAL O 95 -47.01 3.01 17.43
C VAL O 95 -46.88 1.94 16.35
N ILE O 96 -46.59 2.38 15.13
CA ILE O 96 -46.51 1.50 13.98
C ILE O 96 -45.04 1.37 13.57
N ARG O 97 -44.70 0.22 13.00
CA ARG O 97 -43.33 -0.27 12.88
C ARG O 97 -42.85 -0.28 11.44
N ILE O 98 -41.54 -0.46 11.27
CA ILE O 98 -40.90 -0.49 9.96
C ILE O 98 -39.90 -1.65 9.93
N ASN O 99 -39.91 -2.41 8.84
CA ASN O 99 -38.94 -3.48 8.63
C ASN O 99 -38.04 -3.08 7.46
N LYS O 100 -36.96 -2.38 7.79
CA LYS O 100 -36.08 -1.83 6.78
C LYS O 100 -35.09 -2.89 6.30
N MET O 101 -34.98 -3.01 4.98
CA MET O 101 -34.08 -3.97 4.35
C MET O 101 -32.86 -3.20 3.83
N LEU O 102 -31.89 -2.99 4.71
CA LEU O 102 -30.63 -2.28 4.46
C LEU O 102 -30.83 -0.87 3.90
N GLN O 103 -27.55 -9.67 4.36
CA GLN O 103 -28.97 -9.82 4.09
C GLN O 103 -29.59 -10.90 4.96
N THR O 104 -30.25 -10.47 6.05
CA THR O 104 -30.92 -11.42 6.93
C THR O 104 -32.23 -11.89 6.32
N GLY O 105 -33.07 -10.96 5.90
CA GLY O 105 -34.34 -11.30 5.27
C GLY O 105 -35.47 -11.29 6.27
N MET O 106 -36.23 -12.37 6.31
CA MET O 106 -37.40 -12.50 7.17
C MET O 106 -37.05 -13.07 8.54
N ARG O 107 -35.81 -13.49 8.75
CA ARG O 107 -35.40 -14.05 10.03
C ARG O 107 -35.22 -12.92 11.05
N GLY O 108 -35.80 -13.10 12.23
CA GLY O 108 -35.78 -12.06 13.24
C GLY O 108 -36.52 -10.80 12.85
N ALA O 109 -37.62 -10.93 12.13
CA ALA O 109 -38.34 -9.78 11.58
C ALA O 109 -39.29 -9.24 12.65
N PHE O 110 -38.85 -8.22 13.37
CA PHE O 110 -39.73 -7.43 14.22
C PHE O 110 -39.35 -5.98 14.02
N GLY O 111 -40.36 -5.12 13.82
CA GLY O 111 -40.08 -3.78 13.38
C GLY O 111 -39.56 -2.88 14.48
N LYS O 112 -38.68 -1.97 14.11
CA LYS O 112 -38.36 -0.81 14.92
C LYS O 112 -39.50 0.18 14.80
N PRO O 113 -39.74 1.00 15.83
CA PRO O 113 -40.88 1.93 15.79
C PRO O 113 -40.72 3.01 14.72
N GLN O 114 -41.61 2.98 13.73
CA GLN O 114 -41.58 3.93 12.63
C GLN O 114 -42.27 5.24 12.99
N GLY O 115 -43.52 5.17 13.42
CA GLY O 115 -44.28 6.40 13.65
C GLY O 115 -45.50 6.11 14.49
N THR O 116 -46.40 7.07 14.49
CA THR O 116 -47.67 6.94 15.20
C THR O 116 -48.83 6.97 14.22
N VAL O 117 -49.93 6.34 14.64
CA VAL O 117 -51.15 6.28 13.83
C VAL O 117 -52.31 6.12 14.79
N ALA O 118 -53.49 6.58 14.37
CA ALA O 118 -54.67 6.60 15.21
C ALA O 118 -55.65 5.53 14.79
N ARG O 119 -56.08 4.71 15.75
CA ARG O 119 -57.11 3.70 15.50
C ARG O 119 -58.48 4.35 15.44
N VAL O 120 -59.15 4.18 14.31
CA VAL O 120 -60.40 4.89 14.03
C VAL O 120 -61.51 3.87 13.82
N HIS O 121 -62.61 4.04 14.55
CA HIS O 121 -63.77 3.17 14.46
C HIS O 121 -64.80 3.76 13.50
N ILE O 122 -65.81 2.95 13.18
CA ILE O 122 -66.92 3.42 12.34
C ILE O 122 -67.88 4.22 13.21
N GLY O 123 -68.15 5.46 12.81
CA GLY O 123 -69.01 6.33 13.58
C GLY O 123 -68.27 7.05 14.68
N GLN O 124 -67.07 7.54 14.38
CA GLN O 124 -66.23 8.22 15.34
C GLN O 124 -65.82 9.57 14.77
N VAL O 125 -65.84 10.59 15.63
CA VAL O 125 -65.60 11.96 15.20
C VAL O 125 -64.10 12.16 14.98
N ILE O 126 -63.74 12.63 13.79
CA ILE O 126 -62.34 12.93 13.49
C ILE O 126 -62.00 14.36 13.91
N MET O 127 -62.70 15.33 13.33
CA MET O 127 -62.51 16.74 13.63
C MET O 127 -63.84 17.35 14.01
N SER O 128 -63.78 18.47 14.73
CA SER O 128 -64.99 19.13 15.19
C SER O 128 -64.76 20.64 15.22
N ILE O 129 -65.62 21.38 14.52
CA ILE O 129 -65.49 22.83 14.43
C ILE O 129 -66.74 23.45 15.04
N ARG O 130 -66.54 24.29 16.05
CA ARG O 130 -67.64 25.08 16.61
C ARG O 130 -67.44 26.55 16.22
N THR O 131 -68.55 27.22 15.96
CA THR O 131 -68.55 28.51 15.29
C THR O 131 -69.90 29.19 15.55
N LYS O 132 -70.07 30.37 14.97
CA LYS O 132 -71.35 31.06 15.04
C LYS O 132 -72.37 30.39 14.12
N LEU O 133 -73.64 30.77 14.30
CA LEU O 133 -74.71 30.14 13.53
C LEU O 133 -74.71 30.61 12.09
N GLN O 134 -74.09 31.76 11.80
CA GLN O 134 -74.06 32.26 10.43
C GLN O 134 -73.09 31.46 9.57
N ASN O 135 -72.04 30.92 10.18
CA ASN O 135 -70.98 30.22 9.44
C ASN O 135 -71.29 28.72 9.44
N LYS O 136 -72.18 28.32 8.52
CA LYS O 136 -72.57 26.93 8.37
C LYS O 136 -71.97 26.30 7.11
N GLU O 137 -72.22 26.92 5.95
CA GLU O 137 -71.65 26.42 4.70
C GLU O 137 -70.14 26.59 4.67
N HIS O 138 -69.60 27.57 5.40
CA HIS O 138 -68.15 27.71 5.51
C HIS O 138 -67.52 26.55 6.25
N VAL O 139 -68.17 26.06 7.30
CA VAL O 139 -67.65 24.91 8.03
C VAL O 139 -67.82 23.64 7.22
N VAL O 140 -68.93 23.54 6.46
CA VAL O 140 -69.11 22.43 5.53
C VAL O 140 -68.02 22.43 4.46
N GLU O 141 -67.66 23.60 3.95
CA GLU O 141 -66.60 23.72 2.95
C GLU O 141 -65.22 23.39 3.53
N ALA O 142 -64.96 23.83 4.77
CA ALA O 142 -63.68 23.55 5.41
C ALA O 142 -63.51 22.06 5.69
N LEU O 143 -64.57 21.40 6.17
CA LEU O 143 -64.49 19.96 6.38
C LEU O 143 -64.44 19.19 5.07
N ARG O 144 -65.06 19.72 4.01
CA ARG O 144 -64.98 19.09 2.70
C ARG O 144 -63.56 19.17 2.15
N ARG O 145 -62.88 20.29 2.37
CA ARG O 145 -61.50 20.40 1.95
C ARG O 145 -60.57 19.58 2.84
N ALA O 146 -60.96 19.36 4.09
CA ALA O 146 -60.13 18.54 4.98
C ALA O 146 -60.35 17.05 4.76
N LYS O 147 -61.44 16.63 4.11
CA LYS O 147 -61.64 15.21 3.83
C LYS O 147 -60.61 14.65 2.85
N PHE O 148 -60.03 15.50 1.99
CA PHE O 148 -59.11 14.99 0.97
C PHE O 148 -57.77 14.57 1.54
N LYS O 149 -57.46 14.99 2.76
CA LYS O 149 -56.18 14.62 3.36
C LYS O 149 -56.24 13.23 3.97
N PHE O 150 -57.45 12.71 4.21
CA PHE O 150 -57.55 11.38 4.79
C PHE O 150 -57.87 10.33 3.72
N PRO O 151 -57.43 9.10 3.91
CA PRO O 151 -57.89 8.00 3.06
C PRO O 151 -59.30 7.56 3.43
N GLY O 152 -59.85 6.69 2.59
CA GLY O 152 -61.16 6.13 2.88
C GLY O 152 -62.28 7.09 2.54
N ARG O 153 -63.25 7.18 3.45
CA ARG O 153 -64.42 8.00 3.25
C ARG O 153 -65.01 8.36 4.60
N GLN O 154 -65.34 9.63 4.77
CA GLN O 154 -65.98 10.12 5.98
C GLN O 154 -67.05 11.14 5.60
N LYS O 155 -68.00 11.35 6.50
CA LYS O 155 -69.14 12.22 6.26
C LYS O 155 -69.04 13.47 7.13
N ILE O 156 -69.75 14.51 6.72
CA ILE O 156 -69.82 15.77 7.46
C ILE O 156 -71.21 15.87 8.07
N HIS O 157 -71.28 15.97 9.40
CA HIS O 157 -72.56 16.01 10.09
C HIS O 157 -72.59 17.19 11.04
N ILE O 158 -73.53 18.10 10.84
CA ILE O 158 -73.72 19.21 11.77
C ILE O 158 -74.57 18.74 12.93
N SER O 159 -74.03 18.86 14.14
CA SER O 159 -74.62 18.23 15.30
C SER O 159 -75.81 19.01 15.82
N LYS O 160 -76.63 18.33 16.62
CA LYS O 160 -77.74 18.97 17.34
C LYS O 160 -77.29 19.53 18.69
N LYS O 161 -76.05 19.31 19.09
CA LYS O 161 -75.56 19.75 20.39
C LYS O 161 -75.14 21.21 20.34
N TRP O 162 -74.99 21.80 21.52
CA TRP O 162 -74.55 23.19 21.67
C TRP O 162 -73.04 23.20 21.78
N GLY O 163 -72.36 23.28 20.65
CA GLY O 163 -70.90 23.34 20.67
C GLY O 163 -70.28 22.01 21.04
N PHE O 164 -69.27 22.07 21.92
CA PHE O 164 -68.57 20.87 22.37
C PHE O 164 -69.18 20.38 23.69
N THR O 165 -70.50 20.22 23.66
CA THR O 165 -71.23 19.77 24.84
C THR O 165 -72.06 18.55 24.48
N LYS O 166 -72.63 17.92 25.50
CA LYS O 166 -73.46 16.73 25.34
C LYS O 166 -74.94 17.06 25.52
N PHE O 167 -75.30 18.33 25.40
CA PHE O 167 -76.66 18.77 25.63
C PHE O 167 -77.19 19.44 24.36
N ASN O 168 -78.49 19.33 24.14
CA ASN O 168 -79.10 19.82 22.91
C ASN O 168 -79.26 21.33 22.95
N ALA O 169 -79.36 21.92 21.76
CA ALA O 169 -79.38 23.38 21.64
C ALA O 169 -80.73 23.96 22.04
N ASP O 170 -81.81 23.22 21.81
CA ASP O 170 -83.14 23.73 22.17
C ASP O 170 -83.38 23.66 23.68
N GLU O 171 -82.63 22.80 24.38
CA GLU O 171 -82.74 22.63 25.81
C GLU O 171 -81.65 23.38 26.57
N PHE O 172 -80.58 23.79 25.87
CA PHE O 172 -79.43 24.41 26.52
C PHE O 172 -79.78 25.76 27.15
N GLU O 173 -80.53 26.59 26.42
CA GLU O 173 -80.91 27.92 26.93
C GLU O 173 -81.85 27.79 28.12
N ASP O 174 -82.76 26.82 28.09
CA ASP O 174 -83.66 26.60 29.22
C ASP O 174 -82.91 26.09 30.45
N MET O 175 -81.91 25.23 30.24
CA MET O 175 -81.12 24.73 31.37
C MET O 175 -80.23 25.81 31.98
N VAL O 176 -79.65 26.68 31.13
CA VAL O 176 -78.88 27.81 31.65
C VAL O 176 -79.79 28.81 32.36
N ALA O 177 -81.03 28.95 31.88
CA ALA O 177 -82.00 29.84 32.53
C ALA O 177 -82.44 29.30 33.89
N GLU O 178 -82.63 27.98 34.00
CA GLU O 178 -83.00 27.38 35.27
C GLU O 178 -81.79 27.00 36.12
N LYS O 179 -80.58 27.37 35.68
CA LYS O 179 -79.34 27.27 36.46
C LYS O 179 -78.98 25.82 36.77
N ARG O 180 -79.13 24.96 35.77
CA ARG O 180 -78.69 23.57 35.85
C ARG O 180 -77.34 23.42 35.16
N LEU O 181 -77.02 24.35 34.26
CA LEU O 181 -75.74 24.37 33.57
C LEU O 181 -75.00 25.68 33.87
N ILE O 182 -73.69 25.60 34.01
CA ILE O 182 -72.84 26.79 34.15
C ILE O 182 -71.83 26.83 33.01
N PRO O 183 -71.71 27.95 32.30
CA PRO O 183 -70.62 28.10 31.32
C PRO O 183 -69.27 28.10 32.01
N ASP O 184 -68.40 27.19 31.57
CA ASP O 184 -67.12 26.95 32.22
C ASP O 184 -66.04 26.88 31.15
N GLY O 185 -66.03 27.87 30.25
CA GLY O 185 -65.05 27.90 29.17
C GLY O 185 -65.51 27.18 27.93
N CYS O 186 -64.73 26.19 27.49
CA CYS O 186 -65.15 25.37 26.36
C CYS O 186 -66.26 24.40 26.76
N GLY O 187 -66.13 23.80 27.94
CA GLY O 187 -67.12 22.87 28.44
C GLY O 187 -68.20 23.55 29.25
N VAL O 188 -69.05 22.72 29.84
CA VAL O 188 -70.18 23.19 30.64
C VAL O 188 -70.21 22.36 31.92
N LYS O 189 -70.72 22.94 33.01
CA LYS O 189 -70.84 22.23 34.27
C LYS O 189 -72.31 21.90 34.53
N TYR O 190 -72.60 20.62 34.73
CA TYR O 190 -73.95 20.12 34.99
C TYR O 190 -74.11 19.93 36.49
N ILE O 191 -75.03 20.67 37.11
CA ILE O 191 -75.28 20.58 38.54
C ILE O 191 -76.50 19.68 38.75
N PRO O 192 -76.36 18.54 39.41
CA PRO O 192 -77.53 17.74 39.76
C PRO O 192 -78.14 18.17 41.07
N ASN O 193 -79.19 17.47 41.51
CA ASN O 193 -79.74 17.65 42.85
C ASN O 193 -79.12 16.68 43.85
N ARG O 194 -77.94 16.13 43.54
CA ARG O 194 -77.36 15.07 44.36
C ARG O 194 -76.38 15.64 45.39
N GLY O 195 -75.87 16.85 45.18
CA GLY O 195 -74.90 17.42 46.06
C GLY O 195 -75.51 17.98 47.32
N PRO O 196 -74.68 18.60 48.15
CA PRO O 196 -75.20 19.22 49.38
C PRO O 196 -75.96 20.50 49.08
N LEU O 197 -76.66 20.98 50.10
CA LEU O 197 -77.52 22.16 49.93
C LEU O 197 -76.73 23.45 50.00
N ASP O 198 -75.49 23.42 50.53
CA ASP O 198 -74.65 24.61 50.53
C ASP O 198 -74.23 25.02 49.13
N LYS O 199 -74.04 24.06 48.23
CA LYS O 199 -73.78 24.37 46.83
C LYS O 199 -74.99 25.02 46.18
N TRP O 200 -76.20 24.53 46.52
CA TRP O 200 -77.44 25.12 46.03
C TRP O 200 -77.60 26.56 46.51
N ARG O 201 -77.29 26.81 47.78
CA ARG O 201 -77.38 28.16 48.33
C ARG O 201 -76.31 29.07 47.76
N ALA O 202 -75.12 28.53 47.46
CA ALA O 202 -74.08 29.34 46.83
C ALA O 202 -74.42 29.67 45.40
N LEU O 203 -75.16 28.79 44.72
CA LEU O 203 -75.64 29.10 43.38
C LEU O 203 -76.75 30.14 43.41
N HIS O 204 -77.72 29.98 44.30
CA HIS O 204 -78.88 30.87 44.30
C HIS O 204 -78.69 32.08 45.21
N SER O 205 -77.48 32.27 45.74
CA SER O 205 -77.20 33.45 46.55
C SER O 205 -76.32 34.44 45.77
N LYS P 1 -70.50 27.72 81.26
CA LYS P 1 -69.91 26.80 82.23
C LYS P 1 -69.00 25.80 81.54
N GLU P 2 -67.70 25.92 81.79
CA GLU P 2 -66.73 25.04 81.14
C GLU P 2 -66.63 23.70 81.88
N ASN P 3 -66.66 22.62 81.10
CA ASN P 3 -66.58 21.26 81.59
C ASN P 3 -65.18 20.99 82.16
N PRO P 4 -65.08 20.49 83.40
CA PRO P 4 -63.76 20.23 83.98
C PRO P 4 -62.96 19.11 83.30
N MET P 5 -63.58 18.32 82.42
CA MET P 5 -62.83 17.35 81.62
C MET P 5 -62.21 17.96 80.38
N ARG P 6 -62.35 19.27 80.16
CA ARG P 6 -61.76 19.92 79.00
C ARG P 6 -60.65 20.88 79.43
N GLU P 7 -60.02 20.62 80.57
CA GLU P 7 -58.93 21.45 81.07
C GLU P 7 -57.69 21.17 80.23
N LEU P 8 -57.26 22.17 79.47
CA LEU P 8 -56.16 21.99 78.52
C LEU P 8 -54.86 21.94 79.31
N ARG P 9 -54.32 20.73 79.45
CA ARG P 9 -53.07 20.48 80.17
C ARG P 9 -51.94 20.32 79.18
N ILE P 10 -50.79 19.89 79.69
CA ILE P 10 -49.62 19.60 78.87
C ILE P 10 -49.39 18.10 78.86
N ARG P 11 -49.34 17.49 77.67
CA ARG P 11 -48.92 16.09 77.59
C ARG P 11 -47.45 15.93 77.89
N LYS P 12 -46.58 16.54 77.09
CA LYS P 12 -45.16 16.31 77.30
C LYS P 12 -44.33 17.52 76.92
N LEU P 13 -43.05 17.47 77.32
CA LEU P 13 -42.03 18.42 76.91
C LEU P 13 -40.90 17.63 76.28
N CYS P 14 -40.64 17.88 75.01
CA CYS P 14 -39.63 17.13 74.26
C CYS P 14 -38.35 17.96 74.20
N LEU P 15 -37.30 17.45 74.83
CA LEU P 15 -35.98 18.06 74.79
C LEU P 15 -35.13 17.35 73.74
N ASN P 16 -34.48 18.13 72.89
CA ASN P 16 -33.44 17.50 72.08
C ASN P 16 -32.27 18.44 71.84
N ILE P 17 -31.09 17.84 71.72
CA ILE P 17 -29.85 18.53 71.35
C ILE P 17 -29.29 17.79 70.15
N CYS P 18 -29.08 18.52 69.05
CA CYS P 18 -28.58 17.93 67.80
C CYS P 18 -27.23 18.57 67.48
N VAL P 19 -26.16 17.92 67.94
CA VAL P 19 -24.82 18.47 67.77
C VAL P 19 -24.26 18.10 66.40
N GLY P 20 -24.76 17.03 65.79
CA GLY P 20 -24.28 16.60 64.50
C GLY P 20 -22.98 15.83 64.51
N GLU P 21 -22.43 15.53 65.69
CA GLU P 21 -21.16 14.83 65.81
C GLU P 21 -21.28 13.79 66.92
N SER P 22 -20.84 12.57 66.64
CA SER P 22 -20.89 11.53 67.64
C SER P 22 -19.71 11.63 68.60
N GLY P 23 -19.76 10.84 69.66
CA GLY P 23 -18.65 10.75 70.60
C GLY P 23 -18.72 11.72 71.76
N ASP P 24 -17.71 12.59 71.86
CA ASP P 24 -17.51 13.37 73.08
C ASP P 24 -18.53 14.50 73.20
N ARG P 25 -18.80 15.17 72.09
CA ARG P 25 -19.77 16.25 72.08
C ARG P 25 -21.13 15.69 72.40
N LEU P 26 -21.47 14.55 71.82
CA LEU P 26 -22.76 13.89 72.02
C LEU P 26 -22.95 13.41 73.45
N THR P 27 -21.91 12.82 74.05
CA THR P 27 -22.07 12.35 75.42
C THR P 27 -22.08 13.51 76.42
N ARG P 28 -21.45 14.64 76.08
CA ARG P 28 -21.55 15.79 76.97
C ARG P 28 -22.90 16.49 76.82
N ALA P 29 -23.50 16.44 75.64
CA ALA P 29 -24.89 16.89 75.51
C ALA P 29 -25.85 15.98 76.26
N ALA P 30 -25.55 14.68 76.30
CA ALA P 30 -26.31 13.77 77.14
C ALA P 30 -26.16 14.10 78.61
N LYS P 31 -24.97 14.51 79.03
CA LYS P 31 -24.76 14.97 80.41
C LYS P 31 -25.53 16.26 80.69
N VAL P 32 -25.64 17.15 79.70
CA VAL P 32 -26.45 18.35 79.84
C VAL P 32 -27.92 18.01 80.05
N LEU P 33 -28.46 17.10 79.24
CA LEU P 33 -29.86 16.69 79.40
C LEU P 33 -30.09 15.93 80.70
N GLU P 34 -29.09 15.16 81.16
CA GLU P 34 -29.22 14.44 82.41
C GLU P 34 -29.19 15.39 83.60
N GLN P 35 -28.35 16.42 83.56
CA GLN P 35 -28.34 17.40 84.63
C GLN P 35 -29.57 18.29 84.59
N LEU P 36 -30.18 18.44 83.41
CA LEU P 36 -31.42 19.22 83.32
C LEU P 36 -32.60 18.45 83.87
N THR P 37 -32.70 17.16 83.55
CA THR P 37 -33.87 16.39 83.94
C THR P 37 -33.68 15.66 85.26
N GLY P 38 -32.70 14.77 85.32
CA GLY P 38 -32.59 13.84 86.43
C GLY P 38 -32.89 12.43 85.95
N GLN P 39 -32.67 12.20 84.65
CA GLN P 39 -32.92 10.92 84.02
C GLN P 39 -32.06 10.83 82.77
N THR P 40 -31.81 9.60 82.33
CA THR P 40 -30.91 9.37 81.21
C THR P 40 -31.62 9.60 79.88
N PRO P 41 -31.07 10.39 78.97
CA PRO P 41 -31.70 10.57 77.66
C PRO P 41 -31.28 9.48 76.69
N VAL P 42 -31.99 9.44 75.55
CA VAL P 42 -31.76 8.43 74.52
C VAL P 42 -31.15 9.09 73.29
N PHE P 43 -30.09 8.48 72.77
CA PHE P 43 -29.40 8.97 71.59
C PHE P 43 -30.19 8.61 70.34
N SER P 44 -30.36 9.57 69.44
CA SER P 44 -31.04 9.37 68.18
C SER P 44 -30.01 9.33 67.04
N LYS P 45 -30.07 8.27 66.25
CA LYS P 45 -29.13 8.04 65.16
C LYS P 45 -29.73 8.47 63.83
N ALA P 46 -28.93 8.36 62.78
CA ALA P 46 -29.30 8.88 61.48
C ALA P 46 -30.21 7.94 60.72
N ARG P 47 -30.78 8.44 59.63
CA ARG P 47 -31.58 7.64 58.71
C ARG P 47 -30.79 7.28 57.45
N TYR P 48 -30.00 8.21 56.93
CA TYR P 48 -29.19 7.96 55.75
C TYR P 48 -27.97 8.87 55.76
N THR P 49 -26.97 8.49 54.98
CA THR P 49 -25.70 9.21 54.95
C THR P 49 -25.82 10.49 54.16
N VAL P 50 -25.46 11.61 54.78
CA VAL P 50 -25.36 12.90 54.10
C VAL P 50 -23.89 13.31 54.16
N ARG P 51 -23.24 13.34 53.00
CA ARG P 51 -21.82 13.67 52.95
C ARG P 51 -21.56 15.17 53.02
N SER P 52 -22.61 15.99 52.97
CA SER P 52 -22.43 17.44 53.05
C SER P 52 -22.09 17.87 54.48
N PHE P 53 -22.75 17.29 55.47
CA PHE P 53 -22.57 17.75 56.84
C PHE P 53 -21.56 16.90 57.60
N GLY P 54 -21.30 15.69 57.11
CA GLY P 54 -20.35 14.80 57.78
C GLY P 54 -21.00 13.80 58.69
N ILE P 55 -22.12 13.22 58.23
CA ILE P 55 -22.84 12.20 58.97
C ILE P 55 -22.96 10.97 58.08
N ARG P 56 -23.14 9.81 58.71
CA ARG P 56 -23.31 8.55 58.02
C ARG P 56 -24.55 7.85 58.55
N ARG P 57 -24.98 6.80 57.85
CA ARG P 57 -26.17 6.07 58.25
C ARG P 57 -25.90 5.25 59.51
N ASN P 58 -26.90 5.22 60.40
CA ASN P 58 -26.86 4.54 61.70
C ASN P 58 -25.74 5.08 62.59
N GLU P 59 -25.42 6.36 62.42
CA GLU P 59 -24.48 7.07 63.27
C GLU P 59 -25.26 7.98 64.21
N LYS P 60 -24.90 7.94 65.49
CA LYS P 60 -25.61 8.71 66.52
C LYS P 60 -25.38 10.19 66.32
N ILE P 61 -26.45 10.93 66.02
CA ILE P 61 -26.34 12.37 65.79
C ILE P 61 -26.81 13.13 67.01
N ALA P 62 -28.07 12.95 67.39
CA ALA P 62 -28.70 13.80 68.39
C ALA P 62 -28.97 13.03 69.67
N VAL P 63 -29.55 13.73 70.63
CA VAL P 63 -29.93 13.14 71.91
C VAL P 63 -31.22 13.81 72.37
N HIS P 64 -32.14 13.02 72.94
CA HIS P 64 -33.47 13.55 73.23
C HIS P 64 -34.03 12.87 74.47
N CYS P 65 -35.05 13.52 75.04
CA CYS P 65 -35.66 13.07 76.29
C CYS P 65 -37.04 13.73 76.41
N THR P 66 -38.06 12.92 76.71
CA THR P 66 -39.40 13.45 76.93
C THR P 66 -39.72 13.50 78.42
N VAL P 67 -40.23 14.63 78.88
CA VAL P 67 -40.48 14.88 80.29
C VAL P 67 -41.98 15.09 80.49
N ARG P 68 -42.52 14.49 81.55
CA ARG P 68 -43.93 14.55 81.86
C ARG P 68 -44.15 15.25 83.19
N GLY P 69 -45.33 15.87 83.32
CA GLY P 69 -45.82 16.32 84.61
C GLY P 69 -45.24 17.61 85.15
N ALA P 70 -45.08 17.66 86.47
CA ALA P 70 -44.65 18.89 87.13
C ALA P 70 -43.19 19.22 86.84
N LYS P 71 -42.38 18.20 86.55
CA LYS P 71 -41.01 18.46 86.13
C LYS P 71 -40.98 19.14 84.76
N ALA P 72 -41.85 18.71 83.85
CA ALA P 72 -41.97 19.38 82.55
C ALA P 72 -42.53 20.78 82.70
N GLU P 73 -43.47 20.97 83.64
CA GLU P 73 -43.99 22.31 83.94
C GLU P 73 -42.89 23.22 84.49
N GLU P 74 -42.00 22.68 85.32
CA GLU P 74 -40.96 23.51 85.92
C GLU P 74 -39.86 23.84 84.91
N ILE P 75 -39.53 22.89 84.03
CA ILE P 75 -38.54 23.16 82.98
C ILE P 75 -39.11 24.15 81.96
N LEU P 76 -40.41 24.06 81.67
CA LEU P 76 -41.00 25.03 80.75
C LEU P 76 -41.15 26.40 81.40
N GLU P 77 -41.32 26.44 82.73
CA GLU P 77 -41.26 27.70 83.46
C GLU P 77 -39.87 28.33 83.37
N LYS P 78 -38.83 27.51 83.51
CA LYS P 78 -37.45 27.96 83.28
C LYS P 78 -37.26 28.50 81.86
N GLY P 79 -37.81 27.79 80.87
CA GLY P 79 -37.62 28.20 79.49
C GLY P 79 -38.32 29.49 79.14
N LEU P 80 -39.52 29.70 79.70
CA LEU P 80 -40.20 30.98 79.48
C LEU P 80 -39.56 32.10 80.30
N LYS P 81 -38.94 31.78 81.43
CA LYS P 81 -38.13 32.78 82.13
C LYS P 81 -36.92 33.18 81.29
N VAL P 82 -36.34 32.23 80.54
CA VAL P 82 -35.26 32.55 79.62
C VAL P 82 -35.76 33.42 78.48
N ARG P 83 -36.83 32.99 77.80
CA ARG P 83 -37.36 33.72 76.65
C ARG P 83 -38.37 34.79 77.02
N GLU P 84 -38.32 35.29 78.27
CA GLU P 84 -39.02 36.46 78.83
C GLU P 84 -40.53 36.49 78.54
N TYR P 85 -41.14 35.32 78.46
CA TYR P 85 -42.59 35.11 78.35
C TYR P 85 -43.17 35.79 77.09
N GLU P 86 -42.59 35.41 75.96
CA GLU P 86 -43.10 35.88 74.68
C GLU P 86 -42.78 34.85 73.61
N LEU P 87 -43.72 34.67 72.69
CA LEU P 87 -43.56 33.79 71.53
C LEU P 87 -44.19 34.46 70.32
N ARG P 88 -43.97 33.88 69.15
CA ARG P 88 -44.45 34.44 67.90
C ARG P 88 -45.69 33.68 67.42
N LYS P 89 -46.30 34.20 66.36
CA LYS P 89 -47.43 33.54 65.73
C LYS P 89 -47.00 32.26 65.02
N ASN P 90 -45.86 32.29 64.35
CA ASN P 90 -45.44 31.15 63.54
C ASN P 90 -44.86 30.01 64.38
N ASN P 91 -44.57 30.25 65.66
CA ASN P 91 -44.07 29.18 66.52
C ASN P 91 -45.19 28.20 66.88
N PHE P 92 -46.43 28.65 66.77
CA PHE P 92 -47.59 27.85 67.15
C PHE P 92 -48.02 26.98 65.97
N SER P 93 -48.27 25.71 66.23
CA SER P 93 -48.65 24.79 65.17
C SER P 93 -50.16 24.73 65.03
N ASP P 94 -50.61 24.24 63.88
CA ASP P 94 -52.05 24.13 63.62
C ASP P 94 -52.66 22.94 64.32
N THR P 95 -51.84 21.98 64.75
CA THR P 95 -52.34 20.82 65.47
C THR P 95 -52.56 21.10 66.95
N GLY P 96 -52.15 22.26 67.46
CA GLY P 96 -52.35 22.61 68.83
C GLY P 96 -51.12 22.59 69.72
N ASN P 97 -49.97 22.18 69.21
CA ASN P 97 -48.75 22.11 69.99
C ASN P 97 -47.85 23.30 69.64
N PHE P 98 -46.79 23.48 70.43
CA PHE P 98 -45.86 24.56 70.10
C PHE P 98 -44.47 24.15 70.54
N GLY P 99 -43.52 25.07 70.39
CA GLY P 99 -42.15 24.79 70.76
C GLY P 99 -41.26 25.95 70.39
N PHE P 100 -40.06 25.93 70.97
CA PHE P 100 -39.07 27.00 70.75
C PHE P 100 -37.71 26.50 71.22
N GLY P 101 -36.66 27.21 70.82
CA GLY P 101 -35.31 26.80 71.14
C GLY P 101 -34.48 27.89 71.77
N ILE P 102 -33.79 27.56 72.87
CA ILE P 102 -32.90 28.52 73.50
C ILE P 102 -31.52 28.44 72.85
N GLN P 103 -30.71 29.48 73.09
CA GLN P 103 -29.39 29.53 72.49
C GLN P 103 -28.40 28.63 73.23
N GLU P 104 -28.42 28.65 74.56
CA GLU P 104 -27.50 27.84 75.35
C GLU P 104 -28.12 27.56 76.70
N HIS P 105 -27.68 26.47 77.33
CA HIS P 105 -28.34 25.96 78.53
C HIS P 105 -27.90 26.65 79.81
N ILE P 106 -27.02 27.66 79.72
CA ILE P 106 -26.55 28.32 80.92
C ILE P 106 -27.60 29.31 81.43
N ASP P 107 -28.57 29.66 80.58
CA ASP P 107 -29.64 30.57 80.99
C ASP P 107 -30.69 29.87 81.84
N LEU P 108 -30.74 28.53 81.79
CA LEU P 108 -31.78 27.80 82.51
C LEU P 108 -31.52 27.79 84.01
N GLY P 109 -30.26 27.89 84.41
CA GLY P 109 -29.91 27.87 85.82
C GLY P 109 -28.83 26.86 86.11
N ILE P 110 -28.45 26.08 85.09
CA ILE P 110 -27.42 25.07 85.24
C ILE P 110 -26.05 25.75 85.29
N LYS P 111 -25.26 25.41 86.30
CA LYS P 111 -23.92 25.97 86.41
C LYS P 111 -23.02 25.40 85.32
N TYR P 112 -22.08 26.24 84.87
CA TYR P 112 -21.19 25.85 83.79
C TYR P 112 -20.14 24.86 84.29
N ASP P 113 -19.89 23.83 83.50
CA ASP P 113 -18.82 22.88 83.78
C ASP P 113 -17.75 23.03 82.70
N PRO P 114 -16.50 23.31 83.06
CA PRO P 114 -15.45 23.42 82.03
C PRO P 114 -15.16 22.11 81.31
N SER P 115 -15.46 20.97 81.94
CA SER P 115 -15.33 19.69 81.25
C SER P 115 -16.41 19.52 80.20
N ILE P 116 -17.64 19.94 80.51
CA ILE P 116 -18.77 19.69 79.60
C ILE P 116 -18.79 20.73 78.49
N GLY P 117 -18.97 22.00 78.85
CA GLY P 117 -19.00 23.06 77.86
C GLY P 117 -20.36 23.69 77.65
N ILE P 118 -20.59 24.20 76.45
CA ILE P 118 -21.81 24.94 76.12
C ILE P 118 -22.62 24.14 75.09
N TYR P 119 -23.87 23.86 75.43
CA TYR P 119 -24.75 23.12 74.55
C TYR P 119 -26.14 23.75 74.59
N GLY P 120 -26.68 24.05 73.42
CA GLY P 120 -28.05 24.52 73.34
C GLY P 120 -29.02 23.37 73.17
N LEU P 121 -30.26 23.59 73.61
CA LEU P 121 -31.29 22.57 73.61
C LEU P 121 -32.60 23.15 73.08
N ASP P 122 -33.45 22.27 72.57
CA ASP P 122 -34.66 22.67 71.85
C ASP P 122 -35.86 22.05 72.56
N PHE P 123 -36.79 22.92 72.97
CA PHE P 123 -38.07 22.66 73.62
C PHE P 123 -39.16 22.41 72.57
N TYR P 124 -40.01 21.43 72.86
CA TYR P 124 -41.26 21.30 72.11
C TYR P 124 -42.35 20.87 73.08
N VAL P 125 -43.31 21.75 73.30
CA VAL P 125 -44.41 21.48 74.24
C VAL P 125 -45.56 20.85 73.48
N VAL P 126 -45.92 19.64 73.88
CA VAL P 126 -47.08 18.94 73.35
C VAL P 126 -48.17 19.13 74.40
N LEU P 127 -49.15 19.98 74.08
CA LEU P 127 -50.26 20.24 74.96
C LEU P 127 -51.21 19.06 75.01
N GLY P 128 -52.07 19.06 76.00
CA GLY P 128 -52.90 17.90 76.24
C GLY P 128 -54.30 18.23 76.69
N ARG P 129 -55.05 17.16 76.90
CA ARG P 129 -56.45 17.20 77.30
C ARG P 129 -56.82 15.84 77.84
N PRO P 130 -57.64 15.77 78.90
CA PRO P 130 -58.08 14.46 79.40
C PRO P 130 -58.93 13.72 78.37
N GLY P 131 -58.38 12.62 77.86
CA GLY P 131 -59.02 11.87 76.80
C GLY P 131 -58.19 11.73 75.55
N PHE P 132 -56.91 12.12 75.62
CA PHE P 132 -55.96 11.91 74.53
C PHE P 132 -55.29 10.55 74.58
N SER P 133 -55.59 9.74 75.59
CA SER P 133 -54.99 8.42 75.74
C SER P 133 -55.73 7.34 74.96
N ILE P 134 -56.65 7.72 74.07
CA ILE P 134 -57.42 6.74 73.32
C ILE P 134 -56.66 6.26 72.09
N ALA P 135 -55.96 7.17 71.41
CA ALA P 135 -55.33 6.85 70.12
C ALA P 135 -54.08 6.01 70.30
N ASP P 136 -53.37 6.19 71.41
CA ASP P 136 -52.09 5.52 71.59
C ASP P 136 -52.18 4.23 72.39
N LYS P 137 -53.35 3.91 72.97
CA LYS P 137 -53.46 2.70 73.76
C LYS P 137 -53.74 1.49 72.86
N LYS P 138 -53.78 0.32 73.49
CA LYS P 138 -53.91 -0.95 72.78
C LYS P 138 -55.35 -1.45 72.73
N ARG P 139 -56.15 -1.14 73.76
CA ARG P 139 -57.44 -1.80 73.92
C ARG P 139 -58.48 -1.29 72.93
N ARG P 140 -58.74 0.02 72.90
CA ARG P 140 -59.77 0.56 72.00
C ARG P 140 -59.18 1.77 71.28
N THR P 141 -58.57 1.51 70.13
CA THR P 141 -57.99 2.58 69.33
C THR P 141 -59.09 3.37 68.62
N GLY P 142 -58.76 4.60 68.24
CA GLY P 142 -59.70 5.45 67.54
C GLY P 142 -59.35 6.93 67.60
N CYS P 143 -59.93 7.72 66.70
CA CYS P 143 -59.71 9.15 66.70
C CYS P 143 -60.47 9.80 67.85
N ILE P 144 -60.00 10.96 68.30
CA ILE P 144 -60.55 11.58 69.51
C ILE P 144 -61.69 12.56 69.22
N GLY P 145 -61.93 12.91 67.97
CA GLY P 145 -63.08 13.74 67.63
C GLY P 145 -62.69 15.18 67.34
N ALA P 146 -63.68 15.91 66.79
CA ALA P 146 -63.41 17.27 66.33
C ALA P 146 -63.52 18.27 67.48
N LYS P 147 -64.46 18.06 68.40
CA LYS P 147 -64.60 18.96 69.55
C LYS P 147 -63.46 18.79 70.54
N HIS P 148 -62.79 17.64 70.51
CA HIS P 148 -61.79 17.31 71.51
C HIS P 148 -60.38 17.75 71.09
N ARG P 149 -60.21 18.15 69.82
CA ARG P 149 -58.92 18.63 69.36
C ARG P 149 -58.58 20.00 69.94
N ILE P 150 -57.31 20.34 69.90
CA ILE P 150 -56.82 21.64 70.34
C ILE P 150 -56.44 22.44 69.11
N SER P 151 -57.03 23.64 68.97
CA SER P 151 -56.76 24.49 67.84
C SER P 151 -55.67 25.52 68.18
N LYS P 152 -55.25 26.27 67.16
CA LYS P 152 -54.20 27.26 67.35
C LYS P 152 -54.70 28.46 68.15
N GLU P 153 -55.94 28.88 67.91
CA GLU P 153 -56.56 29.94 68.71
C GLU P 153 -56.71 29.54 70.17
N GLU P 154 -57.11 28.27 70.39
CA GLU P 154 -57.27 27.76 71.74
C GLU P 154 -55.92 27.59 72.44
N ALA P 155 -54.86 27.33 71.67
CA ALA P 155 -53.53 27.27 72.25
C ALA P 155 -53.02 28.66 72.61
N MET P 156 -53.30 29.65 71.76
CA MET P 156 -52.87 31.03 72.04
C MET P 156 -53.57 31.61 73.25
N ARG P 157 -54.89 31.39 73.36
CA ARG P 157 -55.60 31.93 74.52
C ARG P 157 -55.24 31.17 75.79
N TRP P 158 -54.89 29.88 75.69
CA TRP P 158 -54.40 29.14 76.85
C TRP P 158 -53.05 29.68 77.32
N PHE P 159 -52.14 29.94 76.38
CA PHE P 159 -50.83 30.47 76.72
C PHE P 159 -50.93 31.86 77.33
N GLN P 160 -51.80 32.70 76.77
CA GLN P 160 -51.97 34.07 77.27
C GLN P 160 -52.66 34.08 78.63
N GLN P 161 -53.57 33.12 78.88
CA GLN P 161 -54.24 33.06 80.18
C GLN P 161 -53.35 32.42 81.23
N LYS P 162 -52.47 31.50 80.83
CA LYS P 162 -51.68 30.76 81.79
C LYS P 162 -50.42 31.52 82.18
N TYR P 163 -49.58 31.85 81.20
CA TYR P 163 -48.26 32.40 81.50
C TYR P 163 -48.19 33.91 81.33
N ASP P 164 -49.32 34.55 80.98
CA ASP P 164 -49.41 36.00 80.69
C ASP P 164 -48.43 36.42 79.61
N GLY P 165 -48.23 35.56 78.62
CA GLY P 165 -47.25 35.80 77.58
C GLY P 165 -47.78 36.57 76.40
N ILE P 166 -47.11 37.65 76.03
CA ILE P 166 -47.51 38.41 74.85
C ILE P 166 -47.12 37.64 73.60
N ILE P 167 -47.95 37.75 72.57
CA ILE P 167 -47.75 37.07 71.30
C ILE P 167 -47.66 38.14 70.21
N LEU P 168 -46.54 38.17 69.52
CA LEU P 168 -46.23 39.19 68.53
C LEU P 168 -46.17 38.57 67.14
N PRO P 169 -46.68 39.26 66.13
CA PRO P 169 -46.63 38.71 64.77
C PRO P 169 -45.24 38.84 64.16
N GLY P 170 -44.93 37.88 63.28
CA GLY P 170 -43.65 37.86 62.61
C GLY P 170 -43.42 36.59 61.81
N ALA Q 1 -33.60 -52.09 16.83
CA ALA Q 1 -34.78 -51.37 17.29
C ALA Q 1 -35.79 -52.32 17.92
N PRO Q 2 -35.82 -52.40 19.24
CA PRO Q 2 -36.76 -53.31 19.91
C PRO Q 2 -38.17 -52.75 19.93
N SER Q 3 -39.15 -53.65 19.93
CA SER Q 3 -40.56 -53.31 19.98
C SER Q 3 -41.01 -53.19 21.43
N ARG Q 4 -42.33 -53.26 21.64
CA ARG Q 4 -43.04 -52.92 22.89
C ARG Q 4 -42.48 -53.73 24.06
N ASN Q 5 -42.64 -55.05 24.09
CA ASN Q 5 -42.28 -55.82 25.27
C ASN Q 5 -41.70 -57.17 24.86
N GLY Q 6 -40.57 -57.53 25.45
CA GLY Q 6 -39.94 -58.80 25.18
C GLY Q 6 -38.67 -58.95 26.00
N MET Q 7 -38.13 -60.17 25.99
CA MET Q 7 -36.88 -60.44 26.71
C MET Q 7 -35.71 -59.73 26.06
N ILE Q 8 -34.81 -59.22 26.88
CA ILE Q 8 -33.51 -58.79 26.39
C ILE Q 8 -32.72 -60.03 25.97
N LEU Q 9 -31.96 -59.91 24.89
CA LEU Q 9 -31.31 -61.09 24.33
C LEU Q 9 -29.94 -60.72 23.80
N LYS Q 10 -29.04 -61.70 23.83
CA LYS Q 10 -27.66 -61.55 23.35
C LYS Q 10 -27.36 -62.71 22.42
N PRO Q 11 -27.70 -62.59 21.14
CA PRO Q 11 -27.35 -63.65 20.18
C PRO Q 11 -25.86 -63.67 19.90
N HIS Q 12 -25.26 -64.85 20.08
CA HIS Q 12 -23.83 -65.02 19.84
C HIS Q 12 -23.59 -65.49 18.41
N PHE Q 13 -23.94 -64.60 17.47
CA PHE Q 13 -23.79 -64.88 16.05
C PHE Q 13 -23.03 -63.75 15.38
N HIS Q 14 -22.26 -63.00 16.16
CA HIS Q 14 -21.47 -61.90 15.63
C HIS Q 14 -20.16 -62.36 15.00
N LYS Q 15 -19.75 -63.59 15.29
CA LYS Q 15 -18.61 -64.19 14.59
C LYS Q 15 -19.06 -64.81 13.27
N ASP Q 16 -18.10 -65.32 12.51
CA ASP Q 16 -18.38 -66.04 11.28
C ASP Q 16 -18.68 -67.50 11.63
N TRP Q 17 -19.92 -67.73 12.04
CA TRP Q 17 -20.30 -69.06 12.54
C TRP Q 17 -20.62 -70.04 11.43
N GLN Q 18 -20.90 -69.55 10.22
CA GLN Q 18 -21.36 -70.44 9.14
C GLN Q 18 -20.26 -71.31 8.58
N ARG Q 19 -18.99 -70.96 8.79
CA ARG Q 19 -17.90 -71.84 8.40
C ARG Q 19 -17.85 -73.05 9.31
N ARG Q 20 -18.01 -72.84 10.61
CA ARG Q 20 -17.96 -73.92 11.61
C ARG Q 20 -19.38 -74.29 12.03
N VAL Q 21 -20.07 -75.02 11.15
CA VAL Q 21 -21.38 -75.59 11.47
C VAL Q 21 -21.22 -77.10 11.42
N ALA Q 22 -21.25 -77.74 12.59
CA ALA Q 22 -21.15 -79.20 12.68
C ALA Q 22 -22.54 -79.77 12.43
N THR Q 23 -22.76 -80.25 11.20
CA THR Q 23 -23.99 -80.96 10.91
C THR Q 23 -23.94 -82.36 11.50
N TRP Q 24 -25.10 -82.85 11.90
CA TRP Q 24 -25.22 -84.09 12.65
C TRP Q 24 -25.86 -85.20 11.82
N PHE Q 25 -25.65 -85.16 10.49
CA PHE Q 25 -26.16 -86.22 9.63
C PHE Q 25 -25.28 -87.45 9.64
N ASN Q 26 -24.13 -87.40 10.32
CA ASN Q 26 -23.30 -88.57 10.52
C ASN Q 26 -23.84 -89.47 11.62
N GLN Q 27 -24.89 -89.05 12.34
CA GLN Q 27 -25.31 -89.68 13.58
C GLN Q 27 -25.80 -91.13 13.45
N PRO Q 28 -26.73 -91.50 12.54
CA PRO Q 28 -27.10 -92.93 12.50
C PRO Q 28 -26.02 -93.82 11.93
N ALA Q 29 -25.19 -93.28 11.02
CA ALA Q 29 -24.05 -94.02 10.52
C ALA Q 29 -23.01 -94.25 11.60
N ARG Q 30 -22.84 -93.30 12.52
CA ARG Q 30 -21.94 -93.50 13.64
C ARG Q 30 -22.53 -94.44 14.67
N LYS Q 31 -23.86 -94.46 14.80
CA LYS Q 31 -24.48 -95.47 15.65
C LYS Q 31 -24.25 -96.87 15.10
N ILE Q 32 -24.36 -97.03 13.78
CA ILE Q 32 -24.04 -98.29 13.13
C ILE Q 32 -22.56 -98.64 13.27
N ARG Q 33 -21.69 -97.63 13.21
CA ARG Q 33 -20.25 -97.87 13.31
C ARG Q 33 -19.83 -98.28 14.72
N ARG Q 34 -20.37 -97.59 15.74
CA ARG Q 34 -20.16 -98.02 17.13
C ARG Q 34 -20.72 -99.41 17.39
N ARG Q 35 -21.89 -99.72 16.81
CA ARG Q 35 -22.51 -101.04 16.97
C ARG Q 35 -21.63 -102.13 16.34
N LYS Q 36 -21.09 -101.88 15.15
CA LYS Q 36 -20.24 -102.85 14.49
C LYS Q 36 -18.90 -103.01 15.21
N ALA Q 37 -18.34 -101.91 15.74
CA ALA Q 37 -17.10 -102.01 16.50
C ALA Q 37 -17.30 -102.75 17.82
N ARG Q 38 -18.46 -102.55 18.46
CA ARG Q 38 -18.76 -103.23 19.71
C ARG Q 38 -19.00 -104.72 19.49
N GLN Q 39 -19.70 -105.07 18.40
CA GLN Q 39 -19.86 -106.48 18.06
C GLN Q 39 -18.55 -107.11 17.62
N ALA Q 40 -17.66 -106.33 17.00
CA ALA Q 40 -16.35 -106.84 16.62
C ALA Q 40 -15.48 -107.12 17.85
N ARG Q 41 -15.55 -106.24 18.86
CA ARG Q 41 -14.84 -106.51 20.11
C ARG Q 41 -15.44 -107.71 20.84
N ALA Q 42 -16.77 -107.85 20.80
CA ALA Q 42 -17.43 -108.98 21.45
C ALA Q 42 -17.08 -110.30 20.76
N ARG Q 43 -16.91 -110.28 19.44
CA ARG Q 43 -16.46 -111.48 18.74
C ARG Q 43 -14.96 -111.71 18.91
N ARG Q 44 -14.20 -110.64 19.17
CA ARG Q 44 -12.76 -110.79 19.41
C ARG Q 44 -12.50 -111.47 20.74
N ILE Q 45 -13.02 -110.91 21.83
CA ILE Q 45 -12.90 -111.60 23.12
C ILE Q 45 -14.12 -112.49 23.34
N ALA Q 46 -13.94 -113.80 23.10
CA ALA Q 46 -15.10 -114.68 22.99
C ALA Q 46 -15.68 -115.14 24.33
N PRO Q 47 -14.87 -115.54 25.37
CA PRO Q 47 -15.54 -115.84 26.66
C PRO Q 47 -15.71 -114.62 27.55
N ARG Q 48 -14.90 -113.59 27.30
CA ARG Q 48 -14.84 -112.41 28.15
C ARG Q 48 -16.10 -111.57 27.98
N PRO Q 49 -16.46 -110.77 29.01
CA PRO Q 49 -17.63 -109.90 28.88
C PRO Q 49 -17.42 -108.79 27.86
N ALA Q 50 -18.51 -108.43 27.17
CA ALA Q 50 -18.43 -107.45 26.10
C ALA Q 50 -18.24 -106.04 26.66
N ALA Q 51 -18.66 -105.81 27.90
CA ALA Q 51 -18.48 -104.50 28.52
C ALA Q 51 -17.02 -104.26 28.88
N GLY Q 52 -16.46 -105.11 29.73
CA GLY Q 52 -15.08 -105.00 30.14
C GLY Q 52 -14.85 -105.49 31.54
N PRO Q 53 -13.77 -105.03 32.17
CA PRO Q 53 -13.51 -105.40 33.57
C PRO Q 53 -14.46 -104.69 34.51
N ILE Q 54 -14.51 -105.19 35.76
CA ILE Q 54 -15.46 -104.67 36.72
C ILE Q 54 -14.96 -103.33 37.29
N ARG Q 55 -15.90 -102.52 37.77
CA ARG Q 55 -15.65 -101.15 38.18
C ARG Q 55 -16.25 -100.91 39.56
N PRO Q 56 -15.58 -100.13 40.40
CA PRO Q 56 -15.92 -100.13 41.84
C PRO Q 56 -17.21 -99.41 42.20
N ILE Q 57 -17.79 -99.87 43.30
CA ILE Q 57 -18.80 -99.11 44.02
C ILE Q 57 -18.15 -97.84 44.55
N VAL Q 58 -18.66 -96.69 44.11
CA VAL Q 58 -17.99 -95.41 44.27
C VAL Q 58 -18.99 -94.37 44.77
N ARG Q 59 -18.66 -93.71 45.88
CA ARG Q 59 -19.43 -92.57 46.35
C ARG Q 59 -19.06 -91.33 45.56
N CYS Q 60 -20.03 -90.44 45.40
CA CYS Q 60 -19.76 -89.25 44.61
C CYS Q 60 -19.22 -88.13 45.50
N PRO Q 61 -18.37 -87.26 44.95
CA PRO Q 61 -17.99 -86.04 45.67
C PRO Q 61 -19.07 -84.98 45.53
N THR Q 62 -18.73 -83.76 45.99
CA THR Q 62 -19.39 -82.48 45.67
C THR Q 62 -20.89 -82.48 45.98
N VAL Q 63 -21.22 -82.07 47.22
CA VAL Q 63 -22.36 -82.47 48.09
C VAL Q 63 -23.71 -82.63 47.37
N ARG Q 64 -23.86 -82.07 46.16
CA ARG Q 64 -25.07 -82.34 45.36
C ARG Q 64 -25.28 -83.84 45.10
N TYR Q 65 -24.21 -84.61 44.91
CA TYR Q 65 -24.35 -85.96 44.37
C TYR Q 65 -23.97 -87.09 45.31
N HIS Q 66 -23.56 -86.82 46.55
CA HIS Q 66 -22.90 -87.86 47.36
C HIS Q 66 -23.84 -88.96 47.84
N THR Q 67 -25.16 -88.81 47.66
CA THR Q 67 -26.06 -89.91 47.95
C THR Q 67 -26.04 -90.97 46.85
N LYS Q 68 -25.64 -90.59 45.64
CA LYS Q 68 -25.65 -91.50 44.51
C LYS Q 68 -24.35 -92.31 44.48
N VAL Q 69 -24.43 -93.48 43.82
CA VAL Q 69 -23.32 -94.41 43.72
C VAL Q 69 -23.04 -94.68 42.24
N ARG Q 70 -21.77 -94.57 41.86
CA ARG Q 70 -21.35 -94.73 40.47
C ARG Q 70 -20.54 -96.02 40.30
N ALA Q 71 -20.08 -96.22 39.08
CA ALA Q 71 -19.06 -97.21 38.76
C ALA Q 71 -17.77 -96.45 38.44
N GLY Q 72 -16.71 -96.73 39.19
CA GLY Q 72 -15.52 -95.91 39.16
C GLY Q 72 -14.48 -96.34 38.15
N ARG Q 73 -13.28 -95.76 38.30
CA ARG Q 73 -12.17 -96.03 37.40
C ARG Q 73 -11.58 -97.41 37.62
N GLY Q 74 -11.25 -97.73 38.87
CA GLY Q 74 -10.66 -99.02 39.17
C GLY Q 74 -10.56 -99.23 40.67
N PHE Q 75 -10.07 -100.42 41.03
CA PHE Q 75 -9.92 -100.77 42.43
C PHE Q 75 -8.65 -100.17 43.01
N SER Q 76 -8.66 -99.95 44.31
CA SER Q 76 -7.52 -99.36 44.98
C SER Q 76 -6.49 -100.43 45.36
N LEU Q 77 -5.27 -99.97 45.60
CA LEU Q 77 -4.18 -100.89 45.94
C LEU Q 77 -4.38 -101.49 47.33
N GLU Q 78 -4.93 -100.72 48.25
CA GLU Q 78 -5.26 -101.27 49.57
C GLU Q 78 -6.41 -102.26 49.49
N GLU Q 79 -7.37 -102.02 48.58
CA GLU Q 79 -8.44 -102.98 48.33
C GLU Q 79 -7.88 -104.30 47.79
N LEU Q 80 -6.96 -104.22 46.83
CA LEU Q 80 -6.34 -105.43 46.29
C LEU Q 80 -5.46 -106.12 47.31
N ARG Q 81 -4.83 -105.36 48.21
CA ARG Q 81 -3.98 -105.96 49.24
C ARG Q 81 -4.80 -106.67 50.30
N VAL Q 82 -5.97 -106.12 50.66
CA VAL Q 82 -6.84 -106.79 51.62
C VAL Q 82 -7.48 -108.02 50.98
N ALA Q 83 -7.91 -107.92 49.72
CA ALA Q 83 -8.55 -109.07 49.08
C ALA Q 83 -7.55 -110.16 48.71
N GLY Q 84 -6.27 -109.82 48.57
CA GLY Q 84 -5.26 -110.81 48.29
C GLY Q 84 -5.07 -111.09 46.82
N ILE Q 85 -5.21 -110.05 46.00
CA ILE Q 85 -5.01 -110.15 44.56
C ILE Q 85 -3.92 -109.18 44.16
N HIS Q 86 -2.88 -109.67 43.49
CA HIS Q 86 -1.78 -108.82 43.04
C HIS Q 86 -2.27 -107.92 41.91
N LYS Q 87 -1.69 -106.71 41.82
CA LYS Q 87 -2.21 -105.69 40.93
C LYS Q 87 -1.87 -106.00 39.47
N LYS Q 88 -0.87 -106.84 39.24
CA LYS Q 88 -0.56 -107.25 37.87
C LYS Q 88 -1.33 -108.52 37.49
N VAL Q 89 -1.71 -109.33 38.47
CA VAL Q 89 -2.60 -110.46 38.21
C VAL Q 89 -4.01 -109.96 37.92
N ALA Q 90 -4.41 -108.86 38.57
CA ALA Q 90 -5.76 -108.34 38.45
C ALA Q 90 -6.05 -107.82 37.05
N ARG Q 91 -5.09 -107.13 36.44
CA ARG Q 91 -5.28 -106.63 35.09
C ARG Q 91 -5.36 -107.77 34.08
N THR Q 92 -4.66 -108.87 34.35
CA THR Q 92 -4.73 -110.03 33.47
C THR Q 92 -6.02 -110.81 33.62
N ILE Q 93 -6.58 -110.88 34.83
CA ILE Q 93 -7.83 -111.63 35.04
C ILE Q 93 -9.05 -110.74 34.86
N GLY Q 94 -8.86 -109.51 34.38
CA GLY Q 94 -9.98 -108.64 34.06
C GLY Q 94 -10.51 -107.84 35.22
N ILE Q 95 -9.64 -107.07 35.87
CA ILE Q 95 -10.01 -106.20 36.98
C ILE Q 95 -9.40 -104.83 36.74
N SER Q 96 -10.25 -103.79 36.80
CA SER Q 96 -9.77 -102.42 36.66
C SER Q 96 -8.97 -102.01 37.89
N VAL Q 97 -7.75 -101.53 37.67
CA VAL Q 97 -6.85 -101.14 38.74
C VAL Q 97 -6.35 -99.73 38.47
N ASP Q 98 -6.49 -98.84 39.46
CA ASP Q 98 -5.82 -97.56 39.38
C ASP Q 98 -5.08 -97.26 40.68
N PRO Q 99 -3.85 -96.71 40.58
CA PRO Q 99 -3.08 -96.41 41.79
C PRO Q 99 -3.39 -95.06 42.41
N ARG Q 100 -4.23 -94.25 41.79
CA ARG Q 100 -4.46 -92.89 42.27
C ARG Q 100 -5.43 -92.86 43.45
N ARG Q 101 -6.30 -93.87 43.56
CA ARG Q 101 -7.36 -93.82 44.57
C ARG Q 101 -6.82 -94.06 45.98
N ARG Q 102 -7.50 -93.47 46.96
CA ARG Q 102 -7.22 -93.66 48.37
C ARG Q 102 -8.36 -94.43 49.02
N ASN Q 103 -8.22 -94.68 50.33
CA ASN Q 103 -9.26 -95.33 51.13
C ASN Q 103 -9.34 -94.61 52.47
N LYS Q 104 -10.20 -93.60 52.55
CA LYS Q 104 -10.46 -92.92 53.81
C LYS Q 104 -11.53 -93.65 54.60
N SER Q 105 -12.64 -94.00 53.94
CA SER Q 105 -13.71 -94.72 54.59
C SER Q 105 -13.36 -96.20 54.74
N THR Q 106 -13.91 -96.83 55.77
CA THR Q 106 -13.71 -98.25 55.98
C THR Q 106 -14.84 -99.06 55.36
N GLU Q 107 -16.04 -98.47 55.30
CA GLU Q 107 -17.21 -99.18 54.78
C GLU Q 107 -17.12 -99.41 53.27
N SER Q 108 -16.70 -98.39 52.52
CA SER Q 108 -16.54 -98.56 51.07
C SER Q 108 -15.36 -99.47 50.76
N LEU Q 109 -14.32 -99.42 51.60
CA LEU Q 109 -13.20 -100.35 51.51
C LEU Q 109 -13.67 -101.80 51.66
N GLN Q 110 -14.48 -102.07 52.69
CA GLN Q 110 -14.99 -103.42 52.92
C GLN Q 110 -15.97 -103.82 51.82
N ALA Q 111 -16.72 -102.85 51.27
CA ALA Q 111 -17.65 -103.15 50.17
C ALA Q 111 -16.91 -103.54 48.90
N ASN Q 112 -15.82 -102.84 48.57
CA ASN Q 112 -15.06 -103.21 47.38
C ASN Q 112 -14.26 -104.50 47.59
N VAL Q 113 -13.82 -104.76 48.82
CA VAL Q 113 -13.18 -106.05 49.10
C VAL Q 113 -14.19 -107.19 48.98
N GLN Q 114 -15.42 -106.97 49.45
CA GLN Q 114 -16.47 -107.98 49.31
C GLN Q 114 -16.86 -108.17 47.85
N ARG Q 115 -16.82 -107.10 47.06
CA ARG Q 115 -17.12 -107.22 45.64
C ARG Q 115 -16.01 -107.97 44.90
N LEU Q 116 -14.75 -107.79 45.34
CA LEU Q 116 -13.65 -108.63 44.85
C LEU Q 116 -13.84 -110.10 45.24
N LYS Q 117 -14.31 -110.37 46.46
CA LYS Q 117 -14.53 -111.74 46.88
C LYS Q 117 -15.67 -112.39 46.10
N GLU Q 118 -16.68 -111.60 45.74
CA GLU Q 118 -17.76 -112.13 44.91
C GLU Q 118 -17.31 -112.35 43.47
N TYR Q 119 -16.46 -111.46 42.94
CA TYR Q 119 -16.02 -111.60 41.56
C TYR Q 119 -15.01 -112.74 41.40
N ARG Q 120 -14.22 -113.00 42.44
CA ARG Q 120 -13.31 -114.15 42.39
C ARG Q 120 -14.07 -115.46 42.40
N SER Q 121 -15.21 -115.51 43.09
CA SER Q 121 -16.04 -116.71 43.06
C SER Q 121 -16.80 -116.84 41.74
N LYS Q 122 -17.28 -115.72 41.19
CA LYS Q 122 -18.02 -115.76 39.94
C LYS Q 122 -17.11 -115.91 38.72
N LEU Q 123 -15.81 -115.73 38.87
CA LEU Q 123 -14.90 -115.79 37.73
C LEU Q 123 -14.68 -117.25 37.33
N VAL Q 124 -14.69 -117.50 36.02
CA VAL Q 124 -14.38 -118.83 35.48
C VAL Q 124 -13.07 -118.69 34.72
N LEU Q 125 -11.99 -119.16 35.32
CA LEU Q 125 -10.66 -119.01 34.74
C LEU Q 125 -10.36 -120.20 33.84
N PHE Q 126 -10.09 -119.94 32.57
CA PHE Q 126 -9.74 -121.00 31.65
C PHE Q 126 -8.25 -121.29 31.75
N PRO Q 127 -7.84 -122.55 31.55
CA PRO Q 127 -6.41 -122.88 31.61
C PRO Q 127 -5.65 -122.30 30.41
N ARG Q 128 -4.33 -122.20 30.59
CA ARG Q 128 -3.48 -121.72 29.51
C ARG Q 128 -3.37 -122.76 28.40
N LYS Q 129 -3.01 -123.99 28.76
CA LYS Q 129 -3.02 -125.09 27.81
C LYS Q 129 -4.24 -125.97 28.08
N PRO Q 130 -5.04 -126.28 27.07
CA PRO Q 130 -6.22 -127.13 27.31
C PRO Q 130 -5.87 -128.58 27.65
N SER Q 131 -4.72 -129.07 27.18
CA SER Q 131 -4.35 -130.46 27.44
C SER Q 131 -3.83 -130.63 28.86
N ALA Q 132 -3.14 -129.63 29.39
CA ALA Q 132 -2.54 -129.69 30.73
C ALA Q 132 -3.07 -128.56 31.58
N PRO Q 133 -4.14 -128.80 32.35
CA PRO Q 133 -4.62 -127.77 33.27
C PRO Q 133 -3.67 -127.59 34.45
N LYS Q 134 -3.84 -126.46 35.13
CA LYS Q 134 -3.01 -126.11 36.27
C LYS Q 134 -3.81 -126.24 37.57
N LYS Q 135 -3.20 -125.81 38.67
CA LYS Q 135 -3.85 -125.90 39.97
C LYS Q 135 -5.01 -124.93 40.10
N GLY Q 136 -4.76 -123.66 39.82
CA GLY Q 136 -5.79 -122.64 39.94
C GLY Q 136 -6.58 -122.44 38.66
N ASP Q 137 -7.34 -123.45 38.25
CA ASP Q 137 -8.17 -123.37 37.06
C ASP Q 137 -9.56 -123.88 37.38
N SER Q 138 -10.51 -123.56 36.49
CA SER Q 138 -11.89 -123.98 36.66
C SER Q 138 -12.06 -125.43 36.20
N SER Q 139 -13.26 -125.97 36.48
CA SER Q 139 -13.55 -127.36 36.18
C SER Q 139 -14.05 -127.51 34.75
N ALA Q 140 -14.02 -128.76 34.27
CA ALA Q 140 -14.39 -129.05 32.88
C ALA Q 140 -15.89 -128.87 32.66
N GLU Q 141 -16.70 -129.02 33.71
CA GLU Q 141 -18.12 -128.72 33.58
C GLU Q 141 -18.37 -127.22 33.48
N GLU Q 142 -17.48 -126.42 34.07
CA GLU Q 142 -17.61 -124.96 33.96
C GLU Q 142 -17.03 -124.45 32.65
N LEU Q 143 -16.11 -125.20 32.05
CA LEU Q 143 -15.53 -124.81 30.76
C LEU Q 143 -16.59 -124.76 29.66
N LYS Q 144 -17.56 -125.67 29.71
CA LYS Q 144 -18.61 -125.66 28.68
C LYS Q 144 -19.72 -124.68 29.03
N LEU Q 145 -20.02 -124.50 30.31
CA LEU Q 145 -21.12 -123.65 30.73
C LEU Q 145 -20.74 -122.17 30.78
N ALA Q 146 -19.45 -121.84 30.71
CA ALA Q 146 -19.04 -120.44 30.74
C ALA Q 146 -19.37 -119.75 29.42
N THR Q 147 -19.89 -118.53 29.52
CA THR Q 147 -20.31 -117.75 28.35
C THR Q 147 -20.23 -116.27 28.71
N GLN Q 148 -20.58 -115.43 27.73
CA GLN Q 148 -20.53 -113.98 27.94
C GLN Q 148 -21.68 -113.51 28.81
N LEU Q 149 -21.51 -112.31 29.39
CA LEU Q 149 -22.54 -111.64 30.15
C LEU Q 149 -22.90 -110.35 29.43
N THR Q 150 -24.13 -110.26 28.94
CA THR Q 150 -24.56 -109.10 28.19
C THR Q 150 -24.83 -107.92 29.13
N GLY Q 151 -24.17 -106.80 28.84
CA GLY Q 151 -24.30 -105.61 29.64
C GLY Q 151 -23.15 -105.45 30.61
N PRO Q 152 -23.30 -104.53 31.57
CA PRO Q 152 -22.23 -104.34 32.56
C PRO Q 152 -22.19 -105.50 33.55
N VAL Q 153 -20.98 -106.02 33.77
CA VAL Q 153 -20.81 -107.15 34.67
C VAL Q 153 -20.92 -106.66 36.12
N MET Q 154 -21.82 -107.29 36.89
CA MET Q 154 -22.28 -106.90 38.22
C MET Q 154 -22.73 -105.45 38.24
N PRO Q 155 -23.91 -105.13 37.69
CA PRO Q 155 -24.34 -103.73 37.60
C PRO Q 155 -24.65 -103.15 38.97
N ILE Q 156 -24.03 -102.00 39.24
CA ILE Q 156 -24.12 -101.37 40.56
C ILE Q 156 -25.48 -100.70 40.68
N ARG Q 157 -26.31 -101.18 41.61
CA ARG Q 157 -27.64 -100.64 41.84
C ARG Q 157 -27.61 -99.84 43.14
N ASN Q 158 -28.19 -98.65 43.10
CA ASN Q 158 -28.24 -97.79 44.28
C ASN Q 158 -29.30 -98.30 45.25
N VAL Q 159 -28.89 -99.17 46.17
CA VAL Q 159 -29.83 -99.79 47.08
C VAL Q 159 -30.11 -98.86 48.26
N PHE Q 160 -31.37 -98.86 48.73
CA PHE Q 160 -31.78 -98.12 49.90
C PHE Q 160 -32.34 -99.10 50.92
N LYS Q 161 -31.84 -99.03 52.16
CA LYS Q 161 -32.30 -99.95 53.19
C LYS Q 161 -33.71 -99.60 53.64
N LYS Q 162 -34.47 -100.62 54.02
CA LYS Q 162 -35.86 -100.46 54.41
C LYS Q 162 -35.95 -100.36 55.93
N GLU Q 163 -36.58 -99.30 56.42
CA GLU Q 163 -36.78 -99.09 57.84
C GLU Q 163 -38.22 -99.42 58.20
N LYS Q 164 -38.44 -99.83 59.46
CA LYS Q 164 -39.77 -100.12 59.92
C LYS Q 164 -40.34 -98.92 60.69
N ALA Q 165 -41.66 -98.94 60.88
CA ALA Q 165 -42.34 -97.86 61.57
C ALA Q 165 -42.10 -97.98 63.07
N ARG Q 166 -41.49 -96.95 63.66
CA ARG Q 166 -41.10 -96.96 65.06
C ARG Q 166 -42.05 -96.11 65.89
N VAL Q 167 -42.04 -96.35 67.20
CA VAL Q 167 -42.81 -95.55 68.14
C VAL Q 167 -41.96 -94.36 68.57
N ILE Q 168 -42.51 -93.16 68.46
CA ILE Q 168 -41.78 -91.92 68.73
C ILE Q 168 -41.63 -91.74 70.23
N THR Q 169 -40.39 -91.53 70.68
CA THR Q 169 -40.11 -91.36 72.09
C THR Q 169 -40.22 -89.89 72.50
N GLU Q 170 -40.17 -89.67 73.82
CA GLU Q 170 -40.31 -88.32 74.35
C GLU Q 170 -39.09 -87.47 74.06
N GLU Q 171 -37.91 -88.08 73.93
CA GLU Q 171 -36.71 -87.32 73.56
C GLU Q 171 -36.79 -86.88 72.10
N GLU Q 172 -37.34 -87.75 71.23
CA GLU Q 172 -37.54 -87.38 69.84
C GLU Q 172 -38.62 -86.32 69.70
N LYS Q 173 -39.61 -86.33 70.60
CA LYS Q 173 -40.62 -85.27 70.61
C LYS Q 173 -40.04 -83.97 71.13
N ASN Q 174 -39.12 -84.05 72.09
CA ASN Q 174 -38.62 -82.85 72.75
C ASN Q 174 -37.40 -82.28 72.04
N PHE Q 175 -36.89 -82.98 71.02
CA PHE Q 175 -35.76 -82.48 70.24
C PHE Q 175 -36.18 -81.28 69.40
N LYS Q 176 -35.28 -80.31 69.30
CA LYS Q 176 -35.53 -79.05 68.59
C LYS Q 176 -34.60 -78.95 67.39
N ALA Q 177 -35.10 -79.31 66.21
CA ALA Q 177 -34.27 -79.44 65.02
C ALA Q 177 -33.80 -78.08 64.48
N PHE Q 178 -34.72 -77.13 64.32
CA PHE Q 178 -34.35 -75.83 63.77
C PHE Q 178 -33.50 -75.04 64.75
N ALA Q 179 -33.80 -75.16 66.05
CA ALA Q 179 -32.98 -74.50 67.06
C ALA Q 179 -31.58 -75.09 67.11
N SER Q 180 -31.47 -76.41 66.96
CA SER Q 180 -30.16 -77.05 66.90
C SER Q 180 -29.38 -76.62 65.66
N LEU Q 181 -30.08 -76.48 64.53
CA LEU Q 181 -29.45 -75.99 63.31
C LEU Q 181 -28.93 -74.57 63.46
N ARG Q 182 -29.74 -73.68 64.06
CA ARG Q 182 -29.30 -72.30 64.23
C ARG Q 182 -28.17 -72.17 65.24
N MET Q 183 -28.19 -72.97 66.32
CA MET Q 183 -27.09 -72.96 67.26
C MET Q 183 -25.81 -73.51 66.65
N ALA Q 184 -25.94 -74.51 65.76
CA ALA Q 184 -24.75 -75.02 65.07
C ALA Q 184 -24.18 -74.01 64.09
N ARG Q 185 -25.05 -73.28 63.38
CA ARG Q 185 -24.60 -72.18 62.52
C ARG Q 185 -23.88 -71.10 63.31
N ALA Q 186 -24.45 -70.72 64.47
CA ALA Q 186 -23.83 -69.68 65.29
C ALA Q 186 -22.50 -70.13 65.86
N ASN Q 187 -22.40 -71.40 66.28
CA ASN Q 187 -21.14 -71.89 66.85
C ASN Q 187 -20.07 -72.06 65.78
N ALA Q 188 -20.46 -72.52 64.58
CA ALA Q 188 -19.49 -72.65 63.49
C ALA Q 188 -19.06 -71.29 62.96
N ARG Q 189 -19.91 -70.28 63.11
CA ARG Q 189 -19.53 -68.93 62.70
C ARG Q 189 -18.65 -68.27 63.74
N LEU Q 190 -18.90 -68.54 65.03
CA LEU Q 190 -18.19 -67.87 66.11
C LEU Q 190 -17.25 -68.78 66.88
N PHE Q 191 -16.71 -69.83 66.26
CA PHE Q 191 -15.79 -70.72 66.97
C PHE Q 191 -14.46 -70.05 67.30
N GLY Q 192 -13.90 -69.31 66.35
CA GLY Q 192 -12.59 -68.71 66.57
C GLY Q 192 -12.64 -67.47 67.45
N ILE Q 193 -13.76 -66.75 67.40
CA ILE Q 193 -13.89 -65.48 68.13
C ILE Q 193 -13.97 -65.74 69.63
N ARG Q 194 -14.73 -66.76 70.03
CA ARG Q 194 -14.80 -67.14 71.44
C ARG Q 194 -13.47 -67.64 71.97
N ALA Q 195 -12.69 -68.34 71.14
CA ALA Q 195 -11.39 -68.81 71.57
C ALA Q 195 -10.39 -67.66 71.71
N LYS Q 196 -10.47 -66.68 70.81
CA LYS Q 196 -9.61 -65.50 70.94
C LYS Q 196 -9.99 -64.66 72.15
N ARG Q 197 -11.29 -64.53 72.44
CA ARG Q 197 -11.72 -63.80 73.63
C ARG Q 197 -11.34 -64.55 74.90
N ALA Q 198 -11.34 -65.88 74.86
CA ALA Q 198 -10.90 -66.65 76.03
C ALA Q 198 -9.41 -66.50 76.27
N LYS Q 199 -8.60 -66.47 75.19
CA LYS Q 199 -7.17 -66.23 75.34
C LYS Q 199 -6.89 -64.82 75.83
N GLU Q 200 -7.67 -63.84 75.37
CA GLU Q 200 -7.48 -62.46 75.82
C GLU Q 200 -7.93 -62.29 77.27
N ALA Q 201 -8.97 -63.00 77.69
CA ALA Q 201 -9.41 -62.96 79.08
C ALA Q 201 -8.41 -63.66 79.99
N ALA Q 202 -7.78 -64.72 79.50
CA ALA Q 202 -6.71 -65.37 80.27
C ALA Q 202 -5.50 -64.45 80.39
N GLU Q 203 -5.21 -63.69 79.34
CA GLU Q 203 -4.12 -62.71 79.41
C GLU Q 203 -4.44 -61.59 80.40
N GLN Q 204 -5.71 -61.15 80.43
CA GLN Q 204 -6.12 -60.15 81.42
C GLN Q 204 -6.06 -60.70 82.83
N ASP Q 205 -6.38 -61.99 83.02
CA ASP Q 205 -6.31 -62.58 84.35
C ASP Q 205 -4.85 -62.74 84.81
N VAL Q 206 -3.95 -63.08 83.89
CA VAL Q 206 -2.53 -63.14 84.22
C VAL Q 206 -1.99 -61.75 84.54
N GLU Q 207 -2.44 -60.73 83.81
CA GLU Q 207 -2.03 -59.36 84.08
C GLU Q 207 -2.61 -58.85 85.40
N LYS Q 208 -3.78 -59.35 85.80
CA LYS Q 208 -4.37 -58.94 87.08
C LYS Q 208 -3.69 -59.64 88.24
N LYS Q 209 -3.34 -60.91 88.08
CA LYS Q 209 -2.69 -61.65 89.17
C LYS Q 209 -1.24 -61.20 89.36
N LYS Q 210 -0.47 -61.18 88.27
CA LYS Q 210 0.92 -60.77 88.34
C LYS Q 210 1.05 -59.26 88.53
N VAL R 1 -100.40 7.43 -37.94
CA VAL R 1 -101.57 8.03 -37.32
C VAL R 1 -102.46 6.96 -36.65
N PHE R 2 -102.65 7.12 -35.35
CA PHE R 2 -103.35 6.10 -34.57
C PHE R 2 -104.86 6.29 -34.66
N ARG R 3 -105.59 5.18 -34.68
CA ARG R 3 -107.05 5.18 -34.69
C ARG R 3 -107.64 4.63 -33.40
N ARG R 4 -107.04 3.59 -32.85
CA ARG R 4 -107.51 3.00 -31.60
C ARG R 4 -106.74 3.61 -30.43
N PHE R 5 -107.46 3.95 -29.36
CA PHE R 5 -106.91 4.63 -28.21
C PHE R 5 -107.46 4.01 -26.95
N VAL R 6 -106.59 3.79 -25.95
CA VAL R 6 -107.05 3.26 -24.67
C VAL R 6 -107.78 4.38 -23.95
N GLU R 7 -109.10 4.35 -24.01
CA GLU R 7 -109.97 5.37 -23.46
C GLU R 7 -110.92 4.70 -22.47
N VAL R 8 -111.39 5.48 -21.50
CA VAL R 8 -112.31 4.96 -20.49
C VAL R 8 -113.63 4.62 -21.17
N GLY R 9 -113.90 3.33 -21.33
CA GLY R 9 -115.12 2.89 -21.96
C GLY R 9 -114.92 2.02 -23.18
N ARG R 10 -113.67 1.81 -23.59
CA ARG R 10 -113.41 1.04 -24.80
C ARG R 10 -113.54 -0.45 -24.53
N VAL R 11 -114.22 -1.13 -25.45
CA VAL R 11 -114.37 -2.57 -25.44
C VAL R 11 -113.18 -3.18 -26.18
N ALA R 12 -112.61 -4.23 -25.60
CA ALA R 12 -111.41 -4.87 -26.10
C ALA R 12 -111.57 -6.38 -26.08
N TYR R 13 -110.93 -7.03 -27.04
CA TYR R 13 -110.92 -8.48 -27.15
C TYR R 13 -109.71 -9.03 -26.40
N VAL R 14 -109.93 -10.02 -25.55
CA VAL R 14 -108.84 -10.59 -24.76
C VAL R 14 -108.28 -11.81 -25.50
N SER R 15 -106.99 -11.76 -25.84
CA SER R 15 -106.40 -12.81 -26.68
C SER R 15 -106.09 -14.07 -25.86
N PHE R 16 -105.21 -13.96 -24.86
CA PHE R 16 -104.82 -15.10 -24.06
C PHE R 16 -105.21 -14.86 -22.61
N GLY R 17 -104.83 -15.81 -21.75
CA GLY R 17 -105.11 -15.71 -20.34
C GLY R 17 -106.23 -16.64 -19.93
N PRO R 18 -106.73 -16.46 -18.70
CA PRO R 18 -107.89 -17.26 -18.27
C PRO R 18 -109.17 -16.91 -19.01
N HIS R 19 -109.45 -15.63 -19.18
CA HIS R 19 -110.63 -15.18 -19.93
C HIS R 19 -110.29 -14.93 -21.38
N ALA R 20 -109.70 -15.93 -22.03
CA ALA R 20 -109.26 -15.79 -23.42
C ALA R 20 -110.45 -15.86 -24.37
N GLY R 21 -110.44 -14.98 -25.37
CA GLY R 21 -111.48 -14.97 -26.36
C GLY R 21 -112.78 -14.37 -25.87
N LYS R 22 -112.69 -13.27 -25.13
CA LYS R 22 -113.87 -12.64 -24.56
C LYS R 22 -113.78 -11.12 -24.73
N LEU R 23 -114.95 -10.49 -24.88
CA LEU R 23 -115.03 -9.04 -24.86
C LEU R 23 -114.97 -8.52 -23.43
N VAL R 24 -114.44 -7.32 -23.28
CA VAL R 24 -114.33 -6.72 -21.95
C VAL R 24 -114.27 -5.21 -22.13
N ALA R 25 -114.50 -4.47 -21.04
CA ALA R 25 -114.48 -3.01 -21.10
C ALA R 25 -113.43 -2.44 -20.15
N ILE R 26 -112.82 -1.34 -20.59
CA ILE R 26 -111.83 -0.61 -19.80
C ILE R 26 -112.58 0.34 -18.87
N VAL R 27 -112.57 0.07 -17.58
CA VAL R 27 -113.25 0.95 -16.64
C VAL R 27 -112.32 2.07 -16.18
N ASP R 28 -111.07 1.73 -15.84
CA ASP R 28 -110.11 2.74 -15.44
C ASP R 28 -108.72 2.25 -15.80
N VAL R 29 -107.80 3.20 -15.97
CA VAL R 29 -106.40 2.90 -16.28
C VAL R 29 -105.60 2.97 -14.99
N ILE R 30 -104.99 1.85 -14.61
CA ILE R 30 -104.26 1.77 -13.35
C ILE R 30 -102.82 2.23 -13.53
N ASP R 31 -102.10 1.58 -14.43
CA ASP R 31 -100.66 1.78 -14.53
C ASP R 31 -100.32 1.95 -16.01
N GLN R 32 -99.02 1.93 -16.33
CA GLN R 32 -98.56 1.99 -17.71
C GLN R 32 -98.97 0.73 -18.47
N ASN R 33 -98.97 -0.42 -17.79
CA ASN R 33 -99.20 -1.72 -18.41
C ASN R 33 -100.15 -2.56 -17.58
N ARG R 34 -101.19 -1.91 -17.03
CA ARG R 34 -102.20 -2.56 -16.21
C ARG R 34 -103.42 -1.66 -16.16
N ALA R 35 -104.60 -2.26 -16.32
CA ALA R 35 -105.84 -1.50 -16.40
C ALA R 35 -106.92 -2.16 -15.56
N LEU R 36 -107.86 -1.35 -15.09
CA LEU R 36 -109.02 -1.83 -14.34
C LEU R 36 -110.09 -2.20 -15.36
N VAL R 37 -110.61 -3.43 -15.24
CA VAL R 37 -111.15 -4.18 -16.37
C VAL R 37 -112.40 -4.91 -15.91
N ASP R 38 -113.49 -4.81 -16.71
CA ASP R 38 -114.74 -5.44 -16.29
C ASP R 38 -115.54 -5.86 -17.52
N GLY R 39 -116.15 -7.04 -17.44
CA GLY R 39 -117.13 -7.44 -18.43
C GLY R 39 -118.40 -7.97 -17.79
N PRO R 40 -119.49 -7.21 -17.90
CA PRO R 40 -120.73 -7.63 -17.25
C PRO R 40 -121.46 -8.75 -17.97
N CYS R 41 -121.57 -8.68 -19.30
CA CYS R 41 -122.36 -9.64 -20.04
C CYS R 41 -121.51 -10.80 -20.54
N THR R 42 -120.23 -10.56 -20.78
CA THR R 42 -119.32 -11.57 -21.32
C THR R 42 -118.62 -12.38 -20.23
N ARG R 43 -119.12 -12.29 -18.99
CA ARG R 43 -118.71 -13.13 -17.85
C ARG R 43 -117.22 -12.98 -17.52
N VAL R 44 -116.79 -11.73 -17.39
CA VAL R 44 -115.44 -11.40 -16.94
C VAL R 44 -115.54 -10.55 -15.69
N ARG R 45 -115.05 -11.07 -14.57
CA ARG R 45 -115.19 -10.42 -13.28
C ARG R 45 -114.30 -9.18 -13.21
N ARG R 46 -114.72 -8.22 -12.39
CA ARG R 46 -113.97 -6.97 -12.18
C ARG R 46 -112.58 -7.26 -11.64
N GLN R 47 -111.55 -6.84 -12.38
CA GLN R 47 -110.20 -7.26 -12.05
C GLN R 47 -109.19 -6.28 -12.65
N ALA R 48 -107.93 -6.48 -12.29
CA ALA R 48 -106.84 -5.81 -12.97
C ALA R 48 -106.30 -6.71 -14.08
N MET R 49 -105.93 -6.09 -15.19
CA MET R 49 -105.53 -6.86 -16.36
C MET R 49 -104.56 -6.05 -17.21
N PRO R 50 -103.42 -6.62 -17.60
CA PRO R 50 -102.44 -5.87 -18.38
C PRO R 50 -102.89 -5.65 -19.82
N PHE R 51 -102.13 -4.81 -20.52
CA PHE R 51 -102.48 -4.46 -21.89
C PHE R 51 -101.91 -5.43 -22.92
N LYS R 52 -101.18 -6.46 -22.51
CA LYS R 52 -100.62 -7.40 -23.47
C LYS R 52 -101.69 -8.34 -24.02
N CYS R 53 -102.60 -8.81 -23.17
CA CYS R 53 -103.57 -9.81 -23.60
C CYS R 53 -104.74 -9.18 -24.32
N MET R 54 -105.16 -8.00 -23.87
CA MET R 54 -106.31 -7.35 -24.49
C MET R 54 -105.93 -6.70 -25.82
N GLN R 55 -106.82 -6.83 -26.80
CA GLN R 55 -106.66 -6.24 -28.12
C GLN R 55 -107.79 -5.24 -28.29
N LEU R 56 -107.44 -3.95 -28.30
CA LEU R 56 -108.44 -2.91 -28.24
C LEU R 56 -109.13 -2.75 -29.61
N THR R 57 -110.45 -2.65 -29.57
CA THR R 57 -111.29 -2.62 -30.76
C THR R 57 -111.92 -1.25 -30.93
N ASP R 58 -112.73 -1.12 -31.99
CA ASP R 58 -113.38 0.14 -32.35
C ASP R 58 -114.79 0.25 -31.76
N PHE R 59 -114.90 0.07 -30.45
CA PHE R 59 -116.17 0.20 -29.74
C PHE R 59 -115.95 0.96 -28.45
N ILE R 60 -116.68 2.07 -28.28
CA ILE R 60 -116.57 2.90 -27.08
C ILE R 60 -117.95 3.25 -26.52
N LEU R 61 -118.29 2.65 -25.39
CA LEU R 61 -119.53 2.98 -24.70
C LEU R 61 -119.23 3.83 -23.46
N LYS R 62 -120.09 4.80 -23.19
CA LYS R 62 -119.77 5.88 -22.26
C LYS R 62 -120.22 5.57 -20.83
N PHE R 63 -119.26 5.58 -19.91
CA PHE R 63 -119.53 5.51 -18.48
C PHE R 63 -118.34 6.11 -17.74
N PRO R 64 -118.55 6.67 -16.54
CA PRO R 64 -117.44 7.30 -15.82
C PRO R 64 -116.37 6.32 -15.36
N HIS R 65 -115.21 6.90 -14.99
CA HIS R 65 -114.03 6.07 -14.73
C HIS R 65 -114.13 5.29 -13.43
N SER R 66 -115.02 5.69 -12.53
CA SER R 66 -115.25 4.97 -11.29
C SER R 66 -116.61 4.29 -11.24
N ALA R 67 -117.32 4.22 -12.36
CA ALA R 67 -118.67 3.67 -12.39
C ALA R 67 -118.64 2.16 -12.15
N ARG R 68 -119.68 1.66 -11.49
CA ARG R 68 -119.68 0.27 -11.09
C ARG R 68 -120.37 -0.61 -12.14
N GLN R 69 -120.46 -1.91 -11.81
CA GLN R 69 -120.80 -2.93 -12.79
C GLN R 69 -122.24 -2.83 -13.27
N LYS R 70 -123.13 -2.28 -12.44
CA LYS R 70 -124.51 -2.04 -12.87
C LYS R 70 -124.57 -1.01 -14.00
N TYR R 71 -123.83 0.09 -13.84
CA TYR R 71 -123.80 1.11 -14.88
C TYR R 71 -123.03 0.65 -16.11
N VAL R 72 -122.00 -0.17 -15.92
CA VAL R 72 -121.30 -0.77 -17.07
C VAL R 72 -122.23 -1.70 -17.84
N ARG R 73 -123.07 -2.47 -17.12
CA ARG R 73 -124.01 -3.37 -17.76
C ARG R 73 -125.11 -2.61 -18.48
N LYS R 74 -125.58 -1.51 -17.90
CA LYS R 74 -126.60 -0.70 -18.56
C LYS R 74 -126.05 -0.02 -19.81
N ALA R 75 -124.80 0.47 -19.76
CA ALA R 75 -124.19 1.05 -20.95
C ALA R 75 -123.90 -0.02 -22.01
N TRP R 76 -123.57 -1.24 -21.58
CA TRP R 76 -123.36 -2.36 -22.50
C TRP R 76 -124.66 -2.72 -23.23
N GLU R 77 -125.76 -2.81 -22.47
CA GLU R 77 -127.05 -3.14 -23.08
C GLU R 77 -127.60 -1.99 -23.92
N LYS R 78 -127.22 -0.75 -23.59
CA LYS R 78 -127.65 0.38 -24.41
C LYS R 78 -126.85 0.44 -25.71
N ALA R 79 -125.56 0.13 -25.65
CA ALA R 79 -124.73 0.20 -26.85
C ALA R 79 -124.93 -1.02 -27.75
N ASP R 80 -125.38 -2.15 -27.15
CA ASP R 80 -125.67 -3.42 -27.83
C ASP R 80 -124.45 -3.95 -28.56
N ILE R 81 -123.40 -4.30 -27.81
CA ILE R 81 -122.12 -4.69 -28.40
C ILE R 81 -122.19 -6.10 -28.96
N ASN R 82 -123.04 -6.96 -28.38
CA ASN R 82 -123.02 -8.38 -28.71
C ASN R 82 -123.56 -8.66 -30.11
N THR R 83 -124.42 -7.77 -30.62
CA THR R 83 -124.92 -7.95 -31.98
C THR R 83 -123.94 -7.43 -33.02
N LYS R 84 -123.40 -6.22 -32.81
CA LYS R 84 -122.45 -5.65 -33.76
C LYS R 84 -121.13 -6.40 -33.76
N TRP R 85 -120.79 -7.02 -32.64
CA TRP R 85 -119.58 -7.84 -32.58
C TRP R 85 -119.70 -9.08 -33.46
N ALA R 86 -120.86 -9.73 -33.43
CA ALA R 86 -121.09 -10.87 -34.31
C ALA R 86 -121.28 -10.43 -35.75
N ALA R 87 -121.76 -9.19 -35.98
CA ALA R 87 -121.89 -8.69 -37.34
C ALA R 87 -120.53 -8.31 -37.92
N THR R 88 -119.56 -7.99 -37.06
CA THR R 88 -118.22 -7.63 -37.50
C THR R 88 -117.49 -8.84 -38.07
N ARG R 89 -116.70 -8.61 -39.12
CA ARG R 89 -115.89 -9.63 -39.77
C ARG R 89 -114.80 -10.21 -38.87
N TRP R 90 -114.44 -9.50 -37.79
CA TRP R 90 -113.49 -10.01 -36.80
C TRP R 90 -113.99 -11.29 -36.16
N ALA R 91 -115.14 -11.22 -35.48
CA ALA R 91 -115.66 -12.41 -34.80
C ALA R 91 -116.17 -13.44 -35.77
N LYS R 92 -116.52 -13.05 -37.00
CA LYS R 92 -116.92 -14.03 -38.01
C LYS R 92 -115.74 -14.89 -38.45
N LYS R 93 -114.58 -14.29 -38.65
CA LYS R 93 -113.42 -15.12 -38.97
C LYS R 93 -112.88 -15.84 -37.74
N ILE R 94 -113.14 -15.33 -36.53
CA ILE R 94 -112.83 -16.10 -35.32
C ILE R 94 -113.69 -17.36 -35.24
N GLU R 95 -115.00 -17.25 -35.46
CA GLU R 95 -115.85 -18.42 -35.39
C GLU R 95 -115.64 -19.33 -36.60
N ALA R 96 -115.14 -18.77 -37.70
CA ALA R 96 -114.70 -19.62 -38.82
C ALA R 96 -113.49 -20.46 -38.44
N ARG R 97 -112.54 -19.84 -37.71
CA ARG R 97 -111.39 -20.59 -37.19
C ARG R 97 -111.84 -21.64 -36.17
N GLU R 98 -112.87 -21.33 -35.38
CA GLU R 98 -113.42 -22.29 -34.42
C GLU R 98 -114.08 -23.46 -35.13
N ARG R 99 -114.80 -23.19 -36.23
CA ARG R 99 -115.42 -24.27 -36.99
C ARG R 99 -114.36 -25.14 -37.68
N LYS R 100 -113.29 -24.52 -38.17
CA LYS R 100 -112.20 -25.28 -38.77
C LYS R 100 -111.46 -26.12 -37.73
N ALA R 101 -111.38 -25.62 -36.49
CA ALA R 101 -110.77 -26.42 -35.42
C ALA R 101 -111.68 -27.58 -35.01
N LYS R 102 -113.00 -27.33 -34.95
CA LYS R 102 -113.94 -28.38 -34.57
C LYS R 102 -114.40 -29.22 -35.77
N MET R 103 -113.76 -29.07 -36.93
CA MET R 103 -114.08 -29.86 -38.12
C MET R 103 -113.85 -31.36 -37.91
N THR R 104 -114.86 -32.17 -38.22
CA THR R 104 -114.78 -33.61 -38.07
C THR R 104 -114.15 -34.22 -39.32
N ASP R 105 -113.80 -35.51 -39.26
CA ASP R 105 -113.15 -36.18 -40.37
C ASP R 105 -114.11 -36.38 -41.55
N PHE R 106 -115.36 -36.77 -41.26
CA PHE R 106 -116.37 -36.86 -42.31
C PHE R 106 -116.71 -35.48 -42.85
N ASP R 107 -116.73 -34.47 -41.98
CA ASP R 107 -116.89 -33.09 -42.42
C ASP R 107 -115.71 -32.65 -43.28
N ARG R 108 -114.50 -33.10 -42.95
CA ARG R 108 -113.33 -32.77 -43.76
C ARG R 108 -113.35 -33.48 -45.11
N TYR R 109 -113.91 -34.68 -45.17
CA TYR R 109 -114.10 -35.36 -46.45
C TYR R 109 -115.11 -34.63 -47.33
N LYS R 110 -116.18 -34.12 -46.72
CA LYS R 110 -117.15 -33.31 -47.47
C LYS R 110 -116.52 -32.00 -47.94
N VAL R 111 -115.65 -31.41 -47.10
CA VAL R 111 -114.91 -30.20 -47.47
C VAL R 111 -113.99 -30.47 -48.66
N MET R 112 -113.31 -31.62 -48.65
CA MET R 112 -112.39 -31.96 -49.74
C MET R 112 -113.15 -32.21 -51.05
N LYS R 113 -114.26 -32.95 -50.98
CA LYS R 113 -115.05 -33.23 -52.18
C LYS R 113 -115.79 -31.98 -52.67
N ALA R 114 -115.96 -30.98 -51.83
CA ALA R 114 -116.50 -29.70 -52.30
C ALA R 114 -115.41 -28.85 -52.94
N LYS R 115 -114.23 -28.78 -52.29
CA LYS R 115 -113.13 -27.96 -52.78
C LYS R 115 -112.61 -28.44 -54.12
N LYS R 116 -112.68 -29.74 -54.39
CA LYS R 116 -112.17 -30.29 -55.64
C LYS R 116 -112.95 -29.74 -56.84
N MET R 117 -114.27 -29.89 -56.83
CA MET R 117 -115.09 -29.35 -57.91
C MET R 117 -115.12 -27.82 -57.89
N ARG R 118 -115.03 -27.22 -56.70
CA ARG R 118 -115.07 -25.76 -56.57
C ARG R 118 -113.81 -25.14 -57.13
N ASN R 119 -112.70 -25.90 -57.17
CA ASN R 119 -111.48 -25.41 -57.78
C ASN R 119 -111.41 -25.74 -59.27
N ARG R 120 -112.02 -26.87 -59.68
CA ARG R 120 -112.07 -27.19 -61.11
C ARG R 120 -112.91 -26.18 -61.88
N ILE R 121 -114.03 -25.73 -61.29
CA ILE R 121 -114.87 -24.74 -61.95
C ILE R 121 -114.16 -23.39 -62.05
N ILE R 122 -113.43 -23.01 -60.99
CA ILE R 122 -112.63 -21.77 -61.01
C ILE R 122 -111.53 -21.86 -62.07
N LYS R 123 -110.88 -23.01 -62.20
CA LYS R 123 -109.82 -23.17 -63.20
C LYS R 123 -110.36 -23.08 -64.62
N ASN R 124 -111.54 -23.68 -64.86
CA ASN R 124 -112.16 -23.59 -66.18
C ASN R 124 -112.57 -22.15 -66.51
N GLU R 125 -113.14 -21.44 -65.53
CA GLU R 125 -113.58 -20.06 -65.79
C GLU R 125 -112.39 -19.11 -65.94
N VAL R 126 -111.31 -19.34 -65.20
CA VAL R 126 -110.10 -18.53 -65.35
C VAL R 126 -109.46 -18.78 -66.71
N LYS R 127 -109.50 -20.03 -67.20
CA LYS R 127 -108.99 -20.32 -68.53
C LYS R 127 -109.84 -19.65 -69.62
N LYS R 128 -111.16 -19.61 -69.42
CA LYS R 128 -112.03 -18.92 -70.38
C LYS R 128 -111.80 -17.41 -70.35
N LEU R 129 -111.58 -16.83 -69.17
CA LEU R 129 -111.23 -15.41 -69.09
C LEU R 129 -109.86 -15.12 -69.70
N GLN R 130 -108.91 -16.04 -69.58
CA GLN R 130 -107.60 -15.86 -70.20
C GLN R 130 -107.69 -15.87 -71.72
N ARG R 131 -108.40 -16.84 -72.29
CA ARG R 131 -108.54 -16.87 -73.75
C ARG R 131 -109.41 -15.71 -74.25
N ALA R 132 -110.36 -15.22 -73.44
CA ALA R 132 -111.16 -14.08 -73.85
C ALA R 132 -110.33 -12.79 -73.81
N ALA R 133 -109.46 -12.64 -72.81
CA ALA R 133 -108.57 -11.48 -72.77
C ALA R 133 -107.55 -11.52 -73.90
N LEU R 134 -107.08 -12.73 -74.26
CA LEU R 134 -106.19 -12.86 -75.40
C LEU R 134 -106.90 -12.53 -76.71
N LEU R 135 -108.18 -12.91 -76.84
CA LEU R 135 -108.94 -12.58 -78.04
C LEU R 135 -109.24 -11.08 -78.12
N LYS R 136 -109.48 -10.44 -76.97
CA LYS R 136 -109.72 -9.00 -76.97
C LYS R 136 -108.43 -8.22 -77.22
N ALA R 137 -107.29 -8.76 -76.79
CA ALA R 137 -106.02 -8.08 -77.03
C ALA R 137 -105.58 -8.24 -78.47
N SER R 138 -105.68 -9.45 -79.02
CA SER R 138 -105.30 -9.70 -80.40
C SER R 138 -106.36 -9.18 -81.37
N GLY S 1 27.10 -91.66 43.64
CA GLY S 1 27.60 -91.39 42.29
C GLY S 1 28.04 -89.96 42.11
N ALA S 2 28.77 -89.70 41.02
CA ALA S 2 29.31 -88.37 40.80
C ALA S 2 28.27 -87.41 40.24
N TYR S 3 27.16 -87.94 39.71
CA TYR S 3 26.21 -87.10 38.97
C TYR S 3 25.46 -86.15 39.90
N LYS S 4 25.22 -86.54 41.15
CA LYS S 4 24.53 -85.64 42.07
C LYS S 4 25.43 -84.47 42.47
N TYR S 5 26.72 -84.73 42.66
CA TYR S 5 27.69 -83.68 42.92
C TYR S 5 27.80 -82.73 41.74
N ILE S 6 27.83 -83.28 40.52
CA ILE S 6 27.87 -82.45 39.31
C ILE S 6 26.57 -81.67 39.14
N GLN S 7 25.45 -82.25 39.59
CA GLN S 7 24.15 -81.60 39.47
C GLN S 7 24.04 -80.36 40.35
N GLU S 8 24.31 -80.50 41.64
CA GLU S 8 24.26 -79.29 42.48
C GLU S 8 25.45 -78.37 42.23
N LEU S 9 26.54 -78.86 41.63
CA LEU S 9 27.60 -77.96 41.20
C LEU S 9 27.15 -77.08 40.03
N TRP S 10 26.37 -77.65 39.10
CA TRP S 10 25.77 -76.81 38.06
C TRP S 10 24.63 -75.97 38.60
N ARG S 11 24.02 -76.37 39.72
CA ARG S 11 22.98 -75.54 40.33
C ARG S 11 23.58 -74.26 40.93
N LYS S 12 24.67 -74.40 41.70
CA LYS S 12 25.24 -73.25 42.41
C LYS S 12 26.01 -72.37 41.42
N LYS S 13 25.25 -71.57 40.66
CA LYS S 13 25.84 -70.78 39.59
C LYS S 13 26.45 -69.47 40.08
N GLN S 14 25.97 -68.94 41.21
CA GLN S 14 26.42 -67.64 41.68
C GLN S 14 27.79 -67.68 42.37
N SER S 15 28.37 -68.87 42.54
CA SER S 15 29.67 -68.98 43.17
C SER S 15 30.77 -68.52 42.23
N ASP S 16 31.96 -68.31 42.80
CA ASP S 16 33.11 -67.80 42.05
C ASP S 16 33.56 -68.77 40.97
N VAL S 17 33.63 -70.07 41.29
CA VAL S 17 34.06 -71.09 40.34
C VAL S 17 33.13 -71.15 39.14
N MET S 18 31.82 -71.18 39.41
CA MET S 18 30.85 -71.37 38.33
C MET S 18 30.65 -70.09 37.54
N ARG S 19 30.80 -68.92 38.19
CA ARG S 19 30.77 -67.67 37.42
C ARG S 19 31.98 -67.55 36.50
N PHE S 20 33.16 -67.98 36.98
CA PHE S 20 34.35 -68.03 36.13
C PHE S 20 34.16 -68.99 34.95
N LEU S 21 33.56 -70.15 35.22
CA LEU S 21 33.35 -71.14 34.16
C LEU S 21 32.32 -70.67 33.15
N LEU S 22 31.24 -70.03 33.61
CA LEU S 22 30.25 -69.51 32.68
C LEU S 22 30.80 -68.36 31.85
N ARG S 23 31.67 -67.54 32.45
CA ARG S 23 32.30 -66.45 31.70
C ARG S 23 33.25 -66.97 30.63
N VAL S 24 34.10 -67.95 30.97
CA VAL S 24 35.05 -68.48 30.00
C VAL S 24 34.34 -69.27 28.90
N ARG S 25 33.33 -70.09 29.27
CA ARG S 25 32.57 -70.84 28.28
C ARG S 25 31.74 -69.93 27.38
N CYS S 26 31.15 -68.88 27.93
CA CYS S 26 30.34 -67.97 27.12
C CYS S 26 31.22 -67.17 26.16
N TRP S 27 32.42 -66.78 26.62
CA TRP S 27 33.40 -66.15 25.74
C TRP S 27 33.81 -67.05 24.58
N GLN S 28 34.14 -68.32 24.91
CA GLN S 28 34.57 -69.27 23.88
C GLN S 28 33.45 -69.58 22.89
N TYR S 29 32.22 -69.69 23.38
CA TYR S 29 31.11 -70.02 22.50
C TYR S 29 30.69 -68.82 21.68
N ARG S 30 30.97 -67.60 22.17
CA ARG S 30 30.76 -66.41 21.35
C ARG S 30 31.80 -66.31 20.25
N GLN S 31 33.05 -66.69 20.53
CA GLN S 31 34.05 -66.74 19.47
C GLN S 31 33.80 -67.86 18.47
N LEU S 32 33.14 -68.94 18.88
CA LEU S 32 32.76 -69.99 17.94
C LEU S 32 31.63 -69.51 17.01
N SER S 33 31.23 -70.38 16.08
CA SER S 33 30.22 -70.01 15.10
C SER S 33 28.82 -70.04 15.74
N ALA S 34 27.84 -69.57 14.95
CA ALA S 34 26.48 -69.45 15.47
C ALA S 34 25.79 -70.82 15.53
N LEU S 35 26.28 -71.78 14.75
CA LEU S 35 25.73 -73.12 14.69
C LEU S 35 26.87 -74.09 14.42
N HIS S 36 27.18 -74.95 15.38
CA HIS S 36 28.24 -75.92 15.16
C HIS S 36 27.96 -77.16 15.99
N ARG S 37 28.85 -78.15 15.87
CA ARG S 37 28.68 -79.41 16.57
C ARG S 37 29.58 -79.48 17.80
N ALA S 38 28.97 -79.77 18.94
CA ALA S 38 29.76 -80.17 20.10
C ALA S 38 29.91 -81.68 20.08
N PRO S 39 31.13 -82.21 19.99
CA PRO S 39 31.28 -83.68 19.95
C PRO S 39 30.99 -84.35 21.27
N ARG S 40 30.98 -83.60 22.36
CA ARG S 40 30.64 -84.10 23.69
C ARG S 40 29.82 -83.02 24.39
N PRO S 41 28.93 -83.42 25.30
CA PRO S 41 28.11 -82.42 26.00
C PRO S 41 28.92 -81.58 26.97
N THR S 42 28.51 -80.32 27.10
CA THR S 42 29.06 -79.45 28.14
C THR S 42 28.45 -79.81 29.50
N ARG S 43 27.16 -80.12 29.52
CA ARG S 43 26.46 -80.62 30.69
C ARG S 43 26.09 -82.07 30.44
N PRO S 44 26.96 -83.05 30.78
CA PRO S 44 26.63 -84.46 30.52
C PRO S 44 25.50 -84.96 31.41
N ASP S 45 25.44 -84.46 32.64
CA ASP S 45 24.36 -84.82 33.56
C ASP S 45 23.02 -84.32 33.05
N LYS S 46 22.96 -83.07 32.60
CA LYS S 46 21.71 -82.52 32.10
C LYS S 46 21.32 -83.18 30.78
N ALA S 47 22.31 -83.56 29.97
CA ALA S 47 22.03 -84.31 28.76
C ALA S 47 21.46 -85.69 29.07
N ARG S 48 21.95 -86.33 30.13
CA ARG S 48 21.41 -87.63 30.54
C ARG S 48 20.00 -87.50 31.11
N ARG S 49 19.72 -86.40 31.83
CA ARG S 49 18.35 -86.15 32.27
C ARG S 49 17.41 -85.91 31.08
N LEU S 50 17.90 -85.26 30.03
CA LEU S 50 17.03 -84.99 28.90
C LEU S 50 16.90 -86.19 27.96
N GLY S 51 17.83 -87.13 28.00
CA GLY S 51 17.67 -88.34 27.23
C GLY S 51 18.86 -88.73 26.36
N TYR S 52 19.94 -87.96 26.44
CA TYR S 52 21.14 -88.30 25.69
C TYR S 52 21.84 -89.50 26.31
N LYS S 53 22.31 -90.40 25.46
CA LYS S 53 23.12 -91.54 25.89
C LYS S 53 24.41 -91.48 25.09
N ALA S 54 25.43 -92.22 25.53
CA ALA S 54 26.71 -92.24 24.84
C ALA S 54 26.77 -93.42 23.88
N LYS S 55 26.21 -93.21 22.70
CA LYS S 55 26.23 -94.22 21.65
C LYS S 55 26.20 -93.52 20.30
N GLN S 56 26.38 -94.31 19.24
CA GLN S 56 26.49 -93.76 17.90
C GLN S 56 25.11 -93.33 17.38
N GLY S 57 25.07 -92.15 16.78
CA GLY S 57 23.84 -91.59 16.25
C GLY S 57 23.17 -90.56 17.12
N TYR S 58 23.71 -90.30 18.31
CA TYR S 58 23.27 -89.22 19.18
C TYR S 58 24.25 -88.06 19.07
N VAL S 59 23.79 -86.96 18.48
CA VAL S 59 24.63 -85.82 18.12
C VAL S 59 24.16 -84.64 18.96
N ILE S 60 25.08 -83.73 19.28
CA ILE S 60 24.76 -82.54 20.05
C ILE S 60 25.27 -81.32 19.28
N TYR S 61 24.37 -80.39 18.97
CA TYR S 61 24.75 -79.14 18.31
C TYR S 61 24.70 -77.98 19.29
N ARG S 62 25.80 -77.23 19.36
CA ARG S 62 25.84 -75.98 20.10
C ARG S 62 25.49 -74.84 19.15
N ILE S 63 24.36 -74.18 19.41
CA ILE S 63 23.97 -73.04 18.59
C ILE S 63 23.70 -71.86 19.50
N ARG S 64 23.63 -70.67 18.91
CA ARG S 64 23.34 -69.44 19.65
C ARG S 64 22.05 -68.82 19.13
N VAL S 65 21.35 -68.12 20.02
CA VAL S 65 20.18 -67.32 19.67
C VAL S 65 20.43 -65.89 20.12
N ARG S 66 20.21 -64.94 19.21
CA ARG S 66 20.39 -63.53 19.54
C ARG S 66 19.31 -63.08 20.53
N ARG S 67 19.76 -62.41 21.58
CA ARG S 67 18.94 -62.22 22.77
C ARG S 67 18.10 -60.96 22.65
N GLY S 68 16.87 -61.04 23.19
CA GLY S 68 15.97 -59.91 23.24
C GLY S 68 14.56 -60.27 22.81
N GLY S 69 13.69 -59.27 22.89
CA GLY S 69 12.33 -59.43 22.45
C GLY S 69 12.18 -59.30 20.94
N ARG S 70 10.96 -59.55 20.47
CA ARG S 70 10.66 -59.51 19.04
C ARG S 70 9.95 -58.19 18.73
N LYS S 71 10.54 -57.40 17.84
CA LYS S 71 9.87 -56.19 17.37
C LYS S 71 9.08 -56.50 16.10
N ARG S 72 8.10 -55.66 15.84
CA ARG S 72 7.16 -55.90 14.73
C ARG S 72 7.84 -55.58 13.39
N PRO S 73 7.91 -56.52 12.46
CA PRO S 73 8.60 -56.25 11.18
C PRO S 73 7.79 -55.41 10.22
N VAL S 74 7.74 -54.10 10.48
CA VAL S 74 7.00 -53.14 9.65
C VAL S 74 7.95 -52.00 9.29
N PRO S 75 7.67 -51.20 8.26
CA PRO S 75 8.39 -49.92 8.10
C PRO S 75 7.99 -48.96 9.22
N LYS S 76 8.67 -47.80 9.27
CA LYS S 76 9.17 -47.06 10.47
C LYS S 76 8.18 -47.17 11.64
N GLY S 77 6.97 -46.65 11.53
CA GLY S 77 5.91 -46.88 12.49
C GLY S 77 4.84 -47.69 11.79
N ALA S 78 3.82 -46.97 11.32
CA ALA S 78 3.06 -47.34 10.11
C ALA S 78 2.31 -48.66 10.24
N THR S 79 1.88 -48.99 11.45
CA THR S 79 0.95 -50.10 11.62
C THR S 79 -0.45 -49.53 11.42
N TYR S 80 -1.01 -49.73 10.23
CA TYR S 80 -2.18 -49.01 9.77
C TYR S 80 -3.41 -49.57 10.47
N GLY S 81 -3.92 -48.84 11.46
CA GLY S 81 -5.12 -49.29 12.14
C GLY S 81 -5.36 -48.55 13.42
N LYS S 82 -6.11 -49.19 14.30
CA LYS S 82 -6.53 -48.62 15.57
C LYS S 82 -5.34 -48.55 16.52
N PRO S 83 -5.35 -47.59 17.49
CA PRO S 83 -4.19 -47.40 18.38
C PRO S 83 -3.82 -48.57 19.31
N VAL S 84 -4.57 -49.66 19.31
CA VAL S 84 -4.16 -50.86 20.04
C VAL S 84 -2.90 -51.46 19.43
N HIS S 85 -2.89 -51.58 18.11
CA HIS S 85 -1.87 -52.37 17.43
C HIS S 85 -0.67 -51.55 16.99
N HIS S 86 -0.54 -50.30 17.45
CA HIS S 86 0.64 -49.50 17.11
C HIS S 86 1.86 -49.89 17.93
N GLY S 87 1.74 -50.87 18.82
CA GLY S 87 2.90 -51.33 19.56
C GLY S 87 3.84 -52.12 18.68
N VAL S 88 5.10 -51.69 18.66
CA VAL S 88 6.12 -52.34 17.83
C VAL S 88 7.34 -52.74 18.66
N ASN S 89 7.82 -51.86 19.55
CA ASN S 89 9.06 -52.14 20.27
C ASN S 89 8.86 -53.18 21.36
N GLN S 90 7.91 -52.96 22.27
CA GLN S 90 7.78 -53.75 23.48
C GLN S 90 6.98 -55.04 23.26
N LEU S 91 6.86 -55.50 22.03
CA LEU S 91 6.22 -56.78 21.77
C LEU S 91 7.14 -57.92 22.17
N LYS S 92 6.55 -59.06 22.50
CA LYS S 92 7.31 -60.25 22.87
C LYS S 92 6.85 -61.43 22.02
N PHE S 93 7.81 -62.28 21.68
CA PHE S 93 7.54 -63.48 20.89
C PHE S 93 6.95 -64.56 21.79
N ALA S 94 6.01 -65.32 21.23
CA ALA S 94 5.18 -66.21 22.04
C ALA S 94 5.95 -67.44 22.50
N ARG S 95 6.90 -67.91 21.70
CA ARG S 95 7.72 -69.05 22.09
C ARG S 95 9.02 -68.56 22.74
N SER S 96 9.71 -69.50 23.38
CA SER S 96 10.93 -69.18 24.09
C SER S 96 12.15 -69.32 23.18
N LEU S 97 13.26 -68.71 23.61
CA LEU S 97 14.48 -68.73 22.82
C LEU S 97 15.10 -70.11 22.78
N GLN S 98 14.84 -70.94 23.79
CA GLN S 98 15.27 -72.33 23.75
C GLN S 98 14.52 -73.11 22.66
N SER S 99 13.23 -72.82 22.49
CA SER S 99 12.48 -73.43 21.40
C SER S 99 12.89 -72.87 20.05
N VAL S 100 13.29 -71.60 20.01
CA VAL S 100 13.88 -71.02 18.80
C VAL S 100 15.18 -71.74 18.43
N ALA S 101 15.98 -72.07 19.45
CA ALA S 101 17.20 -72.84 19.24
C ALA S 101 16.90 -74.24 18.71
N GLU S 102 15.87 -74.88 19.26
CA GLU S 102 15.47 -76.22 18.81
C GLU S 102 14.99 -76.20 17.37
N GLU S 103 14.19 -75.20 16.99
CA GLU S 103 13.66 -75.18 15.63
C GLU S 103 14.73 -74.75 14.63
N ARG S 104 15.71 -73.95 15.05
CA ARG S 104 16.82 -73.62 14.16
C ARG S 104 17.72 -74.83 13.92
N ALA S 105 18.01 -75.60 14.97
CA ALA S 105 18.79 -76.83 14.79
C ALA S 105 18.05 -77.86 13.94
N GLY S 106 16.73 -77.98 14.16
CA GLY S 106 15.95 -78.92 13.37
C GLY S 106 15.72 -78.47 11.94
N ARG S 107 15.79 -77.17 11.69
CA ARG S 107 15.67 -76.68 10.31
C ARG S 107 17.00 -76.82 9.59
N HIS S 108 18.12 -76.71 10.32
CA HIS S 108 19.42 -76.96 9.72
C HIS S 108 19.61 -78.44 9.42
N CYS S 109 19.04 -79.31 10.26
CA CYS S 109 19.14 -80.75 10.04
C CYS S 109 17.75 -81.38 9.97
N GLY S 110 17.28 -81.58 8.73
CA GLY S 110 16.01 -82.25 8.53
C GLY S 110 16.10 -83.74 8.75
N ALA S 111 17.28 -84.33 8.55
CA ALA S 111 17.46 -85.76 8.78
C ALA S 111 17.50 -86.07 10.28
N LEU S 112 18.29 -85.32 11.03
CA LEU S 112 18.33 -85.44 12.48
C LEU S 112 17.01 -84.98 13.09
N ARG S 113 16.67 -85.57 14.23
CA ARG S 113 15.41 -85.25 14.90
C ARG S 113 15.71 -84.76 16.31
N VAL S 114 15.07 -83.66 16.70
CA VAL S 114 15.34 -83.01 17.98
C VAL S 114 14.72 -83.83 19.10
N LEU S 115 15.54 -84.20 20.09
CA LEU S 115 15.00 -84.80 21.31
C LEU S 115 14.61 -83.71 22.31
N ASN S 116 15.58 -82.93 22.76
CA ASN S 116 15.35 -81.79 23.64
C ASN S 116 16.60 -80.91 23.56
N SER S 117 16.72 -79.96 24.48
CA SER S 117 17.84 -79.03 24.46
C SER S 117 18.02 -78.43 25.85
N TYR S 118 19.19 -77.86 26.09
CA TYR S 118 19.48 -77.24 27.38
C TYR S 118 20.38 -76.02 27.23
N TRP S 119 20.32 -75.17 28.25
CA TRP S 119 21.08 -73.94 28.34
C TRP S 119 22.50 -74.22 28.82
N VAL S 120 23.48 -73.54 28.20
CA VAL S 120 24.84 -73.63 28.73
C VAL S 120 25.38 -72.25 29.13
N GLY S 121 25.07 -71.22 28.36
CA GLY S 121 25.59 -69.90 28.68
C GLY S 121 24.72 -68.82 28.08
N GLU S 122 24.91 -67.61 28.59
CA GLU S 122 24.22 -66.45 28.05
C GLU S 122 25.13 -65.24 28.14
N ASP S 123 25.04 -64.38 27.12
CA ASP S 123 25.68 -63.08 27.09
C ASP S 123 24.56 -62.04 27.17
N SER S 124 24.92 -60.76 27.14
CA SER S 124 23.88 -59.74 27.00
C SER S 124 23.26 -59.77 25.62
N THR S 125 24.03 -60.17 24.61
CA THR S 125 23.55 -60.19 23.24
C THR S 125 23.15 -61.58 22.76
N TYR S 126 23.57 -62.65 23.44
CA TYR S 126 23.29 -64.00 22.97
C TYR S 126 22.96 -64.92 24.14
N LYS S 127 22.21 -65.97 23.83
CA LYS S 127 22.13 -67.17 24.66
C LYS S 127 22.75 -68.33 23.90
N PHE S 128 23.06 -69.41 24.62
CA PHE S 128 23.75 -70.56 24.03
C PHE S 128 23.07 -71.85 24.46
N PHE S 129 22.71 -72.68 23.49
CA PHE S 129 21.94 -73.88 23.75
C PHE S 129 22.59 -75.08 23.07
N GLU S 130 22.65 -76.20 23.80
CA GLU S 130 23.00 -77.48 23.22
C GLU S 130 21.70 -78.21 22.89
N VAL S 131 21.50 -78.51 21.61
CA VAL S 131 20.33 -79.24 21.15
C VAL S 131 20.75 -80.69 20.88
N ILE S 132 20.02 -81.63 21.46
CA ILE S 132 20.28 -83.05 21.24
C ILE S 132 19.52 -83.50 20.00
N LEU S 133 20.25 -84.03 19.03
CA LEU S 133 19.71 -84.54 17.77
C LEU S 133 19.96 -86.03 17.72
N ILE S 134 19.02 -86.77 17.11
CA ILE S 134 19.06 -88.22 17.06
C ILE S 134 18.86 -88.65 15.62
N ASP S 135 19.65 -89.65 15.19
CA ASP S 135 19.37 -90.33 13.93
C ASP S 135 18.19 -91.27 14.09
N PRO S 136 17.14 -91.14 13.28
CA PRO S 136 16.12 -92.19 13.18
C PRO S 136 16.48 -93.31 12.21
N PHE S 137 17.72 -93.32 11.74
CA PHE S 137 18.15 -94.11 10.60
C PHE S 137 19.41 -94.89 10.87
N HIS S 138 20.11 -94.60 11.97
CA HIS S 138 21.26 -95.37 12.38
C HIS S 138 20.80 -96.63 13.10
N LYS S 139 21.59 -97.69 12.98
CA LYS S 139 21.17 -99.00 13.47
C LYS S 139 21.13 -99.09 15.00
N ALA S 140 21.96 -98.32 15.70
CA ALA S 140 21.98 -98.36 17.16
C ALA S 140 20.69 -97.76 17.75
N ILE S 141 20.05 -96.86 17.04
CA ILE S 141 18.75 -96.32 17.45
C ILE S 141 17.62 -97.18 16.90
N ARG S 142 17.79 -97.67 15.66
CA ARG S 142 16.73 -98.38 14.97
C ARG S 142 16.47 -99.75 15.58
N ARG S 143 17.52 -100.43 16.02
CA ARG S 143 17.32 -101.77 16.59
C ARG S 143 17.03 -101.71 18.08
N ASN S 144 17.13 -100.55 18.69
CA ASN S 144 16.80 -100.40 20.10
C ASN S 144 15.31 -100.13 20.26
N PRO S 145 14.56 -100.98 20.97
CA PRO S 145 13.11 -100.76 21.08
C PRO S 145 12.72 -99.61 21.99
N ASP S 146 13.63 -99.13 22.85
CA ASP S 146 13.30 -98.01 23.72
C ASP S 146 13.22 -96.70 22.97
N THR S 147 13.97 -96.55 21.88
CA THR S 147 14.02 -95.30 21.14
C THR S 147 13.51 -95.40 19.72
N GLN S 148 12.96 -96.55 19.32
CA GLN S 148 12.48 -96.72 17.95
C GLN S 148 11.22 -95.91 17.64
N TRP S 149 10.57 -95.33 18.66
CA TRP S 149 9.51 -94.35 18.41
C TRP S 149 10.07 -93.10 17.73
N ILE S 150 11.35 -92.80 17.93
CA ILE S 150 12.00 -91.72 17.19
C ILE S 150 12.10 -92.09 15.72
N THR S 151 12.21 -93.39 15.42
CA THR S 151 12.33 -93.83 14.03
C THR S 151 10.98 -93.82 13.30
N LYS S 152 9.88 -93.62 14.02
CA LYS S 152 8.57 -93.57 13.39
C LYS S 152 8.37 -92.24 12.67
N PRO S 153 7.62 -92.22 11.56
CA PRO S 153 7.44 -90.96 10.82
C PRO S 153 6.47 -89.98 11.45
N VAL S 154 5.85 -90.32 12.59
CA VAL S 154 4.96 -89.40 13.26
C VAL S 154 5.75 -88.25 13.90
N HIS S 155 6.95 -88.54 14.39
CA HIS S 155 7.78 -87.57 15.08
C HIS S 155 8.72 -86.80 14.15
N LYS S 156 8.35 -86.64 12.87
CA LYS S 156 9.12 -85.79 11.97
C LYS S 156 8.91 -84.33 12.33
N HIS S 157 10.02 -83.65 12.65
CA HIS S 157 10.07 -82.22 12.98
C HIS S 157 9.17 -81.89 14.17
N ARG S 158 9.55 -82.46 15.31
CA ARG S 158 8.89 -82.13 16.58
C ARG S 158 9.14 -80.67 16.96
N GLU S 159 10.29 -80.13 16.52
CA GLU S 159 10.70 -78.77 16.88
C GLU S 159 9.80 -77.71 16.27
N MET S 160 9.08 -78.02 15.19
CA MET S 160 8.20 -77.03 14.59
C MET S 160 6.79 -77.12 15.15
N ARG S 161 6.29 -78.34 15.37
CA ARG S 161 4.98 -78.50 15.98
C ARG S 161 4.98 -78.20 17.47
N GLY S 162 6.15 -78.14 18.11
CA GLY S 162 6.19 -77.90 19.54
C GLY S 162 5.99 -79.14 20.37
N LEU S 163 6.61 -80.25 19.97
CA LEU S 163 6.49 -81.50 20.72
C LEU S 163 7.65 -81.73 21.68
N THR S 164 8.75 -81.02 21.51
CA THR S 164 9.82 -81.02 22.50
C THR S 164 9.41 -80.15 23.69
N SER S 165 10.24 -80.17 24.73
CA SER S 165 9.86 -79.57 26.02
C SER S 165 9.84 -78.05 25.94
N ALA S 166 10.79 -77.45 25.21
CA ALA S 166 10.85 -76.00 25.11
C ALA S 166 9.69 -75.47 24.25
N GLY S 167 9.16 -76.29 23.35
CA GLY S 167 7.96 -75.91 22.63
C GLY S 167 6.69 -76.15 23.42
N ARG S 168 6.66 -77.23 24.21
CA ARG S 168 5.49 -77.52 25.05
C ARG S 168 5.34 -76.53 26.18
N LYS S 169 6.43 -75.91 26.63
CA LYS S 169 6.32 -74.86 27.64
C LYS S 169 5.70 -73.60 27.07
N SER S 170 5.75 -73.41 25.74
CA SER S 170 5.18 -72.22 25.14
C SER S 170 3.72 -72.40 24.75
N ARG S 171 3.26 -73.64 24.67
CA ARG S 171 1.89 -73.90 24.22
C ARG S 171 0.87 -73.58 25.30
N GLY S 172 1.28 -73.61 26.56
CA GLY S 172 0.38 -73.30 27.67
C GLY S 172 -0.61 -74.42 27.93
N LEU S 173 -0.16 -75.66 27.79
CA LEU S 173 -1.00 -76.83 27.99
C LEU S 173 -0.73 -77.44 29.37
N GLY S 174 -1.76 -78.04 29.94
CA GLY S 174 -1.66 -78.65 31.24
C GLY S 174 -3.03 -79.03 31.76
N LYS S 175 -3.03 -79.59 32.97
CA LYS S 175 -4.26 -80.00 33.63
C LYS S 175 -4.63 -78.97 34.69
N GLY S 176 -5.92 -78.71 34.81
CA GLY S 176 -6.45 -78.00 35.96
C GLY S 176 -7.05 -76.66 35.60
N HIS S 177 -7.25 -75.84 36.64
CA HIS S 177 -7.98 -74.59 36.50
C HIS S 177 -7.14 -73.51 35.82
N LYS S 178 -5.83 -73.65 35.82
CA LYS S 178 -4.96 -72.68 35.20
C LYS S 178 -4.76 -72.91 33.71
N PHE S 179 -5.33 -73.97 33.15
CA PHE S 179 -5.11 -74.37 31.77
C PHE S 179 -6.43 -74.68 31.08
N HIS S 180 -7.43 -73.81 31.28
CA HIS S 180 -8.73 -74.00 30.65
C HIS S 180 -8.70 -73.65 29.17
N HIS S 181 -7.77 -72.78 28.76
CA HIS S 181 -7.74 -72.31 27.39
C HIS S 181 -7.11 -73.32 26.43
N THR S 182 -6.56 -74.42 26.93
CA THR S 182 -6.04 -75.49 26.10
C THR S 182 -6.66 -76.85 26.41
N ILE S 183 -7.90 -76.90 26.89
CA ILE S 183 -8.56 -78.18 27.12
C ILE S 183 -8.97 -78.76 25.77
N GLY S 184 -8.80 -80.07 25.61
CA GLY S 184 -8.91 -80.71 24.32
C GLY S 184 -7.54 -81.04 23.76
N GLY S 185 -7.40 -80.82 22.45
CA GLY S 185 -6.12 -81.04 21.82
C GLY S 185 -5.12 -79.93 22.11
N SER S 186 -5.51 -78.69 21.94
CA SER S 186 -4.63 -77.54 22.11
C SER S 186 -5.52 -76.31 22.32
N ARG S 187 -4.89 -75.13 22.23
CA ARG S 187 -5.65 -73.88 22.28
C ARG S 187 -6.54 -73.72 21.06
N ARG S 188 -6.04 -74.12 19.89
CA ARG S 188 -6.83 -74.03 18.66
C ARG S 188 -7.99 -75.03 18.69
N ALA S 189 -7.74 -76.24 19.18
CA ALA S 189 -8.81 -77.22 19.34
C ALA S 189 -9.84 -76.79 20.38
N ALA S 190 -9.38 -76.11 21.45
CA ALA S 190 -10.29 -75.56 22.44
C ALA S 190 -11.19 -74.48 21.84
N TRP S 191 -10.59 -73.54 21.10
CA TRP S 191 -11.36 -72.47 20.47
C TRP S 191 -12.34 -73.01 19.44
N ARG S 192 -11.92 -74.03 18.67
CA ARG S 192 -12.79 -74.58 17.64
C ARG S 192 -13.91 -75.41 18.24
N ARG S 193 -13.63 -76.13 19.33
CA ARG S 193 -14.68 -76.90 19.99
C ARG S 193 -15.69 -75.98 20.67
N ARG S 194 -15.24 -74.83 21.16
CA ARG S 194 -16.15 -73.91 21.82
C ARG S 194 -16.96 -73.10 20.82
N ASN S 195 -16.36 -72.73 19.68
CA ASN S 195 -17.05 -71.91 18.68
C ASN S 195 -17.57 -72.76 17.53
N THR S 196 -18.51 -73.65 17.85
CA THR S 196 -19.30 -74.36 16.86
C THR S 196 -20.75 -74.43 17.33
N LEU S 197 -21.67 -74.34 16.38
CA LEU S 197 -23.08 -74.64 16.64
C LEU S 197 -23.28 -76.13 16.41
N GLN S 198 -23.75 -76.83 17.44
CA GLN S 198 -24.15 -78.22 17.27
C GLN S 198 -25.61 -78.27 16.83
N LEU S 199 -25.86 -78.06 15.54
CA LEU S 199 -27.21 -78.05 15.00
C LEU S 199 -27.61 -79.48 14.68
N HIS S 200 -28.36 -80.11 15.58
CA HIS S 200 -28.65 -81.53 15.53
C HIS S 200 -29.70 -81.84 14.46
N ARG S 201 -30.08 -83.11 14.39
CA ARG S 201 -31.14 -83.53 13.49
C ARG S 201 -32.51 -83.15 14.03
N TYR S 202 -32.86 -83.69 15.20
CA TYR S 202 -34.17 -83.42 15.80
C TYR S 202 -34.16 -82.17 16.66
N ARG S 203 -32.98 -81.57 16.86
CA ARG S 203 -32.75 -80.36 17.67
C ARG S 203 -33.23 -80.51 19.11
N GLN T 1 -88.88 -29.40 -48.57
CA GLN T 1 -88.13 -29.96 -47.44
C GLN T 1 -86.91 -29.11 -47.12
N VAL T 2 -86.82 -27.93 -47.73
CA VAL T 2 -85.69 -27.03 -47.58
C VAL T 2 -86.21 -25.71 -47.02
N LEU T 3 -85.70 -25.29 -45.87
CA LEU T 3 -86.02 -23.99 -45.29
C LEU T 3 -85.23 -22.92 -46.03
N VAL T 4 -85.87 -22.26 -46.99
CA VAL T 4 -85.28 -21.11 -47.66
C VAL T 4 -85.60 -19.90 -46.80
N LEU T 5 -84.60 -19.37 -46.12
CA LEU T 5 -84.78 -18.29 -45.17
C LEU T 5 -84.29 -16.96 -45.74
N ASP T 6 -85.06 -15.90 -45.48
CA ASP T 6 -84.67 -14.56 -45.87
C ASP T 6 -83.61 -14.04 -44.91
N GLY T 7 -82.83 -13.08 -45.38
CA GLY T 7 -81.80 -12.51 -44.55
C GLY T 7 -82.01 -11.04 -44.23
N ARG T 8 -82.98 -10.40 -44.87
CA ARG T 8 -83.22 -8.98 -44.66
C ARG T 8 -83.84 -8.76 -43.28
N GLY T 9 -83.24 -7.83 -42.53
CA GLY T 9 -83.80 -7.44 -41.25
C GLY T 9 -83.64 -8.45 -40.14
N HIS T 10 -82.90 -9.53 -40.37
CA HIS T 10 -82.69 -10.57 -39.38
C HIS T 10 -81.41 -10.30 -38.59
N LEU T 11 -81.45 -10.61 -37.31
CA LEU T 11 -80.29 -10.46 -36.44
C LEU T 11 -79.31 -11.60 -36.65
N LEU T 12 -78.03 -11.29 -36.49
CA LEU T 12 -76.97 -12.22 -36.88
C LEU T 12 -76.93 -13.44 -35.96
N GLY T 13 -76.66 -13.24 -34.68
CA GLY T 13 -76.59 -14.37 -33.77
C GLY T 13 -77.94 -14.96 -33.42
N ARG T 14 -78.98 -14.12 -33.36
CA ARG T 14 -80.33 -14.62 -33.08
C ARG T 14 -80.83 -15.47 -34.25
N LEU T 15 -80.44 -15.13 -35.47
CA LEU T 15 -80.76 -15.97 -36.61
C LEU T 15 -79.91 -17.23 -36.62
N ALA T 16 -78.63 -17.11 -36.25
CA ALA T 16 -77.72 -18.26 -36.34
C ALA T 16 -78.04 -19.32 -35.31
N ALA T 17 -78.51 -18.92 -34.13
CA ALA T 17 -78.90 -19.89 -33.10
C ALA T 17 -80.15 -20.66 -33.50
N ILE T 18 -81.05 -20.02 -34.25
CA ILE T 18 -82.24 -20.69 -34.74
C ILE T 18 -81.89 -21.60 -35.92
N VAL T 19 -80.94 -21.16 -36.76
CA VAL T 19 -80.55 -21.94 -37.93
C VAL T 19 -79.81 -23.22 -37.52
N ALA T 20 -78.84 -23.08 -36.60
CA ALA T 20 -77.93 -24.19 -36.29
C ALA T 20 -78.63 -25.37 -35.63
N LYS T 21 -79.66 -25.09 -34.82
CA LYS T 21 -80.42 -26.17 -34.18
C LYS T 21 -81.23 -26.95 -35.21
N GLN T 22 -81.86 -26.24 -36.16
CA GLN T 22 -82.63 -26.91 -37.21
C GLN T 22 -81.71 -27.64 -38.18
N VAL T 23 -80.47 -27.18 -38.32
CA VAL T 23 -79.50 -27.89 -39.14
C VAL T 23 -79.06 -29.18 -38.46
N LEU T 24 -78.83 -29.12 -37.14
CA LEU T 24 -78.53 -30.33 -36.37
C LEU T 24 -79.71 -31.30 -36.34
N LEU T 25 -80.95 -30.81 -36.44
CA LEU T 25 -82.13 -31.66 -36.43
C LEU T 25 -82.53 -32.15 -37.81
N GLY T 26 -81.59 -32.21 -38.76
CA GLY T 26 -81.82 -32.88 -40.02
C GLY T 26 -82.61 -32.13 -41.05
N ARG T 27 -82.61 -30.80 -41.00
CA ARG T 27 -83.33 -29.99 -41.97
C ARG T 27 -82.34 -29.20 -42.83
N LYS T 28 -82.53 -29.25 -44.15
CA LYS T 28 -81.69 -28.51 -45.09
C LYS T 28 -82.09 -27.04 -45.05
N VAL T 29 -81.23 -26.23 -44.45
CA VAL T 29 -81.48 -24.81 -44.30
C VAL T 29 -80.60 -24.02 -45.27
N VAL T 30 -81.23 -23.19 -46.10
CA VAL T 30 -80.53 -22.30 -47.02
C VAL T 30 -80.92 -20.88 -46.66
N VAL T 31 -79.99 -20.15 -46.05
CA VAL T 31 -80.21 -18.75 -45.67
C VAL T 31 -79.66 -17.88 -46.79
N VAL T 32 -80.47 -16.92 -47.24
CA VAL T 32 -80.18 -16.22 -48.49
C VAL T 32 -80.32 -14.71 -48.25
N ARG T 33 -79.61 -13.95 -49.08
CA ARG T 33 -79.48 -12.47 -49.00
C ARG T 33 -78.98 -12.05 -47.61
N CYS T 34 -77.75 -12.46 -47.33
CA CYS T 34 -77.18 -12.27 -45.99
C CYS T 34 -76.52 -10.91 -45.81
N GLU T 35 -76.48 -10.07 -46.84
CA GLU T 35 -76.03 -8.70 -46.63
C GLU T 35 -77.12 -7.84 -46.02
N GLY T 36 -78.38 -8.33 -46.03
CA GLY T 36 -79.46 -7.64 -45.35
C GLY T 36 -79.53 -7.94 -43.87
N ILE T 37 -78.67 -8.84 -43.38
CA ILE T 37 -78.57 -9.11 -41.95
C ILE T 37 -78.03 -7.87 -41.24
N ASN T 38 -78.69 -7.48 -40.16
CA ASN T 38 -78.26 -6.33 -39.39
C ASN T 38 -77.97 -6.71 -37.95
N ILE T 39 -76.86 -6.21 -37.42
CA ILE T 39 -76.38 -6.54 -36.07
C ILE T 39 -76.74 -5.39 -35.14
N SER T 40 -77.23 -5.73 -33.95
CA SER T 40 -77.61 -4.74 -32.96
C SER T 40 -76.39 -3.97 -32.45
N GLY T 41 -76.65 -2.77 -31.95
CA GLY T 41 -75.59 -1.86 -31.56
C GLY T 41 -75.18 -0.98 -32.73
N ASN T 42 -74.48 0.12 -32.41
CA ASN T 42 -74.04 1.06 -33.43
C ASN T 42 -72.95 0.46 -34.30
N PHE T 43 -72.67 1.13 -35.42
CA PHE T 43 -71.82 0.55 -36.44
C PHE T 43 -70.36 0.51 -36.02
N TYR T 44 -69.92 1.47 -35.21
CA TYR T 44 -68.50 1.63 -34.92
C TYR T 44 -68.01 0.53 -33.98
N ARG T 45 -68.85 0.09 -33.04
CA ARG T 45 -68.50 -1.02 -32.17
C ARG T 45 -68.39 -2.34 -32.93
N ASN T 46 -69.31 -2.59 -33.86
CA ASN T 46 -69.24 -3.82 -34.66
C ASN T 46 -68.05 -3.79 -35.60
N LYS T 47 -67.73 -2.62 -36.16
CA LYS T 47 -66.56 -2.49 -37.02
C LYS T 47 -65.27 -2.73 -36.24
N LEU T 48 -65.16 -2.15 -35.05
CA LEU T 48 -63.95 -2.35 -34.25
C LEU T 48 -63.88 -3.76 -33.67
N LYS T 49 -65.04 -4.40 -33.45
CA LYS T 49 -65.05 -5.81 -33.08
C LYS T 49 -64.49 -6.68 -34.19
N TYR T 50 -64.90 -6.43 -35.44
CA TYR T 50 -64.37 -7.23 -36.54
C TYR T 50 -62.92 -6.86 -36.86
N LEU T 51 -62.51 -5.62 -36.55
CA LEU T 51 -61.11 -5.26 -36.75
C LEU T 51 -60.20 -5.87 -35.70
N ALA T 52 -60.67 -5.98 -34.45
CA ALA T 52 -59.94 -6.76 -33.46
C ALA T 52 -59.90 -8.23 -33.84
N PHE T 53 -60.98 -8.74 -34.43
CA PHE T 53 -61.00 -10.10 -34.97
C PHE T 53 -59.98 -10.28 -36.08
N LEU T 54 -59.79 -9.25 -36.93
CA LEU T 54 -58.78 -9.31 -37.97
C LEU T 54 -57.37 -9.23 -37.39
N ARG T 55 -57.19 -8.44 -36.32
CA ARG T 55 -55.86 -8.33 -35.71
C ARG T 55 -55.46 -9.63 -35.01
N LYS T 56 -56.45 -10.39 -34.53
CA LYS T 56 -56.15 -11.69 -33.92
C LYS T 56 -55.77 -12.72 -34.96
N ARG T 57 -54.48 -12.78 -35.30
CA ARG T 57 -53.95 -13.72 -36.29
C ARG T 57 -52.75 -14.44 -35.72
N MET T 58 -52.37 -15.55 -36.36
CA MET T 58 -51.23 -16.32 -35.89
C MET T 58 -49.93 -15.60 -36.23
N ASN T 59 -49.00 -15.55 -35.26
CA ASN T 59 -47.80 -14.74 -35.43
C ASN T 59 -46.80 -15.41 -36.36
N THR T 60 -46.55 -16.71 -36.18
CA THR T 60 -45.48 -17.35 -36.92
C THR T 60 -45.88 -17.68 -38.35
N ASN T 61 -47.16 -17.97 -38.58
CA ASN T 61 -47.65 -18.24 -39.93
C ASN T 61 -49.15 -17.93 -39.98
N PRO T 62 -49.55 -16.79 -40.54
CA PRO T 62 -50.98 -16.46 -40.59
C PRO T 62 -51.77 -17.30 -41.58
N SER T 63 -51.10 -18.00 -42.50
CA SER T 63 -51.80 -18.93 -43.37
C SER T 63 -52.32 -20.13 -42.59
N ARG T 64 -51.62 -20.52 -41.52
CA ARG T 64 -52.15 -21.52 -40.61
C ARG T 64 -53.16 -20.92 -39.64
N GLY T 65 -53.25 -19.60 -39.59
CA GLY T 65 -54.03 -18.91 -38.57
C GLY T 65 -55.52 -18.90 -38.84
N PRO T 66 -56.25 -18.07 -38.08
CA PRO T 66 -57.70 -18.02 -38.24
C PRO T 66 -58.09 -17.35 -39.55
N TYR T 67 -58.85 -18.07 -40.36
CA TYR T 67 -59.28 -17.55 -41.66
C TYR T 67 -60.42 -16.58 -41.44
N HIS T 68 -60.13 -15.29 -41.60
CA HIS T 68 -61.11 -14.22 -41.36
C HIS T 68 -61.78 -13.93 -42.69
N PHE T 69 -62.99 -14.44 -42.89
CA PHE T 69 -63.66 -14.29 -44.16
C PHE T 69 -64.36 -12.93 -44.24
N ARG T 70 -64.40 -12.35 -45.44
CA ARG T 70 -64.87 -10.98 -45.59
C ARG T 70 -66.27 -10.91 -46.18
N ALA T 71 -66.76 -11.99 -46.79
CA ALA T 71 -68.09 -11.97 -47.38
C ALA T 71 -69.14 -12.12 -46.29
N PRO T 72 -70.32 -11.49 -46.44
CA PRO T 72 -71.36 -11.60 -45.40
C PRO T 72 -71.92 -13.01 -45.26
N SER T 73 -72.04 -13.74 -46.36
CA SER T 73 -72.48 -15.14 -46.30
C SER T 73 -71.48 -16.00 -45.55
N ARG T 74 -70.19 -15.72 -45.72
CA ARG T 74 -69.19 -16.47 -44.99
C ARG T 74 -69.05 -16.01 -43.55
N ILE T 75 -69.42 -14.77 -43.22
CA ILE T 75 -69.52 -14.35 -41.83
C ILE T 75 -70.67 -15.08 -41.14
N PHE T 76 -71.80 -15.25 -41.86
CA PHE T 76 -72.90 -16.03 -41.32
C PHE T 76 -72.53 -17.50 -41.17
N TRP T 77 -71.76 -18.04 -42.13
CA TRP T 77 -71.25 -19.40 -42.00
C TRP T 77 -70.28 -19.52 -40.83
N ARG T 78 -69.48 -18.47 -40.59
CA ARG T 78 -68.57 -18.42 -39.45
C ARG T 78 -69.31 -18.46 -38.12
N THR T 79 -70.39 -17.69 -37.99
CA THR T 79 -71.10 -17.68 -36.72
C THR T 79 -71.95 -18.94 -36.52
N VAL T 80 -72.48 -19.53 -37.60
CA VAL T 80 -73.17 -20.81 -37.43
C VAL T 80 -72.17 -21.92 -37.10
N ARG T 81 -70.98 -21.90 -37.72
CA ARG T 81 -69.94 -22.87 -37.40
C ARG T 81 -69.42 -22.68 -35.98
N GLY T 82 -69.46 -21.45 -35.47
CA GLY T 82 -69.20 -21.24 -34.06
C GLY T 82 -70.29 -21.80 -33.17
N MET T 83 -71.53 -21.79 -33.65
CA MET T 83 -72.66 -22.36 -32.91
C MET T 83 -72.92 -23.82 -33.25
N LEU T 84 -71.90 -24.57 -33.67
CA LEU T 84 -72.02 -25.98 -33.99
C LEU T 84 -70.84 -26.71 -33.40
N PRO T 85 -70.98 -28.02 -33.11
CA PRO T 85 -69.81 -28.84 -32.72
C PRO T 85 -69.05 -29.32 -33.96
N HIS T 86 -68.37 -28.39 -34.62
CA HIS T 86 -67.81 -28.64 -35.95
C HIS T 86 -66.58 -29.53 -35.92
N LYS T 87 -66.04 -29.83 -34.74
CA LYS T 87 -64.94 -30.79 -34.65
C LYS T 87 -65.43 -32.22 -34.79
N THR T 88 -66.73 -32.46 -34.59
CA THR T 88 -67.28 -33.80 -34.68
C THR T 88 -67.85 -34.07 -36.07
N LYS T 89 -68.15 -35.35 -36.32
CA LYS T 89 -68.66 -35.76 -37.62
C LYS T 89 -70.08 -35.26 -37.86
N ARG T 90 -70.90 -35.19 -36.80
CA ARG T 90 -72.23 -34.63 -36.96
C ARG T 90 -72.19 -33.12 -37.18
N GLY T 91 -71.17 -32.44 -36.63
CA GLY T 91 -70.99 -31.04 -36.93
C GLY T 91 -70.49 -30.79 -38.34
N GLN T 92 -69.63 -31.68 -38.85
CA GLN T 92 -69.21 -31.58 -40.25
C GLN T 92 -70.37 -31.88 -41.19
N ALA T 93 -71.23 -32.83 -40.83
CA ALA T 93 -72.44 -33.08 -41.59
C ALA T 93 -73.40 -31.89 -41.54
N ALA T 94 -73.45 -31.19 -40.40
CA ALA T 94 -74.26 -29.99 -40.28
C ALA T 94 -73.72 -28.87 -41.18
N LEU T 95 -72.39 -28.71 -41.22
CA LEU T 95 -71.80 -27.72 -42.12
C LEU T 95 -71.99 -28.10 -43.58
N ASP T 96 -72.08 -29.40 -43.88
CA ASP T 96 -72.40 -29.82 -45.24
C ASP T 96 -73.85 -29.53 -45.59
N ARG T 97 -74.76 -29.70 -44.62
CA ARG T 97 -76.17 -29.41 -44.85
C ARG T 97 -76.43 -27.91 -44.98
N LEU T 98 -75.63 -27.10 -44.31
CA LEU T 98 -75.79 -25.65 -44.40
C LEU T 98 -75.29 -25.13 -45.74
N LYS T 99 -76.04 -24.19 -46.32
CA LYS T 99 -75.69 -23.61 -47.62
C LYS T 99 -76.11 -22.15 -47.62
N VAL T 100 -75.13 -21.25 -47.60
CA VAL T 100 -75.36 -19.82 -47.39
C VAL T 100 -74.90 -19.05 -48.61
N PHE T 101 -75.71 -18.08 -49.04
CA PHE T 101 -75.47 -17.35 -50.29
C PHE T 101 -75.37 -15.85 -50.05
N ASP T 102 -74.48 -15.21 -50.82
CA ASP T 102 -74.50 -13.76 -51.00
C ASP T 102 -75.46 -13.40 -52.11
N GLY T 103 -76.32 -12.42 -51.84
CA GLY T 103 -77.41 -12.14 -52.78
C GLY T 103 -78.39 -13.29 -52.78
N ILE T 104 -79.01 -13.52 -53.92
CA ILE T 104 -79.96 -14.63 -54.03
C ILE T 104 -79.91 -15.24 -55.44
N PRO T 105 -79.47 -16.48 -55.55
CA PRO T 105 -79.15 -17.06 -56.86
C PRO T 105 -80.41 -17.47 -57.61
N PRO T 106 -80.33 -17.65 -58.93
CA PRO T 106 -81.47 -18.14 -59.73
C PRO T 106 -81.96 -19.53 -59.35
N PRO T 107 -81.17 -20.42 -58.71
CA PRO T 107 -81.83 -21.58 -58.08
C PRO T 107 -82.75 -21.24 -56.91
N TYR T 108 -82.61 -20.07 -56.29
CA TYR T 108 -83.42 -19.74 -55.13
C TYR T 108 -84.19 -18.43 -55.23
N ASP T 109 -84.16 -17.74 -56.38
CA ASP T 109 -84.91 -16.50 -56.48
C ASP T 109 -86.39 -16.76 -56.74
N LYS T 110 -86.71 -17.82 -57.48
CA LYS T 110 -88.10 -18.15 -57.80
C LYS T 110 -88.66 -19.15 -56.78
N LYS T 111 -88.50 -18.80 -55.50
CA LYS T 111 -89.00 -19.61 -54.39
C LYS T 111 -89.50 -18.67 -53.30
N LYS T 112 -90.65 -19.02 -52.73
CA LYS T 112 -91.19 -18.24 -51.61
C LYS T 112 -90.37 -18.52 -50.36
N ARG T 113 -89.58 -17.54 -49.94
CA ARG T 113 -88.66 -17.72 -48.82
C ARG T 113 -89.35 -17.45 -47.50
N MET T 114 -88.81 -18.06 -46.43
CA MET T 114 -89.39 -17.94 -45.11
C MET T 114 -88.72 -16.81 -44.32
N VAL T 115 -89.43 -16.32 -43.31
CA VAL T 115 -88.94 -15.25 -42.44
C VAL T 115 -89.12 -15.73 -41.01
N VAL T 116 -88.07 -15.64 -40.21
CA VAL T 116 -88.15 -16.00 -38.79
C VAL T 116 -88.43 -14.75 -37.97
N PRO T 117 -89.61 -14.64 -37.33
CA PRO T 117 -89.90 -13.44 -36.55
C PRO T 117 -89.24 -13.41 -35.19
N ALA T 118 -88.66 -14.52 -34.73
CA ALA T 118 -87.98 -14.56 -33.45
C ALA T 118 -86.54 -14.06 -33.53
N ALA T 119 -86.10 -13.61 -34.70
CA ALA T 119 -84.76 -13.08 -34.89
C ALA T 119 -84.78 -11.81 -35.73
N LEU T 120 -85.92 -11.14 -35.80
CA LEU T 120 -86.12 -9.99 -36.67
C LEU T 120 -85.78 -8.72 -35.90
N LYS T 121 -85.39 -7.68 -36.63
CA LYS T 121 -84.88 -6.47 -35.99
C LYS T 121 -86.01 -5.65 -35.36
N VAL T 122 -87.18 -5.62 -36.01
CA VAL T 122 -88.28 -4.81 -35.50
C VAL T 122 -88.97 -5.54 -34.35
N VAL T 123 -88.73 -6.85 -34.23
CA VAL T 123 -89.37 -7.63 -33.17
C VAL T 123 -88.51 -7.61 -31.91
N ARG T 124 -87.20 -7.84 -32.06
CA ARG T 124 -86.34 -8.08 -30.93
C ARG T 124 -85.62 -6.83 -30.42
N LEU T 125 -85.58 -5.76 -31.21
CA LEU T 125 -84.95 -4.52 -30.79
C LEU T 125 -85.97 -3.40 -30.63
N LYS T 126 -85.64 -2.49 -29.72
CA LYS T 126 -86.36 -1.24 -29.60
C LYS T 126 -86.08 -0.37 -30.83
N PRO T 127 -87.06 0.42 -31.27
CA PRO T 127 -86.85 1.23 -32.49
C PRO T 127 -85.88 2.38 -32.30
N THR T 128 -85.52 2.73 -31.06
CA THR T 128 -84.56 3.80 -30.84
C THR T 128 -83.12 3.29 -30.74
N ARG T 129 -82.92 1.98 -30.80
CA ARG T 129 -81.58 1.43 -30.74
C ARG T 129 -80.97 1.36 -32.13
N LYS T 130 -79.64 1.46 -32.19
CA LYS T 130 -78.94 1.49 -33.46
C LYS T 130 -78.59 0.08 -33.93
N PHE T 131 -78.49 -0.07 -35.25
CA PHE T 131 -78.15 -1.35 -35.87
C PHE T 131 -77.14 -1.08 -36.98
N ALA T 132 -76.45 -2.14 -37.39
CA ALA T 132 -75.35 -2.03 -38.36
C ALA T 132 -75.56 -3.05 -39.46
N TYR T 133 -75.50 -2.60 -40.71
CA TYR T 133 -75.68 -3.49 -41.84
C TYR T 133 -74.44 -4.34 -42.08
N LEU T 134 -74.64 -5.66 -42.22
CA LEU T 134 -73.53 -6.57 -42.43
C LEU T 134 -72.92 -6.41 -43.81
N GLY T 135 -73.75 -6.07 -44.81
CA GLY T 135 -73.22 -5.85 -46.15
C GLY T 135 -72.38 -4.59 -46.24
N ARG T 136 -72.83 -3.51 -45.61
CA ARG T 136 -72.04 -2.29 -45.57
C ARG T 136 -70.77 -2.48 -44.75
N LEU T 137 -70.87 -3.22 -43.65
CA LEU T 137 -69.70 -3.56 -42.83
C LEU T 137 -68.69 -4.38 -43.61
N ALA T 138 -69.17 -5.34 -44.41
CA ALA T 138 -68.28 -6.21 -45.18
C ALA T 138 -67.63 -5.45 -46.32
N HIS T 139 -68.39 -4.60 -47.01
CA HIS T 139 -67.82 -3.83 -48.12
C HIS T 139 -66.84 -2.79 -47.60
N GLU T 140 -67.07 -2.28 -46.40
CA GLU T 140 -66.13 -1.34 -45.81
C GLU T 140 -64.88 -2.05 -45.30
N VAL T 141 -65.00 -3.29 -44.84
CA VAL T 141 -63.84 -4.02 -44.33
C VAL T 141 -63.15 -4.83 -45.43
N GLY T 142 -63.66 -4.80 -46.66
CA GLY T 142 -62.94 -5.40 -47.77
C GLY T 142 -63.64 -6.49 -48.56
N TRP T 143 -64.97 -6.42 -48.67
CA TRP T 143 -65.72 -7.28 -49.58
C TRP T 143 -66.03 -6.48 -50.85
N LYS T 144 -65.74 -7.09 -52.00
CA LYS T 144 -65.62 -6.37 -53.26
C LYS T 144 -66.89 -6.37 -54.09
N TYR T 145 -67.99 -6.95 -53.61
CA TYR T 145 -69.12 -7.25 -54.47
C TYR T 145 -70.42 -6.72 -53.87
N GLN T 146 -70.41 -5.46 -53.44
CA GLN T 146 -71.65 -4.85 -52.99
C GLN T 146 -72.43 -4.26 -54.16
N ALA T 147 -71.74 -3.55 -55.06
CA ALA T 147 -72.41 -2.90 -56.18
C ALA T 147 -72.89 -3.91 -57.22
N VAL T 148 -72.14 -5.00 -57.39
CA VAL T 148 -72.55 -6.06 -58.31
C VAL T 148 -73.81 -6.74 -57.82
N THR T 149 -73.84 -7.05 -56.52
CA THR T 149 -75.03 -7.63 -55.89
C THR T 149 -76.19 -6.64 -55.93
N ALA T 150 -75.90 -5.34 -55.81
CA ALA T 150 -76.95 -4.32 -55.88
C ALA T 150 -77.58 -4.25 -57.27
N THR T 151 -76.76 -4.31 -58.33
CA THR T 151 -77.31 -4.27 -59.69
C THR T 151 -78.07 -5.56 -60.01
N LEU T 152 -77.55 -6.72 -59.59
CA LEU T 152 -78.25 -7.97 -59.87
C LEU T 152 -79.56 -8.06 -59.09
N GLU T 153 -79.58 -7.52 -57.86
CA GLU T 153 -80.83 -7.51 -57.12
C GLU T 153 -81.80 -6.49 -57.67
N GLU T 154 -81.32 -5.39 -58.24
CA GLU T 154 -82.20 -4.44 -58.90
C GLU T 154 -82.87 -5.07 -60.12
N LYS T 155 -82.09 -5.84 -60.90
CA LYS T 155 -82.64 -6.56 -62.04
C LYS T 155 -83.69 -7.60 -61.62
N ARG T 156 -83.40 -8.36 -60.55
CA ARG T 156 -84.36 -9.39 -60.17
C ARG T 156 -85.56 -8.79 -59.43
N LYS T 157 -85.43 -7.60 -58.85
CA LYS T 157 -86.60 -6.94 -58.27
C LYS T 157 -87.51 -6.40 -59.36
N GLU T 158 -86.92 -5.95 -60.48
CA GLU T 158 -87.74 -5.62 -61.65
C GLU T 158 -88.45 -6.84 -62.20
N LYS T 159 -87.74 -7.98 -62.29
CA LYS T 159 -88.35 -9.21 -62.78
C LYS T 159 -89.43 -9.74 -61.85
N ALA T 160 -89.21 -9.63 -60.54
CA ALA T 160 -90.21 -10.07 -59.57
C ALA T 160 -91.38 -9.10 -59.50
N LYS T 161 -91.17 -7.82 -59.82
CA LYS T 161 -92.28 -6.89 -59.95
C LYS T 161 -93.17 -7.26 -61.13
N ILE T 162 -92.54 -7.66 -62.26
CA ILE T 162 -93.32 -8.13 -63.41
C ILE T 162 -94.09 -9.41 -63.08
N HIS T 163 -93.44 -10.34 -62.35
CA HIS T 163 -94.11 -11.57 -61.95
C HIS T 163 -95.26 -11.32 -60.98
N TYR T 164 -95.08 -10.38 -60.05
CA TYR T 164 -96.14 -10.07 -59.10
C TYR T 164 -97.28 -9.30 -59.77
N ARG T 165 -96.97 -8.54 -60.81
CA ARG T 165 -98.02 -7.92 -61.62
C ARG T 165 -98.85 -8.98 -62.35
N LYS T 166 -98.18 -10.00 -62.89
CA LYS T 166 -98.89 -11.12 -63.50
C LYS T 166 -99.72 -11.89 -62.48
N LYS T 167 -99.21 -12.03 -61.25
CA LYS T 167 -99.95 -12.71 -60.20
C LYS T 167 -101.18 -11.92 -59.75
N LYS T 168 -101.04 -10.59 -59.69
CA LYS T 168 -102.20 -9.72 -59.40
C LYS T 168 -103.24 -9.80 -60.50
N GLN T 169 -102.80 -9.90 -61.75
CA GLN T 169 -103.75 -10.04 -62.86
C GLN T 169 -104.48 -11.38 -62.80
N LEU T 170 -103.76 -12.45 -62.45
CA LEU T 170 -104.40 -13.76 -62.25
C LEU T 170 -105.37 -13.75 -61.07
N MET T 171 -105.04 -13.01 -60.02
CA MET T 171 -105.94 -12.94 -58.87
C MET T 171 -107.19 -12.15 -59.19
N ARG T 172 -107.06 -11.10 -60.01
CA ARG T 172 -108.24 -10.36 -60.49
C ARG T 172 -109.11 -11.24 -61.39
N LEU T 173 -108.48 -12.07 -62.24
CA LEU T 173 -109.24 -13.02 -63.06
C LEU T 173 -109.98 -14.04 -62.19
N ARG T 174 -109.33 -14.54 -61.13
CA ARG T 174 -109.97 -15.49 -60.22
C ARG T 174 -111.16 -14.86 -59.49
N LYS T 175 -111.00 -13.64 -58.98
CA LYS T 175 -112.08 -12.99 -58.26
C LYS T 175 -113.24 -12.63 -59.18
N GLN T 176 -112.94 -12.22 -60.41
CA GLN T 176 -114.03 -11.86 -61.33
C GLN T 176 -114.75 -13.10 -61.83
N ALA T 177 -114.01 -14.23 -61.95
CA ALA T 177 -114.66 -15.50 -62.28
C ALA T 177 -115.55 -15.98 -61.16
N GLU T 178 -115.10 -15.83 -59.90
CA GLU T 178 -115.96 -16.18 -58.76
C GLU T 178 -117.19 -15.28 -58.69
N LYS T 179 -117.03 -13.98 -58.98
CA LYS T 179 -118.16 -13.06 -58.97
C LYS T 179 -119.16 -13.40 -60.08
N ASN T 180 -118.68 -13.90 -61.22
CA ASN T 180 -119.59 -14.34 -62.27
C ASN T 180 -120.32 -15.62 -61.88
N VAL T 181 -119.60 -16.59 -61.29
CA VAL T 181 -120.09 -17.96 -61.26
C VAL T 181 -120.68 -18.34 -59.89
N GLU T 182 -120.64 -17.44 -58.90
CA GLU T 182 -121.11 -17.68 -57.52
C GLU T 182 -122.52 -18.26 -57.35
N LYS T 183 -123.41 -18.02 -58.32
CA LYS T 183 -124.77 -18.53 -58.24
C LYS T 183 -124.81 -20.06 -58.38
N LYS T 184 -124.11 -20.58 -59.40
CA LYS T 184 -124.13 -22.01 -59.66
C LYS T 184 -123.12 -22.79 -58.81
N ILE T 185 -122.28 -22.11 -58.04
CA ILE T 185 -121.34 -22.79 -57.15
C ILE T 185 -121.60 -22.36 -55.72
N SER T 186 -122.77 -21.76 -55.48
CA SER T 186 -123.17 -21.41 -54.12
C SER T 186 -123.41 -22.65 -53.25
N LYS T 187 -123.73 -23.78 -53.88
CA LYS T 187 -123.85 -25.03 -53.12
C LYS T 187 -122.49 -25.50 -52.62
N PHE T 188 -121.44 -25.27 -53.40
CA PHE T 188 -120.10 -25.59 -52.94
C PHE T 188 -119.53 -24.49 -52.05
N THR T 189 -120.09 -23.28 -52.16
CA THR T 189 -119.57 -22.16 -51.37
C THR T 189 -120.13 -22.20 -49.95
N ASP T 190 -121.40 -22.58 -49.80
CA ASP T 190 -122.05 -22.52 -48.50
C ASP T 190 -121.57 -23.63 -47.58
N VAL T 191 -121.11 -24.75 -48.14
CA VAL T 191 -120.67 -25.86 -47.30
C VAL T 191 -119.28 -25.61 -46.72
N LEU T 192 -118.50 -24.72 -47.34
CA LEU T 192 -117.24 -24.32 -46.74
C LEU T 192 -117.46 -23.20 -45.71
N LYS T 193 -118.55 -22.45 -45.84
CA LYS T 193 -118.86 -21.42 -44.86
C LYS T 193 -119.43 -22.02 -43.58
N THR T 194 -120.07 -23.19 -43.67
CA THR T 194 -120.54 -23.85 -42.45
C THR T 194 -119.42 -24.59 -41.75
N HIS T 195 -118.31 -24.82 -42.45
CA HIS T 195 -117.13 -25.45 -41.85
C HIS T 195 -116.04 -24.44 -41.51
N GLY T 196 -116.20 -23.17 -41.90
CA GLY T 196 -115.29 -22.14 -41.45
C GLY T 196 -114.06 -21.93 -42.31
N LEU T 197 -114.24 -21.73 -43.61
CA LEU T 197 -113.09 -21.53 -44.50
C LEU T 197 -113.16 -20.22 -45.26
N LEU T 198 -114.35 -19.75 -45.60
CA LEU T 198 -114.52 -18.51 -46.35
C LEU T 198 -115.29 -17.45 -45.58
N VAL T 199 -115.44 -17.58 -44.27
CA VAL T 199 -116.16 -16.60 -43.49
C VAL T 199 -115.17 -15.59 -42.91
N VAL U 1 -40.54 -77.64 -52.01
CA VAL U 1 -40.75 -77.56 -50.57
C VAL U 1 -42.02 -76.80 -50.25
N ARG U 2 -42.24 -76.54 -48.96
CA ARG U 2 -43.42 -75.82 -48.52
C ARG U 2 -43.28 -74.33 -48.79
N TYR U 3 -44.17 -73.79 -49.61
CA TYR U 3 -44.18 -72.37 -49.90
C TYR U 3 -45.28 -71.68 -49.11
N SER U 4 -45.45 -70.37 -49.37
CA SER U 4 -46.41 -69.59 -48.61
C SER U 4 -47.81 -69.74 -49.16
N LEU U 5 -48.02 -69.34 -50.41
CA LEU U 5 -49.34 -69.32 -51.03
C LEU U 5 -49.41 -70.41 -52.08
N ASP U 6 -50.40 -71.30 -51.96
CA ASP U 6 -50.64 -72.32 -52.96
C ASP U 6 -51.25 -71.70 -54.22
N PRO U 7 -50.88 -72.19 -55.40
CA PRO U 7 -51.54 -71.76 -56.63
C PRO U 7 -52.93 -72.36 -56.75
N GLU U 8 -53.75 -71.71 -57.59
CA GLU U 8 -55.11 -72.20 -57.82
C GLU U 8 -55.11 -73.48 -58.63
N ASN U 9 -54.16 -73.62 -59.55
CA ASN U 9 -54.02 -74.82 -60.38
C ASN U 9 -52.55 -75.18 -60.52
N PRO U 10 -52.10 -76.21 -59.79
CA PRO U 10 -50.67 -76.57 -59.82
C PRO U 10 -50.20 -77.19 -61.13
N THR U 11 -51.12 -77.74 -61.93
CA THR U 11 -50.73 -78.27 -63.24
C THR U 11 -50.40 -77.14 -64.20
N LYS U 12 -51.17 -76.04 -64.13
CA LYS U 12 -50.94 -74.92 -65.03
C LYS U 12 -49.79 -74.04 -64.55
N SER U 13 -49.38 -74.20 -63.29
CA SER U 13 -48.42 -73.30 -62.68
C SER U 13 -47.04 -73.95 -62.59
N CYS U 14 -46.04 -73.10 -62.32
CA CYS U 14 -44.69 -73.54 -62.01
C CYS U 14 -44.11 -72.62 -60.94
N LYS U 15 -43.07 -73.11 -60.26
CA LYS U 15 -42.56 -72.50 -59.05
C LYS U 15 -41.04 -72.37 -59.10
N SER U 16 -40.52 -71.39 -58.36
CA SER U 16 -39.07 -71.31 -58.15
C SER U 16 -38.79 -70.56 -56.85
N ARG U 17 -37.60 -70.80 -56.30
CA ARG U 17 -37.16 -70.18 -55.05
C ARG U 17 -35.63 -70.09 -55.06
N GLY U 18 -35.12 -68.98 -54.56
CA GLY U 18 -33.71 -68.84 -54.25
C GLY U 18 -33.50 -68.36 -52.82
N SER U 19 -32.74 -69.14 -52.04
CA SER U 19 -32.51 -68.85 -50.64
C SER U 19 -31.12 -68.27 -50.43
N ASN U 20 -31.02 -67.36 -49.45
CA ASN U 20 -29.76 -66.74 -49.00
C ASN U 20 -29.05 -66.02 -50.14
N LEU U 21 -29.69 -64.96 -50.65
CA LEU U 21 -29.17 -64.21 -51.77
C LEU U 21 -28.67 -62.85 -51.28
N ARG U 22 -27.42 -62.53 -51.59
CA ARG U 22 -26.74 -61.37 -50.98
C ARG U 22 -27.03 -60.12 -51.81
N VAL U 23 -28.27 -59.64 -51.69
CA VAL U 23 -28.65 -58.29 -52.10
C VAL U 23 -29.49 -57.70 -50.98
N HIS U 24 -29.76 -56.40 -51.08
CA HIS U 24 -30.47 -55.71 -50.00
C HIS U 24 -31.95 -56.03 -50.05
N PHE U 25 -32.54 -56.24 -48.86
CA PHE U 25 -33.95 -56.60 -48.74
C PHE U 25 -34.85 -55.48 -49.22
N LYS U 26 -34.52 -54.23 -48.88
CA LYS U 26 -35.39 -53.11 -49.20
C LYS U 26 -35.32 -52.78 -50.68
N ASN U 27 -34.18 -53.05 -51.31
CA ASN U 27 -34.08 -52.86 -52.76
C ASN U 27 -34.71 -54.02 -53.51
N THR U 28 -34.75 -55.21 -52.89
CA THR U 28 -35.30 -56.38 -53.58
C THR U 28 -36.82 -56.42 -53.49
N ARG U 29 -37.40 -56.01 -52.35
CA ARG U 29 -38.83 -56.09 -52.16
C ARG U 29 -39.59 -55.18 -53.12
N GLU U 30 -39.05 -54.00 -53.40
CA GLU U 30 -39.80 -53.04 -54.19
C GLU U 30 -39.73 -53.37 -55.67
N THR U 31 -38.60 -53.92 -56.13
CA THR U 31 -38.58 -54.39 -57.52
C THR U 31 -39.38 -55.68 -57.67
N ALA U 32 -39.53 -56.45 -56.59
CA ALA U 32 -40.47 -57.58 -56.64
C ALA U 32 -41.92 -57.10 -56.72
N GLN U 33 -42.25 -56.02 -56.01
CA GLN U 33 -43.60 -55.45 -56.11
C GLN U 33 -43.84 -54.81 -57.47
N ALA U 34 -42.78 -54.28 -58.09
CA ALA U 34 -42.91 -53.71 -59.43
C ALA U 34 -43.09 -54.81 -60.46
N ILE U 35 -42.44 -55.96 -60.26
CA ILE U 35 -42.55 -57.06 -61.21
C ILE U 35 -43.69 -58.02 -60.86
N LYS U 36 -44.45 -57.72 -59.80
CA LYS U 36 -45.41 -58.69 -59.24
C LYS U 36 -46.56 -59.01 -60.20
N GLY U 37 -47.01 -58.02 -60.98
CA GLY U 37 -48.19 -58.24 -61.80
C GLY U 37 -47.96 -58.27 -63.31
N MET U 38 -46.73 -58.55 -63.74
CA MET U 38 -46.42 -58.45 -65.16
C MET U 38 -46.48 -59.82 -65.84
N HIS U 39 -46.35 -59.78 -67.16
CA HIS U 39 -46.07 -60.96 -67.97
C HIS U 39 -44.57 -61.26 -67.87
N ILE U 40 -44.17 -62.46 -68.31
CA ILE U 40 -42.77 -62.87 -68.17
C ILE U 40 -41.87 -62.11 -69.15
N ARG U 41 -42.36 -61.87 -70.37
CA ARG U 41 -41.53 -61.18 -71.36
C ARG U 41 -41.44 -59.69 -71.07
N LYS U 42 -42.57 -59.08 -70.70
CA LYS U 42 -42.58 -57.70 -70.23
C LYS U 42 -41.78 -57.54 -68.94
N ALA U 43 -41.75 -58.59 -68.12
CA ALA U 43 -40.98 -58.56 -66.88
C ALA U 43 -39.48 -58.56 -67.15
N THR U 44 -39.01 -59.43 -68.07
CA THR U 44 -37.61 -59.45 -68.44
C THR U 44 -37.20 -58.16 -69.16
N LYS U 45 -38.09 -57.59 -69.98
CA LYS U 45 -37.80 -56.32 -70.62
C LYS U 45 -37.72 -55.18 -69.60
N TYR U 46 -38.58 -55.24 -68.58
CA TYR U 46 -38.54 -54.26 -67.51
C TYR U 46 -37.27 -54.37 -66.68
N LEU U 47 -36.80 -55.60 -66.44
CA LEU U 47 -35.54 -55.77 -65.72
C LEU U 47 -34.34 -55.32 -66.53
N LYS U 48 -34.36 -55.54 -67.85
CA LYS U 48 -33.29 -55.02 -68.70
C LYS U 48 -33.34 -53.49 -68.75
N ASP U 49 -34.53 -52.90 -68.68
CA ASP U 49 -34.63 -51.45 -68.60
C ASP U 49 -34.14 -50.90 -67.26
N VAL U 50 -34.35 -51.65 -66.17
CA VAL U 50 -33.80 -51.25 -64.87
C VAL U 50 -32.28 -51.34 -64.89
N THR U 51 -31.74 -52.39 -65.52
CA THR U 51 -30.29 -52.56 -65.62
C THR U 51 -29.66 -51.48 -66.49
N LEU U 52 -30.31 -51.12 -67.60
CA LEU U 52 -29.81 -50.10 -68.51
C LEU U 52 -30.31 -48.71 -68.16
N LYS U 53 -31.00 -48.56 -67.02
CA LYS U 53 -31.49 -47.27 -66.49
C LYS U 53 -32.46 -46.58 -67.47
N LYS U 54 -33.39 -47.37 -68.00
CA LYS U 54 -34.42 -46.85 -68.90
C LYS U 54 -35.78 -46.75 -68.24
N GLN U 55 -36.15 -47.71 -67.40
CA GLN U 55 -37.36 -47.66 -66.59
C GLN U 55 -36.96 -47.93 -65.14
N CYS U 56 -37.61 -47.25 -64.21
CA CYS U 56 -37.15 -47.27 -62.82
C CYS U 56 -38.02 -48.17 -61.95
N VAL U 57 -37.59 -48.32 -60.71
CA VAL U 57 -38.37 -48.98 -59.66
C VAL U 57 -38.79 -47.91 -58.64
N PRO U 58 -40.07 -47.56 -58.56
CA PRO U 58 -40.51 -46.52 -57.63
C PRO U 58 -40.57 -47.04 -56.20
N PHE U 59 -39.70 -46.53 -55.34
CA PHE U 59 -39.62 -46.98 -53.94
C PHE U 59 -40.81 -46.39 -53.19
N ARG U 60 -41.75 -47.25 -52.82
CA ARG U 60 -43.01 -46.82 -52.21
C ARG U 60 -42.97 -46.92 -50.69
N ARG U 61 -42.66 -48.09 -50.15
CA ARG U 61 -42.63 -48.28 -48.70
C ARG U 61 -41.30 -47.83 -48.12
N TYR U 62 -40.21 -48.46 -48.54
CA TYR U 62 -38.88 -48.13 -48.04
C TYR U 62 -38.31 -46.97 -48.86
N ASN U 63 -38.80 -45.77 -48.52
CA ASN U 63 -38.62 -44.59 -49.36
C ASN U 63 -37.89 -43.45 -48.66
N GLY U 64 -37.19 -43.74 -47.56
CA GLY U 64 -36.53 -42.69 -46.81
C GLY U 64 -35.24 -42.21 -47.45
N GLY U 65 -35.22 -40.94 -47.88
CA GLY U 65 -34.02 -40.36 -48.44
C GLY U 65 -33.73 -40.76 -49.87
N VAL U 66 -34.69 -41.31 -50.59
CA VAL U 66 -34.50 -41.74 -51.96
C VAL U 66 -34.76 -40.56 -52.88
N GLY U 67 -33.81 -40.30 -53.79
CA GLY U 67 -33.96 -39.19 -54.71
C GLY U 67 -35.03 -39.44 -55.76
N ARG U 68 -35.61 -38.34 -56.24
CA ARG U 68 -36.68 -38.44 -57.22
C ARG U 68 -36.13 -38.69 -58.61
N CYS U 69 -37.02 -39.02 -59.53
CA CYS U 69 -36.66 -39.18 -60.93
C CYS U 69 -37.91 -38.91 -61.77
N ALA U 70 -37.69 -38.74 -63.07
CA ALA U 70 -38.80 -38.48 -63.97
C ALA U 70 -39.54 -39.75 -64.35
N GLN U 71 -38.87 -40.91 -64.24
CA GLN U 71 -39.41 -42.14 -64.78
C GLN U 71 -40.51 -42.76 -63.91
N ALA U 72 -40.71 -42.25 -62.70
CA ALA U 72 -41.70 -42.85 -61.80
C ALA U 72 -43.11 -42.33 -62.05
N LYS U 73 -43.28 -41.37 -62.96
CA LYS U 73 -44.61 -40.88 -63.27
C LYS U 73 -45.44 -41.87 -64.09
N GLN U 74 -44.78 -42.88 -64.69
CA GLN U 74 -45.51 -43.98 -65.29
C GLN U 74 -46.26 -44.77 -64.23
N TRP U 75 -45.60 -45.05 -63.11
CA TRP U 75 -46.23 -45.77 -62.02
C TRP U 75 -47.14 -44.87 -61.20
N GLY U 76 -46.90 -43.56 -61.24
CA GLY U 76 -47.70 -42.64 -60.46
C GLY U 76 -47.10 -42.41 -59.09
N TRP U 77 -45.79 -42.19 -59.07
CA TRP U 77 -45.05 -42.00 -57.84
C TRP U 77 -43.98 -40.96 -58.11
N THR U 78 -43.39 -40.43 -57.05
CA THR U 78 -42.40 -39.37 -57.21
C THR U 78 -40.98 -39.92 -57.18
N GLN U 79 -40.67 -40.78 -56.23
CA GLN U 79 -39.32 -41.29 -56.07
C GLN U 79 -39.10 -42.53 -56.94
N GLY U 80 -37.83 -42.81 -57.21
CA GLY U 80 -37.45 -43.95 -58.01
C GLY U 80 -35.97 -44.21 -58.02
N ARG U 81 -35.59 -45.47 -58.23
CA ARG U 81 -34.19 -45.87 -58.20
C ARG U 81 -34.07 -47.13 -59.05
N TRP U 82 -32.84 -47.49 -59.42
CA TRP U 82 -32.58 -48.57 -60.38
C TRP U 82 -31.72 -49.67 -59.75
N PRO U 83 -32.32 -50.58 -58.95
CA PRO U 83 -31.51 -51.60 -58.27
C PRO U 83 -30.96 -52.67 -59.21
N LYS U 84 -29.65 -52.61 -59.45
CA LYS U 84 -29.03 -53.38 -60.52
C LYS U 84 -28.91 -54.86 -60.16
N LYS U 85 -28.24 -55.17 -59.05
CA LYS U 85 -28.07 -56.57 -58.65
C LYS U 85 -29.37 -57.18 -58.16
N SER U 86 -30.24 -56.35 -57.56
CA SER U 86 -31.56 -56.81 -57.16
C SER U 86 -32.42 -57.12 -58.37
N ALA U 87 -32.18 -56.44 -59.49
CA ALA U 87 -32.86 -56.80 -60.73
C ALA U 87 -32.24 -58.05 -61.34
N GLU U 88 -30.91 -58.18 -61.29
CA GLU U 88 -30.23 -59.27 -61.99
C GLU U 88 -30.45 -60.62 -61.32
N PHE U 89 -30.51 -60.66 -59.98
CA PHE U 89 -30.69 -61.95 -59.31
C PHE U 89 -32.09 -62.50 -59.54
N LEU U 90 -33.11 -61.66 -59.47
CA LEU U 90 -34.42 -62.18 -59.82
C LEU U 90 -34.63 -62.28 -61.33
N LEU U 91 -33.77 -61.68 -62.15
CA LEU U 91 -33.74 -62.02 -63.57
C LEU U 91 -33.24 -63.44 -63.79
N HIS U 92 -32.20 -63.83 -63.05
CA HIS U 92 -31.76 -65.22 -63.04
C HIS U 92 -32.86 -66.15 -62.50
N MET U 93 -33.65 -65.66 -61.54
CA MET U 93 -34.74 -66.48 -61.00
C MET U 93 -35.88 -66.63 -62.00
N LEU U 94 -36.17 -65.58 -62.78
CA LEU U 94 -37.13 -65.72 -63.88
C LEU U 94 -36.61 -66.66 -64.96
N LYS U 95 -35.30 -66.65 -65.21
CA LYS U 95 -34.71 -67.62 -66.15
C LYS U 95 -34.85 -69.04 -65.62
N ASN U 96 -34.65 -69.24 -64.32
CA ASN U 96 -34.83 -70.55 -63.71
C ASN U 96 -36.29 -70.99 -63.74
N ALA U 97 -37.22 -70.06 -63.52
CA ALA U 97 -38.64 -70.40 -63.56
C ALA U 97 -39.11 -70.69 -64.97
N GLU U 98 -38.56 -70.00 -65.98
CA GLU U 98 -38.87 -70.32 -67.37
C GLU U 98 -38.29 -71.69 -67.75
N SER U 99 -37.12 -72.03 -67.22
CA SER U 99 -36.57 -73.37 -67.41
C SER U 99 -37.44 -74.43 -66.74
N ASN U 100 -37.99 -74.12 -65.57
CA ASN U 100 -38.86 -75.08 -64.88
C ASN U 100 -40.17 -75.27 -65.62
N ALA U 101 -40.69 -74.19 -66.21
CA ALA U 101 -41.89 -74.31 -67.04
C ALA U 101 -41.61 -75.10 -68.31
N GLU U 102 -40.41 -74.94 -68.88
CA GLU U 102 -40.03 -75.74 -70.05
C GLU U 102 -39.86 -77.21 -69.69
N LEU U 103 -39.36 -77.49 -68.48
CA LEU U 103 -39.22 -78.87 -68.02
C LEU U 103 -40.59 -79.49 -67.75
N LYS U 104 -41.50 -78.73 -67.13
CA LYS U 104 -42.82 -79.26 -66.80
C LYS U 104 -43.68 -79.40 -68.05
N GLY U 105 -43.41 -78.61 -69.08
CA GLY U 105 -44.16 -78.68 -70.31
C GLY U 105 -45.26 -77.63 -70.38
N LEU U 106 -44.90 -76.39 -70.06
CA LEU U 106 -45.85 -75.29 -70.05
C LEU U 106 -45.54 -74.34 -71.20
N ASP U 107 -46.55 -73.58 -71.60
CA ASP U 107 -46.39 -72.58 -72.66
C ASP U 107 -45.61 -71.39 -72.11
N VAL U 108 -44.56 -71.00 -72.83
CA VAL U 108 -43.59 -70.04 -72.29
C VAL U 108 -44.14 -68.62 -72.34
N ASP U 109 -44.64 -68.19 -73.50
CA ASP U 109 -45.04 -66.80 -73.70
C ASP U 109 -46.46 -66.49 -73.24
N SER U 110 -47.03 -67.29 -72.33
CA SER U 110 -48.29 -66.99 -71.69
C SER U 110 -48.20 -67.01 -70.17
N LEU U 111 -46.99 -66.94 -69.60
CA LEU U 111 -46.81 -67.04 -68.17
C LEU U 111 -46.93 -65.67 -67.52
N VAL U 112 -47.79 -65.56 -66.51
CA VAL U 112 -47.93 -64.36 -65.70
C VAL U 112 -47.53 -64.73 -64.28
N ILE U 113 -46.66 -63.94 -63.67
CA ILE U 113 -46.28 -64.14 -62.28
C ILE U 113 -47.45 -63.79 -61.37
N GLU U 114 -47.89 -64.75 -60.57
CA GLU U 114 -49.05 -64.52 -59.72
C GLU U 114 -48.64 -64.27 -58.27
N HIS U 115 -47.51 -64.81 -57.86
CA HIS U 115 -47.03 -64.65 -56.50
C HIS U 115 -45.52 -64.43 -56.51
N ILE U 116 -45.07 -63.44 -55.73
CA ILE U 116 -43.66 -63.24 -55.47
C ILE U 116 -43.51 -62.78 -54.02
N GLN U 117 -42.46 -63.24 -53.37
CA GLN U 117 -42.26 -62.95 -51.95
C GLN U 117 -40.77 -62.82 -51.67
N VAL U 118 -40.41 -61.77 -50.94
CA VAL U 118 -39.05 -61.50 -50.52
C VAL U 118 -39.04 -61.43 -49.00
N ASN U 119 -38.19 -62.24 -48.37
CA ASN U 119 -38.12 -62.35 -46.91
C ASN U 119 -36.69 -62.09 -46.45
N LYS U 120 -36.54 -61.78 -45.17
CA LYS U 120 -35.22 -61.55 -44.60
C LYS U 120 -34.54 -62.89 -44.31
N ALA U 121 -33.26 -62.98 -44.63
CA ALA U 121 -32.45 -64.18 -44.41
C ALA U 121 -31.67 -64.01 -43.10
N PRO U 122 -30.98 -65.06 -42.62
CA PRO U 122 -30.04 -64.84 -41.51
C PRO U 122 -28.91 -63.91 -41.90
N LYS U 123 -28.68 -62.90 -41.07
CA LYS U 123 -27.79 -61.80 -41.42
C LYS U 123 -26.33 -62.17 -41.18
N MET U 124 -25.48 -61.87 -42.16
CA MET U 124 -24.05 -61.99 -41.99
C MET U 124 -23.52 -60.80 -41.21
N ARG U 125 -22.52 -61.05 -40.36
CA ARG U 125 -22.08 -60.05 -39.41
C ARG U 125 -20.62 -59.70 -39.65
N ARG U 126 -20.37 -58.48 -40.11
CA ARG U 126 -19.04 -57.90 -40.17
C ARG U 126 -18.98 -56.75 -39.15
N ARG U 127 -17.87 -56.04 -39.13
CA ARG U 127 -17.72 -54.92 -38.21
C ARG U 127 -17.04 -53.72 -38.80
N THR U 128 -17.35 -52.56 -38.27
CA THR U 128 -16.77 -51.30 -38.69
C THR U 128 -16.17 -50.61 -37.48
N TYR U 129 -15.15 -49.78 -37.72
CA TYR U 129 -14.38 -49.15 -36.66
C TYR U 129 -14.69 -47.66 -36.62
N ARG U 130 -15.07 -47.17 -35.44
CA ARG U 130 -15.55 -45.81 -35.30
C ARG U 130 -14.64 -45.04 -34.35
N ALA U 131 -15.07 -43.84 -33.99
CA ALA U 131 -14.24 -42.95 -33.18
C ALA U 131 -14.13 -43.46 -31.74
N HIS U 132 -13.04 -43.05 -31.08
CA HIS U 132 -12.80 -43.26 -29.64
C HIS U 132 -12.70 -44.75 -29.29
N GLY U 133 -12.21 -45.55 -30.23
CA GLY U 133 -11.95 -46.96 -29.99
C GLY U 133 -13.20 -47.80 -29.83
N ARG U 134 -14.15 -47.66 -30.75
CA ARG U 134 -15.40 -48.38 -30.69
C ARG U 134 -15.61 -49.17 -31.97
N ILE U 135 -16.35 -50.27 -31.86
CA ILE U 135 -16.62 -51.19 -32.95
C ILE U 135 -18.13 -51.33 -33.08
N ASN U 136 -18.67 -50.98 -34.25
CA ASN U 136 -20.09 -51.15 -34.50
C ASN U 136 -20.32 -52.27 -35.51
N PRO U 137 -21.51 -52.88 -35.53
CA PRO U 137 -21.77 -53.92 -36.52
C PRO U 137 -21.96 -53.37 -37.92
N TYR U 138 -21.71 -54.24 -38.90
CA TYR U 138 -21.75 -53.91 -40.32
C TYR U 138 -22.53 -55.02 -41.03
N MET U 139 -23.70 -55.32 -40.47
CA MET U 139 -24.44 -56.53 -40.82
C MET U 139 -25.10 -56.41 -42.19
N SER U 140 -25.02 -57.50 -42.96
CA SER U 140 -25.72 -57.59 -44.22
C SER U 140 -27.20 -57.83 -43.98
N SER U 141 -28.00 -57.68 -45.05
CA SER U 141 -29.42 -58.03 -45.03
C SER U 141 -29.77 -58.82 -46.27
N PRO U 142 -29.43 -60.11 -46.32
CA PRO U 142 -29.78 -60.92 -47.49
C PRO U 142 -31.24 -61.34 -47.47
N CYS U 143 -31.69 -61.92 -48.59
CA CYS U 143 -33.11 -62.16 -48.76
C CYS U 143 -33.36 -63.55 -49.33
N HIS U 144 -34.49 -64.14 -48.92
CA HIS U 144 -35.04 -65.32 -49.56
C HIS U 144 -36.13 -64.89 -50.52
N ILE U 145 -36.03 -65.28 -51.79
CA ILE U 145 -37.01 -64.88 -52.80
C ILE U 145 -37.70 -66.14 -53.30
N GLU U 146 -39.02 -66.07 -53.51
CA GLU U 146 -39.72 -67.19 -54.13
C GLU U 146 -40.90 -66.67 -54.94
N MET U 147 -41.15 -67.33 -56.06
CA MET U 147 -42.15 -66.85 -57.01
C MET U 147 -42.84 -68.01 -57.71
N ILE U 148 -44.03 -67.73 -58.24
CA ILE U 148 -44.89 -68.70 -58.91
C ILE U 148 -45.41 -68.06 -60.19
N LEU U 149 -45.19 -68.74 -61.32
CA LEU U 149 -45.75 -68.36 -62.61
C LEU U 149 -46.97 -69.24 -62.90
N THR U 150 -47.92 -68.67 -63.66
CA THR U 150 -49.15 -69.36 -64.00
C THR U 150 -49.56 -68.96 -65.42
N GLU U 151 -49.98 -69.93 -66.23
CA GLU U 151 -50.48 -69.63 -67.56
C GLU U 151 -51.83 -68.94 -67.48
N LYS U 152 -51.93 -67.75 -68.08
CA LYS U 152 -53.19 -67.06 -68.27
C LYS U 152 -53.22 -66.48 -69.68
N GLU U 153 -54.19 -66.93 -70.48
CA GLU U 153 -54.31 -66.47 -71.86
C GLU U 153 -54.87 -65.05 -71.92
N GLY V 1 -75.52 -41.79 2.23
CA GLY V 1 -74.69 -41.40 3.35
C GLY V 1 -75.18 -41.96 4.67
N VAL V 2 -74.51 -43.01 5.15
CA VAL V 2 -74.88 -43.71 6.37
C VAL V 2 -73.74 -43.57 7.36
N ASP V 3 -74.01 -42.93 8.50
CA ASP V 3 -72.98 -42.71 9.52
C ASP V 3 -73.10 -43.75 10.65
N ILE V 4 -72.71 -44.97 10.31
CA ILE V 4 -72.38 -45.99 11.29
C ILE V 4 -70.97 -46.46 11.00
N ARG V 5 -70.09 -46.34 12.00
CA ARG V 5 -68.74 -46.84 11.86
C ARG V 5 -68.76 -48.37 11.82
N HIS V 6 -68.09 -48.93 10.82
CA HIS V 6 -68.03 -50.37 10.63
C HIS V 6 -66.85 -51.01 11.37
N ASN V 7 -66.35 -50.33 12.40
CA ASN V 7 -65.24 -50.87 13.18
C ASN V 7 -65.68 -52.05 14.02
N LYS V 8 -66.81 -51.92 14.71
CA LYS V 8 -67.32 -52.94 15.62
C LYS V 8 -68.64 -53.51 15.14
N ASP V 9 -68.80 -53.68 13.82
CA ASP V 9 -70.01 -54.30 13.30
C ASP V 9 -69.91 -55.82 13.31
N ARG V 10 -68.72 -56.35 13.08
CA ARG V 10 -68.49 -57.79 13.14
C ARG V 10 -68.07 -58.18 14.54
N LYS V 11 -68.81 -59.13 15.14
CA LYS V 11 -68.45 -59.69 16.43
C LYS V 11 -67.44 -60.81 16.20
N VAL V 12 -66.25 -60.67 16.79
CA VAL V 12 -65.15 -61.58 16.49
C VAL V 12 -65.19 -62.86 17.29
N ARG V 13 -66.27 -63.13 18.03
CA ARG V 13 -66.43 -64.37 18.79
C ARG V 13 -66.56 -65.58 17.87
N ARG V 14 -66.33 -66.77 18.41
CA ARG V 14 -66.27 -67.97 17.59
C ARG V 14 -67.66 -68.48 17.23
N LYS V 15 -67.75 -69.07 16.04
CA LYS V 15 -68.93 -69.79 15.58
C LYS V 15 -68.68 -71.29 15.55
N GLU V 16 -67.49 -71.69 15.14
CA GLU V 16 -67.05 -73.08 15.05
C GLU V 16 -65.67 -73.19 15.69
N PRO V 17 -65.30 -74.36 16.20
CA PRO V 17 -63.97 -74.50 16.80
C PRO V 17 -62.88 -74.58 15.74
N LYS V 18 -61.68 -74.14 16.13
CA LYS V 18 -60.53 -74.21 15.24
C LYS V 18 -59.93 -75.60 15.19
N SER V 19 -60.32 -76.48 16.09
CA SER V 19 -59.77 -77.83 16.12
C SER V 19 -60.37 -78.69 15.01
N GLN V 20 -59.56 -79.61 14.50
CA GLN V 20 -60.01 -80.53 13.46
C GLN V 20 -60.28 -81.94 14.01
N ASP V 21 -60.41 -82.08 15.32
CA ASP V 21 -60.71 -83.39 15.89
C ASP V 21 -62.19 -83.70 15.77
N ILE V 22 -62.50 -84.98 15.65
CA ILE V 22 -63.85 -85.36 15.24
C ILE V 22 -64.77 -85.61 16.44
N TYR V 23 -64.23 -86.04 17.58
CA TYR V 23 -65.06 -86.26 18.77
C TYR V 23 -65.61 -84.96 19.32
N LEU V 24 -64.77 -83.92 19.36
CA LEU V 24 -65.21 -82.60 19.80
C LEU V 24 -66.25 -82.02 18.84
N ARG V 25 -66.09 -82.28 17.54
CA ARG V 25 -67.08 -81.80 16.57
C ARG V 25 -68.39 -82.57 16.67
N LEU V 26 -68.35 -83.85 17.07
CA LEU V 26 -69.59 -84.58 17.30
C LEU V 26 -70.32 -84.07 18.53
N LEU V 27 -69.57 -83.75 19.59
CA LEU V 27 -70.18 -83.13 20.77
C LEU V 27 -70.75 -81.76 20.45
N VAL V 28 -70.08 -81.01 19.55
CA VAL V 28 -70.61 -79.74 19.07
C VAL V 28 -71.89 -79.96 18.26
N LYS V 29 -71.92 -81.00 17.42
CA LYS V 29 -73.12 -81.29 16.62
C LYS V 29 -74.31 -81.68 17.51
N LEU V 30 -74.04 -82.30 18.65
CA LEU V 30 -75.13 -82.65 19.56
C LEU V 30 -75.59 -81.43 20.35
N TYR V 31 -74.65 -80.61 20.82
CA TYR V 31 -75.05 -79.47 21.64
C TYR V 31 -75.56 -78.28 20.83
N ARG V 32 -75.27 -78.22 19.52
CA ARG V 32 -75.98 -77.26 18.65
C ARG V 32 -77.46 -77.56 18.60
N PHE V 33 -77.82 -78.85 18.58
CA PHE V 33 -79.24 -79.21 18.60
C PHE V 33 -79.85 -78.95 19.97
N LEU V 34 -79.12 -79.30 21.04
CA LEU V 34 -79.69 -79.09 22.37
C LEU V 34 -79.78 -77.61 22.74
N ALA V 35 -78.89 -76.76 22.25
CA ALA V 35 -78.92 -75.35 22.60
C ALA V 35 -80.06 -74.63 21.92
N ARG V 36 -80.46 -75.09 20.73
CA ARG V 36 -81.55 -74.42 20.02
C ARG V 36 -82.89 -75.10 20.26
N ARG V 37 -82.89 -76.32 20.81
CA ARG V 37 -84.16 -76.98 21.07
C ARG V 37 -84.53 -77.02 22.56
N THR V 38 -83.58 -76.80 23.46
CA THR V 38 -83.88 -76.68 24.87
C THR V 38 -83.92 -75.20 25.25
N ASN V 39 -84.82 -74.87 26.17
CA ASN V 39 -84.93 -73.49 26.66
C ASN V 39 -83.89 -73.17 27.72
N SER V 40 -83.14 -74.16 28.18
CA SER V 40 -82.15 -73.94 29.22
C SER V 40 -80.93 -73.22 28.67
N THR V 41 -80.33 -72.37 29.51
CA THR V 41 -79.13 -71.64 29.13
C THR V 41 -77.87 -72.46 29.38
N PHE V 42 -78.00 -73.56 30.13
CA PHE V 42 -76.88 -74.46 30.42
C PHE V 42 -76.29 -75.05 29.14
N ASN V 43 -77.15 -75.48 28.22
CA ASN V 43 -76.68 -76.06 26.97
C ASN V 43 -75.99 -75.01 26.10
N GLN V 44 -76.45 -73.76 26.16
CA GLN V 44 -75.80 -72.68 25.43
C GLN V 44 -74.43 -72.36 26.02
N VAL V 45 -74.31 -72.38 27.35
CA VAL V 45 -73.02 -72.12 28.00
C VAL V 45 -72.02 -73.24 27.71
N VAL V 46 -72.48 -74.50 27.73
CA VAL V 46 -71.59 -75.62 27.44
C VAL V 46 -71.18 -75.63 25.96
N LEU V 47 -72.12 -75.29 25.07
CA LEU V 47 -71.80 -75.18 23.65
C LEU V 47 -70.80 -74.06 23.39
N LYS V 48 -70.98 -72.91 24.06
CA LYS V 48 -70.04 -71.81 23.96
C LYS V 48 -68.66 -72.20 24.45
N ARG V 49 -68.59 -72.91 25.58
CA ARG V 49 -67.29 -73.27 26.12
C ARG V 49 -66.64 -74.44 25.39
N LEU V 50 -67.41 -75.18 24.57
CA LEU V 50 -66.78 -76.15 23.69
C LEU V 50 -66.03 -75.47 22.55
N PHE V 51 -66.44 -74.27 22.14
CA PHE V 51 -65.75 -73.61 21.03
C PHE V 51 -64.39 -73.05 21.45
N MET V 52 -64.18 -72.80 22.74
CA MET V 52 -63.03 -72.02 23.19
C MET V 52 -61.72 -72.81 23.05
N SER V 53 -60.62 -72.08 23.19
CA SER V 53 -59.29 -72.62 23.00
C SER V 53 -58.81 -73.32 24.26
N ARG V 54 -57.58 -73.85 24.19
CA ARG V 54 -56.99 -74.58 25.31
C ARG V 54 -56.69 -73.65 26.48
N THR V 55 -56.27 -72.41 26.17
CA THR V 55 -55.98 -71.45 27.24
C THR V 55 -57.24 -70.90 27.86
N ASN V 56 -58.37 -70.99 27.15
CA ASN V 56 -59.63 -70.49 27.69
C ASN V 56 -60.38 -71.55 28.48
N ARG V 57 -60.04 -72.84 28.35
CA ARG V 57 -60.51 -73.89 29.24
C ARG V 57 -59.31 -74.43 30.02
N PRO V 58 -59.00 -73.82 31.16
CA PRO V 58 -57.83 -74.24 31.93
C PRO V 58 -58.13 -75.52 32.68
N PRO V 59 -57.10 -76.28 33.08
CA PRO V 59 -57.35 -77.52 33.84
C PRO V 59 -57.83 -77.23 35.25
N LEU V 60 -58.77 -78.05 35.72
CA LEU V 60 -59.34 -77.92 37.04
C LEU V 60 -58.78 -79.02 37.94
N SER V 61 -58.39 -78.64 39.15
CA SER V 61 -57.73 -79.61 40.03
C SER V 61 -58.75 -80.32 40.92
N LEU V 62 -58.32 -81.50 41.39
CA LEU V 62 -59.24 -82.40 42.10
C LEU V 62 -59.60 -81.84 43.47
N SER V 63 -58.64 -81.24 44.18
CA SER V 63 -58.94 -80.68 45.49
C SER V 63 -59.81 -79.44 45.39
N ARG V 64 -59.66 -78.67 44.30
CA ARG V 64 -60.53 -77.52 44.09
C ARG V 64 -61.93 -77.97 43.68
N MET V 65 -62.05 -79.14 43.06
CA MET V 65 -63.37 -79.73 42.85
C MET V 65 -63.98 -80.19 44.16
N ILE V 66 -63.16 -80.78 45.05
CA ILE V 66 -63.62 -81.23 46.36
C ILE V 66 -64.11 -80.05 47.19
N ARG V 67 -63.41 -78.91 47.12
CA ARG V 67 -63.83 -77.71 47.85
C ARG V 67 -65.16 -77.17 47.33
N LYS V 68 -65.33 -77.06 46.01
CA LYS V 68 -66.57 -76.53 45.46
C LYS V 68 -67.73 -77.49 45.65
N MET V 69 -67.45 -78.79 45.86
CA MET V 69 -68.53 -79.69 46.24
C MET V 69 -68.83 -79.67 47.74
N LYS V 70 -67.82 -79.39 48.57
CA LYS V 70 -68.07 -79.21 50.00
C LYS V 70 -68.76 -77.90 50.32
N LEU V 71 -68.79 -76.95 49.38
CA LEU V 71 -69.74 -75.85 49.44
C LEU V 71 -71.17 -76.38 49.57
N PRO V 72 -71.97 -75.80 50.47
CA PRO V 72 -73.23 -76.43 50.86
C PRO V 72 -74.35 -76.22 49.86
N GLY V 73 -75.39 -77.03 50.00
CA GLY V 73 -76.57 -76.92 49.16
C GLY V 73 -76.57 -77.88 47.98
N ARG V 74 -75.40 -78.05 47.38
CA ARG V 74 -75.27 -78.86 46.17
C ARG V 74 -74.89 -80.31 46.47
N GLU V 75 -75.64 -80.94 47.36
CA GLU V 75 -75.47 -82.35 47.68
C GLU V 75 -76.23 -83.18 46.68
N ASN V 76 -75.63 -84.32 46.28
CA ASN V 76 -76.13 -85.22 45.22
C ASN V 76 -76.33 -84.46 43.91
N LYS V 77 -75.31 -83.69 43.54
CA LYS V 77 -75.36 -82.80 42.39
C LYS V 77 -74.16 -83.17 41.53
N THR V 78 -74.32 -83.26 40.21
CA THR V 78 -73.18 -83.62 39.40
C THR V 78 -72.34 -82.38 39.07
N ALA V 79 -71.07 -82.61 38.76
CA ALA V 79 -70.15 -81.53 38.42
C ALA V 79 -69.85 -81.57 36.93
N VAL V 80 -69.94 -80.42 36.27
CA VAL V 80 -69.74 -80.31 34.83
C VAL V 80 -68.56 -79.38 34.61
N VAL V 81 -67.45 -79.94 34.13
CA VAL V 81 -66.24 -79.19 33.80
C VAL V 81 -66.03 -79.32 32.29
N VAL V 82 -65.91 -78.20 31.60
CA VAL V 82 -65.69 -78.26 30.16
C VAL V 82 -64.23 -78.64 29.86
N GLY V 83 -63.29 -78.15 30.66
CA GLY V 83 -61.89 -78.49 30.46
C GLY V 83 -61.51 -79.86 30.98
N THR V 84 -60.30 -79.98 31.53
CA THR V 84 -59.79 -81.24 32.03
C THR V 84 -59.78 -81.24 33.55
N VAL V 85 -60.14 -82.38 34.14
CA VAL V 85 -60.14 -82.56 35.59
C VAL V 85 -58.84 -83.30 35.92
N THR V 86 -57.87 -82.56 36.44
CA THR V 86 -56.58 -83.14 36.77
C THR V 86 -56.52 -83.49 38.25
N ASP V 87 -55.65 -84.45 38.58
CA ASP V 87 -55.48 -84.89 39.95
C ASP V 87 -54.62 -83.90 40.74
N ASP V 88 -55.06 -83.61 41.96
CA ASP V 88 -54.29 -82.82 42.90
C ASP V 88 -53.78 -83.75 43.99
N VAL V 89 -52.46 -83.88 44.10
CA VAL V 89 -51.88 -84.92 44.93
C VAL V 89 -51.87 -84.52 46.41
N ARG V 90 -52.06 -83.24 46.72
CA ARG V 90 -51.97 -82.78 48.11
C ARG V 90 -53.34 -82.76 48.79
N VAL V 91 -54.05 -83.89 48.66
CA VAL V 91 -55.31 -84.09 49.34
C VAL V 91 -55.37 -85.55 49.80
N GLN V 92 -55.99 -85.79 50.96
CA GLN V 92 -56.05 -87.14 51.52
C GLN V 92 -57.45 -87.74 51.39
N GLU V 93 -58.46 -87.04 51.91
CA GLU V 93 -59.83 -87.54 51.85
C GLU V 93 -60.49 -87.11 50.55
N VAL V 94 -61.36 -87.97 50.03
CA VAL V 94 -62.09 -87.68 48.80
C VAL V 94 -63.44 -88.40 48.80
N PRO V 95 -64.55 -87.67 48.78
CA PRO V 95 -65.86 -88.32 48.68
C PRO V 95 -66.13 -88.81 47.26
N LYS V 96 -67.26 -89.51 47.11
CA LYS V 96 -67.69 -89.95 45.79
C LYS V 96 -68.39 -88.81 45.07
N LEU V 97 -68.06 -88.63 43.79
CA LEU V 97 -68.57 -87.52 43.00
C LEU V 97 -69.06 -88.04 41.65
N LYS V 98 -69.82 -87.18 40.96
CA LYS V 98 -70.39 -87.49 39.65
C LYS V 98 -69.81 -86.46 38.68
N VAL V 99 -68.67 -86.81 38.07
CA VAL V 99 -67.85 -85.86 37.33
C VAL V 99 -68.12 -86.02 35.83
N CYS V 100 -68.31 -84.88 35.16
CA CYS V 100 -68.51 -84.85 33.72
C CYS V 100 -67.47 -83.93 33.10
N ALA V 101 -66.61 -84.48 32.25
CA ALA V 101 -65.56 -83.69 31.62
C ALA V 101 -65.21 -84.29 30.27
N LEU V 102 -64.39 -83.57 29.51
CA LEU V 102 -63.86 -84.11 28.26
C LEU V 102 -62.83 -85.19 28.55
N ARG V 103 -61.77 -84.85 29.29
CA ARG V 103 -60.70 -85.77 29.59
C ARG V 103 -60.28 -85.61 31.04
N VAL V 104 -60.21 -86.74 31.74
CA VAL V 104 -59.77 -86.79 33.13
C VAL V 104 -58.50 -87.62 33.17
N THR V 105 -57.49 -87.13 33.90
CA THR V 105 -56.20 -87.79 33.99
C THR V 105 -56.32 -89.13 34.73
N SER V 106 -55.29 -89.97 34.55
CA SER V 106 -55.37 -91.35 35.02
C SER V 106 -55.33 -91.44 36.55
N ARG V 107 -54.52 -90.59 37.18
CA ARG V 107 -54.46 -90.55 38.65
C ARG V 107 -55.79 -90.06 39.22
N ALA V 108 -56.40 -89.08 38.57
CA ALA V 108 -57.69 -88.57 39.05
C ALA V 108 -58.80 -89.60 38.84
N ARG V 109 -58.76 -90.33 37.73
CA ARG V 109 -59.75 -91.39 37.51
C ARG V 109 -59.58 -92.53 38.52
N SER V 110 -58.33 -92.89 38.82
CA SER V 110 -58.07 -93.92 39.83
C SER V 110 -58.54 -93.46 41.20
N ARG V 111 -58.34 -92.18 41.54
CA ARG V 111 -58.75 -91.66 42.84
C ARG V 111 -60.28 -91.61 42.95
N ILE V 112 -60.97 -91.19 41.88
CA ILE V 112 -62.43 -91.11 41.91
C ILE V 112 -63.05 -92.51 41.96
N LEU V 113 -62.52 -93.45 41.16
CA LEU V 113 -63.07 -94.79 41.17
C LEU V 113 -62.69 -95.56 42.42
N LYS V 114 -61.62 -95.15 43.11
CA LYS V 114 -61.32 -95.76 44.41
C LYS V 114 -62.22 -95.17 45.50
N ALA V 115 -62.56 -93.88 45.39
CA ALA V 115 -63.51 -93.28 46.32
C ALA V 115 -64.93 -93.80 46.09
N GLY V 116 -65.21 -94.27 44.88
CA GLY V 116 -66.50 -94.88 44.59
C GLY V 116 -67.47 -93.95 43.90
N GLY V 117 -66.96 -93.09 43.03
CA GLY V 117 -67.80 -92.12 42.35
C GLY V 117 -68.20 -92.55 40.95
N LYS V 118 -68.38 -91.57 40.07
CA LYS V 118 -68.81 -91.85 38.70
C LYS V 118 -68.23 -90.77 37.79
N ILE V 119 -67.70 -91.19 36.65
CA ILE V 119 -67.08 -90.29 35.68
C ILE V 119 -67.85 -90.45 34.38
N LEU V 120 -68.56 -89.40 33.97
CA LEU V 120 -69.37 -89.43 32.76
C LEU V 120 -68.76 -88.54 31.69
N THR V 121 -69.18 -88.78 30.45
CA THR V 121 -68.83 -87.94 29.33
C THR V 121 -69.98 -86.99 29.02
N PHE V 122 -69.80 -86.16 27.99
CA PHE V 122 -70.80 -85.14 27.68
C PHE V 122 -72.04 -85.74 27.00
N ASP V 123 -71.86 -86.79 26.20
CA ASP V 123 -73.04 -87.44 25.60
C ASP V 123 -73.84 -88.20 26.66
N GLN V 124 -73.15 -88.81 27.63
CA GLN V 124 -73.84 -89.44 28.75
C GLN V 124 -74.50 -88.40 29.65
N LEU V 125 -73.88 -87.22 29.78
CA LEU V 125 -74.50 -86.14 30.53
C LEU V 125 -75.75 -85.61 29.82
N ALA V 126 -75.73 -85.60 28.48
CA ALA V 126 -76.91 -85.18 27.73
C ALA V 126 -78.01 -86.24 27.80
N LEU V 127 -77.63 -87.51 27.90
CA LEU V 127 -78.62 -88.57 28.10
C LEU V 127 -79.22 -88.51 29.50
N ASP V 128 -78.41 -88.18 30.50
CA ASP V 128 -78.90 -88.12 31.87
C ASP V 128 -79.77 -86.88 32.09
N SER V 129 -79.23 -85.70 31.77
CA SER V 129 -79.96 -84.44 31.92
C SER V 129 -79.90 -83.70 30.59
N PRO V 130 -80.97 -83.71 29.81
CA PRO V 130 -80.95 -82.99 28.52
C PRO V 130 -80.86 -81.48 28.66
N LYS V 131 -81.70 -80.88 29.50
CA LYS V 131 -81.61 -79.45 29.75
C LYS V 131 -80.46 -79.14 30.71
N GLY V 132 -80.01 -80.11 31.49
CA GLY V 132 -78.90 -79.93 32.39
C GLY V 132 -79.31 -79.61 33.81
N ARG V 133 -80.30 -80.36 34.33
CA ARG V 133 -80.80 -80.15 35.67
C ARG V 133 -80.02 -81.01 36.67
N GLY V 134 -79.71 -80.44 37.82
CA GLY V 134 -78.95 -81.14 38.83
C GLY V 134 -77.45 -81.06 38.60
N THR V 135 -77.02 -80.02 37.89
CA THR V 135 -75.63 -79.84 37.51
C THR V 135 -75.06 -78.60 38.20
N VAL V 136 -73.75 -78.62 38.41
CA VAL V 136 -72.98 -77.46 38.84
C VAL V 136 -71.85 -77.30 37.83
N LEU V 137 -71.88 -76.20 37.06
CA LEU V 137 -70.87 -75.95 36.04
C LEU V 137 -69.69 -75.23 36.68
N LEU V 138 -68.51 -75.84 36.59
CA LEU V 138 -67.29 -75.32 37.19
C LEU V 138 -66.29 -74.96 36.10
N SER V 139 -65.22 -74.28 36.51
CA SER V 139 -64.17 -73.88 35.58
C SER V 139 -62.87 -73.70 36.36
N GLY V 140 -61.75 -73.90 35.66
CA GLY V 140 -60.45 -73.78 36.28
C GLY V 140 -60.01 -72.34 36.38
N PRO V 141 -58.81 -72.15 36.94
CA PRO V 141 -58.26 -70.79 37.07
C PRO V 141 -57.84 -70.18 35.73
N ARG V 142 -58.55 -69.12 35.32
CA ARG V 142 -58.28 -68.51 34.03
C ARG V 142 -56.99 -67.70 34.06
N LYS V 143 -56.82 -66.84 35.08
CA LYS V 143 -55.61 -66.05 35.22
C LYS V 143 -54.48 -66.80 35.91
N GLY V 144 -54.60 -68.12 36.09
CA GLY V 144 -53.61 -68.89 36.80
C GLY V 144 -52.34 -69.18 36.02
N ARG V 145 -52.31 -68.87 34.73
CA ARG V 145 -51.13 -69.15 33.95
C ARG V 145 -50.03 -68.14 34.25
N GLU V 146 -48.79 -68.52 33.93
CA GLU V 146 -47.63 -67.66 34.14
C GLU V 146 -47.62 -66.49 33.14
N VAL V 147 -48.37 -66.62 32.04
CA VAL V 147 -48.41 -65.61 30.99
C VAL V 147 -49.08 -64.33 31.50
N TYR V 148 -50.08 -64.47 32.37
CA TYR V 148 -50.79 -63.31 32.88
C TYR V 148 -50.00 -62.55 33.95
N ARG V 149 -48.89 -63.12 34.43
CA ARG V 149 -48.05 -62.38 35.37
C ARG V 149 -47.24 -61.31 34.66
N HIS V 150 -47.00 -61.46 33.36
CA HIS V 150 -46.29 -60.44 32.59
C HIS V 150 -47.25 -59.39 32.05
N PHE V 151 -48.54 -59.66 32.05
CA PHE V 151 -49.49 -58.75 31.44
C PHE V 151 -49.89 -57.64 32.41
N GLY V 152 -50.61 -56.65 31.88
CA GLY V 152 -51.12 -55.58 32.69
C GLY V 152 -50.31 -54.31 32.58
N LYS V 153 -50.03 -53.70 33.74
CA LYS V 153 -49.26 -52.47 33.77
C LYS V 153 -47.78 -52.79 33.54
N ALA V 154 -47.07 -51.85 32.94
CA ALA V 154 -45.68 -52.09 32.59
C ALA V 154 -44.78 -52.08 33.82
N PRO V 155 -43.69 -52.85 33.83
CA PRO V 155 -42.73 -52.74 34.93
C PRO V 155 -41.91 -51.47 34.84
N GLY V 156 -41.16 -51.20 35.90
CA GLY V 156 -40.41 -49.95 35.98
C GLY V 156 -41.31 -48.74 36.07
N THR V 157 -42.39 -48.85 36.83
CA THR V 157 -43.51 -47.94 36.86
C THR V 157 -44.09 -48.04 38.26
N PRO V 158 -44.40 -46.92 38.91
CA PRO V 158 -44.90 -46.98 40.30
C PRO V 158 -46.26 -47.67 40.41
N HIS V 159 -46.37 -48.54 41.42
CA HIS V 159 -47.53 -49.38 41.70
C HIS V 159 -47.86 -50.29 40.51
N SER V 160 -46.88 -51.13 40.17
CA SER V 160 -47.01 -52.09 39.06
C SER V 160 -46.24 -53.35 39.45
N HIS V 161 -46.98 -54.37 39.91
CA HIS V 161 -46.40 -55.63 40.32
C HIS V 161 -46.44 -56.60 39.14
N THR V 162 -45.55 -56.35 38.17
CA THR V 162 -45.52 -57.07 36.92
C THR V 162 -44.16 -57.74 36.75
N LYS V 163 -44.18 -59.03 36.43
CA LYS V 163 -42.94 -59.78 36.19
C LYS V 163 -42.33 -59.34 34.88
N PRO V 164 -41.11 -58.80 34.88
CA PRO V 164 -40.46 -58.43 33.61
C PRO V 164 -39.97 -59.65 32.86
N TYR V 165 -39.88 -59.50 31.54
CA TYR V 165 -39.36 -60.58 30.70
C TYR V 165 -37.84 -60.65 30.86
N VAL V 166 -37.38 -61.55 31.72
CA VAL V 166 -35.97 -61.74 32.01
C VAL V 166 -35.59 -63.15 31.56
N ARG V 167 -34.46 -63.28 30.86
CA ARG V 167 -34.06 -64.58 30.33
C ARG V 167 -33.57 -65.51 31.44
N SER V 168 -33.02 -64.93 32.52
CA SER V 168 -32.52 -65.72 33.64
C SER V 168 -32.43 -64.81 34.86
N LYS V 169 -33.06 -65.20 35.96
CA LYS V 169 -33.03 -64.40 37.17
C LYS V 169 -31.68 -64.54 37.88
N GLY V 170 -31.33 -63.51 38.63
CA GLY V 170 -30.06 -63.51 39.35
C GLY V 170 -29.77 -62.16 39.98
N ARG V 171 -28.52 -61.99 40.41
CA ARG V 171 -28.13 -60.76 41.09
C ARG V 171 -27.95 -59.61 40.10
N LYS V 172 -27.47 -59.89 38.90
CA LYS V 172 -27.09 -58.84 37.98
C LYS V 172 -27.99 -58.83 36.74
N PHE V 173 -29.22 -59.29 36.89
CA PHE V 173 -30.18 -59.36 35.78
C PHE V 173 -31.37 -58.49 36.15
N GLU V 174 -31.33 -57.24 35.70
CA GLU V 174 -32.37 -56.22 35.89
C GLU V 174 -32.67 -55.97 37.36
N ARG V 175 -31.64 -55.46 38.06
CA ARG V 175 -31.74 -55.18 39.49
C ARG V 175 -31.21 -53.81 39.90
N ALA V 176 -30.48 -53.10 39.04
CA ALA V 176 -29.65 -51.99 39.51
C ALA V 176 -30.28 -50.60 39.38
N ARG V 177 -30.57 -50.15 38.17
CA ARG V 177 -30.84 -48.72 37.96
C ARG V 177 -32.29 -48.37 38.24
N GLY V 178 -33.22 -49.10 37.64
CA GLY V 178 -34.63 -48.80 37.86
C GLY V 178 -35.23 -49.43 39.10
N ARG V 179 -34.43 -50.20 39.84
CA ARG V 179 -34.94 -50.97 40.97
C ARG V 179 -34.38 -50.53 42.31
N ARG V 180 -33.22 -49.87 42.33
CA ARG V 180 -32.61 -49.42 43.57
C ARG V 180 -32.77 -47.91 43.73
N ALA V 181 -33.09 -47.48 44.95
CA ALA V 181 -33.15 -46.05 45.24
C ALA V 181 -31.74 -45.46 45.33
N SER V 182 -30.73 -46.30 45.57
CA SER V 182 -29.36 -45.84 45.62
C SER V 182 -28.86 -45.44 44.24
N ARG V 183 -28.95 -46.38 43.29
CA ARG V 183 -28.43 -46.16 41.95
C ARG V 183 -29.57 -45.69 41.05
N GLY V 184 -29.76 -44.37 40.99
CA GLY V 184 -30.79 -43.81 40.15
C GLY V 184 -32.11 -43.57 40.85
N TYR V 185 -33.05 -44.51 40.70
CA TYR V 185 -34.42 -44.29 41.13
C TYR V 185 -35.10 -45.64 41.29
N LYS V 186 -36.23 -45.64 42.00
CA LYS V 186 -37.06 -46.83 42.07
C LYS V 186 -38.52 -46.40 41.98
N ASN V 187 -39.37 -47.35 41.64
CA ASN V 187 -40.79 -47.06 41.43
C ASN V 187 -41.67 -48.02 42.22
N SER W 1 -2.71 -63.40 -69.30
CA SER W 1 -3.38 -63.97 -68.13
C SER W 1 -2.68 -63.56 -66.84
N MET W 2 -1.47 -64.08 -66.63
CA MET W 2 -0.69 -63.76 -65.45
C MET W 2 0.79 -63.85 -65.82
N LEU W 3 1.48 -62.72 -65.82
CA LEU W 3 2.87 -62.65 -66.26
C LEU W 3 3.75 -61.91 -65.26
N ARG W 4 3.27 -61.74 -64.03
CA ARG W 4 4.08 -61.05 -63.02
C ARG W 4 5.24 -61.92 -62.52
N LEU W 5 5.04 -63.25 -62.49
CA LEU W 5 6.12 -64.16 -62.12
C LEU W 5 7.22 -64.13 -63.17
N GLN W 6 6.85 -64.17 -64.45
CA GLN W 6 7.84 -64.10 -65.52
C GLN W 6 8.49 -62.73 -65.60
N LYS W 7 7.76 -61.66 -65.25
CA LYS W 7 8.37 -60.34 -65.24
C LYS W 7 9.37 -60.19 -64.09
N ARG W 8 9.05 -60.74 -62.92
CA ARG W 8 9.98 -60.69 -61.79
C ARG W 8 11.22 -61.53 -62.05
N LEU W 9 11.05 -62.72 -62.63
CA LEU W 9 12.20 -63.55 -62.97
C LEU W 9 13.02 -62.94 -64.10
N ALA W 10 12.38 -62.26 -65.05
CA ALA W 10 13.12 -61.60 -66.11
C ALA W 10 13.90 -60.41 -65.58
N SER W 11 13.34 -59.69 -64.59
CA SER W 11 14.08 -58.63 -63.93
C SER W 11 15.28 -59.19 -63.16
N SER W 12 15.10 -60.34 -62.49
CA SER W 12 16.19 -60.94 -61.74
C SER W 12 17.29 -61.49 -62.65
N VAL W 13 16.93 -61.99 -63.83
CA VAL W 13 17.95 -62.50 -64.75
C VAL W 13 18.66 -61.34 -65.45
N LEU W 14 17.90 -60.35 -65.92
CA LEU W 14 18.49 -59.19 -66.60
C LEU W 14 19.19 -58.22 -65.67
N ARG W 15 19.08 -58.43 -64.35
CA ARG W 15 19.80 -57.66 -63.31
C ARG W 15 19.42 -56.18 -63.36
N CYS W 16 18.13 -55.93 -63.56
CA CYS W 16 17.58 -54.59 -63.57
C CYS W 16 16.20 -54.64 -62.93
N GLY W 17 15.48 -53.53 -63.00
CA GLY W 17 14.13 -53.51 -62.50
C GLY W 17 13.14 -54.05 -63.49
N LYS W 18 11.92 -54.31 -63.01
CA LYS W 18 10.84 -54.73 -63.89
C LYS W 18 10.20 -53.57 -64.65
N LYS W 19 10.66 -52.35 -64.43
CA LYS W 19 10.27 -51.22 -65.26
C LYS W 19 10.81 -51.36 -66.67
N LYS W 20 11.99 -51.98 -66.81
CA LYS W 20 12.63 -52.17 -68.10
C LYS W 20 12.36 -53.54 -68.71
N VAL W 21 11.54 -54.37 -68.07
CA VAL W 21 11.21 -55.69 -68.61
C VAL W 21 10.06 -55.50 -69.60
N TRP W 22 10.34 -55.71 -70.88
CA TRP W 22 9.32 -55.68 -71.92
C TRP W 22 8.89 -57.10 -72.23
N LEU W 23 7.62 -57.40 -72.03
CA LEU W 23 7.07 -58.70 -72.39
C LEU W 23 6.31 -58.58 -73.70
N ASP W 24 6.29 -59.67 -74.46
CA ASP W 24 5.66 -59.63 -75.78
C ASP W 24 4.15 -59.74 -75.63
N PRO W 25 3.37 -58.77 -76.10
CA PRO W 25 1.91 -58.88 -75.97
C PRO W 25 1.28 -59.88 -76.91
N ASN W 26 1.95 -60.21 -78.02
CA ASN W 26 1.39 -61.17 -78.96
C ASN W 26 1.61 -62.60 -78.49
N GLU W 27 2.84 -62.92 -78.06
CA GLU W 27 3.17 -64.26 -77.59
C GLU W 27 3.05 -64.30 -76.06
N THR W 28 1.80 -64.19 -75.60
CA THR W 28 1.52 -64.23 -74.18
C THR W 28 1.58 -65.66 -73.64
N ASN W 29 1.01 -66.61 -74.39
CA ASN W 29 0.96 -68.00 -73.93
C ASN W 29 2.32 -68.68 -73.98
N GLU W 30 3.22 -68.18 -74.83
CA GLU W 30 4.55 -68.80 -74.90
C GLU W 30 5.43 -68.31 -73.75
N ILE W 31 5.10 -67.15 -73.18
CA ILE W 31 5.81 -66.66 -72.01
C ILE W 31 5.18 -67.23 -70.74
N ALA W 32 3.85 -67.42 -70.74
CA ALA W 32 3.13 -67.80 -69.53
C ALA W 32 3.44 -69.22 -69.07
N ASN W 33 3.85 -70.10 -69.99
CA ASN W 33 4.19 -71.47 -69.62
C ASN W 33 5.69 -71.69 -69.45
N ALA W 34 6.47 -70.63 -69.27
CA ALA W 34 7.90 -70.78 -69.04
C ALA W 34 8.16 -71.26 -67.61
N ASN W 35 7.80 -70.41 -66.64
CA ASN W 35 7.74 -70.74 -65.20
C ASN W 35 9.12 -71.10 -64.63
N SER W 36 10.20 -70.74 -65.33
CA SER W 36 11.54 -71.07 -64.86
C SER W 36 12.55 -70.14 -65.51
N ARG W 37 13.66 -69.94 -64.81
CA ARG W 37 14.73 -69.06 -65.28
C ARG W 37 15.42 -69.62 -66.52
N GLN W 38 15.48 -70.95 -66.64
CA GLN W 38 16.09 -71.58 -67.81
C GLN W 38 15.25 -71.37 -69.05
N GLN W 39 13.92 -71.39 -68.92
CA GLN W 39 13.06 -71.10 -70.06
C GLN W 39 13.02 -69.61 -70.36
N ILE W 40 13.18 -68.77 -69.35
CA ILE W 40 13.19 -67.33 -69.61
C ILE W 40 14.49 -66.89 -70.28
N ARG W 41 15.60 -67.59 -70.01
CA ARG W 41 16.82 -67.36 -70.79
C ARG W 41 16.64 -67.78 -72.25
N LYS W 42 15.86 -68.84 -72.49
CA LYS W 42 15.51 -69.21 -73.87
C LYS W 42 14.64 -68.14 -74.52
N LEU W 43 13.75 -67.51 -73.74
CA LEU W 43 12.97 -66.40 -74.25
C LEU W 43 13.85 -65.18 -74.58
N ILE W 44 14.91 -64.98 -73.78
CA ILE W 44 15.89 -63.93 -74.08
C ILE W 44 16.60 -64.21 -75.40
N LYS W 45 17.03 -65.47 -75.60
CA LYS W 45 17.74 -65.82 -76.82
C LYS W 45 16.83 -65.79 -78.05
N ASP W 46 15.55 -66.14 -77.86
CA ASP W 46 14.59 -66.04 -78.94
C ASP W 46 14.21 -64.59 -79.23
N GLY W 47 14.34 -63.71 -78.23
CA GLY W 47 14.06 -62.31 -78.44
C GLY W 47 12.63 -61.91 -78.19
N LEU W 48 11.84 -62.76 -77.56
CA LEU W 48 10.46 -62.42 -77.25
C LEU W 48 10.37 -61.36 -76.14
N ILE W 49 11.30 -61.38 -75.19
CA ILE W 49 11.39 -60.33 -74.18
C ILE W 49 12.68 -59.56 -74.41
N ILE W 50 12.62 -58.24 -74.26
CA ILE W 50 13.70 -57.35 -74.64
C ILE W 50 13.97 -56.39 -73.47
N ARG W 51 15.24 -56.20 -73.14
CA ARG W 51 15.65 -55.17 -72.20
C ARG W 51 15.31 -53.79 -72.78
N LYS W 52 14.45 -53.05 -72.09
CA LYS W 52 14.12 -51.70 -72.53
C LYS W 52 15.29 -50.76 -72.26
N PRO W 53 15.54 -49.81 -73.16
CA PRO W 53 16.64 -48.87 -72.94
C PRO W 53 16.31 -47.86 -71.85
N VAL W 54 17.37 -47.18 -71.39
CA VAL W 54 17.23 -46.18 -70.35
C VAL W 54 16.50 -44.97 -70.90
N THR W 55 15.54 -44.45 -70.12
CA THR W 55 14.87 -43.20 -70.46
C THR W 55 15.89 -42.07 -70.45
N VAL W 56 15.88 -41.28 -71.52
CA VAL W 56 16.97 -40.32 -71.76
C VAL W 56 16.88 -39.16 -70.79
N HIS W 57 18.04 -38.66 -70.39
CA HIS W 57 18.19 -37.47 -69.53
C HIS W 57 19.39 -36.74 -70.10
N SER W 58 19.13 -35.75 -70.95
CA SER W 58 20.19 -35.11 -71.72
C SER W 58 21.02 -34.17 -70.85
N ARG W 59 22.30 -34.05 -71.22
CA ARG W 59 23.25 -33.14 -70.60
C ARG W 59 23.50 -31.92 -71.49
N ALA W 60 22.92 -31.91 -72.70
CA ALA W 60 23.27 -30.91 -73.71
C ALA W 60 22.80 -29.51 -73.32
N ARG W 61 21.62 -29.41 -72.68
CA ARG W 61 21.15 -28.12 -72.19
C ARG W 61 22.05 -27.58 -71.09
N CYS W 62 22.51 -28.47 -70.21
CA CYS W 62 23.44 -28.07 -69.17
C CYS W 62 24.79 -27.66 -69.73
N ARG W 63 25.27 -28.35 -70.79
CA ARG W 63 26.52 -27.95 -71.42
C ARG W 63 26.40 -26.60 -72.11
N LYS W 64 25.25 -26.36 -72.75
CA LYS W 64 25.01 -25.08 -73.41
C LYS W 64 24.89 -23.95 -72.40
N ASN W 65 24.37 -24.25 -71.21
CA ASN W 65 24.32 -23.23 -70.16
C ASN W 65 25.69 -22.99 -69.55
N THR W 66 26.45 -24.06 -69.28
CA THR W 66 27.73 -23.91 -68.60
C THR W 66 28.81 -23.34 -69.51
N LEU W 67 28.64 -23.45 -70.84
CA LEU W 67 29.55 -22.70 -71.72
C LEU W 67 29.36 -21.19 -71.57
N ALA W 68 28.11 -20.74 -71.42
CA ALA W 68 27.87 -19.33 -71.13
C ALA W 68 28.33 -18.95 -69.74
N ARG W 69 28.21 -19.86 -68.77
CA ARG W 69 28.77 -19.64 -67.43
C ARG W 69 30.29 -19.51 -67.46
N ARG W 70 30.97 -20.28 -68.31
CA ARG W 70 32.41 -20.11 -68.49
C ARG W 70 32.74 -18.81 -69.19
N LYS W 71 31.87 -18.38 -70.12
CA LYS W 71 32.05 -17.08 -70.76
C LYS W 71 31.80 -15.93 -69.80
N GLY W 72 31.06 -16.16 -68.74
CA GLY W 72 30.77 -15.14 -67.75
C GLY W 72 29.33 -14.71 -67.69
N ARG W 73 28.38 -15.59 -67.99
CA ARG W 73 26.98 -15.23 -68.12
C ARG W 73 26.16 -16.01 -67.10
N HIS W 74 24.94 -15.51 -66.86
CA HIS W 74 24.01 -16.00 -65.83
C HIS W 74 24.62 -15.95 -64.43
N MET W 75 25.55 -15.01 -64.19
CA MET W 75 26.24 -14.89 -62.91
C MET W 75 26.29 -13.43 -62.44
N GLY W 76 25.26 -12.65 -62.72
CA GLY W 76 25.22 -11.26 -62.34
C GLY W 76 24.80 -11.05 -60.90
N ILE W 77 24.29 -9.84 -60.64
CA ILE W 77 23.86 -9.49 -59.29
C ILE W 77 22.55 -10.20 -58.94
N GLY W 78 21.64 -10.31 -59.91
CA GLY W 78 20.35 -10.93 -59.69
C GLY W 78 20.39 -12.42 -59.43
N LYS W 79 21.05 -13.18 -60.31
CA LYS W 79 21.16 -14.64 -60.15
C LYS W 79 22.32 -14.95 -59.20
N ARG W 80 22.12 -14.59 -57.93
CA ARG W 80 23.11 -14.82 -56.89
C ARG W 80 22.36 -14.86 -55.55
N LYS W 81 22.27 -16.05 -54.96
CA LYS W 81 21.50 -16.24 -53.74
C LYS W 81 22.39 -16.31 -52.51
N GLY W 82 23.62 -16.80 -52.65
CA GLY W 82 24.53 -16.87 -51.53
C GLY W 82 25.45 -15.67 -51.45
N THR W 83 26.09 -15.54 -50.30
CA THR W 83 27.04 -14.45 -50.09
C THR W 83 28.34 -14.73 -50.84
N ALA W 84 29.25 -13.75 -50.78
CA ALA W 84 30.56 -13.91 -51.39
C ALA W 84 31.37 -14.99 -50.67
N ASN W 85 31.28 -15.02 -49.33
CA ASN W 85 31.93 -16.06 -48.55
C ASN W 85 31.30 -17.42 -48.79
N ALA W 86 30.01 -17.45 -49.16
CA ALA W 86 29.37 -18.72 -49.49
C ALA W 86 29.79 -19.21 -50.87
N ARG W 87 29.91 -18.31 -51.83
CA ARG W 87 30.26 -18.72 -53.19
C ARG W 87 31.74 -19.03 -53.31
N MET W 88 32.59 -18.03 -53.09
CA MET W 88 34.05 -18.23 -53.15
C MET W 88 34.62 -17.69 -51.85
N PRO W 89 34.89 -18.58 -50.88
CA PRO W 89 35.22 -18.11 -49.52
C PRO W 89 36.59 -17.46 -49.43
N GLU W 90 36.65 -16.44 -48.56
CA GLU W 90 37.87 -15.65 -48.39
C GLU W 90 38.98 -16.47 -47.73
N LYS W 91 38.62 -17.47 -46.92
CA LYS W 91 39.61 -18.37 -46.35
C LYS W 91 40.32 -19.18 -47.44
N VAL W 92 39.55 -19.73 -48.39
CA VAL W 92 40.13 -20.49 -49.48
C VAL W 92 40.87 -19.56 -50.44
N THR W 93 40.42 -18.31 -50.55
CA THR W 93 41.16 -17.32 -51.36
C THR W 93 42.52 -17.01 -50.74
N TRP W 94 42.56 -16.84 -49.41
CA TRP W 94 43.82 -16.68 -48.68
C TRP W 94 44.71 -17.92 -48.82
N MET W 95 44.09 -19.11 -48.78
CA MET W 95 44.82 -20.36 -49.00
C MET W 95 45.48 -20.41 -50.37
N ARG W 96 44.73 -20.06 -51.42
CA ARG W 96 45.27 -20.07 -52.78
C ARG W 96 46.38 -19.04 -52.94
N ARG W 97 46.20 -17.85 -52.36
CA ARG W 97 47.22 -16.82 -52.49
C ARG W 97 48.49 -17.19 -51.73
N MET W 98 48.36 -17.84 -50.57
CA MET W 98 49.55 -18.29 -49.85
C MET W 98 50.24 -19.43 -50.60
N ARG W 99 49.48 -20.41 -51.10
CA ARG W 99 50.07 -21.49 -51.90
C ARG W 99 50.74 -21.00 -53.17
N ILE W 100 50.30 -19.87 -53.73
CA ILE W 100 51.00 -19.29 -54.88
C ILE W 100 52.27 -18.57 -54.44
N LEU W 101 52.15 -17.64 -53.50
CA LEU W 101 53.26 -16.73 -53.22
C LEU W 101 54.39 -17.41 -52.44
N ARG W 102 54.05 -18.34 -51.54
CA ARG W 102 55.06 -19.09 -50.81
C ARG W 102 55.90 -19.96 -51.73
N ARG W 103 55.28 -20.65 -52.69
CA ARG W 103 56.07 -21.46 -53.62
C ARG W 103 56.79 -20.57 -54.62
N LEU W 104 56.28 -19.35 -54.85
CA LEU W 104 57.00 -18.40 -55.71
C LEU W 104 58.30 -17.96 -55.06
N LEU W 105 58.24 -17.57 -53.79
CA LEU W 105 59.46 -17.24 -53.04
C LEU W 105 60.36 -18.47 -52.87
N ARG W 106 59.78 -19.66 -52.76
CA ARG W 106 60.58 -20.88 -52.62
C ARG W 106 61.35 -21.18 -53.91
N ARG W 107 60.70 -21.02 -55.07
CA ARG W 107 61.39 -21.18 -56.34
C ARG W 107 62.47 -20.11 -56.55
N TYR W 108 62.17 -18.86 -56.17
CA TYR W 108 63.17 -17.81 -56.34
C TYR W 108 64.31 -17.94 -55.33
N ARG W 109 64.09 -18.67 -54.23
CA ARG W 109 65.19 -18.98 -53.33
C ARG W 109 66.03 -20.13 -53.88
N GLU W 110 65.37 -21.19 -54.36
CA GLU W 110 66.10 -22.38 -54.81
C GLU W 110 66.80 -22.17 -56.14
N SER W 111 66.38 -21.18 -56.92
CA SER W 111 67.02 -20.86 -58.18
C SER W 111 68.17 -19.85 -58.03
N LYS W 112 68.62 -19.62 -56.78
CA LYS W 112 69.68 -18.66 -56.43
C LYS W 112 69.36 -17.25 -56.91
N LYS W 113 68.08 -16.88 -56.90
CA LYS W 113 67.69 -15.56 -57.39
C LYS W 113 67.55 -14.57 -56.25
N ILE W 114 66.96 -14.99 -55.12
CA ILE W 114 66.90 -14.19 -53.91
C ILE W 114 67.67 -14.92 -52.82
N ASP W 115 68.13 -14.16 -51.83
CA ASP W 115 68.87 -14.75 -50.73
C ASP W 115 67.94 -15.00 -49.54
N ARG W 116 68.52 -15.56 -48.47
CA ARG W 116 67.72 -16.08 -47.36
C ARG W 116 67.12 -14.96 -46.53
N HIS W 117 67.84 -13.86 -46.37
CA HIS W 117 67.37 -12.75 -45.53
C HIS W 117 66.22 -12.00 -46.18
N MET W 118 66.37 -11.64 -47.46
CA MET W 118 65.28 -11.01 -48.18
C MET W 118 64.13 -11.98 -48.42
N TYR W 119 64.43 -13.28 -48.53
CA TYR W 119 63.40 -14.31 -48.53
C TYR W 119 62.56 -14.28 -47.26
N HIS W 120 63.22 -14.21 -46.10
CA HIS W 120 62.49 -14.23 -44.83
C HIS W 120 61.69 -12.95 -44.63
N SER W 121 62.25 -11.81 -45.04
CA SER W 121 61.54 -10.53 -44.91
C SER W 121 60.32 -10.49 -45.83
N LEU W 122 60.47 -10.93 -47.07
CA LEU W 122 59.32 -10.93 -47.97
C LEU W 122 58.36 -12.06 -47.65
N TYR W 123 58.82 -13.09 -46.95
CA TYR W 123 57.92 -14.14 -46.46
C TYR W 123 57.00 -13.57 -45.38
N LEU W 124 57.57 -12.78 -44.46
CA LEU W 124 56.76 -12.09 -43.47
C LEU W 124 55.85 -11.05 -44.12
N LYS W 125 56.30 -10.43 -45.22
CA LYS W 125 55.45 -9.47 -45.92
C LYS W 125 54.29 -10.16 -46.65
N VAL W 126 54.54 -11.37 -47.17
CA VAL W 126 53.47 -12.18 -47.75
C VAL W 126 52.46 -12.57 -46.69
N LYS W 127 52.95 -12.97 -45.50
CA LYS W 127 52.06 -13.33 -44.41
C LYS W 127 51.26 -12.13 -43.89
N GLY W 128 51.86 -10.94 -43.94
CA GLY W 128 51.21 -9.76 -43.41
C GLY W 128 50.35 -8.98 -44.39
N ASN W 129 49.97 -9.63 -45.51
CA ASN W 129 49.03 -9.11 -46.51
C ASN W 129 49.50 -7.78 -47.11
N VAL W 130 50.65 -7.84 -47.80
CA VAL W 130 51.16 -6.67 -48.51
C VAL W 130 50.81 -6.81 -49.99
N PHE W 131 51.01 -8.00 -50.53
CA PHE W 131 50.89 -8.23 -51.97
C PHE W 131 49.60 -8.99 -52.24
N LYS W 132 48.79 -8.47 -53.16
CA LYS W 132 47.53 -9.12 -53.49
C LYS W 132 47.66 -10.17 -54.58
N ASN W 133 48.80 -10.22 -55.27
CA ASN W 133 49.02 -11.21 -56.32
C ASN W 133 50.51 -11.41 -56.54
N LYS W 134 50.84 -12.00 -57.68
CA LYS W 134 52.23 -12.40 -57.96
C LYS W 134 52.98 -11.34 -58.77
N ARG W 135 52.26 -10.54 -59.56
CA ARG W 135 52.90 -9.60 -60.48
C ARG W 135 53.56 -8.44 -59.74
N ILE W 136 52.84 -7.82 -58.79
CA ILE W 136 53.41 -6.73 -58.02
C ILE W 136 54.48 -7.25 -57.06
N LEU W 137 54.41 -8.53 -56.70
CA LEU W 137 55.44 -9.13 -55.86
C LEU W 137 56.73 -9.32 -56.66
N MET W 138 56.60 -9.75 -57.93
CA MET W 138 57.76 -9.81 -58.81
C MET W 138 58.35 -8.43 -59.06
N GLU W 139 57.50 -7.42 -59.22
CA GLU W 139 57.99 -6.06 -59.40
C GLU W 139 58.71 -5.55 -58.16
N HIS W 140 58.22 -5.92 -56.97
CA HIS W 140 58.89 -5.53 -55.73
C HIS W 140 60.22 -6.24 -55.56
N ILE W 141 60.29 -7.53 -55.98
CA ILE W 141 61.56 -8.26 -55.99
C ILE W 141 62.56 -7.60 -56.91
N HIS W 142 62.13 -7.20 -58.12
CA HIS W 142 63.07 -6.61 -59.06
C HIS W 142 63.47 -5.19 -58.65
N LYS W 143 62.58 -4.47 -57.97
CA LYS W 143 62.94 -3.17 -57.43
C LYS W 143 63.97 -3.30 -56.32
N LEU W 144 63.82 -4.30 -55.44
CA LEU W 144 64.83 -4.55 -54.42
C LEU W 144 66.13 -5.05 -55.03
N LYS W 145 66.05 -5.75 -56.16
CA LYS W 145 67.27 -6.16 -56.86
C LYS W 145 68.02 -4.96 -57.42
N ALA W 146 67.30 -4.00 -58.00
CA ALA W 146 67.94 -2.78 -58.48
C ALA W 146 68.52 -1.97 -57.34
N ASP W 147 67.82 -1.90 -56.20
CA ASP W 147 68.31 -1.15 -55.05
C ASP W 147 69.56 -1.80 -54.46
N LYS W 148 69.55 -3.12 -54.28
CA LYS W 148 70.72 -3.82 -53.76
C LYS W 148 71.87 -3.82 -54.75
N ALA W 149 71.58 -3.78 -56.06
CA ALA W 149 72.63 -3.67 -57.06
C ALA W 149 73.34 -2.32 -56.99
N ARG W 150 72.56 -1.23 -56.85
CA ARG W 150 73.17 0.09 -56.72
C ARG W 150 73.93 0.23 -55.41
N LYS W 151 73.37 -0.28 -54.31
CA LYS W 151 74.06 -0.20 -53.01
C LYS W 151 75.31 -1.05 -52.99
N LYS W 152 75.29 -2.23 -53.63
CA LYS W 152 76.46 -3.09 -53.67
C LYS W 152 77.54 -2.51 -54.57
N LEU W 153 77.13 -1.84 -55.66
CA LEU W 153 78.11 -1.18 -56.53
C LEU W 153 78.79 -0.01 -55.82
N LEU W 154 78.01 0.81 -55.09
CA LEU W 154 78.61 1.91 -54.33
C LEU W 154 79.47 1.39 -53.18
N ALA W 155 79.07 0.30 -52.53
CA ALA W 155 79.86 -0.26 -51.44
C ALA W 155 81.16 -0.87 -51.96
N ASP W 156 81.12 -1.51 -53.14
CA ASP W 156 82.33 -2.08 -53.71
C ASP W 156 83.28 -0.99 -54.21
N GLN W 157 82.74 0.11 -54.74
CA GLN W 157 83.60 1.23 -55.13
C GLN W 157 84.24 1.90 -53.92
N ALA W 158 83.47 2.05 -52.83
CA ALA W 158 84.03 2.62 -51.61
C ALA W 158 85.07 1.70 -50.98
N GLU W 159 84.84 0.39 -51.01
CA GLU W 159 85.80 -0.57 -50.48
C GLU W 159 87.06 -0.62 -51.33
N ALA W 160 86.92 -0.44 -52.65
CA ALA W 160 88.08 -0.41 -53.53
C ALA W 160 88.91 0.84 -53.30
N ARG W 161 88.25 2.00 -53.11
CA ARG W 161 88.99 3.23 -52.79
C ARG W 161 89.67 3.13 -51.43
N ARG W 162 89.01 2.51 -50.45
CA ARG W 162 89.59 2.36 -49.12
C ARG W 162 90.77 1.39 -49.14
N SER W 163 90.66 0.31 -49.92
CA SER W 163 91.77 -0.64 -50.04
C SER W 163 92.95 -0.03 -50.79
N LYS W 164 92.67 0.79 -51.80
CA LYS W 164 93.73 1.52 -52.51
C LYS W 164 94.45 2.49 -51.58
N THR W 165 93.68 3.21 -50.74
CA THR W 165 94.27 4.14 -49.79
C THR W 165 95.11 3.41 -48.75
N LYS W 166 94.61 2.27 -48.25
CA LYS W 166 95.34 1.52 -47.21
C LYS W 166 96.61 0.89 -47.77
N GLU W 167 96.56 0.40 -49.01
CA GLU W 167 97.75 -0.18 -49.62
C GLU W 167 98.76 0.90 -49.99
N ALA W 168 98.28 2.10 -50.37
CA ALA W 168 99.20 3.21 -50.62
C ALA W 168 99.88 3.67 -49.34
N ARG W 169 99.14 3.69 -48.23
CA ARG W 169 99.74 4.04 -46.94
C ARG W 169 100.73 2.96 -46.49
N LYS W 170 100.43 1.69 -46.77
CA LYS W 170 101.34 0.61 -46.41
C LYS W 170 102.62 0.66 -47.22
N ARG W 171 102.52 0.97 -48.52
CA ARG W 171 103.73 1.10 -49.33
C ARG W 171 104.52 2.35 -48.96
N ARG W 172 103.84 3.43 -48.56
CA ARG W 172 104.55 4.63 -48.10
C ARG W 172 105.31 4.38 -46.81
N GLU W 173 104.68 3.65 -45.86
CA GLU W 173 105.38 3.31 -44.63
C GLU W 173 106.49 2.30 -44.88
N GLU W 174 106.33 1.43 -45.87
CA GLU W 174 107.40 0.52 -46.26
C GLU W 174 108.60 1.26 -46.84
N ARG W 175 108.34 2.28 -47.67
CA ARG W 175 109.43 3.09 -48.20
C ARG W 175 110.10 3.91 -47.10
N LEU W 176 109.32 4.37 -46.11
CA LEU W 176 109.91 5.12 -44.99
C LEU W 176 110.79 4.22 -44.12
N GLN W 177 110.34 3.01 -43.81
CA GLN W 177 111.17 2.08 -43.04
C GLN W 177 112.32 1.51 -43.87
N ALA W 178 112.23 1.56 -45.20
CA ALA W 178 113.35 1.13 -46.03
C ALA W 178 114.41 2.21 -46.13
N LYS W 179 113.99 3.47 -46.22
CA LYS W 179 114.94 4.58 -46.25
C LYS W 179 115.60 4.79 -44.90
N LYS W 180 114.79 4.92 -43.85
CA LYS W 180 115.33 5.11 -42.51
C LYS W 180 115.17 3.86 -41.66
N MET X 1 -85.82 -11.94 4.80
CA MET X 1 -87.07 -12.31 4.16
C MET X 1 -86.93 -12.32 2.64
N LYS X 2 -87.45 -13.35 2.00
CA LYS X 2 -87.51 -13.44 0.55
C LYS X 2 -88.89 -12.96 0.11
N ALA X 3 -88.94 -11.92 -0.72
CA ALA X 3 -90.20 -11.40 -1.23
C ALA X 3 -90.71 -12.31 -2.35
N SER X 4 -91.27 -13.44 -1.94
CA SER X 4 -91.61 -14.50 -2.88
C SER X 4 -93.00 -14.29 -3.46
N GLY X 5 -93.06 -14.14 -4.78
CA GLY X 5 -94.33 -14.00 -5.47
C GLY X 5 -94.95 -12.64 -5.17
N THR X 6 -96.07 -12.66 -4.47
CA THR X 6 -96.73 -11.45 -4.00
C THR X 6 -96.71 -11.44 -2.49
N LEU X 7 -96.81 -10.25 -1.92
CA LEU X 7 -96.78 -10.11 -0.47
C LEU X 7 -98.19 -10.22 0.09
N ARG X 8 -98.28 -10.45 1.40
CA ARG X 8 -99.55 -10.49 2.11
C ARG X 8 -99.44 -9.62 3.36
N GLU X 9 -100.58 -9.13 3.83
CA GLU X 9 -100.59 -8.18 4.94
C GLU X 9 -101.24 -8.80 6.17
N TYR X 10 -100.46 -8.90 7.24
CA TYR X 10 -100.83 -9.63 8.46
C TYR X 10 -100.95 -8.65 9.61
N LYS X 11 -102.04 -8.76 10.38
CA LYS X 11 -102.20 -8.00 11.62
C LYS X 11 -101.71 -8.88 12.75
N VAL X 12 -100.48 -8.62 13.19
CA VAL X 12 -99.83 -9.47 14.18
C VAL X 12 -99.77 -8.72 15.51
N VAL X 13 -100.35 -9.31 16.54
CA VAL X 13 -100.33 -8.74 17.88
C VAL X 13 -99.48 -9.64 18.78
N GLY X 14 -98.87 -9.05 19.79
CA GLY X 14 -98.02 -9.81 20.69
C GLY X 14 -97.81 -9.09 22.00
N ARG X 15 -97.29 -9.83 22.98
CA ARG X 15 -97.02 -9.24 24.29
C ARG X 15 -95.91 -10.03 24.96
N CYS X 16 -95.62 -9.65 26.20
CA CYS X 16 -94.68 -10.37 27.04
C CYS X 16 -95.38 -11.47 27.80
N LEU X 17 -94.60 -12.43 28.30
CA LEU X 17 -95.16 -13.48 29.14
C LEU X 17 -95.54 -12.90 30.50
N PRO X 18 -96.55 -13.47 31.16
CA PRO X 18 -96.93 -12.98 32.49
C PRO X 18 -95.85 -13.26 33.53
N THR X 19 -95.49 -12.23 34.28
CA THR X 19 -94.41 -12.24 35.25
C THR X 19 -94.98 -11.98 36.65
N PRO X 20 -94.26 -12.28 37.72
CA PRO X 20 -94.72 -11.82 39.04
C PRO X 20 -94.57 -10.32 39.25
N LYS X 21 -93.78 -9.64 38.40
CA LYS X 21 -93.70 -8.18 38.48
C LYS X 21 -94.96 -7.54 37.94
N CYS X 22 -95.29 -7.78 36.67
CA CYS X 22 -96.50 -7.28 36.05
C CYS X 22 -97.35 -8.47 35.60
N ARG X 23 -98.63 -8.44 35.96
CA ARG X 23 -99.49 -9.59 35.69
C ARG X 23 -100.00 -9.61 34.26
N THR X 24 -100.24 -8.45 33.66
CA THR X 24 -100.76 -8.35 32.29
C THR X 24 -99.96 -7.33 31.50
N PRO X 25 -99.07 -7.79 30.62
CA PRO X 25 -98.32 -6.87 29.75
C PRO X 25 -99.22 -6.27 28.69
N PRO X 26 -98.90 -5.07 28.19
CA PRO X 26 -99.70 -4.48 27.11
C PRO X 26 -99.46 -5.17 25.79
N LEU X 27 -100.44 -5.06 24.91
CA LEU X 27 -100.39 -5.72 23.61
C LEU X 27 -99.94 -4.75 22.52
N TYR X 28 -99.13 -5.28 21.61
CA TYR X 28 -98.50 -4.48 20.56
C TYR X 28 -98.89 -5.06 19.21
N ARG X 29 -99.41 -4.21 18.34
CA ARG X 29 -99.95 -4.60 17.04
C ARG X 29 -99.09 -4.03 15.92
N MET X 30 -98.84 -4.84 14.90
CA MET X 30 -98.14 -4.36 13.72
C MET X 30 -98.79 -4.92 12.45
N ARG X 31 -98.52 -4.23 11.34
CA ARG X 31 -98.94 -4.63 10.00
C ARG X 31 -97.72 -5.17 9.29
N ILE X 32 -97.60 -6.48 9.24
CA ILE X 32 -96.41 -7.15 8.70
C ILE X 32 -96.65 -7.47 7.24
N PHE X 33 -95.69 -7.11 6.39
CA PHE X 33 -95.72 -7.38 4.96
C PHE X 33 -94.83 -8.59 4.67
N ALA X 34 -95.46 -9.73 4.38
CA ALA X 34 -94.73 -10.99 4.35
C ALA X 34 -95.47 -11.95 3.42
N PRO X 35 -94.75 -12.91 2.82
CA PRO X 35 -95.45 -13.93 2.02
C PRO X 35 -96.33 -14.87 2.83
N ASN X 36 -95.82 -15.46 3.91
CA ASN X 36 -96.62 -16.36 4.73
C ASN X 36 -96.46 -16.02 6.20
N HIS X 37 -97.23 -16.73 7.03
CA HIS X 37 -97.39 -16.33 8.43
C HIS X 37 -96.15 -16.67 9.26
N VAL X 38 -95.36 -17.66 8.84
CA VAL X 38 -94.15 -18.01 9.56
C VAL X 38 -93.12 -16.89 9.48
N VAL X 39 -92.87 -16.39 8.26
CA VAL X 39 -91.95 -15.28 8.12
C VAL X 39 -92.59 -13.97 8.59
N ALA X 40 -93.93 -13.91 8.64
CA ALA X 40 -94.60 -12.77 9.24
C ALA X 40 -94.32 -12.69 10.74
N LYS X 41 -94.41 -13.84 11.43
CA LYS X 41 -94.08 -13.91 12.85
C LYS X 41 -92.59 -13.63 13.09
N SER X 42 -91.72 -14.11 12.19
CA SER X 42 -90.29 -13.85 12.32
C SER X 42 -89.97 -12.36 12.16
N ARG X 43 -90.56 -11.70 11.15
CA ARG X 43 -90.31 -10.28 10.93
C ARG X 43 -90.98 -9.44 12.02
N PHE X 44 -92.09 -9.92 12.59
CA PHE X 44 -92.69 -9.26 13.74
C PHE X 44 -91.76 -9.31 14.95
N TRP X 45 -91.15 -10.46 15.21
CA TRP X 45 -90.18 -10.53 16.31
C TRP X 45 -88.95 -9.67 16.03
N TYR X 46 -88.57 -9.53 14.74
CA TYR X 46 -87.47 -8.64 14.38
C TYR X 46 -87.78 -7.19 14.73
N PHE X 47 -88.96 -6.70 14.33
CA PHE X 47 -89.31 -5.31 14.62
C PHE X 47 -89.58 -5.07 16.11
N VAL X 48 -90.15 -6.06 16.80
CA VAL X 48 -90.39 -5.90 18.23
C VAL X 48 -89.07 -5.93 19.00
N SER X 49 -88.12 -6.75 18.55
CA SER X 49 -86.79 -6.75 19.16
C SER X 49 -86.04 -5.46 18.87
N GLN X 50 -86.31 -4.82 17.73
CA GLN X 50 -85.76 -3.49 17.50
C GLN X 50 -86.38 -2.44 18.41
N LEU X 51 -87.71 -2.42 18.52
CA LEU X 51 -88.38 -1.34 19.22
C LEU X 51 -88.36 -1.50 20.74
N LYS X 52 -88.94 -2.58 21.25
CA LYS X 52 -89.07 -2.80 22.69
C LYS X 52 -88.04 -3.80 23.18
N LYS X 53 -87.90 -3.87 24.51
CA LYS X 53 -87.10 -4.91 25.15
C LYS X 53 -87.90 -6.21 25.23
N MET X 54 -88.03 -6.90 24.10
CA MET X 54 -88.89 -8.09 24.04
C MET X 54 -88.35 -9.03 22.97
N LYS X 55 -88.24 -10.31 23.34
CA LYS X 55 -87.76 -11.34 22.44
C LYS X 55 -88.77 -12.48 22.41
N LYS X 56 -88.51 -13.48 21.57
CA LYS X 56 -89.49 -14.55 21.37
C LYS X 56 -89.61 -15.44 22.61
N SER X 57 -88.49 -15.75 23.27
CA SER X 57 -88.57 -16.60 24.45
C SER X 57 -89.04 -15.83 25.66
N SER X 58 -88.84 -14.51 25.66
CA SER X 58 -89.35 -13.66 26.74
C SER X 58 -90.73 -13.10 26.43
N GLY X 59 -91.38 -13.55 25.36
CA GLY X 59 -92.69 -13.05 25.00
C GLY X 59 -93.53 -14.07 24.27
N GLU X 60 -94.58 -13.61 23.59
CA GLU X 60 -95.45 -14.48 22.81
C GLU X 60 -96.20 -13.64 21.79
N ILE X 61 -96.57 -14.27 20.69
CA ILE X 61 -97.47 -13.66 19.71
C ILE X 61 -98.90 -14.11 20.02
N VAL X 62 -99.78 -13.14 20.24
CA VAL X 62 -101.13 -13.44 20.70
C VAL X 62 -102.01 -13.89 19.53
N TYR X 63 -101.91 -13.19 18.40
CA TYR X 63 -102.66 -13.56 17.19
C TYR X 63 -101.93 -13.07 15.96
N CYS X 64 -101.78 -13.96 14.98
CA CYS X 64 -101.18 -13.65 13.68
C CYS X 64 -102.16 -14.08 12.59
N GLY X 65 -102.88 -13.13 12.01
CA GLY X 65 -103.85 -13.42 10.97
C GLY X 65 -103.77 -12.42 9.83
N GLN X 66 -104.01 -12.93 8.62
CA GLN X 66 -104.03 -12.08 7.44
C GLN X 66 -105.30 -11.22 7.42
N VAL X 67 -105.11 -9.93 7.22
CA VAL X 67 -106.23 -9.00 7.09
C VAL X 67 -106.19 -8.42 5.68
N PHE X 68 -107.36 -8.39 5.03
CA PHE X 68 -107.45 -8.18 3.60
C PHE X 68 -107.73 -6.72 3.27
N GLU X 69 -107.83 -6.43 1.98
CA GLU X 69 -108.13 -5.10 1.50
C GLU X 69 -109.64 -4.86 1.55
N LYS X 70 -110.03 -3.69 2.09
CA LYS X 70 -111.44 -3.38 2.21
C LYS X 70 -112.06 -2.93 0.89
N SER X 71 -111.23 -2.53 -0.07
CA SER X 71 -111.69 -2.16 -1.41
C SER X 71 -110.64 -2.56 -2.43
N PRO X 72 -110.61 -3.85 -2.81
CA PRO X 72 -109.57 -4.32 -3.74
C PRO X 72 -109.84 -3.93 -5.18
N LEU X 73 -111.06 -3.51 -5.49
CA LEU X 73 -111.39 -3.18 -6.88
C LEU X 73 -111.11 -1.72 -7.18
N ARG X 74 -111.09 -0.86 -6.18
CA ARG X 74 -110.75 0.54 -6.38
C ARG X 74 -109.24 0.70 -6.52
N VAL X 75 -108.84 1.52 -7.48
CA VAL X 75 -107.43 1.87 -7.69
C VAL X 75 -107.11 3.07 -6.82
N LYS X 76 -106.03 2.96 -6.05
CA LYS X 76 -105.69 3.96 -5.05
C LYS X 76 -104.21 4.31 -5.16
N ASN X 77 -103.80 5.27 -4.33
CA ASN X 77 -102.44 5.79 -4.33
C ASN X 77 -101.85 5.59 -2.93
N PHE X 78 -100.95 4.63 -2.79
CA PHE X 78 -100.37 4.35 -1.49
C PHE X 78 -99.02 5.03 -1.37
N GLY X 79 -98.86 5.84 -0.32
CA GLY X 79 -97.58 6.44 -0.03
C GLY X 79 -96.84 5.64 1.02
N ILE X 80 -95.71 5.07 0.64
CA ILE X 80 -94.96 4.12 1.46
C ILE X 80 -93.73 4.85 1.99
N TRP X 81 -93.54 4.81 3.30
CA TRP X 81 -92.34 5.37 3.92
C TRP X 81 -91.28 4.29 4.05
N LEU X 82 -90.17 4.47 3.35
CA LEU X 82 -89.09 3.50 3.23
C LEU X 82 -87.96 3.84 4.19
N ARG X 83 -87.37 2.79 4.76
CA ARG X 83 -86.12 2.91 5.51
C ARG X 83 -85.22 1.77 5.04
N TYR X 84 -84.30 2.06 4.13
CA TYR X 84 -83.50 1.01 3.52
C TYR X 84 -82.03 1.22 3.85
N ASP X 85 -81.24 0.19 3.55
CA ASP X 85 -79.80 0.19 3.82
C ASP X 85 -79.08 0.24 2.48
N SER X 86 -78.27 1.27 2.29
CA SER X 86 -77.49 1.38 1.07
C SER X 86 -76.21 0.55 1.18
N ARG X 87 -75.36 0.65 0.17
CA ARG X 87 -74.02 0.10 0.27
C ARG X 87 -73.13 1.01 1.12
N SER X 88 -73.54 2.27 1.28
CA SER X 88 -72.84 3.26 2.08
C SER X 88 -73.87 4.01 2.91
N GLY X 89 -74.07 3.57 4.16
CA GLY X 89 -75.03 4.22 5.03
C GLY X 89 -76.44 3.70 4.86
N THR X 90 -77.35 4.29 5.63
CA THR X 90 -78.77 3.94 5.61
C THR X 90 -79.58 5.17 5.27
N HIS X 91 -80.65 5.01 4.51
CA HIS X 91 -81.40 6.14 3.99
C HIS X 91 -82.90 5.95 4.19
N ASN X 92 -83.61 7.06 4.09
CA ASN X 92 -85.07 7.13 4.20
C ASN X 92 -85.66 7.64 2.89
N MET X 93 -86.87 7.16 2.60
CA MET X 93 -87.59 7.57 1.39
C MET X 93 -89.08 7.70 1.68
N TYR X 94 -89.77 8.38 0.77
CA TYR X 94 -91.22 8.49 0.75
C TYR X 94 -91.66 8.35 -0.70
N ARG X 95 -92.26 7.21 -1.04
CA ARG X 95 -92.45 6.84 -2.43
C ARG X 95 -93.91 6.44 -2.67
N GLU X 96 -94.47 6.91 -3.78
CA GLU X 96 -95.88 6.68 -4.07
C GLU X 96 -96.07 5.60 -5.11
N TYR X 97 -97.15 4.83 -4.96
CA TYR X 97 -97.48 3.76 -5.90
C TYR X 97 -98.97 3.78 -6.18
N ARG X 98 -99.33 3.77 -7.47
CA ARG X 98 -100.74 3.71 -7.87
C ARG X 98 -101.10 2.25 -8.12
N ASP X 99 -101.87 1.66 -7.19
CA ASP X 99 -102.19 0.24 -7.24
C ASP X 99 -103.49 0.00 -6.49
N LEU X 100 -104.03 -1.21 -6.63
CA LEU X 100 -105.30 -1.57 -6.01
C LEU X 100 -105.15 -1.80 -4.51
N THR X 101 -104.33 -2.77 -4.13
CA THR X 101 -104.24 -3.21 -2.74
C THR X 101 -102.92 -2.81 -2.09
N THR X 102 -102.92 -2.83 -0.75
CA THR X 102 -101.73 -2.51 0.02
C THR X 102 -100.64 -3.55 -0.18
N ALA X 103 -101.02 -4.83 -0.18
CA ALA X 103 -100.06 -5.91 -0.36
C ALA X 103 -99.44 -5.87 -1.76
N GLY X 104 -100.25 -5.58 -2.77
CA GLY X 104 -99.71 -5.43 -4.12
C GLY X 104 -98.83 -4.20 -4.28
N ALA X 105 -99.19 -3.09 -3.61
CA ALA X 105 -98.36 -1.89 -3.66
C ALA X 105 -97.02 -2.11 -2.96
N VAL X 106 -97.01 -2.86 -1.86
CA VAL X 106 -95.76 -3.15 -1.17
C VAL X 106 -94.93 -4.16 -1.97
N THR X 107 -95.59 -5.08 -2.68
CA THR X 107 -94.88 -5.98 -3.59
C THR X 107 -94.20 -5.20 -4.70
N GLN X 108 -94.93 -4.27 -5.33
CA GLN X 108 -94.37 -3.38 -6.33
C GLN X 108 -93.26 -2.51 -5.76
N CYS X 109 -93.36 -2.15 -4.48
CA CYS X 109 -92.32 -1.37 -3.81
C CYS X 109 -91.04 -2.17 -3.67
N TYR X 110 -91.12 -3.43 -3.24
CA TYR X 110 -89.93 -4.28 -3.16
C TYR X 110 -89.30 -4.50 -4.54
N ARG X 111 -90.14 -4.75 -5.56
CA ARG X 111 -89.62 -4.98 -6.91
C ARG X 111 -88.94 -3.72 -7.46
N ASP X 112 -89.52 -2.55 -7.23
CA ASP X 112 -88.97 -1.33 -7.80
C ASP X 112 -87.77 -0.83 -7.02
N MET X 113 -87.72 -1.07 -5.70
CA MET X 113 -86.52 -0.73 -4.95
C MET X 113 -85.35 -1.63 -5.32
N GLY X 114 -85.61 -2.93 -5.51
CA GLY X 114 -84.58 -3.82 -6.02
C GLY X 114 -84.20 -3.52 -7.45
N ALA X 115 -85.13 -2.91 -8.21
CA ALA X 115 -84.83 -2.47 -9.56
C ALA X 115 -83.88 -1.29 -9.57
N ARG X 116 -84.28 -0.18 -8.96
CA ARG X 116 -83.52 1.06 -9.10
C ARG X 116 -82.28 1.07 -8.21
N HIS X 117 -82.39 0.61 -6.97
CA HIS X 117 -81.31 0.81 -6.02
C HIS X 117 -80.60 -0.48 -5.62
N ARG X 118 -81.04 -1.62 -6.16
CA ARG X 118 -80.53 -2.96 -5.80
C ARG X 118 -80.64 -3.20 -4.30
N ALA X 119 -81.71 -2.71 -3.70
CA ALA X 119 -81.93 -2.82 -2.26
C ALA X 119 -82.58 -4.17 -1.97
N ARG X 120 -81.92 -5.00 -1.18
CA ARG X 120 -82.42 -6.30 -0.85
C ARG X 120 -83.55 -6.21 0.18
N ALA X 121 -84.37 -7.25 0.23
CA ALA X 121 -85.55 -7.22 1.10
C ALA X 121 -85.17 -7.31 2.57
N HIS X 122 -83.98 -7.83 2.89
CA HIS X 122 -83.52 -7.81 4.27
C HIS X 122 -83.03 -6.42 4.66
N SER X 123 -82.66 -5.60 3.67
CA SER X 123 -82.25 -4.23 3.95
C SER X 123 -83.45 -3.29 3.99
N ILE X 124 -84.47 -3.57 3.19
CA ILE X 124 -85.65 -2.72 3.13
C ILE X 124 -86.52 -2.95 4.37
N GLN X 125 -86.83 -1.86 5.07
CA GLN X 125 -87.74 -1.90 6.22
C GLN X 125 -88.90 -0.94 5.96
N ILE X 126 -90.12 -1.47 5.92
CA ILE X 126 -91.30 -0.66 5.69
C ILE X 126 -91.85 -0.25 7.06
N MET X 127 -92.16 1.05 7.21
CA MET X 127 -92.72 1.51 8.48
C MET X 127 -94.18 1.94 8.38
N LYS X 128 -94.63 2.47 7.24
CA LYS X 128 -95.99 2.97 7.12
C LYS X 128 -96.43 3.01 5.66
N VAL X 129 -97.64 2.54 5.42
CA VAL X 129 -98.28 2.62 4.10
C VAL X 129 -99.64 3.28 4.33
N GLU X 130 -99.89 4.38 3.64
CA GLU X 130 -101.13 5.14 3.80
C GLU X 130 -101.78 5.38 2.45
N GLU X 131 -103.09 5.12 2.38
CA GLU X 131 -103.86 5.47 1.19
C GLU X 131 -104.05 6.99 1.15
N ILE X 132 -103.87 7.57 -0.03
CA ILE X 132 -103.78 9.01 -0.22
C ILE X 132 -104.69 9.39 -1.38
N ALA X 133 -105.44 10.49 -1.21
CA ALA X 133 -106.26 11.04 -2.27
C ALA X 133 -105.39 11.58 -3.41
N ALA X 134 -106.03 11.86 -4.55
CA ALA X 134 -105.29 12.25 -5.74
C ALA X 134 -104.75 13.68 -5.63
N SER X 135 -105.30 14.49 -4.73
CA SER X 135 -104.83 15.87 -4.60
C SER X 135 -103.52 15.94 -3.83
N LYS X 136 -103.33 15.06 -2.85
CA LYS X 136 -102.13 15.12 -2.01
C LYS X 136 -100.97 14.30 -2.56
N CYS X 137 -101.04 13.82 -3.80
CA CYS X 137 -99.94 13.07 -4.37
C CYS X 137 -98.80 13.99 -4.77
N ARG X 138 -97.58 13.47 -4.69
CA ARG X 138 -96.36 14.26 -4.94
C ARG X 138 -95.61 13.82 -6.19
N ARG X 139 -95.62 12.53 -6.51
CA ARG X 139 -94.79 12.04 -7.59
C ARG X 139 -95.48 12.24 -8.94
N PRO X 140 -94.77 12.76 -9.94
CA PRO X 140 -95.41 13.04 -11.23
C PRO X 140 -95.77 11.79 -12.02
N ALA X 141 -95.06 10.69 -11.83
CA ALA X 141 -95.39 9.44 -12.49
C ALA X 141 -96.72 8.87 -11.98
N VAL X 142 -97.09 9.20 -10.75
CA VAL X 142 -98.41 8.85 -10.22
C VAL X 142 -99.44 9.89 -10.60
N LYS X 143 -99.06 11.17 -10.60
CA LYS X 143 -100.02 12.25 -10.88
C LYS X 143 -100.39 12.33 -12.35
N GLN X 144 -99.61 11.73 -13.25
CA GLN X 144 -99.93 11.80 -14.67
C GLN X 144 -101.12 10.91 -15.03
N PHE X 145 -101.45 9.94 -14.18
CA PHE X 145 -102.62 9.11 -14.40
C PHE X 145 -103.89 9.72 -13.84
N HIS X 146 -103.79 10.89 -13.20
CA HIS X 146 -104.96 11.54 -12.62
C HIS X 146 -105.69 12.36 -13.67
N ASP X 147 -106.53 11.69 -14.46
CA ASP X 147 -107.26 12.37 -15.52
C ASP X 147 -108.57 11.62 -15.73
N SER X 148 -109.68 12.38 -15.79
CA SER X 148 -110.98 11.77 -16.01
C SER X 148 -111.11 11.27 -17.44
N LYS X 149 -110.76 12.12 -18.41
CA LYS X 149 -110.75 11.72 -19.81
C LYS X 149 -109.34 11.34 -20.26
N ILE X 150 -108.81 10.28 -19.65
CA ILE X 150 -107.49 9.79 -20.02
C ILE X 150 -107.58 9.05 -21.35
N LYS X 151 -106.57 9.25 -22.19
CA LYS X 151 -106.61 8.74 -23.56
C LYS X 151 -105.20 8.62 -24.09
N PHE X 152 -104.83 7.39 -24.50
CA PHE X 152 -103.51 7.13 -25.06
C PHE X 152 -103.58 5.88 -25.93
N PRO X 153 -102.85 5.82 -27.02
CA PRO X 153 -102.76 4.57 -27.79
C PRO X 153 -101.69 3.65 -27.21
N LEU X 154 -101.65 2.46 -27.77
CA LEU X 154 -100.55 1.54 -27.49
C LEU X 154 -99.61 1.60 -28.70
N PRO X 155 -98.53 2.39 -28.61
CA PRO X 155 -97.81 2.82 -29.82
C PRO X 155 -97.05 1.73 -30.57
N HIS X 156 -96.20 0.97 -29.88
CA HIS X 156 -95.39 -0.06 -30.51
C HIS X 156 -95.73 -1.40 -29.85
N ARG X 157 -96.64 -2.14 -30.45
CA ARG X 157 -97.08 -3.44 -29.95
C ARG X 157 -96.04 -4.47 -30.39
N VAL X 158 -94.97 -4.59 -29.62
CA VAL X 158 -93.99 -5.64 -29.86
C VAL X 158 -94.65 -7.00 -29.61
N LEU X 159 -94.69 -7.83 -30.64
CA LEU X 159 -95.49 -9.04 -30.57
C LEU X 159 -94.76 -10.13 -29.81
N ARG X 160 -95.50 -10.83 -28.96
CA ARG X 160 -95.06 -12.08 -28.39
C ARG X 160 -95.68 -13.22 -29.20
N ARG X 161 -95.61 -14.43 -28.64
CA ARG X 161 -95.93 -15.68 -29.33
C ARG X 161 -95.08 -15.79 -30.59
N GLN X 162 -93.77 -15.85 -30.39
CA GLN X 162 -92.83 -15.70 -31.49
C GLN X 162 -92.41 -17.06 -32.02
N HIS X 163 -92.31 -18.06 -31.15
CA HIS X 163 -91.71 -19.33 -31.52
C HIS X 163 -92.74 -20.40 -31.87
N LYS X 164 -94.03 -20.07 -31.93
CA LYS X 164 -94.97 -21.01 -32.58
C LYS X 164 -94.99 -20.81 -34.10
N PRO X 165 -95.09 -19.58 -34.65
CA PRO X 165 -94.82 -19.44 -36.09
C PRO X 165 -93.35 -19.16 -36.43
N ARG X 166 -92.41 -20.03 -36.03
CA ARG X 166 -90.97 -19.91 -36.32
C ARG X 166 -90.73 -19.65 -37.80
N PHE X 167 -91.23 -20.45 -38.72
CA PHE X 167 -90.85 -20.28 -40.12
C PHE X 167 -92.04 -19.86 -40.96
N THR X 168 -92.28 -18.54 -41.04
CA THR X 168 -93.45 -18.01 -41.71
C THR X 168 -93.03 -17.16 -42.90
N THR X 169 -93.99 -16.89 -43.77
CA THR X 169 -93.74 -16.11 -44.98
C THR X 169 -93.88 -14.62 -44.73
N LYS X 170 -94.99 -14.21 -44.13
CA LYS X 170 -95.34 -12.80 -43.99
C LYS X 170 -94.56 -12.15 -42.86
N ARG X 171 -94.29 -10.86 -43.03
CA ARG X 171 -93.72 -10.06 -41.96
C ARG X 171 -94.80 -9.70 -40.94
N PRO X 172 -94.48 -9.70 -39.65
CA PRO X 172 -95.50 -9.45 -38.63
C PRO X 172 -95.88 -7.98 -38.57
N ASN X 173 -97.18 -7.71 -38.53
CA ASN X 173 -97.67 -6.36 -38.35
C ASN X 173 -97.68 -6.03 -36.87
N THR X 174 -97.35 -4.78 -36.55
CA THR X 174 -97.27 -4.31 -35.18
C THR X 174 -97.83 -2.89 -35.07
N PHE X 175 -98.93 -2.64 -35.78
CA PHE X 175 -99.65 -1.38 -35.63
C PHE X 175 -101.10 -1.73 -35.27
N PHE X 176 -101.47 -1.55 -34.02
CA PHE X 176 -102.81 -1.90 -33.57
C PHE X 176 -103.39 -0.83 -32.66
N THR Y 1 -41.35 -21.54 22.74
CA THR Y 1 -42.36 -22.32 23.47
C THR Y 1 -42.65 -21.69 24.83
N ASN Y 2 -43.70 -22.18 25.49
CA ASN Y 2 -44.08 -21.67 26.79
C ASN Y 2 -43.26 -22.34 27.88
N THR Y 3 -43.21 -21.68 29.03
CA THR Y 3 -42.60 -22.26 30.21
C THR Y 3 -43.58 -23.21 30.88
N LYS Y 4 -43.05 -24.13 31.69
CA LYS Y 4 -43.88 -25.16 32.26
C LYS Y 4 -43.95 -25.01 33.78
N GLY Y 5 -44.04 -23.76 34.25
CA GLY Y 5 -44.04 -23.48 35.66
C GLY Y 5 -45.36 -23.82 36.33
N LYS Y 6 -45.34 -23.77 37.67
CA LYS Y 6 -46.54 -24.05 38.45
C LYS Y 6 -47.58 -22.95 38.29
N ARG Y 7 -47.14 -21.70 38.33
CA ARG Y 7 -48.08 -20.58 38.32
C ARG Y 7 -47.90 -19.73 37.08
N ARG Y 8 -47.77 -20.38 35.92
CA ARG Y 8 -47.65 -19.68 34.65
C ARG Y 8 -49.03 -19.26 34.18
N GLY Y 9 -49.21 -17.96 33.96
CA GLY Y 9 -50.49 -17.44 33.51
C GLY Y 9 -51.56 -17.45 34.58
N THR Y 10 -51.20 -17.16 35.83
CA THR Y 10 -52.13 -17.12 36.94
C THR Y 10 -52.16 -15.72 37.54
N ARG Y 11 -52.22 -14.71 36.66
CA ARG Y 11 -52.22 -13.33 37.12
C ARG Y 11 -53.54 -12.93 37.74
N TYR Y 12 -54.65 -13.25 37.06
CA TYR Y 12 -55.97 -12.90 37.53
C TYR Y 12 -56.63 -14.00 38.35
N MET Y 13 -56.14 -15.23 38.25
CA MET Y 13 -56.90 -16.38 38.72
C MET Y 13 -56.76 -16.55 40.23
N PHE Y 14 -55.51 -16.63 40.73
CA PHE Y 14 -55.30 -16.69 42.17
C PHE Y 14 -55.41 -15.32 42.84
N SER Y 15 -55.60 -14.25 42.07
CA SER Y 15 -55.73 -12.92 42.65
C SER Y 15 -57.05 -12.79 43.40
N ARG Y 16 -56.99 -12.11 44.53
CA ARG Y 16 -58.19 -11.83 45.32
C ARG Y 16 -59.06 -10.80 44.59
N PRO Y 17 -60.37 -10.83 44.82
CA PRO Y 17 -61.26 -9.85 44.18
C PRO Y 17 -61.06 -8.45 44.75
N PHE Y 18 -61.72 -7.50 44.12
CA PHE Y 18 -61.59 -6.09 44.49
C PHE Y 18 -62.27 -5.83 45.83
N ARG Y 19 -61.52 -5.19 46.74
CA ARG Y 19 -61.92 -4.92 48.13
C ARG Y 19 -62.30 -6.21 48.87
N LYS Y 20 -61.58 -7.29 48.57
CA LYS Y 20 -61.72 -8.55 49.29
C LYS Y 20 -60.37 -9.13 49.68
N HIS Y 21 -59.37 -8.26 49.84
CA HIS Y 21 -58.05 -8.65 50.29
C HIS Y 21 -58.03 -8.77 51.81
N GLY Y 22 -56.86 -9.09 52.36
CA GLY Y 22 -56.68 -9.06 53.79
C GLY Y 22 -56.84 -10.38 54.51
N VAL Y 23 -57.53 -10.36 55.64
CA VAL Y 23 -57.66 -11.52 56.51
C VAL Y 23 -58.65 -12.52 55.89
N VAL Y 24 -58.28 -13.78 55.89
CA VAL Y 24 -59.15 -14.85 55.37
C VAL Y 24 -60.33 -15.02 56.32
N PRO Y 25 -61.56 -15.14 55.81
CA PRO Y 25 -62.71 -15.41 56.68
C PRO Y 25 -62.59 -16.77 57.37
N LEU Y 26 -63.06 -16.83 58.61
CA LEU Y 26 -62.75 -17.95 59.50
C LEU Y 26 -63.80 -19.06 59.48
N ALA Y 27 -65.00 -18.78 58.94
CA ALA Y 27 -65.98 -19.84 58.75
C ALA Y 27 -65.53 -20.82 57.68
N THR Y 28 -64.76 -20.33 56.70
CA THR Y 28 -64.14 -21.19 55.70
C THR Y 28 -63.16 -22.17 56.36
N TYR Y 29 -62.44 -21.70 57.38
CA TYR Y 29 -61.56 -22.57 58.14
C TYR Y 29 -62.36 -23.59 58.94
N MET Y 30 -63.33 -23.12 59.72
CA MET Y 30 -63.97 -24.01 60.68
C MET Y 30 -65.09 -24.84 60.08
N ARG Y 31 -65.36 -24.71 58.78
CA ARG Y 31 -66.37 -25.56 58.16
C ARG Y 31 -65.82 -26.97 57.94
N ILE Y 32 -66.54 -27.96 58.46
CA ILE Y 32 -66.05 -29.32 58.55
C ILE Y 32 -66.30 -30.07 57.23
N TYR Y 33 -65.40 -30.99 56.92
CA TYR Y 33 -65.36 -31.68 55.63
C TYR Y 33 -65.46 -33.18 55.88
N LYS Y 34 -66.59 -33.78 55.56
CA LYS Y 34 -66.76 -35.21 55.72
C LYS Y 34 -66.24 -35.96 54.49
N LYS Y 35 -66.08 -37.27 54.65
CA LYS Y 35 -65.64 -38.10 53.52
C LYS Y 35 -66.79 -38.34 52.55
N GLY Y 36 -66.50 -38.16 51.26
CA GLY Y 36 -67.50 -38.40 50.24
C GLY Y 36 -68.42 -37.24 49.95
N ASP Y 37 -68.01 -36.01 50.30
CA ASP Y 37 -68.77 -34.82 49.99
C ASP Y 37 -68.26 -34.24 48.67
N ILE Y 38 -69.20 -33.87 47.79
CA ILE Y 38 -68.85 -33.27 46.52
C ILE Y 38 -68.31 -31.85 46.76
N VAL Y 39 -67.09 -31.60 46.30
CA VAL Y 39 -66.33 -30.40 46.66
C VAL Y 39 -65.78 -29.77 45.39
N ASP Y 40 -66.11 -28.49 45.17
CA ASP Y 40 -65.50 -27.72 44.10
C ASP Y 40 -64.26 -26.99 44.60
N ILE Y 41 -63.37 -26.64 43.66
CA ILE Y 41 -62.06 -26.07 44.00
C ILE Y 41 -61.95 -24.66 43.42
N LYS Y 42 -61.59 -23.70 44.28
CA LYS Y 42 -61.36 -22.32 43.87
C LYS Y 42 -60.11 -21.83 44.59
N GLY Y 43 -59.07 -21.48 43.83
CA GLY Y 43 -57.81 -21.11 44.43
C GLY Y 43 -57.86 -19.76 45.11
N MET Y 44 -56.87 -19.53 45.96
CA MET Y 44 -56.76 -18.33 46.77
C MET Y 44 -55.29 -17.96 46.88
N GLY Y 45 -54.99 -16.67 46.75
CA GLY Y 45 -53.60 -16.25 46.72
C GLY Y 45 -53.05 -15.81 48.06
N THR Y 46 -53.90 -15.69 49.08
CA THR Y 46 -53.45 -15.26 50.40
C THR Y 46 -52.59 -16.33 51.06
N VAL Y 47 -53.11 -17.55 51.15
CA VAL Y 47 -52.37 -18.66 51.71
C VAL Y 47 -51.70 -19.40 50.56
N GLN Y 48 -50.37 -19.40 50.55
CA GLN Y 48 -49.63 -19.98 49.44
C GLN Y 48 -49.36 -21.47 49.64
N LYS Y 49 -49.41 -21.94 50.88
CA LYS Y 49 -49.20 -23.35 51.16
C LYS Y 49 -50.48 -24.13 50.84
N GLY Y 50 -50.32 -25.29 50.21
CA GLY Y 50 -51.46 -26.12 49.89
C GLY Y 50 -52.31 -25.65 48.74
N MET Y 51 -51.71 -24.93 47.78
CA MET Y 51 -52.49 -24.47 46.64
C MET Y 51 -52.71 -25.62 45.66
N PRO Y 52 -53.86 -25.67 44.99
CA PRO Y 52 -54.03 -26.60 43.88
C PRO Y 52 -53.37 -26.07 42.62
N HIS Y 53 -53.50 -26.84 41.55
CA HIS Y 53 -52.91 -26.43 40.29
C HIS Y 53 -53.95 -25.71 39.43
N LYS Y 54 -53.46 -24.95 38.44
CA LYS Y 54 -54.32 -24.13 37.60
C LYS Y 54 -55.20 -24.98 36.70
N CYS Y 55 -54.86 -26.25 36.48
CA CYS Y 55 -55.77 -27.15 35.80
C CYS Y 55 -56.87 -27.64 36.72
N TYR Y 56 -56.66 -27.59 38.03
CA TYR Y 56 -57.71 -28.01 38.96
C TYR Y 56 -58.53 -26.85 39.50
N HIS Y 57 -58.13 -25.61 39.21
CA HIS Y 57 -58.96 -24.46 39.55
C HIS Y 57 -60.28 -24.53 38.79
N GLY Y 58 -61.38 -24.66 39.52
CA GLY Y 58 -62.69 -24.72 38.91
C GLY Y 58 -63.26 -26.13 38.84
N LYS Y 59 -62.39 -27.12 39.01
CA LYS Y 59 -62.83 -28.50 38.95
C LYS Y 59 -63.53 -28.91 40.25
N THR Y 60 -64.27 -30.01 40.17
CA THR Y 60 -65.09 -30.47 41.27
C THR Y 60 -64.87 -31.96 41.47
N GLY Y 61 -64.53 -32.35 42.70
CA GLY Y 61 -64.36 -33.75 43.04
C GLY Y 61 -64.98 -34.09 44.37
N ARG Y 62 -64.54 -35.18 45.00
CA ARG Y 62 -65.07 -35.59 46.29
C ARG Y 62 -63.95 -36.04 47.21
N VAL Y 63 -64.19 -35.94 48.51
CA VAL Y 63 -63.15 -36.10 49.52
C VAL Y 63 -63.00 -37.58 49.86
N TYR Y 64 -61.76 -38.07 49.83
CA TYR Y 64 -61.46 -39.43 50.25
C TYR Y 64 -60.63 -39.50 51.52
N ASN Y 65 -59.79 -38.49 51.78
CA ASN Y 65 -58.90 -38.44 52.92
C ASN Y 65 -59.04 -37.08 53.60
N VAL Y 66 -59.00 -37.09 54.93
CA VAL Y 66 -59.09 -35.88 55.74
C VAL Y 66 -57.92 -35.86 56.71
N THR Y 67 -57.15 -34.77 56.69
CA THR Y 67 -56.03 -34.60 57.61
C THR Y 67 -56.30 -33.42 58.54
N GLN Y 68 -55.26 -32.97 59.26
CA GLN Y 68 -55.44 -31.91 60.25
C GLN Y 68 -55.82 -30.58 59.61
N HIS Y 69 -55.04 -30.11 58.64
CA HIS Y 69 -55.27 -28.80 58.05
C HIS Y 69 -55.48 -28.87 56.54
N ALA Y 70 -55.76 -30.06 56.02
CA ALA Y 70 -55.99 -30.24 54.59
C ALA Y 70 -56.82 -31.51 54.40
N VAL Y 71 -57.41 -31.66 53.21
CA VAL Y 71 -58.10 -32.90 52.86
C VAL Y 71 -57.64 -33.32 51.47
N GLY Y 72 -57.79 -34.61 51.18
CA GLY Y 72 -57.52 -35.11 49.84
C GLY Y 72 -58.82 -35.25 49.07
N ILE Y 73 -58.74 -35.05 47.76
CA ILE Y 73 -59.92 -35.02 46.90
C ILE Y 73 -59.60 -35.70 45.57
N VAL Y 74 -60.52 -36.54 45.08
CA VAL Y 74 -60.37 -37.24 43.81
C VAL Y 74 -61.11 -36.45 42.74
N VAL Y 75 -60.36 -35.77 41.87
CA VAL Y 75 -60.93 -34.97 40.81
C VAL Y 75 -60.63 -35.64 39.47
N ASN Y 76 -61.41 -35.27 38.45
CA ASN Y 76 -61.32 -35.89 37.13
C ASN Y 76 -60.53 -34.95 36.21
N LYS Y 77 -59.35 -35.39 35.79
CA LYS Y 77 -58.52 -34.61 34.89
C LYS Y 77 -58.48 -35.26 33.51
N GLN Y 78 -58.74 -34.48 32.48
CA GLN Y 78 -58.68 -34.97 31.10
C GLN Y 78 -57.29 -34.73 30.52
N VAL Y 79 -56.52 -35.80 30.33
CA VAL Y 79 -55.14 -35.69 29.86
C VAL Y 79 -55.01 -36.45 28.56
N LYS Y 80 -55.29 -35.78 27.44
CA LYS Y 80 -54.74 -36.03 26.10
C LYS Y 80 -55.24 -37.34 25.48
N GLY Y 81 -55.85 -38.26 26.23
CA GLY Y 81 -56.53 -39.38 25.63
C GLY Y 81 -57.73 -39.90 26.37
N LYS Y 82 -57.95 -39.42 27.59
CA LYS Y 82 -58.80 -40.09 28.57
C LYS Y 82 -58.97 -39.21 29.79
N ILE Y 83 -59.97 -39.53 30.61
CA ILE Y 83 -60.22 -38.85 31.87
C ILE Y 83 -59.75 -39.75 33.00
N LEU Y 84 -58.93 -39.21 33.89
CA LEU Y 84 -58.36 -39.95 35.01
C LEU Y 84 -58.92 -39.38 36.32
N ALA Y 85 -59.44 -40.26 37.16
CA ALA Y 85 -59.87 -39.88 38.50
C ALA Y 85 -58.68 -39.89 39.44
N LYS Y 86 -57.98 -38.76 39.53
CA LYS Y 86 -56.73 -38.69 40.25
C LYS Y 86 -56.89 -37.81 41.49
N ARG Y 87 -56.03 -38.04 42.47
CA ARG Y 87 -56.20 -37.51 43.81
C ARG Y 87 -55.16 -36.43 44.09
N ILE Y 88 -55.61 -35.33 44.70
CA ILE Y 88 -54.75 -34.21 45.08
C ILE Y 88 -55.05 -33.82 46.52
N ASN Y 89 -54.03 -33.30 47.20
CA ASN Y 89 -54.14 -32.87 48.59
C ASN Y 89 -54.23 -31.35 48.65
N VAL Y 90 -55.37 -30.84 49.10
CA VAL Y 90 -55.67 -29.42 49.04
C VAL Y 90 -55.93 -28.93 50.47
N ARG Y 91 -55.34 -27.77 50.81
CA ARG Y 91 -55.56 -27.13 52.09
C ARG Y 91 -56.94 -26.46 52.09
N ILE Y 92 -57.38 -26.02 53.29
CA ILE Y 92 -58.78 -25.69 53.55
C ILE Y 92 -59.23 -24.44 52.77
N GLU Y 93 -58.32 -23.49 52.55
CA GLU Y 93 -58.66 -22.21 51.94
C GLU Y 93 -59.14 -22.32 50.51
N HIS Y 94 -58.76 -23.38 49.80
CA HIS Y 94 -59.03 -23.51 48.38
C HIS Y 94 -60.22 -24.41 48.10
N ILE Y 95 -61.14 -24.51 49.05
CA ILE Y 95 -62.16 -25.56 49.07
C ILE Y 95 -63.47 -24.96 49.54
N LYS Y 96 -64.55 -25.22 48.78
CA LYS Y 96 -65.90 -24.92 49.20
C LYS Y 96 -66.77 -26.15 48.98
N HIS Y 97 -67.98 -26.12 49.52
CA HIS Y 97 -68.94 -27.19 49.26
C HIS Y 97 -69.70 -26.88 47.97
N SER Y 98 -70.01 -27.93 47.20
CA SER Y 98 -70.88 -27.78 46.05
C SER Y 98 -72.33 -28.03 46.45
N LYS Y 99 -73.21 -27.12 46.05
CA LYS Y 99 -74.63 -27.24 46.37
C LYS Y 99 -75.40 -28.04 45.33
N SER Y 100 -74.71 -28.57 44.31
CA SER Y 100 -75.35 -29.47 43.37
C SER Y 100 -75.73 -30.79 44.04
N ARG Y 101 -74.94 -31.22 45.03
CA ARG Y 101 -75.31 -32.36 45.84
C ARG Y 101 -76.43 -32.01 46.81
N ASP Y 102 -76.43 -30.77 47.32
CA ASP Y 102 -77.40 -30.37 48.34
C ASP Y 102 -78.81 -30.25 47.75
N SER Y 103 -78.91 -29.70 46.53
CA SER Y 103 -80.22 -29.62 45.86
C SER Y 103 -80.76 -31.01 45.53
N PHE Y 104 -79.87 -31.94 45.15
CA PHE Y 104 -80.28 -33.32 44.92
C PHE Y 104 -80.74 -34.00 46.20
N LEU Y 105 -80.06 -33.72 47.32
CA LEU Y 105 -80.49 -34.30 48.59
C LEU Y 105 -81.83 -33.73 49.06
N LYS Y 106 -82.07 -32.43 48.83
CA LYS Y 106 -83.37 -31.85 49.12
C LYS Y 106 -84.46 -32.45 48.24
N ARG Y 107 -84.15 -32.73 46.98
CA ARG Y 107 -85.14 -33.34 46.10
C ARG Y 107 -85.41 -34.79 46.48
N VAL Y 108 -84.38 -35.51 46.95
CA VAL Y 108 -84.56 -36.88 47.44
C VAL Y 108 -85.41 -36.89 48.71
N LYS Y 109 -85.18 -35.93 49.61
CA LYS Y 109 -85.99 -35.83 50.82
C LYS Y 109 -87.44 -35.49 50.50
N GLU Y 110 -87.66 -34.61 49.52
CA GLU Y 110 -89.01 -34.28 49.09
C GLU Y 110 -89.70 -35.46 48.43
N ASN Y 111 -88.96 -36.25 47.65
CA ASN Y 111 -89.54 -37.43 47.02
C ASN Y 111 -89.83 -38.52 48.04
N ASP Y 112 -89.01 -38.63 49.09
CA ASP Y 112 -89.29 -39.59 50.14
C ASP Y 112 -90.51 -39.19 50.96
N GLN Y 113 -90.67 -37.88 51.21
CA GLN Y 113 -91.87 -37.39 51.89
C GLN Y 113 -93.11 -37.61 51.05
N LYS Y 114 -93.02 -37.34 49.74
CA LYS Y 114 -94.16 -37.56 48.84
C LYS Y 114 -94.41 -39.04 48.56
N LYS Y 115 -93.44 -39.90 48.83
CA LYS Y 115 -93.66 -41.34 48.68
C LYS Y 115 -94.29 -41.93 49.93
N LYS Y 116 -93.89 -41.45 51.12
CA LYS Y 116 -94.56 -41.86 52.34
C LYS Y 116 -95.98 -41.31 52.40
N GLU Y 117 -96.19 -40.10 51.88
CA GLU Y 117 -97.52 -39.53 51.76
C GLU Y 117 -98.23 -40.16 50.56
N ALA Y 118 -99.58 -40.22 50.68
CA ALA Y 118 -100.49 -40.70 49.63
C ALA Y 118 -100.21 -42.15 49.25
N LYS Y 119 -99.81 -42.96 50.22
CA LYS Y 119 -99.69 -44.41 50.04
C LYS Y 119 -100.96 -45.13 50.48
N GLU Y 120 -101.51 -44.75 51.64
CA GLU Y 120 -102.81 -45.28 52.05
C GLU Y 120 -103.95 -44.63 51.28
N LYS Y 121 -103.70 -43.48 50.65
CA LYS Y 121 -104.73 -42.81 49.87
C LYS Y 121 -104.91 -43.49 48.51
N GLY Y 122 -103.82 -43.65 47.75
CA GLY Y 122 -103.86 -44.30 46.46
C GLY Y 122 -103.70 -43.38 45.27
N THR Y 123 -103.53 -42.08 45.49
CA THR Y 123 -103.35 -41.14 44.39
C THR Y 123 -101.92 -41.25 43.84
N TRP Y 124 -101.80 -41.33 42.52
CA TRP Y 124 -100.51 -41.48 41.85
C TRP Y 124 -100.00 -40.11 41.46
N VAL Y 125 -99.14 -39.54 42.29
CA VAL Y 125 -98.56 -38.22 42.03
C VAL Y 125 -97.16 -38.40 41.46
N GLN Y 126 -96.84 -37.65 40.41
CA GLN Y 126 -95.59 -37.82 39.66
C GLN Y 126 -94.40 -37.38 40.51
N LEU Y 127 -93.34 -38.18 40.51
CA LEU Y 127 -92.15 -37.87 41.29
C LEU Y 127 -90.99 -37.43 40.40
N LYS Y 128 -90.99 -37.85 39.13
CA LYS Y 128 -89.92 -37.47 38.22
C LYS Y 128 -90.04 -36.01 37.82
N ARG Y 129 -88.89 -35.40 37.52
CA ARG Y 129 -88.87 -34.04 37.02
C ARG Y 129 -89.31 -34.03 35.56
N GLN Y 130 -90.36 -33.31 35.27
CA GLN Y 130 -90.79 -33.18 33.88
C GLN Y 130 -90.33 -31.83 33.36
N PRO Y 131 -89.75 -31.77 32.15
CA PRO Y 131 -89.19 -30.50 31.66
C PRO Y 131 -90.25 -29.47 31.32
N ALA Y 132 -89.80 -28.29 30.89
CA ALA Y 132 -90.66 -27.17 30.57
C ALA Y 132 -91.53 -27.50 29.37
N PRO Y 133 -92.83 -27.68 29.56
CA PRO Y 133 -93.68 -28.21 28.49
C PRO Y 133 -94.09 -27.12 27.53
N PRO Y 134 -94.69 -27.46 26.40
CA PRO Y 134 -95.49 -26.47 25.66
C PRO Y 134 -96.66 -26.01 26.52
N ARG Y 135 -96.79 -24.69 26.64
CA ARG Y 135 -97.74 -24.12 27.58
C ARG Y 135 -99.17 -24.31 27.10
N GLU Y 136 -100.10 -24.33 28.07
CA GLU Y 136 -101.52 -24.56 27.82
C GLU Y 136 -102.12 -23.30 27.16
N ALA Y 137 -103.20 -23.52 26.39
CA ALA Y 137 -103.92 -22.43 25.78
C ALA Y 137 -104.56 -21.53 26.83
N HIS Y 138 -104.52 -20.23 26.60
CA HIS Y 138 -105.00 -19.25 27.57
C HIS Y 138 -105.66 -18.09 26.84
N PHE Y 139 -106.40 -17.30 27.60
CA PHE Y 139 -107.18 -16.17 27.07
C PHE Y 139 -106.48 -14.88 27.41
N VAL Y 140 -106.00 -14.17 26.38
CA VAL Y 140 -105.44 -12.84 26.55
C VAL Y 140 -106.60 -11.84 26.54
N ARG Y 141 -106.83 -11.19 27.67
CA ARG Y 141 -107.97 -10.27 27.84
C ARG Y 141 -107.51 -8.87 27.45
N THR Y 142 -107.91 -8.42 26.26
CA THR Y 142 -107.61 -7.07 25.78
C THR Y 142 -108.78 -6.14 26.11
N ASN Y 143 -109.08 -6.07 27.41
CA ASN Y 143 -110.17 -5.23 27.89
C ASN Y 143 -109.86 -3.75 27.74
N GLY Y 144 -110.87 -2.98 27.33
CA GLY Y 144 -110.70 -1.55 27.18
C GLY Y 144 -109.99 -1.15 25.90
N LYS Y 145 -108.73 -0.74 26.04
CA LYS Y 145 -107.99 -0.17 24.94
C LYS Y 145 -107.56 -1.22 23.92
N GLU Y 146 -107.46 -0.78 22.66
CA GLU Y 146 -106.95 -1.60 21.57
C GLU Y 146 -105.43 -1.73 21.70
N PRO Y 147 -104.82 -2.75 21.09
CA PRO Y 147 -103.36 -2.89 21.16
C PRO Y 147 -102.64 -1.75 20.45
N GLU Y 148 -101.51 -1.34 21.03
CA GLU Y 148 -100.77 -0.18 20.55
C GLU Y 148 -100.04 -0.50 19.25
N LEU Y 149 -100.25 0.32 18.23
CA LEU Y 149 -99.66 0.11 16.92
C LEU Y 149 -98.20 0.54 16.97
N LEU Y 150 -97.29 -0.42 16.79
CA LEU Y 150 -95.86 -0.13 16.79
C LEU Y 150 -95.45 0.36 15.40
N GLU Y 151 -94.89 1.56 15.36
CA GLU Y 151 -94.34 2.16 14.15
C GLU Y 151 -92.81 2.08 14.19
N PRO Y 152 -92.18 1.54 13.16
CA PRO Y 152 -90.71 1.59 13.10
C PRO Y 152 -90.21 3.01 12.91
N ILE Y 153 -89.19 3.37 13.68
CA ILE Y 153 -88.69 4.74 13.73
C ILE Y 153 -87.89 5.06 12.47
N PRO Y 154 -87.95 6.29 11.97
CA PRO Y 154 -87.10 6.66 10.83
C PRO Y 154 -85.66 6.88 11.26
N TYR Y 155 -84.75 6.82 10.29
CA TYR Y 155 -83.34 6.94 10.59
C TYR Y 155 -82.94 8.39 10.76
N GLU Y 156 -82.10 8.65 11.75
CA GLU Y 156 -81.49 9.96 11.97
C GLU Y 156 -80.13 9.73 12.62
N PHE Y 157 -79.13 10.48 12.16
CA PHE Y 157 -77.75 10.23 12.55
C PHE Y 157 -77.44 11.01 13.82
N MET Y 158 -77.03 10.29 14.87
CA MET Y 158 -76.81 10.92 16.17
C MET Y 158 -75.41 11.50 16.30
N ALA Y 159 -74.42 10.83 15.74
CA ALA Y 159 -73.02 11.23 15.93
C ALA Y 159 -72.66 12.47 15.11
N GLN Z 1 50.55 -42.15 -89.73
CA GLN Z 1 49.38 -43.03 -89.72
C GLN Z 1 48.48 -42.77 -90.93
N LEU Z 2 47.54 -43.68 -91.17
CA LEU Z 2 46.65 -43.59 -92.32
C LEU Z 2 45.36 -44.31 -91.95
N LEU Z 3 44.28 -43.55 -91.80
CA LEU Z 3 42.99 -44.15 -91.44
C LEU Z 3 42.23 -44.55 -92.70
N LYS Z 4 41.67 -45.75 -92.68
CA LYS Z 4 40.92 -46.29 -93.80
C LYS Z 4 39.64 -46.94 -93.30
N PHE Z 5 38.51 -46.36 -93.67
CA PHE Z 5 37.21 -46.82 -93.19
C PHE Z 5 36.40 -47.28 -94.41
N THR Z 6 36.09 -48.56 -94.48
CA THR Z 6 35.35 -49.11 -95.61
C THR Z 6 33.88 -49.30 -95.25
N LEU Z 7 33.03 -49.16 -96.27
CA LEU Z 7 31.59 -49.44 -96.15
C LEU Z 7 31.26 -50.35 -97.32
N ASP Z 8 31.10 -51.65 -97.04
CA ASP Z 8 30.80 -52.60 -98.11
C ASP Z 8 29.31 -52.91 -98.09
N CYS Z 9 28.54 -51.99 -98.69
CA CYS Z 9 27.09 -52.12 -98.80
C CYS Z 9 26.74 -52.91 -100.06
N THR Z 10 26.84 -54.23 -99.94
CA THR Z 10 26.59 -55.11 -101.07
C THR Z 10 25.12 -55.52 -101.19
N HIS Z 11 24.48 -55.79 -100.05
CA HIS Z 11 23.12 -56.33 -100.06
C HIS Z 11 22.05 -55.35 -100.55
N PRO Z 12 21.98 -54.08 -100.12
CA PRO Z 12 20.95 -53.21 -100.72
C PRO Z 12 21.21 -52.85 -102.17
N VAL Z 13 22.46 -52.88 -102.62
CA VAL Z 13 22.74 -52.63 -104.03
C VAL Z 13 22.34 -53.84 -104.88
N GLU Z 14 22.61 -55.05 -104.37
CA GLU Z 14 22.20 -56.24 -105.11
C GLU Z 14 20.69 -56.45 -105.07
N ASP Z 15 20.03 -55.96 -104.02
CA ASP Z 15 18.56 -56.01 -103.99
C ASP Z 15 17.96 -54.91 -104.86
N GLY Z 16 18.67 -53.79 -105.01
CA GLY Z 16 18.21 -52.74 -105.90
C GLY Z 16 17.30 -51.73 -105.24
N ILE Z 17 17.61 -51.35 -104.00
CA ILE Z 17 16.80 -50.37 -103.29
C ILE Z 17 17.53 -49.03 -103.18
N MET Z 18 18.84 -49.02 -103.41
CA MET Z 18 19.63 -47.80 -103.35
C MET Z 18 20.80 -47.89 -104.33
N ASP Z 19 21.45 -46.74 -104.54
CA ASP Z 19 22.61 -46.65 -105.41
C ASP Z 19 23.81 -46.11 -104.64
N ALA Z 20 25.01 -46.35 -105.18
CA ALA Z 20 26.22 -46.00 -104.47
C ALA Z 20 26.75 -44.63 -104.87
N ALA Z 21 26.42 -44.14 -106.07
CA ALA Z 21 26.93 -42.85 -106.52
C ALA Z 21 26.27 -41.70 -105.76
N ASN Z 22 24.98 -41.83 -105.45
CA ASN Z 22 24.29 -40.80 -104.67
C ASN Z 22 24.83 -40.76 -103.24
N PHE Z 23 25.17 -41.92 -102.67
CA PHE Z 23 25.75 -41.96 -101.34
C PHE Z 23 27.17 -41.43 -101.34
N GLU Z 24 27.91 -41.65 -102.43
CA GLU Z 24 29.24 -41.04 -102.59
C GLU Z 24 29.15 -39.52 -102.65
N GLN Z 25 28.21 -38.99 -103.43
CA GLN Z 25 28.01 -37.55 -103.51
C GLN Z 25 27.53 -36.97 -102.18
N PHE Z 26 26.70 -37.73 -101.45
CA PHE Z 26 26.23 -37.28 -100.14
C PHE Z 26 27.37 -37.21 -99.13
N LEU Z 27 28.27 -38.21 -99.13
CA LEU Z 27 29.43 -38.15 -98.25
C LEU Z 27 30.38 -37.02 -98.67
N GLN Z 28 30.58 -36.84 -99.97
CA GLN Z 28 31.48 -35.79 -100.46
C GLN Z 28 30.93 -34.40 -100.15
N GLU Z 29 29.61 -34.28 -100.02
CA GLU Z 29 29.03 -33.00 -99.62
C GLU Z 29 29.03 -32.83 -98.09
N ARG Z 30 28.80 -33.91 -97.35
CA ARG Z 30 28.46 -33.76 -95.94
C ARG Z 30 29.55 -34.22 -94.96
N ILE Z 31 30.71 -34.65 -95.41
CA ILE Z 31 31.80 -34.92 -94.46
C ILE Z 31 32.36 -33.57 -94.00
N LYS Z 32 32.28 -33.31 -92.70
CA LYS Z 32 32.74 -32.05 -92.13
C LYS Z 32 34.10 -32.23 -91.49
N VAL Z 33 35.06 -31.41 -91.92
CA VAL Z 33 36.42 -31.44 -91.38
C VAL Z 33 36.72 -30.06 -90.79
N ASN Z 34 37.06 -30.04 -89.49
CA ASN Z 34 37.37 -28.83 -88.73
C ASN Z 34 36.23 -27.81 -88.76
N GLY Z 35 35.00 -28.31 -88.66
CA GLY Z 35 33.83 -27.45 -88.69
C GLY Z 35 33.51 -26.89 -90.06
N LYS Z 36 34.04 -27.49 -91.12
CA LYS Z 36 33.80 -27.00 -92.47
C LYS Z 36 33.40 -28.17 -93.35
N ALA Z 37 32.27 -28.05 -94.03
CA ALA Z 37 31.79 -29.08 -94.94
C ALA Z 37 32.25 -28.86 -96.37
N GLY Z 38 32.68 -27.64 -96.70
CA GLY Z 38 33.12 -27.35 -98.04
C GLY Z 38 34.54 -27.82 -98.29
N ASN Z 39 34.77 -28.34 -99.51
CA ASN Z 39 36.07 -28.75 -100.05
C ASN Z 39 36.72 -29.89 -99.25
N LEU Z 40 35.92 -30.61 -98.46
CA LEU Z 40 36.32 -31.76 -97.62
C LEU Z 40 37.45 -31.42 -96.66
N GLY Z 41 37.54 -30.17 -96.21
CA GLY Z 41 38.66 -29.74 -95.38
C GLY Z 41 39.99 -29.73 -96.13
N GLY Z 42 39.95 -29.44 -97.43
CA GLY Z 42 41.12 -29.55 -98.26
C GLY Z 42 41.30 -30.95 -98.79
N GLY Z 43 42.49 -31.21 -99.31
CA GLY Z 43 42.82 -32.52 -99.81
C GLY Z 43 43.28 -33.47 -98.72
N VAL Z 44 42.35 -33.84 -97.83
CA VAL Z 44 42.70 -34.67 -96.68
C VAL Z 44 41.99 -36.01 -96.78
N VAL Z 45 40.66 -35.98 -96.83
CA VAL Z 45 39.86 -37.22 -96.90
C VAL Z 45 39.69 -37.55 -98.38
N SER Z 46 40.53 -38.46 -98.84
CA SER Z 46 40.48 -38.93 -100.23
C SER Z 46 39.50 -40.09 -100.31
N LEU Z 47 38.25 -39.80 -100.68
CA LEU Z 47 37.21 -40.81 -100.70
C LEU Z 47 37.19 -41.50 -102.06
N GLU Z 48 37.14 -42.83 -102.05
CA GLU Z 48 37.05 -43.63 -103.26
C GLU Z 48 35.84 -44.55 -103.17
N ARG Z 49 35.50 -45.18 -104.29
CA ARG Z 49 34.34 -46.07 -104.33
C ARG Z 49 34.65 -47.24 -105.25
N SER Z 50 34.66 -48.44 -104.68
CA SER Z 50 34.77 -49.67 -105.46
C SER Z 50 33.36 -50.18 -105.78
N LYS Z 51 33.28 -51.42 -106.25
CA LYS Z 51 31.99 -52.04 -106.54
C LYS Z 51 31.28 -52.35 -105.24
N SER Z 52 30.28 -51.53 -104.90
CA SER Z 52 29.50 -51.60 -103.65
C SER Z 52 30.39 -51.51 -102.42
N LYS Z 53 31.40 -50.64 -102.48
CA LYS Z 53 32.32 -50.46 -101.36
C LYS Z 53 32.85 -49.04 -101.42
N ILE Z 54 32.49 -48.22 -100.43
CA ILE Z 54 32.92 -46.83 -100.34
C ILE Z 54 34.00 -46.73 -99.27
N THR Z 55 35.17 -46.23 -99.66
CA THR Z 55 36.32 -46.14 -98.78
C THR Z 55 36.62 -44.69 -98.45
N VAL Z 56 36.69 -44.38 -97.16
CA VAL Z 56 37.06 -43.05 -96.68
C VAL Z 56 38.51 -43.17 -96.16
N THR Z 57 39.43 -42.49 -96.83
CA THR Z 57 40.84 -42.53 -96.46
C THR Z 57 41.25 -41.17 -95.90
N SER Z 58 41.59 -41.14 -94.62
CA SER Z 58 41.86 -39.89 -93.90
C SER Z 58 43.30 -39.87 -93.41
N GLU Z 59 43.91 -38.69 -93.47
CA GLU Z 59 45.22 -38.42 -92.90
C GLU Z 59 45.12 -37.95 -91.46
N VAL Z 60 44.19 -37.03 -91.19
CA VAL Z 60 43.96 -36.49 -89.86
C VAL Z 60 43.18 -37.53 -89.05
N PRO Z 61 43.13 -37.42 -87.72
CA PRO Z 61 42.20 -38.28 -86.96
C PRO Z 61 40.75 -37.96 -87.31
N PHE Z 62 40.02 -38.99 -87.71
CA PHE Z 62 38.66 -38.85 -88.22
C PHE Z 62 37.75 -39.82 -87.48
N SER Z 63 36.57 -39.34 -87.09
CA SER Z 63 35.66 -40.14 -86.29
C SER Z 63 34.96 -41.18 -87.15
N LYS Z 64 34.74 -42.36 -86.56
CA LYS Z 64 34.13 -43.47 -87.26
C LYS Z 64 32.64 -43.58 -86.92
N ARG Z 65 32.27 -43.23 -85.69
CA ARG Z 65 30.86 -43.10 -85.34
C ARG Z 65 30.20 -41.92 -86.05
N TYR Z 66 30.97 -40.89 -86.41
CA TYR Z 66 30.39 -39.81 -87.22
C TYR Z 66 30.10 -40.27 -88.64
N LEU Z 67 30.93 -41.17 -89.18
CA LEU Z 67 30.63 -41.76 -90.48
C LEU Z 67 29.42 -42.68 -90.41
N LYS Z 68 29.26 -43.39 -89.28
CA LYS Z 68 28.03 -44.13 -89.02
C LYS Z 68 26.82 -43.20 -88.94
N TYR Z 69 26.99 -42.02 -88.34
CA TYR Z 69 25.88 -41.08 -88.25
C TYR Z 69 25.55 -40.47 -89.60
N LEU Z 70 26.56 -40.27 -90.46
CA LEU Z 70 26.31 -39.79 -91.81
C LEU Z 70 25.55 -40.81 -92.64
N THR Z 71 25.91 -42.09 -92.53
CA THR Z 71 25.15 -43.08 -93.32
C THR Z 71 23.77 -43.34 -92.72
N LYS Z 72 23.59 -43.16 -91.40
CA LYS Z 72 22.26 -43.24 -90.83
C LYS Z 72 21.40 -42.04 -91.25
N LYS Z 73 22.01 -40.87 -91.38
CA LYS Z 73 21.27 -39.70 -91.86
C LYS Z 73 20.92 -39.85 -93.34
N TYR Z 74 21.79 -40.51 -94.11
CA TYR Z 74 21.47 -40.84 -95.49
C TYR Z 74 20.29 -41.81 -95.58
N LEU Z 75 20.26 -42.83 -94.71
CA LEU Z 75 19.15 -43.77 -94.72
C LEU Z 75 17.86 -43.12 -94.26
N LYS Z 76 17.95 -42.17 -93.31
CA LYS Z 76 16.76 -41.44 -92.87
C LYS Z 76 16.26 -40.49 -93.95
N LYS Z 77 17.19 -39.89 -94.71
CA LYS Z 77 16.79 -39.00 -95.79
C LYS Z 77 16.13 -39.75 -96.94
N ASN Z 78 16.66 -40.91 -97.29
CA ASN Z 78 16.08 -41.71 -98.36
C ASN Z 78 15.12 -42.79 -97.84
N ASN Z 79 14.66 -42.67 -96.59
CA ASN Z 79 13.57 -43.46 -96.01
C ASN Z 79 13.90 -44.95 -95.98
N LEU Z 80 15.15 -45.26 -95.60
CA LEU Z 80 15.61 -46.63 -95.51
C LEU Z 80 15.99 -47.03 -94.09
N ARG Z 81 15.47 -46.32 -93.08
CA ARG Z 81 15.79 -46.66 -91.70
C ARG Z 81 15.02 -47.91 -91.24
N ASP Z 82 13.80 -48.09 -91.74
CA ASP Z 82 12.99 -49.24 -91.35
C ASP Z 82 13.54 -50.53 -91.96
N TRP Z 83 14.02 -50.47 -93.21
CA TRP Z 83 14.56 -51.66 -93.85
C TRP Z 83 16.02 -51.89 -93.48
N LEU Z 84 16.88 -50.94 -93.83
CA LEU Z 84 18.31 -51.12 -93.67
C LEU Z 84 18.75 -50.79 -92.24
N ARG Z 85 19.92 -51.32 -91.88
CA ARG Z 85 20.47 -51.17 -90.54
C ARG Z 85 21.99 -51.26 -90.65
N VAL Z 86 22.67 -50.45 -89.84
CA VAL Z 86 24.12 -50.33 -89.89
C VAL Z 86 24.74 -51.31 -88.92
N VAL Z 87 25.64 -52.16 -89.42
CA VAL Z 87 26.29 -53.20 -88.63
C VAL Z 87 27.79 -53.00 -88.69
N ALA Z 88 28.44 -53.01 -87.53
CA ALA Z 88 29.91 -53.06 -87.47
C ALA Z 88 30.31 -54.52 -87.63
N ASN Z 89 30.58 -54.92 -88.87
CA ASN Z 89 30.94 -56.31 -89.16
C ASN Z 89 32.30 -56.65 -88.59
N THR Z 90 33.34 -55.96 -89.06
CA THR Z 90 34.66 -56.02 -88.45
C THR Z 90 35.05 -54.60 -88.03
N LYS Z 91 36.28 -54.45 -87.58
CA LYS Z 91 36.81 -53.12 -87.36
C LYS Z 91 37.08 -52.43 -88.68
N GLU Z 92 37.06 -51.09 -88.65
CA GLU Z 92 37.35 -50.21 -89.79
C GLU Z 92 36.38 -50.42 -90.96
N SER Z 93 35.17 -50.88 -90.66
CA SER Z 93 34.26 -51.28 -91.73
C SER Z 93 32.81 -51.14 -91.27
N TYR Z 94 31.92 -51.07 -92.27
CA TYR Z 94 30.48 -50.97 -92.04
C TYR Z 94 29.73 -51.79 -93.09
N GLU Z 95 28.75 -52.58 -92.63
CA GLU Z 95 27.88 -53.37 -93.50
C GLU Z 95 26.46 -52.84 -93.34
N LEU Z 96 25.70 -52.83 -94.44
CA LEU Z 96 24.28 -52.51 -94.37
C LEU Z 96 23.46 -53.79 -94.53
N ARG Z 97 22.62 -54.09 -93.54
CA ARG Z 97 21.89 -55.34 -93.51
C ARG Z 97 20.42 -55.08 -93.25
N TYR Z 98 19.63 -56.16 -93.23
CA TYR Z 98 18.22 -56.10 -92.94
C TYR Z 98 17.95 -56.44 -91.47
N PHE Z 99 16.67 -56.55 -91.13
CA PHE Z 99 16.27 -56.98 -89.80
C PHE Z 99 15.78 -58.42 -89.82
N SER AA 1 -30.80 26.62 -57.84
CA SER AA 1 -31.94 25.99 -58.49
C SER AA 1 -31.67 24.51 -58.76
N GLY AA 2 -30.66 24.24 -59.59
CA GLY AA 2 -30.29 22.88 -59.91
C GLY AA 2 -29.60 22.17 -58.77
N ALA AA 3 -30.22 21.13 -58.25
CA ALA AA 3 -29.66 20.40 -57.12
C ALA AA 3 -28.56 19.44 -57.58
N LYS AA 4 -27.87 18.87 -56.59
CA LYS AA 4 -26.75 17.97 -56.85
C LYS AA 4 -27.26 16.54 -57.04
N PHE AA 5 -26.81 15.89 -58.09
CA PHE AA 5 -27.11 14.48 -58.31
C PHE AA 5 -26.22 13.61 -57.44
N ARG AA 6 -26.60 12.34 -57.30
CA ARG AA 6 -25.75 11.41 -56.56
C ARG AA 6 -24.58 10.97 -57.42
N ILE AA 7 -23.42 10.83 -56.78
CA ILE AA 7 -22.22 10.33 -57.42
C ILE AA 7 -21.61 9.25 -56.54
N SER AA 8 -20.58 8.60 -57.06
CA SER AA 8 -19.94 7.52 -56.32
C SER AA 8 -19.13 8.09 -55.17
N LEU AA 9 -19.27 7.46 -54.00
CA LEU AA 9 -18.64 7.91 -52.76
C LEU AA 9 -17.65 6.85 -52.29
N GLY AA 10 -16.40 7.26 -52.08
CA GLY AA 10 -15.38 6.32 -51.69
C GLY AA 10 -14.41 6.86 -50.64
N LEU AA 11 -14.86 7.78 -49.80
CA LEU AA 11 -14.05 8.31 -48.71
C LEU AA 11 -14.82 8.22 -47.40
N PRO AA 12 -14.82 7.05 -46.75
CA PRO AA 12 -15.54 6.92 -45.48
C PRO AA 12 -14.82 7.59 -44.31
N VAL AA 13 -15.35 7.38 -43.10
CA VAL AA 13 -14.70 7.86 -41.88
C VAL AA 13 -13.39 7.11 -41.67
N GLY AA 14 -12.28 7.83 -41.67
CA GLY AA 14 -10.99 7.21 -41.48
C GLY AA 14 -9.97 7.64 -42.52
N ALA AA 15 -10.45 8.24 -43.60
CA ALA AA 15 -9.58 8.58 -44.72
C ALA AA 15 -8.78 9.85 -44.43
N VAL AA 16 -7.49 9.80 -44.73
CA VAL AA 16 -6.65 11.00 -44.67
C VAL AA 16 -6.44 11.54 -46.08
N ILE AA 17 -7.28 12.51 -46.46
CA ILE AA 17 -7.10 13.19 -47.73
C ILE AA 17 -6.03 14.27 -47.55
N ASN AA 18 -5.57 14.85 -48.65
CA ASN AA 18 -4.65 15.97 -48.49
C ASN AA 18 -5.36 17.30 -48.69
N CYS AA 19 -4.81 18.33 -48.06
CA CYS AA 19 -5.46 19.64 -47.95
C CYS AA 19 -4.90 20.54 -49.03
N ALA AA 20 -5.71 20.79 -50.06
CA ALA AA 20 -5.24 21.41 -51.30
C ALA AA 20 -5.47 22.92 -51.29
N ASP AA 21 -4.86 23.59 -50.32
CA ASP AA 21 -4.82 25.05 -50.29
C ASP AA 21 -3.59 25.49 -49.50
N ASN AA 22 -3.44 26.79 -49.33
CA ASN AA 22 -2.26 27.39 -48.72
C ASN AA 22 -2.47 27.78 -47.26
N THR AA 23 -3.23 26.99 -46.50
CA THR AA 23 -3.37 27.25 -45.07
C THR AA 23 -2.12 26.83 -44.30
N GLY AA 24 -1.56 25.68 -44.65
CA GLY AA 24 -0.38 25.17 -43.96
C GLY AA 24 -0.49 23.69 -43.65
N ALA AA 25 -1.70 23.15 -43.75
CA ALA AA 25 -1.93 21.75 -43.45
C ALA AA 25 -1.49 20.86 -44.61
N LYS AA 26 -1.18 19.61 -44.28
CA LYS AA 26 -0.84 18.60 -45.28
C LYS AA 26 -1.91 17.52 -45.38
N ASN AA 27 -2.44 17.04 -44.25
CA ASN AA 27 -3.46 16.00 -44.25
C ASN AA 27 -4.75 16.49 -43.60
N LEU AA 28 -5.83 15.75 -43.87
CA LEU AA 28 -7.15 15.97 -43.30
C LEU AA 28 -7.75 14.59 -43.06
N TYR AA 29 -7.87 14.22 -41.78
CA TYR AA 29 -8.50 12.99 -41.36
C TYR AA 29 -10.01 13.20 -41.26
N ILE AA 30 -10.79 12.46 -42.04
CA ILE AA 30 -12.24 12.56 -42.03
C ILE AA 30 -12.79 11.90 -40.78
N ILE AA 31 -13.51 12.66 -39.96
CA ILE AA 31 -14.03 12.08 -38.72
C ILE AA 31 -15.52 11.75 -38.86
N SER AA 32 -16.23 12.43 -39.75
CA SER AA 32 -17.65 12.23 -40.06
C SER AA 32 -17.99 13.09 -41.26
N VAL AA 33 -19.10 12.75 -41.91
CA VAL AA 33 -19.58 13.46 -43.09
C VAL AA 33 -20.87 14.17 -42.72
N LYS AA 34 -20.96 15.44 -43.08
CA LYS AA 34 -22.12 16.26 -42.74
C LYS AA 34 -23.25 16.04 -43.75
N GLY AA 35 -24.41 15.66 -43.23
CA GLY AA 35 -25.59 15.48 -44.07
C GLY AA 35 -25.94 14.04 -44.36
N ILE AA 36 -25.75 13.15 -43.38
CA ILE AA 36 -26.06 11.73 -43.53
C ILE AA 36 -26.91 11.32 -42.33
N LYS AA 37 -28.07 10.71 -42.60
CA LYS AA 37 -28.95 10.22 -41.54
C LYS AA 37 -28.33 9.06 -40.79
N GLY AA 38 -27.99 7.98 -41.50
CA GLY AA 38 -27.32 6.85 -40.90
C GLY AA 38 -28.17 5.60 -40.86
N ARG AA 39 -27.46 4.48 -40.69
CA ARG AA 39 -28.05 3.15 -40.67
C ARG AA 39 -27.01 2.25 -40.03
N LEU AA 40 -27.48 1.12 -39.47
CA LEU AA 40 -26.63 0.20 -38.72
C LEU AA 40 -25.53 -0.40 -39.59
N ASN AA 41 -24.28 -0.18 -39.17
CA ASN AA 41 -23.05 -0.62 -39.84
C ASN AA 41 -22.95 -0.05 -41.27
N ARG AA 42 -23.00 1.28 -41.34
CA ARG AA 42 -22.65 1.99 -42.57
C ARG AA 42 -21.72 3.13 -42.18
N LEU AA 43 -20.56 3.19 -42.80
CA LEU AA 43 -19.66 4.31 -42.55
C LEU AA 43 -20.10 5.52 -43.34
N PRO AA 44 -20.15 6.71 -42.73
CA PRO AA 44 -20.44 7.93 -43.50
C PRO AA 44 -19.31 8.26 -44.46
N ALA AA 45 -19.65 8.39 -45.74
CA ALA AA 45 -18.66 8.61 -46.79
C ALA AA 45 -18.99 9.89 -47.57
N ALA AA 46 -17.95 10.52 -48.11
CA ALA AA 46 -18.06 11.80 -48.78
C ALA AA 46 -17.45 11.70 -50.17
N GLY AA 47 -18.22 12.13 -51.17
CA GLY AA 47 -17.73 12.22 -52.53
C GLY AA 47 -17.28 13.63 -52.87
N VAL AA 48 -17.30 13.92 -54.17
CA VAL AA 48 -16.90 15.24 -54.67
C VAL AA 48 -17.96 16.26 -54.30
N GLY AA 49 -17.53 17.34 -53.65
CA GLY AA 49 -18.43 18.42 -53.31
C GLY AA 49 -19.25 18.19 -52.05
N ASP AA 50 -18.79 17.30 -51.18
CA ASP AA 50 -19.50 17.02 -49.94
C ASP AA 50 -18.89 17.80 -48.79
N MET AA 51 -19.77 18.39 -47.98
CA MET AA 51 -19.39 19.01 -46.72
C MET AA 51 -19.06 17.92 -45.73
N VAL AA 52 -17.90 18.03 -45.09
CA VAL AA 52 -17.36 16.94 -44.28
C VAL AA 52 -16.74 17.57 -43.03
N MET AA 53 -16.55 16.76 -41.99
CA MET AA 53 -15.84 17.20 -40.80
C MET AA 53 -14.48 16.52 -40.76
N ALA AA 54 -13.42 17.31 -40.70
CA ALA AA 54 -12.07 16.79 -40.78
C ALA AA 54 -11.24 17.28 -39.60
N THR AA 55 -10.02 16.76 -39.52
CA THR AA 55 -9.06 17.17 -38.50
C THR AA 55 -7.69 17.19 -39.15
N VAL AA 56 -6.95 18.28 -38.93
CA VAL AA 56 -5.59 18.38 -39.48
C VAL AA 56 -4.71 17.39 -38.73
N LYS AA 57 -4.24 16.36 -39.43
CA LYS AA 57 -3.44 15.32 -38.79
C LYS AA 57 -1.98 15.75 -38.67
N LYS AA 58 -1.42 16.32 -39.72
CA LYS AA 58 -0.07 16.90 -39.68
C LYS AA 58 -0.09 18.24 -40.40
N GLY AA 59 0.80 19.13 -39.98
CA GLY AA 59 0.86 20.47 -40.56
C GLY AA 59 1.26 21.48 -39.49
N LYS AA 60 0.47 22.56 -39.43
CA LYS AA 60 0.74 23.61 -38.46
C LYS AA 60 0.19 23.23 -37.09
N PRO AA 61 0.89 23.62 -36.01
CA PRO AA 61 0.37 23.35 -34.67
C PRO AA 61 -0.88 24.14 -34.33
N GLU AA 62 -1.09 25.29 -34.98
CA GLU AA 62 -2.34 26.02 -34.81
C GLU AA 62 -3.49 25.30 -35.50
N LEU AA 63 -3.18 24.49 -36.51
CA LEU AA 63 -4.21 23.76 -37.25
C LEU AA 63 -4.51 22.40 -36.64
N ARG AA 64 -3.51 21.74 -36.06
CA ARG AA 64 -3.71 20.40 -35.54
C ARG AA 64 -4.49 20.41 -34.22
N LYS AA 65 -4.97 19.22 -33.85
CA LYS AA 65 -5.61 18.93 -32.55
C LYS AA 65 -6.90 19.73 -32.34
N LYS AA 66 -7.62 19.98 -33.44
CA LYS AA 66 -8.94 20.60 -33.38
C LYS AA 66 -9.72 20.24 -34.63
N VAL AA 67 -11.04 20.30 -34.52
CA VAL AA 67 -11.92 19.86 -35.60
C VAL AA 67 -12.20 21.04 -36.53
N HIS AA 68 -11.98 20.82 -37.83
CA HIS AA 68 -12.33 21.81 -38.83
C HIS AA 68 -13.48 21.29 -39.70
N PRO AA 69 -14.29 22.18 -40.24
CA PRO AA 69 -15.18 21.78 -41.34
C PRO AA 69 -14.47 21.93 -42.68
N ALA AA 70 -14.78 21.01 -43.59
CA ALA AA 70 -14.05 20.94 -44.85
C ALA AA 70 -15.03 20.60 -45.97
N VAL AA 71 -14.55 20.78 -47.20
CA VAL AA 71 -15.27 20.37 -48.39
C VAL AA 71 -14.35 19.47 -49.19
N VAL AA 72 -14.85 18.27 -49.54
CA VAL AA 72 -14.07 17.33 -50.33
C VAL AA 72 -14.17 17.71 -51.80
N ILE AA 73 -13.02 17.90 -52.44
CA ILE AA 73 -12.95 18.32 -53.83
C ILE AA 73 -12.63 17.15 -54.76
N ARG AA 74 -11.51 16.47 -54.53
CA ARG AA 74 -11.03 15.44 -55.44
C ARG AA 74 -11.14 14.08 -54.78
N GLN AA 75 -11.56 13.08 -55.56
CA GLN AA 75 -11.53 11.71 -55.09
C GLN AA 75 -10.98 10.81 -56.19
N ARG AA 76 -10.39 9.69 -55.75
CA ARG AA 76 -9.81 8.73 -56.69
C ARG AA 76 -10.86 7.75 -57.21
N LYS AA 77 -11.93 7.56 -56.46
CA LYS AA 77 -13.01 6.67 -56.89
C LYS AA 77 -13.75 7.27 -58.09
N SER AA 78 -13.92 6.45 -59.13
CA SER AA 78 -14.58 6.89 -60.36
C SER AA 78 -16.07 7.09 -60.12
N TYR AA 79 -16.55 8.28 -60.46
CA TYR AA 79 -17.94 8.64 -60.30
C TYR AA 79 -18.53 9.03 -61.65
N ARG AA 80 -19.81 8.70 -61.85
CA ARG AA 80 -20.44 8.87 -63.14
C ARG AA 80 -21.07 10.26 -63.25
N ARG AA 81 -20.68 11.01 -64.28
CA ARG AA 81 -21.31 12.27 -64.60
C ARG AA 81 -22.63 12.02 -65.34
N LYS AA 82 -23.42 13.08 -65.49
CA LYS AA 82 -24.74 12.93 -66.11
C LYS AA 82 -24.63 12.76 -67.62
N ASP AA 83 -23.63 13.39 -68.25
CA ASP AA 83 -23.47 13.24 -69.69
C ASP AA 83 -22.87 11.90 -70.08
N GLY AA 84 -22.33 11.15 -69.12
CA GLY AA 84 -21.87 9.80 -69.38
C GLY AA 84 -20.37 9.64 -69.46
N VAL AA 85 -19.64 10.38 -68.61
CA VAL AA 85 -18.20 10.21 -68.50
C VAL AA 85 -17.87 9.81 -67.07
N PHE AA 86 -16.88 8.94 -66.92
CA PHE AA 86 -16.41 8.47 -65.62
C PHE AA 86 -15.10 9.19 -65.33
N LEU AA 87 -15.21 10.39 -64.77
CA LEU AA 87 -14.04 11.20 -64.45
C LEU AA 87 -13.51 10.83 -63.08
N TYR AA 88 -12.22 10.50 -63.02
CA TYR AA 88 -11.60 10.22 -61.73
C TYR AA 88 -10.22 10.87 -61.69
N PHE AA 89 -9.72 11.05 -60.48
CA PHE AA 89 -8.60 11.94 -60.21
C PHE AA 89 -7.40 11.16 -59.68
N GLU AA 90 -6.28 11.87 -59.54
CA GLU AA 90 -5.05 11.22 -59.10
C GLU AA 90 -5.05 10.95 -57.60
N ASP AA 91 -5.59 11.87 -56.79
CA ASP AA 91 -5.52 11.73 -55.35
C ASP AA 91 -6.81 12.23 -54.71
N ASN AA 92 -6.87 12.06 -53.39
CA ASN AA 92 -8.04 12.48 -52.60
C ASN AA 92 -7.71 13.79 -51.91
N ALA AA 93 -8.49 14.83 -52.20
CA ALA AA 93 -8.15 16.18 -51.79
C ALA AA 93 -9.39 16.93 -51.30
N GLY AA 94 -9.16 17.80 -50.31
CA GLY AA 94 -10.20 18.68 -49.83
C GLY AA 94 -9.61 19.96 -49.31
N VAL AA 95 -10.50 20.91 -48.97
CA VAL AA 95 -10.07 22.21 -48.44
C VAL AA 95 -10.88 22.55 -47.19
N ILE AA 96 -10.28 23.33 -46.30
CA ILE AA 96 -10.93 23.72 -45.06
C ILE AA 96 -11.87 24.89 -45.33
N VAL AA 97 -13.16 24.66 -45.14
CA VAL AA 97 -14.22 25.61 -45.49
C VAL AA 97 -15.20 25.68 -44.33
N ASN AA 98 -15.54 26.90 -43.90
CA ASN AA 98 -16.36 27.07 -42.70
C ASN AA 98 -17.84 26.72 -42.98
N ASN AA 99 -18.68 27.02 -41.99
CA ASN AA 99 -20.07 26.59 -42.03
C ASN AA 99 -20.88 27.37 -43.07
N LYS AA 100 -20.46 28.60 -43.40
CA LYS AA 100 -21.22 29.39 -44.36
C LYS AA 100 -20.73 29.18 -45.79
N GLY AA 101 -19.48 28.75 -45.97
CA GLY AA 101 -18.98 28.46 -47.30
C GLY AA 101 -17.70 29.15 -47.67
N GLU AA 102 -17.25 30.08 -46.82
CA GLU AA 102 -16.05 30.85 -47.12
C GLU AA 102 -14.81 30.00 -46.86
N MET AA 103 -13.85 30.07 -47.78
CA MET AA 103 -12.62 29.32 -47.61
C MET AA 103 -11.70 30.00 -46.61
N LYS AA 104 -10.77 29.22 -46.06
CA LYS AA 104 -9.77 29.71 -45.13
C LYS AA 104 -8.46 30.03 -45.86
N GLY AA 105 -8.14 29.26 -46.90
CA GLY AA 105 -6.98 29.56 -47.72
C GLY AA 105 -7.30 30.48 -48.87
N SER AA 106 -6.24 30.92 -49.55
CA SER AA 106 -6.38 31.86 -50.66
C SER AA 106 -6.45 31.14 -52.01
N ALA AA 107 -5.41 30.38 -52.34
CA ALA AA 107 -5.34 29.69 -53.62
C ALA AA 107 -5.58 28.19 -53.44
N ILE AA 108 -5.90 27.53 -54.55
CA ILE AA 108 -6.16 26.09 -54.56
C ILE AA 108 -5.22 25.45 -55.56
N THR AA 109 -4.41 24.50 -55.09
CA THR AA 109 -3.58 23.71 -56.00
C THR AA 109 -4.41 22.56 -56.58
N GLY AA 110 -4.08 22.19 -57.81
CA GLY AA 110 -4.79 21.13 -58.48
C GLY AA 110 -6.14 21.55 -59.04
N PRO AA 111 -6.74 20.69 -59.87
CA PRO AA 111 -8.05 21.02 -60.43
C PRO AA 111 -9.19 20.75 -59.46
N VAL AA 112 -10.21 21.58 -59.53
CA VAL AA 112 -11.44 21.39 -58.76
C VAL AA 112 -12.53 20.93 -59.71
N ALA AA 113 -13.20 19.84 -59.35
CA ALA AA 113 -14.24 19.28 -60.21
C ALA AA 113 -15.46 20.19 -60.26
N LYS AA 114 -16.18 20.14 -61.38
CA LYS AA 114 -17.34 21.02 -61.56
C LYS AA 114 -18.51 20.62 -60.68
N GLU AA 115 -18.57 19.36 -60.23
CA GLU AA 115 -19.59 18.95 -59.28
C GLU AA 115 -19.44 19.65 -57.94
N CYS AA 116 -18.20 19.98 -57.57
CA CYS AA 116 -17.97 20.80 -56.38
C CYS AA 116 -18.05 22.29 -56.72
N ALA AA 117 -17.65 22.65 -57.93
CA ALA AA 117 -17.55 24.07 -58.30
C ALA AA 117 -18.92 24.70 -58.49
N ASP AA 118 -19.89 23.93 -58.99
CA ASP AA 118 -21.23 24.47 -59.17
C ASP AA 118 -21.97 24.57 -57.84
N LEU AA 119 -21.61 23.71 -56.88
CA LEU AA 119 -22.30 23.71 -55.60
C LEU AA 119 -21.71 24.74 -54.65
N TRP AA 120 -20.39 24.94 -54.70
CA TRP AA 120 -19.74 25.91 -53.82
C TRP AA 120 -19.16 27.04 -54.67
N PRO AA 121 -19.71 28.26 -54.60
CA PRO AA 121 -19.20 29.31 -55.48
C PRO AA 121 -17.88 29.91 -55.04
N ARG AA 122 -17.58 29.91 -53.74
CA ARG AA 122 -16.34 30.52 -53.27
C ARG AA 122 -15.13 29.63 -53.54
N ILE AA 123 -15.32 28.32 -53.61
CA ILE AA 123 -14.23 27.42 -53.97
C ILE AA 123 -13.94 27.52 -55.47
N ALA AA 124 -14.98 27.73 -56.28
CA ALA AA 124 -14.80 27.86 -57.72
C ALA AA 124 -14.13 29.18 -58.09
N SER AA 125 -14.26 30.20 -57.23
CA SER AA 125 -13.62 31.47 -57.51
C SER AA 125 -12.11 31.40 -57.25
N ASN AA 126 -11.70 30.60 -56.26
CA ASN AA 126 -10.28 30.47 -55.96
C ASN AA 126 -9.61 29.46 -56.88
N ALA AA 127 -10.40 28.63 -57.55
CA ALA AA 127 -9.85 27.60 -58.42
C ALA AA 127 -9.48 28.16 -59.78
N GLY AA 128 -8.28 27.83 -60.25
CA GLY AA 128 -7.84 28.23 -61.57
C GLY AA 128 -8.38 27.32 -62.65
N SER AA 129 -8.05 26.04 -62.57
CA SER AA 129 -8.56 25.06 -63.52
C SER AA 129 -9.76 24.33 -62.94
N ILE AA 130 -10.72 24.00 -63.80
CA ILE AA 130 -11.95 23.33 -63.40
C ILE AA 130 -12.00 21.96 -64.07
N ALA AA 131 -12.12 20.91 -63.25
CA ALA AA 131 -12.24 19.51 -63.67
C ALA AA 131 -11.10 19.02 -64.57
N MET BA 1 -22.75 16.52 -79.75
CA MET BA 1 -21.81 15.56 -79.17
C MET BA 1 -20.39 15.80 -79.65
N LYS BA 2 -19.44 15.64 -78.74
CA LYS BA 2 -18.02 15.84 -79.06
C LYS BA 2 -17.30 14.50 -78.93
N VAL BA 3 -16.98 13.89 -80.07
CA VAL BA 3 -16.23 12.63 -80.07
C VAL BA 3 -14.75 12.91 -79.83
N GLU BA 4 -14.32 12.75 -78.58
CA GLU BA 4 -12.94 12.99 -78.21
C GLU BA 4 -12.10 11.74 -78.43
N LEU BA 5 -10.86 11.96 -78.86
CA LEU BA 5 -9.97 10.84 -79.16
C LEU BA 5 -9.31 10.32 -77.90
N CYS BA 6 -8.88 9.07 -77.95
CA CYS BA 6 -8.20 8.46 -76.81
C CYS BA 6 -6.79 9.02 -76.66
N SER BA 7 -6.35 9.18 -75.41
CA SER BA 7 -5.04 9.76 -75.16
C SER BA 7 -3.93 8.75 -75.44
N PHE BA 8 -4.12 7.51 -75.03
CA PHE BA 8 -3.12 6.48 -75.30
C PHE BA 8 -3.21 6.00 -76.73
N SER BA 9 -4.38 5.49 -77.13
CA SER BA 9 -4.53 4.86 -78.43
C SER BA 9 -4.71 5.88 -79.54
N GLY BA 10 -5.72 6.73 -79.41
CA GLY BA 10 -6.15 7.58 -80.50
C GLY BA 10 -7.45 7.15 -81.14
N TYR BA 11 -8.20 6.27 -80.50
CA TYR BA 11 -9.46 5.77 -81.02
C TYR BA 11 -10.59 6.75 -80.72
N LYS BA 12 -11.65 6.65 -81.52
CA LYS BA 12 -12.78 7.56 -81.42
C LYS BA 12 -13.70 7.10 -80.29
N ILE BA 13 -13.62 7.78 -79.15
CA ILE BA 13 -14.43 7.43 -77.98
C ILE BA 13 -15.82 8.00 -78.15
N TYR BA 14 -16.82 7.14 -78.02
CA TYR BA 14 -18.23 7.49 -78.08
C TYR BA 14 -18.75 7.84 -76.70
N PRO BA 15 -19.78 8.72 -76.58
CA PRO BA 15 -20.18 9.26 -75.26
C PRO BA 15 -20.69 8.25 -74.25
N GLY BA 16 -21.08 7.06 -74.70
CA GLY BA 16 -21.48 6.03 -73.76
C GLY BA 16 -20.30 5.33 -73.10
N HIS BA 17 -19.13 5.39 -73.72
CA HIS BA 17 -17.97 4.63 -73.28
C HIS BA 17 -16.89 5.54 -72.69
N GLY BA 18 -15.81 4.90 -72.25
CA GLY BA 18 -14.63 5.63 -71.82
C GLY BA 18 -14.55 5.82 -70.32
N ARG BA 19 -13.35 6.17 -69.90
CA ARG BA 19 -13.09 6.51 -68.49
C ARG BA 19 -12.07 7.65 -68.50
N ARG BA 20 -12.51 8.83 -68.05
CA ARG BA 20 -11.69 10.03 -68.14
C ARG BA 20 -10.90 10.23 -66.85
N TYR BA 21 -9.64 10.65 -67.00
CA TYR BA 21 -8.71 10.71 -65.88
C TYR BA 21 -8.02 12.06 -65.85
N ALA BA 22 -8.07 12.74 -64.71
CA ALA BA 22 -7.45 14.06 -64.57
C ALA BA 22 -6.38 13.99 -63.49
N ARG BA 23 -5.18 14.50 -63.81
CA ARG BA 23 -4.09 14.52 -62.85
C ARG BA 23 -4.14 15.80 -62.01
N THR BA 24 -3.15 15.92 -61.12
CA THR BA 24 -3.11 17.08 -60.23
C THR BA 24 -2.54 18.30 -60.93
N ASP BA 25 -1.69 18.11 -61.94
CA ASP BA 25 -1.14 19.27 -62.64
C ASP BA 25 -2.09 19.81 -63.69
N GLY BA 26 -3.04 19.00 -64.11
CA GLY BA 26 -3.93 19.34 -65.20
C GLY BA 26 -3.86 18.25 -66.25
N LYS BA 27 -4.05 18.64 -67.51
CA LYS BA 27 -3.90 17.78 -68.69
C LYS BA 27 -4.81 16.55 -68.60
N VAL BA 28 -6.12 16.83 -68.69
CA VAL BA 28 -7.13 15.80 -68.52
C VAL BA 28 -7.10 14.84 -69.72
N PHE BA 29 -6.88 13.56 -69.46
CA PHE BA 29 -6.76 12.54 -70.49
C PHE BA 29 -8.05 11.74 -70.59
N GLN BA 30 -8.34 11.23 -71.79
CA GLN BA 30 -9.47 10.34 -72.01
C GLN BA 30 -8.96 8.98 -72.44
N PHE BA 31 -9.63 7.92 -72.00
CA PHE BA 31 -9.23 6.56 -72.29
C PHE BA 31 -10.43 5.73 -72.70
N LEU BA 32 -10.25 4.90 -73.73
CA LEU BA 32 -11.34 4.09 -74.25
C LEU BA 32 -11.65 2.92 -73.33
N ASN BA 33 -10.63 2.29 -72.75
CA ASN BA 33 -10.84 1.10 -71.94
C ASN BA 33 -9.74 0.96 -70.90
N ALA BA 34 -9.90 -0.05 -70.04
CA ALA BA 34 -8.95 -0.30 -68.97
C ALA BA 34 -7.63 -0.83 -69.47
N LYS BA 35 -7.59 -1.34 -70.71
CA LYS BA 35 -6.33 -1.69 -71.35
C LYS BA 35 -5.45 -0.46 -71.53
N CYS BA 36 -6.01 0.60 -72.14
CA CYS BA 36 -5.28 1.85 -72.31
C CYS BA 36 -5.04 2.54 -70.96
N GLU BA 37 -5.98 2.38 -70.02
CA GLU BA 37 -5.80 2.93 -68.67
C GLU BA 37 -4.60 2.29 -67.97
N SER BA 38 -4.51 0.96 -68.02
CA SER BA 38 -3.40 0.26 -67.37
C SER BA 38 -2.09 0.54 -68.08
N ALA BA 39 -2.12 0.70 -69.40
CA ALA BA 39 -0.91 1.06 -70.13
C ALA BA 39 -0.41 2.46 -69.78
N PHE BA 40 -1.33 3.43 -69.65
CA PHE BA 40 -0.92 4.77 -69.26
C PHE BA 40 -0.44 4.82 -67.81
N LEU BA 41 -1.09 4.06 -66.93
CA LEU BA 41 -0.69 4.08 -65.52
C LEU BA 41 0.63 3.34 -65.31
N SER BA 42 0.93 2.36 -66.17
CA SER BA 42 2.24 1.73 -66.15
C SER BA 42 3.25 2.46 -67.03
N LYS BA 43 2.83 3.56 -67.67
CA LYS BA 43 3.68 4.51 -68.38
C LYS BA 43 4.38 3.89 -69.57
N ARG BA 44 3.61 3.31 -70.49
CA ARG BA 44 4.14 2.73 -71.70
C ARG BA 44 4.07 3.73 -72.84
N ASN BA 45 5.00 3.63 -73.78
CA ASN BA 45 5.03 4.51 -74.93
C ASN BA 45 4.02 4.05 -75.97
N PRO BA 46 3.10 4.92 -76.39
CA PRO BA 46 2.16 4.52 -77.47
C PRO BA 46 2.83 4.32 -78.82
N ARG BA 47 3.99 4.93 -79.05
CA ARG BA 47 4.71 4.75 -80.31
C ARG BA 47 5.41 3.41 -80.40
N GLN BA 48 5.58 2.70 -79.28
CA GLN BA 48 6.28 1.43 -79.26
C GLN BA 48 5.31 0.25 -79.32
N ILE BA 49 4.08 0.43 -78.85
CA ILE BA 49 3.10 -0.64 -78.88
C ILE BA 49 2.37 -0.63 -80.21
N ASN BA 50 2.21 -1.82 -80.80
CA ASN BA 50 1.96 -1.94 -82.24
C ASN BA 50 0.55 -1.52 -82.62
N TRP BA 51 -0.44 -1.87 -81.80
CA TRP BA 51 -1.84 -1.71 -82.23
C TRP BA 51 -2.36 -0.29 -82.08
N THR BA 52 -1.55 0.64 -81.57
CA THR BA 52 -2.01 2.01 -81.41
C THR BA 52 -1.95 2.76 -82.73
N VAL BA 53 -2.52 3.97 -82.73
CA VAL BA 53 -2.54 4.81 -83.92
C VAL BA 53 -1.19 5.53 -84.08
N LEU BA 54 -0.53 5.83 -82.96
CA LEU BA 54 0.76 6.53 -83.01
C LEU BA 54 1.85 5.65 -83.59
N TYR BA 55 1.76 4.33 -83.38
CA TYR BA 55 2.69 3.40 -84.03
C TYR BA 55 2.53 3.43 -85.54
N ARG BA 56 1.29 3.48 -86.02
CA ARG BA 56 1.03 3.53 -87.44
C ARG BA 56 1.46 4.85 -88.05
N ARG BA 57 1.26 5.96 -87.33
CA ARG BA 57 1.70 7.26 -87.83
C ARG BA 57 3.22 7.38 -87.80
N LYS BA 58 3.87 6.66 -86.88
CA LYS BA 58 5.33 6.71 -86.81
C LYS BA 58 5.96 5.83 -87.89
N HIS BA 59 5.42 4.63 -88.11
CA HIS BA 59 6.03 3.67 -89.01
C HIS BA 59 5.37 3.61 -90.38
N LYS BA 60 4.47 4.55 -90.69
CA LYS BA 60 3.95 4.79 -92.05
C LYS BA 60 3.21 3.58 -92.62
N LYS BA 61 2.29 3.04 -91.84
CA LYS BA 61 1.50 1.91 -92.27
C LYS BA 61 0.15 2.37 -92.80
N GLY BA 62 -0.45 1.56 -93.67
CA GLY BA 62 -1.71 1.91 -94.29
C GLY BA 62 -1.53 2.78 -95.51
N GLN BA 63 -2.35 3.82 -95.63
CA GLN BA 63 -2.34 4.81 -96.72
C GLN BA 63 -2.45 4.19 -98.11
N GLN BA 79 4.59 39.69 -117.85
CA GLN BA 79 4.97 40.67 -116.83
C GLN BA 79 3.75 41.51 -116.43
N ARG BA 80 3.97 42.44 -115.50
CA ARG BA 80 2.92 43.29 -114.97
C ARG BA 80 3.39 44.74 -115.00
N ALA BA 81 2.45 45.65 -115.24
CA ALA BA 81 2.77 47.06 -115.44
C ALA BA 81 3.24 47.71 -114.14
N ILE BA 82 4.01 48.80 -114.29
CA ILE BA 82 4.61 49.52 -113.18
C ILE BA 82 3.96 50.90 -113.10
N THR BA 83 3.88 51.45 -111.89
CA THR BA 83 3.34 52.80 -111.71
C THR BA 83 4.24 53.83 -112.37
N GLY BA 84 3.80 54.36 -113.50
CA GLY BA 84 4.61 55.25 -114.31
C GLY BA 84 5.18 54.62 -115.57
N ALA BA 85 4.91 53.33 -115.81
CA ALA BA 85 5.37 52.67 -117.02
C ALA BA 85 4.34 51.58 -117.34
N SER BA 86 3.43 51.87 -118.26
CA SER BA 86 2.33 50.97 -118.56
C SER BA 86 2.83 49.72 -119.28
N LEU BA 87 1.95 48.70 -119.31
CA LEU BA 87 2.31 47.41 -119.88
C LEU BA 87 2.54 47.50 -121.39
N ALA BA 88 1.77 48.34 -122.09
CA ALA BA 88 1.99 48.55 -123.51
C ALA BA 88 3.33 49.22 -123.77
N ASP BA 89 3.73 50.17 -122.91
CA ASP BA 89 5.02 50.83 -123.04
C ASP BA 89 6.17 49.87 -122.76
N ILE BA 90 6.00 48.99 -121.76
CA ILE BA 90 7.03 48.02 -121.43
C ILE BA 90 7.19 46.99 -122.56
N MET BA 91 6.06 46.53 -123.12
CA MET BA 91 6.14 45.59 -124.24
C MET BA 91 6.66 46.26 -125.51
N ALA BA 92 6.42 47.56 -125.68
CA ALA BA 92 6.99 48.27 -126.83
C ALA BA 92 8.50 48.44 -126.69
N LYS BA 93 8.97 48.76 -125.47
CA LYS BA 93 10.40 48.86 -125.25
C LYS BA 93 11.08 47.50 -125.29
N ARG BA 94 10.33 46.42 -125.01
CA ARG BA 94 10.90 45.08 -125.11
C ARG BA 94 10.97 44.64 -126.58
N ASN BA 95 9.93 44.93 -127.36
CA ASN BA 95 9.86 44.53 -128.76
C ASN BA 95 10.37 45.62 -129.70
N GLN BA 96 11.11 46.59 -129.18
CA GLN BA 96 11.80 47.56 -130.01
C GLN BA 96 12.84 46.87 -130.88
N LYS BA 97 13.02 47.37 -132.10
CA LYS BA 97 13.94 46.76 -133.04
C LYS BA 97 15.39 47.00 -132.62
N PRO BA 98 16.25 45.99 -132.76
CA PRO BA 98 17.65 46.15 -132.34
C PRO BA 98 18.44 47.08 -133.25
N GLU BA 99 18.06 47.20 -134.53
CA GLU BA 99 18.69 48.19 -135.40
C GLU BA 99 18.32 49.60 -134.99
N VAL BA 100 17.07 49.81 -134.54
CA VAL BA 100 16.66 51.11 -134.03
C VAL BA 100 17.37 51.43 -132.72
N ARG BA 101 17.54 50.40 -131.86
CA ARG BA 101 18.32 50.58 -130.63
C ARG BA 101 19.76 50.94 -130.95
N LYS BA 102 20.36 50.29 -131.94
CA LYS BA 102 21.74 50.57 -132.32
C LYS BA 102 21.88 51.96 -132.93
N ALA BA 103 20.89 52.41 -133.70
CA ALA BA 103 20.92 53.76 -134.26
C ALA BA 103 20.80 54.82 -133.17
N GLN BA 104 19.93 54.60 -132.18
CA GLN BA 104 19.83 55.53 -131.06
C GLN BA 104 21.10 55.52 -130.20
N ARG BA 105 21.74 54.35 -130.04
CA ARG BA 105 23.02 54.29 -129.35
C ARG BA 105 24.11 55.04 -130.09
N GLU BA 106 24.14 54.92 -131.43
CA GLU BA 106 25.14 55.63 -132.21
C GLU BA 106 24.92 57.14 -132.16
N GLN BA 107 23.66 57.58 -132.17
CA GLN BA 107 23.37 59.00 -132.02
C GLN BA 107 23.74 59.52 -130.63
N ALA BA 108 23.53 58.70 -129.61
CA ALA BA 108 23.91 59.09 -128.25
C ALA BA 108 25.42 59.16 -128.08
N ILE BA 109 26.15 58.22 -128.70
CA ILE BA 109 27.61 58.23 -128.63
C ILE BA 109 28.18 59.41 -129.41
N ARG BA 110 27.58 59.75 -130.56
CA ARG BA 110 28.03 60.91 -131.31
C ARG BA 110 27.74 62.22 -130.57
N ALA BA 111 26.61 62.28 -129.86
CA ALA BA 111 26.31 63.46 -129.04
C ALA BA 111 27.28 63.57 -127.85
N ALA BA 112 27.62 62.42 -127.25
CA ALA BA 112 28.57 62.43 -126.14
C ALA BA 112 29.97 62.81 -126.61
N LYS BA 113 30.37 62.38 -127.81
CA LYS BA 113 31.67 62.76 -128.33
C LYS BA 113 31.70 64.23 -128.73
N GLU BA 114 30.57 64.76 -129.22
CA GLU BA 114 30.50 66.19 -129.51
C GLU BA 114 30.58 67.02 -128.23
N ALA BA 115 29.93 66.55 -127.16
CA ALA BA 115 30.04 67.22 -125.87
C ALA BA 115 31.46 67.13 -125.30
N LYS BA 116 32.13 66.00 -125.53
CA LYS BA 116 33.50 65.84 -125.04
C LYS BA 116 34.46 66.76 -125.80
N LYS BA 117 34.30 66.88 -127.12
CA LYS BA 117 35.13 67.80 -127.88
C LYS BA 117 34.80 69.26 -127.56
N ALA BA 118 33.55 69.54 -127.19
CA ALA BA 118 33.21 70.90 -126.75
C ALA BA 118 33.82 71.22 -125.39
N LYS BA 119 33.91 70.22 -124.50
CA LYS BA 119 34.55 70.43 -123.21
C LYS BA 119 36.06 70.55 -123.35
N GLN BA 120 36.65 69.82 -124.31
CA GLN BA 120 38.09 69.94 -124.54
C GLN BA 120 38.45 71.25 -125.21
N ALA BA 121 37.62 71.69 -126.16
CA ALA BA 121 37.88 72.94 -126.86
C ALA BA 121 37.52 74.15 -125.99
N LYS CA 1 60.15 -76.74 11.23
CA LYS CA 1 59.96 -76.19 9.90
C LYS CA 1 59.56 -74.72 9.99
N ILE CA 2 60.22 -73.88 9.20
CA ILE CA 2 59.96 -72.44 9.27
C ILE CA 2 58.77 -72.07 8.41
N ARG CA 3 58.02 -71.06 8.84
CA ARG CA 3 56.89 -70.53 8.09
C ARG CA 3 57.41 -69.46 7.13
N THR CA 4 57.41 -69.76 5.84
CA THR CA 4 57.92 -68.83 4.84
C THR CA 4 56.94 -67.68 4.61
N SER CA 5 55.71 -68.02 4.26
CA SER CA 5 54.67 -67.05 3.99
C SER CA 5 53.91 -66.70 5.28
N PRO CA 6 53.48 -65.44 5.42
CA PRO CA 6 52.64 -65.09 6.58
C PRO CA 6 51.22 -65.63 6.50
N THR CA 7 50.78 -66.09 5.35
CA THR CA 7 49.47 -66.71 5.24
C THR CA 7 49.56 -68.19 5.59
N PHE CA 8 48.42 -68.76 6.01
CA PHE CA 8 48.31 -70.18 6.32
C PHE CA 8 47.21 -70.75 5.44
N ARG CA 9 47.60 -71.32 4.30
CA ARG CA 9 46.63 -71.96 3.42
C ARG CA 9 46.25 -73.33 3.97
N ARG CA 10 45.18 -73.89 3.42
CA ARG CA 10 44.74 -75.22 3.81
C ARG CA 10 45.71 -76.26 3.25
N PRO CA 11 46.20 -77.19 4.06
CA PRO CA 11 47.18 -78.17 3.56
C PRO CA 11 46.53 -79.19 2.64
N LYS CA 12 47.31 -79.65 1.65
CA LYS CA 12 46.86 -80.57 0.62
C LYS CA 12 46.71 -81.95 1.23
N THR CA 13 45.48 -82.29 1.64
CA THR CA 13 45.21 -83.59 2.23
C THR CA 13 45.02 -84.63 1.13
N LEU CA 14 45.09 -85.89 1.54
CA LEU CA 14 44.91 -87.00 0.61
C LEU CA 14 43.43 -87.34 0.50
N ARG CA 15 42.96 -87.56 -0.72
CA ARG CA 15 41.60 -88.00 -0.97
C ARG CA 15 41.63 -89.19 -1.93
N LEU CA 16 40.66 -90.08 -1.76
CA LEU CA 16 40.61 -91.31 -2.54
C LEU CA 16 39.62 -91.18 -3.69
N ARG CA 17 39.73 -92.12 -4.62
CA ARG CA 17 38.82 -92.17 -5.76
C ARG CA 17 37.58 -92.97 -5.42
N ARG CA 18 36.63 -92.98 -6.35
CA ARG CA 18 35.43 -93.79 -6.21
C ARG CA 18 35.77 -95.27 -6.38
N GLN CA 19 35.66 -96.03 -5.29
CA GLN CA 19 35.75 -97.49 -5.33
C GLN CA 19 34.46 -98.05 -4.74
N PRO CA 20 33.36 -98.02 -5.49
CA PRO CA 20 32.07 -98.39 -4.90
C PRO CA 20 31.92 -99.89 -4.76
N LYS CA 21 31.13 -100.30 -3.77
CA LYS CA 21 30.91 -101.72 -3.56
C LYS CA 21 29.88 -102.28 -4.53
N TYR CA 22 28.95 -101.44 -4.99
CA TYR CA 22 27.93 -101.84 -5.95
C TYR CA 22 27.60 -100.66 -6.83
N PRO CA 23 27.31 -100.88 -8.10
CA PRO CA 23 26.97 -99.76 -9.00
C PRO CA 23 25.59 -99.19 -8.70
N ARG CA 24 25.38 -97.94 -9.14
CA ARG CA 24 24.12 -97.25 -8.88
C ARG CA 24 22.98 -97.91 -9.63
N LYS CA 25 23.07 -97.97 -10.96
CA LYS CA 25 22.11 -98.67 -11.79
C LYS CA 25 22.62 -100.07 -12.12
N SER CA 26 21.68 -100.97 -12.39
CA SER CA 26 22.03 -102.37 -12.59
C SER CA 26 22.70 -102.58 -13.95
N ALA CA 27 22.14 -101.97 -14.99
CA ALA CA 27 22.66 -102.11 -16.34
C ALA CA 27 22.88 -100.71 -16.91
N PRO CA 28 23.91 -100.54 -17.74
CA PRO CA 28 24.04 -99.29 -18.49
C PRO CA 28 22.94 -99.19 -19.53
N ARG CA 29 22.42 -97.98 -19.72
CA ARG CA 29 21.35 -97.76 -20.68
C ARG CA 29 21.88 -97.91 -22.09
N ARG CA 30 21.13 -98.64 -22.92
CA ARG CA 30 21.55 -98.87 -24.29
C ARG CA 30 21.43 -97.59 -25.11
N ASN CA 31 22.21 -97.49 -26.18
CA ASN CA 31 22.19 -96.34 -27.06
C ASN CA 31 20.89 -96.34 -27.83
N LYS CA 32 19.97 -95.46 -27.44
CA LYS CA 32 18.69 -95.38 -28.14
C LYS CA 32 18.77 -94.51 -29.38
N LEU CA 33 19.89 -93.79 -29.54
CA LEU CA 33 20.15 -93.05 -30.76
C LEU CA 33 20.97 -93.94 -31.68
N ASP CA 34 20.31 -94.98 -32.20
CA ASP CA 34 20.93 -95.91 -33.12
C ASP CA 34 21.13 -95.28 -34.49
N HIS CA 35 21.88 -95.99 -35.33
CA HIS CA 35 22.09 -95.53 -36.70
C HIS CA 35 20.80 -95.62 -37.52
N TYR CA 36 19.95 -96.60 -37.19
CA TYR CA 36 18.65 -96.72 -37.85
C TYR CA 36 17.69 -95.65 -37.34
N ALA CA 37 17.76 -95.33 -36.04
CA ALA CA 37 16.82 -94.38 -35.47
C ALA CA 37 17.25 -92.93 -35.72
N ILE CA 38 18.52 -92.71 -36.07
CA ILE CA 38 19.00 -91.34 -36.23
C ILE CA 38 18.68 -90.83 -37.63
N ILE CA 39 18.45 -91.74 -38.58
CA ILE CA 39 18.05 -91.36 -39.93
C ILE CA 39 16.62 -91.81 -40.14
N LYS CA 40 15.70 -90.84 -40.27
CA LYS CA 40 14.30 -91.17 -40.43
C LYS CA 40 13.99 -91.58 -41.86
N PHE CA 41 14.17 -90.65 -42.80
CA PHE CA 41 13.83 -90.88 -44.21
C PHE CA 41 14.53 -89.89 -45.13
N PRO CA 42 14.83 -90.26 -46.37
CA PRO CA 42 15.26 -89.28 -47.36
C PRO CA 42 14.08 -88.59 -48.03
N LEU CA 43 14.27 -87.32 -48.39
CA LEU CA 43 13.21 -86.56 -49.03
C LEU CA 43 13.07 -86.93 -50.50
N THR CA 44 11.83 -86.88 -50.98
CA THR CA 44 11.53 -87.16 -52.39
C THR CA 44 11.01 -85.90 -53.06
N THR CA 45 11.49 -84.75 -52.59
CA THR CA 45 11.15 -83.45 -53.14
C THR CA 45 11.80 -83.32 -54.51
N GLU CA 46 11.13 -82.61 -55.43
CA GLU CA 46 11.73 -82.27 -56.72
C GLU CA 46 12.99 -81.45 -56.55
N SER CA 47 13.00 -80.51 -55.59
CA SER CA 47 14.20 -79.74 -55.30
C SER CA 47 15.29 -80.62 -54.70
N ALA CA 48 14.92 -81.61 -53.88
CA ALA CA 48 15.90 -82.52 -53.32
C ALA CA 48 16.49 -83.43 -54.39
N MET CA 49 15.66 -83.87 -55.34
CA MET CA 49 16.16 -84.69 -56.44
C MET CA 49 17.02 -83.88 -57.39
N LYS CA 50 16.71 -82.60 -57.57
CA LYS CA 50 17.60 -81.70 -58.33
C LYS CA 50 18.94 -81.53 -57.62
N LYS CA 51 18.90 -81.41 -56.29
CA LYS CA 51 20.13 -81.32 -55.50
C LYS CA 51 20.97 -82.59 -55.61
N ILE CA 52 20.32 -83.76 -55.58
CA ILE CA 52 21.02 -85.03 -55.70
C ILE CA 52 21.62 -85.19 -57.10
N GLU CA 53 20.84 -84.85 -58.13
CA GLU CA 53 21.29 -85.06 -59.50
C GLU CA 53 22.36 -84.05 -59.90
N ASP CA 54 22.36 -82.86 -59.30
CA ASP CA 54 23.31 -81.84 -59.70
C ASP CA 54 24.56 -81.85 -58.82
N ASN CA 55 24.39 -81.72 -57.51
CA ASN CA 55 25.52 -81.45 -56.63
C ASN CA 55 26.09 -82.69 -55.95
N ASN CA 56 25.65 -83.89 -56.37
CA ASN CA 56 26.20 -85.19 -55.93
C ASN CA 56 26.06 -85.37 -54.41
N THR CA 57 24.84 -85.15 -53.94
CA THR CA 57 24.52 -85.20 -52.51
C THR CA 57 23.38 -86.18 -52.26
N LEU CA 58 22.98 -86.26 -50.99
CA LEU CA 58 21.79 -86.99 -50.58
C LEU CA 58 21.09 -86.18 -49.50
N VAL CA 59 19.78 -86.04 -49.60
CA VAL CA 59 19.02 -85.20 -48.69
C VAL CA 59 18.25 -86.10 -47.73
N PHE CA 60 18.63 -86.11 -46.46
CA PHE CA 60 18.00 -86.93 -45.44
C PHE CA 60 17.27 -86.09 -44.41
N ILE CA 61 16.34 -86.72 -43.71
CA ILE CA 61 15.66 -86.13 -42.56
C ILE CA 61 16.11 -86.86 -41.30
N VAL CA 62 16.62 -86.10 -40.34
CA VAL CA 62 17.40 -86.59 -39.20
C VAL CA 62 16.72 -86.09 -37.93
N ASP CA 63 16.83 -86.89 -36.87
CA ASP CA 63 16.43 -86.46 -35.53
C ASP CA 63 17.25 -85.25 -35.10
N VAL CA 64 16.65 -84.41 -34.26
CA VAL CA 64 17.20 -83.09 -33.97
C VAL CA 64 18.38 -83.17 -33.00
N LYS CA 65 18.52 -84.31 -32.30
CA LYS CA 65 19.58 -84.44 -31.30
C LYS CA 65 20.91 -84.89 -31.89
N ALA CA 66 21.06 -84.88 -33.21
CA ALA CA 66 22.22 -85.49 -33.84
C ALA CA 66 23.35 -84.49 -34.05
N ASN CA 67 24.51 -85.02 -34.44
CA ASN CA 67 25.69 -84.27 -34.81
C ASN CA 67 26.00 -84.52 -36.28
N LYS CA 68 26.85 -83.66 -36.87
CA LYS CA 68 27.31 -83.89 -38.22
C LYS CA 68 28.18 -85.14 -38.31
N HIS CA 69 29.00 -85.39 -37.29
CA HIS CA 69 29.80 -86.61 -37.23
C HIS CA 69 28.90 -87.84 -37.06
N GLN CA 70 27.79 -87.69 -36.33
CA GLN CA 70 26.85 -88.79 -36.18
C GLN CA 70 26.14 -89.11 -37.48
N ILE CA 71 25.76 -88.07 -38.24
CA ILE CA 71 25.13 -88.28 -39.55
C ILE CA 71 26.13 -88.91 -40.52
N LYS CA 72 27.40 -88.47 -40.47
CA LYS CA 72 28.43 -89.02 -41.35
C LYS CA 72 28.69 -90.49 -41.06
N GLN CA 73 28.92 -90.85 -39.80
CA GLN CA 73 29.12 -92.25 -39.44
C GLN CA 73 27.87 -93.09 -39.63
N ALA CA 74 26.67 -92.48 -39.51
CA ALA CA 74 25.44 -93.22 -39.74
C ALA CA 74 25.26 -93.58 -41.20
N VAL CA 75 25.49 -92.63 -42.11
CA VAL CA 75 25.39 -92.91 -43.54
C VAL CA 75 26.48 -93.90 -43.96
N LYS CA 76 27.69 -93.75 -43.40
CA LYS CA 76 28.79 -94.64 -43.74
C LYS CA 76 28.55 -96.07 -43.25
N LYS CA 77 27.88 -96.22 -42.10
CA LYS CA 77 27.63 -97.57 -41.59
C LYS CA 77 26.41 -98.20 -42.26
N LEU CA 78 25.36 -97.41 -42.52
CA LEU CA 78 24.15 -97.98 -43.11
C LEU CA 78 24.34 -98.29 -44.59
N TYR CA 79 24.66 -97.27 -45.39
CA TYR CA 79 24.60 -97.45 -46.83
C TYR CA 79 25.96 -97.77 -47.45
N ASP CA 80 27.01 -97.90 -46.63
CA ASP CA 80 28.35 -98.32 -47.04
C ASP CA 80 28.94 -97.39 -48.11
N ILE CA 81 29.02 -96.11 -47.75
CA ILE CA 81 29.43 -95.08 -48.70
C ILE CA 81 30.17 -93.99 -47.92
N ASP CA 82 31.22 -93.44 -48.54
CA ASP CA 82 32.00 -92.40 -47.90
C ASP CA 82 31.40 -91.03 -48.13
N VAL CA 83 31.59 -90.14 -47.17
CA VAL CA 83 30.94 -88.84 -47.11
C VAL CA 83 31.99 -87.75 -47.21
N ALA CA 84 31.79 -86.79 -48.13
CA ALA CA 84 32.66 -85.62 -48.16
C ALA CA 84 32.35 -84.67 -47.03
N LYS CA 85 31.10 -84.23 -46.91
CA LYS CA 85 30.71 -83.35 -45.80
C LYS CA 85 29.22 -83.50 -45.52
N VAL CA 86 28.79 -82.90 -44.42
CA VAL CA 86 27.39 -82.89 -44.00
C VAL CA 86 27.01 -81.46 -43.64
N ASN CA 87 25.94 -80.95 -44.26
CA ASN CA 87 25.41 -79.63 -43.94
C ASN CA 87 24.04 -79.81 -43.32
N THR CA 88 23.85 -79.26 -42.12
CA THR CA 88 22.62 -79.46 -41.36
C THR CA 88 21.84 -78.17 -41.23
N LEU CA 89 20.52 -78.27 -41.31
CA LEU CA 89 19.61 -77.19 -40.96
C LEU CA 89 18.46 -77.79 -40.18
N ILE CA 90 17.78 -76.98 -39.41
CA ILE CA 90 16.58 -77.43 -38.70
C ILE CA 90 15.37 -76.74 -39.30
N ARG CA 91 14.42 -77.53 -39.80
CA ARG CA 91 13.26 -77.03 -40.50
C ARG CA 91 12.29 -76.35 -39.55
N PRO CA 92 11.38 -75.52 -40.07
CA PRO CA 92 10.27 -75.04 -39.22
C PRO CA 92 9.26 -76.12 -38.85
N ASP CA 93 9.32 -77.29 -39.48
CA ASP CA 93 8.57 -78.44 -38.98
C ASP CA 93 9.18 -78.94 -37.66
N GLY CA 94 10.51 -78.99 -37.58
CA GLY CA 94 11.18 -79.41 -36.36
C GLY CA 94 12.34 -80.36 -36.60
N GLU CA 95 12.26 -81.15 -37.67
CA GLU CA 95 13.29 -82.14 -37.95
C GLU CA 95 14.51 -81.49 -38.61
N LYS CA 96 15.63 -82.21 -38.59
CA LYS CA 96 16.89 -81.69 -39.10
C LYS CA 96 17.11 -82.20 -40.52
N LYS CA 97 17.05 -81.28 -41.47
CA LYS CA 97 17.40 -81.62 -42.84
C LYS CA 97 18.92 -81.68 -42.99
N ALA CA 98 19.40 -82.74 -43.64
CA ALA CA 98 20.84 -82.98 -43.77
C ALA CA 98 21.18 -83.17 -45.24
N TYR CA 99 22.01 -82.28 -45.77
CA TYR CA 99 22.59 -82.40 -47.10
C TYR CA 99 23.93 -83.11 -46.95
N VAL CA 100 23.97 -84.38 -47.34
CA VAL CA 100 25.17 -85.20 -47.22
C VAL CA 100 25.87 -85.17 -48.57
N ARG CA 101 26.92 -84.36 -48.67
CA ARG CA 101 27.77 -84.33 -49.85
C ARG CA 101 28.69 -85.55 -49.83
N LEU CA 102 28.61 -86.36 -50.87
CA LEU CA 102 29.35 -87.60 -50.98
C LEU CA 102 30.70 -87.37 -51.66
N ALA CA 103 31.54 -88.39 -51.62
CA ALA CA 103 32.78 -88.40 -52.38
C ALA CA 103 32.48 -88.69 -53.84
N PRO CA 104 33.27 -88.11 -54.77
CA PRO CA 104 32.93 -88.25 -56.20
C PRO CA 104 33.23 -89.63 -56.79
N ASP CA 105 33.76 -90.57 -56.02
CA ASP CA 105 33.99 -91.91 -56.56
C ASP CA 105 32.69 -92.69 -56.68
N TYR CA 106 31.74 -92.44 -55.79
CA TYR CA 106 30.42 -93.06 -55.84
C TYR CA 106 29.40 -92.05 -56.37
N ASP CA 107 28.36 -92.55 -57.02
CA ASP CA 107 27.37 -91.71 -57.66
C ASP CA 107 26.11 -91.58 -56.80
N ALA CA 108 25.64 -90.34 -56.66
CA ALA CA 108 24.43 -90.06 -55.89
C ALA CA 108 23.19 -90.65 -56.55
N LEU CA 109 23.12 -90.60 -57.88
CA LEU CA 109 21.97 -91.19 -58.58
C LEU CA 109 21.99 -92.71 -58.47
N ASP CA 110 23.18 -93.31 -58.49
CA ASP CA 110 23.28 -94.76 -58.35
C ASP CA 110 22.91 -95.21 -56.93
N VAL CA 111 23.35 -94.46 -55.91
CA VAL CA 111 22.98 -94.87 -54.55
C VAL CA 111 21.51 -94.53 -54.27
N ALA CA 112 20.96 -93.53 -54.95
CA ALA CA 112 19.53 -93.25 -54.81
C ALA CA 112 18.68 -94.33 -55.46
N ASN CA 113 19.12 -94.84 -56.62
CA ASN CA 113 18.45 -95.97 -57.24
C ASN CA 113 18.64 -97.25 -56.43
N LYS CA 114 19.74 -97.34 -55.68
CA LYS CA 114 19.95 -98.49 -54.80
C LYS CA 114 19.00 -98.45 -53.61
N ILE CA 115 18.84 -97.28 -52.98
CA ILE CA 115 18.01 -97.21 -51.78
C ILE CA 115 16.53 -97.15 -52.16
N GLY CA 116 16.21 -96.75 -53.39
CA GLY CA 116 14.84 -96.81 -53.83
C GLY CA 116 14.23 -95.50 -54.31
N ILE CA 117 14.78 -94.37 -53.86
CA ILE CA 117 14.17 -93.08 -54.16
C ILE CA 117 14.46 -92.70 -55.61
N ILE CA 118 13.48 -92.05 -56.25
CA ILE CA 118 13.59 -91.60 -57.62
C ILE CA 118 12.62 -90.44 -57.83
N MET DA 1 -36.92 -106.28 -5.54
CA MET DA 1 -35.93 -105.25 -5.28
C MET DA 1 -34.52 -105.83 -5.24
N LYS DA 2 -33.53 -104.95 -5.20
CA LYS DA 2 -32.15 -105.38 -5.01
C LYS DA 2 -31.71 -105.12 -3.58
N PHE DA 3 -30.96 -106.06 -3.01
CA PHE DA 3 -30.51 -105.97 -1.63
C PHE DA 3 -29.01 -105.79 -1.50
N ASN DA 4 -28.28 -105.85 -2.59
CA ASN DA 4 -26.84 -105.63 -2.55
C ASN DA 4 -26.58 -104.13 -2.57
N PRO DA 5 -25.92 -103.57 -1.55
CA PRO DA 5 -25.68 -102.12 -1.54
C PRO DA 5 -24.60 -101.63 -2.49
N PHE DA 6 -24.00 -102.52 -3.30
CA PHE DA 6 -23.01 -102.12 -4.29
C PHE DA 6 -23.52 -102.16 -5.71
N VAL DA 7 -24.64 -102.85 -5.96
CA VAL DA 7 -25.27 -102.85 -7.28
C VAL DA 7 -25.99 -101.52 -7.49
N THR DA 8 -25.74 -100.90 -8.63
CA THR DA 8 -26.27 -99.58 -8.93
C THR DA 8 -27.73 -99.68 -9.37
N SER DA 9 -28.59 -98.87 -8.76
CA SER DA 9 -29.97 -98.73 -9.17
C SER DA 9 -30.21 -97.29 -9.59
N ASP DA 10 -29.22 -96.70 -10.25
CA ASP DA 10 -29.31 -95.31 -10.72
C ASP DA 10 -29.36 -95.33 -12.24
N ARG DA 11 -30.28 -94.53 -12.80
CA ARG DA 11 -30.52 -94.52 -14.23
C ARG DA 11 -29.32 -93.97 -15.01
N SER DA 12 -28.80 -92.81 -14.60
CA SER DA 12 -27.70 -92.19 -15.31
C SER DA 12 -26.42 -93.01 -15.20
N LYS DA 13 -26.19 -93.61 -14.03
CA LYS DA 13 -25.02 -94.46 -13.86
C LYS DA 13 -25.12 -95.76 -14.65
N ASN DA 14 -26.33 -96.34 -14.73
CA ASN DA 14 -26.51 -97.54 -15.54
C ASN DA 14 -26.38 -97.24 -17.02
N ARG DA 15 -26.88 -96.09 -17.47
CA ARG DA 15 -26.70 -95.68 -18.87
C ARG DA 15 -25.23 -95.37 -19.16
N LYS DA 16 -24.50 -94.85 -18.17
CA LYS DA 16 -23.07 -94.61 -18.35
C LYS DA 16 -22.31 -95.93 -18.48
N ARG DA 17 -22.58 -96.89 -17.60
CA ARG DA 17 -21.92 -98.19 -17.65
C ARG DA 17 -22.32 -98.97 -18.89
N HIS DA 18 -23.51 -98.70 -19.44
CA HIS DA 18 -23.92 -99.33 -20.69
C HIS DA 18 -23.18 -98.71 -21.88
N PHE DA 19 -23.33 -97.40 -22.08
CA PHE DA 19 -22.82 -96.78 -23.29
C PHE DA 19 -21.33 -96.47 -23.23
N ASN DA 20 -20.66 -96.75 -22.11
CA ASN DA 20 -19.22 -96.60 -22.06
C ASN DA 20 -18.56 -97.90 -21.63
N ALA DA 21 -19.09 -99.02 -22.10
CA ALA DA 21 -18.56 -100.32 -21.72
C ALA DA 21 -17.45 -100.75 -22.66
N PRO DA 22 -16.39 -101.37 -22.14
CA PRO DA 22 -15.36 -101.95 -23.01
C PRO DA 22 -15.87 -103.19 -23.72
N SER DA 23 -15.06 -103.66 -24.68
CA SER DA 23 -15.54 -104.59 -25.70
C SER DA 23 -15.92 -105.95 -25.16
N HIS DA 24 -15.26 -106.41 -24.08
CA HIS DA 24 -15.63 -107.69 -23.50
C HIS DA 24 -16.94 -107.60 -22.73
N ILE DA 25 -17.34 -106.39 -22.31
CA ILE DA 25 -18.66 -106.20 -21.72
C ILE DA 25 -19.70 -105.94 -22.81
N ARG DA 26 -19.27 -105.33 -23.93
CA ARG DA 26 -20.13 -105.18 -25.10
C ARG DA 26 -20.56 -106.53 -25.64
N ARG DA 27 -19.63 -107.49 -25.69
CA ARG DA 27 -19.96 -108.85 -26.12
C ARG DA 27 -20.94 -109.52 -25.16
N LYS DA 28 -20.78 -109.27 -23.86
CA LYS DA 28 -21.66 -109.87 -22.85
C LYS DA 28 -23.06 -109.30 -22.94
N ILE DA 29 -23.17 -107.98 -23.17
CA ILE DA 29 -24.48 -107.34 -23.30
C ILE DA 29 -25.16 -107.80 -24.60
N MET DA 30 -24.42 -107.79 -25.71
CA MET DA 30 -24.97 -108.20 -27.00
C MET DA 30 -25.04 -109.72 -27.07
N SER DA 31 -26.06 -110.26 -26.43
CA SER DA 31 -26.34 -111.68 -26.47
C SER DA 31 -27.76 -111.90 -26.95
N SER DA 32 -28.02 -113.10 -27.47
CA SER DA 32 -29.28 -113.42 -28.10
C SER DA 32 -29.76 -114.78 -27.63
N PRO DA 33 -31.08 -114.97 -27.52
CA PRO DA 33 -31.60 -116.27 -27.10
C PRO DA 33 -31.48 -117.31 -28.21
N LEU DA 34 -31.32 -118.57 -27.79
CA LEU DA 34 -31.30 -119.68 -28.72
C LEU DA 34 -32.72 -120.08 -29.09
N SER DA 35 -32.84 -120.94 -30.10
CA SER DA 35 -34.14 -121.43 -30.49
C SER DA 35 -34.66 -122.45 -29.48
N LYS DA 36 -35.89 -122.92 -29.70
CA LYS DA 36 -36.48 -123.91 -28.80
C LYS DA 36 -35.78 -125.26 -28.92
N GLU DA 37 -35.38 -125.65 -30.13
CA GLU DA 37 -34.68 -126.91 -30.34
C GLU DA 37 -33.29 -126.89 -29.71
N LEU DA 38 -32.53 -125.81 -29.95
CA LEU DA 38 -31.20 -125.70 -29.38
C LEU DA 38 -31.25 -125.52 -27.87
N ARG DA 39 -32.30 -124.85 -27.37
CA ARG DA 39 -32.46 -124.68 -25.93
C ARG DA 39 -32.81 -126.00 -25.24
N GLN DA 40 -33.66 -126.81 -25.87
CA GLN DA 40 -33.94 -128.14 -25.35
C GLN DA 40 -32.72 -129.05 -25.44
N LYS DA 41 -31.88 -128.86 -26.46
CA LYS DA 41 -30.75 -129.75 -26.65
C LYS DA 41 -29.59 -129.41 -25.72
N TYR DA 42 -29.31 -128.12 -25.51
CA TYR DA 42 -28.14 -127.75 -24.71
C TYR DA 42 -28.49 -127.32 -23.30
N ASN DA 43 -29.77 -127.09 -22.99
CA ASN DA 43 -30.27 -126.52 -21.72
C ASN DA 43 -29.57 -125.17 -21.45
N VAL DA 44 -29.49 -124.35 -22.49
CA VAL DA 44 -28.87 -123.04 -22.43
C VAL DA 44 -29.88 -122.00 -22.91
N ARG DA 45 -30.11 -120.97 -22.10
CA ARG DA 45 -31.13 -119.98 -22.42
C ARG DA 45 -30.67 -119.03 -23.52
N SER DA 46 -29.46 -118.48 -23.40
CA SER DA 46 -28.97 -117.50 -24.35
C SER DA 46 -27.45 -117.57 -24.43
N MET DA 47 -26.91 -117.01 -25.52
CA MET DA 47 -25.49 -116.97 -25.80
C MET DA 47 -25.15 -115.67 -26.51
N PRO DA 48 -23.93 -115.16 -26.32
CA PRO DA 48 -23.47 -114.03 -27.15
C PRO DA 48 -23.28 -114.46 -28.60
N ILE DA 49 -23.68 -113.58 -29.52
CA ILE DA 49 -23.69 -113.93 -30.93
C ILE DA 49 -22.28 -113.75 -31.50
N ARG DA 50 -22.00 -114.48 -32.58
CA ARG DA 50 -20.70 -114.49 -33.23
C ARG DA 50 -20.90 -114.15 -34.72
N LYS DA 51 -19.80 -113.96 -35.43
CA LYS DA 51 -19.84 -113.56 -36.84
C LYS DA 51 -20.41 -114.67 -37.72
N ASP DA 52 -20.25 -115.92 -37.32
CA ASP DA 52 -20.62 -117.06 -38.16
C ASP DA 52 -21.87 -117.77 -37.65
N ASP DA 53 -22.86 -117.01 -37.18
CA ASP DA 53 -24.09 -117.58 -36.65
C ASP DA 53 -25.24 -117.41 -37.64
N GLU DA 54 -26.26 -118.25 -37.46
CA GLU DA 54 -27.48 -118.17 -38.25
C GLU DA 54 -28.62 -117.58 -37.43
N VAL DA 55 -29.42 -116.72 -38.07
CA VAL DA 55 -30.34 -115.82 -37.40
C VAL DA 55 -31.69 -115.85 -38.11
N GLN DA 56 -32.76 -116.00 -37.34
CA GLN DA 56 -34.10 -115.59 -37.75
C GLN DA 56 -34.44 -114.29 -37.04
N VAL DA 57 -34.86 -113.29 -37.82
CA VAL DA 57 -35.24 -112.01 -37.25
C VAL DA 57 -36.65 -112.11 -36.69
N VAL DA 58 -36.82 -111.69 -35.44
CA VAL DA 58 -38.06 -111.90 -34.72
C VAL DA 58 -38.97 -110.67 -34.79
N ARG DA 59 -38.42 -109.49 -34.53
CA ARG DA 59 -39.18 -108.25 -34.55
C ARG DA 59 -38.60 -107.29 -35.58
N GLY DA 60 -39.42 -106.33 -35.99
CA GLY DA 60 -39.01 -105.31 -36.91
C GLY DA 60 -39.64 -105.47 -38.29
N HIS DA 61 -39.09 -104.71 -39.25
CA HIS DA 61 -39.59 -104.77 -40.62
C HIS DA 61 -39.11 -106.02 -41.34
N TYR DA 62 -37.89 -106.46 -41.03
CA TYR DA 62 -37.27 -107.59 -41.71
C TYR DA 62 -37.48 -108.91 -40.98
N LYS DA 63 -38.56 -109.03 -40.20
CA LYS DA 63 -38.82 -110.25 -39.47
C LYS DA 63 -39.42 -111.32 -40.38
N GLY DA 64 -39.29 -112.57 -39.95
CA GLY DA 64 -39.82 -113.68 -40.73
C GLY DA 64 -39.23 -114.99 -40.29
N GLN DA 65 -39.20 -115.94 -41.22
CA GLN DA 65 -38.66 -117.27 -41.00
C GLN DA 65 -37.47 -117.53 -41.89
N GLN DA 66 -36.74 -116.47 -42.24
CA GLN DA 66 -35.59 -116.55 -43.14
C GLN DA 66 -34.32 -116.70 -42.30
N ILE DA 67 -33.65 -117.83 -42.44
CA ILE DA 67 -32.41 -118.11 -41.72
C ILE DA 67 -31.25 -117.49 -42.49
N GLY DA 68 -30.66 -116.44 -41.94
CA GLY DA 68 -29.58 -115.73 -42.60
C GLY DA 68 -28.30 -115.77 -41.78
N LYS DA 69 -27.17 -115.80 -42.47
CA LYS DA 69 -25.88 -115.78 -41.80
C LYS DA 69 -25.52 -114.35 -41.41
N VAL DA 70 -24.90 -114.21 -40.24
CA VAL DA 70 -24.42 -112.90 -39.79
C VAL DA 70 -23.27 -112.44 -40.68
N VAL DA 71 -23.32 -111.18 -41.12
CA VAL DA 71 -22.21 -110.61 -41.87
C VAL DA 71 -21.08 -110.33 -40.90
N GLN DA 72 -21.32 -109.43 -39.93
CA GLN DA 72 -20.37 -109.17 -38.87
C GLN DA 72 -21.08 -108.49 -37.69
N VAL DA 73 -20.50 -108.64 -36.52
CA VAL DA 73 -21.06 -108.13 -35.26
C VAL DA 73 -20.36 -106.81 -34.96
N TYR DA 74 -21.11 -105.71 -35.01
CA TYR DA 74 -20.55 -104.37 -34.85
C TYR DA 74 -20.91 -103.89 -33.43
N ARG DA 75 -19.94 -104.05 -32.52
CA ARG DA 75 -20.22 -103.79 -31.12
C ARG DA 75 -20.17 -102.30 -30.76
N LYS DA 76 -19.73 -101.44 -31.68
CA LYS DA 76 -19.69 -100.01 -31.37
C LYS DA 76 -21.09 -99.40 -31.39
N LYS DA 77 -21.91 -99.74 -32.38
CA LYS DA 77 -23.30 -99.31 -32.44
C LYS DA 77 -24.27 -100.32 -31.85
N TYR DA 78 -23.77 -101.34 -31.15
CA TYR DA 78 -24.56 -102.39 -30.47
C TYR DA 78 -25.47 -103.14 -31.44
N VAL DA 79 -24.89 -103.58 -32.56
CA VAL DA 79 -25.72 -104.05 -33.67
C VAL DA 79 -25.00 -105.21 -34.35
N ILE DA 80 -25.75 -105.99 -35.13
CA ILE DA 80 -25.18 -107.02 -35.98
C ILE DA 80 -25.69 -106.78 -37.39
N TYR DA 81 -25.01 -107.36 -38.37
CA TYR DA 81 -25.45 -107.26 -39.75
C TYR DA 81 -25.67 -108.65 -40.32
N ILE DA 82 -26.80 -108.84 -40.97
CA ILE DA 82 -27.26 -110.13 -41.46
C ILE DA 82 -27.22 -110.09 -42.98
N GLU DA 83 -26.97 -111.24 -43.61
CA GLU DA 83 -26.74 -111.35 -45.05
C GLU DA 83 -27.90 -110.88 -45.91
N ARG DA 84 -29.07 -111.51 -45.77
CA ARG DA 84 -30.21 -111.10 -46.58
C ARG DA 84 -30.99 -109.94 -45.98
N VAL DA 85 -30.69 -109.54 -44.75
CA VAL DA 85 -31.32 -108.37 -44.15
C VAL DA 85 -30.53 -107.14 -44.61
N GLN DA 86 -31.03 -106.50 -45.66
CA GLN DA 86 -30.35 -105.35 -46.25
C GLN DA 86 -31.39 -104.55 -47.02
N ARG DA 87 -30.97 -103.38 -47.50
CA ARG DA 87 -31.82 -102.51 -48.28
C ARG DA 87 -31.01 -101.83 -49.36
N GLU DA 88 -31.70 -101.16 -50.28
CA GLU DA 88 -31.05 -100.49 -51.39
C GLU DA 88 -30.88 -99.00 -51.06
N LYS DA 89 -29.69 -98.47 -51.32
CA LYS DA 89 -29.44 -97.04 -51.20
C LYS DA 89 -30.00 -96.35 -52.43
N ALA DA 90 -29.97 -95.01 -52.43
CA ALA DA 90 -30.44 -94.22 -53.56
C ALA DA 90 -29.63 -94.51 -54.83
N ASN DA 91 -28.31 -94.62 -54.69
CA ASN DA 91 -27.45 -94.83 -55.87
C ASN DA 91 -27.57 -96.25 -56.42
N GLY DA 92 -27.88 -97.21 -55.55
CA GLY DA 92 -28.12 -98.57 -56.01
C GLY DA 92 -27.41 -99.64 -55.20
N THR DA 93 -26.45 -99.24 -54.39
CA THR DA 93 -25.68 -100.21 -53.61
C THR DA 93 -26.51 -100.77 -52.46
N THR DA 94 -26.24 -102.02 -52.12
CA THR DA 94 -26.94 -102.66 -51.02
C THR DA 94 -26.21 -102.43 -49.71
N VAL DA 95 -26.96 -101.96 -48.72
CA VAL DA 95 -26.43 -101.68 -47.37
C VAL DA 95 -27.17 -102.57 -46.39
N HIS DA 96 -26.41 -103.28 -45.56
CA HIS DA 96 -27.01 -104.18 -44.59
C HIS DA 96 -27.72 -103.40 -43.50
N VAL DA 97 -29.01 -103.66 -43.31
CA VAL DA 97 -29.79 -102.98 -42.29
C VAL DA 97 -29.44 -103.56 -40.93
N GLY DA 98 -29.10 -102.69 -40.00
CA GLY DA 98 -28.69 -103.11 -38.69
C GLY DA 98 -29.82 -103.61 -37.78
N ILE DA 99 -29.60 -104.76 -37.17
CA ILE DA 99 -30.57 -105.38 -36.26
C ILE DA 99 -29.90 -105.54 -34.90
N HIS DA 100 -30.63 -105.15 -33.84
CA HIS DA 100 -30.11 -105.35 -32.49
C HIS DA 100 -30.24 -106.82 -32.09
N PRO DA 101 -29.26 -107.37 -31.36
CA PRO DA 101 -29.30 -108.82 -31.06
C PRO DA 101 -30.38 -109.25 -30.07
N SER DA 102 -31.09 -108.31 -29.44
CA SER DA 102 -32.19 -108.71 -28.57
C SER DA 102 -33.40 -109.19 -29.36
N LYS DA 103 -33.52 -108.77 -30.62
CA LYS DA 103 -34.60 -109.18 -31.50
C LYS DA 103 -34.15 -110.28 -32.44
N VAL DA 104 -33.26 -111.15 -31.95
CA VAL DA 104 -32.51 -112.11 -32.76
C VAL DA 104 -32.55 -113.46 -32.06
N VAL DA 105 -32.91 -114.50 -32.80
CA VAL DA 105 -32.85 -115.87 -32.28
C VAL DA 105 -31.85 -116.65 -33.13
N ILE DA 106 -31.14 -117.60 -32.49
CA ILE DA 106 -30.13 -118.41 -33.15
C ILE DA 106 -30.74 -119.75 -33.53
N THR DA 107 -30.61 -120.13 -34.80
CA THR DA 107 -31.04 -121.45 -35.27
C THR DA 107 -29.92 -122.48 -35.31
N ARG DA 108 -28.70 -122.06 -35.62
CA ARG DA 108 -27.53 -122.94 -35.57
C ARG DA 108 -26.34 -122.19 -34.99
N LEU DA 109 -25.63 -122.83 -34.07
CA LEU DA 109 -24.45 -122.27 -33.42
C LEU DA 109 -23.19 -122.68 -34.18
N LYS DA 110 -22.19 -121.81 -34.15
CA LYS DA 110 -20.87 -122.12 -34.70
C LYS DA 110 -19.99 -122.56 -33.54
N LEU DA 111 -19.67 -123.85 -33.49
CA LEU DA 111 -19.13 -124.49 -32.29
C LEU DA 111 -17.62 -124.63 -32.40
N ASP DA 112 -16.89 -123.87 -31.58
CA ASP DA 112 -15.48 -124.10 -31.34
C ASP DA 112 -15.28 -124.61 -29.92
N LYS DA 113 -14.01 -124.72 -29.51
CA LYS DA 113 -13.68 -125.29 -28.20
C LYS DA 113 -14.13 -124.37 -27.06
N ASP DA 114 -13.89 -123.07 -27.20
CA ASP DA 114 -14.34 -122.12 -26.19
C ASP DA 114 -15.86 -122.02 -26.17
N ARG DA 115 -16.50 -122.14 -27.34
CA ARG DA 115 -17.96 -122.12 -27.40
C ARG DA 115 -18.57 -123.33 -26.70
N LYS DA 116 -17.98 -124.52 -26.91
CA LYS DA 116 -18.44 -125.72 -26.21
C LYS DA 116 -18.15 -125.62 -24.71
N LYS DA 117 -17.05 -124.96 -24.34
CA LYS DA 117 -16.74 -124.78 -22.92
C LYS DA 117 -17.75 -123.86 -22.23
N ILE DA 118 -18.16 -122.77 -22.90
CA ILE DA 118 -19.16 -121.88 -22.33
C ILE DA 118 -20.52 -122.57 -22.24
N LEU DA 119 -20.89 -123.35 -23.26
CA LEU DA 119 -22.15 -124.09 -23.23
C LEU DA 119 -22.17 -125.15 -22.12
N GLU DA 120 -21.06 -125.86 -21.93
CA GLU DA 120 -20.99 -126.84 -20.85
C GLU DA 120 -20.99 -126.19 -19.48
N ARG DA 121 -20.37 -125.02 -19.35
CA ARG DA 121 -20.37 -124.33 -18.06
C ARG DA 121 -21.75 -123.78 -17.72
N LYS DA 122 -22.47 -123.26 -18.72
CA LYS DA 122 -23.84 -122.79 -18.49
C LYS DA 122 -24.79 -123.94 -18.21
N ALA DA 123 -24.62 -125.09 -18.89
CA ALA DA 123 -25.44 -126.25 -18.58
C ALA DA 123 -25.14 -126.81 -17.20
N LYS DA 124 -23.86 -126.74 -16.78
CA LYS DA 124 -23.49 -127.19 -15.44
C LYS DA 124 -24.09 -126.29 -14.36
N SER DA 125 -24.05 -124.97 -14.58
CA SER DA 125 -24.66 -124.05 -13.62
C SER DA 125 -26.17 -124.19 -13.58
N ARG DA 126 -26.79 -124.49 -14.73
CA ARG DA 126 -28.23 -124.75 -14.76
C ARG DA 126 -28.58 -126.04 -14.00
N GLN DA 127 -27.74 -127.07 -14.13
CA GLN DA 127 -27.98 -128.32 -13.39
C GLN DA 127 -27.77 -128.12 -11.89
N VAL DA 128 -26.79 -127.30 -11.50
CA VAL DA 128 -26.59 -127.00 -10.09
C VAL DA 128 -27.77 -126.22 -9.52
N GLY DA 129 -28.29 -125.26 -10.29
CA GLY DA 129 -29.48 -124.53 -9.85
C GLY DA 129 -30.72 -125.41 -9.77
N LYS DA 130 -30.85 -126.36 -10.70
CA LYS DA 130 -31.98 -127.29 -10.67
C LYS DA 130 -31.88 -128.25 -9.49
N GLU DA 131 -30.67 -128.71 -9.18
CA GLU DA 131 -30.47 -129.58 -8.02
C GLU DA 131 -30.70 -128.82 -6.71
N LYS DA 132 -30.33 -127.54 -6.66
CA LYS DA 132 -30.59 -126.74 -5.47
C LYS DA 132 -32.08 -126.44 -5.32
N GLY DA 133 -32.79 -126.30 -6.45
CA GLY DA 133 -34.23 -126.09 -6.39
C GLY DA 133 -34.98 -127.36 -6.04
N LYS DA 134 -34.44 -128.52 -6.41
CA LYS DA 134 -35.07 -129.81 -6.10
C LYS DA 134 -34.92 -130.14 -4.62
N GLY EA 1 93.47 -33.33 -21.75
CA GLY EA 1 94.23 -34.11 -22.70
C GLY EA 1 93.39 -35.16 -23.41
N LYS EA 2 93.91 -35.69 -24.51
CA LYS EA 2 93.20 -36.71 -25.27
C LYS EA 2 93.29 -38.05 -24.56
N PHE EA 3 92.12 -38.61 -24.21
CA PHE EA 3 92.05 -39.85 -23.48
C PHE EA 3 91.51 -41.02 -24.31
N MET EA 4 91.34 -40.85 -25.62
CA MET EA 4 90.75 -41.88 -26.46
C MET EA 4 91.88 -42.75 -27.01
N LYS EA 5 92.48 -43.51 -26.12
CA LYS EA 5 93.68 -44.30 -26.36
C LYS EA 5 93.35 -45.78 -26.46
N PRO EA 6 94.19 -46.59 -27.13
CA PRO EA 6 93.92 -48.03 -27.20
C PRO EA 6 94.09 -48.78 -25.88
N GLY EA 7 94.54 -48.15 -24.81
CA GLY EA 7 94.58 -48.77 -23.52
C GLY EA 7 93.39 -48.49 -22.63
N LYS EA 8 92.19 -48.36 -23.19
CA LYS EA 8 91.01 -47.96 -22.43
C LYS EA 8 89.89 -48.99 -22.56
N VAL EA 9 88.98 -48.98 -21.59
CA VAL EA 9 87.78 -49.80 -21.60
C VAL EA 9 86.60 -48.91 -21.94
N VAL EA 10 85.70 -49.40 -22.79
CA VAL EA 10 84.63 -48.58 -23.36
C VAL EA 10 83.32 -49.37 -23.36
N LEU EA 11 82.26 -48.77 -22.81
CA LEU EA 11 80.91 -49.31 -22.98
C LEU EA 11 80.41 -48.95 -24.37
N VAL EA 12 79.74 -49.90 -25.02
CA VAL EA 12 79.12 -49.65 -26.31
C VAL EA 12 77.71 -49.13 -26.06
N LEU EA 13 77.38 -48.00 -26.67
CA LEU EA 13 76.20 -47.21 -26.31
C LEU EA 13 75.05 -47.40 -27.28
N ALA EA 14 75.32 -47.86 -28.51
CA ALA EA 14 74.28 -48.02 -29.51
C ALA EA 14 74.57 -49.27 -30.33
N GLY EA 15 73.67 -49.56 -31.26
CA GLY EA 15 73.85 -50.73 -32.10
C GLY EA 15 73.23 -51.97 -31.48
N ARG EA 16 73.59 -53.13 -32.06
CA ARG EA 16 73.09 -54.39 -31.54
C ARG EA 16 73.75 -54.76 -30.22
N TYR EA 17 75.00 -54.36 -30.03
CA TYR EA 17 75.74 -54.65 -28.80
C TYR EA 17 75.55 -53.54 -27.76
N SER EA 18 74.31 -53.18 -27.47
CA SER EA 18 74.04 -52.07 -26.56
C SER EA 18 74.29 -52.49 -25.12
N GLY EA 19 75.20 -51.77 -24.45
CA GLY EA 19 75.57 -52.10 -23.09
C GLY EA 19 76.52 -53.27 -23.02
N ARG EA 20 77.53 -53.28 -23.90
CA ARG EA 20 78.54 -54.32 -23.93
C ARG EA 20 79.91 -53.69 -23.72
N LYS EA 21 80.73 -54.32 -22.89
CA LYS EA 21 82.04 -53.78 -22.58
C LYS EA 21 83.03 -54.18 -23.67
N ALA EA 22 83.97 -53.27 -23.97
CA ALA EA 22 84.85 -53.47 -25.11
C ALA EA 22 86.21 -52.84 -24.82
N VAL EA 23 87.20 -53.31 -25.55
CA VAL EA 23 88.56 -52.80 -25.47
C VAL EA 23 88.94 -52.20 -26.83
N ILE EA 24 89.41 -50.96 -26.80
CA ILE EA 24 89.87 -50.29 -28.01
C ILE EA 24 91.16 -50.97 -28.47
N VAL EA 25 91.26 -51.23 -29.77
CA VAL EA 25 92.52 -51.64 -30.36
C VAL EA 25 93.04 -50.60 -31.36
N LYS EA 26 92.14 -49.81 -31.96
CA LYS EA 26 92.57 -48.72 -32.83
C LYS EA 26 91.69 -47.50 -32.61
N ASN EA 27 92.28 -46.32 -32.75
CA ASN EA 27 91.58 -45.05 -32.65
C ASN EA 27 91.96 -44.16 -33.82
N ILE EA 28 90.97 -43.43 -34.34
CA ILE EA 28 91.17 -42.50 -35.46
C ILE EA 28 90.44 -41.21 -35.09
N ASP EA 29 91.21 -40.18 -34.72
CA ASP EA 29 90.62 -38.92 -34.29
C ASP EA 29 90.41 -37.97 -35.46
N ASP EA 30 91.27 -38.04 -36.47
CA ASP EA 30 91.09 -37.32 -37.73
C ASP EA 30 90.70 -38.35 -38.78
N GLY EA 31 89.43 -38.36 -39.17
CA GLY EA 31 88.87 -39.47 -39.92
C GLY EA 31 89.39 -39.54 -41.34
N THR EA 32 89.17 -40.71 -41.94
CA THR EA 32 89.64 -41.03 -43.27
C THR EA 32 88.62 -40.49 -44.29
N SER EA 33 88.95 -40.55 -45.58
CA SER EA 33 88.01 -40.16 -46.63
C SER EA 33 86.83 -41.13 -46.70
N ASP EA 34 87.05 -42.39 -46.31
CA ASP EA 34 85.97 -43.37 -46.35
C ASP EA 34 84.99 -43.16 -45.21
N ARG EA 35 85.49 -42.79 -44.03
CA ARG EA 35 84.66 -42.50 -42.84
C ARG EA 35 85.03 -41.09 -42.38
N PRO EA 36 84.27 -40.06 -42.78
CA PRO EA 36 84.67 -38.68 -42.45
C PRO EA 36 84.58 -38.36 -40.97
N TYR EA 37 83.69 -39.02 -40.24
CA TYR EA 37 83.62 -38.90 -38.80
C TYR EA 37 84.85 -39.50 -38.14
N SER EA 38 85.13 -39.06 -36.91
CA SER EA 38 86.15 -39.70 -36.08
C SER EA 38 85.57 -40.98 -35.49
N HIS EA 39 86.41 -42.01 -35.35
CA HIS EA 39 85.91 -43.32 -34.95
C HIS EA 39 86.98 -44.10 -34.21
N ALA EA 40 86.60 -45.31 -33.79
CA ALA EA 40 87.49 -46.20 -33.06
C ALA EA 40 87.11 -47.63 -33.33
N LEU EA 41 88.10 -48.45 -33.70
CA LEU EA 41 87.90 -49.87 -33.90
C LEU EA 41 88.15 -50.58 -32.58
N VAL EA 42 87.11 -51.24 -32.05
CA VAL EA 42 87.17 -51.89 -30.75
C VAL EA 42 86.90 -53.37 -30.93
N ALA EA 43 87.28 -54.15 -29.92
CA ALA EA 43 86.99 -55.58 -29.85
C ALA EA 43 86.35 -55.85 -28.50
N GLY EA 44 85.06 -56.19 -28.51
CA GLY EA 44 84.33 -56.41 -27.29
C GLY EA 44 83.91 -57.84 -27.08
N ILE EA 45 83.04 -58.07 -26.09
CA ILE EA 45 82.56 -59.41 -25.75
C ILE EA 45 81.04 -59.38 -25.74
N ASP EA 46 80.42 -60.34 -26.43
CA ASP EA 46 78.96 -60.37 -26.52
C ASP EA 46 78.36 -61.21 -25.40
N ARG EA 47 78.70 -62.49 -25.34
CA ARG EA 47 78.13 -63.42 -24.38
C ARG EA 47 79.03 -63.45 -23.15
N TYR EA 48 78.51 -62.92 -22.04
CA TYR EA 48 79.27 -62.82 -20.81
C TYR EA 48 79.39 -64.19 -20.14
N PRO EA 49 80.51 -64.47 -19.49
CA PRO EA 49 80.59 -65.66 -18.64
C PRO EA 49 79.74 -65.46 -17.39
N ARG EA 50 78.98 -66.49 -17.05
CA ARG EA 50 77.97 -66.37 -16.01
C ARG EA 50 78.62 -66.49 -14.62
N LYS EA 51 77.77 -66.49 -13.60
CA LYS EA 51 78.21 -66.52 -12.21
C LYS EA 51 78.80 -67.88 -11.86
N VAL EA 52 80.12 -67.97 -11.79
CA VAL EA 52 80.79 -69.21 -11.41
C VAL EA 52 80.62 -69.41 -9.91
N THR EA 53 80.53 -70.68 -9.49
CA THR EA 53 80.19 -71.02 -8.12
C THR EA 53 80.99 -72.25 -7.72
N ALA EA 54 81.50 -72.23 -6.49
CA ALA EA 54 82.20 -73.38 -5.92
C ALA EA 54 81.22 -74.53 -5.66
N ALA EA 55 81.80 -75.69 -5.29
CA ALA EA 55 81.10 -76.98 -5.15
C ALA EA 55 80.36 -77.36 -6.43
N MET EA 56 80.97 -77.06 -7.57
CA MET EA 56 80.50 -77.51 -8.87
C MET EA 56 81.63 -78.25 -9.58
N GLY EA 57 81.26 -78.93 -10.67
CA GLY EA 57 82.26 -79.66 -11.42
C GLY EA 57 83.12 -78.74 -12.26
N LYS EA 58 84.37 -79.16 -12.45
CA LYS EA 58 85.30 -78.35 -13.25
C LYS EA 58 84.95 -78.37 -14.72
N LYS EA 59 84.32 -79.45 -15.20
CA LYS EA 59 83.78 -79.46 -16.55
C LYS EA 59 82.65 -78.44 -16.68
N LYS EA 60 81.81 -78.32 -15.64
CA LYS EA 60 80.75 -77.33 -15.64
C LYS EA 60 81.32 -75.92 -15.57
N ILE EA 61 82.42 -75.74 -14.83
CA ILE EA 61 83.07 -74.43 -14.76
C ILE EA 61 83.68 -74.05 -16.10
N ALA EA 62 84.31 -75.02 -16.78
CA ALA EA 62 84.91 -74.75 -18.09
C ALA EA 62 83.84 -74.52 -19.15
N LYS EA 63 82.67 -75.15 -19.00
CA LYS EA 63 81.56 -74.88 -19.91
C LYS EA 63 80.94 -73.52 -19.64
N ARG EA 64 80.85 -73.14 -18.35
CA ARG EA 64 80.15 -71.91 -17.99
C ARG EA 64 81.01 -70.68 -18.29
N SER EA 65 82.29 -70.73 -17.95
CA SER EA 65 83.21 -69.66 -18.27
C SER EA 65 83.53 -69.66 -19.76
N LYS EA 66 82.65 -69.07 -20.56
CA LYS EA 66 82.76 -69.16 -22.01
C LYS EA 66 82.42 -67.80 -22.60
N ILE EA 67 83.36 -67.23 -23.34
CA ILE EA 67 83.29 -65.86 -23.80
C ILE EA 67 83.14 -65.83 -25.32
N LYS EA 68 82.10 -65.16 -25.79
CA LYS EA 68 81.88 -64.92 -27.22
C LYS EA 68 82.20 -63.45 -27.50
N SER EA 69 83.19 -63.22 -28.34
CA SER EA 69 83.67 -61.86 -28.61
C SER EA 69 83.09 -61.32 -29.91
N PHE EA 70 83.39 -60.04 -30.18
CA PHE EA 70 83.06 -59.40 -31.44
C PHE EA 70 84.08 -58.31 -31.69
N VAL EA 71 84.10 -57.82 -32.93
CA VAL EA 71 84.99 -56.73 -33.33
C VAL EA 71 84.20 -55.78 -34.24
N LYS EA 72 84.29 -54.47 -33.96
CA LYS EA 72 83.40 -53.53 -34.61
C LYS EA 72 83.99 -52.13 -34.55
N VAL EA 73 83.69 -51.32 -35.57
CA VAL EA 73 83.97 -49.89 -35.59
C VAL EA 73 82.71 -49.16 -35.13
N TYR EA 74 82.87 -48.16 -34.26
CA TYR EA 74 81.73 -47.37 -33.81
C TYR EA 74 82.07 -45.88 -33.90
N ASN EA 75 81.09 -45.06 -33.54
CA ASN EA 75 81.28 -43.62 -33.41
C ASN EA 75 81.75 -43.28 -32.00
N TYR EA 76 82.37 -42.10 -31.87
CA TYR EA 76 82.78 -41.63 -30.56
C TYR EA 76 81.59 -41.28 -29.67
N ASN EA 77 80.52 -40.74 -30.25
CA ASN EA 77 79.33 -40.49 -29.44
C ASN EA 77 78.46 -41.75 -29.31
N HIS EA 78 78.79 -42.81 -30.05
CA HIS EA 78 78.17 -44.11 -29.82
C HIS EA 78 79.03 -45.01 -28.95
N LEU EA 79 80.17 -44.52 -28.47
CA LEU EA 79 80.99 -45.22 -27.50
C LEU EA 79 80.96 -44.48 -26.16
N MET EA 80 81.12 -45.25 -25.07
CA MET EA 80 81.10 -44.71 -23.72
C MET EA 80 82.34 -45.16 -22.96
N PRO EA 81 83.36 -44.31 -22.82
CA PRO EA 81 84.58 -44.73 -22.14
C PRO EA 81 84.45 -44.70 -20.62
N THR EA 82 85.43 -45.32 -19.96
CA THR EA 82 85.51 -45.33 -18.50
C THR EA 82 86.96 -45.12 -18.08
N ARG EA 83 87.17 -45.09 -16.76
CA ARG EA 83 88.51 -44.90 -16.23
C ARG EA 83 89.27 -46.22 -16.14
N TYR EA 84 88.58 -47.35 -16.31
CA TYR EA 84 89.23 -48.65 -16.22
C TYR EA 84 90.04 -48.93 -17.48
N SER EA 85 91.05 -49.77 -17.34
CA SER EA 85 92.02 -50.02 -18.40
C SER EA 85 92.43 -51.48 -18.37
N VAL EA 86 92.26 -52.17 -19.50
CA VAL EA 86 92.69 -53.55 -19.65
C VAL EA 86 93.94 -53.58 -20.53
N ASP EA 87 95.02 -54.12 -19.97
CA ASP EA 87 96.30 -54.19 -20.67
C ASP EA 87 96.42 -55.48 -21.46
N ILE EA 88 95.48 -55.73 -22.37
CA ILE EA 88 95.47 -56.93 -23.20
C ILE EA 88 96.21 -56.59 -24.49
N PRO EA 89 97.03 -57.50 -25.04
CA PRO EA 89 97.76 -57.17 -26.29
C PRO EA 89 96.87 -56.97 -27.51
N LEU EA 90 96.12 -58.01 -27.91
CA LEU EA 90 95.25 -58.01 -29.09
C LEU EA 90 95.96 -57.52 -30.35
N ASP EA 91 96.89 -58.34 -30.86
CA ASP EA 91 97.86 -57.94 -31.88
C ASP EA 91 97.22 -57.39 -33.15
N LYS EA 92 97.95 -56.49 -33.81
CA LYS EA 92 97.45 -55.65 -34.90
C LYS EA 92 97.46 -56.37 -36.24
N THR EA 93 98.25 -57.44 -36.38
CA THR EA 93 98.32 -58.17 -37.66
C THR EA 93 97.02 -58.94 -37.93
N VAL EA 94 96.31 -59.32 -36.87
CA VAL EA 94 95.07 -60.07 -37.06
C VAL EA 94 93.87 -59.13 -37.09
N VAL EA 95 93.86 -58.13 -36.21
CA VAL EA 95 92.74 -57.20 -36.11
C VAL EA 95 93.12 -55.90 -36.81
N ASN EA 96 92.39 -55.56 -37.87
CA ASN EA 96 92.75 -54.46 -38.75
C ASN EA 96 91.47 -53.94 -39.40
N LYS EA 97 91.58 -52.75 -40.02
CA LYS EA 97 90.45 -52.17 -40.74
C LYS EA 97 90.13 -52.94 -42.02
N ASP EA 98 91.11 -53.64 -42.59
CA ASP EA 98 90.91 -54.38 -43.82
C ASP EA 98 90.23 -55.73 -43.58
N VAL EA 99 90.00 -56.08 -42.31
CA VAL EA 99 89.45 -57.38 -41.95
C VAL EA 99 87.95 -57.44 -42.24
N PHE EA 100 87.26 -56.30 -42.19
CA PHE EA 100 85.80 -56.28 -42.28
C PHE EA 100 85.28 -56.64 -43.67
N ARG EA 101 86.12 -56.56 -44.70
CA ARG EA 101 85.66 -56.91 -46.05
C ARG EA 101 85.63 -58.42 -46.25
N ASP EA 102 86.34 -59.17 -45.40
CA ASP EA 102 86.40 -60.62 -45.57
C ASP EA 102 85.85 -61.32 -44.32
N PRO EA 103 84.73 -62.04 -44.43
CA PRO EA 103 84.12 -62.67 -43.24
C PRO EA 103 84.94 -63.80 -42.65
N ALA EA 104 85.75 -64.48 -43.47
CA ALA EA 104 86.65 -65.51 -42.95
C ALA EA 104 87.72 -64.92 -42.04
N LEU EA 105 88.34 -63.82 -42.49
CA LEU EA 105 89.31 -63.12 -41.63
C LEU EA 105 88.62 -62.45 -40.45
N LYS EA 106 87.35 -62.09 -40.58
CA LYS EA 106 86.64 -61.54 -39.42
C LYS EA 106 86.35 -62.62 -38.39
N ARG EA 107 86.06 -63.85 -38.83
CA ARG EA 107 85.95 -64.97 -37.90
C ARG EA 107 87.30 -65.30 -37.28
N LYS EA 108 88.39 -65.15 -38.04
CA LYS EA 108 89.73 -65.37 -37.48
C LYS EA 108 90.08 -64.32 -36.43
N ALA EA 109 89.70 -63.06 -36.67
CA ALA EA 109 89.94 -62.00 -35.69
C ALA EA 109 89.08 -62.19 -34.45
N ARG EA 110 87.84 -62.66 -34.64
CA ARG EA 110 86.97 -62.97 -33.50
C ARG EA 110 87.52 -64.12 -32.69
N ARG EA 111 88.11 -65.12 -33.35
CA ARG EA 111 88.73 -66.24 -32.64
C ARG EA 111 89.96 -65.78 -31.87
N GLU EA 112 90.77 -64.91 -32.49
CA GLU EA 112 91.97 -64.40 -31.83
C GLU EA 112 91.63 -63.54 -30.62
N ALA EA 113 90.55 -62.76 -30.71
CA ALA EA 113 90.10 -61.99 -29.55
C ALA EA 113 89.51 -62.92 -28.49
N LYS EA 114 88.83 -63.98 -28.93
CA LYS EA 114 88.18 -64.93 -28.02
C LYS EA 114 89.20 -65.66 -27.15
N VAL EA 115 90.33 -66.07 -27.75
CA VAL EA 115 91.40 -66.75 -27.01
C VAL EA 115 91.96 -65.85 -25.92
N LYS EA 116 92.22 -64.58 -26.26
CA LYS EA 116 92.81 -63.64 -25.30
C LYS EA 116 91.85 -63.27 -24.18
N PHE EA 117 90.56 -63.05 -24.49
CA PHE EA 117 89.62 -62.73 -23.42
C PHE EA 117 89.34 -63.94 -22.54
N GLU EA 118 89.33 -65.16 -23.11
CA GLU EA 118 89.12 -66.34 -22.28
C GLU EA 118 90.30 -66.61 -21.37
N GLU EA 119 91.53 -66.42 -21.87
CA GLU EA 119 92.69 -66.66 -21.00
C GLU EA 119 92.83 -65.56 -19.94
N ARG EA 120 92.41 -64.34 -20.26
CA ARG EA 120 92.44 -63.29 -19.24
C ARG EA 120 91.35 -63.50 -18.19
N TYR EA 121 90.18 -64.02 -18.59
CA TYR EA 121 89.14 -64.34 -17.62
C TYR EA 121 89.53 -65.55 -16.77
N LYS EA 122 90.30 -66.47 -17.33
CA LYS EA 122 90.77 -67.60 -16.53
C LYS EA 122 91.86 -67.19 -15.55
N THR EA 123 92.71 -66.23 -15.93
CA THR EA 123 93.68 -65.71 -14.97
C THR EA 123 93.01 -64.84 -13.91
N GLY EA 124 91.95 -64.11 -14.27
CA GLY EA 124 91.20 -63.36 -13.29
C GLY EA 124 91.73 -61.97 -13.00
N LYS EA 125 91.98 -61.20 -14.05
CA LYS EA 125 92.40 -59.81 -13.92
C LYS EA 125 91.40 -58.92 -14.63
N ASN EA 126 91.11 -57.76 -14.02
CA ASN EA 126 90.09 -56.81 -14.47
C ASN EA 126 88.73 -57.49 -14.61
N LYS EA 127 88.20 -57.96 -13.48
CA LYS EA 127 86.94 -58.70 -13.48
C LYS EA 127 85.72 -57.80 -13.65
N TRP EA 128 85.88 -56.48 -13.52
CA TRP EA 128 84.80 -55.55 -13.84
C TRP EA 128 84.45 -55.60 -15.31
N PHE EA 129 85.45 -55.86 -16.17
CA PHE EA 129 85.21 -55.95 -17.61
C PHE EA 129 84.36 -57.16 -17.96
N PHE EA 130 84.44 -58.21 -17.15
CA PHE EA 130 83.68 -59.43 -17.42
C PHE EA 130 82.38 -59.51 -16.63
N GLN EA 131 82.24 -58.73 -15.56
CA GLN EA 131 80.95 -58.59 -14.89
C GLN EA 131 80.00 -57.77 -15.76
N LYS EA 132 78.72 -58.13 -15.70
CA LYS EA 132 77.73 -57.50 -16.57
C LYS EA 132 77.31 -56.13 -16.04
N LEU EA 133 76.89 -55.27 -16.96
CA LEU EA 133 76.31 -53.98 -16.60
C LEU EA 133 74.82 -54.17 -16.35
N ARG EA 134 74.35 -53.76 -15.17
CA ARG EA 134 72.97 -53.98 -14.77
C ARG EA 134 72.12 -52.79 -15.19
N PHE EA 135 71.48 -52.89 -16.35
CA PHE EA 135 70.62 -51.82 -16.83
C PHE EA 135 69.26 -52.38 -17.23
N PRO FA 1 -44.39 -74.79 5.83
CA PRO FA 1 -45.41 -74.39 4.85
C PRO FA 1 -45.26 -72.94 4.39
N SER FA 2 -44.58 -72.74 3.27
CA SER FA 2 -44.42 -71.39 2.72
C SER FA 2 -45.72 -70.90 2.10
N ARG FA 3 -46.65 -71.80 1.79
CA ARG FA 3 -47.95 -71.40 1.24
C ARG FA 3 -48.85 -70.81 2.31
N LEU FA 4 -48.54 -71.03 3.59
CA LEU FA 4 -49.32 -70.46 4.68
C LEU FA 4 -48.73 -69.16 5.20
N ARG FA 5 -47.53 -68.79 4.76
CA ARG FA 5 -46.89 -67.59 5.28
C ARG FA 5 -47.45 -66.34 4.60
N LYS FA 6 -46.89 -65.19 5.02
CA LYS FA 6 -47.43 -63.89 4.62
C LYS FA 6 -46.89 -63.45 3.26
N THR FA 7 -45.81 -64.07 2.79
CA THR FA 7 -45.20 -63.65 1.53
C THR FA 7 -46.03 -64.06 0.32
N ARG FA 8 -47.00 -64.95 0.51
CA ARG FA 8 -47.89 -65.33 -0.59
C ARG FA 8 -48.95 -64.26 -0.83
N LYS FA 9 -49.46 -63.64 0.24
CA LYS FA 9 -50.52 -62.66 0.08
C LYS FA 9 -49.98 -61.30 -0.34
N LEU FA 10 -48.67 -61.06 -0.13
CA LEU FA 10 -48.12 -59.74 -0.42
C LEU FA 10 -47.58 -59.62 -1.85
N ARG FA 11 -47.71 -60.67 -2.66
CA ARG FA 11 -47.30 -60.58 -4.06
C ARG FA 11 -48.31 -59.74 -4.84
N GLY FA 12 -47.81 -58.68 -5.47
CA GLY FA 12 -48.67 -57.73 -6.15
C GLY FA 12 -48.67 -56.39 -5.42
N HIS FA 13 -48.54 -56.46 -4.10
CA HIS FA 13 -48.41 -55.26 -3.29
C HIS FA 13 -46.98 -54.75 -3.35
N VAL FA 14 -46.83 -53.44 -3.54
CA VAL FA 14 -45.53 -52.87 -3.90
C VAL FA 14 -44.57 -52.89 -2.71
N SER FA 15 -44.97 -52.29 -1.59
CA SER FA 15 -44.05 -52.12 -0.48
C SER FA 15 -43.92 -53.37 0.38
N HIS FA 16 -44.70 -54.42 0.09
CA HIS FA 16 -44.62 -55.76 0.70
C HIS FA 16 -44.87 -55.69 2.21
N GLY FA 17 -45.85 -54.88 2.61
CA GLY FA 17 -46.24 -54.81 4.01
C GLY FA 17 -45.30 -54.02 4.90
N HIS FA 18 -44.41 -53.21 4.31
CA HIS FA 18 -43.43 -52.46 5.08
C HIS FA 18 -43.51 -50.96 4.86
N GLY FA 19 -44.60 -50.46 4.31
CA GLY FA 19 -44.80 -49.03 4.23
C GLY FA 19 -44.25 -48.39 2.97
N ARG FA 20 -44.98 -47.41 2.46
CA ARG FA 20 -44.61 -46.68 1.26
C ARG FA 20 -43.85 -45.38 1.54
N ILE FA 21 -44.20 -44.67 2.61
CA ILE FA 21 -43.49 -43.44 2.96
C ILE FA 21 -42.11 -43.76 3.52
N GLY FA 22 -42.06 -44.53 4.62
CA GLY FA 22 -40.80 -44.98 5.16
C GLY FA 22 -40.47 -46.37 4.68
N LYS FA 23 -39.44 -46.50 3.85
CA LYS FA 23 -39.11 -47.75 3.21
C LYS FA 23 -38.51 -48.72 4.22
N HIS FA 24 -38.50 -50.00 3.85
CA HIS FA 24 -37.88 -51.04 4.67
C HIS FA 24 -36.36 -50.96 4.44
N ARG FA 25 -35.74 -50.05 5.17
CA ARG FA 25 -34.29 -49.92 5.14
C ARG FA 25 -33.67 -50.98 6.04
N LYS FA 26 -32.34 -51.07 6.00
CA LYS FA 26 -31.67 -52.26 6.53
C LYS FA 26 -31.64 -52.25 8.05
N HIS FA 27 -31.05 -51.22 8.66
CA HIS FA 27 -31.01 -51.09 10.11
C HIS FA 27 -31.25 -49.63 10.48
N PRO FA 28 -32.52 -49.23 10.63
CA PRO FA 28 -32.81 -47.80 10.84
C PRO FA 28 -32.46 -47.31 12.24
N GLY FA 29 -32.49 -48.17 13.25
CA GLY FA 29 -32.22 -47.73 14.60
C GLY FA 29 -31.07 -48.46 15.27
N GLY FA 30 -30.07 -48.84 14.50
CA GLY FA 30 -28.93 -49.57 15.03
C GLY FA 30 -29.16 -51.06 15.08
N ARG FA 31 -28.09 -51.79 15.39
CA ARG FA 31 -28.14 -53.25 15.46
C ARG FA 31 -28.27 -53.72 16.90
N GLY FA 32 -29.17 -54.67 17.12
CA GLY FA 32 -29.32 -55.32 18.41
C GLY FA 32 -29.85 -54.43 19.50
N ASN FA 33 -29.00 -54.12 20.48
CA ASN FA 33 -29.36 -53.31 21.64
C ASN FA 33 -28.69 -51.94 21.57
N ALA FA 34 -28.65 -51.36 20.37
CA ALA FA 34 -27.94 -50.12 20.13
C ALA FA 34 -28.67 -48.94 20.76
N GLY FA 35 -27.93 -48.10 21.48
CA GLY FA 35 -28.46 -46.87 22.02
C GLY FA 35 -29.47 -47.04 23.13
N GLY FA 36 -29.21 -48.00 24.03
CA GLY FA 36 -30.10 -48.18 25.16
C GLY FA 36 -30.01 -47.07 26.18
N MET FA 37 -28.91 -46.32 26.17
CA MET FA 37 -28.75 -45.15 27.03
C MET FA 37 -29.08 -43.85 26.30
N HIS FA 38 -29.19 -43.87 24.97
CA HIS FA 38 -29.30 -42.62 24.24
C HIS FA 38 -30.65 -42.42 23.57
N HIS FA 39 -31.05 -43.33 22.67
CA HIS FA 39 -32.28 -43.12 21.92
C HIS FA 39 -33.28 -44.26 22.08
N HIS FA 40 -32.92 -45.31 22.83
CA HIS FA 40 -33.85 -46.35 23.26
C HIS FA 40 -33.96 -46.35 24.78
N ARG FA 41 -33.80 -45.16 25.38
CA ARG FA 41 -33.87 -45.01 26.83
C ARG FA 41 -35.27 -45.30 27.36
N ILE FA 42 -36.29 -44.86 26.63
CA ILE FA 42 -37.67 -44.95 27.11
C ILE FA 42 -38.16 -46.39 27.12
N ASN FA 43 -37.74 -47.18 26.12
CA ASN FA 43 -38.13 -48.59 26.04
C ASN FA 43 -37.50 -49.40 27.18
N PHE FA 44 -36.22 -49.15 27.46
CA PHE FA 44 -35.57 -49.85 28.57
C PHE FA 44 -35.99 -49.32 29.92
N ASP FA 45 -36.53 -48.11 29.99
CA ASP FA 45 -37.10 -47.65 31.26
C ASP FA 45 -38.47 -48.26 31.50
N LYS FA 46 -39.28 -48.36 30.45
CA LYS FA 46 -40.66 -48.82 30.61
C LYS FA 46 -40.77 -50.35 30.60
N TYR FA 47 -39.75 -51.06 30.12
CA TYR FA 47 -39.89 -52.50 29.96
C TYR FA 47 -38.74 -53.33 30.51
N HIS FA 48 -37.56 -52.75 30.75
CA HIS FA 48 -36.43 -53.50 31.32
C HIS FA 48 -35.77 -52.71 32.44
N PRO FA 49 -36.44 -52.57 33.60
CA PRO FA 49 -35.89 -51.71 34.66
C PRO FA 49 -34.77 -52.41 35.41
N GLY FA 50 -33.72 -51.65 35.73
CA GLY FA 50 -32.57 -52.19 36.43
C GLY FA 50 -31.50 -52.78 35.54
N TYR FA 51 -31.60 -52.57 34.22
CA TYR FA 51 -30.73 -53.28 33.28
C TYR FA 51 -29.30 -52.75 33.33
N PHE FA 52 -29.14 -51.47 33.63
CA PHE FA 52 -27.81 -50.85 33.60
C PHE FA 52 -27.26 -50.70 35.02
N GLY FA 53 -25.98 -51.02 35.17
CA GLY FA 53 -25.32 -50.87 36.44
C GLY FA 53 -25.10 -52.19 37.16
N LYS FA 54 -24.33 -52.11 38.24
CA LYS FA 54 -23.96 -53.27 39.04
C LYS FA 54 -24.60 -53.21 40.43
N VAL FA 55 -24.82 -54.40 41.00
CA VAL FA 55 -25.31 -54.52 42.37
C VAL FA 55 -24.82 -55.85 42.93
N GLY FA 56 -24.41 -55.83 44.20
CA GLY FA 56 -24.01 -57.03 44.88
C GLY FA 56 -22.54 -57.38 44.70
N MET FA 57 -22.11 -58.40 45.43
CA MET FA 57 -20.74 -58.86 45.42
C MET FA 57 -20.48 -59.79 44.24
N ARG FA 58 -19.22 -59.81 43.80
CA ARG FA 58 -18.80 -60.65 42.69
C ARG FA 58 -18.22 -61.94 43.25
N HIS FA 59 -19.05 -62.97 43.33
CA HIS FA 59 -18.62 -64.31 43.75
C HIS FA 59 -17.89 -64.93 42.55
N TYR FA 60 -16.59 -65.15 42.69
CA TYR FA 60 -15.73 -65.41 41.53
C TYR FA 60 -15.98 -66.80 40.95
N HIS FA 61 -15.72 -67.84 41.74
CA HIS FA 61 -15.85 -69.21 41.27
C HIS FA 61 -17.06 -69.84 41.96
N LEU FA 62 -18.23 -69.64 41.37
CA LEU FA 62 -19.47 -70.09 41.99
C LEU FA 62 -19.70 -71.57 41.68
N LYS FA 63 -20.34 -72.26 42.63
CA LYS FA 63 -20.57 -73.69 42.54
C LYS FA 63 -22.04 -73.98 42.79
N ARG FA 64 -22.76 -74.34 41.73
CA ARG FA 64 -24.17 -74.73 41.85
C ARG FA 64 -24.33 -76.03 42.62
N ASN FA 65 -23.29 -76.87 42.66
CA ASN FA 65 -23.31 -78.06 43.50
C ASN FA 65 -23.33 -77.69 44.98
N GLN FA 66 -22.59 -76.63 45.36
CA GLN FA 66 -22.68 -76.13 46.72
C GLN FA 66 -24.00 -75.42 46.96
N SER FA 67 -24.51 -74.71 45.96
CA SER FA 67 -25.77 -74.01 46.08
C SER FA 67 -26.99 -74.95 45.99
N PHE FA 68 -26.77 -76.23 45.72
CA PHE FA 68 -27.85 -77.21 45.58
C PHE FA 68 -28.53 -77.50 46.92
N CYS FA 69 -29.80 -77.13 47.03
CA CYS FA 69 -30.62 -77.43 48.19
C CYS FA 69 -32.09 -77.45 47.79
N PRO FA 70 -32.59 -78.59 47.30
CA PRO FA 70 -33.99 -78.67 46.85
C PRO FA 70 -34.94 -78.76 48.04
N THR FA 71 -36.05 -78.05 47.95
CA THR FA 71 -37.01 -78.02 49.04
C THR FA 71 -38.27 -78.82 48.69
N VAL FA 72 -38.91 -79.34 49.72
CA VAL FA 72 -40.19 -80.03 49.56
C VAL FA 72 -41.12 -79.54 50.67
N ASN FA 73 -42.39 -79.37 50.33
CA ASN FA 73 -43.36 -78.84 51.28
C ASN FA 73 -44.00 -79.98 52.08
N LEU FA 74 -44.56 -79.62 53.25
CA LEU FA 74 -45.34 -80.57 54.02
C LEU FA 74 -46.71 -80.84 53.41
N ASP FA 75 -47.14 -80.02 52.45
CA ASP FA 75 -48.45 -80.20 51.84
C ASP FA 75 -48.46 -81.42 50.94
N LYS FA 76 -47.34 -81.69 50.26
CA LYS FA 76 -47.20 -82.88 49.41
C LYS FA 76 -46.04 -83.73 49.92
N LEU FA 77 -45.94 -83.85 51.24
CA LEU FA 77 -44.93 -84.71 51.85
C LEU FA 77 -45.26 -86.19 51.64
N TRP FA 78 -46.55 -86.53 51.63
CA TRP FA 78 -46.97 -87.92 51.50
C TRP FA 78 -46.93 -88.42 50.07
N THR FA 79 -46.55 -87.59 49.10
CA THR FA 79 -46.40 -88.07 47.73
C THR FA 79 -45.08 -88.80 47.54
N LEU FA 80 -44.14 -88.63 48.47
CA LEU FA 80 -42.83 -89.25 48.35
C LEU FA 80 -42.89 -90.73 48.74
N VAL FA 81 -43.73 -91.05 49.71
CA VAL FA 81 -43.88 -92.40 50.24
C VAL FA 81 -45.19 -92.97 49.72
N SER FA 82 -45.27 -94.29 49.58
CA SER FA 82 -46.43 -94.95 48.98
C SER FA 82 -47.67 -94.80 49.86
N GLU FA 83 -48.83 -95.09 49.26
CA GLU FA 83 -50.11 -94.78 49.89
C GLU FA 83 -50.50 -95.83 50.93
N GLN FA 84 -50.01 -97.07 50.78
CA GLN FA 84 -50.30 -98.10 51.78
C GLN FA 84 -49.57 -97.84 53.09
N THR FA 85 -48.50 -97.05 53.08
CA THR FA 85 -47.89 -96.59 54.33
C THR FA 85 -48.85 -95.68 55.09
N ARG FA 86 -49.53 -94.78 54.37
CA ARG FA 86 -50.56 -93.94 54.99
C ARG FA 86 -51.74 -94.76 55.48
N VAL FA 87 -52.12 -95.79 54.72
CA VAL FA 87 -53.21 -96.69 55.12
C VAL FA 87 -52.85 -97.42 56.41
N ASN FA 88 -51.63 -97.98 56.48
CA ASN FA 88 -51.23 -98.72 57.66
C ASN FA 88 -50.99 -97.80 58.85
N ALA FA 89 -50.55 -96.56 58.61
CA ALA FA 89 -50.38 -95.61 59.70
C ALA FA 89 -51.73 -95.16 60.26
N ALA FA 90 -52.75 -95.06 59.40
CA ALA FA 90 -54.09 -94.76 59.90
C ALA FA 90 -54.72 -95.99 60.55
N LYS FA 91 -54.29 -97.20 60.17
CA LYS FA 91 -54.94 -98.41 60.67
C LYS FA 91 -54.35 -98.87 62.00
N ASN FA 92 -53.07 -98.64 62.23
CA ASN FA 92 -52.39 -99.17 63.42
C ASN FA 92 -52.88 -98.48 64.69
N LYS FA 93 -53.28 -99.27 65.67
CA LYS FA 93 -53.76 -98.75 66.94
C LYS FA 93 -52.61 -98.46 67.90
N THR FA 94 -51.47 -99.14 67.71
CA THR FA 94 -50.33 -98.98 68.62
C THR FA 94 -49.69 -97.60 68.48
N GLY FA 95 -49.58 -97.11 67.25
CA GLY FA 95 -48.98 -95.81 67.01
C GLY FA 95 -47.60 -95.90 66.41
N ALA FA 96 -47.40 -96.85 65.50
CA ALA FA 96 -46.14 -97.01 64.79
C ALA FA 96 -46.10 -95.98 63.67
N ALA FA 97 -45.38 -94.89 63.90
CA ALA FA 97 -45.35 -93.78 62.95
C ALA FA 97 -44.42 -94.12 61.78
N PRO FA 98 -44.81 -93.80 60.55
CA PRO FA 98 -43.93 -94.07 59.41
C PRO FA 98 -42.77 -93.10 59.34
N ILE FA 99 -41.65 -93.59 58.80
CA ILE FA 99 -40.44 -92.80 58.64
C ILE FA 99 -40.33 -92.35 57.20
N ILE FA 100 -40.36 -91.04 56.99
CA ILE FA 100 -40.27 -90.44 55.66
C ILE FA 100 -38.84 -89.95 55.51
N ASP FA 101 -38.05 -90.66 54.71
CA ASP FA 101 -36.68 -90.26 54.40
C ASP FA 101 -36.71 -89.33 53.20
N VAL FA 102 -36.48 -88.03 53.46
CA VAL FA 102 -36.59 -87.02 52.42
C VAL FA 102 -35.38 -87.04 51.50
N VAL FA 103 -34.20 -87.33 52.05
CA VAL FA 103 -32.97 -87.39 51.26
C VAL FA 103 -33.01 -88.59 50.31
N ARG FA 104 -33.67 -89.68 50.71
CA ARG FA 104 -33.90 -90.81 49.81
C ARG FA 104 -34.79 -90.41 48.64
N SER FA 105 -35.80 -89.58 48.91
CA SER FA 105 -36.69 -89.13 47.85
C SER FA 105 -36.02 -88.11 46.93
N GLY FA 106 -35.05 -87.37 47.44
CA GLY FA 106 -34.29 -86.46 46.60
C GLY FA 106 -34.50 -85.00 46.91
N TYR FA 107 -34.77 -84.68 48.17
CA TYR FA 107 -34.88 -83.31 48.63
C TYR FA 107 -34.09 -83.16 49.92
N TYR FA 108 -33.63 -81.95 50.20
CA TYR FA 108 -32.81 -81.69 51.37
C TYR FA 108 -33.58 -80.97 52.47
N LYS FA 109 -34.26 -79.88 52.14
CA LYS FA 109 -34.93 -79.08 53.14
C LYS FA 109 -36.45 -79.27 53.04
N VAL FA 110 -37.09 -79.33 54.20
CA VAL FA 110 -38.53 -79.52 54.31
C VAL FA 110 -39.11 -78.21 54.83
N LEU FA 111 -39.99 -77.61 54.04
CA LEU FA 111 -40.70 -76.40 54.41
C LEU FA 111 -42.14 -76.75 54.78
N GLY FA 112 -42.72 -75.96 55.68
CA GLY FA 112 -44.08 -76.25 56.08
C GLY FA 112 -45.13 -75.31 55.52
N LYS FA 113 -45.82 -75.73 54.45
CA LYS FA 113 -46.73 -74.85 53.73
C LYS FA 113 -48.20 -75.17 54.00
N GLY FA 114 -48.61 -76.41 53.75
CA GLY FA 114 -50.02 -76.74 53.79
C GLY FA 114 -50.42 -77.60 54.97
N LYS FA 115 -51.64 -78.12 54.88
CA LYS FA 115 -52.19 -78.94 55.94
C LYS FA 115 -51.58 -80.33 55.93
N LEU FA 116 -51.28 -80.84 57.12
CA LEU FA 116 -50.75 -82.18 57.32
C LEU FA 116 -51.81 -83.04 58.00
N PRO FA 117 -52.05 -84.26 57.53
CA PRO FA 117 -53.09 -85.10 58.15
C PRO FA 117 -52.66 -85.61 59.52
N LYS FA 118 -53.66 -85.76 60.40
CA LYS FA 118 -53.43 -85.97 61.83
C LYS FA 118 -52.97 -87.40 62.08
N GLN FA 119 -51.67 -87.63 61.87
CA GLN FA 119 -51.00 -88.88 62.21
C GLN FA 119 -49.50 -88.62 62.36
N PRO FA 120 -48.82 -89.32 63.28
CA PRO FA 120 -47.42 -89.00 63.56
C PRO FA 120 -46.49 -89.43 62.43
N VAL FA 121 -45.41 -88.67 62.27
CA VAL FA 121 -44.40 -88.93 61.24
C VAL FA 121 -43.03 -88.91 61.88
N ILE FA 122 -42.06 -89.53 61.21
CA ILE FA 122 -40.65 -89.33 61.55
C ILE FA 122 -39.95 -88.84 60.29
N VAL FA 123 -39.73 -87.53 60.19
CA VAL FA 123 -39.21 -86.95 58.96
C VAL FA 123 -37.69 -86.86 59.08
N LYS FA 124 -36.98 -87.65 58.28
CA LYS FA 124 -35.52 -87.61 58.24
C LYS FA 124 -35.10 -86.75 57.07
N ALA FA 125 -34.70 -85.51 57.35
CA ALA FA 125 -34.29 -84.59 56.31
C ALA FA 125 -32.97 -83.93 56.71
N LYS FA 126 -32.37 -83.23 55.76
CA LYS FA 126 -31.09 -82.57 55.99
C LYS FA 126 -31.28 -81.26 56.73
N PHE FA 127 -32.22 -80.43 56.28
CA PHE FA 127 -32.56 -79.17 56.93
C PHE FA 127 -34.06 -79.11 57.17
N PHE FA 128 -34.45 -78.22 58.08
CA PHE FA 128 -35.85 -78.05 58.44
C PHE FA 128 -36.17 -76.56 58.57
N SER FA 129 -37.43 -76.23 58.40
CA SER FA 129 -37.94 -74.90 58.67
C SER FA 129 -38.58 -74.87 60.04
N ARG FA 130 -38.66 -73.66 60.61
CA ARG FA 130 -39.29 -73.51 61.93
C ARG FA 130 -40.78 -73.75 61.84
N ARG FA 131 -41.42 -73.25 60.77
CA ARG FA 131 -42.85 -73.48 60.57
C ARG FA 131 -43.12 -74.96 60.30
N ALA FA 132 -42.21 -75.62 59.58
CA ALA FA 132 -42.35 -77.06 59.33
C ALA FA 132 -42.23 -77.86 60.62
N GLU FA 133 -41.28 -77.48 61.48
CA GLU FA 133 -41.13 -78.14 62.78
C GLU FA 133 -42.36 -77.93 63.64
N GLU FA 134 -42.92 -76.72 63.62
CA GLU FA 134 -44.13 -76.44 64.39
C GLU FA 134 -45.33 -77.23 63.89
N LYS FA 135 -45.48 -77.37 62.56
CA LYS FA 135 -46.57 -78.19 62.02
C LYS FA 135 -46.39 -79.67 62.36
N ILE FA 136 -45.16 -80.17 62.29
CA ILE FA 136 -44.90 -81.58 62.57
C ILE FA 136 -45.11 -81.88 64.05
N LYS FA 137 -44.68 -80.97 64.94
CA LYS FA 137 -44.88 -81.19 66.36
C LYS FA 137 -46.33 -80.94 66.78
N GLY FA 138 -47.07 -80.12 66.02
CA GLY FA 138 -48.47 -79.91 66.33
C GLY FA 138 -49.35 -81.06 65.90
N VAL FA 139 -49.04 -81.65 64.73
CA VAL FA 139 -49.74 -82.87 64.31
C VAL FA 139 -49.32 -84.04 65.19
N GLY FA 140 -48.04 -84.09 65.55
CA GLY FA 140 -47.43 -85.23 66.17
C GLY FA 140 -46.33 -85.72 65.25
N GLY FA 141 -45.15 -86.00 65.79
CA GLY FA 141 -44.05 -86.44 64.95
C GLY FA 141 -42.71 -85.91 65.42
N ALA FA 142 -41.67 -86.35 64.72
CA ALA FA 142 -40.30 -86.02 65.03
C ALA FA 142 -39.57 -85.56 63.78
N CYS FA 143 -38.57 -84.70 63.99
CA CYS FA 143 -37.76 -84.14 62.92
C CYS FA 143 -36.31 -84.60 63.14
N VAL FA 144 -35.95 -85.71 62.49
CA VAL FA 144 -34.62 -86.28 62.63
C VAL FA 144 -33.68 -85.62 61.64
N LEU FA 145 -32.56 -85.09 62.13
CA LEU FA 145 -31.54 -84.52 61.28
C LEU FA 145 -30.65 -85.62 60.72
N VAL FA 146 -30.13 -85.37 59.52
CA VAL FA 146 -29.22 -86.32 58.86
C VAL FA 146 -28.24 -85.50 58.04
N ALA FA 147 -27.01 -86.01 57.92
CA ALA FA 147 -25.97 -85.31 57.17
C ALA FA 147 -25.84 -85.86 55.76
N ALA GA 1 -33.97 -25.96 5.88
CA ALA GA 1 -34.79 -27.16 5.97
C ALA GA 1 -35.61 -27.17 7.26
N LYS GA 2 -36.58 -26.27 7.35
CA LYS GA 2 -37.41 -26.19 8.54
C LYS GA 2 -38.52 -27.24 8.50
N SER GA 3 -39.35 -27.23 9.53
CA SER GA 3 -40.43 -28.19 9.66
C SER GA 3 -41.54 -27.57 10.51
N LYS GA 4 -42.67 -28.26 10.57
CA LYS GA 4 -43.77 -27.79 11.41
C LYS GA 4 -43.54 -28.21 12.85
N ASN GA 5 -43.81 -27.30 13.78
CA ASN GA 5 -43.35 -27.47 15.16
C ASN GA 5 -44.38 -28.20 16.01
N HIS GA 6 -45.59 -27.64 16.12
CA HIS GA 6 -46.61 -28.17 17.02
C HIS GA 6 -47.98 -27.82 16.49
N THR GA 7 -48.91 -28.77 16.58
CA THR GA 7 -50.29 -28.52 16.23
C THR GA 7 -51.19 -29.42 17.07
N THR GA 8 -52.47 -29.08 17.12
CA THR GA 8 -53.47 -29.86 17.81
C THR GA 8 -54.66 -30.04 16.87
N HIS GA 9 -54.36 -30.41 15.63
CA HIS GA 9 -55.36 -30.40 14.56
C HIS GA 9 -56.23 -31.65 14.59
N ASN GA 10 -55.61 -32.82 14.41
CA ASN GA 10 -56.33 -34.09 14.32
C ASN GA 10 -56.53 -34.73 15.68
N GLN GA 11 -56.12 -34.06 16.76
CA GLN GA 11 -56.08 -34.64 18.09
C GLN GA 11 -57.46 -34.93 18.65
N SER GA 12 -58.39 -33.98 18.51
CA SER GA 12 -59.73 -34.18 19.04
C SER GA 12 -60.52 -35.21 18.25
N ARG GA 13 -60.14 -35.45 17.00
CA ARG GA 13 -60.76 -36.54 16.23
C ARG GA 13 -60.18 -37.89 16.65
N LYS GA 14 -58.87 -37.95 16.87
CA LYS GA 14 -58.25 -39.21 17.29
C LYS GA 14 -58.66 -39.60 18.71
N TRP GA 15 -58.96 -38.61 19.55
CA TRP GA 15 -59.45 -38.90 20.89
C TRP GA 15 -60.84 -39.55 20.84
N HIS GA 16 -61.73 -38.98 20.04
CA HIS GA 16 -63.12 -39.43 20.00
C HIS GA 16 -63.36 -40.57 19.02
N ARG GA 17 -62.34 -41.03 18.29
CA ARG GA 17 -62.45 -42.31 17.59
C ARG GA 17 -62.68 -43.45 18.58
N ASN GA 18 -61.75 -43.64 19.51
CA ASN GA 18 -61.97 -44.65 20.55
C ASN GA 18 -62.72 -44.06 21.74
N GLY GA 19 -62.97 -42.76 21.73
CA GLY GA 19 -63.80 -42.16 22.75
C GLY GA 19 -63.05 -41.82 24.01
N ILE GA 20 -63.21 -40.59 24.50
CA ILE GA 20 -62.60 -40.18 25.76
C ILE GA 20 -63.41 -40.81 26.89
N LYS GA 21 -62.88 -41.91 27.43
CA LYS GA 21 -63.65 -42.71 28.38
C LYS GA 21 -63.55 -42.12 29.78
N LYS GA 22 -64.68 -42.14 30.49
CA LYS GA 22 -64.69 -41.82 31.90
C LYS GA 22 -63.96 -42.91 32.68
N PRO GA 23 -63.37 -42.56 33.83
CA PRO GA 23 -62.75 -43.61 34.66
C PRO GA 23 -63.79 -44.55 35.23
N ARG GA 24 -63.41 -45.81 35.38
CA ARG GA 24 -64.35 -46.87 35.73
C ARG GA 24 -64.77 -46.73 37.18
N SER GA 25 -66.04 -46.39 37.39
CA SER GA 25 -66.57 -46.28 38.74
C SER GA 25 -66.75 -47.66 39.35
N GLN GA 26 -66.21 -47.84 40.56
CA GLN GA 26 -66.29 -49.10 41.25
C GLN GA 26 -66.35 -48.84 42.74
N ARG GA 27 -67.31 -49.46 43.43
CA ARG GA 27 -67.40 -49.30 44.87
C ARG GA 27 -66.27 -50.07 45.56
N TYR GA 28 -66.04 -49.73 46.83
CA TYR GA 28 -64.84 -50.11 47.58
C TYR GA 28 -63.57 -49.70 46.84
N GLU GA 29 -63.33 -48.39 46.73
CA GLU GA 29 -62.09 -47.89 46.17
C GLU GA 29 -60.91 -48.18 47.11
N SER GA 30 -59.71 -48.00 46.57
CA SER GA 30 -58.49 -48.28 47.32
C SER GA 30 -58.27 -47.22 48.40
N LEU GA 31 -57.50 -47.62 49.42
CA LEU GA 31 -57.20 -46.76 50.55
C LEU GA 31 -55.74 -46.30 50.55
N LYS GA 32 -55.20 -45.99 49.38
CA LYS GA 32 -53.87 -45.42 49.26
C LYS GA 32 -53.94 -43.91 49.47
N GLY GA 33 -52.98 -43.38 50.22
CA GLY GA 33 -52.99 -41.96 50.52
C GLY GA 33 -53.93 -41.60 51.65
N VAL GA 34 -54.23 -42.55 52.52
CA VAL GA 34 -55.03 -42.33 53.71
C VAL GA 34 -54.07 -42.24 54.89
N ASP GA 35 -54.33 -41.30 55.80
CA ASP GA 35 -53.46 -40.98 56.93
C ASP GA 35 -53.15 -42.19 57.81
N PRO GA 36 -51.89 -42.40 58.21
CA PRO GA 36 -51.50 -43.67 58.83
C PRO GA 36 -52.07 -43.91 60.22
N LYS GA 37 -52.33 -42.85 61.00
CA LYS GA 37 -52.87 -43.04 62.34
C LYS GA 37 -54.32 -43.51 62.28
N PHE GA 38 -55.13 -42.86 61.43
CA PHE GA 38 -56.50 -43.31 61.21
C PHE GA 38 -56.54 -44.67 60.51
N LEU GA 39 -55.52 -44.97 59.70
CA LEU GA 39 -55.46 -46.28 59.05
C LEU GA 39 -55.13 -47.38 60.04
N ARG GA 40 -54.26 -47.09 61.03
CA ARG GA 40 -54.04 -47.99 62.15
C ARG GA 40 -55.32 -48.21 62.95
N ASN GA 41 -56.05 -47.12 63.23
CA ASN GA 41 -57.33 -47.20 63.91
C ASN GA 41 -58.31 -48.11 63.17
N MET GA 42 -58.38 -47.96 61.84
CA MET GA 42 -59.26 -48.77 61.02
C MET GA 42 -58.84 -50.23 61.02
N ARG GA 43 -57.52 -50.49 61.02
CA ARG GA 43 -57.04 -51.87 61.06
C ARG GA 43 -57.35 -52.53 62.40
N PHE GA 44 -57.21 -51.80 63.52
CA PHE GA 44 -57.55 -52.43 64.80
C PHE GA 44 -59.05 -52.58 64.97
N ALA GA 45 -59.85 -51.65 64.41
CA ALA GA 45 -61.30 -51.79 64.46
C ALA GA 45 -61.78 -52.95 63.61
N LYS GA 46 -61.09 -53.24 62.51
CA LYS GA 46 -61.44 -54.41 61.71
C LYS GA 46 -60.88 -55.70 62.32
N LYS GA 47 -59.79 -55.59 63.08
CA LYS GA 47 -59.20 -56.77 63.70
C LYS GA 47 -60.03 -57.25 64.88
N HIS GA 48 -60.50 -56.34 65.73
CA HIS GA 48 -61.19 -56.72 66.94
C HIS GA 48 -62.70 -56.86 66.78
N ASN GA 49 -63.19 -57.12 65.56
CA ASN GA 49 -64.63 -57.36 65.39
C ASN GA 49 -65.04 -58.73 65.89
N LYS GA 50 -64.10 -59.65 66.12
CA LYS GA 50 -64.43 -60.98 66.59
C LYS GA 50 -64.73 -60.99 68.08
N LYS GA 51 -64.46 -59.89 68.79
CA LYS GA 51 -64.70 -59.83 70.22
C LYS GA 51 -66.19 -59.70 70.52
N GLY GA 52 -66.86 -58.75 69.88
CA GLY GA 52 -68.29 -58.57 70.08
C GLY GA 52 -69.13 -59.33 69.06
N LEU GA 53 -69.03 -60.65 69.08
CA LEU GA 53 -69.74 -61.50 68.14
C LEU GA 53 -70.98 -62.17 68.75
N LYS GA 54 -70.87 -62.61 70.01
CA LYS GA 54 -72.00 -63.29 70.65
C LYS GA 54 -73.11 -62.33 71.02
N LYS GA 55 -72.75 -61.08 71.34
CA LYS GA 55 -73.77 -60.08 71.65
C LYS GA 55 -74.47 -59.60 70.39
N MET GA 56 -73.74 -59.57 69.26
CA MET GA 56 -74.33 -59.13 68.00
C MET GA 56 -75.34 -60.14 67.48
N GLN GA 57 -75.02 -61.44 67.56
CA GLN GA 57 -75.93 -62.48 67.10
C GLN GA 57 -77.17 -62.57 68.00
N ALA GA 58 -76.99 -62.42 69.30
CA ALA GA 58 -78.12 -62.45 70.23
C ALA GA 58 -79.00 -61.22 70.06
N ASN GA 59 -78.39 -60.07 69.76
CA ASN GA 59 -79.17 -58.86 69.54
C ASN GA 59 -79.94 -58.93 68.22
N ASN GA 60 -79.33 -59.54 67.19
CA ASN GA 60 -80.06 -59.77 65.95
C ASN GA 60 -81.17 -60.80 66.12
N ALA GA 61 -80.98 -61.79 67.00
CA ALA GA 61 -82.03 -62.76 67.27
C ALA GA 61 -83.20 -62.12 68.01
N LYS GA 62 -82.91 -61.24 68.97
CA LYS GA 62 -83.98 -60.52 69.65
C LYS GA 62 -84.67 -59.53 68.72
N ALA GA 63 -83.95 -58.97 67.76
CA ALA GA 63 -84.57 -58.12 66.75
C ALA GA 63 -85.49 -58.92 65.83
N MET GA 64 -85.07 -60.13 65.45
CA MET GA 64 -85.95 -61.01 64.66
C MET GA 64 -87.17 -61.43 65.46
N ALA GA 65 -87.01 -61.64 66.77
CA ALA GA 65 -88.16 -61.96 67.62
C ALA GA 65 -89.11 -60.77 67.72
N ALA GA 66 -88.57 -59.55 67.78
CA ALA GA 66 -89.42 -58.35 67.83
C ALA GA 66 -90.16 -58.14 66.51
N ARG GA 67 -89.49 -58.39 65.38
CA ARG GA 67 -90.17 -58.29 64.09
C ARG GA 67 -91.22 -59.38 63.93
N ALA GA 68 -90.96 -60.57 64.45
CA ALA GA 68 -91.94 -61.65 64.39
C ALA GA 68 -93.16 -61.33 65.25
N GLU GA 69 -92.94 -60.73 66.42
CA GLU GA 69 -94.07 -60.29 67.24
C GLU GA 69 -94.82 -59.13 66.62
N ALA GA 70 -94.12 -58.26 65.87
CA ALA GA 70 -94.80 -57.15 65.19
C ALA GA 70 -95.68 -57.66 64.05
N ILE GA 71 -95.19 -58.61 63.25
CA ILE GA 71 -96.01 -59.21 62.20
C ILE GA 71 -97.14 -60.05 62.79
N LYS GA 72 -96.90 -60.69 63.95
CA LYS GA 72 -97.97 -61.44 64.61
C LYS GA 72 -99.06 -60.53 65.15
N ALA GA 73 -98.68 -59.35 65.67
CA ALA GA 73 -99.66 -58.39 66.15
C ALA GA 73 -100.35 -57.68 65.00
N LEU GA 74 -99.68 -57.55 63.86
CA LEU GA 74 -100.33 -56.95 62.68
C LEU GA 74 -101.37 -57.90 62.10
N VAL GA 75 -101.00 -59.15 61.90
CA VAL GA 75 -101.94 -60.14 61.35
C VAL GA 75 -102.71 -60.81 62.47
N VAL GA 76 -111.51 -46.03 29.17
CA VAL GA 76 -111.92 -44.63 29.17
C VAL GA 76 -113.42 -44.52 28.95
N SER GA 77 -114.05 -45.64 28.63
CA SER GA 77 -115.49 -45.68 28.40
C SER GA 77 -116.00 -47.08 28.70
N ARG GA 78 -117.32 -47.19 28.85
CA ARG GA 78 -117.94 -48.45 29.21
C ARG GA 78 -117.82 -49.48 28.09
N LYS GA 79 -118.02 -49.05 26.84
CA LYS GA 79 -117.93 -49.94 25.69
C LYS GA 79 -116.51 -50.48 25.52
N LEU GA 80 -115.51 -49.59 25.58
CA LEU GA 80 -114.12 -50.01 25.41
C LEU GA 80 -113.65 -50.86 26.58
N HIS GA 81 -114.09 -50.54 27.80
CA HIS GA 81 -113.71 -51.33 28.97
C HIS GA 81 -114.32 -52.72 28.91
N ARG GA 82 -115.60 -52.82 28.55
CA ARG GA 82 -116.26 -54.12 28.48
C ARG GA 82 -115.72 -54.97 27.33
N LEU GA 83 -115.44 -54.36 26.18
CA LEU GA 83 -114.94 -55.15 25.06
C LEU GA 83 -113.47 -55.52 25.24
N ALA GA 84 -112.70 -54.69 25.95
CA ALA GA 84 -111.35 -55.11 26.32
C ALA GA 84 -111.38 -56.24 27.34
N TYR GA 85 -112.35 -56.19 28.26
CA TYR GA 85 -112.54 -57.26 29.24
C TYR GA 85 -112.92 -58.58 28.55
N ILE GA 86 -113.74 -58.50 27.50
CA ILE GA 86 -114.03 -59.68 26.69
C ILE GA 86 -112.80 -60.11 25.90
N ALA GA 87 -111.98 -59.14 25.48
CA ALA GA 87 -110.88 -59.42 24.55
C ALA GA 87 -109.73 -60.15 25.24
N HIS GA 88 -109.35 -59.74 26.46
CA HIS GA 88 -108.23 -60.42 27.09
C HIS GA 88 -108.67 -61.77 27.65
N PRO GA 89 -107.88 -62.83 27.41
CA PRO GA 89 -108.39 -64.20 27.58
C PRO GA 89 -108.50 -64.69 29.02
N LYS GA 90 -107.86 -63.99 29.96
CA LYS GA 90 -107.79 -64.47 31.33
C LYS GA 90 -109.14 -64.39 32.05
N LEU GA 91 -109.88 -63.31 31.85
CA LEU GA 91 -111.18 -63.18 32.52
C LEU GA 91 -112.33 -63.21 31.52
N GLY GA 92 -112.06 -62.94 30.25
CA GLY GA 92 -113.12 -62.87 29.25
C GLY GA 92 -113.45 -64.19 28.59
N ARG GA 93 -112.92 -65.28 29.13
CA ARG GA 93 -113.16 -66.60 28.55
C ARG GA 93 -114.61 -67.03 28.73
N ARG GA 94 -115.16 -66.81 29.92
CA ARG GA 94 -116.57 -67.14 30.16
C ARG GA 94 -117.50 -66.20 29.40
N ALA GA 95 -117.09 -64.96 29.19
CA ALA GA 95 -117.90 -64.03 28.40
C ALA GA 95 -117.93 -64.44 26.93
N ARG GA 96 -116.78 -64.83 26.38
CA ARG GA 96 -116.76 -65.34 25.00
C ARG GA 96 -117.49 -66.67 24.88
N ALA GA 97 -117.48 -67.49 25.94
CA ALA GA 97 -118.25 -68.72 25.94
C ALA GA 97 -119.75 -68.44 25.95
N ARG GA 98 -120.18 -67.43 26.71
CA ARG GA 98 -121.59 -67.05 26.72
C ARG GA 98 -122.03 -66.48 25.39
N ILE GA 99 -121.18 -65.68 24.75
CA ILE GA 99 -121.49 -65.14 23.42
C ILE GA 99 -121.53 -66.28 22.38
N ALA GA 100 -120.63 -67.26 22.50
CA ALA GA 100 -120.61 -68.38 21.57
C ALA GA 100 -121.82 -69.28 21.73
N ARG GA 101 -122.27 -69.48 22.97
CA ARG GA 101 -123.49 -70.25 23.18
C ARG GA 101 -124.73 -69.43 22.83
N GLY GA 102 -124.63 -68.11 22.82
CA GLY GA 102 -125.77 -67.28 22.46
C GLY GA 102 -125.93 -67.09 20.97
N LEU GA 103 -124.85 -67.29 20.20
CA LEU GA 103 -124.96 -67.18 18.75
C LEU GA 103 -125.80 -68.30 18.14
N ARG GA 104 -125.90 -69.44 18.82
CA ARG GA 104 -126.78 -70.51 18.37
C ARG GA 104 -128.24 -70.15 18.60
N SER HA 1 80.47 -13.26 -6.94
CA SER HA 1 81.09 -12.59 -8.08
C SER HA 1 80.48 -13.07 -9.39
N LEU HA 2 79.15 -13.22 -9.40
CA LEU HA 2 78.44 -13.67 -10.60
C LEU HA 2 78.52 -12.64 -11.73
N GLU HA 3 78.51 -11.35 -11.37
CA GLU HA 3 78.73 -10.31 -12.38
C GLU HA 3 80.13 -10.37 -12.96
N SER HA 4 81.12 -10.71 -12.13
CA SER HA 4 82.48 -10.88 -12.61
C SER HA 4 82.58 -12.09 -13.54
N ILE HA 5 81.88 -13.18 -13.21
CA ILE HA 5 81.86 -14.36 -14.06
C ILE HA 5 81.18 -14.07 -15.39
N ASN HA 6 80.11 -13.28 -15.37
CA ASN HA 6 79.43 -12.89 -16.60
C ASN HA 6 80.31 -11.96 -17.46
N SER HA 7 81.07 -11.08 -16.81
CA SER HA 7 82.00 -10.23 -17.55
C SER HA 7 83.14 -11.02 -18.16
N ARG HA 8 83.65 -12.04 -17.45
CA ARG HA 8 84.68 -12.90 -18.01
C ARG HA 8 84.11 -13.73 -19.17
N LEU HA 9 82.85 -14.13 -19.08
CA LEU HA 9 82.20 -14.83 -20.19
C LEU HA 9 82.06 -13.92 -21.41
N GLN HA 10 81.71 -12.66 -21.19
CA GLN HA 10 81.62 -11.70 -22.29
C GLN HA 10 83.00 -11.46 -22.91
N LEU HA 11 84.04 -11.44 -22.08
CA LEU HA 11 85.41 -11.29 -22.59
C LEU HA 11 85.84 -12.51 -23.41
N VAL HA 12 85.45 -13.71 -22.98
CA VAL HA 12 85.76 -14.92 -23.75
C VAL HA 12 85.01 -14.92 -25.08
N MET HA 13 83.73 -14.55 -25.07
CA MET HA 13 82.95 -14.49 -26.32
C MET HA 13 83.46 -13.41 -27.25
N LYS HA 14 84.04 -12.34 -26.70
CA LYS HA 14 84.60 -11.28 -27.54
C LYS HA 14 85.93 -11.72 -28.16
N SER HA 15 86.85 -12.20 -27.33
CA SER HA 15 88.21 -12.46 -27.79
C SER HA 15 88.45 -13.91 -28.23
N GLY HA 16 88.23 -14.86 -27.33
CA GLY HA 16 88.71 -16.20 -27.56
C GLY HA 16 87.74 -17.10 -28.30
N LYS HA 17 88.27 -18.24 -28.74
CA LYS HA 17 87.48 -19.26 -29.40
C LYS HA 17 86.65 -20.03 -28.39
N TYR HA 18 85.47 -20.46 -28.82
CA TYR HA 18 84.54 -21.13 -27.93
C TYR HA 18 83.67 -22.08 -28.75
N VAL HA 19 82.99 -22.98 -28.04
CA VAL HA 19 82.03 -23.91 -28.63
C VAL HA 19 80.78 -23.93 -27.76
N LEU HA 20 79.65 -23.54 -28.34
CA LEU HA 20 78.35 -23.63 -27.69
C LEU HA 20 77.62 -24.89 -28.13
N GLY HA 21 76.95 -25.52 -27.18
CA GLY HA 21 76.15 -26.70 -27.47
C GLY HA 21 76.77 -27.99 -26.97
N TYR HA 22 75.88 -28.90 -26.59
CA TYR HA 22 76.26 -30.15 -25.93
C TYR HA 22 76.97 -31.12 -26.89
N LYS HA 23 76.42 -31.30 -28.08
CA LYS HA 23 76.94 -32.34 -28.98
C LYS HA 23 78.31 -31.97 -29.54
N GLN HA 24 78.55 -30.69 -29.78
CA GLN HA 24 79.84 -30.27 -30.29
C GLN HA 24 80.85 -30.09 -29.15
N SER HA 25 80.37 -29.64 -27.98
CA SER HA 25 81.24 -29.53 -26.82
C SER HA 25 81.69 -30.90 -26.33
N LEU HA 26 80.86 -31.92 -26.51
CA LEU HA 26 81.22 -33.29 -26.18
C LEU HA 26 82.38 -33.78 -27.03
N LYS HA 27 82.34 -33.48 -28.33
CA LYS HA 27 83.43 -33.82 -29.23
C LYS HA 27 84.69 -33.04 -28.90
N MET HA 28 84.55 -31.78 -28.47
CA MET HA 28 85.72 -31.00 -28.09
C MET HA 28 86.35 -31.52 -26.80
N ILE HA 29 85.53 -31.96 -25.85
CA ILE HA 29 86.05 -32.60 -24.63
C ILE HA 29 86.76 -33.90 -24.97
N ARG HA 30 86.20 -34.70 -25.88
CA ARG HA 30 86.80 -36.00 -26.18
C ARG HA 30 88.07 -35.84 -27.01
N GLN HA 31 88.15 -34.83 -27.86
CA GLN HA 31 89.41 -34.55 -28.55
C GLN HA 31 90.41 -33.89 -27.62
N GLY HA 32 89.95 -33.25 -26.55
CA GLY HA 32 90.85 -32.72 -25.55
C GLY HA 32 91.25 -31.28 -25.81
N LYS HA 33 90.40 -30.55 -26.51
CA LYS HA 33 90.62 -29.13 -26.78
C LYS HA 33 89.98 -28.23 -25.73
N ALA HA 34 88.85 -28.64 -25.17
CA ALA HA 34 88.11 -27.83 -24.22
C ALA HA 34 88.88 -27.72 -22.90
N LYS HA 35 89.21 -26.49 -22.50
CA LYS HA 35 89.95 -26.28 -21.26
C LYS HA 35 89.04 -26.00 -20.07
N LEU HA 36 87.86 -25.41 -20.29
CA LEU HA 36 86.95 -25.16 -19.17
C LEU HA 36 85.52 -25.37 -19.63
N VAL HA 37 84.78 -26.24 -18.94
CA VAL HA 37 83.41 -26.55 -19.32
C VAL HA 37 82.48 -26.01 -18.25
N ILE HA 38 81.47 -25.24 -18.69
CA ILE HA 38 80.51 -24.59 -17.81
C ILE HA 38 79.14 -25.20 -18.07
N LEU HA 39 78.49 -25.64 -17.00
CA LEU HA 39 77.20 -26.31 -17.08
C LEU HA 39 76.14 -25.49 -16.37
N ALA HA 40 74.96 -25.39 -16.99
CA ALA HA 40 73.82 -24.75 -16.36
C ALA HA 40 73.25 -25.65 -15.27
N ASN HA 41 72.37 -25.08 -14.43
CA ASN HA 41 71.84 -25.84 -13.32
C ASN HA 41 70.57 -26.61 -13.69
N ASN HA 42 69.84 -26.18 -14.71
CA ASN HA 42 68.62 -26.88 -15.10
C ASN HA 42 68.86 -27.98 -16.13
N CYS HA 43 70.12 -28.31 -16.43
CA CYS HA 43 70.40 -29.43 -17.32
C CYS HA 43 70.05 -30.73 -16.61
N PRO HA 44 69.73 -31.79 -17.37
CA PRO HA 44 69.48 -33.09 -16.74
C PRO HA 44 70.72 -33.61 -16.02
N ALA HA 45 70.49 -34.23 -14.87
CA ALA HA 45 71.61 -34.66 -14.02
C ALA HA 45 72.38 -35.81 -14.64
N LEU HA 46 71.73 -36.59 -15.52
CA LEU HA 46 72.44 -37.60 -16.30
C LEU HA 46 73.47 -36.94 -17.21
N ARG HA 47 73.08 -35.87 -17.92
CA ARG HA 47 74.02 -35.17 -18.79
C ARG HA 47 75.03 -34.39 -17.98
N LYS HA 48 74.66 -33.93 -16.78
CA LYS HA 48 75.58 -33.25 -15.88
C LYS HA 48 76.69 -34.18 -15.42
N SER HA 49 76.32 -35.36 -14.90
CA SER HA 49 77.33 -36.33 -14.50
C SER HA 49 78.07 -36.92 -15.69
N GLU HA 50 77.44 -36.91 -16.88
CA GLU HA 50 78.12 -37.30 -18.11
C GLU HA 50 79.28 -36.37 -18.43
N ILE HA 51 79.01 -35.05 -18.41
CA ILE HA 51 80.04 -34.06 -18.66
C ILE HA 51 81.08 -34.06 -17.55
N GLU HA 52 80.67 -34.27 -16.29
CA GLU HA 52 81.62 -34.33 -15.19
C GLU HA 52 82.54 -35.54 -15.28
N TYR HA 53 82.01 -36.70 -15.70
CA TYR HA 53 82.83 -37.89 -15.82
C TYR HA 53 83.78 -37.78 -16.99
N TYR HA 54 83.33 -37.20 -18.10
CA TYR HA 54 84.22 -37.01 -19.24
C TYR HA 54 85.28 -35.95 -18.96
N ALA HA 55 84.95 -34.93 -18.16
CA ALA HA 55 85.96 -33.95 -17.79
C ALA HA 55 86.92 -34.50 -16.74
N MET HA 56 86.47 -35.46 -15.93
CA MET HA 56 87.38 -36.17 -15.04
C MET HA 56 88.35 -37.04 -15.84
N LEU HA 57 87.86 -37.64 -16.93
CA LEU HA 57 88.74 -38.41 -17.81
C LEU HA 57 89.72 -37.51 -18.55
N ALA HA 58 89.25 -36.36 -19.03
CA ALA HA 58 90.08 -35.48 -19.86
C ALA HA 58 90.85 -34.44 -19.06
N LYS HA 59 90.71 -34.41 -17.73
CA LYS HA 59 91.34 -33.46 -16.82
C LYS HA 59 90.97 -32.01 -17.20
N THR HA 60 89.68 -31.74 -17.11
CA THR HA 60 89.10 -30.47 -17.51
C THR HA 60 88.24 -29.93 -16.37
N GLY HA 61 88.40 -28.63 -16.09
CA GLY HA 61 87.63 -28.02 -15.03
C GLY HA 61 86.17 -27.82 -15.40
N VAL HA 62 85.32 -27.92 -14.39
CA VAL HA 62 83.87 -27.80 -14.54
C VAL HA 62 83.39 -26.67 -13.65
N HIS HA 63 82.70 -25.70 -14.23
CA HIS HA 63 82.09 -24.59 -13.50
C HIS HA 63 80.58 -24.70 -13.60
N HIS HA 64 79.91 -24.76 -12.46
CA HIS HA 64 78.45 -24.82 -12.43
C HIS HA 64 77.91 -23.40 -12.37
N TYR HA 65 77.34 -22.93 -13.48
CA TYR HA 65 76.78 -21.60 -13.56
C TYR HA 65 75.50 -21.52 -12.73
N SER HA 66 75.28 -20.38 -12.09
CA SER HA 66 74.18 -20.24 -11.14
C SER HA 66 72.84 -20.18 -11.85
N GLY HA 67 72.76 -19.44 -12.95
CA GLY HA 67 71.51 -19.31 -13.66
C GLY HA 67 71.19 -20.52 -14.51
N ASN HA 68 70.01 -20.48 -15.11
CA ASN HA 68 69.56 -21.56 -15.98
C ASN HA 68 70.15 -21.43 -17.38
N ASN HA 69 69.63 -22.23 -18.31
CA ASN HA 69 70.16 -22.21 -19.68
C ASN HA 69 69.78 -20.95 -20.44
N ILE HA 70 68.67 -20.31 -20.05
CA ILE HA 70 68.29 -19.03 -20.65
C ILE HA 70 69.26 -17.95 -20.20
N GLU HA 71 69.56 -17.90 -18.90
CA GLU HA 71 70.47 -16.88 -18.38
C GLU HA 71 71.92 -17.15 -18.77
N LEU HA 72 72.27 -18.42 -19.05
CA LEU HA 72 73.63 -18.71 -19.50
C LEU HA 72 73.83 -18.23 -20.94
N GLY HA 73 72.82 -18.42 -21.79
CA GLY HA 73 72.89 -17.86 -23.13
C GLY HA 73 72.80 -16.35 -23.13
N THR HA 74 72.09 -15.79 -22.15
CA THR HA 74 72.06 -14.34 -21.95
C THR HA 74 73.45 -13.81 -21.58
N ALA HA 75 74.17 -14.54 -20.72
CA ALA HA 75 75.52 -14.15 -20.33
C ALA HA 75 76.50 -14.33 -21.49
N CYS HA 76 76.27 -15.34 -22.33
CA CYS HA 76 77.10 -15.51 -23.52
C CYS HA 76 76.80 -14.43 -24.55
N GLY HA 77 75.58 -13.87 -24.52
CA GLY HA 77 75.17 -12.85 -25.46
C GLY HA 77 74.25 -13.35 -26.55
N LYS HA 78 73.90 -14.64 -26.53
CA LYS HA 78 73.05 -15.21 -27.57
C LYS HA 78 71.58 -15.14 -27.15
N TYR HA 79 70.70 -15.06 -28.15
CA TYR HA 79 69.27 -14.97 -27.85
C TYR HA 79 68.66 -16.35 -27.62
N TYR HA 80 69.37 -17.40 -28.01
CA TYR HA 80 68.95 -18.76 -27.69
C TYR HA 80 69.56 -19.20 -26.37
N ARG HA 81 69.12 -20.36 -25.89
CA ARG HA 81 69.59 -20.88 -24.62
C ARG HA 81 70.63 -21.98 -24.84
N VAL HA 82 71.44 -22.20 -23.80
CA VAL HA 82 72.54 -23.17 -23.87
C VAL HA 82 72.83 -23.67 -22.45
N CYS HA 83 72.94 -24.99 -22.32
CA CYS HA 83 73.31 -25.63 -21.06
C CYS HA 83 74.81 -25.81 -20.92
N THR HA 84 75.48 -26.24 -21.99
CA THR HA 84 76.88 -26.61 -21.91
C THR HA 84 77.74 -25.70 -22.77
N LEU HA 85 78.73 -25.06 -22.13
CA LEU HA 85 79.73 -24.27 -22.82
C LEU HA 85 81.09 -24.93 -22.62
N SER HA 86 81.90 -24.96 -23.67
CA SER HA 86 83.25 -25.50 -23.59
C SER HA 86 84.23 -24.45 -24.11
N ILE HA 87 84.83 -23.70 -23.20
CA ILE HA 87 85.87 -22.74 -23.53
C ILE HA 87 87.13 -23.51 -23.88
N ILE HA 88 87.52 -23.44 -25.15
CA ILE HA 88 88.75 -24.06 -25.62
C ILE HA 88 89.94 -23.13 -25.40
N ASP HA 89 89.88 -21.94 -25.99
CA ASP HA 89 90.93 -20.94 -25.85
C ASP HA 89 90.32 -19.66 -25.30
N PRO HA 90 90.68 -19.24 -24.09
CA PRO HA 90 90.29 -17.89 -23.65
C PRO HA 90 90.96 -16.80 -24.45
N GLY HA 91 92.20 -17.03 -24.87
CA GLY HA 91 92.91 -16.10 -25.72
C GLY HA 91 93.49 -14.95 -24.91
N ASP HA 92 92.62 -14.00 -24.55
CA ASP HA 92 92.99 -12.85 -23.72
C ASP HA 92 91.94 -12.76 -22.60
N SER HA 93 92.14 -13.55 -21.55
CA SER HA 93 91.20 -13.63 -20.45
C SER HA 93 91.90 -14.31 -19.28
N ASP HA 94 91.19 -14.39 -18.15
CA ASP HA 94 91.68 -15.07 -16.96
C ASP HA 94 90.56 -15.93 -16.36
N ILE HA 95 89.88 -16.69 -17.23
CA ILE HA 95 88.74 -17.49 -16.78
C ILE HA 95 89.18 -18.86 -16.28
N ILE HA 96 90.30 -19.37 -16.79
CA ILE HA 96 90.73 -20.71 -16.40
C ILE HA 96 91.63 -20.65 -15.18
N ARG HA 97 92.16 -19.48 -14.84
CA ARG HA 97 93.01 -19.37 -13.65
C ARG HA 97 92.19 -19.00 -12.42
N SER HA 98 91.08 -18.29 -12.61
CA SER HA 98 90.23 -17.89 -11.50
C SER HA 98 89.37 -19.06 -11.01
N ASN IA 1 -23.05 -49.49 -97.97
CA ASN IA 1 -24.07 -48.85 -97.14
C ASN IA 1 -23.73 -49.08 -95.67
N GLU IA 2 -23.27 -50.29 -95.35
CA GLU IA 2 -22.92 -50.62 -93.97
C GLU IA 2 -21.43 -50.38 -93.71
N VAL IA 3 -20.57 -50.94 -94.56
CA VAL IA 3 -19.13 -50.75 -94.42
C VAL IA 3 -18.73 -49.40 -95.01
N VAL IA 4 -18.72 -48.39 -94.16
CA VAL IA 4 -18.45 -47.00 -94.57
C VAL IA 4 -17.28 -46.46 -93.76
N THR IA 5 -16.24 -46.04 -94.47
CA THR IA 5 -15.11 -45.34 -93.88
C THR IA 5 -15.15 -43.88 -94.32
N ARG IA 6 -14.94 -42.97 -93.37
CA ARG IA 6 -15.12 -41.55 -93.69
C ARG IA 6 -14.32 -40.68 -92.73
N GLU IA 7 -14.18 -39.41 -93.08
CA GLU IA 7 -13.42 -38.47 -92.28
C GLU IA 7 -14.33 -37.51 -91.52
N TYR IA 8 -13.82 -37.03 -90.38
CA TYR IA 8 -14.46 -36.01 -89.57
C TYR IA 8 -13.38 -35.18 -88.90
N THR IA 9 -13.71 -33.94 -88.54
CA THR IA 9 -12.87 -33.17 -87.63
C THR IA 9 -13.70 -32.82 -86.40
N ILE IA 10 -13.21 -33.27 -85.24
CA ILE IA 10 -13.90 -33.03 -83.98
C ILE IA 10 -13.33 -31.78 -83.34
N ASN IA 11 -14.19 -30.83 -83.01
CA ASN IA 11 -13.80 -29.70 -82.17
C ASN IA 11 -13.90 -30.14 -80.71
N ILE IA 12 -12.75 -30.45 -80.10
CA ILE IA 12 -12.75 -30.95 -78.74
C ILE IA 12 -13.02 -29.82 -77.75
N HIS IA 13 -12.79 -28.57 -78.17
CA HIS IA 13 -12.82 -27.44 -77.26
C HIS IA 13 -14.22 -27.14 -76.75
N LYS IA 14 -15.22 -27.16 -77.64
CA LYS IA 14 -16.60 -26.88 -77.23
C LYS IA 14 -17.23 -28.04 -76.46
N ARG IA 15 -16.61 -29.22 -76.46
CA ARG IA 15 -17.08 -30.34 -75.67
C ARG IA 15 -16.31 -30.45 -74.36
N ILE IA 16 -15.14 -29.83 -74.29
CA ILE IA 16 -14.30 -29.93 -73.10
C ILE IA 16 -14.41 -28.66 -72.27
N HIS IA 17 -15.09 -27.64 -72.78
CA HIS IA 17 -15.25 -26.39 -72.07
C HIS IA 17 -16.09 -26.55 -70.80
N GLY IA 18 -15.45 -26.33 -69.65
CA GLY IA 18 -16.14 -26.35 -68.38
C GLY IA 18 -15.55 -27.26 -67.33
N VAL IA 19 -14.95 -28.38 -67.75
CA VAL IA 19 -14.52 -29.38 -66.78
C VAL IA 19 -13.16 -28.99 -66.16
N GLY IA 20 -12.87 -29.61 -65.01
CA GLY IA 20 -11.65 -29.30 -64.29
C GLY IA 20 -10.44 -30.00 -64.85
N PHE IA 21 -9.27 -29.61 -64.33
CA PHE IA 21 -7.98 -29.94 -64.94
C PHE IA 21 -7.68 -31.44 -64.95
N LYS IA 22 -8.00 -32.14 -63.87
CA LYS IA 22 -7.70 -33.56 -63.80
C LYS IA 22 -8.71 -34.43 -64.56
N LYS IA 23 -9.74 -33.84 -65.14
CA LYS IA 23 -10.79 -34.54 -65.85
C LYS IA 23 -11.09 -33.86 -67.18
N ARG IA 24 -10.06 -33.61 -67.98
CA ARG IA 24 -10.26 -33.06 -69.32
C ARG IA 24 -10.04 -34.08 -70.42
N ALA IA 25 -8.90 -34.76 -70.43
CA ALA IA 25 -8.62 -35.77 -71.46
C ALA IA 25 -9.47 -37.04 -71.38
N PRO IA 26 -9.79 -37.63 -70.20
CA PRO IA 26 -10.79 -38.72 -70.22
C PRO IA 26 -12.17 -38.29 -70.68
N ARG IA 27 -12.61 -37.09 -70.31
CA ARG IA 27 -13.85 -36.54 -70.83
C ARG IA 27 -13.78 -36.31 -72.33
N ALA IA 28 -12.61 -35.96 -72.86
CA ALA IA 28 -12.43 -35.81 -74.30
C ALA IA 28 -12.57 -37.13 -75.01
N LEU IA 29 -11.98 -38.20 -74.43
CA LEU IA 29 -12.21 -39.56 -74.94
C LEU IA 29 -13.68 -39.93 -74.91
N LYS IA 30 -14.38 -39.52 -73.85
CA LYS IA 30 -15.81 -39.84 -73.72
C LYS IA 30 -16.65 -39.08 -74.75
N GLU IA 31 -16.30 -37.82 -75.04
CA GLU IA 31 -17.05 -37.11 -76.08
C GLU IA 31 -16.69 -37.58 -77.48
N ILE IA 32 -15.48 -38.12 -77.70
CA ILE IA 32 -15.20 -38.72 -79.00
C ILE IA 32 -15.98 -40.02 -79.17
N ARG IA 33 -16.12 -40.79 -78.08
CA ARG IA 33 -16.95 -41.99 -78.11
C ARG IA 33 -18.43 -41.65 -78.34
N LYS IA 34 -18.91 -40.56 -77.72
CA LYS IA 34 -20.28 -40.12 -77.95
C LYS IA 34 -20.46 -39.55 -79.35
N PHE IA 35 -19.42 -38.95 -79.91
CA PHE IA 35 -19.47 -38.48 -81.30
C PHE IA 35 -19.59 -39.65 -82.27
N ALA IA 36 -18.81 -40.72 -82.02
CA ALA IA 36 -18.91 -41.93 -82.83
C ALA IA 36 -20.28 -42.57 -82.70
N MET IA 37 -20.83 -42.63 -81.48
CA MET IA 37 -22.15 -43.20 -81.27
C MET IA 37 -23.25 -42.32 -81.86
N LYS IA 38 -22.99 -41.03 -82.04
CA LYS IA 38 -23.99 -40.12 -82.58
C LYS IA 38 -24.04 -40.20 -84.10
N GLU IA 39 -22.88 -40.04 -84.76
CA GLU IA 39 -22.87 -40.14 -86.21
C GLU IA 39 -23.13 -41.56 -86.70
N MET IA 40 -22.59 -42.57 -86.01
CA MET IA 40 -22.82 -43.95 -86.38
C MET IA 40 -23.60 -44.65 -85.28
N GLY IA 41 -24.72 -45.26 -85.65
CA GLY IA 41 -25.57 -45.89 -84.67
C GLY IA 41 -25.11 -47.27 -84.20
N THR IA 42 -23.89 -47.35 -83.69
CA THR IA 42 -23.34 -48.58 -83.14
C THR IA 42 -22.87 -48.34 -81.71
N PRO IA 43 -23.38 -49.10 -80.74
CA PRO IA 43 -22.88 -48.94 -79.36
C PRO IA 43 -21.47 -49.45 -79.17
N ASP IA 44 -20.99 -50.34 -80.03
CA ASP IA 44 -19.65 -50.90 -79.87
C ASP IA 44 -18.63 -50.04 -80.60
N VAL IA 45 -18.03 -49.10 -79.88
CA VAL IA 45 -17.03 -48.18 -80.41
C VAL IA 45 -15.67 -48.54 -79.83
N ARG IA 46 -14.70 -48.83 -80.71
CA ARG IA 46 -13.34 -49.18 -80.29
C ARG IA 46 -12.37 -48.15 -80.89
N ILE IA 47 -11.89 -47.27 -80.02
CA ILE IA 47 -11.01 -46.19 -80.44
C ILE IA 47 -9.55 -46.64 -80.35
N ASP IA 48 -8.71 -46.13 -81.25
CA ASP IA 48 -7.38 -46.67 -81.44
C ASP IA 48 -6.37 -46.02 -80.48
N THR IA 49 -5.30 -46.78 -80.20
CA THR IA 49 -4.26 -46.32 -79.29
C THR IA 49 -3.45 -45.16 -79.87
N ARG IA 50 -3.39 -45.05 -81.20
CA ARG IA 50 -2.74 -43.89 -81.80
C ARG IA 50 -3.55 -42.61 -81.54
N LEU IA 51 -4.88 -42.72 -81.54
CA LEU IA 51 -5.69 -41.56 -81.18
C LEU IA 51 -5.66 -41.31 -79.67
N ASN IA 52 -5.48 -42.37 -78.87
CA ASN IA 52 -5.23 -42.20 -77.44
C ASN IA 52 -3.97 -41.37 -77.21
N LYS IA 53 -2.89 -41.71 -77.92
CA LYS IA 53 -1.64 -40.95 -77.82
C LYS IA 53 -1.81 -39.53 -78.37
N ALA IA 54 -2.63 -39.37 -79.40
CA ALA IA 54 -2.82 -38.04 -80.00
C ALA IA 54 -3.60 -37.12 -79.08
N VAL IA 55 -4.59 -37.65 -78.36
CA VAL IA 55 -5.32 -36.83 -77.39
C VAL IA 55 -4.45 -36.55 -76.18
N TRP IA 56 -3.74 -37.58 -75.69
CA TRP IA 56 -2.87 -37.44 -74.52
C TRP IA 56 -1.45 -37.02 -74.88
N ALA IA 57 -1.26 -36.35 -76.02
CA ALA IA 57 0.09 -35.93 -76.44
C ALA IA 57 0.64 -34.84 -75.52
N LYS IA 58 -0.14 -33.80 -75.27
CA LYS IA 58 0.31 -32.71 -74.43
C LYS IA 58 0.23 -33.08 -72.95
N GLY IA 59 -0.96 -33.34 -72.46
CA GLY IA 59 -1.14 -33.66 -71.06
C GLY IA 59 -2.60 -33.94 -70.74
N ILE IA 60 -2.90 -33.97 -69.45
CA ILE IA 60 -4.27 -34.19 -69.02
C ILE IA 60 -5.04 -32.87 -69.01
N ARG IA 61 -4.32 -31.75 -68.96
CA ARG IA 61 -4.98 -30.45 -68.92
C ARG IA 61 -5.15 -29.89 -70.33
N ASN IA 62 -4.04 -29.75 -71.05
CA ASN IA 62 -4.05 -29.16 -72.38
C ASN IA 62 -4.39 -30.25 -73.40
N VAL IA 63 -5.57 -30.17 -73.98
CA VAL IA 63 -6.04 -31.08 -75.01
C VAL IA 63 -6.13 -30.26 -76.29
N PRO IA 64 -5.74 -30.79 -77.46
CA PRO IA 64 -5.85 -30.01 -78.70
C PRO IA 64 -7.29 -29.66 -79.05
N TYR IA 65 -7.45 -28.52 -79.74
CA TYR IA 65 -8.78 -27.97 -79.95
C TYR IA 65 -9.55 -28.75 -81.00
N ARG IA 66 -8.99 -28.87 -82.20
CA ARG IA 66 -9.57 -29.67 -83.26
C ARG IA 66 -8.71 -30.92 -83.46
N ILE IA 67 -9.34 -31.99 -83.95
CA ILE IA 67 -8.61 -33.22 -84.20
C ILE IA 67 -9.24 -33.89 -85.41
N ARG IA 68 -8.47 -34.70 -86.13
CA ARG IA 68 -8.94 -35.32 -87.35
C ARG IA 68 -9.12 -36.82 -87.13
N VAL IA 69 -10.33 -37.30 -87.38
CA VAL IA 69 -10.72 -38.66 -87.00
C VAL IA 69 -11.32 -39.36 -88.22
N ARG IA 70 -10.74 -40.49 -88.60
CA ARG IA 70 -11.37 -41.40 -89.56
C ARG IA 70 -12.29 -42.33 -88.79
N LEU IA 71 -13.57 -42.30 -89.12
CA LEU IA 71 -14.61 -43.07 -88.46
C LEU IA 71 -15.04 -44.15 -89.44
N SER IA 72 -15.01 -45.41 -89.02
CA SER IA 72 -15.29 -46.52 -89.94
C SER IA 72 -16.25 -47.50 -89.29
N ARG IA 73 -17.41 -47.69 -89.92
CA ARG IA 73 -18.34 -48.74 -89.50
C ARG IA 73 -17.96 -50.05 -90.19
N LYS IA 74 -17.82 -51.11 -89.40
CA LYS IA 74 -17.35 -52.39 -89.91
C LYS IA 74 -18.25 -53.53 -89.46
N ARG IA 75 -18.37 -54.53 -90.33
CA ARG IA 75 -19.07 -55.76 -89.99
C ARG IA 75 -18.30 -56.54 -88.92
N ASN IA 76 -19.03 -57.23 -88.06
CA ASN IA 76 -18.44 -57.84 -86.87
C ASN IA 76 -17.75 -59.15 -87.23
N GLU IA 77 -16.57 -59.36 -86.66
CA GLU IA 77 -15.81 -60.60 -86.78
C GLU IA 77 -16.39 -61.58 -85.74
N ASP IA 78 -15.72 -62.71 -85.51
CA ASP IA 78 -16.15 -63.77 -84.57
C ASP IA 78 -16.07 -63.24 -83.12
N GLU IA 79 -16.47 -64.05 -82.14
CA GLU IA 79 -17.00 -63.61 -80.84
C GLU IA 79 -18.19 -62.67 -81.08
N ASP IA 80 -19.24 -63.29 -81.64
CA ASP IA 80 -20.44 -62.58 -82.08
C ASP IA 80 -21.17 -61.95 -80.90
N SER IA 81 -21.86 -60.85 -81.16
CA SER IA 81 -22.44 -60.00 -80.15
C SER IA 81 -23.85 -59.59 -80.57
N PRO IA 82 -24.71 -59.15 -79.65
CA PRO IA 82 -25.98 -58.51 -80.08
C PRO IA 82 -25.76 -57.23 -80.86
N ASN IA 83 -24.62 -56.56 -80.71
CA ASN IA 83 -24.24 -55.46 -81.59
C ASN IA 83 -23.80 -56.06 -82.92
N LYS IA 84 -24.53 -55.74 -83.99
CA LYS IA 84 -24.29 -56.39 -85.27
C LYS IA 84 -23.04 -55.85 -85.95
N LEU IA 85 -22.75 -54.56 -85.76
CA LEU IA 85 -21.58 -53.94 -86.37
C LEU IA 85 -20.84 -53.14 -85.31
N TYR IA 86 -19.60 -52.75 -85.61
CA TYR IA 86 -18.82 -51.97 -84.67
C TYR IA 86 -18.25 -50.76 -85.39
N THR IA 87 -17.64 -49.86 -84.62
CA THR IA 87 -17.09 -48.61 -85.15
C THR IA 87 -15.65 -48.44 -84.70
N LEU IA 88 -14.73 -48.43 -85.66
CA LEU IA 88 -13.31 -48.19 -85.42
C LEU IA 88 -13.02 -46.70 -85.60
N VAL IA 89 -12.23 -46.15 -84.68
CA VAL IA 89 -12.00 -44.72 -84.58
C VAL IA 89 -10.49 -44.49 -84.68
N THR IA 90 -10.04 -43.80 -85.72
CA THR IA 90 -8.62 -43.73 -86.06
C THR IA 90 -8.19 -42.26 -86.16
N TYR IA 91 -6.96 -41.98 -85.72
CA TYR IA 91 -6.39 -40.64 -85.83
C TYR IA 91 -5.78 -40.40 -87.21
N VAL IA 92 -5.94 -39.18 -87.72
CA VAL IA 92 -5.33 -38.78 -88.98
C VAL IA 92 -4.47 -37.55 -88.73
N PRO IA 93 -3.15 -37.61 -88.97
CA PRO IA 93 -2.29 -36.44 -88.77
C PRO IA 93 -2.54 -35.37 -89.84
N VAL IA 94 -3.03 -34.22 -89.41
CA VAL IA 94 -3.30 -33.08 -90.28
C VAL IA 94 -2.61 -31.85 -89.70
N THR IA 95 -1.94 -31.09 -90.57
CA THR IA 95 -1.18 -29.92 -90.13
C THR IA 95 -2.10 -28.81 -89.62
N THR IA 96 -3.00 -28.32 -90.46
CA THR IA 96 -3.90 -27.25 -90.06
C THR IA 96 -5.34 -27.60 -90.45
N PHE IA 97 -6.27 -27.20 -89.59
CA PHE IA 97 -7.69 -27.50 -89.77
C PHE IA 97 -8.43 -26.36 -90.45
N LYS IA 98 -7.93 -25.90 -91.60
CA LYS IA 98 -8.53 -24.79 -92.32
C LYS IA 98 -9.23 -25.34 -93.55
N ASN IA 99 -10.56 -25.15 -93.60
CA ASN IA 99 -11.45 -25.60 -94.68
C ASN IA 99 -11.34 -27.11 -94.87
N LEU IA 100 -11.58 -27.84 -93.78
CA LEU IA 100 -11.60 -29.30 -93.79
C LEU IA 100 -13.05 -29.76 -93.67
N GLN IA 101 -13.58 -30.31 -94.76
CA GLN IA 101 -14.94 -30.82 -94.78
C GLN IA 101 -14.96 -32.27 -94.30
N THR IA 102 -16.17 -32.79 -94.11
CA THR IA 102 -16.35 -34.20 -93.75
C THR IA 102 -16.25 -35.02 -95.03
N VAL IA 103 -15.04 -35.42 -95.36
CA VAL IA 103 -14.77 -36.11 -96.63
C VAL IA 103 -15.16 -37.58 -96.50
N ASN IA 104 -16.07 -38.03 -97.36
CA ASN IA 104 -16.48 -39.42 -97.41
C ASN IA 104 -15.53 -40.15 -98.36
N VAL IA 105 -14.48 -40.75 -97.78
CA VAL IA 105 -13.48 -41.43 -98.59
C VAL IA 105 -14.02 -42.78 -99.04
N ASP IA 106 -13.49 -43.28 -100.16
CA ASP IA 106 -13.95 -44.53 -100.74
C ASP IA 106 -12.98 -45.66 -100.45
N GLU IA 107 -13.51 -46.88 -100.44
CA GLU IA 107 -12.70 -48.07 -100.16
C GLU IA 107 -11.89 -48.47 -101.38
N ALA JA 1 -84.56 -83.85 -31.47
CA ALA JA 1 -84.98 -84.18 -30.12
C ALA JA 1 -83.82 -84.12 -29.15
N ALA JA 2 -83.38 -82.90 -28.83
CA ALA JA 2 -82.29 -82.72 -27.89
C ALA JA 2 -82.77 -82.92 -26.46
N LEU JA 3 -81.82 -83.10 -25.55
CA LEU JA 3 -82.13 -83.36 -24.15
C LEU JA 3 -82.48 -82.04 -23.46
N ARG JA 4 -83.74 -81.87 -23.08
CA ARG JA 4 -84.20 -80.68 -22.40
C ARG JA 4 -83.88 -80.75 -20.91
N PRO JA 5 -83.56 -79.63 -20.27
CA PRO JA 5 -83.41 -79.60 -18.83
C PRO JA 5 -84.76 -79.65 -18.12
N LEU JA 6 -84.70 -79.73 -16.80
CA LEU JA 6 -85.92 -79.79 -16.00
C LEU JA 6 -86.61 -78.44 -15.96
N VAL JA 7 -85.89 -77.40 -15.56
CA VAL JA 7 -86.39 -76.03 -15.54
C VAL JA 7 -85.45 -75.18 -16.39
N LYS JA 8 -86.02 -74.23 -17.13
CA LYS JA 8 -85.25 -73.34 -18.00
C LYS JA 8 -85.57 -71.90 -17.60
N PRO JA 9 -84.82 -71.34 -16.65
CA PRO JA 9 -85.01 -69.94 -16.28
C PRO JA 9 -84.29 -69.02 -17.27
N LYS JA 10 -84.61 -67.73 -17.16
CA LYS JA 10 -83.94 -66.72 -17.96
C LYS JA 10 -82.57 -66.43 -17.36
N ILE JA 11 -81.51 -66.84 -18.04
CA ILE JA 11 -80.16 -66.65 -17.53
C ILE JA 11 -79.76 -65.20 -17.80
N VAL JA 12 -79.89 -64.36 -16.79
CA VAL JA 12 -79.52 -62.96 -16.91
C VAL JA 12 -78.06 -62.79 -16.51
N LYS JA 13 -77.34 -61.97 -17.28
CA LYS JA 13 -75.94 -61.69 -17.00
C LYS JA 13 -75.76 -60.18 -16.88
N LYS JA 14 -75.10 -59.75 -15.81
CA LYS JA 14 -74.93 -58.32 -15.57
C LYS JA 14 -73.90 -57.73 -16.51
N ARG JA 15 -72.89 -58.52 -16.89
CA ARG JA 15 -71.84 -58.08 -17.79
C ARG JA 15 -71.30 -59.29 -18.53
N THR JA 16 -71.14 -59.14 -19.85
CA THR JA 16 -70.62 -60.21 -20.69
C THR JA 16 -69.23 -59.95 -21.22
N LYS JA 17 -68.78 -58.70 -21.20
CA LYS JA 17 -67.44 -58.38 -21.68
C LYS JA 17 -66.38 -58.79 -20.67
N LYS JA 18 -65.16 -59.01 -21.17
CA LYS JA 18 -64.05 -59.41 -20.32
C LYS JA 18 -63.44 -58.19 -19.62
N PHE JA 19 -63.10 -58.38 -18.34
CA PHE JA 19 -62.35 -57.38 -17.58
C PHE JA 19 -60.90 -57.44 -18.04
N ILE JA 20 -60.58 -56.67 -19.08
CA ILE JA 20 -59.21 -56.65 -19.58
C ILE JA 20 -58.35 -55.79 -18.67
N ARG JA 21 -57.06 -56.09 -18.63
CA ARG JA 21 -56.12 -55.40 -17.77
C ARG JA 21 -55.84 -54.00 -18.33
N HIS JA 22 -55.49 -53.08 -17.43
CA HIS JA 22 -55.13 -51.72 -17.82
C HIS JA 22 -53.85 -51.73 -18.63
N GLN JA 23 -53.84 -50.95 -19.72
CA GLN JA 23 -52.75 -50.87 -20.71
C GLN JA 23 -52.39 -52.23 -21.30
N SER JA 24 -53.39 -53.07 -21.52
CA SER JA 24 -53.17 -54.30 -22.27
C SER JA 24 -53.21 -54.04 -23.77
N ASP JA 25 -53.78 -52.91 -24.17
CA ASP JA 25 -53.82 -52.54 -25.59
C ASP JA 25 -52.46 -52.08 -26.08
N ARG JA 26 -51.69 -51.40 -25.23
CA ARG JA 26 -50.45 -50.77 -25.66
C ARG JA 26 -49.33 -51.78 -25.81
N TYR JA 27 -49.10 -52.58 -24.77
CA TYR JA 27 -47.94 -53.46 -24.71
C TYR JA 27 -48.35 -54.89 -25.04
N VAL JA 28 -47.44 -55.61 -25.69
CA VAL JA 28 -47.68 -57.02 -26.00
C VAL JA 28 -47.30 -57.89 -24.80
N LYS JA 29 -46.39 -57.39 -23.96
CA LYS JA 29 -45.99 -58.13 -22.76
C LYS JA 29 -47.11 -58.16 -21.72
N ILE JA 30 -48.05 -57.23 -21.79
CA ILE JA 30 -49.19 -57.21 -20.88
C ILE JA 30 -50.28 -58.10 -21.43
N LYS JA 31 -50.67 -59.11 -20.66
CA LYS JA 31 -51.69 -60.06 -21.06
C LYS JA 31 -53.08 -59.48 -20.75
N ARG JA 32 -54.10 -60.18 -21.25
CA ARG JA 32 -55.47 -59.73 -21.04
C ARG JA 32 -56.03 -60.16 -19.68
N ASN JA 33 -55.26 -60.92 -18.90
CA ASN JA 33 -55.72 -61.35 -17.59
C ASN JA 33 -55.69 -60.17 -16.61
N TRP JA 34 -56.73 -60.08 -15.79
CA TRP JA 34 -56.87 -58.93 -14.90
C TRP JA 34 -55.90 -59.00 -13.74
N ARG JA 35 -55.16 -57.90 -13.53
CA ARG JA 35 -54.41 -57.67 -12.31
C ARG JA 35 -54.83 -56.31 -11.78
N LYS JA 36 -55.12 -56.23 -10.50
CA LYS JA 36 -55.56 -54.97 -9.90
C LYS JA 36 -54.41 -53.96 -9.88
N PRO JA 37 -54.58 -52.77 -10.45
CA PRO JA 37 -53.52 -51.76 -10.37
C PRO JA 37 -53.44 -51.16 -8.97
N ARG JA 38 -52.22 -51.11 -8.44
CA ARG JA 38 -52.03 -50.62 -7.08
C ARG JA 38 -51.02 -49.48 -7.06
N GLY JA 39 -51.19 -48.52 -7.97
CA GLY JA 39 -50.32 -47.36 -8.02
C GLY JA 39 -50.82 -46.19 -7.19
N ILE JA 40 -50.06 -45.09 -7.22
CA ILE JA 40 -50.40 -43.95 -6.40
C ILE JA 40 -51.25 -42.95 -7.18
N ASP JA 41 -51.10 -42.91 -8.50
CA ASP JA 41 -51.71 -41.90 -9.35
C ASP JA 41 -52.31 -42.53 -10.60
N ASN JA 42 -52.94 -43.69 -10.44
CA ASN JA 42 -53.52 -44.37 -11.59
C ASN JA 42 -55.01 -44.03 -11.68
N ARG JA 43 -55.54 -44.15 -12.90
CA ARG JA 43 -56.86 -43.66 -13.25
C ARG JA 43 -57.94 -44.72 -13.07
N VAL JA 44 -57.60 -45.98 -13.33
CA VAL JA 44 -58.58 -47.07 -13.25
C VAL JA 44 -58.88 -47.42 -11.80
N ARG JA 45 -57.85 -47.42 -10.95
CA ARG JA 45 -57.99 -47.99 -9.61
C ARG JA 45 -58.79 -47.09 -8.68
N ARG JA 46 -58.86 -45.79 -8.99
CA ARG JA 46 -59.68 -44.87 -8.21
C ARG JA 46 -60.91 -44.39 -9.00
N ARG JA 47 -61.26 -45.14 -10.05
CA ARG JA 47 -62.58 -45.12 -10.69
C ARG JA 47 -62.89 -43.78 -11.34
N PHE JA 48 -61.99 -43.31 -12.20
CA PHE JA 48 -62.28 -42.14 -13.03
C PHE JA 48 -63.35 -42.46 -14.05
N LYS JA 49 -64.02 -41.42 -14.53
CA LYS JA 49 -65.11 -41.59 -15.49
C LYS JA 49 -64.56 -41.93 -16.87
N GLY JA 50 -65.16 -42.93 -17.50
CA GLY JA 50 -64.76 -43.34 -18.83
C GLY JA 50 -63.47 -44.13 -18.89
N GLN JA 51 -63.21 -44.96 -17.89
CA GLN JA 51 -62.02 -45.78 -17.82
C GLN JA 51 -62.42 -47.25 -17.80
N ILE JA 52 -61.42 -48.11 -17.60
CA ILE JA 52 -61.65 -49.55 -17.57
C ILE JA 52 -62.35 -49.93 -16.27
N LEU JA 53 -63.42 -50.71 -16.38
CA LEU JA 53 -64.19 -51.15 -15.23
C LEU JA 53 -63.41 -52.18 -14.42
N MET JA 54 -63.76 -52.27 -13.14
CA MET JA 54 -63.03 -53.15 -12.23
C MET JA 54 -63.92 -54.30 -11.75
N PRO JA 55 -63.36 -55.50 -11.55
CA PRO JA 55 -64.18 -56.65 -11.14
C PRO JA 55 -64.61 -56.61 -9.68
N ASN JA 56 -65.70 -55.92 -9.40
CA ASN JA 56 -66.26 -55.90 -8.05
C ASN JA 56 -67.08 -57.15 -7.79
N ILE JA 57 -67.62 -57.24 -6.56
CA ILE JA 57 -68.48 -58.36 -6.20
C ILE JA 57 -69.88 -58.16 -6.75
N GLY JA 58 -70.21 -56.93 -7.17
CA GLY JA 58 -71.56 -56.65 -7.65
C GLY JA 58 -71.87 -57.26 -9.00
N TYR JA 59 -70.84 -57.66 -9.74
CA TYR JA 59 -71.04 -58.26 -11.06
C TYR JA 59 -71.36 -59.74 -11.01
N GLY JA 60 -71.58 -60.30 -9.82
CA GLY JA 60 -71.80 -61.73 -9.72
C GLY JA 60 -73.17 -62.13 -10.22
N SER JA 61 -73.21 -63.26 -10.92
CA SER JA 61 -74.45 -63.80 -11.46
C SER JA 61 -75.28 -64.44 -10.35
N ASN JA 62 -76.54 -64.71 -10.68
CA ASN JA 62 -77.46 -65.31 -9.72
C ASN JA 62 -77.05 -66.74 -9.40
N LYS JA 63 -77.35 -67.17 -8.16
CA LYS JA 63 -76.93 -68.50 -7.73
C LYS JA 63 -77.73 -69.60 -8.40
N LYS JA 64 -78.93 -69.27 -8.89
CA LYS JA 64 -79.71 -70.25 -9.65
C LYS JA 64 -79.10 -70.49 -11.02
N THR JA 65 -78.57 -69.45 -11.66
CA THR JA 65 -78.02 -69.56 -13.00
C THR JA 65 -76.52 -69.32 -13.03
N LYS JA 66 -75.79 -69.85 -12.04
CA LYS JA 66 -74.35 -69.74 -11.98
C LYS JA 66 -73.72 -71.03 -12.49
N HIS JA 67 -72.62 -70.89 -13.24
CA HIS JA 67 -71.90 -71.98 -13.92
C HIS JA 67 -72.82 -72.73 -14.90
N MET JA 68 -73.80 -72.03 -15.47
CA MET JA 68 -74.83 -72.66 -16.27
C MET JA 68 -74.60 -72.36 -17.76
N LEU JA 69 -74.71 -73.39 -18.58
CA LEU JA 69 -74.60 -73.27 -20.02
C LEU JA 69 -75.82 -72.54 -20.57
N PRO JA 70 -75.74 -72.00 -21.80
CA PRO JA 70 -76.94 -71.43 -22.42
C PRO JA 70 -78.02 -72.45 -22.74
N SER JA 71 -77.68 -73.75 -22.81
CA SER JA 71 -78.70 -74.77 -22.96
C SER JA 71 -79.52 -74.95 -21.69
N GLY JA 72 -78.91 -74.71 -20.53
CA GLY JA 72 -79.59 -74.84 -19.26
C GLY JA 72 -78.91 -75.82 -18.32
N PHE JA 73 -77.87 -76.47 -18.81
CA PHE JA 73 -77.16 -77.50 -18.06
C PHE JA 73 -75.91 -76.93 -17.37
N ARG JA 74 -75.40 -77.71 -16.43
CA ARG JA 74 -74.15 -77.42 -15.74
C ARG JA 74 -73.11 -78.43 -16.21
N LYS JA 75 -71.89 -77.97 -16.43
CA LYS JA 75 -70.86 -78.85 -16.98
C LYS JA 75 -70.30 -79.79 -15.92
N PHE JA 76 -69.84 -80.95 -16.38
CA PHE JA 76 -69.08 -81.87 -15.55
C PHE JA 76 -68.15 -82.65 -16.48
N LEU JA 77 -66.86 -82.66 -16.15
CA LEU JA 77 -65.85 -83.28 -17.00
C LEU JA 77 -65.81 -84.77 -16.70
N VAL JA 78 -65.90 -85.59 -17.75
CA VAL JA 78 -65.98 -87.04 -17.63
C VAL JA 78 -64.81 -87.67 -18.39
N HIS JA 79 -64.07 -88.55 -17.71
CA HIS JA 79 -62.91 -89.20 -18.32
C HIS JA 79 -63.23 -90.54 -18.96
N ASN JA 80 -64.11 -91.34 -18.37
CA ASN JA 80 -64.33 -92.71 -18.84
C ASN JA 80 -65.79 -93.09 -18.66
N VAL JA 81 -66.08 -94.37 -18.91
CA VAL JA 81 -67.45 -94.87 -18.89
C VAL JA 81 -67.95 -94.97 -17.45
N LYS JA 82 -67.02 -95.17 -16.50
CA LYS JA 82 -67.38 -95.38 -15.11
C LYS JA 82 -67.93 -94.11 -14.47
N GLU JA 83 -67.56 -92.95 -15.00
CA GLU JA 83 -68.05 -91.69 -14.44
C GLU JA 83 -69.41 -91.28 -15.02
N LEU JA 84 -70.04 -92.14 -15.83
CA LEU JA 84 -71.39 -91.86 -16.31
C LEU JA 84 -72.46 -92.49 -15.43
N GLU JA 85 -72.11 -93.53 -14.67
CA GLU JA 85 -73.01 -94.03 -13.64
C GLU JA 85 -73.17 -93.05 -12.49
N VAL JA 86 -72.23 -92.11 -12.34
CA VAL JA 86 -72.39 -91.02 -11.40
C VAL JA 86 -73.49 -90.07 -11.86
N LEU JA 87 -73.54 -89.79 -13.16
CA LEU JA 87 -74.47 -88.81 -13.70
C LEU JA 87 -75.75 -89.40 -14.29
N LEU JA 88 -75.95 -90.73 -14.21
CA LEU JA 88 -77.23 -91.28 -14.68
C LEU JA 88 -78.39 -90.79 -13.84
N MET JA 89 -78.17 -90.58 -12.54
CA MET JA 89 -79.24 -90.10 -11.68
C MET JA 89 -79.49 -88.61 -11.83
N CYS JA 90 -78.45 -87.79 -11.79
CA CYS JA 90 -78.61 -86.34 -11.97
C CYS JA 90 -78.52 -86.02 -13.45
N ASN JA 91 -79.61 -86.32 -14.15
CA ASN JA 91 -79.62 -86.27 -15.61
C ASN JA 91 -80.22 -84.95 -16.11
N LYS JA 92 -81.40 -84.58 -15.59
CA LYS JA 92 -82.11 -83.42 -16.10
C LYS JA 92 -81.50 -82.10 -15.64
N SER JA 93 -80.59 -82.13 -14.67
CA SER JA 93 -80.01 -80.89 -14.16
C SER JA 93 -78.60 -80.66 -14.70
N TYR JA 94 -77.74 -81.67 -14.58
CA TYR JA 94 -76.32 -81.54 -14.91
C TYR JA 94 -76.03 -82.38 -16.15
N CYS JA 95 -75.00 -81.97 -16.91
CA CYS JA 95 -74.63 -82.68 -18.13
C CYS JA 95 -73.19 -83.18 -18.02
N ALA JA 96 -72.77 -83.91 -19.04
CA ALA JA 96 -71.43 -84.48 -19.10
C ALA JA 96 -70.57 -83.77 -20.13
N GLU JA 97 -69.26 -84.02 -20.04
CA GLU JA 97 -68.29 -83.45 -20.96
C GLU JA 97 -67.06 -84.34 -21.00
N ILE JA 98 -66.61 -84.68 -22.20
CA ILE JA 98 -65.50 -85.61 -22.36
C ILE JA 98 -64.20 -84.82 -22.38
N ALA JA 99 -63.16 -85.35 -21.72
CA ALA JA 99 -61.88 -84.67 -21.63
C ALA JA 99 -61.16 -84.64 -22.97
N HIS JA 100 -60.17 -83.75 -23.07
CA HIS JA 100 -59.45 -83.57 -24.34
C HIS JA 100 -58.49 -84.73 -24.60
N ASN JA 101 -57.93 -85.31 -23.55
CA ASN JA 101 -56.91 -86.34 -23.74
C ASN JA 101 -57.51 -87.72 -23.95
N VAL JA 102 -58.84 -87.83 -23.93
CA VAL JA 102 -59.48 -89.13 -24.15
C VAL JA 102 -59.46 -89.47 -25.63
N SER JA 103 -59.02 -90.70 -25.95
CA SER JA 103 -58.93 -91.17 -27.32
C SER JA 103 -60.32 -91.45 -27.89
N SER JA 104 -60.38 -91.60 -29.21
CA SER JA 104 -61.66 -91.70 -29.91
C SER JA 104 -62.35 -93.03 -29.66
N LYS JA 105 -61.57 -94.11 -29.47
CA LYS JA 105 -62.15 -95.43 -29.21
C LYS JA 105 -62.82 -95.49 -27.84
N ASN JA 106 -62.42 -94.61 -26.92
CA ASN JA 106 -63.10 -94.52 -25.64
C ASN JA 106 -64.17 -93.44 -25.66
N ARG JA 107 -64.02 -92.41 -26.49
CA ARG JA 107 -65.07 -91.41 -26.67
C ARG JA 107 -66.32 -92.03 -27.28
N LYS JA 108 -66.14 -93.00 -28.18
CA LYS JA 108 -67.28 -93.71 -28.76
C LYS JA 108 -68.06 -94.48 -27.70
N ALA JA 109 -67.34 -95.12 -26.77
CA ALA JA 109 -68.00 -95.85 -25.69
C ALA JA 109 -68.68 -94.90 -24.71
N ILE JA 110 -68.07 -93.73 -24.45
CA ILE JA 110 -68.67 -92.75 -23.56
C ILE JA 110 -69.95 -92.17 -24.17
N VAL JA 111 -69.92 -91.85 -25.46
CA VAL JA 111 -71.10 -91.32 -26.14
C VAL JA 111 -72.20 -92.37 -26.24
N GLU JA 112 -71.83 -93.64 -26.44
CA GLU JA 112 -72.83 -94.70 -26.51
C GLU JA 112 -73.47 -94.96 -25.15
N ARG JA 113 -72.67 -94.94 -24.08
CA ARG JA 113 -73.20 -95.13 -22.74
C ARG JA 113 -74.06 -93.93 -22.31
N ALA JA 114 -73.67 -92.72 -22.70
CA ALA JA 114 -74.48 -91.55 -22.36
C ALA JA 114 -75.77 -91.50 -23.18
N ALA JA 115 -75.75 -92.06 -24.40
CA ALA JA 115 -76.98 -92.16 -25.17
C ALA JA 115 -77.91 -93.21 -24.57
N GLN JA 116 -77.34 -94.27 -23.99
CA GLN JA 116 -78.16 -95.22 -23.25
C GLN JA 116 -78.74 -94.59 -21.98
N LEU JA 117 -77.93 -93.80 -21.27
CA LEU JA 117 -78.36 -93.20 -20.01
C LEU JA 117 -79.07 -91.88 -20.20
N ALA JA 118 -79.33 -91.46 -21.44
CA ALA JA 118 -80.03 -90.22 -21.82
C ALA JA 118 -79.34 -88.98 -21.27
N ILE JA 119 -78.01 -88.99 -21.24
CA ILE JA 119 -77.22 -87.86 -20.75
C ILE JA 119 -76.71 -87.08 -21.95
N ARG JA 120 -76.93 -85.75 -21.93
CA ARG JA 120 -76.46 -84.91 -23.01
C ARG JA 120 -74.94 -84.69 -22.90
N VAL JA 121 -74.25 -84.91 -24.01
CA VAL JA 121 -72.80 -84.67 -24.11
C VAL JA 121 -72.60 -83.35 -24.85
N THR JA 122 -71.76 -82.48 -24.29
CA THR JA 122 -71.50 -81.19 -24.91
C THR JA 122 -70.70 -81.32 -26.21
N ASN JA 123 -69.91 -82.39 -26.33
CA ASN JA 123 -69.15 -82.67 -27.55
C ASN JA 123 -69.41 -84.11 -28.01
N PRO JA 124 -70.58 -84.38 -28.61
CA PRO JA 124 -70.89 -85.74 -29.04
C PRO JA 124 -70.16 -86.17 -30.30
N ASN JA 125 -69.56 -85.25 -31.03
CA ASN JA 125 -68.88 -85.50 -32.30
C ASN JA 125 -67.44 -85.00 -32.22
N ALA JA 126 -66.76 -85.39 -31.13
CA ALA JA 126 -65.46 -84.83 -30.76
C ALA JA 126 -64.33 -85.26 -31.68
N ARG JA 127 -64.29 -86.51 -32.13
CA ARG JA 127 -63.24 -86.93 -33.05
C ARG JA 127 -63.80 -87.39 -34.38
N LEU JA 128 -64.75 -88.32 -34.33
CA LEU JA 128 -65.34 -89.02 -35.49
C LEU JA 128 -64.29 -89.65 -36.40
N SER KA 1 -103.66 -45.93 -48.59
CA SER KA 1 -102.74 -45.60 -49.68
C SER KA 1 -102.00 -44.30 -49.39
N GLY KA 2 -101.59 -44.13 -48.14
CA GLY KA 2 -100.87 -42.95 -47.74
C GLY KA 2 -100.03 -43.22 -46.51
N ARG KA 3 -99.58 -42.13 -45.88
CA ARG KA 3 -98.74 -42.23 -44.70
C ARG KA 3 -99.60 -42.50 -43.46
N LEU KA 4 -99.24 -43.51 -42.69
CA LEU KA 4 -99.95 -43.87 -41.47
C LEU KA 4 -99.03 -43.78 -40.25
N TRP KA 5 -98.11 -42.82 -40.28
CA TRP KA 5 -97.18 -42.59 -39.19
C TRP KA 5 -96.82 -41.12 -39.14
N CYS KA 6 -96.62 -40.60 -37.94
CA CYS KA 6 -96.32 -39.19 -37.76
C CYS KA 6 -94.82 -38.96 -37.85
N LYS KA 7 -94.44 -37.78 -38.34
CA LYS KA 7 -93.04 -37.47 -38.58
C LYS KA 7 -92.36 -37.09 -37.27
N ALA KA 8 -91.28 -37.79 -36.93
CA ALA KA 8 -90.52 -37.52 -35.71
C ALA KA 8 -89.03 -37.67 -36.00
N ILE KA 9 -88.26 -36.69 -35.55
CA ILE KA 9 -86.82 -36.65 -35.76
C ILE KA 9 -86.12 -37.00 -34.46
N PHE KA 10 -85.24 -37.99 -34.52
CA PHE KA 10 -84.46 -38.42 -33.36
C PHE KA 10 -83.34 -37.43 -33.10
N ALA KA 11 -83.47 -36.68 -32.01
CA ALA KA 11 -82.48 -35.66 -31.69
C ALA KA 11 -81.24 -36.28 -31.04
N GLY KA 12 -81.42 -36.92 -29.90
CA GLY KA 12 -80.29 -37.51 -29.19
C GLY KA 12 -80.77 -38.37 -28.05
N TYR KA 13 -79.84 -38.69 -27.16
CA TYR KA 13 -80.14 -39.56 -26.03
C TYR KA 13 -80.46 -38.73 -24.78
N LYS KA 14 -80.94 -39.42 -23.75
CA LYS KA 14 -81.08 -38.80 -22.43
C LYS KA 14 -79.69 -38.50 -21.88
N ARG KA 15 -79.34 -37.23 -21.77
CA ARG KA 15 -77.97 -36.90 -21.49
C ARG KA 15 -77.86 -35.71 -20.55
N GLY KA 16 -76.80 -35.70 -19.75
CA GLY KA 16 -76.36 -34.51 -19.05
C GLY KA 16 -75.34 -33.76 -19.87
N LEU KA 17 -74.61 -32.86 -19.20
CA LEU KA 17 -73.60 -32.10 -19.91
C LEU KA 17 -72.38 -32.95 -20.24
N ARG KA 18 -72.00 -33.87 -19.34
CA ARG KA 18 -70.82 -34.70 -19.52
C ARG KA 18 -71.14 -36.18 -19.33
N ASN KA 19 -72.42 -36.55 -19.42
CA ASN KA 19 -72.85 -37.94 -19.34
C ASN KA 19 -74.05 -38.12 -20.24
N GLN KA 20 -74.18 -39.31 -20.83
CA GLN KA 20 -75.40 -39.68 -21.55
C GLN KA 20 -75.89 -41.03 -21.07
N ARG KA 21 -77.20 -41.16 -20.96
CA ARG KA 21 -77.88 -42.40 -20.63
C ARG KA 21 -78.57 -42.85 -21.93
N GLU KA 22 -77.86 -43.69 -22.68
CA GLU KA 22 -78.24 -44.08 -24.03
C GLU KA 22 -79.39 -45.08 -24.07
N HIS KA 23 -79.91 -45.53 -22.91
CA HIS KA 23 -81.06 -46.43 -22.94
C HIS KA 23 -82.37 -45.67 -23.16
N THR KA 24 -82.41 -44.40 -22.78
CA THR KA 24 -83.57 -43.55 -23.02
C THR KA 24 -83.27 -42.59 -24.16
N ALA KA 25 -84.17 -42.54 -25.15
CA ALA KA 25 -83.97 -41.75 -26.35
C ALA KA 25 -84.88 -40.53 -26.32
N LEU KA 26 -84.37 -39.41 -26.82
CA LEU KA 26 -85.15 -38.18 -26.92
C LEU KA 26 -85.66 -38.04 -28.34
N LEU KA 27 -86.96 -37.83 -28.47
CA LEU KA 27 -87.67 -37.81 -29.74
C LEU KA 27 -88.37 -36.48 -29.93
N LYS KA 28 -88.27 -35.93 -31.14
CA LYS KA 28 -88.85 -34.64 -31.49
C LYS KA 28 -89.91 -34.86 -32.56
N ILE KA 29 -91.16 -34.95 -32.15
CA ILE KA 29 -92.26 -35.18 -33.08
C ILE KA 29 -92.63 -33.87 -33.74
N GLU KA 30 -92.77 -33.88 -35.06
CA GLU KA 30 -93.03 -32.65 -35.81
C GLU KA 30 -94.46 -32.18 -35.60
N GLY KA 31 -94.62 -30.87 -35.40
CA GLY KA 31 -95.94 -30.29 -35.26
C GLY KA 31 -96.40 -30.09 -33.84
N VAL KA 32 -95.75 -30.73 -32.88
CA VAL KA 32 -96.14 -30.61 -31.48
C VAL KA 32 -94.99 -30.03 -30.65
N TYR KA 33 -95.23 -28.87 -30.05
CA TYR KA 33 -94.20 -28.16 -29.30
C TYR KA 33 -94.77 -27.60 -28.00
N ALA KA 34 -95.56 -28.41 -27.30
CA ALA KA 34 -96.17 -28.00 -26.04
C ALA KA 34 -96.44 -29.23 -25.21
N ARG KA 35 -96.40 -29.05 -23.88
CA ARG KA 35 -96.67 -30.17 -22.98
C ARG KA 35 -98.14 -30.54 -22.97
N ASP KA 36 -99.03 -29.58 -23.22
CA ASP KA 36 -100.45 -29.90 -23.32
C ASP KA 36 -100.77 -30.60 -24.63
N GLU KA 37 -99.89 -30.46 -25.63
CA GLU KA 37 -100.15 -31.07 -26.93
C GLU KA 37 -99.43 -32.39 -27.09
N THR KA 38 -98.38 -32.65 -26.30
CA THR KA 38 -97.66 -33.91 -26.39
C THR KA 38 -98.33 -35.04 -25.61
N GLU KA 39 -99.49 -34.79 -24.99
CA GLU KA 39 -100.17 -35.83 -24.22
C GLU KA 39 -100.82 -36.87 -25.12
N PHE KA 40 -100.96 -36.57 -26.41
CA PHE KA 40 -101.56 -37.53 -27.35
C PHE KA 40 -100.62 -38.70 -27.61
N TYR KA 41 -99.33 -38.41 -27.80
CA TYR KA 41 -98.38 -39.42 -28.25
C TYR KA 41 -97.85 -40.30 -27.11
N LEU KA 42 -98.34 -40.12 -25.89
CA LEU KA 42 -97.86 -40.89 -24.76
C LEU KA 42 -98.36 -42.33 -24.84
N GLY KA 43 -97.44 -43.26 -25.06
CA GLY KA 43 -97.77 -44.66 -25.17
C GLY KA 43 -97.74 -45.22 -26.57
N LYS KA 44 -97.44 -44.41 -27.57
CA LYS KA 44 -97.39 -44.88 -28.94
C LYS KA 44 -96.12 -45.71 -29.18
N ARG KA 45 -96.17 -46.54 -30.21
CA ARG KA 45 -95.05 -47.39 -30.60
C ARG KA 45 -94.28 -46.70 -31.71
N CYS KA 46 -92.96 -46.70 -31.60
CA CYS KA 46 -92.10 -46.03 -32.57
C CYS KA 46 -90.91 -46.91 -32.94
N ALA KA 47 -90.36 -46.64 -34.13
CA ALA KA 47 -89.33 -47.51 -34.70
C ALA KA 47 -88.45 -46.71 -35.65
N TYR KA 48 -87.16 -46.98 -35.63
CA TYR KA 48 -86.22 -46.43 -36.61
C TYR KA 48 -86.10 -47.41 -37.77
N VAL KA 49 -86.61 -47.01 -38.93
CA VAL KA 49 -86.59 -47.83 -40.13
C VAL KA 49 -85.30 -47.55 -40.88
N TYR KA 50 -84.55 -48.61 -41.19
CA TYR KA 50 -83.31 -48.50 -41.93
C TYR KA 50 -83.14 -49.74 -42.77
N LYS KA 51 -82.39 -49.61 -43.85
CA LYS KA 51 -82.12 -50.74 -44.74
C LYS KA 51 -80.63 -51.05 -44.74
N ALA KA 52 -80.31 -52.33 -44.82
CA ALA KA 52 -78.95 -52.83 -44.69
C ALA KA 52 -78.56 -53.63 -45.93
N LYS KA 53 -77.40 -54.27 -45.85
CA LYS KA 53 -76.86 -55.02 -46.99
C LYS KA 53 -77.58 -56.35 -47.15
N ASN KA 54 -77.53 -57.20 -46.13
CA ASN KA 54 -78.08 -58.54 -46.23
C ASN KA 54 -79.59 -58.54 -46.09
N ASN KA 55 -80.23 -59.57 -46.65
CA ASN KA 55 -81.68 -59.69 -46.60
C ASN KA 55 -82.13 -60.29 -45.27
N THR KA 56 -83.20 -59.72 -44.73
CA THR KA 56 -83.84 -60.26 -43.53
C THR KA 56 -85.30 -60.55 -43.84
N VAL KA 57 -85.90 -61.42 -43.04
CA VAL KA 57 -87.28 -61.85 -43.29
C VAL KA 57 -88.25 -60.73 -42.94
N THR KA 58 -89.40 -60.76 -43.60
CA THR KA 58 -90.45 -59.77 -43.40
C THR KA 58 -91.77 -60.48 -43.17
N PRO KA 59 -92.49 -60.19 -42.09
CA PRO KA 59 -93.80 -60.83 -41.87
C PRO KA 59 -94.85 -60.30 -42.84
N GLY KA 60 -95.42 -61.21 -43.63
CA GLY KA 60 -96.41 -60.83 -44.61
C GLY KA 60 -95.82 -60.34 -45.91
N GLY KA 61 -94.84 -61.07 -46.44
CA GLY KA 61 -94.24 -60.69 -47.70
C GLY KA 61 -92.87 -61.32 -47.86
N LYS KA 62 -92.25 -61.00 -48.98
CA LYS KA 62 -90.93 -61.48 -49.34
C LYS KA 62 -89.87 -60.81 -48.48
N PRO KA 63 -88.71 -61.46 -48.28
CA PRO KA 63 -87.63 -60.83 -47.52
C PRO KA 63 -87.04 -59.62 -48.24
N ASN KA 64 -86.82 -58.55 -47.48
CA ASN KA 64 -86.27 -57.31 -48.00
C ASN KA 64 -85.06 -56.91 -47.17
N LYS KA 65 -84.45 -55.77 -47.55
CA LYS KA 65 -83.26 -55.30 -46.85
C LYS KA 65 -83.59 -54.39 -45.67
N THR KA 66 -84.85 -54.00 -45.50
CA THR KA 66 -85.20 -53.05 -44.45
C THR KA 66 -85.21 -53.73 -43.08
N ARG KA 67 -84.82 -52.96 -42.06
CA ARG KA 67 -84.76 -53.43 -40.69
C ARG KA 67 -85.33 -52.35 -39.77
N VAL KA 68 -85.74 -52.73 -38.57
CA VAL KA 68 -86.31 -51.81 -37.61
C VAL KA 68 -85.78 -52.13 -36.22
N ILE KA 69 -85.97 -51.17 -35.30
CA ILE KA 69 -85.79 -51.36 -33.87
C ILE KA 69 -87.05 -50.80 -33.22
N TRP KA 70 -87.93 -51.68 -32.76
CA TRP KA 70 -89.21 -51.24 -32.23
C TRP KA 70 -89.04 -50.62 -30.83
N GLY KA 71 -90.06 -49.92 -30.40
CA GLY KA 71 -90.02 -49.24 -29.12
C GLY KA 71 -91.35 -48.79 -28.57
N LYS KA 72 -91.31 -47.80 -27.69
CA LYS KA 72 -92.47 -47.41 -26.91
C LYS KA 72 -92.22 -46.00 -26.38
N VAL KA 73 -93.14 -45.08 -26.66
CA VAL KA 73 -93.02 -43.70 -26.20
C VAL KA 73 -93.42 -43.66 -24.73
N THR KA 74 -92.47 -43.35 -23.86
CA THR KA 74 -92.71 -43.46 -22.41
C THR KA 74 -93.39 -42.22 -21.85
N ARG KA 75 -92.71 -41.07 -21.89
CA ARG KA 75 -93.23 -39.88 -21.24
C ARG KA 75 -92.62 -38.64 -21.90
N ALA KA 76 -93.19 -37.48 -21.57
CA ALA KA 76 -92.77 -36.23 -22.17
C ALA KA 76 -91.41 -35.80 -21.64
N HIS KA 77 -90.80 -34.83 -22.35
CA HIS KA 77 -89.48 -34.31 -22.02
C HIS KA 77 -89.46 -32.82 -22.27
N GLY KA 78 -89.03 -32.06 -21.26
CA GLY KA 78 -88.91 -30.63 -21.44
C GLY KA 78 -90.26 -29.92 -21.47
N ASN KA 79 -90.26 -28.78 -22.15
CA ASN KA 79 -91.46 -27.95 -22.27
C ASN KA 79 -91.81 -27.67 -23.73
N SER KA 80 -90.94 -28.01 -24.67
CA SER KA 80 -91.10 -27.65 -26.08
C SER KA 80 -91.48 -28.86 -26.94
N GLY KA 81 -92.26 -29.78 -26.40
CA GLY KA 81 -92.79 -30.88 -27.19
C GLY KA 81 -91.81 -32.00 -27.47
N MET KA 82 -90.68 -32.05 -26.77
CA MET KA 82 -89.81 -33.21 -26.83
C MET KA 82 -90.44 -34.32 -26.02
N VAL KA 83 -90.08 -35.57 -26.31
CA VAL KA 83 -90.71 -36.71 -25.65
C VAL KA 83 -89.65 -37.80 -25.51
N ARG KA 84 -89.91 -38.77 -24.63
CA ARG KA 84 -88.93 -39.82 -24.41
C ARG KA 84 -89.41 -41.14 -25.03
N ALA KA 85 -88.46 -42.06 -25.19
CA ALA KA 85 -88.80 -43.41 -25.65
C ALA KA 85 -87.79 -44.39 -25.07
N LYS KA 86 -88.26 -45.57 -24.69
CA LYS KA 86 -87.40 -46.68 -24.29
C LYS KA 86 -87.49 -47.75 -25.37
N PHE KA 87 -86.34 -48.13 -25.92
CA PHE KA 87 -86.32 -49.17 -26.94
C PHE KA 87 -85.76 -50.46 -26.36
N ARG KA 88 -85.96 -51.56 -27.08
CA ARG KA 88 -85.44 -52.86 -26.61
C ARG KA 88 -83.96 -52.99 -26.91
N SER KA 89 -83.56 -52.71 -28.14
CA SER KA 89 -82.16 -52.50 -28.48
C SER KA 89 -81.90 -51.00 -28.59
N ASN KA 90 -80.75 -50.56 -28.11
CA ASN KA 90 -80.43 -49.13 -28.12
C ASN KA 90 -80.18 -48.67 -29.54
N LEU KA 91 -80.49 -47.38 -29.79
CA LEU KA 91 -80.29 -46.84 -31.12
C LEU KA 91 -78.81 -46.59 -31.38
N PRO KA 92 -78.35 -46.78 -32.61
CA PRO KA 92 -77.02 -46.31 -32.97
C PRO KA 92 -77.03 -44.80 -33.10
N ALA KA 93 -75.85 -44.21 -32.92
CA ALA KA 93 -75.74 -42.77 -33.11
C ALA KA 93 -75.48 -42.40 -34.56
N LYS KA 94 -75.56 -43.38 -35.47
CA LYS KA 94 -75.67 -43.07 -36.90
C LYS KA 94 -76.99 -42.40 -37.21
N ALA KA 95 -78.03 -42.69 -36.42
CA ALA KA 95 -79.38 -42.18 -36.62
C ALA KA 95 -79.61 -40.80 -36.00
N ILE KA 96 -78.55 -40.08 -35.59
CA ILE KA 96 -78.70 -38.74 -35.04
C ILE KA 96 -79.20 -37.79 -36.12
N GLY KA 97 -80.37 -37.20 -35.90
CA GLY KA 97 -80.94 -36.27 -36.85
C GLY KA 97 -81.53 -36.95 -38.06
N HIS KA 98 -82.15 -38.12 -37.86
CA HIS KA 98 -82.79 -38.85 -38.94
C HIS KA 98 -84.22 -39.19 -38.55
N ARG KA 99 -84.99 -39.62 -39.53
CA ARG KA 99 -86.41 -39.87 -39.34
C ARG KA 99 -86.64 -41.23 -38.71
N ILE KA 100 -87.49 -41.26 -37.70
CA ILE KA 100 -88.08 -42.50 -37.22
C ILE KA 100 -89.59 -42.35 -37.35
N ARG KA 101 -90.30 -43.47 -37.22
CA ARG KA 101 -91.75 -43.48 -37.36
C ARG KA 101 -92.35 -43.66 -35.97
N VAL KA 102 -93.07 -42.65 -35.49
CA VAL KA 102 -93.99 -42.85 -34.38
C VAL KA 102 -95.34 -43.22 -34.96
N MET KA 103 -96.09 -44.07 -34.25
CA MET KA 103 -97.29 -44.62 -34.84
C MET KA 103 -98.54 -44.08 -34.14
N LEU KA 104 -99.70 -44.55 -34.59
CA LEU KA 104 -100.97 -44.15 -34.03
C LEU KA 104 -101.78 -45.33 -33.47
N TYR KA 105 -101.56 -46.54 -33.98
CA TYR KA 105 -102.34 -47.72 -33.60
C TYR KA 105 -102.22 -48.17 -32.13
N PRO KA 106 -101.20 -47.79 -31.33
CA PRO KA 106 -101.42 -47.84 -29.87
C PRO KA 106 -102.29 -46.71 -29.39
N SER KA 107 -103.59 -46.75 -29.72
CA SER KA 107 -104.44 -45.58 -29.60
C SER KA 107 -105.20 -45.57 -28.28
N ARG KA 108 -105.59 -44.37 -27.86
CA ARG KA 108 -106.33 -44.12 -26.62
C ARG KA 108 -107.55 -43.26 -26.92
N ILE KA 109 -108.16 -43.48 -28.08
CA ILE KA 109 -109.22 -42.62 -28.56
C ILE KA 109 -110.57 -43.33 -28.47
N VAL LA 1 23.98 -44.50 -60.52
CA VAL LA 1 24.81 -44.67 -59.32
C VAL LA 1 24.32 -45.85 -58.50
N GLN LA 2 25.21 -46.81 -58.29
CA GLN LA 2 24.89 -48.07 -57.63
C GLN LA 2 24.88 -47.85 -56.12
N ARG LA 3 23.69 -47.71 -55.55
CA ARG LA 3 23.54 -47.76 -54.11
C ARG LA 3 23.57 -49.21 -53.63
N LEU LA 4 24.26 -49.44 -52.52
CA LEU LA 4 24.62 -50.79 -52.12
C LEU LA 4 24.52 -50.93 -50.61
N THR LA 5 24.25 -52.16 -50.17
CA THR LA 5 23.83 -52.48 -48.83
C THR LA 5 24.92 -53.24 -48.08
N TYR LA 6 24.69 -53.47 -46.79
CA TYR LA 6 25.59 -54.30 -45.99
C TYR LA 6 25.47 -55.77 -46.38
N ARG LA 7 26.43 -56.56 -45.90
CA ARG LA 7 26.39 -58.01 -46.02
C ARG LA 7 26.34 -58.68 -44.66
N ARG LA 8 26.00 -57.94 -43.61
CA ARG LA 8 25.86 -58.45 -42.25
C ARG LA 8 24.45 -58.16 -41.76
N ARG LA 9 24.20 -58.56 -40.51
CA ARG LA 9 22.97 -58.17 -39.85
C ARG LA 9 23.17 -57.02 -38.87
N LEU LA 10 24.41 -56.57 -38.69
CA LEU LA 10 24.69 -55.39 -37.88
C LEU LA 10 24.51 -54.17 -38.77
N SER LA 11 23.38 -53.46 -38.61
CA SER LA 11 23.05 -52.40 -39.54
C SER LA 11 23.58 -51.04 -39.09
N TYR LA 12 24.27 -50.99 -37.96
CA TYR LA 12 24.69 -49.72 -37.39
C TYR LA 12 26.14 -49.41 -37.78
N ASN LA 13 26.48 -48.13 -37.81
CA ASN LA 13 27.81 -47.69 -38.23
C ASN LA 13 28.72 -47.69 -37.01
N THR LA 14 29.07 -48.87 -36.52
CA THR LA 14 29.84 -49.03 -35.30
C THR LA 14 31.30 -49.21 -35.70
N ALA LA 15 32.20 -49.14 -34.70
CA ALA LA 15 33.63 -49.29 -34.97
C ALA LA 15 33.99 -50.70 -35.44
N SER LA 16 33.15 -51.69 -35.10
CA SER LA 16 33.34 -53.03 -35.62
C SER LA 16 32.97 -53.10 -37.10
N ASN LA 17 31.96 -52.35 -37.51
CA ASN LA 17 31.46 -52.38 -38.89
C ASN LA 17 32.05 -51.25 -39.73
N LYS LA 18 33.37 -51.20 -39.84
CA LYS LA 18 34.01 -50.22 -40.71
C LYS LA 18 34.26 -50.82 -42.09
N THR LA 19 33.90 -50.05 -43.12
CA THR LA 19 33.81 -50.58 -44.48
C THR LA 19 34.77 -49.83 -45.39
N ARG LA 20 34.93 -50.36 -46.60
CA ARG LA 20 35.53 -49.65 -47.71
C ARG LA 20 34.82 -50.10 -48.98
N LEU LA 21 34.91 -49.28 -50.03
CA LEU LA 21 34.27 -49.60 -51.29
C LEU LA 21 35.28 -50.27 -52.22
N SER LA 22 34.82 -51.28 -52.96
CA SER LA 22 35.71 -52.02 -53.84
C SER LA 22 34.93 -52.53 -55.04
N ARG LA 23 35.59 -52.57 -56.20
CA ARG LA 23 34.95 -53.04 -57.42
C ARG LA 23 35.34 -54.48 -57.69
N THR LA 24 34.32 -55.30 -57.98
CA THR LA 24 34.51 -56.72 -58.27
C THR LA 24 34.88 -56.90 -59.74
N PRO LA 25 35.41 -58.06 -60.12
CA PRO LA 25 35.54 -58.34 -61.56
C PRO LA 25 34.22 -58.61 -62.26
N GLY LA 26 33.12 -58.74 -61.53
CA GLY LA 26 31.80 -58.74 -62.11
C GLY LA 26 31.22 -57.37 -62.38
N ASN LA 27 32.05 -56.33 -62.30
CA ASN LA 27 31.74 -54.93 -62.58
C ASN LA 27 30.60 -54.41 -61.70
N ARG LA 28 30.79 -54.49 -60.38
CA ARG LA 28 29.84 -53.89 -59.45
C ARG LA 28 30.60 -53.49 -58.19
N ILE LA 29 30.09 -52.46 -57.51
CA ILE LA 29 30.75 -51.93 -56.32
C ILE LA 29 30.14 -52.60 -55.09
N VAL LA 30 30.98 -52.93 -54.10
CA VAL LA 30 30.51 -53.65 -52.93
C VAL LA 30 31.40 -53.26 -51.75
N TYR LA 31 30.91 -53.50 -50.54
CA TYR LA 31 31.73 -53.26 -49.36
C TYR LA 31 32.74 -54.39 -49.17
N LEU LA 32 33.94 -54.01 -48.73
CA LEU LA 32 34.87 -54.92 -48.06
C LEU LA 32 35.09 -54.41 -46.66
N TYR LA 33 34.93 -55.29 -45.68
CA TYR LA 33 34.93 -54.90 -44.27
C TYR LA 33 36.37 -54.80 -43.79
N THR LA 34 36.79 -53.58 -43.47
CA THR LA 34 38.18 -53.32 -43.13
C THR LA 34 38.52 -53.86 -41.76
N LYS LA 35 39.77 -54.31 -41.61
CA LYS LA 35 40.29 -54.65 -40.31
C LYS LA 35 40.57 -53.38 -39.52
N LYS LA 36 40.43 -53.48 -38.21
CA LYS LA 36 40.67 -52.34 -37.34
C LYS LA 36 42.17 -52.02 -37.30
N VAL LA 37 42.47 -50.72 -37.23
CA VAL LA 37 43.83 -50.22 -37.42
C VAL LA 37 44.61 -50.46 -36.13
N GLY LA 38 45.59 -51.35 -36.19
CA GLY LA 38 46.46 -51.57 -35.05
C GLY LA 38 47.55 -50.51 -34.96
N LYS LA 39 48.13 -50.38 -33.77
CA LYS LA 39 49.13 -49.37 -33.50
C LYS LA 39 50.45 -50.00 -33.05
N ALA LA 40 51.52 -49.24 -33.26
CA ALA LA 40 52.85 -49.64 -32.86
C ALA LA 40 52.99 -49.63 -31.34
N PRO LA 41 53.90 -50.41 -30.77
CA PRO LA 41 54.04 -50.44 -29.30
C PRO LA 41 54.69 -49.17 -28.77
N LYS LA 42 54.29 -48.78 -27.56
CA LYS LA 42 54.84 -47.63 -26.86
C LYS LA 42 55.96 -48.10 -25.92
N SER LA 43 56.88 -47.18 -25.62
CA SER LA 43 58.06 -47.50 -24.83
C SER LA 43 57.71 -47.82 -23.38
N ALA LA 44 58.54 -48.69 -22.78
CA ALA LA 44 58.34 -49.08 -21.39
C ALA LA 44 58.70 -47.99 -20.41
N CYS LA 45 59.51 -47.01 -20.83
CA CYS LA 45 59.83 -45.88 -19.95
C CYS LA 45 58.61 -44.96 -19.79
N GLY LA 46 58.02 -44.55 -20.90
CA GLY LA 46 56.83 -43.71 -20.84
C GLY LA 46 57.11 -42.23 -20.83
N VAL LA 47 58.22 -41.79 -21.44
CA VAL LA 47 58.54 -40.37 -21.51
C VAL LA 47 58.49 -39.91 -22.95
N CYS LA 48 58.66 -40.85 -23.89
CA CYS LA 48 58.61 -40.50 -25.30
C CYS LA 48 57.18 -40.60 -25.81
N PRO LA 49 56.66 -39.55 -26.47
CA PRO LA 49 55.31 -39.67 -27.03
C PRO LA 49 55.26 -40.52 -28.29
N GLY LA 50 56.39 -40.65 -28.98
CA GLY LA 50 56.42 -41.43 -30.20
C GLY LA 50 56.41 -42.92 -29.93
N ARG LA 51 56.07 -43.68 -30.95
CA ARG LA 51 56.01 -45.13 -30.86
C ARG LA 51 57.26 -45.75 -31.47
N LEU LA 52 57.46 -47.04 -31.19
CA LEU LA 52 58.68 -47.72 -31.60
C LEU LA 52 58.65 -48.05 -33.09
N ARG LA 53 59.83 -48.31 -33.63
CA ARG LA 53 60.01 -48.54 -35.06
C ARG LA 53 60.62 -49.91 -35.30
N GLY LA 54 60.40 -50.43 -36.51
CA GLY LA 54 60.82 -51.77 -36.83
C GLY LA 54 59.87 -52.84 -36.36
N VAL LA 55 58.70 -52.45 -35.84
CA VAL LA 55 57.69 -53.38 -35.36
C VAL LA 55 56.41 -53.11 -36.14
N ARG LA 56 55.79 -54.17 -36.66
CA ARG LA 56 54.59 -54.05 -37.47
C ARG LA 56 53.42 -53.61 -36.61
N ALA LA 57 52.85 -52.45 -36.94
CA ALA LA 57 51.67 -51.94 -36.23
C ALA LA 57 50.43 -52.69 -36.65
N VAL LA 58 49.98 -53.65 -35.84
CA VAL LA 58 48.82 -54.47 -36.15
C VAL LA 58 48.21 -54.92 -34.83
N ARG LA 59 46.94 -55.35 -34.90
CA ARG LA 59 46.11 -55.86 -33.81
C ARG LA 59 46.80 -57.01 -33.08
N PRO LA 60 46.57 -57.20 -31.77
CA PRO LA 60 47.53 -58.00 -30.98
C PRO LA 60 47.45 -59.50 -31.22
N LYS LA 61 46.28 -60.04 -31.57
CA LYS LA 61 46.18 -61.48 -31.77
C LYS LA 61 46.73 -61.91 -33.12
N VAL LA 62 46.98 -60.95 -34.02
CA VAL LA 62 47.73 -61.20 -35.25
C VAL LA 62 49.19 -61.55 -34.96
N LEU LA 63 49.73 -61.11 -33.82
CA LEU LA 63 51.14 -61.31 -33.52
C LEU LA 63 51.52 -62.75 -33.21
N MET LA 64 50.56 -63.68 -33.15
CA MET LA 64 50.90 -65.09 -33.18
C MET LA 64 51.39 -65.50 -34.56
N ARG LA 65 50.92 -64.81 -35.60
CA ARG LA 65 51.24 -65.22 -36.97
C ARG LA 65 52.56 -64.62 -37.43
N LEU LA 66 52.94 -63.48 -36.86
CA LEU LA 66 54.17 -62.81 -37.27
C LEU LA 66 55.39 -63.59 -36.80
N SER LA 67 56.49 -63.44 -37.53
CA SER LA 67 57.74 -64.08 -37.18
C SER LA 67 58.40 -63.36 -36.00
N LYS LA 68 59.55 -63.88 -35.57
CA LYS LA 68 60.21 -63.31 -34.40
C LYS LA 68 60.82 -61.94 -34.72
N THR LA 69 61.45 -61.82 -35.89
CA THR LA 69 62.11 -60.56 -36.24
C THR LA 69 61.12 -59.46 -36.60
N LYS LA 70 59.88 -59.83 -36.93
CA LYS LA 70 58.87 -58.84 -37.30
C LYS LA 70 58.32 -58.13 -36.07
N LYS LA 71 58.47 -58.70 -34.89
CA LYS LA 71 57.81 -58.18 -33.70
C LYS LA 71 58.74 -57.38 -32.78
N HIS LA 72 60.06 -57.51 -32.95
CA HIS LA 72 60.99 -56.71 -32.18
C HIS LA 72 62.13 -56.25 -33.09
N VAL LA 73 63.14 -55.65 -32.48
CA VAL LA 73 64.35 -55.24 -33.18
C VAL LA 73 65.54 -55.88 -32.48
N SER LA 74 66.59 -56.17 -33.24
CA SER LA 74 67.75 -56.86 -32.69
C SER LA 74 68.61 -55.92 -31.87
N ARG LA 75 68.21 -55.69 -30.63
CA ARG LA 75 68.89 -54.77 -29.72
C ARG LA 75 68.44 -55.14 -28.30
N ALA LA 76 69.26 -54.76 -27.32
CA ALA LA 76 68.82 -54.81 -25.93
C ALA LA 76 67.61 -53.89 -25.76
N TYR LA 77 66.61 -54.38 -25.01
CA TYR LA 77 65.27 -53.79 -24.91
C TYR LA 77 64.64 -53.62 -26.30
N GLY LA 78 64.84 -54.62 -27.16
CA GLY LA 78 64.35 -54.56 -28.51
C GLY LA 78 62.86 -54.79 -28.62
N GLY LA 79 62.14 -53.84 -29.20
CA GLY LA 79 60.70 -53.94 -29.29
C GLY LA 79 59.95 -53.55 -28.03
N SER LA 80 60.66 -53.14 -26.98
CA SER LA 80 60.07 -52.70 -25.73
C SER LA 80 60.38 -51.25 -25.39
N MET LA 81 61.60 -50.81 -25.69
CA MET LA 81 62.06 -49.47 -25.34
C MET LA 81 62.84 -48.87 -26.51
N CYS LA 82 62.69 -47.57 -26.71
CA CYS LA 82 63.37 -46.87 -27.78
C CYS LA 82 64.85 -46.68 -27.45
N ALA LA 83 65.65 -46.51 -28.50
CA ALA LA 83 67.11 -46.59 -28.39
C ALA LA 83 67.70 -45.41 -27.63
N LYS LA 84 67.05 -44.24 -27.69
CA LYS LA 84 67.52 -43.07 -26.93
C LYS LA 84 67.38 -43.31 -25.43
N CYS LA 85 66.23 -43.83 -25.00
CA CYS LA 85 66.06 -44.14 -23.59
C CYS LA 85 66.89 -45.36 -23.18
N VAL LA 86 67.17 -46.27 -24.11
CA VAL LA 86 68.08 -47.39 -23.82
C VAL LA 86 69.49 -46.89 -23.53
N ARG LA 87 70.02 -46.01 -24.39
CA ARG LA 87 71.38 -45.54 -24.17
C ARG LA 87 71.47 -44.59 -22.98
N ASP LA 88 70.40 -43.84 -22.70
CA ASP LA 88 70.37 -43.04 -21.48
C ASP LA 88 70.29 -43.91 -20.23
N ARG LA 89 69.59 -45.03 -20.30
CA ARG LA 89 69.51 -45.94 -19.17
C ARG LA 89 70.84 -46.66 -18.95
N ILE LA 90 71.57 -46.93 -20.03
CA ILE LA 90 72.93 -47.50 -19.93
C ILE LA 90 73.87 -46.48 -19.28
N LYS LA 91 73.79 -45.21 -19.71
CA LYS LA 91 74.58 -44.14 -19.10
C LYS LA 91 74.28 -43.99 -17.62
N ARG LA 92 73.00 -44.05 -17.25
CA ARG LA 92 72.63 -43.90 -15.84
C ARG LA 92 73.08 -45.11 -15.01
N ALA LA 93 72.93 -46.31 -15.55
CA ALA LA 93 73.35 -47.52 -14.84
C ALA LA 93 74.87 -47.58 -14.67
N PHE LA 94 75.59 -46.94 -15.57
CA PHE LA 94 77.04 -46.81 -15.39
C PHE LA 94 77.37 -45.74 -14.34
N LEU LA 95 76.74 -44.57 -14.44
CA LEU LA 95 77.20 -43.43 -13.65
C LEU LA 95 76.75 -43.49 -12.20
N ILE LA 96 75.60 -44.11 -11.90
CA ILE LA 96 75.21 -44.27 -10.50
C ILE LA 96 76.15 -45.27 -9.81
N GLU LA 97 76.57 -46.31 -10.53
CA GLU LA 97 77.52 -47.28 -9.98
C GLU LA 97 78.89 -46.64 -9.77
N GLU LA 98 79.32 -45.79 -10.71
CA GLU LA 98 80.59 -45.08 -10.53
C GLU LA 98 80.51 -44.09 -9.36
N GLN LA 99 79.34 -43.47 -9.15
CA GLN LA 99 79.16 -42.60 -8.00
C GLN LA 99 79.19 -43.39 -6.69
N LYS LA 100 78.66 -44.61 -6.71
CA LYS LA 100 78.75 -45.49 -5.54
C LYS LA 100 80.19 -45.89 -5.26
N ILE LA 101 80.99 -46.10 -6.31
CA ILE LA 101 82.42 -46.36 -6.14
C ILE LA 101 83.13 -45.15 -5.53
N VAL LA 102 82.77 -43.94 -5.98
CA VAL LA 102 83.37 -42.72 -5.44
C VAL LA 102 82.99 -42.53 -3.97
N VAL LA 103 81.74 -42.84 -3.62
CA VAL LA 103 81.29 -42.75 -2.23
C VAL LA 103 82.00 -43.81 -1.37
N LYS LA 104 82.25 -44.99 -1.92
CA LYS LA 104 82.99 -46.02 -1.18
C LYS LA 104 84.46 -45.61 -0.96
N VAL LA 105 85.07 -44.95 -1.95
CA VAL LA 105 86.44 -44.47 -1.80
C VAL LA 105 86.50 -43.34 -0.77
N LEU LA 106 85.50 -42.45 -0.77
CA LEU LA 106 85.45 -41.38 0.23
C LEU LA 106 85.18 -41.93 1.63
N LYS LA 107 84.42 -43.01 1.73
CA LYS LA 107 84.20 -43.66 3.03
C LYS LA 107 85.48 -44.34 3.52
N ALA LA 108 86.25 -44.94 2.61
CA ALA LA 108 87.54 -45.52 2.99
C ALA LA 108 88.52 -44.43 3.42
N GLN LA 109 88.49 -43.27 2.76
CA GLN LA 109 89.35 -42.17 3.17
C GLN LA 109 88.91 -41.57 4.50
N ALA LA 110 87.60 -41.56 4.77
CA ALA LA 110 87.10 -41.09 6.06
C ALA LA 110 87.51 -42.04 7.18
N GLN LA 111 87.51 -43.35 6.91
CA GLN LA 111 88.01 -44.30 7.89
C GLN LA 111 89.53 -44.23 8.02
N SER LA 112 90.23 -43.80 6.97
CA SER LA 112 91.68 -43.65 7.05
C SER LA 112 92.07 -42.44 7.88
N GLN LA 113 91.35 -41.31 7.70
CA GLN LA 113 91.60 -40.14 8.55
C GLN LA 113 91.13 -40.38 9.98
N LYS LA 114 89.88 -40.82 10.16
CA LYS LA 114 89.36 -41.08 11.50
C LYS LA 114 89.91 -42.39 12.05
N ALA MA 1 7.03 -113.65 -40.96
CA ALA MA 1 6.29 -114.48 -40.03
C ALA MA 1 5.83 -113.66 -38.82
N LYS MA 2 4.84 -114.18 -38.10
CA LYS MA 2 4.32 -113.52 -36.91
C LYS MA 2 5.31 -113.71 -35.77
N ILE MA 3 6.03 -112.65 -35.42
CA ILE MA 3 7.05 -112.70 -34.37
C ILE MA 3 6.34 -112.66 -33.02
N LYS MA 4 6.26 -113.81 -32.36
CA LYS MA 4 5.66 -113.90 -31.04
C LYS MA 4 6.74 -113.82 -29.98
N ALA MA 5 6.32 -113.53 -28.74
CA ALA MA 5 7.30 -113.35 -27.66
C ALA MA 5 7.66 -114.66 -26.98
N ARG MA 6 7.01 -115.77 -27.32
CA ARG MA 6 7.26 -117.03 -26.64
C ARG MA 6 8.58 -117.65 -27.10
N ASP MA 7 8.82 -117.67 -28.41
CA ASP MA 7 10.03 -118.31 -28.93
C ASP MA 7 11.24 -117.40 -28.88
N LEU MA 8 11.05 -116.12 -28.59
CA LEU MA 8 12.19 -115.20 -28.49
C LEU MA 8 12.95 -115.39 -27.19
N ARG MA 9 12.32 -116.00 -26.18
CA ARG MA 9 12.95 -116.11 -24.87
C ARG MA 9 13.97 -117.24 -24.83
N GLY MA 10 13.72 -118.32 -25.55
CA GLY MA 10 14.64 -119.45 -25.52
C GLY MA 10 15.87 -119.26 -26.39
N LYS MA 11 15.81 -118.32 -27.33
CA LYS MA 11 16.90 -118.15 -28.28
C LYS MA 11 18.07 -117.39 -27.66
N LYS MA 12 19.20 -117.42 -28.35
CA LYS MA 12 20.42 -116.79 -27.89
C LYS MA 12 20.35 -115.28 -28.14
N LYS MA 13 21.21 -114.53 -27.43
CA LYS MA 13 21.16 -113.07 -27.49
C LYS MA 13 21.63 -112.55 -28.84
N GLU MA 14 22.57 -113.26 -29.49
CA GLU MA 14 23.06 -112.81 -30.79
C GLU MA 14 22.03 -113.02 -31.88
N GLU MA 15 21.19 -114.06 -31.77
CA GLU MA 15 20.10 -114.25 -32.71
C GLU MA 15 19.04 -113.17 -32.52
N LEU MA 16 18.82 -112.74 -31.27
CA LEU MA 16 17.92 -111.63 -30.99
C LEU MA 16 18.45 -110.32 -31.59
N LEU MA 17 19.76 -110.10 -31.50
CA LEU MA 17 20.34 -108.90 -32.10
C LEU MA 17 20.28 -108.94 -33.63
N LYS MA 18 20.48 -110.11 -34.23
CA LYS MA 18 20.40 -110.22 -35.68
C LYS MA 18 18.97 -110.03 -36.18
N GLN MA 19 17.99 -110.59 -35.46
CA GLN MA 19 16.59 -110.37 -35.81
C GLN MA 19 16.18 -108.91 -35.59
N LEU MA 20 16.73 -108.27 -34.56
CA LEU MA 20 16.49 -106.84 -34.31
C LEU MA 20 17.04 -105.99 -35.45
N ASP MA 21 18.25 -106.31 -35.92
CA ASP MA 21 18.85 -105.55 -37.02
C ASP MA 21 18.09 -105.78 -38.32
N ASP MA 22 17.60 -107.00 -38.54
CA ASP MA 22 16.77 -107.28 -39.71
C ASP MA 22 15.46 -106.50 -39.67
N LEU MA 23 14.87 -106.38 -38.48
CA LEU MA 23 13.64 -105.60 -38.34
C LEU MA 23 13.91 -104.11 -38.48
N LYS MA 24 15.10 -103.65 -38.09
CA LYS MA 24 15.44 -102.23 -38.29
C LYS MA 24 15.63 -101.91 -39.77
N VAL MA 25 16.29 -102.81 -40.52
CA VAL MA 25 16.40 -102.66 -41.97
C VAL MA 25 15.02 -102.69 -42.62
N GLU MA 26 14.14 -103.57 -42.14
CA GLU MA 26 12.78 -103.66 -42.65
C GLU MA 26 11.98 -102.40 -42.35
N LEU MA 27 12.19 -101.78 -41.18
CA LEU MA 27 11.52 -100.53 -40.86
C LEU MA 27 12.02 -99.37 -41.72
N SER MA 28 13.34 -99.34 -41.95
CA SER MA 28 13.90 -98.27 -42.79
C SER MA 28 13.41 -98.37 -44.22
N GLN MA 29 13.30 -99.60 -44.75
CA GLN MA 29 12.81 -99.77 -46.11
C GLN MA 29 11.33 -99.39 -46.22
N LEU MA 30 10.54 -99.67 -45.18
CA LEU MA 30 9.13 -99.29 -45.23
C LEU MA 30 8.94 -97.79 -45.06
N ARG MA 31 9.83 -97.12 -44.31
CA ARG MA 31 9.76 -95.66 -44.26
C ARG MA 31 10.15 -95.03 -45.59
N VAL MA 32 11.16 -95.58 -46.26
CA VAL MA 32 11.52 -95.10 -47.60
C VAL MA 32 10.38 -95.33 -48.58
N ALA MA 33 9.70 -96.48 -48.47
CA ALA MA 33 8.55 -96.76 -49.34
C ALA MA 33 7.37 -95.85 -49.04
N LYS MA 34 7.19 -95.47 -47.77
CA LYS MA 34 6.13 -94.53 -47.41
C LYS MA 34 6.41 -93.15 -47.98
N VAL MA 35 7.66 -92.70 -47.93
CA VAL MA 35 7.96 -91.35 -48.38
C VAL MA 35 7.96 -91.27 -49.91
N THR MA 36 8.45 -92.33 -50.59
CA THR MA 36 8.34 -92.37 -52.05
C THR MA 36 6.89 -92.56 -52.50
N GLY MA 37 6.07 -93.18 -51.67
CA GLY MA 37 4.71 -93.49 -52.04
C GLY MA 37 4.57 -94.97 -52.31
N GLY MA 38 4.07 -95.72 -51.33
CA GLY MA 38 4.03 -97.16 -51.41
C GLY MA 38 2.62 -97.72 -51.27
N ALA MA 39 2.57 -99.02 -51.05
CA ALA MA 39 1.29 -99.71 -50.94
C ALA MA 39 0.72 -99.59 -49.53
N ALA MA 40 -0.61 -99.73 -49.44
CA ALA MA 40 -1.26 -99.75 -48.15
C ALA MA 40 -0.92 -101.00 -47.35
N SER MA 41 -0.52 -102.07 -48.05
CA SER MA 41 0.06 -103.23 -47.38
C SER MA 41 1.34 -102.86 -46.63
N LYS MA 42 2.21 -102.06 -47.24
CA LYS MA 42 3.41 -101.59 -46.54
C LYS MA 42 3.05 -100.60 -45.42
N LEU MA 43 2.03 -99.77 -45.67
CA LEU MA 43 1.60 -98.80 -44.66
C LEU MA 43 0.98 -99.48 -43.44
N SER MA 44 0.40 -100.66 -43.62
CA SER MA 44 -0.05 -101.44 -42.47
C SER MA 44 1.05 -102.33 -41.93
N LYS MA 45 2.07 -102.63 -42.75
CA LYS MA 45 3.16 -103.49 -42.33
C LYS MA 45 4.14 -102.78 -41.41
N ILE MA 46 4.24 -101.45 -41.53
CA ILE MA 46 5.19 -100.69 -40.71
C ILE MA 46 4.79 -100.73 -39.22
N ARG MA 47 3.49 -100.81 -38.93
CA ARG MA 47 3.05 -100.94 -37.54
C ARG MA 47 3.41 -102.30 -36.96
N VAL MA 48 3.29 -103.36 -37.79
CA VAL MA 48 3.68 -104.70 -37.39
C VAL MA 48 5.18 -104.76 -37.12
N VAL MA 49 5.98 -104.07 -37.94
CA VAL MA 49 7.42 -104.03 -37.75
C VAL MA 49 7.78 -103.29 -36.46
N ARG MA 50 7.09 -102.18 -36.17
CA ARG MA 50 7.34 -101.42 -34.94
C ARG MA 50 6.98 -102.24 -33.70
N LYS MA 51 5.85 -102.95 -33.73
CA LYS MA 51 5.48 -103.78 -32.58
C LYS MA 51 6.39 -104.99 -32.44
N SER MA 52 6.92 -105.52 -33.55
CA SER MA 52 7.88 -106.61 -33.46
C SER MA 52 9.21 -106.14 -32.86
N ILE MA 53 9.64 -104.93 -33.20
CA ILE MA 53 10.84 -104.35 -32.60
C ILE MA 53 10.64 -104.14 -31.10
N ALA MA 54 9.45 -103.67 -30.71
CA ALA MA 54 9.12 -103.51 -29.30
C ALA MA 54 9.14 -104.84 -28.56
N ARG MA 55 8.62 -105.90 -29.20
CA ARG MA 55 8.63 -107.23 -28.58
C ARG MA 55 10.05 -107.77 -28.43
N VAL MA 56 10.89 -107.62 -29.45
CA VAL MA 56 12.26 -108.15 -29.41
C VAL MA 56 13.07 -107.41 -28.35
N LEU MA 57 12.95 -106.07 -28.29
CA LEU MA 57 13.65 -105.32 -27.26
C LEU MA 57 13.13 -105.61 -25.86
N THR MA 58 11.83 -105.91 -25.74
CA THR MA 58 11.28 -106.28 -24.44
C THR MA 58 11.84 -107.62 -23.96
N VAL MA 59 11.95 -108.60 -24.88
CA VAL MA 59 12.50 -109.91 -24.52
C VAL MA 59 13.99 -109.80 -24.17
N ILE MA 60 14.73 -108.96 -24.90
CA ILE MA 60 16.14 -108.70 -24.58
C ILE MA 60 16.28 -108.07 -23.19
N ASN MA 61 15.40 -107.12 -22.87
CA ASN MA 61 15.46 -106.47 -21.57
C ASN MA 61 15.07 -107.41 -20.44
N GLN MA 62 14.12 -108.32 -20.67
CA GLN MA 62 13.79 -109.35 -19.69
C GLN MA 62 14.97 -110.27 -19.43
N THR MA 63 15.57 -110.82 -20.51
CA THR MA 63 16.69 -111.75 -20.35
C THR MA 63 17.92 -111.06 -19.77
N GLN MA 64 18.01 -109.73 -19.90
CA GLN MA 64 19.09 -109.01 -19.24
C GLN MA 64 18.80 -108.82 -17.75
N LYS MA 65 17.61 -108.31 -17.41
CA LYS MA 65 17.42 -107.83 -16.04
C LYS MA 65 17.10 -108.95 -15.07
N GLU MA 66 16.40 -110.01 -15.51
CA GLU MA 66 16.22 -111.16 -14.65
C GLU MA 66 17.54 -111.90 -14.39
N ASN MA 67 18.44 -111.93 -15.37
CA ASN MA 67 19.77 -112.48 -15.12
C ASN MA 67 20.59 -111.59 -14.20
N LEU MA 68 20.42 -110.26 -14.30
CA LEU MA 68 21.12 -109.36 -13.38
C LEU MA 68 20.61 -109.51 -11.95
N ARG MA 69 19.31 -109.68 -11.76
CA ARG MA 69 18.81 -109.85 -10.40
C ARG MA 69 19.08 -111.26 -9.87
N LYS MA 70 19.23 -112.24 -10.76
CA LYS MA 70 19.72 -113.55 -10.34
C LYS MA 70 21.17 -113.47 -9.90
N PHE MA 71 21.96 -112.60 -10.54
CA PHE MA 71 23.35 -112.40 -10.13
C PHE MA 71 23.44 -111.66 -8.80
N TYR MA 72 22.67 -110.59 -8.64
CA TYR MA 72 22.71 -109.77 -7.43
C TYR MA 72 21.69 -110.22 -6.38
N LYS MA 73 21.14 -111.42 -6.51
CA LYS MA 73 20.17 -111.90 -5.52
C LYS MA 73 20.87 -112.31 -4.22
N GLY MA 74 21.98 -113.03 -4.32
CA GLY MA 74 22.66 -113.52 -3.13
C GLY MA 74 23.43 -112.45 -2.38
N LYS MA 75 23.81 -111.38 -3.06
CA LYS MA 75 24.58 -110.33 -2.43
C LYS MA 75 23.70 -109.46 -1.54
N LYS MA 76 24.31 -108.88 -0.50
CA LYS MA 76 23.58 -108.02 0.42
C LYS MA 76 23.27 -106.67 -0.22
N TYR MA 77 24.28 -106.04 -0.81
CA TYR MA 77 24.08 -104.79 -1.53
C TYR MA 77 23.78 -105.06 -2.99
N LYS MA 78 22.68 -104.49 -3.47
CA LYS MA 78 22.21 -104.66 -4.83
C LYS MA 78 21.92 -103.28 -5.39
N PRO MA 79 21.96 -103.12 -6.73
CA PRO MA 79 21.71 -101.80 -7.32
C PRO MA 79 20.29 -101.29 -7.10
N LEU MA 80 20.13 -99.98 -7.31
CA LEU MA 80 18.89 -99.29 -6.98
C LEU MA 80 17.75 -99.68 -7.91
N ASP MA 81 18.06 -100.11 -9.13
CA ASP MA 81 17.04 -100.62 -10.02
C ASP MA 81 16.56 -102.00 -9.59
N LEU MA 82 17.45 -102.79 -8.98
CA LEU MA 82 17.09 -104.12 -8.52
C LEU MA 82 16.48 -104.11 -7.13
N ARG MA 83 16.66 -103.03 -6.37
CA ARG MA 83 15.95 -102.87 -5.11
C ARG MA 83 14.45 -102.71 -5.37
N PRO MA 84 13.59 -103.20 -4.46
CA PRO MA 84 12.14 -103.16 -4.71
C PRO MA 84 11.56 -101.74 -4.69
N LYS MA 85 11.02 -101.33 -5.84
CA LYS MA 85 10.49 -99.97 -6.01
C LYS MA 85 9.04 -99.95 -5.56
N LYS MA 86 8.84 -99.58 -4.30
CA LYS MA 86 7.54 -99.23 -3.74
C LYS MA 86 7.61 -97.80 -3.24
N THR MA 87 6.58 -97.38 -2.50
CA THR MA 87 6.50 -95.99 -2.08
C THR MA 87 7.57 -95.65 -1.05
N ARG MA 88 7.90 -94.35 -0.98
CA ARG MA 88 9.02 -93.87 -0.20
C ARG MA 88 8.77 -94.00 1.30
N ALA MA 89 7.54 -93.67 1.72
CA ALA MA 89 7.19 -93.78 3.13
C ALA MA 89 7.12 -95.23 3.58
N MET MA 90 6.87 -96.15 2.64
CA MET MA 90 6.85 -97.57 2.98
C MET MA 90 8.26 -98.15 2.97
N ARG MA 91 9.15 -97.59 2.15
CA ARG MA 91 10.56 -98.00 2.17
C ARG MA 91 11.27 -97.48 3.41
N ARG MA 92 10.88 -96.30 3.91
CA ARG MA 92 11.52 -95.70 5.07
C ARG MA 92 10.90 -96.16 6.40
N ARG MA 93 10.28 -97.33 6.42
CA ARG MA 93 9.70 -97.85 7.66
C ARG MA 93 10.76 -98.59 8.47
N LEU MA 94 10.28 -99.28 9.51
CA LEU MA 94 11.12 -100.20 10.26
C LEU MA 94 11.08 -101.58 9.60
N ASN MA 95 11.99 -102.45 10.03
CA ASN MA 95 12.01 -103.79 9.48
C ASN MA 95 10.96 -104.67 10.17
N LYS MA 96 10.69 -105.82 9.56
CA LYS MA 96 9.72 -106.76 10.13
C LYS MA 96 10.24 -107.37 11.42
N HIS MA 97 11.56 -107.61 11.52
CA HIS MA 97 12.13 -108.10 12.75
C HIS MA 97 12.23 -106.98 13.78
N GLU MA 98 12.46 -105.75 13.32
CA GLU MA 98 12.61 -104.62 14.23
C GLU MA 98 11.26 -104.19 14.81
N GLU MA 99 10.16 -104.50 14.11
CA GLU MA 99 8.84 -104.30 14.69
C GLU MA 99 8.54 -105.38 15.73
N SER MA 100 9.25 -106.51 15.67
CA SER MA 100 9.07 -107.58 16.65
C SER MA 100 10.08 -107.53 17.78
N LEU MA 101 11.10 -106.68 17.69
CA LEU MA 101 12.09 -106.53 18.76
C LEU MA 101 11.44 -105.88 19.98
N LYS MA 102 11.35 -106.63 21.07
CA LYS MA 102 10.89 -106.10 22.35
C LYS MA 102 12.07 -106.01 23.32
N THR MA 103 11.86 -105.28 24.40
CA THR MA 103 12.89 -105.17 25.42
C THR MA 103 12.82 -106.37 26.37
N LYS MA 104 13.89 -106.53 27.17
CA LYS MA 104 13.96 -107.64 28.11
C LYS MA 104 12.92 -107.49 29.21
N LYS MA 105 12.66 -106.25 29.65
CA LYS MA 105 11.67 -106.01 30.70
C LYS MA 105 10.26 -106.24 30.19
N GLN MA 106 10.00 -105.89 28.92
CA GLN MA 106 8.68 -106.14 28.35
C GLN MA 106 8.47 -107.63 28.08
N GLN MA 107 9.53 -108.35 27.69
CA GLN MA 107 9.41 -109.80 27.53
C GLN MA 107 9.23 -110.49 28.88
N ARG MA 108 9.84 -109.95 29.94
CA ARG MA 108 9.62 -110.48 31.28
C ARG MA 108 8.19 -110.24 31.74
N LYS MA 109 7.62 -109.07 31.40
CA LYS MA 109 6.22 -108.81 31.72
C LYS MA 109 5.29 -109.74 30.94
N GLU MA 110 5.58 -109.97 29.66
CA GLU MA 110 4.74 -110.85 28.85
C GLU MA 110 4.88 -112.31 29.29
N ARG MA 111 6.02 -112.69 29.86
CA ARG MA 111 6.15 -114.04 30.38
C ARG MA 111 5.43 -114.20 31.72
N LEU MA 112 5.61 -113.24 32.63
CA LEU MA 112 5.06 -113.39 33.97
C LEU MA 112 3.56 -113.16 34.00
N TYR MA 113 3.04 -112.20 33.23
CA TYR MA 113 1.62 -111.83 33.28
C TYR MA 113 1.05 -111.80 31.88
N PRO MA 114 0.65 -112.95 31.35
CA PRO MA 114 -0.08 -112.96 30.07
C PRO MA 114 -1.55 -112.64 30.28
N LEU MA 115 -2.18 -112.12 29.22
CA LEU MA 115 -3.60 -111.80 29.26
C LEU MA 115 -4.39 -113.11 29.33
N ARG MA 116 -4.99 -113.38 30.48
CA ARG MA 116 -5.62 -114.66 30.73
C ARG MA 116 -6.96 -114.76 30.01
N LYS MA 117 -7.36 -116.01 29.76
CA LYS MA 117 -8.65 -116.31 29.15
C LYS MA 117 -9.64 -116.62 30.27
N TYR MA 118 -10.73 -115.87 30.33
CA TYR MA 118 -11.63 -115.97 31.48
C TYR MA 118 -13.05 -115.71 31.02
N ALA MA 119 -14.00 -116.07 31.88
CA ALA MA 119 -15.41 -115.77 31.68
C ALA MA 119 -16.05 -115.59 33.04
N VAL MA 120 -17.24 -115.00 33.05
CA VAL MA 120 -17.97 -114.74 34.29
C VAL MA 120 -19.30 -115.47 34.23
N LYS MA 121 -19.91 -115.64 35.40
CA LYS MA 121 -21.20 -116.29 35.52
C LYS MA 121 -22.32 -115.26 35.61
N ALA MA 122 -23.54 -115.70 35.34
CA ALA MA 122 -24.70 -114.83 35.40
C ALA MA 122 -25.14 -114.59 36.84
N ALA NA 1 -30.08 -86.27 76.11
CA ALA NA 1 -30.07 -85.49 74.88
C ALA NA 1 -29.27 -86.20 73.80
N LEU NA 2 -29.93 -86.48 72.67
CA LEU NA 2 -29.29 -87.12 71.53
C LEU NA 2 -28.68 -86.09 70.60
N ARG NA 3 -27.67 -86.51 69.86
CA ARG NA 3 -26.93 -85.65 68.93
C ARG NA 3 -26.95 -86.32 67.56
N TYR NA 4 -27.87 -85.87 66.71
CA TYR NA 4 -27.96 -86.42 65.36
C TYR NA 4 -26.80 -85.92 64.51
N PRO NA 5 -26.35 -86.72 63.53
CA PRO NA 5 -25.31 -86.25 62.60
C PRO NA 5 -25.81 -85.13 61.69
N MET NA 6 -25.21 -83.95 61.83
CA MET NA 6 -25.69 -82.76 61.17
C MET NA 6 -24.83 -82.42 59.96
N ALA NA 7 -25.46 -81.86 58.93
CA ALA NA 7 -24.74 -81.50 57.72
C ALA NA 7 -23.99 -80.20 57.86
N VAL NA 8 -24.29 -79.41 58.89
CA VAL NA 8 -23.63 -78.12 59.12
C VAL NA 8 -23.31 -78.02 60.60
N GLY NA 9 -22.23 -77.32 60.92
CA GLY NA 9 -21.83 -77.12 62.29
C GLY NA 9 -20.32 -77.24 62.41
N LEU NA 10 -19.88 -77.40 63.66
CA LEU NA 10 -18.45 -77.54 63.94
C LEU NA 10 -17.96 -78.93 63.56
N ASN NA 11 -18.78 -79.95 63.80
CA ASN NA 11 -18.40 -81.32 63.49
C ASN NA 11 -19.31 -81.92 62.42
N LYS NA 12 -19.53 -81.15 61.35
CA LYS NA 12 -20.46 -81.52 60.30
C LYS NA 12 -19.94 -82.69 59.48
N GLY NA 13 -20.81 -83.21 58.61
CA GLY NA 13 -20.48 -84.32 57.76
C GLY NA 13 -21.10 -85.63 58.24
N HIS NA 14 -21.22 -86.57 57.31
CA HIS NA 14 -21.74 -87.89 57.63
C HIS NA 14 -20.71 -88.68 58.42
N LYS NA 15 -21.15 -89.31 59.51
CA LYS NA 15 -20.24 -89.97 60.44
C LYS NA 15 -19.71 -91.26 59.83
N VAL NA 16 -18.42 -91.26 59.48
CA VAL NA 16 -17.74 -92.42 58.91
C VAL NA 16 -16.44 -92.62 59.67
N THR NA 17 -16.20 -93.86 60.11
CA THR NA 17 -14.97 -94.18 60.82
C THR NA 17 -13.76 -94.08 59.88
N LYS NA 18 -12.60 -93.80 60.45
CA LYS NA 18 -11.39 -93.58 59.66
C LYS NA 18 -10.36 -94.67 59.96
N ASN NA 19 -9.73 -95.16 58.89
CA ASN NA 19 -8.70 -96.18 58.98
C ASN NA 19 -7.31 -95.56 59.02
N VAL NA 20 -6.35 -96.32 59.54
CA VAL NA 20 -4.97 -95.87 59.61
C VAL NA 20 -4.11 -96.69 58.66
N SER NA 21 -3.94 -96.18 57.44
CA SER NA 21 -3.18 -96.88 56.44
C SER NA 21 -1.78 -96.27 56.29
N LYS NA 22 -0.96 -96.91 55.46
CA LYS NA 22 0.36 -96.38 55.15
C LYS NA 22 0.21 -95.18 54.23
N PRO NA 23 0.91 -94.07 54.52
CA PRO NA 23 0.85 -92.92 53.62
C PRO NA 23 1.57 -93.20 52.29
N ARG NA 24 1.27 -92.33 51.32
CA ARG NA 24 1.79 -92.51 49.98
C ARG NA 24 3.29 -92.24 49.92
N HIS NA 25 3.97 -92.93 49.01
CA HIS NA 25 5.40 -92.75 48.86
C HIS NA 25 5.74 -91.51 48.04
N SER NA 26 4.75 -90.94 47.34
CA SER NA 26 5.00 -89.70 46.62
C SER NA 26 5.01 -88.50 47.57
N ARG NA 27 4.52 -88.67 48.80
CA ARG NA 27 4.45 -87.56 49.73
C ARG NA 27 5.81 -87.24 50.35
N ARG NA 28 6.74 -88.19 50.35
CA ARG NA 28 8.01 -87.96 51.04
C ARG NA 28 9.09 -87.36 50.14
N ARG NA 29 8.73 -86.75 49.02
CA ARG NA 29 9.73 -86.07 48.20
C ARG NA 29 10.17 -84.80 48.91
N GLY NA 30 11.45 -84.48 48.80
CA GLY NA 30 12.01 -83.35 49.52
C GLY NA 30 12.43 -83.65 50.93
N ARG NA 31 12.34 -84.91 51.36
CA ARG NA 31 12.81 -85.31 52.68
C ARG NA 31 14.33 -85.32 52.69
N LEU NA 32 14.91 -84.77 53.74
CA LEU NA 32 16.36 -84.62 53.84
C LEU NA 32 16.99 -86.00 54.07
N THR NA 33 17.59 -86.54 53.01
CA THR NA 33 18.37 -87.77 53.12
C THR NA 33 19.77 -87.42 53.60
N LYS NA 34 20.40 -88.34 54.34
CA LYS NA 34 21.74 -88.11 54.87
C LYS NA 34 22.77 -87.98 53.76
N HIS NA 35 22.62 -88.78 52.69
CA HIS NA 35 23.54 -88.69 51.55
C HIS NA 35 23.35 -87.37 50.80
N THR NA 36 22.10 -86.91 50.66
CA THR NA 36 21.87 -85.63 50.00
C THR NA 36 22.35 -84.46 50.84
N LYS NA 37 22.26 -84.58 52.17
CA LYS NA 37 22.84 -83.57 53.06
C LYS NA 37 24.36 -83.55 52.94
N PHE NA 38 24.96 -84.74 52.78
CA PHE NA 38 26.41 -84.81 52.59
C PHE NA 38 26.83 -84.15 51.28
N VAL NA 39 26.10 -84.42 50.19
CA VAL NA 39 26.38 -83.78 48.89
C VAL NA 39 26.17 -82.27 48.98
N ARG NA 40 25.14 -81.85 49.71
CA ARG NA 40 24.80 -80.44 49.81
C ARG NA 40 25.86 -79.66 50.58
N ASP NA 41 26.22 -80.14 51.79
CA ASP NA 41 27.26 -79.48 52.58
C ASP NA 41 28.63 -79.60 51.92
N MET NA 42 28.85 -80.69 51.18
CA MET NA 42 30.04 -80.87 50.35
C MET NA 42 30.20 -79.76 49.33
N ILE NA 43 29.13 -79.46 48.60
CA ILE NA 43 29.21 -78.44 47.56
C ILE NA 43 29.17 -77.04 48.17
N ARG NA 44 28.54 -76.86 49.34
CA ARG NA 44 28.67 -75.61 50.09
C ARG NA 44 30.11 -75.36 50.51
N GLU NA 45 30.85 -76.43 50.82
CA GLU NA 45 32.26 -76.27 51.15
C GLU NA 45 33.09 -75.98 49.90
N VAL NA 46 32.78 -76.64 48.78
CA VAL NA 46 33.57 -76.48 47.56
C VAL NA 46 33.37 -75.13 46.91
N CYS NA 47 32.12 -74.82 46.51
CA CYS NA 47 31.90 -73.64 45.66
C CYS NA 47 31.89 -72.36 46.46
N GLY NA 48 31.25 -72.37 47.62
CA GLY NA 48 31.19 -71.18 48.46
C GLY NA 48 29.80 -70.59 48.53
N PHE NA 49 29.75 -69.32 48.88
CA PHE NA 49 28.50 -68.61 49.00
C PHE NA 49 28.32 -67.61 47.86
N ALA NA 50 27.06 -67.22 47.65
CA ALA NA 50 26.70 -66.24 46.63
C ALA NA 50 27.02 -64.84 47.12
N PRO NA 51 27.15 -63.86 46.21
CA PRO NA 51 27.42 -62.47 46.66
C PRO NA 51 26.30 -61.84 47.48
N TYR NA 52 25.03 -62.08 47.12
CA TYR NA 52 23.94 -61.55 47.94
C TYR NA 52 23.87 -62.27 49.28
N GLU NA 53 24.24 -63.55 49.30
CA GLU NA 53 24.31 -64.29 50.55
C GLU NA 53 25.42 -63.77 51.45
N ARG NA 54 26.56 -63.39 50.85
CA ARG NA 54 27.64 -62.79 51.63
C ARG NA 54 27.25 -61.41 52.16
N ARG NA 55 26.50 -60.64 51.36
CA ARG NA 55 26.03 -59.34 51.84
C ARG NA 55 25.02 -59.51 52.97
N ALA NA 56 24.15 -60.52 52.89
CA ALA NA 56 23.22 -60.78 53.98
C ALA NA 56 23.94 -61.32 55.22
N MET NA 57 25.04 -62.06 55.02
CA MET NA 57 25.88 -62.45 56.14
C MET NA 57 26.52 -61.25 56.82
N GLU NA 58 26.95 -60.26 56.03
CA GLU NA 58 27.47 -59.02 56.61
C GLU NA 58 26.40 -58.23 57.35
N LEU NA 59 25.17 -58.20 56.81
CA LEU NA 59 24.05 -57.54 57.49
C LEU NA 59 23.66 -58.27 58.77
N LEU NA 60 23.87 -59.59 58.83
CA LEU NA 60 23.64 -60.30 60.08
C LEU NA 60 24.81 -60.13 61.05
N LYS NA 61 26.02 -59.88 60.54
CA LYS NA 61 27.15 -59.62 61.42
C LYS NA 61 27.06 -58.23 62.04
N VAL NA 62 26.46 -57.27 61.33
CA VAL NA 62 26.29 -55.93 61.89
C VAL NA 62 24.95 -55.84 62.62
N SER NA 63 24.27 -56.98 62.76
CA SER NA 63 23.04 -57.15 63.55
C SER NA 63 21.91 -56.26 63.03
N LYS NA 64 21.54 -56.49 61.77
CA LYS NA 64 20.38 -55.84 61.15
C LYS NA 64 19.48 -56.94 60.57
N ASP NA 65 18.63 -57.51 61.43
CA ASP NA 65 17.84 -58.66 61.03
C ASP NA 65 16.67 -58.28 60.14
N LYS NA 66 16.03 -57.14 60.42
CA LYS NA 66 14.89 -56.69 59.61
C LYS NA 66 15.36 -56.25 58.23
N ARG NA 67 16.47 -55.52 58.17
CA ARG NA 67 17.03 -55.11 56.88
C ARG NA 67 17.58 -56.30 56.11
N ALA NA 68 18.13 -57.30 56.81
CA ALA NA 68 18.56 -58.53 56.15
C ALA NA 68 17.37 -59.29 55.58
N LEU NA 69 16.25 -59.34 56.32
CA LEU NA 69 15.04 -59.98 55.82
C LEU NA 69 14.48 -59.26 54.61
N LYS NA 70 14.50 -57.92 54.62
CA LYS NA 70 14.02 -57.14 53.48
C LYS NA 70 14.91 -57.35 52.26
N PHE NA 71 16.23 -57.43 52.47
CA PHE NA 71 17.15 -57.64 51.36
C PHE NA 71 16.99 -59.04 50.75
N ILE NA 72 16.89 -60.06 51.61
CA ILE NA 72 16.71 -61.43 51.12
C ILE NA 72 15.35 -61.60 50.46
N LYS NA 73 14.34 -60.86 50.95
CA LYS NA 73 13.02 -60.91 50.33
C LYS NA 73 13.03 -60.26 48.96
N LYS NA 74 13.75 -59.14 48.81
CA LYS NA 74 13.88 -58.50 47.51
C LYS NA 74 14.69 -59.37 46.54
N ARG NA 75 15.65 -60.13 47.07
CA ARG NA 75 16.48 -60.96 46.19
C ARG NA 75 15.77 -62.24 45.75
N VAL NA 76 15.08 -62.93 46.66
CA VAL NA 76 14.57 -64.27 46.35
C VAL NA 76 13.07 -64.29 46.10
N GLY NA 77 12.34 -63.22 46.43
CA GLY NA 77 10.91 -63.22 46.21
C GLY NA 77 10.07 -63.32 47.47
N THR NA 78 9.55 -64.51 47.75
CA THR NA 78 8.53 -64.66 48.79
C THR NA 78 9.13 -64.58 50.20
N HIS NA 79 8.25 -64.23 51.15
CA HIS NA 79 8.66 -64.01 52.52
C HIS NA 79 9.00 -65.32 53.23
N ILE NA 80 8.37 -66.42 52.80
CA ILE NA 80 8.66 -67.72 53.39
C ILE NA 80 10.06 -68.19 53.02
N ARG NA 81 10.41 -68.07 51.73
CA ARG NA 81 11.76 -68.40 51.30
C ARG NA 81 12.78 -67.43 51.85
N ALA NA 82 12.38 -66.16 52.05
CA ALA NA 82 13.26 -65.18 52.68
C ALA NA 82 13.56 -65.55 54.13
N LYS NA 83 12.54 -65.96 54.88
CA LYS NA 83 12.74 -66.35 56.27
C LYS NA 83 13.56 -67.63 56.37
N ARG NA 84 13.36 -68.56 55.44
CA ARG NA 84 14.15 -69.80 55.45
C ARG NA 84 15.62 -69.53 55.12
N LYS NA 85 15.87 -68.63 54.16
CA LYS NA 85 17.25 -68.26 53.82
C LYS NA 85 17.90 -67.48 54.96
N ARG NA 86 17.12 -66.64 55.65
CA ARG NA 86 17.66 -65.91 56.79
C ARG NA 86 18.02 -66.83 57.94
N GLU NA 87 17.18 -67.84 58.21
CA GLU NA 87 17.50 -68.81 59.25
C GLU NA 87 18.69 -69.68 58.86
N GLU NA 88 18.83 -70.03 57.57
CA GLU NA 88 19.99 -70.80 57.13
C GLU NA 88 21.28 -69.99 57.25
N LEU NA 89 21.23 -68.70 56.89
CA LEU NA 89 22.40 -67.85 57.03
C LEU NA 89 22.74 -67.57 58.50
N SER NA 90 21.73 -67.46 59.35
CA SER NA 90 21.99 -67.32 60.78
C SER NA 90 22.59 -68.60 61.38
N SER NA 91 22.16 -69.76 60.89
CA SER NA 91 22.73 -71.02 61.35
C SER NA 91 24.18 -71.17 60.93
N VAL NA 92 24.50 -70.81 59.68
CA VAL NA 92 25.90 -70.94 59.26
C VAL NA 92 26.75 -69.83 59.87
N LEU NA 93 26.15 -68.69 60.23
CA LEU NA 93 26.90 -67.66 60.96
C LEU NA 93 27.20 -68.12 62.38
N ALA NA 94 26.25 -68.80 63.04
CA ALA NA 94 26.52 -69.37 64.36
C ALA NA 94 27.56 -70.49 64.28
N ALA NA 95 27.55 -71.26 63.18
CA ALA NA 95 28.56 -72.30 63.00
C ALA NA 95 29.95 -71.70 62.80
N MET NA 96 30.04 -70.62 62.02
CA MET NA 96 31.33 -69.95 61.83
C MET NA 96 31.81 -69.28 63.12
N ARG NA 97 30.87 -68.76 63.92
CA ARG NA 97 31.24 -68.16 65.20
C ARG NA 97 31.72 -69.21 66.18
N LYS NA 98 31.10 -70.39 66.19
CA LYS NA 98 31.56 -71.48 67.05
C LYS NA 98 32.91 -72.02 66.59
N ALA NA 99 33.13 -72.08 65.27
CA ALA NA 99 34.42 -72.54 64.76
C ALA NA 99 35.53 -71.51 65.02
N ALA NA 100 35.17 -70.22 65.04
CA ALA NA 100 36.17 -69.20 65.35
C ALA NA 100 36.45 -69.14 66.84
N ALA NA 101 35.46 -69.46 67.68
CA ALA NA 101 35.67 -69.49 69.12
C ALA NA 101 36.50 -70.71 69.53
N LYS NA 102 36.07 -71.90 69.12
CA LYS NA 102 36.79 -73.12 69.46
C LYS NA 102 36.86 -74.06 68.26
N THR OA 1 -0.30 -37.63 -25.72
CA THR OA 1 0.45 -38.62 -26.48
C THR OA 1 0.78 -39.84 -25.62
N LYS OA 2 -0.05 -40.11 -24.61
CA LYS OA 2 0.21 -41.21 -23.70
C LYS OA 2 -0.43 -42.50 -24.18
N GLY OA 3 -1.24 -42.44 -25.24
CA GLY OA 3 -2.00 -43.59 -25.69
C GLY OA 3 -1.49 -44.23 -26.96
N THR OA 4 -2.11 -43.85 -28.09
CA THR OA 4 -1.88 -44.51 -29.37
C THR OA 4 -0.44 -44.33 -29.86
N SER OA 5 0.10 -43.12 -29.72
CA SER OA 5 1.47 -42.87 -30.15
C SER OA 5 2.47 -43.52 -29.20
N SER OA 6 2.11 -43.64 -27.92
CA SER OA 6 3.01 -44.27 -26.96
C SER OA 6 2.99 -45.79 -27.02
N PHE OA 7 1.94 -46.37 -27.63
CA PHE OA 7 1.90 -47.83 -27.75
C PHE OA 7 2.84 -48.34 -28.84
N GLY OA 8 3.32 -47.45 -29.71
CA GLY OA 8 4.19 -47.89 -30.79
C GLY OA 8 5.60 -48.20 -30.34
N LYS OA 9 6.01 -47.69 -29.18
CA LYS OA 9 7.35 -47.91 -28.66
C LYS OA 9 7.49 -49.23 -27.92
N ARG OA 10 6.45 -50.07 -27.91
CA ARG OA 10 6.48 -51.34 -27.20
C ARG OA 10 7.03 -52.46 -28.08
N ARG OA 11 8.35 -52.68 -28.05
CA ARG OA 11 8.95 -53.77 -28.80
C ARG OA 11 9.86 -54.65 -27.96
N ASN OA 12 10.57 -54.10 -26.97
CA ASN OA 12 11.40 -54.92 -26.11
C ASN OA 12 10.56 -55.67 -25.08
N LYS OA 13 10.91 -56.92 -24.81
CA LYS OA 13 10.10 -57.79 -23.97
C LYS OA 13 10.71 -57.91 -22.57
N THR OA 14 9.83 -57.94 -21.56
CA THR OA 14 10.26 -58.13 -20.18
C THR OA 14 10.06 -59.57 -19.71
N HIS OA 15 8.89 -60.14 -19.98
CA HIS OA 15 8.63 -61.51 -19.63
C HIS OA 15 8.96 -62.44 -20.79
N THR OA 16 9.08 -63.73 -20.46
CA THR OA 16 9.34 -64.78 -21.45
C THR OA 16 8.80 -66.09 -20.89
N LEU OA 17 8.88 -67.13 -21.72
CA LEU OA 17 8.37 -68.45 -21.34
C LEU OA 17 9.23 -69.05 -20.24
N CYS OA 18 8.60 -69.36 -19.11
CA CYS OA 18 9.32 -70.03 -18.05
C CYS OA 18 9.55 -71.50 -18.39
N ARG OA 19 10.40 -72.14 -17.61
CA ARG OA 19 10.82 -73.51 -17.89
C ARG OA 19 10.49 -74.45 -16.74
N ARG OA 20 9.65 -73.98 -15.81
CA ARG OA 20 9.14 -74.85 -14.75
C ARG OA 20 7.61 -74.85 -14.74
N CYS OA 21 7.00 -73.69 -14.95
CA CYS OA 21 5.54 -73.61 -15.03
C CYS OA 21 5.03 -73.54 -16.45
N GLY OA 22 5.86 -73.14 -17.41
CA GLY OA 22 5.49 -73.09 -18.80
C GLY OA 22 4.84 -71.79 -19.24
N SER OA 23 4.24 -71.04 -18.32
CA SER OA 23 3.58 -69.80 -18.67
C SER OA 23 4.60 -68.71 -18.94
N LYS OA 24 4.21 -67.74 -19.78
CA LYS OA 24 5.07 -66.62 -20.16
C LYS OA 24 5.04 -65.60 -19.03
N ALA OA 25 5.76 -65.90 -17.95
CA ALA OA 25 5.79 -65.01 -16.80
C ALA OA 25 7.17 -64.95 -16.14
N TYR OA 26 8.22 -65.16 -16.92
CA TYR OA 26 9.58 -65.15 -16.41
C TYR OA 26 10.22 -63.81 -16.76
N HIS OA 27 10.35 -62.94 -15.76
CA HIS OA 27 10.90 -61.61 -15.97
C HIS OA 27 12.40 -61.72 -16.20
N LEU OA 28 12.92 -60.95 -17.16
CA LEU OA 28 14.32 -61.07 -17.54
C LEU OA 28 15.23 -60.21 -16.67
N GLN OA 29 14.72 -59.06 -16.20
CA GLN OA 29 15.56 -58.17 -15.39
C GLN OA 29 15.72 -58.70 -13.97
N LYS OA 30 14.61 -59.09 -13.34
CA LYS OA 30 14.69 -59.65 -11.99
C LYS OA 30 15.14 -61.11 -12.00
N SER OA 31 15.13 -61.75 -13.18
CA SER OA 31 15.51 -63.16 -13.38
C SER OA 31 14.68 -64.12 -12.54
N THR OA 32 13.44 -63.74 -12.24
CA THR OA 32 12.52 -64.58 -11.47
C THR OA 32 11.21 -64.72 -12.23
N CYS OA 33 10.48 -65.78 -11.91
CA CYS OA 33 9.17 -66.03 -12.50
C CYS OA 33 8.09 -65.39 -11.65
N GLY OA 34 7.17 -64.67 -12.31
CA GLY OA 34 6.07 -64.06 -11.60
C GLY OA 34 4.89 -64.99 -11.39
N LYS OA 35 4.95 -66.19 -11.98
CA LYS OA 35 3.85 -67.14 -11.84
C LYS OA 35 4.11 -68.12 -10.70
N CYS OA 36 5.30 -68.72 -10.66
CA CYS OA 36 5.60 -69.77 -9.69
C CYS OA 36 6.88 -69.53 -8.90
N GLY OA 37 7.64 -68.48 -9.20
CA GLY OA 37 8.86 -68.19 -8.45
C GLY OA 37 9.95 -69.21 -8.70
N TYR OA 38 10.52 -69.20 -9.92
CA TYR OA 38 11.43 -70.26 -10.34
C TYR OA 38 12.77 -70.31 -9.57
N PRO OA 39 13.48 -69.19 -9.28
CA PRO OA 39 14.71 -69.36 -8.47
C PRO OA 39 14.45 -69.79 -7.04
N ALA OA 40 13.24 -69.58 -6.52
CA ALA OA 40 12.86 -70.17 -5.25
C ALA OA 40 12.69 -71.68 -5.41
N LYS OA 41 13.04 -72.42 -4.36
CA LYS OA 41 12.92 -73.88 -4.42
C LYS OA 41 11.47 -74.33 -4.32
N ARG OA 42 10.58 -73.48 -3.81
CA ARG OA 42 9.21 -73.84 -3.57
C ARG OA 42 8.29 -73.24 -4.62
N LYS OA 43 7.12 -73.85 -4.79
CA LYS OA 43 6.10 -73.36 -5.71
C LYS OA 43 5.38 -72.17 -5.08
N ARG OA 44 5.20 -71.11 -5.85
CA ARG OA 44 4.51 -69.92 -5.36
C ARG OA 44 3.01 -70.14 -5.49
N LYS OA 45 2.34 -70.42 -4.37
CA LYS OA 45 0.90 -70.55 -4.33
C LYS OA 45 0.36 -69.77 -3.15
N TYR OA 46 -0.88 -69.30 -3.29
CA TYR OA 46 -1.50 -68.48 -2.26
C TYR OA 46 -2.95 -68.87 -2.06
N ASN OA 47 -3.47 -68.54 -0.88
CA ASN OA 47 -4.85 -68.90 -0.56
C ASN OA 47 -5.82 -67.80 -0.96
N TRP OA 48 -5.33 -66.58 -1.16
CA TRP OA 48 -6.17 -65.55 -1.76
C TRP OA 48 -6.42 -65.83 -3.24
N SER OA 49 -5.51 -66.56 -3.88
CA SER OA 49 -5.66 -66.95 -5.28
C SER OA 49 -6.28 -68.34 -5.33
N ALA OA 50 -7.55 -68.42 -4.92
CA ALA OA 50 -8.24 -69.69 -4.85
C ALA OA 50 -8.55 -70.25 -6.25
N LYS OA 51 -8.86 -69.38 -7.20
CA LYS OA 51 -9.07 -69.85 -8.57
C LYS OA 51 -7.75 -70.21 -9.23
N ALA OA 52 -6.68 -69.48 -8.90
CA ALA OA 52 -5.37 -69.81 -9.44
C ALA OA 52 -4.75 -71.03 -8.80
N LYS OA 53 -5.30 -71.49 -7.65
CA LYS OA 53 -4.95 -72.82 -7.15
C LYS OA 53 -5.35 -73.90 -8.14
N ARG OA 54 -6.65 -73.98 -8.46
CA ARG OA 54 -7.19 -75.11 -9.22
C ARG OA 54 -6.78 -75.09 -10.70
N ARG OA 55 -6.16 -74.00 -11.17
CA ARG OA 55 -5.56 -74.05 -12.50
C ARG OA 55 -4.32 -74.94 -12.51
N ASN OA 56 -3.64 -75.04 -11.37
CA ASN OA 56 -2.42 -75.84 -11.26
C ASN OA 56 -2.49 -76.63 -9.96
N THR OA 57 -3.09 -77.82 -10.04
CA THR OA 57 -3.12 -78.77 -8.93
C THR OA 57 -2.68 -80.14 -9.46
N THR OA 58 -2.83 -81.16 -8.62
CA THR OA 58 -2.53 -82.52 -9.04
C THR OA 58 -3.59 -83.04 -10.01
N GLY OA 59 -4.82 -82.55 -9.91
CA GLY OA 59 -5.85 -83.03 -10.82
C GLY OA 59 -5.79 -82.43 -12.21
N THR OA 60 -4.88 -81.48 -12.42
CA THR OA 60 -4.83 -80.75 -13.69
C THR OA 60 -4.08 -81.55 -14.75
N GLY OA 61 -2.82 -81.89 -14.48
CA GLY OA 61 -1.93 -82.41 -15.49
C GLY OA 61 -2.06 -83.90 -15.73
N ARG OA 62 -0.90 -84.54 -15.94
CA ARG OA 62 -0.86 -85.93 -16.40
C ARG OA 62 -1.10 -86.90 -15.25
N MET OA 63 -0.39 -86.70 -14.13
CA MET OA 63 -0.19 -87.70 -13.07
C MET OA 63 0.30 -89.03 -13.63
N ARG OA 64 1.44 -88.99 -14.32
CA ARG OA 64 1.93 -90.20 -15.00
C ARG OA 64 2.54 -91.18 -14.01
N HIS OA 65 2.88 -90.71 -12.80
CA HIS OA 65 3.34 -91.58 -11.73
C HIS OA 65 2.25 -91.84 -10.69
N LEU OA 66 1.38 -90.86 -10.45
CA LEU OA 66 0.44 -90.97 -9.34
C LEU OA 66 -0.69 -91.93 -9.66
N LYS OA 67 -1.05 -92.08 -10.94
CA LYS OA 67 -2.11 -93.03 -11.30
C LYS OA 67 -1.63 -94.47 -11.16
N ILE OA 68 -0.35 -94.74 -11.44
CA ILE OA 68 0.12 -96.10 -11.21
C ILE OA 68 0.47 -96.32 -9.75
N VAL OA 69 0.73 -95.26 -8.98
CA VAL OA 69 0.77 -95.38 -7.52
C VAL OA 69 -0.60 -95.81 -6.98
N TYR OA 70 -1.68 -95.22 -7.50
CA TYR OA 70 -3.03 -95.62 -7.10
C TYR OA 70 -3.35 -97.05 -7.54
N ARG OA 71 -2.90 -97.41 -8.75
CA ARG OA 71 -3.12 -98.75 -9.29
C ARG OA 71 -2.36 -99.81 -8.50
N ARG OA 72 -1.16 -99.48 -8.02
CA ARG OA 72 -0.44 -100.43 -7.17
C ARG OA 72 -0.99 -100.43 -5.75
N PHE OA 73 -1.60 -99.32 -5.32
CA PHE OA 73 -2.20 -99.28 -4.00
C PHE OA 73 -3.44 -100.16 -3.92
N ARG OA 74 -4.21 -100.23 -5.00
CA ARG OA 74 -5.48 -100.97 -4.92
C ARG OA 74 -5.29 -102.48 -4.91
N HIS OA 75 -4.06 -102.96 -5.07
CA HIS OA 75 -3.70 -104.36 -4.86
C HIS OA 75 -2.54 -104.52 -3.89
N GLY OA 76 -2.32 -103.51 -3.04
CA GLY OA 76 -1.44 -103.68 -1.88
C GLY OA 76 0.04 -103.65 -2.17
N PHE OA 77 0.45 -103.03 -3.28
CA PHE OA 77 1.85 -102.79 -3.66
C PHE OA 77 2.67 -104.08 -3.75
N ARG OA 78 2.16 -105.04 -4.51
CA ARG OA 78 2.90 -106.28 -4.72
C ARG OA 78 4.06 -106.02 -5.68
N GLU OA 79 5.18 -106.68 -5.42
CA GLU OA 79 6.40 -106.48 -6.19
C GLU OA 79 7.06 -107.83 -6.44
N GLY OA 80 7.37 -108.11 -7.70
CA GLY OA 80 8.12 -109.29 -8.08
C GLY OA 80 7.28 -110.51 -8.36
N THR OA 81 6.07 -110.59 -7.81
CA THR OA 81 5.23 -111.75 -8.04
C THR OA 81 4.67 -111.73 -9.47
N THR OA 82 4.48 -112.92 -10.02
CA THR OA 82 3.95 -113.10 -11.37
C THR OA 82 2.71 -113.97 -11.28
N PRO OA 83 1.72 -113.74 -12.14
CA PRO OA 83 0.55 -114.63 -12.17
C PRO OA 83 0.91 -116.00 -12.73
N LYS OA 84 -0.01 -116.94 -12.51
CA LYS OA 84 0.21 -118.33 -12.90
C LYS OA 84 0.17 -118.48 -14.42
N PRO OA 85 1.25 -118.92 -15.05
CA PRO OA 85 1.26 -119.03 -16.51
C PRO OA 85 0.43 -120.20 -17.01
N LYS OA 86 0.24 -120.23 -18.32
CA LYS OA 86 -0.54 -121.28 -18.97
C LYS OA 86 0.22 -122.60 -19.01
N PRO PA 1 48.17 -67.24 -54.67
CA PRO PA 1 49.00 -67.68 -55.79
C PRO PA 1 50.42 -67.11 -55.73
N ARG PA 2 51.39 -67.88 -56.20
CA ARG PA 2 52.80 -67.48 -56.16
C ARG PA 2 53.38 -67.60 -57.55
N LYS PA 3 54.05 -66.53 -58.00
CA LYS PA 3 54.70 -66.52 -59.30
C LYS PA 3 56.16 -66.93 -59.15
N ILE PA 4 56.55 -67.98 -59.86
CA ILE PA 4 57.92 -68.49 -59.82
C ILE PA 4 58.71 -67.76 -60.90
N GLU PA 5 59.95 -67.38 -60.58
CA GLU PA 5 60.81 -66.71 -61.54
C GLU PA 5 61.64 -67.69 -62.36
N GLU PA 6 62.21 -68.71 -61.72
CA GLU PA 6 63.14 -69.60 -62.37
C GLU PA 6 62.45 -70.84 -62.94
N ILE PA 7 63.10 -71.48 -63.92
CA ILE PA 7 62.58 -72.71 -64.49
C ILE PA 7 62.85 -73.90 -63.57
N LYS PA 8 63.98 -73.87 -62.85
CA LYS PA 8 64.37 -75.01 -62.02
C LYS PA 8 63.49 -75.11 -60.78
N ASP PA 9 63.10 -73.96 -60.21
CA ASP PA 9 62.19 -73.97 -59.08
C ASP PA 9 60.79 -74.43 -59.48
N PHE PA 10 60.37 -74.11 -60.71
CA PHE PA 10 59.08 -74.60 -61.19
C PHE PA 10 59.13 -76.10 -61.43
N LEU PA 11 60.26 -76.62 -61.93
CA LEU PA 11 60.39 -78.07 -62.11
C LEU PA 11 60.42 -78.80 -60.76
N LEU PA 12 61.09 -78.21 -59.77
CA LEU PA 12 61.09 -78.81 -58.43
C LEU PA 12 59.72 -78.70 -57.78
N THR PA 13 58.94 -77.68 -58.13
CA THR PA 13 57.56 -77.59 -57.63
C THR PA 13 56.68 -78.65 -58.29
N ALA PA 14 56.84 -78.87 -59.60
CA ALA PA 14 56.04 -79.87 -60.29
C ALA PA 14 56.44 -81.29 -59.91
N ARG PA 15 57.69 -81.48 -59.46
CA ARG PA 15 58.15 -82.80 -59.03
C ARG PA 15 57.58 -83.21 -57.68
N ARG PA 16 57.01 -82.27 -56.91
CA ARG PA 16 56.51 -82.53 -55.57
C ARG PA 16 55.29 -83.45 -55.58
N LYS PA 17 54.92 -83.91 -54.38
CA LYS PA 17 53.82 -84.85 -54.24
C LYS PA 17 52.47 -84.15 -54.25
N ASP PA 18 52.42 -82.92 -53.73
CA ASP PA 18 51.15 -82.20 -53.63
C ASP PA 18 50.64 -81.69 -54.97
N ALA PA 19 51.46 -81.74 -56.02
CA ALA PA 19 51.08 -81.26 -57.35
C ALA PA 19 49.99 -82.14 -57.94
N LYS PA 20 48.77 -81.61 -58.02
CA LYS PA 20 47.65 -82.37 -58.54
C LYS PA 20 47.64 -82.36 -60.07
N SER PA 21 47.80 -81.20 -60.68
CA SER PA 21 47.74 -81.07 -62.12
C SER PA 21 48.55 -79.86 -62.55
N VAL PA 22 48.81 -79.78 -63.86
CA VAL PA 22 49.45 -78.64 -64.48
C VAL PA 22 48.65 -78.28 -65.72
N LYS PA 23 48.46 -76.99 -65.95
CA LYS PA 23 47.69 -76.51 -67.08
C LYS PA 23 48.45 -75.40 -67.79
N ILE PA 24 48.18 -75.28 -69.09
CA ILE PA 24 48.92 -74.41 -69.99
C ILE PA 24 47.91 -73.44 -70.58
N LYS PA 25 48.04 -72.16 -70.24
CA LYS PA 25 47.21 -71.10 -70.80
C LYS PA 25 48.02 -70.33 -71.82
N LYS PA 26 47.64 -70.46 -73.10
CA LYS PA 26 48.35 -69.82 -74.19
C LYS PA 26 47.56 -68.63 -74.71
N ASN PA 27 47.77 -67.49 -74.08
CA ASN PA 27 47.25 -66.24 -74.60
C ASN PA 27 48.29 -65.54 -75.47
N LYS PA 28 48.02 -64.29 -75.83
CA LYS PA 28 48.96 -63.57 -76.69
C LYS PA 28 50.12 -63.01 -75.89
N ASP PA 29 51.33 -63.16 -76.45
CA ASP PA 29 52.60 -62.64 -75.94
C ASP PA 29 53.01 -63.21 -74.58
N ASN PA 30 52.33 -64.28 -74.12
CA ASN PA 30 52.61 -64.94 -72.85
C ASN PA 30 52.18 -66.39 -72.95
N VAL PA 31 52.85 -67.24 -72.17
CA VAL PA 31 52.43 -68.63 -71.96
C VAL PA 31 52.50 -68.87 -70.47
N LYS PA 32 51.39 -69.28 -69.86
CA LYS PA 32 51.31 -69.43 -68.42
C LYS PA 32 51.19 -70.91 -68.05
N PHE PA 33 52.14 -71.36 -67.23
CA PHE PA 33 52.15 -72.73 -66.70
C PHE PA 33 51.67 -72.65 -65.25
N LYS PA 34 50.53 -73.26 -64.97
CA LYS PA 34 49.96 -73.28 -63.62
C LYS PA 34 50.05 -74.70 -63.07
N VAL PA 35 50.58 -74.84 -61.85
CA VAL PA 35 50.61 -76.13 -61.18
C VAL PA 35 49.82 -76.01 -59.87
N ARG PA 36 48.93 -76.98 -59.64
CA ARG PA 36 48.00 -76.97 -58.51
C ARG PA 36 48.59 -77.80 -57.39
N CYS PA 37 49.20 -77.15 -56.41
CA CYS PA 37 49.66 -77.83 -55.22
C CYS PA 37 48.56 -77.84 -54.16
N SER PA 38 48.92 -78.23 -52.94
CA SER PA 38 47.92 -78.35 -51.89
C SER PA 38 47.53 -76.98 -51.34
N ARG PA 39 48.51 -76.08 -51.19
CA ARG PA 39 48.26 -74.79 -50.58
C ARG PA 39 48.13 -73.68 -51.63
N TYR PA 40 49.14 -73.53 -52.48
CA TYR PA 40 49.16 -72.45 -53.46
C TYR PA 40 49.01 -72.99 -54.88
N LEU PA 41 48.68 -72.07 -55.79
CA LEU PA 41 48.62 -72.33 -57.23
C LEU PA 41 49.84 -71.63 -57.82
N TYR PA 42 50.89 -72.41 -58.11
CA TYR PA 42 52.14 -71.80 -58.53
C TYR PA 42 52.16 -71.58 -60.04
N THR PA 43 52.46 -70.35 -60.44
CA THR PA 43 52.37 -69.96 -61.84
C THR PA 43 53.75 -69.60 -62.39
N LEU PA 44 53.87 -69.69 -63.70
CA LEU PA 44 55.12 -69.38 -64.40
C LEU PA 44 54.75 -68.73 -65.73
N VAL PA 45 55.20 -67.48 -65.93
CA VAL PA 45 54.89 -66.75 -67.15
C VAL PA 45 56.13 -66.71 -68.04
N ILE PA 46 56.06 -67.37 -69.19
CA ILE PA 46 57.17 -67.42 -70.13
C ILE PA 46 56.78 -66.59 -71.35
N THR PA 47 57.66 -65.66 -71.76
CA THR PA 47 57.37 -64.82 -72.90
C THR PA 47 57.85 -65.46 -74.20
N ASP PA 48 58.66 -66.52 -74.10
CA ASP PA 48 59.22 -67.16 -75.28
C ASP PA 48 58.47 -68.44 -75.60
N LYS PA 49 57.97 -68.52 -76.84
CA LYS PA 49 57.21 -69.68 -77.29
C LYS PA 49 58.11 -70.91 -77.44
N GLU PA 50 59.35 -70.72 -77.87
CA GLU PA 50 60.28 -71.83 -77.98
C GLU PA 50 60.68 -72.36 -76.60
N LYS PA 51 60.83 -71.46 -75.63
CA LYS PA 51 61.12 -71.88 -74.27
C LYS PA 51 59.93 -72.60 -73.65
N ALA PA 52 58.71 -72.16 -73.96
CA ALA PA 52 57.51 -72.85 -73.49
C ALA PA 52 57.38 -74.24 -74.13
N GLU PA 53 57.71 -74.36 -75.42
CA GLU PA 53 57.67 -75.66 -76.08
C GLU PA 53 58.75 -76.59 -75.55
N LYS PA 54 59.91 -76.03 -75.18
CA LYS PA 54 60.96 -76.84 -74.56
C LYS PA 54 60.58 -77.28 -73.16
N LEU PA 55 59.86 -76.43 -72.42
CA LEU PA 55 59.48 -76.78 -71.06
C LEU PA 55 58.34 -77.79 -71.06
N LYS PA 56 57.48 -77.74 -72.08
CA LYS PA 56 56.29 -78.60 -72.14
C LYS PA 56 56.67 -80.08 -72.28
N GLN PA 57 57.79 -80.37 -72.95
CA GLN PA 57 58.26 -81.75 -73.02
C GLN PA 57 58.97 -82.16 -71.73
N SER PA 58 59.30 -81.21 -70.86
CA SER PA 58 60.00 -81.51 -69.62
C SER PA 58 59.07 -81.79 -68.45
N LEU PA 59 57.77 -81.88 -68.67
CA LEU PA 59 56.85 -82.23 -67.59
C LEU PA 59 56.97 -83.71 -67.24
N PRO PA 60 56.80 -84.07 -65.97
CA PRO PA 60 56.80 -85.48 -65.60
C PRO PA 60 55.56 -86.19 -66.10
N PRO PA 61 55.66 -87.48 -66.42
CA PRO PA 61 54.48 -88.18 -66.99
C PRO PA 61 53.40 -88.48 -65.97
N GLY PA 62 53.75 -88.49 -64.68
CA GLY PA 62 52.74 -88.76 -63.66
C GLY PA 62 51.83 -87.57 -63.43
N LEU PA 63 52.31 -86.36 -63.73
CA LEU PA 63 51.51 -85.16 -63.52
C LEU PA 63 50.57 -84.94 -64.68
N ALA PA 64 49.32 -84.61 -64.38
CA ALA PA 64 48.28 -84.47 -65.41
C ALA PA 64 48.43 -83.13 -66.13
N VAL PA 65 48.75 -83.19 -67.42
CA VAL PA 65 48.94 -82.00 -68.25
C VAL PA 65 47.63 -81.67 -68.95
N LYS PA 66 47.23 -80.40 -68.88
CA LYS PA 66 45.98 -79.96 -69.50
C LYS PA 66 46.25 -78.64 -70.23
N GLU PA 67 46.07 -78.65 -71.54
CA GLU PA 67 46.18 -77.42 -72.33
C GLU PA 67 44.84 -76.71 -72.33
N LEU PA 68 44.74 -75.62 -71.58
CA LEU PA 68 43.46 -74.93 -71.39
C LEU PA 68 43.12 -74.12 -72.64
N LYS PA 69 41.88 -74.23 -73.09
CA LYS PA 69 41.41 -73.48 -74.25
C LYS PA 69 39.91 -73.20 -74.13
N SER QA 1 11.71 -61.94 -35.39
CA SER QA 1 13.15 -61.92 -35.18
C SER QA 1 13.84 -62.99 -36.02
N SER QA 2 14.81 -62.57 -36.83
CA SER QA 2 15.62 -63.53 -37.55
C SER QA 2 16.61 -64.22 -36.61
N HIS QA 3 17.03 -63.51 -35.56
CA HIS QA 3 17.88 -64.10 -34.53
C HIS QA 3 17.04 -64.90 -33.55
N LYS QA 4 16.72 -66.14 -33.90
CA LYS QA 4 15.89 -66.98 -33.05
C LYS QA 4 16.75 -67.79 -32.10
N THR QA 5 16.10 -68.40 -31.12
CA THR QA 5 16.69 -69.43 -30.27
C THR QA 5 16.00 -70.75 -30.55
N PHE QA 6 16.62 -71.83 -30.06
CA PHE QA 6 16.12 -73.18 -30.34
C PHE QA 6 14.80 -73.45 -29.62
N ARG QA 7 14.64 -72.95 -28.39
CA ARG QA 7 13.41 -73.15 -27.64
C ARG QA 7 12.24 -72.39 -28.26
N ILE QA 8 12.47 -71.14 -28.65
CA ILE QA 8 11.41 -70.33 -29.26
C ILE QA 8 11.06 -70.88 -30.65
N LYS QA 9 12.08 -71.34 -31.39
CA LYS QA 9 11.82 -71.93 -32.71
C LYS QA 9 11.06 -73.24 -32.60
N ARG QA 10 11.33 -74.04 -31.57
CA ARG QA 10 10.59 -75.28 -31.36
C ARG QA 10 9.14 -74.99 -30.92
N PHE QA 11 8.96 -73.95 -30.11
CA PHE QA 11 7.61 -73.53 -29.70
C PHE QA 11 6.80 -73.04 -30.89
N LEU QA 12 7.44 -72.31 -31.81
CA LEU QA 12 6.74 -71.91 -33.03
C LEU QA 12 6.51 -73.09 -33.97
N ALA QA 13 7.42 -74.07 -33.94
CA ALA QA 13 7.30 -75.24 -34.80
C ALA QA 13 6.12 -76.11 -34.41
N LYS QA 14 5.83 -76.18 -33.10
CA LYS QA 14 4.66 -76.96 -32.69
C LYS QA 14 3.35 -76.25 -33.07
N LYS QA 15 3.32 -74.92 -32.95
CA LYS QA 15 2.12 -74.18 -33.32
C LYS QA 15 1.88 -74.18 -34.83
N GLN QA 16 2.94 -74.20 -35.63
CA GLN QA 16 2.78 -74.28 -37.08
C GLN QA 16 2.19 -75.62 -37.50
N LYS QA 17 2.48 -76.69 -36.75
CA LYS QA 17 1.86 -77.97 -37.06
C LYS QA 17 0.46 -78.10 -36.45
N GLN QA 18 0.19 -77.37 -35.35
CA GLN QA 18 -1.16 -77.33 -34.82
C GLN QA 18 -2.10 -76.48 -35.67
N ASN QA 19 -1.56 -75.60 -36.50
CA ASN QA 19 -2.40 -74.66 -37.24
C ASN QA 19 -3.17 -75.32 -38.39
N ARG QA 20 -2.86 -76.58 -38.70
CA ARG QA 20 -3.50 -77.26 -39.83
C ARG QA 20 -4.94 -77.67 -39.47
N PRO QA 21 -5.83 -77.74 -40.45
CA PRO QA 21 -7.22 -78.12 -40.16
C PRO QA 21 -7.39 -79.63 -39.97
N ILE QA 22 -8.65 -80.03 -39.85
CA ILE QA 22 -9.03 -81.41 -39.61
C ILE QA 22 -9.06 -82.16 -40.94
N PRO QA 23 -8.92 -83.48 -40.97
CA PRO QA 23 -9.15 -84.23 -42.21
C PRO QA 23 -10.63 -84.47 -42.45
N GLN QA 24 -10.92 -85.05 -43.62
CA GLN QA 24 -12.31 -85.23 -44.04
C GLN QA 24 -12.90 -86.55 -43.55
N TRP QA 25 -12.06 -87.46 -43.03
CA TRP QA 25 -12.57 -88.73 -42.55
C TRP QA 25 -12.95 -88.69 -41.08
N ILE QA 26 -12.61 -87.60 -40.38
CA ILE QA 26 -12.80 -87.56 -38.94
C ILE QA 26 -14.27 -87.31 -38.58
N TRP QA 27 -15.04 -86.74 -39.51
CA TRP QA 27 -16.46 -86.52 -39.29
C TRP QA 27 -17.33 -87.61 -39.90
N MET QA 28 -16.74 -88.76 -40.23
CA MET QA 28 -17.48 -89.90 -40.75
C MET QA 28 -17.63 -90.98 -39.67
N LYS QA 29 -17.08 -90.73 -38.48
CA LYS QA 29 -17.16 -91.67 -37.37
C LYS QA 29 -18.56 -91.65 -36.74
N THR QA 30 -18.74 -92.49 -35.73
CA THR QA 30 -20.05 -92.66 -35.12
C THR QA 30 -20.39 -91.50 -34.20
N GLY QA 31 -19.55 -91.26 -33.20
CA GLY QA 31 -19.85 -90.27 -32.19
C GLY QA 31 -19.19 -88.92 -32.41
N ASN QA 32 -19.18 -88.45 -33.65
CA ASN QA 32 -18.53 -87.20 -33.99
C ASN QA 32 -19.29 -85.99 -33.45
N LYS QA 33 -18.53 -85.03 -32.92
CA LYS QA 33 -19.07 -83.78 -32.40
C LYS QA 33 -18.19 -82.62 -32.84
N ILE QA 34 -17.41 -82.85 -33.90
CA ILE QA 34 -16.45 -81.86 -34.40
C ILE QA 34 -16.80 -81.58 -35.85
N ARG QA 35 -17.29 -80.37 -36.12
CA ARG QA 35 -17.58 -79.97 -37.49
C ARG QA 35 -16.35 -79.38 -38.17
N TYR QA 36 -15.56 -78.62 -37.42
CA TYR QA 36 -14.36 -77.99 -37.94
C TYR QA 36 -13.39 -77.77 -36.79
N ASN QA 37 -12.18 -77.33 -37.14
CA ASN QA 37 -11.18 -77.00 -36.13
C ASN QA 37 -11.48 -75.63 -35.55
N SER QA 38 -11.85 -75.58 -34.27
CA SER QA 38 -12.18 -74.31 -33.65
C SER QA 38 -10.95 -73.59 -33.10
N LYS QA 39 -9.77 -74.22 -33.22
CA LYS QA 39 -8.52 -73.65 -32.73
C LYS QA 39 -7.65 -73.16 -33.87
N ARG QA 40 -8.24 -72.66 -34.95
CA ARG QA 40 -7.48 -72.12 -36.07
C ARG QA 40 -6.98 -70.73 -35.70
N ARG QA 41 -5.68 -70.61 -35.48
CA ARG QA 41 -5.04 -69.34 -35.14
C ARG QA 41 -4.54 -68.70 -36.43
N HIS QA 42 -5.00 -67.47 -36.69
CA HIS QA 42 -4.47 -66.72 -37.83
C HIS QA 42 -3.39 -65.76 -37.33
N TRP QA 43 -2.45 -65.43 -38.20
CA TRP QA 43 -1.26 -64.70 -37.78
C TRP QA 43 -1.53 -63.20 -37.62
N ARG QA 44 -2.70 -62.74 -38.07
CA ARG QA 44 -3.09 -61.36 -37.81
C ARG QA 44 -4.05 -61.26 -36.63
N ARG QA 45 -4.93 -62.24 -36.47
CA ARG QA 45 -6.00 -62.15 -35.48
C ARG QA 45 -5.47 -62.41 -34.07
N THR QA 46 -4.91 -63.60 -33.85
CA THR QA 46 -4.32 -63.95 -32.56
C THR QA 46 -2.80 -63.93 -32.70
N LYS QA 47 -2.13 -63.17 -31.83
CA LYS QA 47 -0.69 -62.97 -31.90
C LYS QA 47 0.08 -63.90 -30.97
N LEU QA 48 -0.48 -65.08 -30.67
CA LEU QA 48 0.24 -66.21 -30.04
C LEU QA 48 0.70 -65.89 -28.62
N GLY QA 49 0.18 -64.82 -28.02
CA GLY QA 49 0.67 -64.39 -26.73
C GLY QA 49 1.98 -63.65 -26.87
N LEU QA 50 2.95 -64.02 -26.03
CA LEU QA 50 4.28 -63.41 -25.94
C LEU QA 50 4.25 -61.89 -25.76
N ILE RA 1 -55.18 49.48 -39.00
CA ILE RA 1 -54.63 48.31 -39.66
C ILE RA 1 -55.76 47.29 -39.89
N ILE RA 2 -56.83 47.41 -39.10
CA ILE RA 2 -57.95 46.50 -39.21
C ILE RA 2 -59.18 47.23 -38.66
N GLU RA 3 -60.36 46.90 -39.20
CA GLU RA 3 -61.62 47.41 -38.69
C GLU RA 3 -61.90 46.81 -37.31
N PRO RA 4 -62.33 47.63 -36.34
CA PRO RA 4 -62.58 47.09 -35.00
C PRO RA 4 -63.80 46.17 -34.92
N SER RA 5 -64.82 46.41 -35.74
CA SER RA 5 -65.98 45.52 -35.75
C SER RA 5 -65.61 44.16 -36.35
N LEU RA 6 -64.80 44.15 -37.42
CA LEU RA 6 -64.31 42.90 -37.96
C LEU RA 6 -63.34 42.21 -37.01
N ARG RA 7 -62.58 42.99 -36.24
CA ARG RA 7 -61.68 42.43 -35.23
C ARG RA 7 -62.47 41.73 -34.12
N GLN RA 8 -63.56 42.37 -33.66
CA GLN RA 8 -64.41 41.73 -32.66
C GLN RA 8 -65.15 40.53 -33.23
N LEU RA 9 -65.52 40.58 -34.51
CA LEU RA 9 -66.17 39.45 -35.16
C LEU RA 9 -65.20 38.27 -35.30
N ALA RA 10 -63.89 38.56 -35.41
CA ALA RA 10 -62.91 37.49 -35.39
C ALA RA 10 -62.63 37.02 -33.96
N GLN RA 11 -62.70 37.93 -32.98
CA GLN RA 11 -62.53 37.57 -31.57
C GLN RA 11 -63.63 36.62 -31.11
N LYS RA 12 -64.85 36.81 -31.63
CA LYS RA 12 -65.99 35.96 -31.24
C LYS RA 12 -65.79 34.52 -31.69
N TYR RA 13 -65.16 34.33 -32.86
CA TYR RA 13 -65.00 32.97 -33.38
C TYR RA 13 -63.64 32.36 -33.03
N ASN RA 14 -62.67 33.17 -32.60
CA ASN RA 14 -61.34 32.64 -32.30
C ASN RA 14 -61.01 32.70 -30.81
N CYS RA 15 -61.14 33.86 -30.18
CA CYS RA 15 -60.55 34.04 -28.85
C CYS RA 15 -61.56 33.79 -27.73
N ASP RA 16 -62.81 34.23 -27.91
CA ASP RA 16 -63.81 34.19 -26.85
C ASP RA 16 -64.31 32.75 -26.70
N LYS RA 17 -63.50 31.94 -26.03
CA LYS RA 17 -63.77 30.51 -25.89
C LYS RA 17 -63.49 30.07 -24.46
N MET RA 18 -64.01 28.89 -24.11
CA MET RA 18 -63.70 28.23 -22.85
C MET RA 18 -62.79 27.04 -23.15
N ILE RA 19 -61.79 26.83 -22.30
CA ILE RA 19 -60.84 25.75 -22.45
C ILE RA 19 -60.91 24.86 -21.22
N CYS RA 20 -61.00 23.54 -21.44
CA CYS RA 20 -61.04 22.60 -20.34
C CYS RA 20 -59.68 22.44 -19.71
N ARG RA 21 -59.66 22.06 -18.43
CA ARG RA 21 -58.39 21.83 -17.76
C ARG RA 21 -57.84 20.43 -18.05
N LYS RA 22 -58.71 19.46 -18.30
CA LYS RA 22 -58.25 18.09 -18.50
C LYS RA 22 -57.79 17.85 -19.93
N CYS RA 23 -58.69 18.03 -20.89
CA CYS RA 23 -58.42 17.67 -22.28
C CYS RA 23 -58.15 18.87 -23.18
N TYR RA 24 -58.14 20.09 -22.62
CA TYR RA 24 -57.80 21.35 -23.32
C TYR RA 24 -58.69 21.61 -24.52
N ALA RA 25 -59.96 21.21 -24.45
CA ALA RA 25 -60.86 21.32 -25.59
C ALA RA 25 -61.44 22.73 -25.69
N ARG RA 26 -61.55 23.23 -26.92
CA ARG RA 26 -62.14 24.53 -27.19
C ARG RA 26 -63.66 24.41 -27.09
N LEU RA 27 -64.27 25.26 -26.25
CA LEU RA 27 -65.68 25.17 -25.95
C LEU RA 27 -66.36 26.51 -26.22
N HIS RA 28 -67.69 26.49 -26.27
CA HIS RA 28 -68.47 27.70 -26.43
C HIS RA 28 -68.36 28.54 -25.15
N PRO RA 29 -68.43 29.88 -25.25
CA PRO RA 29 -68.03 30.72 -24.10
C PRO RA 29 -68.96 30.67 -22.90
N ARG RA 30 -70.24 30.39 -23.10
CA ARG RA 30 -71.16 30.22 -21.98
C ARG RA 30 -71.37 28.74 -21.68
N ALA RA 31 -70.32 28.09 -21.20
CA ALA RA 31 -70.32 26.68 -20.88
C ALA RA 31 -70.03 26.46 -19.40
N VAL RA 32 -70.60 25.39 -18.85
CA VAL RA 32 -70.38 25.02 -17.46
C VAL RA 32 -69.67 23.68 -17.39
N ASN RA 33 -69.82 22.86 -18.43
CA ASN RA 33 -69.22 21.54 -18.48
C ASN RA 33 -68.57 21.31 -19.84
N CYS RA 34 -67.58 20.43 -19.86
CA CYS RA 34 -66.90 20.08 -21.09
C CYS RA 34 -67.76 19.14 -21.92
N ARG RA 35 -67.48 19.09 -23.21
CA ARG RA 35 -68.28 18.30 -24.14
C ARG RA 35 -67.62 16.99 -24.53
N LYS RA 36 -66.36 16.80 -24.19
CA LYS RA 36 -65.64 15.60 -24.59
C LYS RA 36 -65.83 14.49 -23.56
N LYS RA 37 -65.88 13.25 -24.07
CA LYS RA 37 -66.02 12.09 -23.22
C LYS RA 37 -64.69 11.68 -22.59
N LYS RA 38 -63.58 12.13 -23.17
CA LYS RA 38 -62.25 11.74 -22.71
C LYS RA 38 -61.90 12.33 -21.35
N CYS RA 39 -62.60 13.38 -20.93
CA CYS RA 39 -62.39 13.93 -19.60
C CYS RA 39 -63.45 13.45 -18.61
N GLY RA 40 -64.64 13.12 -19.10
CA GLY RA 40 -65.74 12.74 -18.24
C GLY RA 40 -66.66 13.90 -17.93
N HIS RA 41 -66.78 14.82 -18.91
CA HIS RA 41 -67.57 16.05 -18.80
C HIS RA 41 -67.15 16.89 -17.59
N THR RA 42 -65.86 17.23 -17.56
CA THR RA 42 -65.29 17.88 -16.39
C THR RA 42 -65.69 19.35 -16.34
N ASN RA 43 -66.16 19.79 -15.16
CA ASN RA 43 -66.55 21.18 -14.98
C ASN RA 43 -65.37 22.13 -14.76
N ASN RA 44 -64.15 21.61 -14.67
CA ASN RA 44 -62.96 22.44 -14.53
C ASN RA 44 -62.65 23.11 -15.87
N LEU RA 45 -63.08 24.37 -16.00
CA LEU RA 45 -62.92 25.13 -17.22
C LEU RA 45 -62.18 26.42 -16.91
N ARG RA 46 -61.79 27.13 -17.95
CA ARG RA 46 -61.16 28.43 -17.81
C ARG RA 46 -61.47 29.25 -19.05
N PRO RA 47 -61.43 30.58 -18.95
CA PRO RA 47 -61.49 31.39 -20.17
C PRO RA 47 -60.20 31.24 -20.98
N LYS RA 48 -60.33 31.43 -22.29
CA LYS RA 48 -59.16 31.40 -23.15
C LYS RA 48 -58.35 32.68 -22.96
N LYS RA 49 -57.02 32.52 -22.93
CA LYS RA 49 -56.12 33.62 -22.56
C LYS RA 49 -56.10 34.68 -23.64
N LYS RA 50 -56.27 35.94 -23.22
CA LYS RA 50 -56.29 37.06 -24.15
C LYS RA 50 -54.87 37.45 -24.53
N VAL RA 51 -54.70 37.89 -25.79
CA VAL RA 51 -53.39 38.30 -26.26
C VAL RA 51 -53.10 39.72 -25.81
N LYS RA 52 -51.83 39.99 -25.49
CA LYS RA 52 -51.43 41.30 -25.01
C LYS RA 52 -51.04 42.21 -26.17
N MET SA 1 27.83 28.99 7.71
CA MET SA 1 27.84 27.83 6.82
C MET SA 1 29.25 27.47 6.40
N ARG SA 2 29.69 26.26 6.75
CA ARG SA 2 31.03 25.83 6.37
C ARG SA 2 31.05 25.49 4.88
N ALA SA 3 32.14 25.90 4.22
CA ALA SA 3 32.30 25.62 2.79
C ALA SA 3 32.44 24.13 2.52
N LYS SA 4 33.00 23.38 3.47
CA LYS SA 4 33.11 21.94 3.34
C LYS SA 4 31.75 21.26 3.32
N TRP SA 5 30.85 21.65 4.21
CA TRP SA 5 29.54 21.03 4.21
C TRP SA 5 28.65 21.60 3.11
N ARG SA 6 28.94 22.82 2.65
CA ARG SA 6 28.31 23.33 1.44
C ARG SA 6 28.69 22.49 0.24
N LYS SA 7 29.98 22.11 0.14
CA LYS SA 7 30.44 21.24 -0.94
C LYS SA 7 29.84 19.85 -0.82
N LYS SA 8 29.66 19.36 0.40
CA LYS SA 8 29.04 18.04 0.59
C LYS SA 8 27.56 18.05 0.22
N ARG SA 9 26.85 19.14 0.57
CA ARG SA 9 25.45 19.28 0.18
C ARG SA 9 25.31 19.43 -1.33
N MET SA 10 26.26 20.11 -1.97
CA MET SA 10 26.23 20.19 -3.43
C MET SA 10 26.54 18.84 -4.08
N ARG SA 11 27.39 18.01 -3.46
CA ARG SA 11 27.60 16.66 -3.97
C ARG SA 11 26.34 15.80 -3.81
N ARG SA 12 25.63 15.96 -2.70
CA ARG SA 12 24.34 15.28 -2.51
C ARG SA 12 23.33 15.74 -3.56
N LEU SA 13 23.33 17.03 -3.87
CA LEU SA 13 22.36 17.57 -4.83
C LEU SA 13 22.71 17.14 -6.25
N LYS SA 14 24.01 17.02 -6.55
CA LYS SA 14 24.41 16.49 -7.85
C LYS SA 14 24.09 15.01 -7.99
N ARG SA 15 24.21 14.26 -6.89
CA ARG SA 15 23.82 12.85 -6.91
C ARG SA 15 22.30 12.72 -7.11
N LYS SA 16 21.53 13.61 -6.50
CA LYS SA 16 20.07 13.62 -6.71
C LYS SA 16 19.71 14.00 -8.14
N ARG SA 17 20.44 14.95 -8.73
CA ARG SA 17 20.18 15.32 -10.13
C ARG SA 17 20.57 14.21 -11.09
N ARG SA 18 21.66 13.49 -10.81
CA ARG SA 18 22.02 12.34 -11.64
C ARG SA 18 21.01 11.21 -11.49
N LYS SA 19 20.47 11.01 -10.29
CA LYS SA 19 19.45 9.99 -10.08
C LYS SA 19 18.15 10.36 -10.79
N MET SA 20 17.80 11.65 -10.81
CA MET SA 20 16.60 12.07 -11.51
C MET SA 20 16.79 12.03 -13.03
N ARG SA 21 18.02 12.24 -13.51
CA ARG SA 21 18.26 12.23 -14.94
C ARG SA 21 18.37 10.81 -15.48
N GLN SA 22 18.92 9.88 -14.69
CA GLN SA 22 19.06 8.50 -15.13
C GLN SA 22 17.69 7.81 -15.21
N ARG SA 23 16.72 8.28 -14.42
CA ARG SA 23 15.37 7.77 -14.52
C ARG SA 23 14.70 8.22 -15.82
N SER SA 24 15.00 9.43 -16.28
CA SER SA 24 14.45 9.89 -17.55
C SER SA 24 15.17 9.24 -18.73
N LYS SA 25 16.45 8.94 -18.58
CA LYS SA 25 17.20 8.24 -19.62
C LYS SA 25 16.75 6.78 -19.73
N VAL TA 1 -21.06 -18.38 52.29
CA VAL TA 1 -21.97 -18.12 53.40
C VAL TA 1 -21.22 -18.30 54.71
N ASN TA 2 -21.91 -18.04 55.81
CA ASN TA 2 -21.35 -18.20 57.15
C ASN TA 2 -22.12 -19.26 57.90
N VAL TA 3 -21.40 -20.24 58.46
CA VAL TA 3 -21.98 -21.26 59.32
C VAL TA 3 -21.18 -21.28 60.63
N PRO TA 4 -21.79 -21.62 61.75
CA PRO TA 4 -21.02 -21.72 63.00
C PRO TA 4 -20.33 -23.06 63.11
N LYS TA 5 -19.32 -23.11 63.97
CA LYS TA 5 -18.57 -24.35 64.15
C LYS TA 5 -19.27 -25.28 65.15
N THR TA 6 -20.22 -24.77 65.91
CA THR TA 6 -20.95 -25.57 66.90
C THR TA 6 -22.42 -25.61 66.50
N ARG TA 7 -22.93 -26.81 66.24
CA ARG TA 7 -24.33 -27.00 65.86
C ARG TA 7 -24.95 -28.10 66.70
N ARG TA 8 -25.98 -27.75 67.47
CA ARG TA 8 -26.71 -28.74 68.26
C ARG TA 8 -27.82 -29.31 67.40
N THR TA 9 -27.67 -30.58 67.01
CA THR TA 9 -28.63 -31.21 66.11
C THR TA 9 -28.73 -32.69 66.44
N PHE TA 10 -29.51 -33.40 65.63
CA PHE TA 10 -29.85 -34.79 65.88
C PHE TA 10 -28.62 -35.69 65.71
N CYS TA 11 -28.58 -36.75 66.52
CA CYS TA 11 -27.51 -37.74 66.45
C CYS TA 11 -28.13 -39.10 66.14
N LYS TA 12 -27.44 -39.89 65.32
CA LYS TA 12 -27.99 -41.17 64.88
C LYS TA 12 -27.88 -42.24 65.96
N LYS TA 13 -26.70 -42.38 66.55
CA LYS TA 13 -26.50 -43.48 67.50
C LYS TA 13 -27.12 -43.15 68.86
N CYS TA 14 -27.04 -41.89 69.29
CA CYS TA 14 -27.66 -41.50 70.54
C CYS TA 14 -29.18 -41.42 70.41
N GLY TA 15 -29.66 -40.67 69.43
CA GLY TA 15 -31.07 -40.49 69.19
C GLY TA 15 -31.63 -39.18 69.69
N LYS TA 16 -30.77 -38.31 70.24
CA LYS TA 16 -31.18 -37.02 70.78
C LYS TA 16 -30.45 -35.89 70.06
N HIS TA 17 -30.84 -34.66 70.36
CA HIS TA 17 -30.10 -33.49 69.92
C HIS TA 17 -28.90 -33.27 70.82
N GLN TA 18 -27.72 -33.34 70.24
CA GLN TA 18 -26.44 -33.17 70.91
C GLN TA 18 -25.61 -32.20 70.09
N PRO TA 19 -24.63 -31.53 70.70
CA PRO TA 19 -23.78 -30.62 69.93
C PRO TA 19 -22.79 -31.34 69.04
N HIS TA 20 -22.42 -30.67 67.95
CA HIS TA 20 -21.51 -31.18 66.95
C HIS TA 20 -20.53 -30.09 66.57
N LYS TA 21 -19.25 -30.44 66.55
CA LYS TA 21 -18.21 -29.63 65.94
C LYS TA 21 -18.39 -29.70 64.42
N VAL TA 22 -18.38 -28.55 63.77
CA VAL TA 22 -18.64 -28.45 62.35
C VAL TA 22 -17.35 -28.04 61.63
N THR TA 23 -16.95 -28.85 60.64
CA THR TA 23 -15.83 -28.51 59.79
C THR TA 23 -16.24 -28.75 58.35
N GLN TA 24 -15.42 -28.29 57.41
CA GLN TA 24 -15.73 -28.50 56.00
C GLN TA 24 -15.15 -29.83 55.53
N TYR TA 25 -15.79 -30.41 54.51
CA TYR TA 25 -15.37 -31.68 53.96
C TYR TA 25 -14.58 -31.48 52.67
N LYS TA 26 -13.47 -32.21 52.58
CA LYS TA 26 -12.64 -32.23 51.38
C LYS TA 26 -12.48 -33.67 50.91
N LYS TA 27 -12.17 -33.82 49.62
CA LYS TA 27 -11.98 -35.14 49.04
C LYS TA 27 -10.70 -35.78 49.57
N GLY TA 28 -10.81 -37.05 49.98
CA GLY TA 28 -9.64 -37.79 50.42
C GLY TA 28 -8.74 -38.18 49.28
N LYS TA 29 -7.58 -38.74 49.64
CA LYS TA 29 -6.63 -39.20 48.64
C LYS TA 29 -7.15 -40.45 47.96
N ASP TA 30 -6.97 -40.53 46.65
CA ASP TA 30 -7.44 -41.68 45.88
C ASP TA 30 -6.53 -42.87 46.15
N SER TA 31 -7.11 -43.97 46.62
CA SER TA 31 -6.33 -45.17 46.89
C SER TA 31 -5.97 -45.87 45.59
N LEU TA 32 -4.72 -46.35 45.52
CA LEU TA 32 -4.25 -47.02 44.31
C LEU TA 32 -4.83 -48.42 44.20
N TYR TA 33 -5.30 -48.99 45.32
CA TYR TA 33 -5.76 -50.37 45.37
C TYR TA 33 -7.28 -50.49 45.40
N ALA TA 34 -8.00 -49.45 44.99
CA ALA TA 34 -9.44 -49.56 44.81
C ALA TA 34 -9.72 -50.37 43.54
N GLN TA 35 -10.98 -50.83 43.41
CA GLN TA 35 -11.30 -51.77 42.33
C GLN TA 35 -11.29 -51.10 40.97
N GLY TA 36 -11.94 -49.93 40.86
CA GLY TA 36 -11.92 -49.20 39.61
C GLY TA 36 -10.56 -48.62 39.29
N LYS TA 37 -9.76 -48.32 40.32
CA LYS TA 37 -8.40 -47.84 40.08
C LYS TA 37 -7.50 -48.96 39.54
N ARG TA 38 -7.63 -50.17 40.11
CA ARG TA 38 -6.91 -51.32 39.59
C ARG TA 38 -7.37 -51.70 38.19
N ARG TA 39 -8.68 -51.60 37.94
CA ARG TA 39 -9.21 -51.88 36.60
C ARG TA 39 -8.72 -50.85 35.59
N TYR TA 40 -8.65 -49.58 35.97
CA TYR TA 40 -8.17 -48.54 35.08
C TYR TA 40 -6.68 -48.68 34.82
N ASP TA 41 -5.92 -49.09 35.84
CA ASP TA 41 -4.49 -49.30 35.66
C ASP TA 41 -4.21 -50.49 34.75
N ARG TA 42 -5.00 -51.57 34.89
CA ARG TA 42 -4.82 -52.73 34.02
C ARG TA 42 -5.28 -52.44 32.60
N LYS TA 43 -6.32 -51.61 32.46
CA LYS TA 43 -6.83 -51.27 31.13
C LYS TA 43 -5.91 -50.29 30.43
N GLN TA 44 -5.26 -49.40 31.18
CA GLN TA 44 -4.36 -48.42 30.59
C GLN TA 44 -2.99 -49.03 30.33
N SER TA 45 -2.61 -50.05 31.11
CA SER TA 45 -1.34 -50.73 30.91
C SER TA 45 -1.36 -51.52 29.61
N GLY TA 46 -0.46 -51.17 28.70
CA GLY TA 46 -0.41 -51.74 27.38
C GLY TA 46 -0.52 -50.68 26.31
N TYR TA 47 -0.57 -51.14 25.06
CA TYR TA 47 -0.82 -50.24 23.96
C TYR TA 47 -2.33 -50.10 23.73
N GLY TA 48 -2.72 -48.95 23.20
CA GLY TA 48 -4.13 -48.63 23.03
C GLY TA 48 -4.42 -47.18 23.34
N GLY TA 49 -3.58 -46.56 24.15
CA GLY TA 49 -3.75 -45.18 24.51
C GLY TA 49 -4.71 -44.96 25.65
N GLN TA 50 -5.36 -43.81 25.67
CA GLN TA 50 -6.36 -43.51 26.70
C GLN TA 50 -7.65 -44.27 26.39
N THR TA 51 -7.99 -45.21 27.26
CA THR TA 51 -9.12 -46.10 27.00
C THR TA 51 -10.43 -45.49 27.48
N LYS TA 52 -10.45 -45.02 28.72
CA LYS TA 52 -11.64 -44.41 29.32
C LYS TA 52 -11.65 -42.91 29.06
N PRO TA 53 -12.83 -42.30 28.95
CA PRO TA 53 -12.92 -40.87 28.60
C PRO TA 53 -12.38 -39.95 29.68
N ILE TA 54 -11.94 -38.77 29.26
CA ILE TA 54 -11.44 -37.71 30.13
C ILE TA 54 -12.36 -36.51 29.98
N PHE TA 55 -13.03 -36.14 31.06
CA PHE TA 55 -14.02 -35.06 31.02
C PHE TA 55 -13.33 -33.71 30.87
N ARG TA 56 -13.88 -32.87 29.99
CA ARG TA 56 -13.27 -31.58 29.66
C ARG TA 56 -14.22 -30.39 29.67
N LYS TA 57 -15.53 -30.58 29.51
CA LYS TA 57 -16.48 -29.47 29.37
C LYS TA 57 -16.99 -29.07 30.75
N LYS TA 58 -16.09 -28.52 31.58
CA LYS TA 58 -16.44 -28.04 32.91
C LYS TA 58 -17.27 -26.77 32.76
N ALA TA 59 -18.52 -26.81 33.23
CA ALA TA 59 -19.45 -25.71 33.03
C ALA TA 59 -19.64 -24.86 34.27
N LYS TA 60 -19.99 -25.48 35.40
CA LYS TA 60 -20.27 -24.75 36.62
C LYS TA 60 -18.98 -24.44 37.39
N THR TA 61 -19.03 -23.35 38.16
CA THR TA 61 -17.83 -22.79 38.76
C THR TA 61 -17.72 -23.01 40.27
N THR TA 62 -18.79 -23.47 40.92
CA THR TA 62 -18.76 -23.69 42.36
C THR TA 62 -19.21 -25.10 42.68
N LYS TA 63 -19.00 -25.51 43.93
CA LYS TA 63 -19.28 -26.86 44.39
C LYS TA 63 -20.35 -26.83 45.48
N LYS TA 64 -20.89 -28.01 45.79
CA LYS TA 64 -21.77 -28.17 46.94
C LYS TA 64 -20.92 -28.38 48.18
N ILE TA 65 -20.93 -27.40 49.08
CA ILE TA 65 -20.13 -27.51 50.29
C ILE TA 65 -20.77 -28.49 51.26
N VAL TA 66 -19.94 -29.28 51.92
CA VAL TA 66 -20.38 -30.36 52.79
C VAL TA 66 -19.82 -30.11 54.18
N LEU TA 67 -20.67 -30.22 55.20
CA LEU TA 67 -20.25 -30.07 56.58
C LEU TA 67 -20.11 -31.44 57.23
N ARG TA 68 -19.00 -31.64 57.94
CA ARG TA 68 -18.67 -32.89 58.61
C ARG TA 68 -18.92 -32.70 60.09
N LEU TA 69 -20.09 -33.14 60.55
CA LEU TA 69 -20.57 -32.85 61.90
C LEU TA 69 -20.14 -33.96 62.84
N GLU TA 70 -19.12 -33.67 63.65
CA GLU TA 70 -18.61 -34.63 64.61
C GLU TA 70 -19.25 -34.40 65.98
N CYS TA 71 -19.68 -35.47 66.64
CA CYS TA 71 -20.36 -35.34 67.92
C CYS TA 71 -19.40 -34.90 69.01
N VAL TA 72 -19.86 -33.99 69.88
CA VAL TA 72 -19.00 -33.47 70.94
C VAL TA 72 -18.84 -34.50 72.06
N GLU TA 73 -19.84 -35.36 72.26
CA GLU TA 73 -19.82 -36.35 73.34
C GLU TA 73 -18.72 -37.38 73.10
N PRO TA 74 -17.86 -37.64 74.08
CA PRO TA 74 -16.68 -38.50 73.83
C PRO TA 74 -17.03 -39.97 73.68
N ASN TA 75 -18.17 -40.41 74.18
CA ASN TA 75 -18.55 -41.82 74.06
C ASN TA 75 -19.07 -42.12 72.65
N CYS TA 76 -19.84 -41.20 72.07
CA CYS TA 76 -20.45 -41.46 70.77
C CYS TA 76 -19.47 -41.18 69.63
N ARG TA 77 -19.08 -39.91 69.48
CA ARG TA 77 -18.13 -39.43 68.46
C ARG TA 77 -18.55 -39.82 67.04
N SER TA 78 -19.84 -39.77 66.77
CA SER TA 78 -20.35 -40.15 65.46
C SER TA 78 -20.33 -38.96 64.51
N LYS TA 79 -20.20 -39.26 63.21
CA LYS TA 79 -20.08 -38.26 62.18
C LYS TA 79 -21.05 -38.58 61.04
N ARG TA 80 -21.48 -37.52 60.35
CA ARG TA 80 -22.27 -37.68 59.14
C ARG TA 80 -22.11 -36.44 58.28
N MET TA 81 -22.54 -36.55 57.03
CA MET TA 81 -22.45 -35.46 56.06
C MET TA 81 -23.78 -34.70 56.01
N LEU TA 82 -23.71 -33.41 55.69
CA LEU TA 82 -24.88 -32.55 55.59
C LEU TA 82 -24.72 -31.71 54.33
N ALA TA 83 -25.70 -31.78 53.43
CA ALA TA 83 -25.61 -31.08 52.16
C ALA TA 83 -26.32 -29.74 52.21
N ILE TA 84 -25.63 -28.71 51.72
CA ILE TA 84 -26.16 -27.36 51.61
C ILE TA 84 -26.01 -26.96 50.13
N LYS TA 85 -26.87 -26.04 49.68
CA LYS TA 85 -26.87 -25.53 48.31
C LYS TA 85 -25.54 -24.89 47.94
N ARG TA 86 -25.35 -24.69 46.63
CA ARG TA 86 -24.08 -24.23 46.10
C ARG TA 86 -23.80 -22.79 46.48
N CYS TA 87 -22.54 -22.51 46.82
CA CYS TA 87 -22.14 -21.16 47.19
C CYS TA 87 -20.70 -20.92 46.76
N LYS TA 88 -20.39 -19.68 46.39
CA LYS TA 88 -19.03 -19.34 46.01
C LYS TA 88 -18.17 -19.04 47.22
N HIS TA 89 -18.53 -18.01 47.98
CA HIS TA 89 -17.83 -17.67 49.21
C HIS TA 89 -18.36 -18.50 50.37
N PHE TA 90 -17.45 -18.92 51.25
CA PHE TA 90 -17.83 -19.79 52.37
C PHE TA 90 -16.79 -19.64 53.48
N GLU TA 91 -17.29 -19.64 54.72
CA GLU TA 91 -16.45 -19.49 55.90
C GLU TA 91 -17.14 -20.14 57.09
N LEU TA 92 -16.38 -20.34 58.16
CA LEU TA 92 -16.86 -21.04 59.35
C LEU TA 92 -16.75 -20.12 60.57
N GLY TA 93 -17.90 -19.57 61.00
CA GLY TA 93 -17.96 -18.83 62.25
C GLY TA 93 -17.18 -17.54 62.28
N GLY TA 94 -17.20 -16.79 61.18
CA GLY TA 94 -16.44 -15.56 61.11
C GLY TA 94 -17.31 -14.33 60.92
N ASP TA 95 -17.11 -13.34 61.80
CA ASP TA 95 -17.75 -12.02 61.74
C ASP TA 95 -19.27 -12.10 61.77
N LYS TA 96 -19.83 -12.53 62.89
CA LYS TA 96 -21.27 -12.52 63.11
C LYS TA 96 -21.78 -11.08 63.07
N LYS TA 97 -22.58 -10.78 62.04
CA LYS TA 97 -22.91 -9.39 61.72
C LYS TA 97 -23.96 -8.84 62.67
N ARG TA 98 -23.97 -7.51 62.80
CA ARG TA 98 -24.87 -6.79 63.68
C ARG TA 98 -25.98 -6.13 62.88
N LYS TA 99 -26.81 -5.36 63.59
CA LYS TA 99 -27.93 -4.64 62.99
C LYS TA 99 -27.86 -3.17 63.38
N GLY TA 100 -27.84 -2.30 62.38
CA GLY TA 100 -27.86 -0.86 62.63
C GLY TA 100 -26.55 -0.32 63.18
N GLN TA 101 -25.48 -0.45 62.40
CA GLN TA 101 -24.17 0.01 62.81
C GLN TA 101 -23.59 0.95 61.76
N VAL TA 102 -22.50 1.61 62.11
CA VAL TA 102 -21.82 2.52 61.21
C VAL TA 102 -20.97 1.72 60.24
N ILE TA 103 -21.19 1.92 58.94
CA ILE TA 103 -20.40 1.27 57.89
C ILE TA 103 -19.33 2.24 57.42
N GLN TA 104 -18.07 1.85 57.63
CA GLN TA 104 -16.94 2.67 57.19
C GLN TA 104 -16.13 1.95 56.13
N ALA UA 1 45.20 -5.77 -35.38
CA ALA UA 1 44.48 -4.58 -34.97
C ALA UA 1 43.78 -4.80 -33.63
N LYS UA 2 43.68 -3.73 -32.84
CA LYS UA 2 42.95 -3.81 -31.58
C LYS UA 2 41.45 -3.87 -31.86
N ARG UA 3 40.84 -5.01 -31.55
CA ARG UA 3 39.45 -5.26 -31.93
C ARG UA 3 38.47 -4.75 -30.90
N THR UA 4 38.63 -5.15 -29.64
CA THR UA 4 37.76 -4.74 -28.54
C THR UA 4 38.51 -3.81 -27.61
N LYS UA 5 37.77 -3.01 -26.86
CA LYS UA 5 38.41 -1.99 -26.01
C LYS UA 5 38.92 -2.59 -24.70
N LYS UA 6 38.03 -3.14 -23.88
CA LYS UA 6 38.43 -3.55 -22.54
C LYS UA 6 37.88 -4.94 -22.21
N VAL UA 7 37.48 -5.69 -23.24
CA VAL UA 7 37.14 -7.10 -23.06
C VAL UA 7 38.07 -7.95 -23.92
N GLY UA 8 38.68 -8.97 -23.29
CA GLY UA 8 39.65 -9.79 -23.98
C GLY UA 8 39.14 -11.17 -24.31
N ILE UA 9 39.51 -12.14 -23.47
CA ILE UA 9 39.13 -13.53 -23.71
C ILE UA 9 37.64 -13.75 -23.42
N VAL UA 10 37.03 -12.85 -22.65
CA VAL UA 10 35.64 -13.02 -22.24
C VAL UA 10 34.68 -12.54 -23.33
N GLY UA 11 35.22 -12.05 -24.44
CA GLY UA 11 34.39 -11.65 -25.57
C GLY UA 11 33.70 -12.81 -26.26
N LYS UA 12 34.15 -14.04 -25.98
CA LYS UA 12 33.43 -15.22 -26.46
C LYS UA 12 32.13 -15.42 -25.69
N TYR UA 13 32.01 -14.83 -24.51
CA TYR UA 13 30.78 -14.99 -23.74
C TYR UA 13 29.71 -14.00 -24.18
N GLY UA 14 30.08 -12.97 -24.92
CA GLY UA 14 29.12 -12.01 -25.43
C GLY UA 14 28.62 -11.05 -24.38
N THR UA 15 27.31 -10.77 -24.40
CA THR UA 15 26.73 -9.84 -23.44
C THR UA 15 26.32 -10.55 -22.15
N ARG UA 16 26.51 -11.86 -22.09
CA ARG UA 16 25.98 -12.65 -20.99
C ARG UA 16 26.87 -12.56 -19.75
N TYR UA 17 26.33 -13.05 -18.63
CA TYR UA 17 26.96 -13.43 -17.36
C TYR UA 17 27.40 -12.24 -16.50
N GLY UA 18 27.27 -11.01 -16.96
CA GLY UA 18 27.56 -9.87 -16.12
C GLY UA 18 28.99 -9.37 -16.26
N ALA UA 19 29.14 -8.05 -16.11
CA ALA UA 19 30.42 -7.40 -16.36
C ALA UA 19 31.44 -7.72 -15.29
N SER UA 20 31.04 -7.67 -14.02
CA SER UA 20 31.99 -7.95 -12.94
C SER UA 20 32.34 -9.42 -12.88
N LEU UA 21 31.39 -10.30 -13.20
CA LEU UA 21 31.71 -11.73 -13.24
C LEU UA 21 32.64 -12.05 -14.41
N ARG UA 22 32.44 -11.42 -15.57
CA ARG UA 22 33.37 -11.62 -16.68
C ARG UA 22 34.74 -11.01 -16.39
N LYS UA 23 34.76 -9.90 -15.64
CA LYS UA 23 36.03 -9.31 -15.24
C LYS UA 23 36.77 -10.20 -14.25
N MET UA 24 36.03 -10.92 -13.41
CA MET UA 24 36.66 -11.86 -12.48
C MET UA 24 37.11 -13.12 -13.20
N VAL UA 25 36.37 -13.54 -14.24
CA VAL UA 25 36.75 -14.72 -15.01
C VAL UA 25 37.94 -14.44 -15.92
N LYS UA 26 38.11 -13.17 -16.35
CA LYS UA 26 39.08 -12.81 -17.38
C LYS UA 26 40.53 -13.11 -16.99
N LYS UA 27 40.92 -12.74 -15.77
CA LYS UA 27 42.31 -12.91 -15.34
C LYS UA 27 42.66 -14.39 -15.19
N ILE UA 28 41.77 -15.17 -14.60
CA ILE UA 28 41.97 -16.61 -14.46
C ILE UA 28 41.97 -17.29 -15.84
N GLU UA 29 41.11 -16.84 -16.73
CA GLU UA 29 40.99 -17.44 -18.06
C GLU UA 29 42.23 -17.12 -18.92
N ILE UA 30 42.85 -15.97 -18.69
CA ILE UA 30 44.11 -15.66 -19.36
C ILE UA 30 45.25 -16.46 -18.72
N SER UA 31 45.22 -16.63 -17.39
CA SER UA 31 46.34 -17.25 -16.70
C SER UA 31 46.39 -18.76 -16.94
N GLN UA 32 45.24 -19.40 -17.20
CA GLN UA 32 45.27 -20.83 -17.44
C GLN UA 32 45.67 -21.16 -18.87
N HIS UA 33 45.51 -20.21 -19.80
CA HIS UA 33 45.89 -20.48 -21.18
C HIS UA 33 47.20 -19.80 -21.54
N ALA UA 34 47.77 -19.01 -20.64
CA ALA UA 34 49.08 -18.44 -20.88
C ALA UA 34 50.15 -19.51 -20.72
N LYS UA 35 50.92 -19.73 -21.80
CA LYS UA 35 51.99 -20.71 -21.77
C LYS UA 35 53.13 -20.18 -20.92
N TYR UA 36 53.68 -21.05 -20.07
CA TYR UA 36 54.65 -20.64 -19.08
C TYR UA 36 56.02 -21.24 -19.38
N THR UA 37 57.06 -20.50 -18.98
CA THR UA 37 58.43 -20.96 -19.15
C THR UA 37 58.70 -22.10 -18.18
N CYS UA 38 59.12 -23.25 -18.73
CA CYS UA 38 59.37 -24.43 -17.91
C CYS UA 38 60.64 -24.24 -17.08
N SER UA 39 60.60 -24.67 -15.82
CA SER UA 39 61.77 -24.54 -14.97
C SER UA 39 62.83 -25.58 -15.31
N PHE UA 40 62.45 -26.63 -16.03
CA PHE UA 40 63.38 -27.72 -16.32
C PHE UA 40 64.14 -27.47 -17.61
N CYS UA 41 63.43 -27.27 -18.72
CA CYS UA 41 64.09 -27.06 -20.01
C CYS UA 41 64.29 -25.58 -20.31
N GLY UA 42 63.28 -24.76 -20.04
CA GLY UA 42 63.37 -23.35 -20.32
C GLY UA 42 62.40 -22.92 -21.40
N LYS UA 43 61.93 -23.90 -22.17
CA LYS UA 43 61.02 -23.63 -23.27
C LYS UA 43 59.64 -23.28 -22.75
N THR UA 44 59.02 -22.27 -23.36
CA THR UA 44 57.68 -21.81 -22.96
C THR UA 44 56.67 -22.81 -23.49
N LYS UA 45 56.50 -23.90 -22.73
CA LYS UA 45 55.65 -25.01 -23.15
C LYS UA 45 54.77 -25.58 -22.05
N MET UA 46 54.61 -24.89 -20.93
CA MET UA 46 53.81 -25.43 -19.82
C MET UA 46 52.34 -25.24 -20.14
N LYS UA 47 51.74 -26.28 -20.68
CA LYS UA 47 50.33 -26.27 -21.06
C LYS UA 47 49.51 -27.01 -20.02
N ARG UA 48 48.39 -26.40 -19.63
CA ARG UA 48 47.49 -26.97 -18.63
C ARG UA 48 46.69 -28.11 -19.25
N ARG UA 49 46.78 -29.30 -18.66
CA ARG UA 49 45.95 -30.42 -19.08
C ARG UA 49 44.60 -30.40 -18.39
N ALA UA 50 44.60 -30.26 -17.06
CA ALA UA 50 43.40 -30.27 -16.25
C ALA UA 50 43.72 -29.54 -14.95
N VAL UA 51 42.88 -29.74 -13.93
CA VAL UA 51 43.01 -29.01 -12.66
C VAL UA 51 44.26 -29.49 -11.92
N GLY UA 52 45.19 -28.58 -11.70
CA GLY UA 52 46.36 -28.88 -10.90
C GLY UA 52 47.46 -29.62 -11.64
N ILE UA 53 47.27 -29.94 -12.90
CA ILE UA 53 48.24 -30.70 -13.69
C ILE UA 53 48.71 -29.89 -14.89
N TRP UA 54 50.02 -29.66 -14.98
CA TRP UA 54 50.63 -28.89 -16.05
C TRP UA 54 51.63 -29.79 -16.77
N HIS UA 55 51.78 -29.60 -18.09
CA HIS UA 55 52.55 -30.50 -18.92
C HIS UA 55 53.52 -29.71 -19.77
N CYS UA 56 54.77 -30.16 -19.82
CA CYS UA 56 55.76 -29.57 -20.71
C CYS UA 56 55.75 -30.30 -22.05
N GLY UA 57 55.81 -29.54 -23.14
CA GLY UA 57 55.79 -30.16 -24.46
C GLY UA 57 57.13 -30.74 -24.86
N SER UA 58 58.22 -30.20 -24.28
CA SER UA 58 59.55 -30.63 -24.69
C SER UA 58 60.01 -31.85 -23.91
N CYS UA 59 60.08 -31.74 -22.58
CA CYS UA 59 60.62 -32.83 -21.77
C CYS UA 59 59.58 -33.92 -21.54
N MET UA 60 58.30 -33.62 -21.80
CA MET UA 60 57.15 -34.45 -21.42
C MET UA 60 57.19 -34.78 -19.93
N LYS UA 61 57.31 -33.73 -19.11
CA LYS UA 61 57.57 -33.87 -17.68
C LYS UA 61 56.45 -33.14 -16.94
N THR UA 62 55.50 -33.92 -16.44
CA THR UA 62 54.28 -33.37 -15.86
C THR UA 62 54.54 -32.86 -14.44
N VAL UA 63 54.08 -31.65 -14.16
CA VAL UA 63 54.25 -31.00 -12.85
C VAL UA 63 52.89 -30.78 -12.22
N ALA UA 64 52.75 -31.17 -10.96
CA ALA UA 64 51.54 -30.88 -10.18
C ALA UA 64 51.66 -29.46 -9.63
N GLY UA 65 50.93 -28.53 -10.24
CA GLY UA 65 50.91 -27.16 -9.83
C GLY UA 65 49.53 -26.69 -9.40
N GLY UA 66 49.32 -25.37 -9.51
CA GLY UA 66 48.04 -24.81 -9.14
C GLY UA 66 46.95 -25.13 -10.13
N ALA UA 67 45.71 -24.78 -9.74
CA ALA UA 67 44.55 -25.09 -10.57
C ALA UA 67 44.52 -24.23 -11.82
N TRP UA 68 44.67 -22.92 -11.66
CA TRP UA 68 44.58 -21.99 -12.78
C TRP UA 68 45.92 -21.38 -13.13
N THR UA 69 46.90 -21.46 -12.23
CA THR UA 69 48.25 -20.97 -12.48
C THR UA 69 49.22 -22.12 -12.26
N TYR UA 70 50.51 -21.84 -12.44
CA TYR UA 70 51.52 -22.87 -12.25
C TYR UA 70 51.98 -22.95 -10.81
N ASN UA 71 52.42 -21.82 -10.25
CA ASN UA 71 52.82 -21.74 -8.85
C ASN UA 71 51.92 -20.71 -8.16
N THR UA 72 51.25 -21.14 -7.11
CA THR UA 72 50.48 -20.21 -6.30
C THR UA 72 51.36 -19.60 -5.21
N THR UA 73 50.97 -18.41 -4.77
CA THR UA 73 51.76 -17.65 -3.80
C THR UA 73 51.76 -18.35 -2.44
N SER UA 74 50.65 -18.99 -2.09
CA SER UA 74 50.59 -19.78 -0.87
C SER UA 74 51.56 -20.96 -0.93
N ALA UA 75 51.66 -21.61 -2.09
CA ALA UA 75 52.60 -22.72 -2.23
C ALA UA 75 54.04 -22.24 -2.22
N VAL UA 76 54.31 -21.04 -2.73
CA VAL UA 76 55.67 -20.47 -2.66
C VAL UA 76 56.05 -20.17 -1.22
N THR UA 77 55.12 -19.59 -0.44
CA THR UA 77 55.39 -19.34 0.98
C THR UA 77 55.53 -20.64 1.77
N VAL UA 78 54.76 -21.67 1.40
CA VAL UA 78 54.88 -22.98 2.05
C VAL UA 78 56.24 -23.60 1.74
N LYS UA 79 56.71 -23.50 0.49
CA LYS UA 79 58.02 -24.04 0.13
C LYS UA 79 59.15 -23.29 0.82
N SER UA 80 58.99 -21.96 1.00
CA SER UA 80 59.98 -21.19 1.75
C SER UA 80 60.00 -21.59 3.22
N ALA UA 81 58.81 -21.80 3.83
CA ALA UA 81 58.76 -22.23 5.22
C ALA UA 81 59.32 -23.64 5.41
N ILE UA 82 59.10 -24.52 4.42
CA ILE UA 82 59.58 -25.89 4.52
C ILE UA 82 61.10 -25.94 4.35
N ARG UA 83 61.66 -25.13 3.43
CA ARG UA 83 63.12 -25.10 3.34
C ARG UA 83 63.76 -24.43 4.55
N ARG UA 84 63.08 -23.46 5.16
CA ARG UA 84 63.59 -22.86 6.39
C ARG UA 84 63.57 -23.86 7.54
N LEU UA 85 62.50 -24.65 7.67
CA LEU UA 85 62.46 -25.68 8.71
C LEU UA 85 63.45 -26.81 8.45
N LYS UA 86 63.70 -27.12 7.17
CA LYS UA 86 64.71 -28.12 6.82
C LYS UA 86 66.11 -27.64 7.19
N GLU UA 87 66.42 -26.37 6.91
CA GLU UA 87 67.70 -25.81 7.32
C GLU UA 87 67.81 -25.68 8.84
N LEU UA 88 66.70 -25.43 9.52
CA LEU UA 88 66.73 -25.33 10.98
C LEU UA 88 66.92 -26.71 11.62
N LYS UA 89 66.40 -27.76 10.98
CA LYS UA 89 66.65 -29.11 11.48
C LYS UA 89 68.07 -29.57 11.15
N ASP UA 90 68.59 -29.17 9.99
CA ASP UA 90 69.88 -29.67 9.55
C ASP UA 90 71.02 -28.97 10.27
N GLN UA 91 70.95 -27.63 10.38
CA GLN UA 91 71.98 -26.75 10.94
C GLN UA 91 73.35 -26.94 10.30
N SER VA 1 -69.03 -95.77 14.93
CA SER VA 1 -70.46 -95.89 14.66
C SER VA 1 -70.80 -95.39 13.26
N ALA VA 2 -71.74 -94.45 13.17
CA ALA VA 2 -72.10 -93.90 11.86
C ALA VA 2 -71.46 -92.53 11.65
N HIS VA 3 -71.75 -91.59 12.54
CA HIS VA 3 -71.20 -90.23 12.44
C HIS VA 3 -69.69 -90.23 12.69
N LEU VA 4 -69.21 -91.16 13.52
CA LEU VA 4 -67.79 -91.24 13.85
C LEU VA 4 -66.94 -91.55 12.62
N GLN VA 5 -67.42 -92.47 11.77
CA GLN VA 5 -66.68 -92.74 10.54
C GLN VA 5 -67.13 -91.84 9.39
N TRP VA 6 -68.29 -91.18 9.50
CA TRP VA 6 -68.65 -90.16 8.51
C TRP VA 6 -67.73 -88.96 8.60
N MET VA 7 -67.30 -88.59 9.82
CA MET VA 7 -66.35 -87.49 9.97
C MET VA 7 -64.97 -87.81 9.41
N VAL VA 8 -64.68 -89.09 9.16
CA VAL VA 8 -63.44 -89.48 8.50
C VAL VA 8 -63.63 -89.57 6.99
N VAL VA 9 -64.75 -90.16 6.56
CA VAL VA 9 -64.99 -90.43 5.13
C VAL VA 9 -65.30 -89.14 4.38
N ARG VA 10 -65.92 -88.17 5.06
CA ARG VA 10 -66.56 -86.99 4.45
C ARG VA 10 -65.68 -86.11 3.56
N ASN VA 11 -64.36 -86.20 3.70
CA ASN VA 11 -63.48 -85.36 2.89
C ASN VA 11 -62.39 -86.15 2.17
N CYS VA 12 -61.86 -87.21 2.79
CA CYS VA 12 -60.69 -87.90 2.28
C CYS VA 12 -60.96 -89.36 1.93
N SER VA 13 -62.08 -89.65 1.28
CA SER VA 13 -62.36 -91.00 0.82
C SER VA 13 -61.93 -91.18 -0.63
N SER VA 14 -61.69 -92.43 -1.02
CA SER VA 14 -61.23 -92.73 -2.36
C SER VA 14 -62.35 -92.63 -3.39
N PHE VA 15 -63.60 -92.81 -2.95
CA PHE VA 15 -64.73 -92.70 -3.86
C PHE VA 15 -65.11 -91.26 -4.12
N LEU VA 16 -64.61 -90.34 -3.29
CA LEU VA 16 -64.93 -88.93 -3.42
C LEU VA 16 -64.26 -88.34 -4.66
N ILE VA 17 -64.98 -87.43 -5.33
CA ILE VA 17 -64.49 -86.77 -6.52
C ILE VA 17 -65.06 -85.36 -6.56
N LYS VA 18 -64.20 -84.40 -6.90
CA LYS VA 18 -64.56 -82.97 -6.87
C LYS VA 18 -64.02 -82.29 -8.11
N ARG VA 19 -64.92 -81.83 -8.98
CA ARG VA 19 -64.57 -80.93 -10.07
C ARG VA 19 -65.84 -80.23 -10.53
N ASN VA 20 -65.64 -79.09 -11.23
CA ASN VA 20 -66.71 -78.28 -11.81
C ASN VA 20 -67.69 -77.78 -10.75
N LYS VA 21 -67.14 -77.43 -9.58
CA LYS VA 21 -67.89 -76.96 -8.40
C LYS VA 21 -68.96 -77.97 -7.96
N GLN VA 22 -68.65 -79.26 -8.11
CA GLN VA 22 -69.55 -80.33 -7.78
C GLN VA 22 -68.80 -81.36 -6.95
N THR VA 23 -69.55 -82.16 -6.20
CA THR VA 23 -68.97 -83.17 -5.32
C THR VA 23 -69.82 -84.42 -5.39
N TYR VA 24 -69.19 -85.57 -5.62
CA TYR VA 24 -69.89 -86.83 -5.78
C TYR VA 24 -69.20 -87.91 -4.96
N SER VA 25 -69.70 -89.15 -5.14
CA SER VA 25 -69.09 -90.33 -4.57
C SER VA 25 -69.37 -91.50 -5.50
N THR VA 26 -68.33 -92.26 -5.84
CA THR VA 26 -68.39 -93.30 -6.86
C THR VA 26 -68.54 -94.68 -6.24
N GLU VA 27 -69.26 -94.76 -5.12
CA GLU VA 27 -69.49 -96.02 -4.43
C GLU VA 27 -70.47 -96.91 -5.20
N PRO VA 28 -70.34 -98.24 -5.09
CA PRO VA 28 -71.29 -99.13 -5.76
C PRO VA 28 -72.66 -99.13 -5.08
N ASN VA 29 -72.69 -98.88 -3.78
CA ASN VA 29 -73.93 -98.89 -3.02
C ASN VA 29 -74.52 -97.49 -2.83
N ASN VA 30 -73.86 -96.46 -3.33
CA ASN VA 30 -74.40 -95.11 -3.24
C ASN VA 30 -75.50 -94.92 -4.29
N LEU VA 31 -76.64 -94.43 -3.85
CA LEU VA 31 -77.77 -94.09 -4.70
C LEU VA 31 -78.01 -92.60 -4.60
N LYS VA 32 -78.28 -91.99 -5.77
CA LYS VA 32 -78.20 -90.58 -6.17
C LYS VA 32 -76.75 -90.10 -6.33
N ALA VA 33 -75.75 -90.91 -5.97
CA ALA VA 33 -74.35 -90.81 -6.39
C ALA VA 33 -73.66 -89.52 -5.96
N ARG VA 34 -74.23 -88.76 -5.02
CA ARG VA 34 -73.58 -87.55 -4.54
C ARG VA 34 -73.16 -87.73 -3.08
N ASN VA 35 -72.19 -86.91 -2.68
CA ASN VA 35 -71.60 -87.01 -1.35
C ASN VA 35 -72.59 -86.50 -0.31
N SER VA 36 -73.11 -87.39 0.53
CA SER VA 36 -74.04 -87.03 1.58
C SER VA 36 -73.98 -88.08 2.68
N PHE VA 37 -74.47 -87.71 3.86
CA PHE VA 37 -74.50 -88.66 4.96
C PHE VA 37 -75.65 -89.66 4.81
N ARG VA 38 -76.83 -89.17 4.43
CA ARG VA 38 -78.01 -90.04 4.37
C ARG VA 38 -77.92 -91.01 3.19
N TYR VA 39 -77.15 -90.65 2.17
CA TYR VA 39 -77.05 -91.43 0.94
C TYR VA 39 -75.85 -92.37 0.95
N ASN VA 40 -74.97 -92.25 1.93
CA ASN VA 40 -73.79 -93.11 1.99
C ASN VA 40 -74.18 -94.49 2.50
N GLY VA 41 -73.74 -95.52 1.78
CA GLY VA 41 -74.18 -96.87 2.06
C GLY VA 41 -73.18 -97.76 2.75
N LEU VA 42 -71.89 -97.42 2.64
CA LEU VA 42 -70.86 -98.23 3.26
C LEU VA 42 -70.80 -98.04 4.77
N ILE VA 43 -71.41 -96.97 5.28
CA ILE VA 43 -71.33 -96.66 6.70
C ILE VA 43 -72.45 -97.34 7.49
N HIS VA 44 -73.69 -97.20 7.00
CA HIS VA 44 -74.86 -97.57 7.77
C HIS VA 44 -75.02 -99.08 7.91
N ARG VA 45 -75.74 -99.49 8.97
CA ARG VA 45 -76.06 -100.90 9.15
C ARG VA 45 -77.12 -101.34 8.16
N LYS VA 46 -78.06 -100.47 7.85
CA LYS VA 46 -79.14 -100.75 6.90
C LYS VA 46 -78.85 -100.00 5.61
N THR VA 47 -78.63 -100.73 4.52
CA THR VA 47 -78.24 -100.15 3.24
C THR VA 47 -79.00 -100.79 2.10
N VAL VA 48 -79.70 -99.94 1.32
CA VAL VA 48 -80.39 -100.32 0.10
C VAL VA 48 -79.59 -99.81 -1.09
N GLY VA 49 -79.33 -100.69 -2.05
CA GLY VA 49 -78.71 -100.29 -3.29
C GLY VA 49 -79.46 -100.81 -4.50
N VAL VA 50 -79.50 -100.03 -5.58
CA VAL VA 50 -80.22 -100.41 -6.80
C VAL VA 50 -79.20 -100.39 -7.93
N GLU VA 51 -78.94 -101.54 -8.53
CA GLU VA 51 -77.95 -101.67 -9.59
C GLU VA 51 -78.56 -102.37 -10.81
N PRO VA 52 -78.00 -102.15 -12.00
CA PRO VA 52 -78.39 -102.99 -13.13
C PRO VA 52 -77.84 -104.40 -13.00
N ALA VA 53 -78.53 -105.34 -13.63
CA ALA VA 53 -78.16 -106.75 -13.52
C ALA VA 53 -76.91 -107.05 -14.34
N ALA VA 54 -76.40 -108.27 -14.16
CA ALA VA 54 -75.27 -108.73 -14.96
C ALA VA 54 -75.66 -108.90 -16.42
N ASP VA 55 -76.87 -109.39 -16.66
CA ASP VA 55 -77.43 -109.43 -18.00
C ASP VA 55 -78.00 -108.07 -18.37
N GLY VA 56 -78.56 -107.99 -19.58
CA GLY VA 56 -79.14 -106.74 -20.04
C GLY VA 56 -80.46 -106.44 -19.37
N LYS VA 57 -81.27 -107.46 -19.12
CA LYS VA 57 -82.58 -107.29 -18.53
C LYS VA 57 -82.54 -107.55 -17.03
N GLY VA 58 -83.40 -106.87 -16.29
CA GLY VA 58 -83.50 -107.05 -14.86
C GLY VA 58 -82.72 -106.03 -14.07
N VAL VA 59 -83.18 -105.80 -12.83
CA VAL VA 59 -82.56 -104.88 -11.90
C VAL VA 59 -82.28 -105.61 -10.60
N VAL VA 60 -81.05 -105.52 -10.10
CA VAL VA 60 -80.68 -106.16 -8.85
C VAL VA 60 -80.79 -105.14 -7.72
N VAL VA 61 -81.22 -105.63 -6.57
CA VAL VA 61 -81.37 -104.84 -5.35
C VAL VA 61 -80.46 -105.46 -4.30
N VAL VA 62 -79.64 -104.62 -3.68
CA VAL VA 62 -78.64 -105.04 -2.71
C VAL VA 62 -79.11 -104.61 -1.32
N MET VA 63 -79.17 -105.57 -0.40
CA MET VA 63 -79.71 -105.37 0.93
C MET VA 63 -78.62 -105.71 1.94
N LYS VA 64 -78.29 -104.77 2.82
CA LYS VA 64 -77.26 -105.05 3.84
C LYS VA 64 -77.93 -105.61 5.08
N ARG VA 65 -77.55 -106.84 5.46
CA ARG VA 65 -78.11 -107.45 6.66
C ARG VA 65 -77.41 -106.91 7.91
N ARG VA 66 -78.07 -107.06 9.05
CA ARG VA 66 -77.57 -106.43 10.27
C ARG VA 66 -76.58 -107.30 11.04
N SER VA 67 -76.51 -108.60 10.75
CA SER VA 67 -75.67 -109.49 11.54
C SER VA 67 -74.20 -109.35 11.18
N GLY VA 68 -73.85 -109.64 9.92
CA GLY VA 68 -72.47 -109.60 9.50
C GLY VA 68 -72.02 -108.24 9.03
N GLN VA 69 -71.86 -107.30 9.97
CA GLN VA 69 -71.40 -105.96 9.59
C GLN VA 69 -69.90 -105.93 9.35
N ARG VA 70 -69.12 -106.62 10.18
CA ARG VA 70 -67.68 -106.70 10.02
C ARG VA 70 -67.25 -107.81 9.07
N LYS VA 71 -68.20 -108.52 8.48
CA LYS VA 71 -67.91 -109.60 7.52
C LYS VA 71 -68.37 -109.11 6.15
N PRO VA 72 -67.43 -108.67 5.30
CA PRO VA 72 -67.84 -108.04 4.03
C PRO VA 72 -68.43 -109.00 3.01
N ALA VA 73 -68.10 -110.29 3.08
CA ALA VA 73 -68.64 -111.23 2.12
C ALA VA 73 -70.10 -111.56 2.39
N THR VA 74 -70.47 -111.68 3.66
CA THR VA 74 -71.83 -111.99 4.06
C THR VA 74 -72.59 -110.78 4.55
N SER VA 75 -72.16 -109.57 4.21
CA SER VA 75 -72.87 -108.36 4.61
C SER VA 75 -74.06 -108.09 3.69
N TYR VA 76 -73.80 -108.09 2.38
CA TYR VA 76 -74.80 -107.72 1.39
C TYR VA 76 -75.40 -108.96 0.76
N VAL VA 77 -76.70 -108.87 0.43
CA VAL VA 77 -77.40 -109.93 -0.29
C VAL VA 77 -78.05 -109.32 -1.52
N ARG VA 78 -77.92 -109.99 -2.66
CA ARG VA 78 -78.36 -109.46 -3.94
C ARG VA 78 -79.57 -110.24 -4.44
N THR VA 79 -80.58 -109.50 -4.92
CA THR VA 79 -81.78 -110.15 -5.45
C THR VA 79 -82.08 -109.55 -6.82
N THR VA 80 -82.51 -110.39 -7.76
CA THR VA 80 -82.76 -109.94 -9.12
C THR VA 80 -84.25 -109.87 -9.39
N ILE VA 81 -84.71 -108.72 -9.89
CA ILE VA 81 -86.10 -108.54 -10.31
C ILE VA 81 -86.05 -108.34 -11.82
N ASN VA 82 -86.33 -109.41 -12.57
CA ASN VA 82 -86.51 -109.33 -14.02
C ASN VA 82 -88.01 -109.35 -14.34
N LYS VA 83 -88.68 -108.28 -13.92
CA LYS VA 83 -90.13 -108.18 -14.07
C LYS VA 83 -90.48 -106.91 -14.83
N ASN VA 84 -91.78 -106.69 -14.99
CA ASN VA 84 -92.29 -105.53 -15.70
C ASN VA 84 -92.12 -104.25 -14.86
N ALA VA 85 -92.42 -103.12 -15.52
CA ALA VA 85 -92.01 -101.82 -15.02
C ALA VA 85 -92.75 -101.42 -13.76
N ARG VA 86 -94.06 -101.68 -13.72
CA ARG VA 86 -94.86 -101.23 -12.59
C ARG VA 86 -94.62 -102.10 -11.37
N ALA VA 87 -94.61 -103.42 -11.56
CA ALA VA 87 -94.48 -104.33 -10.43
C ALA VA 87 -93.04 -104.42 -9.93
N THR VA 88 -92.04 -104.06 -10.75
CA THR VA 88 -90.66 -103.98 -10.25
C THR VA 88 -90.52 -102.86 -9.21
N LEU VA 89 -91.00 -101.67 -9.57
CA LEU VA 89 -90.99 -100.54 -8.63
C LEU VA 89 -91.90 -100.79 -7.44
N SER VA 90 -93.03 -101.47 -7.64
CA SER VA 90 -93.89 -101.84 -6.52
C SER VA 90 -93.21 -102.85 -5.60
N SER VA 91 -92.44 -103.78 -6.17
CA SER VA 91 -91.70 -104.75 -5.35
C SER VA 91 -90.61 -104.07 -4.53
N ILE VA 92 -89.91 -103.09 -5.12
CA ILE VA 92 -88.88 -102.38 -4.37
C ILE VA 92 -89.50 -101.49 -3.28
N ARG VA 93 -90.65 -100.89 -3.58
CA ARG VA 93 -91.38 -100.11 -2.58
C ARG VA 93 -91.87 -100.98 -1.43
N HIS VA 94 -92.30 -102.20 -1.73
CA HIS VA 94 -92.72 -103.12 -0.68
C HIS VA 94 -91.53 -103.69 0.08
N MET VA 95 -90.35 -103.73 -0.56
CA MET VA 95 -89.13 -104.10 0.15
C MET VA 95 -88.77 -103.06 1.20
N ILE VA 96 -88.79 -101.79 0.82
CA ILE VA 96 -88.24 -100.77 1.70
C ILE VA 96 -89.27 -100.28 2.71
N ARG VA 97 -90.53 -100.15 2.29
CA ARG VA 97 -91.56 -99.59 3.17
C ARG VA 97 -92.00 -100.60 4.23
N LYS VA 98 -92.51 -101.75 3.79
CA LYS VA 98 -93.22 -102.63 4.72
C LYS VA 98 -92.30 -103.47 5.59
N ASN VA 99 -91.02 -103.63 5.21
CA ASN VA 99 -90.09 -104.38 6.04
C ASN VA 99 -89.44 -103.54 7.13
N LYS VA 100 -89.78 -102.25 7.21
CA LYS VA 100 -89.19 -101.28 8.14
C LYS VA 100 -87.66 -101.22 7.99
N TYR VA 101 -87.20 -101.30 6.74
CA TYR VA 101 -85.77 -101.35 6.45
C TYR VA 101 -85.39 -100.05 5.76
N HIS VA 102 -84.98 -99.06 6.58
CA HIS VA 102 -84.42 -97.76 6.21
C HIS VA 102 -85.38 -96.99 5.31
N PRO VA 103 -86.50 -96.47 5.82
CA PRO VA 103 -87.53 -95.90 4.94
C PRO VA 103 -87.17 -94.55 4.34
N ASP VA 104 -86.00 -94.00 4.66
CA ASP VA 104 -85.65 -92.67 4.19
C ASP VA 104 -85.21 -92.68 2.73
N LEU VA 105 -84.96 -93.85 2.16
CA LEU VA 105 -84.34 -93.98 0.84
C LEU VA 105 -85.22 -94.70 -0.17
N ARG VA 106 -86.48 -94.96 0.17
CA ARG VA 106 -87.38 -95.70 -0.72
C ARG VA 106 -87.66 -94.93 -2.00
N MET VA 107 -87.86 -93.62 -1.90
CA MET VA 107 -88.21 -92.85 -3.09
C MET VA 107 -87.00 -92.66 -3.99
N ALA VA 108 -85.81 -92.50 -3.41
CA ALA VA 108 -84.59 -92.42 -4.20
C ALA VA 108 -84.29 -93.76 -4.88
N ALA VA 109 -84.60 -94.87 -4.21
CA ALA VA 109 -84.39 -96.18 -4.84
C ALA VA 109 -85.40 -96.41 -5.96
N ILE VA 110 -86.62 -95.91 -5.81
CA ILE VA 110 -87.62 -95.99 -6.89
C ILE VA 110 -87.19 -95.14 -8.08
N ARG VA 111 -86.65 -93.94 -7.83
CA ARG VA 111 -86.14 -93.10 -8.92
C ARG VA 111 -84.94 -93.75 -9.62
N ARG VA 112 -84.04 -94.37 -8.86
CA ARG VA 112 -82.87 -95.01 -9.46
C ARG VA 112 -83.27 -96.25 -10.25
N ALA VA 113 -84.26 -97.01 -9.76
CA ALA VA 113 -84.75 -98.16 -10.49
C ALA VA 113 -85.45 -97.74 -11.78
N SER VA 114 -86.19 -96.62 -11.74
CA SER VA 114 -86.79 -96.07 -12.95
C SER VA 114 -85.72 -95.62 -13.95
N ALA VA 115 -84.60 -95.07 -13.45
CA ALA VA 115 -83.51 -94.69 -14.34
C ALA VA 115 -82.83 -95.91 -14.98
N ILE VA 116 -82.67 -97.00 -14.22
CA ILE VA 116 -82.07 -98.20 -14.79
C ILE VA 116 -83.02 -98.85 -15.80
N LEU VA 117 -84.33 -98.80 -15.54
CA LEU VA 117 -85.31 -99.27 -16.52
C LEU VA 117 -85.28 -98.44 -17.80
N ARG VA 118 -85.16 -97.11 -17.67
CA ARG VA 118 -85.05 -96.26 -18.85
C ARG VA 118 -83.74 -96.51 -19.60
N SER VA 119 -82.68 -96.90 -18.88
CA SER VA 119 -81.42 -97.23 -19.52
C SER VA 119 -81.52 -98.55 -20.29
N GLN VA 120 -82.12 -99.58 -19.68
CA GLN VA 120 -82.18 -100.88 -20.31
C GLN VA 120 -83.30 -100.99 -21.33
N LYS VA 121 -84.20 -100.02 -21.38
CA LYS VA 121 -85.14 -99.91 -22.47
C LYS VA 121 -84.38 -99.65 -23.77
N PRO VA 122 -84.80 -100.25 -24.89
CA PRO VA 122 -84.12 -100.01 -26.17
C PRO VA 122 -84.25 -98.58 -26.64
N VAL VA 123 -83.19 -98.08 -27.26
CA VAL VA 123 -83.11 -96.66 -27.62
C VAL VA 123 -83.99 -96.40 -28.85
N MET VA 124 -84.53 -95.19 -28.93
CA MET VA 124 -85.39 -94.79 -30.03
C MET VA 124 -84.59 -94.56 -31.30
N ASP WA 1 -87.26 41.27 6.53
CA ASP WA 1 -86.81 40.72 5.26
C ASP WA 1 -87.52 41.37 4.07
N ARG WA 2 -87.60 40.62 2.96
CA ARG WA 2 -88.26 41.13 1.76
C ARG WA 2 -89.76 41.23 1.95
N ALA WA 3 -90.37 40.30 2.70
CA ALA WA 3 -91.80 40.33 2.93
C ALA WA 3 -92.21 41.51 3.81
N THR WA 4 -91.32 41.91 4.72
CA THR WA 4 -91.58 43.11 5.50
C THR WA 4 -91.24 44.38 4.70
N TRP WA 5 -90.27 44.29 3.81
CA TRP WA 5 -89.92 45.44 2.96
C TRP WA 5 -91.04 45.77 1.98
N LYS WA 6 -91.75 44.74 1.49
CA LYS WA 6 -92.90 44.96 0.61
C LYS WA 6 -94.02 45.70 1.35
N SER WA 7 -94.33 45.26 2.57
CA SER WA 7 -95.35 45.94 3.37
C SER WA 7 -94.90 47.33 3.78
N ASN WA 8 -93.59 47.55 3.95
CA ASN WA 8 -93.06 48.89 4.19
C ASN WA 8 -93.30 49.79 2.97
N TYR WA 9 -93.10 49.26 1.76
CA TYR WA 9 -93.38 50.05 0.57
C TYR WA 9 -94.87 50.30 0.38
N PHE WA 10 -95.73 49.36 0.81
CA PHE WA 10 -97.17 49.62 0.79
C PHE WA 10 -97.54 50.72 1.79
N LEU WA 11 -96.92 50.72 2.98
CA LEU WA 11 -97.18 51.78 3.95
C LEU WA 11 -96.61 53.12 3.48
N LYS WA 12 -95.58 53.10 2.63
CA LYS WA 12 -95.10 54.34 2.03
C LYS WA 12 -96.04 54.85 0.95
N ILE WA 13 -96.55 53.96 0.10
CA ILE WA 13 -97.36 54.42 -1.04
C ILE WA 13 -98.74 54.86 -0.58
N ILE WA 14 -99.29 54.24 0.49
CA ILE WA 14 -100.58 54.71 0.99
C ILE WA 14 -100.45 56.08 1.64
N GLN WA 15 -99.31 56.34 2.28
CA GLN WA 15 -99.08 57.65 2.91
C GLN WA 15 -98.84 58.72 1.86
N LEU WA 16 -98.10 58.40 0.80
CA LEU WA 16 -97.83 59.39 -0.24
C LEU WA 16 -99.08 59.66 -1.08
N LEU WA 17 -99.92 58.65 -1.32
CA LEU WA 17 -101.14 58.89 -2.07
C LEU WA 17 -102.22 59.55 -1.22
N ASP WA 18 -102.13 59.42 0.11
CA ASP WA 18 -103.02 60.20 0.96
C ASP WA 18 -102.50 61.63 1.13
N ASP WA 19 -101.19 61.84 0.98
CA ASP WA 19 -100.62 63.17 1.18
C ASP WA 19 -100.78 64.03 -0.07
N TYR WA 20 -100.40 63.50 -1.23
CA TYR WA 20 -100.36 64.32 -2.45
C TYR WA 20 -101.33 63.76 -3.48
N PRO WA 21 -102.53 64.33 -3.65
CA PRO WA 21 -103.39 63.91 -4.77
C PRO WA 21 -103.13 64.67 -6.06
N LYS WA 22 -101.85 64.80 -6.42
CA LYS WA 22 -101.45 65.49 -7.65
C LYS WA 22 -100.03 65.04 -7.95
N CYS WA 23 -99.84 64.35 -9.08
CA CYS WA 23 -98.58 63.67 -9.35
C CYS WA 23 -98.13 63.87 -10.79
N PHE WA 24 -96.85 63.63 -11.03
CA PHE WA 24 -96.23 63.65 -12.35
C PHE WA 24 -95.78 62.24 -12.68
N ILE WA 25 -96.31 61.69 -13.75
CA ILE WA 25 -95.87 60.38 -14.25
C ILE WA 25 -94.66 60.60 -15.16
N VAL WA 26 -93.47 60.27 -14.67
CA VAL WA 26 -92.24 60.54 -15.40
C VAL WA 26 -91.64 59.24 -15.91
N GLY WA 27 -90.83 59.36 -16.95
CA GLY WA 27 -90.12 58.21 -17.49
C GLY WA 27 -88.62 58.35 -17.38
N ALA WA 28 -88.00 57.53 -16.53
CA ALA WA 28 -86.56 57.59 -16.28
C ALA WA 28 -85.86 56.72 -17.32
N ASP WA 29 -85.43 57.34 -18.41
CA ASP WA 29 -84.70 56.67 -19.48
C ASP WA 29 -83.21 56.90 -19.26
N ASN WA 30 -82.46 55.79 -19.12
CA ASN WA 30 -80.98 55.65 -19.03
C ASN WA 30 -80.29 56.78 -18.26
N VAL WA 31 -80.86 57.17 -17.12
CA VAL WA 31 -80.36 58.27 -16.32
C VAL WA 31 -79.35 57.73 -15.30
N GLY WA 32 -78.32 58.54 -15.00
CA GLY WA 32 -77.32 58.12 -14.05
C GLY WA 32 -77.73 58.37 -12.61
N SER WA 33 -77.07 57.64 -11.71
CA SER WA 33 -77.38 57.74 -10.28
C SER WA 33 -76.92 59.08 -9.70
N LYS WA 34 -75.78 59.60 -10.17
CA LYS WA 34 -75.33 60.92 -9.74
C LYS WA 34 -76.29 62.00 -10.24
N GLN WA 35 -76.83 61.82 -11.44
CA GLN WA 35 -77.83 62.75 -11.97
C GLN WA 35 -79.12 62.69 -11.16
N MET WA 36 -79.53 61.48 -10.76
CA MET WA 36 -80.72 61.35 -9.91
C MET WA 36 -80.50 61.94 -8.52
N GLN WA 37 -79.28 61.83 -7.99
CA GLN WA 37 -78.98 62.45 -6.71
C GLN WA 37 -78.95 63.98 -6.83
N GLN WA 38 -78.52 64.50 -7.98
CA GLN WA 38 -78.64 65.94 -8.22
C GLN WA 38 -80.09 66.38 -8.34
N ILE WA 39 -80.94 65.54 -8.95
CA ILE WA 39 -82.37 65.83 -9.02
C ILE WA 39 -83.01 65.83 -7.63
N ARG WA 40 -82.57 64.91 -6.76
CA ARG WA 40 -83.04 64.91 -5.37
C ARG WA 40 -82.55 66.14 -4.61
N MET WA 41 -81.28 66.52 -4.78
CA MET WA 41 -80.75 67.69 -4.07
C MET WA 41 -81.39 68.99 -4.58
N SER WA 42 -81.82 69.00 -5.85
CA SER WA 42 -82.57 70.15 -6.35
C SER WA 42 -83.99 70.16 -5.78
N LEU WA 43 -84.79 69.15 -6.13
CA LEU WA 43 -86.18 69.08 -5.68
C LEU WA 43 -86.33 68.20 -4.45
N ARG WA 44 -85.59 68.52 -3.38
CA ARG WA 44 -85.73 67.76 -2.13
C ARG WA 44 -87.02 68.12 -1.39
N GLY WA 45 -87.23 69.41 -1.15
CA GLY WA 45 -88.29 69.85 -0.25
C GLY WA 45 -89.70 69.76 -0.77
N LYS WA 46 -89.99 70.47 -1.87
CA LYS WA 46 -91.37 70.59 -2.33
C LYS WA 46 -91.80 69.41 -3.18
N ALA WA 47 -90.85 68.64 -3.71
CA ALA WA 47 -91.15 67.49 -4.53
C ALA WA 47 -90.58 66.22 -3.91
N VAL WA 48 -91.26 65.10 -4.19
CA VAL WA 48 -90.85 63.78 -3.69
C VAL WA 48 -90.79 62.85 -4.91
N VAL WA 49 -89.61 62.28 -5.16
CA VAL WA 49 -89.41 61.37 -6.29
C VAL WA 49 -89.51 59.94 -5.78
N LEU WA 50 -90.28 59.10 -6.49
CA LEU WA 50 -90.54 57.74 -6.08
C LEU WA 50 -90.44 56.81 -7.27
N MET WA 51 -89.84 55.63 -7.03
CA MET WA 51 -89.73 54.59 -8.02
C MET WA 51 -90.30 53.30 -7.40
N GLY WA 52 -90.09 52.18 -8.08
CA GLY WA 52 -90.47 50.91 -7.51
C GLY WA 52 -90.83 49.91 -8.59
N LYS WA 53 -91.32 48.76 -8.13
CA LYS WA 53 -91.85 47.74 -9.02
C LYS WA 53 -93.21 48.18 -9.55
N ASN WA 54 -93.35 48.20 -10.88
CA ASN WA 54 -94.56 48.72 -11.51
C ASN WA 54 -95.77 47.85 -11.21
N THR WA 55 -95.59 46.52 -11.14
CA THR WA 55 -96.70 45.65 -10.78
C THR WA 55 -97.06 45.79 -9.31
N MET WA 56 -96.10 46.16 -8.46
CA MET WA 56 -96.41 46.44 -7.06
C MET WA 56 -97.20 47.73 -6.92
N MET WA 57 -96.87 48.75 -7.74
CA MET WA 57 -97.73 49.94 -7.80
C MET WA 57 -99.10 49.61 -8.37
N ARG WA 58 -99.17 48.66 -9.31
CA ARG WA 58 -100.46 48.22 -9.85
C ARG WA 58 -101.34 47.59 -8.79
N LYS WA 59 -100.76 46.70 -7.97
CA LYS WA 59 -101.53 46.10 -6.88
C LYS WA 59 -101.88 47.12 -5.80
N ALA WA 60 -101.00 48.11 -5.57
CA ALA WA 60 -101.32 49.18 -4.62
C ALA WA 60 -102.49 50.02 -5.10
N ILE WA 61 -102.55 50.33 -6.40
CA ILE WA 61 -103.66 51.11 -6.93
C ILE WA 61 -104.95 50.27 -6.96
N ARG WA 62 -104.84 48.96 -7.23
CA ARG WA 62 -106.00 48.07 -7.09
C ARG WA 62 -106.50 47.99 -5.66
N GLY WA 63 -105.61 48.13 -4.69
CA GLY WA 63 -106.04 48.22 -3.30
C GLY WA 63 -106.67 49.55 -2.97
N HIS WA 64 -106.18 50.64 -3.58
CA HIS WA 64 -106.78 51.95 -3.37
C HIS WA 64 -108.14 52.10 -4.04
N LEU WA 65 -108.42 51.27 -5.06
CA LEU WA 65 -109.69 51.34 -5.78
C LEU WA 65 -110.91 51.01 -4.92
N GLU WA 66 -110.73 50.30 -3.80
CA GLU WA 66 -111.87 49.99 -2.94
C GLU WA 66 -112.34 51.20 -2.16
N ASN WA 67 -111.46 52.20 -1.99
CA ASN WA 67 -111.81 53.41 -1.27
C ASN WA 67 -111.99 54.61 -2.20
N ASN WA 68 -111.00 54.88 -3.05
CA ASN WA 68 -111.02 56.06 -3.91
C ASN WA 68 -111.08 55.64 -5.38
N PRO WA 69 -112.20 55.86 -6.07
CA PRO WA 69 -112.25 55.54 -7.51
C PRO WA 69 -111.55 56.57 -8.41
N ALA WA 70 -111.01 57.65 -7.85
CA ALA WA 70 -110.43 58.70 -8.69
C ALA WA 70 -109.08 58.30 -9.25
N LEU WA 71 -108.43 57.30 -8.67
CA LEU WA 71 -107.13 56.83 -9.13
C LEU WA 71 -107.23 55.65 -10.10
N GLU WA 72 -108.33 55.57 -10.86
CA GLU WA 72 -108.59 54.39 -11.67
C GLU WA 72 -107.76 54.38 -12.95
N LYS WA 73 -107.58 55.54 -13.58
CA LYS WA 73 -106.94 55.59 -14.90
C LYS WA 73 -105.41 55.59 -14.84
N LEU WA 74 -104.82 55.39 -13.67
CA LEU WA 74 -103.36 55.35 -13.59
C LEU WA 74 -102.79 53.99 -13.97
N LEU WA 75 -103.66 52.97 -14.06
CA LEU WA 75 -103.18 51.60 -14.29
C LEU WA 75 -102.67 51.33 -15.71
N PRO WA 76 -103.39 51.64 -16.81
CA PRO WA 76 -102.81 51.29 -18.12
C PRO WA 76 -101.70 52.23 -18.57
N HIS WA 77 -101.55 53.39 -17.93
CA HIS WA 77 -100.53 54.34 -18.34
C HIS WA 77 -99.13 53.96 -17.86
N ILE WA 78 -99.02 53.08 -16.86
CA ILE WA 78 -97.71 52.66 -16.37
C ILE WA 78 -97.18 51.57 -17.27
N ARG WA 79 -96.39 51.97 -18.28
CA ARG WA 79 -95.70 51.03 -19.16
C ARG WA 79 -94.28 51.53 -19.37
N GLY WA 80 -93.32 50.65 -19.09
CA GLY WA 80 -91.91 51.02 -19.16
C GLY WA 80 -91.37 51.46 -17.83
N ASN WA 81 -90.20 52.10 -17.88
CA ASN WA 81 -89.54 52.62 -16.68
C ASN WA 81 -90.31 53.86 -16.23
N VAL WA 82 -91.25 53.68 -15.30
CA VAL WA 82 -92.20 54.71 -14.92
C VAL WA 82 -92.02 55.03 -13.44
N GLY WA 83 -91.85 56.32 -13.14
CA GLY WA 83 -91.74 56.78 -11.77
C GLY WA 83 -92.73 57.89 -11.50
N PHE WA 84 -92.82 58.26 -10.22
CA PHE WA 84 -93.80 59.23 -9.75
C PHE WA 84 -93.11 60.42 -9.09
N VAL WA 85 -93.66 61.61 -9.34
CA VAL WA 85 -93.19 62.82 -8.67
C VAL WA 85 -94.37 63.48 -7.97
N PHE WA 86 -94.35 63.51 -6.63
CA PHE WA 86 -95.45 64.08 -5.88
C PHE WA 86 -95.10 65.48 -5.38
N THR WA 87 -96.04 66.40 -5.54
CA THR WA 87 -95.86 67.76 -5.04
C THR WA 87 -97.21 68.40 -4.78
N LYS WA 88 -97.20 69.55 -4.12
CA LYS WA 88 -98.41 70.25 -3.72
C LYS WA 88 -98.38 71.74 -4.07
N GLU WA 89 -97.19 72.34 -4.15
CA GLU WA 89 -97.08 73.80 -4.25
C GLU WA 89 -97.44 74.29 -5.65
N ASP WA 90 -96.69 73.85 -6.67
CA ASP WA 90 -96.90 74.33 -8.02
C ASP WA 90 -96.54 73.21 -8.98
N LEU WA 91 -97.03 73.32 -10.22
CA LEU WA 91 -96.79 72.26 -11.20
C LEU WA 91 -95.90 72.71 -12.35
N THR WA 92 -96.09 73.92 -12.87
CA THR WA 92 -95.36 74.33 -14.07
C THR WA 92 -93.91 74.69 -13.76
N GLU WA 93 -93.64 75.17 -12.55
CA GLU WA 93 -92.25 75.48 -12.17
C GLU WA 93 -91.45 74.20 -11.99
N ILE WA 94 -92.05 73.18 -11.38
CA ILE WA 94 -91.38 71.90 -11.21
C ILE WA 94 -91.24 71.18 -12.54
N ARG WA 95 -92.21 71.36 -13.45
CA ARG WA 95 -92.06 70.81 -14.81
C ARG WA 95 -90.92 71.49 -15.56
N ASP WA 96 -90.77 72.81 -15.40
CA ASP WA 96 -89.65 73.52 -16.02
C ASP WA 96 -88.31 73.10 -15.41
N MET WA 97 -88.27 72.87 -14.09
CA MET WA 97 -87.03 72.43 -13.46
C MET WA 97 -86.66 71.00 -13.86
N LEU WA 98 -87.66 70.13 -14.03
CA LEU WA 98 -87.39 68.77 -14.48
C LEU WA 98 -86.99 68.74 -15.95
N LEU WA 99 -87.46 69.72 -16.74
CA LEU WA 99 -86.94 69.86 -18.09
C LEU WA 99 -85.52 70.42 -18.07
N ALA WA 100 -85.19 71.24 -17.07
CA ALA WA 100 -83.92 71.95 -17.08
C ALA WA 100 -82.76 71.07 -16.60
N ASN WA 101 -82.98 70.28 -15.55
CA ASN WA 101 -81.86 69.59 -14.89
C ASN WA 101 -81.40 68.40 -15.74
N LYS WA 102 -80.53 68.68 -16.71
CA LYS WA 102 -79.99 67.65 -17.58
C LYS WA 102 -78.48 67.74 -17.60
N VAL WA 103 -77.81 66.61 -17.43
CA VAL WA 103 -76.35 66.52 -17.43
C VAL WA 103 -75.94 65.74 -18.66
N PRO WA 104 -75.03 66.26 -19.50
CA PRO WA 104 -74.65 65.57 -20.74
C PRO WA 104 -73.78 64.34 -20.46
N ALA WA 105 -74.28 63.17 -20.85
CA ALA WA 105 -73.57 61.93 -20.70
C ALA WA 105 -72.97 61.49 -22.03
N ALA WA 106 -72.42 60.28 -22.07
CA ALA WA 106 -71.84 59.76 -23.30
C ALA WA 106 -72.94 59.33 -24.27
N ALA WA 107 -72.61 59.34 -25.55
CA ALA WA 107 -73.58 59.00 -26.58
C ALA WA 107 -73.74 57.49 -26.70
N ARG WA 108 -74.97 57.03 -26.69
CA ARG WA 108 -75.26 55.60 -26.79
C ARG WA 108 -75.27 55.18 -28.25
N ALA WA 109 -74.55 54.10 -28.56
CA ALA WA 109 -74.44 53.60 -29.93
C ALA WA 109 -75.48 52.50 -30.14
N GLY WA 110 -76.61 52.90 -30.74
CA GLY WA 110 -77.67 51.96 -31.03
C GLY WA 110 -79.05 52.50 -30.74
N ALA WA 111 -79.16 53.43 -29.79
CA ALA WA 111 -80.44 54.00 -29.43
C ALA WA 111 -80.86 55.04 -30.47
N ILE WA 112 -82.14 55.44 -30.39
CA ILE WA 112 -82.66 56.42 -31.33
C ILE WA 112 -82.22 57.82 -30.92
N ALA WA 113 -82.35 58.76 -31.86
CA ALA WA 113 -82.00 60.15 -31.63
C ALA WA 113 -83.25 61.01 -31.75
N PRO WA 114 -83.48 61.95 -30.84
CA PRO WA 114 -84.71 62.76 -30.94
C PRO WA 114 -84.67 63.80 -32.06
N CYS WA 115 -83.54 64.48 -32.25
CA CYS WA 115 -83.42 65.54 -33.24
C CYS WA 115 -82.11 65.40 -34.00
N GLU WA 116 -81.77 66.45 -34.75
CA GLU WA 116 -80.59 66.42 -35.61
C GLU WA 116 -79.32 66.63 -34.79
N VAL WA 117 -78.23 65.99 -35.23
CA VAL WA 117 -76.93 66.11 -34.60
C VAL WA 117 -75.99 66.87 -35.53
N THR WA 118 -75.39 67.94 -35.03
CA THR WA 118 -74.50 68.77 -35.81
C THR WA 118 -73.08 68.68 -35.25
N VAL WA 119 -72.10 68.81 -36.15
CA VAL WA 119 -70.69 68.82 -35.77
C VAL WA 119 -70.09 70.15 -36.18
N PRO WA 120 -69.79 71.04 -35.23
CA PRO WA 120 -69.21 72.35 -35.58
C PRO WA 120 -67.78 72.23 -36.07
N ALA WA 121 -67.32 73.29 -36.72
CA ALA WA 121 -65.95 73.36 -37.24
C ALA WA 121 -65.00 73.63 -36.09
N GLN WA 122 -64.39 72.58 -35.56
CA GLN WA 122 -63.47 72.70 -34.45
C GLN WA 122 -62.44 71.59 -34.55
N ASN WA 123 -61.19 71.94 -34.25
CA ASN WA 123 -60.09 70.98 -34.34
C ASN WA 123 -60.20 69.90 -33.27
N THR WA 124 -59.52 68.78 -33.52
CA THR WA 124 -59.58 67.66 -32.59
C THR WA 124 -58.74 67.93 -31.34
N GLY WA 125 -57.57 68.53 -31.52
CA GLY WA 125 -56.69 68.81 -30.40
C GLY WA 125 -55.71 67.68 -30.15
N LEU WA 126 -55.24 67.04 -31.22
CA LEU WA 126 -54.31 65.94 -31.13
C LEU WA 126 -53.22 66.12 -32.18
N GLY WA 127 -52.31 65.17 -32.22
CA GLY WA 127 -51.21 65.20 -33.17
C GLY WA 127 -51.56 64.52 -34.49
N PRO WA 128 -50.60 63.82 -35.08
CA PRO WA 128 -50.89 63.05 -36.29
C PRO WA 128 -51.52 61.70 -36.00
N GLU WA 129 -52.79 61.52 -36.34
CA GLU WA 129 -53.45 60.22 -36.25
C GLU WA 129 -54.12 59.90 -37.58
N LYS WA 130 -54.89 58.82 -37.58
CA LYS WA 130 -55.52 58.32 -38.80
C LYS WA 130 -56.78 59.10 -39.11
N THR WA 131 -56.94 59.50 -40.37
CA THR WA 131 -58.16 60.18 -40.81
C THR WA 131 -59.17 59.22 -41.43
N SER WA 132 -58.89 57.91 -41.41
CA SER WA 132 -59.80 56.94 -42.03
C SER WA 132 -61.08 56.78 -41.23
N PHE WA 133 -61.01 56.93 -39.89
CA PHE WA 133 -62.20 56.83 -39.07
C PHE WA 133 -63.12 58.04 -39.29
N PHE WA 134 -62.55 59.17 -39.71
CA PHE WA 134 -63.38 60.33 -40.04
C PHE WA 134 -63.89 60.24 -41.48
N GLN WA 135 -63.09 59.69 -42.39
CA GLN WA 135 -63.46 59.64 -43.80
C GLN WA 135 -64.14 58.35 -44.22
N ALA WA 136 -64.46 57.45 -43.28
CA ALA WA 136 -65.23 56.26 -43.62
C ALA WA 136 -66.66 56.63 -44.04
N LEU WA 137 -67.37 57.37 -43.19
CA LEU WA 137 -68.69 57.86 -43.55
C LEU WA 137 -68.60 59.03 -44.52
N GLY WA 138 -67.57 59.85 -44.35
CA GLY WA 138 -67.31 60.99 -45.23
C GLY WA 138 -67.53 62.31 -44.54
N ILE WA 139 -66.46 62.90 -44.02
CA ILE WA 139 -66.46 64.20 -43.37
C ILE WA 139 -65.21 64.93 -43.84
N THR WA 140 -65.37 66.21 -44.21
CA THR WA 140 -64.25 67.00 -44.71
C THR WA 140 -63.29 67.31 -43.56
N THR WA 141 -62.28 66.46 -43.39
CA THR WA 141 -61.29 66.61 -42.33
C THR WA 141 -59.92 66.72 -42.97
N LYS WA 142 -59.21 67.81 -42.69
CA LYS WA 142 -57.89 68.06 -43.24
C LYS WA 142 -56.86 68.20 -42.14
N ILE WA 143 -55.64 67.75 -42.43
CA ILE WA 143 -54.53 67.81 -41.46
C ILE WA 143 -53.86 69.15 -41.69
N SER WA 144 -54.27 70.13 -40.88
CA SER WA 144 -53.72 71.49 -40.94
C SER WA 144 -52.82 71.70 -39.73
N ARG WA 145 -51.51 71.47 -39.92
CA ARG WA 145 -50.45 71.61 -38.93
C ARG WA 145 -50.74 70.73 -37.71
N GLY WA 146 -50.70 69.41 -37.92
CA GLY WA 146 -50.88 68.47 -36.84
C GLY WA 146 -52.34 68.20 -36.49
N THR WA 147 -53.03 69.23 -35.99
CA THR WA 147 -54.40 69.07 -35.55
C THR WA 147 -55.35 68.91 -36.72
N ILE WA 148 -56.16 67.85 -36.69
CA ILE WA 148 -57.12 67.58 -37.74
C ILE WA 148 -58.31 68.52 -37.58
N GLU WA 149 -58.63 69.26 -38.64
CA GLU WA 149 -59.68 70.26 -38.61
C GLU WA 149 -60.80 69.89 -39.56
N ILE WA 150 -62.05 70.08 -39.10
CA ILE WA 150 -63.24 69.83 -39.89
C ILE WA 150 -63.60 71.12 -40.62
N LEU WA 151 -63.65 71.07 -41.94
CA LEU WA 151 -63.90 72.27 -42.73
C LEU WA 151 -65.38 72.63 -42.76
N SER WA 152 -66.21 71.73 -43.30
CA SER WA 152 -67.62 72.01 -43.51
C SER WA 152 -68.46 71.33 -42.45
N ASP WA 153 -69.57 71.99 -42.09
CA ASP WA 153 -70.50 71.44 -41.11
C ASP WA 153 -71.48 70.51 -41.80
N VAL WA 154 -71.41 69.21 -41.47
CA VAL WA 154 -72.28 68.20 -42.07
C VAL WA 154 -73.06 67.52 -40.95
N GLN WA 155 -74.39 67.55 -41.06
CA GLN WA 155 -75.27 66.90 -40.09
C GLN WA 155 -75.20 65.39 -40.29
N LEU WA 156 -74.67 64.68 -39.29
CA LEU WA 156 -74.49 63.24 -39.41
C LEU WA 156 -75.78 62.48 -39.10
N ILE WA 157 -76.30 62.63 -37.89
CA ILE WA 157 -77.48 61.90 -37.45
C ILE WA 157 -78.69 62.81 -37.55
N LYS WA 158 -79.71 62.35 -38.29
CA LYS WA 158 -80.91 63.12 -38.53
C LYS WA 158 -81.98 62.75 -37.51
N THR WA 159 -83.19 63.25 -37.74
CA THR WA 159 -84.33 62.96 -36.86
C THR WA 159 -84.83 61.55 -37.12
N GLY WA 160 -84.87 60.73 -36.07
CA GLY WA 160 -85.33 59.36 -36.19
C GLY WA 160 -84.35 58.47 -36.93
N ASP WA 161 -83.15 58.31 -36.38
CA ASP WA 161 -82.13 57.51 -37.01
C ASP WA 161 -81.32 56.79 -35.94
N LYS WA 162 -80.90 55.56 -36.25
CA LYS WA 162 -80.12 54.76 -35.31
C LYS WA 162 -78.70 55.30 -35.24
N VAL WA 163 -78.18 55.41 -34.02
CA VAL WA 163 -76.82 55.92 -33.81
C VAL WA 163 -75.84 54.78 -34.00
N GLY WA 164 -74.91 54.95 -34.93
CA GLY WA 164 -73.92 53.92 -35.20
C GLY WA 164 -72.73 53.99 -34.28
N ALA WA 165 -72.02 52.86 -34.19
CA ALA WA 165 -70.85 52.79 -33.33
C ALA WA 165 -69.69 53.59 -33.90
N SER WA 166 -69.51 53.56 -35.22
CA SER WA 166 -68.40 54.29 -35.84
C SER WA 166 -68.61 55.80 -35.77
N GLU WA 167 -69.87 56.24 -35.81
CA GLU WA 167 -70.14 57.66 -35.66
C GLU WA 167 -70.29 58.06 -34.20
N ALA WA 168 -70.42 57.09 -33.30
CA ALA WA 168 -70.48 57.40 -31.87
C ALA WA 168 -69.10 57.52 -31.26
N THR WA 169 -68.14 56.69 -31.72
CA THR WA 169 -66.80 56.73 -31.16
C THR WA 169 -66.06 58.01 -31.55
N LEU WA 170 -66.34 58.55 -32.75
CA LEU WA 170 -65.72 59.83 -33.12
C LEU WA 170 -66.26 60.98 -32.28
N LEU WA 171 -67.55 60.95 -31.94
CA LEU WA 171 -68.10 61.98 -31.06
C LEU WA 171 -67.59 61.80 -29.63
N ASN WA 172 -67.34 60.56 -29.22
CA ASN WA 172 -66.75 60.32 -27.91
C ASN WA 172 -65.30 60.80 -27.85
N MET WA 173 -64.56 60.69 -28.96
CA MET WA 173 -63.20 61.21 -28.99
C MET WA 173 -63.19 62.74 -29.07
N LEU WA 174 -64.17 63.32 -29.77
CA LEU WA 174 -64.27 64.78 -29.83
C LEU WA 174 -64.86 65.38 -28.57
N ASN WA 175 -65.44 64.54 -27.69
CA ASN WA 175 -65.99 64.94 -26.38
C ASN WA 175 -67.11 65.97 -26.53
N ILE WA 176 -67.95 65.80 -27.54
CA ILE WA 176 -69.09 66.67 -27.78
C ILE WA 176 -70.34 65.78 -27.74
N SER WA 177 -71.08 65.84 -26.64
CA SER WA 177 -72.29 65.05 -26.51
C SER WA 177 -73.41 65.65 -27.35
N PRO WA 178 -74.13 64.82 -28.13
CA PRO WA 178 -75.18 65.37 -29.00
C PRO WA 178 -76.41 65.84 -28.25
N PHE WA 179 -76.83 65.10 -27.23
CA PHE WA 179 -78.01 65.45 -26.44
C PHE WA 179 -77.80 65.08 -24.99
N SER WA 180 -78.09 66.01 -24.09
CA SER WA 180 -78.01 65.73 -22.65
C SER WA 180 -79.22 64.91 -22.22
N PHE WA 181 -78.96 63.81 -21.54
CA PHE WA 181 -80.01 62.88 -21.16
C PHE WA 181 -80.75 63.38 -19.92
N GLY WA 182 -82.00 62.95 -19.79
CA GLY WA 182 -82.82 63.33 -18.67
C GLY WA 182 -84.16 62.60 -18.71
N LEU WA 183 -84.89 62.70 -17.60
CA LEU WA 183 -86.19 62.04 -17.50
C LEU WA 183 -87.24 62.81 -18.30
N ILE WA 184 -87.99 62.08 -19.13
CA ILE WA 184 -89.04 62.70 -19.93
C ILE WA 184 -90.39 62.36 -19.32
N ILE WA 185 -91.22 63.39 -19.09
CA ILE WA 185 -92.53 63.17 -18.50
C ILE WA 185 -93.46 62.51 -19.51
N GLN WA 186 -94.24 61.54 -19.03
CA GLN WA 186 -95.16 60.80 -19.88
C GLN WA 186 -96.59 61.29 -19.79
N GLN WA 187 -97.17 61.30 -18.60
CA GLN WA 187 -98.55 61.74 -18.41
C GLN WA 187 -98.59 62.71 -17.23
N VAL WA 188 -99.59 63.59 -17.25
CA VAL WA 188 -99.79 64.56 -16.17
C VAL WA 188 -101.11 64.25 -15.48
N PHE WA 189 -101.07 64.09 -14.16
CA PHE WA 189 -102.24 63.73 -13.37
C PHE WA 189 -102.51 64.85 -12.38
N ASP WA 190 -103.61 65.56 -12.57
CA ASP WA 190 -103.97 66.73 -11.75
C ASP WA 190 -105.39 66.56 -11.23
N ASN WA 191 -105.52 66.00 -10.02
CA ASN WA 191 -106.78 65.88 -9.27
C ASN WA 191 -107.83 65.08 -10.04
N GLY WA 192 -107.40 63.94 -10.59
CA GLY WA 192 -108.31 63.10 -11.35
C GLY WA 192 -108.61 63.65 -12.73
N SER WA 193 -107.59 64.17 -13.40
CA SER WA 193 -107.76 64.73 -14.75
C SER WA 193 -106.44 64.57 -15.49
N ILE WA 194 -106.46 63.74 -16.53
CA ILE WA 194 -105.24 63.43 -17.28
C ILE WA 194 -105.08 64.42 -18.42
N TYR WA 195 -103.95 65.13 -18.43
CA TYR WA 195 -103.61 66.07 -19.49
C TYR WA 195 -102.36 65.56 -20.21
N ASN WA 196 -102.38 65.65 -21.53
CA ASN WA 196 -101.26 65.18 -22.34
C ASN WA 196 -100.13 66.20 -22.31
N GLU XA 1 -54.90 81.39 -16.10
CA GLU XA 1 -55.72 80.20 -16.30
C GLU XA 1 -55.90 79.45 -14.98
N ILE XA 2 -57.14 79.32 -14.54
CA ILE XA 2 -57.47 78.64 -13.30
C ILE XA 2 -57.34 77.14 -13.49
N LYS XA 3 -56.55 76.49 -12.63
CA LYS XA 3 -56.46 75.03 -12.69
C LYS XA 3 -56.56 74.48 -11.26
N VAL XA 4 -57.62 73.73 -10.99
CA VAL XA 4 -57.84 73.15 -9.67
C VAL XA 4 -57.28 71.74 -9.67
N VAL XA 5 -56.40 71.45 -8.71
CA VAL XA 5 -55.78 70.13 -8.61
C VAL XA 5 -55.94 69.66 -7.17
N TYR XA 6 -56.00 68.34 -6.98
CA TYR XA 6 -56.12 67.72 -5.66
C TYR XA 6 -54.78 67.15 -5.25
N LEU XA 7 -54.39 67.38 -4.00
CA LEU XA 7 -53.14 66.82 -3.48
C LEU XA 7 -53.39 66.32 -2.06
N ARG XA 8 -53.24 65.03 -1.84
CA ARG XA 8 -53.39 64.45 -0.50
C ARG XA 8 -52.04 64.59 0.22
N CYS XA 9 -51.92 65.67 0.97
CA CYS XA 9 -50.67 65.94 1.68
C CYS XA 9 -50.63 65.21 3.02
N THR XA 10 -49.39 65.00 3.50
CA THR XA 10 -49.18 64.30 4.77
C THR XA 10 -49.31 65.23 5.96
N GLY XA 11 -49.60 66.51 5.75
CA GLY XA 11 -49.83 67.42 6.85
C GLY XA 11 -48.67 68.35 7.13
N GLY XA 12 -48.41 68.62 8.42
CA GLY XA 12 -47.29 69.48 8.78
C GLY XA 12 -45.95 68.80 8.62
N GLU XA 13 -45.94 67.47 8.71
CA GLU XA 13 -44.70 66.71 8.53
C GLU XA 13 -44.32 66.69 7.05
N VAL XA 14 -43.07 67.04 6.77
CA VAL XA 14 -42.57 67.07 5.41
C VAL XA 14 -42.24 65.66 4.96
N GLY XA 15 -42.91 65.20 3.90
CA GLY XA 15 -42.66 63.85 3.40
C GLY XA 15 -41.40 63.80 2.56
N ALA XA 16 -40.73 62.65 2.62
CA ALA XA 16 -39.49 62.47 1.86
C ALA XA 16 -39.78 62.22 0.39
N THR XA 17 -40.49 61.13 0.09
CA THR XA 17 -40.83 60.79 -1.29
C THR XA 17 -42.08 61.55 -1.69
N SER XA 18 -41.92 62.56 -2.54
CA SER XA 18 -43.03 63.42 -2.92
C SER XA 18 -43.73 62.90 -4.18
N ALA XA 19 -44.95 63.38 -4.38
CA ALA XA 19 -45.74 63.08 -5.57
C ALA XA 19 -46.20 64.38 -6.21
N LEU XA 20 -45.29 65.34 -6.34
CA LEU XA 20 -45.61 66.70 -6.78
C LEU XA 20 -45.02 67.04 -8.14
N ALA XA 21 -43.94 66.37 -8.54
CA ALA XA 21 -43.27 66.70 -9.79
C ALA XA 21 -44.03 66.32 -11.07
N PRO XA 22 -44.73 65.17 -11.20
CA PRO XA 22 -45.48 64.97 -12.46
C PRO XA 22 -46.69 65.88 -12.63
N LYS XA 23 -47.31 66.33 -11.54
CA LYS XA 23 -48.51 67.14 -11.64
C LYS XA 23 -48.22 68.64 -11.78
N ILE XA 24 -47.19 69.14 -11.10
CA ILE XA 24 -46.97 70.57 -11.00
C ILE XA 24 -45.78 70.99 -11.86
N GLY XA 25 -44.87 70.05 -12.13
CA GLY XA 25 -43.66 70.27 -12.89
C GLY XA 25 -43.77 70.89 -14.27
N PRO XA 26 -44.61 70.32 -15.16
CA PRO XA 26 -44.82 70.96 -16.47
C PRO XA 26 -45.54 72.30 -16.41
N LEU XA 27 -46.21 72.62 -15.30
CA LEU XA 27 -46.87 73.93 -15.18
C LEU XA 27 -45.85 75.04 -14.94
N GLY XA 28 -44.81 74.76 -14.15
CA GLY XA 28 -43.70 75.69 -14.05
C GLY XA 28 -43.17 75.99 -12.66
N LEU XA 29 -44.04 75.98 -11.66
CA LEU XA 29 -43.62 76.38 -10.31
C LEU XA 29 -42.93 75.21 -9.63
N SER XA 30 -42.00 75.53 -8.72
CA SER XA 30 -41.15 74.52 -8.11
C SER XA 30 -41.94 73.64 -7.15
N PRO XA 31 -41.89 72.31 -7.31
CA PRO XA 31 -42.68 71.43 -6.43
C PRO XA 31 -42.16 71.37 -5.01
N LYS XA 32 -40.86 71.59 -4.80
CA LYS XA 32 -40.34 71.70 -3.44
C LYS XA 32 -40.90 72.92 -2.73
N LYS XA 33 -41.02 74.04 -3.45
CA LYS XA 33 -41.64 75.24 -2.89
C LYS XA 33 -43.14 75.03 -2.66
N VAL XA 34 -43.79 74.27 -3.53
CA VAL XA 34 -45.19 73.91 -3.33
C VAL XA 34 -45.36 73.09 -2.05
N GLY XA 35 -44.50 72.08 -1.85
CA GLY XA 35 -44.58 71.26 -0.66
C GLY XA 35 -44.27 72.02 0.62
N ASP XA 36 -43.31 72.95 0.54
CA ASP XA 36 -42.99 73.80 1.69
C ASP XA 36 -44.15 74.74 2.01
N ASP XA 37 -44.81 75.29 0.99
CA ASP XA 37 -45.95 76.17 1.23
C ASP XA 37 -47.15 75.41 1.78
N ILE XA 38 -47.37 74.17 1.35
CA ILE XA 38 -48.47 73.37 1.90
C ILE XA 38 -48.15 72.97 3.34
N ALA XA 39 -46.89 72.62 3.62
CA ALA XA 39 -46.50 72.25 4.98
C ALA XA 39 -46.55 73.45 5.93
N LYS XA 40 -46.36 74.66 5.39
CA LYS XA 40 -46.55 75.86 6.21
C LYS XA 40 -48.02 76.20 6.37
N ALA XA 41 -48.84 75.95 5.34
CA ALA XA 41 -50.23 76.36 5.36
C ALA XA 41 -51.09 75.42 6.21
N THR XA 42 -50.71 74.14 6.33
CA THR XA 42 -51.41 73.24 7.24
C THR XA 42 -51.24 73.68 8.69
N GLY XA 43 -50.01 73.63 9.19
CA GLY XA 43 -49.69 74.21 10.49
C GLY XA 43 -50.18 73.43 11.69
N ASP XA 44 -51.51 73.41 11.89
CA ASP XA 44 -52.07 72.85 13.12
C ASP XA 44 -52.44 71.38 13.00
N TRP XA 45 -52.41 70.81 11.79
CA TRP XA 45 -52.77 69.41 11.63
C TRP XA 45 -51.67 68.49 12.14
N LYS XA 46 -50.50 68.53 11.50
CA LYS XA 46 -49.21 68.01 11.96
C LYS XA 46 -49.12 66.48 11.99
N GLY XA 47 -50.25 65.79 11.82
CA GLY XA 47 -50.25 64.34 11.90
C GLY XA 47 -50.92 63.62 10.74
N LEU XA 48 -51.84 64.27 10.06
CA LEU XA 48 -52.80 63.56 9.24
C LEU XA 48 -52.66 63.95 7.76
N ARG XA 49 -53.25 63.11 6.90
CA ARG XA 49 -53.27 63.37 5.47
C ARG XA 49 -54.58 64.06 5.08
N ILE XA 50 -54.45 65.18 4.36
CA ILE XA 50 -55.60 66.01 4.00
C ILE XA 50 -55.56 66.24 2.49
N THR XA 51 -56.71 66.02 1.83
CA THR XA 51 -56.86 66.29 0.41
C THR XA 51 -57.05 67.79 0.22
N VAL XA 52 -55.93 68.49 0.03
CA VAL XA 52 -55.92 69.94 -0.11
C VAL XA 52 -56.10 70.28 -1.59
N LYS XA 53 -56.97 71.23 -1.89
CA LYS XA 53 -57.08 71.74 -3.25
C LYS XA 53 -56.04 72.82 -3.48
N LEU XA 54 -55.54 72.89 -4.71
CA LEU XA 54 -54.62 73.94 -5.13
C LEU XA 54 -55.16 74.56 -6.40
N THR XA 55 -55.41 75.87 -6.34
CA THR XA 55 -55.82 76.63 -7.51
C THR XA 55 -54.59 77.31 -8.09
N ILE XA 56 -54.13 76.81 -9.24
CA ILE XA 56 -52.88 77.25 -9.85
C ILE XA 56 -53.23 78.21 -10.98
N GLN XA 57 -52.55 79.36 -10.98
CA GLN XA 57 -52.62 80.36 -12.03
C GLN XA 57 -51.38 80.24 -12.91
N ASN XA 58 -51.22 81.22 -13.81
CA ASN XA 58 -50.00 81.29 -14.60
C ASN XA 58 -48.82 81.78 -13.76
N ARG XA 59 -49.08 82.68 -12.81
CA ARG XA 59 -48.02 83.23 -11.99
C ARG XA 59 -47.69 82.32 -10.81
N GLN XA 60 -48.65 82.09 -9.93
CA GLN XA 60 -48.42 81.30 -8.72
C GLN XA 60 -49.69 80.58 -8.34
N ALA XA 61 -49.57 79.71 -7.33
CA ALA XA 61 -50.68 78.88 -6.88
C ALA XA 61 -51.23 79.37 -5.55
N GLN XA 62 -52.44 78.88 -5.22
CA GLN XA 62 -53.10 79.17 -3.97
C GLN XA 62 -53.57 77.87 -3.33
N ILE XA 63 -53.55 77.84 -1.99
CA ILE XA 63 -53.76 76.63 -1.21
C ILE XA 63 -55.08 76.73 -0.47
N GLU XA 64 -55.93 75.72 -0.61
CA GLU XA 64 -57.21 75.68 0.07
C GLU XA 64 -57.38 74.33 0.75
N VAL XA 65 -57.33 74.33 2.08
CA VAL XA 65 -57.41 73.10 2.87
C VAL XA 65 -58.86 72.65 2.95
N VAL XA 66 -59.13 71.43 2.52
CA VAL XA 66 -60.45 70.84 2.56
C VAL XA 66 -60.43 69.67 3.54
N PRO XA 67 -61.00 69.84 4.73
CA PRO XA 67 -61.02 68.74 5.72
C PRO XA 67 -62.11 67.73 5.41
N SER XA 68 -61.77 66.45 5.55
CA SER XA 68 -62.75 65.39 5.41
C SER XA 68 -63.42 65.11 6.76
N ALA XA 69 -64.40 64.20 6.74
CA ALA XA 69 -65.11 63.85 7.97
C ALA XA 69 -64.21 63.09 8.94
N SER XA 70 -63.49 62.09 8.44
CA SER XA 70 -62.52 61.37 9.27
C SER XA 70 -61.37 62.27 9.67
N ALA XA 71 -60.99 63.23 8.81
CA ALA XA 71 -59.96 64.20 9.16
C ALA XA 71 -60.40 65.09 10.32
N LEU XA 72 -61.67 65.52 10.31
CA LEU XA 72 -62.18 66.31 11.44
C LEU XA 72 -62.33 65.47 12.70
N ILE XA 73 -62.65 64.18 12.57
CA ILE XA 73 -62.74 63.31 13.74
C ILE XA 73 -61.37 63.11 14.39
N ILE XA 74 -60.33 62.84 13.58
CA ILE XA 74 -59.01 62.64 14.15
C ILE XA 74 -58.38 63.98 14.56
N LYS XA 75 -58.87 65.10 14.00
CA LYS XA 75 -58.47 66.40 14.51
C LYS XA 75 -59.08 66.67 15.88
N ALA XA 76 -60.34 66.27 16.07
CA ALA XA 76 -60.99 66.46 17.37
C ALA XA 76 -60.39 65.54 18.42
N LEU XA 77 -60.02 64.33 18.04
CA LEU XA 77 -59.28 63.43 18.94
C LEU XA 77 -57.87 63.98 19.13
N LYS XA 78 -57.58 64.46 20.33
CA LYS XA 78 -56.30 65.11 20.62
C LYS XA 78 -55.40 64.13 21.37
N GLU XA 79 -54.47 63.49 20.64
CA GLU XA 79 -53.44 62.65 21.24
C GLU XA 79 -52.08 63.28 21.02
N PRO XA 80 -51.08 62.99 21.86
CA PRO XA 80 -49.71 63.47 21.58
C PRO XA 80 -49.13 62.78 20.37
N PRO XA 81 -48.63 63.54 19.40
CA PRO XA 81 -48.06 62.91 18.20
C PRO XA 81 -46.69 62.30 18.47
N ARG XA 82 -46.39 61.23 17.75
CA ARG XA 82 -45.13 60.51 17.93
C ARG XA 82 -44.14 60.89 16.83
N ASP XA 83 -43.01 60.18 16.82
CA ASP XA 83 -41.93 60.48 15.90
C ASP XA 83 -42.15 59.78 14.55
N ARG XA 84 -41.08 59.76 13.75
CA ARG XA 84 -41.15 59.15 12.42
C ARG XA 84 -41.16 57.62 12.50
N LYS XA 85 -40.76 57.06 13.65
CA LYS XA 85 -40.63 55.61 13.80
C LYS XA 85 -41.98 54.92 13.74
N LYS XA 86 -43.04 55.59 14.24
CA LYS XA 86 -44.44 55.19 14.08
C LYS XA 86 -44.75 53.80 14.64
N GLN XA 87 -44.69 53.66 15.97
CA GLN XA 87 -44.96 52.46 16.74
C GLN XA 87 -46.31 51.85 16.36
N LYS XA 88 -46.31 50.52 16.22
CA LYS XA 88 -47.48 49.78 15.76
C LYS XA 88 -48.61 49.80 16.78
N ASN XA 89 -49.81 49.42 16.32
CA ASN XA 89 -51.07 49.45 17.06
C ASN XA 89 -51.36 50.84 17.61
N ILE XA 90 -51.40 51.83 16.72
CA ILE XA 90 -51.57 53.24 17.09
C ILE XA 90 -53.04 53.62 16.91
N LYS XA 91 -53.90 52.59 16.87
CA LYS XA 91 -55.34 52.78 16.74
C LYS XA 91 -55.91 53.58 17.90
N HIS XA 92 -56.89 54.44 17.60
CA HIS XA 92 -57.30 55.48 18.53
C HIS XA 92 -58.15 54.91 19.66
N SER XA 93 -57.87 55.37 20.88
CA SER XA 93 -58.67 55.05 22.06
C SER XA 93 -58.98 56.34 22.81
N GLY XA 94 -60.24 56.56 23.12
CA GLY XA 94 -60.66 57.77 23.79
C GLY XA 94 -62.16 57.92 23.71
N ASN XA 95 -62.61 59.17 23.85
CA ASN XA 95 -64.04 59.51 23.83
C ASN XA 95 -64.22 60.79 23.04
N ILE XA 96 -65.12 60.77 22.06
CA ILE XA 96 -65.44 61.94 21.25
C ILE XA 96 -66.54 62.72 21.94
N THR XA 97 -66.35 64.03 22.08
CA THR XA 97 -67.41 64.90 22.60
C THR XA 97 -68.53 65.00 21.57
N PHE XA 98 -69.78 64.93 22.06
CA PHE XA 98 -70.93 64.99 21.17
C PHE XA 98 -71.10 66.38 20.56
N ASP XA 99 -70.69 67.43 21.26
CA ASP XA 99 -70.73 68.78 20.69
C ASP XA 99 -69.74 68.94 19.55
N GLU XA 100 -68.64 68.19 19.58
CA GLU XA 100 -67.71 68.16 18.45
C GLU XA 100 -68.36 67.52 17.22
N ILE XA 101 -69.16 66.47 17.43
CA ILE XA 101 -69.90 65.84 16.34
C ILE XA 101 -70.96 66.79 15.81
N VAL XA 102 -71.58 67.58 16.69
CA VAL XA 102 -72.54 68.60 16.27
C VAL XA 102 -71.84 69.68 15.43
N ASN XA 103 -70.63 70.07 15.81
CA ASN XA 103 -69.88 71.07 15.04
C ASN XA 103 -69.45 70.53 13.67
N ILE XA 104 -69.03 69.26 13.63
CA ILE XA 104 -68.68 68.64 12.35
C ILE XA 104 -69.92 68.47 11.47
N ALA XA 105 -71.08 68.20 12.07
CA ALA XA 105 -72.33 68.10 11.31
C ALA XA 105 -72.76 69.46 10.77
N ARG XA 106 -72.53 70.53 11.54
CA ARG XA 106 -72.82 71.87 11.04
C ARG XA 106 -71.87 72.28 9.93
N GLN XA 107 -70.61 71.88 10.01
CA GLN XA 107 -69.67 72.17 8.91
C GLN XA 107 -70.01 71.36 7.66
N MET XA 108 -70.47 70.12 7.82
CA MET XA 108 -70.87 69.33 6.66
C MET XA 108 -72.19 69.83 6.08
N ARG XA 109 -73.04 70.41 6.91
CA ARG XA 109 -74.24 71.07 6.40
C ARG XA 109 -73.90 72.36 5.67
N HIS XA 110 -72.84 73.05 6.12
CA HIS XA 110 -72.36 74.21 5.39
C HIS XA 110 -71.75 73.81 4.04
N ARG XA 111 -71.09 72.65 3.99
CA ARG XA 111 -70.63 72.11 2.72
C ARG XA 111 -71.79 71.63 1.85
N SER XA 112 -72.89 71.20 2.47
CA SER XA 112 -74.20 70.97 1.85
C SER XA 112 -74.23 69.90 0.76
N LEU XA 113 -73.75 68.69 1.07
CA LEU XA 113 -74.04 67.54 0.25
C LEU XA 113 -74.44 66.37 1.14
N ALA XA 114 -75.72 66.35 1.52
CA ALA XA 114 -76.26 65.39 2.50
C ALA XA 114 -77.77 65.52 2.66
N ARG XA 115 -78.33 64.69 3.53
CA ARG XA 115 -79.65 64.90 4.12
C ARG XA 115 -79.55 66.02 5.16
N GLU XA 116 -80.70 66.47 5.67
CA GLU XA 116 -80.73 67.39 6.80
C GLU XA 116 -80.12 66.76 8.05
N LEU XA 117 -79.91 67.60 9.06
CA LEU XA 117 -79.04 67.40 10.23
C LEU XA 117 -79.15 66.04 10.92
N SER XA 118 -80.35 65.47 10.94
CA SER XA 118 -80.56 64.11 11.47
C SER XA 118 -79.79 63.07 10.66
N GLY XA 119 -79.68 63.28 9.35
CA GLY XA 119 -78.89 62.36 8.53
C GLY XA 119 -77.40 62.59 8.69
N THR XA 120 -76.99 63.85 8.85
CA THR XA 120 -75.56 64.17 8.97
C THR XA 120 -74.97 63.65 10.27
N ILE XA 121 -75.72 63.76 11.38
CA ILE XA 121 -75.25 63.23 12.66
C ILE XA 121 -75.08 61.72 12.59
N LYS XA 122 -76.04 61.04 11.94
CA LYS XA 122 -75.97 59.59 11.79
C LYS XA 122 -74.80 59.16 10.92
N GLU XA 123 -74.57 59.85 9.78
CA GLU XA 123 -73.50 59.41 8.90
C GLU XA 123 -72.12 59.74 9.46
N ILE XA 124 -71.99 60.86 10.18
CA ILE XA 124 -70.70 61.19 10.78
C ILE XA 124 -70.42 60.28 11.98
N LEU XA 125 -71.45 59.91 12.75
CA LEU XA 125 -71.23 58.96 13.83
C LEU XA 125 -71.00 57.55 13.30
N GLY XA 126 -71.47 57.26 12.08
CA GLY XA 126 -71.12 56.00 11.44
C GLY XA 126 -69.69 55.99 10.91
N THR XA 127 -69.19 57.14 10.47
CA THR XA 127 -67.78 57.22 10.10
C THR XA 127 -66.89 57.22 11.34
N ALA XA 128 -67.45 57.59 12.50
CA ALA XA 128 -66.68 57.62 13.73
C ALA XA 128 -66.23 56.22 14.17
N GLN XA 129 -67.07 55.21 13.96
CA GLN XA 129 -66.65 53.85 14.31
C GLN XA 129 -65.72 53.26 13.27
N SER XA 130 -65.75 53.79 12.03
CA SER XA 130 -64.75 53.39 11.04
C SER XA 130 -63.40 54.00 11.38
N VAL XA 131 -63.40 55.20 11.95
CA VAL XA 131 -62.18 55.75 12.55
C VAL XA 131 -61.75 54.89 13.74
N GLY XA 132 -62.72 54.42 14.53
CA GLY XA 132 -62.42 53.53 15.63
C GLY XA 132 -62.45 54.18 17.00
N CYS XA 133 -63.50 54.96 17.27
CA CYS XA 133 -63.70 55.52 18.60
C CYS XA 133 -65.18 55.45 18.94
N ASN XA 134 -65.51 55.76 20.18
CA ASN XA 134 -66.87 55.61 20.69
C ASN XA 134 -67.21 56.74 21.67
N VAL XA 135 -68.44 57.24 21.58
CA VAL XA 135 -68.95 58.23 22.52
C VAL XA 135 -69.67 57.51 23.64
N ASP XA 136 -68.90 57.07 24.65
CA ASP XA 136 -69.39 56.35 25.83
C ASP XA 136 -70.22 55.11 25.47
N GLY XA 137 -69.80 54.45 24.40
CA GLY XA 137 -70.59 53.39 23.79
C GLY XA 137 -70.56 53.57 22.28
N ARG XA 138 -70.81 52.48 21.57
CA ARG XA 138 -70.62 52.44 20.12
C ARG XA 138 -71.89 52.87 19.39
N HIS XA 139 -71.89 52.60 18.08
CA HIS XA 139 -72.99 53.00 17.20
C HIS XA 139 -74.36 52.39 17.51
N PRO XA 140 -74.50 51.10 17.92
CA PRO XA 140 -75.85 50.65 18.34
C PRO XA 140 -76.39 51.32 19.59
N HIS XA 141 -75.52 51.86 20.45
CA HIS XA 141 -76.00 52.64 21.59
C HIS XA 141 -76.56 53.98 21.14
N ASP XA 142 -75.90 54.62 20.17
CA ASP XA 142 -76.38 55.90 19.67
C ASP XA 142 -77.59 55.74 18.74
N ILE XA 143 -77.79 54.56 18.15
CA ILE XA 143 -79.05 54.27 17.47
C ILE XA 143 -80.21 54.30 18.45
N ILE XA 144 -80.03 53.70 19.63
CA ILE XA 144 -81.05 53.72 20.67
C ILE XA 144 -81.22 55.14 21.21
N ASP XA 145 -80.11 55.90 21.31
CA ASP XA 145 -80.19 57.27 21.77
C ASP XA 145 -80.89 58.18 20.77
N ASP XA 146 -80.83 57.85 19.47
CA ASP XA 146 -81.52 58.64 18.47
C ASP XA 146 -83.04 58.46 18.55
N ILE XA 147 -83.47 57.28 18.99
CA ILE XA 147 -84.90 56.97 19.05
C ILE XA 147 -85.52 57.70 20.24
N ASN XA 148 -86.40 58.65 19.95
CA ASN XA 148 -87.24 59.40 20.90
C ASN XA 148 -86.43 60.28 21.87
N SER XA 149 -85.12 60.43 21.66
CA SER XA 149 -84.31 61.32 22.49
C SER XA 149 -83.28 62.04 21.62
N GLY XA 150 -83.71 62.52 20.45
CA GLY XA 150 -82.79 63.18 19.54
C GLY XA 150 -82.49 64.60 19.98
N ALA XA 151 -81.33 65.10 19.55
CA ALA XA 151 -80.90 66.47 19.87
C ALA XA 151 -80.70 67.26 18.58
N VAL XA 152 -81.65 67.15 17.66
CA VAL XA 152 -81.56 67.78 16.35
C VAL XA 152 -82.39 69.06 16.37
N GLU XA 153 -81.80 70.16 15.92
CA GLU XA 153 -82.50 71.44 15.82
C GLU XA 153 -83.61 71.40 14.79
N SER ZA 1 103.57 59.39 11.84
CA SER ZA 1 103.06 58.05 12.10
C SER ZA 1 103.50 57.08 11.01
N GLY ZA 2 103.74 57.61 9.81
CA GLY ZA 2 104.21 56.77 8.72
C GLY ZA 2 105.67 57.03 8.40
N ALA ZA 3 106.50 56.01 8.67
CA ALA ZA 3 107.96 56.04 8.45
C ALA ZA 3 108.62 57.21 9.17
N LEU ZA 4 108.20 57.46 10.40
CA LEU ZA 4 108.71 58.57 11.22
C LEU ZA 4 109.29 57.99 12.49
N ASP ZA 5 110.57 58.28 12.75
CA ASP ZA 5 111.26 57.65 13.87
C ASP ZA 5 110.84 58.26 15.19
N VAL ZA 6 110.25 59.47 15.16
CA VAL ZA 6 109.82 60.13 16.38
C VAL ZA 6 108.59 59.43 16.96
N LEU ZA 7 107.62 59.11 16.09
CA LEU ZA 7 106.36 58.53 16.54
C LEU ZA 7 106.35 57.01 16.53
N GLN ZA 8 107.51 56.36 16.63
CA GLN ZA 8 107.54 54.91 16.65
C GLN ZA 8 107.13 54.36 18.02
N MET ZA 9 106.94 53.05 18.06
CA MET ZA 9 106.62 52.35 19.29
C MET ZA 9 107.85 52.29 20.19
N LYS ZA 10 107.64 52.52 21.48
CA LYS ZA 10 108.73 52.73 22.42
C LYS ZA 10 108.80 51.58 23.42
N GLU ZA 11 110.03 51.26 23.83
CA GLU ZA 11 110.30 50.11 24.71
C GLU ZA 11 109.65 50.27 26.08
N GLU ZA 12 109.47 51.51 26.55
CA GLU ZA 12 108.74 51.72 27.80
C GLU ZA 12 107.24 51.53 27.59
N ASP ZA 13 106.77 51.61 26.34
CA ASP ZA 13 105.35 51.34 26.08
C ASP ZA 13 105.11 49.86 25.85
N VAL ZA 14 106.13 49.14 25.37
CA VAL ZA 14 106.00 47.70 25.10
C VAL ZA 14 105.73 46.93 26.39
N LEU ZA 15 106.50 47.21 27.44
CA LEU ZA 15 106.36 46.49 28.71
C LEU ZA 15 105.05 46.83 29.40
N LYS ZA 16 104.57 48.06 29.23
CA LYS ZA 16 103.29 48.44 29.82
C LYS ZA 16 102.12 47.83 29.07
N PHE ZA 17 102.25 47.69 27.74
CA PHE ZA 17 101.27 46.94 26.95
C PHE ZA 17 101.21 45.48 27.41
N LEU ZA 18 102.38 44.87 27.61
CA LEU ZA 18 102.41 43.46 28.02
C LEU ZA 18 101.93 43.28 29.46
N ALA ZA 19 102.14 44.29 30.31
CA ALA ZA 19 101.69 44.19 31.70
C ALA ZA 19 100.18 44.42 31.81
N ALA ZA 20 99.65 45.37 31.04
CA ALA ZA 20 98.21 45.63 31.09
C ALA ZA 20 97.42 44.54 30.37
N GLY ZA 21 98.00 43.92 29.35
CA GLY ZA 21 97.29 42.89 28.61
C GLY ZA 21 96.40 43.42 27.51
N THR ZA 22 96.84 44.46 26.80
CA THR ZA 22 96.04 45.00 25.70
C THR ZA 22 96.15 44.12 24.47
N HIS ZA 23 97.23 43.33 24.38
CA HIS ZA 23 97.35 42.36 23.30
C HIS ZA 23 96.46 41.15 23.58
N LEU ZA 24 96.11 40.92 24.84
CA LEU ZA 24 95.29 39.79 25.25
C LEU ZA 24 93.86 40.07 24.82
N GLY ZA 25 93.47 39.54 23.67
CA GLY ZA 25 92.16 39.80 23.10
C GLY ZA 25 91.05 38.97 23.70
N GLY ZA 26 89.92 38.90 22.99
CA GLY ZA 26 88.77 38.16 23.45
C GLY ZA 26 88.72 36.75 22.88
N THR ZA 27 87.72 36.00 23.32
CA THR ZA 27 87.58 34.62 22.89
C THR ZA 27 86.90 34.54 21.52
N ASN ZA 28 85.79 35.24 21.34
CA ASN ZA 28 85.08 35.20 20.06
C ASN ZA 28 85.71 36.16 19.07
N LEU ZA 29 85.04 36.34 17.93
CA LEU ZA 29 85.62 37.08 16.81
C LEU ZA 29 84.52 37.84 16.07
N ASP ZA 30 84.72 39.14 15.90
CA ASP ZA 30 83.93 39.92 14.96
C ASP ZA 30 84.66 39.97 13.63
N PHE ZA 31 83.89 39.93 12.53
CA PHE ZA 31 84.48 39.80 11.21
C PHE ZA 31 85.18 41.07 10.75
N GLN ZA 32 84.75 42.22 11.25
CA GLN ZA 32 85.42 43.48 10.94
C GLN ZA 32 86.75 43.60 11.68
N MET ZA 33 86.91 42.92 12.81
CA MET ZA 33 88.12 43.04 13.60
C MET ZA 33 89.16 41.98 13.25
N GLU ZA 34 89.08 41.37 12.06
CA GLU ZA 34 89.97 40.28 11.73
C GLU ZA 34 91.34 40.76 11.24
N GLN ZA 35 91.42 42.02 10.78
CA GLN ZA 35 92.67 42.48 10.20
C GLN ZA 35 93.68 42.94 11.25
N TYR ZA 36 93.26 43.02 12.51
CA TYR ZA 36 94.17 43.50 13.55
C TYR ZA 36 94.74 42.37 14.39
N ILE ZA 37 94.42 41.11 14.04
CA ILE ZA 37 94.86 39.98 14.84
C ILE ZA 37 96.03 39.27 14.16
N TYR ZA 38 97.10 39.04 14.93
CA TYR ZA 38 98.26 38.31 14.43
C TYR ZA 38 97.99 36.80 14.37
N LYS ZA 39 97.71 36.20 15.53
CA LYS ZA 39 97.53 34.76 15.61
C LYS ZA 39 96.70 34.44 16.84
N ARG ZA 40 95.84 33.43 16.73
CA ARG ZA 40 95.03 32.93 17.83
C ARG ZA 40 95.83 31.92 18.65
N LYS ZA 41 95.81 32.12 19.97
CA LYS ZA 41 96.55 31.28 20.90
C LYS ZA 41 95.88 29.92 21.10
N SER ZA 42 96.50 29.12 21.96
CA SER ZA 42 95.79 28.02 22.61
C SER ZA 42 94.87 28.62 23.68
N ASP ZA 43 93.84 27.84 24.04
CA ASP ZA 43 92.71 28.18 24.94
C ASP ZA 43 91.85 29.26 24.29
N GLY ZA 44 91.96 29.47 22.98
CA GLY ZA 44 91.07 30.33 22.21
C GLY ZA 44 91.10 31.81 22.55
N ILE ZA 45 92.28 32.43 22.49
CA ILE ZA 45 92.40 33.86 22.74
C ILE ZA 45 93.19 34.48 21.59
N TYR ZA 46 92.58 35.44 20.89
CA TYR ZA 46 93.25 36.13 19.80
C TYR ZA 46 94.28 37.11 20.35
N ILE ZA 47 95.32 37.37 19.57
CA ILE ZA 47 96.38 38.31 19.93
C ILE ZA 47 96.18 39.58 19.10
N ILE ZA 48 96.02 40.71 19.79
CA ILE ZA 48 95.90 41.99 19.14
C ILE ZA 48 97.29 42.52 18.83
N ASN ZA 49 97.54 42.88 17.58
CA ASN ZA 49 98.85 43.37 17.15
C ASN ZA 49 99.11 44.75 17.74
N LEU ZA 50 100.15 44.85 18.57
CA LEU ZA 50 100.42 46.07 19.32
C LEU ZA 50 100.95 47.21 18.45
N LYS ZA 51 101.68 46.90 17.37
CA LYS ZA 51 102.16 47.96 16.48
C LYS ZA 51 101.00 48.60 15.72
N ARG ZA 52 100.09 47.79 15.22
CA ARG ZA 52 98.89 48.33 14.58
C ARG ZA 52 97.95 49.00 15.57
N THR ZA 53 97.93 48.54 16.83
CA THR ZA 53 97.22 49.24 17.88
C THR ZA 53 97.81 50.63 18.11
N TRP ZA 54 99.14 50.72 18.10
CA TRP ZA 54 99.83 52.01 18.22
C TRP ZA 54 99.54 52.91 17.02
N GLU ZA 55 99.41 52.31 15.83
CA GLU ZA 55 99.10 53.10 14.63
C GLU ZA 55 97.67 53.67 14.68
N LYS ZA 56 96.72 52.86 15.15
CA LYS ZA 56 95.35 53.36 15.28
C LYS ZA 56 95.25 54.39 16.40
N LEU ZA 57 96.05 54.24 17.47
CA LEU ZA 57 96.14 55.25 18.51
C LEU ZA 57 96.71 56.55 17.97
N LEU ZA 58 97.73 56.45 17.10
CA LEU ZA 58 98.29 57.64 16.46
C LEU ZA 58 97.27 58.33 15.55
N LEU ZA 59 96.46 57.57 14.82
CA LEU ZA 59 95.49 58.21 13.94
C LEU ZA 59 94.35 58.84 14.75
N ALA ZA 60 93.96 58.21 15.86
CA ALA ZA 60 92.97 58.83 16.73
C ALA ZA 60 93.54 60.07 17.42
N ALA ZA 61 94.85 60.07 17.69
CA ALA ZA 61 95.50 61.26 18.22
C ALA ZA 61 95.52 62.38 17.18
N ARG ZA 62 95.71 62.03 15.90
CA ARG ZA 62 95.56 63.00 14.81
C ARG ZA 62 94.16 63.58 14.79
N ALA ZA 63 93.15 62.73 14.95
CA ALA ZA 63 91.75 63.17 14.91
C ALA ZA 63 91.41 64.06 16.10
N ILE ZA 64 92.07 63.84 17.24
CA ILE ZA 64 91.82 64.68 18.41
C ILE ZA 64 92.55 66.02 18.27
N VAL ZA 65 93.82 66.00 17.88
CA VAL ZA 65 94.62 67.23 17.82
C VAL ZA 65 94.15 68.14 16.69
N ALA ZA 66 93.62 67.55 15.60
CA ALA ZA 66 93.11 68.35 14.50
C ALA ZA 66 91.88 69.16 14.86
N ILE ZA 67 91.13 68.76 15.89
CA ILE ZA 67 90.04 69.58 16.39
C ILE ZA 67 90.64 70.74 17.19
N GLU ZA 68 90.31 71.97 16.79
CA GLU ZA 68 90.94 73.15 17.38
C GLU ZA 68 90.41 73.40 18.79
N ASN ZA 69 89.09 73.35 18.96
CA ASN ZA 69 88.46 73.52 20.26
C ASN ZA 69 88.65 72.25 21.08
N PRO ZA 70 89.29 72.32 22.25
CA PRO ZA 70 89.42 71.10 23.07
C PRO ZA 70 88.16 70.78 23.87
N ALA ZA 71 87.27 71.76 24.07
CA ALA ZA 71 86.17 71.56 25.01
C ALA ZA 71 85.05 70.72 24.43
N ASP ZA 72 84.88 70.72 23.10
CA ASP ZA 72 83.76 70.03 22.47
C ASP ZA 72 84.13 68.66 21.90
N VAL ZA 73 85.00 67.92 22.59
CA VAL ZA 73 85.26 66.52 22.25
C VAL ZA 73 84.62 65.65 23.32
N SER ZA 74 83.57 64.94 22.94
CA SER ZA 74 82.78 64.14 23.88
C SER ZA 74 83.51 62.84 24.20
N VAL ZA 75 83.71 62.58 25.49
CA VAL ZA 75 84.48 61.43 25.96
C VAL ZA 75 83.53 60.64 26.86
N ILE ZA 76 83.07 59.48 26.38
CA ILE ZA 76 81.90 58.80 26.92
C ILE ZA 76 82.30 57.46 27.53
N SER ZA 77 81.76 57.16 28.72
CA SER ZA 77 81.87 55.83 29.31
C SER ZA 77 80.60 55.55 30.10
N SER ZA 78 80.02 54.37 29.90
CA SER ZA 78 78.84 53.96 30.65
C SER ZA 78 79.16 52.88 31.69
N ARG ZA 79 80.01 51.92 31.33
CA ARG ZA 79 80.45 50.91 32.29
C ARG ZA 79 81.36 51.54 33.34
N ASN ZA 80 81.47 50.86 34.48
CA ASN ZA 80 82.22 51.42 35.61
C ASN ZA 80 83.73 51.32 35.40
N THR ZA 81 84.17 50.59 34.39
CA THR ZA 81 85.61 50.41 34.14
C THR ZA 81 86.27 51.72 33.71
N GLY ZA 82 85.57 52.51 32.91
CA GLY ZA 82 86.17 53.71 32.36
C GLY ZA 82 85.65 55.03 32.88
N GLN ZA 83 84.81 55.02 33.94
CA GLN ZA 83 84.21 56.25 34.44
C GLN ZA 83 85.23 57.19 35.07
N ARG ZA 84 86.17 56.65 35.85
CA ARG ZA 84 87.25 57.46 36.38
C ARG ZA 84 88.21 57.88 35.27
N ALA ZA 85 88.41 57.00 34.29
CA ALA ZA 85 89.39 57.23 33.23
C ALA ZA 85 88.96 58.36 32.32
N VAL ZA 86 87.67 58.43 31.99
CA VAL ZA 86 87.21 59.49 31.09
C VAL ZA 86 87.19 60.84 31.80
N LEU ZA 87 86.93 60.85 33.11
CA LEU ZA 87 86.93 62.09 33.88
C LEU ZA 87 88.34 62.64 34.02
N LYS ZA 88 89.29 61.77 34.34
CA LYS ZA 88 90.67 62.22 34.48
C LYS ZA 88 91.29 62.54 33.12
N PHE ZA 89 90.84 61.86 32.05
CA PHE ZA 89 91.26 62.20 30.69
C PHE ZA 89 90.76 63.57 30.28
N ALA ZA 90 89.50 63.88 30.62
CA ALA ZA 90 88.98 65.21 30.32
C ALA ZA 90 89.65 66.29 31.17
N ALA ZA 91 90.04 65.96 32.40
CA ALA ZA 91 90.77 66.91 33.23
C ALA ZA 91 92.18 67.15 32.70
N ALA ZA 92 92.79 66.11 32.12
CA ALA ZA 92 94.14 66.26 31.59
C ALA ZA 92 94.14 66.97 30.24
N THR ZA 93 93.17 66.66 29.38
CA THR ZA 93 93.17 67.19 28.02
C THR ZA 93 92.46 68.53 27.93
N GLY ZA 94 91.26 68.63 28.50
CA GLY ZA 94 90.44 69.81 28.33
C GLY ZA 94 89.11 69.52 27.68
N ALA ZA 95 88.65 68.27 27.73
CA ALA ZA 95 87.41 67.87 27.08
C ALA ZA 95 86.24 67.89 28.07
N THR ZA 96 85.06 67.54 27.56
CA THR ZA 96 83.85 67.49 28.37
C THR ZA 96 83.45 66.04 28.57
N PRO ZA 97 83.49 65.51 29.79
CA PRO ZA 97 83.32 64.07 29.99
C PRO ZA 97 81.86 63.67 30.18
N ILE ZA 98 81.61 62.38 29.90
CA ILE ZA 98 80.34 61.73 30.19
C ILE ZA 98 80.67 60.42 30.89
N ALA ZA 99 80.43 60.35 32.19
CA ALA ZA 99 80.78 59.20 33.02
C ALA ZA 99 79.52 58.65 33.67
N GLY ZA 100 78.90 57.67 33.00
CA GLY ZA 100 77.71 57.03 33.55
C GLY ZA 100 76.43 57.78 33.30
N ARG ZA 101 75.35 57.03 33.02
CA ARG ZA 101 74.01 57.52 32.75
C ARG ZA 101 74.02 58.49 31.57
N PHE ZA 102 74.31 57.97 30.38
CA PHE ZA 102 74.20 58.75 29.15
C PHE ZA 102 72.72 58.92 28.83
N THR ZA 103 72.23 60.15 28.94
CA THR ZA 103 70.83 60.42 28.67
C THR ZA 103 70.59 60.39 27.16
N PRO ZA 104 69.60 59.64 26.68
CA PRO ZA 104 69.27 59.68 25.26
C PRO ZA 104 68.66 61.02 24.87
N GLY ZA 105 69.24 61.64 23.83
CA GLY ZA 105 68.77 62.94 23.40
C GLY ZA 105 69.66 64.10 23.78
N THR ZA 106 70.86 63.84 24.31
CA THR ZA 106 71.78 64.94 24.61
C THR ZA 106 72.39 65.52 23.35
N PHE ZA 107 72.32 64.80 22.23
CA PHE ZA 107 72.85 65.30 20.96
C PHE ZA 107 71.74 65.77 20.02
N THR ZA 108 70.49 65.42 20.29
CA THR ZA 108 69.38 65.71 19.39
C THR ZA 108 68.35 66.66 19.98
N ASN ZA 109 68.00 66.50 21.25
CA ASN ZA 109 66.89 67.27 21.83
C ASN ZA 109 67.40 68.62 22.35
N GLN ZA 110 66.80 69.70 21.84
CA GLN ZA 110 67.26 71.05 22.20
C GLN ZA 110 66.81 71.45 23.60
N ILE ZA 111 65.60 71.06 23.99
CA ILE ZA 111 64.99 71.59 25.21
C ILE ZA 111 65.63 70.97 26.46
N GLN ZA 112 66.31 69.83 26.30
CA GLN ZA 112 67.06 69.24 27.41
C GLN ZA 112 68.23 70.15 27.80
N THR ZA 113 68.57 70.12 29.09
CA THR ZA 113 69.56 71.04 29.62
C THR ZA 113 70.96 70.67 29.18
N ALA ZA 114 71.24 69.38 29.06
CA ALA ZA 114 72.56 68.91 28.62
C ALA ZA 114 72.60 68.68 27.11
N PHE ZA 115 72.20 69.70 26.34
CA PHE ZA 115 72.28 69.63 24.89
C PHE ZA 115 73.65 70.15 24.45
N ARG ZA 116 74.57 69.22 24.26
CA ARG ZA 116 75.90 69.51 23.76
C ARG ZA 116 76.00 69.07 22.30
N GLU ZA 117 76.60 69.92 21.47
CA GLU ZA 117 76.85 69.60 20.07
C GLU ZA 117 78.37 69.53 19.88
N PRO ZA 118 78.96 68.36 20.06
CA PRO ZA 118 80.42 68.23 20.03
C PRO ZA 118 80.94 68.19 18.59
N ARG ZA 119 82.25 67.96 18.49
CA ARG ZA 119 82.90 67.74 17.21
C ARG ZA 119 83.55 66.38 17.08
N LEU ZA 120 83.66 65.61 18.18
CA LEU ZA 120 84.32 64.32 18.14
C LEU ZA 120 83.89 63.49 19.34
N LEU ZA 121 83.61 62.20 19.10
CA LEU ZA 121 83.26 61.26 20.15
C LEU ZA 121 84.37 60.24 20.34
N VAL ZA 122 84.68 59.94 21.60
CA VAL ZA 122 85.68 58.95 21.95
C VAL ZA 122 84.98 57.91 22.83
N VAL ZA 123 84.65 56.76 22.24
CA VAL ZA 123 83.82 55.75 22.88
C VAL ZA 123 84.70 54.71 23.59
N THR ZA 124 84.36 54.41 24.85
CA THR ZA 124 85.02 53.38 25.64
C THR ZA 124 84.69 51.97 25.17
N ASP ZA 125 83.41 51.66 24.97
CA ASP ZA 125 83.00 50.32 24.52
C ASP ZA 125 81.81 50.42 23.58
N PRO ZA 126 81.81 49.69 22.47
CA PRO ZA 126 80.70 49.80 21.50
C PRO ZA 126 79.37 49.24 22.01
N ARG ZA 127 79.36 48.06 22.61
CA ARG ZA 127 78.11 47.48 23.10
C ARG ZA 127 77.60 48.24 24.32
N ALA ZA 128 78.51 48.81 25.11
CA ALA ZA 128 78.11 49.59 26.26
C ALA ZA 128 77.65 50.99 25.86
N ASP ZA 129 78.13 51.50 24.74
CA ASP ZA 129 77.76 52.83 24.26
C ASP ZA 129 77.18 52.75 22.85
N HIS ZA 130 76.27 51.79 22.63
CA HIS ZA 130 75.57 51.70 21.35
C HIS ZA 130 74.67 52.91 21.10
N GLN ZA 131 74.15 53.53 22.16
CA GLN ZA 131 73.26 54.68 22.01
C GLN ZA 131 73.97 55.96 21.55
N PRO ZA 132 75.20 56.35 22.09
CA PRO ZA 132 75.91 57.48 21.47
C PRO ZA 132 76.27 57.27 20.01
N LEU ZA 133 76.44 56.01 19.60
CA LEU ZA 133 76.59 55.69 18.18
C LEU ZA 133 75.31 56.02 17.41
N THR ZA 134 74.15 55.78 18.02
CA THR ZA 134 72.90 56.11 17.35
C THR ZA 134 72.68 57.61 17.26
N GLU ZA 135 73.04 58.39 18.29
CA GLU ZA 135 72.93 59.84 18.14
C GLU ZA 135 74.00 60.40 17.21
N ALA ZA 136 75.16 59.74 17.09
CA ALA ZA 136 76.17 60.13 16.11
C ALA ZA 136 75.81 59.69 14.69
N SER ZA 137 74.80 58.82 14.57
CA SER ZA 137 74.20 58.55 13.28
C SER ZA 137 73.26 59.65 12.80
N TYR ZA 138 72.67 60.44 13.72
CA TYR ZA 138 71.78 61.50 13.28
C TYR ZA 138 72.45 62.87 13.30
N VAL ZA 139 73.49 63.04 14.12
CA VAL ZA 139 74.25 64.29 14.15
C VAL ZA 139 75.62 64.00 13.55
N ASN ZA 140 76.14 64.96 12.78
CA ASN ZA 140 77.39 64.78 12.04
C ASN ZA 140 78.56 64.76 13.03
N LEU ZA 141 78.82 63.56 13.55
CA LEU ZA 141 79.76 63.37 14.65
C LEU ZA 141 80.71 62.22 14.32
N PRO ZA 142 82.00 62.49 14.13
CA PRO ZA 142 82.97 61.38 14.04
C PRO ZA 142 83.16 60.70 15.38
N THR ZA 143 83.61 59.46 15.33
CA THR ZA 143 83.64 58.59 16.50
C THR ZA 143 84.98 57.88 16.60
N ILE ZA 144 85.58 57.95 17.79
CA ILE ZA 144 86.71 57.12 18.17
C ILE ZA 144 86.18 56.05 19.10
N ALA ZA 145 86.65 54.81 18.93
CA ALA ZA 145 86.10 53.73 19.74
C ALA ZA 145 87.19 52.76 20.14
N LEU ZA 146 87.28 52.50 21.44
CA LEU ZA 146 88.17 51.47 21.97
C LEU ZA 146 87.47 50.12 21.82
N CYS ZA 147 87.92 49.30 20.88
CA CYS ZA 147 87.19 48.12 20.46
C CYS ZA 147 87.96 46.85 20.82
N ASN ZA 148 87.21 45.79 21.08
CA ASN ZA 148 87.77 44.46 21.30
C ASN ZA 148 87.68 43.68 19.99
N THR ZA 149 88.20 42.45 19.99
CA THR ZA 149 88.08 41.59 18.82
C THR ZA 149 86.64 41.11 18.63
N ASP ZA 150 85.88 41.04 19.73
CA ASP ZA 150 84.48 40.66 19.63
C ASP ZA 150 83.58 41.87 19.34
N SER ZA 151 84.07 43.08 19.61
CA SER ZA 151 83.24 44.26 19.50
C SER ZA 151 82.99 44.61 18.04
N PRO ZA 152 81.73 44.87 17.66
CA PRO ZA 152 81.43 45.23 16.27
C PRO ZA 152 81.83 46.67 15.95
N LEU ZA 153 81.92 46.97 14.66
CA LEU ZA 153 82.29 48.29 14.20
C LEU ZA 153 81.11 49.05 13.60
N ARG ZA 154 79.93 48.87 14.18
CA ARG ZA 154 78.74 49.56 13.68
C ARG ZA 154 78.74 51.02 14.14
N TYR ZA 155 78.69 51.92 13.16
CA TYR ZA 155 78.67 53.39 13.29
C TYR ZA 155 79.89 53.97 13.99
N VAL ZA 156 80.98 53.22 14.15
CA VAL ZA 156 82.23 53.81 14.60
C VAL ZA 156 82.97 54.32 13.38
N ASP ZA 157 83.97 55.17 13.60
CA ASP ZA 157 84.64 55.83 12.49
C ASP ZA 157 86.15 55.68 12.51
N ILE ZA 158 86.77 55.64 13.69
CA ILE ZA 158 88.18 55.28 13.80
C ILE ZA 158 88.39 54.47 15.08
N ALA ZA 159 88.54 53.14 14.94
CA ALA ZA 159 88.59 52.28 16.10
C ALA ZA 159 90.02 51.89 16.44
N ILE ZA 160 90.27 51.64 17.72
CA ILE ZA 160 91.57 51.17 18.19
C ILE ZA 160 91.37 49.78 18.79
N PRO ZA 161 91.99 48.73 18.26
CA PRO ZA 161 91.81 47.37 18.79
C PRO ZA 161 92.51 47.20 20.13
N CYS ZA 162 91.74 46.96 21.19
CA CYS ZA 162 92.27 46.90 22.54
C CYS ZA 162 91.54 45.82 23.32
N ASN ZA 163 91.94 45.65 24.59
CA ASN ZA 163 91.22 44.81 25.55
C ASN ZA 163 90.38 45.73 26.41
N ASN ZA 164 89.10 45.84 26.06
CA ASN ZA 164 88.22 46.74 26.79
C ASN ZA 164 87.61 46.12 28.05
N LYS ZA 165 87.98 44.89 28.38
CA LYS ZA 165 87.45 44.24 29.57
C LYS ZA 165 88.37 44.43 30.78
N GLY ZA 166 89.68 44.42 30.56
CA GLY ZA 166 90.62 44.55 31.66
C GLY ZA 166 90.69 45.99 32.16
N ALA ZA 167 90.55 46.15 33.48
CA ALA ZA 167 90.52 47.48 34.08
C ALA ZA 167 91.88 48.16 34.01
N HIS ZA 168 92.96 47.36 34.03
CA HIS ZA 168 94.29 47.93 33.80
C HIS ZA 168 94.49 48.29 32.34
N SER ZA 169 93.97 47.46 31.43
CA SER ZA 169 94.19 47.67 30.00
C SER ZA 169 93.46 48.92 29.49
N VAL ZA 170 92.23 49.14 29.98
CA VAL ZA 170 91.45 50.31 29.55
C VAL ZA 170 92.14 51.60 29.99
N GLY ZA 171 92.49 51.68 31.28
CA GLY ZA 171 93.14 52.87 31.79
C GLY ZA 171 94.53 53.08 31.21
N LEU ZA 172 95.22 52.00 30.86
CA LEU ZA 172 96.53 52.13 30.22
C LEU ZA 172 96.40 52.66 28.81
N MET ZA 173 95.36 52.26 28.08
CA MET ZA 173 95.19 52.79 26.73
C MET ZA 173 94.71 54.24 26.76
N TRP ZA 174 93.89 54.59 27.76
CA TRP ZA 174 93.57 56.01 27.97
C TRP ZA 174 94.81 56.82 28.31
N TRP ZA 175 95.73 56.25 29.08
CA TRP ZA 175 96.95 56.95 29.44
C TRP ZA 175 97.88 57.13 28.24
N MET ZA 176 97.99 56.09 27.40
CA MET ZA 176 98.79 56.20 26.18
C MET ZA 176 98.22 57.23 25.22
N LEU ZA 177 96.90 57.25 25.05
CA LEU ZA 177 96.28 58.21 24.14
C LEU ZA 177 96.36 59.63 24.69
N ALA ZA 178 96.27 59.78 26.01
CA ALA ZA 178 96.40 61.11 26.62
C ALA ZA 178 97.81 61.64 26.51
N ARG ZA 179 98.82 60.80 26.76
CA ARG ZA 179 100.22 61.21 26.60
C ARG ZA 179 100.50 61.54 25.14
N GLU ZA 180 99.91 60.79 24.21
CA GLU ZA 180 100.19 61.02 22.81
C GLU ZA 180 99.57 62.34 22.31
N VAL ZA 181 98.35 62.66 22.75
CA VAL ZA 181 97.76 63.93 22.31
C VAL ZA 181 98.44 65.12 23.01
N LEU ZA 182 98.85 64.94 24.27
CA LEU ZA 182 99.51 66.05 24.96
C LEU ZA 182 100.96 66.22 24.53
N ARG ZA 183 101.53 65.21 23.87
CA ARG ZA 183 102.82 65.39 23.23
C ARG ZA 183 102.67 65.92 21.79
N MET ZA 184 101.53 65.66 21.15
CA MET ZA 184 101.30 66.24 19.83
C MET ZA 184 101.00 67.73 19.88
N ARG ZA 185 100.11 68.19 20.75
CA ARG ZA 185 100.02 69.63 20.91
C ARG ZA 185 101.05 70.11 21.92
N GLY ZA 186 101.33 71.42 21.89
CA GLY ZA 186 102.50 71.95 22.55
C GLY ZA 186 102.44 72.02 24.06
N THR ZA 187 102.43 70.86 24.71
CA THR ZA 187 102.45 70.80 26.16
C THR ZA 187 103.68 70.06 26.68
N ILE ZA 188 103.92 68.87 26.16
CA ILE ZA 188 104.94 67.96 26.70
C ILE ZA 188 105.99 67.68 25.63
N SER ZA 189 107.25 67.81 25.99
CA SER ZA 189 108.37 67.40 25.15
C SER ZA 189 108.54 65.88 25.25
N ARG ZA 190 108.88 65.27 24.12
CA ARG ZA 190 108.94 63.81 24.05
C ARG ZA 190 110.21 63.22 24.61
N GLU ZA 191 111.17 64.05 25.01
CA GLU ZA 191 112.42 63.53 25.58
C GLU ZA 191 112.20 63.06 27.01
N HIS ZA 192 111.49 63.84 27.80
CA HIS ZA 192 111.23 63.52 29.20
C HIS ZA 192 109.89 62.80 29.34
N PRO ZA 193 109.79 61.85 30.27
CA PRO ZA 193 108.49 61.21 30.53
C PRO ZA 193 107.55 62.13 31.27
N TRP ZA 194 106.27 61.77 31.23
CA TRP ZA 194 105.24 62.60 31.84
C TRP ZA 194 105.14 62.29 33.33
N GLU ZA 195 104.84 63.34 34.12
CA GLU ZA 195 104.92 63.25 35.57
C GLU ZA 195 103.82 62.37 36.14
N VAL ZA 196 102.61 62.44 35.58
CA VAL ZA 196 101.49 61.70 36.12
C VAL ZA 196 101.55 60.25 35.68
N MET ZA 197 101.56 59.36 36.65
CA MET ZA 197 101.62 57.93 36.89
C MET ZA 197 100.35 57.26 36.39
N PRO ZA 198 100.48 56.11 35.70
CA PRO ZA 198 99.30 55.52 35.04
C PRO ZA 198 98.28 54.88 35.97
N ASP ZA 199 98.58 54.76 37.27
CA ASP ZA 199 97.58 54.22 38.19
C ASP ZA 199 96.48 55.22 38.53
N LEU ZA 200 96.61 56.48 38.11
CA LEU ZA 200 95.55 57.46 38.33
C LEU ZA 200 94.31 57.15 37.50
N TYR ZA 201 94.50 56.64 36.29
CA TYR ZA 201 93.38 56.43 35.38
C TYR ZA 201 92.70 55.09 35.58
N PHE ZA 202 93.18 54.26 36.51
CA PHE ZA 202 92.64 52.93 36.68
C PHE ZA 202 91.43 52.97 37.61
N TYR ZA 203 90.43 52.15 37.29
CA TYR ZA 203 89.27 52.01 38.16
C TYR ZA 203 89.57 51.00 39.26
N ARG ZA 204 89.12 51.31 40.47
CA ARG ZA 204 89.45 50.54 41.66
C ARG ZA 204 88.21 49.78 42.13
N ASP ZA 205 88.40 48.49 42.38
CA ASP ZA 205 87.39 47.71 43.10
C ASP ZA 205 87.24 48.27 44.51
N PRO ZA 206 86.01 48.54 44.97
CA PRO ZA 206 85.83 48.99 46.37
C PRO ZA 206 86.32 48.01 47.43
N GLU ZA 207 86.37 46.71 47.11
CA GLU ZA 207 87.04 45.75 48.00
C GLU ZA 207 88.53 46.05 48.10
N GLU ZA 208 89.17 46.39 46.97
CA GLU ZA 208 90.56 46.82 47.00
C GLU ZA 208 90.73 48.18 47.67
N ILE ZA 209 89.71 49.05 47.61
CA ILE ZA 209 89.78 50.34 48.28
C ILE ZA 209 89.74 50.14 49.80
N GLU ZA 210 88.87 49.24 50.27
CA GLU ZA 210 88.84 48.90 51.69
C GLU ZA 210 90.11 48.17 52.13
N LYS ZA 211 90.68 47.35 51.24
CA LYS ZA 211 91.96 46.69 51.55
C LYS ZA 211 93.09 47.70 51.69
N GLU ZA 212 93.14 48.69 50.79
CA GLU ZA 212 94.17 49.73 50.88
C GLU ZA 212 93.95 50.63 52.08
N GLU ZA 213 92.68 50.87 52.45
CA GLU ZA 213 92.38 51.67 53.62
C GLU ZA 213 92.77 50.93 54.91
N GLN ZA 214 92.66 49.61 54.91
CA GLN ZA 214 93.14 48.84 56.05
C GLN ZA 214 94.67 48.80 56.08
N ALA ZA 215 95.31 48.68 54.91
CA ALA ZA 215 96.75 48.50 54.86
C ALA ZA 215 97.51 49.81 55.05
N ALA ZA 216 96.86 50.95 54.83
CA ALA ZA 216 97.54 52.23 54.95
C ALA ZA 216 97.74 52.61 56.42
N ALA ZA 217 96.66 52.65 57.18
CA ALA ZA 217 96.73 53.03 58.59
C ALA ZA 217 97.22 51.86 59.44
N VAL AB 1 31.22 -19.42 56.93
CA VAL AB 1 31.00 -19.24 58.36
C VAL AB 1 32.26 -19.64 59.14
N VAL AB 2 33.34 -19.90 58.41
CA VAL AB 2 34.59 -20.33 59.03
C VAL AB 2 35.72 -19.49 58.41
N ASP AB 3 36.76 -19.25 59.21
CA ASP AB 3 37.90 -18.48 58.73
C ASP AB 3 38.77 -19.37 57.85
N PRO AB 4 38.96 -19.02 56.57
CA PRO AB 4 39.79 -19.89 55.70
C PRO AB 4 41.28 -19.78 55.98
N PHE AB 5 41.73 -18.80 56.76
CA PHE AB 5 43.14 -18.66 57.10
C PHE AB 5 43.58 -19.60 58.21
N SER AB 6 42.64 -20.28 58.89
CA SER AB 6 43.03 -21.29 59.86
C SER AB 6 43.45 -22.59 59.16
N LYS AB 7 43.03 -22.75 57.90
CA LYS AB 7 43.42 -23.92 57.12
C LYS AB 7 44.81 -23.78 56.50
N LYS AB 8 45.46 -22.63 56.66
CA LYS AB 8 46.74 -22.39 56.00
C LYS AB 8 47.89 -22.98 56.81
N ASP AB 9 48.98 -23.29 56.11
CA ASP AB 9 50.22 -23.75 56.74
C ASP AB 9 51.38 -22.90 56.22
N TRP AB 10 52.14 -22.33 57.14
CA TRP AB 10 53.28 -21.51 56.78
C TRP AB 10 54.50 -22.37 56.49
N TYR AB 11 55.10 -22.15 55.33
CA TYR AB 11 56.23 -22.94 54.85
C TYR AB 11 57.43 -22.02 54.60
N ASP AB 12 58.61 -22.49 54.99
CA ASP AB 12 59.82 -21.71 54.83
C ASP AB 12 60.37 -21.86 53.43
N VAL AB 13 61.22 -20.92 53.02
CA VAL AB 13 61.75 -20.86 51.65
C VAL AB 13 63.27 -20.89 51.73
N LYS AB 14 63.89 -21.80 50.98
CA LYS AB 14 65.34 -21.92 50.88
C LYS AB 14 65.80 -21.70 49.45
N ALA AB 15 66.78 -20.78 49.27
CA ALA AB 15 67.51 -20.27 48.13
C ALA AB 15 68.64 -21.23 47.75
N PRO AB 16 69.04 -21.27 46.47
CA PRO AB 16 70.17 -22.15 46.09
C PRO AB 16 71.50 -21.63 46.63
N ALA AB 17 72.46 -22.57 46.70
CA ALA AB 17 73.63 -22.40 47.56
C ALA AB 17 74.71 -21.49 46.98
N MET AB 18 74.56 -20.97 45.77
CA MET AB 18 75.57 -20.03 45.27
C MET AB 18 75.36 -18.64 45.86
N PHE AB 19 74.24 -18.41 46.52
CA PHE AB 19 73.97 -17.15 47.21
C PHE AB 19 74.43 -17.23 48.65
N ASN AB 20 74.39 -16.08 49.33
CA ASN AB 20 74.81 -16.04 50.73
C ASN AB 20 73.62 -16.30 51.66
N ILE AB 21 72.57 -15.48 51.54
CA ILE AB 21 71.42 -15.59 52.44
C ILE AB 21 70.52 -16.73 51.97
N ARG AB 22 70.22 -17.65 52.90
CA ARG AB 22 69.44 -18.84 52.61
C ARG AB 22 67.95 -18.59 52.65
N ASN AB 23 67.43 -18.12 53.79
CA ASN AB 23 66.00 -17.95 53.98
C ASN AB 23 65.51 -16.69 53.27
N ILE AB 24 64.46 -16.84 52.47
CA ILE AB 24 63.86 -15.69 51.79
C ILE AB 24 62.66 -15.18 52.58
N GLY AB 25 61.66 -16.03 52.76
CA GLY AB 25 60.45 -15.63 53.46
C GLY AB 25 59.57 -16.83 53.75
N LYS AB 26 58.34 -16.53 54.12
CA LYS AB 26 57.36 -17.56 54.43
C LYS AB 26 56.16 -17.46 53.49
N THR AB 27 55.50 -18.58 53.28
CA THR AB 27 54.39 -18.65 52.34
C THR AB 27 53.32 -19.59 52.91
N LEU AB 28 52.08 -19.13 52.91
CA LEU AB 28 50.96 -19.90 53.45
C LEU AB 28 50.33 -20.77 52.37
N VAL AB 29 50.10 -22.05 52.71
CA VAL AB 29 49.49 -23.03 51.83
C VAL AB 29 48.39 -23.74 52.61
N THR AB 30 47.24 -23.96 51.95
CA THR AB 30 46.15 -24.71 52.55
C THR AB 30 46.56 -26.16 52.82
N ARG AB 31 45.88 -26.77 53.79
CA ARG AB 31 46.16 -28.16 54.13
C ARG AB 31 45.66 -29.09 53.03
N THR AB 32 46.20 -30.32 53.04
CA THR AB 32 45.81 -31.31 52.05
C THR AB 32 44.39 -31.82 52.34
N GLN AB 33 43.47 -31.50 51.44
CA GLN AB 33 42.08 -31.89 51.59
C GLN AB 33 41.52 -32.24 50.23
N GLY AB 34 41.03 -33.47 50.08
CA GLY AB 34 40.44 -33.90 48.83
C GLY AB 34 41.44 -34.32 47.78
N THR AB 35 41.17 -33.96 46.53
CA THR AB 35 42.03 -34.40 45.42
C THR AB 35 43.31 -33.57 45.36
N LYS AB 36 43.20 -32.29 45.66
CA LYS AB 36 44.34 -31.39 45.52
C LYS AB 36 45.39 -31.62 46.60
N ILE AB 37 46.64 -31.33 46.25
CA ILE AB 37 47.79 -31.56 47.12
C ILE AB 37 48.45 -30.20 47.40
N ALA AB 38 48.87 -30.00 48.66
CA ALA AB 38 49.53 -28.77 49.05
C ALA AB 38 50.84 -28.55 48.30
N SER AB 39 51.63 -29.62 48.10
CA SER AB 39 52.87 -29.51 47.35
C SER AB 39 52.60 -29.23 45.87
N ASP AB 40 51.53 -29.80 45.33
CA ASP AB 40 51.16 -29.55 43.94
C ASP AB 40 50.68 -28.12 43.74
N GLY AB 41 50.03 -27.55 44.76
CA GLY AB 41 49.64 -26.15 44.68
C GLY AB 41 50.81 -25.20 44.91
N LEU AB 42 51.81 -25.66 45.66
CA LEU AB 42 52.96 -24.82 45.98
C LEU AB 42 54.04 -24.86 44.89
N LYS AB 43 54.05 -25.91 44.07
CA LYS AB 43 55.12 -26.10 43.08
C LYS AB 43 55.09 -25.07 41.96
N GLY AB 44 53.94 -24.46 41.68
CA GLY AB 44 53.87 -23.50 40.59
C GLY AB 44 54.09 -22.05 40.97
N ARG AB 45 54.99 -21.77 41.91
CA ARG AB 45 55.10 -20.41 42.41
C ARG AB 45 56.47 -19.80 42.12
N VAL AB 46 56.45 -18.49 41.88
CA VAL AB 46 57.61 -17.72 41.44
C VAL AB 46 57.81 -16.55 42.40
N PHE AB 47 59.04 -16.36 42.86
CA PHE AB 47 59.40 -15.34 43.84
C PHE AB 47 60.20 -14.25 43.12
N GLU AB 48 59.71 -13.01 43.19
CA GLU AB 48 60.36 -11.84 42.62
C GLU AB 48 61.12 -11.14 43.74
N VAL AB 49 62.37 -11.56 43.97
CA VAL AB 49 63.12 -11.12 45.14
C VAL AB 49 64.38 -10.39 44.67
N SER AB 50 64.70 -9.27 45.31
CA SER AB 50 65.86 -8.48 44.95
C SER AB 50 67.16 -9.20 45.30
N LEU AB 51 68.25 -8.78 44.67
CA LEU AB 51 69.54 -9.46 44.83
C LEU AB 51 70.18 -9.16 46.18
N ALA AB 52 69.83 -8.03 46.80
CA ALA AB 52 70.42 -7.68 48.09
C ALA AB 52 69.81 -8.50 49.22
N ASP AB 53 68.65 -9.11 48.99
CA ASP AB 53 68.07 -10.02 49.97
C ASP AB 53 68.70 -11.40 49.93
N LEU AB 54 69.53 -11.68 48.92
CA LEU AB 54 70.20 -12.98 48.79
C LEU AB 54 71.70 -12.84 49.02
N GLN AB 55 72.30 -11.76 48.52
CA GLN AB 55 73.72 -11.51 48.78
C GLN AB 55 73.91 -10.70 50.05
N ASN AB 56 75.14 -10.70 50.55
CA ASN AB 56 75.44 -10.01 51.80
C ASN AB 56 75.49 -8.50 51.60
N ASP AB 57 76.41 -8.02 50.77
CA ASP AB 57 76.57 -6.59 50.52
C ASP AB 57 76.89 -6.42 49.04
N GLU AB 58 75.84 -6.24 48.23
CA GLU AB 58 75.98 -6.02 46.79
C GLU AB 58 74.99 -4.97 46.35
N VAL AB 59 74.80 -4.87 45.04
CA VAL AB 59 73.86 -3.89 44.49
C VAL AB 59 72.43 -4.37 44.72
N ALA AB 60 71.49 -3.42 44.65
CA ALA AB 60 70.09 -3.72 44.97
C ALA AB 60 69.13 -3.45 43.82
N PHE AB 61 69.60 -2.94 42.69
CA PHE AB 61 68.71 -2.63 41.58
C PHE AB 61 68.44 -3.83 40.66
N ARG AB 62 68.85 -5.03 41.06
CA ARG AB 62 68.63 -6.22 40.26
C ARG AB 62 67.74 -7.20 41.02
N LYS AB 63 66.86 -7.87 40.27
CA LYS AB 63 65.89 -8.81 40.85
C LYS AB 63 66.02 -10.17 40.19
N PHE AB 64 65.66 -11.21 40.96
CA PHE AB 64 65.70 -12.59 40.51
C PHE AB 64 64.32 -13.20 40.69
N LYS AB 65 63.87 -13.93 39.67
CA LYS AB 65 62.74 -14.83 39.81
C LYS AB 65 63.23 -16.20 40.25
N LEU AB 66 62.51 -16.80 41.19
CA LEU AB 66 62.88 -18.11 41.72
C LEU AB 66 61.66 -19.01 41.75
N ILE AB 67 61.73 -20.15 41.06
CA ILE AB 67 60.62 -21.10 40.98
C ILE AB 67 60.75 -22.15 42.08
N THR AB 68 59.62 -22.47 42.72
CA THR AB 68 59.62 -23.49 43.78
C THR AB 68 59.49 -24.87 43.12
N GLU AB 69 60.64 -25.45 42.78
CA GLU AB 69 60.65 -26.69 42.01
C GLU AB 69 60.29 -27.92 42.82
N ASP AB 70 60.60 -27.95 44.12
CA ASP AB 70 60.34 -29.15 44.90
C ASP AB 70 60.09 -28.76 46.35
N VAL AB 71 59.27 -29.56 47.02
CA VAL AB 71 58.88 -29.33 48.41
C VAL AB 71 59.39 -30.50 49.26
N GLN AB 72 60.35 -30.21 50.14
CA GLN AB 72 60.88 -31.26 51.01
C GLN AB 72 59.98 -31.48 52.21
N GLY AB 73 59.27 -30.45 52.64
CA GLY AB 73 58.53 -30.49 53.89
C GLY AB 73 59.02 -29.42 54.84
N LYS AB 74 58.22 -28.36 55.01
CA LYS AB 74 58.61 -27.08 55.62
C LYS AB 74 59.84 -26.52 54.90
N ASN AB 75 59.87 -26.68 53.58
CA ASN AB 75 60.96 -26.27 52.72
C ASN AB 75 60.41 -25.97 51.33
N CYS AB 76 60.81 -24.81 50.80
CA CYS AB 76 60.52 -24.45 49.42
C CYS AB 76 61.87 -24.25 48.73
N LEU AB 77 62.33 -25.29 48.02
CA LEU AB 77 63.64 -25.26 47.36
C LEU AB 77 63.50 -24.47 46.07
N THR AB 78 64.15 -23.32 46.00
CA THR AB 78 64.00 -22.49 44.83
C THR AB 78 65.18 -22.69 43.86
N ASN AB 79 64.93 -22.36 42.60
CA ASN AB 79 65.94 -22.47 41.54
C ASN AB 79 65.78 -21.26 40.64
N PHE AB 80 66.85 -20.96 39.89
CA PHE AB 80 66.91 -19.74 39.09
C PHE AB 80 65.91 -19.77 37.95
N HIS AB 81 65.11 -18.70 37.85
CA HIS AB 81 64.14 -18.56 36.77
C HIS AB 81 64.42 -17.37 35.87
N GLY AB 82 65.06 -16.31 36.37
CA GLY AB 82 65.37 -15.19 35.51
C GLY AB 82 65.82 -13.92 36.17
N MET AB 83 66.80 -13.25 35.57
CA MET AB 83 67.27 -11.96 36.04
C MET AB 83 66.44 -10.84 35.41
N ASP AB 84 66.19 -9.79 36.19
CA ASP AB 84 65.41 -8.67 35.71
C ASP AB 84 65.94 -7.37 36.29
N LEU AB 85 66.13 -6.37 35.43
CA LEU AB 85 66.44 -5.03 35.90
C LEU AB 85 65.19 -4.31 36.38
N THR AB 86 65.39 -3.46 37.38
CA THR AB 86 64.28 -2.72 37.99
C THR AB 86 63.83 -1.62 37.03
N ARG AB 87 62.51 -1.37 37.01
CA ARG AB 87 61.93 -0.32 36.16
C ARG AB 87 62.46 1.06 36.53
N ASP AB 88 62.69 1.29 37.83
CA ASP AB 88 63.32 2.52 38.30
C ASP AB 88 64.71 2.68 37.71
N LYS AB 89 65.52 1.62 37.77
CA LYS AB 89 66.89 1.69 37.24
C LYS AB 89 66.88 1.87 35.74
N MET AB 90 65.95 1.22 35.04
CA MET AB 90 65.89 1.32 33.59
C MET AB 90 65.45 2.73 33.15
N CYS AB 91 64.46 3.30 33.83
CA CYS AB 91 63.99 4.63 33.46
C CYS AB 91 64.97 5.72 33.91
N SER AB 92 65.78 5.43 34.93
CA SER AB 92 66.84 6.38 35.31
C SER AB 92 68.02 6.28 34.34
N MET AB 93 68.28 5.09 33.81
CA MET AB 93 69.35 4.91 32.84
C MET AB 93 69.03 5.55 31.50
N VAL AB 94 67.80 5.34 31.01
CA VAL AB 94 67.42 5.86 29.69
C VAL AB 94 67.25 7.37 29.76
N LYS AB 95 68.07 8.10 29.01
CA LYS AB 95 68.00 9.55 28.95
C LYS AB 95 68.25 10.02 27.53
N LYS AB 96 67.96 11.30 27.30
CA LYS AB 96 68.04 11.91 25.98
C LYS AB 96 69.49 12.23 25.62
N TRP AB 97 69.74 12.37 24.31
CA TRP AB 97 71.03 12.76 23.74
C TRP AB 97 72.11 11.72 24.02
N GLN AB 98 71.74 10.45 23.84
CA GLN AB 98 72.67 9.33 23.80
C GLN AB 98 72.00 8.22 23.00
N THR AB 99 72.80 7.31 22.47
CA THR AB 99 72.28 6.24 21.62
C THR AB 99 72.14 4.96 22.45
N MET AB 100 70.98 4.32 22.33
CA MET AB 100 70.66 3.06 22.99
C MET AB 100 70.91 1.89 22.04
N ILE AB 101 71.55 0.84 22.55
CA ILE AB 101 71.88 -0.34 21.77
C ILE AB 101 71.36 -1.56 22.53
N GLU AB 102 70.37 -2.24 21.97
CA GLU AB 102 69.82 -3.45 22.56
C GLU AB 102 70.49 -4.67 21.95
N ALA AB 103 70.42 -5.80 22.67
CA ALA AB 103 70.98 -7.04 22.16
C ALA AB 103 70.21 -8.21 22.77
N HIS AB 104 69.53 -8.98 21.93
CA HIS AB 104 68.84 -10.20 22.35
C HIS AB 104 69.55 -11.41 21.78
N VAL AB 105 69.60 -12.48 22.57
CA VAL AB 105 70.26 -13.70 22.12
C VAL AB 105 69.56 -14.90 22.76
N ASP AB 106 69.48 -15.99 21.99
CA ASP AB 106 69.05 -17.30 22.47
C ASP AB 106 70.27 -18.19 22.60
N VAL AB 107 70.34 -18.94 23.70
CA VAL AB 107 71.58 -19.67 24.00
C VAL AB 107 71.22 -20.87 24.87
N LYS AB 108 71.90 -21.99 24.61
CA LYS AB 108 71.73 -23.20 25.40
C LYS AB 108 73.04 -23.52 26.12
N THR AB 109 72.93 -23.85 27.40
CA THR AB 109 74.10 -24.14 28.21
C THR AB 109 74.56 -25.59 27.98
N THR AB 110 75.47 -26.05 28.85
CA THR AB 110 75.92 -27.44 28.79
C THR AB 110 74.77 -28.38 29.15
N ASP AB 111 74.16 -28.17 30.31
CA ASP AB 111 72.89 -28.82 30.60
C ASP AB 111 71.78 -28.20 29.75
N GLY AB 112 70.69 -28.94 29.60
CA GLY AB 112 69.64 -28.53 28.68
C GLY AB 112 68.72 -27.43 29.16
N TYR AB 113 69.29 -26.28 29.55
CA TYR AB 113 68.53 -25.12 29.98
C TYR AB 113 68.64 -24.07 28.88
N LEU AB 114 67.51 -23.71 28.28
CA LEU AB 114 67.50 -22.80 27.14
C LEU AB 114 67.13 -21.40 27.64
N LEU AB 115 68.02 -20.43 27.35
CA LEU AB 115 68.00 -19.11 27.93
C LEU AB 115 67.86 -18.05 26.85
N ARG AB 116 67.19 -16.96 27.22
CA ARG AB 116 67.05 -15.78 26.37
C ARG AB 116 67.62 -14.60 27.14
N LEU AB 117 68.67 -14.00 26.62
CA LEU AB 117 69.38 -12.92 27.32
C LEU AB 117 69.23 -11.60 26.58
N PHE AB 118 68.93 -10.55 27.35
CA PHE AB 118 68.71 -9.19 26.87
C PHE AB 118 69.71 -8.28 27.55
N CYS AB 119 70.57 -7.65 26.76
CA CYS AB 119 71.54 -6.67 27.23
C CYS AB 119 71.28 -5.31 26.59
N VAL AB 120 71.77 -4.26 27.26
CA VAL AB 120 71.58 -2.90 26.79
C VAL AB 120 72.91 -2.15 26.99
N GLY AB 121 73.18 -1.19 26.11
CA GLY AB 121 74.36 -0.36 26.21
C GLY AB 121 74.06 1.04 25.74
N PHE AB 122 74.66 2.01 26.42
CA PHE AB 122 74.39 3.41 26.17
C PHE AB 122 75.66 4.13 25.76
N THR AB 123 75.55 5.00 24.77
CA THR AB 123 76.70 5.81 24.37
C THR AB 123 77.02 6.86 25.43
N LYS AB 124 78.33 7.07 25.65
CA LYS AB 124 78.83 7.88 26.75
C LYS AB 124 79.26 9.26 26.27
N LYS AB 125 78.88 10.30 27.03
CA LYS AB 125 79.48 11.61 26.84
C LYS AB 125 80.86 11.63 27.48
N ARG AB 126 81.86 12.10 26.73
CA ARG AB 126 83.23 12.01 27.20
C ARG AB 126 83.54 13.08 28.24
N ASN AB 127 84.78 13.05 28.74
CA ASN AB 127 85.18 13.95 29.82
C ASN AB 127 85.35 15.36 29.30
N ASN AB 128 86.14 15.54 28.24
CA ASN AB 128 86.38 16.84 27.64
C ASN AB 128 85.46 17.12 26.46
N GLN AB 129 84.37 16.37 26.31
CA GLN AB 129 83.50 16.54 25.16
C GLN AB 129 82.63 17.78 25.28
N ILE AB 130 82.72 18.65 24.28
CA ILE AB 130 81.87 19.82 24.20
C ILE AB 130 80.61 19.56 23.39
N ARG AB 131 80.67 18.68 22.39
CA ARG AB 131 79.51 18.34 21.57
C ARG AB 131 78.44 17.62 22.39
N LYS AB 132 77.20 18.09 22.24
CA LYS AB 132 76.11 17.66 23.10
C LYS AB 132 75.45 16.37 22.61
N THR AB 133 75.65 16.03 21.34
CA THR AB 133 74.91 14.91 20.74
C THR AB 133 75.41 13.56 21.27
N SER AB 134 76.70 13.27 21.05
CA SER AB 134 77.34 12.00 21.42
C SER AB 134 76.64 10.80 20.79
N TYR AB 135 76.36 10.87 19.49
CA TYR AB 135 75.70 9.81 18.77
C TYR AB 135 76.72 8.88 18.09
N ALA AB 136 76.27 7.67 17.81
CA ALA AB 136 77.09 6.68 17.12
C ALA AB 136 76.50 6.37 15.75
N GLN AB 137 77.33 5.82 14.87
CA GLN AB 137 76.89 5.43 13.54
C GLN AB 137 76.00 4.19 13.64
N HIS AB 138 75.19 3.97 12.61
CA HIS AB 138 74.37 2.77 12.56
C HIS AB 138 75.23 1.53 12.38
N GLN AB 139 76.32 1.67 11.61
CA GLN AB 139 77.27 0.56 11.47
C GLN AB 139 78.02 0.32 12.78
N GLN AB 140 78.29 1.37 13.54
CA GLN AB 140 78.91 1.21 14.85
C GLN AB 140 77.97 0.51 15.83
N VAL AB 141 76.67 0.84 15.76
CA VAL AB 141 75.67 0.16 16.59
C VAL AB 141 75.57 -1.31 16.21
N ARG AB 142 75.65 -1.61 14.91
CA ARG AB 142 75.61 -3.00 14.45
C ARG AB 142 76.85 -3.78 14.91
N GLN AB 143 78.02 -3.15 14.86
CA GLN AB 143 79.24 -3.80 15.33
C GLN AB 143 79.23 -4.02 16.84
N ILE AB 144 78.67 -3.06 17.59
CA ILE AB 144 78.60 -3.19 19.04
C ILE AB 144 77.64 -4.31 19.44
N ARG AB 145 76.47 -4.38 18.77
CA ARG AB 145 75.52 -5.44 19.13
C ARG AB 145 76.00 -6.81 18.63
N LYS AB 146 76.80 -6.83 17.56
CA LYS AB 146 77.41 -8.08 17.13
C LYS AB 146 78.45 -8.57 18.12
N LYS AB 147 79.27 -7.66 18.65
CA LYS AB 147 80.22 -8.02 19.70
C LYS AB 147 79.50 -8.43 20.98
N MET AB 148 78.35 -7.80 21.26
CA MET AB 148 77.54 -8.19 22.42
C MET AB 148 77.04 -9.62 22.28
N MET AB 149 76.48 -9.96 21.12
CA MET AB 149 76.00 -11.33 20.88
C MET AB 149 77.14 -12.33 20.94
N GLU AB 150 78.31 -11.98 20.39
CA GLU AB 150 79.45 -12.89 20.40
C GLU AB 150 79.97 -13.14 21.81
N ILE AB 151 80.10 -12.07 22.61
CA ILE AB 151 80.57 -12.19 23.99
C ILE AB 151 79.58 -12.97 24.84
N MET AB 152 78.28 -12.73 24.66
CA MET AB 152 77.29 -13.40 25.50
C MET AB 152 77.16 -14.88 25.14
N THR AB 153 77.26 -15.23 23.84
CA THR AB 153 77.32 -16.64 23.48
C THR AB 153 78.59 -17.31 24.01
N ARG AB 154 79.73 -16.61 23.91
CA ARG AB 154 81.00 -17.16 24.40
C ARG AB 154 80.97 -17.36 25.92
N GLU AB 155 80.25 -16.50 26.64
CA GLU AB 155 80.17 -16.64 28.09
C GLU AB 155 79.21 -17.75 28.50
N VAL AB 156 78.07 -17.88 27.82
CA VAL AB 156 77.04 -18.78 28.33
C VAL AB 156 77.23 -20.20 27.80
N GLN AB 157 77.69 -20.37 26.55
CA GLN AB 157 77.75 -21.71 25.95
C GLN AB 157 78.79 -22.61 26.61
N THR AB 158 79.84 -22.05 27.20
CA THR AB 158 80.95 -22.86 27.68
C THR AB 158 80.70 -23.48 29.05
N ASN AB 159 79.61 -23.13 29.73
CA ASN AB 159 79.41 -23.57 31.10
C ASN AB 159 77.92 -23.70 31.41
N ASP AB 160 77.63 -24.08 32.67
CA ASP AB 160 76.30 -24.46 33.08
C ASP AB 160 75.59 -23.31 33.82
N LEU AB 161 74.41 -23.64 34.35
CA LEU AB 161 73.50 -22.64 34.88
C LEU AB 161 74.03 -22.04 36.18
N LYS AB 162 74.67 -22.87 37.02
CA LYS AB 162 75.23 -22.40 38.28
C LYS AB 162 76.35 -21.39 38.04
N GLU AB 163 77.17 -21.64 37.02
CA GLU AB 163 78.28 -20.73 36.75
C GLU AB 163 77.82 -19.48 36.01
N VAL AB 164 76.76 -19.57 35.19
CA VAL AB 164 76.28 -18.33 34.57
C VAL AB 164 75.51 -17.48 35.59
N VAL AB 165 74.93 -18.11 36.62
CA VAL AB 165 74.37 -17.34 37.73
C VAL AB 165 75.49 -16.68 38.54
N ASN AB 166 76.60 -17.40 38.72
CA ASN AB 166 77.76 -16.81 39.40
C ASN AB 166 78.42 -15.71 38.57
N LYS AB 167 78.17 -15.69 37.26
CA LYS AB 167 78.61 -14.56 36.45
C LYS AB 167 77.60 -13.42 36.49
N LEU AB 168 76.31 -13.72 36.60
CA LEU AB 168 75.28 -12.68 36.54
C LEU AB 168 75.06 -12.00 37.89
N ILE AB 169 75.57 -12.58 38.98
CA ILE AB 169 75.51 -11.89 40.27
C ILE AB 169 76.42 -10.66 40.25
N PRO AB 170 77.68 -10.70 39.70
CA PRO AB 170 78.32 -9.43 39.35
C PRO AB 170 77.87 -8.93 37.98
N ASP AB 171 78.52 -7.88 37.50
CA ASP AB 171 78.30 -7.36 36.15
C ASP AB 171 79.32 -7.89 35.16
N SER AB 172 79.74 -9.15 35.33
CA SER AB 172 80.93 -9.68 34.63
C SER AB 172 80.72 -9.77 33.12
N ILE AB 173 79.54 -10.17 32.68
CA ILE AB 173 79.23 -10.16 31.25
C ILE AB 173 79.13 -8.72 30.75
N GLY AB 174 78.49 -7.85 31.54
CA GLY AB 174 78.43 -6.44 31.19
C GLY AB 174 79.79 -5.78 31.25
N LYS AB 175 80.65 -6.21 32.18
CA LYS AB 175 82.01 -5.68 32.24
C LYS AB 175 82.84 -6.13 31.05
N ASP AB 176 82.65 -7.38 30.60
CA ASP AB 176 83.36 -7.87 29.43
C ASP AB 176 82.92 -7.13 28.17
N ILE AB 177 81.61 -6.88 28.04
CA ILE AB 177 81.09 -6.10 26.92
C ILE AB 177 81.62 -4.67 26.96
N GLU AB 178 81.63 -4.06 28.16
CA GLU AB 178 82.06 -2.68 28.32
C GLU AB 178 83.55 -2.52 28.05
N LYS AB 179 84.34 -3.54 28.38
CA LYS AB 179 85.77 -3.48 28.07
C LYS AB 179 86.03 -3.72 26.58
N ALA AB 180 85.33 -4.68 25.99
CA ALA AB 180 85.68 -5.07 24.62
C ALA AB 180 85.11 -4.11 23.58
N CYS AB 181 84.05 -3.38 23.93
CA CYS AB 181 83.44 -2.50 22.96
C CYS AB 181 84.03 -1.09 22.94
N GLN AB 182 85.14 -0.85 23.66
CA GLN AB 182 85.71 0.50 23.71
C GLN AB 182 86.37 0.88 22.39
N SER AB 183 86.78 -0.11 21.59
CA SER AB 183 87.43 0.18 20.33
C SER AB 183 86.44 0.69 19.28
N ILE AB 184 85.16 0.41 19.46
CA ILE AB 184 84.15 0.90 18.52
C ILE AB 184 83.58 2.23 19.00
N TYR AB 185 83.00 2.24 20.19
CA TYR AB 185 82.58 3.48 20.82
C TYR AB 185 82.78 3.34 22.33
N PRO AB 186 83.38 4.32 23.00
CA PRO AB 186 83.48 4.25 24.46
C PRO AB 186 82.13 4.39 25.14
N LEU AB 187 81.67 3.30 25.74
CA LEU AB 187 80.36 3.20 26.37
C LEU AB 187 80.49 2.75 27.81
N HIS AB 188 79.56 3.18 28.66
CA HIS AB 188 79.72 3.00 30.10
C HIS AB 188 78.58 2.21 30.73
N ASP AB 189 77.35 2.43 30.26
CA ASP AB 189 76.15 2.03 31.00
C ASP AB 189 75.66 0.69 30.49
N VAL AB 190 76.50 -0.33 30.66
CA VAL AB 190 76.25 -1.65 30.13
C VAL AB 190 75.72 -2.55 31.23
N PHE AB 191 74.46 -2.98 31.08
CA PHE AB 191 73.89 -3.98 31.97
C PHE AB 191 73.10 -4.98 31.13
N VAL AB 192 73.36 -6.26 31.38
CA VAL AB 192 72.47 -7.30 30.91
C VAL AB 192 71.14 -7.13 31.66
N ARG AB 193 70.06 -6.88 30.92
CA ARG AB 193 68.87 -6.38 31.59
C ARG AB 193 67.85 -7.48 31.89
N LYS AB 194 67.86 -8.58 31.13
CA LYS AB 194 66.86 -9.61 31.38
C LYS AB 194 67.38 -10.98 30.98
N VAL AB 195 67.01 -11.99 31.77
CA VAL AB 195 67.26 -13.40 31.46
C VAL AB 195 65.92 -14.13 31.57
N LYS AB 196 65.62 -14.98 30.59
CA LYS AB 196 64.34 -15.68 30.55
C LYS AB 196 64.56 -17.15 30.25
N MET AB 197 64.05 -18.02 31.13
CA MET AB 197 64.01 -19.46 30.87
C MET AB 197 62.95 -19.72 29.82
N LEU AB 198 63.26 -20.58 28.84
CA LEU AB 198 62.31 -20.89 27.78
C LEU AB 198 61.91 -22.36 27.72
N LYS AB 199 62.88 -23.27 27.68
CA LYS AB 199 62.60 -24.69 27.56
C LYS AB 199 63.30 -25.43 28.70
N LYS AB 200 62.50 -25.96 29.62
CA LYS AB 200 63.03 -26.78 30.71
C LYS AB 200 62.89 -28.25 30.36
N PRO AB 201 63.89 -29.06 30.71
CA PRO AB 201 63.82 -30.50 30.45
C PRO AB 201 63.04 -31.20 31.56
N LYS AB 202 63.09 -32.52 31.53
CA LYS AB 202 62.56 -33.33 32.63
C LYS AB 202 63.32 -33.03 33.91
N PHE AB 203 62.57 -32.76 34.99
CA PHE AB 203 63.12 -32.28 36.26
C PHE AB 203 64.03 -33.28 36.95
N GLU AB 204 65.16 -32.80 37.46
CA GLU AB 204 66.14 -33.63 38.16
C GLU AB 204 66.30 -33.10 39.59
N LEU AB 205 65.75 -33.84 40.55
CA LEU AB 205 65.84 -33.47 41.95
C LEU AB 205 67.27 -33.64 42.45
N GLY AB 206 68.04 -34.50 41.80
CA GLY AB 206 69.46 -34.61 42.12
C GLY AB 206 70.24 -33.38 41.70
N LYS AB 207 69.89 -32.82 40.53
CA LYS AB 207 70.48 -31.55 40.11
C LYS AB 207 70.04 -30.41 41.03
N LEU AB 208 68.79 -30.46 41.51
CA LEU AB 208 68.32 -29.44 42.44
C LEU AB 208 69.03 -29.53 43.79
N MET AB 209 69.30 -30.76 44.26
CA MET AB 209 70.06 -30.92 45.50
C MET AB 209 71.54 -30.55 45.30
N GLU AB 210 72.05 -30.71 44.08
CA GLU AB 210 73.39 -30.25 43.78
C GLU AB 210 73.46 -28.73 43.80
N LEU AB 211 72.40 -28.06 43.32
CA LEU AB 211 72.35 -26.60 43.41
C LEU AB 211 72.15 -26.14 44.85
N HIS AB 212 71.42 -26.92 45.64
CA HIS AB 212 71.25 -26.64 47.07
C HIS AB 212 72.32 -27.38 47.87
N GLY AB 213 73.58 -27.10 47.53
CA GLY AB 213 74.71 -27.71 48.19
C GLY AB 213 74.90 -29.17 47.84
N LYS BB 1 59.31 87.58 20.00
CA LYS BB 1 59.67 88.15 18.70
C LYS BB 1 61.16 87.98 18.44
N GLU BB 2 61.99 88.37 19.40
CA GLU BB 2 63.43 88.22 19.28
C GLU BB 2 63.81 86.75 19.48
N TRP BB 3 64.32 86.13 18.43
CA TRP BB 3 64.66 84.71 18.46
C TRP BB 3 65.99 84.52 19.19
N LEU BB 4 65.94 83.86 20.34
CA LEU BB 4 67.15 83.47 21.06
C LEU BB 4 67.62 82.13 20.50
N PRO BB 5 68.83 82.04 19.97
CA PRO BB 5 69.27 80.79 19.32
C PRO BB 5 69.64 79.72 20.34
N VAL BB 6 69.38 78.47 19.96
CA VAL BB 6 69.68 77.33 20.80
C VAL BB 6 70.84 76.55 20.19
N THR BB 7 70.78 76.35 18.88
CA THR BB 7 71.79 75.56 18.20
C THR BB 7 73.00 76.40 17.84
N LYS BB 8 74.13 75.70 17.65
CA LYS BB 8 75.37 76.37 17.23
C LYS BB 8 75.26 76.91 15.81
N LEU BB 9 74.62 76.15 14.93
CA LEU BB 9 74.40 76.60 13.56
C LEU BB 9 73.44 77.80 13.54
N GLY BB 10 72.43 77.78 14.41
CA GLY BB 10 71.53 78.92 14.52
C GLY BB 10 72.23 80.15 15.08
N ARG BB 11 73.21 79.94 15.96
CA ARG BB 11 74.02 81.04 16.46
C ARG BB 11 74.88 81.65 15.34
N LEU BB 12 75.44 80.79 14.48
CA LEU BB 12 76.19 81.29 13.32
C LEU BB 12 75.29 82.04 12.34
N VAL BB 13 74.05 81.56 12.16
CA VAL BB 13 73.10 82.23 11.27
C VAL BB 13 72.70 83.59 11.84
N LYS BB 14 72.53 83.66 13.16
CA LYS BB 14 72.20 84.94 13.80
C LYS BB 14 73.41 85.87 13.80
N ASP BB 15 74.62 85.32 13.73
CA ASP BB 15 75.83 86.13 13.62
C ASP BB 15 76.19 86.47 12.18
N MET BB 16 75.46 85.92 11.19
CA MET BB 16 75.62 86.19 9.75
C MET BB 16 76.99 85.80 9.22
N LYS BB 17 77.70 84.89 9.90
CA LYS BB 17 79.04 84.57 9.44
C LYS BB 17 79.03 83.42 8.43
N ILE BB 18 77.90 82.74 8.26
CA ILE BB 18 77.71 81.87 7.11
C ILE BB 18 76.81 82.62 6.11
N LYS BB 19 77.21 82.62 4.84
CA LYS BB 19 76.58 83.54 3.89
C LYS BB 19 75.28 82.98 3.31
N SER BB 20 75.12 81.66 3.29
CA SER BB 20 73.95 81.05 2.71
C SER BB 20 73.73 79.66 3.30
N LEU BB 21 72.54 79.11 3.06
CA LEU BB 21 72.27 77.72 3.42
C LEU BB 21 72.83 76.72 2.41
N GLU BB 22 73.49 77.21 1.35
CA GLU BB 22 74.16 76.33 0.41
C GLU BB 22 75.32 75.60 1.08
N GLU BB 23 76.03 76.27 1.98
CA GLU BB 23 77.09 75.61 2.73
C GLU BB 23 76.51 74.64 3.76
N ILE BB 24 75.32 74.95 4.28
CA ILE BB 24 74.64 74.02 5.19
C ILE BB 24 74.28 72.73 4.46
N TYR BB 25 73.79 72.87 3.23
CA TYR BB 25 73.47 71.68 2.43
C TYR BB 25 74.73 71.02 1.88
N LEU BB 26 75.84 71.77 1.81
CA LEU BB 26 77.12 71.18 1.45
C LEU BB 26 77.62 70.26 2.55
N PHE BB 27 77.66 70.75 3.79
CA PHE BB 27 78.17 69.96 4.90
C PHE BB 27 77.09 69.10 5.57
N SER BB 28 75.87 69.11 5.01
CA SER BB 28 74.76 68.24 5.45
C SER BB 28 74.37 68.47 6.90
N LEU BB 29 74.49 69.72 7.35
CA LEU BB 29 74.15 70.03 8.74
C LEU BB 29 72.63 70.07 8.91
N PRO BB 30 72.13 69.47 10.00
CA PRO BB 30 70.66 69.45 10.20
C PRO BB 30 70.14 70.80 10.64
N ILE BB 31 69.13 71.29 9.91
CA ILE BB 31 68.47 72.55 10.24
C ILE BB 31 67.33 72.23 11.19
N LYS BB 32 67.60 72.34 12.49
CA LYS BB 32 66.58 71.99 13.49
C LYS BB 32 65.83 73.22 13.97
N GLU BB 33 66.42 74.40 13.82
CA GLU BB 33 65.73 75.63 14.15
C GLU BB 33 64.93 76.11 12.94
N SER BB 34 63.74 76.64 13.21
CA SER BB 34 62.83 77.02 12.13
C SER BB 34 63.06 78.44 11.63
N GLU BB 35 63.68 79.30 12.44
CA GLU BB 35 63.89 80.69 12.08
C GLU BB 35 65.07 80.90 11.13
N ILE BB 36 65.90 79.87 10.91
CA ILE BB 36 67.02 79.98 9.97
C ILE BB 36 66.51 80.15 8.54
N ILE BB 37 65.46 79.41 8.21
CA ILE BB 37 64.90 79.48 6.85
C ILE BB 37 64.15 80.79 6.66
N ASP BB 38 63.50 81.28 7.71
CA ASP BB 38 62.85 82.59 7.65
C ASP BB 38 63.88 83.71 7.57
N PHE BB 39 65.08 83.48 8.10
CA PHE BB 39 66.16 84.45 7.94
C PHE BB 39 66.67 84.47 6.51
N PHE BB 40 67.03 83.31 5.96
CA PHE BB 40 67.64 83.30 4.63
C PHE BB 40 66.60 83.52 3.53
N LEU BB 41 65.65 82.59 3.40
CA LEU BB 41 64.71 82.62 2.28
C LEU BB 41 63.32 83.09 2.67
N GLY BB 42 63.21 83.92 3.71
CA GLY BB 42 61.88 84.29 4.20
C GLY BB 42 61.18 85.32 3.34
N ALA BB 43 61.90 85.92 2.39
CA ALA BB 43 61.29 86.94 1.55
C ALA BB 43 60.37 86.33 0.50
N SER BB 44 60.80 85.24 -0.14
CA SER BB 44 60.03 84.63 -1.21
C SER BB 44 59.37 83.32 -0.79
N LEU BB 45 59.40 82.97 0.49
CA LEU BB 45 58.88 81.69 0.95
C LEU BB 45 57.36 81.71 0.96
N LYS BB 46 56.76 80.64 0.44
CA LYS BB 46 55.32 80.58 0.28
C LYS BB 46 54.76 79.30 0.90
N ASP BB 47 53.62 79.43 1.55
CA ASP BB 47 52.89 78.35 2.19
C ASP BB 47 51.60 78.06 1.43
N GLU BB 48 51.36 76.79 1.09
CA GLU BB 48 50.04 76.39 0.59
C GLU BB 48 49.65 75.08 1.27
N VAL BB 49 48.46 75.06 1.86
CA VAL BB 49 47.97 73.87 2.55
C VAL BB 49 47.38 72.93 1.50
N LEU BB 50 47.87 71.68 1.48
CA LEU BB 50 47.38 70.72 0.51
C LEU BB 50 46.05 70.12 0.95
N LYS BB 51 46.01 69.49 2.12
CA LYS BB 51 44.82 68.80 2.58
C LYS BB 51 44.86 68.68 4.11
N ILE BB 52 43.73 68.95 4.73
CA ILE BB 52 43.53 68.69 6.15
C ILE BB 52 42.94 67.30 6.27
N MET BB 53 43.59 66.42 7.02
CA MET BB 53 43.21 65.02 7.08
C MET BB 53 42.62 64.69 8.44
N PRO BB 54 41.30 64.50 8.56
CA PRO BB 54 40.72 64.22 9.88
C PRO BB 54 40.86 62.77 10.31
N VAL BB 55 42.02 62.41 10.85
CA VAL BB 55 42.22 61.08 11.40
C VAL BB 55 41.72 61.08 12.86
N GLN BB 56 41.49 59.88 13.39
CA GLN BB 56 40.92 59.76 14.73
C GLN BB 56 41.25 58.39 15.30
N LYS BB 57 41.31 58.30 16.62
CA LYS BB 57 41.50 57.04 17.32
C LYS BB 57 40.29 56.76 18.22
N GLN BB 58 40.03 55.49 18.46
CA GLN BB 58 38.87 55.09 19.25
C GLN BB 58 39.22 55.01 20.73
N THR BB 59 38.41 55.67 21.54
CA THR BB 59 38.52 55.63 23.00
C THR BB 59 37.26 54.98 23.56
N ARG BB 60 37.16 54.93 24.89
CA ARG BB 60 35.97 54.35 25.50
C ARG BB 60 34.80 55.31 25.46
N ALA BB 61 35.06 56.61 25.48
CA ALA BB 61 34.02 57.63 25.36
C ALA BB 61 33.96 58.19 23.94
N GLY BB 62 33.58 57.34 22.99
CA GLY BB 62 33.51 57.77 21.61
C GLY BB 62 34.85 57.68 20.94
N GLN BB 63 35.26 58.76 20.27
CA GLN BB 63 36.53 58.78 19.56
C GLN BB 63 37.12 60.19 19.63
N ARG BB 64 38.45 60.27 19.54
CA ARG BB 64 39.16 61.53 19.62
C ARG BB 64 39.66 61.92 18.23
N THR BB 65 39.04 62.94 17.64
CA THR BB 65 39.38 63.39 16.30
C THR BB 65 40.43 64.49 16.37
N ARG BB 66 41.52 64.30 15.62
CA ARG BB 66 42.60 65.28 15.57
C ARG BB 66 43.10 65.40 14.13
N PHE BB 67 43.25 66.64 13.69
CA PHE BB 67 43.44 66.96 12.28
C PHE BB 67 44.91 66.91 11.88
N LYS BB 68 45.17 66.41 10.68
CA LYS BB 68 46.51 66.17 10.17
C LYS BB 68 46.75 67.08 8.96
N ALA BB 69 47.49 68.17 9.19
CA ALA BB 69 47.73 69.17 8.16
C ALA BB 69 48.94 68.81 7.32
N PHE BB 70 48.79 68.97 6.00
CA PHE BB 70 49.86 68.82 5.03
C PHE BB 70 50.12 70.20 4.41
N VAL BB 71 51.37 70.66 4.45
CA VAL BB 71 51.72 71.97 3.94
C VAL BB 71 52.87 71.84 2.95
N ALA BB 72 52.67 72.33 1.72
CA ALA BB 72 53.74 72.46 0.75
C ALA BB 72 54.32 73.87 0.84
N ILE BB 73 55.63 73.95 1.03
CA ILE BB 73 56.30 75.22 1.25
C ILE BB 73 57.39 75.37 0.18
N GLY BB 74 57.66 76.62 -0.19
CA GLY BB 74 58.84 76.87 -0.99
C GLY BB 74 58.83 78.11 -1.85
N ASP BB 75 59.98 78.79 -1.91
CA ASP BB 75 60.18 79.82 -2.92
C ASP BB 75 60.33 79.18 -4.29
N TYR BB 76 60.08 79.96 -5.34
CA TYR BB 76 59.99 79.41 -6.69
C TYR BB 76 61.34 79.14 -7.34
N ASN BB 77 62.44 79.08 -6.58
CA ASN BB 77 63.76 78.80 -7.12
C ASN BB 77 64.44 77.75 -6.25
N GLY BB 78 64.13 76.48 -6.49
CA GLY BB 78 64.89 75.38 -5.92
C GLY BB 78 64.40 74.76 -4.61
N HIS BB 79 64.29 75.56 -3.55
CA HIS BB 79 64.14 75.01 -2.21
C HIS BB 79 62.67 74.88 -1.84
N VAL BB 80 62.22 73.63 -1.65
CA VAL BB 80 60.83 73.33 -1.32
C VAL BB 80 60.79 72.24 -0.27
N GLY BB 81 59.69 72.20 0.48
CA GLY BB 81 59.53 71.24 1.54
C GLY BB 81 58.09 70.80 1.69
N LEU BB 82 57.90 69.67 2.37
CA LEU BB 82 56.60 69.06 2.59
C LEU BB 82 56.50 68.77 4.09
N GLY BB 83 55.60 69.46 4.77
CA GLY BB 83 55.42 69.32 6.21
C GLY BB 83 54.13 68.59 6.55
N VAL BB 84 54.23 67.68 7.52
CA VAL BB 84 53.13 66.85 7.98
C VAL BB 84 53.04 67.00 9.49
N LYS BB 85 51.91 67.48 9.99
CA LYS BB 85 51.73 67.62 11.43
C LYS BB 85 50.28 67.38 11.83
N CYS BB 86 50.08 66.47 12.78
CA CYS BB 86 48.76 66.15 13.29
C CYS BB 86 48.61 66.69 14.71
N SER BB 87 47.56 67.47 14.92
CA SER BB 87 47.32 68.11 16.21
C SER BB 87 45.82 68.21 16.45
N LYS BB 88 45.45 68.61 17.67
CA LYS BB 88 44.04 68.59 18.07
C LYS BB 88 43.22 69.66 17.37
N GLU BB 89 43.84 70.77 16.98
CA GLU BB 89 43.15 71.84 16.29
C GLU BB 89 43.87 72.19 15.00
N VAL BB 90 43.10 72.71 14.04
CA VAL BB 90 43.59 72.85 12.66
C VAL BB 90 44.60 73.98 12.55
N ALA BB 91 44.48 75.02 13.40
CA ALA BB 91 45.43 76.13 13.34
C ALA BB 91 46.80 75.73 13.85
N THR BB 92 46.85 75.03 14.99
CA THR BB 92 48.12 74.52 15.50
C THR BB 92 48.67 73.42 14.59
N ALA BB 93 47.79 72.67 13.94
CA ALA BB 93 48.24 71.65 12.98
C ALA BB 93 48.92 72.28 11.77
N ILE BB 94 48.32 73.32 11.20
CA ILE BB 94 48.90 74.00 10.05
C ILE BB 94 50.19 74.72 10.44
N ARG BB 95 50.22 75.32 11.64
CA ARG BB 95 51.41 76.02 12.11
C ARG BB 95 52.58 75.06 12.34
N GLY BB 96 52.31 73.92 12.98
CA GLY BB 96 53.34 72.90 13.17
C GLY BB 96 53.78 72.26 11.86
N ALA BB 97 52.86 72.17 10.89
CA ALA BB 97 53.25 71.65 9.57
C ALA BB 97 54.15 72.63 8.84
N ILE BB 98 53.90 73.93 8.99
CA ILE BB 98 54.79 74.95 8.41
C ILE BB 98 56.16 74.91 9.08
N ILE BB 99 56.18 74.70 10.41
CA ILE BB 99 57.46 74.63 11.14
C ILE BB 99 58.26 73.40 10.74
N LEU BB 100 57.61 72.23 10.68
CA LEU BB 100 58.31 71.02 10.26
C LEU BB 100 58.70 71.07 8.79
N ALA BB 101 57.93 71.80 7.98
CA ALA BB 101 58.29 72.00 6.59
C ALA BB 101 59.53 72.88 6.44
N LYS BB 102 59.62 73.92 7.28
CA LYS BB 102 60.82 74.76 7.30
C LYS BB 102 62.03 73.96 7.77
N LEU BB 103 61.84 73.06 8.73
CA LEU BB 103 62.92 72.15 9.12
C LEU BB 103 63.29 71.18 8.00
N SER BB 104 62.32 70.82 7.15
CA SER BB 104 62.60 69.81 6.14
C SER BB 104 62.43 70.28 4.70
N ILE BB 105 62.82 71.53 4.36
CA ILE BB 105 62.94 71.87 2.95
C ILE BB 105 64.14 71.16 2.35
N VAL BB 106 64.05 70.83 1.07
CA VAL BB 106 65.18 70.31 0.30
C VAL BB 106 65.32 71.15 -0.97
N PRO BB 107 66.52 71.27 -1.53
CA PRO BB 107 66.65 71.88 -2.85
C PRO BB 107 66.42 70.85 -3.95
N VAL BB 108 65.92 71.29 -5.09
CA VAL BB 108 65.71 70.43 -6.24
C VAL BB 108 66.85 70.68 -7.22
N ARG BB 109 67.19 69.65 -7.99
CA ARG BB 109 68.20 69.79 -9.03
C ARG BB 109 67.50 69.88 -10.38
N ARG BB 110 67.78 70.96 -11.11
CA ARG BB 110 67.17 71.19 -12.41
C ARG BB 110 68.24 71.16 -13.49
N GLY BB 111 67.88 70.60 -14.64
CA GLY BB 111 68.84 70.41 -15.73
C GLY BB 111 68.32 70.84 -17.08
N TYR BB 112 68.85 70.22 -18.13
CA TYR BB 112 68.52 70.59 -19.50
C TYR BB 112 67.99 69.39 -20.26
N TRP BB 113 67.24 69.67 -21.33
CA TRP BB 113 66.81 68.65 -22.28
C TRP BB 113 67.42 68.95 -23.65
N GLY BB 114 68.37 68.13 -24.06
CA GLY BB 114 68.97 68.33 -25.37
C GLY BB 114 69.95 69.49 -25.34
N ASN BB 115 69.56 70.61 -25.94
CA ASN BB 115 70.40 71.79 -25.97
C ASN BB 115 70.50 72.40 -24.57
N LYS BB 116 71.69 72.89 -24.23
CA LYS BB 116 71.97 73.32 -22.87
C LYS BB 116 72.06 74.82 -22.72
N ILE BB 117 71.59 75.59 -23.71
CA ILE BB 117 71.69 77.04 -23.62
C ILE BB 117 70.55 77.58 -22.74
N GLY BB 118 70.84 78.62 -21.99
CA GLY BB 118 69.85 79.25 -21.13
C GLY BB 118 69.88 78.71 -19.71
N LYS BB 119 68.80 79.03 -18.99
CA LYS BB 119 68.65 78.56 -17.62
C LYS BB 119 68.08 77.14 -17.60
N PRO BB 120 68.46 76.33 -16.60
CA PRO BB 120 67.91 74.97 -16.51
C PRO BB 120 66.45 75.01 -16.10
N HIS BB 121 65.66 74.13 -16.71
CA HIS BB 121 64.20 74.17 -16.59
C HIS BB 121 63.58 72.87 -16.15
N THR BB 122 64.15 71.73 -16.54
CA THR BB 122 63.56 70.42 -16.33
C THR BB 122 64.41 69.59 -15.37
N VAL BB 123 63.86 68.46 -14.97
CA VAL BB 123 64.63 67.45 -14.22
C VAL BB 123 65.72 66.89 -15.13
N PRO BB 124 66.97 66.81 -14.68
CA PRO BB 124 68.06 66.45 -15.63
C PRO BB 124 68.02 65.01 -16.12
N CYS BB 125 67.50 64.08 -15.32
CA CYS BB 125 67.45 62.68 -15.71
C CYS BB 125 66.21 62.04 -15.11
N LYS BB 126 65.90 60.83 -15.56
CA LYS BB 126 64.72 60.09 -15.09
C LYS BB 126 64.99 59.62 -13.67
N VAL BB 127 64.39 60.32 -12.71
CA VAL BB 127 64.56 59.99 -11.30
C VAL BB 127 63.26 59.41 -10.78
N THR BB 128 63.30 58.86 -9.56
CA THR BB 128 62.14 58.22 -8.96
C THR BB 128 62.09 58.49 -7.46
N GLY BB 129 60.91 58.28 -6.89
CA GLY BB 129 60.73 58.44 -5.46
C GLY BB 129 59.52 57.65 -5.00
N ARG BB 130 59.65 57.07 -3.80
CA ARG BB 130 58.59 56.22 -3.32
C ARG BB 130 58.59 56.13 -1.80
N CYS BB 131 57.38 55.93 -1.26
CA CYS BB 131 57.18 55.45 0.10
C CYS BB 131 55.87 54.68 0.10
N GLY BB 132 55.87 53.53 0.77
CA GLY BB 132 54.72 52.65 0.68
C GLY BB 132 54.63 52.04 -0.70
N SER BB 133 53.42 52.05 -1.27
CA SER BB 133 53.22 51.53 -2.62
C SER BB 133 53.21 52.62 -3.67
N VAL BB 134 53.19 53.88 -3.25
CA VAL BB 134 53.13 54.99 -4.20
C VAL BB 134 54.50 55.19 -4.84
N LEU BB 135 54.53 55.15 -6.17
CA LEU BB 135 55.76 55.33 -6.93
C LEU BB 135 55.61 56.48 -7.91
N VAL BB 136 56.44 57.50 -7.76
CA VAL BB 136 56.36 58.71 -8.58
C VAL BB 136 57.68 58.84 -9.33
N ARG BB 137 57.60 58.87 -10.66
CA ARG BB 137 58.78 58.97 -11.52
C ARG BB 137 58.77 60.34 -12.19
N LEU BB 138 59.95 60.95 -12.31
CA LEU BB 138 60.10 62.25 -12.93
C LEU BB 138 60.97 62.13 -14.17
N ILE BB 139 60.45 62.61 -15.30
CA ILE BB 139 61.03 62.44 -16.63
C ILE BB 139 61.49 63.82 -17.11
N PRO BB 140 62.61 63.93 -17.82
CA PRO BB 140 62.95 65.21 -18.46
C PRO BB 140 61.95 65.58 -19.56
N ALA BB 141 61.75 66.88 -19.73
CA ALA BB 141 60.77 67.44 -20.64
C ALA BB 141 61.38 68.56 -21.45
N PRO BB 142 60.90 68.81 -22.68
CA PRO BB 142 61.37 69.97 -23.44
C PRO BB 142 60.88 71.28 -22.85
N ARG BB 143 61.38 72.37 -23.41
CA ARG BB 143 61.11 73.70 -22.86
C ARG BB 143 59.68 74.12 -23.16
N GLY BB 144 59.06 74.80 -22.20
CA GLY BB 144 57.74 75.39 -22.38
C GLY BB 144 56.58 74.42 -22.33
N THR BB 145 56.80 73.18 -21.87
CA THR BB 145 55.74 72.18 -21.91
C THR BB 145 54.76 72.36 -20.76
N GLY BB 146 55.27 72.61 -19.56
CA GLY BB 146 54.45 72.56 -18.36
C GLY BB 146 54.60 71.23 -17.65
N ILE BB 147 54.25 71.23 -16.36
CA ILE BB 147 54.37 70.02 -15.55
C ILE BB 147 53.18 69.13 -15.92
N VAL BB 148 53.42 68.11 -16.73
CA VAL BB 148 52.38 67.19 -17.14
C VAL BB 148 52.21 66.16 -16.04
N SER BB 149 51.31 66.44 -15.10
CA SER BB 149 51.23 65.63 -13.89
C SER BB 149 49.89 65.84 -13.21
N ALA BB 150 49.72 65.14 -12.09
CA ALA BB 150 48.60 65.35 -11.19
C ALA BB 150 48.70 66.74 -10.56
N PRO BB 151 47.58 67.34 -10.13
CA PRO BB 151 47.63 68.74 -9.63
C PRO BB 151 48.49 68.98 -8.39
N VAL BB 152 48.54 68.05 -7.44
CA VAL BB 152 49.36 68.24 -6.24
C VAL BB 152 50.87 68.15 -6.53
N PRO BB 153 51.41 67.14 -7.24
CA PRO BB 153 52.84 67.23 -7.55
C PRO BB 153 53.15 68.25 -8.63
N LYS BB 154 52.15 68.63 -9.44
CA LYS BB 154 52.30 69.79 -10.32
C LYS BB 154 52.48 71.06 -9.51
N LYS BB 155 51.75 71.19 -8.40
CA LYS BB 155 51.91 72.31 -7.48
C LYS BB 155 53.28 72.28 -6.82
N LEU BB 156 53.74 71.09 -6.41
CA LEU BB 156 55.05 70.98 -5.78
C LEU BB 156 56.18 71.28 -6.77
N LEU BB 157 56.05 70.86 -8.03
CA LEU BB 157 57.10 71.17 -9.00
C LEU BB 157 57.04 72.61 -9.47
N MET BB 158 55.84 73.21 -9.46
CA MET BB 158 55.71 74.63 -9.75
C MET BB 158 56.34 75.46 -8.64
N MET BB 159 56.24 74.99 -7.40
CA MET BB 159 57.00 75.61 -6.31
C MET BB 159 58.49 75.35 -6.47
N ALA BB 160 58.86 74.17 -6.97
CA ALA BB 160 60.26 73.80 -7.10
C ALA BB 160 60.96 74.61 -8.20
N GLY BB 161 60.22 75.08 -9.18
CA GLY BB 161 60.81 75.85 -10.25
C GLY BB 161 61.22 74.98 -11.41
N ILE BB 162 60.83 73.72 -11.34
CA ILE BB 162 60.93 72.81 -12.47
C ILE BB 162 59.69 73.07 -13.32
N ASP BB 163 59.86 73.87 -14.38
CA ASP BB 163 58.72 74.34 -15.14
C ASP BB 163 58.15 73.23 -16.03
N ASP BB 164 58.99 72.26 -16.38
CA ASP BB 164 58.64 71.25 -17.38
C ASP BB 164 59.05 69.87 -16.87
N CYS BB 165 58.06 68.98 -16.71
CA CYS BB 165 58.34 67.63 -16.24
C CYS BB 165 57.22 66.65 -16.60
N TYR BB 166 57.54 65.60 -17.35
CA TYR BB 166 56.62 64.49 -17.52
C TYR BB 166 56.72 63.57 -16.31
N THR BB 167 55.59 62.97 -15.93
CA THR BB 167 55.55 62.12 -14.75
C THR BB 167 54.91 60.78 -15.07
N SER BB 168 55.03 59.86 -14.11
CA SER BB 168 54.33 58.59 -14.11
C SER BB 168 53.91 58.27 -12.68
N ALA BB 169 52.91 57.41 -12.55
CA ALA BB 169 52.38 57.06 -11.24
C ALA BB 169 52.13 55.56 -11.17
N ARG BB 170 52.26 55.03 -9.95
CA ARG BB 170 52.04 53.61 -9.71
C ARG BB 170 51.62 53.40 -8.25
N GLY BB 171 50.50 52.73 -8.04
CA GLY BB 171 49.99 52.47 -6.72
C GLY BB 171 48.78 53.31 -6.39
N CYS BB 172 48.36 53.20 -5.12
CA CYS BB 172 47.18 53.92 -4.63
C CYS BB 172 47.58 55.38 -4.40
N THR BB 173 47.46 56.17 -5.48
CA THR BB 173 47.87 57.58 -5.42
C THR BB 173 46.84 58.45 -4.74
N ALA BB 174 45.69 57.89 -4.33
CA ALA BB 174 44.67 58.66 -3.64
C ALA BB 174 45.13 59.06 -2.24
N THR BB 175 46.02 58.28 -1.63
CA THR BB 175 46.62 58.64 -0.36
C THR BB 175 47.59 59.78 -0.57
N LEU BB 176 47.14 61.00 -0.27
CA LEU BB 176 47.86 62.21 -0.67
C LEU BB 176 49.13 62.40 0.15
N GLY BB 177 49.13 61.87 1.39
CA GLY BB 177 50.33 61.94 2.20
C GLY BB 177 51.49 61.15 1.64
N ASN BB 178 51.24 59.87 1.29
CA ASN BB 178 52.28 59.06 0.68
C ASN BB 178 52.61 59.54 -0.74
N PHE BB 179 51.63 60.13 -1.41
CA PHE BB 179 51.85 60.64 -2.77
C PHE BB 179 52.78 61.86 -2.76
N ALA BB 180 52.54 62.78 -1.82
CA ALA BB 180 53.38 63.95 -1.67
C ALA BB 180 54.75 63.58 -1.11
N LYS BB 181 54.82 62.61 -0.20
CA LYS BB 181 56.11 62.17 0.29
C LYS BB 181 56.89 61.39 -0.77
N ALA BB 182 56.21 60.75 -1.71
CA ALA BB 182 56.90 60.05 -2.78
C ALA BB 182 57.50 61.03 -3.78
N THR BB 183 56.74 62.06 -4.18
CA THR BB 183 57.34 63.06 -5.05
C THR BB 183 58.37 63.92 -4.32
N PHE BB 184 58.24 64.04 -2.98
CA PHE BB 184 59.27 64.68 -2.17
C PHE BB 184 60.55 63.85 -2.15
N ASP BB 185 60.42 62.53 -2.05
CA ASP BB 185 61.59 61.65 -2.09
C ASP BB 185 62.24 61.68 -3.46
N ALA BB 186 61.44 61.83 -4.53
CA ALA BB 186 61.99 61.96 -5.88
C ALA BB 186 62.80 63.24 -6.02
N ILE BB 187 62.24 64.37 -5.60
CA ILE BB 187 62.96 65.64 -5.74
C ILE BB 187 64.09 65.76 -4.72
N SER BB 188 64.09 64.92 -3.68
CA SER BB 188 65.24 64.84 -2.79
C SER BB 188 66.36 64.00 -3.39
N LYS BB 189 66.01 62.89 -4.04
CA LYS BB 189 67.01 62.02 -4.68
C LYS BB 189 67.52 62.58 -5.99
N THR BB 190 66.95 63.69 -6.49
CA THR BB 190 67.55 64.41 -7.62
C THR BB 190 69.01 64.80 -7.35
N TYR BB 191 69.33 65.19 -6.11
CA TYR BB 191 70.73 65.41 -5.75
C TYR BB 191 71.45 64.15 -5.31
N SER BB 192 70.72 63.11 -4.89
CA SER BB 192 71.38 61.88 -4.48
C SER BB 192 71.82 61.04 -5.67
N TYR BB 193 71.27 61.29 -6.86
CA TYR BB 193 71.73 60.60 -8.06
C TYR BB 193 73.10 61.12 -8.48
N LEU BB 194 73.98 60.22 -8.89
CA LEU BB 194 75.34 60.58 -9.30
C LEU BB 194 75.29 61.00 -10.77
N THR BB 195 75.53 62.28 -11.01
CA THR BB 195 75.58 62.84 -12.34
C THR BB 195 77.01 62.74 -12.89
N PRO BB 196 77.17 62.36 -14.16
CA PRO BB 196 78.52 62.32 -14.76
C PRO BB 196 79.18 63.68 -14.92
N ASP BB 197 78.45 64.78 -14.76
CA ASP BB 197 79.08 66.10 -14.72
C ASP BB 197 79.88 66.30 -13.43
N LEU BB 198 79.54 65.52 -12.39
CA LEU BB 198 80.19 65.61 -11.10
C LEU BB 198 81.43 64.73 -10.98
N TRP BB 199 82.10 64.44 -12.10
CA TRP BB 199 83.30 63.60 -12.06
C TRP BB 199 84.51 64.33 -11.48
N LYS BB 200 84.45 65.66 -11.34
CA LYS BB 200 85.54 66.41 -10.73
C LYS BB 200 85.64 66.08 -9.25
N GLU BB 201 86.88 65.91 -8.76
CA GLU BB 201 87.09 65.58 -7.36
C GLU BB 201 86.70 66.75 -6.47
N THR BB 202 86.16 66.42 -5.30
CA THR BB 202 85.62 67.44 -4.42
C THR BB 202 86.71 68.02 -3.53
N VAL BB 203 87.08 69.26 -3.80
CA VAL BB 203 87.98 70.00 -2.92
C VAL BB 203 87.18 70.48 -1.71
N PHE BB 204 87.43 69.85 -0.56
CA PHE BB 204 86.60 70.05 0.62
C PHE BB 204 87.01 71.36 1.27
N THR BB 205 86.11 72.34 1.25
CA THR BB 205 86.33 73.56 1.98
C THR BB 205 86.12 73.34 3.48
N LYS BB 206 86.50 74.34 4.26
CA LYS BB 206 86.52 74.19 5.71
C LYS BB 206 85.10 74.31 6.26
N SER BB 207 84.78 73.44 7.21
CA SER BB 207 83.48 73.46 7.88
C SER BB 207 83.33 74.74 8.68
N PRO BB 208 82.12 75.31 8.76
CA PRO BB 208 81.97 76.57 9.51
C PRO BB 208 82.14 76.42 11.02
N TYR BB 209 81.85 75.23 11.56
CA TYR BB 209 82.15 74.94 12.96
C TYR BB 209 83.64 75.00 13.23
N GLN BB 210 84.46 74.59 12.25
CA GLN BB 210 85.91 74.67 12.42
C GLN BB 210 86.44 76.04 12.03
N GLU BB 211 85.69 76.76 11.19
CA GLU BB 211 86.02 78.14 10.82
C GLU BB 211 85.91 79.07 12.02
N PHE BB 212 84.72 79.17 12.60
CA PHE BB 212 84.44 80.19 13.61
C PHE BB 212 84.40 79.61 15.02
N THR BB 213 85.30 78.67 15.32
CA THR BB 213 85.28 78.01 16.62
C THR BB 213 85.74 78.92 17.75
N ASP BB 214 86.42 80.02 17.41
CA ASP BB 214 86.81 80.98 18.44
C ASP BB 214 85.63 81.89 18.81
N HIS BB 215 84.86 82.34 17.81
CA HIS BB 215 83.71 83.18 18.09
C HIS BB 215 82.62 82.39 18.79
N LEU BB 216 82.48 81.10 18.46
CA LEU BB 216 81.45 80.27 19.06
C LEU BB 216 81.75 79.95 20.52
N VAL BB 217 82.98 80.14 20.97
CA VAL BB 217 83.26 79.94 22.39
C VAL BB 217 83.44 81.28 23.10
N LYS BB 218 83.60 82.37 22.34
CA LYS BB 218 83.77 83.64 23.04
C LYS BB 218 82.47 84.45 23.11
N THR BB 219 81.46 84.12 22.28
CA THR BB 219 80.23 84.91 22.36
C THR BB 219 79.17 84.17 23.18
N HIS BB 220 79.33 82.87 23.39
CA HIS BB 220 78.40 82.10 24.22
C HIS BB 220 79.11 80.86 24.74
N THR BB 221 78.36 80.04 25.46
CA THR BB 221 78.89 78.81 26.04
C THR BB 221 79.01 77.72 24.98
N MET CB 1 17.20 99.80 66.09
CA MET CB 1 16.23 100.07 65.04
C MET CB 1 14.84 99.70 65.56
N ALA CB 2 13.81 100.41 65.10
CA ALA CB 2 12.46 100.24 65.64
C ALA CB 2 11.85 98.90 65.24
N VAL CB 3 12.23 98.38 64.07
CA VAL CB 3 11.70 97.09 63.64
C VAL CB 3 12.39 95.95 64.40
N GLN CB 4 13.65 96.18 64.80
CA GLN CB 4 14.47 95.25 65.60
C GLN CB 4 14.58 93.87 64.95
N ILE CB 5 15.25 93.84 63.79
CA ILE CB 5 15.46 92.57 63.11
C ILE CB 5 16.63 91.84 63.74
N SER CB 6 16.61 90.50 63.66
CA SER CB 6 17.68 89.71 64.24
C SER CB 6 18.90 89.75 63.33
N LYS CB 7 20.05 89.34 63.89
CA LYS CB 7 21.28 89.31 63.11
C LYS CB 7 21.27 88.13 62.13
N LYS CB 8 20.56 87.06 62.51
CA LYS CB 8 20.36 85.90 61.64
C LYS CB 8 19.67 86.29 60.34
N ARG CB 9 18.65 87.16 60.42
CA ARG CB 9 18.00 87.63 59.22
C ARG CB 9 18.75 88.81 58.60
N LYS CB 10 19.55 89.52 59.42
CA LYS CB 10 20.20 90.74 58.95
C LYS CB 10 21.37 90.43 58.02
N PHE CB 11 22.20 89.44 58.38
CA PHE CB 11 23.30 89.06 57.51
C PHE CB 11 22.81 88.37 56.23
N VAL CB 12 21.70 87.62 56.35
CA VAL CB 12 21.07 87.03 55.17
C VAL CB 12 20.52 88.10 54.24
N ALA CB 13 19.90 89.15 54.83
CA ALA CB 13 19.37 90.25 54.03
C ALA CB 13 20.49 91.04 53.38
N ASP CB 14 21.63 91.20 54.06
CA ASP CB 14 22.78 91.84 53.45
C ASP CB 14 23.36 91.01 52.32
N GLY CB 15 23.34 89.68 52.46
CA GLY CB 15 23.79 88.81 51.39
C GLY CB 15 22.90 88.87 50.17
N ILE CB 16 21.58 88.90 50.37
CA ILE CB 16 20.65 89.01 49.26
C ILE CB 16 20.74 90.41 48.63
N PHE CB 17 21.05 91.42 49.46
CA PHE CB 17 21.33 92.77 48.98
C PHE CB 17 22.51 92.78 48.01
N LYS CB 18 23.62 92.16 48.42
CA LYS CB 18 24.81 92.07 47.58
C LYS CB 18 24.54 91.24 46.32
N ALA CB 19 23.73 90.19 46.45
CA ALA CB 19 23.43 89.34 45.29
C ALA CB 19 22.58 90.06 44.25
N GLU CB 20 21.53 90.75 44.70
CA GLU CB 20 20.67 91.48 43.76
C GLU CB 20 21.40 92.68 43.18
N LEU CB 21 22.29 93.30 43.98
CA LEU CB 21 23.16 94.37 43.50
C LEU CB 21 24.08 93.88 42.38
N ASN CB 22 24.73 92.73 42.61
CA ASN CB 22 25.65 92.17 41.63
C ASN CB 22 24.93 91.76 40.35
N GLU CB 23 23.72 91.20 40.49
CA GLU CB 23 22.98 90.77 39.31
C GLU CB 23 22.45 91.96 38.51
N PHE CB 24 21.95 92.99 39.20
CA PHE CB 24 21.45 94.17 38.51
C PHE CB 24 22.55 94.91 37.79
N LEU CB 25 23.72 95.07 38.43
CA LEU CB 25 24.81 95.76 37.74
C LEU CB 25 25.47 94.87 36.68
N THR CB 26 25.34 93.55 36.80
CA THR CB 26 25.78 92.67 35.72
C THR CB 26 24.88 92.82 34.49
N ARG CB 27 23.57 92.94 34.71
CA ARG CB 27 22.66 93.13 33.59
C ARG CB 27 22.80 94.52 32.99
N GLU CB 28 23.09 95.53 33.81
CA GLU CB 28 23.02 96.90 33.31
C GLU CB 28 24.36 97.39 32.77
N LEU CB 29 25.46 97.10 33.47
CA LEU CB 29 26.78 97.58 33.09
C LEU CB 29 27.56 96.56 32.26
N ALA CB 30 26.86 95.71 31.48
CA ALA CB 30 27.53 94.63 30.77
C ALA CB 30 28.33 95.15 29.59
N GLU CB 31 27.80 96.16 28.88
CA GLU CB 31 28.49 96.70 27.72
C GLU CB 31 29.63 97.63 28.11
N ASP CB 32 29.67 98.06 29.37
CA ASP CB 32 30.64 99.05 29.81
C ASP CB 32 31.83 98.47 30.55
N GLY CB 33 31.86 97.15 30.78
CA GLY CB 33 32.99 96.53 31.42
C GLY CB 33 32.87 96.39 32.92
N TYR CB 34 31.77 95.79 33.38
CA TYR CB 34 31.54 95.58 34.80
C TYR CB 34 32.42 94.46 35.33
N SER CB 35 32.95 94.65 36.55
CA SER CB 35 33.83 93.68 37.17
C SER CB 35 33.48 93.35 38.61
N GLY CB 36 32.71 94.19 39.29
CA GLY CB 36 32.21 93.84 40.61
C GLY CB 36 31.75 95.05 41.39
N VAL CB 37 31.37 94.79 42.65
CA VAL CB 37 30.96 95.82 43.59
C VAL CB 37 31.65 95.56 44.93
N GLU CB 38 31.75 96.63 45.72
CA GLU CB 38 32.25 96.54 47.09
C GLU CB 38 31.52 97.57 47.93
N VAL CB 39 30.72 97.13 48.90
CA VAL CB 39 29.84 98.02 49.66
C VAL CB 39 30.40 98.12 51.09
N ARG CB 40 30.72 99.34 51.49
CA ARG CB 40 31.09 99.69 52.86
C ARG CB 40 29.89 100.35 53.51
N VAL CB 41 29.30 99.67 54.49
CA VAL CB 41 28.14 100.19 55.22
C VAL CB 41 28.66 100.83 56.51
N THR CB 42 28.72 102.16 56.49
CA THR CB 42 29.09 102.94 57.65
C THR CB 42 27.81 103.45 58.30
N PRO CB 43 27.87 103.94 59.55
CA PRO CB 43 26.71 104.65 60.09
C PRO CB 43 26.44 105.95 59.35
N THR CB 44 25.19 106.07 58.86
CA THR CB 44 24.54 107.23 58.22
C THR CB 44 25.07 107.45 56.78
N ARG CB 45 26.13 106.74 56.38
CA ARG CB 45 26.61 106.82 55.01
C ARG CB 45 26.88 105.41 54.46
N THR CB 46 26.50 105.21 53.21
CA THR CB 46 26.71 103.92 52.54
C THR CB 46 27.60 104.16 51.32
N GLU CB 47 28.88 103.81 51.45
CA GLU CB 47 29.77 103.85 50.31
C GLU CB 47 29.60 102.57 49.50
N ILE CB 48 29.49 102.71 48.19
CA ILE CB 48 29.29 101.53 47.35
C ILE CB 48 30.06 101.69 46.05
N ILE CB 49 31.22 101.04 45.97
CA ILE CB 49 32.14 101.24 44.87
C ILE CB 49 31.86 100.21 43.78
N ILE CB 50 31.50 100.69 42.60
CA ILE CB 50 31.55 99.90 41.38
C ILE CB 50 33.01 99.73 40.99
N LEU CB 51 33.43 98.49 40.80
CA LEU CB 51 34.74 98.17 40.27
C LEU CB 51 34.53 97.78 38.81
N ALA CB 52 35.03 98.62 37.90
CA ALA CB 52 34.76 98.42 36.48
C ALA CB 52 36.00 98.83 35.68
N THR CB 53 35.96 98.56 34.38
CA THR CB 53 37.12 98.82 33.54
C THR CB 53 37.03 100.19 32.88
N ARG CB 54 35.96 100.45 32.14
CA ARG CB 54 35.82 101.68 31.36
C ARG CB 54 35.07 102.72 32.21
N THR CB 55 35.86 103.50 32.96
CA THR CB 55 35.30 104.48 33.88
C THR CB 55 34.62 105.63 33.15
N GLN CB 56 35.17 106.04 32.00
CA GLN CB 56 34.53 107.09 31.20
C GLN CB 56 33.18 106.63 30.66
N ASN CB 57 33.06 105.34 30.33
CA ASN CB 57 31.80 104.83 29.81
C ASN CB 57 30.79 104.58 30.93
N VAL CB 58 31.26 104.28 32.14
CA VAL CB 58 30.28 104.11 33.22
C VAL CB 58 29.89 105.47 33.81
N LEU CB 59 30.69 106.52 33.59
CA LEU CB 59 30.25 107.84 34.03
C LEU CB 59 29.36 108.51 32.99
N GLY CB 60 29.70 108.35 31.70
CA GLY CB 60 28.82 108.82 30.65
C GLY CB 60 28.89 110.33 30.43
N GLU CB 61 27.71 110.94 30.29
CA GLU CB 61 27.62 112.36 30.02
C GLU CB 61 27.56 113.15 31.32
N LYS CB 62 28.74 113.56 31.82
CA LYS CB 62 28.94 114.37 33.02
C LYS CB 62 28.35 113.70 34.27
N GLY CB 63 28.64 112.41 34.47
CA GLY CB 63 28.20 111.70 35.64
C GLY CB 63 26.71 111.42 35.72
N ARG CB 64 26.04 111.29 34.57
CA ARG CB 64 24.58 111.14 34.58
C ARG CB 64 24.16 109.73 34.97
N ARG CB 65 24.85 108.72 34.46
CA ARG CB 65 24.46 107.34 34.72
C ARG CB 65 24.79 106.92 36.15
N ILE CB 66 25.83 107.54 36.74
CA ILE CB 66 26.15 107.28 38.14
C ILE CB 66 25.05 107.81 39.05
N ARG CB 67 24.55 109.01 38.75
CA ARG CB 67 23.44 109.58 39.51
C ARG CB 67 22.16 108.78 39.29
N GLU CB 68 21.97 108.25 38.08
CA GLU CB 68 20.85 107.35 37.83
C GLU CB 68 20.95 106.08 38.67
N LEU CB 69 22.16 105.53 38.81
CA LEU CB 69 22.33 104.33 39.64
C LEU CB 69 22.13 104.62 41.12
N THR CB 70 22.53 105.82 41.59
CA THR CB 70 22.23 106.23 42.96
C THR CB 70 20.73 106.31 43.19
N ALA CB 71 20.01 106.87 42.22
CA ALA CB 71 18.55 106.99 42.36
C ALA CB 71 17.88 105.62 42.26
N VAL CB 72 18.47 104.70 41.47
CA VAL CB 72 17.96 103.33 41.40
C VAL CB 72 18.07 102.63 42.76
N VAL CB 73 19.26 102.70 43.38
CA VAL CB 73 19.47 102.06 44.67
C VAL CB 73 18.59 102.70 45.74
N GLN CB 74 18.44 104.03 45.69
CA GLN CB 74 17.59 104.74 46.64
C GLN CB 74 16.12 104.35 46.50
N LYS CB 75 15.58 104.39 45.28
CA LYS CB 75 14.16 104.08 45.07
C LYS CB 75 13.86 102.61 45.32
N ARG CB 76 14.81 101.72 45.03
CA ARG CB 76 14.52 100.30 45.15
C ARG CB 76 14.64 99.85 46.61
N PHE CB 77 15.74 100.22 47.28
CA PHE CB 77 15.94 99.73 48.63
C PHE CB 77 15.42 100.69 49.71
N GLY CB 78 14.78 101.79 49.32
CA GLY CB 78 14.15 102.67 50.28
C GLY CB 78 15.12 103.46 51.14
N PHE CB 79 16.30 103.76 50.62
CA PHE CB 79 17.31 104.49 51.36
C PHE CB 79 16.93 105.96 51.49
N PRO CB 80 17.34 106.63 52.56
CA PRO CB 80 17.08 108.07 52.69
C PRO CB 80 17.89 108.88 51.69
N GLU CB 81 17.47 110.14 51.54
CA GLU CB 81 18.09 111.04 50.57
C GLU CB 81 19.48 111.46 51.04
N GLY CB 82 20.49 111.14 50.24
CA GLY CB 82 21.86 111.44 50.61
C GLY CB 82 22.49 110.43 51.54
N SER CB 83 21.86 109.28 51.75
CA SER CB 83 22.39 108.27 52.65
C SER CB 83 23.29 107.27 51.95
N VAL CB 84 23.24 107.19 50.62
CA VAL CB 84 24.02 106.25 49.85
C VAL CB 84 24.73 107.01 48.73
N GLU CB 85 25.95 106.61 48.41
CA GLU CB 85 26.69 107.28 47.35
C GLU CB 85 27.65 106.30 46.67
N LEU CB 86 27.64 106.32 45.33
CA LEU CB 86 28.42 105.38 44.52
C LEU CB 86 29.72 106.01 44.05
N TYR CB 87 30.70 105.15 43.76
CA TYR CB 87 32.02 105.56 43.29
C TYR CB 87 32.51 104.54 42.27
N ALA CB 88 32.88 105.00 41.08
CA ALA CB 88 33.37 104.12 40.03
C ALA CB 88 34.90 104.10 40.06
N GLU CB 89 35.48 102.90 40.11
CA GLU CB 89 36.93 102.74 40.19
C GLU CB 89 37.44 101.77 39.13
N LYS CB 90 38.59 102.12 38.56
CA LYS CB 90 39.17 101.37 37.45
C LYS CB 90 39.86 100.10 37.93
N VAL CB 91 39.67 99.02 37.18
CA VAL CB 91 40.31 97.74 37.47
C VAL CB 91 41.76 97.80 36.98
N ALA CB 92 42.70 97.60 37.88
CA ALA CB 92 44.08 97.39 37.48
C ALA CB 92 44.25 95.95 36.98
N THR CB 93 45.09 95.81 35.94
CA THR CB 93 45.37 94.59 35.16
C THR CB 93 44.12 93.73 34.89
N ARG CB 94 43.18 94.31 34.13
CA ARG CB 94 41.83 93.78 33.93
C ARG CB 94 41.78 92.46 33.15
N GLY CB 95 42.91 91.97 32.62
CA GLY CB 95 42.91 90.69 31.95
C GLY CB 95 42.68 89.53 32.90
N LEU CB 96 43.05 89.71 34.16
CA LEU CB 96 42.88 88.65 35.14
C LEU CB 96 41.44 88.53 35.63
N CYS CB 97 40.62 89.55 35.42
CA CYS CB 97 39.21 89.48 35.79
C CYS CB 97 38.48 88.54 34.83
N ALA CB 98 37.85 87.50 35.38
CA ALA CB 98 37.26 86.47 34.53
C ALA CB 98 35.94 86.93 33.93
N ILE CB 99 35.14 87.69 34.68
CA ILE CB 99 33.84 88.10 34.15
C ILE CB 99 34.00 89.23 33.13
N ALA CB 100 35.10 90.00 33.22
CA ALA CB 100 35.37 91.02 32.22
C ALA CB 100 35.77 90.39 30.89
N GLN CB 101 36.58 89.34 30.93
CA GLN CB 101 36.92 88.63 29.70
C GLN CB 101 35.73 87.85 29.17
N ALA CB 102 34.83 87.42 30.07
CA ALA CB 102 33.62 86.74 29.64
C ALA CB 102 32.67 87.69 28.91
N GLU CB 103 32.50 88.90 29.45
CA GLU CB 103 31.62 89.86 28.77
C GLU CB 103 32.28 90.36 27.48
N SER CB 104 33.60 90.47 27.47
CA SER CB 104 34.32 90.82 26.24
C SER CB 104 34.13 89.75 25.16
N LEU CB 105 34.17 88.47 25.56
CA LEU CB 105 34.02 87.39 24.59
C LEU CB 105 32.60 87.29 24.07
N ARG CB 106 31.60 87.50 24.94
CA ARG CB 106 30.21 87.41 24.45
C ARG CB 106 29.86 88.63 23.60
N TYR CB 107 30.44 89.80 23.89
CA TYR CB 107 30.21 90.92 22.98
C TYR CB 107 31.00 90.79 21.68
N LYS CB 108 32.12 90.07 21.68
CA LYS CB 108 32.77 89.73 20.41
C LYS CB 108 31.93 88.78 19.58
N LEU CB 109 31.32 87.77 20.24
CA LEU CB 109 30.44 86.85 19.53
C LEU CB 109 29.16 87.54 19.07
N LEU CB 110 28.73 88.58 19.79
CA LEU CB 110 27.57 89.35 19.37
C LEU CB 110 27.92 90.26 18.19
N GLY CB 111 29.13 90.84 18.19
CA GLY CB 111 29.56 91.67 17.08
C GLY CB 111 29.80 90.87 15.82
N GLY CB 112 30.23 89.63 15.95
CA GLY CB 112 30.28 88.74 14.81
C GLY CB 112 31.65 88.18 14.48
N LEU CB 113 32.57 88.25 15.42
CA LEU CB 113 33.87 87.62 15.23
C LEU CB 113 33.71 86.11 15.35
N ALA CB 114 34.59 85.36 14.67
CA ALA CB 114 34.53 83.91 14.70
C ALA CB 114 34.87 83.38 16.09
N VAL CB 115 34.38 82.17 16.38
CA VAL CB 115 34.52 81.61 17.73
C VAL CB 115 35.97 81.26 18.02
N ARG CB 116 36.64 80.61 17.05
CA ARG CB 116 38.03 80.20 17.22
C ARG CB 116 38.95 81.41 17.35
N ARG CB 117 38.77 82.40 16.46
CA ARG CB 117 39.60 83.60 16.47
C ARG CB 117 39.34 84.44 17.71
N ALA CB 118 38.09 84.47 18.17
CA ALA CB 118 37.76 85.23 19.37
C ALA CB 118 38.34 84.59 20.63
N CYS CB 119 38.28 83.25 20.72
CA CYS CB 119 38.90 82.56 21.85
C CYS CB 119 40.42 82.69 21.82
N TYR CB 120 41.01 82.67 20.62
CA TYR CB 120 42.45 82.88 20.49
C TYR CB 120 42.84 84.29 20.92
N GLY CB 121 42.01 85.28 20.57
CA GLY CB 121 42.31 86.66 20.97
C GLY CB 121 42.17 86.88 22.46
N VAL CB 122 41.14 86.30 23.08
CA VAL CB 122 40.95 86.42 24.52
C VAL CB 122 42.08 85.73 25.28
N LEU CB 123 42.46 84.52 24.81
CA LEU CB 123 43.53 83.77 25.46
C LEU CB 123 44.88 84.46 25.30
N ARG CB 124 45.14 85.03 24.12
CA ARG CB 124 46.38 85.76 23.90
C ARG CB 124 46.42 87.05 24.71
N PHE CB 125 45.27 87.71 24.88
CA PHE CB 125 45.23 88.93 25.67
C PHE CB 125 45.46 88.64 27.15
N ILE CB 126 44.90 87.54 27.66
CA ILE CB 126 45.10 87.27 29.09
C ILE CB 126 46.47 86.66 29.35
N MET CB 127 47.08 85.98 28.37
CA MET CB 127 48.46 85.56 28.55
C MET CB 127 49.43 86.72 28.39
N GLU CB 128 49.04 87.76 27.64
CA GLU CB 128 49.85 88.96 27.56
C GLU CB 128 49.74 89.77 28.84
N SER CB 129 48.55 89.80 29.45
CA SER CB 129 48.38 90.46 30.74
C SER CB 129 49.10 89.69 31.84
N GLY CB 130 49.14 88.36 31.74
CA GLY CB 130 49.90 87.56 32.66
C GLY CB 130 49.04 86.74 33.60
N ALA CB 131 48.88 85.46 33.27
CA ALA CB 131 48.08 84.55 34.07
C ALA CB 131 48.83 83.24 34.26
N LYS CB 132 48.51 82.57 35.37
CA LYS CB 132 49.13 81.28 35.65
C LYS CB 132 48.60 80.19 34.73
N GLY CB 133 47.32 80.30 34.37
CA GLY CB 133 46.74 79.39 33.41
C GLY CB 133 45.29 79.75 33.17
N CYS CB 134 44.70 79.16 32.14
CA CYS CB 134 43.33 79.53 31.80
C CYS CB 134 42.59 78.33 31.23
N GLU CB 135 41.27 78.52 31.11
CA GLU CB 135 40.37 77.47 30.61
C GLU CB 135 39.14 78.20 30.04
N VAL CB 136 39.01 78.19 28.73
CA VAL CB 136 37.90 78.85 28.03
C VAL CB 136 37.06 77.76 27.40
N VAL CB 137 35.84 77.59 27.90
CA VAL CB 137 34.91 76.57 27.42
C VAL CB 137 33.71 77.28 26.80
N VAL CB 138 33.52 77.09 25.50
CA VAL CB 138 32.38 77.67 24.79
C VAL CB 138 31.46 76.52 24.40
N SER CB 139 30.31 76.43 25.06
CA SER CB 139 29.35 75.37 24.80
C SER CB 139 28.14 75.92 24.06
N GLY CB 140 27.59 75.09 23.18
CA GLY CB 140 26.44 75.50 22.40
C GLY CB 140 26.45 74.79 21.06
N LYS CB 141 25.73 75.36 20.10
CA LYS CB 141 25.62 74.80 18.76
C LYS CB 141 26.58 75.54 17.83
N LEU CB 142 27.53 74.80 17.27
CA LEU CB 142 28.53 75.33 16.36
C LEU CB 142 28.58 74.45 15.11
N ARG CB 143 28.84 75.11 13.96
CA ARG CB 143 28.93 74.57 12.61
C ARG CB 143 27.84 73.54 12.26
N GLY CB 144 26.63 73.76 12.75
CA GLY CB 144 25.54 72.84 12.51
C GLY CB 144 24.55 72.89 13.66
N GLN CB 145 23.67 71.89 13.68
CA GLN CB 145 22.64 71.80 14.71
C GLN CB 145 23.09 71.01 15.93
N ARG CB 146 24.08 70.13 15.77
CA ARG CB 146 24.55 69.33 16.89
C ARG CB 146 25.40 70.20 17.84
N ALA CB 147 25.19 69.99 19.13
CA ALA CB 147 25.83 70.78 20.19
C ALA CB 147 27.30 70.36 20.29
N LYS CB 148 28.19 71.21 19.77
CA LYS CB 148 29.61 70.99 19.91
C LYS CB 148 30.22 72.01 20.87
N SER CB 149 31.02 71.51 21.80
CA SER CB 149 31.58 72.33 22.87
C SER CB 149 33.09 72.43 22.67
N MET CB 150 33.57 73.66 22.47
CA MET CB 150 35.00 73.88 22.32
C MET CB 150 35.64 74.20 23.67
N LYS CB 151 36.91 73.82 23.80
CA LYS CB 151 37.63 73.94 25.06
C LYS CB 151 39.07 74.32 24.75
N PHE CB 152 39.54 75.42 25.34
CA PHE CB 152 40.89 75.93 25.10
C PHE CB 152 41.59 76.05 26.46
N VAL CB 153 42.59 75.21 26.68
CA VAL CB 153 43.28 75.12 27.96
C VAL CB 153 44.78 75.21 27.72
N ASP CB 154 45.42 76.19 28.36
CA ASP CB 154 46.86 76.18 28.49
C ASP CB 154 47.26 76.90 29.77
N GLY CB 155 48.45 76.57 30.27
CA GLY CB 155 48.94 77.10 31.52
C GLY CB 155 48.59 76.23 32.70
N LEU CB 156 49.10 76.63 33.86
CA LEU CB 156 48.84 75.93 35.11
C LEU CB 156 47.43 76.25 35.60
N MET CB 157 46.56 75.23 35.60
CA MET CB 157 45.18 75.39 36.04
C MET CB 157 44.79 74.26 36.97
N ILE CB 158 44.42 74.61 38.20
CA ILE CB 158 44.03 73.63 39.21
C ILE CB 158 42.51 73.51 39.23
N HIS CB 159 42.04 72.34 39.65
CA HIS CB 159 40.61 72.04 39.64
C HIS CB 159 40.06 71.73 41.03
N SER CB 160 40.76 70.89 41.79
CA SER CB 160 40.20 70.32 43.00
C SER CB 160 40.67 71.09 44.24
N GLY CB 161 40.01 70.81 45.35
CA GLY CB 161 40.44 71.29 46.65
C GLY CB 161 39.97 72.69 46.97
N ASP CB 162 40.19 73.06 48.23
CA ASP CB 162 40.00 74.41 48.75
C ASP CB 162 40.74 75.53 48.00
N PRO CB 163 41.93 75.33 47.37
CA PRO CB 163 42.48 76.42 46.54
C PRO CB 163 41.67 76.85 45.32
N VAL CB 164 40.65 76.09 44.90
CA VAL CB 164 39.85 76.53 43.76
C VAL CB 164 38.89 77.63 44.18
N ASN CB 165 38.72 77.83 45.49
CA ASN CB 165 37.81 78.86 45.98
C ASN CB 165 38.41 80.26 45.83
N TYR CB 166 39.73 80.38 46.01
CA TYR CB 166 40.37 81.69 46.06
C TYR CB 166 41.71 81.75 45.33
N TYR CB 167 41.99 80.81 44.43
CA TYR CB 167 43.14 80.94 43.53
C TYR CB 167 42.76 81.11 42.07
N VAL CB 168 41.56 80.72 41.67
CA VAL CB 168 41.09 80.91 40.30
C VAL CB 168 39.89 81.82 40.32
N ASP CB 169 39.63 82.49 39.20
CA ASP CB 169 38.43 83.29 39.02
C ASP CB 169 37.60 82.60 37.93
N THR CB 170 36.34 82.32 38.25
CA THR CB 170 35.45 81.56 37.39
C THR CB 170 34.29 82.44 36.93
N ALA CB 171 34.01 82.39 35.63
CA ALA CB 171 32.94 83.19 35.04
C ALA CB 171 32.09 82.30 34.15
N VAL CB 172 30.77 82.38 34.35
CA VAL CB 172 29.80 81.67 33.53
C VAL CB 172 28.80 82.70 33.01
N ARG CB 173 28.77 82.88 31.69
CA ARG CB 173 27.89 83.88 31.07
C ARG CB 173 27.15 83.26 29.89
N HIS CB 174 26.06 83.92 29.50
CA HIS CB 174 25.27 83.50 28.36
C HIS CB 174 25.37 84.54 27.24
N VAL CB 175 25.28 84.08 26.00
CA VAL CB 175 25.22 84.95 24.85
C VAL CB 175 24.09 84.46 23.93
N LEU CB 176 23.32 85.40 23.40
CA LEU CB 176 22.10 85.11 22.66
C LEU CB 176 22.36 85.33 21.17
N LEU CB 177 22.73 84.26 20.49
CA LEU CB 177 22.87 84.30 19.05
C LEU CB 177 21.50 84.15 18.37
N ARG CB 178 21.51 84.26 17.05
CA ARG CB 178 20.26 84.14 16.30
C ARG CB 178 19.77 82.69 16.25
N GLN CB 179 20.70 81.74 16.09
CA GLN CB 179 20.29 80.34 15.98
C GLN CB 179 20.02 79.72 17.35
N GLY CB 180 20.78 80.11 18.37
CA GLY CB 180 20.57 79.60 19.70
C GLY CB 180 21.23 80.43 20.78
N VAL CB 181 21.50 79.81 21.94
CA VAL CB 181 22.13 80.47 23.07
C VAL CB 181 23.38 79.69 23.45
N LEU CB 182 24.52 80.39 23.55
CA LEU CB 182 25.80 79.76 23.86
C LEU CB 182 26.27 80.16 25.24
N GLY CB 183 26.84 79.20 25.97
CA GLY CB 183 27.41 79.48 27.27
C GLY CB 183 28.93 79.62 27.20
N ILE CB 184 29.45 80.54 28.00
CA ILE CB 184 30.87 80.85 28.03
C ILE CB 184 31.37 80.68 29.46
N LYS CB 185 32.37 79.82 29.64
CA LYS CB 185 33.03 79.62 30.92
C LYS CB 185 34.49 80.06 30.79
N VAL CB 186 34.87 81.05 31.59
CA VAL CB 186 36.23 81.58 31.59
C VAL CB 186 36.80 81.35 32.98
N LYS CB 187 37.83 80.52 33.08
CA LYS CB 187 38.50 80.24 34.34
C LYS CB 187 39.95 80.69 34.21
N ILE CB 188 40.36 81.60 35.08
CA ILE CB 188 41.70 82.20 35.02
C ILE CB 188 42.35 82.04 36.39
N MET CB 189 43.48 81.34 36.43
CA MET CB 189 44.19 81.15 37.70
C MET CB 189 45.08 82.36 37.97
N LEU CB 190 44.91 82.97 39.14
CA LEU CB 190 45.67 84.15 39.49
C LEU CB 190 47.04 83.76 40.04
N PRO CB 191 48.10 84.46 39.65
CA PRO CB 191 49.43 84.17 40.19
C PRO CB 191 49.60 84.70 41.61
N TRP CB 192 50.59 84.12 42.29
CA TRP CB 192 50.86 84.51 43.67
C TRP CB 192 51.72 85.77 43.72
N ASP CB 193 51.41 86.65 44.69
CA ASP CB 193 52.19 87.84 44.93
C ASP CB 193 52.34 88.09 46.43
N PRO CB 194 53.47 88.65 46.87
CA PRO CB 194 53.60 88.99 48.29
C PRO CB 194 52.72 90.16 48.71
N SER CB 195 52.44 91.09 47.80
CA SER CB 195 51.65 92.27 48.15
C SER CB 195 50.18 91.94 48.26
N GLY CB 196 49.66 91.14 47.33
CA GLY CB 196 48.26 90.76 47.34
C GLY CB 196 47.37 91.59 46.44
N LYS CB 197 47.94 92.31 45.47
CA LYS CB 197 47.12 93.13 44.59
C LYS CB 197 46.76 92.40 43.29
N ILE CB 198 47.74 91.75 42.65
CA ILE CB 198 47.44 91.04 41.42
C ILE CB 198 46.87 89.66 41.71
N GLY CB 199 47.09 89.13 42.92
CA GLY CB 199 46.58 87.83 43.28
C GLY CB 199 46.40 87.67 44.77
N PRO CB 200 46.23 86.43 45.22
CA PRO CB 200 46.10 86.18 46.66
C PRO CB 200 47.44 86.22 47.37
N LYS CB 201 47.38 86.45 48.68
CA LYS CB 201 48.60 86.58 49.48
C LYS CB 201 49.19 85.21 49.83
N LYS CB 202 48.32 84.21 50.03
CA LYS CB 202 48.79 82.92 50.48
C LYS CB 202 49.42 82.14 49.33
N PRO CB 203 50.57 81.52 49.53
CA PRO CB 203 51.19 80.71 48.48
C PRO CB 203 50.49 79.36 48.34
N LEU CB 204 50.87 78.63 47.29
CA LEU CB 204 50.26 77.34 47.01
C LEU CB 204 50.68 76.31 48.06
N PRO CB 205 49.79 75.36 48.38
CA PRO CB 205 50.17 74.30 49.34
C PRO CB 205 51.21 73.32 48.81
N ASP CB 206 51.46 73.28 47.51
CA ASP CB 206 52.45 72.39 46.94
C ASP CB 206 53.81 73.07 46.73
N HIS CB 207 53.83 74.39 46.64
CA HIS CB 207 55.06 75.14 46.40
C HIS CB 207 55.82 75.30 47.71
N VAL CB 208 56.97 74.65 47.80
CA VAL CB 208 57.86 74.77 48.96
C VAL CB 208 58.96 75.74 48.56
N SER CB 209 58.89 76.97 49.09
CA SER CB 209 59.86 78.02 48.77
C SER CB 209 61.07 77.85 49.67
N ILE CB 210 62.19 77.45 49.08
CA ILE CB 210 63.43 77.22 49.81
C ILE CB 210 64.44 78.30 49.42
N VAL CB 211 64.93 79.04 50.42
CA VAL CB 211 65.85 80.14 50.15
C VAL CB 211 67.25 79.58 49.91
N GLU CB 212 68.10 80.41 49.31
CA GLU CB 212 69.47 80.01 49.02
C GLU CB 212 70.37 80.29 50.22
N PRO CB 213 71.26 79.36 50.57
CA PRO CB 213 72.18 79.61 51.68
C PRO CB 213 73.27 80.59 51.29
N LYS CB 214 73.61 81.49 52.21
CA LYS CB 214 74.60 82.51 51.94
C LYS CB 214 76.01 81.91 51.99
N ASP CB 215 76.89 82.45 51.15
CA ASP CB 215 78.24 81.93 51.02
C ASP CB 215 79.07 82.38 52.22
N GLU CB 216 79.36 81.44 53.13
CA GLU CB 216 80.15 81.71 54.32
C GLU CB 216 81.49 81.00 54.20
N ILE CB 217 82.52 81.57 54.81
CA ILE CB 217 83.85 80.97 54.83
C ILE CB 217 84.14 80.51 56.26
N LEU CB 218 84.40 79.22 56.42
CA LEU CB 218 84.68 78.67 57.74
C LEU CB 218 86.08 79.09 58.21
N PRO CB 219 86.22 79.67 59.40
CA PRO CB 219 87.55 80.08 59.88
C PRO CB 219 88.31 78.91 60.48
N THR CB 220 89.55 78.74 60.03
CA THR CB 220 90.38 77.66 60.56
C THR CB 220 91.28 78.15 61.69
N THR CB 221 91.39 79.47 61.85
CA THR CB 221 92.21 80.07 62.90
C THR CB 221 91.35 80.88 63.85
N PRO CB 222 91.38 80.56 65.16
CA PRO CB 222 90.58 81.32 66.13
C PRO CB 222 91.13 82.73 66.33
N ILE CB 223 90.26 83.72 66.11
CA ILE CB 223 90.61 85.13 66.26
C ILE CB 223 89.57 85.78 67.18
N SER CB 224 89.75 87.08 67.42
CA SER CB 224 88.85 87.85 68.26
C SER CB 224 88.48 89.15 67.55
N GLU CB 225 87.38 89.74 67.99
CA GLU CB 225 86.85 90.98 67.41
C GLU CB 225 86.49 91.91 68.57
N GLN CB 226 87.43 92.12 69.48
CA GLN CB 226 87.20 92.91 70.68
C GLN CB 226 87.05 94.38 70.34
N LYS CB 227 85.94 94.98 70.76
CA LYS CB 227 85.67 96.39 70.51
C LYS CB 227 84.75 96.92 71.60
N GLY CB 228 84.90 98.21 71.90
CA GLY CB 228 84.08 98.86 72.90
C GLY CB 228 84.42 98.45 74.32
N ALA DB 1 34.99 42.83 -63.34
CA ALA DB 1 34.45 43.43 -64.56
C ALA DB 1 34.23 42.36 -65.63
N ARG DB 2 33.25 42.59 -66.50
CA ARG DB 2 32.95 41.66 -67.58
C ARG DB 2 33.62 42.04 -68.89
N GLY DB 3 34.49 43.04 -68.89
CA GLY DB 3 35.20 43.43 -70.09
C GLY DB 3 36.22 44.52 -69.83
N PRO DB 4 36.61 45.24 -70.89
CA PRO DB 4 37.60 46.31 -70.72
C PRO DB 4 36.98 47.56 -70.13
N LYS DB 5 37.83 48.37 -69.51
CA LYS DB 5 37.41 49.62 -68.89
C LYS DB 5 37.44 50.75 -69.91
N LYS DB 6 36.44 51.64 -69.84
CA LYS DB 6 36.36 52.77 -70.75
C LYS DB 6 36.48 54.12 -70.05
N HIS DB 7 36.17 54.20 -68.76
CA HIS DB 7 36.29 55.42 -67.99
C HIS DB 7 37.58 55.43 -67.17
N LEU DB 8 37.92 56.61 -66.68
CA LEU DB 8 39.06 56.80 -65.79
C LEU DB 8 38.69 57.86 -64.76
N LYS DB 9 38.85 57.53 -63.49
CA LYS DB 9 38.49 58.46 -62.43
C LYS DB 9 39.56 59.54 -62.29
N ARG DB 10 39.14 60.70 -61.80
CA ARG DB 10 40.07 61.81 -61.58
C ARG DB 10 41.05 61.49 -60.47
N VAL DB 11 40.60 60.76 -59.45
CA VAL DB 11 41.48 60.30 -58.39
C VAL DB 11 42.39 59.18 -58.91
N ALA DB 12 41.87 58.31 -59.79
CA ALA DB 12 42.67 57.22 -60.34
C ALA DB 12 43.60 57.67 -61.46
N ALA DB 13 43.57 58.95 -61.83
CA ALA DB 13 44.48 59.48 -62.83
C ALA DB 13 45.91 59.49 -62.29
N PRO DB 14 46.92 59.34 -63.14
CA PRO DB 14 48.31 59.42 -62.67
C PRO DB 14 48.70 60.82 -62.24
N LYS DB 15 49.77 60.89 -61.44
CA LYS DB 15 50.12 62.12 -60.74
C LYS DB 15 50.79 63.13 -61.66
N HIS DB 16 51.49 62.66 -62.70
CA HIS DB 16 52.24 63.58 -63.56
C HIS DB 16 51.34 64.37 -64.51
N TRP DB 17 50.08 64.00 -64.66
CA TRP DB 17 49.15 64.83 -65.43
C TRP DB 17 48.79 66.10 -64.67
N MET DB 18 48.81 66.04 -63.34
CA MET DB 18 48.52 67.15 -62.43
C MET DB 18 47.11 67.72 -62.66
N LEU DB 19 46.15 66.83 -62.87
CA LEU DB 19 44.76 67.25 -62.97
C LEU DB 19 44.22 67.60 -61.59
N ASP DB 20 43.33 68.58 -61.53
CA ASP DB 20 42.78 69.03 -60.27
C ASP DB 20 41.57 68.20 -59.84
N LYS DB 21 41.27 68.25 -58.56
CA LYS DB 21 40.30 67.34 -57.95
C LYS DB 21 38.87 67.86 -58.03
N LEU DB 22 38.67 69.18 -57.90
CA LEU DB 22 37.36 69.76 -57.67
C LEU DB 22 36.50 69.84 -58.93
N THR DB 23 37.11 69.86 -60.13
CA THR DB 23 36.35 70.15 -61.34
C THR DB 23 35.50 68.97 -61.79
N GLY DB 24 36.03 67.75 -61.72
CA GLY DB 24 35.29 66.64 -62.27
C GLY DB 24 35.55 65.34 -61.55
N VAL DB 25 34.60 64.41 -61.72
CA VAL DB 25 34.73 63.08 -61.15
C VAL DB 25 35.61 62.20 -62.02
N PHE DB 26 35.46 62.29 -63.34
CA PHE DB 26 36.19 61.47 -64.28
C PHE DB 26 37.40 62.22 -64.82
N ALA DB 27 38.41 61.45 -65.20
CA ALA DB 27 39.59 61.93 -65.90
C ALA DB 27 39.47 61.51 -67.36
N PRO DB 28 40.14 62.21 -68.28
CA PRO DB 28 40.12 61.76 -69.69
C PRO DB 28 40.92 60.48 -69.86
N ARG DB 29 40.19 59.38 -70.06
CA ARG DB 29 40.81 58.09 -70.32
C ARG DB 29 41.45 58.11 -71.70
N PRO DB 30 42.75 57.87 -71.82
CA PRO DB 30 43.39 57.89 -73.14
C PRO DB 30 42.95 56.69 -73.98
N SER DB 31 42.83 56.93 -75.28
CA SER DB 31 42.56 55.84 -76.21
C SER DB 31 43.77 54.93 -76.33
N THR DB 32 43.56 53.74 -76.86
CA THR DB 32 44.66 52.82 -77.10
C THR DB 32 45.56 53.37 -78.20
N GLY DB 33 46.84 53.05 -78.13
CA GLY DB 33 47.79 53.58 -79.08
C GLY DB 33 49.22 53.10 -78.86
N PRO DB 34 50.18 53.92 -79.28
CA PRO DB 34 51.59 53.51 -79.21
C PRO DB 34 52.21 53.59 -77.83
N HIS DB 35 51.50 54.12 -76.83
CA HIS DB 35 52.06 54.33 -75.51
C HIS DB 35 51.12 53.75 -74.45
N LYS DB 36 51.67 53.52 -73.26
CA LYS DB 36 50.91 52.91 -72.19
C LYS DB 36 49.94 53.89 -71.55
N LEU DB 37 49.22 53.43 -70.53
CA LEU DB 37 48.24 54.27 -69.85
C LEU DB 37 48.91 55.33 -69.00
N ARG DB 38 49.81 54.93 -68.12
CA ARG DB 38 50.44 55.85 -67.18
C ARG DB 38 51.76 56.42 -67.68
N GLU DB 39 52.09 56.23 -68.96
CA GLU DB 39 53.31 56.81 -69.48
C GLU DB 39 53.02 58.01 -70.38
N CYS DB 40 51.88 58.02 -71.06
CA CYS DB 40 51.56 59.07 -72.01
C CYS DB 40 50.90 60.25 -71.29
N LEU DB 41 50.59 61.29 -72.06
CA LEU DB 41 49.77 62.41 -71.60
C LEU DB 41 48.83 62.74 -72.75
N PRO DB 42 47.52 62.82 -72.50
CA PRO DB 42 46.57 62.98 -73.61
C PRO DB 42 46.62 64.36 -74.24
N LEU DB 43 46.05 64.44 -75.44
CA LEU DB 43 46.05 65.68 -76.21
C LEU DB 43 45.17 66.73 -75.55
N ILE DB 44 44.10 66.29 -74.88
CA ILE DB 44 43.19 67.24 -74.22
C ILE DB 44 43.86 67.86 -72.99
N ILE DB 45 44.70 67.10 -72.29
CA ILE DB 45 45.44 67.66 -71.16
C ILE DB 45 46.59 68.53 -71.65
N PHE DB 46 47.23 68.13 -72.76
CA PHE DB 46 48.32 68.91 -73.32
C PHE DB 46 47.83 70.23 -73.90
N LEU DB 47 46.58 70.26 -74.37
CA LEU DB 47 46.06 71.45 -75.03
C LEU DB 47 45.32 72.36 -74.05
N ARG DB 48 44.54 71.78 -73.13
CA ARG DB 48 43.69 72.56 -72.24
C ARG DB 48 44.37 72.88 -70.92
N ASN DB 49 45.01 71.90 -70.29
CA ASN DB 49 45.54 72.07 -68.94
C ASN DB 49 46.94 72.66 -68.92
N ARG DB 50 47.73 72.48 -69.98
CA ARG DB 50 49.11 72.93 -69.99
C ARG DB 50 49.31 74.19 -70.83
N LEU DB 51 48.86 74.18 -72.08
CA LEU DB 51 49.04 75.34 -72.95
C LEU DB 51 48.00 76.42 -72.70
N LYS DB 52 46.86 76.03 -72.10
CA LYS DB 52 45.71 76.90 -71.82
C LYS DB 52 45.16 77.58 -73.08
N TYR DB 53 45.24 76.89 -74.23
CA TYR DB 53 44.66 77.42 -75.44
C TYR DB 53 43.14 77.32 -75.44
N ALA DB 54 42.61 76.23 -74.90
CA ALA DB 54 41.18 75.97 -74.89
C ALA DB 54 40.66 75.99 -73.47
N LEU DB 55 39.37 76.33 -73.31
CA LEU DB 55 38.77 76.36 -71.99
C LEU DB 55 38.17 75.01 -71.62
N THR DB 56 37.41 74.40 -72.53
CA THR DB 56 36.68 73.17 -72.27
C THR DB 56 37.06 72.08 -73.26
N GLY DB 57 36.60 70.87 -72.95
CA GLY DB 57 36.83 69.74 -73.83
C GLY DB 57 36.10 69.85 -75.15
N ASP DB 58 34.98 70.58 -75.17
CA ASP DB 58 34.32 70.89 -76.44
C ASP DB 58 35.18 71.80 -77.29
N GLU DB 59 35.88 72.74 -76.67
CA GLU DB 59 36.81 73.59 -77.40
C GLU DB 59 38.02 72.78 -77.89
N VAL DB 60 38.47 71.81 -77.10
CA VAL DB 60 39.54 70.90 -77.53
C VAL DB 60 39.09 70.08 -78.73
N LYS DB 61 37.83 69.64 -78.71
CA LYS DB 61 37.27 68.89 -79.84
C LYS DB 61 37.16 69.78 -81.08
N LYS DB 62 36.82 71.05 -80.89
CA LYS DB 62 36.77 71.99 -82.02
C LYS DB 62 38.16 72.22 -82.61
N ILE DB 63 39.19 72.30 -81.76
CA ILE DB 63 40.55 72.50 -82.25
C ILE DB 63 41.05 71.27 -83.00
N CYS DB 64 40.73 70.07 -82.49
CA CYS DB 64 41.22 68.86 -83.16
C CYS DB 64 40.38 68.52 -84.38
N MET DB 65 39.17 69.11 -84.50
CA MET DB 65 38.36 68.88 -85.69
C MET DB 65 38.43 69.99 -86.73
N GLN DB 66 39.09 71.12 -86.42
CA GLN DB 66 39.49 72.03 -87.50
C GLN DB 66 40.75 71.58 -88.24
N ARG DB 67 41.30 70.40 -87.91
CA ARG DB 67 42.52 69.84 -88.51
C ARG DB 67 43.70 70.81 -88.35
N PHE DB 68 44.07 71.07 -87.10
CA PHE DB 68 45.18 71.95 -86.78
C PHE DB 68 46.33 71.22 -86.12
N ILE DB 69 46.03 70.31 -85.19
CA ILE DB 69 47.05 69.60 -84.45
C ILE DB 69 47.62 68.46 -85.30
N LYS DB 70 48.94 68.42 -85.43
CA LYS DB 70 49.62 67.41 -86.24
C LYS DB 70 50.63 66.69 -85.34
N ILE DB 71 50.24 65.51 -84.86
CA ILE DB 71 51.10 64.70 -83.99
C ILE DB 71 51.96 63.80 -84.86
N ASP DB 72 53.29 63.92 -84.67
CA ASP DB 72 54.40 63.18 -85.32
C ASP DB 72 54.15 62.82 -86.80
N GLY DB 73 53.68 63.81 -87.54
CA GLY DB 73 53.53 63.67 -88.98
C GLY DB 73 52.19 63.17 -89.49
N LYS DB 74 51.14 63.26 -88.68
CA LYS DB 74 49.81 62.83 -89.09
C LYS DB 74 48.79 63.48 -88.20
N VAL DB 75 47.69 63.96 -88.79
CA VAL DB 75 46.65 64.62 -88.02
C VAL DB 75 45.82 63.58 -87.26
N ARG DB 76 45.83 63.69 -85.94
CA ARG DB 76 44.97 62.88 -85.08
C ARG DB 76 43.78 63.72 -84.67
N THR DB 77 42.58 63.23 -84.94
CA THR DB 77 41.36 63.96 -84.62
C THR DB 77 40.70 63.54 -83.32
N ASP DB 78 41.41 62.80 -82.47
CA ASP DB 78 40.84 62.33 -81.21
C ASP DB 78 41.41 63.14 -80.06
N ILE DB 79 40.56 63.51 -79.09
CA ILE DB 79 41.00 64.34 -77.98
C ILE DB 79 41.80 63.52 -76.97
N THR DB 80 41.60 62.20 -76.95
CA THR DB 80 42.29 61.33 -76.00
C THR DB 80 43.35 60.47 -76.66
N TYR DB 81 44.06 60.99 -77.66
CA TYR DB 81 45.13 60.23 -78.29
C TYR DB 81 46.33 60.17 -77.36
N PRO DB 82 46.93 59.00 -77.15
CA PRO DB 82 48.06 58.88 -76.23
C PRO DB 82 49.33 59.50 -76.83
N ALA DB 83 49.69 60.68 -76.33
CA ALA DB 83 50.93 61.34 -76.71
C ALA DB 83 51.96 61.08 -75.61
N GLY DB 84 52.94 60.23 -75.92
CA GLY DB 84 53.91 59.79 -74.95
C GLY DB 84 55.26 60.48 -75.13
N PHE DB 85 56.32 59.74 -74.81
CA PHE DB 85 57.66 60.30 -74.83
C PHE DB 85 58.18 60.42 -76.25
N MET DB 86 58.94 61.49 -76.51
CA MET DB 86 59.53 61.88 -77.79
C MET DB 86 58.50 62.09 -78.89
N ASP DB 87 57.27 62.50 -78.56
CA ASP DB 87 56.28 62.80 -79.59
C ASP DB 87 56.37 64.27 -80.00
N VAL DB 88 56.18 64.52 -81.29
CA VAL DB 88 56.27 65.87 -81.83
C VAL DB 88 54.86 66.31 -82.24
N ILE DB 89 54.34 67.31 -81.56
CA ILE DB 89 53.04 67.90 -81.88
C ILE DB 89 53.28 69.20 -82.63
N SER DB 90 52.73 69.31 -83.82
CA SER DB 90 52.90 70.48 -84.67
C SER DB 90 51.58 71.23 -84.81
N ILE DB 91 51.62 72.54 -84.62
CA ILE DB 91 50.49 73.43 -84.88
C ILE DB 91 50.94 74.41 -85.95
N ASP DB 92 50.19 74.46 -87.05
CA ASP DB 92 50.67 75.15 -88.25
C ASP DB 92 50.40 76.65 -88.19
N LYS DB 93 49.22 77.05 -87.69
CA LYS DB 93 48.85 78.46 -87.76
C LYS DB 93 49.64 79.30 -86.76
N THR DB 94 49.88 78.76 -85.57
CA THR DB 94 50.76 79.45 -84.63
C THR DB 94 52.23 79.21 -84.97
N GLY DB 95 52.52 78.20 -85.77
CA GLY DB 95 53.88 77.86 -86.10
C GLY DB 95 54.66 77.27 -84.95
N GLU DB 96 54.04 76.39 -84.16
CA GLU DB 96 54.64 75.91 -82.92
C GLU DB 96 54.85 74.41 -83.01
N ASN DB 97 56.11 73.99 -82.84
CA ASN DB 97 56.48 72.58 -82.79
C ASN DB 97 56.90 72.25 -81.36
N PHE DB 98 56.27 71.22 -80.79
CA PHE DB 98 56.49 70.83 -79.40
C PHE DB 98 57.00 69.40 -79.34
N ARG DB 99 58.02 69.17 -78.51
CA ARG DB 99 58.58 67.84 -78.30
C ARG DB 99 58.31 67.43 -76.86
N LEU DB 100 57.61 66.31 -76.69
CA LEU DB 100 57.20 65.86 -75.36
C LEU DB 100 58.39 65.20 -74.67
N ILE DB 101 59.21 66.03 -74.02
CA ILE DB 101 60.30 65.57 -73.17
C ILE DB 101 59.85 65.78 -71.73
N TYR DB 102 60.20 64.83 -70.86
CA TYR DB 102 59.97 65.01 -69.44
C TYR DB 102 60.75 66.21 -68.90
N ASP DB 103 60.21 66.84 -67.87
CA ASP DB 103 60.90 67.90 -67.15
C ASP DB 103 61.88 67.26 -66.17
N THR DB 104 62.50 68.06 -65.30
CA THR DB 104 63.36 67.48 -64.27
C THR DB 104 62.53 66.72 -63.24
N LYS DB 105 61.28 67.12 -63.03
CA LYS DB 105 60.36 66.37 -62.19
C LYS DB 105 59.71 65.25 -62.99
N GLY DB 106 58.66 64.68 -62.40
CA GLY DB 106 57.97 63.58 -63.07
C GLY DB 106 57.09 64.03 -64.21
N ARG DB 107 56.71 65.31 -64.23
CA ARG DB 107 55.78 65.80 -65.24
C ARG DB 107 56.48 65.99 -66.59
N PHE DB 108 55.65 66.07 -67.63
CA PHE DB 108 56.12 66.51 -68.93
C PHE DB 108 56.32 68.02 -68.92
N ALA DB 109 57.12 68.51 -69.86
CA ALA DB 109 57.43 69.93 -69.96
C ALA DB 109 56.98 70.47 -71.31
N VAL DB 110 56.56 71.75 -71.31
CA VAL DB 110 56.25 72.46 -72.53
C VAL DB 110 57.57 72.86 -73.17
N HIS DB 111 57.99 72.14 -74.19
CA HIS DB 111 59.34 72.26 -74.75
C HIS DB 111 59.22 72.70 -76.21
N ARG DB 112 59.68 73.92 -76.48
CA ARG DB 112 59.63 74.47 -77.83
C ARG DB 112 60.88 74.09 -78.61
N ILE DB 113 60.66 73.61 -79.85
CA ILE DB 113 61.74 73.19 -80.73
C ILE DB 113 61.58 73.85 -82.09
N THR DB 114 62.65 73.78 -82.88
CA THR DB 114 62.68 74.28 -84.24
C THR DB 114 62.04 73.27 -85.19
N PRO DB 115 61.60 73.71 -86.38
CA PRO DB 115 61.15 72.73 -87.39
C PRO DB 115 62.24 71.80 -87.88
N GLU DB 116 63.50 72.24 -87.89
CA GLU DB 116 64.61 71.37 -88.26
C GLU DB 116 64.78 70.23 -87.25
N GLU DB 117 64.50 70.52 -85.97
CA GLU DB 117 64.51 69.47 -84.97
C GLU DB 117 63.23 68.64 -85.01
N ALA DB 118 62.10 69.26 -85.34
CA ALA DB 118 60.81 68.58 -85.41
C ALA DB 118 60.70 67.65 -86.60
N LYS DB 119 61.56 67.80 -87.61
CA LYS DB 119 61.57 66.91 -88.76
C LYS DB 119 61.95 65.47 -88.39
N TYR DB 120 62.75 65.28 -87.34
CA TYR DB 120 63.15 63.95 -86.89
C TYR DB 120 62.75 63.76 -85.43
N LYS DB 121 62.91 62.53 -84.95
CA LYS DB 121 62.78 62.22 -83.52
C LYS DB 121 63.59 60.97 -83.23
N LEU DB 122 63.64 60.60 -81.94
CA LEU DB 122 64.45 59.49 -81.46
C LEU DB 122 63.56 58.49 -80.73
N CYS DB 123 63.81 57.20 -80.96
CA CYS DB 123 62.96 56.15 -80.41
C CYS DB 123 63.81 54.96 -80.00
N LYS DB 124 63.56 54.42 -78.81
CA LYS DB 124 64.24 53.21 -78.36
C LYS DB 124 63.53 51.97 -78.88
N VAL DB 125 64.29 51.05 -79.44
CA VAL DB 125 63.71 49.79 -79.87
C VAL DB 125 63.63 48.85 -78.68
N ARG DB 126 62.71 47.90 -78.75
CA ARG DB 126 62.46 46.95 -77.67
C ARG DB 126 62.87 45.53 -78.01
N LYS DB 127 62.62 45.07 -79.24
CA LYS DB 127 62.99 43.73 -79.63
C LYS DB 127 63.19 43.65 -81.15
N ILE DB 128 63.93 42.64 -81.57
CA ILE DB 128 64.16 42.37 -82.99
C ILE DB 128 63.39 41.10 -83.33
N PHE DB 129 62.45 41.21 -84.25
CA PHE DB 129 61.60 40.10 -84.68
C PHE DB 129 61.99 39.69 -86.09
N VAL DB 130 62.04 38.39 -86.32
CA VAL DB 130 62.30 37.86 -87.66
C VAL DB 130 60.97 37.51 -88.32
N GLY DB 131 60.65 38.23 -89.40
CA GLY DB 131 59.40 38.06 -90.09
C GLY DB 131 59.37 36.81 -90.96
N THR DB 132 58.29 36.70 -91.75
CA THR DB 132 57.92 35.43 -92.37
C THR DB 132 58.85 34.98 -93.48
N LYS DB 133 59.74 35.84 -93.97
CA LYS DB 133 60.67 35.45 -95.03
C LYS DB 133 62.08 35.90 -94.67
N GLY DB 134 62.44 35.76 -93.39
CA GLY DB 134 63.77 36.12 -92.93
C GLY DB 134 64.06 37.60 -92.96
N ILE DB 135 63.12 38.42 -92.49
CA ILE DB 135 63.20 39.86 -92.59
C ILE DB 135 63.38 40.41 -91.17
N PRO DB 136 64.46 41.12 -90.87
CA PRO DB 136 64.60 41.69 -89.53
C PRO DB 136 63.65 42.87 -89.31
N HIS DB 137 63.16 42.99 -88.07
CA HIS DB 137 62.19 44.00 -87.69
C HIS DB 137 62.57 44.58 -86.33
N LEU DB 138 62.48 45.89 -86.21
CA LEU DB 138 62.64 46.58 -84.94
C LEU DB 138 61.27 46.91 -84.36
N VAL DB 139 61.11 46.70 -83.06
CA VAL DB 139 59.89 47.09 -82.36
C VAL DB 139 60.26 48.23 -81.41
N THR DB 140 59.80 49.44 -81.72
CA THR DB 140 60.15 50.59 -80.91
C THR DB 140 59.20 50.73 -79.73
N HIS DB 141 59.44 51.78 -78.93
CA HIS DB 141 58.58 52.04 -77.78
C HIS DB 141 57.22 52.59 -78.22
N ASP DB 142 57.17 53.29 -79.35
CA ASP DB 142 55.93 53.82 -79.90
C ASP DB 142 55.39 52.93 -81.03
N ALA DB 143 55.64 51.62 -80.91
CA ALA DB 143 55.10 50.55 -81.74
C ALA DB 143 55.45 50.66 -83.22
N ARG DB 144 56.48 51.43 -83.58
CA ARG DB 144 56.86 51.56 -84.98
C ARG DB 144 57.61 50.32 -85.43
N THR DB 145 57.05 49.59 -86.39
CA THR DB 145 57.65 48.37 -86.92
C THR DB 145 58.43 48.72 -88.17
N ILE DB 146 59.74 48.93 -87.98
CA ILE DB 146 60.61 49.28 -89.10
C ILE DB 146 61.38 48.04 -89.54
N ARG DB 147 61.32 47.74 -90.83
CA ARG DB 147 61.90 46.52 -91.36
C ARG DB 147 63.10 46.84 -92.25
N TYR DB 148 63.88 45.78 -92.51
CA TYR DB 148 65.26 45.87 -92.96
C TYR DB 148 66.10 46.94 -92.24
N PRO DB 149 66.44 46.73 -90.94
CA PRO DB 149 67.30 47.71 -90.26
C PRO DB 149 68.77 47.40 -90.41
N ASP DB 150 69.60 48.21 -89.76
CA ASP DB 150 71.02 47.92 -89.66
C ASP DB 150 71.21 46.77 -88.66
N PRO DB 151 71.94 45.71 -89.02
CA PRO DB 151 72.14 44.60 -88.07
C PRO DB 151 72.98 44.94 -86.84
N LEU DB 152 73.68 46.07 -86.83
CA LEU DB 152 74.35 46.49 -85.60
C LEU DB 152 73.39 47.07 -84.58
N ILE DB 153 72.17 47.44 -84.99
CA ILE DB 153 71.15 47.87 -84.04
C ILE DB 153 70.70 46.65 -83.25
N LYS DB 154 70.77 46.74 -81.92
CA LYS DB 154 70.49 45.63 -81.02
C LYS DB 154 69.27 45.98 -80.17
N VAL DB 155 69.05 45.15 -79.16
CA VAL DB 155 67.81 45.16 -78.38
C VAL DB 155 67.61 46.47 -77.62
N ASN DB 156 68.67 47.01 -77.03
CA ASN DB 156 68.55 48.16 -76.13
C ASN DB 156 69.03 49.45 -76.77
N ASP DB 157 68.91 49.59 -78.09
CA ASP DB 157 69.47 50.75 -78.77
C ASP DB 157 68.37 51.76 -79.12
N THR DB 158 68.79 52.93 -79.61
CA THR DB 158 67.86 53.95 -80.07
C THR DB 158 68.15 54.30 -81.52
N ILE DB 159 67.10 54.72 -82.23
CA ILE DB 159 67.17 55.04 -83.65
C ILE DB 159 66.57 56.42 -83.89
N GLN DB 160 67.17 57.14 -84.85
CA GLN DB 160 66.77 58.50 -85.20
C GLN DB 160 65.95 58.41 -86.48
N ILE DB 161 64.63 58.29 -86.33
CA ILE DB 161 63.75 58.08 -87.47
C ILE DB 161 63.42 59.41 -88.11
N ASP DB 162 62.86 59.37 -89.33
CA ASP DB 162 62.43 60.56 -90.04
C ASP DB 162 60.90 60.54 -90.13
N LEU DB 163 60.28 61.70 -89.92
CA LEU DB 163 58.83 61.77 -89.86
C LEU DB 163 58.21 61.71 -91.25
N GLU DB 164 58.93 62.17 -92.27
CA GLU DB 164 58.32 62.29 -93.60
C GLU DB 164 58.34 60.97 -94.35
N THR DB 165 59.27 60.07 -94.00
CA THR DB 165 59.39 58.81 -94.72
C THR DB 165 59.31 57.58 -93.84
N GLY DB 166 59.47 57.72 -92.52
CA GLY DB 166 59.39 56.58 -91.63
C GLY DB 166 60.56 55.63 -91.72
N LYS DB 167 61.77 56.16 -91.91
CA LYS DB 167 62.97 55.33 -92.02
C LYS DB 167 64.03 55.85 -91.07
N ILE DB 168 65.03 55.01 -90.80
CA ILE DB 168 66.05 55.33 -89.81
C ILE DB 168 67.17 56.12 -90.47
N THR DB 169 67.74 57.08 -89.74
CA THR DB 169 68.90 57.81 -90.23
C THR DB 169 70.17 57.39 -89.51
N ASP DB 170 70.18 57.49 -88.18
CA ASP DB 170 71.31 57.13 -87.35
C ASP DB 170 70.82 56.32 -86.16
N PHE DB 171 71.76 55.89 -85.31
CA PHE DB 171 71.42 55.06 -84.17
C PHE DB 171 72.46 55.26 -83.08
N ILE DB 172 72.01 55.13 -81.84
CA ILE DB 172 72.89 55.12 -80.67
C ILE DB 172 72.84 53.73 -80.05
N LYS DB 173 74.00 53.09 -79.94
CA LYS DB 173 74.14 51.80 -79.30
C LYS DB 173 74.31 51.99 -77.79
N PHE DB 174 73.69 51.09 -77.02
CA PHE DB 174 73.72 51.18 -75.57
C PHE DB 174 75.10 50.79 -75.06
N ASP DB 175 75.96 51.77 -74.83
CA ASP DB 175 77.30 51.54 -74.34
C ASP DB 175 77.55 52.40 -73.11
N THR DB 176 78.67 52.17 -72.45
CA THR DB 176 79.04 52.93 -71.27
C THR DB 176 79.64 54.28 -71.67
N GLY DB 177 79.27 55.33 -70.92
CA GLY DB 177 79.69 56.67 -71.21
C GLY DB 177 78.66 57.51 -71.94
N ASN DB 178 77.64 56.86 -72.51
CA ASN DB 178 76.61 57.58 -73.24
C ASN DB 178 75.62 58.23 -72.27
N LEU DB 179 74.87 59.20 -72.78
CA LEU DB 179 73.89 59.90 -71.97
C LEU DB 179 72.69 59.00 -71.68
N CYS DB 180 71.84 59.45 -70.76
CA CYS DB 180 70.74 58.62 -70.27
C CYS DB 180 69.58 59.48 -69.80
N MET DB 181 68.49 59.48 -70.56
CA MET DB 181 67.21 59.96 -70.06
C MET DB 181 66.49 58.83 -69.34
N VAL DB 182 66.04 59.09 -68.11
CA VAL DB 182 65.39 58.07 -67.30
C VAL DB 182 63.89 58.22 -67.49
N THR DB 183 63.29 57.28 -68.23
CA THR DB 183 61.87 57.33 -68.56
C THR DB 183 61.06 56.41 -67.66
N GLY DB 184 60.96 56.77 -66.39
CA GLY DB 184 60.01 56.15 -65.49
C GLY DB 184 60.57 55.96 -64.10
N GLY DB 185 59.68 55.93 -63.13
CA GLY DB 185 60.05 55.63 -61.76
C GLY DB 185 60.30 56.86 -60.90
N ALA DB 186 61.06 56.62 -59.82
CA ALA DB 186 61.35 57.68 -58.87
C ALA DB 186 62.39 58.66 -59.40
N ASN DB 187 63.24 58.24 -60.34
CA ASN DB 187 64.22 59.12 -60.96
C ASN DB 187 63.76 59.62 -62.32
N LEU DB 188 62.46 59.81 -62.49
CA LEU DB 188 61.89 60.24 -63.77
C LEU DB 188 62.29 61.67 -64.09
N GLY DB 189 63.07 61.83 -65.16
CA GLY DB 189 63.53 63.13 -65.61
C GLY DB 189 65.01 63.37 -65.49
N ARG DB 190 65.78 62.37 -65.08
CA ARG DB 190 67.22 62.57 -64.87
C ARG DB 190 67.98 62.45 -66.18
N ILE DB 191 69.06 63.22 -66.28
CA ILE DB 191 69.95 63.20 -67.44
C ILE DB 191 71.38 63.07 -66.94
N GLY DB 192 72.07 62.02 -67.37
CA GLY DB 192 73.44 61.79 -66.96
C GLY DB 192 74.11 60.74 -67.80
N VAL DB 193 75.41 60.57 -67.57
CA VAL DB 193 76.18 59.61 -68.33
C VAL DB 193 76.16 58.24 -67.66
N ILE DB 194 76.23 57.19 -68.47
CA ILE DB 194 76.18 55.82 -67.98
C ILE DB 194 77.55 55.40 -67.47
N THR DB 195 77.63 55.02 -66.19
CA THR DB 195 78.94 54.66 -65.65
C THR DB 195 79.07 53.17 -65.37
N ASN DB 196 77.97 52.43 -65.24
CA ASN DB 196 78.10 51.01 -64.96
C ASN DB 196 76.86 50.26 -65.46
N ARG DB 197 77.08 49.00 -65.85
CA ARG DB 197 76.02 48.07 -66.25
C ARG DB 197 76.18 46.79 -65.45
N GLU DB 198 75.16 46.42 -64.69
CA GLU DB 198 75.18 45.20 -63.89
C GLU DB 198 74.13 44.24 -64.43
N ARG DB 199 74.60 43.12 -64.98
CA ARG DB 199 73.74 42.09 -65.53
C ARG DB 199 73.21 41.19 -64.43
N HIS DB 200 72.01 40.64 -64.64
CA HIS DB 200 71.42 39.69 -63.72
C HIS DB 200 70.67 38.61 -64.50
N PRO DB 201 70.96 37.33 -64.28
CA PRO DB 201 70.13 36.28 -64.87
C PRO DB 201 68.83 36.13 -64.10
N GLY DB 202 67.73 36.06 -64.84
CA GLY DB 202 66.42 35.94 -64.21
C GLY DB 202 65.85 37.26 -63.76
N SER DB 203 66.46 37.85 -62.73
CA SER DB 203 66.08 39.19 -62.29
C SER DB 203 66.53 40.21 -63.33
N PHE DB 204 65.93 41.39 -63.29
CA PHE DB 204 66.18 42.36 -64.35
C PHE DB 204 67.49 43.11 -64.08
N ASP DB 205 68.12 43.56 -65.16
CA ASP DB 205 69.45 44.17 -65.11
C ASP DB 205 69.35 45.60 -64.60
N VAL DB 206 70.43 46.12 -64.01
CA VAL DB 206 70.40 47.49 -63.50
C VAL DB 206 71.55 48.27 -64.12
N VAL DB 207 71.41 49.59 -64.20
CA VAL DB 207 72.41 50.48 -64.79
C VAL DB 207 72.68 51.59 -63.78
N HIS DB 208 73.95 51.82 -63.48
CA HIS DB 208 74.37 52.98 -62.71
C HIS DB 208 74.69 54.12 -63.65
N VAL DB 209 74.03 55.26 -63.42
CA VAL DB 209 74.14 56.45 -64.26
C VAL DB 209 74.66 57.59 -63.40
N LYS DB 210 75.71 58.25 -63.88
CA LYS DB 210 76.34 59.36 -63.18
C LYS DB 210 75.85 60.67 -63.76
N ASP DB 211 75.40 61.58 -62.89
CA ASP DB 211 74.94 62.90 -63.32
C ASP DB 211 76.15 63.75 -63.70
N ALA DB 212 75.87 64.84 -64.42
CA ALA DB 212 76.94 65.77 -64.82
C ALA DB 212 77.50 66.51 -63.61
N ASN DB 213 76.70 66.65 -62.55
CA ASN DB 213 77.15 67.27 -61.31
C ASN DB 213 77.66 66.23 -60.31
N GLY DB 214 77.74 64.96 -60.72
CA GLY DB 214 78.31 63.92 -59.89
C GLY DB 214 77.33 63.09 -59.09
N ASN DB 215 76.02 63.24 -59.32
CA ASN DB 215 75.01 62.49 -58.57
C ASN DB 215 74.78 61.14 -59.22
N SER DB 216 75.51 60.12 -58.76
CA SER DB 216 75.34 58.78 -59.28
C SER DB 216 74.09 58.12 -58.71
N PHE DB 217 73.42 57.32 -59.53
CA PHE DB 217 72.17 56.69 -59.13
C PHE DB 217 71.94 55.44 -59.96
N ALA DB 218 71.34 54.43 -59.35
CA ALA DB 218 70.99 53.20 -60.03
C ALA DB 218 69.56 53.25 -60.53
N THR DB 219 69.32 52.61 -61.68
CA THR DB 219 68.00 52.58 -62.30
C THR DB 219 67.93 51.31 -63.16
N ARG DB 220 66.79 50.62 -63.10
CA ARG DB 220 66.56 49.48 -63.97
C ARG DB 220 66.44 49.94 -65.42
N LEU DB 221 66.80 49.06 -66.35
CA LEU DB 221 67.00 49.46 -67.74
C LEU DB 221 65.69 49.69 -68.47
N SER DB 222 64.58 49.17 -67.92
CA SER DB 222 63.26 49.30 -68.55
C SER DB 222 62.79 50.74 -68.59
N ASN DB 223 63.27 51.56 -67.66
CA ASN DB 223 62.98 53.00 -67.62
C ASN DB 223 64.18 53.83 -68.03
N ILE DB 224 64.97 53.38 -68.99
CA ILE DB 224 66.21 54.05 -69.38
C ILE DB 224 66.24 54.25 -70.89
N PHE DB 225 66.62 55.46 -71.30
CA PHE DB 225 66.59 55.89 -72.69
C PHE DB 225 67.85 56.70 -72.96
N VAL DB 226 68.68 56.27 -73.90
CA VAL DB 226 69.88 57.04 -74.24
C VAL DB 226 69.52 58.08 -75.28
N ILE DB 227 70.19 59.24 -75.23
CA ILE DB 227 69.84 60.36 -76.10
C ILE DB 227 71.04 60.86 -76.90
N GLY DB 228 72.16 60.17 -76.81
CA GLY DB 228 73.33 60.58 -77.55
C GLY DB 228 74.59 59.94 -77.05
N LYS DB 229 75.68 60.21 -77.78
CA LYS DB 229 76.99 59.64 -77.44
C LYS DB 229 77.79 60.60 -76.57
N GLY DB 230 78.42 60.04 -75.53
CA GLY DB 230 79.28 60.84 -74.69
C GLY DB 230 78.50 61.78 -73.79
N ASN DB 231 78.77 63.07 -73.93
CA ASN DB 231 78.04 64.13 -73.24
C ASN DB 231 77.40 65.09 -74.23
N LYS DB 232 77.26 64.66 -75.48
CA LYS DB 232 76.69 65.50 -76.54
C LYS DB 232 75.36 64.93 -76.99
N PRO DB 233 74.24 65.51 -76.60
CA PRO DB 233 72.94 64.98 -77.03
C PRO DB 233 72.62 65.36 -78.47
N TRP DB 234 71.60 64.71 -79.01
CA TRP DB 234 71.12 65.00 -80.35
C TRP DB 234 69.79 65.75 -80.35
N ILE DB 235 69.29 66.12 -79.17
CA ILE DB 235 68.03 66.84 -79.04
C ILE DB 235 68.28 68.14 -78.29
N SER DB 236 67.23 68.96 -78.23
CA SER DB 236 67.26 70.12 -77.35
C SER DB 236 66.78 69.74 -75.96
N LEU DB 237 67.26 70.46 -74.96
CA LEU DB 237 66.99 70.16 -73.56
C LEU DB 237 66.20 71.30 -72.91
N PRO DB 238 65.24 70.97 -72.05
CA PRO DB 238 64.54 72.03 -71.30
C PRO DB 238 65.41 72.58 -70.18
N ARG DB 239 64.91 73.63 -69.54
CA ARG DB 239 65.61 74.22 -68.41
C ARG DB 239 65.57 73.27 -67.22
N GLY DB 240 66.65 73.30 -66.43
CA GLY DB 240 66.85 72.31 -65.40
C GLY DB 240 67.83 71.24 -65.84
N LYS DB 241 67.71 70.85 -67.12
CA LYS DB 241 68.66 69.98 -67.84
C LYS DB 241 68.79 68.59 -67.21
N GLY DB 242 67.77 68.15 -66.47
CA GLY DB 242 67.76 66.83 -65.89
C GLY DB 242 68.80 66.60 -64.80
N ILE DB 243 68.70 67.35 -63.71
CA ILE DB 243 69.67 67.26 -62.62
C ILE DB 243 69.03 66.76 -61.34
N ARG DB 244 67.86 67.31 -60.98
CA ARG DB 244 67.19 67.09 -59.69
C ARG DB 244 68.11 67.44 -58.51
N LEU DB 245 68.42 68.73 -58.44
CA LEU DB 245 69.06 69.30 -57.27
C LEU DB 245 68.13 69.23 -56.06
N THR DB 246 68.72 69.43 -54.88
CA THR DB 246 68.01 69.20 -53.63
C THR DB 246 66.93 70.26 -53.40
N ILE DB 247 66.07 69.97 -52.42
CA ILE DB 247 64.94 70.85 -52.15
C ILE DB 247 65.40 72.14 -51.47
N ALA DB 248 66.50 72.08 -50.72
CA ALA DB 248 67.09 73.30 -50.17
C ALA DB 248 67.69 74.18 -51.26
N GLU DB 249 68.31 73.56 -52.25
CA GLU DB 249 68.85 74.32 -53.38
C GLU DB 249 67.73 74.87 -54.26
N GLU DB 250 66.60 74.15 -54.34
CA GLU DB 250 65.44 74.68 -55.06
C GLU DB 250 64.83 75.86 -54.33
N ARG DB 251 64.75 75.79 -53.00
CA ARG DB 251 64.29 76.91 -52.20
C ARG DB 251 65.23 78.11 -52.34
N ASP DB 252 66.53 77.86 -52.40
CA ASP DB 252 67.50 78.93 -52.58
C ASP DB 252 67.38 79.58 -53.96
N LYS DB 253 67.25 78.77 -55.01
CA LYS DB 253 67.16 79.30 -56.37
C LYS DB 253 65.82 79.98 -56.60
N ARG DB 254 64.80 79.64 -55.81
CA ARG DB 254 63.55 80.39 -55.87
C ARG DB 254 63.68 81.71 -55.12
N LEU DB 255 64.16 81.67 -53.87
CA LEU DB 255 64.11 82.83 -52.99
C LEU DB 255 65.11 83.91 -53.39
N ALA DB 256 66.33 83.51 -53.79
CA ALA DB 256 67.33 84.49 -54.21
C ALA DB 256 66.93 85.17 -55.52
N ALA DB 257 66.34 84.41 -56.44
CA ALA DB 257 65.86 85.00 -57.68
C ALA DB 257 64.66 85.92 -57.44
N LYS DB 258 63.80 85.56 -56.47
CA LYS DB 258 62.65 86.41 -56.16
C LYS DB 258 63.10 87.71 -55.49
N GLN DB 259 64.09 87.64 -54.61
CA GLN DB 259 64.59 88.85 -53.95
C GLN DB 259 65.43 89.69 -54.90
N SER DB 260 66.04 89.06 -55.90
CA SER DB 260 66.78 89.82 -56.91
C SER DB 260 65.83 90.51 -57.88
N SER DB 261 64.69 89.87 -58.18
CA SER DB 261 63.71 90.49 -59.06
C SER DB 261 62.97 91.61 -58.36
N GLY DB 262 62.49 91.35 -57.14
CA GLY DB 262 61.80 92.36 -56.37
C GLY DB 262 60.36 92.61 -56.82
N THR EB 1 38.29 44.36 99.71
CA THR EB 1 39.06 43.35 98.98
C THR EB 1 39.98 43.95 97.91
N PRO EB 2 41.11 44.53 98.34
CA PRO EB 2 41.98 45.21 97.36
C PRO EB 2 42.83 44.25 96.54
N ASP EB 3 43.25 43.12 97.10
CA ASP EB 3 44.14 42.21 96.39
C ASP EB 3 43.36 41.30 95.46
N ILE EB 4 42.47 40.48 96.01
CA ILE EB 4 41.67 39.56 95.22
C ILE EB 4 40.41 40.27 94.77
N LYS EB 5 39.92 39.92 93.58
CA LYS EB 5 38.76 40.55 92.98
C LYS EB 5 37.53 39.67 93.15
N LEU EB 6 36.37 40.31 93.30
CA LEU EB 6 35.11 39.61 93.50
C LEU EB 6 34.15 39.99 92.38
N PHE EB 7 33.83 39.04 91.51
CA PHE EB 7 32.84 39.22 90.47
C PHE EB 7 31.45 39.21 91.13
N GLY EB 8 30.98 40.38 91.54
CA GLY EB 8 29.81 40.45 92.38
C GLY EB 8 30.11 39.87 93.74
N LYS EB 9 29.61 38.66 93.99
CA LYS EB 9 29.99 37.89 95.16
C LYS EB 9 30.82 36.66 94.82
N TRP EB 10 31.33 36.56 93.60
CA TRP EB 10 32.00 35.35 93.15
C TRP EB 10 33.51 35.54 93.09
N SER EB 11 34.24 34.49 93.44
CA SER EB 11 35.69 34.54 93.51
C SER EB 11 36.31 34.45 92.12
N THR EB 12 37.42 35.16 91.93
CA THR EB 12 38.16 35.10 90.68
C THR EB 12 38.83 33.75 90.51
N ASP EB 13 39.45 33.24 91.56
CA ASP EB 13 40.18 31.98 91.51
C ASP EB 13 39.23 30.79 91.57
N ASP EB 14 39.84 29.60 91.68
CA ASP EB 14 39.16 28.29 91.66
C ASP EB 14 38.33 28.12 90.38
N VAL EB 15 38.89 28.57 89.26
CA VAL EB 15 38.27 28.42 87.95
C VAL EB 15 39.29 27.65 87.10
N GLN EB 16 39.09 26.34 87.00
CA GLN EB 16 40.02 25.48 86.27
C GLN EB 16 39.52 25.31 84.83
N ILE EB 17 40.32 25.76 83.88
CA ILE EB 17 40.04 25.57 82.47
C ILE EB 17 40.62 24.22 82.06
N ASN EB 18 39.76 23.31 81.62
CA ASN EB 18 40.19 21.94 81.36
C ASN EB 18 41.00 21.84 80.07
N ASP EB 19 40.49 22.44 78.99
CA ASP EB 19 41.15 22.36 77.69
C ASP EB 19 42.30 23.38 77.67
N ILE EB 20 43.51 22.90 77.36
CA ILE EB 20 44.66 23.80 77.25
C ILE EB 20 44.63 24.54 75.92
N SER EB 21 43.82 24.05 74.97
CA SER EB 21 43.64 24.77 73.70
C SER EB 21 42.84 26.05 73.91
N LEU EB 22 42.00 26.09 74.95
CA LEU EB 22 41.16 27.25 75.25
C LEU EB 22 41.67 28.01 76.47
N GLN EB 23 42.98 27.98 76.72
CA GLN EB 23 43.52 28.61 77.91
C GLN EB 23 43.68 30.12 77.72
N ASP EB 24 44.29 30.52 76.61
CA ASP EB 24 44.51 31.95 76.38
C ASP EB 24 43.24 32.65 75.90
N TYR EB 25 42.37 31.92 75.20
CA TYR EB 25 41.18 32.53 74.61
C TYR EB 25 39.99 32.58 75.56
N ILE EB 26 40.13 32.05 76.77
CA ILE EB 26 39.15 32.25 77.84
C ILE EB 26 39.81 33.18 78.85
N ALA EB 27 39.35 34.43 78.89
CA ALA EB 27 39.94 35.46 79.73
C ALA EB 27 39.11 35.62 81.01
N VAL EB 28 39.39 34.76 81.98
CA VAL EB 28 38.57 34.66 83.18
C VAL EB 28 39.41 34.70 84.46
N LYS EB 29 40.72 34.45 84.38
CA LYS EB 29 41.51 34.18 85.56
C LYS EB 29 42.57 35.25 85.77
N GLU EB 30 42.47 35.93 86.93
CA GLU EB 30 43.55 36.65 87.63
C GLU EB 30 43.88 37.97 86.94
N LYS EB 31 43.39 38.25 85.73
CA LYS EB 31 43.64 39.57 85.15
C LYS EB 31 42.36 40.18 84.60
N TYR EB 32 41.48 39.36 84.01
CA TYR EB 32 40.41 39.90 83.21
C TYR EB 32 39.07 39.85 83.93
N ALA EB 33 39.01 39.17 85.07
CA ALA EB 33 37.78 39.17 85.87
C ALA EB 33 37.60 40.51 86.55
N LYS EB 34 36.41 41.09 86.37
CA LYS EB 34 36.11 42.41 86.91
C LYS EB 34 34.91 42.30 87.83
N TYR EB 35 34.39 43.45 88.25
CA TYR EB 35 33.24 43.46 89.14
C TYR EB 35 31.93 43.26 88.37
N LEU EB 36 31.83 43.84 87.18
CA LEU EB 36 30.66 43.69 86.32
C LEU EB 36 31.09 43.22 84.94
N PRO EB 37 30.22 42.50 84.23
CA PRO EB 37 30.50 42.20 82.82
C PRO EB 37 30.34 43.39 81.90
N HIS EB 38 29.84 44.51 82.39
CA HIS EB 38 29.78 45.73 81.58
C HIS EB 38 31.17 46.34 81.48
N SER EB 39 31.44 47.03 80.37
CA SER EB 39 32.72 47.72 80.20
C SER EB 39 32.53 48.89 79.26
N ALA EB 40 33.64 49.56 78.96
CA ALA EB 40 33.59 50.73 78.09
C ALA EB 40 33.56 50.34 76.62
N GLY EB 41 34.55 49.56 76.19
CA GLY EB 41 34.63 49.17 74.79
C GLY EB 41 36.05 48.88 74.33
N ARG EB 42 36.36 49.30 73.09
CA ARG EB 42 37.67 49.29 72.42
C ARG EB 42 38.11 47.88 72.00
N TYR EB 43 37.39 46.83 72.41
CA TYR EB 43 37.81 45.46 72.11
C TYR EB 43 37.64 45.08 70.64
N ALA EB 44 36.83 45.83 69.88
CA ALA EB 44 36.62 45.56 68.47
C ALA EB 44 37.49 46.40 67.56
N ALA EB 45 38.57 46.99 68.09
CA ALA EB 45 39.44 47.83 67.28
C ALA EB 45 40.46 46.99 66.52
N LYS EB 46 41.17 46.12 67.23
CA LYS EB 46 42.18 45.26 66.65
C LYS EB 46 41.59 43.85 66.49
N ARG EB 47 42.25 43.02 65.68
CA ARG EB 47 41.79 41.68 65.34
C ARG EB 47 41.75 40.76 66.55
N PHE EB 48 42.90 40.56 67.20
CA PHE EB 48 42.98 39.66 68.35
C PHE EB 48 42.84 40.37 69.69
N ARG EB 49 42.27 41.58 69.71
CA ARG EB 49 41.91 42.21 70.97
C ARG EB 49 40.59 41.64 71.49
N LYS EB 50 39.84 40.97 70.62
CA LYS EB 50 38.58 40.33 71.02
C LYS EB 50 38.84 39.14 71.94
N ALA EB 51 40.02 38.53 71.82
CA ALA EB 51 40.38 37.40 72.68
C ALA EB 51 40.66 37.87 74.11
N GLN EB 52 41.16 39.09 74.27
CA GLN EB 52 41.42 39.64 75.59
C GLN EB 52 40.16 40.14 76.29
N CYS EB 53 39.02 40.16 75.61
CA CYS EB 53 37.76 40.50 76.26
C CYS EB 53 37.33 39.35 77.15
N PRO EB 54 36.84 39.63 78.37
CA PRO EB 54 36.41 38.54 79.25
C PRO EB 54 35.14 37.87 78.75
N ILE EB 55 35.00 36.58 79.09
CA ILE EB 55 33.98 35.72 78.49
C ILE EB 55 32.58 36.08 78.97
N VAL EB 56 32.46 36.62 80.18
CA VAL EB 56 31.15 37.00 80.68
C VAL EB 56 30.69 38.28 79.98
N GLU EB 57 31.63 39.17 79.67
CA GLU EB 57 31.33 40.34 78.84
C GLU EB 57 30.95 39.92 77.42
N ARG EB 58 31.57 38.86 76.92
CA ARG EB 58 31.26 38.38 75.58
C ARG EB 58 29.87 37.75 75.52
N LEU EB 59 29.48 37.03 76.59
CA LEU EB 59 28.12 36.52 76.67
C LEU EB 59 27.11 37.65 76.81
N THR EB 60 27.44 38.66 77.63
CA THR EB 60 26.62 39.85 77.80
C THR EB 60 26.40 40.57 76.48
N ASN EB 61 27.45 40.66 75.66
CA ASN EB 61 27.36 41.34 74.38
C ASN EB 61 26.60 40.51 73.35
N SER EB 62 26.78 39.19 73.38
CA SER EB 62 26.14 38.35 72.38
C SER EB 62 24.68 38.07 72.71
N MET EB 63 24.27 38.34 73.95
CA MET EB 63 22.88 38.07 74.33
C MET EB 63 21.91 39.06 73.68
N MET EB 64 22.29 40.33 73.59
CA MET EB 64 21.39 41.35 73.06
C MET EB 64 21.31 41.24 71.53
N MET EB 65 20.21 40.67 71.03
CA MET EB 65 20.03 40.44 69.60
C MET EB 65 18.56 40.65 69.24
N HIS EB 66 18.26 40.49 67.95
CA HIS EB 66 16.90 40.42 67.39
C HIS EB 66 16.11 41.71 67.59
N GLY EB 67 16.66 42.82 67.10
CA GLY EB 67 15.89 44.03 66.88
C GLY EB 67 15.47 44.80 68.10
N ARG EB 68 14.56 44.22 68.89
CA ARG EB 68 13.97 44.92 70.02
C ARG EB 68 14.93 45.02 71.19
N ASN EB 69 16.01 44.24 71.18
CA ASN EB 69 16.92 44.16 72.32
C ASN EB 69 18.30 44.70 72.03
N ASN EB 70 18.53 45.28 70.85
CA ASN EB 70 19.85 45.81 70.52
C ASN EB 70 20.15 47.06 71.34
N GLY EB 71 21.24 46.99 72.11
CA GLY EB 71 21.64 48.09 72.96
C GLY EB 71 20.93 48.15 74.29
N LYS EB 72 20.79 47.00 74.97
CA LYS EB 72 20.29 46.97 76.35
C LYS EB 72 21.28 46.14 77.18
N LYS EB 73 22.39 46.78 77.53
CA LYS EB 73 23.49 46.01 78.11
C LYS EB 73 23.35 45.93 79.62
N LEU EB 74 22.81 46.97 80.24
CA LEU EB 74 22.44 46.91 81.66
C LEU EB 74 21.40 45.82 81.89
N MET EB 75 20.48 45.70 80.93
CA MET EB 75 19.39 44.74 81.02
C MET EB 75 19.91 43.31 80.87
N THR EB 76 20.82 43.07 79.92
CA THR EB 76 21.38 41.73 79.84
C THR EB 76 22.45 41.45 80.90
N VAL EB 77 23.04 42.47 81.53
CA VAL EB 77 23.84 42.26 82.74
C VAL EB 77 22.96 41.73 83.86
N ARG EB 78 21.75 42.29 84.01
CA ARG EB 78 20.76 41.77 84.96
C ARG EB 78 20.40 40.33 84.63
N ILE EB 79 20.23 40.02 83.33
CA ILE EB 79 19.92 38.66 82.89
C ILE EB 79 21.03 37.68 83.27
N VAL EB 80 22.29 38.04 82.98
CA VAL EB 80 23.42 37.16 83.23
C VAL EB 80 23.64 36.99 84.74
N LYS EB 81 23.36 38.04 85.52
CA LYS EB 81 23.50 37.96 86.98
C LYS EB 81 22.47 37.01 87.58
N HIS EB 82 21.19 37.16 87.19
CA HIS EB 82 20.17 36.25 87.72
C HIS EB 82 20.34 34.84 87.18
N ALA EB 83 20.91 34.70 85.98
CA ALA EB 83 21.20 33.38 85.45
C ALA EB 83 22.31 32.69 86.24
N PHE EB 84 23.32 33.45 86.66
CA PHE EB 84 24.37 32.89 87.52
C PHE EB 84 23.82 32.52 88.89
N GLU EB 85 22.85 33.29 89.38
CA GLU EB 85 22.16 32.94 90.62
C GLU EB 85 21.42 31.59 90.48
N ILE EB 86 20.73 31.39 89.36
CA ILE EB 86 19.99 30.14 89.16
C ILE EB 86 20.96 28.97 88.94
N ILE EB 87 22.10 29.23 88.30
CA ILE EB 87 23.13 28.19 88.11
C ILE EB 87 23.70 27.75 89.45
N HIS EB 88 23.97 28.70 90.36
CA HIS EB 88 24.46 28.32 91.68
C HIS EB 88 23.39 27.60 92.50
N LEU EB 89 22.13 28.04 92.39
CA LEU EB 89 21.10 27.44 93.24
C LEU EB 89 20.62 26.10 92.69
N LEU EB 90 20.98 25.77 91.44
CA LEU EB 90 20.70 24.42 90.95
C LEU EB 90 21.91 23.50 91.10
N THR EB 91 23.04 23.87 90.51
CA THR EB 91 24.19 22.97 90.49
C THR EB 91 24.91 22.94 91.84
N GLY EB 92 25.18 24.09 92.42
CA GLY EB 92 25.91 24.16 93.66
C GLY EB 92 27.40 24.26 93.44
N GLU EB 93 27.78 24.85 92.31
CA GLU EB 93 29.18 25.03 91.95
C GLU EB 93 29.39 26.49 91.54
N ASN EB 94 30.58 26.79 91.06
CA ASN EB 94 30.92 28.11 90.56
C ASN EB 94 30.27 28.30 89.20
N PRO EB 95 29.42 29.35 89.02
CA PRO EB 95 28.83 29.61 87.69
C PRO EB 95 29.84 29.93 86.61
N LEU EB 96 30.98 30.51 87.01
CA LEU EB 96 32.07 30.75 86.08
C LEU EB 96 32.67 29.44 85.58
N GLN EB 97 32.86 28.47 86.50
CA GLN EB 97 33.37 27.16 86.10
C GLN EB 97 32.37 26.41 85.24
N VAL EB 98 31.08 26.56 85.55
CA VAL EB 98 30.02 25.95 84.74
C VAL EB 98 30.00 26.54 83.34
N LEU EB 99 30.24 27.86 83.23
CA LEU EB 99 30.24 28.50 81.91
C LEU EB 99 31.48 28.11 81.12
N VAL EB 100 32.63 27.95 81.79
CA VAL EB 100 33.85 27.53 81.10
C VAL EB 100 33.71 26.09 80.58
N ASN EB 101 33.13 25.21 81.41
CA ASN EB 101 32.86 23.84 80.98
C ASN EB 101 31.82 23.80 79.87
N ALA EB 102 30.86 24.73 79.89
CA ALA EB 102 29.86 24.81 78.84
C ALA EB 102 30.48 25.25 77.51
N ILE EB 103 31.42 26.20 77.56
CA ILE EB 103 32.14 26.62 76.34
C ILE EB 103 32.98 25.47 75.79
N ILE EB 104 33.68 24.75 76.67
CA ILE EB 104 34.53 23.64 76.25
C ILE EB 104 33.71 22.51 75.63
N ASN EB 105 32.55 22.20 76.22
CA ASN EB 105 31.75 21.10 75.70
C ASN EB 105 30.95 21.51 74.47
N SER EB 106 30.49 22.76 74.42
CA SER EB 106 29.65 23.22 73.33
C SER EB 106 30.43 23.70 72.11
N GLY EB 107 31.73 23.93 72.24
CA GLY EB 107 32.52 24.36 71.11
C GLY EB 107 32.87 23.23 70.17
N PRO EB 108 32.48 23.36 68.90
CA PRO EB 108 32.77 22.30 67.91
C PRO EB 108 34.25 22.33 67.50
N ARG EB 109 34.86 21.16 67.46
CA ARG EB 109 36.30 21.09 67.18
C ARG EB 109 36.57 21.13 65.68
N GLU EB 110 35.55 20.89 64.86
CA GLU EB 110 35.72 20.89 63.42
C GLU EB 110 34.46 21.45 62.75
N ASP EB 111 34.62 21.85 61.49
CA ASP EB 111 33.51 22.30 60.67
C ASP EB 111 33.82 21.89 59.24
N SER EB 112 32.93 22.22 58.30
CA SER EB 112 33.14 21.94 56.89
C SER EB 112 32.83 23.18 56.08
N THR EB 113 33.48 23.30 54.92
CA THR EB 113 33.39 24.52 54.12
C THR EB 113 33.72 24.20 52.67
N ARG EB 114 33.50 25.20 51.82
CA ARG EB 114 33.75 25.09 50.39
C ARG EB 114 35.19 25.50 50.10
N ILE EB 115 35.96 24.58 49.55
CA ILE EB 115 37.35 24.87 49.17
C ILE EB 115 37.46 25.06 47.67
N ARG EB 122 30.05 19.99 47.05
CA ARG EB 122 31.30 19.51 47.64
C ARG EB 122 31.74 20.39 48.80
N ARG EB 123 31.89 19.78 49.97
CA ARG EB 123 32.41 20.46 51.16
C ARG EB 123 33.50 19.61 51.79
N GLN EB 124 34.58 20.26 52.19
CA GLN EB 124 35.70 19.59 52.85
C GLN EB 124 35.75 20.04 54.29
N ALA EB 125 36.12 19.11 55.18
CA ALA EB 125 36.11 19.40 56.61
C ALA EB 125 37.49 19.82 57.09
N VAL EB 126 37.51 20.84 57.94
CA VAL EB 126 38.72 21.39 58.52
C VAL EB 126 38.47 21.66 60.01
N ASP EB 127 39.54 21.56 60.80
CA ASP EB 127 39.45 21.87 62.23
C ASP EB 127 39.55 23.37 62.42
N VAL EB 128 38.70 23.91 63.30
CA VAL EB 128 38.55 25.35 63.44
C VAL EB 128 39.56 25.92 64.42
N SER EB 129 39.75 27.24 64.39
CA SER EB 129 40.53 28.00 65.33
C SER EB 129 39.87 27.95 66.71
N PRO EB 130 40.66 28.03 67.79
CA PRO EB 130 40.05 28.03 69.14
C PRO EB 130 39.26 29.30 69.44
N LEU EB 131 39.67 30.45 68.90
CA LEU EB 131 38.87 31.67 69.08
C LEU EB 131 37.55 31.56 68.32
N ARG EB 132 37.58 30.99 67.11
CA ARG EB 132 36.36 30.72 66.36
C ARG EB 132 35.48 29.71 67.08
N ARG EB 133 36.10 28.76 67.80
CA ARG EB 133 35.34 27.78 68.56
C ARG EB 133 34.65 28.41 69.77
N VAL EB 134 35.34 29.32 70.46
CA VAL EB 134 34.73 30.08 71.55
C VAL EB 134 33.57 30.94 71.03
N ASN EB 135 33.77 31.58 69.88
CA ASN EB 135 32.72 32.42 69.29
C ASN EB 135 31.50 31.58 68.89
N GLN EB 136 31.74 30.40 68.32
CA GLN EB 136 30.65 29.52 67.92
C GLN EB 136 29.88 28.99 69.13
N ALA EB 137 30.60 28.68 70.22
CA ALA EB 137 29.94 28.20 71.43
C ALA EB 137 29.08 29.29 72.07
N ILE EB 138 29.62 30.52 72.15
CA ILE EB 138 28.88 31.64 72.71
C ILE EB 138 27.65 31.96 71.86
N TRP EB 139 27.76 31.82 70.54
CA TRP EB 139 26.60 32.04 69.69
C TRP EB 139 25.55 30.94 69.84
N LEU EB 140 25.98 29.67 69.91
CA LEU EB 140 25.04 28.56 69.93
C LEU EB 140 24.26 28.47 71.24
N LEU EB 141 24.95 28.70 72.38
CA LEU EB 141 24.22 28.61 73.64
C LEU EB 141 23.26 29.77 73.82
N CYS EB 142 23.63 30.97 73.33
CA CYS EB 142 22.73 32.10 73.34
C CYS EB 142 21.52 31.87 72.44
N THR EB 143 21.74 31.28 71.26
CA THR EB 143 20.64 31.00 70.35
C THR EB 143 19.70 29.94 70.94
N GLY EB 144 20.26 28.92 71.61
CA GLY EB 144 19.42 27.93 72.26
C GLY EB 144 18.63 28.49 73.43
N ALA EB 145 19.25 29.38 74.21
CA ALA EB 145 18.55 30.00 75.33
C ALA EB 145 17.44 30.92 74.85
N ARG EB 146 17.68 31.65 73.76
CA ARG EB 146 16.64 32.53 73.22
C ARG EB 146 15.52 31.73 72.58
N GLU EB 147 15.85 30.60 71.95
CA GLU EB 147 14.82 29.74 71.36
C GLU EB 147 13.98 29.07 72.45
N ALA EB 148 14.59 28.76 73.60
CA ALA EB 148 13.84 28.20 74.70
C ALA EB 148 13.00 29.28 75.40
N ALA EB 149 13.46 30.53 75.37
CA ALA EB 149 12.74 31.59 76.06
C ALA EB 149 11.62 32.18 75.22
N PHE EB 150 11.69 32.03 73.89
CA PHE EB 150 10.70 32.64 73.02
C PHE EB 150 9.37 31.87 73.10
N ARG EB 151 8.29 32.62 73.38
CA ARG EB 151 6.92 32.09 73.56
C ARG EB 151 6.87 31.02 74.65
N ASN EB 152 7.26 31.39 75.86
CA ASN EB 152 7.32 30.44 76.97
C ASN EB 152 7.15 31.19 78.28
N ILE EB 153 6.62 30.48 79.29
CA ILE EB 153 6.50 31.02 80.63
C ILE EB 153 7.88 31.12 81.27
N LYS EB 154 8.77 30.17 80.96
CA LYS EB 154 10.12 30.14 81.50
C LYS EB 154 10.94 31.34 81.00
N THR EB 155 11.53 32.07 81.94
CA THR EB 155 12.15 33.34 81.63
C THR EB 155 13.52 33.15 80.98
N ILE EB 156 14.12 34.26 80.56
CA ILE EB 156 15.38 34.21 79.82
C ILE EB 156 16.53 33.83 80.73
N ALA EB 157 16.48 34.25 82.00
CA ALA EB 157 17.52 33.87 82.95
C ALA EB 157 17.46 32.39 83.29
N GLU EB 158 16.25 31.86 83.46
CA GLU EB 158 16.08 30.43 83.70
C GLU EB 158 16.51 29.61 82.49
N CYS EB 159 16.18 30.08 81.28
CA CYS EB 159 16.57 29.36 80.06
C CYS EB 159 18.07 29.39 79.85
N LEU EB 160 18.72 30.53 80.11
CA LEU EB 160 20.16 30.63 79.93
C LEU EB 160 20.89 29.81 80.98
N ALA EB 161 20.35 29.76 82.21
CA ALA EB 161 20.92 28.91 83.25
C ALA EB 161 20.79 27.44 82.90
N ASP EB 162 19.60 27.03 82.41
CA ASP EB 162 19.38 25.64 82.05
C ASP EB 162 20.23 25.22 80.85
N GLU EB 163 20.42 26.13 79.89
CA GLU EB 163 21.26 25.81 78.74
C GLU EB 163 22.73 25.72 79.12
N LEU EB 164 23.21 26.59 80.01
CA LEU EB 164 24.61 26.48 80.45
C LEU EB 164 24.84 25.23 81.28
N ILE EB 165 23.87 24.86 82.13
CA ILE EB 165 24.03 23.66 82.96
C ILE EB 165 23.95 22.40 82.09
N ASN EB 166 23.04 22.39 81.11
CA ASN EB 166 22.94 21.23 80.22
C ASN EB 166 24.15 21.13 79.29
N ALA EB 167 24.75 22.28 78.94
CA ALA EB 167 25.95 22.25 78.12
C ALA EB 167 27.17 21.80 78.91
N ALA EB 168 27.25 22.20 80.19
CA ALA EB 168 28.35 21.73 81.03
C ALA EB 168 28.19 20.26 81.38
N LYS EB 169 26.95 19.77 81.43
CA LYS EB 169 26.72 18.36 81.70
C LYS EB 169 26.98 17.51 80.47
N GLY EB 170 26.54 17.98 79.31
CA GLY EB 170 26.69 17.21 78.08
C GLY EB 170 25.68 16.09 77.98
N SER EB 171 24.45 16.36 78.41
CA SER EB 171 23.40 15.34 78.41
C SER EB 171 22.61 15.33 77.11
N SER EB 172 23.07 16.07 76.09
CA SER EB 172 22.48 16.18 74.76
C SER EB 172 21.05 16.71 74.77
N ASN EB 173 20.67 17.45 75.82
CA ASN EB 173 19.37 18.12 75.89
C ASN EB 173 19.48 19.59 75.53
N SER EB 174 20.69 20.11 75.35
CA SER EB 174 20.89 21.50 75.00
C SER EB 174 20.92 21.67 73.49
N TYR EB 175 20.38 22.79 73.02
CA TYR EB 175 20.39 23.09 71.59
C TYR EB 175 21.81 23.34 71.09
N ALA EB 176 22.66 23.92 71.95
CA ALA EB 176 24.05 24.16 71.57
C ALA EB 176 24.81 22.84 71.43
N ILE EB 177 24.59 21.90 72.35
CA ILE EB 177 25.22 20.58 72.26
C ILE EB 177 24.69 19.82 71.05
N LYS EB 178 23.41 19.99 70.75
CA LYS EB 178 22.81 19.30 69.59
C LYS EB 178 23.37 19.84 68.28
N LYS EB 179 23.51 21.17 68.16
CA LYS EB 179 24.08 21.75 66.94
C LYS EB 179 25.58 21.46 66.85
N LYS EB 180 26.27 21.35 67.98
CA LYS EB 180 27.68 20.96 67.99
C LYS EB 180 27.85 19.54 67.47
N ASP EB 181 27.00 18.62 67.96
CA ASP EB 181 27.05 17.23 67.49
C ASP EB 181 26.64 17.14 66.02
N GLU EB 182 25.71 17.99 65.59
CA GLU EB 182 25.28 17.99 64.18
C GLU EB 182 26.40 18.45 63.26
N LEU EB 183 27.09 19.55 63.63
CA LEU EB 183 28.19 20.05 62.83
C LEU EB 183 29.37 19.07 62.82
N GLU EB 184 29.65 18.45 63.97
CA GLU EB 184 30.74 17.48 64.05
C GLU EB 184 30.42 16.23 63.24
N ARG EB 185 29.15 15.81 63.21
CA ARG EB 185 28.76 14.65 62.42
C ARG EB 185 28.78 14.93 60.92
N VAL EB 186 28.33 16.14 60.52
CA VAL EB 186 28.40 16.51 59.10
C VAL EB 186 29.84 16.63 58.63
N ALA EB 187 30.72 17.18 59.49
CA ALA EB 187 32.12 17.29 59.13
C ALA EB 187 32.82 15.94 59.15
N LYS EB 188 32.38 15.02 60.01
CA LYS EB 188 32.92 13.66 59.98
C LYS EB 188 32.47 12.94 58.71
N SER EB 189 31.27 13.26 58.23
CA SER EB 189 30.77 12.65 56.99
C SER EB 189 31.52 13.16 55.76
N ASN EB 190 31.58 14.48 55.58
CA ASN EB 190 32.11 14.99 54.32
C ASN EB 190 33.62 15.28 54.37
N ARG EB 191 34.40 14.31 54.82
CA ARG EB 191 35.85 14.47 54.87
C ARG EB 191 36.56 13.27 54.25
N MET FB 1 -15.10 31.51 -90.65
CA MET FB 1 -13.76 31.11 -91.04
C MET FB 1 -13.39 31.79 -92.37
N LYS FB 2 -12.70 32.92 -92.25
CA LYS FB 2 -12.49 33.82 -93.38
C LYS FB 2 -11.38 33.31 -94.30
N LEU FB 3 -11.42 33.78 -95.54
CA LEU FB 3 -10.43 33.43 -96.55
C LEU FB 3 -9.87 34.73 -97.11
N ASN FB 4 -8.59 34.99 -96.86
CA ASN FB 4 -7.89 36.09 -97.51
C ASN FB 4 -7.29 35.53 -98.79
N ILE FB 5 -8.02 35.73 -99.88
CA ILE FB 5 -7.66 35.16 -101.18
C ILE FB 5 -6.96 36.23 -102.00
N SER FB 6 -5.80 35.89 -102.54
CA SER FB 6 -4.94 36.85 -103.23
C SER FB 6 -4.58 36.34 -104.60
N PHE FB 7 -4.70 37.20 -105.60
CA PHE FB 7 -4.29 36.90 -106.96
C PHE FB 7 -3.03 37.72 -107.26
N PRO FB 8 -1.87 37.08 -107.41
CA PRO FB 8 -0.61 37.84 -107.49
C PRO FB 8 -0.27 38.33 -108.89
N ALA FB 9 -0.88 37.75 -109.92
CA ALA FB 9 -0.62 38.17 -111.29
C ALA FB 9 -1.21 39.54 -111.61
N THR FB 10 -2.16 40.01 -110.81
CA THR FB 10 -2.56 41.42 -110.80
C THR FB 10 -2.20 42.13 -109.51
N GLY FB 11 -1.83 41.38 -108.47
CA GLY FB 11 -1.44 41.99 -107.21
C GLY FB 11 -2.59 42.45 -106.34
N CYS FB 12 -3.65 41.65 -106.24
CA CYS FB 12 -4.82 42.04 -105.47
C CYS FB 12 -5.16 40.98 -104.44
N GLN FB 13 -6.03 41.34 -103.50
CA GLN FB 13 -6.44 40.44 -102.43
C GLN FB 13 -7.79 40.87 -101.89
N LYS FB 14 -8.52 39.92 -101.32
CA LYS FB 14 -9.89 40.15 -100.87
C LYS FB 14 -10.24 39.17 -99.76
N LEU FB 15 -11.01 39.66 -98.78
CA LEU FB 15 -11.48 38.85 -97.66
C LEU FB 15 -12.88 38.34 -97.99
N ILE FB 16 -13.03 37.02 -98.06
CA ILE FB 16 -14.31 36.38 -98.36
C ILE FB 16 -14.69 35.48 -97.19
N GLU FB 17 -15.91 35.65 -96.68
CA GLU FB 17 -16.42 34.88 -95.54
C GLU FB 17 -17.19 33.66 -96.06
N VAL FB 18 -16.65 32.47 -95.79
CA VAL FB 18 -17.31 31.22 -96.13
C VAL FB 18 -17.78 30.54 -94.85
N ASP FB 19 -19.05 30.16 -94.80
CA ASP FB 19 -19.67 29.60 -93.61
C ASP FB 19 -20.34 28.26 -93.97
N ASP FB 20 -19.59 27.40 -94.67
CA ASP FB 20 -20.11 26.09 -95.04
C ASP FB 20 -19.00 25.06 -94.89
N GLU FB 21 -19.25 24.05 -94.03
CA GLU FB 21 -18.27 23.00 -93.85
C GLU FB 21 -18.18 22.08 -95.06
N ARG FB 22 -19.24 21.99 -95.86
CA ARG FB 22 -19.16 21.24 -97.12
C ARG FB 22 -18.28 21.96 -98.14
N LYS FB 23 -18.21 23.28 -98.05
CA LYS FB 23 -17.30 24.04 -98.91
C LYS FB 23 -15.87 23.98 -98.37
N LEU FB 24 -15.73 23.95 -97.05
CA LEU FB 24 -14.40 24.01 -96.44
C LEU FB 24 -13.78 22.63 -96.18
N ARG FB 25 -14.51 21.54 -96.47
CA ARG FB 25 -13.98 20.20 -96.25
C ARG FB 25 -12.82 19.88 -97.19
N THR FB 26 -12.81 20.49 -98.39
CA THR FB 26 -11.72 20.28 -99.32
C THR FB 26 -10.43 20.94 -98.81
N PHE FB 27 -10.56 22.10 -98.15
CA PHE FB 27 -9.40 22.73 -97.53
C PHE FB 27 -9.03 22.08 -96.20
N TYR FB 28 -9.99 21.40 -95.57
CA TYR FB 28 -9.70 20.69 -94.33
C TYR FB 28 -8.80 19.49 -94.58
N GLU FB 29 -8.04 19.12 -93.53
CA GLU FB 29 -7.06 18.03 -93.53
C GLU FB 29 -6.01 18.23 -94.64
N LYS FB 30 -5.45 19.44 -94.71
CA LYS FB 30 -4.46 19.79 -95.71
C LYS FB 30 -3.29 20.50 -95.04
N ARG FB 31 -2.09 20.27 -95.58
CA ARG FB 31 -0.90 20.92 -95.06
C ARG FB 31 -0.73 22.29 -95.70
N MET FB 32 0.39 22.93 -95.37
CA MET FB 32 0.71 24.24 -95.93
C MET FB 32 1.40 24.06 -97.29
N ALA FB 33 1.29 25.10 -98.12
CA ALA FB 33 1.92 25.23 -99.43
C ALA FB 33 1.51 24.13 -100.40
N THR FB 34 0.29 23.61 -100.27
CA THR FB 34 -0.23 22.61 -101.18
C THR FB 34 -1.21 23.28 -102.14
N GLU FB 35 -1.23 22.78 -103.37
CA GLU FB 35 -2.12 23.31 -104.41
C GLU FB 35 -3.39 22.48 -104.45
N VAL FB 36 -4.52 23.12 -104.17
CA VAL FB 36 -5.82 22.48 -104.10
C VAL FB 36 -6.71 23.08 -105.19
N ALA FB 37 -7.47 22.22 -105.86
CA ALA FB 37 -8.50 22.70 -106.77
C ALA FB 37 -9.68 23.24 -105.97
N ALA FB 38 -10.03 24.50 -106.19
CA ALA FB 38 -11.07 25.17 -105.43
C ALA FB 38 -12.40 25.21 -106.16
N ASP FB 39 -12.72 24.19 -106.96
CA ASP FB 39 -14.00 24.16 -107.65
C ASP FB 39 -15.17 23.89 -106.70
N ALA FB 40 -14.89 23.29 -105.55
CA ALA FB 40 -15.96 23.01 -104.59
C ALA FB 40 -16.22 24.19 -103.67
N LEU FB 41 -15.44 25.26 -103.79
CA LEU FB 41 -15.60 26.39 -102.89
C LEU FB 41 -16.84 27.21 -103.25
N GLY FB 42 -17.22 27.22 -104.53
CA GLY FB 42 -18.40 27.95 -104.95
C GLY FB 42 -18.77 27.63 -106.38
N GLU FB 43 -19.90 28.18 -106.81
CA GLU FB 43 -20.30 28.04 -108.21
C GLU FB 43 -19.47 28.94 -109.12
N GLU FB 44 -19.05 30.11 -108.62
CA GLU FB 44 -18.22 30.99 -109.42
C GLU FB 44 -16.81 30.44 -109.57
N TRP FB 45 -16.31 29.76 -108.55
CA TRP FB 45 -14.98 29.17 -108.60
C TRP FB 45 -15.04 27.83 -109.33
N LYS FB 46 -14.26 27.72 -110.40
CA LYS FB 46 -14.17 26.47 -111.16
C LYS FB 46 -12.83 26.42 -111.84
N GLY FB 47 -12.05 25.37 -111.56
CA GLY FB 47 -10.73 25.24 -112.15
C GLY FB 47 -9.71 26.21 -111.62
N TYR FB 48 -9.88 26.68 -110.39
CA TYR FB 48 -8.91 27.58 -109.74
C TYR FB 48 -7.98 26.75 -108.86
N VAL FB 49 -6.77 26.54 -109.33
CA VAL FB 49 -5.72 25.92 -108.53
C VAL FB 49 -5.19 26.98 -107.58
N VAL FB 50 -5.23 26.70 -106.29
CA VAL FB 50 -4.88 27.68 -105.27
C VAL FB 50 -3.95 27.04 -104.26
N ARG FB 51 -2.83 27.72 -103.98
CA ARG FB 51 -1.93 27.29 -102.93
C ARG FB 51 -2.42 27.81 -101.58
N ILE FB 52 -2.53 26.89 -100.62
CA ILE FB 52 -3.00 27.28 -99.29
C ILE FB 52 -1.81 27.51 -98.37
N SER FB 53 -1.63 28.76 -97.90
CA SER FB 53 -0.44 29.07 -97.13
C SER FB 53 -0.69 29.15 -95.63
N GLY FB 54 -1.90 28.89 -95.15
CA GLY FB 54 -2.18 28.96 -93.73
C GLY FB 54 -2.49 30.37 -93.26
N GLY FB 55 -3.20 30.50 -92.14
CA GLY FB 55 -3.59 31.78 -91.63
C GLY FB 55 -3.54 31.86 -90.10
N ASN FB 56 -4.41 32.70 -89.57
CA ASN FB 56 -4.40 33.01 -88.15
C ASN FB 56 -5.42 32.17 -87.38
N ASP FB 57 -4.98 31.69 -86.21
CA ASP FB 57 -5.82 30.98 -85.25
C ASP FB 57 -6.82 31.95 -84.62
N LYS FB 58 -7.91 31.38 -84.08
CA LYS FB 58 -9.03 32.17 -83.57
C LYS FB 58 -8.74 32.84 -82.23
N GLN FB 59 -7.57 32.61 -81.65
CA GLN FB 59 -7.12 33.36 -80.49
C GLN FB 59 -5.97 34.30 -80.81
N GLY FB 60 -5.65 34.50 -82.09
CA GLY FB 60 -4.72 35.53 -82.50
C GLY FB 60 -3.31 35.09 -82.79
N PHE FB 61 -3.01 33.79 -82.73
CA PHE FB 61 -1.63 33.38 -82.94
C PHE FB 61 -1.43 32.88 -84.37
N PRO FB 62 -0.35 33.29 -85.03
CA PRO FB 62 -0.13 32.88 -86.42
C PRO FB 62 0.30 31.42 -86.53
N MET FB 63 0.22 30.91 -87.76
CA MET FB 63 0.62 29.55 -88.09
C MET FB 63 2.14 29.48 -88.30
N LYS FB 64 2.66 28.27 -88.45
CA LYS FB 64 4.08 28.11 -88.73
C LYS FB 64 4.29 26.95 -89.70
N GLN FB 65 5.15 27.18 -90.70
CA GLN FB 65 5.55 26.14 -91.63
C GLN FB 65 6.42 25.11 -90.94
N GLY FB 66 6.08 23.84 -91.11
CA GLY FB 66 6.92 22.76 -90.64
C GLY FB 66 6.91 22.55 -89.14
N VAL FB 67 5.74 22.26 -88.60
CA VAL FB 67 5.60 21.87 -87.19
C VAL FB 67 4.80 20.58 -87.05
N LEU FB 68 3.94 20.25 -88.02
CA LEU FB 68 3.27 18.95 -88.18
C LEU FB 68 2.39 18.61 -86.96
N THR FB 69 1.58 19.58 -86.55
CA THR FB 69 0.56 19.35 -85.53
C THR FB 69 -0.74 19.98 -86.01
N HIS FB 70 -1.75 19.94 -85.14
CA HIS FB 70 -2.97 20.71 -85.36
C HIS FB 70 -3.37 21.53 -84.16
N GLY FB 71 -2.70 21.33 -83.02
CA GLY FB 71 -2.93 22.14 -81.86
C GLY FB 71 -2.02 23.35 -81.79
N ARG FB 72 -1.69 23.74 -80.56
CA ARG FB 72 -0.85 24.91 -80.32
C ARG FB 72 0.50 24.48 -79.75
N VAL FB 73 1.57 25.00 -80.35
CA VAL FB 73 2.94 24.60 -80.02
C VAL FB 73 3.74 25.86 -79.68
N ARG FB 74 4.43 25.82 -78.54
CA ARG FB 74 5.35 26.88 -78.14
C ARG FB 74 6.76 26.51 -78.56
N LEU FB 75 7.46 27.44 -79.21
CA LEU FB 75 8.76 27.18 -79.80
C LEU FB 75 9.74 28.32 -79.53
N LEU FB 76 11.01 27.96 -79.38
CA LEU FB 76 12.09 28.93 -79.37
C LEU FB 76 12.29 29.47 -80.79
N LEU FB 77 12.28 30.79 -80.94
CA LEU FB 77 12.48 31.42 -82.23
C LEU FB 77 13.60 32.45 -82.14
N SER FB 78 14.44 32.45 -83.17
CA SER FB 78 15.61 33.32 -83.26
C SER FB 78 15.56 34.10 -84.57
N LYS FB 79 16.68 34.77 -84.88
CA LYS FB 79 16.80 35.52 -86.12
C LYS FB 79 16.84 34.57 -87.31
N GLY FB 80 16.00 34.82 -88.30
CA GLY FB 80 15.90 33.96 -89.45
C GLY FB 80 14.75 32.98 -89.41
N HIS FB 81 13.89 33.06 -88.40
CA HIS FB 81 12.73 32.19 -88.28
C HIS FB 81 11.45 33.01 -88.49
N SER FB 82 10.39 32.30 -88.85
CA SER FB 82 9.10 32.95 -89.08
C SER FB 82 8.45 33.32 -87.76
N CYS FB 83 7.50 34.25 -87.84
CA CYS FB 83 6.65 34.72 -86.74
C CYS FB 83 7.43 35.32 -85.58
N TYR FB 84 8.61 35.86 -85.85
CA TYR FB 84 9.41 36.48 -84.80
C TYR FB 84 10.36 37.52 -85.38
N ARG FB 85 10.43 38.68 -84.74
CA ARG FB 85 11.39 39.71 -85.09
C ARG FB 85 12.39 39.87 -83.96
N PRO FB 86 13.69 39.66 -84.19
CA PRO FB 86 14.68 39.83 -83.11
C PRO FB 86 14.91 41.30 -82.82
N ARG FB 87 14.85 41.65 -81.54
CA ARG FB 87 15.03 43.04 -81.13
C ARG FB 87 16.51 43.32 -80.84
N ARG FB 88 17.09 42.59 -79.90
CA ARG FB 88 18.52 42.63 -79.68
C ARG FB 88 19.20 41.69 -80.68
N THR FB 89 20.50 41.88 -80.87
CA THR FB 89 21.22 41.09 -81.86
C THR FB 89 21.42 39.67 -81.36
N GLY FB 90 20.74 38.72 -81.99
CA GLY FB 90 20.81 37.34 -81.57
C GLY FB 90 19.85 36.96 -80.46
N GLU FB 91 18.73 37.65 -80.33
CA GLU FB 91 17.79 37.40 -79.25
C GLU FB 91 16.87 36.24 -79.59
N ARG FB 92 16.69 35.34 -78.63
CA ARG FB 92 15.82 34.18 -78.74
C ARG FB 92 14.67 34.34 -77.74
N LYS FB 93 13.47 33.90 -78.15
CA LYS FB 93 12.30 34.08 -77.31
C LYS FB 93 11.26 33.02 -77.67
N ARG FB 94 10.58 32.49 -76.66
CA ARG FB 94 9.45 31.58 -76.86
C ARG FB 94 8.30 32.32 -77.52
N LYS FB 95 7.75 31.73 -78.58
CA LYS FB 95 6.53 32.22 -79.22
C LYS FB 95 5.59 31.06 -79.45
N SER FB 96 4.29 31.36 -79.46
CA SER FB 96 3.26 30.34 -79.52
C SER FB 96 2.57 30.36 -80.88
N VAL FB 97 2.69 29.26 -81.63
CA VAL FB 97 2.12 29.18 -82.97
C VAL FB 97 1.15 28.00 -83.06
N ARG FB 98 0.52 27.83 -84.21
CA ARG FB 98 -0.44 26.77 -84.46
C ARG FB 98 0.13 25.79 -85.48
N GLY FB 99 -0.33 24.55 -85.43
CA GLY FB 99 0.03 23.57 -86.44
C GLY FB 99 -0.42 23.96 -87.84
N CYS FB 100 0.34 23.47 -88.82
CA CYS FB 100 0.11 23.83 -90.22
C CYS FB 100 -1.01 23.03 -90.85
N ILE FB 101 -1.41 21.90 -90.25
CA ILE FB 101 -2.51 21.11 -90.79
C ILE FB 101 -3.82 21.85 -90.56
N VAL FB 102 -4.55 22.09 -91.65
CA VAL FB 102 -5.72 22.96 -91.65
C VAL FB 102 -6.92 22.19 -91.12
N ASP FB 103 -7.50 22.68 -90.04
CA ASP FB 103 -8.70 22.10 -89.44
C ASP FB 103 -9.67 23.24 -89.11
N ALA FB 104 -10.70 22.92 -88.33
CA ALA FB 104 -11.73 23.90 -88.01
C ALA FB 104 -11.27 24.89 -86.94
N ASN FB 105 -10.12 24.64 -86.32
CA ASN FB 105 -9.59 25.50 -85.27
C ASN FB 105 -8.81 26.67 -85.89
N LEU FB 106 -9.49 27.49 -86.69
CA LEU FB 106 -8.86 28.58 -87.42
C LEU FB 106 -9.79 29.77 -87.59
N SER FB 107 -9.23 30.98 -87.61
CA SER FB 107 -10.01 32.15 -87.95
C SER FB 107 -9.82 32.55 -89.41
N VAL FB 108 -8.57 32.53 -89.88
CA VAL FB 108 -8.21 33.00 -91.22
C VAL FB 108 -7.49 31.88 -91.96
N LEU FB 109 -7.76 31.75 -93.25
CA LEU FB 109 -6.89 31.01 -94.17
C LEU FB 109 -6.42 31.93 -95.28
N ASN FB 110 -5.12 31.93 -95.55
CA ASN FB 110 -4.56 32.71 -96.64
C ASN FB 110 -4.43 31.81 -97.87
N LEU FB 111 -4.99 32.26 -98.98
CA LEU FB 111 -5.08 31.49 -100.21
C LEU FB 111 -4.44 32.31 -101.33
N VAL FB 112 -3.62 31.67 -102.16
CA VAL FB 112 -2.90 32.32 -103.25
C VAL FB 112 -3.27 31.62 -104.55
N ILE FB 113 -4.01 32.30 -105.42
CA ILE FB 113 -4.44 31.70 -106.68
C ILE FB 113 -3.25 31.57 -107.62
N VAL FB 114 -2.90 30.34 -107.99
CA VAL FB 114 -1.74 30.09 -108.83
C VAL FB 114 -2.18 30.06 -110.29
N LYS FB 115 -3.17 29.23 -110.60
CA LYS FB 115 -3.69 29.07 -111.95
C LYS FB 115 -5.03 29.77 -112.06
N LYS FB 116 -5.20 30.54 -113.12
CA LYS FB 116 -6.43 31.30 -113.36
C LYS FB 116 -7.42 30.41 -114.10
N GLY FB 117 -8.66 30.38 -113.64
CA GLY FB 117 -9.68 29.49 -114.19
C GLY FB 117 -10.35 30.04 -115.43
N GLU FB 118 -11.58 29.58 -115.67
CA GLU FB 118 -12.34 30.02 -116.83
C GLU FB 118 -13.01 31.36 -116.57
N LYS FB 119 -13.72 31.47 -115.45
CA LYS FB 119 -14.45 32.69 -115.13
C LYS FB 119 -13.49 33.78 -114.64
N ASP FB 120 -14.02 34.99 -114.56
CA ASP FB 120 -13.26 36.16 -114.10
C ASP FB 120 -13.94 36.72 -112.86
N ILE FB 121 -13.25 36.62 -111.72
CA ILE FB 121 -13.77 37.16 -110.46
C ILE FB 121 -13.63 38.68 -110.51
N PRO FB 122 -14.65 39.43 -110.10
CA PRO FB 122 -14.52 40.90 -110.14
C PRO FB 122 -13.67 41.46 -109.01
N GLY FB 123 -13.48 40.71 -107.93
CA GLY FB 123 -12.74 41.25 -106.80
C GLY FB 123 -11.24 41.21 -106.97
N LEU FB 124 -10.73 40.13 -107.57
CA LEU FB 124 -9.29 39.88 -107.62
C LEU FB 124 -8.73 40.11 -109.02
N THR FB 125 -9.27 39.44 -110.03
CA THR FB 125 -8.64 39.46 -111.35
C THR FB 125 -9.06 40.67 -112.18
N ASP FB 126 -10.16 41.32 -111.83
CA ASP FB 126 -10.61 42.47 -112.61
C ASP FB 126 -9.80 43.71 -112.29
N THR FB 127 -9.57 43.98 -111.00
CA THR FB 127 -8.83 45.17 -110.58
C THR FB 127 -7.34 44.88 -110.72
N THR FB 128 -6.71 45.52 -111.70
CA THR FB 128 -5.28 45.37 -111.92
C THR FB 128 -4.51 46.40 -111.12
N VAL FB 129 -3.60 45.93 -110.27
CA VAL FB 129 -2.78 46.80 -109.44
C VAL FB 129 -1.36 46.81 -109.99
N PRO FB 130 -0.77 47.96 -110.27
CA PRO FB 130 0.59 48.00 -110.80
C PRO FB 130 1.64 47.81 -109.71
N ARG FB 131 2.90 47.70 -110.16
CA ARG FB 131 4.04 47.68 -109.24
C ARG FB 131 4.13 48.97 -108.45
N ARG FB 132 4.70 48.86 -107.23
CA ARG FB 132 4.87 50.05 -106.41
C ARG FB 132 6.19 50.74 -106.71
N LEU FB 133 7.26 49.97 -106.88
CA LEU FB 133 8.57 50.49 -107.24
C LEU FB 133 9.05 49.85 -108.53
N GLY FB 134 10.03 50.48 -109.15
CA GLY FB 134 10.65 49.96 -110.35
C GLY FB 134 12.04 49.45 -110.08
N PRO FB 135 12.65 48.75 -111.07
CA PRO FB 135 13.98 48.17 -110.87
C PRO FB 135 15.09 49.22 -110.70
N LYS FB 136 15.89 49.04 -109.65
CA LYS FB 136 16.96 49.98 -109.29
C LYS FB 136 18.33 49.48 -109.73
N ARG FB 137 18.59 48.18 -109.60
CA ARG FB 137 19.86 47.62 -110.04
C ARG FB 137 19.92 47.61 -111.57
N ALA FB 138 21.09 48.00 -112.11
CA ALA FB 138 21.27 48.11 -113.55
C ALA FB 138 21.17 46.74 -114.22
N SER FB 139 21.62 45.68 -113.55
CA SER FB 139 21.49 44.34 -114.09
C SER FB 139 20.03 43.90 -114.13
N ARG FB 140 19.24 44.31 -113.14
CA ARG FB 140 17.81 44.01 -113.16
C ARG FB 140 17.09 44.82 -114.24
N ILE FB 141 17.54 46.05 -114.51
CA ILE FB 141 17.00 46.83 -115.61
C ILE FB 141 17.34 46.18 -116.95
N ARG FB 142 18.55 45.64 -117.07
CA ARG FB 142 18.94 44.90 -118.28
C ARG FB 142 18.11 43.63 -118.45
N LYS FB 143 17.83 42.94 -117.34
CA LYS FB 143 17.00 41.74 -117.40
C LYS FB 143 15.56 42.07 -117.76
N LEU FB 144 15.07 43.23 -117.30
CA LEU FB 144 13.70 43.63 -117.62
C LEU FB 144 13.55 44.05 -119.07
N PHE FB 145 14.48 44.87 -119.57
CA PHE FB 145 14.35 45.44 -120.90
C PHE FB 145 15.14 44.67 -121.97
N ASN FB 146 15.68 43.50 -121.60
CA ASN FB 146 16.45 42.61 -122.49
C ASN FB 146 17.63 43.35 -123.11
N LEU FB 147 18.48 43.92 -122.25
CA LEU FB 147 19.56 44.78 -122.70
C LEU FB 147 20.88 44.00 -122.79
N SER FB 148 21.82 44.55 -123.54
CA SER FB 148 23.14 43.95 -123.66
C SER FB 148 24.05 44.46 -122.55
N LYS FB 149 25.35 44.22 -122.70
CA LYS FB 149 26.30 44.64 -121.67
C LYS FB 149 26.93 45.98 -122.00
N GLU FB 150 26.81 46.43 -123.25
CA GLU FB 150 27.47 47.68 -123.65
C GLU FB 150 26.48 48.84 -123.77
N ASP FB 151 25.19 48.55 -123.88
CA ASP FB 151 24.21 49.60 -124.11
C ASP FB 151 23.91 50.37 -122.82
N ASP FB 152 23.12 51.44 -122.97
CA ASP FB 152 22.92 52.39 -121.89
C ASP FB 152 21.75 51.94 -121.01
N VAL FB 153 21.90 52.17 -119.71
CA VAL FB 153 20.85 51.92 -118.72
C VAL FB 153 20.18 53.22 -118.29
N ARG FB 154 20.93 54.32 -118.43
CA ARG FB 154 20.48 55.63 -117.97
C ARG FB 154 19.27 56.13 -118.77
N GLN FB 155 19.21 55.79 -120.06
CA GLN FB 155 18.09 56.21 -120.88
C GLN FB 155 16.87 55.35 -120.63
N TYR FB 156 17.08 54.09 -120.27
CA TYR FB 156 15.98 53.13 -120.12
C TYR FB 156 15.60 52.87 -118.68
N VAL FB 157 16.12 53.66 -117.73
CA VAL FB 157 15.70 53.52 -116.34
C VAL FB 157 14.25 54.00 -116.19
N VAL FB 158 13.50 53.37 -115.29
CA VAL FB 158 12.10 53.71 -115.07
C VAL FB 158 12.01 54.84 -114.06
N ARG FB 159 11.32 55.92 -114.45
CA ARG FB 159 11.14 57.09 -113.61
C ARG FB 159 9.67 57.29 -113.34
N LYS FB 160 9.34 57.82 -112.16
CA LYS FB 160 7.94 57.85 -111.72
C LYS FB 160 7.41 59.27 -111.70
N PRO FB 161 6.22 59.52 -112.23
CA PRO FB 161 5.62 60.85 -112.14
C PRO FB 161 4.95 61.08 -110.79
N LEU FB 162 4.97 62.34 -110.36
CA LEU FB 162 4.46 62.77 -109.08
C LEU FB 162 3.55 63.98 -109.28
N ASN FB 163 2.32 63.88 -108.79
CA ASN FB 163 1.34 64.94 -109.03
C ASN FB 163 0.35 65.00 -107.87
N LYS FB 164 0.17 66.19 -107.31
CA LYS FB 164 -0.84 66.47 -106.29
C LYS FB 164 -1.13 67.96 -106.30
N GLU FB 165 -2.19 68.33 -105.59
CA GLU FB 165 -2.61 69.74 -105.56
C GLU FB 165 -1.64 70.57 -104.73
N GLY FB 166 -1.52 71.85 -105.12
CA GLY FB 166 -0.59 72.74 -104.45
C GLY FB 166 0.80 72.71 -105.07
N LYS FB 167 1.36 71.52 -105.22
CA LYS FB 167 2.70 71.35 -105.77
C LYS FB 167 2.66 71.20 -107.28
N LYS FB 168 3.81 71.46 -107.90
CA LYS FB 168 3.97 71.30 -109.33
C LYS FB 168 4.15 69.81 -109.68
N PRO FB 169 3.76 69.41 -110.89
CA PRO FB 169 4.04 68.04 -111.32
C PRO FB 169 5.53 67.81 -111.53
N ARG FB 170 6.01 66.71 -110.99
CA ARG FB 170 7.43 66.37 -111.03
C ARG FB 170 7.59 64.97 -111.59
N THR FB 171 8.84 64.59 -111.85
CA THR FB 171 9.17 63.25 -112.31
C THR FB 171 10.48 62.84 -111.63
N LYS FB 172 10.40 61.87 -110.73
CA LYS FB 172 11.53 61.51 -109.87
C LYS FB 172 12.13 60.20 -110.38
N ALA FB 173 13.47 60.17 -110.49
CA ALA FB 173 14.24 59.03 -110.99
C ALA FB 173 15.07 58.41 -109.88
N PRO FB 174 15.22 57.09 -109.87
CA PRO FB 174 16.05 56.45 -108.85
C PRO FB 174 17.53 56.52 -109.17
N LYS FB 175 18.33 56.42 -108.11
CA LYS FB 175 19.78 56.29 -108.26
C LYS FB 175 20.13 54.88 -108.69
N ILE FB 176 20.73 54.73 -109.88
CA ILE FB 176 21.09 53.41 -110.38
C ILE FB 176 22.30 52.88 -109.63
N GLN FB 177 22.15 51.71 -109.03
CA GLN FB 177 23.20 51.05 -108.26
C GLN FB 177 23.93 50.06 -109.16
N ARG FB 178 25.24 49.88 -108.88
CA ARG FB 178 26.13 48.99 -109.62
C ARG FB 178 26.24 49.36 -111.10
N LEU FB 179 26.26 50.66 -111.38
CA LEU FB 179 26.51 51.18 -112.72
C LEU FB 179 27.98 51.56 -112.82
N VAL FB 180 28.63 51.13 -113.91
CA VAL FB 180 30.05 51.38 -114.09
C VAL FB 180 30.28 52.84 -114.42
N THR FB 181 30.84 53.58 -113.48
CA THR FB 181 31.13 54.99 -113.61
C THR FB 181 32.65 55.21 -113.62
N PRO FB 182 33.13 56.34 -114.20
CA PRO FB 182 34.56 56.65 -114.13
C PRO FB 182 35.13 56.83 -112.73
N ARG FB 183 34.29 57.07 -111.71
CA ARG FB 183 34.77 57.09 -110.34
C ARG FB 183 35.16 55.68 -109.88
N VAL FB 184 34.33 54.68 -110.18
CA VAL FB 184 34.65 53.30 -109.87
C VAL FB 184 35.84 52.83 -110.71
N LEU FB 185 35.93 53.31 -111.97
CA LEU FB 185 37.10 53.00 -112.80
C LEU FB 185 38.37 53.63 -112.22
N GLN FB 186 38.27 54.83 -111.66
CA GLN FB 186 39.40 55.49 -111.03
C GLN FB 186 39.85 54.76 -109.78
N HIS FB 187 38.89 54.26 -108.99
CA HIS FB 187 39.24 53.47 -107.81
C HIS FB 187 39.87 52.13 -108.20
N LYS FB 188 39.39 51.54 -109.30
CA LYS FB 188 39.96 50.29 -109.80
C LYS FB 188 41.39 50.49 -110.30
N ARG FB 189 41.66 51.64 -110.91
CA ARG FB 189 43.03 51.98 -111.26
C ARG FB 189 43.85 52.32 -110.01
N ARG FB 190 43.19 52.84 -108.98
CA ARG FB 190 43.88 53.33 -107.80
C ARG FB 190 44.45 52.20 -106.97
N ARG FB 191 43.68 51.12 -106.78
CA ARG FB 191 44.21 50.07 -105.91
C ARG FB 191 45.31 49.26 -106.60
N ILE FB 192 45.28 49.14 -107.93
CA ILE FB 192 46.39 48.48 -108.61
C ILE FB 192 47.58 49.41 -108.73
N ALA FB 193 47.36 50.74 -108.72
CA ALA FB 193 48.49 51.66 -108.59
C ALA FB 193 49.14 51.57 -107.22
N LEU FB 194 48.32 51.34 -106.18
CA LEU FB 194 48.87 51.10 -104.84
C LEU FB 194 49.64 49.78 -104.79
N LYS FB 195 49.17 48.77 -105.54
CA LYS FB 195 49.92 47.52 -105.68
C LYS FB 195 51.28 47.76 -106.35
N LYS FB 196 51.30 48.59 -107.40
CA LYS FB 196 52.55 48.98 -108.05
C LYS FB 196 53.50 49.67 -107.08
N GLN FB 197 52.95 50.59 -106.27
CA GLN FB 197 53.76 51.33 -105.31
C GLN FB 197 54.33 50.42 -104.22
N ARG FB 198 53.52 49.45 -103.77
CA ARG FB 198 54.00 48.50 -102.76
C ARG FB 198 55.10 47.60 -103.31
N THR FB 199 54.95 47.11 -104.55
CA THR FB 199 55.98 46.25 -105.12
C THR FB 199 57.27 47.03 -105.41
N LYS FB 200 57.14 48.29 -105.83
CA LYS FB 200 58.32 49.13 -106.05
C LYS FB 200 59.03 49.43 -104.73
N LYS FB 201 58.27 49.65 -103.66
CA LYS FB 201 58.83 49.87 -102.33
C LYS FB 201 59.57 48.62 -101.84
N ASN FB 202 58.98 47.45 -102.05
CA ASN FB 202 59.63 46.18 -101.70
C ASN FB 202 60.94 45.99 -102.45
N LYS FB 203 60.93 46.25 -103.76
CA LYS FB 203 62.14 46.06 -104.58
C LYS FB 203 63.25 47.02 -104.18
N GLU FB 204 62.91 48.30 -103.98
CA GLU FB 204 63.92 49.29 -103.62
C GLU FB 204 64.49 49.04 -102.23
N GLU FB 205 63.63 48.69 -101.26
CA GLU FB 205 64.12 48.48 -99.91
C GLU FB 205 64.89 47.17 -99.80
N ALA FB 206 64.53 46.17 -100.61
CA ALA FB 206 65.28 44.92 -100.66
C ALA FB 206 66.67 45.14 -101.27
N ALA FB 207 66.76 45.96 -102.32
CA ALA FB 207 68.07 46.26 -102.90
C ALA FB 207 68.93 47.07 -101.94
N GLU FB 208 68.31 48.01 -101.20
CA GLU FB 208 69.03 48.80 -100.22
C GLU FB 208 69.57 47.93 -99.08
N TYR FB 209 68.75 46.98 -98.61
CA TYR FB 209 69.22 46.09 -97.55
C TYR FB 209 70.25 45.10 -98.08
N ALA FB 210 70.17 44.73 -99.36
CA ALA FB 210 71.18 43.86 -99.95
C ALA FB 210 72.54 44.56 -100.00
N LYS FB 211 72.57 45.82 -100.41
CA LYS FB 211 73.82 46.59 -100.42
C LYS FB 211 74.34 46.81 -99.00
N LEU FB 212 73.44 47.10 -98.06
CA LEU FB 212 73.85 47.33 -96.68
C LEU FB 212 74.39 46.05 -96.04
N LEU FB 213 73.76 44.91 -96.31
CA LEU FB 213 74.20 43.64 -95.75
C LEU FB 213 75.52 43.20 -96.38
N ALA FB 214 75.73 43.54 -97.66
CA ALA FB 214 77.02 43.29 -98.30
C ALA FB 214 78.13 44.11 -97.64
N LYS FB 215 77.83 45.38 -97.31
CA LYS FB 215 78.82 46.21 -96.62
C LYS FB 215 79.12 45.68 -95.22
N ARG FB 216 78.07 45.24 -94.51
CA ARG FB 216 78.26 44.69 -93.16
C ARG FB 216 79.06 43.38 -93.21
N MET FB 217 78.83 42.56 -94.24
CA MET FB 217 79.57 41.31 -94.39
C MET FB 217 81.03 41.57 -94.74
N LYS FB 218 81.31 42.59 -95.56
CA LYS FB 218 82.69 42.95 -95.87
C LYS FB 218 83.43 43.46 -94.64
N GLU FB 219 82.76 44.29 -93.82
CA GLU FB 219 83.42 44.78 -92.61
C GLU FB 219 83.60 43.69 -91.57
N ALA FB 220 82.65 42.75 -91.50
CA ALA FB 220 82.79 41.61 -90.58
C ALA FB 220 83.91 40.67 -91.02
N LYS FB 221 84.06 40.49 -92.34
CA LYS FB 221 85.17 39.68 -92.85
C LYS FB 221 86.51 40.37 -92.60
N GLU FB 222 86.55 41.70 -92.71
CA GLU FB 222 87.77 42.42 -92.38
C GLU FB 222 88.11 42.31 -90.89
N LYS FB 223 87.09 42.33 -90.03
CA LYS FB 223 87.32 42.15 -88.59
C LYS FB 223 87.80 40.74 -88.28
N ARG FB 224 87.26 39.73 -88.97
CA ARG FB 224 87.71 38.35 -88.78
C ARG FB 224 89.15 38.17 -89.26
N GLN FB 225 89.50 38.81 -90.38
CA GLN FB 225 90.88 38.74 -90.87
C GLN FB 225 91.84 39.45 -89.91
N GLU FB 226 91.40 40.55 -89.29
CA GLU FB 226 92.22 41.21 -88.29
C GLU FB 226 92.40 40.36 -87.05
N GLN FB 227 91.35 39.62 -86.65
CA GLN FB 227 91.46 38.73 -85.50
C GLN FB 227 92.37 37.54 -85.79
N ILE FB 228 92.31 36.99 -87.01
CA ILE FB 228 93.17 35.88 -87.37
C ILE FB 228 94.63 36.35 -87.50
N ALA FB 229 94.82 37.58 -87.98
CA ALA FB 229 96.17 38.14 -88.04
C ALA FB 229 96.73 38.40 -86.65
N LYS FB 230 95.88 38.81 -85.70
CA LYS FB 230 96.31 38.98 -84.32
C LYS FB 230 96.65 37.63 -83.68
N ARG FB 231 95.89 36.58 -84.05
CA ARG FB 231 96.21 35.24 -83.57
C ARG FB 231 97.53 34.74 -84.15
N ARG FB 232 97.80 35.08 -85.41
CA ARG FB 232 99.10 34.72 -86.02
C ARG FB 232 100.24 35.49 -85.36
N ARG FB 233 100.00 36.75 -84.98
CA ARG FB 233 101.03 37.52 -84.29
C ARG FB 233 101.30 36.95 -82.89
N LEU FB 234 100.26 36.51 -82.20
CA LEU FB 234 100.45 35.89 -80.89
C LEU FB 234 101.12 34.53 -81.00
N SER FB 235 100.87 33.80 -82.10
CA SER FB 235 101.52 32.52 -82.29
C SER FB 235 102.98 32.68 -82.68
N SER FB 236 103.30 33.74 -83.43
CA SER FB 236 104.70 34.02 -83.76
C SER FB 236 105.43 34.60 -82.56
N LEU FB 237 104.72 35.28 -81.68
CA LEU FB 237 105.33 35.83 -80.46
C LEU FB 237 105.63 34.70 -79.48
N ALA GB 1 124.82 23.23 -46.55
CA ALA GB 1 124.71 23.88 -45.25
C ALA GB 1 123.45 23.42 -44.51
N LYS GB 2 123.37 23.74 -43.23
CA LYS GB 2 122.21 23.38 -42.42
C LYS GB 2 121.01 24.28 -42.67
N ILE GB 3 121.21 25.44 -43.28
CA ILE GB 3 120.11 26.35 -43.55
C ILE GB 3 119.29 25.83 -44.72
N VAL GB 4 118.00 25.60 -44.48
CA VAL GB 4 117.07 25.05 -45.47
C VAL GB 4 115.85 25.96 -45.50
N LYS GB 5 115.75 26.79 -46.53
CA LYS GB 5 114.55 27.60 -46.70
C LYS GB 5 113.51 26.84 -47.54
N PRO GB 6 112.22 27.01 -47.22
CA PRO GB 6 111.18 26.33 -48.02
C PRO GB 6 111.03 26.93 -49.42
N ASN GB 7 111.32 28.21 -49.55
CA ASN GB 7 111.29 28.85 -50.85
C ASN GB 7 112.66 28.78 -51.51
N GLY GB 8 112.66 28.91 -52.84
CA GLY GB 8 113.89 28.83 -53.60
C GLY GB 8 114.66 30.14 -53.65
N GLU GB 9 115.31 30.48 -52.53
CA GLU GB 9 116.08 31.71 -52.45
C GLU GB 9 117.30 31.47 -51.58
N LYS GB 10 118.33 32.30 -51.79
CA LYS GB 10 119.59 32.16 -51.08
C LYS GB 10 119.49 32.75 -49.68
N PRO GB 11 120.13 32.12 -48.69
CA PRO GB 11 120.16 32.68 -47.34
C PRO GB 11 121.12 33.86 -47.25
N ASP GB 12 121.05 34.53 -46.11
CA ASP GB 12 121.89 35.70 -45.87
C ASP GB 12 123.29 35.28 -45.40
N GLU GB 13 124.17 36.28 -45.30
CA GLU GB 13 125.52 36.03 -44.80
C GLU GB 13 125.49 35.67 -43.32
N PHE GB 14 124.58 36.29 -42.57
CA PHE GB 14 124.43 36.00 -41.15
C PHE GB 14 123.91 34.58 -40.92
N GLU GB 15 122.92 34.16 -41.72
CA GLU GB 15 122.40 32.81 -41.61
C GLU GB 15 123.43 31.77 -42.07
N SER GB 16 124.23 32.11 -43.10
CA SER GB 16 125.27 31.21 -43.55
C SER GB 16 126.37 31.07 -42.50
N GLY GB 17 126.69 32.16 -41.80
CA GLY GB 17 127.64 32.07 -40.70
C GLY GB 17 127.13 31.25 -39.54
N ILE GB 18 125.82 31.35 -39.24
CA ILE GB 18 125.22 30.50 -38.20
C ILE GB 18 125.27 29.03 -38.61
N SER GB 19 124.99 28.75 -39.88
CA SER GB 19 125.03 27.37 -40.36
C SER GB 19 126.44 26.80 -40.34
N GLN GB 20 127.43 27.61 -40.71
CA GLN GB 20 128.83 27.16 -40.65
C GLN GB 20 129.28 26.96 -39.21
N ALA GB 21 128.80 27.81 -38.29
CA ALA GB 21 129.13 27.65 -36.88
C ALA GB 21 128.52 26.38 -36.30
N LEU GB 22 127.29 26.04 -36.72
CA LEU GB 22 126.66 24.82 -36.25
C LEU GB 22 127.30 23.58 -36.87
N LEU GB 23 127.79 23.70 -38.11
CA LEU GB 23 128.56 22.60 -38.71
C LEU GB 23 129.88 22.41 -37.97
N GLU GB 24 130.52 23.50 -37.54
CA GLU GB 24 131.74 23.40 -36.74
C GLU GB 24 131.46 22.77 -35.38
N LEU GB 25 130.33 23.12 -34.76
CA LEU GB 25 129.96 22.51 -33.48
C LEU GB 25 129.66 21.03 -33.63
N GLU GB 26 129.04 20.64 -34.76
CA GLU GB 26 128.80 19.22 -35.05
C GLU GB 26 130.11 18.47 -35.25
N MET GB 27 131.03 19.04 -36.02
CA MET GB 27 132.27 18.33 -36.34
C MET GB 27 133.24 18.33 -35.17
N ASN GB 28 133.05 19.26 -34.22
CA ASN GB 28 133.97 19.32 -33.08
C ASN GB 28 133.44 18.60 -31.85
N SER GB 29 132.24 18.93 -31.39
CA SER GB 29 131.79 18.45 -30.09
C SER GB 29 131.27 17.01 -30.21
N ASP GB 30 130.85 16.46 -29.07
CA ASP GB 30 130.50 15.05 -28.98
C ASP GB 30 129.09 14.75 -29.49
N LEU GB 31 128.22 15.76 -29.55
CA LEU GB 31 126.81 15.54 -29.87
C LEU GB 31 126.54 15.72 -31.37
N LYS GB 32 127.25 14.94 -32.19
CA LYS GB 32 127.12 15.08 -33.64
C LYS GB 32 125.91 14.31 -34.16
N ALA GB 33 125.49 13.25 -33.46
CA ALA GB 33 124.38 12.43 -33.95
C ALA GB 33 123.05 13.16 -33.83
N GLN GB 34 122.92 14.02 -32.82
CA GLN GB 34 121.69 14.79 -32.67
C GLN GB 34 121.71 16.06 -33.51
N LEU GB 35 122.88 16.43 -34.04
CA LEU GB 35 122.96 17.60 -34.89
C LEU GB 35 122.94 17.23 -36.37
N ARG GB 36 123.19 15.98 -36.72
CA ARG GB 36 123.23 15.58 -38.12
C ARG GB 36 121.84 15.57 -38.75
N GLU GB 37 120.82 15.14 -38.03
CA GLU GB 37 119.49 14.96 -38.61
C GLU GB 37 118.62 16.20 -38.55
N LEU GB 38 119.15 17.31 -38.02
CA LEU GB 38 118.36 18.49 -37.73
C LEU GB 38 118.75 19.66 -38.64
N ASN GB 39 117.76 20.45 -39.02
CA ASN GB 39 117.95 21.54 -39.97
C ASN GB 39 117.38 22.85 -39.40
N ILE GB 40 117.62 23.94 -40.12
CA ILE GB 40 117.28 25.29 -39.69
C ILE GB 40 116.56 25.99 -40.84
N THR GB 41 115.40 26.57 -40.55
CA THR GB 41 114.60 27.27 -41.56
C THR GB 41 115.08 28.69 -41.82
N ALA GB 42 115.20 29.52 -40.79
CA ALA GB 42 115.63 30.91 -40.94
C ALA GB 42 116.23 31.39 -39.63
N ALA GB 43 116.83 32.58 -39.70
CA ALA GB 43 117.45 33.18 -38.53
C ALA GB 43 117.42 34.70 -38.69
N LYS GB 44 117.26 35.40 -37.57
CA LYS GB 44 117.15 36.86 -37.59
C LYS GB 44 117.97 37.46 -36.47
N GLU GB 45 118.55 38.62 -36.74
CA GLU GB 45 119.17 39.44 -35.70
C GLU GB 45 118.33 40.69 -35.49
N ILE GB 46 117.86 40.89 -34.25
CA ILE GB 46 116.96 41.98 -33.94
C ILE GB 46 117.56 42.86 -32.85
N GLU GB 47 117.04 44.08 -32.77
CA GLU GB 47 117.40 45.01 -31.71
C GLU GB 47 116.44 44.86 -30.54
N VAL GB 48 116.99 44.90 -29.33
CA VAL GB 48 116.19 44.83 -28.11
C VAL GB 48 116.44 46.14 -27.36
N GLY GB 49 115.69 46.40 -26.29
CA GLY GB 49 115.80 47.61 -25.51
C GLY GB 49 117.17 47.85 -24.89
N GLY GB 50 117.70 49.04 -25.10
CA GLY GB 50 119.04 49.35 -24.66
C GLY GB 50 120.08 49.02 -25.72
N GLY GB 51 121.34 49.14 -25.33
CA GLY GB 51 122.43 48.82 -26.23
C GLY GB 51 122.74 47.34 -26.25
N ARG GB 52 121.85 46.55 -26.82
CA ARG GB 52 122.00 45.11 -26.82
C ARG GB 52 121.30 44.55 -28.05
N LYS GB 53 121.90 43.52 -28.64
CA LYS GB 53 121.34 42.78 -29.76
C LYS GB 53 120.68 41.50 -29.26
N ALA GB 54 119.94 40.84 -30.16
CA ALA GB 54 119.38 39.53 -29.86
C ALA GB 54 119.33 38.73 -31.15
N ILE GB 55 119.45 37.41 -31.02
CA ILE GB 55 119.42 36.51 -32.17
C ILE GB 55 118.32 35.47 -31.98
N ILE GB 56 117.41 35.42 -32.96
CA ILE GB 56 116.25 34.52 -32.97
C ILE GB 56 116.39 33.59 -34.17
N ILE GB 57 116.28 32.29 -33.93
CA ILE GB 57 116.37 31.30 -34.99
C ILE GB 57 115.06 30.51 -35.05
N PHE GB 58 114.48 30.41 -36.25
CA PHE GB 58 113.24 29.69 -36.46
C PHE GB 58 113.54 28.22 -36.72
N VAL GB 59 112.63 27.37 -36.25
CA VAL GB 59 112.87 25.94 -36.06
C VAL GB 59 111.83 25.15 -36.84
N PRO GB 60 112.20 24.05 -37.51
CA PRO GB 60 111.18 23.13 -38.02
C PRO GB 60 110.36 22.52 -36.89
N VAL GB 61 109.04 22.54 -37.06
CA VAL GB 61 108.09 22.12 -36.02
C VAL GB 61 108.12 20.61 -35.74
N PRO GB 62 108.26 19.69 -36.72
CA PRO GB 62 108.47 18.28 -36.33
C PRO GB 62 109.81 18.04 -35.63
N GLN GB 63 110.83 18.82 -35.95
CA GLN GB 63 112.11 18.71 -35.26
C GLN GB 63 112.19 19.57 -34.01
N LEU GB 64 111.10 20.24 -33.64
CA LEU GB 64 111.10 21.14 -32.48
C LEU GB 64 111.28 20.36 -31.18
N LYS GB 65 110.78 19.12 -31.12
CA LYS GB 65 110.94 18.31 -29.92
C LYS GB 65 112.42 17.98 -29.68
N SER GB 66 113.13 17.61 -30.74
CA SER GB 66 114.57 17.34 -30.62
C SER GB 66 115.35 18.62 -30.37
N PHE GB 67 114.91 19.74 -30.94
CA PHE GB 67 115.56 21.02 -30.66
C PHE GB 67 115.37 21.46 -29.22
N GLN GB 68 114.20 21.21 -28.62
CA GLN GB 68 114.02 21.60 -27.23
C GLN GB 68 114.70 20.60 -26.29
N LYS GB 69 114.92 19.37 -26.76
CA LYS GB 69 115.76 18.44 -25.99
C LYS GB 69 117.22 18.86 -26.03
N ILE GB 70 117.67 19.41 -27.16
CA ILE GB 70 119.05 19.80 -27.35
C ILE GB 70 119.25 21.29 -27.01
N GLN GB 71 118.22 21.94 -26.44
CA GLN GB 71 118.13 23.39 -26.34
C GLN GB 71 119.20 23.99 -25.44
N VAL GB 72 119.38 23.43 -24.23
CA VAL GB 72 120.15 24.10 -23.19
C VAL GB 72 121.64 24.11 -23.50
N ARG GB 73 122.20 22.94 -23.85
CA ARG GB 73 123.64 22.83 -24.10
C ARG GB 73 124.05 23.57 -25.37
N LEU GB 74 123.15 23.62 -26.36
CA LEU GB 74 123.48 24.30 -27.61
C LEU GB 74 123.49 25.82 -27.43
N VAL GB 75 122.58 26.32 -26.58
CA VAL GB 75 122.64 27.73 -26.18
C VAL GB 75 123.91 28.00 -25.38
N ARG GB 76 124.34 27.02 -24.59
CA ARG GB 76 125.60 27.16 -23.83
C ARG GB 76 126.81 27.24 -24.77
N GLU GB 77 126.80 26.48 -25.86
CA GLU GB 77 127.91 26.61 -26.81
C GLU GB 77 127.81 27.89 -27.64
N LEU GB 78 126.59 28.34 -27.96
CA LEU GB 78 126.46 29.54 -28.77
C LEU GB 78 126.73 30.81 -27.96
N GLU GB 79 126.59 30.74 -26.63
CA GLU GB 79 126.78 31.93 -25.82
C GLU GB 79 128.24 32.33 -25.72
N LYS GB 80 129.16 31.36 -25.75
CA LYS GB 80 130.58 31.70 -25.76
C LYS GB 80 131.06 32.09 -27.14
N LYS GB 81 130.33 31.73 -28.19
CA LYS GB 81 130.69 32.17 -29.54
C LYS GB 81 130.17 33.58 -29.80
N PHE GB 82 128.86 33.76 -29.77
CA PHE GB 82 128.25 35.09 -29.83
C PHE GB 82 128.15 35.57 -28.38
N SER GB 83 129.13 36.40 -27.99
CA SER GB 83 129.31 36.72 -26.57
C SER GB 83 128.21 37.64 -26.06
N GLY GB 84 128.08 38.82 -26.65
CA GLY GB 84 127.12 39.79 -26.14
C GLY GB 84 125.77 39.74 -26.81
N LYS GB 85 125.26 38.53 -27.07
CA LYS GB 85 123.95 38.36 -27.69
C LYS GB 85 123.25 37.17 -27.06
N HIS GB 86 121.95 37.32 -26.78
CA HIS GB 86 121.14 36.20 -26.31
C HIS GB 86 120.48 35.51 -27.50
N VAL GB 87 120.54 34.17 -27.51
CA VAL GB 87 120.01 33.35 -28.58
C VAL GB 87 118.72 32.70 -28.11
N VAL GB 88 117.75 32.58 -29.01
CA VAL GB 88 116.46 31.97 -28.68
C VAL GB 88 115.94 31.26 -29.92
N PHE GB 89 115.30 30.12 -29.71
CA PHE GB 89 114.74 29.29 -30.77
C PHE GB 89 113.21 29.33 -30.72
N ILE GB 90 112.60 29.64 -31.87
CA ILE GB 90 111.15 29.63 -31.99
C ILE GB 90 110.79 28.87 -33.27
N ALA GB 91 109.85 27.94 -33.14
CA ALA GB 91 109.44 27.11 -34.27
C ALA GB 91 108.67 27.94 -35.30
N GLN GB 92 108.96 27.68 -36.58
CA GLN GB 92 108.34 28.40 -37.69
C GLN GB 92 107.00 27.74 -38.00
N ARG GB 93 105.94 28.32 -37.45
CA ARG GB 93 104.59 27.83 -37.68
C ARG GB 93 103.87 28.73 -38.67
N ARG GB 94 103.28 28.10 -39.70
CA ARG GB 94 102.62 28.83 -40.78
C ARG GB 94 101.27 29.33 -40.29
N ILE GB 95 101.05 30.64 -40.36
CA ILE GB 95 99.79 31.24 -39.96
C ILE GB 95 98.79 31.14 -41.11
N LEU GB 96 97.49 30.91 -40.78
CA LEU GB 96 96.44 30.85 -41.77
C LEU GB 96 95.31 31.81 -41.41
N PRO GB 97 94.72 32.49 -42.39
CA PRO GB 97 93.72 33.51 -42.08
C PRO GB 97 92.35 32.94 -41.76
N LYS GB 98 91.51 33.81 -41.20
CA LYS GB 98 90.11 33.48 -40.99
C LYS GB 98 89.43 33.34 -42.35
N PRO GB 99 88.55 32.35 -42.54
CA PRO GB 99 87.80 32.28 -43.80
C PRO GB 99 86.78 33.41 -43.93
N THR GB 100 87.07 34.32 -44.86
CA THR GB 100 86.26 35.51 -45.08
C THR GB 100 84.99 35.11 -45.84
N ARG GB 101 83.96 35.96 -45.74
CA ARG GB 101 82.72 35.75 -46.49
C ARG GB 101 82.96 35.83 -47.99
N LYS GB 102 83.94 36.62 -48.43
CA LYS GB 102 84.34 36.64 -49.83
C LYS GB 102 85.04 35.36 -50.22
N SER GB 103 86.13 35.03 -49.53
CA SER GB 103 86.89 33.81 -49.81
C SER GB 103 86.19 32.59 -49.26
N LYS GB 108 88.59 24.38 -50.67
CA LYS GB 108 89.45 24.75 -49.55
C LYS GB 108 89.06 23.98 -48.29
N GLN GB 109 90.06 23.38 -47.64
CA GLN GB 109 89.84 22.58 -46.45
C GLN GB 109 89.59 23.46 -45.23
N LYS GB 110 89.17 22.82 -44.14
CA LYS GB 110 88.95 23.51 -42.87
C LYS GB 110 90.28 23.91 -42.27
N ARG GB 111 90.37 25.15 -41.80
CA ARG GB 111 91.56 25.65 -41.15
C ARG GB 111 91.70 24.99 -39.77
N PRO GB 112 92.77 24.26 -39.50
CA PRO GB 112 92.93 23.63 -38.18
C PRO GB 112 93.30 24.65 -37.13
N ARG GB 113 92.84 24.39 -35.90
CA ARG GB 113 92.96 25.32 -34.79
C ARG GB 113 94.36 25.39 -34.20
N SER GB 114 95.30 24.58 -34.68
CA SER GB 114 96.70 24.75 -34.28
C SER GB 114 97.39 25.83 -35.11
N ARG GB 115 96.75 26.25 -36.21
CA ARG GB 115 97.34 27.21 -37.14
C ARG GB 115 96.73 28.60 -37.00
N THR GB 116 95.89 28.83 -36.00
CA THR GB 116 95.24 30.13 -35.85
C THR GB 116 96.16 31.10 -35.10
N LEU GB 117 95.62 32.29 -34.82
CA LEU GB 117 96.43 33.37 -34.27
C LEU GB 117 96.79 33.12 -32.82
N THR GB 118 95.84 32.59 -32.04
CA THR GB 118 96.06 32.44 -30.60
C THR GB 118 97.01 31.28 -30.30
N ALA GB 119 96.81 30.15 -30.98
CA ALA GB 119 97.59 28.95 -30.66
C ALA GB 119 99.04 29.08 -31.11
N VAL GB 120 99.28 29.73 -32.25
CA VAL GB 120 100.64 29.94 -32.74
C VAL GB 120 101.39 30.90 -31.82
N HIS GB 121 100.72 31.96 -31.36
CA HIS GB 121 101.39 32.90 -30.44
C HIS GB 121 101.64 32.28 -29.08
N ASP GB 122 100.72 31.43 -28.61
CA ASP GB 122 100.95 30.71 -27.35
C ASP GB 122 102.12 29.73 -27.49
N ALA GB 123 102.24 29.10 -28.66
CA ALA GB 123 103.37 28.20 -28.90
C ALA GB 123 104.68 28.97 -29.03
N ILE GB 124 104.63 30.19 -29.57
CA ILE GB 124 105.82 31.05 -29.64
C ILE GB 124 106.26 31.46 -28.25
N LEU GB 125 105.29 31.77 -27.38
CA LEU GB 125 105.62 32.12 -25.99
C LEU GB 125 106.17 30.91 -25.23
N GLU GB 126 105.65 29.72 -25.52
CA GLU GB 126 106.17 28.50 -24.91
C GLU GB 126 107.58 28.19 -25.41
N ASP GB 127 107.86 28.49 -26.68
CA ASP GB 127 109.21 28.31 -27.21
C ASP GB 127 110.16 29.36 -26.66
N LEU GB 128 109.65 30.55 -26.31
CA LEU GB 128 110.45 31.54 -25.62
C LEU GB 128 110.86 31.06 -24.23
N VAL GB 129 109.88 30.88 -23.34
CA VAL GB 129 110.24 30.40 -22.01
C VAL GB 129 110.15 28.88 -21.92
N PHE GB 130 111.21 28.20 -22.39
CA PHE GB 130 111.26 26.74 -22.25
C PHE GB 130 111.75 26.26 -20.87
N PRO GB 131 112.89 26.74 -20.32
CA PRO GB 131 113.34 26.16 -19.04
C PRO GB 131 112.47 26.53 -17.86
N SER GB 132 111.80 27.68 -17.92
CA SER GB 132 110.80 28.06 -16.93
C SER GB 132 109.44 28.07 -17.64
N GLU GB 133 108.69 26.98 -17.49
CA GLU GB 133 107.41 26.84 -18.15
C GLU GB 133 106.38 27.78 -17.52
N ILE GB 134 105.31 28.03 -18.27
CA ILE GB 134 104.37 29.10 -17.93
C ILE GB 134 103.49 28.67 -16.76
N VAL GB 135 103.47 29.49 -15.72
CA VAL GB 135 102.64 29.24 -14.54
C VAL GB 135 101.27 29.90 -14.68
N GLY GB 136 101.22 31.10 -15.25
CA GLY GB 136 99.95 31.79 -15.41
C GLY GB 136 100.02 32.95 -16.38
N LYS GB 137 98.89 33.29 -16.98
CA LYS GB 137 98.81 34.42 -17.88
C LYS GB 137 97.80 35.45 -17.38
N ARG GB 138 98.24 36.70 -17.36
CA ARG GB 138 97.37 37.83 -17.08
C ARG GB 138 97.38 38.76 -18.28
N ILE GB 139 96.24 39.34 -18.60
CA ILE GB 139 96.17 40.37 -19.64
C ILE GB 139 95.56 41.61 -19.00
N ARG GB 140 96.42 42.58 -18.70
CA ARG GB 140 96.03 43.84 -18.06
C ARG GB 140 95.70 44.84 -19.16
N VAL GB 141 94.46 45.32 -19.19
CA VAL GB 141 94.06 46.29 -20.21
C VAL GB 141 94.20 47.68 -19.60
N LYS GB 142 95.18 48.44 -20.06
CA LYS GB 142 95.44 49.76 -19.50
C LYS GB 142 94.36 50.75 -19.94
N LEU GB 143 94.43 51.96 -19.35
CA LEU GB 143 93.31 52.90 -19.42
C LEU GB 143 93.11 53.45 -20.83
N ASP GB 144 94.17 53.48 -21.63
CA ASP GB 144 94.03 53.88 -23.02
C ASP GB 144 93.31 52.81 -23.86
N GLY GB 145 93.47 51.54 -23.50
CA GLY GB 145 92.81 50.47 -24.21
C GLY GB 145 93.76 49.36 -24.62
N SER GB 146 95.06 49.63 -24.55
CA SER GB 146 96.06 48.66 -24.97
C SER GB 146 96.26 47.58 -23.92
N ARG GB 147 96.54 46.37 -24.39
CA ARG GB 147 96.71 45.22 -23.52
C ARG GB 147 98.19 45.02 -23.18
N LEU GB 148 98.43 44.35 -22.04
CA LEU GB 148 99.77 44.03 -21.61
C LEU GB 148 99.73 42.65 -20.96
N ILE GB 149 100.54 41.73 -21.46
CA ILE GB 149 100.50 40.35 -21.01
C ILE GB 149 101.58 40.12 -19.96
N LYS GB 150 101.16 39.67 -18.79
CA LYS GB 150 102.03 39.32 -17.67
C LYS GB 150 102.13 37.80 -17.64
N VAL GB 151 103.35 37.28 -17.81
CA VAL GB 151 103.57 35.84 -17.84
C VAL GB 151 104.29 35.42 -16.57
N HIS GB 152 103.74 34.43 -15.88
CA HIS GB 152 104.31 33.93 -14.64
C HIS GB 152 105.20 32.73 -14.94
N LEU GB 153 106.39 32.73 -14.35
CA LEU GB 153 107.38 31.69 -14.65
C LEU GB 153 107.70 30.87 -13.40
N ASP GB 154 108.18 29.66 -13.64
CA ASP GB 154 108.45 28.71 -12.56
C ASP GB 154 109.74 29.08 -11.84
N LYS GB 155 109.81 28.73 -10.55
CA LYS GB 155 111.04 28.94 -9.79
C LYS GB 155 112.12 27.93 -10.17
N ALA GB 156 111.75 26.82 -10.79
CA ALA GB 156 112.74 25.93 -11.37
C ALA GB 156 113.35 26.57 -12.61
N GLN GB 157 114.69 26.46 -12.73
CA GLN GB 157 115.49 27.15 -13.73
C GLN GB 157 115.26 28.66 -13.71
N GLN GB 158 115.27 29.25 -12.51
CA GLN GB 158 115.01 30.68 -12.38
C GLN GB 158 116.22 31.51 -12.81
N ASN GB 159 117.43 31.03 -12.50
CA ASN GB 159 118.62 31.82 -12.78
C ASN GB 159 118.96 31.84 -14.27
N ASN GB 160 118.44 30.89 -15.04
CA ASN GB 160 118.77 30.84 -16.47
C ASN GB 160 117.83 31.71 -17.29
N VAL GB 161 116.70 32.13 -16.71
CA VAL GB 161 115.67 32.84 -17.46
C VAL GB 161 115.56 34.26 -16.92
N GLU GB 162 116.26 34.55 -15.82
CA GLU GB 162 116.14 35.84 -15.17
C GLU GB 162 116.78 36.96 -15.99
N HIS GB 163 117.91 36.67 -16.64
CA HIS GB 163 118.60 37.69 -17.42
C HIS GB 163 118.10 37.77 -18.86
N LYS GB 164 117.09 36.97 -19.23
CA LYS GB 164 116.55 36.98 -20.57
C LYS GB 164 115.12 37.52 -20.64
N VAL GB 165 114.68 38.26 -19.62
CA VAL GB 165 113.30 38.74 -19.57
C VAL GB 165 113.05 39.82 -20.62
N GLU GB 166 113.89 40.85 -20.61
CA GLU GB 166 113.73 41.93 -21.59
C GLU GB 166 114.05 41.45 -23.00
N THR GB 167 114.94 40.47 -23.12
CA THR GB 167 115.25 39.90 -24.43
C THR GB 167 114.07 39.12 -25.00
N PHE GB 168 113.41 38.30 -24.16
CA PHE GB 168 112.23 37.58 -24.61
C PHE GB 168 111.08 38.53 -24.92
N SER GB 169 110.96 39.61 -24.14
CA SER GB 169 109.94 40.62 -24.42
C SER GB 169 110.23 41.32 -25.74
N GLY GB 170 111.50 41.59 -26.04
CA GLY GB 170 111.85 42.20 -27.32
C GLY GB 170 111.62 41.27 -28.50
N VAL GB 171 111.89 39.98 -28.32
CA VAL GB 171 111.62 39.00 -29.37
C VAL GB 171 110.13 38.90 -29.66
N TYR GB 172 109.31 38.83 -28.60
CA TYR GB 172 107.87 38.71 -28.79
C TYR GB 172 107.27 40.01 -29.32
N LYS GB 173 107.88 41.15 -28.98
CA LYS GB 173 107.41 42.43 -29.52
C LYS GB 173 107.80 42.58 -30.98
N LYS GB 174 108.96 42.07 -31.38
CA LYS GB 174 109.37 42.13 -32.78
C LYS GB 174 108.53 41.18 -33.64
N LEU GB 175 108.17 40.02 -33.10
CA LEU GB 175 107.39 39.07 -33.88
C LEU GB 175 105.91 39.45 -33.92
N THR GB 176 105.29 39.61 -32.75
CA THR GB 176 103.84 39.84 -32.69
C THR GB 176 103.51 41.31 -32.50
N GLY GB 177 104.13 41.96 -31.52
CA GLY GB 177 103.81 43.35 -31.22
C GLY GB 177 102.91 43.50 -30.01
N LYS GB 178 103.23 42.79 -28.93
CA LYS GB 178 102.45 42.86 -27.70
C LYS GB 178 103.40 43.06 -26.53
N ASP GB 179 103.10 44.04 -25.68
CA ASP GB 179 103.94 44.33 -24.51
C ASP GB 179 103.76 43.24 -23.47
N VAL GB 180 104.85 42.55 -23.15
CA VAL GB 180 104.84 41.40 -22.25
C VAL GB 180 105.88 41.60 -21.15
N ASN GB 181 105.43 41.50 -19.90
CA ASN GB 181 106.31 41.47 -18.74
C ASN GB 181 106.30 40.07 -18.13
N PHE GB 182 107.35 39.76 -17.38
CA PHE GB 182 107.50 38.47 -16.72
C PHE GB 182 107.47 38.67 -15.21
N GLU GB 183 106.85 37.73 -14.50
CA GLU GB 183 106.78 37.73 -13.05
C GLU GB 183 107.14 36.35 -12.53
N PHE GB 184 107.54 36.31 -11.25
CA PHE GB 184 107.96 35.09 -10.56
C PHE GB 184 107.03 34.89 -9.37
N PRO GB 185 105.97 34.10 -9.52
CA PRO GB 185 105.08 33.84 -8.40
C PRO GB 185 105.68 32.89 -7.38
N GLU GB 186 105.18 32.98 -6.15
CA GLU GB 186 105.70 32.19 -5.05
C GLU GB 186 104.63 31.55 -4.17
N PHE GB 187 103.36 31.92 -4.34
CA PHE GB 187 102.33 31.44 -3.42
C PHE GB 187 101.92 30.00 -3.72
N GLN GB 188 101.94 29.59 -5.00
CA GLN GB 188 101.78 28.20 -5.36
C GLN GB 188 103.09 27.56 -5.83
N LEU GB 189 103.72 28.14 -6.84
CA LEU GB 189 105.00 27.64 -7.37
C LEU GB 189 105.73 28.73 -8.13
N GLY HB 1 27.29 25.16 -67.79
CA GLY HB 1 27.53 23.85 -68.36
C GLY HB 1 28.56 23.08 -67.57
N ILE HB 2 29.21 22.11 -68.23
CA ILE HB 2 30.33 21.41 -67.63
C ILE HB 2 31.52 22.36 -67.53
N SER HB 3 31.86 22.74 -66.30
CA SER HB 3 32.89 23.75 -66.09
C SER HB 3 34.24 23.12 -65.82
N ARG HB 4 35.29 23.76 -66.33
CA ARG HB 4 36.67 23.46 -65.97
C ARG HB 4 37.13 24.54 -65.00
N ASP HB 5 37.31 24.17 -63.74
CA ASP HB 5 37.62 25.16 -62.72
C ASP HB 5 38.35 24.47 -61.57
N ASN HB 6 39.20 25.25 -60.89
CA ASN HB 6 39.92 24.73 -59.74
C ASN HB 6 39.20 24.99 -58.43
N TRP HB 7 38.15 25.82 -58.45
CA TRP HB 7 37.49 26.18 -57.21
C TRP HB 7 36.39 25.20 -56.84
N HIS HB 8 36.03 24.28 -57.74
CA HIS HB 8 34.90 23.40 -57.45
C HIS HB 8 35.31 22.19 -56.64
N LYS HB 9 36.60 22.00 -56.38
CA LYS HB 9 37.10 20.81 -55.73
C LYS HB 9 37.96 21.17 -54.52
N ARG HB 10 38.50 20.14 -53.88
CA ARG HB 10 39.11 20.29 -52.56
C ARG HB 10 40.50 20.92 -52.64
N ARG HB 11 41.01 21.30 -51.46
CA ARG HB 11 42.34 21.87 -51.34
C ARG HB 11 43.41 20.78 -51.36
N LYS HB 12 44.65 21.20 -51.10
CA LYS HB 12 45.73 20.25 -50.89
C LYS HB 12 45.59 19.54 -49.55
N THR HB 13 45.14 20.25 -48.52
CA THR HB 13 45.03 19.68 -47.18
C THR HB 13 43.85 18.70 -47.08
N GLY HB 14 42.81 18.90 -47.88
CA GLY HB 14 41.63 18.06 -47.87
C GLY HB 14 40.34 18.79 -47.57
N GLY HB 15 40.40 20.08 -47.24
CA GLY HB 15 39.18 20.83 -46.98
C GLY HB 15 38.47 21.22 -48.26
N LYS HB 16 37.22 21.63 -48.10
CA LYS HB 16 36.39 21.99 -49.24
C LYS HB 16 36.49 23.48 -49.55
N ARG HB 17 36.61 23.81 -50.84
CA ARG HB 17 36.51 25.20 -51.25
C ARG HB 17 35.05 25.61 -51.31
N LYS HB 18 34.74 26.75 -50.72
CA LYS HB 18 33.36 27.23 -50.76
C LYS HB 18 33.22 28.22 -51.91
N PRO HB 19 32.10 28.17 -52.65
CA PRO HB 19 31.96 28.99 -53.87
C PRO HB 19 31.81 30.47 -53.56
N TYR HB 20 32.73 31.27 -54.08
CA TYR HB 20 32.62 32.72 -53.98
C TYR HB 20 32.09 33.34 -55.27
N HIS HB 21 32.10 32.61 -56.38
CA HIS HB 21 31.44 33.04 -57.61
C HIS HB 21 30.83 31.82 -58.28
N LYS HB 22 29.91 32.09 -59.21
CA LYS HB 22 29.29 31.02 -59.98
C LYS HB 22 30.17 30.66 -61.18
N LYS HB 23 29.64 29.78 -62.04
CA LYS HB 23 30.38 29.35 -63.20
C LYS HB 23 30.48 30.46 -64.24
N ARG HB 24 31.67 30.60 -64.81
CA ARG HB 24 32.00 31.65 -65.76
C ARG HB 24 32.06 31.09 -67.17
N LYS HB 25 32.23 32.00 -68.14
CA LYS HB 25 32.35 31.62 -69.53
C LYS HB 25 33.75 31.16 -69.90
N TYR HB 26 34.78 31.63 -69.19
CA TYR HB 26 36.13 31.13 -69.42
C TYR HB 26 36.39 29.81 -68.70
N GLU HB 27 35.65 29.54 -67.63
CA GLU HB 27 35.67 28.24 -66.96
C GLU HB 27 34.65 27.29 -67.61
N LEU HB 28 34.93 26.92 -68.85
CA LEU HB 28 33.99 26.20 -69.69
C LEU HB 28 34.63 24.96 -70.30
N GLY HB 29 33.91 23.84 -70.22
CA GLY HB 29 34.18 22.68 -71.03
C GLY HB 29 33.02 22.36 -71.93
N ARG HB 30 33.30 21.54 -72.94
CA ARG HB 30 32.31 21.20 -73.95
C ARG HB 30 32.26 19.67 -74.05
N PRO HB 31 31.15 19.11 -74.56
CA PRO HB 31 31.10 17.66 -74.77
C PRO HB 31 32.13 17.18 -75.79
N ALA HB 32 32.50 15.90 -75.65
CA ALA HB 32 33.58 15.34 -76.44
C ALA HB 32 33.17 15.17 -77.90
N ALA HB 33 34.16 15.22 -78.79
CA ALA HB 33 33.90 14.97 -80.21
C ALA HB 33 33.67 13.48 -80.46
N ASN HB 34 34.65 12.65 -80.09
CA ASN HB 34 34.64 11.19 -80.27
C ASN HB 34 34.39 10.79 -81.72
N THR HB 35 35.33 11.16 -82.58
CA THR HB 35 35.15 10.97 -84.02
C THR HB 35 35.29 9.49 -84.38
N LYS HB 36 34.55 9.07 -85.40
CA LYS HB 36 34.52 7.68 -85.84
C LYS HB 36 35.21 7.54 -87.19
N ILE HB 37 35.13 6.33 -87.74
CA ILE HB 37 35.64 6.06 -89.08
C ILE HB 37 34.47 5.99 -90.05
N GLY HB 38 34.48 6.86 -91.05
CA GLY HB 38 33.42 6.93 -92.02
C GLY HB 38 33.54 8.13 -92.93
N PRO HB 39 32.46 8.50 -93.61
CA PRO HB 39 32.48 9.67 -94.48
C PRO HB 39 32.60 10.96 -93.66
N ARG HB 40 33.34 11.93 -94.22
CA ARG HB 40 33.81 13.09 -93.46
C ARG HB 40 32.67 13.98 -93.00
N ARG HB 41 32.66 14.28 -91.69
CA ARG HB 41 31.64 15.13 -91.05
C ARG HB 41 32.36 16.01 -90.02
N ILE HB 42 32.67 17.23 -90.43
CA ILE HB 42 33.39 18.19 -89.60
C ILE HB 42 32.50 19.39 -89.33
N HIS HB 43 32.29 19.69 -88.06
CA HIS HB 43 31.46 20.82 -87.64
C HIS HB 43 32.35 21.90 -87.04
N THR HB 44 32.12 23.15 -87.44
CA THR HB 44 32.87 24.25 -86.84
C THR HB 44 32.20 24.72 -85.56
N VAL HB 45 33.04 25.12 -84.60
CA VAL HB 45 32.59 25.60 -83.30
C VAL HB 45 33.32 26.90 -83.00
N ARG HB 46 32.57 27.96 -82.74
CA ARG HB 46 33.17 29.20 -82.29
C ARG HB 46 33.64 29.05 -80.86
N VAL HB 47 34.87 29.51 -80.59
CA VAL HB 47 35.51 29.39 -79.29
C VAL HB 47 35.93 30.78 -78.82
N ARG HB 48 36.66 30.81 -77.71
CA ARG HB 48 37.09 32.06 -77.09
C ARG HB 48 38.03 32.83 -77.99
N GLY HB 49 37.71 34.11 -78.21
CA GLY HB 49 38.49 34.95 -79.09
C GLY HB 49 37.99 35.02 -80.51
N GLY HB 50 36.78 34.51 -80.77
CA GLY HB 50 36.24 34.53 -82.12
C GLY HB 50 36.91 33.56 -83.07
N ASN HB 51 37.60 32.54 -82.55
CA ASN HB 51 38.28 31.57 -83.36
C ASN HB 51 37.39 30.36 -83.59
N LYS HB 52 37.84 29.44 -84.45
CA LYS HB 52 37.08 28.26 -84.80
C LYS HB 52 37.87 27.00 -84.43
N LYS HB 53 37.14 26.00 -83.96
CA LYS HB 53 37.69 24.66 -83.76
C LYS HB 53 36.85 23.68 -84.56
N TYR HB 54 37.51 22.71 -85.19
CA TYR HB 54 36.85 21.80 -86.12
C TYR HB 54 36.64 20.45 -85.45
N ARG HB 55 35.42 20.23 -84.95
CA ARG HB 55 35.02 18.95 -84.37
C ARG HB 55 34.82 17.94 -85.50
N ALA HB 56 35.71 16.96 -85.57
CA ALA HB 56 35.45 15.82 -86.43
C ALA HB 56 34.50 14.87 -85.73
N LEU HB 57 33.61 14.24 -86.51
CA LEU HB 57 32.67 13.27 -85.97
C LEU HB 57 32.76 11.93 -86.66
N ARG HB 58 33.04 11.93 -87.97
CA ARG HB 58 33.49 10.76 -88.70
C ARG HB 58 34.60 11.20 -89.64
N LEU HB 59 35.66 10.40 -89.71
CA LEU HB 59 36.85 10.81 -90.47
C LEU HB 59 37.58 9.57 -90.94
N ASP HB 60 37.94 9.53 -92.23
CA ASP HB 60 38.51 8.34 -92.83
C ASP HB 60 39.95 8.49 -93.30
N VAL HB 61 40.36 9.66 -93.75
CA VAL HB 61 41.68 9.85 -94.35
C VAL HB 61 42.55 10.66 -93.39
N GLY HB 62 43.87 10.56 -93.61
CA GLY HB 62 44.84 11.27 -92.81
C GLY HB 62 46.19 11.36 -93.48
N ASN HB 63 46.93 12.45 -93.24
CA ASN HB 63 48.23 12.66 -93.88
C ASN HB 63 49.30 12.03 -92.99
N PHE HB 64 49.66 10.80 -93.33
CA PHE HB 64 50.57 10.01 -92.52
C PHE HB 64 51.98 10.03 -93.10
N SER HB 65 52.96 10.17 -92.22
CA SER HB 65 54.36 10.38 -92.59
C SER HB 65 55.16 9.11 -92.36
N TRP HB 66 56.01 8.77 -93.33
CA TRP HB 66 56.93 7.65 -93.19
C TRP HB 66 58.33 8.24 -92.96
N GLY HB 67 58.80 8.19 -91.71
CA GLY HB 67 59.82 9.13 -91.28
C GLY HB 67 61.22 8.77 -91.72
N SER HB 68 61.44 7.51 -92.11
CA SER HB 68 62.78 7.08 -92.51
C SER HB 68 63.18 7.67 -93.85
N GLU HB 69 62.19 8.01 -94.68
CA GLU HB 69 62.43 8.57 -96.00
C GLU HB 69 61.87 9.98 -96.17
N CYS HB 70 61.13 10.47 -95.17
CA CYS HB 70 60.47 11.79 -95.19
C CYS HB 70 59.53 11.93 -96.38
N CYS HB 71 58.49 11.10 -96.41
CA CYS HB 71 57.50 11.09 -97.48
C CYS HB 71 56.13 10.77 -96.90
N THR HB 72 55.32 11.80 -96.70
CA THR HB 72 53.96 11.62 -96.20
C THR HB 72 52.98 11.47 -97.37
N ARG HB 73 51.89 10.77 -97.10
CA ARG HB 73 50.82 10.59 -98.08
C ARG HB 73 49.48 10.66 -97.36
N LYS HB 74 48.46 11.09 -98.09
CA LYS HB 74 47.09 11.01 -97.59
C LYS HB 74 46.58 9.59 -97.76
N THR HB 75 46.18 8.97 -96.64
CA THR HB 75 45.89 7.55 -96.63
C THR HB 75 44.63 7.30 -95.81
N ARG HB 76 43.79 6.40 -96.29
CA ARG HB 76 42.56 6.02 -95.61
C ARG HB 76 42.84 5.20 -94.37
N ILE HB 77 42.15 5.52 -93.28
CA ILE HB 77 42.23 4.77 -92.01
C ILE HB 77 41.11 3.74 -92.03
N ILE HB 78 41.43 2.47 -91.80
CA ILE HB 78 40.42 1.42 -91.94
C ILE HB 78 40.09 0.76 -90.60
N ASP HB 79 41.01 0.83 -89.63
CA ASP HB 79 40.80 0.10 -88.37
C ASP HB 79 41.64 0.74 -87.29
N VAL HB 80 41.13 0.67 -86.06
CA VAL HB 80 41.87 1.11 -84.87
C VAL HB 80 42.15 -0.13 -84.02
N VAL HB 81 43.42 -0.36 -83.70
CA VAL HB 81 43.87 -1.60 -83.10
C VAL HB 81 44.30 -1.39 -81.64
N TYR HB 82 45.00 -0.30 -81.35
CA TYR HB 82 45.53 -0.10 -80.01
C TYR HB 82 45.31 1.35 -79.58
N ASN HB 83 45.01 1.52 -78.30
CA ASN HB 83 44.89 2.84 -77.67
C ASN HB 83 45.34 2.69 -76.22
N ALA HB 84 46.29 3.52 -75.81
CA ALA HB 84 46.87 3.37 -74.48
C ALA HB 84 45.94 3.91 -73.39
N SER HB 85 45.04 4.82 -73.74
CA SER HB 85 44.18 5.44 -72.74
C SER HB 85 43.05 4.51 -72.32
N ASN HB 86 42.23 4.09 -73.28
CA ASN HB 86 41.05 3.30 -72.96
C ASN HB 86 40.88 2.23 -74.02
N ASN HB 87 40.65 0.99 -73.58
CA ASN HB 87 40.37 -0.11 -74.50
C ASN HB 87 38.93 -0.04 -75.03
N GLU HB 88 38.06 0.74 -74.39
CA GLU HB 88 36.76 1.04 -74.97
C GLU HB 88 36.90 1.85 -76.26
N LEU HB 89 37.96 2.66 -76.36
CA LEU HB 89 38.24 3.39 -77.59
C LEU HB 89 38.85 2.47 -78.66
N VAL HB 90 39.27 1.26 -78.27
CA VAL HB 90 39.62 0.24 -79.24
C VAL HB 90 38.37 -0.50 -79.69
N ARG HB 91 37.49 -0.82 -78.74
CA ARG HB 91 36.28 -1.59 -79.04
C ARG HB 91 35.32 -0.79 -79.92
N THR HB 92 34.96 0.42 -79.49
CA THR HB 92 34.28 1.37 -80.35
C THR HB 92 35.36 2.19 -81.05
N LYS HB 93 35.40 2.11 -82.38
CA LYS HB 93 36.49 2.67 -83.16
C LYS HB 93 36.48 4.20 -83.11
N THR HB 94 37.33 4.77 -82.26
CA THR HB 94 37.32 6.19 -81.99
C THR HB 94 38.73 6.74 -82.11
N LEU HB 95 38.90 7.76 -82.94
CA LEU HB 95 40.21 8.36 -83.21
C LEU HB 95 40.47 9.48 -82.21
N VAL HB 96 41.47 9.29 -81.35
CA VAL HB 96 42.05 10.35 -80.57
C VAL HB 96 43.56 10.38 -80.85
N LYS HB 97 44.26 11.29 -80.19
CA LYS HB 97 45.71 11.35 -80.32
C LYS HB 97 46.33 10.11 -79.68
N ASN HB 98 47.46 9.66 -80.26
CA ASN HB 98 48.21 8.45 -79.88
C ASN HB 98 47.37 7.18 -80.03
N CYS HB 99 46.58 7.08 -81.09
CA CYS HB 99 45.94 5.82 -81.48
C CYS HB 99 46.82 5.08 -82.47
N ILE HB 100 46.70 3.76 -82.49
CA ILE HB 100 47.40 2.91 -83.44
C ILE HB 100 46.34 2.44 -84.45
N VAL HB 101 46.52 2.82 -85.71
CA VAL HB 101 45.55 2.51 -86.75
C VAL HB 101 46.21 1.69 -87.85
N LEU HB 102 45.39 0.95 -88.61
CA LEU HB 102 45.82 0.26 -89.81
C LEU HB 102 45.42 1.06 -91.03
N ILE HB 103 46.38 1.21 -91.96
CA ILE HB 103 46.17 2.02 -93.16
C ILE HB 103 46.65 1.25 -94.38
N ASP HB 104 46.18 1.68 -95.54
CA ASP HB 104 46.53 1.01 -96.80
C ASP HB 104 47.97 1.32 -97.18
N SER HB 105 48.68 0.29 -97.64
CA SER HB 105 50.10 0.42 -97.93
C SER HB 105 50.37 0.84 -99.37
N THR HB 106 49.33 1.01 -100.19
CA THR HB 106 49.49 1.29 -101.62
C THR HB 106 50.15 2.62 -102.00
N PRO HB 107 49.96 3.77 -101.31
CA PRO HB 107 50.73 4.95 -101.72
C PRO HB 107 52.21 4.85 -101.41
N TYR HB 108 52.57 4.24 -100.28
CA TYR HB 108 53.98 4.04 -99.97
C TYR HB 108 54.60 2.99 -100.89
N ARG HB 109 53.81 1.99 -101.28
CA ARG HB 109 54.27 1.01 -102.27
C ARG HB 109 54.50 1.66 -103.63
N GLN HB 110 53.60 2.55 -104.05
CA GLN HB 110 53.76 3.25 -105.32
C GLN HB 110 54.95 4.20 -105.28
N TRP HB 111 55.18 4.85 -104.13
CA TRP HB 111 56.35 5.73 -103.99
C TRP HB 111 57.65 4.94 -104.03
N TYR HB 112 57.67 3.76 -103.39
CA TYR HB 112 58.87 2.93 -103.39
C TYR HB 112 59.16 2.38 -104.79
N GLU HB 113 58.10 1.99 -105.52
CA GLU HB 113 58.28 1.50 -106.88
C GLU HB 113 58.70 2.63 -107.82
N SER HB 114 58.27 3.86 -107.54
CA SER HB 114 58.65 4.98 -108.39
C SER HB 114 60.07 5.44 -108.09
N HIS HB 115 60.52 5.32 -106.84
CA HIS HB 115 61.81 5.87 -106.45
C HIS HB 115 62.93 4.85 -106.58
N TYR HB 116 62.79 3.70 -105.91
CA TYR HB 116 63.87 2.72 -105.85
C TYR HB 116 63.77 1.63 -106.91
N ALA HB 117 62.63 1.54 -107.61
CA ALA HB 117 62.39 0.61 -108.72
C ALA HB 117 62.58 -0.85 -108.32
N LEU HB 118 62.21 -1.20 -107.09
CA LEU HB 118 62.31 -2.54 -106.55
C LEU HB 118 60.92 -3.05 -106.16
N PRO HB 119 60.69 -4.36 -106.22
CA PRO HB 119 59.39 -4.88 -105.80
C PRO HB 119 59.18 -4.76 -104.29
N LEU HB 120 57.91 -4.53 -103.94
CA LEU HB 120 57.54 -4.23 -102.56
C LEU HB 120 56.20 -4.89 -102.30
N GLY HB 121 56.11 -5.63 -101.20
CA GLY HB 121 55.00 -6.55 -101.02
C GLY HB 121 55.18 -7.70 -101.99
N ARG HB 122 54.19 -7.91 -102.87
CA ARG HB 122 54.30 -8.75 -104.05
C ARG HB 122 54.69 -10.20 -103.79
N LYS HB 123 53.79 -10.98 -103.18
CA LYS HB 123 53.91 -12.42 -103.04
C LYS HB 123 54.21 -13.06 -104.38
N LYS HB 124 55.18 -13.99 -104.37
CA LYS HB 124 55.82 -14.49 -105.58
C LYS HB 124 54.85 -15.31 -106.41
N GLY HB 125 54.64 -14.91 -107.67
CA GLY HB 125 53.73 -15.60 -108.56
C GLY HB 125 52.85 -14.66 -109.36
N ALA HB 126 52.57 -13.49 -108.80
CA ALA HB 126 51.66 -12.55 -109.44
C ALA HB 126 52.42 -11.60 -110.36
N LYS HB 127 51.78 -11.25 -111.48
CA LYS HB 127 52.29 -10.25 -112.41
C LYS HB 127 51.18 -9.28 -112.76
N LEU HB 128 51.54 -8.04 -113.06
CA LEU HB 128 50.55 -7.01 -113.32
C LEU HB 128 50.11 -7.06 -114.78
N THR HB 129 48.81 -7.27 -115.00
CA THR HB 129 48.29 -7.30 -116.37
C THR HB 129 48.09 -5.92 -117.01
N PRO HB 130 47.70 -4.84 -116.30
CA PRO HB 130 47.75 -3.52 -116.97
C PRO HB 130 49.15 -3.00 -117.27
N GLU HB 131 50.20 -3.61 -116.69
CA GLU HB 131 51.61 -3.47 -117.08
C GLU HB 131 52.19 -2.10 -116.75
N GLU HB 132 51.43 -1.25 -116.04
CA GLU HB 132 51.88 0.13 -115.80
C GLU HB 132 53.02 0.19 -114.79
N GLU HB 133 52.96 -0.65 -113.75
CA GLU HB 133 54.06 -0.71 -112.79
C GLU HB 133 55.30 -1.33 -113.43
N GLU HB 134 55.10 -2.24 -114.39
CA GLU HB 134 56.23 -2.80 -115.12
C GLU HB 134 56.88 -1.75 -116.02
N ILE HB 135 56.07 -0.86 -116.62
CA ILE HB 135 56.62 0.25 -117.39
C ILE HB 135 57.36 1.23 -116.49
N LEU HB 136 56.83 1.48 -115.29
CA LEU HB 136 57.49 2.39 -114.34
C LEU HB 136 58.78 1.78 -113.79
N ASN HB 137 58.84 0.45 -113.71
CA ASN HB 137 60.06 -0.19 -113.20
C ASN HB 137 61.12 -0.32 -114.29
N LYS HB 138 60.71 -0.63 -115.52
CA LYS HB 138 61.63 -0.80 -116.63
C LYS HB 138 61.84 0.54 -117.35
N LYS HB 139 62.44 0.46 -118.55
CA LYS HB 139 62.65 1.58 -119.48
C LYS HB 139 63.52 2.69 -118.87
N ARG HB 140 64.76 2.35 -118.49
CA ARG HB 140 65.68 3.34 -117.96
C ARG HB 140 66.75 3.71 -118.98
N SER HB 141 67.26 4.93 -118.86
CA SER HB 141 68.37 5.37 -119.69
C SER HB 141 69.70 4.90 -119.11
N LYS HB 142 70.76 5.06 -119.91
CA LYS HB 142 72.06 4.51 -119.56
C LYS HB 142 72.70 5.26 -118.40
N LYS HB 143 72.57 6.59 -118.38
CA LYS HB 143 73.20 7.36 -117.32
C LYS HB 143 72.34 7.43 -116.08
N ILE HB 144 71.03 7.16 -116.22
CA ILE HB 144 70.16 7.24 -115.04
C ILE HB 144 70.00 5.86 -114.41
N GLN HB 145 70.38 4.80 -115.13
CA GLN HB 145 70.49 3.48 -114.50
C GLN HB 145 71.55 3.47 -113.40
N LYS HB 146 72.62 4.27 -113.59
CA LYS HB 146 73.59 4.49 -112.53
C LYS HB 146 72.95 5.14 -111.31
N LYS HB 147 72.05 6.10 -111.53
CA LYS HB 147 71.40 6.79 -110.42
C LYS HB 147 70.46 5.87 -109.66
N TYR HB 148 69.70 5.05 -110.38
CA TYR HB 148 68.84 4.08 -109.72
C TYR HB 148 69.65 2.98 -109.03
N ASP HB 149 70.82 2.64 -109.58
CA ASP HB 149 71.69 1.66 -108.91
C ASP HB 149 72.31 2.22 -107.65
N GLU HB 150 72.60 3.54 -107.64
CA GLU HB 150 73.08 4.16 -106.41
C GLU HB 150 71.96 4.33 -105.39
N ARG HB 151 70.71 4.48 -105.87
CA ARG HB 151 69.57 4.48 -104.95
C ARG HB 151 69.34 3.09 -104.36
N LYS HB 152 69.67 2.05 -105.13
CA LYS HB 152 69.44 0.67 -104.70
C LYS HB 152 70.32 0.29 -103.51
N LYS HB 153 71.46 0.98 -103.34
CA LYS HB 153 72.36 0.68 -102.22
C LYS HB 153 71.73 1.06 -100.87
N ASN HB 154 70.90 2.10 -100.85
CA ASN HB 154 70.22 2.54 -99.63
C ASN HB 154 68.74 2.19 -99.63
N ALA HB 155 68.37 1.03 -100.17
CA ALA HB 155 66.98 0.62 -100.28
C ALA HB 155 66.65 -0.54 -99.34
N LYS HB 156 67.38 -0.66 -98.23
CA LYS HB 156 67.13 -1.73 -97.28
C LYS HB 156 65.93 -1.40 -96.40
N ILE HB 157 65.01 -2.35 -96.30
CA ILE HB 157 63.77 -2.17 -95.55
C ILE HB 157 63.76 -3.19 -94.41
N SER HB 158 63.10 -2.82 -93.32
CA SER HB 158 63.02 -3.68 -92.15
C SER HB 158 62.12 -4.88 -92.42
N SER HB 159 62.33 -5.95 -91.65
CA SER HB 159 61.61 -7.20 -91.89
C SER HB 159 60.15 -7.10 -91.45
N LEU HB 160 59.89 -6.49 -90.29
CA LEU HB 160 58.52 -6.34 -89.82
C LEU HB 160 57.74 -5.37 -90.70
N LEU HB 161 58.38 -4.28 -91.13
CA LEU HB 161 57.77 -3.36 -92.07
C LEU HB 161 57.49 -4.04 -93.40
N GLU HB 162 58.40 -4.92 -93.84
CA GLU HB 162 58.19 -5.62 -95.11
C GLU HB 162 57.05 -6.62 -95.00
N GLU HB 163 56.90 -7.27 -93.85
CA GLU HB 163 55.75 -8.15 -93.64
C GLU HB 163 54.45 -7.37 -93.57
N GLN HB 164 54.48 -6.15 -93.03
CA GLN HB 164 53.27 -5.33 -92.99
C GLN HB 164 52.91 -4.80 -94.37
N PHE HB 165 53.92 -4.48 -95.19
CA PHE HB 165 53.65 -4.13 -96.59
C PHE HB 165 53.12 -5.33 -97.37
N GLN HB 166 53.58 -6.53 -97.02
CA GLN HB 166 53.11 -7.74 -97.70
C GLN HB 166 51.66 -8.05 -97.32
N GLN HB 167 51.30 -7.83 -96.06
CA GLN HB 167 49.91 -7.99 -95.65
C GLN HB 167 49.02 -6.91 -96.25
N GLY HB 168 49.53 -5.68 -96.33
CA GLY HB 168 48.80 -4.62 -97.00
C GLY HB 168 48.37 -3.51 -96.08
N LYS HB 169 48.62 -3.66 -94.78
CA LYS HB 169 48.20 -2.69 -93.78
C LYS HB 169 49.40 -2.26 -92.94
N LEU HB 170 49.51 -0.96 -92.74
CA LEU HB 170 50.59 -0.35 -91.96
C LEU HB 170 50.05 0.19 -90.65
N LEU HB 171 50.88 0.12 -89.60
CA LEU HB 171 50.52 0.69 -88.30
C LEU HB 171 50.97 2.14 -88.22
N ALA HB 172 50.03 3.02 -87.92
CA ALA HB 172 50.31 4.45 -87.83
C ALA HB 172 49.81 4.99 -86.49
N CYS HB 173 50.62 5.84 -85.88
CA CYS HB 173 50.28 6.50 -84.63
C CYS HB 173 49.75 7.89 -84.92
N ILE HB 174 48.60 8.21 -84.33
CA ILE HB 174 47.97 9.51 -84.49
C ILE HB 174 48.77 10.53 -83.69
N ALA HB 175 49.21 11.58 -84.37
CA ALA HB 175 49.97 12.66 -83.74
C ALA HB 175 49.19 13.96 -83.60
N SER HB 176 48.28 14.24 -84.52
CA SER HB 176 47.46 15.43 -84.44
C SER HB 176 46.27 15.19 -83.53
N ARG HB 177 45.79 16.26 -82.92
CA ARG HB 177 44.58 16.22 -82.10
C ARG HB 177 43.34 16.33 -82.99
N PRO HB 178 42.56 15.26 -83.12
CA PRO HB 178 41.52 15.22 -84.16
C PRO HB 178 40.26 15.98 -83.83
N GLY HB 179 39.88 16.08 -82.56
CA GLY HB 179 38.69 16.83 -82.21
C GLY HB 179 38.91 18.32 -82.13
N GLN HB 180 40.16 18.77 -82.25
CA GLN HB 180 40.50 20.18 -82.13
C GLN HB 180 40.70 20.84 -83.49
N CYS HB 181 41.62 20.30 -84.31
CA CYS HB 181 41.91 20.91 -85.61
C CYS HB 181 41.11 20.28 -86.73
N GLY HB 182 40.68 19.03 -86.57
CA GLY HB 182 39.88 18.33 -87.55
C GLY HB 182 40.66 17.32 -88.38
N ARG HB 183 41.99 17.38 -88.33
CA ARG HB 183 42.83 16.45 -89.07
C ARG HB 183 43.26 15.30 -88.16
N ALA HB 184 43.61 14.18 -88.80
CA ALA HB 184 44.01 12.96 -88.10
C ALA HB 184 45.38 12.53 -88.59
N ASP HB 185 46.32 13.47 -88.59
CA ASP HB 185 47.66 13.23 -89.08
C ASP HB 185 48.47 12.38 -88.10
N GLY HB 186 49.64 11.92 -88.56
CA GLY HB 186 50.48 11.09 -87.73
C GLY HB 186 51.63 10.44 -88.47
N TYR HB 187 52.18 9.36 -87.90
CA TYR HB 187 53.41 8.78 -88.42
C TYR HB 187 53.36 7.27 -88.36
N VAL HB 188 53.91 6.63 -89.40
CA VAL HB 188 53.99 5.17 -89.46
C VAL HB 188 55.05 4.69 -88.49
N LEU HB 189 54.71 3.64 -87.72
CA LEU HB 189 55.63 3.15 -86.70
C LEU HB 189 56.80 2.40 -87.32
N GLU HB 190 57.98 2.58 -86.75
CA GLU HB 190 59.20 1.92 -87.22
C GLU HB 190 60.06 1.51 -86.03
N GLY HB 191 60.78 0.40 -86.21
CA GLY HB 191 61.81 -0.02 -85.28
C GLY HB 191 61.32 -0.49 -83.92
N LYS HB 192 61.91 0.08 -82.87
CA LYS HB 192 61.57 -0.30 -81.49
C LYS HB 192 60.15 0.09 -81.15
N GLU HB 193 59.67 1.20 -81.74
CA GLU HB 193 58.27 1.60 -81.62
C GLU HB 193 57.34 0.52 -82.17
N LEU HB 194 57.65 0.03 -83.37
CA LEU HB 194 56.82 -0.98 -84.01
C LEU HB 194 56.89 -2.30 -83.25
N GLU HB 195 58.07 -2.66 -82.74
CA GLU HB 195 58.21 -3.87 -81.94
C GLU HB 195 57.42 -3.79 -80.64
N PHE HB 196 57.44 -2.62 -79.99
CA PHE HB 196 56.70 -2.42 -78.75
C PHE HB 196 55.19 -2.50 -78.98
N TYR HB 197 54.70 -1.84 -80.03
CA TYR HB 197 53.25 -1.88 -80.27
C TYR HB 197 52.78 -3.24 -80.79
N LEU HB 198 53.60 -3.94 -81.59
CA LEU HB 198 53.22 -5.29 -82.00
C LEU HB 198 53.28 -6.27 -80.83
N ARG HB 199 54.19 -6.04 -79.88
CA ARG HB 199 54.22 -6.87 -78.68
C ARG HB 199 52.98 -6.61 -77.81
N LYS HB 200 52.53 -5.36 -77.73
CA LYS HB 200 51.31 -5.07 -76.98
C LYS HB 200 50.07 -5.63 -77.67
N ILE HB 201 50.04 -5.60 -79.02
CA ILE HB 201 48.93 -6.18 -79.76
C ILE HB 201 48.91 -7.70 -79.60
N LYS HB 202 50.08 -8.34 -79.60
CA LYS HB 202 50.15 -9.78 -79.41
C LYS HB 202 49.77 -10.17 -77.98
N ALA HB 203 50.12 -9.32 -77.00
CA ALA HB 203 49.74 -9.59 -75.62
C ALA HB 203 48.25 -9.38 -75.41
N ARG HB 204 47.65 -8.44 -76.13
CA ARG HB 204 46.19 -8.26 -76.06
C ARG HB 204 45.46 -9.41 -76.74
N LYS HB 205 46.00 -9.91 -77.85
CA LYS HB 205 45.35 -11.00 -78.58
C LYS HB 205 45.47 -12.32 -77.80
N GLY HB 206 46.70 -12.76 -77.53
CA GLY HB 206 46.92 -13.98 -76.79
C GLY HB 206 46.59 -15.23 -77.58
N PRO IB 1 30.16 58.68 -56.26
CA PRO IB 1 31.36 59.38 -56.73
C PRO IB 1 31.06 60.80 -57.19
N VAL IB 2 31.22 61.77 -56.29
CA VAL IB 2 31.04 63.18 -56.61
C VAL IB 2 32.37 63.90 -56.41
N ALA IB 3 32.51 65.05 -57.06
CA ALA IB 3 33.78 65.77 -57.11
C ALA IB 3 33.80 66.87 -56.03
N ARG IB 4 34.37 66.50 -54.89
CA ARG IB 4 34.50 67.40 -53.75
C ARG IB 4 35.60 66.91 -52.82
N SER IB 5 35.86 67.71 -51.78
CA SER IB 5 37.10 67.60 -51.03
C SER IB 5 37.03 66.50 -49.96
N TRP IB 6 36.03 66.58 -49.08
CA TRP IB 6 35.90 65.82 -47.83
C TRP IB 6 37.11 65.95 -46.92
N VAL IB 7 37.81 67.08 -46.93
CA VAL IB 7 39.01 67.27 -46.11
C VAL IB 7 38.71 68.38 -45.11
N CYS IB 8 38.74 68.03 -43.83
CA CYS IB 8 38.51 69.00 -42.76
C CYS IB 8 39.28 68.53 -41.53
N ARG IB 9 39.52 69.48 -40.63
CA ARG IB 9 40.31 69.21 -39.44
C ARG IB 9 39.87 70.15 -38.34
N LYS IB 10 39.72 69.60 -37.14
CA LYS IB 10 39.42 70.42 -35.97
C LYS IB 10 40.62 71.26 -35.58
N THR IB 11 40.43 72.58 -35.56
CA THR IB 11 41.50 73.50 -35.22
C THR IB 11 41.66 73.70 -33.72
N TYR IB 12 40.78 73.13 -32.90
CA TYR IB 12 40.87 73.27 -31.45
C TYR IB 12 40.73 71.89 -30.82
N VAL IB 13 41.36 71.75 -29.65
CA VAL IB 13 41.25 70.55 -28.83
C VAL IB 13 40.96 70.97 -27.40
N THR IB 14 39.84 70.50 -26.87
CA THR IB 14 39.42 70.71 -25.49
C THR IB 14 40.40 70.04 -24.52
N PRO IB 15 40.63 70.63 -23.35
CA PRO IB 15 41.56 70.02 -22.39
C PRO IB 15 40.97 68.80 -21.72
N ARG IB 16 41.85 68.05 -21.04
CA ARG IB 16 41.45 66.80 -20.40
C ARG IB 16 40.61 67.04 -19.16
N ARG IB 17 40.91 68.07 -18.40
CA ARG IB 17 40.15 68.35 -17.19
C ARG IB 17 39.24 69.56 -17.40
N PRO IB 18 37.95 69.45 -17.11
CA PRO IB 18 37.03 70.55 -17.47
C PRO IB 18 37.02 71.68 -16.46
N PHE IB 19 37.31 71.43 -15.18
CA PHE IB 19 37.10 72.41 -14.13
C PHE IB 19 38.36 72.65 -13.32
N GLU IB 20 39.49 72.82 -13.99
CA GLU IB 20 40.70 73.25 -13.32
C GLU IB 20 40.63 74.74 -13.04
N LYS IB 21 40.75 75.11 -11.76
CA LYS IB 21 40.62 76.51 -11.35
C LYS IB 21 41.77 77.35 -11.88
N SER IB 22 42.98 76.81 -11.85
CA SER IB 22 44.14 77.55 -12.35
C SER IB 22 44.12 77.69 -13.87
N ARG IB 23 43.61 76.67 -14.56
CA ARG IB 23 43.50 76.75 -16.01
C ARG IB 23 42.44 77.76 -16.44
N LEU IB 24 41.29 77.76 -15.74
CA LEU IB 24 40.26 78.75 -16.01
C LEU IB 24 40.73 80.16 -15.64
N ASP IB 25 41.57 80.26 -14.60
CA ASP IB 25 42.19 81.53 -14.22
C ASP IB 25 43.09 82.05 -15.34
N GLN IB 26 43.95 81.19 -15.88
CA GLN IB 26 44.87 81.60 -16.95
C GLN IB 26 44.12 81.96 -18.23
N GLU IB 27 43.13 81.16 -18.61
CA GLU IB 27 42.38 81.44 -19.83
C GLU IB 27 41.51 82.67 -19.69
N LEU IB 28 40.98 82.91 -18.48
CA LEU IB 28 40.17 84.10 -18.23
C LEU IB 28 41.03 85.35 -18.26
N LYS IB 29 42.26 85.26 -17.72
CA LYS IB 29 43.21 86.37 -17.83
C LYS IB 29 43.60 86.64 -19.28
N LEU IB 30 43.78 85.58 -20.09
CA LEU IB 30 44.11 85.76 -21.50
C LEU IB 30 43.00 86.45 -22.27
N ILE IB 31 41.75 86.03 -22.03
CA ILE IB 31 40.60 86.64 -22.72
C ILE IB 31 40.41 88.09 -22.27
N GLY IB 32 40.53 88.35 -20.97
CA GLY IB 32 40.38 89.72 -20.49
C GLY IB 32 41.55 90.61 -20.87
N GLU IB 33 42.70 90.02 -21.18
CA GLU IB 33 43.86 90.82 -21.57
C GLU IB 33 43.80 91.18 -23.04
N TYR IB 34 43.48 90.21 -23.91
CA TYR IB 34 43.57 90.45 -25.35
C TYR IB 34 42.23 90.51 -26.06
N GLY IB 35 41.12 90.58 -25.33
CA GLY IB 35 39.81 90.82 -25.94
C GLY IB 35 39.28 89.69 -26.79
N LEU IB 36 39.04 88.53 -26.20
CA LEU IB 36 38.66 87.35 -26.98
C LEU IB 36 37.16 87.11 -26.87
N ARG IB 37 36.69 86.13 -27.65
CA ARG IB 37 35.25 85.89 -27.73
C ARG IB 37 34.80 84.71 -26.87
N ASN IB 38 35.63 83.67 -26.72
CA ASN IB 38 35.26 82.49 -25.95
C ASN IB 38 36.53 81.73 -25.55
N LYS IB 39 36.33 80.55 -24.96
CA LYS IB 39 37.46 79.69 -24.60
C LYS IB 39 37.97 78.92 -25.81
N ARG IB 40 37.15 78.78 -26.85
CA ARG IB 40 37.59 78.12 -28.08
C ARG IB 40 38.66 78.95 -28.79
N GLU IB 41 38.62 80.28 -28.59
CA GLU IB 41 39.64 81.15 -29.15
C GLU IB 41 40.98 80.96 -28.45
N VAL IB 42 40.95 80.58 -27.17
CA VAL IB 42 42.18 80.19 -26.47
C VAL IB 42 42.63 78.82 -26.96
N TRP IB 43 41.68 77.89 -27.07
CA TRP IB 43 41.99 76.49 -27.33
C TRP IB 43 42.55 76.26 -28.72
N ARG IB 44 42.09 77.03 -29.72
CA ARG IB 44 42.61 76.82 -31.07
C ARG IB 44 44.03 77.37 -31.22
N VAL IB 45 44.36 78.46 -30.53
CA VAL IB 45 45.72 78.97 -30.56
C VAL IB 45 46.63 78.05 -29.77
N LYS IB 46 46.11 77.46 -28.68
CA LYS IB 46 46.84 76.43 -27.95
C LYS IB 46 47.11 75.20 -28.81
N PHE IB 47 46.16 74.84 -29.68
CA PHE IB 47 46.37 73.65 -30.51
C PHE IB 47 47.29 73.93 -31.69
N THR IB 48 47.29 75.16 -32.22
CA THR IB 48 48.29 75.51 -33.22
C THR IB 48 49.69 75.58 -32.60
N LEU IB 49 49.77 76.08 -31.35
CA LEU IB 49 51.02 76.02 -30.59
C LEU IB 49 51.47 74.58 -30.35
N ALA IB 50 50.50 73.69 -30.12
CA ALA IB 50 50.83 72.27 -29.96
C ALA IB 50 51.35 71.68 -31.27
N LYS IB 51 50.79 72.08 -32.41
CA LYS IB 51 51.30 71.65 -33.71
C LYS IB 51 52.73 72.11 -33.94
N ILE IB 52 53.00 73.39 -33.65
CA ILE IB 52 54.33 73.96 -33.89
C ILE IB 52 55.36 73.33 -32.95
N ARG IB 53 54.97 73.10 -31.69
CA ARG IB 53 55.88 72.48 -30.74
C ARG IB 53 56.10 71.00 -31.04
N LYS IB 54 55.09 70.31 -31.57
CA LYS IB 54 55.27 68.91 -31.96
C LYS IB 54 56.19 68.80 -33.16
N ALA IB 55 56.07 69.72 -34.12
CA ALA IB 55 57.01 69.76 -35.24
C ALA IB 55 58.42 70.11 -34.76
N ALA IB 56 58.53 70.98 -33.75
CA ALA IB 56 59.83 71.34 -33.21
C ALA IB 56 60.49 70.19 -32.48
N ARG IB 57 59.70 69.41 -31.72
CA ARG IB 57 60.24 68.23 -31.05
C ARG IB 57 60.63 67.17 -32.07
N GLU IB 58 59.86 67.04 -33.15
CA GLU IB 58 60.21 66.08 -34.21
C GLU IB 58 61.48 66.50 -34.94
N LEU IB 59 61.75 67.80 -35.01
CA LEU IB 59 63.01 68.25 -35.60
C LEU IB 59 64.18 68.07 -34.65
N LEU IB 60 63.97 68.31 -33.34
CA LEU IB 60 65.05 68.15 -32.38
C LEU IB 60 65.39 66.68 -32.13
N THR IB 61 64.45 65.76 -32.36
CA THR IB 61 64.79 64.35 -32.25
C THR IB 61 65.61 63.87 -33.44
N LEU IB 62 65.60 64.61 -34.55
CA LEU IB 62 66.43 64.25 -35.70
C LEU IB 62 67.89 64.63 -35.45
N ASP IB 63 68.77 64.03 -36.24
CA ASP IB 63 70.20 64.27 -36.10
C ASP IB 63 70.59 65.58 -36.77
N GLU IB 64 71.69 66.17 -36.31
CA GLU IB 64 72.21 67.39 -36.90
C GLU IB 64 72.80 67.07 -38.28
N LYS IB 65 72.79 68.09 -39.15
CA LYS IB 65 73.18 68.01 -40.57
C LYS IB 65 72.35 67.02 -41.35
N ASP IB 66 71.07 66.84 -40.98
CA ASP IB 66 70.11 66.08 -41.77
C ASP IB 66 69.41 67.02 -42.74
N PRO IB 67 69.25 66.64 -44.02
CA PRO IB 67 68.66 67.58 -44.99
C PRO IB 67 67.20 67.90 -44.74
N ARG IB 68 66.38 66.90 -44.39
CA ARG IB 68 64.98 67.15 -44.04
C ARG IB 68 64.87 68.01 -42.79
N ARG IB 69 65.76 67.78 -41.81
CA ARG IB 69 65.75 68.56 -40.58
C ARG IB 69 66.11 70.01 -40.84
N LEU IB 70 67.14 70.24 -41.67
CA LEU IB 70 67.56 71.61 -41.98
C LEU IB 70 66.51 72.34 -42.81
N PHE IB 71 65.90 71.64 -43.77
CA PHE IB 71 64.89 72.25 -44.63
C PHE IB 71 63.63 72.62 -43.83
N GLU IB 72 63.15 71.68 -43.01
CA GLU IB 72 61.95 71.94 -42.23
C GLU IB 72 62.21 72.96 -41.12
N GLY IB 73 63.42 72.96 -40.57
CA GLY IB 73 63.77 73.95 -39.57
C GLY IB 73 63.85 75.36 -40.14
N ASN IB 74 64.49 75.51 -41.31
CA ASN IB 74 64.57 76.81 -41.95
C ASN IB 74 63.19 77.29 -42.40
N ALA IB 75 62.34 76.37 -42.85
CA ALA IB 75 60.99 76.73 -43.26
C ALA IB 75 60.14 77.16 -42.07
N LEU IB 76 60.28 76.47 -40.93
CA LEU IB 76 59.49 76.82 -39.76
C LEU IB 76 59.98 78.13 -39.13
N LEU IB 77 61.29 78.37 -39.17
CA LEU IB 77 61.82 79.65 -38.72
C LEU IB 77 61.37 80.79 -39.63
N ARG IB 78 61.31 80.53 -40.94
CA ARG IB 78 60.81 81.53 -41.88
C ARG IB 78 59.33 81.83 -41.62
N ARG IB 79 58.55 80.80 -41.29
CA ARG IB 79 57.14 81.01 -40.97
C ARG IB 79 56.97 81.82 -39.67
N LEU IB 80 57.80 81.52 -38.65
CA LEU IB 80 57.70 82.27 -37.41
C LEU IB 80 58.16 83.72 -37.57
N VAL IB 81 59.16 83.96 -38.41
CA VAL IB 81 59.60 85.33 -38.69
C VAL IB 81 58.54 86.09 -39.48
N ARG IB 82 57.90 85.43 -40.45
CA ARG IB 82 56.94 86.14 -41.29
C ARG IB 82 55.63 86.37 -40.55
N ILE IB 83 55.30 85.54 -39.55
CA ILE IB 83 54.14 85.88 -38.73
C ILE IB 83 54.55 86.88 -37.64
N GLY IB 84 55.84 86.97 -37.34
CA GLY IB 84 56.32 88.04 -36.49
C GLY IB 84 56.24 87.77 -35.01
N VAL IB 85 56.21 86.51 -34.60
CA VAL IB 85 56.21 86.17 -33.18
C VAL IB 85 57.66 86.02 -32.74
N LEU IB 86 58.46 85.34 -33.57
CA LEU IB 86 59.87 85.13 -33.28
C LEU IB 86 60.72 86.18 -33.98
N ASP IB 87 61.78 86.63 -33.31
CA ASP IB 87 62.65 87.67 -33.81
C ASP IB 87 63.55 87.14 -34.93
N GLU IB 88 64.04 88.06 -35.76
CA GLU IB 88 64.88 87.67 -36.89
C GLU IB 88 66.31 87.35 -36.45
N GLY IB 89 66.71 87.76 -35.26
CA GLY IB 89 67.99 87.34 -34.73
C GLY IB 89 67.90 86.11 -33.85
N LYS IB 90 66.70 85.85 -33.31
CA LYS IB 90 66.47 84.75 -32.39
C LYS IB 90 66.18 83.44 -33.13
N MET IB 91 66.11 83.45 -34.46
CA MET IB 91 65.63 82.31 -35.23
C MET IB 91 66.59 81.11 -35.17
N LYS IB 92 66.24 80.16 -34.32
CA LYS IB 92 66.94 78.88 -34.20
C LYS IB 92 65.90 77.90 -33.69
N LEU IB 93 66.01 76.63 -34.10
CA LEU IB 93 64.95 75.66 -33.85
C LEU IB 93 64.87 75.24 -32.37
N ASP IB 94 65.87 75.60 -31.57
CA ASP IB 94 65.81 75.31 -30.15
C ASP IB 94 64.99 76.36 -29.39
N TYR IB 95 64.85 77.55 -29.97
CA TYR IB 95 64.09 78.61 -29.32
C TYR IB 95 62.58 78.54 -29.61
N ILE IB 96 62.15 77.59 -30.44
CA ILE IB 96 60.72 77.45 -30.73
C ILE IB 96 59.99 76.89 -29.52
N LEU IB 97 60.67 76.07 -28.71
CA LEU IB 97 60.05 75.48 -27.52
C LEU IB 97 59.77 76.53 -26.46
N GLY IB 98 60.62 77.57 -26.39
CA GLY IB 98 60.36 78.67 -25.48
C GLY IB 98 59.50 79.76 -26.09
N LEU IB 99 58.26 79.42 -26.42
CA LEU IB 99 57.36 80.35 -27.07
C LEU IB 99 55.97 80.17 -26.46
N LYS IB 100 55.18 81.24 -26.44
CA LYS IB 100 54.06 81.32 -25.52
C LYS IB 100 52.79 81.84 -26.19
N ILE IB 101 51.66 81.52 -25.54
CA ILE IB 101 50.33 81.85 -26.05
C ILE IB 101 50.12 83.36 -26.07
N GLU IB 102 50.73 84.06 -25.11
CA GLU IB 102 50.66 85.53 -25.10
C GLU IB 102 51.34 86.13 -26.31
N ASP IB 103 52.52 85.60 -26.69
CA ASP IB 103 53.21 86.11 -27.87
C ASP IB 103 52.51 85.69 -29.15
N PHE IB 104 51.75 84.60 -29.10
CA PHE IB 104 50.89 84.28 -30.25
C PHE IB 104 49.69 85.22 -30.35
N LEU IB 105 49.11 85.60 -29.20
CA LEU IB 105 47.95 86.50 -29.21
C LEU IB 105 48.36 87.95 -29.45
N GLU IB 106 49.65 88.27 -29.32
CA GLU IB 106 50.10 89.64 -29.63
C GLU IB 106 49.96 89.98 -31.11
N ARG IB 107 49.95 88.97 -32.00
CA ARG IB 107 49.89 89.22 -33.43
C ARG IB 107 48.47 89.20 -33.97
N ARG IB 108 47.47 89.29 -33.11
CA ARG IB 108 46.08 89.41 -33.55
C ARG IB 108 45.85 90.81 -34.11
N LEU IB 109 45.06 90.89 -35.19
CA LEU IB 109 44.77 92.17 -35.83
C LEU IB 109 43.98 93.09 -34.90
N GLN IB 110 43.14 92.50 -34.05
CA GLN IB 110 42.49 93.25 -32.98
C GLN IB 110 43.52 93.87 -32.04
N THR IB 111 44.49 93.06 -31.61
CA THR IB 111 45.54 93.55 -30.72
C THR IB 111 46.48 94.52 -31.44
N GLN IB 112 46.71 94.31 -32.74
CA GLN IB 112 47.57 95.21 -33.49
C GLN IB 112 46.90 96.57 -33.71
N VAL IB 113 45.59 96.58 -33.94
CA VAL IB 113 44.83 97.83 -34.02
C VAL IB 113 44.85 98.54 -32.68
N PHE IB 114 44.74 97.77 -31.59
CA PHE IB 114 44.77 98.38 -30.25
C PHE IB 114 46.16 98.95 -29.93
N LYS IB 115 47.23 98.29 -30.40
CA LYS IB 115 48.58 98.79 -30.11
C LYS IB 115 48.94 99.98 -31.02
N LEU IB 116 48.44 100.00 -32.26
CA LEU IB 116 48.64 101.18 -33.10
C LEU IB 116 47.81 102.36 -32.62
N GLY IB 117 46.68 102.08 -31.96
CA GLY IB 117 45.95 103.11 -31.26
C GLY IB 117 44.90 103.85 -32.06
N LEU IB 118 44.51 103.35 -33.23
CA LEU IB 118 43.44 103.99 -33.98
C LEU IB 118 42.07 103.70 -33.36
N ALA IB 119 41.98 102.70 -32.50
CA ALA IB 119 40.76 102.41 -31.75
C ALA IB 119 40.98 102.75 -30.28
N LYS IB 120 39.87 102.91 -29.54
CA LYS IB 120 39.96 103.30 -28.14
C LYS IB 120 40.27 102.09 -27.26
N SER IB 121 39.51 101.02 -27.41
CA SER IB 121 39.68 99.81 -26.61
C SER IB 121 39.83 98.60 -27.53
N ILE IB 122 40.09 97.45 -26.90
CA ILE IB 122 40.27 96.20 -27.65
C ILE IB 122 38.94 95.72 -28.23
N HIS IB 123 37.87 95.79 -27.42
CA HIS IB 123 36.57 95.39 -27.90
C HIS IB 123 35.99 96.44 -28.85
N HIS IB 124 36.39 97.71 -28.70
CA HIS IB 124 36.01 98.71 -29.69
C HIS IB 124 36.72 98.47 -31.02
N ALA IB 125 37.96 97.98 -30.96
CA ALA IB 125 38.67 97.56 -32.16
C ALA IB 125 37.96 96.38 -32.82
N ARG IB 126 37.44 95.46 -32.00
CA ARG IB 126 36.68 94.33 -32.53
C ARG IB 126 35.37 94.80 -33.17
N VAL IB 127 34.75 95.84 -32.59
CA VAL IB 127 33.57 96.46 -33.20
C VAL IB 127 33.92 97.08 -34.55
N LEU IB 128 35.08 97.73 -34.65
CA LEU IB 128 35.52 98.31 -35.92
C LEU IB 128 35.79 97.23 -36.97
N ILE IB 129 36.37 96.09 -36.53
CA ILE IB 129 36.61 94.97 -37.43
C ILE IB 129 35.28 94.40 -37.92
N ARG IB 130 34.30 94.30 -37.03
CA ARG IB 130 32.99 93.76 -37.41
C ARG IB 130 32.24 94.72 -38.33
N GLN IB 131 32.40 96.02 -38.14
CA GLN IB 131 31.68 97.01 -38.91
C GLN IB 131 32.46 97.51 -40.12
N ARG IB 132 33.63 96.91 -40.39
CA ARG IB 132 34.38 97.07 -41.66
C ARG IB 132 34.85 98.50 -41.87
N HIS IB 133 35.47 99.08 -40.85
CA HIS IB 133 36.00 100.43 -40.96
C HIS IB 133 37.47 100.47 -41.33
N ILE IB 134 38.18 99.34 -41.27
CA ILE IB 134 39.61 99.30 -41.51
C ILE IB 134 39.92 98.36 -42.67
N ARG IB 135 41.07 98.59 -43.30
CA ARG IB 135 41.53 97.77 -44.40
C ARG IB 135 43.00 97.46 -44.22
N VAL IB 136 43.46 96.41 -44.91
CA VAL IB 136 44.87 96.01 -44.91
C VAL IB 136 45.27 95.80 -46.37
N ARG IB 137 46.13 96.69 -46.88
CA ARG IB 137 46.64 96.69 -48.26
C ARG IB 137 45.51 96.73 -49.28
N LYS IB 138 44.67 97.76 -49.15
CA LYS IB 138 43.48 98.00 -49.97
C LYS IB 138 42.50 96.83 -49.96
N GLN IB 139 42.39 96.12 -48.83
CA GLN IB 139 41.51 94.97 -48.68
C GLN IB 139 40.86 95.03 -47.31
N VAL IB 140 39.52 95.11 -47.30
CA VAL IB 140 38.79 95.24 -46.05
C VAL IB 140 38.79 93.91 -45.31
N VAL IB 141 39.20 93.94 -44.04
CA VAL IB 141 39.24 92.77 -43.17
C VAL IB 141 38.05 92.85 -42.23
N ASN IB 142 37.19 91.83 -42.27
CA ASN IB 142 35.98 91.80 -41.46
C ASN IB 142 36.12 90.89 -40.25
N ILE IB 143 37.18 90.13 -40.17
CA ILE IB 143 37.32 89.04 -39.20
C ILE IB 143 38.55 89.30 -38.34
N PRO IB 144 38.43 89.31 -37.01
CA PRO IB 144 39.56 89.70 -36.17
C PRO IB 144 40.64 88.63 -36.04
N SER IB 145 40.43 87.45 -36.62
CA SER IB 145 41.42 86.37 -36.56
C SER IB 145 42.51 86.49 -37.61
N PHE IB 146 42.67 87.66 -38.23
CA PHE IB 146 43.65 87.86 -39.29
C PHE IB 146 45.06 87.90 -38.70
N ILE IB 147 45.87 86.90 -39.00
CA ILE IB 147 47.25 86.88 -38.53
C ILE IB 147 48.05 87.88 -39.36
N VAL IB 148 48.41 89.00 -38.76
CA VAL IB 148 49.07 90.09 -39.47
C VAL IB 148 50.54 89.75 -39.63
N ARG IB 149 51.03 89.77 -40.87
CA ARG IB 149 52.44 89.55 -41.09
C ARG IB 149 53.25 90.79 -40.73
N LEU IB 150 54.54 90.58 -40.46
CA LEU IB 150 55.43 91.68 -40.14
C LEU IB 150 55.65 92.59 -41.34
N ASP IB 151 55.60 92.02 -42.54
CA ASP IB 151 55.72 92.82 -43.76
C ASP IB 151 54.46 93.64 -44.01
N SER IB 152 53.31 93.13 -43.56
CA SER IB 152 52.03 93.80 -43.79
C SER IB 152 51.50 94.47 -42.52
N GLN IB 153 52.36 94.68 -41.52
CA GLN IB 153 51.93 95.34 -40.29
C GLN IB 153 51.72 96.84 -40.46
N LYS IB 154 52.59 97.50 -41.22
CA LYS IB 154 52.53 98.97 -41.31
C LYS IB 154 51.43 99.47 -42.23
N HIS IB 155 50.76 98.58 -42.97
CA HIS IB 155 49.73 98.97 -43.92
C HIS IB 155 48.33 98.98 -43.32
N ILE IB 156 48.20 98.86 -42.00
CA ILE IB 156 46.89 98.86 -41.36
C ILE IB 156 46.42 100.30 -41.20
N ASP IB 157 45.25 100.61 -41.76
CA ASP IB 157 44.65 101.94 -41.68
C ASP IB 157 43.14 101.79 -41.84
N PHE IB 158 42.45 102.91 -41.84
CA PHE IB 158 41.01 102.91 -42.06
C PHE IB 158 40.68 102.62 -43.52
N SER IB 159 39.56 101.93 -43.74
CA SER IB 159 39.13 101.61 -45.08
C SER IB 159 38.56 102.83 -45.79
N LEU IB 160 38.44 102.74 -47.11
CA LEU IB 160 37.96 103.87 -47.90
C LEU IB 160 36.45 104.03 -47.75
N ARG IB 161 35.71 102.93 -47.76
CA ARG IB 161 34.27 102.98 -47.49
C ARG IB 161 34.09 102.89 -45.98
N SER IB 162 34.28 104.03 -45.32
CA SER IB 162 34.15 104.13 -43.87
C SER IB 162 33.91 105.60 -43.53
N PRO IB 163 32.90 105.87 -42.69
CA PRO IB 163 32.69 107.26 -42.25
C PRO IB 163 33.77 107.73 -41.28
N TYR IB 164 34.43 106.81 -40.58
CA TYR IB 164 35.57 107.20 -39.74
C TYR IB 164 36.77 107.56 -40.60
N GLY IB 165 36.84 107.02 -41.81
CA GLY IB 165 37.80 107.47 -42.80
C GLY IB 165 37.19 108.47 -43.76
N GLY IB 166 37.78 108.54 -44.95
CA GLY IB 166 37.31 109.44 -45.99
C GLY IB 166 36.17 108.89 -46.81
N GLY IB 167 34.96 108.86 -46.25
CA GLY IB 167 33.83 108.33 -46.97
C GLY IB 167 32.52 108.98 -46.56
N ARG IB 168 31.43 108.35 -46.97
CA ARG IB 168 30.09 108.86 -46.66
C ARG IB 168 29.76 108.60 -45.19
N PRO IB 169 28.97 109.48 -44.56
CA PRO IB 169 28.60 109.25 -43.16
C PRO IB 169 27.60 108.11 -43.02
N GLY IB 170 27.41 107.67 -41.77
CA GLY IB 170 26.60 106.50 -41.50
C GLY IB 170 25.12 106.80 -41.47
N ARG IB 171 24.36 105.74 -41.13
CA ARG IB 171 22.90 105.80 -41.14
C ARG IB 171 22.39 106.74 -40.04
N VAL IB 172 23.03 106.73 -38.88
CA VAL IB 172 22.59 107.58 -37.77
C VAL IB 172 22.85 109.05 -38.09
N LYS IB 173 23.99 109.36 -38.71
CA LYS IB 173 24.28 110.74 -39.08
C LYS IB 173 23.37 111.21 -40.20
N ARG IB 174 23.07 110.33 -41.17
CA ARG IB 174 22.15 110.70 -42.25
C ARG IB 174 20.73 110.91 -41.72
N LYS IB 175 20.30 110.07 -40.76
CA LYS IB 175 18.97 110.22 -40.20
C LYS IB 175 18.85 111.46 -39.34
N ASN IB 176 19.92 111.79 -38.60
CA ASN IB 176 19.91 113.02 -37.79
C ASN IB 176 19.94 114.26 -38.68
N ALA IB 177 20.68 114.22 -39.79
CA ALA IB 177 20.71 115.34 -40.72
C ALA IB 177 19.36 115.51 -41.41
N LYS IB 178 18.72 114.39 -41.76
CA LYS IB 178 17.40 114.45 -42.41
C LYS IB 178 16.34 114.96 -41.45
N LYS IB 179 16.41 114.55 -40.18
CA LYS IB 179 15.45 115.02 -39.19
C LYS IB 179 15.68 116.50 -38.86
N GLY IB 180 16.95 116.93 -38.87
CA GLY IB 180 17.24 118.34 -38.66
C GLY IB 180 16.76 119.22 -39.79
N GLN IB 181 16.96 118.76 -41.04
CA GLN IB 181 16.48 119.54 -42.18
C GLN IB 181 14.95 119.50 -42.28
N GLY IB 182 14.32 118.41 -41.82
CA GLY IB 182 12.87 118.38 -41.78
C GLY IB 182 12.30 119.28 -40.69
N GLY IB 183 13.00 119.39 -39.57
CA GLY IB 183 12.56 120.31 -38.53
C GLY IB 183 12.82 121.76 -38.89
N ALA IB 184 13.88 122.02 -39.67
CA ALA IB 184 14.16 123.38 -40.11
C ALA IB 184 13.21 123.83 -41.20
N GLY IB 185 12.98 122.98 -42.20
CA GLY IB 185 12.07 123.31 -43.29
C GLY IB 185 12.71 123.15 -44.66
N MET JB 1 -5.59 100.58 27.80
CA MET JB 1 -5.52 101.06 29.17
C MET JB 1 -6.22 102.39 29.38
N LEU JB 2 -7.47 102.32 29.83
CA LEU JB 2 -8.26 103.49 30.19
C LEU JB 2 -7.81 103.97 31.57
N MET JB 3 -6.75 104.76 31.56
CA MET JB 3 -6.14 105.27 32.79
C MET JB 3 -6.81 106.58 33.22
N PRO JB 4 -6.80 106.87 34.51
CA PRO JB 4 -7.21 108.21 34.96
C PRO JB 4 -6.22 109.27 34.52
N LYS JB 5 -6.74 110.43 34.11
CA LYS JB 5 -5.89 111.50 33.61
C LYS JB 5 -5.04 112.09 34.72
N LYS JB 6 -5.60 112.19 35.94
CA LYS JB 6 -4.85 112.73 37.08
C LYS JB 6 -3.71 111.79 37.46
N ASN JB 7 -3.96 110.48 37.42
CA ASN JB 7 -2.90 109.51 37.74
C ASN JB 7 -1.84 109.48 36.66
N ARG JB 8 -2.25 109.62 35.39
CA ARG JB 8 -1.28 109.66 34.29
C ARG JB 8 -0.39 110.90 34.37
N ILE JB 9 -0.98 112.05 34.69
CA ILE JB 9 -0.20 113.29 34.85
C ILE JB 9 0.70 113.19 36.09
N ALA JB 10 0.23 112.53 37.15
CA ALA JB 10 1.05 112.37 38.35
C ALA JB 10 2.25 111.45 38.11
N ILE JB 11 2.04 110.36 37.36
CA ILE JB 11 3.15 109.46 37.05
C ILE JB 11 4.14 110.12 36.10
N TYR JB 12 3.65 110.91 35.13
CA TYR JB 12 4.56 111.61 34.22
C TYR JB 12 5.31 112.73 34.95
N GLU JB 13 4.67 113.35 35.94
CA GLU JB 13 5.33 114.39 36.72
C GLU JB 13 6.38 113.80 37.64
N LEU JB 14 6.12 112.59 38.18
CA LEU JB 14 7.14 111.89 38.96
C LEU JB 14 8.31 111.48 38.07
N LEU JB 15 8.00 111.03 36.85
CA LEU JB 15 9.04 110.65 35.88
C LEU JB 15 9.85 111.86 35.44
N PHE JB 16 9.26 113.05 35.46
CA PHE JB 16 10.02 114.24 35.09
C PHE JB 16 10.81 114.78 36.28
N LYS JB 17 10.27 114.69 37.50
CA LYS JB 17 10.98 115.25 38.65
C LYS JB 17 12.12 114.34 39.07
N GLU JB 18 12.08 113.07 38.69
CA GLU JB 18 13.24 112.19 38.73
C GLU JB 18 13.15 111.28 37.52
N GLY JB 19 14.17 111.36 36.65
CA GLY JB 19 14.17 110.71 35.35
C GLY JB 19 14.02 109.20 35.36
N VAL JB 20 14.88 108.51 36.10
CA VAL JB 20 14.74 107.08 36.28
C VAL JB 20 13.60 106.80 37.25
N MET JB 21 12.76 105.82 36.89
CA MET JB 21 11.69 105.42 37.80
C MET JB 21 11.64 103.90 37.86
N VAL JB 22 11.31 103.39 39.05
CA VAL JB 22 11.30 101.96 39.35
C VAL JB 22 9.87 101.48 39.48
N ALA JB 23 9.70 100.16 39.41
CA ALA JB 23 8.39 99.55 39.63
C ALA JB 23 8.59 98.08 40.02
N LYS JB 24 7.58 97.51 40.65
CA LYS JB 24 7.62 96.10 41.03
C LYS JB 24 6.66 95.31 40.14
N LYS JB 25 7.12 94.16 39.64
CA LYS JB 25 6.24 93.33 38.81
C LYS JB 25 5.21 92.63 39.67
N ASP JB 26 4.08 93.31 39.89
CA ASP JB 26 2.94 92.71 40.59
C ASP JB 26 1.72 93.48 40.15
N VAL JB 27 0.84 92.82 39.41
CA VAL JB 27 -0.39 93.45 38.94
C VAL JB 27 -1.33 93.72 40.10
N HIS JB 28 -1.30 92.85 41.12
CA HIS JB 28 -2.26 92.91 42.22
C HIS JB 28 -1.70 93.76 43.35
N MET JB 29 -1.53 95.05 43.06
CA MET JB 29 -1.07 96.02 44.04
C MET JB 29 -2.07 97.16 44.13
N PRO JB 30 -2.50 97.53 45.35
CA PRO JB 30 -3.39 98.69 45.48
C PRO JB 30 -2.74 100.02 45.12
N LYS JB 31 -1.57 100.30 45.69
CA LYS JB 31 -0.91 101.58 45.50
C LYS JB 31 0.56 101.36 45.17
N HIS JB 32 1.17 102.37 44.55
CA HIS JB 32 2.59 102.35 44.25
C HIS JB 32 3.39 102.57 45.54
N PRO JB 33 4.47 101.81 45.75
CA PRO JB 33 5.16 101.88 47.05
C PRO JB 33 5.96 103.16 47.26
N GLU JB 34 6.45 103.79 46.19
CA GLU JB 34 7.21 105.02 46.35
C GLU JB 34 6.29 106.23 46.47
N LEU JB 35 5.31 106.35 45.58
CA LEU JB 35 4.36 107.45 45.59
C LEU JB 35 3.04 106.88 46.11
N ALA JB 36 2.85 106.95 47.42
CA ALA JB 36 1.69 106.39 48.09
C ALA JB 36 0.64 107.43 48.42
N ASP JB 37 0.82 108.68 47.99
CA ASP JB 37 -0.16 109.72 48.28
C ASP JB 37 -1.38 109.58 47.39
N LYS JB 38 -1.18 109.43 46.08
CA LYS JB 38 -2.26 109.24 45.13
C LYS JB 38 -2.67 107.77 45.08
N ASN JB 39 -3.60 107.47 44.18
CA ASN JB 39 -3.99 106.07 43.96
C ASN JB 39 -2.89 105.32 43.25
N VAL JB 40 -2.59 105.72 42.01
CA VAL JB 40 -1.53 105.28 41.08
C VAL JB 40 -1.17 103.80 41.16
N PRO JB 41 -2.03 102.89 40.67
CA PRO JB 41 -1.74 101.46 40.79
C PRO JB 41 -0.55 101.01 39.95
N ASN JB 42 0.10 99.94 40.43
CA ASN JB 42 1.34 99.43 39.87
C ASN JB 42 1.14 98.91 38.45
N LEU JB 43 -0.05 98.38 38.16
CA LEU JB 43 -0.34 97.93 36.80
C LEU JB 43 -0.45 99.10 35.85
N HIS JB 44 -1.04 100.22 36.32
CA HIS JB 44 -1.10 101.43 35.51
C HIS JB 44 0.30 102.02 35.30
N VAL JB 45 1.16 101.93 36.32
CA VAL JB 45 2.54 102.40 36.20
C VAL JB 45 3.30 101.56 35.16
N MET JB 46 3.16 100.24 35.25
CA MET JB 46 3.79 99.32 34.31
C MET JB 46 3.33 99.55 32.88
N LYS JB 47 2.01 99.72 32.67
CA LYS JB 47 1.51 99.86 31.31
C LYS JB 47 1.80 101.24 30.74
N ALA JB 48 1.82 102.28 31.57
CA ALA JB 48 2.17 103.61 31.09
C ALA JB 48 3.64 103.69 30.70
N MET JB 49 4.52 103.09 31.51
CA MET JB 49 5.93 103.10 31.17
C MET JB 49 6.23 102.14 30.02
N GLN JB 50 5.41 101.11 29.84
CA GLN JB 50 5.54 100.25 28.66
C GLN JB 50 5.10 100.98 27.41
N SER JB 51 4.08 101.85 27.51
CA SER JB 51 3.70 102.69 26.38
C SER JB 51 4.78 103.72 26.07
N LEU JB 52 5.51 104.19 27.08
CA LEU JB 52 6.66 105.06 26.83
C LEU JB 52 7.81 104.26 26.22
N LYS JB 53 7.93 102.98 26.58
CA LYS JB 53 9.04 102.16 26.12
C LYS JB 53 8.86 101.75 24.66
N SER JB 54 7.61 101.48 24.26
CA SER JB 54 7.36 100.90 22.95
C SER JB 54 7.59 101.89 21.81
N ARG JB 55 7.45 103.19 22.07
CA ARG JB 55 7.65 104.21 21.05
C ARG JB 55 9.02 104.88 21.20
N GLY JB 56 9.95 104.18 21.85
CA GLY JB 56 11.35 104.59 21.85
C GLY JB 56 11.68 105.83 22.63
N TYR JB 57 11.13 105.98 23.84
CA TYR JB 57 11.40 107.16 24.66
C TYR JB 57 12.17 106.85 25.93
N VAL JB 58 12.07 105.64 26.47
CA VAL JB 58 12.65 105.32 27.75
C VAL JB 58 13.42 104.00 27.61
N LYS JB 59 14.34 103.75 28.56
CA LYS JB 59 15.24 102.61 28.51
C LYS JB 59 14.89 101.62 29.62
N GLU JB 60 14.96 100.32 29.29
CA GLU JB 60 14.46 99.23 30.13
C GLU JB 60 15.61 98.47 30.79
N GLN JB 61 15.42 98.13 32.07
CA GLN JB 61 16.31 97.20 32.75
C GLN JB 61 15.49 96.45 33.81
N PHE JB 62 15.94 95.25 34.20
CA PHE JB 62 15.15 94.38 35.06
C PHE JB 62 16.06 93.66 36.06
N ALA JB 63 15.68 93.66 37.34
CA ALA JB 63 16.37 92.90 38.38
C ALA JB 63 15.37 92.07 39.18
N TRP JB 64 15.08 90.87 38.65
CA TRP JB 64 14.40 89.71 39.23
C TRP JB 64 12.90 89.84 39.48
N ARG JB 65 12.44 91.05 39.84
CA ARG JB 65 11.02 91.34 40.01
C ARG JB 65 10.69 92.80 39.71
N HIS JB 66 11.68 93.59 39.29
CA HIS JB 66 11.58 95.04 39.35
C HIS JB 66 11.98 95.64 38.01
N PHE JB 67 11.13 96.51 37.49
CA PHE JB 67 11.42 97.24 36.27
C PHE JB 67 12.11 98.56 36.60
N TYR JB 68 13.02 98.97 35.73
CA TYR JB 68 13.81 100.18 35.89
C TYR JB 68 13.79 100.91 34.56
N TRP JB 69 13.41 102.18 34.57
CA TRP JB 69 13.30 102.95 33.35
C TRP JB 69 14.18 104.18 33.43
N TYR JB 70 15.17 104.25 32.54
CA TYR JB 70 16.07 105.39 32.37
C TYR JB 70 15.48 106.32 31.32
N LEU JB 71 15.16 107.54 31.72
CA LEU JB 71 14.50 108.50 30.84
C LEU JB 71 15.55 109.19 29.96
N THR JB 72 15.38 109.09 28.65
CA THR JB 72 16.30 109.66 27.68
C THR JB 72 15.94 111.10 27.37
N ASN JB 73 16.75 111.73 26.50
CA ASN JB 73 16.56 113.13 26.16
C ASN JB 73 15.33 113.34 25.30
N GLU JB 74 15.00 112.35 24.45
CA GLU JB 74 13.76 112.42 23.69
C GLU JB 74 12.55 112.30 24.61
N GLY JB 75 12.68 111.50 25.66
CA GLY JB 75 11.64 111.45 26.68
C GLY JB 75 11.52 112.75 27.46
N ILE JB 76 12.66 113.42 27.69
CA ILE JB 76 12.65 114.75 28.31
C ILE JB 76 11.89 115.74 27.44
N GLN JB 77 12.16 115.74 26.13
CA GLN JB 77 11.49 116.64 25.21
C GLN JB 77 10.00 116.31 25.10
N TYR JB 78 9.64 115.02 25.12
CA TYR JB 78 8.24 114.64 25.02
C TYR JB 78 7.47 114.99 26.28
N LEU JB 79 8.07 114.78 27.46
CA LEU JB 79 7.38 115.15 28.69
C LEU JB 79 7.29 116.66 28.86
N ARG JB 80 8.29 117.40 28.34
CA ARG JB 80 8.21 118.85 28.34
C ARG JB 80 7.10 119.35 27.41
N ASP JB 81 6.97 118.76 26.22
CA ASP JB 81 5.89 119.15 25.32
C ASP JB 81 4.53 118.70 25.83
N TYR JB 82 4.49 117.64 26.65
CA TYR JB 82 3.23 117.19 27.21
C TYR JB 82 2.78 118.07 28.36
N LEU JB 83 3.68 118.34 29.31
CA LEU JB 83 3.33 119.09 30.52
C LEU JB 83 3.46 120.59 30.36
N HIS JB 84 3.91 121.07 29.18
CA HIS JB 84 4.01 122.49 28.84
C HIS JB 84 4.92 123.25 29.80
N LEU JB 85 5.99 122.60 30.23
CA LEU JB 85 6.93 123.15 31.20
C LEU JB 85 8.01 123.97 30.50
N PRO JB 86 8.57 124.97 31.17
CA PRO JB 86 9.66 125.76 30.58
C PRO JB 86 10.93 124.93 30.44
N PRO JB 87 11.77 125.20 29.44
CA PRO JB 87 12.99 124.42 29.26
C PRO JB 87 14.14 124.77 30.18
N GLU JB 88 13.95 125.70 31.13
CA GLU JB 88 15.03 126.07 32.04
C GLU JB 88 15.19 125.03 33.14
N ILE JB 89 14.07 124.60 33.74
CA ILE JB 89 14.14 123.61 34.80
C ILE JB 89 14.45 122.22 34.23
N VAL JB 90 15.29 121.49 34.96
CA VAL JB 90 15.79 120.18 34.53
C VAL JB 90 15.47 119.16 35.62
N PRO JB 91 15.50 117.85 35.32
CA PRO JB 91 15.39 116.85 36.40
C PRO JB 91 16.60 116.82 37.32
N ALA JB 92 16.49 116.10 38.44
CA ALA JB 92 17.57 116.09 39.42
C ALA JB 92 18.72 115.19 38.99
N THR JB 93 18.49 114.28 38.05
CA THR JB 93 19.57 113.42 37.59
C THR JB 93 20.51 114.16 36.64
N LEU JB 94 20.05 115.29 36.07
CA LEU JB 94 20.94 116.16 35.32
C LEU JB 94 21.56 117.22 36.21
N ARG JB 95 20.93 117.49 37.35
CA ARG JB 95 21.43 118.50 38.28
C ARG JB 95 22.63 117.95 39.05
N ARG JB 96 23.57 118.84 39.35
CA ARG JB 96 24.72 118.49 40.18
C ARG JB 96 25.11 119.67 41.05
N ASP KB 1 63.79 -1.85 -67.47
CA ASP KB 1 64.44 -0.55 -67.37
C ASP KB 1 63.44 0.58 -67.51
N ILE KB 2 63.20 0.97 -68.77
CA ILE KB 2 62.24 2.01 -69.06
C ILE KB 2 61.07 1.41 -69.82
N GLN KB 3 60.07 2.26 -70.13
CA GLN KB 3 58.90 1.93 -70.94
C GLN KB 3 58.08 0.80 -70.33
N THR KB 4 57.58 1.06 -69.12
CA THR KB 4 56.74 0.12 -68.39
C THR KB 4 55.26 0.50 -68.42
N GLU KB 5 54.91 1.52 -69.20
CA GLU KB 5 53.54 1.97 -69.33
C GLU KB 5 52.91 1.39 -70.59
N ARG KB 6 51.69 1.84 -70.89
CA ARG KB 6 50.96 1.29 -72.04
C ARG KB 6 51.50 1.85 -73.36
N ALA KB 7 51.62 3.16 -73.48
CA ALA KB 7 52.12 3.76 -74.72
C ALA KB 7 53.63 3.62 -74.81
N TYR KB 8 54.15 3.89 -76.00
CA TYR KB 8 55.60 3.90 -76.20
C TYR KB 8 56.15 5.18 -75.59
N GLN KB 9 56.94 5.06 -74.54
CA GLN KB 9 57.56 6.20 -73.91
C GLN KB 9 58.79 6.62 -74.71
N LYS KB 10 58.82 7.86 -75.16
CA LYS KB 10 59.91 8.35 -75.99
C LYS KB 10 60.06 9.86 -75.80
N GLN KB 11 61.21 10.37 -76.20
CA GLN KB 11 61.40 11.81 -76.26
C GLN KB 11 60.77 12.35 -77.53
N PRO KB 12 59.94 13.39 -77.45
CA PRO KB 12 59.25 13.87 -78.66
C PRO KB 12 60.14 14.65 -79.61
N THR KB 13 61.33 15.07 -79.17
CA THR KB 13 62.18 15.91 -80.02
C THR KB 13 62.97 15.07 -81.01
N ILE KB 14 63.76 14.13 -80.52
CA ILE KB 14 64.70 13.39 -81.37
C ILE KB 14 63.98 12.27 -82.12
N PHE KB 15 64.41 12.05 -83.36
CA PHE KB 15 63.93 10.95 -84.18
C PHE KB 15 64.93 9.81 -84.15
N GLN KB 16 64.44 8.60 -83.91
CA GLN KB 16 65.30 7.46 -83.58
C GLN KB 16 65.09 6.28 -84.51
N ASN KB 17 64.46 6.49 -85.68
CA ASN KB 17 64.22 5.40 -86.62
C ASN KB 17 64.83 5.71 -87.98
N LYS KB 18 66.03 6.28 -88.00
CA LYS KB 18 66.69 6.63 -89.24
C LYS KB 18 67.38 5.41 -89.84
N LYS KB 19 67.81 5.56 -91.10
CA LYS KB 19 68.44 4.46 -91.82
C LYS KB 19 69.87 4.26 -91.33
N ARG KB 20 70.16 3.09 -90.79
CA ARG KB 20 71.53 2.75 -90.44
C ARG KB 20 72.24 2.13 -91.64
N VAL KB 21 73.39 2.74 -92.00
CA VAL KB 21 74.24 2.47 -93.17
C VAL KB 21 73.50 2.09 -94.45
N LYS KB 30 73.22 3.26 -80.28
CA LYS KB 30 72.89 4.15 -79.18
C LYS KB 30 71.95 5.26 -79.65
N LEU KB 31 70.90 5.51 -78.88
CA LEU KB 31 69.92 6.51 -79.24
C LEU KB 31 70.49 7.91 -79.00
N PRO KB 32 70.29 8.85 -79.92
CA PRO KB 32 70.72 10.24 -79.69
C PRO KB 32 69.87 10.94 -78.64
N ARG KB 33 70.47 11.25 -77.49
CA ARG KB 33 69.71 11.76 -76.37
C ARG KB 33 69.63 13.28 -76.40
N TYR KB 34 68.43 13.81 -76.22
CA TYR KB 34 68.23 15.26 -76.15
C TYR KB 34 68.41 15.77 -74.72
N TYR KB 35 69.15 16.86 -74.59
CA TYR KB 35 69.32 17.56 -73.33
C TYR KB 35 69.53 19.04 -73.64
N LYS KB 36 69.51 19.87 -72.60
CA LYS KB 36 69.64 21.30 -72.78
C LYS KB 36 70.24 21.92 -71.53
N ASN KB 37 70.71 23.16 -71.67
CA ASN KB 37 71.18 23.94 -70.53
C ASN KB 37 69.99 24.66 -69.90
N ILE KB 38 69.98 24.73 -68.58
CA ILE KB 38 68.81 25.16 -67.82
C ILE KB 38 68.87 26.67 -67.54
N GLY KB 39 70.08 27.22 -67.45
CA GLY KB 39 70.25 28.62 -67.14
C GLY KB 39 70.53 28.86 -65.67
N LEU KB 40 70.75 30.14 -65.34
CA LEU KB 40 71.06 30.63 -63.98
C LEU KB 40 72.29 29.96 -63.38
N GLY KB 41 73.26 29.58 -64.23
CA GLY KB 41 74.51 29.03 -63.74
C GLY KB 41 74.45 27.65 -63.15
N PHE KB 42 73.33 26.94 -63.31
CA PHE KB 42 73.19 25.60 -62.76
C PHE KB 42 73.79 24.58 -63.73
N LYS KB 43 74.68 23.74 -63.22
CA LYS KB 43 75.36 22.74 -64.04
C LYS KB 43 74.43 21.54 -64.24
N THR KB 44 74.36 21.04 -65.46
CA THR KB 44 73.60 19.83 -65.75
C THR KB 44 74.34 18.61 -65.21
N PRO KB 45 73.64 17.59 -64.72
CA PRO KB 45 74.34 16.41 -64.19
C PRO KB 45 74.85 15.52 -65.30
N LYS KB 46 75.79 14.64 -64.93
CA LYS KB 46 76.36 13.71 -65.88
C LYS KB 46 75.38 12.60 -66.24
N GLU KB 47 74.54 12.19 -65.29
CA GLU KB 47 73.63 11.07 -65.51
C GLU KB 47 72.48 11.45 -66.44
N ALA KB 48 72.10 12.73 -66.49
CA ALA KB 48 71.05 13.18 -67.41
C ALA KB 48 71.50 13.06 -68.86
N ILE KB 49 72.81 13.09 -69.09
CA ILE KB 49 73.35 12.90 -70.44
C ILE KB 49 73.64 11.42 -70.69
N GLU KB 50 74.19 10.74 -69.69
CA GLU KB 50 74.70 9.38 -69.90
C GLU KB 50 73.56 8.35 -69.93
N GLY KB 51 72.63 8.45 -68.99
CA GLY KB 51 71.65 7.39 -68.80
C GLY KB 51 70.62 7.31 -69.92
N THR KB 52 69.82 6.25 -69.87
CA THR KB 52 68.81 5.95 -70.88
C THR KB 52 67.40 6.16 -70.37
N TYR KB 53 67.21 6.81 -69.22
CA TYR KB 53 65.88 7.13 -68.73
C TYR KB 53 65.29 8.25 -69.58
N ILE KB 54 63.96 8.41 -69.51
CA ILE KB 54 63.33 9.62 -70.02
C ILE KB 54 62.38 10.15 -68.96
N ASP KB 55 62.07 11.44 -69.04
CA ASP KB 55 61.08 12.09 -68.18
C ASP KB 55 60.65 13.37 -68.88
N LYS KB 56 59.35 13.48 -69.17
CA LYS KB 56 58.87 14.66 -69.90
C LYS KB 56 58.79 15.89 -69.00
N LYS KB 57 58.80 15.69 -67.68
CA LYS KB 57 58.72 16.78 -66.72
C LYS KB 57 60.07 17.10 -66.11
N CYS KB 58 61.15 16.50 -66.61
CA CYS KB 58 62.49 16.82 -66.15
C CYS KB 58 62.86 18.21 -66.63
N PRO KB 59 63.51 19.04 -65.79
CA PRO KB 59 63.91 20.37 -66.25
C PRO KB 59 65.10 20.36 -67.20
N PHE KB 60 65.78 19.22 -67.35
CA PHE KB 60 66.91 19.12 -68.25
C PHE KB 60 66.53 18.41 -69.56
N THR KB 61 65.78 17.31 -69.45
CA THR KB 61 65.42 16.52 -70.63
C THR KB 61 63.91 16.44 -70.81
N GLY KB 62 63.22 17.57 -70.67
CA GLY KB 62 61.78 17.57 -70.83
C GLY KB 62 61.29 18.90 -71.36
N ASN KB 63 59.97 18.98 -71.52
CA ASN KB 63 59.33 20.17 -72.09
C ASN KB 63 58.83 21.04 -70.95
N VAL KB 64 59.78 21.62 -70.20
CA VAL KB 64 59.47 22.54 -69.12
C VAL KB 64 60.63 23.52 -68.97
N SER KB 65 60.31 24.79 -68.71
CA SER KB 65 61.32 25.82 -68.54
C SER KB 65 61.24 26.43 -67.15
N ILE KB 66 62.41 26.77 -66.61
CA ILE KB 66 62.51 27.40 -65.29
C ILE KB 66 62.44 28.90 -65.48
N ARG KB 67 61.50 29.53 -64.75
CA ARG KB 67 61.26 30.95 -64.90
C ARG KB 67 60.98 31.54 -63.52
N GLY KB 68 61.42 32.78 -63.30
CA GLY KB 68 61.07 33.49 -62.10
C GLY KB 68 61.90 33.17 -60.87
N ARG KB 69 61.31 32.45 -59.92
CA ARG KB 69 61.92 32.28 -58.61
C ARG KB 69 62.78 31.03 -58.55
N ILE KB 70 63.85 31.09 -57.78
CA ILE KB 70 64.72 29.96 -57.49
C ILE KB 70 64.83 29.89 -55.97
N LEU KB 71 64.22 28.85 -55.39
CA LEU KB 71 64.10 28.73 -53.94
C LEU KB 71 64.87 27.50 -53.46
N SER KB 72 64.81 27.26 -52.16
CA SER KB 72 65.49 26.13 -51.54
C SER KB 72 64.65 25.60 -50.39
N GLY KB 73 64.79 24.29 -50.13
CA GLY KB 73 64.07 23.64 -49.06
C GLY KB 73 64.86 22.45 -48.57
N VAL KB 74 64.22 21.66 -47.70
CA VAL KB 74 64.83 20.43 -47.20
C VAL KB 74 63.85 19.28 -47.45
N VAL KB 75 64.39 18.13 -47.86
CA VAL KB 75 63.58 17.00 -48.28
C VAL KB 75 63.11 16.24 -47.04
N THR KB 76 61.80 16.01 -46.95
CA THR KB 76 61.22 15.29 -45.82
C THR KB 76 60.42 14.05 -46.22
N LYS KB 77 59.99 13.94 -47.48
CA LYS KB 77 59.20 12.80 -47.94
C LYS KB 77 59.63 12.41 -49.35
N MET KB 78 59.81 11.10 -49.55
CA MET KB 78 60.15 10.54 -50.86
C MET KB 78 59.29 9.33 -51.16
N LYS KB 79 58.02 9.38 -50.76
CA LYS KB 79 57.10 8.26 -51.00
C LYS KB 79 56.35 8.38 -52.31
N MET KB 80 56.21 9.60 -52.83
CA MET KB 80 55.56 9.80 -54.13
C MET KB 80 56.53 9.42 -55.23
N GLN KB 81 55.99 8.99 -56.37
CA GLN KB 81 56.84 8.60 -57.49
C GLN KB 81 57.10 9.81 -58.40
N ARG KB 82 58.37 9.98 -58.77
CA ARG KB 82 58.90 11.04 -59.63
C ARG KB 82 58.66 12.45 -59.08
N THR KB 83 58.36 12.57 -57.79
CA THR KB 83 58.14 13.85 -57.12
C THR KB 83 58.30 13.65 -55.63
N ILE KB 84 58.71 14.72 -54.95
CA ILE KB 84 59.00 14.69 -53.51
C ILE KB 84 58.30 15.85 -52.84
N VAL KB 85 58.13 15.72 -51.52
CA VAL KB 85 57.61 16.79 -50.69
C VAL KB 85 58.77 17.41 -49.92
N ILE KB 86 58.98 18.70 -50.09
CA ILE KB 86 60.04 19.42 -49.40
C ILE KB 86 59.42 20.25 -48.28
N ARG KB 87 60.28 20.81 -47.44
CA ARG KB 87 59.86 21.60 -46.29
C ARG KB 87 60.71 22.87 -46.24
N ARG KB 88 60.04 24.02 -46.21
CA ARG KB 88 60.72 25.31 -46.10
C ARG KB 88 60.50 25.88 -44.71
N ASP KB 89 61.55 26.46 -44.13
CA ASP KB 89 61.49 27.07 -42.82
C ASP KB 89 61.80 28.56 -42.92
N TYR KB 90 61.07 29.36 -42.16
CA TYR KB 90 61.27 30.81 -42.15
C TYR KB 90 60.76 31.36 -40.82
N LEU KB 91 61.23 32.56 -40.48
CA LEU KB 91 60.87 33.21 -39.22
C LEU KB 91 60.06 34.47 -39.55
N HIS KB 92 58.78 34.44 -39.22
CA HIS KB 92 57.92 35.58 -39.48
C HIS KB 92 57.92 36.56 -38.32
N TYR KB 93 57.91 37.86 -38.65
CA TYR KB 93 58.02 38.92 -37.66
C TYR KB 93 56.65 39.55 -37.42
N ILE KB 94 56.19 39.49 -36.17
CA ILE KB 94 55.02 40.24 -35.72
C ILE KB 94 55.51 41.58 -35.17
N ARG KB 95 54.86 42.67 -35.59
CA ARG KB 95 55.30 43.99 -35.18
C ARG KB 95 54.97 44.35 -33.74
N LYS KB 96 53.90 43.78 -33.16
CA LYS KB 96 53.58 44.05 -31.76
C LYS KB 96 54.61 43.42 -30.82
N TYR KB 97 54.70 42.10 -30.84
CA TYR KB 97 55.69 41.38 -30.07
C TYR KB 97 56.93 41.22 -30.93
N ASN KB 98 57.99 41.97 -30.62
CA ASN KB 98 59.16 42.08 -31.50
C ASN KB 98 59.99 40.80 -31.46
N ARG KB 99 59.39 39.74 -32.02
CA ARG KB 99 59.87 38.38 -31.92
C ARG KB 99 59.77 37.73 -33.30
N PHE KB 100 60.16 36.46 -33.38
CA PHE KB 100 59.99 35.65 -34.57
C PHE KB 100 59.05 34.49 -34.24
N GLU KB 101 58.75 33.67 -35.24
CA GLU KB 101 58.03 32.42 -35.02
C GLU KB 101 58.30 31.47 -36.16
N LYS KB 102 58.33 30.17 -35.86
CA LYS KB 102 58.58 29.17 -36.89
C LYS KB 102 57.29 28.82 -37.61
N ARG KB 103 57.22 29.14 -38.90
CA ARG KB 103 56.16 28.68 -39.78
C ARG KB 103 56.79 27.91 -40.93
N HIS KB 104 56.12 26.84 -41.34
CA HIS KB 104 56.61 26.03 -42.45
C HIS KB 104 55.52 25.86 -43.48
N LYS KB 105 55.93 25.79 -44.75
CA LYS KB 105 55.05 25.50 -45.86
C LYS KB 105 55.68 24.38 -46.68
N ASN KB 106 54.98 23.25 -46.76
CA ASN KB 106 55.48 22.07 -47.47
C ASN KB 106 54.84 21.98 -48.85
N MET KB 107 55.59 22.37 -49.86
CA MET KB 107 55.14 22.29 -51.24
C MET KB 107 55.58 20.98 -51.87
N SER KB 108 54.80 20.50 -52.83
CA SER KB 108 55.16 19.32 -53.59
C SER KB 108 55.98 19.72 -54.81
N VAL KB 109 57.18 19.16 -54.93
CA VAL KB 109 58.13 19.52 -55.98
C VAL KB 109 58.44 18.27 -56.79
N HIS KB 110 58.36 18.39 -58.12
CA HIS KB 110 58.71 17.30 -59.01
C HIS KB 110 60.20 17.00 -58.94
N LEU KB 111 60.54 15.76 -58.61
CA LEU KB 111 61.91 15.30 -58.49
C LEU KB 111 62.28 14.59 -59.78
N SER KB 112 63.19 15.16 -60.54
CA SER KB 112 63.68 14.51 -61.74
C SER KB 112 64.56 13.32 -61.36
N PRO KB 113 64.49 12.21 -62.11
CA PRO KB 113 65.28 11.02 -61.73
C PRO KB 113 66.75 11.09 -62.10
N CYS KB 114 67.28 12.25 -62.50
CA CYS KB 114 68.72 12.38 -62.69
C CYS KB 114 69.43 12.39 -61.34
N PHE KB 115 68.80 12.96 -60.32
CA PHE KB 115 69.37 12.95 -58.97
C PHE KB 115 68.97 11.64 -58.31
N ARG KB 116 69.93 10.72 -58.20
CA ARG KB 116 69.69 9.39 -57.65
C ARG KB 116 70.06 9.29 -56.18
N ASP KB 117 71.17 9.89 -55.77
CA ASP KB 117 71.60 9.86 -54.36
C ASP KB 117 70.87 10.97 -53.61
N VAL KB 118 69.59 10.73 -53.35
CA VAL KB 118 68.73 11.68 -52.66
C VAL KB 118 68.18 11.00 -51.41
N GLN KB 119 68.52 11.53 -50.24
CA GLN KB 119 68.01 11.03 -48.98
C GLN KB 119 67.12 12.09 -48.32
N ILE KB 120 66.57 11.75 -47.17
CA ILE KB 120 65.82 12.74 -46.40
C ILE KB 120 66.78 13.68 -45.67
N GLY KB 121 66.32 14.90 -45.43
CA GLY KB 121 67.17 15.87 -44.76
C GLY KB 121 68.20 16.53 -45.66
N ASP KB 122 68.06 16.42 -46.97
CA ASP KB 122 68.99 17.02 -47.91
C ASP KB 122 68.48 18.40 -48.32
N ILE KB 123 69.38 19.39 -48.28
CA ILE KB 123 69.04 20.74 -48.70
C ILE KB 123 68.99 20.78 -50.22
N VAL KB 124 67.78 20.91 -50.75
CA VAL KB 124 67.54 20.83 -52.18
C VAL KB 124 67.22 22.22 -52.71
N THR KB 125 67.57 22.48 -53.96
CA THR KB 125 67.27 23.72 -54.64
C THR KB 125 66.18 23.49 -55.68
N VAL KB 126 65.11 24.29 -55.61
CA VAL KB 126 63.95 24.14 -56.48
C VAL KB 126 63.81 25.40 -57.32
N GLY KB 127 63.04 25.30 -58.39
CA GLY KB 127 62.81 26.43 -59.28
C GLY KB 127 61.40 26.49 -59.80
N GLU KB 128 60.84 27.70 -59.87
CA GLU KB 128 59.49 27.91 -60.34
C GLU KB 128 59.37 27.59 -61.84
N CYS KB 129 58.27 26.94 -62.19
CA CYS KB 129 57.98 26.61 -63.57
C CYS KB 129 56.47 26.66 -63.78
N ARG KB 130 56.02 26.14 -64.92
CA ARG KB 130 54.60 26.00 -65.17
C ARG KB 130 54.03 24.92 -64.26
N PRO KB 131 52.73 24.98 -63.92
CA PRO KB 131 52.15 23.91 -63.09
C PRO KB 131 52.05 22.57 -63.79
N LEU KB 132 52.79 21.57 -63.31
CA LEU KB 132 52.75 20.25 -63.93
C LEU KB 132 51.60 19.41 -63.39
N SER KB 133 51.09 19.74 -62.21
CA SER KB 133 49.97 19.03 -61.62
C SER KB 133 49.18 20.02 -60.76
N LYS KB 134 48.36 19.48 -59.85
CA LYS KB 134 47.47 20.32 -59.06
C LYS KB 134 48.24 21.17 -58.05
N THR KB 135 49.30 20.62 -57.45
CA THR KB 135 50.08 21.35 -56.46
C THR KB 135 51.55 21.53 -56.81
N VAL KB 136 52.04 20.89 -57.87
CA VAL KB 136 53.46 20.97 -58.23
C VAL KB 136 53.65 22.11 -59.21
N ARG KB 137 54.52 23.06 -58.85
CA ARG KB 137 54.89 24.16 -59.74
C ARG KB 137 56.40 24.36 -59.74
N PHE KB 138 57.16 23.35 -59.30
CA PHE KB 138 58.58 23.52 -59.05
C PHE KB 138 59.34 22.30 -59.55
N ASN KB 139 60.49 22.53 -60.18
CA ASN KB 139 61.40 21.44 -60.50
C ASN KB 139 62.62 21.46 -59.58
N VAL KB 140 63.29 20.32 -59.48
CA VAL KB 140 64.53 20.21 -58.73
C VAL KB 140 65.71 20.55 -59.65
N LEU KB 141 66.53 21.50 -59.21
CA LEU KB 141 67.63 22.00 -60.04
C LEU KB 141 69.00 21.49 -59.60
N LYS KB 142 69.31 21.54 -58.30
CA LYS KB 142 70.53 20.92 -57.80
C LYS KB 142 70.27 20.45 -56.37
N VAL KB 143 70.97 19.40 -55.98
CA VAL KB 143 70.76 18.74 -54.70
C VAL KB 143 72.08 18.80 -53.94
N THR KB 144 72.10 19.57 -52.85
CA THR KB 144 73.23 19.55 -51.94
C THR KB 144 72.99 18.47 -50.88
N LYS KB 145 73.98 17.61 -50.68
CA LYS KB 145 73.86 16.53 -49.72
C LYS KB 145 73.96 17.09 -48.30
N ALA KB 146 73.34 16.37 -47.35
CA ALA KB 146 73.27 16.81 -45.97
C ALA KB 146 74.64 16.74 -45.30
N ALA KB 147 74.71 17.33 -44.11
CA ALA KB 147 75.97 17.41 -43.36
C ALA KB 147 76.39 16.04 -42.87
N GLY KB 148 77.59 15.61 -43.27
CA GLY KB 148 78.02 14.27 -42.94
C GLY KB 148 77.35 13.26 -43.84
N THR KB 149 77.06 12.08 -43.28
CA THR KB 149 76.42 10.95 -43.97
C THR KB 149 77.15 10.56 -45.26
N LYS KB 150 78.48 10.53 -45.18
CA LYS KB 150 79.30 10.23 -46.36
C LYS KB 150 79.25 8.76 -46.72
N LYS KB 151 78.98 7.88 -45.76
CA LYS KB 151 78.87 6.45 -46.01
C LYS KB 151 77.60 6.11 -46.80
N VAL LB 1 -9.70 141.26 19.50
CA VAL LB 1 -9.27 140.58 20.71
C VAL LB 1 -9.30 139.07 20.52
N ASN LB 2 -9.31 138.64 19.25
CA ASN LB 2 -9.31 137.22 18.94
C ASN LB 2 -7.96 136.57 19.25
N THR LB 3 -6.86 137.30 19.05
CA THR LB 3 -5.56 136.78 19.44
C THR LB 3 -5.42 136.70 20.96
N ALA LB 4 -6.03 137.65 21.67
CA ALA LB 4 -6.06 137.60 23.13
C ALA LB 4 -6.88 136.42 23.61
N LEU LB 5 -8.00 136.13 22.92
CA LEU LB 5 -8.81 134.97 23.26
C LEU LB 5 -8.06 133.68 22.98
N GLN LB 6 -7.29 133.64 21.90
CA GLN LB 6 -6.42 132.51 21.59
C GLN LB 6 -5.37 132.30 22.68
N GLU LB 7 -4.78 133.39 23.17
CA GLU LB 7 -3.76 133.27 24.22
C GLU LB 7 -4.37 132.82 25.54
N VAL LB 8 -5.55 133.32 25.89
CA VAL LB 8 -6.22 132.90 27.12
C VAL LB 8 -6.66 131.43 27.02
N LEU LB 9 -7.08 131.01 25.81
CA LEU LB 9 -7.45 129.61 25.59
C LEU LB 9 -6.24 128.69 25.69
N LYS LB 10 -5.08 129.15 25.19
CA LYS LB 10 -3.87 128.34 25.30
C LYS LB 10 -3.36 128.26 26.74
N THR LB 11 -3.45 129.36 27.50
CA THR LB 11 -3.08 129.29 28.91
C THR LB 11 -4.05 128.44 29.72
N ALA LB 12 -5.34 128.43 29.33
CA ALA LB 12 -6.29 127.53 29.98
C ALA LB 12 -6.03 126.07 29.63
N LEU LB 13 -5.58 125.79 28.40
CA LEU LB 13 -5.16 124.43 28.05
C LEU LB 13 -3.91 124.01 28.82
N ILE LB 14 -3.02 124.97 29.10
CA ILE LB 14 -1.82 124.65 29.87
C ILE LB 14 -2.18 124.37 31.33
N HIS LB 15 -2.96 125.26 31.95
CA HIS LB 15 -3.31 125.11 33.35
C HIS LB 15 -4.41 124.07 33.61
N ASP LB 16 -5.07 123.59 32.56
CA ASP LB 16 -6.08 122.53 32.61
C ASP LB 16 -7.25 122.90 33.53
N GLY LB 17 -7.94 123.98 33.17
CA GLY LB 17 -9.07 124.46 33.95
C GLY LB 17 -10.38 124.46 33.19
N LEU LB 18 -10.30 124.46 31.86
CA LEU LB 18 -11.48 124.57 31.01
C LEU LB 18 -12.31 123.29 31.06
N ALA LB 19 -13.63 123.46 31.02
CA ALA LB 19 -14.58 122.33 30.96
C ALA LB 19 -15.34 122.47 29.65
N ARG LB 20 -14.89 121.76 28.62
CA ARG LB 20 -15.42 121.93 27.28
C ARG LB 20 -16.35 120.77 26.95
N GLY LB 21 -17.17 120.98 25.92
CA GLY LB 21 -18.30 120.12 25.64
C GLY LB 21 -19.57 120.66 26.25
N ILE LB 22 -20.70 120.14 25.75
CA ILE LB 22 -22.00 120.64 26.22
C ILE LB 22 -22.30 120.13 27.63
N ARG LB 23 -21.90 118.89 27.93
CA ARG LB 23 -22.21 118.32 29.23
C ARG LB 23 -21.31 118.91 30.31
N GLU LB 24 -20.01 119.03 30.04
CA GLU LB 24 -19.11 119.69 30.97
C GLU LB 24 -19.37 121.19 31.03
N ALA LB 25 -19.94 121.76 29.96
CA ALA LB 25 -20.38 123.14 30.00
C ALA LB 25 -21.56 123.32 30.96
N ALA LB 26 -22.50 122.37 30.95
CA ALA LB 26 -23.58 122.37 31.92
C ALA LB 26 -23.05 122.17 33.34
N LYS LB 27 -22.02 121.33 33.49
CA LYS LB 27 -21.37 121.15 34.80
C LYS LB 27 -20.75 122.44 35.31
N ALA LB 28 -19.99 123.14 34.46
CA ALA LB 28 -19.33 124.37 34.88
C ALA LB 28 -20.33 125.49 35.13
N LEU LB 29 -21.37 125.58 34.29
CA LEU LB 29 -22.38 126.63 34.44
C LEU LB 29 -23.33 126.35 35.59
N ASP LB 30 -23.39 125.10 36.08
CA ASP LB 30 -24.21 124.82 37.26
C ASP LB 30 -23.38 124.89 38.54
N LYS LB 31 -22.10 124.57 38.47
CA LYS LB 31 -21.22 124.67 39.63
C LYS LB 31 -20.57 126.04 39.76
N ARG LB 32 -20.89 126.96 38.83
CA ARG LB 32 -20.42 128.37 38.85
C ARG LB 32 -18.90 128.46 38.79
N GLN LB 33 -18.27 127.53 38.07
CA GLN LB 33 -16.85 127.58 37.78
C GLN LB 33 -16.57 128.18 36.40
N ALA LB 34 -17.54 128.90 35.84
CA ALA LB 34 -17.43 129.44 34.48
C ALA LB 34 -17.06 130.91 34.54
N HIS LB 35 -16.14 131.32 33.67
CA HIS LB 35 -15.76 132.71 33.53
C HIS LB 35 -15.93 133.23 32.11
N LEU LB 36 -15.87 132.35 31.11
CA LEU LB 36 -16.00 132.74 29.71
C LEU LB 36 -16.44 131.54 28.88
N CYS LB 37 -17.26 131.79 27.86
CA CYS LB 37 -17.73 130.77 26.95
C CYS LB 37 -17.58 131.25 25.51
N VAL LB 38 -17.42 130.31 24.59
CA VAL LB 38 -17.39 130.61 23.17
C VAL LB 38 -18.46 129.76 22.49
N LEU LB 39 -19.11 130.31 21.46
CA LEU LB 39 -20.21 129.67 20.78
C LEU LB 39 -20.09 129.91 19.28
N ALA LB 40 -20.20 128.84 18.50
CA ALA LB 40 -20.12 128.95 17.06
C ALA LB 40 -21.49 129.26 16.45
N SER LB 41 -21.47 129.75 15.22
CA SER LB 41 -22.67 130.18 14.54
C SER LB 41 -22.85 129.42 13.22
N ASN LB 42 -23.77 129.94 12.38
CA ASN LB 42 -24.10 129.53 11.00
C ASN LB 42 -24.07 128.02 10.76
N CYS LB 43 -24.64 127.28 11.71
CA CYS LB 43 -24.79 125.84 11.59
C CYS LB 43 -26.22 125.46 11.99
N ASP LB 44 -26.71 124.37 11.42
CA ASP LB 44 -28.09 123.93 11.68
C ASP LB 44 -28.22 123.30 13.05
N GLU LB 45 -28.22 124.12 14.10
CA GLU LB 45 -28.40 123.65 15.46
C GLU LB 45 -29.49 124.49 16.12
N PRO LB 46 -30.77 124.27 15.77
CA PRO LB 46 -31.82 125.24 16.18
C PRO LB 46 -32.15 125.26 17.67
N MET LB 47 -32.41 124.11 18.28
CA MET LB 47 -32.76 124.07 19.69
C MET LB 47 -31.51 124.11 20.56
N TYR LB 48 -30.38 123.64 20.02
CA TYR LB 48 -29.12 123.62 20.75
C TYR LB 48 -28.62 125.03 21.06
N VAL LB 49 -28.70 125.93 20.07
CA VAL LB 49 -28.23 127.30 20.29
C VAL LB 49 -29.18 128.04 21.23
N LYS LB 50 -30.45 127.70 21.24
CA LYS LB 50 -31.40 128.36 22.14
C LYS LB 50 -31.18 127.89 23.58
N LEU LB 51 -30.90 126.59 23.76
CA LEU LB 51 -30.60 126.07 25.09
C LEU LB 51 -29.29 126.64 25.63
N VAL LB 52 -28.26 126.74 24.78
CA VAL LB 52 -26.98 127.24 25.30
C VAL LB 52 -27.05 128.76 25.52
N GLU LB 53 -27.88 129.48 24.74
CA GLU LB 53 -28.06 130.90 25.02
C GLU LB 53 -28.88 131.13 26.28
N ALA LB 54 -29.83 130.23 26.59
CA ALA LB 54 -30.55 130.33 27.85
C ALA LB 54 -29.64 130.06 29.04
N LEU LB 55 -28.83 129.00 28.96
CA LEU LB 55 -27.92 128.68 30.06
C LEU LB 55 -26.80 129.70 30.21
N CYS LB 56 -26.45 130.41 29.13
CA CYS LB 56 -25.42 131.44 29.24
C CYS LB 56 -26.03 132.79 29.62
N ALA LB 57 -27.32 132.99 29.37
CA ALA LB 57 -27.96 134.21 29.83
C ALA LB 57 -28.60 134.03 31.20
N GLU LB 58 -28.43 132.84 31.81
CA GLU LB 58 -28.87 132.60 33.17
C GLU LB 58 -28.29 133.59 34.18
N HIS LB 59 -26.96 133.55 34.42
CA HIS LB 59 -26.36 134.45 35.41
C HIS LB 59 -24.85 134.59 35.15
N GLN LB 60 -24.44 135.81 34.74
CA GLN LB 60 -23.07 136.31 34.83
C GLN LB 60 -22.08 135.45 34.02
N ILE LB 61 -22.30 135.41 32.71
CA ILE LB 61 -21.51 134.58 31.80
C ILE LB 61 -21.15 135.41 30.59
N ASN LB 62 -19.86 135.53 30.30
CA ASN LB 62 -19.39 136.29 29.14
C ASN LB 62 -19.26 135.38 27.93
N LEU LB 63 -19.54 135.93 26.75
CA LEU LB 63 -19.74 135.14 25.54
C LEU LB 63 -18.90 135.70 24.40
N ILE LB 64 -18.28 134.80 23.64
CA ILE LB 64 -17.70 135.09 22.33
C ILE LB 64 -18.53 134.37 21.29
N LYS LB 65 -18.90 135.08 20.22
CA LYS LB 65 -19.70 134.53 19.13
C LYS LB 65 -18.81 134.41 17.89
N VAL LB 66 -18.39 133.19 17.59
CA VAL LB 66 -17.49 132.93 16.46
C VAL LB 66 -18.30 132.28 15.35
N ASP LB 67 -17.79 132.36 14.13
CA ASP LB 67 -18.54 131.90 12.96
C ASP LB 67 -18.57 130.39 12.82
N ASP LB 68 -17.41 129.75 12.66
CA ASP LB 68 -17.35 128.39 12.18
C ASP LB 68 -16.99 127.40 13.28
N ASN LB 69 -17.41 126.14 13.08
CA ASN LB 69 -16.99 125.04 13.95
C ASN LB 69 -15.55 124.64 13.68
N LYS LB 70 -15.15 124.68 12.40
CA LYS LB 70 -13.80 124.25 12.02
C LYS LB 70 -12.75 125.21 12.54
N LYS LB 71 -13.07 126.51 12.55
CA LYS LB 71 -12.14 127.51 13.08
C LYS LB 71 -12.00 127.37 14.60
N LEU LB 72 -13.10 127.05 15.29
CA LEU LB 72 -13.03 126.84 16.74
C LEU LB 72 -12.24 125.57 17.05
N GLY LB 73 -12.41 124.52 16.24
CA GLY LB 73 -11.62 123.31 16.44
C GLY LB 73 -10.15 123.52 16.16
N GLU LB 74 -9.82 124.33 15.15
CA GLU LB 74 -8.43 124.66 14.86
C GLU LB 74 -7.82 125.53 15.96
N TRP LB 75 -8.63 126.41 16.55
CA TRP LB 75 -8.14 127.26 17.64
C TRP LB 75 -7.94 126.47 18.92
N VAL LB 76 -8.79 125.45 19.16
CA VAL LB 76 -8.63 124.70 20.40
C VAL LB 76 -7.56 123.62 20.25
N GLY LB 77 -7.36 123.10 19.03
CA GLY LB 77 -6.26 122.18 18.76
C GLY LB 77 -6.29 120.84 19.47
N LEU LB 78 -7.38 120.08 19.27
CA LEU LB 78 -7.51 118.79 19.94
C LEU LB 78 -6.62 117.72 19.33
N CYS LB 79 -6.53 117.68 18.00
CA CYS LB 79 -5.87 116.56 17.34
C CYS LB 79 -4.79 117.09 16.41
N LYS LB 80 -3.94 117.99 16.92
CA LYS LB 80 -2.84 118.53 16.15
C LYS LB 80 -1.74 117.47 16.02
N ILE LB 81 -1.70 116.81 14.86
CA ILE LB 81 -0.68 115.82 14.54
C ILE LB 81 0.14 116.39 13.40
N ASP LB 82 1.46 116.13 13.44
CA ASP LB 82 2.47 116.66 12.52
C ASP LB 82 2.47 118.19 12.57
N ARG LB 83 2.90 118.70 13.73
CA ARG LB 83 2.95 120.13 14.03
C ARG LB 83 3.91 120.91 13.13
N GLU LB 84 4.83 120.23 12.43
CA GLU LB 84 5.67 120.88 11.42
C GLU LB 84 4.92 120.93 10.10
N GLY LB 85 3.86 121.73 10.09
CA GLY LB 85 2.97 121.81 8.94
C GLY LB 85 1.55 122.03 9.41
N LYS LB 86 0.61 121.71 8.51
CA LYS LB 86 -0.80 121.88 8.81
C LYS LB 86 -1.31 120.75 9.70
N PRO LB 87 -2.39 120.98 10.45
CA PRO LB 87 -3.03 119.87 11.18
C PRO LB 87 -3.65 118.86 10.23
N ARG LB 88 -3.43 117.58 10.53
CA ARG LB 88 -3.85 116.51 9.62
C ARG LB 88 -5.35 116.27 9.71
N LYS LB 89 -5.87 116.08 10.92
CA LYS LB 89 -7.30 115.78 11.10
C LYS LB 89 -7.81 116.63 12.27
N VAL LB 90 -8.39 117.79 11.94
CA VAL LB 90 -8.96 118.66 12.96
C VAL LB 90 -10.47 118.49 13.00
N VAL LB 91 -11.04 118.42 14.21
CA VAL LB 91 -12.45 118.15 14.40
C VAL LB 91 -13.19 119.47 14.58
N GLY LB 92 -14.50 119.46 14.33
CA GLY LB 92 -15.30 120.65 14.54
C GLY LB 92 -15.99 120.62 15.89
N CYS LB 93 -15.74 121.63 16.72
CA CYS LB 93 -16.35 121.75 18.03
C CYS LB 93 -17.22 123.01 18.09
N SER LB 94 -18.23 122.98 18.95
CA SER LB 94 -19.18 124.08 19.06
C SER LB 94 -19.01 124.92 20.33
N CYS LB 95 -18.97 124.28 21.51
CA CYS LB 95 -19.01 125.00 22.78
C CYS LB 95 -17.77 124.69 23.61
N VAL LB 96 -17.07 125.74 24.03
CA VAL LB 96 -15.97 125.63 24.98
C VAL LB 96 -16.17 126.67 26.07
N VAL LB 97 -16.20 126.20 27.32
CA VAL LB 97 -16.28 127.05 28.50
C VAL LB 97 -14.97 126.92 29.26
N VAL LB 98 -14.35 128.05 29.59
CA VAL LB 98 -13.01 128.05 30.16
C VAL LB 98 -13.06 128.56 31.60
N LYS LB 99 -12.17 128.02 32.43
CA LYS LB 99 -11.88 128.54 33.76
C LYS LB 99 -10.39 128.86 33.83
N ASP LB 100 -10.08 130.12 34.12
CA ASP LB 100 -8.70 130.63 34.04
C ASP LB 100 -8.10 130.60 35.45
N TYR LB 101 -7.12 129.72 35.65
CA TYR LB 101 -6.35 129.75 36.88
C TYR LB 101 -5.25 130.79 36.81
N GLY LB 102 -4.54 130.87 35.68
CA GLY LB 102 -3.52 131.87 35.48
C GLY LB 102 -4.06 133.14 34.87
N LYS LB 103 -4.81 133.91 35.65
CA LYS LB 103 -5.44 135.13 35.15
C LYS LB 103 -4.47 136.29 35.00
N GLU LB 104 -3.24 136.15 35.49
CA GLU LB 104 -2.23 137.21 35.41
C GLU LB 104 -1.71 137.28 33.97
N SER LB 105 -2.43 138.00 33.12
CA SER LB 105 -2.07 138.13 31.72
C SER LB 105 -2.66 139.42 31.18
N GLN LB 106 -1.88 140.09 30.31
CA GLN LB 106 -2.36 141.31 29.68
C GLN LB 106 -3.49 141.03 28.69
N ALA LB 107 -3.48 139.83 28.09
CA ALA LB 107 -4.58 139.42 27.23
C ALA LB 107 -5.86 139.21 28.04
N LYS LB 108 -5.74 138.61 29.23
CA LYS LB 108 -6.89 138.45 30.12
C LYS LB 108 -7.39 139.81 30.60
N ASP LB 109 -6.45 140.74 30.83
CA ASP LB 109 -6.83 142.09 31.26
C ASP LB 109 -7.56 142.85 30.15
N VAL LB 110 -7.11 142.72 28.90
CA VAL LB 110 -7.77 143.46 27.83
C VAL LB 110 -9.10 142.79 27.45
N ILE LB 111 -9.23 141.47 27.68
CA ILE LB 111 -10.53 140.81 27.49
C ILE LB 111 -11.51 141.25 28.57
N GLU LB 112 -11.03 141.40 29.81
CA GLU LB 112 -11.88 141.92 30.88
C GLU LB 112 -12.28 143.38 30.62
N GLU LB 113 -11.37 144.17 30.06
CA GLU LB 113 -11.68 145.55 29.71
C GLU LB 113 -12.67 145.62 28.55
N TYR LB 114 -12.58 144.67 27.62
CA TYR LB 114 -13.50 144.63 26.49
C TYR LB 114 -14.90 144.21 26.92
N PHE LB 115 -15.00 143.23 27.83
CA PHE LB 115 -16.32 142.85 28.33
C PHE LB 115 -16.88 143.90 29.30
N LYS LB 116 -16.01 144.71 29.91
CA LYS LB 116 -16.49 145.82 30.71
C LYS LB 116 -17.04 146.93 29.82
N CYS LB 117 -16.33 147.24 28.74
CA CYS LB 117 -16.78 148.26 27.79
C CYS LB 117 -17.91 147.71 26.90
N GLY MB 1 73.24 21.46 -10.45
CA GLY MB 1 72.14 20.55 -10.26
C GLY MB 1 72.27 19.27 -11.05
N ARG MB 2 71.94 18.15 -10.41
CA ARG MB 2 71.97 16.86 -11.09
C ARG MB 2 70.80 16.75 -12.07
N MET MB 3 70.85 15.71 -12.90
CA MET MB 3 69.81 15.51 -13.91
C MET MB 3 68.53 14.95 -13.29
N HIS MB 4 68.62 13.77 -12.69
CA HIS MB 4 67.45 13.13 -12.10
C HIS MB 4 67.59 13.05 -10.59
N ALA MB 5 68.12 14.10 -9.99
CA ALA MB 5 68.33 14.16 -8.55
C ALA MB 5 68.38 15.62 -8.14
N PRO MB 6 67.92 15.95 -6.93
CA PRO MB 6 67.98 17.36 -6.48
C PRO MB 6 69.33 17.78 -5.92
N GLY MB 7 70.37 16.98 -6.10
CA GLY MB 7 71.67 17.33 -5.55
C GLY MB 7 72.34 18.46 -6.32
N LYS MB 8 73.18 19.19 -5.61
CA LYS MB 8 73.94 20.31 -6.16
C LYS MB 8 75.43 20.11 -5.88
N GLY MB 9 75.92 18.91 -6.17
CA GLY MB 9 77.26 18.54 -5.75
C GLY MB 9 78.32 19.15 -6.64
N LEU MB 10 79.40 19.63 -6.02
CA LEU MB 10 80.57 20.16 -6.70
C LEU MB 10 81.76 19.31 -6.31
N SER MB 11 81.99 18.24 -7.08
CA SER MB 11 83.12 17.35 -6.84
C SER MB 11 83.52 16.73 -8.17
N GLN MB 12 84.55 17.30 -8.80
CA GLN MB 12 85.10 16.74 -10.03
C GLN MB 12 86.58 17.09 -10.09
N SER MB 13 87.23 16.57 -11.14
CA SER MB 13 88.67 16.72 -11.26
C SER MB 13 89.05 18.13 -11.69
N ALA MB 14 90.16 18.63 -11.16
CA ALA MB 14 90.69 19.95 -11.51
C ALA MB 14 92.04 19.75 -12.19
N LEU MB 15 92.03 19.76 -13.52
CA LEU MB 15 93.25 19.58 -14.28
C LEU MB 15 94.18 20.79 -14.10
N PRO MB 16 95.49 20.57 -14.03
CA PRO MB 16 96.41 21.69 -13.80
C PRO MB 16 96.55 22.56 -15.05
N TYR MB 17 97.20 23.72 -14.84
CA TYR MB 17 97.39 24.68 -15.92
C TYR MB 17 98.38 24.16 -16.95
N ARG MB 18 99.46 23.54 -16.49
CA ARG MB 18 100.58 23.19 -17.37
C ARG MB 18 100.27 21.89 -18.10
N ARG MB 19 100.22 21.95 -19.44
CA ARG MB 19 100.01 20.77 -20.26
C ARG MB 19 101.30 20.00 -20.54
N SER MB 20 102.44 20.50 -20.10
CA SER MB 20 103.72 19.89 -20.42
C SER MB 20 103.91 18.60 -19.64
N VAL MB 21 104.69 17.69 -20.23
CA VAL MB 21 105.01 16.41 -19.61
C VAL MB 21 105.98 16.66 -18.46
N PRO MB 22 105.92 15.89 -17.37
CA PRO MB 22 106.83 16.13 -16.25
C PRO MB 22 108.22 15.59 -16.52
N THR MB 23 109.14 15.93 -15.61
CA THR MB 23 110.53 15.54 -15.77
C THR MB 23 110.74 14.07 -15.43
N TRP MB 24 110.07 13.58 -14.40
CA TRP MB 24 110.31 12.22 -13.91
C TRP MB 24 109.74 11.15 -14.85
N LEU MB 25 108.71 11.49 -15.61
CA LEU MB 25 108.06 10.50 -16.48
C LEU MB 25 108.95 10.22 -17.68
N LYS MB 26 109.65 9.08 -17.64
CA LYS MB 26 110.56 8.69 -18.71
C LYS MB 26 109.87 7.73 -19.66
N LEU MB 27 108.59 7.47 -19.43
CA LEU MB 27 107.79 6.59 -20.28
C LEU MB 27 107.43 7.34 -21.54
N THR MB 28 107.86 6.82 -22.69
CA THR MB 28 107.60 7.47 -23.96
C THR MB 28 106.13 7.31 -24.36
N SER MB 29 105.73 8.11 -25.34
CA SER MB 29 104.34 8.09 -25.81
C SER MB 29 104.00 6.77 -26.49
N ASP MB 30 104.98 6.18 -27.19
CA ASP MB 30 104.77 4.88 -27.80
C ASP MB 30 104.63 3.79 -26.74
N ASP MB 31 105.38 3.90 -25.64
CA ASP MB 31 105.25 2.94 -24.55
C ASP MB 31 103.91 3.09 -23.85
N VAL MB 32 103.42 4.32 -23.70
CA VAL MB 32 102.09 4.55 -23.13
C VAL MB 32 101.01 3.98 -24.04
N LYS MB 33 101.17 4.15 -25.36
CA LYS MB 33 100.20 3.59 -26.30
C LYS MB 33 100.23 2.07 -26.31
N GLU MB 34 101.41 1.47 -26.14
CA GLU MB 34 101.48 0.01 -26.07
C GLU MB 34 100.90 -0.52 -24.78
N GLN MB 35 101.02 0.25 -23.68
CA GLN MB 35 100.38 -0.16 -22.43
C GLN MB 35 98.86 -0.05 -22.53
N ILE MB 36 98.37 0.98 -23.23
CA ILE MB 36 96.94 1.10 -23.50
C ILE MB 36 96.46 -0.05 -24.38
N TYR MB 37 97.28 -0.45 -25.36
CA TYR MB 37 96.95 -1.59 -26.22
C TYR MB 37 96.90 -2.88 -25.42
N LYS MB 38 97.82 -3.06 -24.47
CA LYS MB 38 97.82 -4.25 -23.63
C LYS MB 38 96.61 -4.29 -22.71
N LEU MB 39 96.23 -3.15 -22.12
CA LEU MB 39 95.07 -3.11 -21.23
C LEU MB 39 93.77 -3.31 -22.00
N ALA MB 40 93.66 -2.72 -23.20
CA ALA MB 40 92.45 -2.91 -24.00
C ALA MB 40 92.37 -4.31 -24.60
N LYS MB 41 93.52 -4.94 -24.84
CA LYS MB 41 93.53 -6.31 -25.34
C LYS MB 41 93.19 -7.28 -24.22
N LYS MB 42 93.60 -6.97 -22.99
CA LYS MB 42 93.16 -7.75 -21.83
C LYS MB 42 91.66 -7.56 -21.59
N GLY MB 43 91.15 -6.36 -21.86
CA GLY MB 43 89.73 -6.10 -21.76
C GLY MB 43 89.40 -5.21 -20.59
N LEU MB 44 89.22 -3.91 -20.87
CA LEU MB 44 89.09 -2.92 -19.81
C LEU MB 44 88.52 -1.65 -20.42
N THR MB 45 87.58 -1.03 -19.71
CA THR MB 45 86.98 0.23 -20.13
C THR MB 45 88.05 1.34 -20.08
N PRO MB 46 87.94 2.34 -20.99
CA PRO MB 46 88.97 3.40 -21.02
C PRO MB 46 89.06 4.25 -19.77
N SER MB 47 87.96 4.38 -19.02
CA SER MB 47 88.00 5.02 -17.71
C SER MB 47 88.93 4.28 -16.76
N GLN MB 48 88.77 2.96 -16.67
CA GLN MB 48 89.61 2.16 -15.80
C GLN MB 48 91.03 2.04 -16.34
N ILE MB 49 91.20 2.15 -17.67
CA ILE MB 49 92.53 2.24 -18.26
C ILE MB 49 93.24 3.49 -17.79
N GLY MB 50 92.56 4.64 -17.83
CA GLY MB 50 93.16 5.88 -17.34
C GLY MB 50 93.44 5.86 -15.84
N VAL MB 51 92.58 5.19 -15.07
CA VAL MB 51 92.78 5.06 -13.63
C VAL MB 51 94.02 4.22 -13.34
N ILE MB 52 94.17 3.08 -14.03
CA ILE MB 52 95.33 2.21 -13.82
C ILE MB 52 96.61 2.90 -14.30
N LEU MB 53 96.52 3.71 -15.36
CA LEU MB 53 97.68 4.45 -15.84
C LEU MB 53 98.11 5.54 -14.86
N ARG MB 54 97.16 6.23 -14.23
CA ARG MB 54 97.57 7.26 -13.28
C ARG MB 54 97.90 6.69 -11.91
N ASP MB 55 97.55 5.42 -11.65
CA ASP MB 55 97.94 4.81 -10.39
C ASP MB 55 99.30 4.12 -10.49
N SER MB 56 99.42 3.15 -11.39
CA SER MB 56 100.62 2.31 -11.43
C SER MB 56 101.76 2.98 -12.22
N HIS MB 57 101.49 3.40 -13.45
CA HIS MB 57 102.55 3.90 -14.32
C HIS MB 57 102.90 5.36 -14.08
N GLY MB 58 102.07 6.09 -13.33
CA GLY MB 58 102.37 7.47 -13.01
C GLY MB 58 102.19 8.43 -14.17
N VAL MB 59 101.29 8.14 -15.09
CA VAL MB 59 100.95 9.04 -16.19
C VAL MB 59 99.52 9.51 -16.00
N ALA MB 60 99.36 10.80 -15.72
CA ALA MB 60 98.05 11.32 -15.35
C ALA MB 60 97.15 11.51 -16.56
N GLN MB 61 97.65 12.20 -17.58
CA GLN MB 61 96.87 12.50 -18.78
C GLN MB 61 97.54 11.89 -19.99
N VAL MB 62 96.81 11.00 -20.66
CA VAL MB 62 97.26 10.47 -21.94
C VAL MB 62 97.23 11.55 -23.01
N ARG MB 63 96.28 12.48 -22.91
CA ARG MB 63 96.17 13.57 -23.87
C ARG MB 63 97.35 14.53 -23.80
N PHE MB 64 97.99 14.65 -22.64
CA PHE MB 64 99.15 15.51 -22.51
C PHE MB 64 100.43 14.84 -22.99
N VAL MB 65 100.58 13.54 -22.73
CA VAL MB 65 101.78 12.84 -23.14
C VAL MB 65 101.73 12.49 -24.63
N THR MB 66 100.72 11.72 -25.03
CA THR MB 66 100.53 11.39 -26.44
C THR MB 66 99.78 12.52 -27.13
N GLY MB 67 99.38 12.27 -28.37
CA GLY MB 67 98.60 13.25 -29.11
C GLY MB 67 97.11 13.11 -28.88
N ASN MB 68 96.65 11.87 -28.72
CA ASN MB 68 95.24 11.57 -28.67
C ASN MB 68 94.80 11.14 -27.26
N LYS MB 69 93.49 11.02 -27.09
CA LYS MB 69 92.88 10.50 -25.88
C LYS MB 69 92.61 9.00 -26.03
N ILE MB 70 92.15 8.36 -24.95
CA ILE MB 70 92.27 6.92 -24.80
C ILE MB 70 91.31 6.18 -25.73
N LEU MB 71 90.03 6.58 -25.74
CA LEU MB 71 89.07 5.93 -26.62
C LEU MB 71 89.35 6.26 -28.08
N ARG MB 72 89.99 7.41 -28.32
CA ARG MB 72 90.43 7.76 -29.67
C ARG MB 72 91.57 6.85 -30.12
N ILE MB 73 92.46 6.47 -29.21
CA ILE MB 73 93.55 5.54 -29.55
C ILE MB 73 92.99 4.13 -29.77
N LEU MB 74 92.01 3.74 -28.95
CA LEU MB 74 91.31 2.47 -29.17
C LEU MB 74 90.56 2.45 -30.50
N LYS MB 75 90.03 3.60 -30.93
CA LYS MB 75 89.38 3.67 -32.22
C LYS MB 75 90.41 3.65 -33.35
N SER MB 76 91.60 4.23 -33.12
CA SER MB 76 92.62 4.28 -34.15
C SER MB 76 93.24 2.91 -34.39
N LYS MB 77 93.32 2.07 -33.37
CA LYS MB 77 93.79 0.70 -33.57
C LYS MB 77 92.67 -0.27 -33.93
N GLY MB 78 91.50 -0.14 -33.32
CA GLY MB 78 90.43 -1.09 -33.55
C GLY MB 78 90.02 -1.88 -32.33
N LEU MB 79 90.19 -1.30 -31.13
CA LEU MB 79 89.81 -1.97 -29.90
C LEU MB 79 88.60 -1.33 -29.22
N ALA MB 80 87.97 -0.34 -29.86
CA ALA MB 80 86.81 0.29 -29.27
C ALA MB 80 85.59 -0.63 -29.36
N PRO MB 81 84.68 -0.59 -28.38
CA PRO MB 81 83.48 -1.44 -28.45
C PRO MB 81 82.45 -0.92 -29.44
N ASP MB 82 81.33 -1.64 -29.56
CA ASP MB 82 80.32 -1.27 -30.55
C ASP MB 82 79.53 -0.03 -30.13
N LEU MB 83 79.35 0.16 -28.83
CA LEU MB 83 78.60 1.27 -28.27
C LEU MB 83 79.36 1.81 -27.07
N PRO MB 84 79.22 3.12 -26.77
CA PRO MB 84 80.08 3.74 -25.74
C PRO MB 84 79.81 3.23 -24.33
N GLU MB 85 80.77 3.52 -23.44
CA GLU MB 85 80.84 2.82 -22.16
C GLU MB 85 79.81 3.34 -21.17
N ASP MB 86 79.48 4.64 -21.22
CA ASP MB 86 78.45 5.18 -20.33
C ASP MB 86 77.08 4.63 -20.69
N LEU MB 87 76.78 4.54 -21.98
CA LEU MB 87 75.56 3.90 -22.44
C LEU MB 87 75.55 2.42 -22.09
N TYR MB 88 76.71 1.77 -22.16
CA TYR MB 88 76.84 0.36 -21.80
C TYR MB 88 76.52 0.11 -20.34
N HIS MB 89 77.07 0.96 -19.46
CA HIS MB 89 76.81 0.79 -18.03
C HIS MB 89 75.38 1.15 -17.67
N LEU MB 90 74.78 2.11 -18.39
CA LEU MB 90 73.37 2.42 -18.15
C LEU MB 90 72.46 1.28 -18.60
N ILE MB 91 72.81 0.62 -19.72
CA ILE MB 91 72.04 -0.54 -20.18
C ILE MB 91 72.17 -1.70 -19.20
N LYS MB 92 73.39 -1.91 -18.68
CA LYS MB 92 73.63 -2.96 -17.69
C LYS MB 92 72.86 -2.70 -16.39
N LYS MB 93 72.83 -1.43 -15.96
CA LYS MB 93 72.09 -1.06 -14.77
C LYS MB 93 70.59 -1.22 -14.99
N ALA MB 94 70.10 -0.92 -16.20
CA ALA MB 94 68.69 -1.10 -16.52
C ALA MB 94 68.30 -2.57 -16.51
N VAL MB 95 69.18 -3.44 -17.03
CA VAL MB 95 68.92 -4.88 -17.00
C VAL MB 95 68.91 -5.39 -15.56
N ALA MB 96 69.82 -4.88 -14.72
CA ALA MB 96 69.85 -5.27 -13.31
C ALA MB 96 68.58 -4.83 -12.56
N VAL MB 97 68.13 -3.60 -12.80
CA VAL MB 97 66.93 -3.11 -12.12
C VAL MB 97 65.68 -3.80 -12.65
N ARG MB 98 65.66 -4.15 -13.94
CA ARG MB 98 64.50 -4.85 -14.49
C ARG MB 98 64.42 -6.28 -13.98
N LYS MB 99 65.57 -6.94 -13.79
CA LYS MB 99 65.59 -8.24 -13.13
C LYS MB 99 65.16 -8.12 -11.67
N HIS MB 100 65.53 -7.02 -11.02
CA HIS MB 100 65.10 -6.78 -9.64
C HIS MB 100 63.59 -6.60 -9.54
N LEU MB 101 62.99 -5.87 -10.49
CA LEU MB 101 61.53 -5.74 -10.52
C LEU MB 101 60.84 -7.05 -10.86
N GLU MB 102 61.45 -7.85 -11.73
CA GLU MB 102 60.90 -9.16 -12.07
C GLU MB 102 60.89 -10.09 -10.87
N ARG MB 103 61.91 -9.98 -10.01
CA ARG MB 103 61.89 -10.75 -8.77
C ARG MB 103 60.95 -10.14 -7.74
N ASN MB 104 60.87 -8.82 -7.67
CA ASN MB 104 60.03 -8.11 -6.71
C ASN MB 104 59.27 -7.00 -7.46
N ARG MB 105 58.07 -7.35 -7.93
CA ARG MB 105 57.20 -6.40 -8.63
C ARG MB 105 56.74 -5.25 -7.74
N LYS MB 106 56.75 -5.42 -6.41
CA LYS MB 106 56.19 -4.39 -5.53
C LYS MB 106 57.12 -3.19 -5.35
N ASP MB 107 58.35 -3.25 -5.83
CA ASP MB 107 59.32 -2.21 -5.54
C ASP MB 107 59.09 -0.99 -6.43
N LYS MB 108 58.21 -0.09 -5.97
CA LYS MB 108 57.82 1.07 -6.76
C LYS MB 108 58.95 2.09 -6.85
N ASP MB 109 59.80 2.14 -5.82
CA ASP MB 109 60.96 3.03 -5.85
C ASP MB 109 61.96 2.61 -6.92
N ALA MB 110 62.21 1.29 -7.02
CA ALA MB 110 63.09 0.80 -8.08
C ALA MB 110 62.42 0.88 -9.44
N LYS MB 111 61.08 0.86 -9.48
CA LYS MB 111 60.38 1.13 -10.74
C LYS MB 111 60.58 2.57 -11.21
N PHE MB 112 60.51 3.52 -10.27
CA PHE MB 112 60.79 4.92 -10.58
C PHE MB 112 62.23 5.12 -11.04
N ARG MB 113 63.18 4.46 -10.35
CA ARG MB 113 64.57 4.54 -10.76
C ARG MB 113 64.79 3.89 -12.13
N LEU MB 114 64.02 2.83 -12.43
CA LEU MB 114 64.10 2.20 -13.75
C LEU MB 114 63.62 3.15 -14.84
N ILE MB 115 62.55 3.91 -14.56
CA ILE MB 115 62.08 4.92 -15.50
C ILE MB 115 63.12 6.01 -15.71
N LEU MB 116 63.83 6.40 -14.64
CA LEU MB 116 64.91 7.38 -14.76
C LEU MB 116 66.07 6.86 -15.60
N ILE MB 117 66.44 5.59 -15.40
CA ILE MB 117 67.52 4.98 -16.18
C ILE MB 117 67.12 4.86 -17.64
N GLU MB 118 65.86 4.53 -17.91
CA GLU MB 118 65.36 4.48 -19.28
C GLU MB 118 65.41 5.85 -19.94
N SER MB 119 65.07 6.91 -19.20
CA SER MB 119 65.11 8.26 -19.76
C SER MB 119 66.54 8.68 -20.09
N ARG MB 120 67.50 8.34 -19.21
CA ARG MB 120 68.89 8.67 -19.50
C ARG MB 120 69.44 7.84 -20.66
N ILE MB 121 68.99 6.59 -20.79
CA ILE MB 121 69.38 5.74 -21.93
C ILE MB 121 68.88 6.33 -23.23
N HIS MB 122 67.62 6.80 -23.25
CA HIS MB 122 67.09 7.34 -24.50
C HIS MB 122 67.70 8.70 -24.83
N ARG MB 123 68.07 9.48 -23.81
CA ARG MB 123 68.79 10.73 -24.06
C ARG MB 123 70.16 10.49 -24.68
N LEU MB 124 70.94 9.57 -24.09
CA LEU MB 124 72.23 9.25 -24.69
C LEU MB 124 72.08 8.53 -26.03
N ALA MB 125 70.97 7.82 -26.21
CA ALA MB 125 70.72 7.13 -27.48
C ALA MB 125 70.48 8.12 -28.61
N ARG MB 126 69.62 9.12 -28.38
CA ARG MB 126 69.42 10.12 -29.42
C ARG MB 126 70.65 11.01 -29.60
N TYR MB 127 71.46 11.20 -28.54
CA TYR MB 127 72.70 11.96 -28.70
C TYR MB 127 73.71 11.22 -29.58
N TYR MB 128 73.89 9.92 -29.37
CA TYR MB 128 74.84 9.20 -30.22
C TYR MB 128 74.27 8.93 -31.60
N LYS MB 129 72.93 8.97 -31.75
CA LYS MB 129 72.36 8.98 -33.10
C LYS MB 129 72.69 10.27 -33.83
N THR MB 130 72.63 11.42 -33.14
CA THR MB 130 72.99 12.67 -33.78
C THR MB 130 74.49 12.76 -34.04
N LYS MB 131 75.31 12.12 -33.21
CA LYS MB 131 76.75 12.13 -33.43
C LYS MB 131 77.20 11.05 -34.41
N ARG MB 132 76.32 10.12 -34.76
CA ARG MB 132 76.53 9.09 -35.80
C ARG MB 132 77.71 8.17 -35.47
N VAL MB 133 77.65 7.56 -34.28
CA VAL MB 133 78.55 6.48 -33.92
C VAL MB 133 77.80 5.17 -33.75
N LEU MB 134 76.47 5.23 -33.58
CA LEU MB 134 75.43 4.23 -33.58
C LEU MB 134 74.57 4.37 -34.85
N PRO MB 135 74.07 3.28 -35.40
CA PRO MB 135 73.23 3.37 -36.60
C PRO MB 135 71.87 3.97 -36.28
N PRO MB 136 71.22 4.60 -37.27
CA PRO MB 136 69.88 5.16 -37.00
C PRO MB 136 68.81 4.10 -36.79
N ASN MB 137 69.03 2.88 -37.26
CA ASN MB 137 68.08 1.79 -37.03
C ASN MB 137 68.27 1.12 -35.68
N TRP MB 138 69.25 1.54 -34.89
CA TRP MB 138 69.42 1.01 -33.55
C TRP MB 138 68.30 1.51 -32.65
N LYS MB 139 67.84 0.65 -31.74
CA LYS MB 139 66.76 1.02 -30.84
C LYS MB 139 66.91 0.21 -29.56
N TYR MB 140 66.74 0.88 -28.42
CA TYR MB 140 66.78 0.18 -27.14
C TYR MB 140 65.49 -0.60 -26.94
N GLU MB 141 65.57 -1.93 -27.00
CA GLU MB 141 64.44 -2.80 -26.76
C GLU MB 141 64.76 -3.67 -25.57
N SER MB 142 63.95 -3.57 -24.51
CA SER MB 142 64.27 -4.20 -23.24
C SER MB 142 64.15 -5.73 -23.29
N SER MB 143 63.44 -6.26 -24.28
CA SER MB 143 63.38 -7.71 -24.44
C SER MB 143 64.69 -8.25 -24.97
N THR MB 144 65.39 -7.46 -25.79
CA THR MB 144 66.67 -7.86 -26.37
C THR MB 144 67.85 -7.14 -25.74
N ALA MB 145 67.61 -6.33 -24.71
CA ALA MB 145 68.70 -5.57 -24.07
C ALA MB 145 69.47 -6.44 -23.08
N SER MB 146 68.86 -7.52 -22.61
CA SER MB 146 69.48 -8.31 -21.55
C SER MB 146 70.67 -9.11 -22.03
N ALA MB 147 70.69 -9.51 -23.30
CA ALA MB 147 71.80 -10.29 -23.83
C ALA MB 147 73.08 -9.47 -23.91
N LEU MB 148 72.94 -8.17 -24.14
CA LEU MB 148 74.07 -7.25 -24.02
C LEU MB 148 74.28 -6.91 -22.55
N VAL MB 149 75.43 -7.31 -22.02
CA VAL MB 149 75.70 -7.15 -20.60
C VAL MB 149 76.11 -5.71 -20.29
N SER NB 1 46.18 -17.67 60.99
CA SER NB 1 46.28 -16.64 62.02
C SER NB 1 47.31 -17.02 63.08
N LEU NB 2 48.28 -17.84 62.70
CA LEU NB 2 49.30 -18.33 63.62
C LEU NB 2 50.66 -18.11 62.96
N GLY NB 3 51.46 -17.23 63.55
CA GLY NB 3 52.78 -16.95 63.04
C GLY NB 3 53.85 -17.81 63.68
N PRO NB 4 54.59 -18.58 62.86
CA PRO NB 4 55.68 -19.40 63.39
C PRO NB 4 56.95 -18.62 63.68
N GLN NB 5 56.99 -17.33 63.35
CA GLN NB 5 58.16 -16.49 63.51
C GLN NB 5 58.54 -16.24 64.96
N VAL NB 6 59.85 -16.19 65.25
CA VAL NB 6 60.31 -15.71 66.54
C VAL NB 6 60.18 -14.18 66.58
N ALA NB 7 59.74 -13.67 67.73
CA ALA NB 7 59.24 -12.30 67.85
C ALA NB 7 60.31 -11.23 67.63
N GLU NB 8 61.45 -11.36 68.28
CA GLU NB 8 62.46 -10.30 68.26
C GLU NB 8 63.49 -10.50 67.15
N GLY NB 9 63.61 -11.72 66.62
CA GLY NB 9 64.69 -12.02 65.69
C GLY NB 9 64.49 -11.41 64.31
N GLU NB 10 63.37 -11.69 63.68
CA GLU NB 10 63.15 -11.23 62.30
C GLU NB 10 61.68 -10.92 62.10
N ASN NB 11 61.37 -10.38 60.93
CA ASN NB 11 60.02 -10.01 60.55
C ASN NB 11 59.56 -10.87 59.38
N VAL NB 12 58.24 -11.03 59.25
CA VAL NB 12 57.64 -11.77 58.16
C VAL NB 12 57.36 -10.77 57.04
N PHE NB 13 57.82 -11.11 55.83
CA PHE NB 13 57.66 -10.24 54.68
C PHE NB 13 56.42 -10.62 53.87
N GLY NB 14 55.71 -9.59 53.41
CA GLY NB 14 54.68 -9.75 52.40
C GLY NB 14 54.86 -8.65 51.37
N VAL NB 15 53.94 -8.49 50.43
CA VAL NB 15 54.04 -7.37 49.50
C VAL NB 15 52.66 -6.81 49.19
N CYS NB 16 52.53 -5.50 49.27
CA CYS NB 16 51.31 -4.83 48.85
C CYS NB 16 51.45 -4.35 47.41
N HIS NB 17 50.38 -4.48 46.65
CA HIS NB 17 50.27 -4.02 45.27
C HIS NB 17 49.31 -2.85 45.29
N ILE NB 18 49.85 -1.65 45.46
CA ILE NB 18 49.03 -0.44 45.61
C ILE NB 18 48.64 0.00 44.21
N PHE NB 19 47.44 -0.39 43.79
CA PHE NB 19 46.88 0.06 42.52
C PHE NB 19 46.19 1.40 42.72
N ALA NB 20 46.55 2.38 41.89
CA ALA NB 20 46.07 3.75 42.04
C ALA NB 20 45.47 4.24 40.73
N SER NB 21 44.17 4.01 40.55
CA SER NB 21 43.46 4.61 39.43
C SER NB 21 42.89 5.96 39.86
N PHE NB 22 42.35 6.68 38.89
CA PHE NB 22 41.74 7.98 39.15
C PHE NB 22 40.27 7.88 39.54
N ASN NB 23 39.77 6.66 39.80
CA ASN NB 23 38.40 6.48 40.26
C ASN NB 23 38.27 5.49 41.40
N ASP NB 24 39.34 4.73 41.71
CA ASP NB 24 39.36 3.83 42.85
C ASP NB 24 40.82 3.51 43.19
N THR NB 25 41.05 3.01 44.39
CA THR NB 25 42.38 2.63 44.87
C THR NB 25 42.31 1.25 45.50
N PHE NB 26 43.12 0.32 45.00
CA PHE NB 26 43.24 -1.02 45.55
C PHE NB 26 44.48 -1.12 46.42
N VAL NB 27 44.31 -1.65 47.64
CA VAL NB 27 45.41 -2.00 48.53
C VAL NB 27 45.32 -3.50 48.76
N HIS NB 28 46.26 -4.26 48.21
CA HIS NB 28 46.17 -5.72 48.12
C HIS NB 28 47.48 -6.34 48.61
N VAL NB 29 47.43 -7.00 49.76
CA VAL NB 29 48.63 -7.65 50.31
C VAL NB 29 48.62 -9.14 49.97
N THR NB 30 49.68 -9.59 49.31
CA THR NB 30 49.91 -10.99 49.00
C THR NB 30 51.24 -11.42 49.59
N ASP NB 31 51.58 -12.69 49.37
CA ASP NB 31 52.85 -13.24 49.82
C ASP NB 31 53.95 -12.93 48.81
N LEU NB 32 55.10 -13.59 49.00
CA LEU NB 32 56.27 -13.41 48.15
C LEU NB 32 56.01 -13.91 46.73
N SER NB 33 55.15 -14.92 46.60
CA SER NB 33 54.76 -15.40 45.27
C SER NB 33 53.80 -14.44 44.61
N GLY NB 34 52.83 -13.92 45.37
CA GLY NB 34 51.70 -13.21 44.83
C GLY NB 34 50.52 -14.09 44.52
N LYS NB 35 50.72 -15.41 44.49
CA LYS NB 35 49.63 -16.34 44.24
C LYS NB 35 48.68 -16.44 45.43
N GLU NB 36 49.21 -16.41 46.65
CA GLU NB 36 48.40 -16.45 47.87
C GLU NB 36 48.26 -15.04 48.41
N THR NB 37 47.02 -14.62 48.68
CA THR NB 37 46.72 -13.28 49.15
C THR NB 37 46.36 -13.30 50.62
N ILE NB 38 46.42 -12.12 51.24
CA ILE NB 38 46.15 -11.97 52.67
C ILE NB 38 44.96 -11.05 52.92
N CYS NB 39 44.98 -9.85 52.36
CA CYS NB 39 43.90 -8.90 52.61
C CYS NB 39 43.74 -7.98 51.40
N ARG NB 40 42.50 -7.77 50.98
CA ARG NB 40 42.18 -6.79 49.95
C ARG NB 40 40.91 -6.04 50.31
N VAL NB 41 41.05 -4.74 50.54
CA VAL NB 41 39.91 -3.86 50.76
C VAL NB 41 40.16 -2.59 49.97
N THR NB 42 39.08 -1.98 49.47
CA THR NB 42 39.18 -0.91 48.50
C THR NB 42 38.71 0.40 49.12
N GLY NB 43 38.80 1.47 48.33
CA GLY NB 43 38.21 2.74 48.75
C GLY NB 43 36.70 2.73 48.68
N GLY NB 44 36.13 1.98 47.74
CA GLY NB 44 34.69 1.87 47.65
C GLY NB 44 34.08 1.03 48.74
N MET NB 45 34.86 0.12 49.32
CA MET NB 45 34.38 -0.66 50.45
C MET NB 45 34.33 0.20 51.71
N LYS NB 46 35.19 1.21 51.80
CA LYS NB 46 35.24 2.09 52.97
C LYS NB 46 34.34 3.30 52.86
N VAL NB 47 34.16 3.87 51.66
CA VAL NB 47 33.31 5.03 51.46
C VAL NB 47 32.23 4.67 50.45
N LYS NB 48 30.97 4.84 50.84
CA LYS NB 48 29.83 4.44 50.03
C LYS NB 48 29.36 5.61 49.17
N ALA NB 49 30.27 6.10 48.33
CA ALA NB 49 29.94 7.11 47.32
C ALA NB 49 30.96 6.94 46.21
N ASP NB 50 30.49 6.91 44.95
CA ASP NB 50 31.35 6.52 43.84
C ASP NB 50 32.35 7.62 43.48
N ARG NB 51 32.03 8.87 43.81
CA ARG NB 51 32.85 9.99 43.34
C ARG NB 51 34.12 10.16 44.16
N ASP NB 52 34.15 9.66 45.40
CA ASP NB 52 35.34 9.79 46.22
C ASP NB 52 35.87 8.42 46.64
N GLU NB 53 35.86 7.47 45.70
CA GLU NB 53 36.47 6.17 45.97
C GLU NB 53 37.99 6.25 45.82
N SER NB 54 38.48 7.08 44.91
CA SER NB 54 39.91 7.31 44.79
C SER NB 54 40.41 8.42 45.70
N SER NB 55 39.60 8.85 46.67
CA SER NB 55 39.96 9.91 47.59
C SER NB 55 41.04 9.45 48.55
N PRO NB 56 41.91 10.36 49.01
CA PRO NB 56 42.93 9.97 50.00
C PRO NB 56 42.35 9.49 51.33
N TYR NB 57 41.18 9.98 51.72
CA TYR NB 57 40.53 9.50 52.93
C TYR NB 57 40.09 8.04 52.80
N ALA NB 58 39.53 7.69 51.64
CA ALA NB 58 39.11 6.31 51.41
C ALA NB 58 40.30 5.38 51.28
N ALA NB 59 41.37 5.83 50.60
CA ALA NB 59 42.57 5.01 50.51
C ALA NB 59 43.25 4.87 51.86
N MET NB 60 43.15 5.89 52.71
CA MET NB 60 43.70 5.83 54.05
C MET NB 60 42.95 4.83 54.93
N LEU NB 61 41.62 4.84 54.84
CA LEU NB 61 40.82 3.87 55.59
C LEU NB 61 41.07 2.45 55.09
N ALA NB 62 41.24 2.29 53.77
CA ALA NB 62 41.55 0.98 53.21
C ALA NB 62 42.91 0.48 53.68
N ALA NB 63 43.89 1.38 53.77
CA ALA NB 63 45.21 1.00 54.23
C ALA NB 63 45.21 0.66 55.72
N GLN NB 64 44.42 1.38 56.51
CA GLN NB 64 44.30 1.06 57.93
C GLN NB 64 43.62 -0.29 58.14
N ASP NB 65 42.60 -0.59 57.33
CA ASP NB 65 41.93 -1.88 57.43
C ASP NB 65 42.84 -3.03 57.00
N VAL NB 66 43.64 -2.79 55.95
CA VAL NB 66 44.63 -3.78 55.50
C VAL NB 66 45.67 -4.03 56.58
N ALA NB 67 46.16 -2.96 57.20
CA ALA NB 67 47.19 -3.09 58.24
C ALA NB 67 46.65 -3.79 59.49
N GLN NB 68 45.40 -3.52 59.85
CA GLN NB 68 44.80 -4.21 60.99
C GLN NB 68 44.57 -5.69 60.70
N ARG NB 69 44.04 -6.00 59.50
CA ARG NB 69 43.82 -7.40 59.12
C ARG NB 69 45.13 -8.16 58.95
N CYS NB 70 46.21 -7.45 58.62
CA CYS NB 70 47.51 -8.08 58.45
C CYS NB 70 48.23 -8.26 59.79
N LYS NB 71 48.00 -7.36 60.74
CA LYS NB 71 48.50 -7.57 62.10
C LYS NB 71 47.69 -8.62 62.85
N GLU NB 72 46.48 -8.93 62.37
CA GLU NB 72 45.75 -10.07 62.92
C GLU NB 72 46.47 -11.39 62.64
N LEU NB 73 47.19 -11.48 61.53
CA LEU NB 73 47.98 -12.67 61.21
C LEU NB 73 49.43 -12.56 61.67
N GLY NB 74 50.00 -11.36 61.70
CA GLY NB 74 51.34 -11.18 62.23
C GLY NB 74 52.43 -10.95 61.22
N ILE NB 75 52.09 -10.70 59.96
CA ILE NB 75 53.08 -10.30 58.95
C ILE NB 75 53.48 -8.87 59.28
N THR NB 76 54.79 -8.62 59.40
CA THR NB 76 55.25 -7.35 59.95
C THR NB 76 55.74 -6.40 58.85
N ALA NB 77 56.55 -6.88 57.92
CA ALA NB 77 57.10 -6.04 56.89
C ALA NB 77 56.39 -6.28 55.56
N LEU NB 78 56.31 -5.21 54.77
CA LEU NB 78 55.70 -5.25 53.44
C LEU NB 78 56.61 -4.56 52.45
N HIS NB 79 56.89 -5.24 51.34
CA HIS NB 79 57.40 -4.56 50.17
C HIS NB 79 56.26 -3.84 49.47
N ILE NB 80 56.58 -2.82 48.70
CA ILE NB 80 55.59 -1.95 48.08
C ILE NB 80 55.77 -1.99 46.56
N LYS NB 81 54.69 -2.34 45.86
CA LYS NB 81 54.67 -2.38 44.40
C LYS NB 81 53.58 -1.42 43.96
N LEU NB 82 54.00 -0.23 43.53
CA LEU NB 82 53.06 0.78 43.05
C LEU NB 82 52.67 0.49 41.61
N ARG NB 83 51.36 0.57 41.35
CA ARG NB 83 50.84 0.18 40.05
C ARG NB 83 49.78 1.20 39.65
N ALA NB 84 49.80 1.57 38.37
CA ALA NB 84 48.99 2.66 37.85
C ALA NB 84 47.90 2.09 36.94
N THR NB 85 47.20 3.00 36.26
CA THR NB 85 46.18 2.59 35.28
C THR NB 85 46.82 1.83 34.12
N GLY NB 86 47.94 2.34 33.61
CA GLY NB 86 48.80 1.61 32.70
C GLY NB 86 48.23 1.37 31.32
N GLY NB 87 49.04 0.71 30.49
CA GLY NB 87 48.64 0.41 29.13
C GLY NB 87 48.62 1.65 28.27
N ASN NB 88 47.67 1.70 27.34
CA ASN NB 88 47.49 2.87 26.51
C ASN NB 88 46.96 4.07 27.30
N ARG NB 89 46.34 3.84 28.45
CA ARG NB 89 45.83 4.90 29.30
C ARG NB 89 46.94 5.54 30.15
N THR NB 90 46.56 6.31 31.16
CA THR NB 90 47.50 7.12 31.92
C THR NB 90 48.45 6.26 32.74
N LYS NB 91 49.65 6.79 32.98
CA LYS NB 91 50.70 6.07 33.70
C LYS NB 91 51.04 6.71 35.04
N THR NB 92 50.46 7.86 35.36
CA THR NB 92 50.67 8.54 36.63
C THR NB 92 49.69 7.99 37.67
N PRO NB 93 50.18 7.58 38.84
CA PRO NB 93 49.27 7.06 39.87
C PRO NB 93 48.35 8.12 40.43
N GLY NB 94 47.22 7.68 40.97
CA GLY NB 94 46.20 8.57 41.48
C GLY NB 94 46.56 9.20 42.81
N PRO NB 95 45.63 9.98 43.37
CA PRO NB 95 45.92 10.67 44.63
C PRO NB 95 45.91 9.76 45.85
N GLY NB 96 45.37 8.54 45.73
CA GLY NB 96 45.24 7.68 46.88
C GLY NB 96 46.48 6.87 47.21
N ALA NB 97 47.46 6.84 46.29
CA ALA NB 97 48.63 5.97 46.45
C ALA NB 97 49.51 6.41 47.61
N GLN NB 98 49.92 7.68 47.60
CA GLN NB 98 50.78 8.20 48.66
C GLN NB 98 50.05 8.22 50.00
N SER NB 99 48.74 8.46 49.98
CA SER NB 99 47.95 8.47 51.20
C SER NB 99 47.86 7.08 51.81
N ALA NB 100 47.62 6.06 50.99
CA ALA NB 100 47.55 4.69 51.51
C ALA NB 100 48.92 4.20 51.97
N LEU NB 101 49.97 4.61 51.27
CA LEU NB 101 51.32 4.19 51.65
C LEU NB 101 51.73 4.83 52.98
N ARG NB 102 51.45 6.14 53.13
CA ARG NB 102 51.73 6.83 54.37
C ARG NB 102 50.84 6.33 55.50
N ALA NB 103 49.62 5.91 55.17
CA ALA NB 103 48.69 5.41 56.18
C ALA NB 103 49.14 4.07 56.73
N LEU NB 104 49.61 3.16 55.86
CA LEU NB 104 50.14 1.89 56.36
C LEU NB 104 51.47 2.09 57.07
N ALA NB 105 52.26 3.09 56.65
CA ALA NB 105 53.50 3.40 57.37
C ALA NB 105 53.23 3.95 58.76
N ARG NB 106 52.17 4.74 58.92
CA ARG NB 106 51.80 5.23 60.26
C ARG NB 106 51.15 4.13 61.08
N SER NB 107 50.39 3.23 60.44
CA SER NB 107 49.74 2.16 61.18
C SER NB 107 50.73 1.10 61.63
N GLY NB 108 51.88 1.01 61.00
CA GLY NB 108 52.99 0.25 61.53
C GLY NB 108 53.48 -0.93 60.71
N MET NB 109 53.33 -0.89 59.39
CA MET NB 109 53.88 -1.94 58.54
C MET NB 109 55.28 -1.55 58.14
N LYS NB 110 56.25 -2.45 58.36
CA LYS NB 110 57.65 -2.12 58.13
C LYS NB 110 57.95 -2.05 56.64
N ILE NB 111 58.41 -0.89 56.18
CA ILE NB 111 58.56 -0.61 54.76
C ILE NB 111 59.80 -1.35 54.25
N GLY NB 112 59.62 -2.15 53.20
CA GLY NB 112 60.74 -2.78 52.53
C GLY NB 112 61.22 -1.96 51.35
N ARG NB 113 61.34 -2.60 50.19
CA ARG NB 113 61.74 -1.87 48.99
C ARG NB 113 60.51 -1.48 48.18
N ILE NB 114 60.55 -0.29 47.62
CA ILE NB 114 59.44 0.27 46.86
C ILE NB 114 59.83 0.26 45.39
N GLU NB 115 58.90 -0.16 44.53
CA GLU NB 115 59.16 -0.20 43.10
C GLU NB 115 57.84 0.02 42.35
N ASP NB 116 57.98 0.29 41.06
CA ASP NB 116 56.83 0.50 40.18
C ASP NB 116 56.59 -0.76 39.33
N VAL NB 117 55.39 -1.31 39.44
CA VAL NB 117 54.99 -2.45 38.63
C VAL NB 117 53.89 -2.01 37.67
N THR NB 118 53.91 -0.72 37.33
CA THR NB 118 52.93 -0.12 36.42
C THR NB 118 53.05 -0.75 35.05
N PRO NB 119 51.96 -1.24 34.45
CA PRO NB 119 52.08 -1.91 33.15
C PRO NB 119 52.32 -0.95 32.00
N ILE NB 120 53.51 -0.35 31.98
CA ILE NB 120 53.89 0.54 30.89
C ILE NB 120 54.10 -0.29 29.63
N PRO NB 121 53.33 -0.07 28.57
CA PRO NB 121 53.51 -0.84 27.35
C PRO NB 121 54.76 -0.38 26.62
N SER NB 122 55.39 -1.33 25.93
CA SER NB 122 56.40 -0.94 24.96
C SER NB 122 55.68 -0.21 23.86
N ASP NB 123 54.80 -0.91 23.14
CA ASP NB 123 54.05 -0.35 22.04
C ASP NB 123 52.65 -0.95 22.07
N SER NB 124 51.68 -0.15 22.47
CA SER NB 124 50.35 -0.64 22.80
C SER NB 124 49.44 -0.57 21.57
N THR NB 125 48.18 -0.92 21.82
CA THR NB 125 47.13 -0.79 20.83
C THR NB 125 46.62 0.65 20.78
N ARG NB 126 45.50 0.84 20.09
CA ARG NB 126 44.97 2.18 19.90
C ARG NB 126 44.25 2.64 21.17
N ARG NB 127 44.53 3.87 21.58
CA ARG NB 127 43.94 4.46 22.78
C ARG NB 127 42.44 4.68 22.60
N LYS NB 128 41.68 4.46 23.68
CA LYS NB 128 40.23 4.67 23.66
C LYS NB 128 39.94 6.16 23.53
N GLY NB 129 39.58 6.57 22.32
CA GLY NB 129 39.27 7.96 22.04
C GLY NB 129 39.28 8.17 20.55
N GLY NB 130 38.80 9.35 20.14
CA GLY NB 130 38.79 9.68 18.74
C GLY NB 130 40.12 10.22 18.27
N ARG NB 131 40.12 10.70 17.01
CA ARG NB 131 41.30 11.38 16.48
C ARG NB 131 41.39 12.80 17.05
N ARG NB 132 40.28 13.31 17.55
CA ARG NB 132 40.18 14.63 18.15
C ARG NB 132 40.23 14.57 19.68
N GLY NB 133 40.00 13.41 20.28
CA GLY NB 133 40.24 13.21 21.69
C GLY NB 133 39.00 13.36 22.55
N ARG NB 134 39.20 13.21 23.86
CA ARG NB 134 38.14 13.36 24.84
C ARG NB 134 37.96 14.84 25.20
N ARG NB 135 37.22 15.57 24.39
CA ARG NB 135 37.00 17.00 24.59
C ARG NB 135 35.74 17.22 25.42
N PHE OB 1 -43.40 56.25 60.61
CA PHE OB 1 -44.78 56.32 61.04
C PHE OB 1 -44.99 57.47 62.03
N ARG OB 2 -44.25 57.45 63.12
CA ARG OB 2 -44.36 58.48 64.15
C ARG OB 2 -43.58 59.72 63.71
N LYS OB 3 -43.62 60.77 64.53
CA LYS OB 3 -42.90 61.99 64.21
C LYS OB 3 -41.41 61.81 64.43
N PHE OB 4 -40.62 62.30 63.48
CA PHE OB 4 -39.17 62.33 63.60
C PHE OB 4 -38.75 63.28 64.72
N THR OB 5 -37.74 62.87 65.47
CA THR OB 5 -37.27 63.67 66.60
C THR OB 5 -35.79 63.95 66.44
N TYR OB 6 -35.44 65.12 65.92
CA TYR OB 6 -34.09 65.63 66.03
C TYR OB 6 -33.93 66.03 67.49
N ARG OB 7 -32.68 66.06 67.98
CA ARG OB 7 -32.21 65.53 69.31
C ARG OB 7 -33.33 65.58 70.36
N GLY OB 8 -33.97 66.71 70.59
CA GLY OB 8 -35.16 66.75 71.41
C GLY OB 8 -36.26 67.66 70.88
N VAL OB 9 -36.11 68.13 69.65
CA VAL OB 9 -36.88 69.26 69.13
C VAL OB 9 -37.71 68.80 67.94
N ASP OB 10 -38.98 69.21 67.91
CA ASP OB 10 -39.85 68.95 66.77
C ASP OB 10 -39.53 69.93 65.64
N LEU OB 11 -40.13 69.71 64.46
CA LEU OB 11 -39.77 70.47 63.27
C LEU OB 11 -40.20 71.93 63.37
N ASP OB 12 -41.37 72.17 63.95
CA ASP OB 12 -41.86 73.55 64.09
C ASP OB 12 -41.00 74.33 65.08
N GLN OB 13 -40.54 73.67 66.14
CA GLN OB 13 -39.67 74.35 67.09
C GLN OB 13 -38.24 74.47 66.55
N LEU OB 14 -37.86 73.59 65.62
CA LEU OB 14 -36.61 73.79 64.88
C LEU OB 14 -36.70 75.02 63.96
N LEU OB 15 -37.85 75.22 63.34
CA LEU OB 15 -38.04 76.40 62.49
C LEU OB 15 -38.09 77.67 63.34
N ASP OB 16 -38.73 77.59 64.51
CA ASP OB 16 -38.76 78.70 65.45
C ASP OB 16 -37.69 78.51 66.53
N MET OB 17 -36.43 78.62 66.11
CA MET OB 17 -35.31 78.45 67.01
C MET OB 17 -34.27 79.53 66.74
N SER OB 18 -33.73 80.10 67.81
CA SER OB 18 -32.66 81.08 67.71
C SER OB 18 -31.36 80.40 67.29
N TYR OB 19 -30.44 81.22 66.77
CA TYR OB 19 -29.20 80.70 66.20
C TYR OB 19 -28.27 80.16 67.27
N GLU OB 20 -28.22 80.80 68.44
CA GLU OB 20 -27.36 80.33 69.51
C GLU OB 20 -27.87 79.00 70.09
N GLN OB 21 -29.19 78.86 70.19
CA GLN OB 21 -29.78 77.58 70.60
C GLN OB 21 -29.53 76.51 69.54
N LEU OB 22 -29.48 76.91 68.26
CA LEU OB 22 -29.20 75.96 67.18
C LEU OB 22 -27.75 75.47 67.24
N MET OB 23 -26.82 76.38 67.52
CA MET OB 23 -25.41 76.05 67.72
C MET OB 23 -25.23 75.12 68.92
N GLN OB 24 -25.93 75.42 70.02
CA GLN OB 24 -25.85 74.56 71.19
C GLN OB 24 -26.55 73.22 70.96
N LEU OB 25 -27.47 73.18 70.00
CA LEU OB 25 -28.17 71.94 69.68
C LEU OB 25 -27.25 70.97 68.94
N TYR OB 26 -26.80 71.34 67.75
CA TYR OB 26 -26.06 70.32 66.99
C TYR OB 26 -24.56 70.61 66.90
N SER OB 27 -23.90 69.84 66.04
CA SER OB 27 -22.55 69.32 66.23
C SER OB 27 -21.46 70.39 66.23
N ALA OB 28 -20.24 69.94 66.52
CA ALA OB 28 -19.16 70.83 66.93
C ALA OB 28 -18.55 71.59 65.76
N ARG OB 29 -18.22 70.87 64.67
CA ARG OB 29 -17.76 71.52 63.44
C ARG OB 29 -18.82 72.46 62.89
N GLN OB 30 -20.09 72.04 62.95
CA GLN OB 30 -21.18 72.85 62.44
C GLN OB 30 -21.40 74.09 63.31
N ARG OB 31 -21.30 73.95 64.64
CA ARG OB 31 -21.52 75.11 65.49
C ARG OB 31 -20.32 76.05 65.45
N ARG OB 32 -19.13 75.53 65.14
CA ARG OB 32 -17.98 76.41 64.96
C ARG OB 32 -18.10 77.19 63.66
N ARG OB 33 -18.61 76.53 62.61
CA ARG OB 33 -18.92 77.22 61.35
C ARG OB 33 -19.99 78.29 61.54
N LEU OB 34 -21.02 77.99 62.34
CA LEU OB 34 -22.07 78.98 62.59
C LEU OB 34 -21.56 80.13 63.47
N SER OB 35 -20.69 79.82 64.44
CA SER OB 35 -20.18 80.85 65.33
C SER OB 35 -19.21 81.77 64.61
N ARG OB 36 -18.48 81.25 63.63
CA ARG OB 36 -17.68 82.13 62.79
C ARG OB 36 -18.56 82.92 61.83
N GLY OB 37 -19.63 82.31 61.34
CA GLY OB 37 -20.64 83.14 60.70
C GLY OB 37 -20.87 82.75 59.25
N LEU OB 38 -22.02 83.18 58.73
CA LEU OB 38 -22.41 82.91 57.35
C LEU OB 38 -21.92 84.04 56.45
N ARG OB 39 -21.58 83.70 55.22
CA ARG OB 39 -21.14 84.72 54.27
C ARG OB 39 -22.31 85.16 53.38
N ARG OB 40 -22.11 86.28 52.68
CA ARG OB 40 -23.19 86.93 51.95
C ARG OB 40 -23.61 86.12 50.72
N LYS OB 41 -22.69 85.31 50.19
CA LYS OB 41 -23.02 84.44 49.06
C LYS OB 41 -23.94 83.32 49.50
N GLN OB 42 -23.93 82.99 50.80
CA GLN OB 42 -24.85 82.00 51.34
C GLN OB 42 -26.11 82.65 51.89
N HIS OB 43 -26.02 83.92 52.31
CA HIS OB 43 -27.22 84.67 52.67
C HIS OB 43 -28.10 84.91 51.45
N SER OB 44 -27.47 85.15 50.29
CA SER OB 44 -28.23 85.25 49.04
C SER OB 44 -28.88 83.92 48.68
N LEU OB 45 -28.23 82.81 49.03
CA LEU OB 45 -28.83 81.49 48.83
C LEU OB 45 -30.06 81.31 49.72
N LEU OB 46 -29.97 81.73 50.99
CA LEU OB 46 -31.12 81.67 51.89
C LEU OB 46 -32.27 82.57 51.41
N LYS OB 47 -31.94 83.74 50.84
CA LYS OB 47 -32.98 84.61 50.29
C LYS OB 47 -33.63 83.98 49.06
N ARG OB 48 -32.82 83.30 48.23
CA ARG OB 48 -33.37 82.61 47.07
C ARG OB 48 -34.25 81.43 47.47
N LEU OB 49 -33.86 80.74 48.55
CA LEU OB 49 -34.68 79.64 49.06
C LEU OB 49 -36.01 80.13 49.63
N ARG OB 50 -35.98 81.27 50.35
CA ARG OB 50 -37.21 81.86 50.85
C ARG OB 50 -38.10 82.34 49.71
N LYS OB 51 -37.49 82.91 48.65
CA LYS OB 51 -38.27 83.36 47.49
C LYS OB 51 -38.89 82.18 46.76
N ALA OB 52 -38.15 81.07 46.63
CA ALA OB 52 -38.70 79.87 45.99
C ALA OB 52 -39.80 79.24 46.83
N LYS OB 53 -39.65 79.27 48.16
CA LYS OB 53 -40.68 78.71 49.03
C LYS OB 53 -41.95 79.57 49.01
N LYS OB 54 -41.81 80.88 48.86
CA LYS OB 54 -43.00 81.73 48.76
C LYS OB 54 -43.65 81.62 47.38
N GLU OB 55 -42.84 81.42 46.33
CA GLU OB 55 -43.41 81.27 44.99
C GLU OB 55 -43.97 79.87 44.75
N ALA OB 56 -43.62 78.91 45.61
CA ALA OB 56 -44.10 77.55 45.43
C ALA OB 56 -45.59 77.45 45.75
N PRO OB 57 -46.36 76.74 44.92
CA PRO OB 57 -47.76 76.45 45.27
C PRO OB 57 -47.85 75.47 46.43
N PRO OB 58 -48.99 75.41 47.13
CA PRO OB 58 -49.11 74.47 48.26
C PRO OB 58 -49.09 73.00 47.85
N MET OB 59 -49.91 72.61 46.87
CA MET OB 59 -49.96 71.22 46.44
C MET OB 59 -49.00 70.95 45.28
N GLU OB 60 -47.75 71.35 45.44
CA GLU OB 60 -46.72 71.15 44.42
C GLU OB 60 -45.35 71.33 45.07
N LYS OB 61 -44.40 70.49 44.66
CA LYS OB 61 -43.03 70.64 45.08
C LYS OB 61 -42.45 71.97 44.56
N PRO OB 62 -41.56 72.60 45.32
CA PRO OB 62 -41.05 73.92 44.91
C PRO OB 62 -40.10 73.82 43.72
N GLU OB 63 -39.77 74.99 43.18
CA GLU OB 63 -38.90 75.06 42.02
C GLU OB 63 -37.46 74.74 42.41
N VAL OB 64 -36.65 74.43 41.40
CA VAL OB 64 -35.28 73.99 41.62
C VAL OB 64 -34.35 75.19 41.61
N VAL OB 65 -33.55 75.33 42.67
CA VAL OB 65 -32.53 76.37 42.77
C VAL OB 65 -31.18 75.72 42.52
N LYS OB 66 -30.36 76.33 41.67
CA LYS OB 66 -29.11 75.72 41.25
C LYS OB 66 -27.95 76.28 42.06
N THR OB 67 -27.13 75.38 42.61
CA THR OB 67 -26.05 75.79 43.51
C THR OB 67 -24.75 75.15 43.07
N HIS OB 68 -23.68 75.95 43.04
CA HIS OB 68 -22.34 75.40 43.11
C HIS OB 68 -21.82 75.34 44.54
N LEU OB 69 -22.65 75.73 45.51
CA LEU OB 69 -22.27 75.76 46.93
C LEU OB 69 -22.45 74.36 47.52
N ARG OB 70 -21.35 73.61 47.52
CA ARG OB 70 -21.36 72.29 48.15
C ARG OB 70 -21.26 72.40 49.66
N ASP OB 71 -20.46 73.35 50.15
CA ASP OB 71 -20.25 73.57 51.58
C ASP OB 71 -21.35 74.49 52.12
N MET OB 72 -22.49 73.89 52.44
CA MET OB 72 -23.62 74.63 53.01
C MET OB 72 -24.36 73.75 54.00
N ILE OB 73 -24.62 74.30 55.19
CA ILE OB 73 -25.32 73.56 56.23
C ILE OB 73 -26.79 73.44 55.87
N ILE OB 74 -27.32 72.22 55.92
CA ILE OB 74 -28.73 72.02 55.63
C ILE OB 74 -29.53 72.39 56.89
N LEU OB 75 -30.06 73.59 56.90
CA LEU OB 75 -30.81 74.12 58.04
C LEU OB 75 -32.23 73.56 58.05
N PRO OB 76 -32.88 73.53 59.22
CA PRO OB 76 -34.31 73.21 59.24
C PRO OB 76 -35.17 74.28 58.58
N GLU OB 77 -34.68 75.51 58.49
CA GLU OB 77 -35.31 76.50 57.62
C GLU OB 77 -35.10 76.14 56.16
N MET OB 78 -33.96 75.51 55.85
CA MET OB 78 -33.64 75.14 54.48
C MET OB 78 -34.44 73.92 54.02
N VAL OB 79 -34.85 73.06 54.96
CA VAL OB 79 -35.55 71.82 54.63
C VAL OB 79 -36.90 72.12 53.95
N GLY OB 80 -37.13 71.44 52.82
CA GLY OB 80 -38.31 71.65 52.02
C GLY OB 80 -38.07 72.47 50.77
N SER OB 81 -37.02 72.12 50.03
CA SER OB 81 -36.72 72.81 48.78
C SER OB 81 -35.99 71.86 47.84
N MET OB 82 -36.02 72.18 46.54
CA MET OB 82 -35.36 71.37 45.53
C MET OB 82 -34.07 72.06 45.10
N VAL OB 83 -32.93 71.38 45.26
CA VAL OB 83 -31.64 72.00 45.02
C VAL OB 83 -30.86 71.17 44.00
N GLY OB 84 -30.32 71.86 43.00
CA GLY OB 84 -29.43 71.23 42.04
C GLY OB 84 -27.98 71.47 42.40
N VAL OB 85 -27.36 70.48 43.02
CA VAL OB 85 -26.02 70.63 43.58
C VAL OB 85 -25.00 70.30 42.49
N TYR OB 86 -23.96 71.13 42.39
CA TYR OB 86 -22.95 71.00 41.35
C TYR OB 86 -21.78 70.15 41.82
N ASN OB 87 -21.31 69.26 40.94
CA ASN OB 87 -20.15 68.43 41.23
C ASN OB 87 -18.94 68.80 40.40
N GLY OB 88 -19.16 69.41 39.24
CA GLY OB 88 -18.09 69.66 38.30
C GLY OB 88 -18.57 69.53 36.87
N LYS OB 89 -19.60 68.73 36.65
CA LYS OB 89 -20.19 68.60 35.32
C LYS OB 89 -21.65 69.01 35.28
N THR OB 90 -22.48 68.44 36.16
CA THR OB 90 -23.93 68.54 36.05
C THR OB 90 -24.52 69.14 37.31
N PHE OB 91 -25.86 69.22 37.31
CA PHE OB 91 -26.66 69.73 38.42
C PHE OB 91 -27.49 68.56 38.96
N ASN OB 92 -26.99 67.90 40.00
CA ASN OB 92 -27.69 66.74 40.54
C ASN OB 92 -28.88 67.19 41.37
N GLN OB 93 -30.04 66.60 41.09
CA GLN OB 93 -31.29 66.96 41.75
C GLN OB 93 -31.34 66.35 43.14
N VAL OB 94 -31.55 67.18 44.15
CA VAL OB 94 -31.60 66.76 45.55
C VAL OB 94 -32.85 67.36 46.17
N GLU OB 95 -33.76 66.48 46.62
CA GLU OB 95 -34.79 66.87 47.57
C GLU OB 95 -34.25 66.60 48.97
N ILE OB 96 -34.66 67.42 49.92
CA ILE OB 96 -34.12 67.36 51.28
C ILE OB 96 -35.26 67.09 52.26
N LYS OB 97 -35.38 65.83 52.66
CA LYS OB 97 -36.22 65.37 53.76
C LYS OB 97 -35.66 65.90 55.08
N PRO OB 98 -36.47 65.95 56.15
CA PRO OB 98 -35.96 66.56 57.41
C PRO OB 98 -34.90 65.75 58.14
N GLU OB 99 -34.42 64.62 57.62
CA GLU OB 99 -33.28 63.95 58.21
C GLU OB 99 -31.95 64.44 57.64
N MET OB 100 -31.98 65.47 56.78
CA MET OB 100 -30.74 65.99 56.20
C MET OB 100 -30.04 66.99 57.12
N ILE OB 101 -30.57 67.22 58.33
CA ILE OB 101 -30.06 68.27 59.20
C ILE OB 101 -28.72 67.85 59.81
N GLY OB 102 -27.73 68.72 59.69
CA GLY OB 102 -26.40 68.41 60.18
C GLY OB 102 -25.46 67.86 59.13
N HIS OB 103 -25.70 68.18 57.86
CA HIS OB 103 -24.89 67.67 56.77
C HIS OB 103 -24.69 68.79 55.75
N TYR OB 104 -23.78 68.55 54.81
CA TYR OB 104 -23.49 69.49 53.74
C TYR OB 104 -24.20 69.09 52.46
N LEU OB 105 -24.37 70.06 51.57
CA LEU OB 105 -25.00 69.78 50.28
C LEU OB 105 -24.07 68.98 49.37
N GLY OB 106 -22.76 69.02 49.62
CA GLY OB 106 -21.83 68.29 48.78
C GLY OB 106 -21.80 66.80 49.07
N GLU OB 107 -22.42 66.37 50.17
CA GLU OB 107 -22.46 64.94 50.48
C GLU OB 107 -23.43 64.21 49.56
N PHE OB 108 -24.53 64.86 49.18
CA PHE OB 108 -25.65 64.18 48.55
C PHE OB 108 -25.60 64.29 47.03
N SER OB 109 -24.45 64.63 46.47
CA SER OB 109 -24.20 64.58 45.03
C SER OB 109 -22.76 64.10 44.87
N ILE OB 110 -22.58 62.88 44.38
CA ILE OB 110 -21.26 62.31 44.20
C ILE OB 110 -20.58 62.98 43.02
N THR OB 111 -19.29 63.27 43.18
CA THR OB 111 -18.53 63.95 42.13
C THR OB 111 -17.99 62.95 41.12
N TYR OB 112 -17.27 61.93 41.61
CA TYR OB 112 -16.74 60.90 40.74
C TYR OB 112 -17.82 59.86 40.42
N LYS OB 113 -17.73 59.31 39.23
CA LYS OB 113 -18.57 58.17 38.87
C LYS OB 113 -18.00 56.91 39.49
N PRO OB 114 -18.82 56.07 40.13
CA PRO OB 114 -18.30 54.83 40.73
C PRO OB 114 -17.79 53.86 39.68
N VAL OB 115 -16.57 53.39 39.88
CA VAL OB 115 -15.83 52.67 38.86
C VAL OB 115 -16.33 51.24 38.74
N LYS OB 116 -16.26 50.69 37.53
CA LYS OB 116 -16.53 49.29 37.26
C LYS OB 116 -15.40 48.78 36.38
N HIS OB 117 -14.64 47.81 36.89
CA HIS OB 117 -13.41 47.39 36.21
C HIS OB 117 -13.71 46.55 34.98
N GLY OB 118 -14.50 45.50 35.13
CA GLY OB 118 -14.82 44.65 34.00
C GLY OB 118 -16.03 45.11 33.22
N ARG OB 119 -15.78 45.85 32.14
CA ARG OB 119 -16.85 46.31 31.25
C ARG OB 119 -17.29 45.23 30.26
N PRO OB 120 -16.36 44.51 29.56
CA PRO OB 120 -16.98 43.44 28.76
C PRO OB 120 -17.29 42.18 29.58
N GLY PB 1 43.62 75.54 107.48
CA GLY PB 1 44.30 76.75 107.05
C GLY PB 1 44.38 76.89 105.55
N PRO PB 2 45.42 76.30 104.95
CA PRO PB 2 45.54 76.33 103.48
C PRO PB 2 44.48 75.47 102.82
N LEU PB 3 43.80 76.03 101.82
CA LEU PB 3 42.74 75.32 101.12
C LEU PB 3 43.35 74.44 100.03
N GLN PB 4 43.16 73.13 100.16
CA GLN PB 4 43.70 72.17 99.19
C GLN PB 4 42.63 71.79 98.16
N SER PB 5 42.20 72.79 97.39
CA SER PB 5 41.13 72.59 96.42
C SER PB 5 41.69 72.05 95.11
N VAL PB 6 41.20 70.89 94.68
CA VAL PB 6 41.63 70.29 93.42
C VAL PB 6 40.40 70.04 92.54
N GLN PB 7 40.35 70.71 91.39
CA GLN PB 7 39.20 70.60 90.49
C GLN PB 7 39.61 69.88 89.21
N VAL PB 8 39.08 68.68 89.00
CA VAL PB 8 39.51 67.81 87.91
C VAL PB 8 38.28 67.33 87.14
N PHE PB 9 38.27 67.56 85.83
CA PHE PB 9 37.16 67.14 84.99
C PHE PB 9 37.39 65.71 84.47
N GLY PB 10 36.29 65.10 84.05
CA GLY PB 10 36.30 63.79 83.43
C GLY PB 10 35.24 63.73 82.35
N ARG PB 11 35.59 63.15 81.20
CA ARG PB 11 34.78 63.26 80.00
C ARG PB 11 34.45 61.89 79.43
N LYS PB 12 33.18 61.69 79.10
CA LYS PB 12 32.71 60.60 78.27
C LYS PB 12 32.31 61.28 76.96
N LYS PB 13 31.62 60.56 76.07
CA LYS PB 13 31.08 60.97 74.76
C LYS PB 13 30.46 62.37 74.83
N THR PB 14 29.57 62.65 75.78
CA THR PB 14 29.01 63.98 75.96
C THR PB 14 29.05 64.44 77.42
N ALA PB 15 28.95 63.50 78.36
CA ALA PB 15 28.85 63.86 79.77
C ALA PB 15 30.18 64.35 80.32
N THR PB 16 30.13 65.50 81.00
CA THR PB 16 31.28 66.08 81.67
C THR PB 16 31.01 66.14 83.16
N ALA PB 17 31.94 65.61 83.95
CA ALA PB 17 31.78 65.52 85.40
C ALA PB 17 33.04 66.06 86.05
N VAL PB 18 32.91 67.12 86.83
CA VAL PB 18 34.03 67.77 87.48
C VAL PB 18 34.01 67.38 88.95
N ALA PB 19 35.04 66.67 89.38
CA ALA PB 19 35.22 66.34 90.78
C ALA PB 19 36.05 67.41 91.47
N HIS PB 20 35.87 67.51 92.79
CA HIS PB 20 36.47 68.55 93.60
C HIS PB 20 36.93 67.90 94.90
N CYS PB 21 38.25 67.88 95.11
CA CYS PB 21 38.83 67.28 96.31
C CYS PB 21 39.36 68.36 97.24
N LYS PB 22 39.21 68.10 98.55
CA LYS PB 22 39.70 68.98 99.60
C LYS PB 22 40.28 68.14 100.73
N ARG PB 23 40.69 68.82 101.79
CA ARG PB 23 41.02 68.14 103.04
C ARG PB 23 39.76 67.93 103.86
N GLY PB 24 39.49 66.69 104.24
CA GLY PB 24 38.29 66.42 105.00
C GLY PB 24 38.20 64.96 105.38
N ASN PB 25 36.98 64.52 105.67
CA ASN PB 25 36.73 63.13 106.07
C ASN PB 25 36.40 62.28 104.86
N GLY PB 26 36.23 60.98 105.11
CA GLY PB 26 36.02 60.03 104.04
C GLY PB 26 34.59 59.94 103.54
N LEU PB 27 34.13 60.97 102.83
CA LEU PB 27 32.81 60.95 102.20
C LEU PB 27 32.95 61.36 100.74
N ILE PB 28 32.24 60.66 99.86
CA ILE PB 28 32.23 60.93 98.44
C ILE PB 28 30.78 61.06 97.99
N LYS PB 29 30.45 62.18 97.36
CA LYS PB 29 29.08 62.38 96.90
C LYS PB 29 29.09 63.04 95.53
N VAL PB 30 28.07 62.72 94.73
CA VAL PB 30 27.94 63.17 93.36
C VAL PB 30 26.59 63.86 93.23
N ASN PB 31 26.61 65.15 92.84
CA ASN PB 31 25.43 66.00 92.70
C ASN PB 31 24.63 66.09 94.01
N GLY PB 32 25.35 66.20 95.12
CA GLY PB 32 24.72 66.36 96.42
C GLY PB 32 24.15 65.09 97.02
N ARG PB 33 24.53 63.92 96.49
CA ARG PB 33 24.08 62.66 97.04
C ARG PB 33 25.20 61.65 96.89
N PRO PB 34 25.37 60.71 97.82
CA PRO PB 34 26.51 59.77 97.75
C PRO PB 34 26.30 58.72 96.66
N LEU PB 35 27.31 57.85 96.55
CA LEU PB 35 27.36 56.88 95.45
C LEU PB 35 26.35 55.76 95.59
N GLU PB 36 25.75 55.57 96.76
CA GLU PB 36 24.87 54.43 96.98
C GLU PB 36 23.54 54.57 96.27
N MET PB 37 23.14 55.78 95.88
CA MET PB 37 21.92 56.00 95.10
C MET PB 37 22.21 56.84 93.86
N ILE PB 38 22.67 56.15 92.82
CA ILE PB 38 22.83 56.70 91.48
C ILE PB 38 22.27 55.65 90.53
N GLU PB 39 21.10 55.90 89.97
CA GLU PB 39 20.46 54.90 89.13
C GLU PB 39 21.07 54.94 87.72
N PRO PB 40 21.21 53.78 87.05
CA PRO PB 40 20.88 52.40 87.44
C PRO PB 40 21.81 51.78 88.47
N ARG PB 41 21.26 50.92 89.32
CA ARG PB 41 22.00 50.34 90.43
C ARG PB 41 22.78 49.09 90.04
N THR PB 42 22.69 48.66 88.78
CA THR PB 42 23.55 47.57 88.32
C THR PB 42 25.01 48.01 88.24
N LEU PB 43 25.24 49.28 87.92
CA LEU PB 43 26.59 49.84 87.94
C LEU PB 43 26.85 50.55 89.26
N GLN PB 44 26.70 49.82 90.36
CA GLN PB 44 27.04 50.31 91.70
C GLN PB 44 28.47 49.90 92.07
N TYR PB 45 28.85 48.66 91.77
CA TYR PB 45 30.22 48.23 92.00
C TYR PB 45 31.18 48.93 91.06
N LYS PB 46 30.71 49.35 89.88
CA LYS PB 46 31.51 50.20 88.99
C LYS PB 46 31.82 51.54 89.65
N LEU PB 47 30.86 52.09 90.39
CA LEU PB 47 31.13 53.32 91.15
C LEU PB 47 32.04 53.04 92.34
N LEU PB 48 31.93 51.85 92.92
CA LEU PB 48 32.74 51.49 94.07
C LEU PB 48 34.16 51.05 93.72
N GLU PB 49 34.46 50.79 92.43
CA GLU PB 49 35.76 50.32 91.94
C GLU PB 49 37.02 51.07 92.43
N PRO PB 50 37.09 52.42 92.44
CA PRO PB 50 38.31 53.02 93.00
C PRO PB 50 38.43 52.81 94.51
N VAL PB 51 37.31 52.82 95.23
CA VAL PB 51 37.33 52.54 96.66
C VAL PB 51 37.71 51.10 96.93
N LEU PB 52 37.20 50.17 96.12
CA LEU PB 52 37.49 48.76 96.33
C LEU PB 52 38.92 48.41 95.93
N LEU PB 53 39.49 49.14 94.95
CA LEU PB 53 40.86 48.85 94.54
C LEU PB 53 41.87 49.51 95.47
N LEU PB 54 41.58 50.73 95.94
CA LEU PB 54 42.57 51.48 96.71
C LEU PB 54 42.39 51.37 98.21
N GLY PB 55 41.27 50.87 98.69
CA GLY PB 55 41.00 50.80 100.12
C GLY PB 55 40.45 52.10 100.65
N LYS PB 56 39.89 52.02 101.86
CA LYS PB 56 39.31 53.20 102.50
C LYS PB 56 40.37 54.09 103.14
N GLU PB 57 41.62 53.61 103.25
CA GLU PB 57 42.68 54.41 103.85
C GLU PB 57 43.07 55.57 102.95
N ARG PB 58 43.05 55.36 101.64
CA ARG PB 58 43.40 56.43 100.71
C ARG PB 58 42.29 57.46 100.61
N PHE PB 59 41.03 57.00 100.65
CA PHE PB 59 39.88 57.90 100.55
C PHE PB 59 39.42 58.44 101.90
N ALA PB 60 40.08 58.09 102.99
CA ALA PB 60 39.65 58.55 104.31
C ALA PB 60 39.93 60.03 104.50
N GLY PB 61 41.05 60.52 103.96
CA GLY PB 61 41.41 61.92 104.13
C GLY PB 61 40.91 62.85 103.05
N VAL PB 62 40.21 62.33 102.04
CA VAL PB 62 39.80 63.13 100.90
C VAL PB 62 38.28 63.12 100.80
N ASP PB 63 37.69 64.31 100.68
CA ASP PB 63 36.26 64.44 100.41
C ASP PB 63 36.07 64.95 98.98
N ILE PB 64 35.15 64.33 98.25
CA ILE PB 64 34.99 64.57 96.82
C ILE PB 64 33.56 65.04 96.56
N ARG PB 65 33.44 66.20 95.90
CA ARG PB 65 32.16 66.71 95.44
C ARG PB 65 32.17 66.85 93.91
N VAL PB 66 31.17 66.27 93.25
CA VAL PB 66 31.19 66.13 91.79
C VAL PB 66 29.97 66.87 91.23
N ARG PB 67 30.21 67.77 90.27
CA ARG PB 67 29.13 68.37 89.50
C ARG PB 67 29.11 67.80 88.09
N VAL PB 68 27.92 67.41 87.62
CA VAL PB 68 27.79 66.61 86.41
C VAL PB 68 26.81 67.31 85.47
N LYS PB 69 27.14 67.35 84.17
CA LYS PB 69 26.16 67.77 83.17
C LYS PB 69 26.46 67.07 81.85
N GLY PB 70 25.39 66.78 81.11
CA GLY PB 70 25.51 66.22 79.78
C GLY PB 70 25.37 64.70 79.76
N GLY PB 71 25.28 64.18 78.54
CA GLY PB 71 25.32 62.74 78.29
C GLY PB 71 24.08 61.99 78.73
N GLY PB 72 24.25 60.67 78.83
CA GLY PB 72 23.23 59.78 79.33
C GLY PB 72 23.61 59.17 80.67
N HIS PB 73 22.91 58.09 81.03
CA HIS PB 73 23.10 57.49 82.35
C HIS PB 73 24.46 56.82 82.47
N VAL PB 74 24.78 55.92 81.53
CA VAL PB 74 26.05 55.21 81.54
C VAL PB 74 27.20 56.18 81.28
N ALA PB 75 26.93 57.21 80.48
CA ALA PB 75 27.92 58.27 80.22
C ALA PB 75 28.27 59.03 81.50
N GLN PB 76 27.27 59.40 82.29
CA GLN PB 76 27.53 60.12 83.54
C GLN PB 76 28.20 59.22 84.58
N ILE PB 77 27.82 57.93 84.60
CA ILE PB 77 28.41 56.99 85.55
C ILE PB 77 29.90 56.79 85.23
N TYR PB 78 30.23 56.59 83.95
CA TYR PB 78 31.63 56.40 83.61
C TYR PB 78 32.40 57.72 83.66
N ALA PB 79 31.70 58.85 83.52
CA ALA PB 79 32.35 60.14 83.68
C ALA PB 79 32.76 60.39 85.13
N ILE PB 80 31.86 60.10 86.09
CA ILE PB 80 32.24 60.28 87.49
C ILE PB 80 33.24 59.21 87.92
N ARG PB 81 33.16 58.02 87.31
CA ARG PB 81 34.14 56.95 87.52
C ARG PB 81 35.54 57.39 87.14
N GLN PB 82 35.69 58.02 85.98
CA GLN PB 82 36.99 58.54 85.58
C GLN PB 82 37.40 59.74 86.41
N SER PB 83 36.43 60.60 86.76
CA SER PB 83 36.76 61.91 87.30
C SER PB 83 37.23 61.83 88.75
N ILE PB 84 36.62 60.95 89.56
CA ILE PB 84 37.05 60.88 90.96
C ILE PB 84 38.43 60.23 91.07
N SER PB 85 38.74 59.30 90.16
CA SER PB 85 40.06 58.68 90.14
C SER PB 85 41.13 59.66 89.68
N LYS PB 86 40.84 60.42 88.62
CA LYS PB 86 41.79 61.44 88.15
C LYS PB 86 41.97 62.56 89.17
N ALA PB 87 40.90 62.88 89.91
CA ALA PB 87 41.00 63.91 90.93
C ALA PB 87 41.83 63.44 92.11
N LEU PB 88 41.71 62.17 92.49
CA LEU PB 88 42.55 61.65 93.57
C LEU PB 88 44.02 61.56 93.13
N VAL PB 89 44.26 61.22 91.86
CA VAL PB 89 45.62 61.14 91.35
C VAL PB 89 46.26 62.53 91.30
N ALA PB 90 45.47 63.54 90.89
CA ALA PB 90 45.99 64.90 90.84
C ALA PB 90 46.22 65.47 92.24
N TYR PB 91 45.34 65.13 93.19
CA TYR PB 91 45.51 65.57 94.58
C TYR PB 91 46.76 64.95 95.20
N TYR PB 92 46.97 63.65 94.98
CA TYR PB 92 48.16 62.99 95.53
C TYR PB 92 49.43 63.35 94.76
N GLN PB 93 49.30 63.87 93.53
CA GLN PB 93 50.47 64.41 92.86
C GLN PB 93 50.83 65.77 93.41
N LYS PB 94 49.83 66.60 93.70
CA LYS PB 94 50.10 67.97 94.10
C LYS PB 94 50.53 68.09 95.56
N TYR PB 95 49.82 67.42 96.47
CA TYR PB 95 50.00 67.71 97.88
C TYR PB 95 50.80 66.68 98.65
N VAL PB 96 50.94 65.45 98.17
CA VAL PB 96 51.82 64.48 98.83
C VAL PB 96 52.81 63.94 97.80
N ASP PB 97 53.62 62.96 98.20
CA ASP PB 97 54.75 62.50 97.41
C ASP PB 97 54.30 61.82 96.11
N GLU PB 98 55.22 61.78 95.14
CA GLU PB 98 54.91 61.28 93.82
C GLU PB 98 54.97 59.75 93.76
N ALA PB 99 55.61 59.10 94.74
CA ALA PB 99 55.74 57.65 94.73
C ALA PB 99 54.39 56.96 94.97
N SER PB 100 53.61 57.45 95.94
CA SER PB 100 52.29 56.89 96.17
C SER PB 100 51.35 57.19 95.02
N LYS PB 101 51.51 58.37 94.40
CA LYS PB 101 50.77 58.71 93.19
C LYS PB 101 51.10 57.75 92.05
N LYS PB 102 52.37 57.38 91.91
CA LYS PB 102 52.79 56.45 90.86
C LYS PB 102 52.27 55.05 91.13
N GLU PB 103 52.24 54.63 92.41
CA GLU PB 103 51.73 53.31 92.75
C GLU PB 103 50.22 53.23 92.52
N ILE PB 104 49.49 54.29 92.89
CA ILE PB 104 48.04 54.31 92.66
C ILE PB 104 47.73 54.40 91.17
N LYS PB 105 48.56 55.11 90.41
CA LYS PB 105 48.41 55.15 88.96
C LYS PB 105 48.67 53.77 88.34
N ASP PB 106 49.65 53.04 88.87
CA ASP PB 106 49.89 51.67 88.41
C ASP PB 106 48.72 50.75 88.72
N ILE PB 107 48.13 50.89 89.92
CA ILE PB 107 46.98 50.07 90.31
C ILE PB 107 45.78 50.38 89.42
N LEU PB 108 45.60 51.66 89.05
CA LEU PB 108 44.48 52.02 88.19
C LEU PB 108 44.69 51.55 86.75
N ILE PB 109 45.92 51.69 86.23
CA ILE PB 109 46.20 51.32 84.84
C ILE PB 109 46.16 49.80 84.67
N GLN PB 110 46.64 49.06 85.67
CA GLN PB 110 46.60 47.60 85.58
C GLN PB 110 45.17 47.05 85.68
N TYR PB 111 44.22 47.86 86.17
CA TYR PB 111 42.83 47.45 86.11
C TYR PB 111 42.19 47.88 84.79
N ASP PB 112 42.18 49.18 84.51
CA ASP PB 112 41.49 49.69 83.33
C ASP PB 112 42.06 51.04 82.93
N ARG PB 113 42.26 51.22 81.61
CA ARG PB 113 42.74 52.49 81.10
C ARG PB 113 41.65 53.56 81.14
N THR PB 114 40.39 53.13 81.23
CA THR PB 114 39.25 54.06 81.19
C THR PB 114 39.20 54.93 82.45
N LEU PB 115 39.78 54.46 83.56
CA LEU PB 115 39.78 55.21 84.81
C LEU PB 115 40.60 56.49 84.74
N LEU PB 116 41.61 56.51 83.86
CA LEU PB 116 42.47 57.69 83.70
C LEU PB 116 42.37 58.29 82.31
N VAL PB 117 42.53 57.48 81.27
CA VAL PB 117 42.50 57.99 79.90
C VAL PB 117 41.09 57.93 79.36
N ALA PB 118 40.60 59.06 78.83
CA ALA PB 118 39.26 59.13 78.30
C ALA PB 118 39.19 58.48 76.91
N ASP PB 119 38.01 57.99 76.58
CA ASP PB 119 37.78 57.38 75.28
C ASP PB 119 37.55 58.46 74.24
N PRO PB 120 38.36 58.52 73.17
CA PRO PB 120 38.18 59.55 72.15
C PRO PB 120 37.08 59.24 71.14
N ARG PB 121 36.33 58.17 71.32
CA ARG PB 121 35.30 57.79 70.37
C ARG PB 121 34.04 58.63 70.58
N ARG PB 122 33.61 59.33 69.53
CA ARG PB 122 32.38 60.11 69.58
C ARG PB 122 31.52 59.75 68.38
N CYS PB 123 30.32 60.32 68.34
CA CYS PB 123 29.32 59.93 67.35
C CYS PB 123 29.68 60.47 65.97
N GLU PB 124 29.77 59.56 65.00
CA GLU PB 124 30.02 59.94 63.62
C GLU PB 124 28.78 60.60 63.03
N SER PB 125 29.01 61.60 62.17
CA SER PB 125 27.93 62.36 61.57
C SER PB 125 27.12 61.52 60.59
N LYS PB 126 25.81 61.73 60.58
CA LYS PB 126 24.95 61.03 59.64
C LYS PB 126 25.07 61.66 58.25
N LYS PB 127 25.12 60.81 57.23
CA LYS PB 127 25.30 61.28 55.86
C LYS PB 127 23.96 61.29 55.13
N PHE PB 128 23.90 62.04 54.04
CA PHE PB 128 22.72 62.05 53.20
C PHE PB 128 22.63 60.75 52.40
N GLY PB 129 21.40 60.31 52.18
CA GLY PB 129 21.18 59.04 51.51
C GLY PB 129 21.21 57.83 52.40
N GLY PB 130 21.03 58.00 53.71
CA GLY PB 130 21.04 56.91 54.64
C GLY PB 130 20.46 57.27 55.99
N PRO PB 131 19.89 56.29 56.69
CA PRO PB 131 19.33 56.56 58.01
C PRO PB 131 20.38 56.69 59.11
N GLY PB 132 21.63 56.36 58.83
CA GLY PB 132 22.70 56.46 59.80
C GLY PB 132 23.99 56.98 59.16
N ALA PB 133 25.08 56.81 59.89
CA ALA PB 133 26.38 57.29 59.41
C ALA PB 133 26.91 56.41 58.28
N ARG PB 134 26.90 55.10 58.48
CA ARG PB 134 27.40 54.19 57.46
C ARG PB 134 26.26 53.59 56.63
N ALA PB 135 25.14 53.27 57.26
CA ALA PB 135 24.06 52.57 56.59
C ALA PB 135 23.36 53.47 55.57
N ARG PB 136 22.94 52.87 54.47
CA ARG PB 136 22.21 53.55 53.41
C ARG PB 136 20.76 53.08 53.41
N TYR PB 137 19.93 53.79 52.65
CA TYR PB 137 18.57 53.31 52.45
C TYR PB 137 18.57 52.11 51.50
N GLN PB 138 17.45 51.40 51.47
CA GLN PB 138 17.37 50.15 50.74
C GLN PB 138 17.26 50.41 49.25
N LYS PB 139 18.31 50.06 48.51
CA LYS PB 139 18.34 50.26 47.07
C LYS PB 139 17.40 49.28 46.38
N SER PB 140 16.54 49.81 45.51
CA SER PB 140 15.50 49.02 44.87
C SER PB 140 15.79 48.94 43.37
N TYR PB 141 16.17 47.76 42.91
CA TYR PB 141 16.23 47.50 41.49
C TYR PB 141 14.83 47.21 40.96
N ARG PB 142 14.65 47.45 39.66
CA ARG PB 142 13.49 47.02 38.88
C ARG PB 142 12.15 47.58 39.36
N GLY QB 1 48.40 53.72 53.59
CA GLY QB 1 49.82 53.79 53.32
C GLY QB 1 50.43 55.14 53.64
N ARG QB 2 51.51 55.13 54.41
CA ARG QB 2 52.20 56.34 54.82
C ARG QB 2 53.39 56.59 53.88
N VAL QB 3 53.05 56.84 52.61
CA VAL QB 3 54.04 57.00 51.56
C VAL QB 3 54.22 58.48 51.27
N ARG QB 4 55.47 58.95 51.32
CA ARG QB 4 55.78 60.35 51.07
C ARG QB 4 55.74 60.63 49.57
N THR QB 5 55.20 61.80 49.20
CA THR QB 5 55.07 62.15 47.80
C THR QB 5 56.29 62.91 47.31
N LYS QB 6 56.27 63.26 46.02
CA LYS QB 6 57.42 63.91 45.39
C LYS QB 6 57.60 65.34 45.88
N THR QB 7 56.51 66.02 46.25
CA THR QB 7 56.61 67.37 46.79
C THR QB 7 57.23 67.37 48.18
N VAL QB 8 57.13 66.25 48.90
CA VAL QB 8 57.87 66.08 50.14
C VAL QB 8 59.32 65.73 49.86
N LYS QB 9 59.54 64.74 48.98
CA LYS QB 9 60.85 64.11 48.85
C LYS QB 9 61.85 65.03 48.14
N LYS QB 10 61.44 65.66 47.04
CA LYS QB 10 62.37 66.52 46.31
C LYS QB 10 62.71 67.78 47.10
N ALA QB 11 61.72 68.34 47.81
CA ALA QB 11 61.97 69.50 48.66
C ALA QB 11 62.87 69.14 49.83
N ALA QB 12 62.70 67.93 50.38
CA ALA QB 12 63.58 67.50 51.47
C ALA QB 12 65.00 67.26 50.98
N ARG QB 13 65.15 66.74 49.75
CA ARG QB 13 66.49 66.57 49.19
C ARG QB 13 67.17 67.91 48.92
N VAL QB 14 66.39 68.91 48.49
CA VAL QB 14 66.95 70.25 48.30
C VAL QB 14 67.36 70.88 49.63
N ILE QB 15 66.54 70.65 50.68
CA ILE QB 15 66.85 71.18 52.02
C ILE QB 15 68.12 70.55 52.57
N ILE QB 16 68.29 69.23 52.42
CA ILE QB 16 69.48 68.57 52.93
C ILE QB 16 70.70 68.91 52.07
N GLU QB 17 70.49 69.15 50.78
CA GLU QB 17 71.59 69.53 49.90
C GLU QB 17 72.10 70.93 50.22
N LYS QB 18 71.19 71.85 50.59
CA LYS QB 18 71.60 73.23 50.85
C LYS QB 18 72.05 73.44 52.29
N TYR QB 19 71.49 72.70 53.24
CA TYR QB 19 71.67 72.95 54.67
C TYR QB 19 72.05 71.68 55.41
N TYR QB 20 73.06 70.96 54.91
CA TYR QB 20 73.50 69.73 55.55
C TYR QB 20 74.13 69.98 56.92
N THR QB 21 74.75 71.15 57.11
CA THR QB 21 75.42 71.42 58.38
C THR QB 21 74.43 71.74 59.49
N ARG QB 22 73.30 72.36 59.14
CA ARG QB 22 72.34 72.78 60.16
C ARG QB 22 71.51 71.60 60.67
N LEU QB 23 71.17 70.67 59.78
CA LEU QB 23 70.26 69.60 60.13
C LEU QB 23 70.96 68.54 60.98
N GLY QB 24 70.16 67.82 61.75
CA GLY QB 24 70.70 66.84 62.68
C GLY QB 24 69.85 65.61 62.84
N ASN QB 25 70.11 64.84 63.90
CA ASN QB 25 69.42 63.57 64.09
C ASN QB 25 68.05 63.77 64.73
N ASP QB 26 67.92 64.77 65.60
CA ASP QB 26 66.69 64.92 66.37
C ASP QB 26 65.59 65.56 65.53
N PHE QB 27 64.43 64.92 65.53
CA PHE QB 27 63.30 65.35 64.72
C PHE QB 27 62.80 66.73 65.13
N HIS QB 28 62.68 66.97 66.45
CA HIS QB 28 62.12 68.23 66.91
C HIS QB 28 63.11 69.38 66.78
N THR QB 29 64.39 69.08 66.57
CA THR QB 29 65.35 70.14 66.26
C THR QB 29 65.33 70.47 64.77
N ASN QB 30 65.53 69.46 63.92
CA ASN QB 30 65.64 69.77 62.50
C ASN QB 30 64.30 70.09 61.85
N LYS QB 31 63.18 69.75 62.51
CA LYS QB 31 61.88 70.25 62.10
C LYS QB 31 61.79 71.76 62.22
N ARG QB 32 62.25 72.31 63.36
CA ARG QB 32 62.29 73.76 63.52
C ARG QB 32 63.33 74.40 62.61
N VAL QB 33 64.42 73.69 62.33
CA VAL QB 33 65.42 74.19 61.38
C VAL QB 33 64.83 74.32 59.98
N CYS QB 34 64.08 73.30 59.55
CA CYS QB 34 63.41 73.34 58.24
C CYS QB 34 62.31 74.38 58.21
N GLU QB 35 61.64 74.60 59.35
CA GLU QB 35 60.66 75.68 59.45
C GLU QB 35 61.31 77.05 59.28
N GLU QB 36 62.51 77.22 59.83
CA GLU QB 36 63.23 78.49 59.68
C GLU QB 36 63.69 78.70 58.25
N ILE QB 37 64.31 77.67 57.65
CA ILE QB 37 64.99 77.90 56.37
C ILE QB 37 64.01 77.84 55.21
N ALA QB 38 62.95 77.05 55.32
CA ALA QB 38 62.02 76.85 54.22
C ALA QB 38 60.67 77.47 54.52
N ILE QB 39 60.05 78.02 53.47
CA ILE QB 39 58.72 78.61 53.59
C ILE QB 39 57.70 77.51 53.32
N ILE QB 40 57.24 76.85 54.38
CA ILE QB 40 56.26 75.78 54.25
C ILE QB 40 54.91 76.30 54.73
N PRO QB 41 53.85 76.23 53.91
CA PRO QB 41 52.57 76.84 54.31
C PRO QB 41 51.81 76.07 55.38
N SER QB 42 51.97 74.76 55.44
CA SER QB 42 51.15 73.94 56.32
C SER QB 42 51.99 73.03 57.21
N LYS QB 43 51.46 72.81 58.43
CA LYS QB 43 52.16 72.05 59.46
C LYS QB 43 52.28 70.57 59.08
N LYS QB 44 51.27 70.03 58.40
CA LYS QB 44 51.30 68.62 58.01
C LYS QB 44 52.38 68.36 56.96
N LEU QB 45 52.45 69.22 55.94
CA LEU QB 45 53.51 69.11 54.93
C LEU QB 45 54.88 69.36 55.56
N ARG QB 46 54.93 70.28 56.54
CA ARG QB 46 56.18 70.56 57.25
C ARG QB 46 56.65 69.33 58.03
N ASN QB 47 55.71 68.60 58.65
CA ASN QB 47 56.06 67.39 59.39
C ASN QB 47 56.48 66.27 58.45
N LYS QB 48 55.84 66.15 57.29
CA LYS QB 48 56.24 65.15 56.30
C LYS QB 48 57.66 65.43 55.79
N ILE QB 49 57.95 66.69 55.47
CA ILE QB 49 59.28 67.06 54.98
C ILE QB 49 60.33 66.84 56.06
N ALA QB 50 60.02 67.19 57.32
CA ALA QB 50 60.98 67.00 58.41
C ALA QB 50 61.23 65.53 58.70
N GLY QB 51 60.19 64.70 58.60
CA GLY QB 51 60.37 63.27 58.79
C GLY QB 51 61.21 62.63 57.69
N TYR QB 52 61.01 63.06 56.45
CA TYR QB 52 61.82 62.51 55.37
C TYR QB 52 63.25 63.05 55.44
N VAL QB 53 63.44 64.24 56.01
CA VAL QB 53 64.78 64.77 56.28
C VAL QB 53 65.49 63.90 57.32
N THR QB 54 64.77 63.54 58.40
CA THR QB 54 65.36 62.65 59.42
C THR QB 54 65.70 61.28 58.84
N HIS QB 55 64.83 60.76 57.96
CA HIS QB 55 65.09 59.45 57.37
C HIS QB 55 66.29 59.49 56.42
N LEU QB 56 66.41 60.56 55.63
CA LEU QB 56 67.58 60.67 54.76
C LEU QB 56 68.85 60.94 55.55
N MET QB 57 68.76 61.62 56.69
CA MET QB 57 69.94 61.80 57.52
C MET QB 57 70.38 60.49 58.16
N LYS QB 58 69.41 59.63 58.49
CA LYS QB 58 69.75 58.28 58.93
C LYS QB 58 70.42 57.50 57.80
N ARG QB 59 69.95 57.68 56.57
CA ARG QB 59 70.58 57.04 55.41
C ARG QB 59 72.00 57.57 55.18
N ILE QB 60 72.22 58.87 55.44
CA ILE QB 60 73.54 59.47 55.27
C ILE QB 60 74.50 58.96 56.34
N GLN QB 61 74.02 58.86 57.59
CA GLN QB 61 74.86 58.30 58.66
C GLN QB 61 75.13 56.81 58.45
N ARG QB 62 74.24 56.10 57.76
CA ARG QB 62 74.53 54.71 57.45
C ARG QB 62 75.52 54.58 56.30
N GLY QB 63 75.33 55.36 55.24
CA GLY QB 63 76.20 55.28 54.08
C GLY QB 63 75.96 56.38 53.06
N PRO QB 64 76.46 56.17 51.83
CA PRO QB 64 76.26 57.18 50.79
C PRO QB 64 74.88 57.09 50.17
N VAL QB 65 74.32 58.25 49.81
CA VAL QB 65 73.02 58.35 49.18
C VAL QB 65 73.22 58.77 47.73
N ARG QB 66 72.52 58.09 46.82
CA ARG QB 66 72.64 58.29 45.38
C ARG QB 66 72.23 59.69 44.93
N GLY QB 67 70.98 60.06 45.17
CA GLY QB 67 70.47 61.33 44.68
C GLY QB 67 70.71 62.51 45.59
N ILE QB 68 71.98 62.78 45.92
CA ILE QB 68 72.32 63.91 46.78
C ILE QB 68 73.74 64.34 46.41
N SER QB 69 74.08 65.60 46.71
CA SER QB 69 75.42 66.15 46.46
C SER QB 69 75.90 66.80 47.76
N ILE QB 70 76.53 66.00 48.61
CA ILE QB 70 77.10 66.50 49.86
C ILE QB 70 78.54 66.93 49.60
N LYS QB 71 78.93 68.07 50.19
CA LYS QB 71 80.26 68.62 49.94
C LYS QB 71 81.36 67.73 50.53
N LEU QB 72 81.11 67.15 51.72
CA LEU QB 72 82.11 66.31 52.37
C LEU QB 72 82.28 64.98 51.63
N GLN QB 73 81.16 64.39 51.19
CA GLN QB 73 81.24 63.14 50.43
C GLN QB 73 81.82 63.38 49.04
N GLU QB 74 81.57 64.56 48.47
CA GLU QB 74 82.18 64.91 47.19
C GLU QB 74 83.68 65.12 47.33
N GLU QB 75 84.12 65.71 48.45
CA GLU QB 75 85.54 65.87 48.72
C GLU QB 75 86.20 64.51 48.96
N GLU QB 76 85.50 63.59 49.63
CA GLU QB 76 86.04 62.25 49.84
C GLU QB 76 86.14 61.49 48.52
N ARG QB 77 85.14 61.65 47.65
CA ARG QB 77 85.16 61.00 46.33
C ARG QB 77 86.28 61.58 45.47
N GLU QB 78 86.50 62.90 45.55
CA GLU QB 78 87.59 63.53 44.81
C GLU QB 78 88.95 63.09 45.34
N ARG QB 79 89.05 62.87 46.66
CA ARG QB 79 90.29 62.37 47.25
C ARG QB 79 90.57 60.94 46.82
N ARG QB 80 89.54 60.10 46.77
CA ARG QB 80 89.73 58.70 46.37
C ARG QB 80 90.01 58.61 44.88
N ASP QB 81 89.53 59.58 44.09
CA ASP QB 81 89.91 59.63 42.68
C ASP QB 81 91.34 60.14 42.51
N ASN QB 82 91.77 61.08 43.36
CA ASN QB 82 93.11 61.65 43.21
C ASN QB 82 94.16 60.86 43.98
N TYR QB 83 93.78 59.76 44.61
CA TYR QB 83 94.75 58.91 45.29
C TYR QB 83 95.67 58.23 44.30
N VAL QB 84 96.98 58.39 44.52
CA VAL QB 84 98.02 57.82 43.65
C VAL QB 84 98.93 56.95 44.51
N PRO QB 85 99.16 55.68 44.15
CA PRO QB 85 100.01 54.82 44.97
C PRO QB 85 101.50 55.10 44.82
N GLU QB 86 102.33 54.31 45.50
CA GLU QB 86 103.77 54.55 45.49
C GLU QB 86 104.42 54.02 44.22
N VAL QB 87 104.36 52.71 44.01
CA VAL QB 87 104.96 52.08 42.84
C VAL QB 87 103.87 51.48 41.98
N SER QB 88 104.13 51.42 40.68
CA SER QB 88 103.11 51.00 39.72
C SER QB 88 103.10 49.48 39.56
N ALA QB 89 101.90 48.94 39.37
CA ALA QB 89 101.77 47.50 39.14
C ALA QB 89 102.18 47.12 37.71
N LEU QB 90 102.25 48.11 36.81
CA LEU QB 90 102.69 47.84 35.44
C LEU QB 90 104.18 47.58 35.38
N ASP QB 91 104.96 48.21 36.27
CA ASP QB 91 106.39 47.98 36.34
C ASP QB 91 106.63 46.68 37.10
N GLN QB 92 107.03 45.63 36.38
CA GLN QB 92 107.23 44.32 36.97
C GLN QB 92 108.62 43.80 36.60
N GLU QB 93 109.23 43.07 37.53
CA GLU QB 93 110.54 42.48 37.25
C GLU QB 93 110.42 41.24 36.39
N ILE QB 94 109.34 40.48 36.54
CA ILE QB 94 109.07 39.29 35.74
C ILE QB 94 107.70 39.44 35.09
N ILE QB 95 107.65 39.41 33.76
CA ILE QB 95 106.42 39.52 33.00
C ILE QB 95 106.20 38.21 32.25
N GLU QB 96 105.05 37.59 32.47
CA GLU QB 96 104.73 36.32 31.84
C GLU QB 96 104.43 36.53 30.35
N VAL QB 97 105.09 35.74 29.51
CA VAL QB 97 105.02 35.89 28.06
C VAL QB 97 104.64 34.55 27.44
N ASP QB 98 103.58 34.56 26.64
CA ASP QB 98 103.17 33.41 25.87
C ASP QB 98 104.05 33.26 24.63
N PRO QB 99 104.21 32.04 24.11
CA PRO QB 99 105.15 31.85 22.99
C PRO QB 99 104.72 32.51 21.69
N ASP QB 100 103.42 32.60 21.41
CA ASP QB 100 102.98 33.29 20.20
C ASP QB 100 103.16 34.80 20.34
N THR QB 101 103.02 35.33 21.56
CA THR QB 101 103.34 36.73 21.81
C THR QB 101 104.84 36.96 21.68
N LYS QB 102 105.66 35.98 22.06
CA LYS QB 102 107.10 36.06 21.85
C LYS QB 102 107.44 36.06 20.36
N GLU QB 103 106.69 35.27 19.58
CA GLU QB 103 106.90 35.24 18.13
C GLU QB 103 106.53 36.56 17.47
N MET QB 104 105.41 37.18 17.88
CA MET QB 104 105.04 38.45 17.28
C MET QB 104 105.96 39.58 17.74
N LEU QB 105 106.45 39.54 18.98
CA LEU QB 105 107.45 40.51 19.40
C LEU QB 105 108.79 40.29 18.70
N LYS QB 106 109.11 39.05 18.33
CA LYS QB 106 110.32 38.78 17.56
C LYS QB 106 110.18 39.31 16.13
N LEU QB 107 109.00 39.17 15.53
CA LEU QB 107 108.78 39.72 14.20
C LEU QB 107 108.66 41.24 14.24
N LEU QB 108 108.32 41.80 15.40
CA LEU QB 108 108.44 43.24 15.58
C LEU QB 108 109.89 43.63 15.88
N ASP QB 109 110.09 44.92 16.18
CA ASP QB 109 111.45 45.42 16.40
C ASP QB 109 111.99 44.99 17.76
N PHE QB 110 111.12 44.82 18.75
CA PHE QB 110 111.56 44.51 20.11
C PHE QB 110 111.45 43.01 20.35
N GLY QB 111 112.45 42.29 19.82
CA GLY QB 111 112.50 40.85 19.97
C GLY QB 111 113.03 40.40 21.31
N SER QB 112 114.21 40.88 21.68
CA SER QB 112 114.84 40.53 22.95
C SER QB 112 114.66 41.68 23.93
N LEU QB 113 114.10 41.37 25.10
CA LEU QB 113 113.87 42.36 26.14
C LEU QB 113 114.63 41.96 27.41
N SER QB 114 114.63 42.87 28.38
CA SER QB 114 115.40 42.66 29.59
C SER QB 114 114.61 41.87 30.64
N ASN QB 115 113.33 42.17 30.81
CA ASN QB 115 112.56 41.61 31.92
C ASN QB 115 111.33 40.84 31.49
N LEU QB 116 111.46 39.98 30.50
CA LEU QB 116 110.37 39.10 30.09
C LEU QB 116 110.69 37.66 30.48
N GLN QB 117 109.66 36.81 30.43
CA GLN QB 117 109.80 35.41 30.80
C GLN QB 117 108.82 34.60 29.95
N VAL QB 118 109.36 33.85 28.98
CA VAL QB 118 108.53 33.01 28.12
C VAL QB 118 108.11 31.76 28.88
N THR QB 119 106.80 31.55 28.99
CA THR QB 119 106.28 30.41 29.72
C THR QB 119 105.94 29.27 28.77
N GLN QB 120 105.68 28.10 29.35
CA GLN QB 120 105.27 26.95 28.57
C GLN QB 120 103.82 27.12 28.11
N PRO QB 121 103.50 26.67 26.89
CA PRO QB 121 102.13 26.81 26.40
C PRO QB 121 101.18 25.84 27.08
N THR QB 122 99.95 26.31 27.32
CA THR QB 122 98.93 25.54 28.03
C THR QB 122 98.46 24.41 27.12
N VAL QB 123 98.99 23.21 27.36
CA VAL QB 123 98.65 22.07 26.52
C VAL QB 123 97.29 21.53 26.93
N GLY QB 124 96.52 21.06 25.95
CA GLY QB 124 95.16 20.64 26.18
C GLY QB 124 94.22 21.77 25.86
N MET QB 125 93.52 21.69 24.73
CA MET QB 125 92.72 22.79 24.23
C MET QB 125 91.26 22.54 24.57
N ASN QB 126 90.85 22.96 25.77
CA ASN QB 126 89.47 22.79 26.25
C ASN QB 126 89.08 24.11 26.93
N PHE QB 127 88.46 25.00 26.15
CA PHE QB 127 88.13 26.34 26.61
C PHE QB 127 86.68 26.73 26.40
N LYS QB 128 85.90 25.95 25.65
CA LYS QB 128 84.53 26.33 25.36
C LYS QB 128 83.57 25.72 26.38
N THR QB 129 82.40 26.34 26.50
CA THR QB 129 81.39 25.86 27.42
C THR QB 129 80.62 24.69 26.80
N PRO QB 130 80.36 23.63 27.54
CA PRO QB 130 79.49 22.55 27.02
C PRO QB 130 78.07 23.04 26.77
N ARG QB 131 77.46 22.46 25.75
CA ARG QB 131 76.21 22.98 25.20
C ARG QB 131 75.02 22.48 26.02
N GLY QB 132 73.92 23.23 25.93
CA GLY QB 132 72.70 22.87 26.63
C GLY QB 132 72.78 23.12 28.13
N SER RB 1 -9.59 31.41 99.97
CA SER RB 1 -9.35 32.53 99.07
C SER RB 1 -8.50 32.11 97.86
N LEU RB 2 -7.37 31.45 98.16
CA LEU RB 2 -6.48 30.99 97.10
C LEU RB 2 -6.99 29.69 96.48
N VAL RB 3 -7.61 28.84 97.28
CA VAL RB 3 -8.28 27.66 96.74
C VAL RB 3 -9.59 28.07 96.09
N ILE RB 4 -10.19 27.16 95.35
CA ILE RB 4 -11.47 27.44 94.68
C ILE RB 4 -12.57 27.53 95.73
N PRO RB 5 -13.30 28.65 95.79
CA PRO RB 5 -14.36 28.76 96.80
C PRO RB 5 -15.61 28.01 96.39
N GLU RB 6 -16.62 28.07 97.25
CA GLU RB 6 -17.93 27.56 96.87
C GLU RB 6 -18.60 28.53 95.89
N LYS RB 7 -19.65 28.04 95.22
CA LYS RB 7 -20.43 28.72 94.17
C LYS RB 7 -19.57 29.48 93.15
N PHE RB 8 -18.47 28.83 92.76
CA PHE RB 8 -17.51 29.44 91.84
C PHE RB 8 -18.06 29.37 90.41
N GLN RB 9 -18.44 30.51 89.87
CA GLN RB 9 -19.00 30.58 88.51
C GLN RB 9 -17.86 30.60 87.50
N HIS RB 10 -17.78 29.54 86.68
CA HIS RB 10 -16.76 29.50 85.65
C HIS RB 10 -17.10 30.41 84.48
N ILE RB 11 -18.38 30.56 84.16
CA ILE RB 11 -18.85 31.52 83.18
C ILE RB 11 -20.05 32.26 83.75
N LEU RB 12 -19.95 33.59 83.83
CA LEU RB 12 -21.06 34.46 84.16
C LEU RB 12 -21.82 34.82 82.88
N ARG RB 13 -23.11 35.12 83.04
CA ARG RB 13 -23.97 35.48 81.93
C ARG RB 13 -24.60 36.84 82.19
N VAL RB 14 -24.14 37.85 81.45
CA VAL RB 14 -24.62 39.22 81.57
C VAL RB 14 -24.90 39.76 80.17
N LEU RB 15 -26.18 40.09 79.91
CA LEU RB 15 -26.63 40.81 78.71
C LEU RB 15 -26.27 40.05 77.43
N ASN RB 16 -26.87 38.86 77.27
CA ASN RB 16 -26.73 37.84 76.23
C ASN RB 16 -25.31 37.69 75.66
N THR RB 17 -24.32 37.66 76.56
CA THR RB 17 -22.91 37.56 76.21
C THR RB 17 -22.18 36.86 77.34
N ASN RB 18 -21.41 35.83 77.01
CA ASN RB 18 -20.70 35.06 78.02
C ASN RB 18 -19.53 35.85 78.59
N ILE RB 19 -19.24 35.62 79.87
CA ILE RB 19 -18.13 36.25 80.57
C ILE RB 19 -17.23 35.16 81.12
N ASP RB 20 -15.96 35.18 80.74
CA ASP RB 20 -15.01 34.19 81.23
C ASP RB 20 -14.66 34.47 82.69
N GLY RB 21 -15.01 33.54 83.57
CA GLY RB 21 -14.72 33.72 84.98
C GLY RB 21 -13.26 33.51 85.33
N ARG RB 22 -12.50 32.91 84.41
CA ARG RB 22 -11.06 32.75 84.62
C ARG RB 22 -10.34 34.09 84.53
N ARG RB 23 -10.86 35.00 83.72
CA ARG RB 23 -10.23 36.30 83.48
C ARG RB 23 -10.57 37.27 84.61
N LYS RB 24 -9.69 38.25 84.81
CA LYS RB 24 -9.91 39.28 85.81
C LYS RB 24 -11.08 40.17 85.41
N ILE RB 25 -11.78 40.71 86.43
CA ILE RB 25 -13.12 41.29 86.27
C ILE RB 25 -13.10 42.48 85.32
N ALA RB 26 -12.10 43.36 85.45
CA ALA RB 26 -12.01 44.56 84.62
C ALA RB 26 -11.70 44.21 83.16
N PHE RB 27 -11.28 42.98 82.91
CA PHE RB 27 -11.02 42.50 81.56
C PHE RB 27 -12.02 41.43 81.15
N ALA RB 28 -12.67 40.77 82.12
CA ALA RB 28 -13.72 39.81 81.80
C ALA RB 28 -15.01 40.51 81.39
N ILE RB 29 -15.22 41.74 81.86
CA ILE RB 29 -16.37 42.52 81.39
C ILE RB 29 -16.16 42.97 79.95
N THR RB 30 -14.90 43.10 79.51
CA THR RB 30 -14.59 43.58 78.16
C THR RB 30 -15.01 42.62 77.05
N ALA RB 31 -15.36 41.37 77.38
CA ALA RB 31 -15.90 40.46 76.38
C ALA RB 31 -17.28 40.90 75.91
N ILE RB 32 -18.02 41.62 76.77
CA ILE RB 32 -19.28 42.23 76.37
C ILE RB 32 -19.00 43.40 75.43
N LYS RB 33 -19.71 43.44 74.30
CA LYS RB 33 -19.59 44.56 73.37
C LYS RB 33 -20.18 45.83 73.99
N GLY RB 34 -19.59 46.97 73.64
CA GLY RB 34 -20.02 48.23 74.20
C GLY RB 34 -19.31 48.66 75.46
N VAL RB 35 -18.57 47.76 76.10
CA VAL RB 35 -17.77 48.09 77.28
C VAL RB 35 -16.34 47.59 77.04
N GLY RB 36 -15.37 48.46 77.31
CA GLY RB 36 -13.97 48.11 77.19
C GLY RB 36 -13.25 48.27 78.52
N ARG RB 37 -11.92 48.45 78.40
CA ARG RB 37 -11.05 48.47 79.56
C ARG RB 37 -11.29 49.70 80.43
N ARG RB 38 -11.41 50.87 79.79
CA ARG RB 38 -11.59 52.12 80.50
C ARG RB 38 -12.93 52.17 81.21
N TYR RB 39 -14.02 51.88 80.48
CA TYR RB 39 -15.35 51.95 81.08
C TYR RB 39 -15.56 50.83 82.10
N ALA RB 40 -14.88 49.69 81.90
CA ALA RB 40 -14.93 48.62 82.88
C ALA RB 40 -14.26 49.03 84.19
N HIS RB 41 -13.08 49.69 84.09
CA HIS RB 41 -12.42 50.19 85.29
C HIS RB 41 -13.22 51.29 85.96
N VAL RB 42 -13.93 52.10 85.17
CA VAL RB 42 -14.78 53.16 85.72
C VAL RB 42 -15.96 52.56 86.49
N VAL RB 43 -16.59 51.52 85.93
CA VAL RB 43 -17.69 50.85 86.62
C VAL RB 43 -17.21 50.17 87.90
N LEU RB 44 -16.08 49.47 87.84
CA LEU RB 44 -15.58 48.80 89.04
C LEU RB 44 -15.04 49.77 90.07
N ARG RB 45 -14.68 51.00 89.65
CA ARG RB 45 -14.23 52.00 90.62
C ARG RB 45 -15.41 52.72 91.27
N LYS RB 46 -16.45 53.03 90.49
CA LYS RB 46 -17.63 53.69 91.05
C LYS RB 46 -18.41 52.74 91.94
N ALA RB 47 -18.30 51.44 91.70
CA ALA RB 47 -18.81 50.49 92.69
C ALA RB 47 -17.72 50.16 93.71
N ASP RB 48 -18.15 49.64 94.87
CA ASP RB 48 -17.22 49.31 95.95
C ASP RB 48 -16.72 47.88 95.73
N ILE RB 49 -15.68 47.76 94.92
CA ILE RB 49 -15.17 46.48 94.45
C ILE RB 49 -13.67 46.42 94.66
N ASP RB 50 -13.19 45.37 95.34
CA ASP RB 50 -11.79 45.01 95.32
C ASP RB 50 -11.52 44.36 93.96
N LEU RB 51 -10.76 45.05 93.10
CA LEU RB 51 -10.58 44.60 91.72
C LEU RB 51 -9.48 43.56 91.56
N THR RB 52 -8.87 43.10 92.66
CA THR RB 52 -7.88 42.04 92.57
C THR RB 52 -8.51 40.66 92.41
N LYS RB 53 -9.80 40.54 92.69
CA LYS RB 53 -10.48 39.24 92.63
C LYS RB 53 -10.75 38.83 91.20
N ARG RB 54 -10.92 37.52 91.00
CA ARG RB 54 -11.29 36.99 89.70
C ARG RB 54 -12.78 37.13 89.46
N ALA RB 55 -13.21 36.74 88.26
CA ALA RB 55 -14.61 36.88 87.88
C ALA RB 55 -15.46 35.68 88.28
N GLY RB 56 -15.05 34.90 89.27
CA GLY RB 56 -15.86 33.79 89.74
C GLY RB 56 -16.12 33.83 91.23
N GLU RB 57 -15.34 34.63 91.95
CA GLU RB 57 -15.45 34.66 93.41
C GLU RB 57 -16.53 35.64 93.87
N LEU RB 58 -16.89 36.59 93.01
CA LEU RB 58 -17.77 37.69 93.39
C LEU RB 58 -19.24 37.26 93.32
N THR RB 59 -20.07 37.95 94.12
CA THR RB 59 -21.41 37.47 94.45
C THR RB 59 -22.46 38.00 93.47
N GLU RB 60 -23.66 37.39 93.54
CA GLU RB 60 -24.65 37.58 92.49
C GLU RB 60 -25.45 38.87 92.67
N ASP RB 61 -25.74 39.28 93.91
CA ASP RB 61 -26.37 40.58 94.10
C ASP RB 61 -25.40 41.71 93.75
N GLU RB 62 -24.10 41.46 93.94
CA GLU RB 62 -23.10 42.46 93.59
C GLU RB 62 -22.92 42.54 92.07
N VAL RB 63 -23.04 41.43 91.34
CA VAL RB 63 -22.98 41.55 89.89
C VAL RB 63 -24.28 42.12 89.34
N GLU RB 64 -25.39 41.97 90.07
CA GLU RB 64 -26.61 42.69 89.71
C GLU RB 64 -26.43 44.19 89.88
N ARG RB 65 -25.70 44.59 90.94
CA ARG RB 65 -25.36 46.00 91.11
C ARG RB 65 -24.45 46.50 89.99
N VAL RB 66 -23.52 45.65 89.54
CA VAL RB 66 -22.65 46.00 88.41
C VAL RB 66 -23.48 46.15 87.12
N ILE RB 67 -24.47 45.28 86.93
CA ILE RB 67 -25.37 45.37 85.77
C ILE RB 67 -26.17 46.68 85.81
N THR RB 68 -26.67 47.06 86.99
CA THR RB 68 -27.42 48.31 87.10
C THR RB 68 -26.53 49.53 86.86
N ILE RB 69 -25.28 49.48 87.32
CA ILE RB 69 -24.37 50.61 87.09
C ILE RB 69 -23.99 50.71 85.61
N MET RB 70 -23.78 49.56 84.95
CA MET RB 70 -23.46 49.57 83.53
C MET RB 70 -24.64 50.02 82.68
N GLN RB 71 -25.87 49.70 83.11
CA GLN RB 71 -27.04 50.13 82.33
C GLN RB 71 -27.41 51.58 82.62
N ASN RB 72 -27.08 52.09 83.81
CA ASN RB 72 -27.37 53.46 84.19
C ASN RB 72 -26.07 54.19 84.52
N PRO RB 73 -25.43 54.80 83.54
CA PRO RB 73 -24.19 55.53 83.82
C PRO RB 73 -24.41 56.86 84.51
N ARG RB 74 -25.48 57.59 84.18
CA ARG RB 74 -25.69 58.92 84.74
C ARG RB 74 -26.11 58.86 86.21
N GLN RB 75 -26.91 57.86 86.56
CA GLN RB 75 -27.49 57.80 87.91
C GLN RB 75 -26.49 57.32 88.95
N TYR RB 76 -25.34 56.78 88.53
CA TYR RB 76 -24.28 56.37 89.45
C TYR RB 76 -23.02 57.24 89.33
N LYS RB 77 -23.20 58.50 88.90
CA LYS RB 77 -22.15 59.53 88.84
C LYS RB 77 -20.99 59.09 87.92
N ILE RB 78 -21.31 58.93 86.64
CA ILE RB 78 -20.29 58.80 85.59
C ILE RB 78 -20.55 59.93 84.61
N PRO RB 79 -19.53 60.71 84.23
CA PRO RB 79 -19.76 61.84 83.34
C PRO RB 79 -20.13 61.41 81.92
N ASP RB 80 -20.51 62.39 81.11
CA ASP RB 80 -21.06 62.10 79.79
C ASP RB 80 -19.97 61.73 78.79
N TRP RB 81 -18.70 61.98 79.12
CA TRP RB 81 -17.64 61.74 78.16
C TRP RB 81 -17.06 60.33 78.22
N PHE RB 82 -17.60 59.45 79.07
CA PHE RB 82 -17.26 58.03 79.03
C PHE RB 82 -18.21 57.22 78.16
N LEU RB 83 -19.09 57.88 77.40
CA LEU RB 83 -20.18 57.20 76.73
C LEU RB 83 -19.93 57.14 75.23
N ASN RB 84 -20.54 56.14 74.59
CA ASN RB 84 -20.36 55.92 73.15
C ASN RB 84 -21.56 56.40 72.34
N ARG RB 85 -22.58 56.97 73.00
CA ARG RB 85 -23.75 57.51 72.32
C ARG RB 85 -24.01 58.90 72.93
N GLN RB 86 -22.97 59.72 72.93
CA GLN RB 86 -23.07 61.11 73.32
C GLN RB 86 -23.91 61.85 72.29
N LYS RB 87 -25.02 62.45 72.74
CA LYS RB 87 -25.91 63.31 71.94
C LYS RB 87 -26.46 62.55 70.72
N ASP RB 88 -27.31 61.57 71.02
CA ASP RB 88 -27.88 60.70 70.01
C ASP RB 88 -28.79 61.50 69.07
N VAL RB 89 -28.97 60.97 67.86
CA VAL RB 89 -29.78 61.66 66.86
C VAL RB 89 -31.27 61.47 67.15
N LYS RB 90 -31.66 60.26 67.53
CA LYS RB 90 -33.09 59.93 67.61
C LYS RB 90 -33.73 60.46 68.89
N ASP RB 91 -33.09 60.25 70.03
CA ASP RB 91 -33.65 60.69 71.31
C ASP RB 91 -32.81 61.71 72.06
N GLY RB 92 -31.53 61.87 71.73
CA GLY RB 92 -30.72 62.91 72.34
C GLY RB 92 -30.39 62.67 73.80
N LYS RB 93 -30.03 61.44 74.15
CA LYS RB 93 -29.74 61.08 75.54
C LYS RB 93 -28.34 60.50 75.64
N TYR RB 94 -27.57 60.99 76.60
CA TYR RB 94 -26.26 60.44 76.90
C TYR RB 94 -26.43 59.09 77.59
N SER RB 95 -25.99 58.01 76.95
CA SER RB 95 -26.26 56.68 77.45
C SER RB 95 -25.18 55.72 76.98
N GLN RB 96 -25.05 54.61 77.72
CA GLN RB 96 -24.16 53.51 77.36
C GLN RB 96 -24.98 52.29 77.01
N VAL RB 97 -24.77 51.77 75.81
CA VAL RB 97 -25.61 50.71 75.24
C VAL RB 97 -24.74 49.47 75.07
N LEU RB 98 -25.27 48.29 75.42
CA LEU RB 98 -24.46 47.11 75.63
C LEU RB 98 -24.89 45.93 74.77
N ALA RB 99 -24.11 45.68 73.72
CA ALA RB 99 -23.86 44.36 73.10
C ALA RB 99 -25.04 43.86 72.26
N ASN RB 100 -26.22 44.47 72.31
CA ASN RB 100 -27.23 44.14 71.31
C ASN RB 100 -27.82 45.40 70.72
N GLY RB 101 -28.08 46.40 71.57
CA GLY RB 101 -28.52 47.68 71.08
C GLY RB 101 -27.41 48.46 70.41
N LEU RB 102 -26.15 48.08 70.69
CA LEU RB 102 -25.02 48.66 69.98
C LEU RB 102 -25.08 48.31 68.49
N ASP RB 103 -25.26 47.03 68.17
CA ASP RB 103 -25.41 46.61 66.78
C ASP RB 103 -26.73 47.09 66.20
N ASN RB 104 -27.77 47.19 67.04
CA ASN RB 104 -29.07 47.68 66.58
C ASN RB 104 -28.99 49.16 66.18
N LYS RB 105 -28.36 49.98 67.00
CA LYS RB 105 -28.23 51.40 66.67
C LYS RB 105 -27.19 51.61 65.56
N LEU RB 106 -26.24 50.68 65.42
CA LEU RB 106 -25.31 50.74 64.30
C LEU RB 106 -26.01 50.50 62.97
N ARG RB 107 -26.86 49.48 62.92
CA ARG RB 107 -27.58 49.22 61.67
C ARG RB 107 -28.69 50.25 61.45
N GLU RB 108 -29.18 50.88 62.52
CA GLU RB 108 -30.12 51.98 62.34
C GLU RB 108 -29.43 53.24 61.83
N ASP RB 109 -28.17 53.47 62.23
CA ASP RB 109 -27.42 54.58 61.66
C ASP RB 109 -27.09 54.33 60.19
N LEU RB 110 -26.78 53.07 59.86
CA LEU RB 110 -26.56 52.72 58.45
C LEU RB 110 -27.85 52.85 57.64
N GLU RB 111 -28.99 52.54 58.25
CA GLU RB 111 -30.28 52.71 57.58
C GLU RB 111 -30.62 54.18 57.43
N ARG RB 112 -30.23 55.02 58.39
CA ARG RB 112 -30.44 56.46 58.27
C ARG RB 112 -29.59 57.06 57.16
N LEU RB 113 -28.34 56.60 57.05
CA LEU RB 113 -27.49 57.04 55.94
C LEU RB 113 -28.00 56.53 54.59
N LYS RB 114 -28.58 55.32 54.57
CA LYS RB 114 -29.20 54.80 53.37
C LYS RB 114 -30.43 55.60 52.98
N LYS RB 115 -31.18 56.06 53.98
CA LYS RB 115 -32.40 56.82 53.72
C LYS RB 115 -32.07 58.22 53.23
N ILE RB 116 -31.01 58.84 53.77
CA ILE RB 116 -30.66 60.17 53.31
C ILE RB 116 -29.80 60.11 52.05
N ARG RB 117 -29.33 58.92 51.65
CA ARG RB 117 -28.59 58.67 50.40
C ARG RB 117 -27.29 59.49 50.34
N ALA RB 118 -26.60 59.61 51.47
CA ALA RB 118 -25.36 60.36 51.53
C ALA RB 118 -24.23 59.60 50.85
N HIS RB 119 -23.13 60.31 50.61
CA HIS RB 119 -21.90 59.68 50.10
C HIS RB 119 -21.36 58.69 51.12
N ARG RB 120 -21.52 58.99 52.41
CA ARG RB 120 -21.10 58.09 53.48
C ARG RB 120 -21.91 56.80 53.45
N GLY RB 121 -23.23 56.91 53.26
CA GLY RB 121 -24.06 55.72 53.16
C GLY RB 121 -23.81 54.96 51.87
N LEU RB 122 -23.47 55.66 50.80
CA LEU RB 122 -23.15 54.99 49.54
C LEU RB 122 -21.84 54.21 49.66
N ARG RB 123 -20.85 54.76 50.36
CA ARG RB 123 -19.60 54.03 50.54
C ARG RB 123 -19.78 52.86 51.50
N HIS RB 124 -20.69 52.99 52.48
CA HIS RB 124 -21.02 51.85 53.33
C HIS RB 124 -21.74 50.75 52.55
N PHE RB 125 -22.64 51.14 51.64
CA PHE RB 125 -23.35 50.14 50.84
C PHE RB 125 -22.43 49.50 49.82
N TRP RB 126 -21.46 50.25 49.30
CA TRP RB 126 -20.49 49.69 48.37
C TRP RB 126 -19.48 48.79 49.08
N GLY RB 127 -19.16 49.11 50.34
CA GLY RB 127 -18.20 48.31 51.08
C GLY RB 127 -16.79 48.80 50.90
N LEU RB 128 -16.58 50.10 51.05
CA LEU RB 128 -15.29 50.73 50.82
C LEU RB 128 -14.91 51.56 52.03
N ARG RB 129 -13.72 52.15 51.97
CA ARG RB 129 -13.21 52.97 53.07
C ARG RB 129 -13.91 54.31 53.08
N VAL RB 130 -14.51 54.67 54.21
CA VAL RB 130 -15.41 55.82 54.23
C VAL RB 130 -14.77 57.01 54.93
N ARG RB 131 -13.74 56.79 55.75
CA ARG RB 131 -13.10 57.87 56.47
C ARG RB 131 -12.04 58.60 55.64
N GLY RB 132 -11.99 58.39 54.33
CA GLY RB 132 -11.07 59.08 53.47
C GLY RB 132 -9.76 58.37 53.22
N GLN RB 133 -9.74 57.05 53.21
CA GLN RB 133 -8.51 56.31 53.01
C GLN RB 133 -8.23 56.09 51.53
N HIS RB 134 -6.98 55.77 51.24
CA HIS RB 134 -6.50 55.54 49.88
C HIS RB 134 -6.65 54.07 49.53
N THR RB 135 -7.66 53.76 48.72
CA THR RB 135 -7.97 52.38 48.36
C THR RB 135 -7.21 51.90 47.13
N LYS RB 136 -6.23 52.65 46.65
CA LYS RB 136 -5.46 52.24 45.48
C LYS RB 136 -4.55 51.08 45.80
N THR RB 137 -3.89 51.12 46.95
CA THR RB 137 -2.87 50.15 47.31
C THR RB 137 -3.29 49.20 48.43
N THR RB 138 -4.27 49.57 49.23
CA THR RB 138 -4.66 48.80 50.41
C THR RB 138 -6.10 48.34 50.27
N GLY RB 139 -6.47 47.38 51.12
CA GLY RB 139 -7.82 46.84 51.11
C GLY RB 139 -8.02 45.79 50.03
N ARG RB 140 -7.12 44.80 49.98
CA ARG RB 140 -7.21 43.75 48.98
C ARG RB 140 -7.64 42.41 49.56
N ARG RB 141 -7.44 42.19 50.86
CA ARG RB 141 -7.78 40.89 51.44
C ARG RB 141 -9.28 40.75 51.62
N GLY RB 142 -10.02 41.85 51.68
CA GLY RB 142 -11.46 41.77 51.79
C GLY RB 142 -12.12 41.46 50.46
N ARG RB 143 -11.73 42.19 49.41
CA ARG RB 143 -12.29 42.01 48.07
C ARG RB 143 -11.37 41.07 47.28
N THR RB 144 -11.71 39.78 47.35
CA THR RB 144 -11.00 38.66 46.70
C THR RB 144 -9.51 38.61 47.01
N GLY SB 1 21.73 66.16 110.79
CA GLY SB 1 21.12 64.88 110.47
C GLY SB 1 21.31 64.48 109.03
N VAL SB 2 20.22 64.08 108.38
CA VAL SB 2 20.23 63.65 106.99
C VAL SB 2 19.27 64.53 106.19
N THR SB 3 19.44 64.48 104.87
CA THR SB 3 18.55 65.17 103.94
C THR SB 3 17.82 64.11 103.12
N VAL SB 4 17.02 64.56 102.15
CA VAL SB 4 16.26 63.60 101.36
C VAL SB 4 17.13 63.02 100.25
N LYS SB 5 18.29 63.65 99.98
CA LYS SB 5 19.14 63.19 98.90
C LYS SB 5 19.99 62.00 99.33
N ASP SB 6 20.21 61.84 100.64
CA ASP SB 6 20.85 60.64 101.16
C ASP SB 6 19.85 59.49 101.22
N VAL SB 7 18.56 59.81 101.14
CA VAL SB 7 17.50 58.82 101.20
C VAL SB 7 17.20 58.28 99.81
N ASN SB 8 17.03 56.95 99.72
CA ASN SB 8 16.54 56.31 98.50
C ASN SB 8 15.13 56.81 98.22
N GLN SB 9 14.91 57.33 97.00
CA GLN SB 9 13.69 58.08 96.69
C GLN SB 9 12.48 57.18 96.43
N GLN SB 10 12.71 55.92 96.03
CA GLN SB 10 11.63 55.05 95.60
C GLN SB 10 10.72 54.66 96.75
N GLU SB 11 11.29 54.35 97.92
CA GLU SB 11 10.51 54.16 99.12
C GLU SB 11 10.17 55.47 99.80
N PHE SB 12 10.88 56.55 99.46
CA PHE SB 12 10.65 57.84 100.10
C PHE SB 12 9.34 58.47 99.63
N VAL SB 13 9.03 58.32 98.34
CA VAL SB 13 7.76 58.84 97.82
C VAL SB 13 6.58 58.03 98.36
N ARG SB 14 6.79 56.73 98.60
CA ARG SB 14 5.74 55.92 99.21
C ARG SB 14 5.57 56.27 100.68
N ALA SB 15 6.66 56.64 101.35
CA ALA SB 15 6.57 57.05 102.76
C ALA SB 15 5.85 58.38 102.89
N LEU SB 16 6.08 59.31 101.96
CA LEU SB 16 5.34 60.57 102.02
C LEU SB 16 3.88 60.38 101.56
N ALA SB 17 3.63 59.38 100.71
CA ALA SB 17 2.25 59.02 100.40
C ALA SB 17 1.54 58.45 101.63
N ALA SB 18 2.23 57.64 102.42
CA ALA SB 18 1.68 57.16 103.68
C ALA SB 18 1.49 58.30 104.68
N PHE SB 19 2.38 59.29 104.63
CA PHE SB 19 2.23 60.47 105.49
C PHE SB 19 1.00 61.29 105.11
N LEU SB 20 0.73 61.40 103.80
CA LEU SB 20 -0.47 62.10 103.36
C LEU SB 20 -1.74 61.28 103.65
N LYS SB 21 -1.62 59.95 103.65
CA LYS SB 21 -2.69 59.09 104.14
C LYS SB 21 -2.95 59.32 105.62
N LYS SB 22 -1.89 59.53 106.40
CA LYS SB 22 -2.06 59.79 107.83
C LYS SB 22 -2.67 61.16 108.07
N SER SB 23 -2.29 62.16 107.26
CA SER SB 23 -2.83 63.51 107.43
C SER SB 23 -4.27 63.59 106.96
N GLY SB 24 -4.52 63.36 105.67
CA GLY SB 24 -5.87 63.26 105.14
C GLY SB 24 -6.68 64.53 105.10
N LYS SB 25 -6.07 65.65 104.68
CA LYS SB 25 -6.81 66.90 104.56
C LYS SB 25 -6.35 67.70 103.34
N LEU SB 26 -5.94 66.98 102.28
CA LEU SB 26 -5.48 67.63 101.05
C LEU SB 26 -6.63 68.16 100.19
N LYS SB 27 -7.88 67.84 100.53
CA LYS SB 27 -9.09 68.25 99.81
C LYS SB 27 -9.02 67.79 98.36
N VAL SB 28 -9.10 66.48 98.16
CA VAL SB 28 -8.99 65.87 96.83
C VAL SB 28 -10.17 66.29 95.95
N PRO SB 29 -9.99 66.38 94.63
CA PRO SB 29 -11.12 66.66 93.74
C PRO SB 29 -12.08 65.48 93.67
N GLU SB 30 -13.26 65.75 93.10
CA GLU SB 30 -14.29 64.73 92.98
C GLU SB 30 -13.97 63.75 91.86
N TRP SB 31 -13.32 64.22 90.80
CA TRP SB 31 -13.03 63.43 89.61
C TRP SB 31 -11.70 62.67 89.68
N VAL SB 32 -11.22 62.35 90.88
CA VAL SB 32 -9.97 61.62 91.03
C VAL SB 32 -10.14 60.17 90.59
N ASP SB 33 -11.25 59.54 90.99
CA ASP SB 33 -11.36 58.09 90.89
C ASP SB 33 -11.57 57.61 89.46
N THR SB 34 -11.96 58.51 88.56
CA THR SB 34 -12.39 58.06 87.25
C THR SB 34 -11.53 58.62 86.11
N VAL SB 35 -10.65 59.56 86.39
CA VAL SB 35 -9.94 60.26 85.31
C VAL SB 35 -8.69 59.49 84.90
N LYS SB 36 -8.24 59.73 83.67
CA LYS SB 36 -6.96 59.27 83.17
C LYS SB 36 -5.95 60.41 83.23
N LEU SB 37 -4.72 60.07 83.66
CA LEU SB 37 -3.76 61.06 84.11
C LEU SB 37 -3.05 61.80 82.98
N ALA SB 38 -3.23 61.37 81.73
CA ALA SB 38 -2.54 62.00 80.62
C ALA SB 38 -3.29 61.70 79.33
N LYS SB 39 -2.95 62.45 78.28
CA LYS SB 39 -3.47 62.17 76.96
C LYS SB 39 -2.72 61.02 76.30
N HIS SB 40 -1.52 60.69 76.77
CA HIS SB 40 -0.76 59.61 76.18
C HIS SB 40 -0.89 58.29 76.94
N LYS SB 41 -1.37 58.32 78.19
CA LYS SB 41 -1.70 57.10 78.89
C LYS SB 41 -2.94 56.46 78.30
N GLU SB 42 -3.12 55.17 78.58
CA GLU SB 42 -4.25 54.44 78.00
C GLU SB 42 -5.29 54.07 79.05
N LEU SB 43 -4.84 53.67 80.25
CA LEU SB 43 -5.74 53.20 81.29
C LEU SB 43 -5.65 54.09 82.53
N ALA SB 44 -6.56 53.82 83.46
CA ALA SB 44 -6.49 54.36 84.81
C ALA SB 44 -5.42 53.62 85.59
N PRO SB 45 -4.83 54.26 86.61
CA PRO SB 45 -3.80 53.58 87.41
C PRO SB 45 -4.36 52.42 88.22
N TYR SB 46 -3.48 51.45 88.48
CA TYR SB 46 -3.85 50.30 89.30
C TYR SB 46 -3.99 50.69 90.76
N ASP SB 47 -3.30 51.74 91.18
CA ASP SB 47 -3.33 52.15 92.58
C ASP SB 47 -4.49 53.11 92.81
N GLU SB 48 -5.18 52.94 93.95
CA GLU SB 48 -6.37 53.74 94.22
C GLU SB 48 -6.03 55.10 94.79
N ASN SB 49 -4.82 55.28 95.30
CA ASN SB 49 -4.42 56.56 95.88
C ASN SB 49 -3.21 57.15 95.15
N TRP SB 50 -3.28 57.19 93.83
CA TRP SB 50 -2.22 57.76 93.00
C TRP SB 50 -2.04 59.26 93.23
N PHE SB 51 -3.11 59.94 93.68
CA PHE SB 51 -3.06 61.38 93.90
C PHE SB 51 -2.08 61.72 95.03
N TYR SB 52 -2.07 60.92 96.10
CA TYR SB 52 -1.18 61.18 97.23
C TYR SB 52 0.26 60.86 96.86
N THR SB 53 0.47 59.80 96.07
CA THR SB 53 1.82 59.44 95.63
C THR SB 53 2.40 60.49 94.69
N ARG SB 54 1.57 61.01 93.78
CA ARG SB 54 2.06 62.05 92.89
C ARG SB 54 2.21 63.39 93.61
N ALA SB 55 1.43 63.63 94.67
CA ALA SB 55 1.66 64.82 95.49
C ALA SB 55 2.97 64.70 96.26
N ALA SB 56 3.31 63.48 96.69
CA ALA SB 56 4.61 63.22 97.31
C ALA SB 56 5.75 63.49 96.33
N SER SB 57 5.58 63.02 95.09
CA SER SB 57 6.58 63.24 94.05
C SER SB 57 6.70 64.73 93.70
N THR SB 58 5.57 65.43 93.71
CA THR SB 58 5.56 66.88 93.49
C THR SB 58 6.31 67.60 94.60
N ALA SB 59 6.13 67.13 95.84
CA ALA SB 59 6.81 67.73 96.98
C ALA SB 59 8.33 67.56 96.88
N ARG SB 60 8.78 66.36 96.51
CA ARG SB 60 10.23 66.18 96.41
C ARG SB 60 10.83 66.85 95.16
N HIS SB 61 10.08 66.95 94.07
CA HIS SB 61 10.57 67.71 92.91
C HIS SB 61 10.65 69.20 93.22
N LEU SB 62 9.67 69.75 93.95
CA LEU SB 62 9.74 71.16 94.29
C LEU SB 62 10.76 71.41 95.41
N TYR SB 63 11.13 70.36 96.15
CA TYR SB 63 12.25 70.47 97.07
C TYR SB 63 13.57 70.53 96.32
N LEU SB 64 13.72 69.69 95.29
CA LEU SB 64 14.97 69.68 94.53
C LEU SB 64 15.15 70.94 93.70
N ARG SB 65 14.08 71.40 93.04
CA ARG SB 65 14.15 72.62 92.25
C ARG SB 65 12.81 73.33 92.27
N GLY SB 66 12.83 74.63 92.54
CA GLY SB 66 11.61 75.40 92.64
C GLY SB 66 11.30 76.17 91.37
N GLY SB 67 10.22 76.94 91.44
CA GLY SB 67 9.77 77.71 90.30
C GLY SB 67 9.18 76.87 89.18
N ALA SB 68 8.66 75.69 89.50
CA ALA SB 68 8.12 74.77 88.50
C ALA SB 68 6.61 74.94 88.44
N GLY SB 69 6.12 75.50 87.34
CA GLY SB 69 4.70 75.64 87.12
C GLY SB 69 4.10 74.43 86.43
N VAL SB 70 2.91 74.64 85.88
CA VAL SB 70 2.10 73.56 85.34
C VAL SB 70 2.74 72.99 84.06
N GLY SB 71 3.41 73.84 83.28
CA GLY SB 71 4.13 73.35 82.11
C GLY SB 71 5.31 72.48 82.46
N SER SB 72 6.06 72.85 83.51
CA SER SB 72 7.15 72.00 83.98
C SER SB 72 6.62 70.71 84.59
N MET SB 73 5.43 70.75 85.19
CA MET SB 73 4.84 69.53 85.73
C MET SB 73 4.39 68.60 84.62
N THR SB 74 3.84 69.14 83.53
CA THR SB 74 3.52 68.31 82.38
C THR SB 74 4.78 67.80 81.69
N LYS SB 75 5.88 68.56 81.78
CA LYS SB 75 7.14 68.11 81.20
C LYS SB 75 7.74 66.95 81.99
N ILE SB 76 7.66 67.01 83.32
CA ILE SB 76 8.20 65.92 84.13
C ILE SB 76 7.26 64.71 84.12
N TYR SB 77 5.96 64.93 83.86
CA TYR SB 77 5.02 63.83 83.75
C TYR SB 77 4.56 63.57 82.31
N GLY SB 78 5.40 63.88 81.32
CA GLY SB 78 5.17 63.46 79.96
C GLY SB 78 5.72 62.06 79.73
N GLY SB 79 5.48 61.55 78.53
CA GLY SB 79 5.93 60.20 78.21
C GLY SB 79 5.72 59.90 76.75
N ARG SB 80 5.71 58.60 76.44
CA ARG SB 80 5.50 58.15 75.08
C ARG SB 80 4.02 58.27 74.70
N GLN SB 81 3.76 58.84 73.52
CA GLN SB 81 2.42 58.88 72.96
C GLN SB 81 2.36 57.79 71.89
N ARG SB 82 1.85 56.63 72.28
CA ARG SB 82 1.76 55.49 71.36
C ARG SB 82 0.66 55.76 70.34
N ASN SB 83 1.06 56.17 69.13
CA ASN SB 83 0.13 56.60 68.09
C ASN SB 83 -0.41 55.45 67.26
N GLY SB 84 -0.18 54.21 67.68
CA GLY SB 84 -0.68 53.06 66.95
C GLY SB 84 0.10 52.77 65.69
N VAL SB 85 -0.51 53.06 64.54
CA VAL SB 85 0.14 52.77 63.26
C VAL SB 85 1.25 53.78 62.95
N MET SB 86 1.22 54.94 63.62
CA MET SB 86 2.23 55.96 63.44
C MET SB 86 3.34 55.80 64.49
N PRO SB 87 4.54 56.32 64.23
CA PRO SB 87 5.60 56.28 65.25
C PRO SB 87 5.26 57.16 66.45
N SER SB 88 5.84 56.79 67.59
CA SER SB 88 5.54 57.47 68.84
C SER SB 88 6.41 58.71 69.01
N HIS SB 89 5.93 59.61 69.87
CA HIS SB 89 6.62 60.86 70.16
C HIS SB 89 6.52 61.15 71.64
N PHE SB 90 7.11 62.26 72.06
CA PHE SB 90 6.93 62.74 73.42
C PHE SB 90 5.63 63.52 73.54
N SER SB 91 4.92 63.31 74.65
CA SER SB 91 3.67 64.01 74.91
C SER SB 91 3.68 64.50 76.35
N ARG SB 92 3.26 65.74 76.56
CA ARG SB 92 3.17 66.28 77.90
C ARG SB 92 1.97 65.69 78.62
N GLY SB 93 2.02 65.73 79.95
CA GLY SB 93 0.95 65.19 80.76
C GLY SB 93 -0.26 66.10 80.81
N SER SB 94 -1.23 65.70 81.62
CA SER SB 94 -2.41 66.51 81.83
C SER SB 94 -2.10 67.69 82.75
N LYS SB 95 -2.66 68.86 82.41
CA LYS SB 95 -2.35 70.07 83.17
C LYS SB 95 -3.15 70.13 84.46
N SER SB 96 -4.42 69.72 84.41
CA SER SB 96 -5.34 70.00 85.50
C SER SB 96 -5.05 69.13 86.72
N VAL SB 97 -4.50 67.93 86.51
CA VAL SB 97 -4.21 67.05 87.64
C VAL SB 97 -3.07 67.61 88.49
N ALA SB 98 -2.00 68.10 87.85
CA ALA SB 98 -0.91 68.72 88.59
C ALA SB 98 -1.32 70.09 89.11
N ARG SB 99 -2.28 70.73 88.43
CA ARG SB 99 -2.86 71.97 88.92
C ARG SB 99 -3.59 71.75 90.23
N ARG SB 100 -4.34 70.65 90.33
CA ARG SB 100 -5.04 70.33 91.57
C ARG SB 100 -4.06 69.87 92.66
N VAL SB 101 -2.94 69.24 92.26
CA VAL SB 101 -1.89 68.90 93.22
C VAL SB 101 -1.29 70.18 93.81
N LEU SB 102 -1.00 71.17 92.95
CA LEU SB 102 -0.44 72.43 93.44
C LEU SB 102 -1.46 73.22 94.26
N GLN SB 103 -2.75 73.11 93.91
CA GLN SB 103 -3.77 73.75 94.73
C GLN SB 103 -3.94 73.07 96.09
N ALA SB 104 -3.74 71.76 96.15
CA ALA SB 104 -3.79 71.06 97.44
C ALA SB 104 -2.59 71.43 98.30
N LEU SB 105 -1.41 71.53 97.68
CA LEU SB 105 -0.20 71.89 98.42
C LEU SB 105 -0.14 73.40 98.70
N GLU SB 106 -1.03 74.18 98.08
CA GLU SB 106 -1.17 75.57 98.48
C GLU SB 106 -2.25 75.70 99.56
N GLY SB 107 -3.24 74.81 99.54
CA GLY SB 107 -4.26 74.75 100.57
C GLY SB 107 -3.68 74.40 101.93
N LEU SB 108 -3.01 73.26 102.02
CA LEU SB 108 -2.22 73.01 103.22
C LEU SB 108 -0.75 73.33 102.93
N LYS SB 109 -0.14 74.11 103.82
CA LYS SB 109 1.08 74.87 103.51
C LYS SB 109 2.30 73.95 103.40
N MET SB 110 2.49 73.42 102.20
CA MET SB 110 3.73 72.74 101.85
C MET SB 110 4.47 73.44 100.72
N VAL SB 111 3.77 74.15 99.84
CA VAL SB 111 4.39 74.95 98.80
C VAL SB 111 3.87 76.38 98.92
N GLU SB 112 4.50 77.28 98.17
CA GLU SB 112 4.10 78.68 98.13
C GLU SB 112 4.50 79.25 96.78
N LYS SB 113 3.63 80.08 96.20
CA LYS SB 113 3.90 80.68 94.89
C LYS SB 113 5.00 81.73 95.02
N ASP SB 114 6.00 81.63 94.15
CA ASP SB 114 7.15 82.53 94.20
C ASP SB 114 7.00 83.61 93.13
N GLN SB 115 7.70 84.73 93.35
CA GLN SB 115 7.75 85.80 92.37
C GLN SB 115 8.47 85.33 91.11
N ASP SB 116 8.22 86.07 90.01
CA ASP SB 116 8.62 85.71 88.64
C ASP SB 116 8.12 84.32 88.24
N GLY SB 117 6.93 83.96 88.71
CA GLY SB 117 6.31 82.70 88.33
C GLY SB 117 6.84 81.46 89.03
N GLY SB 118 5.99 80.45 89.16
CA GLY SB 118 6.41 79.17 89.69
C GLY SB 118 6.07 78.95 91.16
N ARG SB 119 6.25 77.71 91.58
CA ARG SB 119 6.02 77.29 92.96
C ARG SB 119 7.35 76.94 93.62
N LYS SB 120 7.61 77.51 94.79
CA LYS SB 120 8.72 77.10 95.62
C LYS SB 120 8.18 76.36 96.84
N LEU SB 121 9.08 75.83 97.65
CA LEU SB 121 8.69 75.03 98.79
C LEU SB 121 8.97 75.77 100.09
N THR SB 122 7.99 75.75 101.00
CA THR SB 122 8.02 76.52 102.23
C THR SB 122 8.88 75.80 103.26
N PRO SB 123 9.42 76.54 104.25
CA PRO SB 123 10.18 75.88 105.33
C PRO SB 123 9.40 74.86 106.17
N GLN SB 124 8.07 74.99 106.25
CA GLN SB 124 7.26 73.96 106.90
C GLN SB 124 7.30 72.65 106.12
N GLY SB 125 7.19 72.75 104.79
CA GLY SB 125 7.33 71.56 103.96
C GLY SB 125 8.73 71.00 103.99
N GLN SB 126 9.74 71.86 104.09
CA GLN SB 126 11.12 71.39 104.21
C GLN SB 126 11.35 70.67 105.54
N ARG SB 127 10.72 71.16 106.61
CA ARG SB 127 10.74 70.50 107.91
C ARG SB 127 10.10 69.12 107.84
N ASP SB 128 8.92 69.03 107.20
CA ASP SB 128 8.22 67.75 107.08
C ASP SB 128 9.00 66.76 106.21
N LEU SB 129 9.60 67.25 105.12
CA LEU SB 129 10.38 66.40 104.23
C LEU SB 129 11.65 65.88 104.90
N ASP SB 130 12.30 66.72 105.72
CA ASP SB 130 13.50 66.22 106.39
C ASP SB 130 13.16 65.30 107.56
N ARG SB 131 12.01 65.51 108.21
CA ARG SB 131 11.56 64.58 109.24
C ARG SB 131 11.25 63.21 108.66
N ILE SB 132 10.55 63.18 107.52
CA ILE SB 132 10.27 61.86 106.92
C ILE SB 132 11.51 61.27 106.27
N ALA SB 133 12.49 62.11 105.90
CA ALA SB 133 13.79 61.59 105.45
C ALA SB 133 14.51 60.89 106.59
N GLY SB 134 14.47 61.49 107.79
CA GLY SB 134 14.99 60.81 108.96
C GLY SB 134 14.21 59.55 109.33
N GLN SB 135 12.91 59.55 109.04
CA GLN SB 135 12.09 58.36 109.27
C GLN SB 135 12.49 57.22 108.34
N VAL SB 136 12.71 57.50 107.05
CA VAL SB 136 13.12 56.45 106.13
C VAL SB 136 14.54 56.00 106.41
N ALA SB 137 15.38 56.93 106.91
CA ALA SB 137 16.73 56.55 107.33
C ALA SB 137 16.70 55.62 108.54
N ALA SB 138 15.85 55.92 109.53
CA ALA SB 138 15.73 55.04 110.69
C ALA SB 138 15.05 53.72 110.32
N ALA SB 139 14.23 53.72 109.28
CA ALA SB 139 13.62 52.48 108.81
C ALA SB 139 14.64 51.59 108.09
N LYS SB 140 15.51 52.19 107.28
CA LYS SB 140 16.48 51.38 106.54
C LYS SB 140 17.67 50.99 107.42
N LYS SB 141 17.91 51.71 108.51
CA LYS SB 141 18.92 51.27 109.48
C LYS SB 141 18.40 50.09 110.30
N HIS TB 1 29.05 105.78 81.60
CA HIS TB 1 30.44 105.35 81.69
C HIS TB 1 30.64 103.98 81.06
N ARG TB 2 29.70 103.07 81.30
CA ARG TB 2 29.81 101.69 80.84
C ARG TB 2 29.20 101.53 79.45
N ILE TB 3 30.03 101.56 78.41
CA ILE TB 3 29.56 101.53 77.02
C ILE TB 3 29.99 100.23 76.37
N ARG TB 4 29.07 99.59 75.67
CA ARG TB 4 29.22 98.20 75.22
C ARG TB 4 29.33 98.16 73.71
N ILE TB 5 30.48 97.71 73.19
CA ILE TB 5 30.64 97.52 71.75
C ILE TB 5 30.41 96.06 71.41
N THR TB 6 29.50 95.83 70.46
CA THR TB 6 29.18 94.48 69.97
C THR TB 6 29.67 94.38 68.53
N LEU TB 7 30.54 93.41 68.27
CA LEU TB 7 31.18 93.24 66.97
C LEU TB 7 30.68 91.94 66.36
N THR TB 8 29.94 92.04 65.25
CA THR TB 8 29.42 90.87 64.57
C THR TB 8 30.07 90.75 63.19
N SER TB 9 30.58 89.57 62.88
CA SER TB 9 31.31 89.42 61.62
C SER TB 9 31.21 87.99 61.11
N ARG TB 10 31.39 87.86 59.79
CA ARG TB 10 31.40 86.53 59.17
C ARG TB 10 32.81 85.98 59.11
N ASN TB 11 33.78 86.81 58.74
CA ASN TB 11 35.17 86.39 58.72
C ASN TB 11 35.75 86.42 60.13
N VAL TB 12 36.75 85.58 60.34
CA VAL TB 12 37.31 85.34 61.68
C VAL TB 12 38.51 86.22 61.97
N LYS TB 13 39.52 86.20 61.08
CA LYS TB 13 40.76 86.91 61.35
C LYS TB 13 40.59 88.42 61.21
N SER TB 14 39.65 88.86 60.37
CA SER TB 14 39.36 90.29 60.28
C SER TB 14 38.68 90.79 61.55
N LEU TB 15 37.76 89.99 62.10
CA LEU TB 15 37.12 90.33 63.36
C LEU TB 15 38.12 90.33 64.51
N GLU TB 16 39.07 89.40 64.47
CA GLU TB 16 40.13 89.37 65.47
C GLU TB 16 41.03 90.59 65.37
N LYS TB 17 41.31 91.03 64.14
CA LYS TB 17 42.11 92.25 63.94
C LYS TB 17 41.35 93.48 64.42
N VAL TB 18 40.03 93.53 64.20
CA VAL TB 18 39.24 94.68 64.63
C VAL TB 18 39.17 94.75 66.15
N CYS TB 19 38.92 93.61 66.81
CA CYS TB 19 38.83 93.63 68.28
C CYS TB 19 40.19 93.88 68.92
N ALA TB 20 41.27 93.36 68.31
CA ALA TB 20 42.61 93.65 68.80
C ALA TB 20 42.97 95.13 68.61
N ASP TB 21 42.49 95.73 67.51
CA ASP TB 21 42.72 97.15 67.29
C ASP TB 21 41.95 98.00 68.28
N LEU TB 22 40.75 97.56 68.67
CA LEU TB 22 40.00 98.27 69.71
C LEU TB 22 40.67 98.14 71.07
N ILE TB 23 41.26 96.97 71.34
CA ILE TB 23 42.03 96.77 72.58
C ILE TB 23 43.25 97.68 72.60
N ARG TB 24 43.96 97.78 71.48
CA ARG TB 24 45.14 98.64 71.39
C ARG TB 24 44.76 100.12 71.49
N GLY TB 25 43.59 100.49 70.95
CA GLY TB 25 43.11 101.85 71.09
C GLY TB 25 42.74 102.21 72.52
N ALA TB 26 42.10 101.27 73.23
CA ALA TB 26 41.79 101.49 74.64
C ALA TB 26 43.06 101.54 75.49
N LYS TB 27 44.07 100.73 75.14
CA LYS TB 27 45.33 100.75 75.87
C LYS TB 27 46.10 102.04 75.62
N GLU TB 28 46.02 102.59 74.41
CA GLU TB 28 46.67 103.87 74.14
C GLU TB 28 45.92 105.03 74.79
N LYS TB 29 44.59 104.95 74.84
CA LYS TB 29 43.83 106.04 75.42
C LYS TB 29 43.56 105.84 76.92
N ASN TB 30 44.17 104.82 77.53
CA ASN TB 30 44.32 104.67 78.98
C ASN TB 30 42.98 104.60 79.72
N LEU TB 31 42.21 103.56 79.47
CA LEU TB 31 40.94 103.38 80.16
C LEU TB 31 40.83 101.94 80.64
N LYS TB 32 39.97 101.71 81.61
CA LYS TB 32 39.72 100.36 82.10
C LYS TB 32 38.87 99.61 81.08
N VAL TB 33 39.43 98.53 80.53
CA VAL TB 33 38.82 97.79 79.43
C VAL TB 33 38.68 96.33 79.84
N LYS TB 34 37.55 95.72 79.48
CA LYS TB 34 37.37 94.29 79.66
C LYS TB 34 37.89 93.53 78.44
N GLY TB 35 38.11 92.24 78.62
CA GLY TB 35 38.59 91.40 77.54
C GLY TB 35 37.52 91.15 76.49
N PRO TB 36 37.94 90.76 75.29
CA PRO TB 36 36.96 90.48 74.22
C PRO TB 36 36.19 89.20 74.47
N VAL TB 37 34.93 89.35 74.87
CA VAL TB 37 34.11 88.21 75.27
C VAL TB 37 33.53 87.57 74.01
N ARG TB 38 33.86 86.30 73.79
CA ARG TB 38 33.34 85.57 72.63
C ARG TB 38 31.96 85.01 72.93
N MET TB 39 31.05 85.10 71.97
CA MET TB 39 29.79 84.39 72.03
C MET TB 39 29.93 83.06 71.29
N PRO TB 40 29.07 82.08 71.58
CA PRO TB 40 29.04 80.86 70.76
C PRO TB 40 28.55 81.19 69.35
N THR TB 41 29.32 80.74 68.36
CA THR TB 41 29.09 81.13 66.97
C THR TB 41 27.81 80.50 66.44
N LYS TB 42 27.27 81.09 65.37
CA LYS TB 42 26.06 80.55 64.78
C LYS TB 42 26.33 80.00 63.39
N THR TB 43 25.90 78.76 63.17
CA THR TB 43 26.12 78.07 61.90
C THR TB 43 24.76 77.96 61.19
N LEU TB 44 24.51 78.88 60.26
CA LEU TB 44 23.30 78.85 59.46
C LEU TB 44 23.44 77.73 58.43
N ARG TB 45 22.60 76.70 58.55
CA ARG TB 45 22.71 75.48 57.75
C ARG TB 45 21.52 75.39 56.80
N ILE TB 46 21.81 75.26 55.50
CA ILE TB 46 20.79 75.03 54.50
C ILE TB 46 21.13 73.73 53.77
N THR TB 47 20.15 72.82 53.67
CA THR TB 47 20.33 71.54 52.99
C THR TB 47 19.31 71.45 51.85
N THR TB 48 19.78 71.68 50.63
CA THR TB 48 18.94 71.56 49.45
C THR TB 48 19.43 70.43 48.55
N ARG TB 49 18.70 70.20 47.47
CA ARG TB 49 19.11 69.24 46.46
C ARG TB 49 20.11 69.87 45.50
N LYS TB 50 21.07 69.06 45.03
CA LYS TB 50 22.02 69.55 44.03
C LYS TB 50 21.36 69.69 42.67
N THR TB 51 20.42 68.80 42.35
CA THR TB 51 19.83 68.78 41.03
C THR TB 51 18.76 69.86 40.92
N PRO TB 52 18.75 70.66 39.85
CA PRO TB 52 17.65 71.64 39.67
C PRO TB 52 16.30 70.98 39.48
N CYS TB 53 16.22 69.92 38.68
CA CYS TB 53 15.02 69.10 38.61
C CYS TB 53 15.09 68.05 39.73
N GLY TB 54 14.23 67.05 39.65
CA GLY TB 54 14.19 66.04 40.70
C GLY TB 54 14.80 64.70 40.31
N GLU TB 55 15.23 64.58 39.06
CA GLU TB 55 15.63 63.29 38.50
C GLU TB 55 17.14 63.14 38.59
N GLY TB 56 17.59 62.33 39.54
CA GLY TB 56 18.99 62.00 39.70
C GLY TB 56 19.20 61.12 40.91
N SER TB 57 20.45 60.94 41.35
CA SER TB 57 20.69 60.29 42.62
C SER TB 57 20.48 61.30 43.75
N LYS TB 58 20.14 60.78 44.92
CA LYS TB 58 19.75 61.62 46.05
C LYS TB 58 21.00 62.23 46.66
N THR TB 59 21.45 63.35 46.09
CA THR TB 59 22.60 64.10 46.60
C THR TB 59 22.10 65.39 47.23
N TRP TB 60 22.76 65.81 48.31
CA TRP TB 60 22.31 66.92 49.13
C TRP TB 60 23.48 67.86 49.41
N ASP TB 61 23.24 69.15 49.29
CA ASP TB 61 24.23 70.16 49.65
C ASP TB 61 24.16 70.49 51.14
N ARG TB 62 25.26 71.07 51.63
CA ARG TB 62 25.34 71.57 53.01
C ARG TB 62 25.93 72.98 52.94
N PHE TB 63 25.06 73.97 52.74
CA PHE TB 63 25.50 75.37 52.71
C PHE TB 63 25.60 75.89 54.14
N GLN TB 64 26.82 76.28 54.53
CA GLN TB 64 27.08 76.79 55.87
C GLN TB 64 27.36 78.29 55.82
N MET TB 65 26.89 78.99 56.85
CA MET TB 65 27.24 80.40 57.05
C MET TB 65 27.54 80.59 58.54
N ARG TB 66 28.82 80.76 58.87
CA ARG TB 66 29.20 80.95 60.25
C ARG TB 66 29.29 82.45 60.57
N ILE TB 67 28.57 82.86 61.62
CA ILE TB 67 28.61 84.23 62.08
C ILE TB 67 29.16 84.23 63.51
N HIS TB 68 29.87 85.29 63.88
CA HIS TB 68 30.59 85.39 65.13
C HIS TB 68 30.25 86.72 65.78
N LYS TB 69 30.21 86.74 67.11
CA LYS TB 69 29.85 87.94 67.86
C LYS TB 69 30.74 88.06 69.09
N ARG TB 70 31.58 89.09 69.11
CA ARG TB 70 32.38 89.44 70.27
C ARG TB 70 31.81 90.69 70.93
N LEU TB 71 32.16 90.89 72.20
CA LEU TB 71 31.73 92.12 72.87
C LEU TB 71 32.84 92.65 73.74
N ILE TB 72 32.92 93.98 73.83
CA ILE TB 72 33.93 94.68 74.62
C ILE TB 72 33.23 95.75 75.46
N ASP TB 73 33.43 95.69 76.77
CA ASP TB 73 32.89 96.68 77.69
C ASP TB 73 33.96 97.75 77.94
N LEU TB 74 33.56 99.01 77.86
CA LEU TB 74 34.47 100.14 78.06
C LEU TB 74 33.97 101.00 79.22
N HIS TB 75 34.92 101.51 80.00
CA HIS TB 75 34.64 102.44 81.09
C HIS TB 75 35.20 103.79 80.65
N SER TB 76 34.40 104.53 79.90
CA SER TB 76 34.84 105.78 79.27
C SER TB 76 33.61 106.55 78.84
N PRO TB 77 33.73 107.88 78.68
CA PRO TB 77 32.61 108.67 78.12
C PRO TB 77 32.33 108.39 76.65
N SER TB 78 31.30 109.04 76.11
CA SER TB 78 30.79 108.74 74.77
C SER TB 78 31.71 109.24 73.66
N GLU TB 79 32.40 110.37 73.87
CA GLU TB 79 33.21 110.95 72.81
C GLU TB 79 34.46 110.11 72.56
N ILE TB 80 35.00 109.47 73.62
CA ILE TB 80 36.13 108.57 73.47
C ILE TB 80 35.72 107.34 72.66
N VAL TB 81 34.53 106.81 72.93
CA VAL TB 81 34.04 105.63 72.21
C VAL TB 81 33.76 105.96 70.75
N LYS TB 82 33.22 107.15 70.48
CA LYS TB 82 32.99 107.58 69.10
C LYS TB 82 34.31 107.80 68.36
N GLN TB 83 35.31 108.38 69.03
CA GLN TB 83 36.61 108.59 68.40
C GLN TB 83 37.33 107.27 68.12
N ILE TB 84 37.13 106.26 68.98
CA ILE TB 84 37.74 104.97 68.74
C ILE TB 84 37.02 104.23 67.61
N THR TB 85 35.68 104.26 67.61
CA THR TB 85 34.93 103.48 66.61
C THR TB 85 34.90 104.17 65.26
N SER TB 86 35.26 105.46 65.20
CA SER TB 86 35.29 106.15 63.90
C SER TB 86 36.50 105.72 63.07
N ILE TB 87 37.59 105.38 63.73
CA ILE TB 87 38.87 105.14 63.06
C ILE TB 87 39.06 103.63 62.86
N SER TB 88 39.57 103.28 61.67
CA SER TB 88 40.01 101.94 61.28
C SER TB 88 38.92 100.88 61.37
N ILE TB 89 37.89 100.99 60.53
CA ILE TB 89 36.85 99.97 60.41
C ILE TB 89 36.90 99.40 59.01
N GLU TB 90 36.67 98.09 58.90
CA GLU TB 90 36.73 97.34 57.65
C GLU TB 90 35.41 96.62 57.43
N PRO TB 91 35.00 96.37 56.14
CA PRO TB 91 33.61 96.00 55.84
C PRO TB 91 33.10 94.68 56.42
N GLY TB 92 34.00 93.80 56.86
CA GLY TB 92 33.56 92.51 57.36
C GLY TB 92 32.90 92.57 58.73
N VAL TB 93 33.13 93.65 59.47
CA VAL TB 93 32.69 93.73 60.86
C VAL TB 93 31.60 94.80 60.99
N GLU TB 94 30.48 94.43 61.59
CA GLU TB 94 29.41 95.36 61.95
C GLU TB 94 29.53 95.70 63.42
N VAL TB 95 29.44 97.00 63.72
CA VAL TB 95 29.68 97.54 65.06
C VAL TB 95 28.35 98.06 65.61
N GLU TB 96 28.04 97.69 66.84
CA GLU TB 96 26.85 98.18 67.55
C GLU TB 96 27.30 98.76 68.88
N VAL TB 97 27.07 100.05 69.08
CA VAL TB 97 27.52 100.77 70.27
C VAL TB 97 26.30 101.01 71.15
N THR TB 98 26.26 100.35 72.31
CA THR TB 98 25.18 100.57 73.27
C THR TB 98 25.68 101.48 74.39
N ILE TB 99 24.94 102.55 74.65
CA ILE TB 99 25.34 103.53 75.65
C ILE TB 99 25.20 102.96 77.06
N ALA TB 100 24.04 102.37 77.36
CA ALA TB 100 23.79 101.81 78.69
C ALA TB 100 24.53 100.48 78.86
N MET UB 1 78.88 70.84 -14.94
CA MET UB 1 77.57 71.39 -14.63
C MET UB 1 77.34 72.68 -15.41
N GLN UB 2 78.17 72.89 -16.43
CA GLN UB 2 78.11 74.11 -17.21
C GLN UB 2 76.93 74.09 -18.17
N ASN UB 3 76.59 75.27 -18.67
CA ASN UB 3 75.61 75.42 -19.74
C ASN UB 3 76.35 75.41 -21.08
N ASP UB 4 75.65 75.81 -22.15
CA ASP UB 4 76.29 75.92 -23.45
C ASP UB 4 77.30 77.07 -23.47
N ALA UB 5 77.04 78.12 -22.69
CA ALA UB 5 77.99 79.22 -22.59
C ALA UB 5 79.21 78.85 -21.76
N GLY UB 6 79.05 77.98 -20.76
CA GLY UB 6 80.13 77.56 -19.90
C GLY UB 6 80.05 78.10 -18.49
N GLU UB 7 78.88 78.56 -18.04
CA GLU UB 7 78.74 79.16 -16.72
C GLU UB 7 78.36 78.09 -15.70
N PHE UB 8 78.99 78.16 -14.52
CA PHE UB 8 78.57 77.34 -13.39
C PHE UB 8 77.16 77.73 -12.96
N VAL UB 9 76.19 76.88 -13.28
CA VAL UB 9 74.78 77.24 -13.17
C VAL UB 9 74.10 76.48 -12.04
N ASP UB 10 74.73 75.43 -11.52
CA ASP UB 10 74.18 74.74 -10.36
C ASP UB 10 74.34 75.60 -9.11
N LEU UB 11 73.51 75.32 -8.10
CA LEU UB 11 73.47 76.20 -6.94
C LEU UB 11 74.31 75.70 -5.77
N TYR UB 12 74.68 74.41 -5.74
CA TYR UB 12 75.80 73.95 -4.91
C TYR UB 12 76.40 72.71 -5.55
N VAL UB 13 77.71 72.56 -5.43
CA VAL UB 13 78.41 71.34 -5.84
C VAL UB 13 78.56 70.47 -4.61
N PRO UB 14 77.87 69.32 -4.54
CA PRO UB 14 77.85 68.53 -3.31
C PRO UB 14 79.16 67.79 -3.06
N ARG UB 15 79.32 67.34 -1.82
CA ARG UB 15 80.51 66.59 -1.44
C ARG UB 15 80.48 65.18 -2.04
N LYS UB 16 81.63 64.52 -1.98
CA LYS UB 16 81.78 63.19 -2.54
C LYS UB 16 82.63 62.35 -1.59
N CYS UB 17 82.20 61.12 -1.33
CA CYS UB 17 82.94 60.23 -0.46
C CYS UB 17 84.25 59.79 -1.11
N SER UB 18 85.32 59.78 -0.33
CA SER UB 18 86.62 59.37 -0.86
C SER UB 18 86.82 57.86 -0.81
N ALA UB 19 85.86 57.12 -0.28
CA ALA UB 19 85.97 55.67 -0.20
C ALA UB 19 85.16 54.97 -1.29
N SER UB 20 83.87 55.30 -1.41
CA SER UB 20 82.99 54.61 -2.35
C SER UB 20 82.78 55.38 -3.64
N ASN UB 21 83.31 56.61 -3.72
CA ASN UB 21 83.20 57.50 -4.89
C ASN UB 21 81.74 57.77 -5.24
N ARG UB 22 80.98 58.22 -4.24
CA ARG UB 22 79.56 58.50 -4.37
C ARG UB 22 79.27 59.81 -3.67
N ILE UB 23 78.40 60.64 -4.27
CA ILE UB 23 78.18 61.98 -3.73
C ILE UB 23 77.22 61.92 -2.55
N ILE UB 24 77.36 62.89 -1.65
CA ILE UB 24 76.58 62.95 -0.41
C ILE UB 24 75.39 63.87 -0.64
N GLY UB 25 74.19 63.38 -0.27
CA GLY UB 25 72.99 64.18 -0.39
C GLY UB 25 72.94 65.32 0.62
N ALA UB 26 71.89 66.15 0.47
CA ALA UB 26 71.74 67.33 1.32
C ALA UB 26 71.34 66.98 2.75
N LYS UB 27 70.68 65.85 2.96
CA LYS UB 27 70.25 65.43 4.29
C LYS UB 27 70.78 64.05 4.63
N ASP UB 28 72.04 63.79 4.25
CA ASP UB 28 72.76 62.61 4.71
C ASP UB 28 73.46 63.02 6.00
N HIS UB 29 72.70 62.99 7.09
CA HIS UB 29 73.14 63.54 8.37
C HIS UB 29 74.17 62.67 9.09
N ALA UB 30 74.48 61.49 8.57
CA ALA UB 30 75.49 60.64 9.18
C ALA UB 30 76.87 60.80 8.57
N SER UB 31 77.06 61.76 7.66
CA SER UB 31 78.32 61.89 6.95
C SER UB 31 79.40 62.48 7.87
N ILE UB 32 80.66 62.30 7.46
CA ILE UB 32 81.81 62.66 8.29
C ILE UB 32 82.65 63.65 7.49
N GLN UB 33 83.44 64.45 8.22
CA GLN UB 33 84.69 65.01 7.70
C GLN UB 33 85.77 64.72 8.73
N MET UB 34 86.44 63.58 8.57
CA MET UB 34 87.60 63.22 9.38
C MET UB 34 88.74 64.16 9.02
N ASN UB 35 89.27 64.84 10.03
CA ASN UB 35 90.45 65.68 9.87
C ASN UB 35 91.64 64.97 10.50
N VAL UB 36 92.63 64.61 9.69
CA VAL UB 36 93.87 63.99 10.15
C VAL UB 36 94.92 65.09 10.21
N ALA UB 37 95.56 65.23 11.37
CA ALA UB 37 96.55 66.29 11.56
C ALA UB 37 97.84 65.94 10.85
N GLU UB 38 98.69 66.94 10.67
CA GLU UB 38 100.04 66.74 10.16
C GLU UB 38 101.07 66.90 11.27
N VAL UB 39 102.16 66.15 11.15
CA VAL UB 39 103.21 66.09 12.14
C VAL UB 39 104.54 66.43 11.46
N ASP UB 40 105.25 67.40 12.03
CA ASP UB 40 106.57 67.78 11.55
C ASP UB 40 107.53 66.62 11.81
N LYS UB 41 108.39 66.33 10.83
CA LYS UB 41 109.24 65.15 10.92
C LYS UB 41 110.43 65.38 11.85
N VAL UB 42 110.79 66.63 12.09
CA VAL UB 42 111.93 66.92 12.96
C VAL UB 42 111.45 67.34 14.35
N THR UB 43 110.22 67.85 14.45
CA THR UB 43 109.70 68.31 15.73
C THR UB 43 108.79 67.28 16.37
N GLY UB 44 107.80 66.80 15.64
CA GLY UB 44 106.86 65.84 16.19
C GLY UB 44 105.61 66.47 16.78
N ARG UB 45 105.22 67.64 16.29
CA ARG UB 45 104.09 68.37 16.84
C ARG UB 45 103.14 68.79 15.72
N PHE UB 46 102.09 69.51 16.11
CA PHE UB 46 101.04 69.89 15.18
C PHE UB 46 101.48 71.06 14.31
N ASN UB 47 101.29 70.93 13.00
CA ASN UB 47 101.71 71.97 12.07
C ASN UB 47 100.61 73.00 11.85
N GLY UB 48 99.42 72.56 11.43
CA GLY UB 48 98.34 73.47 11.14
C GLY UB 48 97.52 73.07 9.91
N GLN UB 49 98.15 72.39 8.97
CA GLN UB 49 97.42 71.90 7.80
C GLN UB 49 96.82 70.53 8.09
N PHE UB 50 95.74 70.22 7.38
CA PHE UB 50 94.92 69.05 7.67
C PHE UB 50 94.87 68.13 6.46
N LYS UB 51 94.33 66.92 6.68
CA LYS UB 51 93.98 65.99 5.60
C LYS UB 51 92.54 65.58 5.87
N THR UB 52 91.63 66.02 5.01
CA THR UB 52 90.21 65.78 5.24
C THR UB 52 89.72 64.59 4.44
N TYR UB 53 88.73 63.90 5.00
CA TYR UB 53 88.14 62.72 4.35
C TYR UB 53 86.64 62.70 4.65
N ALA UB 54 85.84 62.58 3.61
CA ALA UB 54 84.38 62.51 3.74
C ALA UB 54 83.90 61.09 3.53
N ILE UB 55 83.02 60.63 4.43
CA ILE UB 55 82.39 59.32 4.33
C ILE UB 55 80.89 59.50 4.53
N CYS UB 56 80.12 58.93 3.61
CA CYS UB 56 78.66 58.98 3.69
C CYS UB 56 78.14 58.01 4.75
N GLY UB 57 76.84 58.10 5.02
CA GLY UB 57 76.27 57.33 6.12
C GLY UB 57 76.09 55.86 5.82
N ALA UB 58 76.08 55.49 4.53
CA ALA UB 58 75.87 54.10 4.15
C ALA UB 58 77.05 53.22 4.55
N ILE UB 59 78.26 53.77 4.43
CA ILE UB 59 79.47 53.02 4.80
C ILE UB 59 79.54 52.88 6.33
N ARG UB 60 79.03 53.87 7.06
CA ARG UB 60 79.00 53.77 8.51
C ARG UB 60 77.98 52.74 8.98
N ARG UB 61 76.77 52.77 8.41
CA ARG UB 61 75.78 51.78 8.81
C ARG UB 61 76.06 50.39 8.24
N MET UB 62 76.97 50.28 7.26
CA MET UB 62 77.42 48.96 6.83
C MET UB 62 78.55 48.45 7.72
N GLY UB 63 79.49 49.32 8.09
CA GLY UB 63 80.55 48.96 9.00
C GLY UB 63 81.97 49.01 8.43
N GLU UB 64 82.19 49.67 7.30
CA GLU UB 64 83.50 49.71 6.65
C GLU UB 64 84.12 51.11 6.69
N SER UB 65 83.92 51.83 7.79
CA SER UB 65 84.35 53.23 7.89
C SER UB 65 85.83 53.35 8.27
N ASP UB 66 86.24 52.69 9.36
CA ASP UB 66 87.61 52.85 9.83
C ASP UB 66 88.59 52.09 8.94
N ASP UB 67 88.14 51.03 8.28
CA ASP UB 67 88.97 50.36 7.28
C ASP UB 67 89.25 51.28 6.10
N SER UB 68 88.24 52.05 5.68
CA SER UB 68 88.44 53.01 4.60
C SER UB 68 89.33 54.17 5.04
N ILE UB 69 89.18 54.60 6.30
CA ILE UB 69 90.06 55.62 6.87
C ILE UB 69 91.50 55.14 6.90
N LEU UB 70 91.71 53.87 7.29
CA LEU UB 70 93.05 53.30 7.34
C LEU UB 70 93.65 53.16 5.95
N ARG UB 71 92.84 52.78 4.95
CA ARG UB 71 93.34 52.64 3.60
C ARG UB 71 93.68 53.99 2.98
N LEU UB 72 92.84 55.01 3.21
CA LEU UB 72 93.12 56.34 2.68
C LEU UB 72 94.32 56.98 3.38
N ALA UB 73 94.49 56.70 4.68
CA ALA UB 73 95.65 57.23 5.40
C ALA UB 73 96.93 56.54 4.97
N LYS UB 74 96.86 55.23 4.68
CA LYS UB 74 98.03 54.51 4.18
C LYS UB 74 98.36 54.93 2.76
N ALA UB 75 97.34 55.31 1.98
CA ALA UB 75 97.58 55.78 0.61
C ALA UB 75 98.20 57.18 0.61
N ASP UB 76 97.72 58.07 1.48
CA ASP UB 76 98.25 59.42 1.57
C ASP UB 76 99.50 59.50 2.45
N GLY UB 77 99.91 58.40 3.07
CA GLY UB 77 101.16 58.38 3.79
C GLY UB 77 101.09 58.70 5.26
N ILE UB 78 99.90 58.62 5.87
CA ILE UB 78 99.78 58.85 7.31
C ILE UB 78 100.19 57.61 8.08
N VAL UB 79 99.62 56.47 7.74
CA VAL UB 79 99.95 55.19 8.37
C VAL UB 79 101.12 54.58 7.60
N SER UB 80 102.01 53.91 8.33
CA SER UB 80 103.16 53.25 7.72
C SER UB 80 102.73 52.16 6.74
N LYS UB 81 103.56 51.95 5.72
CA LYS UB 81 103.22 50.97 4.68
C LYS UB 81 103.40 49.54 5.16
N ASN UB 82 104.13 49.34 6.25
CA ASN UB 82 104.26 48.00 6.82
C ASN UB 82 102.94 47.55 7.44
N PHE UB 83 102.48 48.26 8.47
CA PHE UB 83 101.20 48.05 9.16
C PHE UB 83 101.03 46.62 9.70
N VAL VB 1 70.28 26.21 -16.41
CA VAL VB 1 71.72 26.42 -16.37
C VAL VB 1 72.07 27.86 -16.76
N ARG VB 2 73.36 28.11 -16.97
CA ARG VB 2 73.83 29.44 -17.34
C ARG VB 2 73.46 29.72 -18.80
N MET VB 3 72.57 30.68 -19.01
CA MET VB 3 72.09 31.00 -20.35
C MET VB 3 72.83 32.19 -20.94
N ASN VB 4 72.80 33.34 -20.24
CA ASN VB 4 73.41 34.56 -20.73
C ASN VB 4 74.57 34.93 -19.81
N VAL VB 5 75.78 34.62 -20.27
CA VAL VB 5 77.01 34.86 -19.50
C VAL VB 5 77.23 36.36 -19.30
N LEU VB 6 76.94 37.14 -20.35
CA LEU VB 6 77.07 38.60 -20.28
C LEU VB 6 76.10 39.19 -19.26
N ALA VB 7 74.86 38.69 -19.23
CA ALA VB 7 73.87 39.19 -18.27
C ALA VB 7 74.25 38.82 -16.84
N ASP VB 8 74.79 37.60 -16.64
CA ASP VB 8 75.24 37.19 -15.32
C ASP VB 8 76.41 38.05 -14.84
N ALA VB 9 77.36 38.34 -15.74
CA ALA VB 9 78.52 39.15 -15.35
C ALA VB 9 78.13 40.59 -15.07
N LEU VB 10 77.19 41.15 -15.83
CA LEU VB 10 76.81 42.53 -15.58
C LEU VB 10 75.93 42.67 -14.35
N LYS VB 11 75.13 41.64 -14.04
CA LYS VB 11 74.39 41.66 -12.78
C LYS VB 11 75.34 41.50 -11.59
N SER VB 12 76.43 40.74 -11.78
CA SER VB 12 77.46 40.63 -10.74
C SER VB 12 78.15 41.97 -10.49
N ILE VB 13 78.54 42.68 -11.55
CA ILE VB 13 79.21 43.96 -11.33
C ILE VB 13 78.21 45.03 -10.87
N ASN VB 14 76.92 44.85 -11.17
CA ASN VB 14 75.90 45.76 -10.66
C ASN VB 14 75.71 45.58 -9.16
N ASN VB 15 75.70 44.32 -8.69
CA ASN VB 15 75.64 44.05 -7.26
C ASN VB 15 76.90 44.56 -6.55
N ALA VB 16 78.05 44.45 -7.23
CA ALA VB 16 79.29 44.97 -6.65
C ALA VB 16 79.28 46.50 -6.56
N GLU VB 17 78.70 47.17 -7.56
CA GLU VB 17 78.56 48.62 -7.49
C GLU VB 17 77.55 49.04 -6.42
N LYS VB 18 76.50 48.24 -6.21
CA LYS VB 18 75.51 48.59 -5.20
C LYS VB 18 76.05 48.39 -3.79
N ARG VB 19 76.87 47.36 -3.59
CA ARG VB 19 77.48 47.15 -2.28
C ARG VB 19 78.68 48.07 -2.03
N GLY VB 20 79.40 48.45 -3.08
CA GLY VB 20 80.50 49.39 -2.93
C GLY VB 20 81.87 48.77 -2.90
N LYS VB 21 82.09 47.71 -3.67
CA LYS VB 21 83.39 47.05 -3.71
C LYS VB 21 84.35 47.83 -4.61
N ARG VB 22 85.65 47.73 -4.29
CA ARG VB 22 86.65 48.38 -5.12
C ARG VB 22 86.94 47.57 -6.38
N GLN VB 23 86.85 46.24 -6.28
CA GLN VB 23 87.03 45.37 -7.42
C GLN VB 23 86.23 44.09 -7.21
N VAL VB 24 85.85 43.46 -8.33
CA VAL VB 24 85.01 42.27 -8.29
C VAL VB 24 85.58 41.25 -9.26
N LEU VB 25 85.41 39.97 -8.92
CA LEU VB 25 85.77 38.85 -9.80
C LEU VB 25 84.51 38.31 -10.45
N ILE VB 26 84.38 38.50 -11.77
CA ILE VB 26 83.37 37.83 -12.56
C ILE VB 26 84.01 36.60 -13.18
N ARG VB 27 83.28 35.49 -13.15
CA ARG VB 27 83.91 34.19 -13.32
C ARG VB 27 84.19 33.76 -14.77
N PRO VB 28 83.31 33.96 -15.77
CA PRO VB 28 83.73 33.61 -17.14
C PRO VB 28 84.32 34.82 -17.85
N CYS VB 29 85.17 34.54 -18.85
CA CYS VB 29 85.73 35.57 -19.73
C CYS VB 29 85.23 35.33 -21.14
N SER VB 30 84.32 36.18 -21.59
CA SER VB 30 83.84 36.15 -22.96
C SER VB 30 84.32 37.38 -23.72
N LYS VB 31 84.42 37.25 -25.04
CA LYS VB 31 84.85 38.34 -25.92
C LYS VB 31 83.86 39.49 -25.87
N VAL VB 32 82.57 39.16 -25.75
CA VAL VB 32 81.53 40.19 -25.64
C VAL VB 32 81.69 40.96 -24.33
N ILE VB 33 82.05 40.25 -23.26
CA ILE VB 33 82.26 40.89 -21.96
C ILE VB 33 83.49 41.78 -22.00
N VAL VB 34 84.56 41.32 -22.65
CA VAL VB 34 85.81 42.10 -22.73
C VAL VB 34 85.59 43.36 -23.56
N ARG VB 35 84.86 43.24 -24.68
CA ARG VB 35 84.57 44.42 -25.49
C ARG VB 35 83.62 45.38 -24.78
N PHE VB 36 82.68 44.84 -23.99
CA PHE VB 36 81.81 45.69 -23.18
C PHE VB 36 82.62 46.47 -22.14
N LEU VB 37 83.60 45.81 -21.53
CA LEU VB 37 84.44 46.48 -20.54
C LEU VB 37 85.32 47.55 -21.19
N THR VB 38 85.79 47.30 -22.42
CA THR VB 38 86.55 48.34 -23.11
C THR VB 38 85.66 49.51 -23.53
N VAL VB 39 84.39 49.24 -23.86
CA VAL VB 39 83.47 50.31 -24.21
C VAL VB 39 83.14 51.16 -22.97
N MET VB 40 83.00 50.52 -21.81
CA MET VB 40 82.85 51.31 -20.58
C MET VB 40 84.14 52.03 -20.21
N MET VB 41 85.29 51.46 -20.60
CA MET VB 41 86.58 52.09 -20.32
C MET VB 41 86.79 53.36 -21.14
N LYS VB 42 86.38 53.35 -22.41
CA LYS VB 42 86.60 54.50 -23.28
C LYS VB 42 85.72 55.69 -22.88
N HIS VB 43 84.68 55.47 -22.08
CA HIS VB 43 83.89 56.55 -21.50
C HIS VB 43 84.23 56.80 -20.05
N GLY VB 44 84.93 55.88 -19.39
CA GLY VB 44 85.48 56.14 -18.07
C GLY VB 44 84.55 55.88 -16.91
N TYR VB 45 83.63 54.93 -17.03
CA TYR VB 45 82.78 54.58 -15.90
C TYR VB 45 83.50 53.67 -14.90
N ILE VB 46 84.40 52.81 -15.39
CA ILE VB 46 85.13 51.87 -14.57
C ILE VB 46 86.62 52.14 -14.71
N GLY VB 47 87.41 51.44 -13.90
CA GLY VB 47 88.85 51.53 -13.96
C GLY VB 47 89.43 50.65 -15.04
N GLU VB 48 90.71 50.30 -14.84
CA GLU VB 48 91.41 49.41 -15.77
C GLU VB 48 91.31 47.98 -15.25
N PHE VB 49 90.85 47.08 -16.13
CA PHE VB 49 90.61 45.71 -15.72
C PHE VB 49 91.73 44.80 -16.22
N GLU VB 50 91.58 43.51 -15.92
CA GLU VB 50 92.50 42.49 -16.42
C GLU VB 50 91.73 41.18 -16.50
N ILE VB 51 92.22 40.28 -17.35
CA ILE VB 51 91.66 38.93 -17.42
C ILE VB 51 92.75 37.95 -17.01
N ILE VB 52 92.33 36.85 -16.41
CA ILE VB 52 93.20 35.78 -15.94
C ILE VB 52 92.96 34.60 -16.88
N ASP VB 53 93.96 34.30 -17.71
CA ASP VB 53 93.79 33.36 -18.81
C ASP VB 53 94.43 32.02 -18.43
N ASP VB 54 93.60 31.09 -18.00
CA ASP VB 54 93.93 29.68 -18.06
C ASP VB 54 93.47 29.15 -19.42
N HIS VB 55 93.68 27.86 -19.66
CA HIS VB 55 93.28 27.27 -20.93
C HIS VB 55 91.87 26.69 -20.78
N ARG VB 56 90.98 27.53 -20.27
CA ARG VB 56 89.58 27.21 -19.97
C ARG VB 56 88.76 28.46 -20.25
N ALA VB 57 87.54 28.53 -19.72
CA ALA VB 57 86.87 29.80 -19.60
C ALA VB 57 87.57 30.64 -18.54
N GLY VB 58 88.30 31.67 -18.97
CA GLY VB 58 89.11 32.45 -18.07
C GLY VB 58 88.29 33.34 -17.14
N LYS VB 59 88.99 34.01 -16.24
CA LYS VB 59 88.33 34.90 -15.29
C LYS VB 59 88.65 36.35 -15.63
N ILE VB 60 87.90 37.28 -15.03
CA ILE VB 60 88.10 38.71 -15.24
C ILE VB 60 88.04 39.42 -13.89
N VAL VB 61 89.03 40.24 -13.59
CA VAL VB 61 89.02 41.10 -12.41
C VAL VB 61 88.92 42.54 -12.90
N VAL VB 62 87.87 43.24 -12.48
CA VAL VB 62 87.60 44.60 -12.92
C VAL VB 62 87.74 45.54 -11.73
N ASN VB 63 88.64 46.52 -11.85
CA ASN VB 63 88.74 47.59 -10.87
C ASN VB 63 87.54 48.52 -11.03
N LEU VB 64 86.82 48.77 -9.95
CA LEU VB 64 85.57 49.51 -10.01
C LEU VB 64 85.70 50.89 -9.34
N THR VB 65 85.15 51.89 -10.01
CA THR VB 65 84.97 53.21 -9.44
C THR VB 65 83.54 53.33 -8.91
N GLY VB 66 83.15 54.54 -8.53
CA GLY VB 66 81.79 54.76 -8.08
C GLY VB 66 80.96 55.54 -9.08
N ARG VB 67 81.50 55.67 -10.29
CA ARG VB 67 80.84 56.42 -11.35
C ARG VB 67 79.72 55.64 -12.02
N LEU VB 68 79.78 54.31 -11.97
CA LEU VB 68 78.78 53.46 -12.60
C LEU VB 68 77.54 53.38 -11.71
N ASN VB 69 76.46 54.01 -12.14
CA ASN VB 69 75.21 53.95 -11.38
C ASN VB 69 74.56 52.59 -11.50
N LYS VB 70 74.20 52.19 -12.72
CA LYS VB 70 73.66 50.86 -12.95
C LYS VB 70 74.18 50.34 -14.28
N CYS VB 71 74.70 49.12 -14.26
CA CYS VB 71 75.07 48.39 -15.48
C CYS VB 71 73.97 47.38 -15.78
N GLY VB 72 73.30 47.56 -16.91
CA GLY VB 72 72.14 46.75 -17.27
C GLY VB 72 72.42 45.87 -18.48
N VAL VB 73 71.40 45.09 -18.82
CA VAL VB 73 71.48 44.14 -19.92
C VAL VB 73 70.10 44.04 -20.58
N ILE VB 74 70.09 43.89 -21.89
CA ILE VB 74 68.86 43.73 -22.66
C ILE VB 74 68.93 42.37 -23.33
N SER VB 75 68.19 41.40 -22.76
CA SER VB 75 68.10 40.04 -23.30
C SER VB 75 66.69 39.80 -23.79
N PRO VB 76 66.49 39.28 -25.01
CA PRO VB 76 67.51 38.84 -25.96
C PRO VB 76 68.08 39.97 -26.81
N ARG VB 77 68.78 39.59 -27.89
CA ARG VB 77 69.44 40.54 -28.76
C ARG VB 77 68.48 41.06 -29.82
N PHE VB 78 67.73 42.11 -29.48
CA PHE VB 78 66.79 42.70 -30.42
C PHE VB 78 67.52 43.48 -31.51
N ASP VB 79 66.97 43.44 -32.71
CA ASP VB 79 67.50 44.24 -33.80
C ASP VB 79 67.11 45.71 -33.63
N VAL VB 80 68.07 46.60 -33.88
CA VAL VB 80 67.89 48.03 -33.67
C VAL VB 80 68.33 48.73 -34.96
N GLN VB 81 67.40 49.44 -35.58
CA GLN VB 81 67.73 50.27 -36.72
C GLN VB 81 68.02 51.70 -36.28
N LEU VB 82 68.46 52.52 -37.23
CA LEU VB 82 68.74 53.93 -36.96
C LEU VB 82 67.45 54.71 -36.69
N LYS VB 83 66.32 54.26 -37.23
CA LYS VB 83 65.06 54.92 -36.94
C LYS VB 83 64.57 54.60 -35.54
N ASP VB 84 64.76 53.36 -35.10
CA ASP VB 84 64.27 52.90 -33.81
C ASP VB 84 65.23 53.21 -32.66
N LEU VB 85 66.50 53.53 -32.95
CA LEU VB 85 67.49 53.76 -31.91
C LEU VB 85 67.16 54.99 -31.06
N GLU VB 86 66.49 55.98 -31.66
CA GLU VB 86 66.01 57.12 -30.89
C GLU VB 86 64.97 56.72 -29.85
N LYS VB 87 64.07 55.81 -30.24
CA LYS VB 87 63.07 55.34 -29.28
C LYS VB 87 63.69 54.44 -28.21
N TRP VB 88 64.72 53.66 -28.59
CA TRP VB 88 65.43 52.84 -27.61
C TRP VB 88 66.14 53.71 -26.57
N GLN VB 89 66.87 54.73 -27.02
CA GLN VB 89 67.55 55.61 -26.08
C GLN VB 89 66.58 56.54 -25.36
N ASN VB 90 65.36 56.70 -25.88
CA ASN VB 90 64.32 57.41 -25.15
C ASN VB 90 63.81 56.58 -23.98
N ASN VB 91 63.45 55.32 -24.24
CA ASN VB 91 62.80 54.55 -23.18
C ASN VB 91 63.75 53.71 -22.34
N LEU VB 92 65.06 53.75 -22.60
CA LEU VB 92 65.99 52.96 -21.79
C LEU VB 92 67.03 53.80 -21.06
N LEU VB 93 67.40 54.96 -21.57
CA LEU VB 93 68.39 55.82 -20.95
C LEU VB 93 67.72 56.85 -20.05
N PRO VB 94 68.37 57.23 -18.95
CA PRO VB 94 67.74 58.22 -18.05
C PRO VB 94 67.72 59.63 -18.61
N SER VB 95 68.59 59.95 -19.57
CA SER VB 95 68.64 61.30 -20.12
C SER VB 95 69.25 61.23 -21.51
N ARG VB 96 69.09 62.32 -22.25
CA ARG VB 96 69.72 62.49 -23.56
C ARG VB 96 71.08 63.17 -23.46
N GLN VB 97 71.51 63.52 -22.24
CA GLN VB 97 72.82 64.13 -22.02
C GLN VB 97 73.90 63.09 -21.78
N PHE VB 98 73.63 62.11 -20.92
CA PHE VB 98 74.58 61.04 -20.63
C PHE VB 98 73.87 59.71 -20.78
N GLY VB 99 74.58 58.64 -20.42
CA GLY VB 99 74.07 57.31 -20.59
C GLY VB 99 74.36 56.76 -21.98
N PHE VB 100 74.64 55.46 -22.04
CA PHE VB 100 75.02 54.83 -23.29
C PHE VB 100 74.32 53.49 -23.43
N ILE VB 101 73.93 53.18 -24.66
CA ILE VB 101 73.40 51.88 -25.04
C ILE VB 101 74.36 51.34 -26.08
N VAL VB 102 75.14 50.34 -25.71
CA VAL VB 102 76.06 49.69 -26.63
C VAL VB 102 75.28 48.62 -27.38
N LEU VB 103 75.61 48.41 -28.64
CA LEU VB 103 74.99 47.39 -29.47
C LEU VB 103 75.99 46.97 -30.53
N THR VB 104 76.05 45.67 -30.80
CA THR VB 104 77.03 45.16 -31.74
C THR VB 104 76.64 45.49 -33.18
N THR VB 105 77.61 45.97 -33.96
CA THR VB 105 77.39 46.43 -35.32
C THR VB 105 78.31 45.65 -36.26
N SER VB 106 78.17 45.92 -37.56
CA SER VB 106 79.05 45.30 -38.55
C SER VB 106 80.49 45.81 -38.42
N ALA VB 107 80.66 47.07 -38.03
CA ALA VB 107 82.00 47.60 -37.82
C ALA VB 107 82.61 47.05 -36.53
N GLY VB 108 81.77 46.71 -35.56
CA GLY VB 108 82.23 46.17 -34.31
C GLY VB 108 81.33 46.59 -33.18
N ILE VB 109 81.69 46.14 -31.99
CA ILE VB 109 80.96 46.50 -30.78
C ILE VB 109 81.29 47.95 -30.43
N MET VB 110 80.26 48.80 -30.40
CA MET VB 110 80.41 50.22 -30.18
C MET VB 110 79.08 50.77 -29.70
N ASP VB 111 79.14 51.91 -29.01
CA ASP VB 111 77.94 52.48 -28.40
C ASP VB 111 77.05 53.20 -29.41
N HIS VB 112 75.95 53.78 -28.94
CA HIS VB 112 74.95 54.32 -29.85
C HIS VB 112 75.40 55.61 -30.51
N GLU VB 113 76.25 56.39 -29.83
CA GLU VB 113 76.78 57.62 -30.44
C GLU VB 113 77.71 57.31 -31.60
N GLU VB 114 78.60 56.32 -31.42
CA GLU VB 114 79.49 55.92 -32.51
C GLU VB 114 78.70 55.17 -33.59
N ALA VB 115 77.58 54.56 -33.21
CA ALA VB 115 76.68 53.97 -34.21
C ALA VB 115 76.02 55.05 -35.06
N ARG VB 116 75.64 56.18 -34.45
CA ARG VB 116 75.14 57.32 -35.21
C ARG VB 116 76.24 57.93 -36.07
N ARG VB 117 77.49 57.89 -35.59
CA ARG VB 117 78.60 58.41 -36.38
C ARG VB 117 78.88 57.55 -37.61
N LYS VB 118 78.87 56.23 -37.44
CA LYS VB 118 79.25 55.35 -38.53
C LYS VB 118 78.07 54.85 -39.37
N HIS VB 119 76.84 55.19 -38.97
CA HIS VB 119 75.59 54.87 -39.66
C HIS VB 119 75.43 53.36 -39.85
N THR VB 120 75.29 52.63 -38.73
CA THR VB 120 75.14 51.18 -38.75
C THR VB 120 74.37 50.74 -37.51
N GLY VB 121 73.22 50.09 -37.71
CA GLY VB 121 72.48 49.48 -36.62
C GLY VB 121 72.96 48.08 -36.30
N GLY VB 122 72.19 47.37 -35.48
CA GLY VB 122 72.56 46.01 -35.16
C GLY VB 122 71.82 45.48 -33.95
N LYS VB 123 72.30 44.37 -33.42
CA LYS VB 123 71.67 43.69 -32.30
C LYS VB 123 72.11 44.34 -30.99
N ILE VB 124 71.17 44.50 -30.06
CA ILE VB 124 71.45 45.23 -28.83
C ILE VB 124 72.17 44.32 -27.84
N LEU VB 125 73.13 44.89 -27.11
CA LEU VB 125 73.84 44.18 -26.06
C LEU VB 125 73.21 44.44 -24.70
N GLY VB 126 73.15 45.71 -24.30
CA GLY VB 126 72.57 46.10 -23.03
C GLY VB 126 72.60 47.61 -22.87
N PHE VB 127 72.78 48.08 -21.64
CA PHE VB 127 72.89 49.51 -21.38
C PHE VB 127 73.74 49.72 -20.14
N PHE VB 128 74.35 50.89 -20.05
CA PHE VB 128 75.19 51.23 -18.91
C PHE VB 128 75.23 52.75 -18.78
N PHE VB 129 75.13 53.21 -17.54
CA PHE VB 129 75.10 54.65 -17.25
C PHE VB 129 75.58 54.94 -15.83
N GLY WB 1 55.83 40.25 -19.50
CA GLY WB 1 56.10 38.94 -20.08
C GLY WB 1 56.90 38.04 -19.17
N LYS WB 2 56.84 36.73 -19.40
CA LYS WB 2 57.57 35.78 -18.59
C LYS WB 2 58.59 35.03 -19.44
N CYS WB 3 58.14 34.51 -20.59
CA CYS WB 3 59.05 33.87 -21.53
C CYS WB 3 59.63 34.90 -22.49
N ARG WB 4 60.91 35.23 -22.30
CA ARG WB 4 61.57 36.30 -23.04
C ARG WB 4 62.46 35.79 -24.17
N GLY WB 5 62.06 34.76 -24.89
CA GLY WB 5 62.87 34.27 -25.99
C GLY WB 5 62.82 35.18 -27.19
N LEU WB 6 63.66 34.89 -28.18
CA LEU WB 6 63.70 35.72 -29.37
C LEU WB 6 62.61 35.32 -30.36
N ARG WB 7 62.09 34.10 -30.26
CA ARG WB 7 61.07 33.61 -31.18
C ARG WB 7 59.87 33.00 -30.46
N THR WB 8 59.42 33.65 -29.39
CA THR WB 8 58.26 33.23 -28.61
C THR WB 8 57.00 34.03 -28.94
N ALA WB 9 56.86 34.45 -30.20
CA ALA WB 9 55.75 35.31 -30.58
C ALA WB 9 54.42 34.55 -30.54
N ARG WB 10 54.42 33.31 -31.03
CA ARG WB 10 53.17 32.53 -31.01
C ARG WB 10 52.81 32.12 -29.58
N LYS WB 11 53.82 31.93 -28.73
CA LYS WB 11 53.56 31.60 -27.33
C LYS WB 11 52.95 32.78 -26.59
N LEU WB 12 53.54 33.97 -26.76
CA LEU WB 12 53.00 35.17 -26.11
C LEU WB 12 51.64 35.54 -26.66
N ARG WB 13 51.45 35.41 -27.98
CA ARG WB 13 50.17 35.79 -28.59
C ARG WB 13 49.07 34.81 -28.22
N SER WB 14 49.38 33.51 -28.16
CA SER WB 14 48.37 32.53 -27.76
C SER WB 14 48.06 32.63 -26.28
N HIS WB 15 49.05 32.96 -25.45
CA HIS WB 15 48.79 33.12 -24.03
C HIS WB 15 47.94 34.36 -23.76
N ARG WB 16 48.23 35.46 -24.44
CA ARG WB 16 47.40 36.65 -24.29
C ARG WB 16 46.01 36.45 -24.88
N ARG WB 17 45.91 35.67 -25.96
CA ARG WB 17 44.61 35.40 -26.58
C ARG WB 17 43.77 34.50 -25.69
N ASP WB 18 44.41 33.61 -24.92
CA ASP WB 18 43.69 32.83 -23.94
C ASP WB 18 43.28 33.66 -22.74
N GLN WB 19 44.18 34.55 -22.28
CA GLN WB 19 43.92 35.29 -21.05
C GLN WB 19 43.07 36.54 -21.25
N LYS WB 20 42.79 36.94 -22.50
CA LYS WB 20 41.82 38.02 -22.70
C LYS WB 20 40.40 37.59 -22.34
N TRP WB 21 40.08 36.30 -22.46
CA TRP WB 21 38.74 35.82 -22.19
C TRP WB 21 38.38 35.82 -20.71
N HIS WB 22 39.35 36.02 -19.82
CA HIS WB 22 39.06 36.13 -18.40
C HIS WB 22 38.76 37.56 -17.97
N ASP WB 23 38.89 38.52 -18.88
CA ASP WB 23 38.48 39.89 -18.60
C ASP WB 23 36.95 39.97 -18.67
N LYS WB 24 36.36 40.84 -17.84
CA LYS WB 24 34.90 40.91 -17.77
C LYS WB 24 34.32 41.67 -18.96
N GLN WB 25 34.99 42.75 -19.38
CA GLN WB 25 34.46 43.57 -20.48
C GLN WB 25 34.68 42.90 -21.82
N TYR WB 26 35.83 42.22 -21.98
CA TYR WB 26 36.17 41.59 -23.26
C TYR WB 26 35.23 40.41 -23.55
N LYS WB 27 34.96 39.59 -22.54
CA LYS WB 27 34.12 38.41 -22.75
C LYS WB 27 32.67 38.81 -22.96
N LYS WB 28 32.21 39.84 -22.25
CA LYS WB 28 30.84 40.34 -22.44
C LYS WB 28 30.70 41.01 -23.81
N ALA WB 29 31.75 41.66 -24.29
CA ALA WB 29 31.66 42.32 -25.58
C ALA WB 29 31.78 41.32 -26.74
N HIS WB 30 32.53 40.24 -26.55
CA HIS WB 30 32.83 39.34 -27.66
C HIS WB 30 32.10 38.00 -27.60
N LEU WB 31 31.25 37.77 -26.61
CA LEU WB 31 30.31 36.66 -26.68
C LEU WB 31 28.91 37.17 -26.98
N GLY WB 32 28.13 36.37 -27.70
CA GLY WB 32 26.78 36.70 -28.05
C GLY WB 32 25.74 36.42 -26.99
N THR WB 33 26.16 35.87 -25.84
CA THR WB 33 25.22 35.60 -24.77
C THR WB 33 24.71 36.89 -24.13
N ALA WB 34 25.59 37.86 -23.91
CA ALA WB 34 25.18 39.15 -23.36
C ALA WB 34 24.36 39.94 -24.36
N LEU WB 35 24.68 39.82 -25.65
CA LEU WB 35 23.92 40.52 -26.68
C LEU WB 35 22.55 39.88 -26.86
N LYS WB 36 22.44 38.58 -26.60
CA LYS WB 36 21.13 37.92 -26.63
C LYS WB 36 20.32 38.29 -25.39
N ALA WB 37 20.99 38.43 -24.24
CA ALA WB 37 20.27 38.76 -23.01
C ALA WB 37 19.87 40.23 -22.97
N ASN WB 38 20.55 41.07 -23.74
CA ASN WB 38 20.22 42.49 -23.84
C ASN WB 38 18.88 42.64 -24.56
N PRO WB 39 17.88 43.30 -23.95
CA PRO WB 39 16.60 43.48 -24.66
C PRO WB 39 16.69 44.42 -25.85
N PHE WB 40 17.64 45.37 -25.84
CA PHE WB 40 17.79 46.25 -26.99
C PHE WB 40 18.45 45.56 -28.17
N GLY WB 41 19.33 44.59 -27.91
CA GLY WB 41 20.01 43.88 -28.96
C GLY WB 41 21.07 44.71 -29.65
N GLY WB 42 21.87 45.42 -28.86
CA GLY WB 42 22.89 46.29 -29.41
C GLY WB 42 22.31 47.57 -29.98
N ALA WB 43 21.32 48.12 -29.28
CA ALA WB 43 20.64 49.34 -29.69
C ALA WB 43 20.69 50.35 -28.54
N SER WB 44 20.64 51.63 -28.91
CA SER WB 44 20.69 52.68 -27.90
C SER WB 44 19.29 53.05 -27.43
N HIS WB 45 18.30 53.00 -28.32
CA HIS WB 45 16.93 53.35 -28.01
C HIS WB 45 16.00 52.28 -28.54
N ALA WB 46 14.79 52.23 -28.00
CA ALA WB 46 13.78 51.27 -28.44
C ALA WB 46 12.40 51.78 -28.11
N LYS WB 47 11.48 51.67 -29.06
CA LYS WB 47 10.09 51.98 -28.82
C LYS WB 47 9.34 50.74 -28.33
N GLY WB 48 8.30 50.97 -27.53
CA GLY WB 48 7.52 49.88 -26.98
C GLY WB 48 6.17 50.30 -26.45
N ILE WB 49 5.25 49.36 -26.33
CA ILE WB 49 3.87 49.66 -25.97
C ILE WB 49 3.69 49.53 -24.46
N VAL WB 50 3.15 50.57 -23.84
CA VAL WB 50 2.76 50.54 -22.43
C VAL WB 50 1.61 49.57 -22.24
N LEU WB 51 1.71 48.71 -21.22
CA LEU WB 51 0.58 47.85 -20.87
C LEU WB 51 0.12 48.01 -19.42
N GLU WB 52 1.02 48.27 -18.47
CA GLU WB 52 0.62 48.56 -17.11
C GLU WB 52 1.69 49.40 -16.42
N LYS WB 53 1.30 50.03 -15.33
CA LYS WB 53 2.17 50.89 -14.54
C LYS WB 53 2.41 50.25 -13.18
N VAL WB 54 3.67 50.21 -12.75
CA VAL WB 54 4.11 49.42 -11.61
C VAL WB 54 4.67 50.38 -10.56
N GLY WB 55 4.27 50.18 -9.31
CA GLY WB 55 4.89 50.87 -8.18
C GLY WB 55 5.93 50.02 -7.51
N VAL WB 56 7.20 50.31 -7.76
CA VAL WB 56 8.29 49.47 -7.25
C VAL WB 56 8.77 50.02 -5.91
N GLU WB 57 8.78 49.16 -4.89
CA GLU WB 57 9.31 49.55 -3.59
C GLU WB 57 10.82 49.68 -3.66
N ALA WB 58 11.36 50.56 -2.81
CA ALA WB 58 12.78 50.83 -2.89
C ALA WB 58 13.59 49.85 -2.03
N LYS WB 59 14.91 49.97 -2.16
CA LYS WB 59 15.89 49.16 -1.46
C LYS WB 59 16.13 49.67 -0.04
N GLN WB 60 17.30 49.32 0.49
CA GLN WB 60 17.81 49.66 1.83
C GLN WB 60 18.17 51.15 1.85
N PRO WB 61 18.78 51.73 2.93
CA PRO WB 61 18.10 52.77 3.72
C PRO WB 61 17.06 53.66 3.04
N ASN WB 62 17.33 54.14 1.82
CA ASN WB 62 16.37 54.97 1.09
C ASN WB 62 15.08 54.20 0.82
N SER WB 63 13.97 54.75 1.31
CA SER WB 63 12.69 54.03 1.29
C SER WB 63 11.67 54.89 0.57
N ALA WB 64 11.23 54.44 -0.61
CA ALA WB 64 10.30 55.19 -1.44
C ALA WB 64 9.60 54.23 -2.39
N ILE WB 65 8.71 54.78 -3.20
CA ILE WB 65 7.97 54.03 -4.20
C ILE WB 65 8.29 54.65 -5.56
N ARG WB 66 9.16 54.00 -6.32
CA ARG WB 66 9.49 54.44 -7.66
C ARG WB 66 8.39 54.04 -8.63
N LYS WB 67 8.32 54.74 -9.75
CA LYS WB 67 7.24 54.58 -10.72
C LYS WB 67 7.82 54.02 -12.01
N CYS WB 68 7.40 52.82 -12.38
CA CYS WB 68 7.91 52.13 -13.56
C CYS WB 68 6.75 51.76 -14.48
N VAL WB 69 7.10 51.33 -15.69
CA VAL WB 69 6.15 51.00 -16.75
C VAL WB 69 6.56 49.65 -17.35
N ARG WB 70 5.62 48.72 -17.47
CA ARG WB 70 5.85 47.44 -18.12
C ARG WB 70 5.78 47.64 -19.62
N VAL WB 71 6.93 47.80 -20.26
CA VAL WB 71 7.02 48.08 -21.69
C VAL WB 71 7.24 46.78 -22.44
N GLN WB 72 6.43 46.54 -23.48
CA GLN WB 72 6.63 45.42 -24.38
C GLN WB 72 7.19 45.94 -25.68
N LEU WB 73 8.35 45.44 -26.07
CA LEU WB 73 9.07 46.00 -27.21
C LEU WB 73 8.44 45.59 -28.53
N ILE WB 74 8.83 46.30 -29.58
CA ILE WB 74 8.34 46.00 -30.93
C ILE WB 74 9.35 45.15 -31.68
N LYS WB 75 10.65 45.42 -31.50
CA LYS WB 75 11.67 44.76 -32.30
C LYS WB 75 11.94 43.34 -31.81
N ASN WB 76 11.62 43.05 -30.55
CA ASN WB 76 11.82 41.71 -30.00
C ASN WB 76 10.57 41.16 -29.34
N GLY WB 77 9.76 42.02 -28.74
CA GLY WB 77 8.63 41.58 -27.95
C GLY WB 77 8.95 41.35 -26.48
N LYS WB 78 10.16 41.69 -26.05
CA LYS WB 78 10.57 41.46 -24.66
C LYS WB 78 9.94 42.49 -23.74
N LYS WB 79 9.87 42.16 -22.45
CA LYS WB 79 9.27 43.01 -21.45
C LYS WB 79 10.34 43.68 -20.60
N ILE WB 80 10.19 44.99 -20.38
CA ILE WB 80 11.16 45.82 -19.68
C ILE WB 80 10.42 46.62 -18.62
N THR WB 81 10.94 46.60 -17.39
CA THR WB 81 10.45 47.52 -16.35
C THR WB 81 11.17 48.86 -16.55
N ALA WB 82 10.65 49.67 -17.46
CA ALA WB 82 11.29 50.94 -17.77
C ALA WB 82 10.93 51.97 -16.70
N PHE WB 83 11.83 52.92 -16.47
CA PHE WB 83 11.69 53.87 -15.37
C PHE WB 83 11.15 55.21 -15.87
N VAL WB 84 10.26 55.81 -15.09
CA VAL WB 84 9.75 57.15 -15.37
C VAL WB 84 10.63 58.13 -14.62
N PRO WB 85 11.47 58.93 -15.32
CA PRO WB 85 12.48 59.74 -14.63
C PRO WB 85 11.98 60.86 -13.73
N ASN WB 86 11.19 61.79 -14.26
CA ASN WB 86 10.95 63.05 -13.56
C ASN WB 86 9.73 62.96 -12.64
N ASP WB 87 9.49 64.05 -11.92
CA ASP WB 87 8.41 64.11 -10.93
C ASP WB 87 7.07 64.35 -11.62
N GLY WB 88 6.07 63.55 -11.26
CA GLY WB 88 4.72 63.72 -11.76
C GLY WB 88 4.54 63.41 -13.21
N CYS WB 89 5.42 62.60 -13.80
CA CYS WB 89 5.33 62.28 -15.21
C CYS WB 89 4.73 60.91 -15.48
N LEU WB 90 4.28 60.21 -14.43
CA LEU WB 90 3.53 58.98 -14.65
C LEU WB 90 2.13 59.28 -15.18
N ASN WB 91 1.59 60.46 -14.83
CA ASN WB 91 0.24 60.83 -15.27
C ASN WB 91 0.20 61.15 -16.77
N PHE WB 92 1.33 61.55 -17.35
CA PHE WB 92 1.38 61.76 -18.79
C PHE WB 92 1.31 60.44 -19.55
N ILE WB 93 1.89 59.39 -18.98
CA ILE WB 93 1.92 58.08 -19.61
C ILE WB 93 0.60 57.35 -19.37
N GLU WB 94 -0.14 57.10 -20.44
CA GLU WB 94 -1.36 56.33 -20.37
C GLU WB 94 -1.13 54.93 -20.90
N GLU WB 95 -2.13 54.07 -20.71
CA GLU WB 95 -2.05 52.69 -21.17
C GLU WB 95 -2.20 52.63 -22.68
N ASN WB 96 -1.50 51.63 -23.28
CA ASN WB 96 -1.51 51.36 -24.73
C ASN WB 96 -0.98 52.55 -25.54
N ASP WB 97 0.23 52.99 -25.19
CA ASP WB 97 0.91 54.07 -25.88
C ASP WB 97 2.34 53.65 -26.19
N GLU WB 98 2.86 54.14 -27.31
CA GLU WB 98 4.24 53.86 -27.67
C GLU WB 98 5.18 54.86 -27.01
N VAL WB 99 6.13 54.35 -26.24
CA VAL WB 99 7.09 55.19 -25.54
C VAL WB 99 8.50 54.78 -25.94
N LEU WB 100 9.42 55.74 -25.95
CA LEU WB 100 10.81 55.48 -26.30
C LEU WB 100 11.60 55.13 -25.04
N VAL WB 101 12.40 54.07 -25.10
CA VAL WB 101 13.08 53.52 -23.93
C VAL WB 101 14.58 53.54 -24.21
N ALA WB 102 15.34 54.12 -23.28
CA ALA WB 102 16.80 54.19 -23.35
C ALA WB 102 17.42 53.57 -22.10
N GLY WB 103 18.74 53.58 -22.04
CA GLY WB 103 19.45 53.09 -20.87
C GLY WB 103 19.46 54.11 -19.75
N PHE WB 104 20.30 53.84 -18.76
CA PHE WB 104 20.41 54.73 -17.61
C PHE WB 104 21.87 55.12 -17.35
N GLY WB 105 22.79 54.59 -18.15
CA GLY WB 105 24.17 55.03 -18.10
C GLY WB 105 25.14 54.13 -17.37
N ARG WB 106 24.71 52.96 -16.89
CA ARG WB 106 25.61 52.01 -16.27
C ARG WB 106 25.76 50.77 -17.15
N LYS WB 107 25.34 50.87 -18.43
CA LYS WB 107 25.55 49.85 -19.47
C LYS WB 107 24.89 48.53 -19.11
N GLY WB 108 23.59 48.59 -18.83
CA GLY WB 108 22.84 47.40 -18.49
C GLY WB 108 23.08 46.93 -17.07
N HIS WB 109 22.77 47.77 -16.09
CA HIS WB 109 22.96 47.44 -14.69
C HIS WB 109 21.94 48.21 -13.86
N ALA WB 110 21.48 47.58 -12.79
CA ALA WB 110 20.55 48.23 -11.87
C ALA WB 110 21.29 49.33 -11.09
N VAL WB 111 20.61 50.47 -10.94
CA VAL WB 111 21.26 51.69 -10.46
C VAL WB 111 20.55 52.18 -9.20
N GLY WB 112 21.29 52.25 -8.10
CA GLY WB 112 20.85 52.95 -6.91
C GLY WB 112 19.72 52.31 -6.13
N ASP WB 113 18.66 53.09 -5.90
CA ASP WB 113 17.58 52.68 -5.00
C ASP WB 113 16.65 51.67 -5.66
N ILE WB 114 16.72 51.51 -6.98
CA ILE WB 114 15.68 50.77 -7.69
C ILE WB 114 16.18 49.35 -7.97
N PRO WB 115 15.51 48.33 -7.46
CA PRO WB 115 15.94 46.94 -7.76
C PRO WB 115 15.40 46.46 -9.09
N GLY WB 116 16.29 45.98 -9.94
CA GLY WB 116 15.89 45.31 -11.19
C GLY WB 116 15.31 46.22 -12.26
N VAL WB 117 15.81 47.46 -12.37
CA VAL WB 117 15.42 48.38 -13.43
C VAL WB 117 16.72 48.89 -14.06
N ARG WB 118 16.87 48.66 -15.37
CA ARG WB 118 18.06 49.05 -16.11
C ARG WB 118 17.78 50.19 -17.08
N PHE WB 119 16.52 50.40 -17.44
CA PHE WB 119 16.15 51.27 -18.56
C PHE WB 119 15.17 52.34 -18.09
N LYS WB 120 15.06 53.41 -18.87
CA LYS WB 120 14.18 54.52 -18.54
C LYS WB 120 13.44 55.00 -19.79
N VAL WB 121 12.52 55.95 -19.58
CA VAL WB 121 11.64 56.43 -20.65
C VAL WB 121 12.08 57.83 -21.05
N VAL WB 122 12.18 58.07 -22.37
CA VAL WB 122 12.59 59.37 -22.90
C VAL WB 122 11.40 60.12 -23.47
N LYS WB 123 10.73 59.52 -24.45
CA LYS WB 123 9.62 60.16 -25.14
C LYS WB 123 8.34 59.37 -24.92
N VAL WB 124 7.20 60.08 -24.99
CA VAL WB 124 5.88 59.50 -24.79
C VAL WB 124 5.00 59.89 -25.97
N ALA WB 125 4.71 58.92 -26.85
CA ALA WB 125 3.85 59.07 -28.03
C ALA WB 125 4.34 60.19 -28.95
N ASN WB 126 5.63 60.13 -29.30
CA ASN WB 126 6.34 61.11 -30.13
C ASN WB 126 6.32 62.51 -29.53
N VAL WB 127 6.15 62.61 -28.23
CA VAL WB 127 6.24 63.86 -27.47
C VAL WB 127 7.15 63.60 -26.28
N SER WB 128 8.18 64.43 -26.14
CA SER WB 128 9.22 64.13 -25.16
C SER WB 128 8.75 64.42 -23.74
N LEU WB 129 9.16 63.55 -22.81
CA LEU WB 129 8.81 63.71 -21.41
C LEU WB 129 9.49 64.92 -20.79
N LEU WB 130 10.63 65.35 -21.36
CA LEU WB 130 11.27 66.57 -20.90
C LEU WB 130 10.42 67.79 -21.21
N ALA WB 131 9.83 67.84 -22.41
CA ALA WB 131 8.94 68.95 -22.75
C ALA WB 131 7.61 68.84 -22.02
N LEU WB 132 7.17 67.62 -21.72
CA LEU WB 132 5.96 67.46 -20.90
C LEU WB 132 6.20 67.90 -19.47
N TYR WB 133 7.43 67.74 -18.97
CA TYR WB 133 7.75 68.18 -17.62
C TYR WB 133 7.94 69.69 -17.57
N LYS WB 134 8.57 70.27 -18.59
CA LYS WB 134 8.84 71.70 -18.60
C LYS WB 134 7.58 72.50 -18.91
N GLY WB 135 6.66 71.91 -19.67
CA GLY WB 135 5.45 72.61 -20.05
C GLY WB 135 5.50 73.27 -21.40
N LYS WB 136 6.38 72.81 -22.29
CA LYS WB 136 6.50 73.42 -23.62
C LYS WB 136 5.46 72.86 -24.58
N LYS WB 137 5.37 71.54 -24.67
CA LYS WB 137 4.43 70.88 -25.56
C LYS WB 137 3.29 70.25 -24.75
N GLU WB 138 2.25 69.85 -25.48
CA GLU WB 138 1.05 69.27 -24.89
C GLU WB 138 0.83 67.88 -25.48
N ARG WB 139 0.26 67.00 -24.66
CA ARG WB 139 -0.08 65.66 -25.11
C ARG WB 139 -1.18 65.74 -26.17
N PRO WB 140 -0.98 65.10 -27.34
CA PRO WB 140 -1.96 65.22 -28.43
C PRO WB 140 -3.24 64.44 -28.17
N ARG WB 141 -4.33 65.16 -27.90
CA ARG WB 141 -5.63 64.55 -27.66
C ARG WB 141 -6.69 65.18 -28.54
N THR XB 1 35.07 106.59 -63.84
CA THR XB 1 35.86 106.15 -62.69
C THR XB 1 36.09 104.64 -62.73
N VAL XB 2 35.52 103.99 -63.73
CA VAL XB 2 35.66 102.55 -63.93
C VAL XB 2 36.89 102.30 -64.78
N THR XB 3 37.80 101.47 -64.28
CA THR XB 3 39.07 101.19 -64.96
C THR XB 3 39.16 99.70 -65.28
N ILE XB 4 39.46 99.38 -66.53
CA ILE XB 4 39.60 98.00 -66.97
C ILE XB 4 41.04 97.75 -67.37
N ARG XB 5 41.69 96.80 -66.73
CA ARG XB 5 43.00 96.30 -67.13
C ARG XB 5 42.89 94.85 -67.60
N THR XB 6 43.88 94.43 -68.37
CA THR XB 6 43.91 93.09 -68.93
C THR XB 6 45.19 92.37 -68.48
N ARG XB 7 45.04 91.11 -68.09
CA ARG XB 7 46.17 90.26 -67.72
C ARG XB 7 46.11 88.99 -68.54
N LYS XB 8 47.25 88.29 -68.63
CA LYS XB 8 47.37 86.97 -69.25
C LYS XB 8 46.89 86.96 -70.71
N PHE XB 9 47.44 87.89 -71.49
CA PHE XB 9 46.98 88.06 -72.87
C PHE XB 9 47.52 86.94 -73.75
N MET XB 10 46.66 86.41 -74.62
CA MET XB 10 47.04 85.29 -75.48
C MET XB 10 46.24 85.35 -76.77
N THR XB 11 46.91 85.03 -77.88
CA THR XB 11 46.30 85.06 -79.20
C THR XB 11 46.12 83.62 -79.68
N ASN XB 12 44.87 83.19 -79.86
CA ASN XB 12 44.57 81.85 -80.34
C ASN XB 12 44.25 81.93 -81.83
N ARG XB 13 45.26 81.67 -82.67
CA ARG XB 13 45.02 81.55 -84.10
C ARG XB 13 44.28 80.26 -84.44
N LEU XB 14 44.45 79.23 -83.63
CA LEU XB 14 43.71 77.98 -83.76
C LEU XB 14 42.26 78.08 -83.26
N LEU XB 15 41.91 79.17 -82.58
CA LEU XB 15 40.52 79.48 -82.27
C LEU XB 15 40.07 80.79 -82.88
N GLN XB 16 40.99 81.53 -83.53
CA GLN XB 16 40.76 82.84 -84.16
C GLN XB 16 40.17 83.85 -83.18
N ARG XB 17 40.91 84.10 -82.10
CA ARG XB 17 40.42 84.99 -81.06
C ARG XB 17 41.60 85.56 -80.28
N LYS XB 18 41.29 86.58 -79.48
CA LYS XB 18 42.16 87.05 -78.41
C LYS XB 18 41.57 86.54 -77.10
N GLN XB 19 42.38 86.52 -76.04
CA GLN XB 19 41.87 86.18 -74.72
C GLN XB 19 42.70 86.84 -73.64
N MET XB 20 42.03 87.20 -72.55
CA MET XB 20 42.67 87.86 -71.41
C MET XB 20 41.74 87.74 -70.21
N VAL XB 21 42.32 87.94 -69.03
CA VAL XB 21 41.59 88.03 -67.78
C VAL XB 21 41.34 89.51 -67.50
N ILE XB 22 40.06 89.87 -67.32
CA ILE XB 22 39.68 91.27 -67.18
C ILE XB 22 39.62 91.64 -65.70
N ASP XB 23 40.30 92.73 -65.35
CA ASP XB 23 40.34 93.24 -63.98
C ASP XB 23 39.65 94.60 -63.98
N VAL XB 24 38.50 94.69 -63.30
CA VAL XB 24 37.70 95.91 -63.29
C VAL XB 24 37.77 96.54 -61.91
N LEU XB 25 38.16 97.81 -61.88
CA LEU XB 25 38.21 98.62 -60.67
C LEU XB 25 37.07 99.63 -60.74
N HIS XB 26 36.13 99.52 -59.80
CA HIS XB 26 35.00 100.43 -59.77
C HIS XB 26 34.72 100.94 -58.35
N PRO XB 27 35.48 101.92 -57.87
CA PRO XB 27 35.21 102.46 -56.53
C PRO XB 27 34.00 103.39 -56.55
N GLY XB 28 33.13 103.21 -55.56
CA GLY XB 28 31.98 104.09 -55.42
C GLY XB 28 30.72 103.63 -56.10
N LYS XB 29 30.71 102.42 -56.67
CA LYS XB 29 29.52 101.90 -57.33
C LYS XB 29 29.54 100.39 -57.27
N ALA XB 30 28.49 99.79 -57.84
CA ALA XB 30 28.34 98.34 -57.86
C ALA XB 30 29.14 97.72 -59.00
N THR XB 31 28.88 96.44 -59.25
CA THR XB 31 29.50 95.74 -60.36
C THR XB 31 28.92 96.24 -61.68
N VAL XB 32 29.78 96.74 -62.56
CA VAL XB 32 29.31 97.35 -63.82
C VAL XB 32 28.86 96.24 -64.77
N PRO XB 33 27.85 96.49 -65.62
CA PRO XB 33 27.31 95.41 -66.44
C PRO XB 33 28.21 95.05 -67.62
N LYS XB 34 27.91 93.87 -68.18
CA LYS XB 34 28.73 93.29 -69.24
C LYS XB 34 28.62 94.10 -70.53
N THR XB 35 27.50 94.81 -70.73
CA THR XB 35 27.37 95.70 -71.87
C THR XB 35 28.37 96.85 -71.79
N GLU XB 36 28.53 97.44 -70.59
CA GLU XB 36 29.52 98.48 -70.40
C GLU XB 36 30.94 97.91 -70.49
N ILE XB 37 31.13 96.65 -70.06
CA ILE XB 37 32.42 95.98 -70.23
C ILE XB 37 32.77 95.83 -71.70
N ARG XB 38 31.80 95.39 -72.52
CA ARG XB 38 32.04 95.21 -73.96
C ARG XB 38 32.27 96.55 -74.65
N GLU XB 39 31.55 97.60 -74.22
CA GLU XB 39 31.77 98.94 -74.79
C GLU XB 39 33.15 99.48 -74.46
N LYS XB 40 33.62 99.26 -73.22
CA LYS XB 40 34.92 99.81 -72.85
C LYS XB 40 36.06 99.00 -73.47
N LEU XB 41 35.88 97.68 -73.61
CA LEU XB 41 36.86 96.89 -74.37
C LEU XB 41 36.84 97.26 -75.85
N ALA XB 42 35.68 97.64 -76.38
CA ALA XB 42 35.59 98.05 -77.78
C ALA XB 42 36.33 99.37 -78.00
N LYS XB 43 36.13 100.34 -77.11
CA LYS XB 43 36.84 101.61 -77.27
C LYS XB 43 38.31 101.48 -76.87
N MET XB 44 38.67 100.42 -76.15
CA MET XB 44 40.08 100.18 -75.85
C MET XB 44 40.81 99.55 -77.03
N TYR XB 45 40.26 98.47 -77.58
CA TYR XB 45 40.90 97.72 -78.65
C TYR XB 45 40.54 98.20 -80.04
N LYS XB 46 39.75 99.28 -80.15
CA LYS XB 46 39.37 99.93 -81.41
C LYS XB 46 38.64 99.00 -82.36
N THR XB 47 37.85 98.08 -81.83
CA THR XB 47 37.08 97.13 -82.63
C THR XB 47 35.61 97.26 -82.30
N THR XB 48 34.79 96.55 -83.08
CA THR XB 48 33.35 96.53 -82.85
C THR XB 48 33.04 95.68 -81.61
N PRO XB 49 32.06 96.11 -80.81
CA PRO XB 49 31.72 95.35 -79.60
C PRO XB 49 30.93 94.08 -79.85
N ASP XB 50 30.60 93.75 -81.10
CA ASP XB 50 29.79 92.57 -81.38
C ASP XB 50 30.59 91.29 -81.21
N VAL XB 51 31.89 91.35 -81.47
CA VAL XB 51 32.73 90.16 -81.37
C VAL XB 51 33.27 89.93 -79.95
N ILE XB 52 33.08 90.89 -79.06
CA ILE XB 52 33.64 90.80 -77.70
C ILE XB 52 32.62 90.08 -76.81
N PHE XB 53 33.01 88.94 -76.27
CA PHE XB 53 32.19 88.15 -75.37
C PHE XB 53 32.89 88.05 -74.02
N VAL XB 54 32.21 88.50 -72.97
CA VAL XB 54 32.76 88.57 -71.62
C VAL XB 54 31.82 87.83 -70.68
N PHE XB 55 32.38 86.98 -69.80
CA PHE XB 55 31.58 86.20 -68.88
C PHE XB 55 32.39 85.95 -67.61
N GLY XB 56 31.70 85.45 -66.58
CA GLY XB 56 32.38 84.92 -65.41
C GLY XB 56 33.01 85.95 -64.49
N PHE XB 57 32.22 86.90 -63.98
CA PHE XB 57 32.75 87.86 -63.02
C PHE XB 57 32.66 87.33 -61.60
N ARG XB 58 33.74 87.57 -60.85
CA ARG XB 58 33.77 87.29 -59.42
C ARG XB 58 34.29 88.52 -58.70
N THR XB 59 33.50 89.03 -57.75
CA THR XB 59 33.86 90.27 -57.07
C THR XB 59 34.58 89.95 -55.76
N HIS XB 60 35.71 90.62 -55.53
CA HIS XB 60 36.46 90.44 -54.29
C HIS XB 60 35.72 91.07 -53.11
N PHE XB 61 36.14 90.69 -51.91
CA PHE XB 61 35.58 91.28 -50.70
C PHE XB 61 36.14 92.68 -50.52
N GLY XB 62 35.39 93.54 -49.84
CA GLY XB 62 35.74 94.94 -49.74
C GLY XB 62 35.05 95.79 -50.78
N GLY XB 63 35.05 95.33 -52.03
CA GLY XB 63 34.25 95.98 -53.07
C GLY XB 63 34.96 97.03 -53.88
N GLY XB 64 36.11 96.68 -54.45
CA GLY XB 64 36.82 97.59 -55.32
C GLY XB 64 37.49 96.89 -56.48
N LYS XB 65 37.20 95.60 -56.66
CA LYS XB 65 37.90 94.78 -57.64
C LYS XB 65 37.10 93.55 -58.03
N THR XB 66 37.05 93.25 -59.33
CA THR XB 66 36.47 92.01 -59.84
C THR XB 66 37.47 91.30 -60.73
N THR XB 67 37.14 90.05 -61.06
CA THR XB 67 37.96 89.24 -61.96
C THR XB 67 37.04 88.54 -62.94
N GLY XB 68 37.29 88.72 -64.23
CA GLY XB 68 36.46 88.12 -65.26
C GLY XB 68 37.29 87.72 -66.46
N PHE XB 69 36.72 86.82 -67.26
CA PHE XB 69 37.37 86.37 -68.48
C PHE XB 69 36.61 86.89 -69.70
N GLY XB 70 37.33 87.14 -70.77
CA GLY XB 70 36.71 87.60 -72.00
C GLY XB 70 37.55 87.24 -73.21
N MET XB 71 36.86 87.01 -74.32
CA MET XB 71 37.53 86.75 -75.59
C MET XB 71 37.02 87.72 -76.64
N ILE XB 72 37.89 88.04 -77.59
CA ILE XB 72 37.62 88.99 -78.66
C ILE XB 72 37.87 88.26 -79.97
N TYR XB 73 36.81 87.93 -80.69
CA TYR XB 73 36.94 87.21 -81.95
C TYR XB 73 37.33 88.15 -83.08
N ASP XB 74 37.59 87.55 -84.24
CA ASP XB 74 37.86 88.35 -85.44
C ASP XB 74 36.56 88.78 -86.10
N SER XB 75 35.59 87.87 -86.21
CA SER XB 75 34.31 88.17 -86.85
C SER XB 75 33.19 87.40 -86.17
N LEU XB 76 31.96 87.82 -86.47
CA LEU XB 76 30.78 87.15 -85.92
C LEU XB 76 30.61 85.76 -86.51
N ASP XB 77 31.08 85.56 -87.75
CA ASP XB 77 31.06 84.22 -88.34
C ASP XB 77 31.99 83.28 -87.60
N TYR XB 78 33.17 83.77 -87.21
CA TYR XB 78 34.07 82.96 -86.40
C TYR XB 78 33.52 82.74 -84.99
N ALA XB 79 32.82 83.75 -84.45
CA ALA XB 79 32.19 83.60 -83.13
C ALA XB 79 31.10 82.53 -83.15
N LYS XB 80 30.29 82.51 -84.21
CA LYS XB 80 29.28 81.47 -84.34
C LYS XB 80 29.89 80.14 -84.74
N LYS XB 81 31.11 80.17 -85.29
CA LYS XB 81 31.80 78.91 -85.60
C LYS XB 81 32.29 78.23 -84.33
N ASN XB 82 33.04 78.95 -83.49
CA ASN XB 82 33.43 78.41 -82.19
C ASN XB 82 33.10 79.41 -81.06
N GLU XB 83 31.84 79.38 -80.64
CA GLU XB 83 31.35 80.01 -79.42
C GLU XB 83 30.14 79.22 -78.95
N PRO XB 84 30.02 78.94 -77.63
CA PRO XB 84 28.85 78.21 -77.12
C PRO XB 84 27.51 78.89 -77.33
N LYS XB 85 26.50 78.07 -77.63
CA LYS XB 85 25.17 78.56 -77.98
C LYS XB 85 24.49 79.24 -76.80
N HIS XB 86 24.81 78.83 -75.57
CA HIS XB 86 24.21 79.48 -74.41
C HIS XB 86 24.75 80.90 -74.22
N ARG XB 87 26.04 81.10 -74.47
CA ARG XB 87 26.58 82.45 -74.35
C ARG XB 87 26.24 83.29 -75.57
N LEU XB 88 25.91 82.66 -76.70
CA LEU XB 88 25.29 83.41 -77.79
C LEU XB 88 23.86 83.83 -77.44
N ALA XB 89 23.11 82.96 -76.76
CA ALA XB 89 21.75 83.28 -76.35
C ALA XB 89 21.70 84.26 -75.19
N ARG XB 90 22.82 84.41 -74.45
CA ARG XB 90 22.93 85.49 -73.47
C ARG XB 90 22.76 86.86 -74.12
N HIS XB 91 23.31 87.05 -75.32
CA HIS XB 91 23.21 88.33 -76.00
C HIS XB 91 22.01 88.38 -76.94
N GLY XB 92 21.65 87.25 -77.55
CA GLY XB 92 20.38 87.13 -78.26
C GLY XB 92 20.48 86.82 -79.74
N LEU XB 93 21.66 86.51 -80.28
CA LEU XB 93 21.74 86.15 -81.70
C LEU XB 93 21.29 84.72 -81.93
N TYR XB 94 21.29 83.89 -80.88
CA TYR XB 94 20.81 82.52 -80.94
C TYR XB 94 19.63 82.35 -79.99
N GLU XB 95 18.65 81.55 -80.42
CA GLU XB 95 17.48 81.26 -79.60
C GLU XB 95 17.27 79.76 -79.57
N LYS XB 96 17.41 79.15 -78.41
CA LYS XB 96 17.20 77.72 -78.27
C LYS XB 96 15.71 77.38 -78.23
N LYS XB 97 15.40 76.14 -78.55
CA LYS XB 97 14.02 75.69 -78.54
C LYS XB 97 13.52 75.49 -77.11
N LYS XB 98 12.20 75.47 -76.96
CA LYS XB 98 11.59 75.46 -75.63
C LYS XB 98 11.03 74.10 -75.27
N THR XB 99 11.40 73.06 -76.03
CA THR XB 99 10.98 71.69 -75.76
C THR XB 99 11.68 71.21 -74.49
N SER XB 100 10.90 70.96 -73.45
CA SER XB 100 11.45 70.59 -72.15
C SER XB 100 11.96 69.17 -72.15
N ARG XB 101 12.91 68.89 -71.24
CA ARG XB 101 13.72 67.69 -71.32
C ARG XB 101 12.92 66.44 -70.92
N LYS XB 102 12.07 66.55 -69.90
CA LYS XB 102 11.26 65.41 -69.47
C LYS XB 102 10.20 65.07 -70.52
N GLN XB 103 9.63 66.09 -71.17
CA GLN XB 103 8.67 65.83 -72.23
C GLN XB 103 9.35 65.27 -73.48
N ARG XB 104 10.61 65.65 -73.72
CA ARG XB 104 11.36 65.03 -74.81
C ARG XB 104 11.67 63.56 -74.51
N LYS XB 105 12.00 63.25 -73.25
CA LYS XB 105 12.20 61.85 -72.86
C LYS XB 105 10.91 61.05 -72.97
N GLU XB 106 9.78 61.65 -72.59
CA GLU XB 106 8.50 60.96 -72.70
C GLU XB 106 8.12 60.74 -74.16
N ARG XB 107 8.40 61.72 -75.03
CA ARG XB 107 8.13 61.56 -76.45
C ARG XB 107 9.03 60.49 -77.08
N LYS XB 108 10.28 60.42 -76.62
CA LYS XB 108 11.19 59.39 -77.12
C LYS XB 108 10.75 57.99 -76.69
N ASN XB 109 10.30 57.85 -75.44
CA ASN XB 109 9.83 56.54 -74.98
C ASN XB 109 8.49 56.18 -75.61
N ARG XB 110 7.69 57.18 -76.02
CA ARG XB 110 6.47 56.86 -76.75
C ARG XB 110 6.77 56.46 -78.20
N MET XB 111 7.77 57.09 -78.82
CA MET XB 111 8.17 56.71 -80.17
C MET XB 111 8.88 55.36 -80.18
N LYS XB 112 9.45 54.97 -79.03
CA LYS XB 112 10.09 53.66 -78.93
C LYS XB 112 9.06 52.54 -78.97
N LYS XB 113 7.84 52.81 -78.51
CA LYS XB 113 6.82 51.77 -78.43
C LYS XB 113 6.26 51.41 -79.80
N VAL XB 114 6.00 52.40 -80.64
CA VAL XB 114 5.33 52.21 -81.92
C VAL XB 114 6.37 52.01 -83.01
N ARG XB 115 6.25 50.91 -83.75
CA ARG XB 115 7.18 50.60 -84.82
C ARG XB 115 6.63 51.03 -86.17
N GLY XB 116 7.45 51.73 -86.94
CA GLY XB 116 7.09 52.09 -88.30
C GLY XB 116 7.14 53.58 -88.55
N THR XB 117 6.38 53.99 -89.58
CA THR XB 117 6.33 55.40 -89.98
C THR XB 117 5.53 56.22 -88.98
N ALA XB 118 4.67 55.57 -88.18
CA ALA XB 118 3.77 56.27 -87.26
C ALA XB 118 4.48 56.85 -86.03
N LYS XB 119 5.81 56.76 -85.96
CA LYS XB 119 6.58 57.44 -84.91
C LYS XB 119 6.42 58.95 -84.98
N ALA XB 120 6.28 59.49 -86.19
CA ALA XB 120 6.00 60.92 -86.33
C ALA XB 120 4.55 61.23 -85.96
N ASN XB 121 3.63 60.28 -86.17
CA ASN XB 121 2.23 60.50 -85.85
C ASN XB 121 1.94 60.32 -84.36
N VAL XB 122 2.82 59.65 -83.62
CA VAL XB 122 2.68 59.58 -82.16
C VAL XB 122 2.82 60.97 -81.54
N GLY XB 123 3.89 61.69 -81.88
CA GLY XB 123 4.07 63.04 -81.39
C GLY XB 123 3.09 64.02 -82.00
N ALA XB 124 2.15 64.49 -81.16
CA ALA XB 124 1.06 65.41 -81.54
C ALA XB 124 0.22 64.91 -82.72
N ARG YB 1 -3.10 24.15 67.90
CA ARG YB 1 -2.76 22.74 68.09
C ARG YB 1 -2.67 22.40 69.58
N ASP YB 2 -1.75 23.07 70.27
CA ASP YB 2 -1.55 22.86 71.70
C ASP YB 2 -2.09 24.07 72.46
N LYS YB 3 -2.73 23.77 73.60
CA LYS YB 3 -3.30 24.82 74.45
C LYS YB 3 -3.03 24.48 75.90
N LEU YB 4 -2.59 25.48 76.65
CA LEU YB 4 -2.26 25.33 78.06
C LEU YB 4 -3.48 25.71 78.90
N ASN YB 5 -4.12 24.72 79.50
CA ASN YB 5 -5.28 24.94 80.35
C ASN YB 5 -4.85 24.93 81.82
N ASN YB 6 -4.26 26.04 82.24
CA ASN YB 6 -3.71 26.16 83.59
C ASN YB 6 -4.80 26.53 84.59
N LEU YB 7 -4.56 26.17 85.85
CA LEU YB 7 -5.54 26.41 86.90
C LEU YB 7 -5.46 27.84 87.40
N VAL YB 8 -6.62 28.50 87.50
CA VAL YB 8 -6.67 29.88 87.96
C VAL YB 8 -6.62 29.95 89.48
N LEU YB 9 -7.20 28.97 90.15
CA LEU YB 9 -7.14 28.86 91.61
C LEU YB 9 -6.77 27.44 91.99
N PHE YB 10 -6.48 27.24 93.27
CA PHE YB 10 -6.01 25.93 93.74
C PHE YB 10 -7.15 24.93 93.83
N ASP YB 11 -6.89 23.73 93.33
CA ASP YB 11 -7.62 22.55 93.77
C ASP YB 11 -7.08 22.12 95.14
N LYS YB 12 -7.80 21.21 95.79
CA LYS YB 12 -7.35 20.71 97.09
C LYS YB 12 -6.10 19.83 96.94
N ALA YB 13 -6.10 18.97 95.92
CA ALA YB 13 -4.94 18.11 95.68
C ALA YB 13 -3.73 18.92 95.21
N THR YB 14 -3.96 19.94 94.39
CA THR YB 14 -2.86 20.78 93.93
C THR YB 14 -2.32 21.66 95.04
N TYR YB 15 -3.19 22.10 95.96
CA TYR YB 15 -2.74 22.88 97.10
C TYR YB 15 -1.94 22.01 98.08
N ASP YB 16 -2.38 20.76 98.27
CA ASP YB 16 -1.61 19.83 99.10
C ASP YB 16 -0.28 19.48 98.45
N LYS YB 17 -0.25 19.39 97.12
CA LYS YB 17 0.99 19.10 96.42
C LYS YB 17 1.95 20.28 96.48
N LEU YB 18 1.42 21.51 96.46
CA LEU YB 18 2.28 22.68 96.62
C LEU YB 18 2.78 22.82 98.05
N CYS YB 19 1.97 22.40 99.02
CA CYS YB 19 2.43 22.42 100.41
C CYS YB 19 3.43 21.29 100.68
N LYS YB 20 3.40 20.23 99.88
CA LYS YB 20 4.27 19.09 100.12
C LYS YB 20 5.59 19.22 99.37
N GLU YB 21 5.55 19.40 98.05
CA GLU YB 21 6.72 19.21 97.20
C GLU YB 21 7.43 20.50 96.81
N VAL YB 22 6.72 21.64 96.80
CA VAL YB 22 7.34 22.89 96.35
C VAL YB 22 8.38 23.43 97.32
N PRO YB 23 8.20 23.40 98.66
CA PRO YB 23 9.34 23.78 99.54
C PRO YB 23 10.49 22.76 99.56
N ASN YB 24 10.42 21.67 98.81
CA ASN YB 24 11.55 20.76 98.67
C ASN YB 24 12.31 20.97 97.37
N TYR YB 25 11.86 21.89 96.51
CA TYR YB 25 12.53 22.13 95.24
C TYR YB 25 13.70 23.08 95.40
N LYS YB 26 14.77 22.82 94.64
CA LYS YB 26 15.91 23.72 94.65
C LYS YB 26 15.62 25.03 93.91
N LEU YB 27 14.91 24.95 92.78
CA LEU YB 27 14.37 26.13 92.11
C LEU YB 27 12.95 26.34 92.58
N ILE YB 28 12.73 27.44 93.29
CA ILE YB 28 11.39 27.86 93.68
C ILE YB 28 11.18 29.24 93.05
N THR YB 29 10.66 29.25 91.83
CA THR YB 29 10.38 30.43 91.03
C THR YB 29 9.02 30.23 90.36
N PRO YB 30 8.23 31.31 90.17
CA PRO YB 30 6.82 31.12 89.76
C PRO YB 30 6.64 30.53 88.36
N ALA YB 31 7.58 30.78 87.44
CA ALA YB 31 7.49 30.15 86.12
C ALA YB 31 7.69 28.64 86.19
N VAL YB 32 8.66 28.19 86.99
CA VAL YB 32 8.92 26.77 87.15
C VAL YB 32 7.79 26.09 87.92
N VAL YB 33 7.24 26.79 88.92
CA VAL YB 33 6.11 26.26 89.68
C VAL YB 33 4.87 26.15 88.80
N SER YB 34 4.66 27.13 87.92
CA SER YB 34 3.53 27.09 86.99
C SER YB 34 3.71 25.97 85.96
N GLU YB 35 4.94 25.75 85.52
CA GLU YB 35 5.21 24.68 84.55
C GLU YB 35 5.02 23.30 85.19
N ARG YB 36 5.41 23.16 86.46
CA ARG YB 36 5.33 21.85 87.10
C ARG YB 36 3.91 21.54 87.59
N LEU YB 37 3.14 22.57 87.96
CA LEU YB 37 1.85 22.35 88.60
C LEU YB 37 0.66 22.74 87.74
N LYS YB 38 0.88 23.25 86.52
CA LYS YB 38 -0.15 23.63 85.56
C LYS YB 38 -1.11 24.68 86.14
N ILE YB 39 -0.51 25.76 86.63
CA ILE YB 39 -1.24 26.87 87.25
C ILE YB 39 -0.82 28.16 86.57
N ARG YB 40 -1.51 29.24 86.94
CA ARG YB 40 -1.20 30.56 86.40
C ARG YB 40 0.10 31.09 87.00
N GLY YB 41 0.75 31.98 86.25
CA GLY YB 41 1.96 32.61 86.77
C GLY YB 41 1.66 33.58 87.90
N SER YB 42 0.55 34.32 87.79
CA SER YB 42 0.13 35.21 88.87
C SER YB 42 -0.30 34.41 90.10
N LEU YB 43 -0.96 33.28 89.88
CA LEU YB 43 -1.33 32.38 90.96
C LEU YB 43 -0.09 31.82 91.64
N ALA YB 44 0.95 31.51 90.85
CA ALA YB 44 2.20 31.03 91.41
C ALA YB 44 2.91 32.12 92.20
N ARG YB 45 2.86 33.37 91.71
CA ARG YB 45 3.48 34.48 92.43
C ARG YB 45 2.78 34.74 93.76
N ALA YB 46 1.44 34.69 93.77
CA ALA YB 46 0.70 34.86 95.02
C ALA YB 46 0.95 33.70 95.97
N ALA YB 47 1.10 32.48 95.42
CA ALA YB 47 1.43 31.32 96.23
C ALA YB 47 2.80 31.45 96.89
N LEU YB 48 3.79 31.95 96.14
CA LEU YB 48 5.13 32.09 96.71
C LEU YB 48 5.20 33.25 97.70
N GLN YB 49 4.40 34.30 97.48
CA GLN YB 49 4.32 35.37 98.48
C GLN YB 49 3.67 34.88 99.77
N GLU YB 50 2.65 34.03 99.68
CA GLU YB 50 2.06 33.50 100.89
C GLU YB 50 2.93 32.44 101.54
N LEU YB 51 3.78 31.77 100.75
CA LEU YB 51 4.77 30.88 101.36
C LEU YB 51 5.86 31.68 102.06
N LEU YB 52 6.17 32.89 101.55
CA LEU YB 52 7.04 33.81 102.28
C LEU YB 52 6.37 34.27 103.57
N SER YB 53 5.07 34.49 103.53
CA SER YB 53 4.33 34.91 104.71
C SER YB 53 4.26 33.78 105.75
N LYS YB 54 4.20 32.53 105.29
CA LYS YB 54 4.20 31.41 106.22
C LYS YB 54 5.59 31.16 106.79
N GLY YB 55 6.62 31.22 105.94
CA GLY YB 55 7.99 31.08 106.41
C GLY YB 55 8.61 29.73 106.12
N LEU YB 56 8.39 29.20 104.91
CA LEU YB 56 8.96 27.92 104.52
C LEU YB 56 10.02 28.03 103.43
N ILE YB 57 10.10 29.17 102.75
CA ILE YB 57 11.04 29.37 101.64
C ILE YB 57 11.94 30.55 101.96
N LYS YB 58 13.10 30.60 101.33
CA LYS YB 58 14.09 31.65 101.57
C LYS YB 58 14.28 32.48 100.31
N LEU YB 59 14.14 33.80 100.46
CA LEU YB 59 14.31 34.70 99.33
C LEU YB 59 15.80 34.86 99.02
N VAL YB 60 16.14 34.95 97.73
CA VAL YB 60 17.52 35.14 97.32
C VAL YB 60 17.67 36.52 96.71
N SER YB 61 16.91 36.80 95.64
CA SER YB 61 16.95 38.11 95.01
C SER YB 61 15.62 38.32 94.30
N LYS YB 62 14.86 39.32 94.71
CA LYS YB 62 13.60 39.65 94.06
C LYS YB 62 13.82 40.77 93.05
N HIS YB 63 12.97 40.81 92.04
CA HIS YB 63 13.12 41.73 90.93
C HIS YB 63 11.75 41.87 90.25
N ARG YB 64 11.58 42.93 89.46
CA ARG YB 64 10.31 43.17 88.79
C ARG YB 64 10.04 42.15 87.68
N ALA YB 65 11.10 41.49 87.19
CA ALA YB 65 10.93 40.48 86.15
C ALA YB 65 10.83 39.09 86.76
N GLN YB 66 11.67 38.79 87.75
CA GLN YB 66 11.74 37.44 88.31
C GLN YB 66 12.12 37.50 89.78
N VAL YB 67 11.36 36.81 90.62
CA VAL YB 67 11.71 36.59 92.01
C VAL YB 67 12.33 35.20 92.14
N ILE YB 68 13.25 35.06 93.09
CA ILE YB 68 14.02 33.82 93.26
C ILE YB 68 13.89 33.38 94.71
N TYR YB 69 13.37 32.17 94.91
CA TYR YB 69 13.26 31.56 96.23
C TYR YB 69 13.93 30.19 96.20
N THR YB 70 14.39 29.75 97.38
CA THR YB 70 14.95 28.42 97.55
C THR YB 70 14.43 27.82 98.84
N ARG YB 71 15.00 26.68 99.20
CA ARG YB 71 14.59 25.96 100.40
C ARG YB 71 15.06 26.67 101.67
N ASN YB 72 14.61 26.16 102.81
CA ASN YB 72 15.10 26.64 104.10
C ASN YB 72 16.52 26.10 104.33
N THR YB 73 17.18 26.63 105.36
CA THR YB 73 18.56 26.25 105.66
C THR YB 73 18.64 24.80 106.13
N LYS YB 74 19.79 24.17 105.88
CA LYS YB 74 19.94 22.75 106.13
C LYS YB 74 20.22 22.47 107.61
N GLY YB 75 21.19 23.15 108.19
CA GLY YB 75 21.51 22.97 109.59
C GLY YB 75 20.58 23.70 110.52
N THR ZB 1 47.52 35.87 9.36
CA THR ZB 1 48.94 36.03 9.05
C THR ZB 1 49.75 34.86 9.60
N LYS ZB 2 50.99 34.75 9.16
CA LYS ZB 2 51.88 33.69 9.64
C LYS ZB 2 52.38 34.05 11.04
N LYS ZB 3 51.89 33.31 12.04
CA LYS ZB 3 52.12 33.68 13.43
C LYS ZB 3 53.50 33.22 13.90
N ARG ZB 4 53.94 32.05 13.44
CA ARG ZB 4 55.23 31.48 13.83
C ARG ZB 4 56.02 31.09 12.59
N ARG ZB 5 57.35 31.12 12.71
CA ARG ZB 5 58.19 30.67 11.60
C ARG ZB 5 58.17 29.16 11.50
N ASN ZB 6 58.60 28.47 12.54
CA ASN ZB 6 58.27 27.05 12.67
C ASN ZB 6 56.86 26.92 13.24
N ASN ZB 7 55.94 26.40 12.42
CA ASN ZB 7 54.51 26.59 12.62
C ASN ZB 7 53.97 25.75 13.79
N GLY ZB 8 54.34 26.17 14.99
CA GLY ZB 8 53.90 25.49 16.20
C GLY ZB 8 54.51 24.12 16.40
N ARG ZB 9 55.60 23.81 15.72
CA ARG ZB 9 56.20 22.49 15.73
C ARG ZB 9 57.67 22.62 15.35
N ALA ZB 10 58.31 21.50 15.05
CA ALA ZB 10 59.74 21.51 14.74
C ALA ZB 10 60.05 20.82 13.41
N LYS ZB 11 59.05 20.67 12.55
CA LYS ZB 11 59.22 20.02 11.25
C LYS ZB 11 59.71 21.06 10.25
N LYS ZB 12 60.92 20.87 9.73
CA LYS ZB 12 61.49 21.73 8.72
C LYS ZB 12 61.81 21.01 7.42
N GLY ZB 13 62.31 19.77 7.51
CA GLY ZB 13 62.68 19.03 6.32
C GLY ZB 13 62.05 17.66 6.23
N ARG ZB 14 61.08 17.38 7.10
CA ARG ZB 14 60.45 16.07 7.15
C ARG ZB 14 59.19 15.98 6.29
N GLY ZB 15 58.18 16.77 6.64
CA GLY ZB 15 56.88 16.70 6.01
C GLY ZB 15 55.88 15.82 6.73
N HIS ZB 16 56.32 14.76 7.41
CA HIS ZB 16 55.41 13.88 8.11
C HIS ZB 16 56.14 13.19 9.26
N VAL ZB 17 55.50 13.20 10.43
CA VAL ZB 17 55.99 12.51 11.62
C VAL ZB 17 54.86 11.64 12.16
N GLN ZB 18 55.23 10.72 13.05
CA GLN ZB 18 54.24 9.80 13.60
C GLN ZB 18 53.41 10.49 14.68
N PRO ZB 19 52.14 10.13 14.85
CA PRO ZB 19 51.32 10.78 15.88
C PRO ZB 19 51.43 10.06 17.22
N ILE ZB 20 51.22 10.82 18.28
CA ILE ZB 20 51.20 10.32 19.66
C ILE ZB 20 49.86 10.73 20.28
N ARG ZB 21 49.26 9.81 21.02
CA ARG ZB 21 48.02 10.10 21.74
C ARG ZB 21 48.37 10.92 22.98
N CYS ZB 22 47.52 11.89 23.30
CA CYS ZB 22 47.77 12.76 24.44
C CYS ZB 22 47.55 12.01 25.76
N THR ZB 23 47.97 12.63 26.86
CA THR ZB 23 47.80 12.01 28.17
C THR ZB 23 46.51 12.45 28.83
N ASN ZB 24 46.18 13.75 28.76
CA ASN ZB 24 44.93 14.23 29.32
C ASN ZB 24 43.75 13.83 28.45
N CYS ZB 25 43.74 14.28 27.19
CA CYS ZB 25 42.78 13.81 26.22
C CYS ZB 25 43.34 12.59 25.49
N ALA ZB 26 42.68 12.20 24.40
CA ALA ZB 26 43.17 11.17 23.49
C ALA ZB 26 43.46 11.80 22.13
N ARG ZB 27 43.93 13.04 22.15
CA ARG ZB 27 44.17 13.80 20.93
C ARG ZB 27 45.40 13.26 20.21
N CYS ZB 28 45.29 13.12 18.89
CA CYS ZB 28 46.40 12.66 18.07
C CYS ZB 28 47.26 13.86 17.70
N VAL ZB 29 48.43 13.98 18.32
CA VAL ZB 29 49.27 15.16 18.14
C VAL ZB 29 50.51 14.72 17.38
N PRO ZB 30 51.03 15.52 16.45
CA PRO ZB 30 52.37 15.25 15.91
C PRO ZB 30 53.43 15.31 17.01
N LYS ZB 31 54.52 14.55 16.81
CA LYS ZB 31 55.50 14.32 17.87
C LYS ZB 31 56.26 15.60 18.23
N ASP ZB 32 56.66 16.37 17.22
CA ASP ZB 32 57.36 17.62 17.50
C ASP ZB 32 56.41 18.73 17.92
N LYS ZB 33 55.12 18.57 17.64
CA LYS ZB 33 54.15 19.59 18.00
C LYS ZB 33 53.73 19.47 19.45
N ALA ZB 34 53.81 18.26 20.02
CA ALA ZB 34 53.35 18.03 21.37
C ALA ZB 34 54.29 18.63 22.41
N ILE ZB 35 53.71 19.13 23.49
CA ILE ZB 35 54.50 19.61 24.62
C ILE ZB 35 54.88 18.41 25.48
N LYS ZB 36 56.17 18.24 25.73
CA LYS ZB 36 56.71 17.05 26.38
C LYS ZB 36 57.32 17.44 27.70
N LYS ZB 37 56.76 16.92 28.80
CA LYS ZB 37 57.34 17.12 30.12
C LYS ZB 37 57.87 15.79 30.65
N PHE ZB 38 59.18 15.72 30.85
CA PHE ZB 38 59.80 14.55 31.47
C PHE ZB 38 59.80 14.77 32.97
N VAL ZB 39 58.72 14.36 33.62
CA VAL ZB 39 58.54 14.54 35.05
C VAL ZB 39 59.33 13.48 35.79
N ILE ZB 40 60.29 13.94 36.61
CA ILE ZB 40 60.93 13.14 37.64
C ILE ZB 40 60.20 13.41 38.94
N ARG ZB 41 59.98 12.37 39.74
CA ARG ZB 41 59.12 12.54 40.90
C ARG ZB 41 59.47 11.50 41.93
N ASN ZB 42 59.91 11.95 43.11
CA ASN ZB 42 60.09 11.05 44.24
C ASN ZB 42 58.73 10.57 44.72
N ILE ZB 43 58.59 9.26 44.90
CA ILE ZB 43 57.31 8.56 45.07
C ILE ZB 43 56.47 9.07 46.24
N VAL ZB 44 57.14 9.66 47.24
CA VAL ZB 44 56.47 10.45 48.27
C VAL ZB 44 57.08 11.85 48.23
N GLU ZB 45 56.23 12.87 48.31
CA GLU ZB 45 56.70 14.23 48.04
C GLU ZB 45 57.29 14.95 49.26
N ALA ZB 46 56.51 15.19 50.31
CA ALA ZB 46 56.99 16.05 51.38
C ALA ZB 46 57.02 15.38 52.76
N ALA ZB 47 55.89 14.84 53.21
CA ALA ZB 47 55.75 14.52 54.62
C ALA ZB 47 55.85 13.02 54.89
N ALA ZB 48 55.66 12.19 53.87
CA ALA ZB 48 55.64 10.75 54.10
C ALA ZB 48 57.05 10.18 54.22
N VAL ZB 49 58.04 10.92 53.73
CA VAL ZB 49 59.44 10.44 53.76
C VAL ZB 49 59.96 10.40 55.20
N ARG ZB 50 59.47 11.32 56.05
CA ARG ZB 50 59.86 11.35 57.46
C ARG ZB 50 59.35 10.12 58.20
N ASP ZB 51 58.23 9.55 57.76
CA ASP ZB 51 57.66 8.35 58.34
C ASP ZB 51 58.27 7.09 57.74
N ILE ZB 52 58.60 7.13 56.44
CA ILE ZB 52 59.19 5.97 55.77
C ILE ZB 52 60.60 5.73 56.27
N SER ZB 53 61.35 6.81 56.53
CA SER ZB 53 62.73 6.67 57.01
C SER ZB 53 62.78 6.08 58.42
N GLU ZB 54 61.70 6.23 59.19
CA GLU ZB 54 61.65 5.63 60.50
C GLU ZB 54 61.08 4.22 60.46
N ALA ZB 55 60.09 3.98 59.58
CA ALA ZB 55 59.43 2.67 59.57
C ALA ZB 55 60.13 1.69 58.63
N SER ZB 56 61.20 2.11 57.96
CA SER ZB 56 61.87 1.23 57.01
C SER ZB 56 62.72 0.19 57.73
N VAL ZB 57 62.95 -0.93 57.04
CA VAL ZB 57 63.77 -1.99 57.61
C VAL ZB 57 65.25 -1.71 57.38
N PHE ZB 58 65.63 -1.45 56.13
CA PHE ZB 58 67.03 -1.28 55.78
C PHE ZB 58 67.49 0.12 56.16
N ASP ZB 59 68.66 0.20 56.80
CA ASP ZB 59 69.21 1.48 57.25
C ASP ZB 59 69.79 2.23 56.07
N ALA ZB 60 69.32 3.47 55.89
CA ALA ZB 60 69.77 4.42 54.85
C ALA ZB 60 69.58 3.83 53.44
N TYR ZB 61 68.31 3.55 53.14
CA TYR ZB 61 67.91 3.04 51.83
C TYR ZB 61 67.25 4.19 51.06
N VAL ZB 62 67.75 4.44 49.85
CA VAL ZB 62 67.23 5.55 49.06
C VAL ZB 62 65.86 5.18 48.49
N LEU ZB 63 64.95 6.16 48.46
CA LEU ZB 63 63.61 5.93 47.94
C LEU ZB 63 63.61 6.03 46.41
N PRO ZB 64 62.75 5.26 45.72
CA PRO ZB 64 62.76 5.25 44.25
C PRO ZB 64 62.21 6.52 43.63
N LYS ZB 65 62.36 6.63 42.31
CA LYS ZB 65 61.81 7.73 41.53
C LYS ZB 65 60.85 7.18 40.50
N LEU ZB 66 60.00 8.05 39.97
CA LEU ZB 66 58.93 7.68 39.06
C LEU ZB 66 59.04 8.59 37.83
N TYR ZB 67 59.54 8.03 36.73
CA TYR ZB 67 59.91 8.78 35.53
C TYR ZB 67 58.77 8.69 34.53
N VAL ZB 68 58.09 9.80 34.27
CA VAL ZB 68 56.97 9.81 33.33
C VAL ZB 68 57.17 10.91 32.31
N LYS ZB 69 57.14 10.54 31.02
CA LYS ZB 69 57.23 11.50 29.93
C LYS ZB 69 55.82 11.81 29.45
N LEU ZB 70 55.24 12.89 29.98
CA LEU ZB 70 53.90 13.32 29.62
C LEU ZB 70 53.89 14.06 28.30
N HIS ZB 71 52.93 13.70 27.44
CA HIS ZB 71 52.73 14.34 26.14
C HIS ZB 71 51.39 15.06 26.17
N TYR ZB 72 51.42 16.39 26.26
CA TYR ZB 72 50.22 17.21 26.22
C TYR ZB 72 50.09 17.88 24.86
N CYS ZB 73 48.86 18.20 24.48
CA CYS ZB 73 48.65 19.03 23.31
C CYS ZB 73 48.62 20.50 23.71
N VAL ZB 74 48.28 21.35 22.75
CA VAL ZB 74 48.26 22.79 22.99
C VAL ZB 74 47.13 23.16 23.94
N SER ZB 75 45.92 22.63 23.69
CA SER ZB 75 44.77 22.94 24.51
C SER ZB 75 44.91 22.39 25.92
N CYS ZB 76 45.43 21.17 26.05
CA CYS ZB 76 45.63 20.58 27.37
C CYS ZB 76 46.74 21.30 28.13
N ALA ZB 77 47.79 21.72 27.43
CA ALA ZB 77 48.90 22.41 28.08
C ALA ZB 77 48.47 23.78 28.59
N ILE ZB 78 47.66 24.50 27.80
CA ILE ZB 78 47.24 25.83 28.25
C ILE ZB 78 46.11 25.71 29.27
N HIS ZB 79 45.32 24.64 29.22
CA HIS ZB 79 44.27 24.44 30.21
C HIS ZB 79 44.84 24.05 31.57
N SER ZB 80 45.83 23.16 31.56
CA SER ZB 80 46.54 22.80 32.79
C SER ZB 80 47.69 23.73 33.11
N LYS ZB 81 47.84 24.82 32.35
CA LYS ZB 81 48.77 25.92 32.60
C LYS ZB 81 50.22 25.44 32.54
N VAL ZB 82 50.50 24.52 31.63
CA VAL ZB 82 51.88 24.13 31.35
C VAL ZB 82 52.59 25.24 30.60
N VAL ZB 83 52.02 25.72 29.50
CA VAL ZB 83 52.56 26.84 28.75
C VAL ZB 83 51.51 27.94 28.74
N ARG ZB 84 51.96 29.19 28.60
CA ARG ZB 84 51.08 30.34 28.57
C ARG ZB 84 51.32 31.17 27.32
N ASN ZB 85 50.40 32.10 27.07
CA ASN ZB 85 50.59 33.05 25.98
C ASN ZB 85 51.63 34.10 26.36
N ARG ZB 86 52.33 34.61 25.35
CA ARG ZB 86 53.39 35.59 25.55
C ARG ZB 86 53.24 36.72 24.54
N SER ZB 87 53.94 37.82 24.81
CA SER ZB 87 53.95 38.95 23.89
C SER ZB 87 54.77 38.59 22.65
N ARG ZB 88 54.61 39.42 21.60
CA ARG ZB 88 55.21 39.11 20.31
C ARG ZB 88 56.74 39.19 20.31
N GLU ZB 89 57.33 39.90 21.27
CA GLU ZB 89 58.77 39.88 21.41
C GLU ZB 89 59.22 38.73 22.29
N ALA ZB 90 58.36 38.30 23.22
CA ALA ZB 90 58.71 37.22 24.13
C ALA ZB 90 58.43 35.83 23.55
N ARG ZB 91 57.71 35.76 22.43
CA ARG ZB 91 57.44 34.46 21.80
C ARG ZB 91 58.70 33.85 21.21
N LYS ZB 92 59.59 34.69 20.68
CA LYS ZB 92 60.79 34.18 20.03
C LYS ZB 92 61.82 33.64 21.02
N ASP ZB 93 61.77 34.08 22.28
CA ASP ZB 93 62.69 33.60 23.30
C ASP ZB 93 62.28 32.21 23.73
N ARG ZB 94 62.89 31.19 23.12
CA ARG ZB 94 62.56 29.80 23.40
C ARG ZB 94 63.47 29.16 24.44
N THR ZB 95 64.04 29.96 25.35
CA THR ZB 95 64.80 29.40 26.45
C THR ZB 95 63.84 28.77 27.47
N PRO ZB 96 64.22 27.65 28.08
CA PRO ZB 96 63.33 27.02 29.06
C PRO ZB 96 63.30 27.79 30.37
N PRO ZB 97 62.24 27.64 31.17
CA PRO ZB 97 62.21 28.26 32.50
C PRO ZB 97 63.23 27.61 33.42
N PRO ZB 98 63.74 28.35 34.43
CA PRO ZB 98 64.90 27.85 35.17
C PRO ZB 98 64.57 26.71 36.14
N ARG ZB 99 65.61 26.12 36.70
CA ARG ZB 99 65.53 24.97 37.57
C ARG ZB 99 66.11 25.29 38.96
N PHE ZB 100 65.68 26.42 39.54
CA PHE ZB 100 66.09 26.74 40.89
C PHE ZB 100 65.23 26.02 41.92
N ARG ZB 101 63.96 25.77 41.58
CA ARG ZB 101 63.05 25.04 42.45
C ARG ZB 101 61.98 24.31 41.63
N PRO AC 1 85.34 43.42 4.32
CA PRO AC 1 86.25 44.42 3.75
C PRO AC 1 85.90 44.79 2.31
N LEU AC 2 85.97 46.08 1.99
CA LEU AC 2 85.65 46.56 0.66
C LEU AC 2 86.78 46.28 -0.33
N ALA AC 3 87.96 46.85 -0.09
CA ALA AC 3 89.11 46.62 -0.95
C ALA AC 3 89.76 45.30 -0.56
N LYS AC 4 89.71 44.32 -1.46
CA LYS AC 4 90.32 43.01 -1.22
C LYS AC 4 91.24 42.71 -2.39
N ASP AC 5 92.45 42.25 -2.09
CA ASP AC 5 93.45 41.97 -3.12
C ASP AC 5 93.09 40.67 -3.85
N LEU AC 6 92.14 40.76 -4.77
CA LEU AC 6 91.79 39.63 -5.61
C LEU AC 6 92.86 39.36 -6.67
N LEU AC 7 93.67 40.36 -6.99
CA LEU AC 7 94.77 40.18 -7.93
C LEU AC 7 95.88 39.30 -7.38
N HIS AC 8 96.32 39.56 -6.14
CA HIS AC 8 97.43 38.84 -5.54
C HIS AC 8 96.99 38.25 -4.20
N PRO AC 9 96.39 37.07 -4.21
CA PRO AC 9 95.92 36.46 -2.96
C PRO AC 9 97.07 35.83 -2.18
N SER AC 10 96.83 35.63 -0.89
CA SER AC 10 97.81 35.01 -0.03
C SER AC 10 97.75 33.49 -0.17
N PRO AC 11 98.90 32.81 0.00
CA PRO AC 11 98.87 31.34 -0.05
C PRO AC 11 98.13 30.70 1.11
N GLU AC 12 98.03 31.39 2.25
CA GLU AC 12 97.26 30.86 3.37
C GLU AC 12 95.76 30.89 3.09
N GLU AC 13 95.32 31.71 2.14
CA GLU AC 13 93.93 31.66 1.69
C GLU AC 13 93.78 30.74 0.48
N GLU AC 14 94.81 30.66 -0.37
CA GLU AC 14 94.72 29.83 -1.56
C GLU AC 14 94.83 28.34 -1.26
N LYS AC 15 95.53 27.96 -0.19
CA LYS AC 15 95.50 26.56 0.24
C LYS AC 15 94.24 26.24 1.03
N ARG AC 16 93.54 27.29 1.49
CA ARG AC 16 92.33 27.16 2.28
C ARG AC 16 91.07 27.02 1.43
N LYS AC 17 91.00 27.73 0.31
CA LYS AC 17 89.83 27.76 -0.55
C LYS AC 17 89.67 26.43 -1.30
N HIS AC 18 88.50 26.28 -1.92
CA HIS AC 18 88.17 25.05 -2.64
C HIS AC 18 89.00 24.92 -3.90
N LYS AC 19 89.25 23.67 -4.31
CA LYS AC 19 90.14 23.37 -5.44
C LYS AC 19 89.62 23.92 -6.76
N LYS AC 20 88.30 24.04 -6.91
CA LYS AC 20 87.70 24.65 -8.08
C LYS AC 20 87.54 26.15 -7.92
N LYS AC 21 87.41 26.63 -6.69
CA LYS AC 21 87.08 28.02 -6.42
C LYS AC 21 88.30 28.91 -6.22
N ARG AC 22 89.50 28.44 -6.54
CA ARG AC 22 90.68 29.29 -6.40
C ARG AC 22 90.72 30.34 -7.51
N LEU AC 23 91.69 31.25 -7.40
CA LEU AC 23 91.89 32.25 -8.44
C LEU AC 23 92.40 31.60 -9.72
N VAL AC 24 93.43 30.77 -9.60
CA VAL AC 24 93.90 29.91 -10.67
C VAL AC 24 93.61 28.47 -10.25
N GLN AC 25 92.91 27.73 -11.12
CA GLN AC 25 92.45 26.40 -10.77
C GLN AC 25 93.61 25.42 -10.71
N SER AC 26 93.84 24.85 -9.52
CA SER AC 26 94.94 23.95 -9.25
C SER AC 26 94.47 22.82 -8.35
N PRO AC 27 94.88 21.59 -8.62
CA PRO AC 27 94.46 20.46 -7.78
C PRO AC 27 95.23 20.42 -6.46
N ASN AC 28 94.77 19.52 -5.59
CA ASN AC 28 95.40 19.31 -4.29
C ASN AC 28 96.19 18.02 -4.20
N SER AC 29 96.13 17.17 -5.23
CA SER AC 29 96.81 15.89 -5.18
C SER AC 29 98.24 16.01 -5.71
N TYR AC 30 98.94 14.88 -5.68
CA TYR AC 30 100.35 14.83 -6.05
C TYR AC 30 100.76 13.39 -6.33
N PHE AC 31 101.82 13.24 -7.12
CA PHE AC 31 102.51 11.97 -7.26
C PHE AC 31 103.53 11.84 -6.14
N MET AC 32 103.83 10.60 -5.75
CA MET AC 32 104.77 10.36 -4.67
C MET AC 32 105.54 9.05 -4.92
N ASP AC 33 106.79 9.03 -4.47
CA ASP AC 33 107.67 7.87 -4.62
C ASP AC 33 107.51 6.97 -3.40
N VAL AC 34 106.70 5.92 -3.55
CA VAL AC 34 106.46 4.94 -2.50
C VAL AC 34 107.29 3.71 -2.81
N LYS AC 35 108.12 3.31 -1.85
CA LYS AC 35 108.96 2.12 -2.00
C LYS AC 35 108.76 1.19 -0.80
N CYS AC 36 108.94 -0.10 -1.04
CA CYS AC 36 108.88 -1.10 0.01
C CYS AC 36 110.29 -1.51 0.41
N PRO AC 37 110.50 -1.91 1.67
CA PRO AC 37 111.85 -2.32 2.09
C PRO AC 37 112.27 -3.67 1.54
N GLY AC 38 111.35 -4.46 0.99
CA GLY AC 38 111.72 -5.75 0.43
C GLY AC 38 112.40 -5.61 -0.92
N CYS AC 39 111.74 -4.94 -1.86
CA CYS AC 39 112.30 -4.81 -3.20
C CYS AC 39 113.25 -3.62 -3.28
N TYR AC 40 113.79 -3.40 -4.48
CA TYR AC 40 114.82 -2.38 -4.69
C TYR AC 40 114.26 -1.13 -5.37
N LYS AC 41 113.52 -1.32 -6.47
CA LYS AC 41 113.07 -0.20 -7.27
C LYS AC 41 111.92 0.54 -6.60
N ILE AC 42 111.63 1.73 -7.13
CA ILE AC 42 110.64 2.64 -6.56
C ILE AC 42 109.55 2.89 -7.60
N THR AC 43 108.29 2.75 -7.20
CA THR AC 43 107.18 3.00 -8.10
C THR AC 43 106.68 4.44 -7.95
N THR AC 44 105.84 4.85 -8.88
CA THR AC 44 105.23 6.17 -8.89
C THR AC 44 103.76 6.00 -8.52
N VAL AC 45 103.38 6.47 -7.33
CA VAL AC 45 102.06 6.24 -6.77
C VAL AC 45 101.32 7.57 -6.66
N PHE AC 46 100.09 7.61 -7.16
CA PHE AC 46 99.21 8.76 -7.02
C PHE AC 46 98.66 8.79 -5.60
N SER AC 47 98.39 10.00 -5.09
CA SER AC 47 98.02 10.15 -3.68
C SER AC 47 96.62 9.62 -3.40
N HIS AC 48 95.65 9.95 -4.26
CA HIS AC 48 94.29 9.45 -4.13
C HIS AC 48 94.18 8.22 -5.03
N ALA AC 49 94.88 7.17 -4.61
CA ALA AC 49 95.21 6.07 -5.51
C ALA AC 49 94.01 5.18 -5.81
N GLN AC 50 93.16 4.93 -4.82
CA GLN AC 50 91.87 4.23 -4.87
C GLN AC 50 91.90 2.82 -5.50
N THR AC 51 93.08 2.25 -5.70
CA THR AC 51 93.22 0.90 -6.23
C THR AC 51 94.27 0.18 -5.40
N VAL AC 52 94.24 -1.15 -5.41
CA VAL AC 52 95.23 -1.93 -4.69
C VAL AC 52 96.54 -1.91 -5.48
N VAL AC 53 97.49 -1.09 -5.03
CA VAL AC 53 98.76 -0.91 -5.73
C VAL AC 53 99.69 -2.06 -5.36
N LEU AC 54 100.05 -2.87 -6.36
CA LEU AC 54 100.98 -3.97 -6.15
C LEU AC 54 102.36 -3.62 -6.69
N CYS AC 55 103.36 -4.29 -6.15
CA CYS AC 55 104.73 -4.12 -6.63
C CYS AC 55 104.97 -5.00 -7.85
N VAL AC 56 106.19 -4.93 -8.39
CA VAL AC 56 106.54 -5.74 -9.54
C VAL AC 56 106.75 -7.19 -9.11
N GLY AC 57 106.30 -8.12 -9.96
CA GLY AC 57 106.35 -9.52 -9.62
C GLY AC 57 105.36 -9.97 -8.59
N CYS AC 58 104.36 -9.12 -8.26
CA CYS AC 58 103.33 -9.36 -7.24
C CYS AC 58 103.94 -9.67 -5.88
N SER AC 59 104.83 -8.80 -5.43
CA SER AC 59 105.53 -9.00 -4.17
C SER AC 59 104.63 -8.74 -2.97
N THR AC 60 104.14 -7.50 -2.83
CA THR AC 60 103.30 -7.12 -1.71
C THR AC 60 102.43 -5.94 -2.12
N VAL AC 61 101.42 -5.66 -1.31
CA VAL AC 61 100.53 -4.54 -1.57
C VAL AC 61 101.17 -3.25 -1.04
N LEU AC 62 100.97 -2.16 -1.76
CA LEU AC 62 101.51 -0.86 -1.38
C LEU AC 62 100.44 0.04 -0.77
N CYS AC 63 99.29 0.14 -1.40
CA CYS AC 63 98.22 1.01 -0.95
C CYS AC 63 96.94 0.23 -0.72
N GLN AC 64 96.18 0.65 0.30
CA GLN AC 64 94.83 0.15 0.55
C GLN AC 64 93.90 1.32 0.31
N PRO AC 65 92.87 1.16 -0.53
CA PRO AC 65 92.05 2.31 -0.93
C PRO AC 65 91.11 2.78 0.18
N THR AC 66 90.95 4.09 0.24
CA THR AC 66 90.09 4.74 1.23
C THR AC 66 89.23 5.77 0.49
N GLY AC 67 88.55 6.62 1.26
CA GLY AC 67 87.73 7.68 0.70
C GLY AC 67 88.52 8.74 -0.03
N GLY AC 68 89.58 9.23 0.62
CA GLY AC 68 90.46 10.21 0.00
C GLY AC 68 91.83 9.65 -0.31
N LYS AC 69 92.82 10.03 0.50
CA LYS AC 69 94.17 9.56 0.31
C LYS AC 69 94.29 8.11 0.75
N ALA AC 70 95.01 7.32 -0.04
CA ALA AC 70 95.15 5.90 0.24
C ALA AC 70 96.15 5.67 1.38
N ARG AC 71 95.82 4.73 2.26
CA ARG AC 71 96.70 4.39 3.36
C ARG AC 71 97.81 3.46 2.89
N LEU AC 72 99.04 3.82 3.21
CA LEU AC 72 100.20 3.03 2.78
C LEU AC 72 100.34 1.79 3.65
N THR AC 73 101.11 0.83 3.14
CA THR AC 73 101.47 -0.34 3.91
C THR AC 73 102.45 0.07 5.01
N GLU AC 74 102.37 -0.63 6.15
CA GLU AC 74 103.19 -0.33 7.33
C GLU AC 74 104.67 -0.50 7.02
N GLY AC 75 105.40 0.63 7.07
CA GLY AC 75 106.82 0.64 6.79
C GLY AC 75 107.13 1.00 5.35
N CYS AC 76 106.49 2.06 4.84
CA CYS AC 76 106.68 2.51 3.47
C CYS AC 76 106.84 4.03 3.47
N SER AC 77 108.06 4.50 3.20
CA SER AC 77 108.31 5.93 3.13
C SER AC 77 107.80 6.49 1.80
N PHE AC 78 107.64 7.81 1.78
CA PHE AC 78 107.15 8.49 0.58
C PHE AC 78 107.75 9.88 0.52
N ARG AC 79 108.01 10.33 -0.70
CA ARG AC 79 108.52 11.68 -0.95
C ARG AC 79 107.70 12.28 -2.07
N ARG AC 80 107.11 13.46 -1.82
CA ARG AC 80 106.29 14.11 -2.84
C ARG AC 80 107.17 14.78 -3.89
N LYS AC 81 106.82 14.62 -5.15
CA LYS AC 81 107.63 15.14 -6.24
C LYS AC 81 106.95 16.35 -6.90
N GLN AC 82 107.77 17.17 -7.56
CA GLN AC 82 107.30 18.40 -8.17
C GLN AC 82 108.05 18.63 -9.49
N HIS AC 83 107.53 19.56 -10.28
CA HIS AC 83 108.17 19.93 -11.54
C HIS AC 83 107.88 21.38 -11.89
N GLN BC 1 41.27 5.97 66.19
CA GLN BC 1 41.62 7.35 65.85
C GLN BC 1 41.55 8.25 67.08
N PRO BC 2 42.67 8.38 67.80
CA PRO BC 2 42.68 9.22 69.00
C PRO BC 2 42.72 10.70 68.66
N ILE BC 3 42.52 11.51 69.69
CA ILE BC 3 42.49 12.96 69.55
C ILE BC 3 43.83 13.53 69.98
N LYS BC 4 44.41 14.39 69.15
CA LYS BC 4 45.75 14.90 69.39
C LYS BC 4 45.74 16.42 69.35
N LEU BC 5 46.55 17.04 70.20
CA LEU BC 5 46.68 18.49 70.20
C LEU BC 5 47.86 18.91 69.32
N ALA BC 6 47.76 20.11 68.74
CA ALA BC 6 48.83 20.60 67.87
C ALA BC 6 48.94 22.11 67.99
N ARG BC 7 50.16 22.59 68.19
CA ARG BC 7 50.42 24.01 68.32
C ARG BC 7 50.82 24.61 66.97
N VAL BC 8 50.26 25.78 66.67
CA VAL BC 8 50.57 26.52 65.45
C VAL BC 8 51.99 27.06 65.54
N THR BC 9 52.83 26.72 64.55
CA THR BC 9 54.19 27.26 64.57
C THR BC 9 54.45 28.24 63.43
N LYS BC 10 53.66 28.17 62.36
CA LYS BC 10 53.84 29.05 61.20
C LYS BC 10 52.55 29.06 60.40
N VAL BC 11 51.98 30.25 60.21
CA VAL BC 11 50.84 30.40 59.31
C VAL BC 11 51.39 30.68 57.91
N LEU BC 12 50.84 29.99 56.91
CA LEU BC 12 51.36 30.12 55.55
C LEU BC 12 50.56 31.14 54.73
N GLY BC 13 49.26 30.92 54.58
CA GLY BC 13 48.45 31.83 53.80
C GLY BC 13 46.98 31.47 53.75
N ARG BC 14 46.19 32.35 53.13
CA ARG BC 14 44.76 32.13 53.03
C ARG BC 14 44.44 31.14 51.90
N THR BC 15 43.61 30.15 52.23
CA THR BC 15 43.14 29.18 51.25
C THR BC 15 41.62 29.22 51.22
N GLY BC 16 41.04 28.37 50.40
CA GLY BC 16 39.61 28.34 50.19
C GLY BC 16 39.18 29.19 49.02
N SER BC 17 37.89 29.07 48.69
CA SER BC 17 37.35 29.81 47.56
C SER BC 17 37.16 31.29 47.90
N GLN BC 18 36.46 31.58 48.99
CA GLN BC 18 36.24 32.95 49.43
C GLN BC 18 37.39 33.51 50.26
N GLY BC 19 38.47 32.75 50.45
CA GLY BC 19 39.56 33.18 51.29
C GLY BC 19 39.18 33.16 52.75
N GLN BC 20 38.76 31.98 53.23
CA GLN BC 20 38.23 31.83 54.58
C GLN BC 20 38.95 30.75 55.38
N CYS BC 21 40.07 30.25 54.89
CA CYS BC 21 40.77 29.13 55.53
C CYS BC 21 42.25 29.46 55.57
N THR BC 22 42.85 29.41 56.75
CA THR BC 22 44.28 29.65 56.90
C THR BC 22 45.05 28.35 56.75
N GLN BC 23 46.07 28.36 55.90
CA GLN BC 23 46.97 27.21 55.76
C GLN BC 23 48.03 27.31 56.85
N VAL BC 24 48.09 26.31 57.72
CA VAL BC 24 48.80 26.41 58.99
C VAL BC 24 49.72 25.21 59.17
N ARG BC 25 50.98 25.49 59.48
CA ARG BC 25 51.96 24.48 59.90
C ARG BC 25 51.81 24.26 61.40
N VAL BC 26 51.56 23.01 61.80
CA VAL BC 26 51.36 22.66 63.20
C VAL BC 26 52.39 21.62 63.62
N GLU BC 27 52.98 21.88 64.79
CA GLU BC 27 53.85 20.95 65.51
C GLU BC 27 53.01 20.25 66.57
N PHE BC 28 53.10 18.93 66.64
CA PHE BC 28 52.36 18.20 67.65
C PHE BC 28 53.08 18.29 68.99
N MET BC 29 52.33 18.63 70.05
CA MET BC 29 52.90 18.74 71.38
C MET BC 29 53.09 17.39 72.06
N ASP BC 30 52.55 16.31 71.48
CA ASP BC 30 52.84 14.98 72.00
C ASP BC 30 54.15 14.45 71.44
N ASP BC 31 54.26 14.41 70.11
CA ASP BC 31 55.51 14.07 69.43
C ASP BC 31 55.99 15.33 68.73
N THR BC 32 57.07 15.92 69.27
CA THR BC 32 57.48 17.25 68.84
C THR BC 32 58.23 17.22 67.51
N SER BC 33 58.65 16.03 67.06
CA SER BC 33 59.41 15.94 65.82
C SER BC 33 58.49 15.94 64.59
N ARG BC 34 57.29 15.39 64.75
CA ARG BC 34 56.36 15.28 63.63
C ARG BC 34 55.53 16.56 63.52
N SER BC 35 55.35 17.02 62.29
CA SER BC 35 54.66 18.28 62.03
C SER BC 35 53.98 18.20 60.67
N ILE BC 36 52.78 18.79 60.58
CA ILE BC 36 51.99 18.70 59.34
C ILE BC 36 51.45 20.07 58.97
N ILE BC 37 50.75 20.10 57.84
CA ILE BC 37 50.15 21.30 57.27
C ILE BC 37 48.66 21.05 57.07
N ARG BC 38 47.82 21.89 57.67
CA ARG BC 38 46.38 21.73 57.51
C ARG BC 38 45.72 23.08 57.28
N ASN BC 39 44.57 23.05 56.63
CA ASN BC 39 43.75 24.24 56.48
C ASN BC 39 42.88 24.42 57.73
N VAL BC 40 42.79 25.67 58.19
CA VAL BC 40 42.11 26.00 59.44
C VAL BC 40 41.16 27.16 59.19
N LYS BC 41 39.89 27.01 59.58
CA LYS BC 41 38.96 28.13 59.60
C LYS BC 41 39.11 28.94 60.87
N GLY BC 42 38.81 30.23 60.79
CA GLY BC 42 38.83 31.10 61.93
C GLY BC 42 40.09 31.95 61.99
N PRO BC 43 40.10 32.95 62.89
CA PRO BC 43 41.28 33.82 63.04
C PRO BC 43 42.39 33.08 63.78
N VAL BC 44 43.54 32.94 63.11
CA VAL BC 44 44.65 32.16 63.63
C VAL BC 44 45.87 33.06 63.79
N ARG BC 45 46.45 33.05 64.99
CA ARG BC 45 47.72 33.67 65.27
C ARG BC 45 48.75 32.59 65.54
N GLU BC 46 50.02 32.99 65.58
CA GLU BC 46 51.09 32.05 65.86
C GLU BC 46 51.18 31.80 67.37
N GLY BC 47 51.19 30.53 67.76
CA GLY BC 47 51.32 30.17 69.16
C GLY BC 47 50.02 29.89 69.86
N ASP BC 48 49.18 29.04 69.28
CA ASP BC 48 47.97 28.57 69.95
C ASP BC 48 47.70 27.13 69.53
N VAL BC 49 46.91 26.44 70.34
CA VAL BC 49 46.74 25.00 70.24
C VAL BC 49 45.37 24.70 69.62
N LEU BC 50 45.37 23.84 68.60
CA LEU BC 50 44.16 23.26 68.05
C LEU BC 50 44.01 21.82 68.53
N THR BC 51 42.76 21.37 68.61
CA THR BC 51 42.42 20.03 69.08
C THR BC 51 42.02 19.20 67.86
N LEU BC 52 43.00 18.56 67.23
CA LEU BC 52 42.76 17.80 66.01
C LEU BC 52 42.12 16.48 66.38
N LEU BC 53 40.99 16.16 65.73
CA LEU BC 53 40.32 14.88 65.98
C LEU BC 53 41.06 13.70 65.39
N GLU BC 54 41.82 13.90 64.31
CA GLU BC 54 42.74 12.89 63.81
C GLU BC 54 43.96 13.58 63.23
N SER BC 55 45.11 12.93 63.33
CA SER BC 55 46.37 13.48 62.84
C SER BC 55 46.73 12.97 61.45
N GLU BC 56 45.94 12.07 60.89
CA GLU BC 56 46.37 11.37 59.68
C GLU BC 56 46.08 12.16 58.41
N ARG BC 57 45.08 13.05 58.44
CA ARG BC 57 44.77 13.84 57.26
C ARG BC 57 45.79 14.96 57.09
N GLU BC 58 45.90 15.45 55.85
CA GLU BC 58 46.82 16.53 55.53
C GLU BC 58 46.28 17.29 54.33
N ALA BC 59 46.27 18.62 54.43
CA ALA BC 59 45.79 19.45 53.33
C ALA BC 59 46.84 19.56 52.23
N ARG BC 60 46.36 19.77 51.00
CA ARG BC 60 47.25 19.86 49.85
C ARG BC 60 47.81 21.28 49.76
N ARG BC 61 49.13 21.39 49.68
CA ARG BC 61 49.77 22.70 49.57
C ARG BC 61 49.71 23.22 48.13
N LEU BC 62 49.25 24.45 47.97
CA LEU BC 62 49.15 25.07 46.67
C LEU BC 62 50.37 25.93 46.38
N GLY CC 1 -19.25 93.20 40.72
CA GLY CC 1 -18.51 93.69 39.57
C GLY CC 1 -17.20 92.96 39.34
N HIS CC 2 -16.44 93.42 38.36
CA HIS CC 2 -15.14 92.80 38.07
C HIS CC 2 -14.10 93.16 39.14
N GLN CC 3 -14.23 94.34 39.76
CA GLN CC 3 -13.30 94.74 40.79
C GLN CC 3 -13.48 93.94 42.07
N GLN CC 4 -14.65 93.34 42.27
CA GLN CC 4 -14.94 92.53 43.45
C GLN CC 4 -14.74 91.04 43.20
N LEU CC 5 -14.28 90.66 42.01
CA LEU CC 5 -14.00 89.26 41.70
C LEU CC 5 -12.59 89.07 41.13
N TYR CC 6 -11.90 90.14 40.77
CA TYR CC 6 -10.58 90.02 40.16
C TYR CC 6 -9.52 89.55 41.15
N TRP CC 7 -9.46 90.19 42.32
CA TRP CC 7 -8.47 89.85 43.34
C TRP CC 7 -9.13 89.78 44.72
N SER CC 8 -10.23 89.03 44.81
CA SER CC 8 -10.96 88.90 46.07
C SER CC 8 -10.74 87.55 46.74
N HIS CC 9 -9.99 86.64 46.14
CA HIS CC 9 -9.66 85.39 46.81
C HIS CC 9 -8.62 85.65 47.89
N PRO CC 10 -8.74 85.05 49.07
CA PRO CC 10 -7.80 85.34 50.16
C PRO CC 10 -6.43 84.73 49.90
N ARG CC 11 -5.40 85.57 50.02
CA ARG CC 11 -4.02 85.14 49.82
C ARG CC 11 -3.20 85.34 51.09
N LYS CC 12 -3.79 85.00 52.24
CA LYS CC 12 -3.14 85.24 53.52
C LYS CC 12 -2.21 84.11 53.93
N PHE CC 13 -2.20 83.01 53.18
CA PHE CC 13 -1.52 81.79 53.59
C PHE CC 13 -1.28 80.91 52.37
N GLY CC 14 -0.62 79.79 52.58
CA GLY CC 14 -0.36 78.82 51.53
C GLY CC 14 0.90 79.13 50.75
N GLN CC 15 1.29 78.17 49.91
CA GLN CC 15 2.46 78.38 49.06
C GLN CC 15 2.14 79.15 47.81
N GLY CC 16 0.85 79.37 47.51
CA GLY CC 16 0.48 80.19 46.37
C GLY CC 16 0.54 81.67 46.66
N SER CC 17 0.48 82.05 47.94
CA SER CC 17 0.58 83.45 48.32
C SER CC 17 2.01 83.96 48.18
N ARG CC 18 2.96 83.25 48.78
CA ARG CC 18 4.37 83.60 48.68
C ARG CC 18 4.97 83.02 47.41
N SER CC 19 6.08 83.62 46.97
CA SER CC 19 6.76 83.16 45.77
C SER CC 19 8.24 83.44 45.90
N CYS CC 20 8.99 83.04 44.87
CA CYS CC 20 10.42 83.35 44.81
C CYS CC 20 10.61 84.83 44.55
N ARG CC 21 11.74 85.36 45.02
CA ARG CC 21 12.07 86.75 44.70
C ARG CC 21 12.99 86.86 43.49
N VAL CC 22 13.20 85.77 42.76
CA VAL CC 22 13.94 85.80 41.50
C VAL CC 22 13.04 85.27 40.40
N CYS CC 23 12.54 84.06 40.56
CA CYS CC 23 11.77 83.41 39.51
C CYS CC 23 10.27 83.74 39.62
N SER CC 24 9.82 84.11 40.83
CA SER CC 24 8.41 84.27 41.18
C SER CC 24 7.60 83.00 40.92
N ASN CC 25 8.19 81.83 41.13
CA ASN CC 25 7.49 80.56 41.06
C ASN CC 25 7.08 80.09 42.45
N ARG CC 26 6.27 79.03 42.50
CA ARG CC 26 5.64 78.64 43.75
C ARG CC 26 6.02 77.21 44.15
N HIS CC 27 7.29 76.83 43.95
CA HIS CC 27 7.75 75.48 44.26
C HIS CC 27 9.17 75.55 44.79
N GLY CC 28 9.43 74.82 45.88
CA GLY CC 28 10.77 74.69 46.42
C GLY CC 28 11.30 75.96 47.07
N LEU CC 29 10.42 76.69 47.75
CA LEU CC 29 10.79 77.99 48.30
C LEU CC 29 11.55 77.82 49.62
N ILE CC 30 12.64 78.56 49.76
CA ILE CC 30 13.39 78.56 51.02
C ILE CC 30 12.93 79.75 51.84
N ARG CC 31 11.97 79.52 52.74
CA ARG CC 31 11.44 80.58 53.60
C ARG CC 31 12.30 80.78 54.84
N LYS CC 32 13.29 79.91 55.05
CA LYS CC 32 14.13 79.98 56.23
C LYS CC 32 15.06 81.19 56.17
N TYR CC 33 15.10 81.95 57.27
CA TYR CC 33 15.85 83.19 57.47
C TYR CC 33 15.46 84.29 56.48
N GLY CC 34 14.23 84.25 55.96
CA GLY CC 34 13.76 85.32 55.10
C GLY CC 34 14.39 85.33 53.72
N LEU CC 35 14.86 84.18 53.25
CA LEU CC 35 15.38 84.08 51.89
C LEU CC 35 14.23 84.21 50.87
N ASN CC 36 13.16 83.43 51.06
CA ASN CC 36 11.92 83.49 50.26
C ASN CC 36 12.18 83.26 48.78
N MET CC 37 13.12 82.36 48.48
CA MET CC 37 13.57 82.13 47.11
C MET CC 37 13.75 80.64 46.88
N CYS CC 38 13.73 80.25 45.61
CA CYS CC 38 13.78 78.84 45.26
C CYS CC 38 15.20 78.29 45.46
N ARG CC 39 15.27 76.96 45.55
CA ARG CC 39 16.54 76.30 45.85
C ARG CC 39 17.51 76.36 44.67
N GLN CC 40 17.00 76.45 43.44
CA GLN CC 40 17.87 76.57 42.27
C GLN CC 40 18.58 77.91 42.25
N CYS CC 41 17.84 79.00 42.50
CA CYS CC 41 18.49 80.31 42.57
C CYS CC 41 19.27 80.47 43.87
N PHE CC 42 18.94 79.70 44.91
CA PHE CC 42 19.77 79.70 46.11
C PHE CC 42 21.13 79.07 45.82
N ARG CC 43 21.15 77.97 45.05
CA ARG CC 43 22.41 77.39 44.60
C ARG CC 43 23.14 78.34 43.66
N GLN CC 44 22.39 79.12 42.87
CA GLN CC 44 23.00 80.07 41.96
C GLN CC 44 23.66 81.23 42.70
N TYR CC 45 23.03 81.74 43.75
CA TYR CC 45 23.48 82.95 44.43
C TYR CC 45 23.99 82.72 45.85
N ALA CC 46 24.30 81.48 46.22
CA ALA CC 46 24.85 81.22 47.55
C ALA CC 46 26.25 81.79 47.71
N LYS CC 47 27.02 81.82 46.63
CA LYS CC 47 28.34 82.44 46.70
C LYS CC 47 28.24 83.96 46.82
N ASP CC 48 27.20 84.55 46.21
CA ASP CC 48 27.01 85.99 46.32
C ASP CC 48 26.45 86.37 47.68
N ILE CC 49 25.63 85.51 48.28
CA ILE CC 49 25.12 85.78 49.62
C ILE CC 49 26.21 85.57 50.68
N GLY CC 50 26.84 84.40 50.68
CA GLY CC 50 27.86 84.12 51.67
C GLY CC 50 27.88 82.67 52.12
N PHE CC 51 26.89 81.90 51.69
CA PHE CC 51 26.88 80.48 52.00
C PHE CC 51 27.96 79.75 51.21
N ILE CC 52 28.63 78.81 51.87
CA ILE CC 52 29.74 78.09 51.27
C ILE CC 52 29.73 76.67 51.83
N LYS CC 53 30.09 75.71 50.98
CA LYS CC 53 30.11 74.29 51.35
C LYS CC 53 31.45 73.97 52.01
N LEU CC 54 31.55 74.29 53.30
CA LEU CC 54 32.74 73.96 54.06
C LEU CC 54 32.79 72.47 54.38
N ASP CC 55 31.67 71.90 54.82
CA ASP CC 55 31.59 70.49 55.15
C ASP CC 55 30.19 69.95 54.89
N LYS EC 1 -11.21 75.99 15.83
CA LYS EC 1 -12.17 74.89 15.95
C LYS EC 1 -13.60 75.42 16.01
N SER EC 2 -14.55 74.57 15.60
CA SER EC 2 -15.95 74.93 15.50
C SER EC 2 -16.66 74.68 16.82
N TYR EC 3 -17.63 75.52 17.14
CA TYR EC 3 -18.39 75.44 18.37
C TYR EC 3 -19.85 75.10 18.07
N THR EC 4 -20.54 74.62 19.10
CA THR EC 4 -21.96 74.29 18.97
C THR EC 4 -22.84 75.47 19.38
N THR EC 5 -22.67 75.94 20.61
CA THR EC 5 -23.44 77.07 21.12
C THR EC 5 -22.88 78.38 20.58
N PRO EC 6 -23.73 79.26 20.05
CA PRO EC 6 -23.24 80.56 19.58
C PRO EC 6 -22.84 81.46 20.74
N LYS EC 7 -21.97 82.43 20.44
CA LYS EC 7 -21.37 83.26 21.47
C LYS EC 7 -22.36 84.31 21.96
N LYS EC 8 -22.05 84.86 23.13
CA LYS EC 8 -22.83 85.97 23.69
C LYS EC 8 -22.28 87.29 23.18
N ASN EC 9 -23.17 88.17 22.74
CA ASN EC 9 -22.76 89.40 22.09
C ASN EC 9 -22.23 90.42 23.09
N LYS EC 10 -21.38 91.31 22.58
CA LYS EC 10 -20.91 92.45 23.35
C LYS EC 10 -22.03 93.48 23.48
N HIS EC 11 -22.08 94.15 24.63
CA HIS EC 11 -23.12 95.15 24.89
C HIS EC 11 -22.92 96.35 23.98
N LYS EC 12 -23.79 96.47 22.96
CA LYS EC 12 -23.75 97.60 22.05
C LYS EC 12 -24.26 98.84 22.76
N ARG EC 13 -23.44 99.88 22.82
CA ARG EC 13 -23.79 101.07 23.59
C ARG EC 13 -24.82 101.91 22.84
N LYS EC 14 -25.93 102.21 23.51
CA LYS EC 14 -27.01 103.01 22.94
C LYS EC 14 -26.57 104.46 22.91
N LYS EC 15 -26.09 104.90 21.75
CA LYS EC 15 -25.69 106.29 21.59
C LYS EC 15 -26.93 107.18 21.47
N VAL EC 16 -26.85 108.37 22.08
CA VAL EC 16 -27.96 109.32 22.10
C VAL EC 16 -27.45 110.66 21.58
N LYS EC 17 -28.05 111.13 20.50
CA LYS EC 17 -27.72 112.42 19.92
C LYS EC 17 -28.41 113.52 20.72
N LEU EC 18 -27.61 114.45 21.26
CA LEU EC 18 -28.06 115.62 22.03
C LEU EC 18 -28.89 115.21 23.24
N ALA EC 19 -28.24 114.52 24.17
CA ALA EC 19 -28.91 114.11 25.40
C ALA EC 19 -29.09 115.27 26.37
N VAL EC 20 -28.36 116.37 26.17
CA VAL EC 20 -28.51 117.54 27.02
C VAL EC 20 -29.81 118.27 26.68
N LEU EC 21 -30.32 118.08 25.47
CA LEU EC 21 -31.55 118.72 25.03
C LEU EC 21 -32.75 118.17 25.79
N LYS EC 22 -32.67 116.91 26.25
CA LYS EC 22 -33.74 116.31 27.04
C LYS EC 22 -33.67 116.68 28.52
N TYR EC 23 -32.63 117.41 28.94
CA TYR EC 23 -32.49 117.74 30.36
C TYR EC 23 -33.34 118.96 30.73
N TYR EC 24 -33.08 120.10 30.10
CA TYR EC 24 -33.74 121.35 30.44
C TYR EC 24 -34.93 121.61 29.52
N LYS EC 25 -35.75 122.56 29.93
CA LYS EC 25 -36.85 123.07 29.10
C LYS EC 25 -36.64 124.58 28.92
N VAL EC 26 -36.52 125.00 27.66
CA VAL EC 26 -36.20 126.40 27.38
C VAL EC 26 -37.48 127.22 27.46
N ASP EC 27 -37.33 128.51 27.78
CA ASP EC 27 -38.45 129.44 27.83
C ASP EC 27 -38.04 130.72 27.11
N GLU EC 28 -39.03 131.43 26.57
CA GLU EC 28 -38.75 132.68 25.88
C GLU EC 28 -38.40 133.79 26.85
N ASN EC 29 -38.79 133.65 28.11
CA ASN EC 29 -38.38 134.59 29.15
C ASN EC 29 -37.04 134.16 29.74
N GLY EC 30 -36.57 134.95 30.71
CA GLY EC 30 -35.28 134.69 31.33
C GLY EC 30 -35.35 133.74 32.50
N LYS EC 31 -35.58 132.46 32.23
CA LYS EC 31 -35.61 131.44 33.28
C LYS EC 31 -35.22 130.10 32.68
N ILE EC 32 -35.03 129.12 33.56
CA ILE EC 32 -34.70 127.75 33.18
C ILE EC 32 -35.62 126.80 33.93
N SER EC 33 -35.94 125.67 33.30
CA SER EC 33 -36.85 124.66 33.86
C SER EC 33 -36.11 123.33 33.94
N ARG EC 34 -35.87 122.87 35.16
CA ARG EC 34 -35.16 121.61 35.39
C ARG EC 34 -36.17 120.49 35.62
N LEU EC 35 -36.14 119.48 34.74
CA LEU EC 35 -37.10 118.38 34.85
C LEU EC 35 -36.65 117.34 35.86
N ARG EC 36 -35.48 116.75 35.64
CA ARG EC 36 -35.04 115.62 36.43
C ARG EC 36 -34.48 116.07 37.78
N ARG EC 37 -34.45 115.13 38.72
CA ARG EC 37 -34.04 115.42 40.08
C ARG EC 37 -32.52 115.56 40.16
N GLU EC 38 -32.07 116.44 41.05
CA GLU EC 38 -30.64 116.63 41.33
C GLU EC 38 -30.25 115.81 42.55
N CYS EC 39 -29.03 115.28 42.53
CA CYS EC 39 -28.57 114.45 43.63
C CYS EC 39 -27.91 115.29 44.72
N PRO EC 40 -28.26 115.05 45.98
CA PRO EC 40 -27.69 115.85 47.08
C PRO EC 40 -26.38 115.31 47.64
N SER EC 41 -25.68 114.42 46.92
CA SER EC 41 -24.48 113.80 47.47
C SER EC 41 -23.31 114.77 47.51
N ASP EC 42 -22.28 114.41 48.25
CA ASP EC 42 -21.13 115.30 48.42
C ASP EC 42 -20.23 115.29 47.19
N GLU EC 43 -20.12 114.14 46.51
CA GLU EC 43 -19.30 114.07 45.30
C GLU EC 43 -19.97 114.78 44.13
N CYS EC 44 -21.31 114.79 44.10
CA CYS EC 44 -22.08 115.46 43.07
C CYS EC 44 -23.07 116.43 43.73
N GLY EC 45 -22.61 117.67 43.91
CA GLY EC 45 -23.33 118.64 44.70
C GLY EC 45 -24.64 119.15 44.14
N ALA EC 46 -24.57 119.95 43.08
CA ALA EC 46 -25.78 120.60 42.57
C ALA EC 46 -25.95 120.50 41.07
N GLY EC 47 -24.88 120.17 40.33
CA GLY EC 47 -24.96 120.21 38.87
C GLY EC 47 -25.38 118.91 38.22
N VAL EC 48 -25.18 117.79 38.90
CA VAL EC 48 -25.41 116.47 38.30
C VAL EC 48 -26.88 116.10 38.41
N PHE EC 49 -27.49 115.81 37.27
CA PHE EC 49 -28.86 115.31 37.24
C PHE EC 49 -28.88 113.80 37.49
N MET EC 50 -30.07 113.29 37.80
CA MET EC 50 -30.26 111.88 38.09
C MET EC 50 -31.03 111.19 36.96
N ALA EC 51 -31.02 109.86 37.00
CA ALA EC 51 -31.74 109.08 36.01
C ALA EC 51 -33.21 108.99 36.38
N SER EC 52 -34.08 109.22 35.40
CA SER EC 52 -35.53 109.16 35.58
C SER EC 52 -36.03 107.86 34.94
N HIS EC 53 -36.12 106.82 35.76
CA HIS EC 53 -36.60 105.53 35.28
C HIS EC 53 -38.13 105.51 35.22
N PHE EC 54 -38.67 104.33 34.92
CA PHE EC 54 -40.12 104.20 34.79
C PHE EC 54 -40.80 104.10 36.15
N ASP EC 55 -40.06 103.74 37.19
CA ASP EC 55 -40.63 103.51 38.51
C ASP EC 55 -40.05 104.40 39.61
N ARG EC 56 -38.74 104.57 39.68
CA ARG EC 56 -38.14 105.33 40.78
C ARG EC 56 -36.77 105.84 40.35
N HIS EC 57 -36.21 106.77 41.14
CA HIS EC 57 -35.04 107.49 40.66
C HIS EC 57 -33.75 106.93 41.25
N TYR EC 58 -32.65 107.19 40.54
CA TYR EC 58 -31.34 106.65 40.89
C TYR EC 58 -30.26 107.51 40.27
N CYS EC 59 -29.19 107.74 41.03
CA CYS EC 59 -27.99 108.42 40.56
C CYS EC 59 -26.85 107.42 40.52
N GLY EC 60 -26.12 107.41 39.40
CA GLY EC 60 -25.23 106.33 39.06
C GLY EC 60 -23.87 106.28 39.73
N LYS EC 61 -23.05 107.32 39.53
CA LYS EC 61 -21.64 107.22 39.92
C LYS EC 61 -21.45 107.34 41.42
N CYS EC 62 -22.43 107.88 42.13
CA CYS EC 62 -22.43 107.87 43.59
C CYS EC 62 -23.33 106.77 44.16
N CYS EC 63 -24.12 106.11 43.29
CA CYS EC 63 -25.00 104.99 43.61
C CYS EC 63 -26.02 105.34 44.70
N LEU EC 64 -26.94 106.25 44.40
CA LEU EC 64 -27.92 106.65 45.40
C LEU EC 64 -29.32 106.43 44.84
N THR EC 65 -30.15 105.70 45.59
CA THR EC 65 -31.44 105.24 45.12
C THR EC 65 -32.56 105.90 45.92
N TYR EC 66 -33.53 106.48 45.20
CA TYR EC 66 -34.74 107.04 45.79
C TYR EC 66 -35.94 106.27 45.25
N CYS EC 67 -36.56 105.48 46.11
CA CYS EC 67 -37.69 104.66 45.73
C CYS EC 67 -39.02 105.37 46.00
N PHE EC 68 -40.07 104.91 45.34
CA PHE EC 68 -41.41 105.45 45.52
C PHE EC 68 -42.33 104.42 46.17
N THR FC 1 94.67 58.30 88.47
CA THR FC 1 94.77 57.47 89.66
C THR FC 1 93.40 57.16 90.25
N GLU FC 2 92.36 57.66 89.59
CA GLU FC 2 91.00 57.46 90.05
C GLU FC 2 90.08 57.37 88.85
N GLN FC 3 88.95 56.68 89.05
CA GLN FC 3 88.03 56.36 87.96
C GLN FC 3 86.61 56.42 88.50
N MET FC 4 85.66 56.81 87.65
CA MET FC 4 84.28 56.95 88.08
C MET FC 4 83.60 55.58 88.18
N THR FC 5 82.54 55.51 88.98
CA THR FC 5 81.81 54.26 89.16
C THR FC 5 80.32 54.54 89.14
N LEU FC 6 79.55 53.48 88.94
CA LEU FC 6 78.09 53.57 88.83
C LEU FC 6 77.47 53.12 90.15
N ARG FC 7 76.62 53.98 90.73
CA ARG FC 7 75.83 53.54 91.89
C ARG FC 7 74.39 53.25 91.49
N GLY FC 8 73.83 54.03 90.57
CA GLY FC 8 72.45 53.81 90.19
C GLY FC 8 72.00 54.74 89.08
N THR FC 9 70.72 54.58 88.74
CA THR FC 9 70.06 55.34 87.69
C THR FC 9 68.80 55.99 88.28
N LEU FC 10 68.16 56.81 87.46
CA LEU FC 10 66.94 57.54 87.83
C LEU FC 10 65.91 57.35 86.72
N LYS FC 11 64.88 56.56 87.01
CA LYS FC 11 63.85 56.25 86.02
C LYS FC 11 62.54 56.91 86.46
N GLY FC 12 62.35 58.15 86.04
CA GLY FC 12 61.11 58.87 86.32
C GLY FC 12 60.68 59.77 85.18
N HIS FC 13 61.07 59.43 83.96
CA HIS FC 13 60.92 60.32 82.82
C HIS FC 13 60.29 59.58 81.64
N ASN FC 14 59.47 60.32 80.88
CA ASN FC 14 58.95 59.83 79.60
C ASN FC 14 59.77 60.34 78.44
N GLY FC 15 60.00 61.65 78.36
CA GLY FC 15 60.98 62.22 77.47
C GLY FC 15 62.32 62.33 78.17
N TRP FC 16 63.38 62.46 77.37
CA TRP FC 16 64.71 62.40 77.94
C TRP FC 16 65.10 63.73 78.58
N VAL FC 17 66.06 63.65 79.51
CA VAL FC 17 66.42 64.74 80.40
C VAL FC 17 67.25 65.76 79.61
N THR FC 18 66.75 66.99 79.55
CA THR FC 18 67.42 68.03 78.78
C THR FC 18 68.39 68.85 79.64
N GLN FC 19 68.11 68.98 80.93
CA GLN FC 19 68.92 69.81 81.80
C GLN FC 19 68.82 69.32 83.23
N ILE FC 20 69.95 69.32 83.93
CA ILE FC 20 70.02 68.96 85.34
C ILE FC 20 70.50 70.17 86.13
N ALA FC 21 69.69 70.58 87.12
CA ALA FC 21 69.97 71.74 87.94
C ALA FC 21 70.33 71.32 89.35
N THR FC 22 71.42 71.91 89.85
CA THR FC 22 72.03 71.62 91.13
C THR FC 22 71.84 72.79 92.08
N THR FC 23 72.34 72.64 93.30
CA THR FC 23 72.39 73.70 94.30
C THR FC 23 73.49 73.38 95.30
N PRO FC 24 74.15 74.39 95.87
CA PRO FC 24 75.10 74.10 96.96
C PRO FC 24 74.43 74.01 98.31
N GLN FC 25 73.22 74.52 98.46
CA GLN FC 25 72.57 74.52 99.78
C GLN FC 25 71.98 73.17 100.13
N PHE FC 26 71.35 72.49 99.17
CA PHE FC 26 70.68 71.22 99.43
C PHE FC 26 71.45 70.09 98.75
N PRO FC 27 72.24 69.30 99.48
CA PRO FC 27 73.01 68.22 98.84
C PRO FC 27 72.16 67.04 98.42
N ASP FC 28 71.14 66.70 99.21
CA ASP FC 28 70.27 65.57 98.91
C ASP FC 28 69.04 66.02 98.13
N MET FC 29 69.25 66.75 97.04
CA MET FC 29 68.17 67.26 96.22
C MET FC 29 68.75 67.62 94.87
N ILE FC 30 68.06 67.26 93.79
CA ILE FC 30 68.42 67.67 92.44
C ILE FC 30 67.13 67.97 91.69
N LEU FC 31 67.23 68.79 90.63
CA LEU FC 31 66.07 69.08 89.80
C LEU FC 31 66.44 68.72 88.37
N SER FC 32 65.46 68.23 87.60
CA SER FC 32 65.74 67.77 86.25
C SER FC 32 64.60 68.17 85.32
N ALA FC 33 64.91 69.04 84.36
CA ALA FC 33 64.00 69.26 83.24
C ALA FC 33 64.14 68.10 82.27
N SER FC 34 63.16 67.99 81.38
CA SER FC 34 63.11 66.83 80.49
C SER FC 34 62.36 67.18 79.22
N ARG FC 35 62.38 66.24 78.27
CA ARG FC 35 61.71 66.46 76.99
C ARG FC 35 60.19 66.44 77.14
N ASP FC 36 59.64 65.62 78.03
CA ASP FC 36 58.20 65.62 78.24
C ASP FC 36 57.78 66.86 79.05
N LYS FC 37 56.48 66.93 79.35
CA LYS FC 37 55.93 68.12 79.98
C LYS FC 37 56.26 68.22 81.46
N THR FC 38 56.81 67.16 82.05
CA THR FC 38 57.08 67.15 83.48
C THR FC 38 58.52 67.52 83.79
N ILE FC 39 58.72 68.13 84.95
CA ILE FC 39 60.03 68.47 85.49
C ILE FC 39 60.12 67.80 86.85
N ILE FC 40 61.12 66.94 87.03
CA ILE FC 40 61.15 66.06 88.20
C ILE FC 40 62.12 66.60 89.24
N MET FC 41 61.62 66.78 90.45
CA MET FC 41 62.44 67.04 91.64
C MET FC 41 62.74 65.69 92.27
N TRP FC 42 64.01 65.44 92.58
CA TRP FC 42 64.37 64.14 93.12
C TRP FC 42 64.67 64.24 94.61
N LYS FC 43 64.48 63.12 95.31
CA LYS FC 43 64.87 62.96 96.70
C LYS FC 43 65.86 61.81 96.75
N LEU FC 44 67.11 62.13 97.08
CA LEU FC 44 68.22 61.19 96.94
C LEU FC 44 68.29 60.34 98.21
N THR FC 45 67.89 59.07 98.08
CA THR FC 45 67.86 58.20 99.26
C THR FC 45 69.18 57.49 99.47
N ARG FC 46 69.93 57.29 98.38
CA ARG FC 46 71.24 56.61 98.36
C ARG FC 46 71.19 55.20 98.92
N ASP FC 47 70.14 54.45 98.61
CA ASP FC 47 69.95 53.11 99.15
C ASP FC 47 70.34 52.05 98.13
N GLU FC 48 70.07 50.79 98.49
CA GLU FC 48 70.45 49.67 97.63
C GLU FC 48 69.46 49.49 96.49
N THR FC 49 68.17 49.74 96.75
CA THR FC 49 67.14 49.53 95.74
C THR FC 49 67.19 50.61 94.66
N ASN FC 50 66.99 51.86 95.04
CA ASN FC 50 67.01 52.96 94.09
C ASN FC 50 67.87 54.09 94.66
N TYR FC 51 68.46 54.88 93.75
CA TYR FC 51 69.28 56.00 94.19
C TYR FC 51 68.42 57.20 94.57
N GLY FC 52 67.36 57.46 93.82
CA GLY FC 52 66.49 58.59 94.10
C GLY FC 52 65.04 58.24 93.86
N ILE FC 53 64.16 58.96 94.54
CA ILE FC 53 62.72 58.79 94.41
C ILE FC 53 62.15 60.14 93.94
N PRO FC 54 61.29 60.15 92.92
CA PRO FC 54 60.69 61.42 92.47
C PRO FC 54 59.72 61.96 93.50
N GLN FC 55 59.87 63.24 93.85
CA GLN FC 55 59.05 63.86 94.88
C GLN FC 55 57.98 64.78 94.28
N ARG FC 56 58.35 65.60 93.31
CA ARG FC 56 57.44 66.57 92.73
C ARG FC 56 57.61 66.61 91.21
N ALA FC 57 56.47 66.66 90.52
CA ALA FC 57 56.44 66.79 89.07
C ALA FC 57 55.81 68.13 88.72
N LEU FC 58 56.59 69.01 88.10
CA LEU FC 58 56.17 70.39 87.85
C LEU FC 58 55.51 70.45 86.48
N ARG FC 59 54.20 70.26 86.46
CA ARG FC 59 53.42 70.33 85.21
C ARG FC 59 52.97 71.77 85.00
N GLY FC 60 52.77 72.14 83.74
CA GLY FC 60 52.33 73.48 83.42
C GLY FC 60 52.91 74.05 82.14
N HIS FC 61 53.90 73.38 81.57
CA HIS FC 61 54.49 73.84 80.32
C HIS FC 61 53.68 73.37 79.12
N SER FC 62 53.64 74.21 78.07
CA SER FC 62 52.87 73.88 76.88
C SER FC 62 53.69 73.06 75.89
N HIS FC 63 55.02 73.15 75.94
CA HIS FC 63 55.86 72.47 74.96
C HIS FC 63 57.06 71.87 75.69
N PHE FC 64 58.08 71.50 74.94
CA PHE FC 64 59.19 70.68 75.43
C PHE FC 64 60.14 71.54 76.26
N VAL FC 65 60.40 71.11 77.49
CA VAL FC 65 61.16 71.92 78.44
C VAL FC 65 62.65 71.78 78.14
N SER FC 66 63.34 72.91 77.97
CA SER FC 66 64.73 72.90 77.57
C SER FC 66 65.70 73.13 78.73
N ASP FC 67 65.57 74.24 79.44
CA ASP FC 67 66.55 74.63 80.45
C ASP FC 67 65.87 74.73 81.80
N VAL FC 68 66.65 74.54 82.85
CA VAL FC 68 66.20 74.73 84.23
C VAL FC 68 67.40 75.17 85.06
N VAL FC 69 67.15 75.99 86.08
CA VAL FC 69 68.21 76.55 86.91
C VAL FC 69 67.66 76.88 88.30
N ILE FC 70 68.44 76.55 89.33
CA ILE FC 70 68.07 76.76 90.72
C ILE FC 70 68.85 77.96 91.23
N SER FC 71 68.18 78.83 91.98
CA SER FC 71 68.81 80.00 92.58
C SER FC 71 69.77 79.59 93.70
N SER FC 72 70.52 80.57 94.19
CA SER FC 72 71.49 80.31 95.26
C SER FC 72 70.80 80.07 96.60
N ASP FC 73 69.56 80.54 96.75
CA ASP FC 73 68.83 80.30 97.99
C ASP FC 73 68.36 78.86 98.08
N GLY FC 74 67.87 78.31 96.97
CA GLY FC 74 67.30 76.99 96.95
C GLY FC 74 65.81 76.93 97.18
N GLN FC 75 65.13 78.09 97.21
CA GLN FC 75 63.69 78.14 97.42
C GLN FC 75 62.92 78.35 96.13
N PHE FC 76 63.56 78.89 95.10
CA PHE FC 76 62.95 79.13 93.80
C PHE FC 76 63.82 78.56 92.70
N ALA FC 77 63.19 78.22 91.58
CA ALA FC 77 63.94 77.69 90.43
C ALA FC 77 63.18 78.03 89.16
N LEU FC 78 63.90 78.52 88.16
CA LEU FC 78 63.28 78.97 86.92
C LEU FC 78 63.49 77.90 85.84
N SER FC 79 62.45 77.64 85.07
CA SER FC 79 62.51 76.72 83.95
C SER FC 79 62.09 77.43 82.68
N GLY FC 80 62.74 77.07 81.58
CA GLY FC 80 62.44 77.61 80.26
C GLY FC 80 62.17 76.49 79.28
N SER FC 81 61.08 76.63 78.54
CA SER FC 81 60.58 75.58 77.66
C SER FC 81 60.51 76.13 76.24
N TRP FC 82 60.14 75.24 75.31
CA TRP FC 82 60.01 75.66 73.91
C TRP FC 82 58.66 76.29 73.61
N ASP FC 83 57.82 76.50 74.63
CA ASP FC 83 56.57 77.20 74.40
C ASP FC 83 56.78 78.71 74.24
N GLY FC 84 57.86 79.23 74.85
CA GLY FC 84 58.17 80.65 74.83
C GLY FC 84 58.13 81.30 76.19
N THR FC 85 57.32 80.77 77.10
CA THR FC 85 57.18 81.35 78.42
C THR FC 85 58.21 80.77 79.39
N LEU FC 86 58.59 81.58 80.37
CA LEU FC 86 59.48 81.18 81.45
C LEU FC 86 58.68 81.07 82.74
N ARG FC 87 59.01 80.06 83.55
CA ARG FC 87 58.25 79.83 84.78
C ARG FC 87 59.19 79.85 85.97
N LEU FC 88 58.92 80.75 86.92
CA LEU FC 88 59.69 80.82 88.16
C LEU FC 88 58.94 80.00 89.22
N TRP FC 89 59.26 78.72 89.29
CA TRP FC 89 58.57 77.80 90.19
C TRP FC 89 59.05 78.01 91.62
N ASP FC 90 58.10 78.18 92.54
CA ASP FC 90 58.37 78.05 93.97
C ASP FC 90 58.60 76.58 94.27
N LEU FC 91 59.80 76.25 94.76
CA LEU FC 91 60.19 74.85 94.89
C LEU FC 91 59.47 74.13 96.04
N THR FC 92 59.01 74.87 97.04
CA THR FC 92 58.29 74.24 98.16
C THR FC 92 56.86 73.87 97.76
N THR FC 93 56.07 74.87 97.36
CA THR FC 93 54.67 74.65 97.05
C THR FC 93 54.45 74.03 95.68
N GLY FC 94 55.34 74.27 94.72
CA GLY FC 94 55.17 73.73 93.39
C GLY FC 94 54.11 74.46 92.58
N THR FC 95 54.27 75.76 92.42
CA THR FC 95 53.34 76.56 91.63
C THR FC 95 54.11 77.71 90.99
N THR FC 96 53.50 78.30 89.97
CA THR FC 96 54.13 79.38 89.21
C THR FC 96 53.98 80.69 89.96
N THR FC 97 55.11 81.31 90.32
CA THR FC 97 55.06 82.62 90.93
C THR FC 97 55.12 83.72 89.88
N ARG FC 98 56.10 83.66 88.99
CA ARG FC 98 56.24 84.64 87.92
C ARG FC 98 56.34 83.92 86.58
N ARG FC 99 55.49 84.34 85.63
CA ARG FC 99 55.52 83.82 84.28
C ARG FC 99 56.03 84.92 83.35
N PHE FC 100 57.19 84.69 82.74
CA PHE FC 100 57.80 85.65 81.84
C PHE FC 100 57.33 85.37 80.42
N VAL FC 101 56.61 86.32 79.84
CA VAL FC 101 56.01 86.20 78.52
C VAL FC 101 56.61 87.29 77.64
N GLY FC 102 56.91 86.97 76.38
CA GLY FC 102 57.50 87.94 75.48
C GLY FC 102 58.45 87.36 74.46
N HIS FC 103 58.94 86.15 74.69
CA HIS FC 103 59.70 85.45 73.67
C HIS FC 103 58.78 85.02 72.54
N THR FC 104 59.20 85.29 71.31
CA THR FC 104 58.42 84.89 70.14
C THR FC 104 58.61 83.40 69.86
N LYS FC 105 59.85 82.95 69.74
CA LYS FC 105 60.17 81.59 69.39
C LYS FC 105 60.61 80.80 70.61
N ASP FC 106 61.13 79.60 70.37
CA ASP FC 106 61.37 78.62 71.42
C ASP FC 106 62.57 79.02 72.27
N VAL FC 107 62.40 78.96 73.59
CA VAL FC 107 63.43 79.40 74.53
C VAL FC 107 64.39 78.23 74.76
N LEU FC 108 65.68 78.47 74.58
CA LEU FC 108 66.69 77.43 74.72
C LEU FC 108 67.46 77.50 76.04
N SER FC 109 67.73 78.70 76.56
CA SER FC 109 68.56 78.79 77.76
C SER FC 109 68.14 79.98 78.61
N VAL FC 110 68.44 79.89 79.90
CA VAL FC 110 68.11 80.94 80.86
C VAL FC 110 69.12 80.87 82.00
N ALA FC 111 69.40 82.03 82.62
CA ALA FC 111 70.38 82.08 83.69
C ALA FC 111 70.01 83.15 84.72
N PHE FC 112 70.09 82.75 86.00
CA PHE FC 112 70.04 83.70 87.11
C PHE FC 112 71.37 84.42 87.27
N SER FC 113 71.34 85.53 88.01
CA SER FC 113 72.56 86.19 88.44
C SER FC 113 73.03 85.61 89.77
N SER FC 114 74.23 86.03 90.18
CA SER FC 114 74.77 85.59 91.46
C SER FC 114 74.02 86.23 92.63
N ASP FC 115 73.51 87.45 92.44
CA ASP FC 115 72.68 88.10 93.44
C ASP FC 115 71.21 87.71 93.31
N ASN FC 116 70.86 86.88 92.32
CA ASN FC 116 69.50 86.44 92.03
C ASN FC 116 68.57 87.62 91.76
N ARG FC 117 69.08 88.61 91.02
CA ARG FC 117 68.35 89.81 90.66
C ARG FC 117 68.12 89.93 89.16
N GLN FC 118 69.12 89.59 88.36
CA GLN FC 118 69.03 89.67 86.90
C GLN FC 118 68.83 88.28 86.31
N ILE FC 119 68.09 88.23 85.20
CA ILE FC 119 67.81 86.99 84.49
C ILE FC 119 68.09 87.24 83.01
N VAL FC 120 68.86 86.36 82.38
CA VAL FC 120 69.16 86.50 80.95
C VAL FC 120 68.73 85.24 80.22
N SER FC 121 67.97 85.42 79.15
CA SER FC 121 67.37 84.33 78.41
C SER FC 121 67.80 84.38 76.95
N GLY FC 122 68.13 83.22 76.41
CA GLY FC 122 68.43 83.07 75.00
C GLY FC 122 67.44 82.12 74.35
N SER FC 123 66.83 82.58 73.26
CA SER FC 123 65.72 81.89 72.62
C SER FC 123 65.98 81.77 71.13
N ARG FC 124 65.09 81.06 70.43
CA ARG FC 124 65.29 80.79 69.01
C ARG FC 124 64.84 81.94 68.12
N ASP FC 125 64.30 83.02 68.68
CA ASP FC 125 64.21 84.26 67.93
C ASP FC 125 65.56 84.96 68.01
N LYS FC 126 65.76 85.98 67.17
CA LYS FC 126 67.07 86.62 67.09
C LYS FC 126 67.24 87.69 68.16
N THR FC 127 66.96 87.35 69.41
CA THR FC 127 67.07 88.27 70.54
C THR FC 127 67.75 87.54 71.70
N ILE FC 128 68.34 88.34 72.59
CA ILE FC 128 68.82 87.88 73.89
C ILE FC 128 68.18 88.81 74.91
N LYS FC 129 67.27 88.28 75.72
CA LYS FC 129 66.46 89.15 76.58
C LYS FC 129 67.00 89.19 78.00
N LEU FC 130 66.78 90.33 78.66
CA LEU FC 130 67.26 90.61 79.99
C LEU FC 130 66.09 91.08 80.84
N TRP FC 131 65.84 90.37 81.94
CA TRP FC 131 64.64 90.46 82.75
C TRP FC 131 65.03 90.67 84.21
N ASN FC 132 64.07 91.18 84.98
CA ASN FC 132 64.14 91.18 86.43
C ASN FC 132 63.41 89.96 86.98
N THR FC 133 63.23 89.94 88.30
CA THR FC 133 62.45 88.87 88.91
C THR FC 133 60.98 89.22 88.98
N LEU FC 134 60.64 90.51 88.85
CA LEU FC 134 59.25 90.95 88.99
C LEU FC 134 58.47 90.89 87.70
N GLY FC 135 59.10 90.48 86.59
CA GLY FC 135 58.37 90.31 85.35
C GLY FC 135 58.31 91.55 84.48
N VAL FC 136 59.45 92.22 84.32
CA VAL FC 136 59.55 93.43 83.52
C VAL FC 136 60.61 93.21 82.45
N CYS FC 137 60.25 93.42 81.18
CA CYS FC 137 61.19 93.29 80.08
C CYS FC 137 62.18 94.43 80.10
N LYS FC 138 63.36 94.22 80.69
CA LYS FC 138 64.30 95.32 80.89
C LYS FC 138 65.08 95.62 79.63
N TYR FC 139 65.57 94.60 78.93
CA TYR FC 139 66.46 94.86 77.81
C TYR FC 139 66.33 93.76 76.76
N THR FC 140 66.49 94.15 75.48
CA THR FC 140 66.40 93.22 74.37
C THR FC 140 67.21 93.75 73.20
N VAL FC 141 68.12 92.92 72.69
CA VAL FC 141 68.89 93.22 71.48
C VAL FC 141 68.10 92.74 70.27
N GLN FC 142 68.02 93.58 69.24
CA GLN FC 142 67.41 93.21 67.97
C GLN FC 142 68.41 93.29 66.82
N ASP FC 143 69.12 94.41 66.66
CA ASP FC 143 70.04 94.57 65.56
C ASP FC 143 71.38 93.90 65.87
N GLU FC 144 72.08 94.37 66.90
CA GLU FC 144 73.37 93.81 67.28
C GLU FC 144 73.11 92.58 68.12
N SER FC 145 73.07 91.42 67.47
CA SER FC 145 72.77 90.16 68.12
C SER FC 145 73.26 89.03 67.21
N HIS FC 146 72.85 87.81 67.54
CA HIS FC 146 73.16 86.66 66.70
C HIS FC 146 72.27 86.68 65.46
N SER FC 147 72.84 86.28 64.32
CA SER FC 147 72.06 86.24 63.09
C SER FC 147 71.19 84.99 63.01
N GLU FC 148 71.42 84.02 63.89
CA GLU FC 148 70.65 82.80 64.02
C GLU FC 148 70.22 82.62 65.48
N TRP FC 149 69.80 81.40 65.81
CA TRP FC 149 69.29 81.06 67.14
C TRP FC 149 70.36 81.30 68.21
N VAL FC 150 69.89 81.54 69.44
CA VAL FC 150 70.78 81.71 70.58
C VAL FC 150 70.72 80.42 71.39
N SER FC 151 71.81 79.66 71.36
CA SER FC 151 71.78 78.30 71.91
C SER FC 151 71.93 78.32 73.43
N CYS FC 152 72.95 78.98 73.96
CA CYS FC 152 73.20 78.93 75.39
C CYS FC 152 73.75 80.25 75.89
N VAL FC 153 73.37 80.60 77.12
CA VAL FC 153 73.85 81.78 77.83
C VAL FC 153 74.32 81.37 79.21
N ARG FC 154 75.46 81.93 79.64
CA ARG FC 154 75.97 81.74 80.99
C ARG FC 154 76.54 83.06 81.49
N PHE FC 155 76.85 83.12 82.78
CA PHE FC 155 77.38 84.34 83.37
C PHE FC 155 78.82 84.14 83.84
N SER FC 156 79.39 85.22 84.36
CA SER FC 156 80.62 85.13 85.13
C SER FC 156 80.27 84.97 86.61
N PRO FC 157 80.79 83.96 87.30
CA PRO FC 157 80.53 83.86 88.74
C PRO FC 157 81.24 84.93 89.57
N ASN FC 158 82.26 85.56 89.02
CA ASN FC 158 82.96 86.64 89.72
C ASN FC 158 82.07 87.88 89.75
N SER FC 159 81.85 88.42 90.95
CA SER FC 159 81.02 89.61 91.10
C SER FC 159 81.75 90.88 90.67
N SER FC 160 83.08 90.81 90.58
CA SER FC 160 83.84 91.98 90.12
C SER FC 160 83.73 92.17 88.62
N ASN FC 161 83.36 91.12 87.88
CA ASN FC 161 83.26 91.20 86.43
C ASN FC 161 81.79 91.06 86.02
N PRO FC 162 81.12 92.15 85.64
CA PRO FC 162 79.74 92.06 85.10
C PRO FC 162 79.74 91.60 83.64
N ILE FC 163 80.09 90.34 83.44
CA ILE FC 163 80.36 89.78 82.12
C ILE FC 163 79.48 88.55 81.92
N ILE FC 164 78.75 88.52 80.80
CA ILE FC 164 77.95 87.35 80.43
C ILE FC 164 78.48 86.82 79.11
N VAL FC 165 78.29 85.53 78.86
CA VAL FC 165 78.77 84.88 77.64
C VAL FC 165 77.59 84.20 76.96
N SER FC 166 77.40 84.52 75.68
CA SER FC 166 76.28 83.97 74.91
C SER FC 166 76.81 83.37 73.61
N CYS FC 167 76.46 82.12 73.34
CA CYS FC 167 76.79 81.51 72.07
C CYS FC 167 75.56 81.47 71.18
N GLY FC 168 75.70 80.78 70.04
CA GLY FC 168 74.57 80.66 69.15
C GLY FC 168 74.91 79.80 67.95
N TRP FC 169 73.91 79.65 67.08
CA TRP FC 169 74.01 78.87 65.86
C TRP FC 169 74.70 79.62 64.73
N ASP FC 170 75.17 80.86 64.98
CA ASP FC 170 75.93 81.63 64.01
C ASP FC 170 77.42 81.35 64.05
N LYS FC 171 77.86 80.28 64.73
CA LYS FC 171 79.24 79.90 64.94
C LYS FC 171 80.07 80.99 65.62
N LEU FC 172 79.48 81.72 66.56
CA LEU FC 172 80.13 82.87 67.20
C LEU FC 172 79.89 82.81 68.69
N VAL FC 173 80.96 82.99 69.47
CA VAL FC 173 80.86 83.16 70.92
C VAL FC 173 80.94 84.67 71.20
N LYS FC 174 79.84 85.27 71.63
CA LYS FC 174 79.86 86.67 71.99
C LYS FC 174 79.98 86.81 73.51
N VAL FC 175 80.68 87.86 73.94
CA VAL FC 175 80.87 88.18 75.34
C VAL FC 175 80.40 89.61 75.57
N TRP FC 176 79.39 89.74 76.44
CA TRP FC 176 78.64 90.97 76.64
C TRP FC 176 78.89 91.50 78.05
N ASN FC 177 78.67 92.80 78.22
CA ASN FC 177 78.83 93.47 79.51
C ASN FC 177 77.44 93.80 80.07
N LEU FC 178 77.28 93.65 81.38
CA LEU FC 178 76.00 93.97 82.01
C LEU FC 178 75.77 95.47 82.12
N ALA FC 179 76.84 96.28 82.10
CA ALA FC 179 76.71 97.70 82.39
C ALA FC 179 76.13 98.46 81.19
N ASN FC 180 76.85 98.45 80.06
CA ASN FC 180 76.45 99.22 78.90
C ASN FC 180 75.57 98.42 77.96
N CYS FC 181 75.47 97.11 78.20
CA CYS FC 181 74.58 96.18 77.49
C CYS FC 181 74.91 96.10 76.00
N LYS FC 182 76.20 96.21 75.69
CA LYS FC 182 76.71 95.87 74.37
C LYS FC 182 77.90 94.95 74.56
N LEU FC 183 78.27 94.25 73.49
CA LEU FC 183 79.21 93.14 73.63
C LEU FC 183 80.63 93.63 73.83
N LYS FC 184 81.32 93.02 74.79
CA LYS FC 184 82.73 93.31 75.03
C LYS FC 184 83.59 92.77 73.88
N THR FC 185 83.36 91.53 73.47
CA THR FC 185 84.17 90.95 72.40
C THR FC 185 83.43 89.84 71.66
N ASN FC 186 83.94 89.50 70.49
CA ASN FC 186 83.50 88.35 69.71
C ASN FC 186 84.63 87.33 69.63
N HIS FC 187 84.25 86.06 69.38
CA HIS FC 187 85.23 84.98 69.30
C HIS FC 187 84.95 84.15 68.03
N ILE FC 188 85.59 84.54 66.93
CA ILE FC 188 85.43 83.83 65.67
C ILE FC 188 86.45 82.69 65.61
N GLY FC 189 86.03 81.56 65.06
CA GLY FC 189 86.96 80.44 64.92
C GLY FC 189 86.36 79.04 65.02
N HIS FC 190 85.16 78.91 65.56
CA HIS FC 190 84.57 77.60 65.76
C HIS FC 190 83.80 77.17 64.50
N THR FC 191 84.23 76.07 63.89
CA THR FC 191 83.49 75.48 62.79
C THR FC 191 82.38 74.58 63.33
N GLY FC 192 81.24 74.60 62.66
CA GLY FC 192 80.08 73.87 63.14
C GLY FC 192 79.27 74.67 64.13
N TYR FC 193 77.97 74.40 64.23
CA TYR FC 193 77.11 75.18 65.13
C TYR FC 193 77.43 74.88 66.59
N LEU FC 194 77.33 75.92 67.41
CA LEU FC 194 77.63 75.80 68.84
C LEU FC 194 76.43 75.24 69.59
N ASN FC 195 76.69 74.19 70.37
CA ASN FC 195 75.64 73.60 71.20
C ASN FC 195 75.69 74.09 72.64
N THR FC 196 76.89 74.19 73.22
CA THR FC 196 76.99 74.47 74.64
C THR FC 196 78.19 75.37 74.93
N VAL FC 197 78.03 76.16 75.99
CA VAL FC 197 79.07 77.03 76.53
C VAL FC 197 78.95 77.01 78.05
N THR FC 198 80.05 76.75 78.74
CA THR FC 198 80.06 76.83 80.20
C THR FC 198 81.24 77.69 80.65
N VAL FC 199 81.09 78.25 81.85
CA VAL FC 199 82.04 79.19 82.42
C VAL FC 199 82.55 78.61 83.74
N SER FC 200 83.87 78.71 83.95
CA SER FC 200 84.49 78.24 85.17
C SER FC 200 84.02 79.05 86.39
N PRO FC 201 84.03 78.45 87.58
CA PRO FC 201 83.67 79.21 88.79
C PRO FC 201 84.66 80.32 89.14
N ASP FC 202 85.90 80.23 88.66
CA ASP FC 202 86.85 81.32 88.88
C ASP FC 202 86.49 82.53 88.03
N GLY FC 203 85.87 82.32 86.88
CA GLY FC 203 85.44 83.41 86.04
C GLY FC 203 86.48 83.91 85.06
N SER FC 204 87.42 83.06 84.65
CA SER FC 204 88.48 83.44 83.73
C SER FC 204 88.40 82.68 82.40
N LEU FC 205 88.32 81.36 82.45
CA LEU FC 205 88.31 80.52 81.25
C LEU FC 205 86.91 79.98 80.99
N CYS FC 206 86.65 79.75 79.71
CA CYS FC 206 85.31 79.41 79.23
C CYS FC 206 85.40 78.33 78.17
N ALA FC 207 84.59 77.30 78.32
CA ALA FC 207 84.60 76.19 77.37
C ALA FC 207 83.41 76.28 76.42
N SER FC 208 83.68 76.04 75.14
CA SER FC 208 82.66 76.09 74.10
C SER FC 208 82.73 74.83 73.25
N GLY FC 209 81.58 74.22 73.02
CA GLY FC 209 81.50 72.99 72.23
C GLY FC 209 80.29 72.90 71.33
N GLY FC 210 80.40 72.14 70.25
CA GLY FC 210 79.32 72.04 69.29
C GLY FC 210 79.38 70.77 68.46
N LYS FC 211 79.10 70.93 67.17
CA LYS FC 211 79.02 69.78 66.25
C LYS FC 211 80.39 69.17 65.99
N ASP FC 212 81.43 70.00 65.87
CA ASP FC 212 82.73 69.53 65.40
C ASP FC 212 83.44 68.68 66.46
N GLY FC 213 82.97 68.72 67.70
CA GLY FC 213 83.66 68.01 68.77
C GLY FC 213 84.92 68.70 69.19
N GLN FC 214 84.98 70.02 69.04
CA GLN FC 214 86.17 70.79 69.34
C GLN FC 214 85.87 71.74 70.49
N ALA FC 215 86.23 71.34 71.69
CA ALA FC 215 86.03 72.14 72.89
C ALA FC 215 87.11 73.20 72.90
N MET FC 216 86.71 74.44 72.65
CA MET FC 216 87.65 75.56 72.63
C MET FC 216 87.62 76.26 73.98
N LEU FC 217 88.79 76.68 74.46
CA LEU FC 217 88.89 77.41 75.72
C LEU FC 217 89.24 78.86 75.44
N TRP FC 218 88.35 79.76 75.85
CA TRP FC 218 88.54 81.19 75.69
C TRP FC 218 88.78 81.85 77.04
N ASP FC 219 89.36 83.05 77.00
CA ASP FC 219 89.69 83.80 78.21
C ASP FC 219 88.81 85.04 78.32
N LEU FC 220 88.44 85.40 79.55
CA LEU FC 220 87.54 86.52 79.81
C LEU FC 220 88.27 87.76 80.32
N ASN FC 221 89.47 87.62 80.87
CA ASN FC 221 90.24 88.79 81.28
C ASN FC 221 90.78 89.53 80.06
N GLU FC 222 91.23 88.78 79.06
CA GLU FC 222 91.62 89.34 77.77
C GLU FC 222 91.05 88.44 76.68
N GLY FC 223 90.59 89.04 75.58
CA GLY FC 223 89.95 88.29 74.52
C GLY FC 223 90.92 87.50 73.65
N LYS FC 224 91.48 86.43 74.21
CA LYS FC 224 92.47 85.61 73.52
C LYS FC 224 92.08 84.15 73.61
N HIS FC 225 92.52 83.38 72.61
CA HIS FC 225 92.29 81.94 72.58
C HIS FC 225 93.39 81.21 73.32
N LEU FC 226 93.05 80.07 73.92
CA LEU FC 226 94.02 79.30 74.68
C LEU FC 226 94.41 77.99 74.00
N TYR FC 227 93.45 77.08 73.81
CA TYR FC 227 93.66 75.79 73.14
C TYR FC 227 92.33 75.09 72.89
N THR FC 228 92.38 74.11 72.00
CA THR FC 228 91.21 73.41 71.48
C THR FC 228 91.44 71.91 71.66
N LEU FC 229 90.44 71.21 72.18
CA LEU FC 229 90.53 69.78 72.45
C LEU FC 229 89.56 69.05 71.52
N ASP FC 230 89.99 67.88 71.03
CA ASP FC 230 89.17 67.09 70.13
C ASP FC 230 88.29 66.12 70.94
N GLY FC 231 87.00 66.12 70.65
CA GLY FC 231 86.08 65.21 71.32
C GLY FC 231 85.61 64.04 70.48
N GLY FC 232 85.77 64.12 69.16
CA GLY FC 232 85.35 63.06 68.27
C GLY FC 232 83.93 63.21 67.78
N ASP FC 233 82.95 62.98 68.67
CA ASP FC 233 81.55 63.13 68.31
C ASP FC 233 81.06 64.50 68.77
N ILE FC 234 79.78 64.78 68.53
CA ILE FC 234 79.16 66.06 68.85
C ILE FC 234 79.15 66.32 70.35
N ILE FC 235 79.56 67.51 70.76
CA ILE FC 235 79.56 67.91 72.16
C ILE FC 235 78.19 68.49 72.47
N ASN FC 236 77.47 67.86 73.39
CA ASN FC 236 76.12 68.30 73.71
C ASN FC 236 76.10 69.14 74.99
N ALA FC 237 76.94 68.82 75.97
CA ALA FC 237 76.99 69.58 77.21
C ALA FC 237 78.42 69.65 77.70
N LEU FC 238 78.72 70.73 78.42
CA LEU FC 238 80.03 70.96 79.01
C LEU FC 238 79.85 71.44 80.44
N CYS FC 239 80.80 71.09 81.31
CA CYS FC 239 80.70 71.50 82.71
C CYS FC 239 82.10 71.52 83.34
N PHE FC 240 82.44 72.62 84.01
CA PHE FC 240 83.66 72.66 84.80
C PHE FC 240 83.41 72.05 86.17
N SER FC 241 84.44 71.40 86.73
CA SER FC 241 84.32 70.82 88.06
C SER FC 241 84.41 71.91 89.12
N PRO FC 242 83.55 71.85 90.14
CA PRO FC 242 83.54 72.91 91.17
C PRO FC 242 84.75 72.89 92.09
N ASN FC 243 85.17 71.70 92.52
CA ASN FC 243 86.35 71.63 93.39
C ASN FC 243 87.61 71.31 92.58
N ARG FC 244 87.51 70.42 91.62
CA ARG FC 244 88.66 69.96 90.85
C ARG FC 244 88.85 70.85 89.62
N TYR FC 245 90.04 70.73 89.02
CA TYR FC 245 90.42 71.53 87.86
C TYR FC 245 90.19 70.72 86.57
N TRP FC 246 88.94 70.31 86.41
CA TRP FC 246 88.52 69.40 85.34
C TRP FC 246 87.45 70.03 84.46
N LEU FC 247 87.43 69.59 83.20
CA LEU FC 247 86.39 69.95 82.24
C LEU FC 247 85.73 68.66 81.75
N CYS FC 248 84.43 68.54 81.96
CA CYS FC 248 83.69 67.35 81.56
C CYS FC 248 82.83 67.65 80.36
N ALA FC 249 82.70 66.67 79.47
CA ALA FC 249 82.08 66.88 78.17
C ALA FC 249 81.17 65.71 77.81
N ALA FC 250 80.10 66.01 77.07
CA ALA FC 250 79.18 65.02 76.55
C ALA FC 250 79.51 64.78 75.08
N THR FC 251 80.51 63.93 74.82
CA THR FC 251 81.00 63.68 73.48
C THR FC 251 80.27 62.46 72.92
N GLY FC 252 79.04 62.66 72.47
CA GLY FC 252 78.26 61.62 71.85
C GLY FC 252 77.81 60.55 72.83
N PRO FC 253 78.14 59.29 72.53
CA PRO FC 253 77.63 58.19 73.37
C PRO FC 253 78.35 58.05 74.70
N SER FC 254 79.46 58.74 74.91
CA SER FC 254 80.25 58.57 76.11
C SER FC 254 80.50 59.92 76.78
N ILE FC 255 80.80 59.85 78.08
CA ILE FC 255 81.22 61.00 78.87
C ILE FC 255 82.73 61.09 78.80
N LYS FC 256 83.26 62.26 78.46
CA LYS FC 256 84.70 62.41 78.25
C LYS FC 256 85.21 63.56 79.12
N ILE FC 257 86.12 63.24 80.03
CA ILE FC 257 86.62 64.19 81.02
C ILE FC 257 88.05 64.53 80.65
N TRP FC 258 88.46 65.76 80.96
CA TRP FC 258 89.84 66.20 80.82
C TRP FC 258 90.28 66.98 82.06
N ASP FC 259 91.59 67.00 82.28
CA ASP FC 259 92.21 67.96 83.18
C ASP FC 259 92.73 69.12 82.34
N LEU FC 260 92.55 70.33 82.84
CA LEU FC 260 92.94 71.50 82.05
C LEU FC 260 94.44 71.76 82.11
N GLU FC 261 95.10 71.41 83.22
CA GLU FC 261 96.54 71.60 83.30
C GLU FC 261 97.28 70.56 82.48
N GLY FC 262 96.94 69.28 82.66
CA GLY FC 262 97.54 68.23 81.86
C GLY FC 262 96.70 67.92 80.64
N LYS FC 263 97.20 68.32 79.47
CA LYS FC 263 96.43 68.25 78.23
C LYS FC 263 96.32 66.82 77.73
N ILE FC 264 95.47 66.02 78.37
CA ILE FC 264 95.33 64.60 78.05
C ILE FC 264 93.97 64.15 78.56
N ILE FC 265 93.44 63.08 77.94
CA ILE FC 265 92.19 62.50 78.43
C ILE FC 265 92.45 61.77 79.75
N VAL FC 266 91.55 61.95 80.71
CA VAL FC 266 91.67 61.26 81.99
C VAL FC 266 90.98 59.90 81.91
N ASP FC 267 89.67 59.90 81.71
CA ASP FC 267 88.88 58.69 81.60
C ASP FC 267 87.84 58.88 80.50
N GLU FC 268 87.28 57.76 80.04
CA GLU FC 268 86.14 57.75 79.14
C GLU FC 268 85.08 56.85 79.76
N LEU FC 269 83.85 57.35 79.84
CA LEU FC 269 82.79 56.69 80.59
C LEU FC 269 81.76 56.14 79.60
N LYS FC 270 81.72 54.82 79.46
CA LYS FC 270 80.77 54.13 78.59
C LYS FC 270 79.96 53.17 79.44
N GLN FC 271 78.72 52.91 79.03
CA GLN FC 271 77.86 52.01 79.78
C GLN FC 271 78.24 50.56 79.51
N GLU FC 272 77.99 49.70 80.52
CA GLU FC 272 78.32 48.28 80.37
C GLU FC 272 77.08 47.47 80.06
N VAL FC 273 75.92 48.13 79.94
CA VAL FC 273 74.66 47.42 79.73
C VAL FC 273 74.20 47.59 78.28
N ILE FC 274 75.16 47.72 77.36
CA ILE FC 274 74.93 47.91 75.92
C ILE FC 274 74.07 46.80 75.33
N SER FC 275 72.90 47.16 74.80
CA SER FC 275 72.01 46.17 74.19
C SER FC 275 71.78 46.48 72.73
N THR FC 276 71.94 47.73 72.32
CA THR FC 276 71.79 48.14 70.93
C THR FC 276 73.03 47.73 70.15
N SER FC 277 73.06 46.45 69.77
CA SER FC 277 74.17 45.86 69.04
C SER FC 277 73.76 45.33 67.67
N SER FC 278 72.54 45.62 67.23
CA SER FC 278 72.03 45.15 65.93
C SER FC 278 71.46 46.34 65.16
N LYS FC 279 72.35 47.05 64.45
CA LYS FC 279 72.00 48.12 63.51
C LYS FC 279 71.24 49.26 64.19
N ALA FC 280 71.72 49.69 65.35
CA ALA FC 280 71.04 50.72 66.13
C ALA FC 280 72.07 51.67 66.74
N GLU FC 281 71.68 52.92 66.89
CA GLU FC 281 72.53 53.90 67.54
C GLU FC 281 72.41 53.79 69.05
N PRO FC 282 73.51 53.78 69.79
CA PRO FC 282 73.44 53.80 71.25
C PRO FC 282 72.97 55.14 71.75
N PRO FC 283 72.36 55.20 72.95
CA PRO FC 283 71.90 56.50 73.48
C PRO FC 283 73.08 57.39 73.85
N GLN FC 284 73.04 58.63 73.35
CA GLN FC 284 74.15 59.55 73.46
C GLN FC 284 74.00 60.40 74.73
N CYS FC 285 75.13 60.84 75.28
CA CYS FC 285 75.09 61.71 76.45
C CYS FC 285 74.71 63.12 76.03
N THR FC 286 73.64 63.63 76.63
CA THR FC 286 73.09 64.92 76.23
C THR FC 286 73.01 65.95 77.35
N SER FC 287 72.94 65.53 78.61
CA SER FC 287 72.97 66.50 79.70
C SER FC 287 73.65 65.89 80.91
N LEU FC 288 74.52 66.67 81.55
CA LEU FC 288 75.26 66.17 82.70
C LEU FC 288 75.83 67.34 83.48
N ALA FC 289 75.97 67.13 84.79
CA ALA FC 289 76.44 68.18 85.69
C ALA FC 289 77.03 67.55 86.94
N TRP FC 290 78.06 68.21 87.49
CA TRP FC 290 78.64 67.79 88.74
C TRP FC 290 77.74 68.17 89.91
N SER FC 291 78.04 67.61 91.08
CA SER FC 291 77.31 67.93 92.29
C SER FC 291 77.90 69.19 92.95
N ALA FC 292 77.46 69.45 94.18
CA ALA FC 292 77.94 70.62 94.90
C ALA FC 292 79.36 70.42 95.42
N ASP FC 293 79.62 69.25 96.01
CA ASP FC 293 80.93 69.02 96.60
C ASP FC 293 81.98 68.64 95.56
N GLY FC 294 81.57 67.94 94.51
CA GLY FC 294 82.52 67.46 93.52
C GLY FC 294 82.80 65.97 93.60
N GLN FC 295 81.88 65.19 94.15
CA GLN FC 295 82.04 63.75 94.30
C GLN FC 295 81.17 62.95 93.33
N THR FC 296 80.01 63.49 92.95
CA THR FC 296 79.01 62.78 92.18
C THR FC 296 78.70 63.58 90.92
N LEU FC 297 78.43 62.88 89.82
CA LEU FC 297 78.06 63.48 88.55
C LEU FC 297 76.75 62.87 88.10
N PHE FC 298 75.79 63.72 87.73
CA PHE FC 298 74.49 63.27 87.25
C PHE FC 298 74.44 63.46 85.74
N ALA FC 299 74.12 62.39 85.00
CA ALA FC 299 74.10 62.44 83.55
C ALA FC 299 72.79 61.88 83.03
N GLY FC 300 71.92 62.77 82.56
CA GLY FC 300 70.73 62.38 81.82
C GLY FC 300 71.07 62.18 80.35
N TYR FC 301 70.77 60.97 79.86
CA TYR FC 301 71.04 60.58 78.48
C TYR FC 301 69.76 60.68 77.66
N THR FC 302 69.82 60.17 76.44
CA THR FC 302 68.65 60.12 75.57
C THR FC 302 67.82 58.86 75.74
N ASP FC 303 68.15 57.98 76.69
CA ASP FC 303 67.38 56.78 76.94
C ASP FC 303 66.46 56.92 78.14
N ASN FC 304 65.98 58.15 78.40
CA ASN FC 304 65.02 58.48 79.45
C ASN FC 304 65.55 58.13 80.84
N LEU FC 305 66.85 58.30 81.03
CA LEU FC 305 67.51 57.88 82.26
C LEU FC 305 68.55 58.91 82.68
N VAL FC 306 68.84 58.92 83.98
CA VAL FC 306 69.93 59.69 84.57
C VAL FC 306 70.82 58.70 85.31
N ARG FC 307 72.02 58.46 84.78
CA ARG FC 307 73.00 57.63 85.46
C ARG FC 307 73.88 58.48 86.36
N VAL FC 308 74.29 57.91 87.49
CA VAL FC 308 75.19 58.62 88.39
C VAL FC 308 76.61 58.13 88.13
N TRP FC 309 77.58 58.96 88.52
CA TRP FC 309 79.01 58.68 88.31
C TRP FC 309 79.76 59.24 89.51
N GLN FC 310 80.20 58.36 90.41
CA GLN FC 310 80.84 58.80 91.64
C GLN FC 310 82.34 58.55 91.61
N VAL FC 311 83.08 59.42 92.30
CA VAL FC 311 84.53 59.29 92.39
C VAL FC 311 84.88 58.24 93.42
N THR FC 312 85.69 57.25 93.02
CA THR FC 312 86.10 56.20 93.94
C THR FC 312 87.22 56.67 94.87
N ILE FC 313 88.36 57.03 94.31
CA ILE FC 313 89.50 57.47 95.10
C ILE FC 313 89.46 58.98 95.30
N SER GC 1 1.41 51.94 -3.90
CA SER GC 1 0.31 52.69 -4.48
C SER GC 1 0.82 53.74 -5.46
N LEU GC 2 -0.03 54.12 -6.40
CA LEU GC 2 0.32 55.11 -7.42
C LEU GC 2 -0.60 56.32 -7.39
N ALA GC 3 -1.18 56.64 -6.22
CA ALA GC 3 -2.11 57.75 -6.12
C ALA GC 3 -1.41 59.06 -5.78
N ARG GC 4 -0.19 59.00 -5.26
CA ARG GC 4 0.54 60.19 -4.85
C ARG GC 4 1.46 60.73 -5.92
N VAL GC 5 1.15 60.50 -7.20
CA VAL GC 5 2.00 60.97 -8.29
C VAL GC 5 1.80 62.47 -8.47
N GLY GC 6 2.89 63.22 -8.46
CA GLY GC 6 2.83 64.65 -8.65
C GLY GC 6 2.25 65.42 -7.48
N LYS GC 7 2.37 64.86 -6.28
CA LYS GC 7 1.76 65.46 -5.09
C LYS GC 7 2.42 66.79 -4.73
N VAL GC 8 3.74 66.78 -4.56
CA VAL GC 8 4.47 67.98 -4.18
C VAL GC 8 4.48 69.00 -5.33
N ARG GC 9 4.59 68.51 -6.56
CA ARG GC 9 4.55 69.40 -7.73
C ARG GC 9 3.18 70.07 -7.86
N GLY GC 10 2.13 69.39 -7.42
CA GLY GC 10 0.82 70.03 -7.39
C GLY GC 10 0.68 71.02 -6.24
N GLN GC 11 1.21 70.67 -5.06
CA GLN GC 11 0.91 71.47 -3.87
C GLN GC 11 1.96 72.54 -3.55
N THR GC 12 2.98 72.70 -4.38
CA THR GC 12 3.87 73.84 -4.18
C THR GC 12 3.18 75.14 -4.62
N LEU GC 13 3.62 76.24 -4.02
CA LEU GC 13 3.06 77.56 -4.30
C LEU GC 13 3.60 78.05 -5.64
N LYS GC 14 2.71 78.45 -6.53
CA LYS GC 14 3.10 78.91 -7.85
C LYS GC 14 3.66 80.34 -7.76
N VAL GC 15 4.98 80.46 -7.73
CA VAL GC 15 5.65 81.75 -7.67
C VAL GC 15 5.92 82.22 -9.09
N ALA GC 16 5.44 83.42 -9.43
CA ALA GC 16 5.66 83.96 -10.75
C ALA GC 16 7.10 84.43 -10.92
N LYS GC 17 7.61 84.32 -12.14
CA LYS GC 17 8.99 84.70 -12.42
C LYS GC 17 9.11 86.22 -12.47
N GLN GC 18 10.16 86.73 -11.82
CA GLN GC 18 10.41 88.16 -11.77
C GLN GC 18 10.95 88.66 -13.11
N GLU GC 19 10.41 89.79 -13.58
CA GLU GC 19 10.93 90.44 -14.77
C GLU GC 19 12.31 91.02 -14.49
N LYS GC 20 13.20 90.91 -15.47
CA LYS GC 20 14.61 91.23 -15.25
C LYS GC 20 15.20 91.81 -16.52
N LYS GC 21 16.13 92.74 -16.34
CA LYS GC 21 16.96 93.25 -17.43
C LYS GC 21 17.75 92.13 -18.06
N LYS GC 22 17.77 92.10 -19.40
CA LYS GC 22 18.41 91.01 -20.12
C LYS GC 22 19.93 91.07 -19.98
N LYS GC 23 20.54 89.90 -19.90
CA LYS GC 23 21.99 89.82 -19.69
C LYS GC 23 22.72 90.02 -21.02
N ARG GC 24 23.85 90.71 -20.93
CA ARG GC 24 24.79 90.79 -22.04
C ARG GC 24 25.39 89.39 -22.29
N THR GC 25 25.66 89.11 -23.57
CA THR GC 25 26.05 87.77 -24.00
C THR GC 25 27.34 87.81 -24.79
N GLY GC 26 28.01 86.66 -24.81
CA GLY GC 26 29.20 86.46 -25.63
C GLY GC 26 30.46 87.14 -25.13
N ARG GC 27 31.10 87.90 -26.01
CA ARG GC 27 32.35 88.59 -25.67
C ARG GC 27 32.11 89.65 -24.61
N ALA GC 28 30.94 90.29 -24.64
CA ALA GC 28 30.61 91.31 -23.63
C ALA GC 28 30.33 90.67 -22.28
N LYS GC 29 29.70 89.48 -22.29
CA LYS GC 29 29.48 88.73 -21.06
C LYS GC 29 30.81 88.29 -20.45
N ARG GC 30 31.74 87.82 -21.28
CA ARG GC 30 33.03 87.38 -20.76
C ARG GC 30 33.88 88.57 -20.31
N ARG GC 31 33.72 89.72 -20.97
CA ARG GC 31 34.39 90.94 -20.54
C ARG GC 31 33.87 91.42 -19.20
N MET GC 32 32.54 91.40 -19.02
CA MET GC 32 31.94 91.80 -17.75
C MET GC 32 32.28 90.80 -16.65
N GLN GC 33 32.45 89.53 -17.01
CA GLN GC 33 32.90 88.52 -16.06
C GLN GC 33 34.34 88.79 -15.62
N TYR GC 34 35.23 89.11 -16.57
CA TYR GC 34 36.60 89.48 -16.25
C TYR GC 34 36.66 90.72 -15.37
N ASN GC 35 35.80 91.69 -15.64
CA ASN GC 35 35.78 92.93 -14.86
C ASN GC 35 35.28 92.69 -13.45
N ARG GC 36 34.30 91.80 -13.27
CA ARG GC 36 33.83 91.54 -11.90
C ARG GC 36 34.74 90.55 -11.17
N ARG GC 37 35.57 89.78 -11.89
CA ARG GC 37 36.52 88.92 -11.20
C ARG GC 37 37.74 89.71 -10.73
N PHE GC 38 38.47 90.34 -11.65
CA PHE GC 38 39.84 90.75 -11.37
C PHE GC 38 39.98 92.22 -10.98
N VAL GC 39 39.55 93.13 -11.85
CA VAL GC 39 40.01 94.50 -11.73
C VAL GC 39 39.24 95.27 -10.65
N ASN GC 40 38.12 94.71 -10.17
CA ASN GC 40 37.32 95.41 -9.16
C ASN GC 40 37.85 95.15 -7.76
N VAL GC 41 38.02 93.88 -7.40
CA VAL GC 41 38.32 93.52 -6.01
C VAL GC 41 39.78 93.77 -5.67
N VAL GC 42 40.09 93.81 -4.38
CA VAL GC 42 41.46 93.99 -3.88
C VAL GC 42 41.80 92.79 -3.01
N PRO GC 43 43.09 92.46 -2.88
CA PRO GC 43 43.48 91.39 -1.95
C PRO GC 43 43.27 91.80 -0.50
N THR GC 44 42.48 91.01 0.21
CA THR GC 44 42.12 91.27 1.60
C THR GC 44 42.58 90.11 2.47
N PHE GC 45 42.70 90.38 3.76
CA PHE GC 45 43.13 89.37 4.71
C PHE GC 45 41.99 88.39 5.00
N GLY GC 46 42.36 87.21 5.49
CA GLY GC 46 41.38 86.20 5.83
C GLY GC 46 40.98 85.36 4.64
N LYS GC 47 39.93 84.55 4.84
CA LYS GC 47 39.42 83.69 3.79
C LYS GC 47 38.54 84.50 2.84
N LYS GC 48 38.79 84.37 1.54
CA LYS GC 48 38.05 85.10 0.54
C LYS GC 48 36.69 84.44 0.31
N LYS GC 49 35.64 85.27 0.25
CA LYS GC 49 34.30 84.75 0.04
C LYS GC 49 34.07 84.39 -1.41
N GLY GC 50 33.12 83.50 -1.64
CA GLY GC 50 32.79 83.04 -2.97
C GLY GC 50 31.95 84.05 -3.75
N PRO GC 51 31.67 83.75 -5.01
CA PRO GC 51 30.84 84.65 -5.82
C PRO GC 51 29.38 84.69 -5.37
N ASN GC 52 28.83 83.54 -4.99
CA ASN GC 52 27.44 83.45 -4.55
C ASN GC 52 27.33 83.39 -3.02
N ALA GC 53 28.39 83.79 -2.32
CA ALA GC 53 28.39 83.70 -0.86
C ALA GC 53 27.53 84.79 -0.24
N ASN GC 54 26.64 84.39 0.67
CA ASN GC 54 25.73 85.30 1.34
C ASN GC 54 25.55 84.90 2.80
N SER GC 55 25.19 85.88 3.62
CA SER GC 55 24.98 85.65 5.05
C SER GC 55 23.88 86.54 5.60
#